data_9GRX
#
_entry.id   9GRX
#
loop_
_entity.id
_entity.type
_entity.pdbx_description
1 polymer 'Photosynthetic NDH subunit of lumenal location 1, chloroplastic'
2 polymer 'Photosynthetic NDH subunit of subcomplex B 1, chloroplastic'
3 polymer 'Photosynthetic NDH subunit of subcomplex B 2, chloroplastic'
4 polymer 'Photosynthetic NDH subunit of subcomplex B 3, chloroplastic'
5 polymer 'Photosynthetic NDH subunit of subcomplex B 4, chloroplastic'
6 polymer 'Photosynthetic NDH subunit of subcomplex B 5, chloroplastic'
7 polymer 'Photosynthetic NDH subunit of lumenal location 2, chloroplastic'
8 polymer 'Photosynthetic NDH subunit of lumenal location 3, chloroplastic'
9 polymer 'peptidylprolyl isomerase'
10 polymer 'Peptidyl-prolyl cis-trans isomerase'
11 polymer 'NAD(P)H-quinone oxidoreductase subunit 1, chloroplastic'
12 polymer 'NAD(P)H-quinone oxidoreductase subunit 2 A, chloroplastic'
13 polymer 'NAD(P)H-quinone oxidoreductase subunit 3, chloroplastic'
14 polymer 'NAD(P)H-quinone oxidoreductase chain 4, chloroplastic'
15 polymer 'NAD(P)H-quinone oxidoreductase subunit 4L, chloroplastic'
16 polymer 'NAD(P)H-quinone oxidoreductase subunit 5, chloroplastic'
17 polymer 'NAD(P)H-quinone oxidoreductase subunit 6, chloroplastic'
18 polymer 'NAD(P)H-quinone oxidoreductase subunit H, chloroplastic'
19 polymer 'NAD(P)H-quinone oxidoreductase subunit I, chloroplastic'
20 polymer 'NAD(P)H-quinone oxidoreductase subunit J, chloroplastic'
21 polymer 'NAD(P)H-quinone oxidoreductase subunit K, chloroplastic'
22 polymer 'NAD(P)H-quinone oxidoreductase subunit L, chloroplastic'
23 polymer 'NAD(P)H-quinone oxidoreductase subunit M, chloroplastic'
24 polymer 'NAD(P)H-quinone oxidoreductase subunit N, chloroplastic'
25 polymer 'NAD(P)H-quinone oxidoreductase subunit O, chloroplastic'
26 polymer 'NAD(P)H-quinone oxidoreductase subunit U, chloroplastic'
27 polymer 'Photosystem I P700 chlorophyll a apoprotein A1'
28 polymer 'Photosystem I P700 chlorophyll a apoprotein A2'
29 polymer 'Photosystem I iron-sulfur center'
30 polymer 'Photosystem I reaction center subunit II, chloroplastic'
31 polymer 'Photosystem I reaction center subunit IV, chloroplastic'
32 polymer 'Photosystem I reaction center subunit III, chloroplastic'
33 polymer 'Photosystem I reaction center subunit V, chloroplastic'
34 polymer 'Photosystem I reaction center subunit VI, chloroplastic'
35 polymer 'Photosystem I reaction center subunit VIII'
36 polymer 'Photosystem I reaction center subunit IX'
37 polymer PSI-K
38 polymer 'Photosystem I reaction center subunit XI, chloroplastic'
39 polymer 'Chlorophyll a-b binding protein, chloroplastic'
40 polymer 'Chlorophyll a-b binding protein, chloroplastic'
41 polymer 'Chlorophyll a-b binding protein, chloroplastic'
42 polymer 'Chlorophyll a-b binding protein, chloroplastic'
43 non-polymer BETA-CAROTENE
44 non-polymer '(1S)-2-{[{[(2R)-2,3-DIHYDROXYPROPYL]OXY}(HYDROXY)PHOSPHORYL]OXY}-1-[(PALMITOYLOXY)METHYL]ETHYL STEARATE'
45 non-polymer '4-trans-(4-trans-Propylcyclohexyl)-cyclohexyl alpha-maltoside'
46 non-polymer 1,2-DISTEAROYL-MONOGALACTOSYL-DIGLYCERIDE
47 non-polymer 5-[(2E,6E,10E,14E,18E,22E)-3,7,11,15,19,23,27-HEPTAMETHYLOCTACOSA-2,6,10,14,18,22,26-HEPTAENYL]-2,3-DIMETHYLBENZO-1,4-QUINONE
48 non-polymer 1,2-DI-O-ACYL-3-O-[6-DEOXY-6-SULFO-ALPHA-D-GLUCOPYRANOSYL]-SN-GLYCEROL
49 non-polymer 'IRON/SULFUR CLUSTER'
50 non-polymer 'CHLOROPHYLL A'
51 non-polymer 'DIGALACTOSYL DIACYL GLYCEROL (DGDG)'
52 non-polymer 'CHLOROPHYLL A ISOMER'
53 non-polymer PHYLLOQUINONE
54 non-polymer 'CHLOROPHYLL B'
55 non-polymer "(3R,3'R,6S)-4,5-DIDEHYDRO-5,6-DIHYDRO-BETA,BETA-CAROTENE-3,3'-DIOL"
#
loop_
_entity_poly.entity_id
_entity_poly.type
_entity_poly.pdbx_seq_one_letter_code
_entity_poly.pdbx_strand_id
1 'polypeptide(L)'
;KETPERYTAFVDKADGYSYVYPSDWREFDFRAHDSAFKDRYLQLQNVRLSFIPTDKNDVHDLGPMEDVIQTLVKNILAAP
NQMTDIREIQERSVDGKNYWTFEYNLTSPNFSVTHFTTLAIANGRYYTLTVSANERRWKRYRNKLKVVADSFKVFEI
;
0
2 'polypeptide(L)'
;NPWLDLFYDGEDEPETEYGSMFSDGKQDEDPYPRDNPENPYGFLKFPQGYAVEMASLGSKVRGDVRRCCCVVSGGVYDNL
LFFPAIQLIKDRYPGVQIDIITSARGKQTYEMNKNVRWATVYDLDDNFPDPAEYTDMLGLLKNRYYDMVLSTKLAGLGHA
AFLFMTTARDRVSYVYPNVNAAGAGLLLSETFTPDSMNLSEGGYNMYHQMIEWLGRPVKDIPQHLASPLKVSISRKLKEA
VEAKYKEAGAEKGKYVVIHGIKCDSKASMQSEGDTDSLLPIEIWAEISQAIRGVTPIFVIPHEKLREDVEEIVGEETSIV
FITTPGQLAALINDSVGVIATNTAAIQLALAREKPSIALFCSEEKGKCFVPDAEGKKCTVIASKTGNLADIDVAVVKDTL
KVF
;
1
3 'polypeptide(L)'
;MASLLPFSLLKPTTICKASSTAAPPAALVESLNDQFARKGINFLESTDTSTNISSPIVELSVRNGSSLKLQLSNAHVTSY
KPKVYWKDDGFEEVLYTLPLSKGGIGLVLNDVTQPVTTTKKPDPFRRSEPAAAAAAKGSLLAGAEWSVRDVDSDSFDAVQ
VELSCTSGSLEITYVVSLYPESMASAVLVKNNGNKAIGLTSAILSHIQFKKRSGSGIQGLQGCSYCSHPPLSSPFEIVSP
AEAMKAEDPGMFSFSSESPSKLGEWTTQEVPITILKNKLSRVYTAPPSERSKKFYRTTPSKYETVDQGRELVFRVIRMGY
DDILVSSPGSLSEKYGRDYFICTGPASILVPVTVNPGEEWRGAQVIEHDNLT
;
2
4 'polypeptide(L)'
;EEEELEPPYVGFAFVSSVLLPDGTPDMHLRSATGGQKLRDIMLDNDIDLYGPYARPLLNCAGGGTCASCMVEVIEGKELL
NPRTEKEKEHLKKKPKNWRLACQITVGTPESRGMVVIQQLPEWKAHEWKYEKDGPIVSE
;
3
5 'polypeptide(L)'
;MAVLVEHVEGQRDLITHKSIWHLSDAAIKNVYLFYMMFTCWGCCVFGAAKDPYYDSEQYRGDGGDGTGHWVYEKQEDIEE
AGRAALWREELIE
;
4
6 'polypeptide(L)'
;GLTDIEPDLNEDPRDRWATNGVAPEDFVYGKYDEHHTFYESSEKGSFWGAVAEEYNSMDPPTGFQGLISWLFLPAVAAGM
YFNVPGDYLFIGAGLFVIIFCIIEMDKPDQPHNFEPQIYNMERGARDKLIADYNTMDIWDFNEKYGDLWDFTLK
;
5
7 'polypeptide(L)'
;EFKWGTRSFIWERFFEPGLSPEDAVSRIKNTAEGLHSLRHMLETMSWRYVIFYIRLKQAYLKQDMKSAMIMVPEGRRDDY
SNAANELVDNMAEFDYYVRTPKVYESYVSYEKTLKSIDNLLGFLA
;
6
8 'polypeptide(L)'
;QLWLDGPLPGLRPAENKIGNEETGTRTFLKKGIYMANIGTKGSALRLRKYAFDLLAMEDLIGQDTLNYVRRYLRFKGTFM
YYDFDKVISAAPVADKPPLTNLANRLFDNFEKLQEAVKLKDVPLTRSCYDDTAVTLQEVMNRMA
;
7
9 'polypeptide(L)'
;LRVEYYATTAEPSCELNLVRSGLGYCDLVVGSGVPAPYNTLINVHYTARFSDETVFDSSYKRGRPLTMRIGVGKVIKGLD
QGIFGGDGVPPMQVGGKRKLRIPPHLGYGPEPAGCFSGDCNVPANATLLYDVTFMGVYSGNRA
;
8
10 'polypeptide(L)'
;PLQSKVTNKVYFDISIGNPVGKLVGRVVIGLFGDDVPQTAENFRALCTGEKGFGYKGSAFHRVIKDFMIQGGDFDKGNGT
GGKSIYGRTFKDENFNLTHTGPGTVSMANAGPNTNGSQFFICTVKTPWLDNRHVVFGQVLEGMDIVKLIESSETDRGDRP
KKRVVISECGELPA
;
9
11 'polypeptide(L)'
;FSRLEFLKEVYETIWMLFPILILVLGITIGVLVIVWLEREISASIQQRIGPEYAGPLGILQALADGTKLLFKENLLPSRG
DTYLFSIGPSIAVISILLGYLIIPFGSRLVLADLSIGVFLWIAVSSIAPIGLLMSGYGSNNKYSFLGGLRAAAQSISYEI
PLTLCVLSISLLSNSSSTVDIVEAQSKYGFWGWNLWRQPIGFIVFIISSLAECERLPFDLPEAEEELVAGYQTEYSGIKF
GLFYVASYLNLLISSLFVTVLYLGGWNLSIPYIFISEFFEINKIDGVFGTTIGIFITLAKTFLFLFIPITTRWTLPRLRM
DQLLNLGWKFLLPISLGNLLLTTSSQLFSL
;
A
12 'polypeptide(L)'
;KAFHLLLFDGSLIFPECILIFGLILLLMIDSTSDQKDIPWLYFISSTSLVMSITALLFRWREEPMISFSGNFQTNNFNEI
FQFLILLCSTLCIPLSVEYIECTEMALTEFLLFILTATLGGMFLCGANDLITIFVAPECFSLCSYLLSGYTKKDVRSNEA
TTKYLLMGGASSSILVHGFSWLYGSSGGEIELQEIVNGLINTQMYNSPGISIALIFITVGIGFKLSPAPSHQWTPDVYEG
SPTPVVAFLSVTSKVAASASATRIFDIPFYFSSNEWHLLLEILAILSMILGNLIAITQTSMKRMLAYSSIGQIGYVIIGI
IVGDSNDGYASMITYMLFYISMNLGTFACIVLFGLRTGTDNIRDYAGLYTKDPFLALSLALCLLSLGGLPPLAGFFGKIY
LFWCGWQAGLYFLVLIGLLTSVLSIYYYLKIIKLLMTGRNQEITPHVRNYRRSPLRSKNSIEFSMIVCVIASTIPGISMN
PIITIAQD
;
B
13 'polypeptide(L)'
;YEYDIFWAFLIISSVIPILAFLFSGILAPISKGPEKLSSYESGIEPMGDAWLQFRIRYYMFALVFVVFDVETVFLYPWAM
SFDILGVSVFIEALIFVLILIVGLVYAWRKGALEW
;
C
14 'polypeptide(L)'
;SFPWLTTIVVLPIFAGSLIFLFPHRGNKVIRWYTICISMIELLLMTYVFFYHFQPDDPLIQLVEDYKWINFFDFHWRLGI
DGLSIGPILLTGFITTLATLAAWPVTRNSQLFHFLMLAMYSAQIGLFSSRDLLLFFIMWELELIPVYLLLSMWGGKKRLY
SATKFILYTAGGSIFLLMGVLGVGLYGSNEPTLNLETLVNQSYPVALEIIFYIGFFIAFAVKLPIIPLHTWLPDTHGEAH
YSTCMLLAGILLKMGAYGLVRINMELLPHAHSIFSPWLMIIGTMQIIYAASTSPGQRNLKKRIAYSSVSHMGFIIIGISS
ITDTGLNGAILQIISHGFIGAALFFLAGTSYDRIRLVYLDEMGGIAIPMPKIFTLFSSFSMASLALPGMSGFIAELIVFF
GLITSQKYLLIPKLLITFGMAIGMILTPIYLLSMSRQMFYGYKLFNISNSSFFDSGPRELFVSTSIFLPVIGIGVYPDLV
LSLSVEKVEAILSNYFYR
;
D
15 'polypeptide(L)'
;MILEHVLVLSAFLFSIGIYGLVTSRNLVRALMCLELILNAVNLNFVTFSDFFDSRQLKGNIFSIFVIAIAAAEAAIGPAI
VSSIYRNRKSIRINQSNLLN
;
E
16 'polypeptide(L)'
;MEHIYQYAWIIPFLPLPVPLLIGAGLLFFPTATKNLRRIWAFSSISLLSIVMIFSMKLAIQQINSNSIYQYLWSWTINND
FSLEFGYLMDPLTSIMSMLITTVAILVLIYSDNYMSHDQGYLRFFAYMSFFNTSMLGLVTSSNLIQIYIFWELVGMCSYL
LIGFWFTRPIAANACQKAFVTNRVGDFGLLLGILGLYWITGSFEFRDLFEIFNNLIKNNEVNSLFCILCAFLLFAGAVAK
SAQFPLHVWLPDAMEGPTPISALIHAATMVAAGIFLVARLLPLFVVIPYIMYVISFIGIITVLLGATLALAQKDIKRSLA
YYTMSQLGYMMLALGMGSYRTALFHLITHAYSKALLFLASGSLIHSMGTIVGYSPDKSQNMVLMGGLTKHVPITKTSFLI
GTLSLCGIPPLACFWSKDEILNDSWVYSPIFAIIAYFTAGLTAFYMFRIYLLTFEGHLNFFCKNYSGKKSSSFYSISLWG
KKELKTINQKISLLNLLTMNNKERASFFSKKPYEINVKLTKLLRSFITITYFENKNISLYPYESDNTMLFPLIILIMFTL
FVGFIGIPFNQEGMDLDILTKWLTPSINLLHSNSENFVDWYEFVINAIFSISIAFFGIFIAFFFYKPIYSSLKNFDLINS
FDKRGQKRILGDNIITIIYNWSANRGYIDAFYSTFLIKGIRSLSELVSFFDRRIIDGIPNGFGVTSFFVGEGIKYVGGGR
ISSYLFWYLLYVSIFLFIFTFT
;
F
17 'polypeptide(L)'
;MDLPGPIHDFLLVFLGSGLILGALGVVLFTNPIFSAFSLGLVLVCISLFYILANSHFVASAQLLIYVGAINVLIIFSVMF
MSGPEYDKKFQLWTVGDGVTSLVCISLFVSLISTILNTSWYGIIWTTKSNQILEQDLINASQQIGIHLSTDFFLPFELIS
IILLVSLIGAIAVARQ
;
G
18 'polypeptide(L)'
;TTRKDLMIVNMGPHHPSMHGVLRLIVTLDGEDVIDCEPIVGYLHRGMEKIAENRTIIQYLPYVTRWDYLATMFTEAITVN
GPEQLGNIQVPKRASYIRVIMLELSRIASHLLWLGPFMADIGAQTPFFYILRERELIYDLFEAATGMRMMHNYFRIGGVA
ADLPYGWIDKCLDFCDYFLIGLTEYQKLITRNPIFLERVENVGIIGGEEAINWGLSGPMLRASGIQWDLRKVDHYECYDE
FDWEVQWQKEGDSLARYLIRIGEMAESVKIIQQALEGIPGGPYENLEIRRFNRIKYPEWNDFEYRFISKKPSPAFELSKQ
ELYVRVEAPKGELGIFLIGDQSVFPWRWKIRPPGFINLQILPQLVKKMKLADIMTILGSIDIIMGEVDR
;
H
19 'polypeptide(L)'
;MVTGFINYGQQTIRAARYIGQSFMITLSHANRLPVTIQYPYEKLITSERFRGRIHFEFDKCIACEVCVRACPIDLPVVDW
KLETDIRKKRLLNYSIDFGICIFCGNCVEYCPTNCLSMTEEYELSTYDRHELNYNQIALGRLPISITDDYTIRTILNSPQ
TKE
;
I
20 'polypeptide(L)'
;MQGRLSAWLVKHGLVHRSLGFDYQGIETLQIKPEDWHSIAVILYVYGYNYLRSQCAYDVAPGGLLASVYHLTRIEYGVDQ
PEEVCIKVFAPRRNPRIPSVFWVWKSADFQERESYDMFGISYDNHPRLKRILMPESWIGWPLRKDYIVPNFYEIQDAY
;
J
21 'polypeptide(L)'
;MNSIEFPLLDQIAQNSVISTTSNDLSNWSRLSSLWPLLYGTSCCFIEFASLIGSRFDFDRYGLVPRASPRQADLILTAGT
VTMKMAPSLLRLYEQMPEPKYVIAMGACTITGGMFSTDSYSTVRGVDKLIPVDVYLPGCPPKPEAVIDAITKLRKKISRE
IYEDRIKSQPKNRCFTINHKFRVGRSIHTGNYDQALLYKYKS
;
K
22 'polypeptide(L)'
;AVTGVNNQEDLIWVLLKAGVVGFCYFLIMPPIIMNWLRIRWYRRNLLEMYFQFMFVFIFFPGILVWAPFLNFRKFPRDPT
MKYPWSKPENPSEVKGGFLKYPWATIEDY
;
L
23 'polypeptide(L)'
;EMKEVLKRATPIEAQVNVKSRNLEREYGGQWLSSVTRHVRIYAAYIDPVTCAMDQTQMDKLTLMIDPTDEFLWNDETLNK
VYVYFEELVDHYEGAPLTEYTLRLIGSDIEHYIRKMLYEGEIKYNMNSRVLNFSMGKPRMK
;
M
24 'polypeptide(L)'
;IGIRDFIGGDLVKFDLGTWLSDVEEHKAIAMYSPHEGGYEGRYLNRLRYQGYHFLDVSARGLGDPETTLTKVHPVCPPHV
GKQPIARWWFPPEVDYRLEALPSDAKGLVVWVIEAKVLSKAELQFLAMLPSLRPKVRVIAECGNWRKVMWKPLKEIAGLV
PLQEA
;
N
25 'polypeptide(L)'
;PPPKKPPKPVYSMKKGQIVRVEREKYLDSVNYLSVGHPKYYKGLDYIYEDRGEVLDLRFFETGEYALVSWVGIPTSPAWL
PTDMLIKSDKLNYER
;
O
26 'polypeptide(L)'
;MAVSSTCMPHRELMPTLVKSTNTSTLFWLNNNTNNNVNVNVITTNNYVTLTRKAPCSRFLARSTEDASEMTATSTDQSWE
GEGENSPMEMPKGPPSIISALNVEKALRGIGITDVDHYARLGLRRGCTYDQVGAAYEIQVKELSSQGMDEEQFNKERDLL
KESYNILSSEQERRLYDWSLARNSAPERYMWPFEADITQTPRWGTPPPQEPEDVGPTTAVGYFLLAWFVFSFILSIALNR
;
U
27 'polypeptide(L)'
;EVKILVDRDPVKTSFEAWAKPGHFSRTIAKGPETTTWIWNLHADAHDFDSHTSDLEEISRKIFSAHFGQLSIIFLWLSGM
YFHGARFSNYEAWLSDPTHIGPSAQVVWPIVGQEILNGDVGGGFRGIQITSGFFQIWRASGITSELQLYCTAIGALVFAA
LMLFAGWFHYHKAAPKLAWFQDVESMLNHHLAGLLGLGSLSWAGHQIHVSLPINQFLNAGVDPKEIPLPHELILNRDLLA
QLYPSFAEGATPFFTLNWSKYADFLTFRGGLDPVTGGLWLTDTAHHHLAIAILFLIAGHMYRTNWGIGHGLKDILEAHKG
PFTGQGHKGLYEILTTSWHAQLALNLAMLGSLTIVVAHHMYAMPPYPYLATDYGTQLSLFTHHMWIGGFLIVGAAAHAAI
FMVRDYDPTTRYNDLLDRVLRHRDAIISHLNWACIFLGFHSFGLYIHNDTMSALGRPQDMFSDTAIQLQPVFAQWIQNTH
ALAPSATAPGATASTSLTWGGSDLVAVGGKVALLPIPLGTADFLVHHIHAFTIHVTVLILLKGVLFARSSRLIPDKANLG
FRFPCDGPGRGGTCQVSAWDHVFLGLFWMYNSISVVIFHFSWKMQSDVWGSISDQGVVTHITGGNFAQSSITINGWLRDF
LWAQASQVIQSYGSSLSAYGLFFLGAHFVWAFSLMFLFSGRGYWQELIESIVWAHNKLKVAPATQPRALSIVQGRAVGVT
HYLLGGIATTWAFFLARIIAVG
;
a
28 'polypeptide(L)'
;ALRFPRFSQGLAQDPTTRRIWFGIATAHDFESHDDITEERLYQNIFASHFGQLAIIFLWTSGNLFHVAWQGNFESWVQDP
LHVRPIAHAIWDPHFGQPAVEAFTRGGALGPVNIAYSGVYQWWYTIGLRTNEDLYTGALFLLFLSVISLLGGWLHLQPKW
KPSVSWFKNAESRLNHHLSGLFGVSSLAWTGHLVHVAIPGSRGEYVRWNNFLDVLPHPQGLGPLFTGQWNLYAQNPDSSS
HLFGTSQGAGTAILTLLGGFHPQTQSLWLTDMAHHHLAIAFVFLVAGHMYRTNFGIGHSMKDLLEAHIPPGGRLGRGHKG
LYDTINNSLHFQLGLALASLGVITSLVAQHMYSLPAYAFIAQDFTTQAALYTHHQYIAGFIMTGAFAHGAIFFIRDYNPE
QNEDNVLARMLDHKEAIISHLSWASLFLGFHTLGLYVHNDVMLAFGTPEKQILIEPIFAQWIQSAHGKTSYGFDVLLSST
SGPAFNAGRSIWLPGWLNAVNENSNSLFLTIGPGDFLVHHAIALGLHTTTLILVKGALDARGSKLMPDKKDFGYSFPCDG
PGRGGTCDISAWDAFYLAVFWMLNTIGWVTFYWHWKHITLWQGNVSQFNESSTYLMGWLRDYLWLNSSQLINGYNPFGMN
SLSVWAWMFLFGHLVWATGFMFLISWRGYWQELIETLAWAHERTPLANLIRWRDKPVALSIVQARLVGLAHFSVGYIFTY
AAFLIASTSGKFG
;
b
29 'polypeptide(L)'
;MSHSVKIYDTCIGCTQCVRACPTDVLEMIPWDGCKAKQIASAPRTEDCVGCKRCESACPTDFLSVRVYLWHETTRSMGLG
Y
;
c
30 'polypeptide(L)'
;GFTPPELDPNTPSPIFAGSTGGLLRKAQVEEFYVITWESPKEQIFEMPTGGAAIMREGPNLLKLARKEQCLALGTRLRSK
YKIKYQFYRVFPSGEVQYLHPKDGVYPEKVNPGRQGVGLNMRSIGKNVSPIEVKFTGKQPYDL
;
d
31 'polypeptide(L)' KPPPIGPKRGSKVRIMRKESYWYKGVGSVVAVDQDPKTRYPVVVRFNKVNYANVSTNNYALDEIQEVA e
32 'polypeptide(L)'
;DIAGLTPCKESKQFAKREKQALKKLQASLKLYADDSAPALAIKATMEKTKKRFDNYGKYGLLCGSDGLPHLIVSGDQRHW
GEFITPGILFLYIAGWIGWVGRSYLIAIRDEKKPTQKEIIIDVPLASSLLFRGFSWPVAAYRELLNGELVDNN
;
f
33 'polypeptide(L)'
;LSPSLVISLSTGLSLFLGRFVFFNFQRENMAKQVPEQNGMSHFEAGDTRAKEYVSLLKSNDPVGFNIVDVLAWGSIGHIV
AYYILATASNGYDPSFF
;
g
34 'polypeptide(L)'
;KYGDKSVYFDLEDIANTTGQWDVYGSDAPSPYNSLQSKFFETFAAPFTKRGLLLKFLILGGGSLLTYVSANAPQDVLPIT
RGPQQPPKLGPRGKI
;
h
35 'polypeptide(L)' MNFPSIFVPLVGLVFPAIAMASLFLYVQKNK i
36 'polypeptide(L)' MRDFKTYLSVAPVLSTLWFGSLAGLLIEINRFFPDALTFPFF j
37 'polypeptide(L)'
;MASVMMTSLPQFTGLRSQQASFPVKSLSAGLPLRGKGKGALGARCGDFIGSSTNLIMVTSTTLMLFAGRFGLAPSANRKS
TAGLRLEVRDSGLQTGDPAGFTLADTLACGSFGHIIGVGVVLGLKNIGAI
;
k
38 'polypeptide(L)'
;QVIQPLNGDPFIGGLETPVTSSPLIAWYLSNLPAYRTAVNPLLRGVEVGLAHGFLLVGPFVKAGPLRNTEYAGAAGSLAA
AGLVVILSMCLTMYGIASFKEGEPSIAPALTLTGRKKQPDQLQSADGWAKFTGGFFFGGVSGVTWACFLMYVLDLPYYFK
;
l
39 'polypeptide(L)'
;GGISSVCEPLPPDRPLWFPGSTPPQWLDGSLPGDFGFDPLGLGSDPETLRWFAQAELMHSRWAMLAVAGILIPEWLESIG
LMENFNWYDAGSREYFADPTTLFVVQLALMGWVEGRRWADYVNPGCVDIEPKLPNRKNPKPDVGYPGGLWFDFMMWGRGS
PEPVMVLRTKEIKNGRLAMLAFVGLCFQAVYTGEGPLENLSRHVADPGHCNIFSA
;
w
40 'polypeptide(L)'
;KKGEWLPGLASPGYLTGSLPGDNGFDPLALAEDPENLRWFVQAELVNGRWAMLGVAGMLLPEVFTSIGIIDVPKWYDAGK
SEYFASSSTLFVIEFILFHYVEIRRWQDIKNPGCVNQDPIFKQYSLPPNECGYPGGIFNPLNFAPTTEAKEKELANGRLA
MLAFLGFIVQHNVTGKGPFDNLQQHLSDPWHNTIIQTF
;
x
41 'polypeptide(L)'
;RPLWFASKQSLSYLDGSLPGDFGFDPLGLSDPEGTGGFIEPRWLAYGEIINGRYAMLGAVGAIAPEILGKAGLIPQETAL
PWFQTGVIPPAGTYNYWADPFTLFVFEMALMGFAEHRRLQDWYNPGSMGKQYFLGLEKGFAGSGEPAYPGGPIFNPLGFG
KDEKSLKELKLKEVKNGRLAMLAILGYFIQGLVTGVGPYQNLLDHLADPVNNNILTSLKFH
;
y
42 'polypeptide(L)'
;EWMPGQPRPAHLDGSAPGDFGFDPLGLGEVPENLERFKESELIHCRWAMLAVPGILVPEALGLGNWVKAQEWAALPGGQA
TYLGNPVPWGNLPTILAIEFLAIAFVEHQRSMEKDSEKKKYPGGAFDPLGYSKDPKKFEELKLKEIKNGRLALLAFVGFC
IQQSAYPGTGPLENLATHLADPWHNNIGDIVIP
;
z
#
loop_
_chem_comp.id
_chem_comp.type
_chem_comp.name
_chem_comp.formula
A1H1M non-polymer '4-trans-(4-trans-Propylcyclohexyl)-cyclohexyl alpha-maltoside' 'C27 H48 O11'
BCR non-polymer BETA-CAROTENE 'C40 H56'
CHL non-polymer 'CHLOROPHYLL B' 'C55 H70 Mg N4 O6 2'
CL0 non-polymer 'CHLOROPHYLL A ISOMER' 'C55 H72 Mg N4 O5 2'
CLA non-polymer 'CHLOROPHYLL A' 'C55 H72 Mg N4 O5'
DGD saccharide 'DIGALACTOSYL DIACYL GLYCEROL (DGDG)' 'C51 H96 O15'
LMG non-polymer 1,2-DISTEAROYL-MONOGALACTOSYL-DIGLYCERIDE 'C45 H86 O10'
LUT non-polymer (3R,3'R,6S)-4,5-DIDEHYDRO-5,6-DIHYDRO-BETA,BETA-CAROTENE-3,3'-DIOL 'C40 H56 O2'
PGT non-polymer '(1S)-2-{[{[(2R)-2,3-DIHYDROXYPROPYL]OXY}(HYDROXY)PHOSPHORYL]OXY}-1-[(PALMITOYLOXY)METHYL]ETHYL STEARATE' 'C40 H79 O10 P'
PQ9 non-polymer 5-[(2E,6E,10E,14E,18E,22E)-3,7,11,15,19,23,27-HEPTAMETHYLOCTACOSA-2,6,10,14,18,22,26-HEPTAENYL]-2,3-DIMETHYLBENZO-1,4-QUINONE 'C43 H64 O2'
PQN non-polymer PHYLLOQUINONE 'C31 H46 O2'
SF4 non-polymer 'IRON/SULFUR CLUSTER' 'Fe4 S4'
SQD non-polymer 1,2-DI-O-ACYL-3-O-[6-DEOXY-6-SULFO-ALPHA-D-GLUCOPYRANOSYL]-SN-GLYCEROL 'C41 H78 O12 S'
#
# COMPACT_ATOMS: atom_id res chain seq x y z
N LYS A 1 -70.28 -97.12 32.66
CA LYS A 1 -69.22 -97.69 33.47
C LYS A 1 -69.77 -98.75 34.43
N GLU A 2 -68.88 -99.60 34.93
CA GLU A 2 -69.24 -100.64 35.88
C GLU A 2 -69.35 -100.07 37.29
N THR A 3 -69.37 -100.96 38.29
CA THR A 3 -69.29 -100.65 39.72
C THR A 3 -68.16 -99.63 39.96
N PRO A 4 -68.33 -98.70 40.93
CA PRO A 4 -67.33 -97.62 41.08
C PRO A 4 -65.98 -98.13 41.58
N GLU A 5 -65.06 -97.18 41.80
CA GLU A 5 -63.68 -97.52 42.11
C GLU A 5 -63.60 -98.38 43.37
N ARG A 6 -62.87 -99.50 43.28
CA ARG A 6 -62.79 -100.43 44.38
C ARG A 6 -61.71 -99.99 45.36
N TYR A 7 -62.03 -100.09 46.65
CA TYR A 7 -61.18 -99.60 47.72
C TYR A 7 -60.65 -100.76 48.56
N THR A 8 -59.46 -100.58 49.11
CA THR A 8 -58.83 -101.53 50.01
C THR A 8 -58.74 -100.92 51.40
N ALA A 9 -58.98 -101.73 52.43
CA ALA A 9 -58.99 -101.27 53.81
C ALA A 9 -57.63 -101.51 54.44
N PHE A 10 -57.08 -100.47 55.06
CA PHE A 10 -55.85 -100.56 55.84
C PHE A 10 -56.20 -100.42 57.31
N VAL A 11 -55.89 -101.46 58.08
CA VAL A 11 -56.20 -101.52 59.51
C VAL A 11 -54.90 -101.70 60.26
N ASP A 12 -54.63 -100.78 61.19
CA ASP A 12 -53.46 -100.85 62.07
C ASP A 12 -53.98 -101.07 63.48
N LYS A 13 -54.04 -102.34 63.90
CA LYS A 13 -54.52 -102.66 65.24
C LYS A 13 -53.48 -102.33 66.31
N ALA A 14 -52.20 -102.32 65.93
CA ALA A 14 -51.16 -101.92 66.88
C ALA A 14 -51.27 -100.44 67.22
N ASP A 15 -51.49 -99.60 66.21
CA ASP A 15 -51.71 -98.17 66.42
C ASP A 15 -53.18 -97.83 66.54
N GLY A 16 -54.07 -98.80 66.38
CA GLY A 16 -55.48 -98.63 66.66
C GLY A 16 -56.25 -97.66 65.76
N TYR A 17 -56.05 -97.76 64.45
CA TYR A 17 -56.88 -97.02 63.51
C TYR A 17 -57.19 -97.89 62.31
N SER A 18 -58.03 -97.37 61.41
CA SER A 18 -58.40 -98.06 60.20
C SER A 18 -59.01 -97.10 59.20
N TYR A 19 -58.47 -97.05 57.99
CA TYR A 19 -59.08 -96.24 56.94
C TYR A 19 -59.11 -97.06 55.65
N VAL A 20 -59.45 -96.40 54.55
CA VAL A 20 -59.80 -97.07 53.30
C VAL A 20 -59.30 -96.21 52.15
N TYR A 21 -58.51 -96.81 51.26
CA TYR A 21 -57.84 -96.07 50.19
C TYR A 21 -58.07 -96.79 48.86
N PRO A 22 -58.04 -96.05 47.75
CA PRO A 22 -58.27 -96.69 46.44
C PRO A 22 -57.25 -97.78 46.13
N SER A 23 -57.74 -98.88 45.56
CA SER A 23 -56.90 -100.06 45.37
C SER A 23 -55.84 -99.84 44.30
N ASP A 24 -56.04 -98.86 43.42
CA ASP A 24 -55.03 -98.54 42.41
C ASP A 24 -53.78 -97.96 43.04
N TRP A 25 -53.90 -97.40 44.24
CA TRP A 25 -52.78 -96.72 44.87
C TRP A 25 -51.78 -97.72 45.44
N ARG A 26 -50.58 -97.22 45.74
CA ARG A 26 -49.48 -98.03 46.24
C ARG A 26 -49.02 -97.49 47.59
N GLU A 27 -48.53 -98.39 48.44
CA GLU A 27 -47.97 -97.97 49.72
C GLU A 27 -46.59 -97.34 49.51
N PHE A 28 -46.28 -96.35 50.32
CA PHE A 28 -44.98 -95.68 50.26
C PHE A 28 -44.73 -95.00 51.59
N ASP A 29 -43.47 -94.64 51.82
CA ASP A 29 -43.02 -94.08 53.09
C ASP A 29 -43.04 -92.56 53.01
N PHE A 30 -44.10 -91.95 53.53
CA PHE A 30 -44.11 -90.52 53.76
C PHE A 30 -43.10 -90.18 54.85
N ARG A 31 -42.52 -88.99 54.76
CA ARG A 31 -41.51 -88.56 55.72
C ARG A 31 -42.16 -88.37 57.09
N ALA A 32 -41.76 -89.21 58.05
CA ALA A 32 -42.12 -89.17 59.46
C ALA A 32 -43.57 -89.53 59.76
N HIS A 33 -44.38 -89.86 58.75
CA HIS A 33 -45.76 -90.22 58.99
C HIS A 33 -45.88 -91.73 59.19
N ASP A 34 -46.90 -92.12 59.96
CA ASP A 34 -47.05 -93.53 60.33
C ASP A 34 -47.46 -94.38 59.14
N SER A 35 -48.45 -93.93 58.37
CA SER A 35 -48.88 -94.69 57.21
C SER A 35 -49.14 -93.75 56.05
N ALA A 36 -48.99 -94.27 54.83
CA ALA A 36 -49.18 -93.46 53.64
C ALA A 36 -49.38 -94.36 52.43
N PHE A 37 -50.25 -93.90 51.52
CA PHE A 37 -50.46 -94.53 50.24
C PHE A 37 -50.55 -93.42 49.19
N LYS A 38 -50.17 -93.74 47.96
CA LYS A 38 -50.16 -92.72 46.92
C LYS A 38 -50.49 -93.34 45.57
N ASP A 39 -50.95 -92.48 44.66
CA ASP A 39 -51.19 -92.91 43.28
C ASP A 39 -49.86 -93.24 42.61
N ARG A 40 -49.89 -94.23 41.73
CA ARG A 40 -48.65 -94.74 41.14
C ARG A 40 -48.10 -93.78 40.09
N TYR A 41 -48.95 -92.98 39.46
CA TYR A 41 -48.53 -92.03 38.43
C TYR A 41 -48.70 -90.58 38.83
N LEU A 42 -49.90 -90.19 39.25
CA LEU A 42 -50.17 -88.79 39.55
C LEU A 42 -49.44 -88.34 40.81
N GLN A 43 -49.09 -87.06 40.85
CA GLN A 43 -48.40 -86.47 41.98
C GLN A 43 -49.36 -85.65 42.84
N LEU A 44 -48.96 -85.43 44.10
CA LEU A 44 -49.74 -84.72 45.11
C LEU A 44 -51.09 -85.36 45.38
N GLN A 45 -51.24 -86.64 45.07
CA GLN A 45 -52.50 -87.37 45.23
C GLN A 45 -52.21 -88.53 46.17
N ASN A 46 -52.43 -88.33 47.46
CA ASN A 46 -52.00 -89.34 48.43
C ASN A 46 -52.80 -89.23 49.71
N VAL A 47 -52.80 -90.32 50.46
CA VAL A 47 -53.36 -90.36 51.82
C VAL A 47 -52.21 -90.59 52.78
N ARG A 48 -52.23 -89.88 53.90
CA ARG A 48 -51.20 -89.99 54.92
C ARG A 48 -51.82 -89.88 56.29
N LEU A 49 -51.14 -90.48 57.28
CA LEU A 49 -51.60 -90.41 58.65
C LEU A 49 -50.40 -90.50 59.59
N SER A 50 -50.30 -89.49 60.46
CA SER A 50 -49.37 -89.46 61.57
C SER A 50 -50.13 -88.95 62.80
N PHE A 51 -49.74 -89.45 63.97
CA PHE A 51 -50.41 -89.10 65.21
C PHE A 51 -49.42 -88.53 66.21
N ILE A 52 -49.91 -87.62 67.04
CA ILE A 52 -49.07 -87.00 68.07
C ILE A 52 -49.61 -87.37 69.45
N PRO A 53 -48.79 -87.39 70.49
CA PRO A 53 -49.31 -87.64 71.84
C PRO A 53 -50.18 -86.50 72.32
N THR A 54 -51.16 -86.85 73.15
CA THR A 54 -52.06 -85.87 73.75
C THR A 54 -52.64 -86.45 75.02
N ASP A 55 -53.17 -85.57 75.86
CA ASP A 55 -53.84 -85.96 77.10
C ASP A 55 -55.35 -85.82 77.04
N LYS A 56 -55.88 -85.25 75.97
CA LYS A 56 -57.32 -85.10 75.84
C LYS A 56 -57.97 -86.44 75.53
N ASN A 57 -59.27 -86.54 75.84
CA ASN A 57 -60.03 -87.76 75.59
C ASN A 57 -60.84 -87.70 74.31
N ASP A 58 -61.07 -86.50 73.76
CA ASP A 58 -61.87 -86.35 72.56
C ASP A 58 -61.47 -85.03 71.88
N VAL A 59 -61.90 -84.89 70.62
CA VAL A 59 -61.61 -83.66 69.88
C VAL A 59 -62.34 -82.47 70.48
N HIS A 60 -63.48 -82.71 71.16
CA HIS A 60 -64.22 -81.64 71.79
C HIS A 60 -63.43 -80.96 72.90
N ASP A 61 -62.40 -81.61 73.43
CA ASP A 61 -61.54 -80.98 74.42
C ASP A 61 -60.59 -79.95 73.80
N LEU A 62 -60.52 -79.86 72.48
CA LEU A 62 -59.64 -78.89 71.83
C LEU A 62 -60.24 -77.49 71.78
N GLY A 63 -61.50 -77.33 72.18
CA GLY A 63 -62.15 -76.04 72.15
C GLY A 63 -63.26 -76.01 71.13
N PRO A 64 -63.65 -74.80 70.72
CA PRO A 64 -64.63 -74.68 69.62
C PRO A 64 -64.06 -75.27 68.33
N MET A 65 -64.95 -75.92 67.57
CA MET A 65 -64.51 -76.68 66.40
C MET A 65 -63.93 -75.77 65.32
N GLU A 66 -64.67 -74.73 64.94
CA GLU A 66 -64.27 -73.88 63.82
C GLU A 66 -62.99 -73.11 64.14
N ASP A 67 -62.86 -72.61 65.37
CA ASP A 67 -61.70 -71.82 65.75
C ASP A 67 -60.43 -72.66 65.74
N VAL A 68 -60.49 -73.86 66.34
CA VAL A 68 -59.29 -74.68 66.37
C VAL A 68 -58.97 -75.23 64.99
N ILE A 69 -59.98 -75.46 64.15
CA ILE A 69 -59.72 -75.91 62.79
C ILE A 69 -59.01 -74.82 62.00
N GLN A 70 -59.47 -73.56 62.14
CA GLN A 70 -58.80 -72.46 61.47
C GLN A 70 -57.38 -72.26 61.99
N THR A 71 -57.17 -72.33 63.30
CA THR A 71 -55.82 -72.11 63.82
C THR A 71 -54.89 -73.24 63.42
N LEU A 72 -55.40 -74.46 63.25
CA LEU A 72 -54.57 -75.55 62.78
C LEU A 72 -54.25 -75.39 61.29
N VAL A 73 -55.20 -74.90 60.51
CA VAL A 73 -54.96 -74.73 59.07
C VAL A 73 -53.95 -73.61 58.82
N LYS A 74 -54.14 -72.46 59.47
CA LYS A 74 -53.19 -71.36 59.29
C LYS A 74 -51.82 -71.68 59.87
N ASN A 75 -51.78 -72.20 61.10
CA ASN A 75 -50.50 -72.24 61.80
C ASN A 75 -49.68 -73.50 61.50
N ILE A 76 -50.31 -74.66 61.41
CA ILE A 76 -49.61 -75.94 61.35
C ILE A 76 -49.64 -76.54 59.95
N LEU A 77 -50.84 -76.69 59.37
CA LEU A 77 -50.98 -77.44 58.14
C LEU A 77 -50.52 -76.69 56.90
N ALA A 78 -50.18 -75.41 57.01
CA ALA A 78 -49.82 -74.62 55.83
C ALA A 78 -48.50 -73.90 56.05
N ALA A 79 -47.70 -73.84 54.99
CA ALA A 79 -46.50 -73.02 54.99
C ALA A 79 -46.88 -71.54 54.97
N PRO A 80 -46.00 -70.65 55.42
CA PRO A 80 -46.33 -69.22 55.44
C PRO A 80 -46.61 -68.62 54.08
N ASN A 81 -46.11 -69.22 53.00
CA ASN A 81 -46.33 -68.68 51.65
C ASN A 81 -47.61 -69.19 51.01
N GLN A 82 -48.37 -70.04 51.69
CA GLN A 82 -49.56 -70.65 51.11
C GLN A 82 -50.80 -69.95 51.62
N MET A 83 -51.64 -69.48 50.70
CA MET A 83 -52.92 -68.89 51.07
C MET A 83 -53.97 -69.99 51.22
N THR A 84 -54.67 -69.99 52.35
CA THR A 84 -55.56 -71.07 52.72
C THR A 84 -57.00 -70.60 52.77
N ASP A 85 -57.91 -71.51 52.47
CA ASP A 85 -59.33 -71.30 52.67
C ASP A 85 -59.99 -72.65 52.94
N ILE A 86 -61.04 -72.63 53.75
CA ILE A 86 -61.78 -73.84 54.11
C ILE A 86 -63.15 -73.76 53.46
N ARG A 87 -63.51 -74.82 52.74
CA ARG A 87 -64.76 -74.84 51.98
C ARG A 87 -65.86 -75.69 52.62
N GLU A 88 -65.50 -76.61 53.51
CA GLU A 88 -66.50 -77.48 54.13
C GLU A 88 -65.95 -78.02 55.44
N ILE A 89 -66.76 -77.97 56.49
CA ILE A 89 -66.42 -78.52 57.80
C ILE A 89 -67.57 -79.41 58.25
N GLN A 90 -67.24 -80.64 58.66
CA GLN A 90 -68.24 -81.59 59.10
C GLN A 90 -67.75 -82.31 60.36
N GLU A 91 -68.71 -82.75 61.16
CA GLU A 91 -68.47 -83.57 62.34
C GLU A 91 -69.27 -84.85 62.23
N ARG A 92 -68.61 -85.99 62.40
CA ARG A 92 -69.30 -87.27 62.45
C ARG A 92 -68.99 -87.97 63.76
N SER A 93 -69.90 -88.84 64.19
CA SER A 93 -69.75 -89.49 65.49
C SER A 93 -70.22 -90.93 65.39
N VAL A 94 -69.33 -91.86 65.71
CA VAL A 94 -69.68 -93.29 65.77
C VAL A 94 -69.00 -93.90 66.99
N ASP A 95 -69.74 -94.78 67.69
CA ASP A 95 -69.25 -95.49 68.87
C ASP A 95 -68.77 -94.55 69.97
N GLY A 96 -69.39 -93.38 70.08
CA GLY A 96 -69.00 -92.40 71.05
C GLY A 96 -67.78 -91.59 70.69
N LYS A 97 -67.21 -91.79 69.51
CA LYS A 97 -66.01 -91.10 69.07
C LYS A 97 -66.35 -90.14 67.95
N ASN A 98 -65.80 -88.93 68.02
CA ASN A 98 -66.09 -87.85 67.09
C ASN A 98 -64.90 -87.61 66.18
N TYR A 99 -65.18 -87.38 64.90
CA TYR A 99 -64.18 -87.09 63.88
C TYR A 99 -64.54 -85.78 63.20
N TRP A 100 -63.55 -84.90 63.06
CA TRP A 100 -63.75 -83.60 62.42
C TRP A 100 -63.10 -83.63 61.05
N THR A 101 -63.93 -83.61 60.00
CA THR A 101 -63.44 -83.69 58.63
C THR A 101 -63.64 -82.35 57.95
N PHE A 102 -62.57 -81.73 57.49
CA PHE A 102 -62.65 -80.43 56.84
C PHE A 102 -61.84 -80.42 55.55
N GLU A 103 -62.38 -79.74 54.55
CA GLU A 103 -61.75 -79.64 53.23
C GLU A 103 -61.17 -78.25 53.07
N TYR A 104 -59.89 -78.18 52.72
CA TYR A 104 -59.21 -76.90 52.61
C TYR A 104 -58.30 -76.89 51.39
N ASN A 105 -58.08 -75.69 50.84
CA ASN A 105 -57.25 -75.50 49.67
C ASN A 105 -56.04 -74.65 50.05
N LEU A 106 -54.86 -75.13 49.71
CA LEU A 106 -53.61 -74.41 49.91
C LEU A 106 -53.13 -73.94 48.54
N THR A 107 -53.14 -72.62 48.34
CA THR A 107 -52.80 -72.02 47.05
C THR A 107 -51.50 -71.25 47.22
N SER A 108 -50.39 -71.95 47.03
CA SER A 108 -49.09 -71.32 46.94
C SER A 108 -48.98 -70.57 45.62
N PRO A 109 -48.11 -69.56 45.54
CA PRO A 109 -47.89 -68.89 44.24
C PRO A 109 -47.37 -69.81 43.15
N ASN A 110 -46.77 -70.94 43.53
CA ASN A 110 -46.29 -71.91 42.55
C ASN A 110 -47.35 -72.95 42.18
N PHE A 111 -48.11 -73.44 43.15
CA PHE A 111 -48.99 -74.58 42.93
C PHE A 111 -50.11 -74.55 43.95
N SER A 112 -51.19 -75.28 43.63
CA SER A 112 -52.40 -75.31 44.45
C SER A 112 -52.81 -76.76 44.70
N VAL A 113 -53.08 -77.08 45.97
CA VAL A 113 -53.46 -78.43 46.39
C VAL A 113 -54.74 -78.32 47.20
N THR A 114 -55.49 -79.42 47.26
CA THR A 114 -56.70 -79.49 48.07
C THR A 114 -56.66 -80.75 48.94
N HIS A 115 -57.13 -80.61 50.18
CA HIS A 115 -57.01 -81.65 51.19
C HIS A 115 -58.34 -81.87 51.91
N PHE A 116 -58.62 -83.13 52.19
CA PHE A 116 -59.61 -83.54 53.18
C PHE A 116 -58.84 -84.02 54.42
N THR A 117 -58.97 -83.31 55.53
CA THR A 117 -58.26 -83.67 56.75
C THR A 117 -59.27 -84.04 57.83
N THR A 118 -59.10 -85.24 58.39
CA THR A 118 -59.92 -85.74 59.48
C THR A 118 -59.09 -85.79 60.74
N LEU A 119 -59.53 -85.07 61.78
CA LEU A 119 -58.91 -85.09 63.08
C LEU A 119 -59.71 -85.97 64.03
N ALA A 120 -58.99 -86.74 64.83
CA ALA A 120 -59.59 -87.54 65.90
C ALA A 120 -58.65 -87.56 67.09
N ILE A 121 -59.21 -87.80 68.27
CA ILE A 121 -58.42 -87.95 69.49
C ILE A 121 -58.93 -89.19 70.21
N ALA A 122 -58.03 -90.16 70.41
CA ALA A 122 -58.34 -91.39 71.13
C ALA A 122 -57.04 -92.14 71.40
N ASN A 123 -57.11 -93.05 72.37
CA ASN A 123 -55.95 -93.83 72.82
C ASN A 123 -54.78 -92.94 73.23
N GLY A 124 -55.06 -91.76 73.76
CA GLY A 124 -54.00 -90.83 74.10
C GLY A 124 -53.26 -90.26 72.91
N ARG A 125 -53.80 -90.41 71.71
CA ARG A 125 -53.17 -89.96 70.48
C ARG A 125 -54.13 -89.05 69.72
N TYR A 126 -53.52 -88.20 68.89
CA TYR A 126 -54.22 -87.21 68.07
C TYR A 126 -53.89 -87.54 66.62
N TYR A 127 -54.90 -87.99 65.88
CA TYR A 127 -54.76 -88.47 64.51
C TYR A 127 -55.20 -87.41 63.53
N THR A 128 -54.47 -87.30 62.42
CA THR A 128 -54.55 -86.19 61.47
C THR A 128 -54.59 -86.74 60.03
N LEU A 129 -55.54 -87.65 59.77
CA LEU A 129 -55.64 -88.29 58.46
C LEU A 129 -55.82 -87.24 57.37
N THR A 130 -55.06 -87.37 56.28
CA THR A 130 -55.03 -86.34 55.24
C THR A 130 -55.10 -86.98 53.87
N VAL A 131 -56.06 -86.53 53.06
CA VAL A 131 -56.20 -86.93 51.66
C VAL A 131 -55.91 -85.70 50.81
N SER A 132 -55.07 -85.87 49.80
CA SER A 132 -54.55 -84.75 49.04
C SER A 132 -54.66 -85.01 47.55
N ALA A 133 -55.10 -83.99 46.82
CA ALA A 133 -55.09 -84.03 45.36
C ALA A 133 -54.77 -82.66 44.82
N ASN A 134 -54.18 -82.63 43.63
CA ASN A 134 -53.92 -81.37 42.95
C ASN A 134 -55.24 -80.68 42.62
N GLU A 135 -55.23 -79.34 42.68
CA GLU A 135 -56.46 -78.59 42.47
C GLU A 135 -57.01 -78.77 41.06
N ARG A 136 -56.11 -78.82 40.07
CA ARG A 136 -56.52 -78.98 38.68
C ARG A 136 -57.34 -80.24 38.45
N ARG A 137 -57.01 -81.32 39.17
CA ARG A 137 -57.76 -82.57 39.10
C ARG A 137 -58.60 -82.81 40.35
N TRP A 138 -58.90 -81.76 41.12
CA TRP A 138 -59.67 -81.95 42.35
C TRP A 138 -61.12 -82.31 42.05
N LYS A 139 -61.75 -81.57 41.13
CA LYS A 139 -63.19 -81.70 40.89
C LYS A 139 -63.54 -83.11 40.43
N ARG A 140 -62.67 -83.73 39.65
CA ARG A 140 -62.91 -85.10 39.21
C ARG A 140 -62.84 -86.08 40.37
N TYR A 141 -61.92 -85.89 41.30
CA TYR A 141 -61.60 -86.91 42.29
C TYR A 141 -62.18 -86.66 43.67
N ARG A 142 -62.85 -85.51 43.87
CA ARG A 142 -63.23 -85.08 45.22
C ARG A 142 -64.10 -86.12 45.92
N ASN A 143 -65.19 -86.54 45.27
CA ASN A 143 -66.02 -87.59 45.83
C ASN A 143 -65.23 -88.87 46.01
N LYS A 144 -64.41 -89.21 45.02
CA LYS A 144 -63.59 -90.42 45.09
C LYS A 144 -62.55 -90.34 46.19
N LEU A 145 -62.29 -89.13 46.72
CA LEU A 145 -61.45 -89.01 47.90
C LEU A 145 -62.24 -88.80 49.18
N LYS A 146 -63.46 -88.27 49.08
CA LYS A 146 -64.26 -88.04 50.28
C LYS A 146 -64.61 -89.36 50.96
N VAL A 147 -64.83 -90.41 50.17
CA VAL A 147 -65.05 -91.75 50.69
C VAL A 147 -63.88 -92.20 51.56
N VAL A 148 -62.67 -91.75 51.22
CA VAL A 148 -61.53 -92.02 52.09
C VAL A 148 -61.67 -91.28 53.41
N ALA A 149 -61.98 -89.98 53.36
CA ALA A 149 -62.01 -89.16 54.57
C ALA A 149 -63.18 -89.54 55.46
N ASP A 150 -64.27 -90.03 54.88
CA ASP A 150 -65.39 -90.53 55.65
C ASP A 150 -65.15 -91.94 56.17
N SER A 151 -64.06 -92.59 55.78
CA SER A 151 -63.76 -93.95 56.19
C SER A 151 -62.81 -94.04 57.38
N PHE A 152 -62.35 -92.90 57.90
CA PHE A 152 -61.39 -92.93 59.00
C PHE A 152 -62.08 -93.40 60.28
N LYS A 153 -61.47 -94.36 60.95
CA LYS A 153 -62.01 -94.94 62.17
C LYS A 153 -60.88 -95.20 63.14
N VAL A 154 -61.13 -94.90 64.42
CA VAL A 154 -60.16 -95.12 65.49
C VAL A 154 -60.81 -95.98 66.55
N PHE A 155 -60.13 -97.05 66.98
CA PHE A 155 -60.67 -97.92 68.01
C PHE A 155 -59.67 -98.07 69.16
N GLU A 156 -59.97 -98.98 70.09
CA GLU A 156 -59.12 -99.17 71.26
C GLU A 156 -57.95 -100.09 70.92
N ILE A 157 -56.77 -99.72 71.39
CA ILE A 157 -55.55 -100.47 71.12
C ILE A 157 -55.43 -101.65 72.07
N ASN B 1 16.39 -56.59 40.44
CA ASN B 1 15.96 -56.80 39.06
C ASN B 1 14.73 -57.73 38.91
N PRO B 2 14.62 -58.80 39.73
CA PRO B 2 13.31 -59.49 39.79
C PRO B 2 12.19 -58.59 40.28
N TRP B 3 12.48 -57.64 41.18
CA TRP B 3 11.46 -56.77 41.74
C TRP B 3 10.92 -55.76 40.73
N LEU B 4 11.61 -55.54 39.61
CA LEU B 4 11.14 -54.61 38.59
C LEU B 4 10.14 -55.28 37.66
N ASP B 5 10.55 -56.36 37.00
CA ASP B 5 9.67 -57.09 36.09
C ASP B 5 9.20 -58.36 36.79
N LEU B 6 8.14 -58.21 37.59
CA LEU B 6 7.50 -59.36 38.20
C LEU B 6 6.77 -60.18 37.12
N PHE B 7 6.59 -61.46 37.42
CA PHE B 7 5.94 -62.42 36.51
C PHE B 7 6.64 -62.45 35.16
N TYR B 8 7.97 -62.60 35.21
CA TYR B 8 8.78 -62.57 33.99
C TYR B 8 8.49 -63.78 33.10
N ASP B 9 8.48 -64.98 33.69
CA ASP B 9 8.25 -66.24 32.97
C ASP B 9 9.25 -66.44 31.84
N GLY B 10 10.50 -66.06 32.09
CA GLY B 10 11.59 -66.28 31.16
C GLY B 10 11.42 -65.51 29.86
N GLU B 11 12.13 -66.01 28.84
CA GLU B 11 12.00 -65.48 27.49
C GLU B 11 10.99 -66.31 26.70
N ASP B 12 10.81 -65.97 25.43
CA ASP B 12 9.85 -66.65 24.59
C ASP B 12 10.33 -68.06 24.25
N GLU B 13 9.38 -68.97 24.12
CA GLU B 13 9.69 -70.33 23.74
C GLU B 13 10.19 -70.39 22.29
N PRO B 14 11.07 -71.35 21.97
CA PRO B 14 11.59 -71.43 20.59
C PRO B 14 10.54 -71.75 19.54
N GLU B 15 9.40 -72.32 19.93
CA GLU B 15 8.36 -72.72 18.98
C GLU B 15 7.29 -71.66 18.77
N THR B 16 7.42 -70.49 19.40
CA THR B 16 6.45 -69.42 19.18
C THR B 16 6.57 -68.87 17.76
N GLU B 17 5.43 -68.57 17.15
CA GLU B 17 5.39 -68.18 15.74
C GLU B 17 5.08 -66.72 15.49
N TYR B 18 4.47 -66.02 16.46
CA TYR B 18 4.10 -64.60 16.34
C TYR B 18 3.18 -64.36 15.15
N GLY B 19 2.32 -65.31 14.84
CA GLY B 19 1.39 -65.15 13.73
C GLY B 19 2.05 -65.37 12.38
N SER B 20 1.27 -65.09 11.34
CA SER B 20 1.71 -65.28 9.96
C SER B 20 2.16 -63.99 9.31
N MET B 21 1.29 -62.98 9.29
CA MET B 21 1.57 -61.72 8.62
C MET B 21 2.38 -60.80 9.52
N PHE B 22 3.21 -59.96 8.87
CA PHE B 22 4.10 -59.02 9.55
C PHE B 22 5.02 -59.74 10.54
N SER B 23 5.51 -60.90 10.13
CA SER B 23 6.33 -61.75 10.98
C SER B 23 7.80 -61.74 10.60
N ASP B 24 8.11 -61.91 9.31
CA ASP B 24 9.49 -61.98 8.84
C ASP B 24 9.72 -60.96 7.73
N GLY B 25 10.98 -60.85 7.32
CA GLY B 25 11.35 -59.95 6.24
C GLY B 25 11.68 -58.55 6.71
N LYS B 26 11.52 -57.58 5.82
CA LYS B 26 11.78 -56.17 6.12
C LYS B 26 10.50 -55.36 5.91
N GLN B 27 10.64 -54.04 5.99
CA GLN B 27 9.47 -53.17 5.93
C GLN B 27 8.90 -53.07 4.52
N ASP B 28 9.73 -53.23 3.50
CA ASP B 28 9.30 -53.05 2.12
C ASP B 28 8.71 -54.31 1.50
N GLU B 29 8.60 -55.39 2.25
CA GLU B 29 8.16 -56.67 1.72
C GLU B 29 6.70 -57.00 2.07
N ASP B 30 6.07 -56.20 2.92
CA ASP B 30 4.73 -56.50 3.41
C ASP B 30 3.72 -56.45 2.26
N PRO B 31 3.00 -57.55 1.99
CA PRO B 31 2.03 -57.52 0.88
C PRO B 31 0.67 -56.98 1.27
N TYR B 32 0.35 -56.90 2.55
CA TYR B 32 -0.95 -56.45 3.01
C TYR B 32 -0.79 -55.30 3.99
N PRO B 33 -1.72 -54.34 4.02
CA PRO B 33 -2.89 -54.20 3.15
C PRO B 33 -2.53 -53.66 1.76
N ARG B 34 -3.21 -54.12 0.72
CA ARG B 34 -2.95 -53.69 -0.63
C ARG B 34 -4.16 -52.93 -1.17
N ASP B 35 -3.93 -52.23 -2.28
CA ASP B 35 -4.99 -51.42 -2.89
C ASP B 35 -6.09 -52.32 -3.46
N ASN B 36 -7.32 -51.82 -3.38
CA ASN B 36 -8.49 -52.51 -3.91
C ASN B 36 -9.23 -51.54 -4.83
N PRO B 37 -8.79 -51.41 -6.08
CA PRO B 37 -9.49 -50.50 -7.01
C PRO B 37 -10.91 -50.93 -7.33
N GLU B 38 -11.26 -52.20 -7.11
CA GLU B 38 -12.62 -52.67 -7.36
C GLU B 38 -13.58 -52.36 -6.22
N ASN B 39 -13.08 -51.85 -5.10
CA ASN B 39 -13.95 -51.53 -3.97
C ASN B 39 -14.66 -50.21 -4.23
N PRO B 40 -15.99 -50.17 -4.22
CA PRO B 40 -16.72 -48.91 -4.49
C PRO B 40 -16.53 -47.84 -3.43
N TYR B 41 -16.06 -48.19 -2.24
CA TYR B 41 -15.93 -47.25 -1.14
C TYR B 41 -14.50 -46.86 -0.83
N GLY B 42 -13.52 -47.39 -1.58
CA GLY B 42 -12.13 -47.07 -1.35
C GLY B 42 -11.47 -47.88 -0.25
N PHE B 43 -12.15 -48.88 0.30
CA PHE B 43 -11.54 -49.72 1.32
C PHE B 43 -10.46 -50.59 0.69
N LEU B 44 -9.40 -50.85 1.44
CA LEU B 44 -8.27 -51.62 0.93
C LEU B 44 -8.62 -53.10 0.90
N LYS B 45 -7.67 -53.93 0.50
CA LYS B 45 -7.81 -55.37 0.48
C LYS B 45 -7.07 -55.95 1.68
N PHE B 46 -7.81 -56.58 2.57
CA PHE B 46 -7.25 -57.08 3.82
C PHE B 46 -7.27 -58.61 3.83
N PRO B 47 -6.31 -59.25 4.51
CA PRO B 47 -6.28 -60.72 4.54
C PRO B 47 -7.44 -61.28 5.35
N GLN B 48 -7.72 -62.55 5.09
CA GLN B 48 -8.80 -63.25 5.78
C GLN B 48 -8.50 -63.34 7.27
N GLY B 49 -9.47 -62.97 8.08
CA GLY B 49 -9.33 -63.05 9.53
C GLY B 49 -8.71 -61.86 10.21
N TYR B 50 -7.59 -61.37 9.68
CA TYR B 50 -6.81 -60.32 10.33
C TYR B 50 -7.62 -59.04 10.48
N ALA B 51 -7.38 -58.33 11.58
CA ALA B 51 -8.04 -57.05 11.81
C ALA B 51 -7.59 -56.04 10.78
N VAL B 52 -8.42 -55.01 10.60
CA VAL B 52 -8.18 -54.02 9.55
C VAL B 52 -6.90 -53.23 9.84
N GLU B 53 -6.71 -52.80 11.08
CA GLU B 53 -5.55 -52.01 11.46
C GLU B 53 -4.34 -52.93 11.58
N MET B 54 -3.53 -52.97 10.52
CA MET B 54 -2.36 -53.85 10.48
C MET B 54 -1.04 -53.11 10.55
N ALA B 55 -1.01 -51.79 10.32
CA ALA B 55 0.25 -51.07 10.30
C ALA B 55 0.89 -51.00 11.68
N SER B 56 0.09 -51.12 12.74
CA SER B 56 0.63 -51.16 14.09
C SER B 56 1.20 -52.52 14.46
N LEU B 57 0.93 -53.55 13.66
CA LEU B 57 1.39 -54.89 13.99
C LEU B 57 2.89 -55.05 13.78
N GLY B 58 3.46 -54.36 12.80
CA GLY B 58 4.87 -54.50 12.51
C GLY B 58 5.76 -53.97 13.62
N SER B 59 5.32 -52.90 14.29
CA SER B 59 6.10 -52.36 15.40
C SER B 59 6.13 -53.33 16.58
N LYS B 60 5.01 -53.98 16.87
CA LYS B 60 4.96 -54.89 18.00
C LYS B 60 5.66 -56.21 17.70
N VAL B 61 5.46 -56.76 16.50
CA VAL B 61 5.97 -58.08 16.19
C VAL B 61 7.39 -57.98 15.63
N ARG B 62 7.54 -57.32 14.49
CA ARG B 62 8.81 -57.28 13.79
C ARG B 62 9.73 -56.18 14.30
N GLY B 63 9.25 -55.27 15.15
CA GLY B 63 10.07 -54.19 15.63
C GLY B 63 10.47 -53.19 14.56
N ASP B 64 9.57 -52.91 13.62
CA ASP B 64 9.87 -51.97 12.55
C ASP B 64 9.91 -50.55 13.09
N VAL B 65 10.80 -49.74 12.50
CA VAL B 65 10.84 -48.30 12.78
C VAL B 65 10.60 -47.57 11.47
N ARG B 66 9.84 -46.48 11.54
CA ARG B 66 9.59 -45.62 10.40
C ARG B 66 10.13 -44.21 10.57
N ARG B 67 10.16 -43.71 11.81
CA ARG B 67 10.78 -42.43 12.12
C ARG B 67 11.76 -42.64 13.26
N CYS B 68 13.01 -42.21 13.03
CA CYS B 68 14.08 -42.35 14.02
C CYS B 68 14.62 -40.98 14.36
N CYS B 69 15.01 -40.80 15.62
CA CYS B 69 15.55 -39.53 16.09
C CYS B 69 16.94 -39.76 16.67
N CYS B 70 17.97 -39.25 15.99
CA CYS B 70 19.34 -39.37 16.44
C CYS B 70 19.77 -38.02 17.02
N VAL B 71 19.85 -37.95 18.35
CA VAL B 71 20.29 -36.75 19.05
C VAL B 71 21.81 -36.85 19.16
N VAL B 72 22.49 -36.25 18.18
CA VAL B 72 23.96 -36.36 18.08
C VAL B 72 24.58 -35.16 18.78
N SER B 73 25.42 -35.41 19.77
CA SER B 73 26.17 -34.36 20.44
C SER B 73 27.46 -34.08 19.70
N GLY B 74 28.03 -32.90 19.96
CA GLY B 74 29.27 -32.49 19.33
C GLY B 74 29.04 -31.56 18.16
N GLY B 75 30.13 -31.22 17.51
CA GLY B 75 30.14 -30.27 16.41
C GLY B 75 30.14 -30.95 15.05
N VAL B 76 30.98 -30.43 14.15
CA VAL B 76 31.01 -30.92 12.79
C VAL B 76 31.61 -32.33 12.72
N TYR B 77 32.67 -32.58 13.51
CA TYR B 77 33.39 -33.84 13.40
C TYR B 77 32.54 -35.03 13.85
N ASP B 78 31.87 -34.90 15.01
CA ASP B 78 31.06 -36.01 15.52
C ASP B 78 29.86 -36.28 14.63
N ASN B 79 29.20 -35.21 14.16
CA ASN B 79 28.06 -35.38 13.28
C ASN B 79 28.47 -35.96 11.93
N LEU B 80 29.69 -35.65 11.48
CA LEU B 80 30.21 -36.27 10.27
C LEU B 80 30.50 -37.74 10.48
N LEU B 81 31.11 -38.08 11.62
CA LEU B 81 31.42 -39.48 11.92
C LEU B 81 30.17 -40.31 12.20
N PHE B 82 29.04 -39.67 12.49
CA PHE B 82 27.78 -40.39 12.65
C PHE B 82 27.14 -40.78 11.32
N PHE B 83 27.71 -40.37 10.19
CA PHE B 83 27.14 -40.72 8.90
C PHE B 83 27.05 -42.24 8.63
N PRO B 84 28.07 -43.06 8.92
CA PRO B 84 27.86 -44.52 8.74
C PRO B 84 26.74 -45.09 9.59
N ALA B 85 26.51 -44.56 10.79
CA ALA B 85 25.38 -45.02 11.60
C ALA B 85 24.05 -44.69 10.93
N ILE B 86 23.94 -43.50 10.34
CA ILE B 86 22.72 -43.11 9.64
C ILE B 86 22.51 -44.00 8.42
N GLN B 87 23.58 -44.28 7.68
CA GLN B 87 23.47 -45.19 6.54
C GLN B 87 23.10 -46.60 6.98
N LEU B 88 23.61 -47.03 8.15
CA LEU B 88 23.25 -48.33 8.70
C LEU B 88 21.77 -48.38 9.07
N ILE B 89 21.25 -47.30 9.65
CA ILE B 89 19.82 -47.24 9.96
C ILE B 89 18.99 -47.30 8.69
N LYS B 90 19.42 -46.58 7.65
CA LYS B 90 18.68 -46.59 6.38
C LYS B 90 18.71 -47.97 5.74
N ASP B 91 19.86 -48.66 5.81
CA ASP B 91 19.96 -49.98 5.19
C ASP B 91 19.18 -51.03 5.97
N ARG B 92 19.28 -51.01 7.30
CA ARG B 92 18.60 -52.01 8.12
C ARG B 92 17.09 -51.81 8.08
N TYR B 93 16.63 -50.56 8.07
CA TYR B 93 15.21 -50.21 8.10
C TYR B 93 14.87 -49.46 6.81
N PRO B 94 14.42 -50.15 5.77
CA PRO B 94 14.05 -49.46 4.53
C PRO B 94 12.86 -48.53 4.73
N GLY B 95 12.90 -47.39 4.05
CA GLY B 95 11.81 -46.42 4.13
C GLY B 95 11.78 -45.60 5.40
N VAL B 96 12.79 -45.69 6.25
CA VAL B 96 12.79 -44.96 7.50
C VAL B 96 13.13 -43.50 7.24
N GLN B 97 12.62 -42.62 8.10
CA GLN B 97 12.93 -41.19 8.06
C GLN B 97 13.71 -40.84 9.31
N ILE B 98 14.90 -40.28 9.14
CA ILE B 98 15.84 -40.05 10.23
C ILE B 98 15.95 -38.55 10.47
N ASP B 99 15.66 -38.13 11.69
CA ASP B 99 15.77 -36.74 12.09
C ASP B 99 16.90 -36.58 13.08
N ILE B 100 17.63 -35.47 12.97
CA ILE B 100 18.84 -35.25 13.75
C ILE B 100 18.65 -34.02 14.64
N ILE B 101 19.04 -34.15 15.90
CA ILE B 101 19.12 -33.03 16.83
C ILE B 101 20.60 -32.86 17.18
N THR B 102 21.12 -31.65 16.97
CA THR B 102 22.53 -31.37 17.21
C THR B 102 22.69 -29.88 17.45
N SER B 103 23.95 -29.46 17.58
CA SER B 103 24.27 -28.06 17.81
C SER B 103 24.15 -27.26 16.51
N ALA B 104 24.41 -25.96 16.61
CA ALA B 104 24.33 -25.10 15.43
C ALA B 104 25.40 -25.46 14.40
N ARG B 105 26.61 -25.77 14.87
CA ARG B 105 27.69 -26.13 13.94
C ARG B 105 27.45 -27.50 13.31
N GLY B 106 26.97 -28.46 14.10
CA GLY B 106 26.74 -29.80 13.59
C GLY B 106 25.58 -29.91 12.64
N LYS B 107 24.65 -28.95 12.68
CA LYS B 107 23.51 -28.99 11.77
C LYS B 107 23.92 -28.73 10.33
N GLN B 108 25.00 -27.98 10.12
CA GLN B 108 25.48 -27.71 8.77
C GLN B 108 26.16 -28.91 8.14
N THR B 109 26.52 -29.91 8.94
CA THR B 109 27.15 -31.11 8.41
C THR B 109 26.17 -31.90 7.54
N TYR B 110 24.91 -31.94 7.94
CA TYR B 110 23.89 -32.72 7.24
C TYR B 110 23.36 -32.03 5.99
N GLU B 111 24.02 -30.97 5.53
CA GLU B 111 23.73 -30.43 4.21
C GLU B 111 24.11 -31.44 3.13
N MET B 112 25.20 -32.19 3.34
CA MET B 112 25.68 -33.17 2.37
C MET B 112 25.24 -34.59 2.73
N ASN B 113 24.09 -34.75 3.35
CA ASN B 113 23.55 -36.07 3.70
C ASN B 113 22.26 -36.30 2.93
N LYS B 114 22.13 -37.48 2.34
CA LYS B 114 20.98 -37.83 1.53
C LYS B 114 19.91 -38.60 2.32
N ASN B 115 20.15 -38.88 3.60
CA ASN B 115 19.26 -39.73 4.38
C ASN B 115 18.46 -38.99 5.44
N VAL B 116 18.91 -37.80 5.85
CA VAL B 116 18.28 -37.08 6.95
C VAL B 116 17.10 -36.28 6.40
N ARG B 117 15.95 -36.39 7.07
CA ARG B 117 14.79 -35.57 6.72
C ARG B 117 14.88 -34.18 7.33
N TRP B 118 14.89 -34.10 8.66
CA TRP B 118 14.99 -32.83 9.37
C TRP B 118 16.26 -32.80 10.21
N ALA B 119 16.95 -31.67 10.16
CA ALA B 119 18.06 -31.39 11.06
C ALA B 119 17.70 -30.19 11.91
N THR B 120 17.77 -30.36 13.24
CA THR B 120 17.29 -29.36 14.18
C THR B 120 18.41 -28.94 15.11
N VAL B 121 18.45 -27.66 15.43
CA VAL B 121 19.46 -27.09 16.33
C VAL B 121 18.88 -27.06 17.74
N TYR B 122 19.62 -27.60 18.69
CA TYR B 122 19.23 -27.57 20.10
C TYR B 122 20.48 -27.55 20.96
N ASP B 123 20.52 -26.66 21.93
CA ASP B 123 21.69 -26.49 22.80
C ASP B 123 21.72 -27.64 23.79
N LEU B 124 22.37 -28.73 23.39
CA LEU B 124 22.44 -29.91 24.24
C LEU B 124 23.41 -29.72 25.41
N ASP B 125 24.42 -28.88 25.24
CA ASP B 125 25.43 -28.69 26.28
C ASP B 125 24.92 -27.90 27.47
N ASP B 126 23.79 -27.22 27.33
CA ASP B 126 23.21 -26.47 28.44
C ASP B 126 22.51 -27.42 29.41
N ASN B 127 23.01 -27.49 30.63
CA ASN B 127 22.39 -28.35 31.64
C ASN B 127 21.17 -27.71 32.29
N PHE B 128 20.98 -26.41 32.11
CA PHE B 128 19.82 -25.69 32.66
C PHE B 128 19.19 -24.90 31.52
N PRO B 129 18.41 -25.56 30.67
CA PRO B 129 17.85 -24.87 29.51
C PRO B 129 16.69 -23.96 29.89
N ASP B 130 16.28 -23.16 28.92
CA ASP B 130 15.07 -22.35 29.09
C ASP B 130 13.86 -23.29 29.17
N PRO B 131 12.95 -23.09 30.13
CA PRO B 131 11.78 -23.98 30.23
C PRO B 131 10.91 -23.97 28.99
N ALA B 132 10.75 -22.81 28.35
CA ALA B 132 9.92 -22.72 27.15
C ALA B 132 10.55 -23.47 25.99
N GLU B 133 11.86 -23.27 25.78
CA GLU B 133 12.55 -23.94 24.69
C GLU B 133 12.61 -25.45 24.92
N TYR B 134 12.88 -25.86 26.16
CA TYR B 134 12.92 -27.29 26.50
C TYR B 134 11.56 -27.93 26.29
N THR B 135 10.50 -27.26 26.73
CA THR B 135 9.15 -27.79 26.56
C THR B 135 8.76 -27.85 25.10
N ASP B 136 9.14 -26.84 24.32
CA ASP B 136 8.82 -26.83 22.88
C ASP B 136 9.54 -27.97 22.17
N MET B 137 10.82 -28.19 22.49
CA MET B 137 11.57 -29.28 21.87
C MET B 137 10.99 -30.65 22.26
N LEU B 138 10.63 -30.80 23.54
CA LEU B 138 10.05 -32.05 24.00
C LEU B 138 8.70 -32.33 23.32
N GLY B 139 7.87 -31.29 23.20
CA GLY B 139 6.60 -31.47 22.51
C GLY B 139 6.77 -31.74 21.03
N LEU B 140 7.77 -31.13 20.40
CA LEU B 140 8.07 -31.41 19.00
C LEU B 140 8.46 -32.87 18.81
N LEU B 141 9.33 -33.37 19.70
CA LEU B 141 9.74 -34.77 19.63
C LEU B 141 8.56 -35.71 19.89
N LYS B 142 7.68 -35.32 20.82
CA LYS B 142 6.49 -36.13 21.09
C LYS B 142 5.56 -36.15 19.88
N ASN B 143 5.42 -35.02 19.19
CA ASN B 143 4.52 -34.92 18.05
C ASN B 143 5.10 -35.50 16.77
N ARG B 144 6.41 -35.75 16.70
CA ARG B 144 6.94 -36.45 15.55
C ARG B 144 6.68 -37.95 15.60
N TYR B 145 6.40 -38.49 16.80
CA TYR B 145 6.10 -39.91 17.02
C TYR B 145 7.23 -40.81 16.51
N TYR B 146 8.39 -40.64 17.12
CA TYR B 146 9.55 -41.44 16.75
C TYR B 146 9.39 -42.87 17.25
N ASP B 147 9.64 -43.83 16.35
CA ASP B 147 9.67 -45.23 16.77
C ASP B 147 10.85 -45.51 17.68
N MET B 148 12.02 -44.97 17.34
CA MET B 148 13.20 -45.14 18.17
C MET B 148 14.00 -43.85 18.23
N VAL B 149 14.64 -43.63 19.37
CA VAL B 149 15.50 -42.47 19.60
C VAL B 149 16.85 -42.99 20.10
N LEU B 150 17.91 -42.47 19.50
CA LEU B 150 19.29 -42.78 19.86
C LEU B 150 19.97 -41.51 20.34
N SER B 151 20.83 -41.64 21.34
CA SER B 151 21.52 -40.50 21.93
C SER B 151 23.00 -40.83 22.09
N THR B 152 23.84 -40.09 21.36
CA THR B 152 25.28 -40.18 21.55
C THR B 152 25.76 -39.34 22.72
N LYS B 153 24.94 -38.42 23.21
CA LYS B 153 25.29 -37.64 24.38
C LYS B 153 25.25 -38.54 25.62
N LEU B 154 26.26 -38.39 26.47
CA LEU B 154 26.32 -39.13 27.73
C LEU B 154 25.14 -38.72 28.61
N ALA B 155 24.22 -39.65 28.84
CA ALA B 155 22.92 -39.32 29.44
C ALA B 155 22.96 -39.61 30.94
N GLY B 156 22.66 -38.58 31.73
CA GLY B 156 22.38 -38.73 33.14
C GLY B 156 20.91 -39.01 33.36
N LEU B 157 20.43 -38.64 34.55
CA LEU B 157 19.01 -38.81 34.84
C LEU B 157 18.16 -37.86 34.01
N GLY B 158 18.61 -36.61 33.84
CA GLY B 158 17.82 -35.63 33.12
C GLY B 158 17.68 -35.96 31.65
N HIS B 159 18.77 -36.37 31.00
CA HIS B 159 18.70 -36.73 29.59
C HIS B 159 17.91 -38.02 29.39
N ALA B 160 18.03 -38.95 30.34
CA ALA B 160 17.22 -40.17 30.28
C ALA B 160 15.74 -39.85 30.39
N ALA B 161 15.37 -38.91 31.27
CA ALA B 161 13.97 -38.50 31.39
C ALA B 161 13.50 -37.78 30.13
N PHE B 162 14.37 -36.97 29.53
CA PHE B 162 14.02 -36.28 28.29
C PHE B 162 13.77 -37.28 27.16
N LEU B 163 14.59 -38.32 27.08
CA LEU B 163 14.35 -39.38 26.11
C LEU B 163 13.12 -40.21 26.46
N PHE B 164 12.84 -40.35 27.76
CA PHE B 164 11.68 -41.12 28.21
C PHE B 164 10.38 -40.46 27.80
N MET B 165 10.31 -39.13 27.93
CA MET B 165 9.10 -38.40 27.58
C MET B 165 8.90 -38.23 26.07
N THR B 166 9.74 -38.86 25.24
CA THR B 166 9.63 -38.76 23.79
C THR B 166 8.57 -39.70 23.23
N THR B 167 8.02 -40.59 24.07
CA THR B 167 7.08 -41.65 23.67
C THR B 167 7.64 -42.55 22.59
N ALA B 168 8.94 -42.80 22.60
CA ALA B 168 9.56 -43.68 21.62
C ALA B 168 9.58 -45.11 22.14
N ARG B 169 9.33 -46.06 21.24
CA ARG B 169 9.32 -47.46 21.63
C ARG B 169 10.70 -47.93 22.08
N ASP B 170 11.74 -47.51 21.37
CA ASP B 170 13.11 -47.82 21.74
C ASP B 170 13.82 -46.53 22.14
N ARG B 171 14.40 -46.53 23.33
CA ARG B 171 15.19 -45.41 23.83
C ARG B 171 16.60 -45.92 24.12
N VAL B 172 17.54 -45.51 23.27
CA VAL B 172 18.90 -46.03 23.30
C VAL B 172 19.84 -44.85 23.53
N SER B 173 20.78 -45.00 24.46
CA SER B 173 21.64 -43.87 24.75
C SER B 173 22.98 -44.32 25.31
N TYR B 174 23.98 -43.47 25.13
CA TYR B 174 25.22 -43.56 25.88
C TYR B 174 25.03 -42.91 27.25
N VAL B 175 25.61 -43.53 28.27
CA VAL B 175 25.45 -43.05 29.64
C VAL B 175 26.80 -42.73 30.25
N TYR B 176 26.75 -42.02 31.37
CA TYR B 176 27.98 -41.63 32.06
C TYR B 176 28.62 -42.85 32.71
N PRO B 177 29.91 -43.09 32.50
CA PRO B 177 30.58 -44.21 33.18
C PRO B 177 30.69 -44.06 34.68
N ASN B 178 30.50 -42.86 35.23
CA ASN B 178 30.60 -42.64 36.66
C ASN B 178 29.31 -43.06 37.36
N VAL B 179 29.24 -42.76 38.66
CA VAL B 179 28.06 -43.12 39.45
C VAL B 179 26.89 -42.17 39.26
N ASN B 180 27.09 -41.07 38.55
CA ASN B 180 26.03 -40.09 38.36
C ASN B 180 24.97 -40.53 37.35
N ALA B 181 25.19 -41.65 36.65
CA ALA B 181 24.21 -42.18 35.71
C ALA B 181 23.36 -43.28 36.32
N ALA B 182 23.28 -43.33 37.64
CA ALA B 182 22.46 -44.35 38.30
C ALA B 182 20.98 -44.06 38.06
N GLY B 183 20.25 -45.09 37.65
CA GLY B 183 18.83 -44.95 37.35
C GLY B 183 18.53 -44.50 35.94
N ALA B 184 19.54 -44.13 35.16
CA ALA B 184 19.30 -43.75 33.77
C ALA B 184 18.90 -44.93 32.91
N GLY B 185 19.48 -46.11 33.18
CA GLY B 185 19.15 -47.29 32.41
C GLY B 185 17.74 -47.81 32.64
N LEU B 186 17.11 -47.42 33.75
CA LEU B 186 15.71 -47.78 33.97
C LEU B 186 14.79 -47.10 32.98
N LEU B 187 15.11 -45.87 32.59
CA LEU B 187 14.27 -45.10 31.67
C LEU B 187 14.69 -45.27 30.21
N LEU B 188 15.73 -46.04 29.93
CA LEU B 188 16.21 -46.24 28.57
C LEU B 188 16.06 -47.71 28.19
N SER B 189 15.70 -47.95 26.93
CA SER B 189 15.60 -49.33 26.44
C SER B 189 16.97 -49.97 26.34
N GLU B 190 17.99 -49.21 25.95
CA GLU B 190 19.34 -49.74 25.88
C GLU B 190 20.36 -48.68 26.25
N THR B 191 21.41 -49.12 26.95
CA THR B 191 22.43 -48.24 27.50
C THR B 191 23.81 -48.70 27.05
N PHE B 192 24.67 -47.74 26.75
CA PHE B 192 26.06 -48.02 26.40
C PHE B 192 26.99 -47.26 27.34
N THR B 193 27.98 -47.96 27.88
CA THR B 193 28.97 -47.33 28.74
C THR B 193 30.27 -47.18 27.95
N PRO B 194 30.68 -45.96 27.63
CA PRO B 194 31.95 -45.78 26.90
C PRO B 194 33.14 -45.99 27.82
N ASP B 195 34.32 -45.96 27.22
CA ASP B 195 35.57 -46.19 27.95
C ASP B 195 36.10 -44.94 28.63
N SER B 196 35.44 -43.79 28.46
CA SER B 196 35.93 -42.55 29.05
C SER B 196 34.76 -41.59 29.21
N MET B 197 35.01 -40.50 29.93
CA MET B 197 34.01 -39.44 30.09
C MET B 197 33.80 -38.64 28.81
N ASN B 198 34.65 -38.82 27.81
CA ASN B 198 34.53 -38.14 26.52
C ASN B 198 34.35 -39.19 25.45
N LEU B 199 33.22 -39.14 24.74
CA LEU B 199 32.97 -40.10 23.66
C LEU B 199 33.84 -39.79 22.44
N SER B 200 34.19 -38.52 22.23
CA SER B 200 35.00 -38.14 21.09
C SER B 200 36.47 -38.54 21.26
N GLU B 201 36.86 -39.04 22.42
CA GLU B 201 38.24 -39.52 22.61
C GLU B 201 38.52 -40.71 21.70
N GLY B 202 37.51 -41.55 21.46
CA GLY B 202 37.64 -42.55 20.41
C GLY B 202 37.68 -41.93 19.03
N GLY B 203 38.28 -42.65 18.10
CA GLY B 203 38.52 -42.10 16.78
C GLY B 203 37.37 -42.27 15.81
N TYR B 204 37.65 -42.87 14.66
CA TYR B 204 36.64 -43.07 13.63
C TYR B 204 35.55 -44.05 14.07
N ASN B 205 35.85 -44.92 15.02
CA ASN B 205 34.91 -45.92 15.53
C ASN B 205 34.39 -45.56 16.92
N MET B 206 34.14 -44.27 17.15
CA MET B 206 33.65 -43.83 18.45
C MET B 206 32.25 -44.34 18.75
N TYR B 207 31.45 -44.56 17.70
CA TYR B 207 30.09 -45.08 17.85
C TYR B 207 30.02 -46.58 17.59
N HIS B 208 31.08 -47.33 17.95
CA HIS B 208 31.12 -48.74 17.57
C HIS B 208 30.09 -49.55 18.34
N GLN B 209 29.82 -49.20 19.60
CA GLN B 209 28.80 -49.91 20.36
C GLN B 209 27.41 -49.67 19.77
N MET B 210 27.13 -48.43 19.37
CA MET B 210 25.86 -48.14 18.72
C MET B 210 25.73 -48.84 17.38
N ILE B 211 26.85 -48.93 16.64
CA ILE B 211 26.84 -49.64 15.36
C ILE B 211 26.56 -51.13 15.58
N GLU B 212 27.19 -51.72 16.60
CA GLU B 212 26.96 -53.13 16.91
C GLU B 212 25.52 -53.38 17.34
N TRP B 213 24.94 -52.46 18.12
CA TRP B 213 23.55 -52.62 18.53
C TRP B 213 22.59 -52.41 17.38
N LEU B 214 22.94 -51.56 16.41
CA LEU B 214 22.02 -51.31 15.30
C LEU B 214 22.00 -52.48 14.33
N GLY B 215 23.13 -53.16 14.17
CA GLY B 215 23.22 -54.22 13.19
C GLY B 215 23.25 -55.63 13.72
N ARG B 216 22.74 -55.83 14.94
CA ARG B 216 22.72 -57.17 15.53
C ARG B 216 21.77 -58.08 14.75
N PRO B 217 22.10 -59.37 14.62
CA PRO B 217 21.22 -60.30 13.92
C PRO B 217 20.08 -60.76 14.82
N VAL B 218 18.86 -60.32 14.50
CA VAL B 218 17.67 -60.66 15.27
C VAL B 218 16.64 -61.25 14.33
N LYS B 219 16.18 -62.46 14.62
CA LYS B 219 15.03 -63.10 13.97
C LYS B 219 15.28 -63.23 12.45
N ASP B 220 16.25 -64.09 12.14
CA ASP B 220 16.66 -64.49 10.79
C ASP B 220 17.02 -63.30 9.88
N ILE B 221 17.31 -62.15 10.46
CA ILE B 221 17.86 -61.01 9.72
C ILE B 221 19.37 -61.04 9.90
N PRO B 222 20.16 -61.04 8.82
CA PRO B 222 21.61 -61.14 8.96
C PRO B 222 22.21 -59.88 9.58
N GLN B 223 23.40 -60.04 10.14
CA GLN B 223 24.10 -58.94 10.79
C GLN B 223 24.48 -57.88 9.76
N HIS B 224 24.23 -56.62 10.09
CA HIS B 224 24.51 -55.49 9.22
C HIS B 224 25.74 -54.74 9.72
N LEU B 225 26.66 -54.45 8.80
CA LEU B 225 27.91 -53.76 9.12
C LEU B 225 27.83 -52.30 8.68
N ALA B 226 28.86 -51.55 9.05
CA ALA B 226 28.92 -50.12 8.77
C ALA B 226 29.72 -49.87 7.50
N SER B 227 29.13 -49.10 6.59
CA SER B 227 29.79 -48.73 5.34
C SER B 227 30.85 -47.65 5.60
N PRO B 228 31.85 -47.56 4.72
CA PRO B 228 32.81 -46.44 4.83
C PRO B 228 32.13 -45.10 4.62
N LEU B 229 32.74 -44.06 5.19
CA LEU B 229 32.17 -42.72 5.18
C LEU B 229 32.05 -42.18 3.75
N LYS B 230 30.86 -41.67 3.43
CA LYS B 230 30.60 -41.07 2.12
C LYS B 230 29.79 -39.81 2.31
N VAL B 231 29.95 -38.86 1.38
CA VAL B 231 29.18 -37.63 1.36
C VAL B 231 28.69 -37.38 -0.07
N SER B 232 27.62 -36.61 -0.17
CA SER B 232 27.03 -36.24 -1.46
C SER B 232 26.94 -34.73 -1.53
N ILE B 233 27.54 -34.13 -2.56
CA ILE B 233 27.65 -32.69 -2.71
C ILE B 233 26.70 -32.22 -3.79
N SER B 234 25.89 -31.22 -3.48
CA SER B 234 24.95 -30.67 -4.44
C SER B 234 25.64 -29.69 -5.39
N ARG B 235 24.91 -29.28 -6.42
CA ARG B 235 25.46 -28.39 -7.43
C ARG B 235 25.67 -26.98 -6.90
N LYS B 236 24.81 -26.52 -6.00
CA LYS B 236 24.91 -25.15 -5.48
C LYS B 236 26.19 -24.96 -4.69
N LEU B 237 26.54 -25.94 -3.85
CA LEU B 237 27.80 -25.87 -3.11
C LEU B 237 28.98 -25.85 -4.07
N LYS B 238 28.93 -26.68 -5.11
CA LYS B 238 30.01 -26.74 -6.09
C LYS B 238 30.19 -25.39 -6.79
N GLU B 239 29.08 -24.77 -7.21
CA GLU B 239 29.17 -23.48 -7.88
C GLU B 239 29.69 -22.39 -6.95
N ALA B 240 29.22 -22.39 -5.69
CA ALA B 240 29.67 -21.39 -4.73
C ALA B 240 31.16 -21.52 -4.45
N VAL B 241 31.65 -22.74 -4.25
CA VAL B 241 33.06 -22.87 -3.94
C VAL B 241 33.90 -22.66 -5.20
N GLU B 242 33.33 -22.95 -6.38
CA GLU B 242 34.02 -22.67 -7.63
C GLU B 242 34.26 -21.17 -7.79
N ALA B 243 33.23 -20.37 -7.49
CA ALA B 243 33.43 -18.92 -7.47
C ALA B 243 34.43 -18.52 -6.40
N LYS B 244 34.39 -19.17 -5.24
CA LYS B 244 35.28 -18.81 -4.13
C LYS B 244 36.74 -19.04 -4.48
N TYR B 245 37.06 -20.18 -5.12
CA TYR B 245 38.45 -20.44 -5.47
C TYR B 245 38.85 -19.83 -6.81
N LYS B 246 37.88 -19.44 -7.64
CA LYS B 246 38.23 -18.67 -8.83
C LYS B 246 38.55 -17.23 -8.48
N GLU B 247 37.98 -16.71 -7.39
CA GLU B 247 38.41 -15.42 -6.86
C GLU B 247 39.81 -15.51 -6.26
N ALA B 248 40.24 -16.70 -5.85
CA ALA B 248 41.60 -16.90 -5.34
C ALA B 248 42.61 -17.20 -6.43
N GLY B 249 42.16 -17.43 -7.68
CA GLY B 249 43.03 -17.62 -8.81
C GLY B 249 43.23 -19.06 -9.22
N ALA B 250 42.95 -20.02 -8.35
CA ALA B 250 43.14 -21.42 -8.69
C ALA B 250 42.06 -21.89 -9.66
N GLU B 251 42.32 -23.04 -10.29
CA GLU B 251 41.41 -23.63 -11.25
C GLU B 251 41.13 -25.07 -10.88
N LYS B 252 40.17 -25.67 -11.59
CA LYS B 252 39.66 -26.99 -11.23
C LYS B 252 40.72 -28.06 -11.44
N GLY B 253 40.91 -28.90 -10.42
CA GLY B 253 41.84 -30.00 -10.51
C GLY B 253 43.29 -29.62 -10.55
N LYS B 254 43.62 -28.41 -10.09
CA LYS B 254 45.00 -27.93 -10.12
C LYS B 254 45.38 -27.26 -8.81
N TYR B 255 44.80 -27.70 -7.70
CA TYR B 255 45.07 -27.09 -6.41
C TYR B 255 44.96 -28.14 -5.31
N VAL B 256 45.61 -27.84 -4.18
CA VAL B 256 45.51 -28.67 -2.98
C VAL B 256 44.91 -27.83 -1.88
N VAL B 257 44.32 -28.52 -0.90
CA VAL B 257 43.60 -27.88 0.20
C VAL B 257 44.41 -28.06 1.47
N ILE B 258 44.83 -26.94 2.06
CA ILE B 258 45.58 -26.96 3.32
C ILE B 258 44.63 -26.56 4.44
N HIS B 259 44.55 -27.39 5.48
CA HIS B 259 43.61 -27.16 6.57
C HIS B 259 44.27 -27.42 7.91
N GLY B 260 43.98 -26.55 8.87
CA GLY B 260 44.52 -26.69 10.22
C GLY B 260 45.38 -25.53 10.67
N ILE B 261 45.09 -24.33 10.18
CA ILE B 261 45.84 -23.14 10.58
C ILE B 261 45.41 -22.72 11.97
N LYS B 262 46.39 -22.48 12.85
CA LYS B 262 46.10 -22.18 14.25
C LYS B 262 45.46 -20.81 14.38
N CYS B 263 44.32 -20.78 15.07
CA CYS B 263 43.58 -19.54 15.36
C CYS B 263 42.58 -19.85 16.46
N ASP B 264 41.89 -18.82 16.92
CA ASP B 264 40.89 -18.94 17.98
C ASP B 264 39.48 -19.14 17.44
N SER B 265 39.32 -19.29 16.13
CA SER B 265 37.99 -19.47 15.55
C SER B 265 37.42 -20.84 15.93
N LYS B 266 36.09 -20.87 16.08
CA LYS B 266 35.38 -22.10 16.38
C LYS B 266 35.00 -22.88 15.13
N ALA B 267 35.27 -22.34 13.95
CA ALA B 267 35.00 -23.03 12.69
C ALA B 267 36.19 -23.82 12.20
N SER B 268 37.13 -24.15 13.09
CA SER B 268 38.31 -24.94 12.72
C SER B 268 37.99 -26.42 12.53
N MET B 269 36.79 -26.85 12.90
CA MET B 269 36.28 -28.20 12.62
C MET B 269 37.12 -29.27 13.31
N GLN B 270 37.55 -28.99 14.53
CA GLN B 270 38.39 -29.90 15.29
C GLN B 270 37.54 -30.98 15.93
N SER B 271 38.21 -31.93 16.58
CA SER B 271 37.56 -32.99 17.35
C SER B 271 37.83 -32.76 18.83
N GLU B 272 36.83 -33.05 19.66
CA GLU B 272 36.99 -32.90 21.10
C GLU B 272 37.98 -33.91 21.67
N GLY B 273 38.23 -35.01 20.98
CA GLY B 273 39.23 -35.97 21.40
C GLY B 273 40.65 -35.62 21.03
N ASP B 274 40.84 -34.54 20.27
CA ASP B 274 42.18 -34.08 19.87
C ASP B 274 42.17 -32.55 19.93
N THR B 275 42.55 -32.01 21.07
CA THR B 275 42.56 -30.56 21.25
C THR B 275 43.81 -29.90 20.67
N ASP B 276 44.84 -30.69 20.37
CA ASP B 276 46.09 -30.15 19.83
C ASP B 276 46.07 -30.03 18.31
N SER B 277 44.94 -30.33 17.66
CA SER B 277 44.87 -30.40 16.21
C SER B 277 44.83 -28.99 15.60
N LEU B 278 45.96 -28.29 15.71
CA LEU B 278 46.15 -26.99 15.10
C LEU B 278 47.64 -26.76 14.89
N LEU B 279 48.00 -26.26 13.70
CA LEU B 279 49.37 -25.94 13.39
C LEU B 279 49.52 -24.46 13.12
N PRO B 280 50.58 -23.82 13.61
CA PRO B 280 50.80 -22.39 13.34
C PRO B 280 51.05 -22.12 11.87
N ILE B 281 50.78 -20.87 11.48
CA ILE B 281 50.88 -20.48 10.08
C ILE B 281 52.32 -20.50 9.57
N GLU B 282 53.31 -20.37 10.45
CA GLU B 282 54.71 -20.41 10.01
C GLU B 282 55.09 -21.81 9.53
N ILE B 283 54.70 -22.84 10.27
CA ILE B 283 54.97 -24.22 9.84
C ILE B 283 54.20 -24.53 8.56
N TRP B 284 52.98 -24.00 8.44
CA TRP B 284 52.21 -24.21 7.21
C TRP B 284 52.89 -23.54 6.01
N ALA B 285 53.45 -22.34 6.21
CA ALA B 285 54.19 -21.69 5.14
C ALA B 285 55.43 -22.48 4.76
N GLU B 286 56.14 -23.01 5.77
CA GLU B 286 57.32 -23.82 5.50
C GLU B 286 56.97 -25.08 4.71
N ILE B 287 55.85 -25.71 5.05
CA ILE B 287 55.41 -26.90 4.32
C ILE B 287 54.97 -26.54 2.91
N SER B 288 54.22 -25.44 2.76
CA SER B 288 53.68 -25.06 1.45
C SER B 288 54.76 -24.51 0.52
N GLN B 289 55.92 -24.12 1.04
CA GLN B 289 57.01 -23.71 0.16
C GLN B 289 57.52 -24.86 -0.70
N ALA B 290 57.27 -26.10 -0.30
CA ALA B 290 57.78 -27.27 -1.02
C ALA B 290 56.83 -27.76 -2.11
N ILE B 291 55.67 -27.13 -2.28
CA ILE B 291 54.71 -27.55 -3.30
C ILE B 291 55.10 -26.93 -4.63
N ARG B 292 55.20 -27.76 -5.66
CA ARG B 292 55.59 -27.31 -6.99
C ARG B 292 54.62 -27.87 -8.03
N GLY B 293 54.18 -27.01 -8.95
CA GLY B 293 53.27 -27.40 -10.00
C GLY B 293 51.81 -27.41 -9.62
N VAL B 294 51.49 -27.41 -8.34
CA VAL B 294 50.12 -27.40 -7.84
C VAL B 294 49.96 -26.22 -6.91
N THR B 295 48.94 -25.40 -7.14
CA THR B 295 48.74 -24.19 -6.37
C THR B 295 48.22 -24.53 -4.97
N PRO B 296 48.93 -24.17 -3.90
CA PRO B 296 48.42 -24.45 -2.55
C PRO B 296 47.36 -23.45 -2.15
N ILE B 297 46.21 -23.96 -1.71
CA ILE B 297 45.12 -23.12 -1.23
C ILE B 297 45.05 -23.25 0.28
N PHE B 298 45.11 -22.12 0.97
CA PHE B 298 45.00 -22.09 2.43
C PHE B 298 43.54 -21.82 2.80
N VAL B 299 42.98 -22.66 3.66
CA VAL B 299 41.61 -22.52 4.12
C VAL B 299 41.62 -21.86 5.48
N ILE B 300 41.03 -20.68 5.57
CA ILE B 300 40.97 -19.95 6.84
C ILE B 300 39.53 -19.95 7.33
N PRO B 301 39.26 -20.25 8.61
CA PRO B 301 37.90 -20.21 9.12
C PRO B 301 37.43 -18.82 9.51
N HIS B 302 38.32 -17.83 9.58
CA HIS B 302 37.95 -16.47 9.92
C HIS B 302 38.71 -15.50 9.03
N GLU B 303 38.01 -14.45 8.57
CA GLU B 303 38.62 -13.47 7.68
C GLU B 303 39.72 -12.68 8.38
N LYS B 304 39.62 -12.51 9.70
CA LYS B 304 40.63 -11.76 10.45
C LYS B 304 42.01 -12.41 10.39
N LEU B 305 42.08 -13.70 10.10
CA LEU B 305 43.35 -14.39 9.94
C LEU B 305 43.99 -14.13 8.58
N ARG B 306 43.18 -13.70 7.60
CA ARG B 306 43.63 -13.64 6.20
C ARG B 306 44.86 -12.76 6.04
N GLU B 307 44.79 -11.53 6.56
CA GLU B 307 45.92 -10.61 6.47
C GLU B 307 47.17 -11.20 7.10
N ASP B 308 47.00 -11.93 8.22
CA ASP B 308 48.14 -12.58 8.86
C ASP B 308 48.80 -13.55 7.90
N VAL B 309 48.00 -14.36 7.21
CA VAL B 309 48.56 -15.28 6.22
C VAL B 309 49.26 -14.49 5.13
N GLU B 310 48.67 -13.35 4.73
CA GLU B 310 49.26 -12.51 3.70
C GLU B 310 50.60 -11.93 4.11
N GLU B 311 50.93 -11.93 5.40
CA GLU B 311 52.24 -11.47 5.84
C GLU B 311 53.09 -12.58 6.42
N ILE B 312 52.74 -13.85 6.16
CA ILE B 312 53.54 -14.99 6.60
C ILE B 312 54.04 -15.82 5.42
N VAL B 313 53.12 -16.31 4.59
CA VAL B 313 53.52 -17.08 3.42
C VAL B 313 53.78 -16.19 2.20
N GLY B 314 53.12 -15.03 2.12
CA GLY B 314 53.27 -14.16 0.98
C GLY B 314 51.97 -13.46 0.62
N GLU B 315 52.08 -12.26 0.04
CA GLU B 315 50.88 -11.52 -0.35
C GLU B 315 50.23 -12.09 -1.61
N GLU B 316 50.98 -12.82 -2.44
CA GLU B 316 50.50 -13.31 -3.72
C GLU B 316 50.05 -14.76 -3.66
N THR B 317 49.53 -15.20 -2.51
CA THR B 317 49.07 -16.57 -2.33
C THR B 317 47.56 -16.66 -2.56
N SER B 318 47.03 -17.87 -2.44
CA SER B 318 45.61 -18.15 -2.68
C SER B 318 44.94 -18.51 -1.37
N ILE B 319 44.02 -17.65 -0.92
CA ILE B 319 43.34 -17.79 0.36
C ILE B 319 41.86 -17.97 0.11
N VAL B 320 41.26 -18.98 0.74
CA VAL B 320 39.83 -19.28 0.59
C VAL B 320 39.20 -19.33 1.97
N PHE B 321 38.09 -18.61 2.14
CA PHE B 321 37.36 -18.54 3.40
C PHE B 321 36.26 -19.59 3.40
N ILE B 322 36.38 -20.59 4.28
CA ILE B 322 35.42 -21.68 4.37
C ILE B 322 34.99 -21.84 5.83
N THR B 323 33.69 -21.89 6.06
CA THR B 323 33.11 -22.12 7.37
C THR B 323 32.11 -23.28 7.38
N THR B 324 31.35 -23.45 6.29
CA THR B 324 30.36 -24.51 6.17
C THR B 324 31.03 -25.79 5.67
N PRO B 325 30.80 -26.94 6.34
CA PRO B 325 31.46 -28.19 5.93
C PRO B 325 31.09 -28.66 4.54
N GLY B 326 29.90 -28.32 4.04
CA GLY B 326 29.56 -28.65 2.66
C GLY B 326 30.47 -27.95 1.67
N GLN B 327 30.78 -26.68 1.93
CA GLN B 327 31.70 -25.94 1.07
C GLN B 327 33.11 -26.52 1.14
N LEU B 328 33.54 -26.95 2.34
CA LEU B 328 34.86 -27.58 2.46
C LEU B 328 34.91 -28.89 1.69
N ALA B 329 33.86 -29.70 1.78
CA ALA B 329 33.83 -30.95 1.03
C ALA B 329 33.81 -30.70 -0.47
N ALA B 330 33.10 -29.66 -0.90
CA ALA B 330 33.07 -29.33 -2.31
C ALA B 330 34.41 -28.81 -2.81
N LEU B 331 35.13 -28.07 -1.96
CA LEU B 331 36.50 -27.66 -2.30
C LEU B 331 37.43 -28.86 -2.40
N ILE B 332 37.29 -29.81 -1.48
CA ILE B 332 38.13 -31.01 -1.49
C ILE B 332 37.83 -31.86 -2.72
N ASN B 333 36.56 -31.90 -3.14
CA ASN B 333 36.17 -32.72 -4.29
C ASN B 333 36.84 -32.25 -5.57
N ASP B 334 36.92 -30.94 -5.79
CA ASP B 334 37.53 -30.42 -7.00
C ASP B 334 39.05 -30.30 -6.92
N SER B 335 39.64 -30.62 -5.77
CA SER B 335 41.08 -30.54 -5.60
C SER B 335 41.74 -31.85 -6.04
N VAL B 336 43.04 -31.94 -5.86
CA VAL B 336 43.78 -33.19 -6.09
C VAL B 336 44.45 -33.73 -4.85
N GLY B 337 44.54 -32.94 -3.79
CA GLY B 337 45.18 -33.41 -2.57
C GLY B 337 44.82 -32.51 -1.41
N VAL B 338 44.96 -33.08 -0.21
CA VAL B 338 44.62 -32.37 1.03
C VAL B 338 45.79 -32.53 1.99
N ILE B 339 46.34 -31.42 2.45
CA ILE B 339 47.31 -31.41 3.54
C ILE B 339 46.57 -30.84 4.75
N ALA B 340 46.16 -31.73 5.64
CA ALA B 340 45.29 -31.33 6.75
C ALA B 340 45.82 -31.86 8.06
N THR B 341 45.56 -31.08 9.10
CA THR B 341 45.80 -31.48 10.48
C THR B 341 44.52 -32.24 10.89
N ASN B 342 44.43 -32.79 12.10
CA ASN B 342 43.30 -33.65 12.46
C ASN B 342 42.01 -32.85 12.60
N THR B 343 41.45 -32.46 11.45
CA THR B 343 40.17 -31.80 11.34
C THR B 343 39.24 -32.69 10.49
N ALA B 344 38.07 -32.16 10.16
CA ALA B 344 37.15 -32.87 9.29
C ALA B 344 37.62 -32.92 7.84
N ALA B 345 38.66 -32.14 7.49
CA ALA B 345 39.15 -32.12 6.12
C ALA B 345 39.72 -33.47 5.70
N ILE B 346 40.45 -34.13 6.59
CA ILE B 346 41.01 -35.43 6.25
C ILE B 346 39.91 -36.48 6.12
N GLN B 347 38.83 -36.34 6.90
CA GLN B 347 37.71 -37.28 6.78
C GLN B 347 36.95 -37.06 5.48
N LEU B 348 36.80 -35.81 5.06
CA LEU B 348 36.17 -35.54 3.78
C LEU B 348 37.05 -35.96 2.62
N ALA B 349 38.37 -35.88 2.78
CA ALA B 349 39.29 -36.42 1.78
C ALA B 349 39.16 -37.94 1.67
N LEU B 350 39.02 -38.61 2.82
CA LEU B 350 38.74 -40.05 2.80
C LEU B 350 37.39 -40.35 2.15
N ALA B 351 36.41 -39.46 2.33
CA ALA B 351 35.10 -39.67 1.74
C ALA B 351 35.14 -39.49 0.22
N ARG B 352 35.95 -38.55 -0.27
CA ARG B 352 36.04 -38.25 -1.69
C ARG B 352 37.18 -38.97 -2.38
N GLU B 353 37.85 -39.89 -1.69
CA GLU B 353 38.94 -40.71 -2.25
C GLU B 353 40.07 -39.85 -2.81
N LYS B 354 40.42 -38.79 -2.10
CA LYS B 354 41.54 -38.00 -2.55
C LYS B 354 42.80 -38.40 -1.80
N PRO B 355 43.95 -38.49 -2.47
CA PRO B 355 45.21 -38.70 -1.76
C PRO B 355 45.51 -37.50 -0.86
N SER B 356 45.89 -37.79 0.38
CA SER B 356 46.00 -36.73 1.37
C SER B 356 47.07 -37.07 2.39
N ILE B 357 47.54 -36.03 3.08
CA ILE B 357 48.55 -36.15 4.12
C ILE B 357 47.93 -35.68 5.43
N ALA B 358 48.02 -36.53 6.45
CA ALA B 358 47.44 -36.25 7.76
C ALA B 358 48.56 -35.98 8.75
N LEU B 359 48.55 -34.81 9.37
CA LEU B 359 49.54 -34.44 10.38
C LEU B 359 48.89 -34.57 11.75
N PHE B 360 49.46 -35.43 12.58
CA PHE B 360 48.89 -35.77 13.88
C PHE B 360 49.87 -35.43 14.99
N CYS B 361 49.32 -35.12 16.17
CA CYS B 361 50.17 -34.82 17.32
C CYS B 361 50.81 -36.07 17.90
N SER B 362 50.21 -37.24 17.67
CA SER B 362 50.74 -38.48 18.20
C SER B 362 50.36 -39.61 17.26
N GLU B 363 51.10 -40.72 17.37
CA GLU B 363 50.83 -41.88 16.51
C GLU B 363 49.56 -42.60 16.94
N GLU B 364 49.30 -42.65 18.25
CA GLU B 364 48.08 -43.31 18.74
C GLU B 364 46.83 -42.60 18.25
N LYS B 365 46.83 -41.27 18.28
CA LYS B 365 45.72 -40.51 17.73
C LYS B 365 45.59 -40.74 16.23
N GLY B 366 46.72 -40.90 15.54
CA GLY B 366 46.68 -41.17 14.11
C GLY B 366 46.04 -42.49 13.77
N LYS B 367 46.41 -43.55 14.52
CA LYS B 367 45.83 -44.85 14.22
C LYS B 367 44.39 -44.96 14.70
N CYS B 368 44.02 -44.24 15.76
CA CYS B 368 42.62 -44.30 16.21
C CYS B 368 41.71 -43.49 15.31
N PHE B 369 42.16 -42.33 14.83
CA PHE B 369 41.29 -41.49 14.02
C PHE B 369 41.19 -42.00 12.58
N VAL B 370 42.30 -42.37 11.98
CA VAL B 370 42.28 -42.99 10.65
C VAL B 370 42.95 -44.38 10.73
N PRO B 371 42.16 -45.42 11.01
CA PRO B 371 42.75 -46.76 11.14
C PRO B 371 43.16 -47.39 9.83
N ASP B 372 42.66 -46.90 8.70
CA ASP B 372 42.97 -47.45 7.38
C ASP B 372 43.47 -46.37 6.46
N ALA B 373 44.43 -45.58 6.95
CA ALA B 373 45.01 -44.50 6.17
C ALA B 373 45.78 -45.02 4.97
N GLU B 374 46.53 -46.11 5.15
CA GLU B 374 47.33 -46.66 4.06
C GLU B 374 46.45 -47.19 2.94
N GLY B 375 45.35 -47.86 3.28
CA GLY B 375 44.44 -48.34 2.26
C GLY B 375 43.68 -47.23 1.54
N LYS B 376 43.33 -46.17 2.27
CA LYS B 376 42.51 -45.09 1.73
C LYS B 376 43.33 -43.90 1.26
N LYS B 377 44.56 -44.15 0.78
CA LYS B 377 45.44 -43.14 0.18
C LYS B 377 45.74 -42.00 1.17
N CYS B 378 46.37 -42.35 2.28
CA CYS B 378 46.80 -41.37 3.27
C CYS B 378 48.09 -41.82 3.93
N THR B 379 48.95 -40.86 4.22
CA THR B 379 50.16 -41.07 5.01
C THR B 379 50.05 -40.25 6.29
N VAL B 380 50.20 -40.91 7.42
CA VAL B 380 50.06 -40.27 8.72
C VAL B 380 51.44 -39.85 9.20
N ILE B 381 51.70 -38.55 9.24
CA ILE B 381 52.95 -38.00 9.76
C ILE B 381 52.66 -37.50 11.16
N ALA B 382 53.05 -38.30 12.16
CA ALA B 382 52.80 -38.01 13.55
C ALA B 382 54.06 -37.49 14.22
N SER B 383 53.91 -36.48 15.06
CA SER B 383 55.04 -35.94 15.80
C SER B 383 55.52 -36.96 16.83
N LYS B 384 56.86 -37.06 16.95
CA LYS B 384 57.46 -38.05 17.83
C LYS B 384 57.57 -37.61 19.27
N THR B 385 57.29 -36.34 19.57
CA THR B 385 57.37 -35.82 20.92
C THR B 385 56.01 -35.62 21.57
N GLY B 386 54.91 -35.88 20.85
CA GLY B 386 53.58 -35.67 21.37
C GLY B 386 53.07 -34.25 21.26
N ASN B 387 53.87 -33.33 20.69
CA ASN B 387 53.47 -31.94 20.53
C ASN B 387 53.50 -31.67 19.03
N LEU B 388 52.43 -31.07 18.50
CA LEU B 388 52.30 -30.89 17.06
C LEU B 388 53.30 -29.88 16.51
N ALA B 389 53.65 -28.85 17.28
CA ALA B 389 54.64 -27.88 16.84
C ALA B 389 56.05 -28.47 16.76
N ASP B 390 56.29 -29.61 17.38
CA ASP B 390 57.58 -30.29 17.31
C ASP B 390 57.67 -31.24 16.13
N ILE B 391 56.72 -31.18 15.19
CA ILE B 391 56.81 -31.99 14.00
C ILE B 391 57.98 -31.49 13.15
N ASP B 392 58.55 -32.40 12.35
CA ASP B 392 59.70 -32.09 11.53
C ASP B 392 59.23 -31.82 10.10
N VAL B 393 59.57 -30.64 9.57
CA VAL B 393 59.10 -30.23 8.26
C VAL B 393 59.78 -31.02 7.15
N ALA B 394 60.95 -31.62 7.41
CA ALA B 394 61.67 -32.34 6.37
C ALA B 394 60.89 -33.56 5.88
N VAL B 395 60.30 -34.31 6.80
CA VAL B 395 59.53 -35.50 6.42
C VAL B 395 58.29 -35.12 5.63
N VAL B 396 57.62 -34.03 6.04
CA VAL B 396 56.44 -33.57 5.31
C VAL B 396 56.82 -33.08 3.92
N LYS B 397 57.96 -32.39 3.81
CA LYS B 397 58.44 -31.94 2.51
C LYS B 397 58.77 -33.11 1.60
N ASP B 398 59.36 -34.17 2.17
CA ASP B 398 59.64 -35.37 1.38
C ASP B 398 58.35 -36.06 0.96
N THR B 399 57.36 -36.11 1.85
CA THR B 399 56.12 -36.82 1.57
C THR B 399 55.18 -36.04 0.66
N LEU B 400 55.38 -34.73 0.52
CA LEU B 400 54.47 -33.89 -0.28
C LEU B 400 54.57 -34.14 -1.78
N LYS B 401 55.30 -35.12 -2.28
CA LYS B 401 55.36 -35.40 -3.72
C LYS B 401 54.28 -36.37 -4.18
N VAL B 402 53.39 -36.80 -3.28
CA VAL B 402 52.35 -37.74 -3.64
C VAL B 402 51.27 -37.10 -4.52
N PHE B 403 51.20 -35.78 -4.56
CA PHE B 403 50.22 -35.09 -5.39
C PHE B 403 50.72 -34.96 -6.83
N ALA C 26 65.83 47.10 -30.76
CA ALA C 26 64.41 46.85 -30.56
C ALA C 26 63.95 45.66 -31.39
N ALA C 27 64.71 45.35 -32.45
CA ALA C 27 64.38 44.21 -33.30
C ALA C 27 64.54 42.88 -32.58
N LEU C 28 65.37 42.83 -31.55
CA LEU C 28 65.47 41.61 -30.73
C LEU C 28 64.16 41.34 -30.01
N VAL C 29 63.51 42.39 -29.52
CA VAL C 29 62.21 42.24 -28.85
C VAL C 29 61.17 41.72 -29.84
N GLU C 30 61.17 42.26 -31.06
CA GLU C 30 60.22 41.79 -32.07
C GLU C 30 60.49 40.35 -32.46
N SER C 31 61.77 39.96 -32.57
CA SER C 31 62.10 38.58 -32.87
C SER C 31 61.66 37.64 -31.76
N LEU C 32 61.86 38.06 -30.50
CA LEU C 32 61.43 37.23 -29.38
C LEU C 32 59.91 37.14 -29.31
N ASN C 33 59.20 38.20 -29.68
CA ASN C 33 57.74 38.13 -29.76
C ASN C 33 57.30 37.21 -30.89
N ASP C 34 57.99 37.23 -32.02
CA ASP C 34 57.62 36.35 -33.13
C ASP C 34 57.98 34.89 -32.86
N GLN C 35 58.93 34.63 -31.97
CA GLN C 35 59.40 33.27 -31.71
C GLN C 35 58.77 32.65 -30.46
N PHE C 36 58.83 33.34 -29.32
CA PHE C 36 58.51 32.74 -28.03
C PHE C 36 57.27 33.29 -27.35
N ALA C 37 56.64 34.34 -27.86
CA ALA C 37 55.53 34.94 -27.15
C ALA C 37 54.33 34.00 -27.12
N ARG C 38 53.63 34.00 -25.99
CA ARG C 38 52.53 33.09 -25.75
C ARG C 38 51.52 33.80 -24.83
N LYS C 39 50.50 33.06 -24.41
CA LYS C 39 49.53 33.59 -23.47
C LYS C 39 50.16 33.65 -22.09
N GLY C 40 50.56 34.86 -21.67
CA GLY C 40 51.21 35.07 -20.40
C GLY C 40 52.68 35.38 -20.49
N ILE C 41 53.30 35.20 -21.64
CA ILE C 41 54.72 35.51 -21.85
C ILE C 41 54.80 36.65 -22.86
N ASN C 42 55.39 37.77 -22.44
CA ASN C 42 55.53 38.93 -23.31
C ASN C 42 56.95 39.46 -23.21
N PHE C 43 57.37 40.20 -24.23
CA PHE C 43 58.71 40.77 -24.26
C PHE C 43 58.61 42.26 -24.56
N LEU C 44 59.26 43.06 -23.72
CA LEU C 44 59.25 44.52 -23.82
C LEU C 44 60.68 45.04 -23.82
N GLU C 45 60.80 46.35 -24.01
CA GLU C 45 62.08 47.05 -24.03
C GLU C 45 62.07 48.19 -23.04
N SER C 46 61.63 47.92 -21.82
CA SER C 46 61.59 48.93 -20.77
C SER C 46 62.61 48.63 -19.68
N SER C 55 66.65 47.93 -22.48
CA SER C 55 66.96 46.55 -22.10
C SER C 55 65.72 45.66 -22.24
N PRO C 56 65.86 44.56 -22.96
CA PRO C 56 64.73 43.63 -23.13
C PRO C 56 64.36 42.97 -21.81
N ILE C 57 63.07 42.92 -21.51
CA ILE C 57 62.56 42.29 -20.31
C ILE C 57 61.41 41.36 -20.70
N VAL C 58 61.32 40.22 -20.03
CA VAL C 58 60.22 39.29 -20.22
C VAL C 58 59.22 39.47 -19.07
N GLU C 59 57.97 39.69 -19.44
CA GLU C 59 56.86 39.79 -18.50
C GLU C 59 56.12 38.46 -18.49
N LEU C 60 56.04 37.85 -17.31
CA LEU C 60 55.33 36.60 -17.11
C LEU C 60 54.05 36.89 -16.36
N SER C 61 52.93 36.42 -16.91
CA SER C 61 51.62 36.66 -16.31
C SER C 61 50.83 35.35 -16.31
N VAL C 62 49.91 35.25 -15.35
CA VAL C 62 49.05 34.08 -15.20
C VAL C 62 47.61 34.55 -15.11
N ARG C 63 46.70 33.59 -14.91
CA ARG C 63 45.28 33.87 -15.04
C ARG C 63 44.77 34.82 -13.97
N ASN C 64 45.21 34.65 -12.73
CA ASN C 64 44.69 35.48 -11.65
C ASN C 64 45.31 36.87 -11.60
N GLY C 65 46.31 37.15 -12.44
CA GLY C 65 46.88 38.47 -12.53
C GLY C 65 48.24 38.65 -11.88
N SER C 66 48.86 37.58 -11.37
CA SER C 66 50.21 37.69 -10.84
C SER C 66 51.19 37.98 -11.96
N SER C 67 52.10 38.92 -11.73
CA SER C 67 53.02 39.38 -12.75
C SER C 67 54.46 39.24 -12.27
N LEU C 68 55.37 39.08 -13.22
CA LEU C 68 56.78 38.90 -12.91
C LEU C 68 57.62 39.51 -14.02
N LYS C 69 58.53 40.40 -13.67
CA LYS C 69 59.42 41.05 -14.61
C LYS C 69 60.82 40.46 -14.47
N LEU C 70 61.39 39.99 -15.58
CA LEU C 70 62.74 39.42 -15.56
C LEU C 70 63.56 40.08 -16.67
N GLN C 71 64.70 40.65 -16.30
CA GLN C 71 65.59 41.22 -17.29
C GLN C 71 66.26 40.12 -18.10
N LEU C 72 66.53 40.40 -19.37
CA LEU C 72 67.14 39.42 -20.27
C LEU C 72 68.63 39.64 -20.45
N SER C 73 69.11 40.88 -20.28
CA SER C 73 70.56 41.13 -20.37
C SER C 73 71.31 40.42 -19.25
N ASN C 74 70.77 40.47 -18.03
CA ASN C 74 71.31 39.73 -16.91
C ASN C 74 70.17 38.98 -16.23
N ALA C 75 70.51 37.86 -15.60
CA ALA C 75 69.51 37.03 -14.95
C ALA C 75 69.01 37.69 -13.67
N HIS C 76 68.22 38.75 -13.81
CA HIS C 76 67.76 39.54 -12.68
C HIS C 76 66.25 39.67 -12.74
N VAL C 77 65.58 39.24 -11.68
CA VAL C 77 64.14 39.39 -11.54
C VAL C 77 63.89 40.70 -10.81
N THR C 78 63.27 41.66 -11.48
CA THR C 78 63.14 43.01 -10.93
C THR C 78 61.83 43.25 -10.21
N SER C 79 60.79 42.44 -10.47
CA SER C 79 59.50 42.69 -9.84
C SER C 79 58.70 41.40 -9.80
N TYR C 80 58.06 41.15 -8.66
CA TYR C 80 57.15 40.03 -8.49
C TYR C 80 55.91 40.56 -7.78
N LYS C 81 54.78 40.60 -8.49
CA LYS C 81 53.53 41.14 -7.96
C LYS C 81 52.47 40.04 -8.01
N PRO C 82 52.37 39.21 -6.99
CA PRO C 82 51.29 38.24 -6.93
C PRO C 82 50.00 38.83 -6.39
N LYS C 83 48.90 38.16 -6.72
CA LYS C 83 47.58 38.50 -6.20
C LYS C 83 47.46 37.93 -4.79
N VAL C 84 47.42 38.82 -3.79
CA VAL C 84 47.25 38.40 -2.41
C VAL C 84 45.94 38.85 -1.80
N TYR C 85 45.24 39.81 -2.41
CA TYR C 85 43.95 40.26 -1.93
C TYR C 85 42.90 39.97 -2.99
N TRP C 86 41.67 39.74 -2.53
CA TRP C 86 40.56 39.40 -3.42
C TRP C 86 39.85 40.63 -3.96
N LYS C 87 40.50 41.79 -3.96
CA LYS C 87 39.99 42.97 -4.62
C LYS C 87 40.36 42.94 -6.10
N ASP C 88 39.93 43.97 -6.83
CA ASP C 88 40.25 44.06 -8.25
C ASP C 88 41.69 44.47 -8.51
N ASP C 89 42.41 44.93 -7.49
CA ASP C 89 43.80 45.35 -7.59
C ASP C 89 44.62 44.79 -6.44
N GLY C 90 44.44 43.51 -6.16
CA GLY C 90 45.09 42.89 -5.01
C GLY C 90 46.48 42.34 -5.29
N PHE C 91 47.21 42.98 -6.19
CA PHE C 91 48.57 42.58 -6.53
C PHE C 91 49.54 43.37 -5.68
N GLU C 92 50.39 42.68 -4.92
CA GLU C 92 51.31 43.32 -3.99
C GLU C 92 52.74 43.01 -4.38
N GLU C 93 53.56 44.05 -4.48
CA GLU C 93 54.97 43.88 -4.81
C GLU C 93 55.72 43.24 -3.65
N VAL C 94 56.56 42.25 -3.97
CA VAL C 94 57.31 41.50 -2.98
C VAL C 94 58.77 41.96 -2.93
N LEU C 95 59.43 42.01 -4.07
CA LEU C 95 60.85 42.28 -4.12
C LEU C 95 61.16 43.76 -3.97
N TYR C 96 62.24 44.07 -3.26
CA TYR C 96 62.73 45.43 -3.12
C TYR C 96 63.68 45.72 -4.28
N THR C 97 63.25 46.58 -5.19
CA THR C 97 64.00 46.86 -6.41
C THR C 97 64.42 48.32 -6.42
N LEU C 98 65.70 48.56 -6.70
CA LEU C 98 66.29 49.88 -6.82
C LEU C 98 66.89 50.04 -8.22
N PRO C 99 67.05 51.28 -8.69
CA PRO C 99 67.64 51.48 -10.02
C PRO C 99 69.09 51.02 -10.09
N LEU C 100 69.62 51.05 -11.31
CA LEU C 100 70.97 50.56 -11.64
C LEU C 100 71.15 49.09 -11.26
N SER C 101 70.08 48.31 -11.44
CA SER C 101 70.08 46.85 -11.28
C SER C 101 70.51 46.45 -9.87
N LYS C 102 69.76 46.93 -8.89
CA LYS C 102 70.00 46.61 -7.49
C LYS C 102 68.76 45.95 -6.88
N GLY C 103 69.00 45.05 -5.92
CA GLY C 103 67.91 44.36 -5.28
C GLY C 103 67.31 43.28 -6.16
N GLY C 104 66.09 42.87 -5.79
CA GLY C 104 65.42 41.83 -6.53
C GLY C 104 66.07 40.47 -6.30
N ILE C 105 65.76 39.55 -7.19
CA ILE C 105 66.31 38.20 -7.17
C ILE C 105 67.46 38.15 -8.17
N GLY C 106 68.64 37.76 -7.70
CA GLY C 106 69.79 37.66 -8.56
C GLY C 106 70.57 36.38 -8.38
N LEU C 107 70.65 35.57 -9.44
CA LEU C 107 71.47 34.38 -9.41
C LEU C 107 72.94 34.75 -9.40
N VAL C 108 73.70 34.15 -8.48
CA VAL C 108 75.14 34.38 -8.38
C VAL C 108 75.83 33.03 -8.50
N LEU C 109 76.90 32.99 -9.31
CA LEU C 109 77.65 31.75 -9.53
C LEU C 109 79.11 32.13 -9.69
N ASN C 110 79.90 31.92 -8.64
CA ASN C 110 81.32 32.20 -8.67
C ASN C 110 82.12 30.93 -8.41
N ASP C 111 83.33 30.89 -8.94
CA ASP C 111 84.21 29.74 -8.84
C ASP C 111 85.28 29.99 -7.79
N VAL C 112 85.52 28.99 -6.93
CA VAL C 112 86.53 29.08 -5.89
C VAL C 112 87.62 28.02 -6.04
N THR C 113 87.50 27.11 -6.99
CA THR C 113 88.55 26.12 -7.21
C THR C 113 88.95 26.05 -8.68
N SER C 139 83.85 35.31 -10.27
CA SER C 139 82.45 35.29 -10.70
C SER C 139 82.32 34.77 -12.12
N LEU C 140 81.46 33.77 -12.31
CA LEU C 140 81.25 33.17 -13.62
C LEU C 140 80.07 33.77 -14.37
N LEU C 141 79.43 34.80 -13.81
CA LEU C 141 78.28 35.43 -14.44
C LEU C 141 78.54 36.87 -14.83
N ALA C 142 79.71 37.42 -14.54
CA ALA C 142 80.02 38.79 -14.91
C ALA C 142 80.29 38.88 -16.40
N GLY C 143 79.58 39.77 -17.09
CA GLY C 143 79.73 39.91 -18.53
C GLY C 143 79.15 38.76 -19.32
N ALA C 144 78.26 37.97 -18.73
CA ALA C 144 77.68 36.83 -19.42
C ALA C 144 76.67 37.30 -20.45
N GLU C 145 76.53 36.50 -21.52
CA GLU C 145 75.58 36.79 -22.59
C GLU C 145 74.39 35.84 -22.41
N TRP C 146 73.41 36.28 -21.63
CA TRP C 146 72.22 35.48 -21.40
C TRP C 146 71.34 35.46 -22.63
N SER C 147 70.91 34.27 -23.04
CA SER C 147 70.05 34.10 -24.19
C SER C 147 68.91 33.16 -23.83
N VAL C 148 67.71 33.47 -24.33
CA VAL C 148 66.53 32.68 -24.01
C VAL C 148 66.56 31.39 -24.81
N ARG C 149 66.47 30.26 -24.11
CA ARG C 149 66.44 28.97 -24.79
C ARG C 149 65.03 28.63 -25.27
N ASP C 150 64.09 28.51 -24.34
CA ASP C 150 62.71 28.23 -24.70
C ASP C 150 61.79 28.59 -23.53
N VAL C 151 60.51 28.71 -23.85
CA VAL C 151 59.47 29.03 -22.87
C VAL C 151 58.44 27.91 -22.90
N ASP C 152 57.68 27.81 -21.81
CA ASP C 152 56.65 26.79 -21.67
C ASP C 152 55.48 27.37 -20.90
N SER C 153 54.30 26.76 -21.10
CA SER C 153 53.09 27.27 -20.48
C SER C 153 52.12 26.13 -20.23
N ASP C 154 51.39 26.24 -19.12
CA ASP C 154 50.30 25.37 -18.74
C ASP C 154 49.04 26.22 -18.71
N SER C 155 48.39 26.32 -19.88
CA SER C 155 47.01 26.79 -20.04
C SER C 155 46.75 28.13 -19.37
N PHE C 156 47.73 29.04 -19.47
CA PHE C 156 47.71 30.37 -18.85
C PHE C 156 47.67 30.29 -17.33
N ASP C 157 47.74 29.07 -16.78
CA ASP C 157 47.79 28.91 -15.34
C ASP C 157 49.22 28.94 -14.81
N ALA C 158 50.16 28.37 -15.56
CA ALA C 158 51.57 28.46 -15.18
C ALA C 158 52.40 28.82 -16.40
N VAL C 159 53.48 29.56 -16.18
CA VAL C 159 54.39 29.93 -17.25
C VAL C 159 55.83 29.68 -16.82
N GLN C 160 56.73 29.62 -17.81
CA GLN C 160 58.12 29.27 -17.58
C GLN C 160 58.98 29.82 -18.70
N VAL C 161 60.16 30.30 -18.34
CA VAL C 161 61.13 30.80 -19.31
C VAL C 161 62.51 30.29 -18.92
N GLU C 162 63.31 29.90 -19.91
CA GLU C 162 64.66 29.40 -19.68
C GLU C 162 65.67 30.30 -20.37
N LEU C 163 66.73 30.66 -19.66
CA LEU C 163 67.84 31.43 -20.18
C LEU C 163 69.09 30.58 -20.16
N SER C 164 69.85 30.59 -21.25
CA SER C 164 71.05 29.79 -21.39
C SER C 164 72.27 30.71 -21.48
N CYS C 165 73.34 30.30 -20.80
CA CYS C 165 74.60 31.03 -20.84
C CYS C 165 75.74 30.02 -20.82
N THR C 166 76.89 30.44 -21.32
CA THR C 166 78.10 29.63 -21.26
C THR C 166 79.19 30.43 -20.57
N SER C 167 80.02 29.73 -19.79
CA SER C 167 81.11 30.34 -19.05
C SER C 167 82.27 29.37 -19.03
N GLY C 168 83.29 29.65 -19.83
CA GLY C 168 84.39 28.71 -19.98
C GLY C 168 83.89 27.44 -20.65
N SER C 169 83.79 26.37 -19.87
CA SER C 169 83.23 25.11 -20.33
C SER C 169 81.99 24.71 -19.54
N LEU C 170 81.31 25.69 -18.94
CA LEU C 170 80.14 25.43 -18.10
C LEU C 170 78.90 25.97 -18.77
N GLU C 171 77.85 25.14 -18.84
CA GLU C 171 76.56 25.56 -19.39
C GLU C 171 75.63 25.85 -18.23
N ILE C 172 75.15 27.08 -18.14
CA ILE C 172 74.32 27.54 -17.03
C ILE C 172 72.93 27.85 -17.56
N THR C 173 71.92 27.22 -16.96
CA THR C 173 70.53 27.44 -17.33
C THR C 173 69.79 28.03 -16.14
N TYR C 174 69.15 29.18 -16.36
CA TYR C 174 68.35 29.86 -15.35
C TYR C 174 66.89 29.76 -15.77
N VAL C 175 66.09 29.07 -14.97
CA VAL C 175 64.69 28.81 -15.28
C VAL C 175 63.83 29.60 -14.30
N VAL C 176 62.99 30.49 -14.81
CA VAL C 176 62.11 31.31 -13.99
C VAL C 176 60.67 30.97 -14.37
N SER C 177 59.88 30.61 -13.37
CA SER C 177 58.52 30.13 -13.60
C SER C 177 57.54 30.83 -12.65
N LEU C 178 56.33 31.03 -13.16
CA LEU C 178 55.23 31.61 -12.41
C LEU C 178 54.11 30.59 -12.29
N TYR C 179 53.59 30.44 -11.08
CA TYR C 179 52.44 29.63 -10.73
C TYR C 179 51.44 30.55 -10.01
N PRO C 180 50.14 30.22 -10.03
CA PRO C 180 49.13 31.21 -9.59
C PRO C 180 49.31 31.69 -8.15
N GLU C 181 50.04 30.96 -7.31
CA GLU C 181 50.33 31.40 -5.95
C GLU C 181 51.82 31.33 -5.62
N SER C 182 52.70 31.22 -6.61
CA SER C 182 54.12 31.04 -6.30
C SER C 182 54.98 31.45 -7.49
N MET C 183 56.27 31.58 -7.23
CA MET C 183 57.27 31.90 -8.23
C MET C 183 58.54 31.11 -7.94
N ALA C 184 59.15 30.56 -8.98
CA ALA C 184 60.30 29.69 -8.81
C ALA C 184 61.46 30.15 -9.67
N SER C 185 62.67 30.07 -9.13
CA SER C 185 63.89 30.38 -9.84
C SER C 185 64.90 29.27 -9.61
N ALA C 186 65.33 28.62 -10.68
CA ALA C 186 66.23 27.47 -10.61
C ALA C 186 67.46 27.72 -11.47
N VAL C 187 68.58 27.16 -11.03
CA VAL C 187 69.85 27.25 -11.73
C VAL C 187 70.42 25.84 -11.90
N LEU C 188 70.82 25.51 -13.12
CA LEU C 188 71.44 24.23 -13.43
C LEU C 188 72.75 24.49 -14.15
N VAL C 189 73.85 24.04 -13.56
CA VAL C 189 75.18 24.19 -14.17
C VAL C 189 75.68 22.80 -14.57
N LYS C 190 76.08 22.68 -15.83
CA LYS C 190 76.58 21.43 -16.39
C LYS C 190 78.03 21.62 -16.80
N ASN C 191 78.89 20.69 -16.39
CA ASN C 191 80.30 20.73 -16.69
C ASN C 191 80.61 19.91 -17.94
N ASN C 192 81.40 20.49 -18.84
CA ASN C 192 81.77 19.83 -20.08
C ASN C 192 83.28 19.71 -20.26
N GLY C 193 84.08 20.18 -19.30
CA GLY C 193 85.52 20.16 -19.42
C GLY C 193 86.12 18.85 -18.98
N ASN C 194 87.44 18.87 -18.80
CA ASN C 194 88.20 17.70 -18.39
C ASN C 194 88.66 17.77 -16.94
N LYS C 195 88.24 18.79 -16.20
CA LYS C 195 88.65 18.96 -14.81
C LYS C 195 87.43 19.29 -13.97
N ALA C 196 87.35 18.67 -12.79
CA ALA C 196 86.28 18.96 -11.85
C ALA C 196 86.45 20.36 -11.28
N ILE C 197 85.33 21.04 -11.04
CA ILE C 197 85.35 22.41 -10.53
C ILE C 197 84.82 22.41 -9.10
N GLY C 198 85.14 23.50 -8.40
CA GLY C 198 84.56 23.78 -7.10
C GLY C 198 84.01 25.18 -7.07
N LEU C 199 82.70 25.32 -6.88
CA LEU C 199 82.02 26.59 -7.03
C LEU C 199 81.06 26.82 -5.87
N THR C 200 80.76 28.10 -5.65
CA THR C 200 79.76 28.54 -4.70
C THR C 200 78.63 29.24 -5.44
N SER C 201 77.45 29.28 -4.81
CA SER C 201 76.30 29.89 -5.45
C SER C 201 75.30 30.33 -4.39
N ALA C 202 74.45 31.28 -4.78
CA ALA C 202 73.40 31.79 -3.90
C ALA C 202 72.35 32.55 -4.70
N ILE C 203 71.09 32.17 -4.56
CA ILE C 203 69.98 32.91 -5.16
C ILE C 203 69.44 33.82 -4.07
N LEU C 204 69.90 35.06 -4.06
CA LEU C 204 69.54 36.02 -3.02
C LEU C 204 68.37 36.87 -3.48
N SER C 205 67.35 36.97 -2.62
CA SER C 205 66.16 37.75 -2.89
C SER C 205 66.01 38.83 -1.83
N HIS C 206 65.75 40.06 -2.27
CA HIS C 206 65.52 41.18 -1.37
C HIS C 206 64.01 41.32 -1.19
N ILE C 207 63.52 40.90 -0.03
CA ILE C 207 62.10 40.94 0.29
C ILE C 207 61.78 42.28 0.96
N GLN C 208 60.73 42.93 0.49
CA GLN C 208 60.35 44.26 0.95
C GLN C 208 59.29 44.15 2.05
N PHE C 209 59.52 44.86 3.15
CA PHE C 209 58.59 44.92 4.28
C PHE C 209 58.13 46.36 4.45
N LYS C 210 56.88 46.52 4.89
CA LYS C 210 56.30 47.86 5.01
C LYS C 210 57.02 48.69 6.06
N LYS C 211 57.33 48.09 7.21
CA LYS C 211 57.99 48.81 8.29
C LYS C 211 59.12 47.96 8.86
N ARG C 212 60.09 48.64 9.47
CA ARG C 212 61.21 47.95 10.09
C ARG C 212 60.74 47.09 11.25
N SER C 213 59.88 47.64 12.10
CA SER C 213 59.23 46.85 13.14
C SER C 213 58.12 46.00 12.53
N GLY C 214 57.92 44.82 13.08
CA GLY C 214 56.92 43.91 12.54
C GLY C 214 57.39 43.11 11.35
N SER C 215 58.68 43.07 11.08
CA SER C 215 59.26 42.26 10.02
C SER C 215 60.07 41.14 10.67
N GLY C 216 59.74 39.90 10.34
CA GLY C 216 60.39 38.79 11.00
C GLY C 216 60.49 37.57 10.12
N ILE C 217 61.14 36.53 10.66
CA ILE C 217 61.29 35.25 9.96
C ILE C 217 60.86 34.14 10.91
N GLN C 218 59.97 33.28 10.42
CA GLN C 218 59.41 32.17 11.20
C GLN C 218 59.81 30.85 10.56
N GLY C 219 60.28 29.91 11.38
CA GLY C 219 60.63 28.58 10.90
C GLY C 219 62.09 28.21 11.05
N LEU C 220 62.94 29.09 11.59
CA LEU C 220 64.35 28.81 11.78
C LEU C 220 64.69 28.50 13.22
N GLN C 221 63.70 28.15 14.04
CA GLN C 221 63.95 27.84 15.44
C GLN C 221 64.70 26.53 15.57
N GLY C 222 65.73 26.52 16.41
CA GLY C 222 66.52 25.34 16.66
C GLY C 222 67.62 25.07 15.64
N CYS C 223 67.76 25.91 14.63
CA CYS C 223 68.78 25.74 13.61
C CYS C 223 69.99 26.60 13.95
N SER C 224 71.17 25.98 13.94
CA SER C 224 72.40 26.68 14.29
C SER C 224 72.74 27.72 13.24
N TYR C 225 73.06 28.94 13.69
CA TYR C 225 73.35 30.04 12.78
C TYR C 225 74.74 30.59 13.04
N CYS C 226 75.42 30.95 11.95
CA CYS C 226 76.79 31.48 12.00
C CYS C 226 76.82 32.87 11.39
N SER C 227 77.45 33.79 12.10
CA SER C 227 77.57 35.15 11.58
C SER C 227 78.68 35.21 10.54
N HIS C 228 78.27 35.41 9.28
CA HIS C 228 79.04 35.30 8.06
C HIS C 228 78.59 36.36 7.07
N PRO C 229 79.54 36.99 6.37
CA PRO C 229 79.18 38.09 5.44
C PRO C 229 78.43 37.55 4.24
N PRO C 230 77.49 38.31 3.67
CA PRO C 230 76.79 37.82 2.49
C PRO C 230 77.72 37.72 1.29
N LEU C 231 77.37 36.80 0.39
CA LEU C 231 78.19 36.55 -0.78
C LEU C 231 78.05 37.74 -1.73
N SER C 232 79.18 38.25 -2.20
CA SER C 232 79.20 39.49 -2.99
C SER C 232 78.50 39.28 -4.33
N SER C 233 77.60 40.20 -4.66
CA SER C 233 76.74 40.07 -5.83
C SER C 233 76.73 41.40 -6.57
N PRO C 234 76.44 41.38 -7.88
CA PRO C 234 76.25 42.65 -8.60
C PRO C 234 74.98 43.40 -8.22
N PHE C 235 74.04 42.76 -7.51
CA PHE C 235 72.75 43.36 -7.18
C PHE C 235 72.61 43.65 -5.70
N GLU C 236 73.69 44.04 -5.04
CA GLU C 236 73.61 44.37 -3.62
C GLU C 236 73.03 45.77 -3.41
N ILE C 237 72.24 45.90 -2.35
CA ILE C 237 71.85 47.22 -1.86
C ILE C 237 72.83 47.73 -0.82
N VAL C 238 73.30 46.84 0.05
CA VAL C 238 74.29 47.17 1.06
C VAL C 238 75.55 46.36 0.78
N SER C 239 76.70 47.00 0.95
CA SER C 239 77.97 46.33 0.70
C SER C 239 78.22 45.27 1.78
N PRO C 240 78.98 44.23 1.46
CA PRO C 240 79.36 43.25 2.49
C PRO C 240 80.15 43.84 3.64
N ALA C 241 80.93 44.90 3.40
CA ALA C 241 81.62 45.60 4.47
C ALA C 241 80.66 46.45 5.31
N GLU C 242 79.70 47.12 4.66
CA GLU C 242 78.75 47.95 5.37
C GLU C 242 77.69 47.15 6.09
N ALA C 243 77.55 45.86 5.80
CA ALA C 243 76.69 44.97 6.58
C ALA C 243 77.41 44.43 7.81
N MET C 244 78.56 45.01 8.16
CA MET C 244 79.42 44.56 9.26
C MET C 244 79.84 43.11 9.10
N LYS C 245 79.95 42.68 7.83
CA LYS C 245 80.20 41.31 7.43
C LYS C 245 79.39 40.30 8.24
N ALA C 246 79.97 39.78 9.31
CA ALA C 246 79.31 38.79 10.16
C ALA C 246 78.05 39.34 10.80
N LYS C 261 81.78 37.32 17.64
CA LYS C 261 80.62 36.62 17.10
C LYS C 261 80.94 36.01 15.74
N LEU C 262 82.20 36.04 15.36
CA LEU C 262 82.65 35.48 14.08
C LEU C 262 82.67 33.96 14.19
N GLY C 263 81.73 33.31 13.52
CA GLY C 263 81.66 31.85 13.57
C GLY C 263 81.32 31.29 14.93
N GLU C 264 80.41 31.94 15.65
CA GLU C 264 80.03 31.46 16.98
C GLU C 264 79.19 30.20 16.90
N TRP C 265 78.48 30.00 15.79
CA TRP C 265 77.60 28.84 15.57
C TRP C 265 76.56 28.71 16.68
N THR C 266 75.95 29.84 17.05
CA THR C 266 74.89 29.83 18.05
C THR C 266 73.64 29.15 17.49
N THR C 267 72.93 28.45 18.37
CA THR C 267 71.68 27.80 18.01
C THR C 267 70.53 28.72 18.39
N GLN C 268 69.70 29.06 17.40
CA GLN C 268 68.57 29.95 17.65
C GLN C 268 67.53 29.24 18.50
N GLU C 269 67.10 29.90 19.58
CA GLU C 269 66.12 29.32 20.49
C GLU C 269 64.76 29.99 20.42
N VAL C 270 64.70 31.28 20.08
CA VAL C 270 63.44 31.99 19.93
C VAL C 270 62.72 31.49 18.69
N PRO C 271 61.38 31.46 18.66
CA PRO C 271 60.69 30.96 17.48
C PRO C 271 60.70 31.91 16.29
N ILE C 272 60.89 33.21 16.52
CA ILE C 272 60.86 34.21 15.45
C ILE C 272 62.16 34.98 15.46
N THR C 273 62.81 35.05 14.30
CA THR C 273 63.98 35.90 14.12
C THR C 273 63.53 37.32 13.81
N ILE C 274 63.90 38.26 14.67
CA ILE C 274 63.53 39.66 14.52
C ILE C 274 64.58 40.36 13.68
N LEU C 275 64.16 41.06 12.63
CA LEU C 275 65.05 41.67 11.66
C LEU C 275 65.08 43.20 11.78
N LYS C 276 64.68 43.75 12.93
CA LYS C 276 64.76 45.20 13.10
C LYS C 276 66.18 45.67 13.35
N ASN C 277 67.06 44.77 13.79
CA ASN C 277 68.47 45.09 13.99
C ASN C 277 69.30 44.56 12.83
N LYS C 278 70.48 45.15 12.65
CA LYS C 278 71.38 44.76 11.57
C LYS C 278 72.02 43.42 11.91
N LEU C 279 71.67 42.39 11.15
CA LEU C 279 72.23 41.06 11.35
C LEU C 279 72.56 40.44 9.99
N SER C 280 73.51 39.52 10.00
CA SER C 280 73.90 38.79 8.79
C SER C 280 74.32 37.39 9.21
N ARG C 281 73.43 36.43 9.06
CA ARG C 281 73.63 35.07 9.53
C ARG C 281 73.41 34.09 8.40
N VAL C 282 73.97 32.89 8.57
CA VAL C 282 73.68 31.75 7.71
C VAL C 282 73.06 30.67 8.58
N TYR C 283 71.92 30.13 8.14
CA TYR C 283 71.24 29.07 8.84
C TYR C 283 71.44 27.76 8.07
N THR C 284 72.06 26.79 8.72
CA THR C 284 72.46 25.53 8.11
C THR C 284 73.02 24.63 9.19
N ALA C 285 73.25 23.37 8.82
CA ALA C 285 74.03 22.50 9.66
C ALA C 285 75.51 22.88 9.56
N PRO C 286 76.26 22.78 10.66
CA PRO C 286 77.70 23.08 10.60
C PRO C 286 78.41 22.12 9.67
N PRO C 287 79.44 22.59 8.96
CA PRO C 287 80.17 21.70 8.03
C PRO C 287 80.82 20.51 8.71
N SER C 288 81.17 20.63 9.99
CA SER C 288 81.68 19.47 10.72
C SER C 288 80.58 18.45 10.99
N GLU C 289 79.35 18.91 11.18
CA GLU C 289 78.23 18.01 11.47
C GLU C 289 77.73 17.28 10.23
N ARG C 290 78.07 17.76 9.03
CA ARG C 290 77.53 17.21 7.80
C ARG C 290 78.14 15.88 7.41
N SER C 291 79.20 15.44 8.09
CA SER C 291 79.89 14.20 7.74
C SER C 291 79.35 12.99 8.50
N LYS C 292 78.30 13.16 9.29
CA LYS C 292 77.75 12.07 10.09
C LYS C 292 76.55 11.44 9.40
N LYS C 293 76.12 10.29 9.94
CA LYS C 293 74.97 9.58 9.38
C LYS C 293 73.68 10.35 9.60
N PHE C 294 73.45 10.81 10.82
CA PHE C 294 72.25 11.57 11.15
C PHE C 294 72.66 12.87 11.83
N TYR C 295 72.17 13.98 11.29
CA TYR C 295 72.47 15.30 11.81
C TYR C 295 71.30 16.21 11.51
N ARG C 296 71.18 17.29 12.29
CA ARG C 296 70.09 18.24 12.11
C ARG C 296 70.29 18.98 10.80
N THR C 297 69.50 18.64 9.80
CA THR C 297 69.69 19.19 8.46
C THR C 297 69.21 20.64 8.39
N THR C 298 69.60 21.31 7.31
CA THR C 298 69.14 22.67 7.05
C THR C 298 67.64 22.66 6.81
N PRO C 299 66.89 23.59 7.41
CA PRO C 299 65.45 23.67 7.12
C PRO C 299 65.20 24.00 5.65
N SER C 300 64.17 23.37 5.08
CA SER C 300 63.86 23.55 3.68
C SER C 300 62.91 24.72 3.43
N LYS C 301 62.03 25.02 4.37
CA LYS C 301 61.04 26.07 4.22
C LYS C 301 61.15 27.05 5.38
N TYR C 302 61.03 28.34 5.07
CA TYR C 302 60.99 29.37 6.11
C TYR C 302 60.19 30.56 5.60
N GLU C 303 59.38 31.13 6.48
CA GLU C 303 58.44 32.18 6.09
C GLU C 303 58.93 33.55 6.55
N THR C 304 58.71 34.55 5.71
CA THR C 304 58.95 35.94 6.05
C THR C 304 57.61 36.58 6.40
N VAL C 305 57.53 37.19 7.57
CA VAL C 305 56.31 37.76 8.11
C VAL C 305 56.41 39.27 8.06
N ASP C 306 55.41 39.91 7.44
CA ASP C 306 55.32 41.35 7.30
C ASP C 306 54.03 41.80 7.96
N GLN C 307 54.14 42.39 9.14
CA GLN C 307 52.97 42.87 9.87
C GLN C 307 52.47 44.21 9.37
N GLY C 308 53.24 44.91 8.54
CA GLY C 308 52.78 46.18 8.00
C GLY C 308 51.59 46.03 7.06
N ARG C 309 51.63 45.02 6.18
CA ARG C 309 50.52 44.73 5.28
C ARG C 309 49.99 43.32 5.46
N GLU C 310 50.37 42.63 6.54
CA GLU C 310 49.82 41.33 6.93
C GLU C 310 50.05 40.27 5.85
N LEU C 311 51.32 40.08 5.48
CA LEU C 311 51.68 39.17 4.42
C LEU C 311 52.76 38.21 4.88
N VAL C 312 52.54 36.91 4.65
CA VAL C 312 53.52 35.87 4.96
C VAL C 312 53.93 35.22 3.65
N PHE C 313 55.23 35.24 3.36
CA PHE C 313 55.76 34.69 2.12
C PHE C 313 56.73 33.57 2.45
N ARG C 314 56.47 32.37 1.93
CA ARG C 314 57.26 31.19 2.26
C ARG C 314 58.34 30.99 1.22
N VAL C 315 59.57 30.72 1.69
CA VAL C 315 60.71 30.48 0.84
C VAL C 315 61.15 29.03 1.01
N ILE C 316 61.27 28.33 -0.12
CA ILE C 316 61.69 26.93 -0.17
C ILE C 316 63.04 26.87 -0.88
N ARG C 317 63.98 26.15 -0.26
CA ARG C 317 65.32 25.96 -0.80
C ARG C 317 65.48 24.51 -1.25
N MET C 318 65.99 24.31 -2.47
CA MET C 318 66.39 22.99 -2.92
C MET C 318 67.78 23.06 -3.55
N GLY C 319 68.54 22.00 -3.39
CA GLY C 319 69.91 21.97 -3.91
C GLY C 319 70.92 22.64 -3.02
N TYR C 320 70.66 23.87 -2.61
CA TYR C 320 71.54 24.58 -1.70
C TYR C 320 71.45 23.97 -0.30
N ASP C 321 72.48 24.23 0.50
CA ASP C 321 72.56 23.69 1.86
C ASP C 321 72.68 24.78 2.92
N ASP C 322 72.40 26.03 2.56
CA ASP C 322 72.53 27.15 3.49
C ASP C 322 71.40 28.13 3.25
N ILE C 323 71.07 28.92 4.26
CA ILE C 323 70.09 29.99 4.13
C ILE C 323 70.73 31.29 4.61
N LEU C 324 71.03 32.20 3.68
CA LEU C 324 71.54 33.52 4.01
C LEU C 324 70.39 34.42 4.44
N VAL C 325 70.55 35.08 5.58
CA VAL C 325 69.61 36.08 6.08
C VAL C 325 70.41 37.33 6.43
N SER C 326 70.00 38.48 5.89
CA SER C 326 70.69 39.73 6.15
C SER C 326 69.68 40.85 6.30
N SER C 327 69.93 41.73 7.28
CA SER C 327 69.11 42.90 7.50
C SER C 327 70.00 44.13 7.66
N PRO C 328 69.55 45.29 7.18
CA PRO C 328 70.41 46.48 7.20
C PRO C 328 70.29 47.35 8.45
N GLY C 329 69.24 47.17 9.25
CA GLY C 329 69.05 48.02 10.41
C GLY C 329 68.72 49.46 10.06
N SER C 330 69.58 50.38 10.45
CA SER C 330 69.35 51.80 10.15
C SER C 330 69.64 52.14 8.70
N LEU C 331 70.48 51.34 8.02
CA LEU C 331 70.89 51.65 6.65
C LEU C 331 69.73 51.65 5.67
N SER C 332 68.63 50.97 6.00
CA SER C 332 67.43 50.99 5.16
C SER C 332 66.84 52.38 5.05
N GLU C 333 67.14 53.28 6.00
CA GLU C 333 66.69 54.67 5.88
C GLU C 333 67.40 55.41 4.76
N LYS C 334 68.57 54.93 4.32
CA LYS C 334 69.30 55.64 3.27
C LYS C 334 68.65 55.43 1.91
N TYR C 335 68.22 54.20 1.61
CA TYR C 335 67.78 53.84 0.28
C TYR C 335 66.28 54.00 0.05
N GLY C 336 65.51 54.36 1.08
CA GLY C 336 64.09 54.56 0.90
C GLY C 336 63.36 54.49 2.22
N ARG C 337 62.04 54.52 2.12
CA ARG C 337 61.18 54.48 3.30
C ARG C 337 60.77 53.06 3.69
N ASP C 338 60.60 52.17 2.72
CA ASP C 338 60.20 50.81 3.02
C ASP C 338 61.39 49.97 3.44
N TYR C 339 61.18 49.11 4.43
CA TYR C 339 62.22 48.23 4.91
C TYR C 339 62.45 47.08 3.92
N PHE C 340 63.60 46.43 4.06
CA PHE C 340 63.89 45.29 3.20
C PHE C 340 64.90 44.40 3.90
N ILE C 341 64.89 43.11 3.54
CA ILE C 341 65.90 42.16 3.97
C ILE C 341 66.40 41.41 2.75
N CYS C 342 67.57 40.79 2.89
CA CYS C 342 68.19 40.00 1.83
C CYS C 342 68.30 38.56 2.32
N THR C 343 67.44 37.68 1.81
CA THR C 343 67.43 36.29 2.25
C THR C 343 67.36 35.38 1.04
N GLY C 344 67.86 34.15 1.23
CA GLY C 344 67.77 33.15 0.19
C GLY C 344 68.72 31.99 0.36
N PRO C 345 68.53 30.95 -0.45
CA PRO C 345 69.42 29.78 -0.37
C PRO C 345 70.83 30.13 -0.84
N ALA C 346 71.79 29.38 -0.30
CA ALA C 346 73.20 29.66 -0.56
C ALA C 346 74.02 28.40 -0.34
N SER C 347 75.19 28.36 -0.96
CA SER C 347 76.18 27.30 -0.77
C SER C 347 77.52 28.00 -0.63
N ILE C 348 77.90 28.36 0.60
CA ILE C 348 79.02 29.25 0.85
C ILE C 348 80.07 28.62 1.76
N LEU C 349 79.63 28.07 2.90
CA LEU C 349 80.59 27.48 3.84
C LEU C 349 81.30 26.29 3.22
N VAL C 350 80.56 25.39 2.59
CA VAL C 350 81.12 24.23 1.92
C VAL C 350 80.98 24.44 0.41
N PRO C 351 82.05 24.74 -0.31
CA PRO C 351 81.96 24.83 -1.77
C PRO C 351 81.53 23.50 -2.37
N VAL C 352 80.71 23.58 -3.41
CA VAL C 352 80.14 22.41 -4.05
C VAL C 352 81.01 22.04 -5.24
N THR C 353 81.42 20.78 -5.32
CA THR C 353 82.24 20.30 -6.42
C THR C 353 81.36 19.68 -7.50
N VAL C 354 81.81 19.83 -8.74
CA VAL C 354 81.13 19.27 -9.91
C VAL C 354 82.17 18.54 -10.74
N ASN C 355 82.00 17.23 -10.89
CA ASN C 355 82.90 16.44 -11.72
C ASN C 355 82.63 16.72 -13.19
N PRO C 356 83.57 16.42 -14.07
CA PRO C 356 83.32 16.57 -15.51
C PRO C 356 82.17 15.68 -15.97
N GLY C 357 81.21 16.28 -16.67
CA GLY C 357 80.03 15.60 -17.11
C GLY C 357 78.89 15.57 -16.11
N GLU C 358 79.10 16.09 -14.90
CA GLU C 358 78.06 16.10 -13.88
C GLU C 358 77.18 17.35 -14.04
N GLU C 359 76.27 17.55 -13.11
CA GLU C 359 75.33 18.66 -13.16
C GLU C 359 74.92 19.02 -11.74
N TRP C 360 74.90 20.31 -11.44
CA TRP C 360 74.46 20.81 -10.13
C TRP C 360 73.20 21.63 -10.31
N ARG C 361 72.23 21.42 -9.41
CA ARG C 361 70.92 22.04 -9.49
C ARG C 361 70.62 22.76 -8.18
N GLY C 362 70.00 23.94 -8.28
CA GLY C 362 69.57 24.68 -7.12
C GLY C 362 68.30 25.45 -7.44
N ALA C 363 67.51 25.74 -6.42
CA ALA C 363 66.23 26.39 -6.66
C ALA C 363 65.74 27.13 -5.42
N GLN C 364 65.15 28.29 -5.65
CA GLN C 364 64.44 29.07 -4.64
C GLN C 364 63.00 29.27 -5.09
N VAL C 365 62.05 28.96 -4.21
CA VAL C 365 60.63 29.13 -4.50
C VAL C 365 60.03 30.07 -3.46
N ILE C 366 59.28 31.07 -3.93
CA ILE C 366 58.55 31.98 -3.07
C ILE C 366 57.06 31.72 -3.31
N GLU C 367 56.39 31.16 -2.29
CA GLU C 367 54.96 30.95 -2.33
C GLU C 367 54.27 31.86 -1.33
N HIS C 368 52.94 31.87 -1.38
CA HIS C 368 52.15 32.62 -0.43
C HIS C 368 50.79 31.97 -0.27
N ASP C 369 50.29 31.95 0.97
CA ASP C 369 48.97 31.41 1.28
C ASP C 369 47.96 32.51 1.59
N ASN C 370 48.25 33.75 1.16
CA ASN C 370 47.36 34.87 1.46
C ASN C 370 46.03 34.77 0.72
N LEU C 371 45.96 34.00 -0.36
CA LEU C 371 44.70 33.83 -1.07
C LEU C 371 43.77 32.85 -0.36
N THR C 372 44.28 32.03 0.54
CA THR C 372 43.47 31.04 1.25
C THR C 372 43.33 31.40 2.72
N GLU D 1 88.16 -2.78 19.71
CA GLU D 1 88.61 -1.86 18.68
C GLU D 1 87.56 -0.79 18.39
N GLU D 2 86.87 -0.36 19.44
CA GLU D 2 85.82 0.65 19.28
C GLU D 2 85.63 1.38 20.60
N GLU D 3 85.73 2.70 20.55
CA GLU D 3 85.39 3.55 21.70
C GLU D 3 83.93 3.97 21.64
N GLU D 4 83.06 2.96 21.45
CA GLU D 4 81.61 3.06 21.31
C GLU D 4 81.21 3.75 20.01
N LEU D 5 82.21 4.29 19.29
CA LEU D 5 82.13 4.90 17.96
C LEU D 5 81.37 6.21 17.94
N GLU D 6 80.60 6.49 19.01
CA GLU D 6 79.79 7.67 19.26
C GLU D 6 79.10 7.49 20.61
N PRO D 7 78.68 8.55 21.27
CA PRO D 7 77.70 8.42 22.35
C PRO D 7 76.39 7.89 21.79
N PRO D 8 75.71 6.98 22.49
CA PRO D 8 74.57 6.27 21.89
C PRO D 8 73.44 7.22 21.51
N TYR D 9 72.83 6.94 20.35
CA TYR D 9 71.79 7.81 19.81
C TYR D 9 70.86 6.97 18.96
N VAL D 10 69.69 7.54 18.67
CA VAL D 10 68.74 7.00 17.72
C VAL D 10 68.56 8.03 16.61
N GLY D 11 68.79 7.61 15.37
CA GLY D 11 68.60 8.48 14.22
C GLY D 11 67.15 8.44 13.77
N PHE D 12 66.64 9.61 13.38
CA PHE D 12 65.26 9.77 12.94
C PHE D 12 65.25 10.42 11.57
N ALA D 13 64.49 9.83 10.65
CA ALA D 13 64.31 10.37 9.30
C ALA D 13 62.83 10.70 9.13
N PHE D 14 62.51 11.98 9.09
CA PHE D 14 61.14 12.45 9.03
C PHE D 14 60.79 12.86 7.60
N VAL D 15 59.69 12.32 7.10
CA VAL D 15 59.18 12.64 5.77
C VAL D 15 57.95 13.51 5.93
N SER D 16 58.01 14.72 5.36
CA SER D 16 56.91 15.67 5.48
C SER D 16 55.74 15.26 4.58
N SER D 17 54.56 15.73 4.95
CA SER D 17 53.36 15.43 4.16
C SER D 17 53.36 16.17 2.84
N VAL D 18 53.92 17.37 2.79
CA VAL D 18 53.91 18.19 1.58
C VAL D 18 55.18 17.93 0.79
N LEU D 19 55.03 17.63 -0.50
CA LEU D 19 56.18 17.44 -1.37
C LEU D 19 56.82 18.78 -1.71
N LEU D 20 58.11 18.71 -2.04
CA LEU D 20 58.80 19.89 -2.54
C LEU D 20 58.27 20.25 -3.93
N PRO D 21 58.44 21.49 -4.36
CA PRO D 21 57.90 21.91 -5.67
C PRO D 21 58.45 21.14 -6.86
N ASP D 22 59.62 20.51 -6.74
CA ASP D 22 60.14 19.70 -7.83
C ASP D 22 59.57 18.29 -7.85
N GLY D 23 58.77 17.91 -6.84
CA GLY D 23 58.15 16.62 -6.77
C GLY D 23 58.83 15.64 -5.83
N THR D 24 60.08 15.88 -5.48
CA THR D 24 60.76 15.01 -4.53
C THR D 24 60.21 15.24 -3.12
N PRO D 25 59.94 14.18 -2.36
CA PRO D 25 59.40 14.36 -1.01
C PRO D 25 60.42 14.99 -0.08
N ASP D 26 59.90 15.79 0.85
CA ASP D 26 60.76 16.47 1.81
C ASP D 26 61.30 15.47 2.83
N MET D 27 62.56 15.64 3.19
CA MET D 27 63.25 14.73 4.10
C MET D 27 64.03 15.54 5.12
N HIS D 28 63.92 15.17 6.39
CA HIS D 28 64.67 15.81 7.46
C HIS D 28 65.31 14.74 8.33
N LEU D 29 66.47 15.06 8.89
CA LEU D 29 67.22 14.12 9.70
C LEU D 29 67.46 14.70 11.08
N ARG D 30 67.29 13.87 12.11
CA ARG D 30 67.53 14.27 13.48
C ARG D 30 68.23 13.13 14.21
N SER D 31 68.84 13.46 15.35
CA SER D 31 69.46 12.46 16.21
C SER D 31 69.03 12.74 17.64
N ALA D 32 68.38 11.76 18.27
CA ALA D 32 67.89 11.92 19.63
C ALA D 32 68.12 10.64 20.41
N THR D 33 68.47 10.79 21.68
CA THR D 33 68.72 9.65 22.54
C THR D 33 67.44 8.86 22.78
N GLY D 34 67.58 7.54 22.87
CA GLY D 34 66.44 6.68 23.07
C GLY D 34 65.86 6.77 24.47
N GLY D 35 64.69 6.16 24.63
CA GLY D 35 63.98 6.17 25.88
C GLY D 35 62.95 7.27 26.00
N GLN D 36 63.04 8.31 25.18
CA GLN D 36 62.08 9.40 25.19
C GLN D 36 60.90 9.08 24.30
N LYS D 37 59.80 9.79 24.53
CA LYS D 37 58.63 9.65 23.68
C LYS D 37 58.85 10.35 22.34
N LEU D 38 58.18 9.85 21.31
CA LEU D 38 58.32 10.45 19.99
C LEU D 38 57.76 11.85 19.93
N ARG D 39 56.69 12.13 20.69
CA ARG D 39 56.21 13.50 20.81
C ARG D 39 57.23 14.39 21.51
N ASP D 40 57.88 13.86 22.55
CA ASP D 40 58.90 14.62 23.26
C ASP D 40 60.16 14.82 22.43
N ILE D 41 60.34 14.05 21.35
CA ILE D 41 61.48 14.21 20.47
C ILE D 41 61.16 15.15 19.31
N MET D 42 59.98 15.01 18.72
CA MET D 42 59.61 15.81 17.55
C MET D 42 59.51 17.29 17.89
N LEU D 43 58.91 17.64 19.04
CA LEU D 43 58.81 19.03 19.42
C LEU D 43 60.15 19.59 19.91
N ASP D 44 60.96 18.76 20.55
CA ASP D 44 62.29 19.21 20.98
C ASP D 44 63.18 19.52 19.78
N ASN D 45 63.04 18.77 18.70
CA ASN D 45 63.85 18.95 17.51
C ASN D 45 63.14 19.78 16.45
N ASP D 46 62.02 20.42 16.79
CA ASP D 46 61.25 21.30 15.91
C ASP D 46 60.83 20.57 14.63
N ILE D 47 60.07 19.50 14.84
CA ILE D 47 59.50 18.70 13.76
C ILE D 47 57.99 18.83 13.84
N ASP D 48 57.35 19.12 12.71
CA ASP D 48 55.90 19.34 12.66
C ASP D 48 55.23 17.99 12.95
N LEU D 49 54.51 17.92 14.06
CA LEU D 49 53.82 16.72 14.50
C LEU D 49 52.30 16.84 14.43
N TYR D 50 51.75 17.90 15.01
CA TYR D 50 50.30 18.08 15.05
C TYR D 50 49.75 18.64 13.75
N GLY D 51 50.48 19.53 13.09
CA GLY D 51 49.99 20.19 11.91
C GLY D 51 49.21 21.44 12.28
N PRO D 52 47.95 21.51 11.85
CA PRO D 52 47.10 22.63 12.26
C PRO D 52 46.62 22.54 13.70
N TYR D 53 46.87 21.44 14.39
CA TYR D 53 46.47 21.24 15.78
C TYR D 53 47.56 21.69 16.76
N ALA D 54 48.59 22.37 16.27
CA ALA D 54 49.70 22.78 17.12
C ALA D 54 49.38 23.96 18.02
N ARG D 55 48.33 24.71 17.71
CA ARG D 55 47.96 25.84 18.55
C ARG D 55 47.44 25.36 19.90
N PRO D 56 47.58 26.18 20.95
CA PRO D 56 47.15 25.74 22.28
C PRO D 56 45.66 25.46 22.36
N LEU D 57 45.31 24.48 23.20
CA LEU D 57 43.97 23.93 23.42
C LEU D 57 43.42 23.19 22.21
N LEU D 58 44.18 23.09 21.11
CA LEU D 58 43.77 22.28 19.96
C LEU D 58 44.35 20.88 19.98
N ASN D 59 45.21 20.57 20.95
CA ASN D 59 45.82 19.25 21.08
C ASN D 59 45.78 18.82 22.53
N CYS D 60 45.79 17.50 22.75
CA CYS D 60 45.69 16.95 24.09
C CYS D 60 46.96 17.13 24.91
N ALA D 61 48.09 17.41 24.26
CA ALA D 61 49.38 17.67 24.91
C ALA D 61 49.80 16.50 25.80
N GLY D 62 49.92 15.33 25.19
CA GLY D 62 50.35 14.13 25.88
C GLY D 62 49.26 13.41 26.64
N GLY D 63 48.01 13.89 26.58
CA GLY D 63 46.93 13.20 27.28
C GLY D 63 46.50 11.91 26.63
N GLY D 64 46.75 11.75 25.33
CA GLY D 64 46.40 10.54 24.62
C GLY D 64 45.02 10.52 24.02
N THR D 65 44.12 11.41 24.46
CA THR D 65 42.76 11.43 23.92
C THR D 65 42.75 12.01 22.51
N CYS D 66 43.61 12.98 22.24
CA CYS D 66 43.61 13.64 20.94
C CYS D 66 44.21 12.71 19.87
N ALA D 67 43.64 12.78 18.67
CA ALA D 67 44.14 12.00 17.54
C ALA D 67 45.21 12.74 16.75
N SER D 68 45.57 13.97 17.15
CA SER D 68 46.61 14.72 16.49
C SER D 68 48.01 14.17 16.76
N CYS D 69 48.14 13.23 17.69
CA CYS D 69 49.41 12.54 17.95
C CYS D 69 49.81 11.61 16.82
N MET D 70 48.93 11.38 15.86
CA MET D 70 49.07 10.28 14.92
C MET D 70 50.16 10.54 13.89
N VAL D 71 51.04 9.56 13.70
CA VAL D 71 52.07 9.56 12.67
C VAL D 71 52.05 8.21 11.96
N GLU D 72 52.86 8.08 10.92
CA GLU D 72 53.03 6.84 10.18
C GLU D 72 54.45 6.34 10.38
N VAL D 73 54.57 5.12 10.90
CA VAL D 73 55.88 4.53 11.18
C VAL D 73 56.29 3.71 9.96
N ILE D 74 57.31 4.19 9.25
CA ILE D 74 57.82 3.49 8.09
C ILE D 74 58.87 2.46 8.49
N GLU D 75 59.87 2.87 9.27
CA GLU D 75 60.93 1.97 9.69
C GLU D 75 61.23 2.20 11.15
N GLY D 76 61.71 1.16 11.81
CA GLY D 76 62.03 1.23 13.22
C GLY D 76 60.97 0.73 14.15
N LYS D 77 60.02 -0.08 13.67
CA LYS D 77 58.98 -0.63 14.53
C LYS D 77 59.55 -1.59 15.56
N GLU D 78 60.74 -2.15 15.32
CA GLU D 78 61.38 -2.96 16.34
C GLU D 78 61.81 -2.12 17.54
N LEU D 79 62.25 -0.88 17.29
CA LEU D 79 62.66 0.00 18.37
C LEU D 79 61.49 0.55 19.16
N LEU D 80 60.29 0.53 18.60
CA LEU D 80 59.12 1.12 19.24
C LEU D 80 58.29 0.05 19.94
N ASN D 81 57.65 0.45 21.04
CA ASN D 81 56.76 -0.43 21.76
C ASN D 81 55.51 -0.70 20.93
N PRO D 82 54.87 -1.85 21.11
CA PRO D 82 53.65 -2.16 20.34
C PRO D 82 52.50 -1.24 20.70
N ARG D 83 51.39 -1.43 19.99
CA ARG D 83 50.22 -0.58 20.17
C ARG D 83 49.62 -0.76 21.56
N THR D 84 49.27 0.37 22.18
CA THR D 84 48.69 0.37 23.51
C THR D 84 47.17 0.40 23.42
N GLU D 85 46.52 0.51 24.58
CA GLU D 85 45.05 0.53 24.62
C GLU D 85 44.50 1.79 23.96
N LYS D 86 45.11 2.95 24.24
CA LYS D 86 44.63 4.19 23.66
C LYS D 86 44.84 4.22 22.15
N GLU D 87 45.98 3.70 21.68
CA GLU D 87 46.22 3.61 20.24
C GLU D 87 45.22 2.68 19.57
N LYS D 88 44.90 1.55 20.21
CA LYS D 88 43.92 0.64 19.65
C LYS D 88 42.53 1.28 19.61
N GLU D 89 42.20 2.08 20.63
CA GLU D 89 40.92 2.76 20.63
C GLU D 89 40.84 3.82 19.54
N HIS D 90 41.89 4.62 19.38
CA HIS D 90 41.86 5.77 18.46
C HIS D 90 42.29 5.42 17.05
N LEU D 91 42.70 4.18 16.78
CA LEU D 91 43.21 3.80 15.48
C LEU D 91 42.39 2.70 14.82
N LYS D 92 41.09 2.67 15.08
CA LYS D 92 40.21 1.75 14.38
C LYS D 92 40.10 2.16 12.91
N LYS D 93 40.07 1.15 12.04
CA LYS D 93 40.01 1.25 10.58
C LYS D 93 41.25 1.89 9.97
N LYS D 94 42.27 2.20 10.76
CA LYS D 94 43.52 2.76 10.28
C LYS D 94 44.51 1.64 9.93
N PRO D 95 45.49 1.92 9.08
CA PRO D 95 46.52 0.91 8.79
C PRO D 95 47.37 0.61 10.03
N LYS D 96 48.07 -0.53 9.97
CA LYS D 96 48.80 -1.02 11.12
C LYS D 96 49.99 -0.15 11.47
N ASN D 97 50.67 0.41 10.46
CA ASN D 97 51.83 1.25 10.74
C ASN D 97 51.46 2.63 11.27
N TRP D 98 50.19 3.02 11.15
CA TRP D 98 49.74 4.31 11.66
C TRP D 98 49.72 4.25 13.19
N ARG D 99 50.53 5.08 13.84
CA ARG D 99 50.71 5.05 15.27
C ARG D 99 50.61 6.45 15.85
N LEU D 100 50.15 6.54 17.10
CA LEU D 100 50.16 7.80 17.83
C LEU D 100 51.56 8.03 18.38
N ALA D 101 52.16 9.17 18.02
CA ALA D 101 53.55 9.42 18.39
C ALA D 101 53.72 9.62 19.90
N CYS D 102 52.74 10.25 20.55
CA CYS D 102 52.87 10.49 21.98
C CYS D 102 52.69 9.23 22.81
N GLN D 103 51.99 8.23 22.27
CA GLN D 103 51.93 6.91 22.91
C GLN D 103 52.99 5.97 22.35
N ILE D 104 54.24 6.43 22.29
CA ILE D 104 55.35 5.67 21.70
C ILE D 104 56.60 5.97 22.49
N THR D 105 57.33 4.93 22.90
CA THR D 105 58.63 5.07 23.53
C THR D 105 59.68 4.49 22.58
N VAL D 106 60.69 5.30 22.25
CA VAL D 106 61.68 4.90 21.23
C VAL D 106 62.78 4.16 21.98
N GLY D 107 62.53 2.88 22.22
CA GLY D 107 63.56 1.98 22.74
C GLY D 107 64.04 2.37 24.14
N THR D 108 65.36 2.36 24.29
CA THR D 108 66.05 2.59 25.55
C THR D 108 67.17 3.58 25.31
N PRO D 109 67.69 4.23 26.37
CA PRO D 109 68.83 5.15 26.19
C PRO D 109 70.09 4.52 25.63
N GLU D 110 70.14 3.20 25.46
CA GLU D 110 71.28 2.52 24.85
C GLU D 110 70.90 1.89 23.51
N SER D 111 70.13 2.60 22.71
CA SER D 111 69.71 2.14 21.39
C SER D 111 70.59 2.75 20.31
N ARG D 112 70.57 2.11 19.13
CA ARG D 112 71.38 2.56 18.01
C ARG D 112 70.67 2.47 16.67
N GLY D 113 69.40 2.08 16.63
CA GLY D 113 68.70 1.87 15.38
C GLY D 113 68.31 3.15 14.68
N MET D 114 67.70 2.98 13.51
CA MET D 114 67.20 4.06 12.70
C MET D 114 65.68 3.97 12.63
N VAL D 115 65.00 5.09 12.87
CA VAL D 115 63.54 5.15 12.84
C VAL D 115 63.15 6.16 11.76
N VAL D 116 62.33 5.72 10.82
CA VAL D 116 61.86 6.54 9.71
C VAL D 116 60.37 6.74 9.89
N ILE D 117 59.95 8.00 10.01
CA ILE D 117 58.59 8.38 10.36
C ILE D 117 58.05 9.33 9.31
N GLN D 118 56.83 9.08 8.85
CA GLN D 118 56.11 10.00 7.99
C GLN D 118 55.18 10.84 8.87
N GLN D 119 55.30 12.16 8.78
CA GLN D 119 54.46 13.04 9.58
C GLN D 119 53.24 13.49 8.78
N LEU D 120 52.12 13.64 9.49
CA LEU D 120 50.80 13.96 8.94
C LEU D 120 50.43 13.00 7.82
N PRO D 121 50.14 11.72 8.13
CA PRO D 121 49.81 10.77 7.06
C PRO D 121 48.46 11.02 6.41
N GLU D 122 47.55 11.75 7.08
CA GLU D 122 46.25 12.02 6.48
C GLU D 122 46.35 13.07 5.38
N TRP D 123 47.36 13.93 5.43
CA TRP D 123 47.53 15.02 4.48
C TRP D 123 48.44 14.65 3.33
N LYS D 124 48.81 13.37 3.20
CA LYS D 124 49.77 12.94 2.20
C LYS D 124 49.21 13.10 0.79
N ALA D 125 50.08 13.46 -0.14
CA ALA D 125 49.79 13.39 -1.57
C ALA D 125 50.45 12.20 -2.24
N HIS D 126 51.28 11.46 -1.51
CA HIS D 126 51.97 10.28 -2.00
C HIS D 126 51.54 9.06 -1.19
N GLU D 127 52.16 7.92 -1.49
CA GLU D 127 51.86 6.69 -0.78
C GLU D 127 53.11 5.82 -0.76
N TRP D 128 53.22 5.00 0.29
CA TRP D 128 54.35 4.10 0.47
C TRP D 128 53.91 2.67 0.17
N LYS D 129 54.64 2.00 -0.71
CA LYS D 129 54.33 0.64 -1.12
C LYS D 129 55.56 -0.25 -0.87
N TYR D 130 55.48 -1.11 0.13
CA TYR D 130 56.57 -2.02 0.42
C TYR D 130 56.62 -3.13 -0.64
N GLU D 131 57.84 -3.53 -1.01
CA GLU D 131 58.04 -4.52 -2.05
C GLU D 131 59.09 -5.52 -1.56
N LYS D 132 58.63 -6.71 -1.18
CA LYS D 132 59.46 -7.81 -0.65
C LYS D 132 60.42 -7.36 0.45
N ASP D 133 59.88 -6.60 1.41
CA ASP D 133 60.62 -6.02 2.55
C ASP D 133 61.66 -5.10 1.89
N GLY D 134 62.84 -4.88 2.47
CA GLY D 134 63.97 -4.33 1.76
C GLY D 134 63.74 -2.96 1.14
N PRO D 135 63.58 -2.95 -0.18
CA PRO D 135 63.26 -1.71 -0.90
C PRO D 135 61.89 -1.17 -0.49
N ILE D 136 61.88 0.08 -0.02
CA ILE D 136 60.67 0.81 0.30
C ILE D 136 60.58 1.99 -0.65
N VAL D 137 59.46 2.10 -1.36
CA VAL D 137 59.31 3.11 -2.41
C VAL D 137 58.15 4.02 -2.07
N SER D 138 58.18 5.23 -2.64
CA SER D 138 57.11 6.20 -2.52
C SER D 138 56.69 6.67 -3.91
N GLU D 139 55.39 6.81 -4.10
CA GLU D 139 54.87 7.20 -5.40
C GLU D 139 54.58 8.70 -5.47
N MET E 1 -22.16 39.11 31.80
CA MET E 1 -22.53 37.77 31.34
C MET E 1 -21.32 36.98 30.88
N ALA E 2 -20.95 35.97 31.67
CA ALA E 2 -19.83 35.06 31.41
C ALA E 2 -18.50 35.81 31.27
N VAL E 3 -18.37 36.97 31.90
CA VAL E 3 -17.14 37.76 31.90
C VAL E 3 -16.90 38.24 33.31
N LEU E 4 -15.71 37.98 33.84
CA LEU E 4 -15.40 38.35 35.21
C LEU E 4 -14.11 39.14 35.26
N VAL E 5 -14.14 40.30 35.92
CA VAL E 5 -12.97 41.17 36.06
C VAL E 5 -12.54 41.13 37.51
N GLU E 6 -11.30 40.74 37.75
CA GLU E 6 -10.72 40.73 39.09
C GLU E 6 -9.57 41.73 39.18
N HIS E 7 -9.61 42.55 40.22
CA HIS E 7 -8.56 43.52 40.51
C HIS E 7 -7.77 43.05 41.72
N VAL E 8 -6.44 43.06 41.62
CA VAL E 8 -5.55 42.69 42.71
C VAL E 8 -4.59 43.85 42.93
N GLU E 9 -4.46 44.28 44.19
CA GLU E 9 -3.54 45.37 44.52
C GLU E 9 -2.11 44.97 44.21
N GLY E 10 -1.39 45.87 43.54
CA GLY E 10 -0.04 45.59 43.11
C GLY E 10 0.07 44.67 41.92
N GLN E 11 -1.05 44.35 41.28
CA GLN E 11 -1.05 43.43 40.14
C GLN E 11 -1.97 43.99 39.06
N ARG E 12 -1.70 43.59 37.82
CA ARG E 12 -2.57 43.96 36.71
C ARG E 12 -3.89 43.24 36.83
N ASP E 13 -4.98 43.95 36.55
CA ASP E 13 -6.30 43.34 36.62
C ASP E 13 -6.48 42.31 35.50
N LEU E 14 -7.36 41.34 35.74
CA LEU E 14 -7.56 40.22 34.82
C LEU E 14 -9.01 40.19 34.38
N ILE E 15 -9.22 40.00 33.08
CA ILE E 15 -10.55 39.83 32.50
C ILE E 15 -10.63 38.41 31.99
N THR E 16 -11.55 37.63 32.55
CA THR E 16 -11.70 36.22 32.23
C THR E 16 -13.01 36.04 31.46
N HIS E 17 -12.90 35.47 30.27
CA HIS E 17 -14.05 35.11 29.44
C HIS E 17 -14.22 33.60 29.51
N LYS E 18 -15.42 33.15 29.85
CA LYS E 18 -15.68 31.73 30.02
C LYS E 18 -16.92 31.34 29.21
N SER E 19 -16.89 30.12 28.67
CA SER E 19 -18.03 29.61 27.90
C SER E 19 -18.09 28.11 28.12
N ILE E 20 -19.01 27.68 28.99
CA ILE E 20 -19.19 26.25 29.24
C ILE E 20 -19.90 25.65 28.04
N TRP E 21 -19.13 25.02 27.16
CA TRP E 21 -19.65 24.46 25.92
C TRP E 21 -19.32 22.97 25.88
N HIS E 22 -20.26 22.17 25.38
CA HIS E 22 -20.01 20.75 25.21
C HIS E 22 -20.81 20.25 24.02
N LEU E 23 -20.27 19.24 23.36
CA LEU E 23 -20.96 18.62 22.24
C LEU E 23 -22.16 17.83 22.73
N SER E 24 -23.26 17.93 22.00
CA SER E 24 -24.44 17.14 22.32
C SER E 24 -24.19 15.67 22.01
N ASP E 25 -24.97 14.80 22.65
CA ASP E 25 -24.86 13.37 22.39
C ASP E 25 -25.28 13.03 20.96
N ALA E 26 -26.19 13.82 20.37
CA ALA E 26 -26.53 13.63 18.97
C ALA E 26 -25.35 13.91 18.06
N ALA E 27 -24.56 14.95 18.38
CA ALA E 27 -23.37 15.24 17.59
C ALA E 27 -22.34 14.13 17.71
N ILE E 28 -22.17 13.57 18.92
CA ILE E 28 -21.24 12.46 19.11
C ILE E 28 -21.69 11.24 18.33
N LYS E 29 -23.00 10.95 18.35
CA LYS E 29 -23.54 9.84 17.57
C LYS E 29 -23.34 10.08 16.08
N ASN E 30 -23.47 11.33 15.64
CA ASN E 30 -23.21 11.65 14.24
C ASN E 30 -21.75 11.41 13.88
N VAL E 31 -20.82 11.76 14.77
CA VAL E 31 -19.40 11.50 14.53
C VAL E 31 -19.14 10.00 14.41
N TYR E 32 -19.71 9.22 15.33
CA TYR E 32 -19.56 7.77 15.29
C TYR E 32 -20.15 7.19 14.00
N LEU E 33 -21.33 7.67 13.61
CA LEU E 33 -21.99 7.15 12.41
C LEU E 33 -21.19 7.47 11.16
N PHE E 34 -20.70 8.70 11.05
CA PHE E 34 -19.90 9.07 9.89
C PHE E 34 -18.60 8.29 9.85
N TYR E 35 -18.00 8.03 11.01
CA TYR E 35 -16.77 7.25 10.99
C TYR E 35 -17.03 5.80 10.60
N MET E 36 -18.17 5.24 11.02
CA MET E 36 -18.51 3.89 10.58
C MET E 36 -18.74 3.82 9.07
N MET E 37 -19.47 4.78 8.51
CA MET E 37 -19.65 4.77 7.05
C MET E 37 -18.34 5.04 6.32
N PHE E 38 -17.47 5.89 6.87
CA PHE E 38 -16.16 6.10 6.26
C PHE E 38 -15.33 4.83 6.29
N THR E 39 -15.39 4.08 7.39
CA THR E 39 -14.69 2.81 7.49
C THR E 39 -15.21 1.80 6.47
N CYS E 40 -16.53 1.72 6.31
CA CYS E 40 -17.10 0.80 5.33
C CYS E 40 -16.68 1.19 3.90
N TRP E 41 -16.76 2.49 3.59
CA TRP E 41 -16.35 2.97 2.27
C TRP E 41 -14.89 2.69 2.00
N GLY E 42 -14.03 2.95 2.99
CA GLY E 42 -12.61 2.68 2.80
C GLY E 42 -12.31 1.20 2.68
N CYS E 43 -12.99 0.37 3.46
CA CYS E 43 -12.81 -1.07 3.34
C CYS E 43 -13.14 -1.54 1.93
N CYS E 44 -14.30 -1.10 1.40
CA CYS E 44 -14.68 -1.47 0.04
C CYS E 44 -13.66 -0.97 -0.98
N VAL E 45 -13.34 0.33 -0.93
CA VAL E 45 -12.52 0.94 -1.98
C VAL E 45 -11.10 0.38 -1.96
N PHE E 46 -10.49 0.32 -0.78
CA PHE E 46 -9.11 -0.13 -0.65
C PHE E 46 -9.00 -1.64 -0.57
N GLY E 47 -10.10 -2.38 -0.59
CA GLY E 47 -10.04 -3.79 -0.88
C GLY E 47 -10.12 -4.02 -2.38
N ALA E 48 -10.91 -3.18 -3.06
CA ALA E 48 -10.95 -3.23 -4.52
C ALA E 48 -9.64 -2.81 -5.17
N ALA E 49 -8.80 -2.06 -4.44
CA ALA E 49 -7.54 -1.60 -4.99
C ALA E 49 -6.55 -2.75 -5.09
N LYS E 50 -5.47 -2.51 -5.84
CA LYS E 50 -4.42 -3.50 -6.00
C LYS E 50 -3.39 -3.38 -4.89
N ASP E 51 -2.77 -4.51 -4.56
CA ASP E 51 -1.76 -4.57 -3.51
C ASP E 51 -0.38 -4.69 -4.15
N PRO E 52 0.48 -3.68 -4.03
CA PRO E 52 1.75 -3.70 -4.78
C PRO E 52 2.69 -4.83 -4.40
N TYR E 53 2.71 -5.24 -3.14
CA TYR E 53 3.67 -6.25 -2.69
C TYR E 53 3.07 -7.65 -2.60
N TYR E 54 1.87 -7.79 -2.03
CA TYR E 54 1.31 -9.11 -1.80
C TYR E 54 0.81 -9.78 -3.07
N ASP E 55 0.62 -9.02 -4.15
CA ASP E 55 0.33 -9.60 -5.46
C ASP E 55 1.56 -9.72 -6.33
N SER E 56 2.72 -9.29 -5.85
CA SER E 56 3.93 -9.28 -6.65
C SER E 56 4.58 -10.66 -6.67
N GLU E 57 5.51 -10.84 -7.62
CA GLU E 57 6.25 -12.09 -7.71
C GLU E 57 7.27 -12.21 -6.59
N GLN E 58 7.68 -11.09 -6.00
CA GLN E 58 8.64 -11.11 -4.90
C GLN E 58 8.07 -11.79 -3.66
N TYR E 59 6.75 -11.77 -3.50
CA TYR E 59 6.09 -12.41 -2.36
C TYR E 59 5.53 -13.78 -2.71
N ARG E 60 4.73 -13.87 -3.77
CA ARG E 60 4.10 -15.14 -4.12
C ARG E 60 5.11 -16.13 -4.72
N GLY E 61 6.11 -15.62 -5.46
CA GLY E 61 7.10 -16.50 -6.05
C GLY E 61 7.96 -17.21 -5.03
N ASP E 62 8.28 -16.54 -3.92
CA ASP E 62 9.07 -17.16 -2.86
C ASP E 62 8.29 -18.21 -2.07
N GLY E 63 6.98 -18.30 -2.26
CA GLY E 63 6.15 -19.22 -1.51
C GLY E 63 5.24 -18.58 -0.48
N GLY E 64 5.10 -17.25 -0.49
CA GLY E 64 4.26 -16.60 0.48
C GLY E 64 2.79 -16.89 0.27
N ASP E 65 2.05 -16.96 1.39
CA ASP E 65 0.63 -17.29 1.33
C ASP E 65 -0.19 -16.46 2.32
N GLY E 66 0.35 -15.35 2.82
CA GLY E 66 -0.30 -14.58 3.86
C GLY E 66 -0.15 -15.17 5.24
N THR E 67 0.54 -16.29 5.38
CA THR E 67 0.69 -16.99 6.64
C THR E 67 2.02 -16.62 7.28
N GLY E 68 2.02 -16.41 8.59
CA GLY E 68 3.17 -15.84 9.27
C GLY E 68 4.37 -16.76 9.38
N HIS E 69 4.25 -18.03 9.02
CA HIS E 69 5.34 -18.99 9.22
C HIS E 69 5.85 -19.58 7.91
N TRP E 70 5.57 -18.94 6.77
CA TRP E 70 5.96 -19.55 5.50
C TRP E 70 7.46 -19.48 5.25
N VAL E 71 8.17 -18.54 5.87
CA VAL E 71 9.59 -18.39 5.62
C VAL E 71 10.38 -19.56 6.21
N TYR E 72 10.13 -19.86 7.49
CA TYR E 72 10.86 -20.96 8.15
C TYR E 72 10.50 -22.30 7.52
N GLU E 73 9.21 -22.52 7.24
CA GLU E 73 8.79 -23.76 6.61
C GLU E 73 9.38 -23.90 5.22
N LYS E 74 9.45 -22.80 4.46
CA LYS E 74 10.07 -22.85 3.14
C LYS E 74 11.55 -23.17 3.24
N GLN E 75 12.24 -22.61 4.25
CA GLN E 75 13.65 -22.89 4.43
C GLN E 75 13.89 -24.36 4.74
N GLU E 76 13.16 -24.91 5.72
CA GLU E 76 13.32 -26.32 6.04
C GLU E 76 12.92 -27.20 4.86
N ASP E 77 11.92 -26.77 4.09
CA ASP E 77 11.50 -27.53 2.92
C ASP E 77 12.59 -27.56 1.86
N ILE E 78 13.29 -26.45 1.65
CA ILE E 78 14.31 -26.47 0.60
C ILE E 78 15.55 -27.24 1.05
N GLU E 79 15.88 -27.22 2.36
CA GLU E 79 16.95 -28.13 2.80
C GLU E 79 16.56 -29.60 2.64
N GLU E 80 15.33 -29.95 3.03
CA GLU E 80 14.88 -31.34 2.86
C GLU E 80 14.83 -31.72 1.38
N ALA E 81 14.43 -30.78 0.53
CA ALA E 81 14.40 -31.04 -0.91
C ALA E 81 15.79 -31.20 -1.49
N GLY E 82 16.77 -30.46 -0.99
CA GLY E 82 18.14 -30.67 -1.43
C GLY E 82 18.66 -32.03 -1.03
N ARG E 83 18.39 -32.46 0.20
CA ARG E 83 18.80 -33.80 0.63
C ARG E 83 18.09 -34.88 -0.18
N ALA E 84 16.80 -34.69 -0.47
CA ALA E 84 16.06 -35.64 -1.29
C ALA E 84 16.57 -35.65 -2.73
N ALA E 85 17.02 -34.51 -3.23
CA ALA E 85 17.59 -34.45 -4.58
C ALA E 85 18.92 -35.20 -4.63
N LEU E 86 19.73 -35.08 -3.58
CA LEU E 86 20.95 -35.88 -3.50
C LEU E 86 20.63 -37.36 -3.47
N TRP E 87 19.60 -37.75 -2.71
CA TRP E 87 19.19 -39.15 -2.66
C TRP E 87 18.69 -39.64 -4.02
N ARG E 88 17.93 -38.80 -4.72
CA ARG E 88 17.46 -39.14 -6.08
C ARG E 88 18.63 -39.31 -7.02
N GLU E 89 19.62 -38.40 -6.95
CA GLU E 89 20.78 -38.48 -7.83
C GLU E 89 21.60 -39.73 -7.57
N GLU E 90 21.74 -40.11 -6.30
CA GLU E 90 22.45 -41.34 -5.97
C GLU E 90 21.66 -42.58 -6.37
N LEU E 91 20.32 -42.50 -6.36
CA LEU E 91 19.51 -43.62 -6.84
C LEU E 91 19.66 -43.80 -8.35
N ILE E 92 19.63 -42.70 -9.10
CA ILE E 92 19.72 -42.78 -10.56
C ILE E 92 21.09 -43.31 -10.98
N GLU E 93 22.15 -42.78 -10.37
CA GLU E 93 23.51 -43.22 -10.68
C GLU E 93 23.81 -44.56 -10.03
N GLY F 1 15.25 -13.69 5.11
CA GLY F 1 15.28 -14.22 3.76
C GLY F 1 15.40 -15.73 3.71
N LEU F 2 15.71 -16.25 2.52
CA LEU F 2 15.86 -17.68 2.30
C LEU F 2 17.24 -17.95 1.70
N THR F 3 17.89 -19.00 2.21
CA THR F 3 19.22 -19.38 1.76
C THR F 3 19.19 -20.80 1.23
N ASP F 4 19.66 -21.00 0.00
CA ASP F 4 19.80 -22.33 -0.56
C ASP F 4 21.07 -23.03 -0.08
N ILE F 5 21.99 -22.28 0.53
CA ILE F 5 23.24 -22.81 1.07
C ILE F 5 23.33 -22.37 2.52
N GLU F 6 23.76 -23.28 3.40
CA GLU F 6 23.85 -23.00 4.82
C GLU F 6 24.80 -21.83 5.06
N PRO F 7 24.34 -20.75 5.68
CA PRO F 7 25.19 -19.56 5.83
C PRO F 7 26.26 -19.75 6.88
N ASP F 8 27.31 -18.94 6.76
CA ASP F 8 28.40 -18.98 7.71
C ASP F 8 27.93 -18.42 9.05
N LEU F 9 28.17 -19.17 10.12
CA LEU F 9 27.71 -18.75 11.44
C LEU F 9 28.57 -17.59 11.96
N ASN F 10 27.95 -16.77 12.80
CA ASN F 10 28.59 -15.56 13.31
C ASN F 10 29.56 -15.95 14.42
N GLU F 11 30.86 -15.87 14.14
CA GLU F 11 31.86 -16.20 15.16
C GLU F 11 31.98 -15.11 16.21
N ASP F 12 31.98 -13.85 15.79
CA ASP F 12 32.16 -12.72 16.69
C ASP F 12 30.83 -12.15 17.15
N PRO F 13 30.69 -11.89 18.46
CA PRO F 13 29.43 -11.35 18.96
C PRO F 13 29.23 -9.89 18.57
N ARG F 14 27.98 -9.46 18.60
CA ARG F 14 27.60 -8.10 18.28
C ARG F 14 26.75 -7.53 19.41
N ASP F 15 26.91 -6.22 19.64
CA ASP F 15 26.13 -5.55 20.67
C ASP F 15 24.65 -5.50 20.28
N ARG F 16 23.78 -5.84 21.23
CA ARG F 16 22.35 -5.84 20.95
C ARG F 16 21.81 -4.43 20.80
N TRP F 17 22.30 -3.50 21.62
CA TRP F 17 21.76 -2.15 21.68
C TRP F 17 22.37 -1.21 20.66
N ALA F 18 23.34 -1.66 19.88
CA ALA F 18 23.99 -0.80 18.89
C ALA F 18 23.09 -0.61 17.68
N THR F 19 23.27 0.54 17.03
CA THR F 19 22.55 0.82 15.79
C THR F 19 23.05 -0.11 14.68
N ASN F 20 22.12 -0.59 13.86
CA ASN F 20 22.42 -1.63 12.89
C ASN F 20 22.86 -1.09 11.54
N GLY F 21 23.01 0.22 11.40
CA GLY F 21 23.49 0.81 10.17
C GLY F 21 24.98 0.66 10.01
N VAL F 22 25.49 1.30 8.95
CA VAL F 22 26.92 1.28 8.71
C VAL F 22 27.64 2.15 9.74
N ALA F 23 28.96 1.97 9.83
CA ALA F 23 29.76 2.74 10.77
C ALA F 23 29.78 4.21 10.37
N PRO F 24 29.89 5.12 11.34
CA PRO F 24 29.96 6.56 11.00
C PRO F 24 31.19 6.92 10.19
N GLU F 25 32.27 6.14 10.28
CA GLU F 25 33.46 6.40 9.46
C GLU F 25 33.30 5.86 8.04
N ASP F 26 32.33 4.98 7.79
CA ASP F 26 32.05 4.48 6.46
C ASP F 26 30.84 5.16 5.83
N PHE F 27 30.31 6.19 6.47
CA PHE F 27 29.11 6.86 5.99
C PHE F 27 29.48 7.93 4.97
N VAL F 28 28.89 7.84 3.78
CA VAL F 28 29.10 8.85 2.73
C VAL F 28 28.06 9.94 2.98
N TYR F 29 28.49 10.98 3.69
CA TYR F 29 27.58 12.06 4.04
C TYR F 29 27.20 12.86 2.79
N GLY F 30 25.94 13.26 2.72
CA GLY F 30 25.41 13.97 1.57
C GLY F 30 24.86 13.08 0.48
N LYS F 31 25.18 11.79 0.49
CA LYS F 31 24.65 10.83 -0.47
C LYS F 31 23.84 9.73 0.20
N TYR F 32 24.41 9.07 1.22
CA TYR F 32 23.65 8.05 1.95
C TYR F 32 22.46 8.65 2.66
N ASP F 33 22.66 9.81 3.30
CA ASP F 33 21.56 10.65 3.74
C ASP F 33 21.19 11.57 2.59
N GLU F 34 19.92 11.58 2.21
CA GLU F 34 19.50 12.35 1.05
C GLU F 34 19.51 13.84 1.37
N HIS F 35 20.70 14.42 1.40
CA HIS F 35 20.89 15.83 1.73
C HIS F 35 21.40 16.67 0.57
N HIS F 36 22.15 16.08 -0.36
CA HIS F 36 22.64 16.79 -1.54
C HIS F 36 22.36 15.99 -2.80
N THR F 37 21.26 15.24 -2.82
CA THR F 37 20.93 14.35 -3.93
C THR F 37 19.68 14.79 -4.68
N PHE F 38 19.20 16.01 -4.46
CA PHE F 38 18.03 16.53 -5.18
C PHE F 38 18.45 17.79 -5.92
N TYR F 39 18.67 17.63 -7.22
CA TYR F 39 18.98 18.79 -8.06
C TYR F 39 17.72 19.01 -8.84
N GLU F 40 17.25 20.25 -8.92
CA GLU F 40 15.94 20.52 -9.56
C GLU F 40 16.02 20.25 -11.05
N SER F 41 14.87 20.36 -11.72
CA SER F 41 14.85 20.13 -13.17
C SER F 41 13.69 20.90 -13.77
N SER F 42 13.91 21.59 -14.90
CA SER F 42 12.82 22.32 -15.58
C SER F 42 11.71 21.32 -15.88
N GLU F 43 12.06 20.05 -16.10
CA GLU F 43 11.07 19.01 -16.47
C GLU F 43 10.28 18.51 -15.25
N LYS F 44 9.54 19.41 -14.61
CA LYS F 44 8.65 18.98 -13.49
C LYS F 44 7.23 18.84 -14.04
N GLY F 45 6.60 17.69 -13.83
CA GLY F 45 5.25 17.49 -14.31
C GLY F 45 4.18 18.29 -13.59
N SER F 46 2.97 18.21 -14.12
CA SER F 46 1.84 18.93 -13.55
C SER F 46 1.45 18.32 -12.21
N PHE F 47 0.95 19.18 -11.31
CA PHE F 47 0.48 18.72 -10.01
C PHE F 47 -0.75 17.83 -10.17
N TRP F 48 -1.73 18.27 -10.95
CA TRP F 48 -2.93 17.48 -11.15
C TRP F 48 -2.65 16.25 -12.01
N GLY F 49 -1.67 16.33 -12.91
CA GLY F 49 -1.25 15.13 -13.62
C GLY F 49 -0.66 14.09 -12.68
N ALA F 50 0.14 14.54 -11.71
CA ALA F 50 0.67 13.62 -10.70
C ALA F 50 -0.45 13.04 -9.83
N VAL F 51 -1.45 13.87 -9.48
CA VAL F 51 -2.59 13.38 -8.70
C VAL F 51 -3.33 12.30 -9.48
N ALA F 52 -3.58 12.55 -10.77
CA ALA F 52 -4.29 11.58 -11.60
C ALA F 52 -3.48 10.30 -11.77
N GLU F 53 -2.16 10.42 -11.94
CA GLU F 53 -1.32 9.24 -12.10
C GLU F 53 -1.30 8.40 -10.81
N GLU F 54 -1.21 9.07 -9.66
CA GLU F 54 -1.20 8.33 -8.40
C GLU F 54 -2.55 7.68 -8.12
N TYR F 55 -3.64 8.37 -8.46
CA TYR F 55 -4.96 7.78 -8.28
C TYR F 55 -5.19 6.59 -9.21
N ASN F 56 -4.74 6.70 -10.47
CA ASN F 56 -4.96 5.63 -11.44
C ASN F 56 -4.03 4.45 -11.19
N SER F 57 -2.87 4.68 -10.57
CA SER F 57 -1.96 3.57 -10.28
C SER F 57 -2.50 2.62 -9.22
N MET F 58 -3.46 3.07 -8.42
CA MET F 58 -4.07 2.26 -7.36
C MET F 58 -5.12 1.31 -7.92
N ASP F 59 -5.44 1.42 -9.22
CA ASP F 59 -6.45 0.66 -9.96
C ASP F 59 -7.83 0.90 -9.36
N PRO F 60 -8.42 2.08 -9.59
CA PRO F 60 -9.69 2.43 -8.96
C PRO F 60 -10.83 1.63 -9.56
N PRO F 61 -11.95 1.50 -8.82
CA PRO F 61 -13.17 1.00 -9.44
C PRO F 61 -13.63 1.93 -10.57
N THR F 62 -14.16 1.34 -11.63
CA THR F 62 -14.57 2.08 -12.81
C THR F 62 -16.04 1.79 -13.11
N GLY F 63 -16.71 2.77 -13.71
CA GLY F 63 -18.10 2.61 -14.09
C GLY F 63 -19.06 2.89 -12.97
N PHE F 64 -20.07 2.01 -12.81
CA PHE F 64 -21.04 2.18 -11.73
C PHE F 64 -20.38 2.04 -10.37
N GLN F 65 -19.43 1.10 -10.25
CA GLN F 65 -18.70 0.94 -8.99
C GLN F 65 -17.90 2.20 -8.67
N GLY F 66 -17.22 2.76 -9.67
CA GLY F 66 -16.52 4.02 -9.46
C GLY F 66 -17.46 5.15 -9.09
N LEU F 67 -18.64 5.17 -9.73
CA LEU F 67 -19.63 6.21 -9.45
C LEU F 67 -20.10 6.15 -8.00
N ILE F 68 -20.47 4.96 -7.51
CA ILE F 68 -20.98 4.85 -6.16
C ILE F 68 -19.85 5.07 -5.14
N SER F 69 -18.63 4.60 -5.43
CA SER F 69 -17.54 4.82 -4.51
C SER F 69 -17.13 6.29 -4.44
N TRP F 70 -17.32 7.03 -5.54
CA TRP F 70 -17.05 8.45 -5.51
C TRP F 70 -18.16 9.23 -4.81
N LEU F 71 -19.41 8.81 -5.00
CA LEU F 71 -20.55 9.58 -4.52
C LEU F 71 -21.07 9.14 -3.16
N PHE F 72 -20.48 8.12 -2.53
CA PHE F 72 -20.99 7.67 -1.24
C PHE F 72 -20.80 8.72 -0.15
N LEU F 73 -19.54 9.09 0.11
CA LEU F 73 -19.24 9.99 1.22
C LEU F 73 -19.88 11.38 1.09
N PRO F 74 -19.82 12.07 -0.06
CA PRO F 74 -20.57 13.34 -0.16
C PRO F 74 -22.06 13.19 0.05
N ALA F 75 -22.66 12.09 -0.41
CA ALA F 75 -24.09 11.87 -0.19
C ALA F 75 -24.40 11.70 1.29
N VAL F 76 -23.56 10.94 2.00
CA VAL F 76 -23.76 10.76 3.44
C VAL F 76 -23.61 12.08 4.18
N ALA F 77 -22.59 12.87 3.82
CA ALA F 77 -22.39 14.17 4.45
C ALA F 77 -23.56 15.11 4.18
N ALA F 78 -24.07 15.12 2.95
CA ALA F 78 -25.20 15.97 2.62
C ALA F 78 -26.47 15.52 3.35
N GLY F 79 -26.68 14.20 3.44
CA GLY F 79 -27.85 13.71 4.15
C GLY F 79 -27.80 14.01 5.64
N MET F 80 -26.60 13.96 6.23
CA MET F 80 -26.48 14.32 7.64
C MET F 80 -26.59 15.83 7.84
N TYR F 81 -26.18 16.63 6.86
CA TYR F 81 -26.33 18.08 6.98
C TYR F 81 -27.78 18.49 6.78
N PHE F 82 -28.48 17.85 5.84
CA PHE F 82 -29.84 18.24 5.50
C PHE F 82 -30.88 17.62 6.43
N ASN F 83 -30.45 16.87 7.45
CA ASN F 83 -31.32 16.30 8.48
C ASN F 83 -32.37 15.37 7.87
N VAL F 84 -31.97 14.63 6.84
CA VAL F 84 -32.79 13.57 6.26
C VAL F 84 -32.77 12.43 7.27
N PRO F 85 -33.79 11.56 7.32
CA PRO F 85 -33.75 10.45 8.28
C PRO F 85 -32.55 9.54 8.07
N GLY F 86 -31.98 9.10 9.19
CA GLY F 86 -30.78 8.27 9.15
C GLY F 86 -31.02 6.84 8.72
N ASP F 87 -32.26 6.37 8.80
CA ASP F 87 -32.58 5.03 8.32
C ASP F 87 -32.32 4.92 6.82
N TYR F 88 -32.61 5.99 6.07
CA TYR F 88 -32.29 6.03 4.65
C TYR F 88 -30.79 5.96 4.43
N LEU F 89 -30.01 6.63 5.28
CA LEU F 89 -28.56 6.53 5.20
C LEU F 89 -28.06 5.12 5.45
N PHE F 90 -28.63 4.43 6.45
CA PHE F 90 -28.23 3.06 6.71
C PHE F 90 -28.61 2.13 5.57
N ILE F 91 -29.80 2.34 4.99
CA ILE F 91 -30.22 1.54 3.84
C ILE F 91 -29.27 1.75 2.66
N GLY F 92 -28.93 3.02 2.40
CA GLY F 92 -28.01 3.31 1.30
C GLY F 92 -26.62 2.74 1.52
N ALA F 93 -26.12 2.84 2.76
CA ALA F 93 -24.81 2.29 3.06
C ALA F 93 -24.79 0.77 2.92
N GLY F 94 -25.82 0.09 3.41
CA GLY F 94 -25.90 -1.36 3.25
C GLY F 94 -26.01 -1.77 1.79
N LEU F 95 -26.82 -1.05 1.02
CA LEU F 95 -26.95 -1.34 -0.40
C LEU F 95 -25.63 -1.12 -1.13
N PHE F 96 -24.90 -0.06 -0.78
CA PHE F 96 -23.60 0.21 -1.38
C PHE F 96 -22.62 -0.90 -1.05
N VAL F 97 -22.60 -1.36 0.21
CA VAL F 97 -21.68 -2.42 0.62
C VAL F 97 -21.99 -3.71 -0.14
N ILE F 98 -23.28 -4.09 -0.20
CA ILE F 98 -23.65 -5.33 -0.86
C ILE F 98 -23.35 -5.26 -2.36
N ILE F 99 -23.68 -4.14 -3.00
CA ILE F 99 -23.44 -3.98 -4.43
C ILE F 99 -21.95 -4.02 -4.74
N PHE F 100 -21.15 -3.32 -3.93
CA PHE F 100 -19.71 -3.30 -4.13
C PHE F 100 -19.12 -4.69 -3.99
N CYS F 101 -19.54 -5.43 -2.96
CA CYS F 101 -18.97 -6.75 -2.74
C CYS F 101 -19.41 -7.73 -3.82
N ILE F 102 -20.66 -7.63 -4.30
CA ILE F 102 -21.12 -8.51 -5.37
C ILE F 102 -20.37 -8.22 -6.66
N ILE F 103 -20.17 -6.94 -6.99
CA ILE F 103 -19.40 -6.56 -8.18
C ILE F 103 -17.97 -7.08 -8.07
N GLU F 104 -17.37 -6.99 -6.88
CA GLU F 104 -16.02 -7.47 -6.69
C GLU F 104 -15.94 -9.00 -6.83
N MET F 105 -16.98 -9.71 -6.38
CA MET F 105 -17.05 -11.14 -6.62
C MET F 105 -17.15 -11.44 -8.10
N ASP F 106 -17.86 -10.60 -8.86
CA ASP F 106 -17.98 -10.81 -10.31
C ASP F 106 -16.66 -10.58 -11.05
N LYS F 107 -15.72 -9.88 -10.43
CA LYS F 107 -14.45 -9.58 -11.11
C LYS F 107 -13.61 -10.85 -11.28
N PRO F 108 -12.83 -10.93 -12.36
CA PRO F 108 -12.04 -12.14 -12.62
C PRO F 108 -10.92 -12.32 -11.61
N ASP F 109 -10.52 -13.57 -11.44
CA ASP F 109 -9.49 -13.94 -10.49
C ASP F 109 -8.10 -13.82 -11.11
N GLN F 110 -7.12 -13.50 -10.27
CA GLN F 110 -5.74 -13.32 -10.66
C GLN F 110 -4.88 -14.46 -10.10
N PRO F 111 -3.67 -14.66 -10.62
CA PRO F 111 -2.81 -15.73 -10.08
C PRO F 111 -2.49 -15.58 -8.60
N HIS F 112 -2.40 -14.36 -8.09
CA HIS F 112 -2.05 -14.17 -6.68
C HIS F 112 -3.17 -14.53 -5.72
N ASN F 113 -4.38 -14.80 -6.22
CA ASN F 113 -5.50 -15.15 -5.36
C ASN F 113 -5.46 -16.61 -4.89
N PHE F 114 -4.61 -17.43 -5.48
CA PHE F 114 -4.61 -18.87 -5.23
C PHE F 114 -3.43 -19.26 -4.33
N GLU F 115 -3.35 -20.54 -4.03
CA GLU F 115 -2.35 -21.07 -3.13
C GLU F 115 -0.96 -20.97 -3.76
N PRO F 116 0.10 -20.97 -2.93
CA PRO F 116 1.46 -20.94 -3.49
C PRO F 116 1.78 -22.13 -4.38
N GLN F 117 1.16 -23.28 -4.14
CA GLN F 117 1.32 -24.42 -5.05
C GLN F 117 0.73 -24.10 -6.42
N ILE F 118 -0.42 -23.43 -6.44
CA ILE F 118 -1.03 -23.04 -7.71
C ILE F 118 -0.24 -21.92 -8.37
N TYR F 119 0.33 -21.02 -7.57
CA TYR F 119 1.11 -19.92 -8.14
C TYR F 119 2.42 -20.42 -8.74
N ASN F 120 3.04 -21.43 -8.12
CA ASN F 120 4.38 -21.86 -8.49
C ASN F 120 4.39 -23.13 -9.34
N MET F 121 3.37 -23.34 -10.16
CA MET F 121 3.39 -24.43 -11.11
C MET F 121 4.07 -23.94 -12.40
N GLU F 122 3.93 -24.72 -13.47
CA GLU F 122 4.39 -24.25 -14.78
C GLU F 122 3.59 -23.04 -15.21
N ARG F 123 4.28 -22.06 -15.78
CA ARG F 123 3.64 -20.78 -16.10
C ARG F 123 2.56 -20.94 -17.17
N GLY F 124 2.82 -21.77 -18.18
CA GLY F 124 1.80 -22.04 -19.19
C GLY F 124 0.60 -22.76 -18.62
N ALA F 125 0.84 -23.76 -17.78
CA ALA F 125 -0.25 -24.47 -17.12
C ALA F 125 -1.02 -23.55 -16.19
N ARG F 126 -0.31 -22.66 -15.48
CA ARG F 126 -0.97 -21.68 -14.64
C ARG F 126 -1.83 -20.72 -15.45
N ASP F 127 -1.33 -20.29 -16.61
CA ASP F 127 -2.10 -19.40 -17.48
C ASP F 127 -3.36 -20.09 -17.99
N LYS F 128 -3.25 -21.37 -18.36
CA LYS F 128 -4.42 -22.11 -18.80
C LYS F 128 -5.41 -22.27 -17.65
N LEU F 129 -4.91 -22.51 -16.44
CA LEU F 129 -5.76 -22.61 -15.26
C LEU F 129 -6.52 -21.32 -15.02
N ILE F 130 -5.83 -20.18 -15.08
CA ILE F 130 -6.47 -18.89 -14.82
C ILE F 130 -7.47 -18.57 -15.93
N ALA F 131 -7.14 -18.92 -17.18
CA ALA F 131 -8.06 -18.68 -18.28
C ALA F 131 -9.32 -19.52 -18.14
N ASP F 132 -9.18 -20.77 -17.67
CA ASP F 132 -10.35 -21.62 -17.52
C ASP F 132 -11.20 -21.21 -16.33
N TYR F 133 -10.56 -20.81 -15.22
CA TYR F 133 -11.31 -20.49 -14.01
C TYR F 133 -12.22 -19.28 -14.21
N ASN F 134 -11.85 -18.36 -15.10
CA ASN F 134 -12.66 -17.19 -15.37
C ASN F 134 -13.63 -17.40 -16.54
N THR F 135 -13.65 -18.60 -17.13
CA THR F 135 -14.49 -18.87 -18.30
C THR F 135 -15.60 -19.86 -18.00
N MET F 136 -15.26 -21.06 -17.53
CA MET F 136 -16.30 -22.05 -17.28
C MET F 136 -16.86 -21.90 -15.88
N ASP F 137 -17.95 -22.62 -15.62
CA ASP F 137 -18.59 -22.58 -14.31
C ASP F 137 -17.69 -23.25 -13.28
N ILE F 138 -17.96 -22.92 -12.00
CA ILE F 138 -17.12 -23.42 -10.91
C ILE F 138 -17.28 -24.93 -10.76
N TRP F 139 -18.46 -25.47 -11.09
CA TRP F 139 -18.66 -26.92 -10.98
C TRP F 139 -17.86 -27.68 -12.03
N ASP F 140 -17.82 -27.17 -13.27
CA ASP F 140 -17.01 -27.80 -14.30
C ASP F 140 -15.53 -27.69 -13.97
N PHE F 141 -15.10 -26.55 -13.43
CA PHE F 141 -13.71 -26.40 -13.01
C PHE F 141 -13.36 -27.38 -11.89
N ASN F 142 -14.28 -27.57 -10.94
CA ASN F 142 -14.02 -28.47 -9.82
C ASN F 142 -14.03 -29.93 -10.28
N GLU F 143 -14.85 -30.26 -11.27
CA GLU F 143 -14.85 -31.63 -11.77
C GLU F 143 -13.73 -31.87 -12.78
N LYS F 144 -13.05 -30.81 -13.23
CA LYS F 144 -11.96 -30.99 -14.19
C LYS F 144 -10.58 -30.80 -13.56
N TYR F 145 -10.37 -29.69 -12.82
CA TYR F 145 -9.12 -29.48 -12.11
C TYR F 145 -9.27 -29.60 -10.60
N GLY F 146 -10.14 -30.48 -10.11
CA GLY F 146 -10.26 -30.67 -8.68
C GLY F 146 -9.02 -31.28 -8.05
N ASP F 147 -8.47 -32.32 -8.70
CA ASP F 147 -7.35 -33.06 -8.13
C ASP F 147 -6.08 -32.22 -8.03
N LEU F 148 -6.03 -31.07 -8.71
CA LEU F 148 -4.90 -30.16 -8.55
C LEU F 148 -4.86 -29.52 -7.17
N TRP F 149 -5.98 -29.52 -6.45
CA TRP F 149 -6.01 -28.94 -5.11
C TRP F 149 -5.77 -29.97 -4.01
N ASP F 150 -5.48 -31.22 -4.37
CA ASP F 150 -5.03 -32.21 -3.41
C ASP F 150 -3.51 -32.12 -3.34
N PHE F 151 -3.01 -31.30 -2.43
CA PHE F 151 -1.60 -30.96 -2.39
C PHE F 151 -0.72 -32.11 -1.92
N THR F 152 -1.29 -33.19 -1.40
CA THR F 152 -0.52 -34.38 -1.04
C THR F 152 -0.32 -35.33 -2.20
N LEU F 153 -0.98 -35.11 -3.34
CA LEU F 153 -0.88 -36.02 -4.47
C LEU F 153 0.52 -36.07 -5.04
N LYS F 154 1.17 -34.91 -5.16
CA LYS F 154 2.51 -34.85 -5.72
C LYS F 154 3.56 -34.93 -4.62
N GLU G 1 -23.32 -57.75 79.46
CA GLU G 1 -22.71 -58.58 78.42
C GLU G 1 -23.58 -59.81 78.14
N PHE G 2 -23.22 -60.56 77.11
CA PHE G 2 -23.98 -61.75 76.71
C PHE G 2 -23.29 -63.06 77.06
N LYS G 3 -21.97 -63.05 77.20
CA LYS G 3 -21.14 -64.12 77.78
C LYS G 3 -21.04 -65.37 76.92
N TRP G 4 -21.84 -65.47 75.85
CA TRP G 4 -21.81 -66.62 74.96
C TRP G 4 -22.69 -66.30 73.75
N GLY G 5 -22.55 -67.15 72.72
CA GLY G 5 -23.38 -67.04 71.55
C GLY G 5 -23.23 -65.75 70.78
N THR G 6 -22.11 -65.06 70.92
CA THR G 6 -21.90 -63.77 70.29
C THR G 6 -20.85 -63.80 69.18
N ARG G 7 -20.29 -64.97 68.89
CA ARG G 7 -19.38 -65.14 67.78
C ARG G 7 -19.70 -66.46 67.10
N SER G 8 -18.85 -66.88 66.17
CA SER G 8 -19.04 -68.17 65.50
C SER G 8 -18.91 -69.30 66.50
N PHE G 9 -19.63 -70.39 66.24
CA PHE G 9 -19.67 -71.50 67.19
C PHE G 9 -18.32 -72.19 67.33
N ILE G 10 -17.57 -72.31 66.23
CA ILE G 10 -16.27 -72.97 66.30
C ILE G 10 -15.27 -72.15 67.09
N TRP G 11 -15.35 -70.81 67.00
CA TRP G 11 -14.42 -69.97 67.78
C TRP G 11 -14.71 -70.07 69.27
N GLU G 12 -15.98 -70.04 69.66
CA GLU G 12 -16.31 -70.20 71.06
C GLU G 12 -16.07 -71.63 71.54
N ARG G 13 -16.12 -72.59 70.62
CA ARG G 13 -15.87 -73.99 70.96
C ARG G 13 -14.40 -74.22 71.23
N PHE G 14 -13.52 -73.69 70.38
CA PHE G 14 -12.12 -74.08 70.36
C PHE G 14 -11.16 -73.00 70.84
N PHE G 15 -11.55 -71.72 70.73
CA PHE G 15 -10.64 -70.62 71.03
C PHE G 15 -11.18 -69.71 72.14
N GLU G 16 -11.97 -70.27 73.05
CA GLU G 16 -12.44 -69.53 74.20
C GLU G 16 -12.20 -70.34 75.47
N PRO G 17 -11.88 -69.67 76.59
CA PRO G 17 -11.55 -70.41 77.81
C PRO G 17 -12.70 -71.25 78.37
N GLY G 18 -13.93 -70.80 78.22
CA GLY G 18 -15.09 -71.47 78.79
C GLY G 18 -15.89 -70.55 79.67
N LEU G 19 -16.93 -71.12 80.27
CA LEU G 19 -17.87 -70.37 81.07
C LEU G 19 -17.73 -70.71 82.55
N SER G 20 -17.89 -69.69 83.39
CA SER G 20 -17.99 -69.90 84.82
C SER G 20 -19.34 -70.53 85.15
N PRO G 21 -19.44 -71.21 86.29
CA PRO G 21 -20.73 -71.82 86.66
C PRO G 21 -21.89 -70.84 86.74
N GLU G 22 -21.63 -69.61 87.20
CA GLU G 22 -22.69 -68.60 87.29
C GLU G 22 -23.24 -68.20 85.93
N ASP G 23 -22.46 -68.35 84.86
CA ASP G 23 -22.96 -68.18 83.51
C ASP G 23 -23.48 -69.48 82.93
N ALA G 24 -22.95 -70.62 83.39
CA ALA G 24 -23.42 -71.91 82.92
C ALA G 24 -24.87 -72.15 83.32
N VAL G 25 -25.25 -71.74 84.54
CA VAL G 25 -26.64 -71.91 84.97
C VAL G 25 -27.58 -71.05 84.13
N SER G 26 -27.14 -69.84 83.78
CA SER G 26 -27.93 -68.99 82.90
C SER G 26 -28.07 -69.60 81.51
N ARG G 27 -27.00 -70.25 81.03
CA ARG G 27 -27.10 -70.92 79.73
C ARG G 27 -28.03 -72.13 79.81
N ILE G 28 -28.06 -72.81 80.96
CA ILE G 28 -29.05 -73.87 81.18
C ILE G 28 -30.47 -73.32 81.06
N LYS G 29 -30.71 -72.16 81.70
CA LYS G 29 -32.03 -71.55 81.66
C LYS G 29 -32.42 -71.14 80.24
N ASN G 30 -31.47 -70.56 79.50
CA ASN G 30 -31.74 -70.15 78.13
C ASN G 30 -31.98 -71.35 77.23
N THR G 31 -31.24 -72.45 77.44
CA THR G 31 -31.48 -73.68 76.68
C THR G 31 -32.86 -74.23 76.96
N ALA G 32 -33.29 -74.21 78.23
CA ALA G 32 -34.63 -74.67 78.56
C ALA G 32 -35.70 -73.81 77.89
N GLU G 33 -35.51 -72.49 77.88
CA GLU G 33 -36.47 -71.61 77.22
C GLU G 33 -36.52 -71.86 75.72
N GLY G 34 -35.37 -72.08 75.09
CA GLY G 34 -35.35 -72.39 73.67
C GLY G 34 -36.02 -73.72 73.35
N LEU G 35 -35.82 -74.72 74.22
CA LEU G 35 -36.50 -76.00 74.05
C LEU G 35 -38.01 -75.84 74.18
N HIS G 36 -38.45 -74.99 75.12
CA HIS G 36 -39.88 -74.72 75.25
C HIS G 36 -40.42 -74.03 74.01
N SER G 37 -39.65 -73.11 73.43
CA SER G 37 -40.09 -72.42 72.22
C SER G 37 -40.02 -73.26 70.96
N LEU G 38 -39.28 -74.38 70.99
CA LEU G 38 -39.12 -75.23 69.81
C LEU G 38 -40.39 -76.00 69.45
N ARG G 39 -41.44 -75.93 70.26
CA ARG G 39 -42.64 -76.75 70.03
C ARG G 39 -43.31 -76.42 68.71
N HIS G 40 -43.41 -75.14 68.36
CA HIS G 40 -44.07 -74.76 67.11
C HIS G 40 -43.31 -75.27 65.90
N MET G 41 -41.97 -75.20 65.94
CA MET G 41 -41.19 -75.75 64.85
C MET G 41 -41.26 -77.26 64.80
N LEU G 42 -41.45 -77.91 65.95
CA LEU G 42 -41.66 -79.35 65.95
C LEU G 42 -43.00 -79.71 65.32
N GLU G 43 -44.03 -78.89 65.55
CA GLU G 43 -45.36 -79.20 65.03
C GLU G 43 -45.45 -78.97 63.53
N THR G 44 -44.61 -78.11 62.98
CA THR G 44 -44.63 -77.80 61.55
C THR G 44 -43.74 -78.75 60.74
N MET G 45 -43.16 -79.76 61.39
CA MET G 45 -42.36 -80.80 60.72
C MET G 45 -41.17 -80.21 59.97
N SER G 46 -40.51 -79.23 60.59
CA SER G 46 -39.28 -78.65 60.05
C SER G 46 -38.11 -79.35 60.75
N TRP G 47 -37.68 -80.47 60.17
CA TRP G 47 -36.71 -81.32 60.85
C TRP G 47 -35.30 -80.74 60.83
N ARG G 48 -34.97 -79.95 59.81
CA ARG G 48 -33.61 -79.41 59.70
C ARG G 48 -33.36 -78.35 60.77
N TYR G 49 -34.33 -77.43 60.96
CA TYR G 49 -34.20 -76.42 62.01
C TYR G 49 -34.13 -77.08 63.38
N VAL G 50 -34.97 -78.09 63.60
CA VAL G 50 -35.00 -78.79 64.89
C VAL G 50 -33.69 -79.51 65.14
N ILE G 51 -33.13 -80.16 64.11
CA ILE G 51 -31.89 -80.90 64.31
C ILE G 51 -30.74 -79.94 64.56
N PHE G 52 -30.73 -78.77 63.90
CA PHE G 52 -29.70 -77.78 64.18
C PHE G 52 -29.79 -77.28 65.61
N TYR G 53 -31.02 -76.98 66.06
CA TYR G 53 -31.24 -76.53 67.44
C TYR G 53 -30.79 -77.58 68.44
N ILE G 54 -31.12 -78.84 68.18
CA ILE G 54 -30.79 -79.93 69.11
C ILE G 54 -29.29 -80.12 69.19
N ARG G 55 -28.59 -80.10 68.05
CA ARG G 55 -27.13 -80.27 68.08
C ARG G 55 -26.45 -79.11 68.80
N LEU G 56 -26.89 -77.87 68.54
CA LEU G 56 -26.28 -76.72 69.21
C LEU G 56 -26.53 -76.76 70.71
N LYS G 57 -27.76 -77.08 71.12
CA LYS G 57 -28.05 -77.12 72.55
C LYS G 57 -27.36 -78.30 73.23
N GLN G 58 -27.18 -79.42 72.53
CA GLN G 58 -26.38 -80.51 73.07
C GLN G 58 -24.94 -80.05 73.32
N ALA G 59 -24.34 -79.37 72.33
CA ALA G 59 -22.97 -78.92 72.47
C ALA G 59 -22.84 -77.90 73.60
N TYR G 60 -23.88 -77.11 73.85
CA TYR G 60 -23.87 -76.22 75.01
C TYR G 60 -23.98 -77.01 76.31
N LEU G 61 -24.88 -77.99 76.36
CA LEU G 61 -25.17 -78.68 77.61
C LEU G 61 -24.01 -79.55 78.09
N LYS G 62 -23.25 -80.16 77.16
CA LYS G 62 -22.13 -81.00 77.59
C LYS G 62 -21.11 -80.22 78.39
N GLN G 63 -20.94 -78.93 78.12
CA GLN G 63 -20.07 -78.10 78.93
C GLN G 63 -20.78 -77.55 80.15
N ASP G 64 -22.01 -77.08 79.98
CA ASP G 64 -22.67 -76.34 81.04
C ASP G 64 -23.06 -77.23 82.21
N MET G 65 -23.58 -78.43 81.93
CA MET G 65 -23.94 -79.34 83.02
C MET G 65 -22.71 -79.79 83.78
N LYS G 66 -21.59 -80.01 83.08
CA LYS G 66 -20.36 -80.40 83.75
C LYS G 66 -19.80 -79.28 84.60
N SER G 67 -19.88 -78.04 84.12
CA SER G 67 -19.29 -76.91 84.85
C SER G 67 -20.23 -76.30 85.89
N ALA G 68 -21.51 -76.68 85.89
CA ALA G 68 -22.45 -76.20 86.89
C ALA G 68 -22.57 -77.13 88.08
N MET G 69 -21.74 -78.18 88.14
CA MET G 69 -21.75 -79.09 89.28
C MET G 69 -21.32 -78.40 90.57
N ILE G 70 -20.53 -77.33 90.47
CA ILE G 70 -20.04 -76.64 91.66
C ILE G 70 -21.19 -75.99 92.42
N MET G 71 -22.12 -75.36 91.71
CA MET G 71 -23.22 -74.67 92.37
C MET G 71 -24.17 -75.64 93.08
N VAL G 72 -24.23 -76.88 92.63
CA VAL G 72 -25.06 -77.88 93.33
C VAL G 72 -24.38 -78.25 94.64
N PRO G 73 -25.09 -78.24 95.76
CA PRO G 73 -24.48 -78.64 97.04
C PRO G 73 -24.15 -80.12 97.05
N GLU G 74 -23.28 -80.49 98.00
CA GLU G 74 -22.76 -81.86 98.06
C GLU G 74 -23.86 -82.86 98.35
N GLY G 75 -24.89 -82.47 99.09
CA GLY G 75 -25.98 -83.38 99.42
C GLY G 75 -26.83 -83.81 98.23
N ARG G 76 -26.73 -83.12 97.11
CA ARG G 76 -27.51 -83.43 95.93
C ARG G 76 -26.67 -83.74 94.70
N ARG G 77 -25.35 -83.56 94.77
CA ARG G 77 -24.49 -83.58 93.59
C ARG G 77 -24.52 -84.91 92.85
N ASP G 78 -24.72 -86.02 93.55
CA ASP G 78 -24.90 -87.28 92.84
C ASP G 78 -26.24 -87.32 92.10
N ASP G 79 -27.33 -86.97 92.80
CA ASP G 79 -28.67 -87.08 92.20
C ASP G 79 -28.80 -86.15 91.02
N TYR G 80 -28.34 -84.91 91.16
CA TYR G 80 -28.27 -83.97 90.04
C TYR G 80 -27.54 -84.59 88.86
N SER G 81 -26.41 -85.24 89.13
CA SER G 81 -25.65 -85.91 88.07
C SER G 81 -26.52 -86.93 87.36
N ASN G 82 -27.26 -87.73 88.14
CA ASN G 82 -28.19 -88.69 87.55
C ASN G 82 -29.18 -87.99 86.63
N ALA G 83 -29.77 -86.89 87.12
CA ALA G 83 -30.70 -86.12 86.31
C ALA G 83 -30.03 -85.63 85.04
N ALA G 84 -28.78 -85.14 85.17
CA ALA G 84 -28.04 -84.69 84.01
C ALA G 84 -27.90 -85.82 83.00
N ASN G 85 -27.51 -87.01 83.47
CA ASN G 85 -27.39 -88.16 82.58
C ASN G 85 -28.73 -88.45 81.92
N GLU G 86 -29.80 -88.40 82.71
CA GLU G 86 -31.13 -88.64 82.17
C GLU G 86 -31.43 -87.67 81.04
N LEU G 87 -31.13 -86.39 81.26
CA LEU G 87 -31.37 -85.39 80.23
C LEU G 87 -30.62 -85.73 78.97
N VAL G 88 -29.35 -86.11 79.11
CA VAL G 88 -28.54 -86.46 77.95
C VAL G 88 -29.19 -87.60 77.20
N ASP G 89 -29.61 -88.64 77.93
CA ASP G 89 -30.25 -89.79 77.30
C ASP G 89 -31.48 -89.34 76.53
N ASN G 90 -32.30 -88.49 77.16
CA ASN G 90 -33.51 -88.02 76.52
C ASN G 90 -33.19 -87.27 75.24
N MET G 91 -32.19 -86.39 75.31
CA MET G 91 -31.84 -85.63 74.11
C MET G 91 -31.30 -86.55 73.03
N ALA G 92 -30.56 -87.60 73.44
CA ALA G 92 -30.09 -88.57 72.48
C ALA G 92 -31.26 -89.20 71.75
N GLU G 93 -32.30 -89.59 72.49
CA GLU G 93 -33.49 -90.14 71.87
C GLU G 93 -34.12 -89.13 70.95
N PHE G 94 -34.17 -87.86 71.39
CA PHE G 94 -34.70 -86.80 70.53
C PHE G 94 -33.87 -86.69 69.25
N ASP G 95 -32.54 -86.77 69.39
CA ASP G 95 -31.68 -86.81 68.22
C ASP G 95 -32.09 -87.94 67.29
N TYR G 96 -32.24 -89.15 67.85
CA TYR G 96 -32.55 -90.33 67.06
C TYR G 96 -33.91 -90.23 66.41
N TYR G 97 -34.76 -89.29 66.84
CA TYR G 97 -36.09 -89.18 66.26
C TYR G 97 -36.28 -87.88 65.48
N VAL G 98 -35.23 -87.12 65.26
CA VAL G 98 -35.29 -85.98 64.34
C VAL G 98 -34.53 -86.28 63.05
N ARG G 99 -33.28 -86.73 63.17
CA ARG G 99 -32.70 -87.52 62.10
C ARG G 99 -33.41 -88.87 62.08
N THR G 100 -33.60 -89.42 60.87
CA THR G 100 -34.56 -90.50 60.61
C THR G 100 -35.89 -90.08 61.21
N PRO G 101 -36.54 -89.04 60.68
CA PRO G 101 -37.59 -88.35 61.43
C PRO G 101 -38.83 -89.21 61.62
N LYS G 102 -39.42 -89.09 62.82
CA LYS G 102 -40.72 -89.64 63.15
C LYS G 102 -41.50 -88.54 63.85
N VAL G 103 -42.82 -88.55 63.75
CA VAL G 103 -43.61 -87.51 64.40
C VAL G 103 -43.89 -87.87 65.85
N TYR G 104 -44.50 -89.02 66.07
CA TYR G 104 -44.93 -89.43 67.41
C TYR G 104 -43.73 -89.61 68.35
N GLU G 105 -42.69 -90.28 67.87
CA GLU G 105 -41.54 -90.56 68.73
C GLU G 105 -40.75 -89.29 69.04
N SER G 106 -40.63 -88.39 68.06
CA SER G 106 -39.95 -87.12 68.33
C SER G 106 -40.73 -86.27 69.32
N TYR G 107 -42.07 -86.28 69.22
CA TYR G 107 -42.87 -85.56 70.19
C TYR G 107 -42.74 -86.16 71.59
N VAL G 108 -42.71 -87.50 71.68
CA VAL G 108 -42.53 -88.16 72.97
C VAL G 108 -41.19 -87.78 73.59
N SER G 109 -40.13 -87.86 72.79
CA SER G 109 -38.80 -87.50 73.28
C SER G 109 -38.71 -86.01 73.59
N TYR G 110 -39.47 -85.17 72.89
CA TYR G 110 -39.50 -83.75 73.18
C TYR G 110 -40.10 -83.48 74.56
N GLU G 111 -41.23 -84.12 74.85
CA GLU G 111 -41.83 -83.97 76.18
C GLU G 111 -40.92 -84.52 77.26
N LYS G 112 -40.27 -85.66 76.99
CA LYS G 112 -39.33 -86.23 77.97
C LYS G 112 -38.15 -85.29 78.21
N THR G 113 -37.64 -84.68 77.15
CA THR G 113 -36.53 -83.72 77.29
C THR G 113 -36.96 -82.50 78.08
N LEU G 114 -38.19 -82.01 77.84
CA LEU G 114 -38.69 -80.87 78.59
C LEU G 114 -38.79 -81.20 80.08
N LYS G 115 -39.33 -82.39 80.41
CA LYS G 115 -39.43 -82.78 81.83
C LYS G 115 -38.05 -82.94 82.46
N SER G 116 -37.12 -83.55 81.73
CA SER G 116 -35.77 -83.75 82.28
C SER G 116 -35.07 -82.43 82.50
N ILE G 117 -35.20 -81.49 81.57
CA ILE G 117 -34.55 -80.19 81.78
C ILE G 117 -35.24 -79.40 82.88
N ASP G 118 -36.56 -79.55 83.05
CA ASP G 118 -37.21 -78.88 84.18
C ASP G 118 -36.72 -79.45 85.51
N ASN G 119 -36.51 -80.75 85.57
CA ASN G 119 -35.90 -81.34 86.76
C ASN G 119 -34.48 -80.82 86.98
N LEU G 120 -33.73 -80.63 85.90
CA LEU G 120 -32.37 -80.12 86.02
C LEU G 120 -32.35 -78.69 86.54
N LEU G 121 -33.26 -77.84 86.05
CA LEU G 121 -33.41 -76.49 86.62
C LEU G 121 -33.85 -76.54 88.08
N GLY G 122 -34.74 -77.46 88.43
CA GLY G 122 -35.12 -77.61 89.82
C GLY G 122 -33.95 -77.97 90.71
N PHE G 123 -33.04 -78.80 90.20
CA PHE G 123 -31.84 -79.14 90.96
C PHE G 123 -30.87 -77.96 91.04
N LEU G 124 -30.71 -77.23 89.93
CA LEU G 124 -29.75 -76.13 89.91
C LEU G 124 -30.22 -74.95 90.74
N ALA G 125 -31.52 -74.66 90.70
CA ALA G 125 -32.15 -73.55 91.43
C ALA G 125 -31.49 -72.20 91.17
N GLN H 1 -1.80 4.27 59.29
CA GLN H 1 -2.87 3.82 58.42
C GLN H 1 -2.57 4.17 56.95
N LEU H 2 -2.90 3.24 56.06
CA LEU H 2 -2.65 3.42 54.64
C LEU H 2 -3.91 3.63 53.81
N TRP H 3 -4.97 2.87 54.06
CA TRP H 3 -6.20 2.99 53.29
C TRP H 3 -7.40 2.75 54.20
N LEU H 4 -8.54 3.27 53.76
CA LEU H 4 -9.79 3.04 54.48
C LEU H 4 -10.24 1.60 54.32
N ASP H 5 -10.89 1.08 55.36
CA ASP H 5 -11.32 -0.31 55.40
C ASP H 5 -12.78 -0.50 54.97
N GLY H 6 -13.69 0.31 55.53
CA GLY H 6 -15.09 0.17 55.24
C GLY H 6 -15.50 0.90 53.97
N PRO H 7 -16.80 1.07 53.77
CA PRO H 7 -17.27 1.85 52.62
C PRO H 7 -16.86 3.31 52.75
N LEU H 8 -16.70 3.96 51.60
CA LEU H 8 -16.26 5.34 51.57
C LEU H 8 -17.34 6.25 52.18
N PRO H 9 -16.94 7.31 52.88
CA PRO H 9 -17.92 8.21 53.49
C PRO H 9 -18.76 8.91 52.43
N GLY H 10 -20.03 9.10 52.76
CA GLY H 10 -20.99 9.72 51.87
C GLY H 10 -21.04 11.22 52.04
N LEU H 11 -22.22 11.79 51.81
CA LEU H 11 -22.43 13.22 51.92
C LEU H 11 -22.47 13.61 53.40
N ARG H 12 -21.46 14.36 53.83
CA ARG H 12 -21.43 14.83 55.21
C ARG H 12 -22.49 15.91 55.40
N PRO H 13 -23.35 15.80 56.41
CA PRO H 13 -24.39 16.80 56.60
C PRO H 13 -23.82 18.14 57.04
N ALA H 14 -24.37 19.21 56.49
CA ALA H 14 -23.93 20.55 56.85
C ALA H 14 -24.42 20.93 58.24
N GLU H 15 -23.57 21.65 58.97
CA GLU H 15 -23.88 22.08 60.33
C GLU H 15 -24.32 23.54 60.39
N ASN H 16 -24.74 24.11 59.26
CA ASN H 16 -25.21 25.50 59.21
C ASN H 16 -26.66 25.61 58.76
N LYS H 17 -27.39 24.49 58.72
CA LYS H 17 -28.81 24.46 58.34
C LYS H 17 -29.06 25.07 56.96
N ILE H 18 -28.14 24.81 56.02
CA ILE H 18 -28.32 25.25 54.65
C ILE H 18 -28.96 24.19 53.78
N GLY H 19 -29.31 23.04 54.34
CA GLY H 19 -29.97 21.99 53.59
C GLY H 19 -31.47 22.20 53.52
N ASN H 20 -32.13 21.26 52.86
CA ASN H 20 -33.59 21.28 52.77
C ASN H 20 -34.20 21.00 54.14
N GLU H 21 -35.33 21.66 54.41
CA GLU H 21 -35.95 21.55 55.72
C GLU H 21 -36.49 20.15 55.97
N GLU H 22 -37.12 19.53 54.96
CA GLU H 22 -37.72 18.22 55.15
C GLU H 22 -36.67 17.11 55.19
N THR H 23 -35.65 17.19 54.34
CA THR H 23 -34.70 16.11 54.17
C THR H 23 -33.38 16.31 54.91
N GLY H 24 -32.95 17.56 55.10
CA GLY H 24 -31.67 17.83 55.70
C GLY H 24 -30.51 17.87 54.71
N THR H 25 -30.77 17.61 53.43
CA THR H 25 -29.74 17.64 52.41
C THR H 25 -30.35 18.10 51.10
N ARG H 26 -29.47 18.49 50.17
CA ARG H 26 -29.90 19.00 48.88
C ARG H 26 -29.83 17.90 47.82
N THR H 27 -30.68 18.03 46.80
CA THR H 27 -30.78 16.99 45.79
C THR H 27 -29.60 16.99 44.83
N PHE H 28 -29.02 18.16 44.56
CA PHE H 28 -27.95 18.27 43.57
C PHE H 28 -26.60 17.77 44.09
N LEU H 29 -26.50 17.43 45.37
CA LEU H 29 -25.23 17.00 45.93
C LEU H 29 -24.82 15.65 45.35
N LYS H 30 -23.53 15.52 45.05
CA LYS H 30 -22.96 14.29 44.51
C LYS H 30 -21.88 13.77 45.45
N LYS H 31 -21.92 12.49 45.74
CA LYS H 31 -20.94 11.85 46.62
C LYS H 31 -19.76 11.36 45.80
N GLY H 32 -18.56 11.46 46.38
CA GLY H 32 -17.34 11.05 45.72
C GLY H 32 -16.55 12.15 45.06
N ILE H 33 -16.94 13.41 45.25
CA ILE H 33 -16.24 14.54 44.66
C ILE H 33 -15.14 14.98 45.62
N TYR H 34 -13.93 15.17 45.09
CA TYR H 34 -12.80 15.58 45.90
C TYR H 34 -12.80 17.08 46.09
N MET H 35 -13.01 17.54 47.32
CA MET H 35 -12.93 18.95 47.67
C MET H 35 -11.62 19.20 48.40
N ALA H 36 -10.80 20.09 47.85
CA ALA H 36 -9.53 20.42 48.48
C ALA H 36 -9.75 21.29 49.71
N ASN H 37 -9.00 21.01 50.77
CA ASN H 37 -9.09 21.76 52.01
C ASN H 37 -8.13 22.93 51.94
N ILE H 38 -8.67 24.14 51.83
CA ILE H 38 -7.88 25.36 51.79
C ILE H 38 -8.11 26.22 53.02
N GLY H 39 -9.34 26.34 53.48
CA GLY H 39 -9.71 27.24 54.54
C GLY H 39 -10.80 28.19 54.11
N THR H 40 -11.12 29.13 55.01
CA THR H 40 -12.21 30.07 54.76
C THR H 40 -11.91 30.97 53.58
N LYS H 41 -10.67 31.47 53.49
CA LYS H 41 -10.29 32.35 52.38
C LYS H 41 -10.31 31.59 51.05
N GLY H 42 -9.74 30.38 51.05
CA GLY H 42 -9.77 29.57 49.84
C GLY H 42 -11.17 29.13 49.47
N SER H 43 -12.00 28.82 50.47
CA SER H 43 -13.39 28.48 50.19
C SER H 43 -14.15 29.66 49.61
N ALA H 44 -13.88 30.87 50.10
CA ALA H 44 -14.53 32.06 49.54
C ALA H 44 -14.09 32.29 48.10
N LEU H 45 -12.79 32.14 47.82
CA LEU H 45 -12.29 32.33 46.47
C LEU H 45 -12.87 31.28 45.52
N ARG H 46 -12.93 30.03 45.96
CA ARG H 46 -13.54 28.98 45.15
C ARG H 46 -15.03 29.19 44.98
N LEU H 47 -15.70 29.72 46.00
CA LEU H 47 -17.12 30.02 45.91
C LEU H 47 -17.39 31.06 44.84
N ARG H 48 -16.62 32.16 44.85
CA ARG H 48 -16.79 33.19 43.83
C ARG H 48 -16.45 32.67 42.44
N LYS H 49 -15.35 31.92 42.33
CA LYS H 49 -14.92 31.40 41.04
C LYS H 49 -15.95 30.42 40.47
N TYR H 50 -16.52 29.58 41.32
CA TYR H 50 -17.46 28.58 40.83
C TYR H 50 -18.85 29.17 40.60
N ALA H 51 -19.20 30.25 41.31
CA ALA H 51 -20.37 31.02 40.94
C ALA H 51 -20.22 31.63 39.55
N PHE H 52 -19.02 32.15 39.25
CA PHE H 52 -18.75 32.62 37.89
C PHE H 52 -18.80 31.48 36.88
N ASP H 53 -18.30 30.30 37.27
CA ASP H 53 -18.35 29.14 36.39
C ASP H 53 -19.78 28.72 36.07
N LEU H 54 -20.66 28.78 37.07
CA LEU H 54 -22.07 28.45 36.83
C LEU H 54 -22.78 29.56 36.07
N LEU H 55 -22.34 30.81 36.22
CA LEU H 55 -22.85 31.87 35.37
C LEU H 55 -22.25 31.84 33.97
N ALA H 56 -21.25 31.00 33.76
CA ALA H 56 -20.77 30.71 32.42
C ALA H 56 -21.57 29.62 31.70
N MET H 57 -22.72 29.22 32.25
CA MET H 57 -23.47 28.08 31.74
C MET H 57 -24.68 28.48 30.90
N GLU H 58 -24.72 29.72 30.38
CA GLU H 58 -25.78 30.09 29.44
C GLU H 58 -25.72 29.27 28.16
N ASP H 59 -24.50 29.03 27.66
CA ASP H 59 -24.34 28.36 26.38
C ASP H 59 -24.76 26.90 26.45
N LEU H 60 -24.54 26.26 27.60
CA LEU H 60 -24.86 24.85 27.74
C LEU H 60 -26.36 24.58 27.77
N ILE H 61 -27.17 25.58 28.07
CA ILE H 61 -28.62 25.39 28.16
C ILE H 61 -29.18 25.27 26.75
N GLY H 62 -29.75 24.11 26.45
CA GLY H 62 -30.36 23.86 25.15
C GLY H 62 -31.14 22.58 25.21
N GLN H 63 -31.90 22.33 24.14
CA GLN H 63 -32.74 21.14 24.09
C GLN H 63 -31.91 19.86 24.06
N ASP H 64 -30.69 19.94 23.52
CA ASP H 64 -29.87 18.75 23.33
C ASP H 64 -28.85 18.53 24.43
N THR H 65 -28.53 19.54 25.22
CA THR H 65 -27.46 19.47 26.21
C THR H 65 -27.94 19.76 27.62
N LEU H 66 -29.11 19.25 27.99
CA LEU H 66 -29.61 19.43 29.35
C LEU H 66 -28.92 18.49 30.33
N ASN H 67 -28.49 17.32 29.88
CA ASN H 67 -27.79 16.39 30.76
C ASN H 67 -26.46 16.98 31.23
N TYR H 68 -25.73 17.67 30.35
CA TYR H 68 -24.50 18.30 30.76
C TYR H 68 -24.76 19.48 31.69
N VAL H 69 -25.88 20.17 31.49
CA VAL H 69 -26.30 21.21 32.44
C VAL H 69 -26.49 20.61 33.83
N ARG H 70 -27.18 19.47 33.88
CA ARG H 70 -27.41 18.79 35.17
C ARG H 70 -26.11 18.33 35.80
N ARG H 71 -25.20 17.78 34.99
CA ARG H 71 -23.93 17.29 35.52
C ARG H 71 -23.08 18.43 36.09
N TYR H 72 -22.94 19.51 35.32
CA TYR H 72 -22.19 20.67 35.79
C TYR H 72 -22.86 21.29 37.02
N LEU H 73 -24.19 21.32 37.03
CA LEU H 73 -24.92 21.85 38.18
C LEU H 73 -24.67 21.03 39.42
N ARG H 74 -24.68 19.70 39.31
CA ARG H 74 -24.43 18.86 40.47
C ARG H 74 -23.00 19.01 40.98
N PHE H 75 -22.03 19.00 40.07
CA PHE H 75 -20.62 19.16 40.42
C PHE H 75 -20.38 20.48 41.15
N LYS H 76 -20.67 21.59 40.47
CA LYS H 76 -20.46 22.89 41.07
C LYS H 76 -21.37 23.13 42.28
N GLY H 77 -22.56 22.54 42.31
CA GLY H 77 -23.45 22.73 43.43
C GLY H 77 -22.92 22.07 44.69
N THR H 78 -22.37 20.86 44.56
CA THR H 78 -21.71 20.23 45.70
C THR H 78 -20.53 21.08 46.18
N PHE H 79 -19.73 21.57 45.23
CA PHE H 79 -18.57 22.38 45.59
C PHE H 79 -18.97 23.65 46.35
N MET H 80 -19.88 24.44 45.78
CA MET H 80 -20.32 25.67 46.45
C MET H 80 -21.14 25.39 47.69
N TYR H 81 -21.83 24.26 47.78
CA TYR H 81 -22.56 23.91 48.99
C TYR H 81 -21.60 23.75 50.16
N TYR H 82 -20.55 22.95 49.97
CA TYR H 82 -19.63 22.74 51.07
C TYR H 82 -18.73 23.96 51.32
N ASP H 83 -18.42 24.74 50.28
CA ASP H 83 -17.69 25.99 50.51
C ASP H 83 -18.54 27.00 51.29
N PHE H 84 -19.83 27.08 50.97
CA PHE H 84 -20.74 27.96 51.71
C PHE H 84 -20.86 27.51 53.15
N ASP H 85 -20.93 26.19 53.38
CA ASP H 85 -20.93 25.68 54.75
C ASP H 85 -19.66 26.08 55.50
N LYS H 86 -18.51 25.95 54.84
CA LYS H 86 -17.25 26.31 55.48
C LYS H 86 -17.18 27.79 55.82
N VAL H 87 -17.62 28.66 54.90
CA VAL H 87 -17.48 30.08 55.15
C VAL H 87 -18.54 30.58 56.15
N ILE H 88 -19.72 29.96 56.19
CA ILE H 88 -20.69 30.33 57.21
C ILE H 88 -20.22 29.87 58.59
N SER H 89 -19.63 28.67 58.66
CA SER H 89 -19.14 28.15 59.94
C SER H 89 -18.01 28.98 60.52
N ALA H 90 -17.27 29.73 59.69
CA ALA H 90 -16.19 30.58 60.15
C ALA H 90 -16.52 32.07 60.07
N ALA H 91 -17.75 32.41 59.71
CA ALA H 91 -18.18 33.80 59.66
C ALA H 91 -18.44 34.33 61.07
N PRO H 92 -18.38 35.65 61.25
CA PRO H 92 -18.81 36.23 62.52
C PRO H 92 -20.28 35.98 62.77
N VAL H 93 -20.64 35.92 64.07
CA VAL H 93 -21.98 35.51 64.48
C VAL H 93 -23.04 36.49 63.97
N ALA H 94 -22.66 37.76 63.78
CA ALA H 94 -23.61 38.73 63.25
C ALA H 94 -23.89 38.50 61.77
N ASP H 95 -22.92 37.96 61.03
CA ASP H 95 -23.05 37.77 59.59
C ASP H 95 -23.56 36.40 59.20
N LYS H 96 -23.80 35.50 60.16
CA LYS H 96 -24.26 34.16 59.81
C LYS H 96 -25.70 34.12 59.28
N PRO H 97 -26.70 34.81 59.87
CA PRO H 97 -28.08 34.73 59.31
C PRO H 97 -28.19 35.20 57.86
N PRO H 98 -27.59 36.35 57.46
CA PRO H 98 -27.75 36.73 56.05
C PRO H 98 -27.06 35.77 55.09
N LEU H 99 -25.89 35.26 55.47
CA LEU H 99 -25.19 34.30 54.63
C LEU H 99 -25.99 33.00 54.50
N THR H 100 -26.59 32.55 55.61
CA THR H 100 -27.42 31.35 55.56
C THR H 100 -28.66 31.56 54.70
N ASN H 101 -29.27 32.75 54.78
CA ASN H 101 -30.43 33.04 53.94
C ASN H 101 -30.05 33.06 52.47
N LEU H 102 -28.91 33.68 52.14
CA LEU H 102 -28.45 33.72 50.76
C LEU H 102 -28.15 32.31 50.24
N ALA H 103 -27.49 31.49 51.06
CA ALA H 103 -27.21 30.12 50.66
C ALA H 103 -28.50 29.32 50.46
N ASN H 104 -29.48 29.51 51.34
CA ASN H 104 -30.76 28.81 51.20
C ASN H 104 -31.46 29.20 49.90
N ARG H 105 -31.49 30.49 49.59
CA ARG H 105 -32.11 30.93 48.34
C ARG H 105 -31.37 30.39 47.12
N LEU H 106 -30.03 30.40 47.18
CA LEU H 106 -29.24 29.88 46.05
C LEU H 106 -29.48 28.39 45.84
N PHE H 107 -29.57 27.63 46.93
CA PHE H 107 -29.77 26.18 46.78
C PHE H 107 -31.21 25.85 46.38
N ASP H 108 -32.18 26.67 46.78
CA ASP H 108 -33.53 26.51 46.27
C ASP H 108 -33.57 26.78 44.77
N ASN H 109 -32.82 27.80 44.32
CA ASN H 109 -32.71 28.05 42.88
C ASN H 109 -32.04 26.87 42.17
N PHE H 110 -31.04 26.26 42.81
CA PHE H 110 -30.39 25.08 42.25
C PHE H 110 -31.39 23.93 42.08
N GLU H 111 -32.20 23.69 43.12
CA GLU H 111 -33.22 22.64 43.04
C GLU H 111 -34.23 22.92 41.94
N LYS H 112 -34.67 24.18 41.83
CA LYS H 112 -35.63 24.52 40.78
C LYS H 112 -35.04 24.33 39.40
N LEU H 113 -33.76 24.70 39.22
CA LEU H 113 -33.11 24.50 37.93
C LEU H 113 -32.96 23.02 37.60
N GLN H 114 -32.59 22.20 38.59
CA GLN H 114 -32.47 20.77 38.36
C GLN H 114 -33.83 20.15 38.05
N GLU H 115 -34.89 20.61 38.73
CA GLU H 115 -36.23 20.12 38.46
C GLU H 115 -36.66 20.48 37.05
N ALA H 116 -36.34 21.70 36.60
CA ALA H 116 -36.68 22.11 35.23
C ALA H 116 -35.90 21.30 34.21
N VAL H 117 -34.64 20.98 34.52
CA VAL H 117 -33.83 20.17 33.62
C VAL H 117 -34.39 18.75 33.51
N LYS H 118 -34.87 18.21 34.64
CA LYS H 118 -35.37 16.83 34.65
C LYS H 118 -36.58 16.66 33.74
N LEU H 119 -37.48 17.63 33.70
CA LEU H 119 -38.65 17.55 32.84
C LEU H 119 -38.35 17.90 31.39
N LYS H 120 -37.10 18.28 31.08
CA LYS H 120 -36.67 18.65 29.73
C LYS H 120 -37.49 19.82 29.18
N ASP H 121 -37.79 20.77 30.04
CA ASP H 121 -38.53 21.98 29.68
C ASP H 121 -37.55 23.13 29.59
N VAL H 122 -37.39 23.69 28.39
CA VAL H 122 -36.37 24.69 28.12
C VAL H 122 -36.76 26.09 28.62
N PRO H 123 -37.98 26.61 28.38
CA PRO H 123 -38.31 27.92 28.98
C PRO H 123 -38.28 27.92 30.51
N LEU H 124 -38.74 26.82 31.13
CA LEU H 124 -38.66 26.70 32.58
C LEU H 124 -37.22 26.68 33.04
N THR H 125 -36.35 25.97 32.31
CA THR H 125 -34.93 25.96 32.62
C THR H 125 -34.34 27.36 32.51
N ARG H 126 -34.72 28.11 31.48
CA ARG H 126 -34.19 29.46 31.29
C ARG H 126 -34.63 30.39 32.41
N SER H 127 -35.90 30.33 32.82
CA SER H 127 -36.38 31.19 33.90
C SER H 127 -35.74 30.83 35.24
N CYS H 128 -35.68 29.54 35.56
CA CYS H 128 -35.02 29.11 36.79
C CYS H 128 -33.55 29.48 36.79
N TYR H 129 -32.90 29.38 35.63
CA TYR H 129 -31.49 29.75 35.55
C TYR H 129 -31.30 31.25 35.63
N ASP H 130 -32.28 32.05 35.19
CA ASP H 130 -32.18 33.49 35.36
C ASP H 130 -32.26 33.87 36.85
N ASP H 131 -33.18 33.24 37.58
CA ASP H 131 -33.22 33.44 39.03
C ASP H 131 -31.92 32.99 39.69
N THR H 132 -31.41 31.84 39.26
CA THR H 132 -30.12 31.36 39.76
C THR H 132 -29.00 32.34 39.41
N ALA H 133 -29.09 32.98 38.24
CA ALA H 133 -28.07 33.92 37.81
C ALA H 133 -28.04 35.15 38.68
N VAL H 134 -29.20 35.71 39.00
CA VAL H 134 -29.22 36.88 39.88
C VAL H 134 -28.74 36.49 41.29
N THR H 135 -29.07 35.27 41.73
CA THR H 135 -28.59 34.84 43.04
C THR H 135 -27.07 34.65 43.04
N LEU H 136 -26.52 34.11 41.95
CA LEU H 136 -25.07 33.90 41.87
C LEU H 136 -24.33 35.23 41.79
N GLN H 137 -24.90 36.21 41.06
CA GLN H 137 -24.31 37.54 41.03
C GLN H 137 -24.31 38.17 42.42
N GLU H 138 -25.42 37.98 43.16
CA GLU H 138 -25.45 38.43 44.55
C GLU H 138 -24.39 37.72 45.38
N VAL H 139 -24.15 36.45 45.11
CA VAL H 139 -23.15 35.68 45.87
C VAL H 139 -21.76 36.23 45.65
N MET H 140 -21.39 36.50 44.38
CA MET H 140 -20.07 37.06 44.13
C MET H 140 -19.94 38.48 44.65
N ASN H 141 -21.03 39.26 44.59
CA ASN H 141 -20.98 40.61 45.15
C ASN H 141 -20.77 40.58 46.66
N ARG H 142 -21.43 39.64 47.34
CA ARG H 142 -21.22 39.49 48.78
C ARG H 142 -19.81 39.03 49.10
N MET H 143 -19.27 38.10 48.31
CA MET H 143 -18.05 37.41 48.68
C MET H 143 -16.81 37.92 47.93
N ALA H 144 -16.90 39.09 47.31
CA ALA H 144 -15.74 39.69 46.65
C ALA H 144 -14.75 40.20 47.69
N LEU I 1 -27.89 -54.54 73.51
CA LEU I 1 -26.58 -54.07 73.94
C LEU I 1 -25.95 -53.16 72.89
N ARG I 2 -25.90 -53.64 71.64
CA ARG I 2 -25.34 -52.85 70.54
C ARG I 2 -26.41 -51.91 69.95
N VAL I 3 -26.85 -50.98 70.80
CA VAL I 3 -27.88 -50.03 70.40
C VAL I 3 -27.20 -48.80 69.79
N GLU I 4 -27.57 -48.47 68.56
CA GLU I 4 -27.11 -47.24 67.94
C GLU I 4 -27.95 -46.08 68.43
N TYR I 5 -27.29 -45.03 68.90
CA TYR I 5 -28.00 -43.90 69.51
C TYR I 5 -28.71 -43.11 68.43
N TYR I 6 -30.04 -43.05 68.51
CA TYR I 6 -30.85 -42.25 67.60
C TYR I 6 -31.82 -41.43 68.43
N ALA I 7 -31.74 -40.10 68.29
CA ALA I 7 -32.56 -39.20 69.07
C ALA I 7 -33.86 -38.89 68.32
N THR I 8 -34.97 -39.38 68.84
CA THR I 8 -36.27 -39.19 68.22
C THR I 8 -37.30 -38.91 69.29
N THR I 9 -38.20 -37.96 69.01
CA THR I 9 -39.29 -37.64 69.93
C THR I 9 -40.31 -38.77 69.94
N ALA I 10 -40.96 -38.95 71.09
CA ALA I 10 -41.87 -40.06 71.27
C ALA I 10 -43.19 -39.81 70.54
N GLU I 11 -44.00 -40.85 70.46
CA GLU I 11 -45.32 -40.87 69.85
C GLU I 11 -46.39 -40.83 70.92
N PRO I 12 -47.61 -40.39 70.58
CA PRO I 12 -48.69 -40.38 71.58
C PRO I 12 -49.02 -41.77 72.08
N SER I 13 -49.38 -41.86 73.36
CA SER I 13 -49.60 -43.13 74.03
C SER I 13 -50.96 -43.70 73.63
N CYS I 14 -51.32 -44.83 74.22
CA CYS I 14 -52.51 -45.57 73.81
C CYS I 14 -52.99 -46.46 74.95
N GLU I 15 -54.16 -47.06 74.73
CA GLU I 15 -54.57 -48.26 75.43
C GLU I 15 -54.46 -49.42 74.46
N LEU I 16 -53.79 -50.48 74.91
CA LEU I 16 -53.39 -51.57 74.01
C LEU I 16 -54.48 -52.63 73.95
N ASN I 17 -54.96 -52.91 72.75
CA ASN I 17 -55.98 -53.94 72.52
C ASN I 17 -55.26 -55.27 72.39
N LEU I 18 -55.13 -55.98 73.50
CA LEU I 18 -54.47 -57.28 73.49
C LEU I 18 -55.31 -58.31 72.77
N VAL I 19 -54.65 -59.22 72.06
CA VAL I 19 -55.35 -60.23 71.27
C VAL I 19 -54.95 -61.62 71.78
N ARG I 20 -55.46 -62.65 71.11
CA ARG I 20 -55.19 -64.03 71.55
C ARG I 20 -53.71 -64.37 71.42
N SER I 21 -53.05 -63.86 70.38
CA SER I 21 -51.64 -64.17 70.15
C SER I 21 -50.71 -63.43 71.11
N GLY I 22 -51.21 -62.48 71.89
CA GLY I 22 -50.39 -61.71 72.79
C GLY I 22 -49.97 -60.36 72.27
N LEU I 23 -50.35 -60.00 71.05
CA LEU I 23 -49.99 -58.71 70.47
C LEU I 23 -50.92 -57.62 70.99
N GLY I 24 -50.36 -56.44 71.22
CA GLY I 24 -51.14 -55.27 71.60
C GLY I 24 -51.02 -54.20 70.53
N TYR I 25 -52.13 -53.55 70.23
CA TYR I 25 -52.15 -52.58 69.14
C TYR I 25 -53.17 -51.50 69.43
N CYS I 26 -52.97 -50.34 68.80
CA CYS I 26 -53.94 -49.26 68.82
C CYS I 26 -53.85 -48.54 67.47
N ASP I 27 -54.93 -47.87 67.11
CA ASP I 27 -55.00 -47.11 65.87
C ASP I 27 -54.80 -45.63 66.21
N LEU I 28 -53.55 -45.16 66.14
CA LEU I 28 -53.29 -43.73 66.28
C LEU I 28 -53.93 -42.95 65.15
N VAL I 29 -53.71 -43.40 63.91
CA VAL I 29 -54.37 -42.83 62.74
C VAL I 29 -54.90 -43.98 61.90
N VAL I 30 -56.19 -43.93 61.58
CA VAL I 30 -56.81 -44.94 60.72
C VAL I 30 -56.63 -44.52 59.28
N GLY I 31 -55.98 -45.37 58.49
CA GLY I 31 -55.68 -45.01 57.12
C GLY I 31 -56.93 -45.04 56.26
N SER I 32 -56.98 -44.13 55.28
CA SER I 32 -58.07 -44.06 54.33
C SER I 32 -57.77 -44.76 53.02
N GLY I 33 -56.59 -45.37 52.90
CA GLY I 33 -56.19 -46.02 51.67
C GLY I 33 -56.55 -47.49 51.63
N VAL I 34 -55.94 -48.19 50.68
CA VAL I 34 -56.17 -49.63 50.52
C VAL I 34 -55.55 -50.38 51.69
N PRO I 35 -56.21 -51.41 52.23
CA PRO I 35 -55.58 -52.22 53.27
C PRO I 35 -54.39 -53.00 52.72
N ALA I 36 -53.50 -53.38 53.63
CA ALA I 36 -52.25 -54.07 53.31
C ALA I 36 -52.50 -55.35 52.52
N PRO I 37 -52.16 -55.39 51.24
CA PRO I 37 -52.48 -56.55 50.42
C PRO I 37 -51.56 -57.73 50.68
N TYR I 38 -52.12 -58.92 50.52
CA TYR I 38 -51.36 -60.15 50.73
C TYR I 38 -50.35 -60.34 49.61
N ASN I 39 -49.14 -60.79 49.99
CA ASN I 39 -48.06 -61.09 49.05
C ASN I 39 -47.72 -59.88 48.17
N THR I 40 -47.58 -58.72 48.81
CA THR I 40 -47.29 -57.48 48.11
C THR I 40 -46.20 -56.72 48.87
N LEU I 41 -45.39 -55.98 48.10
CA LEU I 41 -44.36 -55.15 48.69
C LEU I 41 -44.96 -53.82 49.12
N ILE I 42 -44.69 -53.44 50.36
CA ILE I 42 -45.22 -52.23 50.96
C ILE I 42 -44.10 -51.46 51.63
N ASN I 43 -44.17 -50.13 51.54
CA ASN I 43 -43.25 -49.24 52.22
C ASN I 43 -43.93 -48.71 53.47
N VAL I 44 -43.31 -48.95 54.63
CA VAL I 44 -43.80 -48.41 55.90
C VAL I 44 -42.65 -47.72 56.63
N HIS I 45 -43.01 -46.87 57.58
CA HIS I 45 -42.08 -46.19 58.46
C HIS I 45 -42.29 -46.69 59.88
N TYR I 46 -41.21 -47.05 60.56
CA TYR I 46 -41.30 -47.63 61.90
C TYR I 46 -40.21 -47.06 62.78
N THR I 47 -40.44 -47.15 64.09
CA THR I 47 -39.47 -46.76 65.11
C THR I 47 -39.46 -47.85 66.18
N ALA I 48 -38.53 -48.79 66.06
CA ALA I 48 -38.48 -49.96 66.92
C ALA I 48 -37.69 -49.64 68.18
N ARG I 49 -38.38 -49.70 69.32
CA ARG I 49 -37.83 -49.50 70.64
C ARG I 49 -37.84 -50.81 71.41
N PHE I 50 -36.94 -50.91 72.39
CA PHE I 50 -36.93 -52.04 73.31
C PHE I 50 -37.94 -51.77 74.42
N SER I 51 -37.92 -52.60 75.45
CA SER I 51 -38.53 -52.21 76.71
C SER I 51 -37.71 -51.09 77.34
N ASP I 52 -38.34 -50.38 78.29
CA ASP I 52 -37.79 -49.19 78.93
C ASP I 52 -37.59 -48.06 77.91
N GLU I 53 -38.31 -48.12 76.78
CA GLU I 53 -38.43 -47.01 75.83
C GLU I 53 -37.09 -46.54 75.28
N THR I 54 -36.22 -47.47 74.93
CA THR I 54 -34.95 -47.15 74.29
C THR I 54 -35.00 -47.64 72.84
N VAL I 55 -34.83 -46.72 71.90
CA VAL I 55 -34.98 -47.05 70.48
C VAL I 55 -33.71 -47.73 69.98
N PHE I 56 -33.88 -48.87 69.31
CA PHE I 56 -32.77 -49.57 68.70
C PHE I 56 -32.80 -49.58 67.18
N ASP I 57 -33.95 -49.29 66.57
CA ASP I 57 -34.01 -49.27 65.10
C ASP I 57 -35.00 -48.21 64.66
N SER I 58 -34.80 -47.71 63.44
CA SER I 58 -35.72 -46.74 62.86
C SER I 58 -35.51 -46.63 61.36
N SER I 59 -36.60 -46.63 60.59
CA SER I 59 -36.52 -46.37 59.16
C SER I 59 -36.20 -44.91 58.86
N TYR I 60 -36.47 -44.00 59.80
CA TYR I 60 -36.07 -42.61 59.62
C TYR I 60 -34.56 -42.44 59.71
N LYS I 61 -33.86 -43.37 60.38
CA LYS I 61 -32.41 -43.32 60.43
C LYS I 61 -31.79 -43.51 59.05
N ARG I 62 -32.36 -44.42 58.25
CA ARG I 62 -31.85 -44.67 56.91
C ARG I 62 -32.37 -43.67 55.89
N GLY I 63 -33.39 -42.87 56.24
CA GLY I 63 -33.85 -41.79 55.39
C GLY I 63 -34.98 -42.14 54.45
N ARG I 64 -35.37 -43.41 54.33
CA ARG I 64 -36.46 -43.79 53.45
C ARG I 64 -37.25 -44.91 54.11
N PRO I 65 -38.55 -45.03 53.81
CA PRO I 65 -39.34 -46.10 54.40
C PRO I 65 -38.90 -47.48 53.93
N LEU I 66 -39.06 -48.46 54.81
CA LEU I 66 -38.66 -49.83 54.53
C LEU I 66 -39.69 -50.52 53.63
N THR I 67 -39.19 -51.26 52.65
CA THR I 67 -40.02 -52.02 51.73
C THR I 67 -39.94 -53.49 52.11
N MET I 68 -41.08 -54.11 52.39
CA MET I 68 -41.13 -55.52 52.71
C MET I 68 -42.34 -56.17 52.06
N ARG I 69 -42.22 -57.46 51.76
CA ARG I 69 -43.33 -58.23 51.24
C ARG I 69 -44.15 -58.72 52.42
N ILE I 70 -45.35 -58.18 52.58
CA ILE I 70 -46.15 -58.45 53.77
C ILE I 70 -47.04 -59.65 53.54
N GLY I 71 -47.42 -60.31 54.63
CA GLY I 71 -48.38 -61.39 54.60
C GLY I 71 -47.80 -62.77 54.33
N VAL I 72 -46.50 -62.89 54.08
CA VAL I 72 -45.92 -64.18 53.74
C VAL I 72 -44.75 -64.51 54.66
N GLY I 73 -44.75 -63.94 55.85
CA GLY I 73 -43.76 -64.29 56.86
C GLY I 73 -42.33 -63.91 56.55
N LYS I 74 -42.11 -62.71 56.04
CA LYS I 74 -40.76 -62.21 55.79
C LYS I 74 -40.27 -61.28 56.91
N VAL I 75 -41.08 -61.05 57.93
CA VAL I 75 -40.70 -60.31 59.13
C VAL I 75 -41.07 -61.15 60.34
N ILE I 76 -40.89 -60.56 61.53
CA ILE I 76 -41.31 -61.24 62.75
C ILE I 76 -42.83 -61.36 62.77
N LYS I 77 -43.32 -62.31 63.56
CA LYS I 77 -44.74 -62.61 63.58
C LYS I 77 -45.55 -61.44 64.13
N GLY I 78 -45.00 -60.73 65.11
CA GLY I 78 -45.70 -59.58 65.66
C GLY I 78 -45.90 -58.48 64.65
N LEU I 79 -44.87 -58.19 63.84
CA LEU I 79 -45.00 -57.16 62.81
C LEU I 79 -45.99 -57.57 61.73
N ASP I 80 -45.96 -58.84 61.32
CA ASP I 80 -46.93 -59.32 60.34
C ASP I 80 -48.36 -59.24 60.85
N GLN I 81 -48.58 -59.62 62.10
CA GLN I 81 -49.92 -59.54 62.66
C GLN I 81 -50.36 -58.09 62.85
N GLY I 82 -49.43 -57.20 63.19
CA GLY I 82 -49.77 -55.79 63.32
C GLY I 82 -50.11 -55.13 62.01
N ILE I 83 -49.36 -55.45 60.95
CA ILE I 83 -49.53 -54.76 59.68
C ILE I 83 -50.60 -55.45 58.83
N PHE I 84 -50.36 -56.71 58.49
CA PHE I 84 -51.28 -57.43 57.61
C PHE I 84 -52.60 -57.73 58.31
N GLY I 85 -52.58 -57.95 59.61
CA GLY I 85 -53.80 -58.22 60.35
C GLY I 85 -54.02 -59.69 60.60
N GLY I 86 -55.25 -60.02 60.93
CA GLY I 86 -55.62 -61.38 61.23
C GLY I 86 -55.60 -61.66 62.72
N ASP I 87 -56.45 -62.61 63.14
CA ASP I 87 -56.60 -63.03 64.53
C ASP I 87 -56.98 -61.84 65.41
N GLY I 88 -58.12 -61.24 65.07
CA GLY I 88 -58.67 -60.13 65.81
C GLY I 88 -58.03 -58.78 65.53
N VAL I 89 -57.04 -58.72 64.65
CA VAL I 89 -56.35 -57.48 64.32
C VAL I 89 -56.81 -57.07 62.92
N PRO I 90 -57.48 -55.91 62.78
CA PRO I 90 -57.84 -55.44 61.45
C PRO I 90 -56.60 -55.06 60.66
N PRO I 91 -56.60 -55.24 59.35
CA PRO I 91 -55.45 -54.85 58.55
C PRO I 91 -55.25 -53.34 58.53
N MET I 92 -53.99 -52.92 58.47
CA MET I 92 -53.69 -51.50 58.40
C MET I 92 -53.92 -50.99 56.98
N GLN I 93 -54.32 -49.73 56.89
CA GLN I 93 -54.60 -49.08 55.63
C GLN I 93 -53.54 -48.01 55.36
N VAL I 94 -53.50 -47.56 54.10
CA VAL I 94 -52.45 -46.64 53.66
C VAL I 94 -52.63 -45.31 54.37
N GLY I 95 -51.54 -44.81 54.97
CA GLY I 95 -51.59 -43.62 55.78
C GLY I 95 -51.88 -43.87 57.24
N GLY I 96 -52.10 -45.11 57.64
CA GLY I 96 -52.42 -45.41 59.03
C GLY I 96 -51.17 -45.49 59.89
N LYS I 97 -51.30 -44.97 61.11
CA LYS I 97 -50.24 -45.01 62.11
C LYS I 97 -50.72 -45.87 63.27
N ARG I 98 -49.93 -46.86 63.65
CA ARG I 98 -50.34 -47.85 64.64
C ARG I 98 -49.19 -48.18 65.57
N LYS I 99 -49.49 -48.26 66.87
CA LYS I 99 -48.53 -48.73 67.85
C LYS I 99 -48.67 -50.23 68.03
N LEU I 100 -47.55 -50.88 68.34
CA LEU I 100 -47.48 -52.33 68.44
C LEU I 100 -46.60 -52.72 69.62
N ARG I 101 -47.06 -53.70 70.39
CA ARG I 101 -46.28 -54.28 71.48
C ARG I 101 -46.10 -55.77 71.20
N ILE I 102 -44.93 -56.13 70.68
CA ILE I 102 -44.63 -57.51 70.30
C ILE I 102 -44.03 -58.21 71.51
N PRO I 103 -44.65 -59.27 72.01
CA PRO I 103 -44.06 -60.05 73.10
C PRO I 103 -42.87 -60.85 72.61
N PRO I 104 -42.05 -61.38 73.51
CA PRO I 104 -40.85 -62.14 73.07
C PRO I 104 -41.15 -63.33 72.18
N HIS I 105 -42.24 -64.05 72.45
CA HIS I 105 -42.54 -65.23 71.63
C HIS I 105 -43.04 -64.87 70.24
N LEU I 106 -43.54 -63.66 70.05
CA LEU I 106 -43.90 -63.16 68.73
C LEU I 106 -42.75 -62.41 68.07
N GLY I 107 -41.62 -62.24 68.75
CA GLY I 107 -40.49 -61.54 68.20
C GLY I 107 -39.34 -62.46 67.87
N TYR I 108 -38.19 -62.25 68.52
CA TYR I 108 -37.01 -63.05 68.27
C TYR I 108 -36.84 -64.21 69.25
N GLY I 109 -37.79 -64.39 70.16
CA GLY I 109 -37.76 -65.51 71.08
C GLY I 109 -36.67 -65.41 72.13
N PRO I 110 -36.30 -66.54 72.72
CA PRO I 110 -35.27 -66.53 73.76
C PRO I 110 -33.85 -66.57 73.20
N GLU I 111 -33.70 -66.28 71.91
CA GLU I 111 -32.39 -66.30 71.26
C GLU I 111 -32.04 -64.89 70.81
N PRO I 112 -30.88 -64.35 71.20
CA PRO I 112 -30.49 -63.02 70.73
C PRO I 112 -30.21 -63.00 69.25
N ALA I 113 -30.47 -61.86 68.62
CA ALA I 113 -30.32 -61.69 67.19
C ALA I 113 -29.21 -60.68 66.90
N GLY I 114 -28.59 -60.83 65.73
CA GLY I 114 -27.51 -59.94 65.33
C GLY I 114 -26.27 -60.05 66.17
N CYS I 115 -25.85 -61.27 66.49
CA CYS I 115 -24.69 -61.49 67.35
C CYS I 115 -23.44 -61.59 66.50
N PHE I 116 -22.48 -60.70 66.73
CA PHE I 116 -21.19 -60.73 66.09
C PHE I 116 -20.23 -59.82 66.84
N SER I 117 -18.96 -60.21 66.87
CA SER I 117 -17.86 -59.40 67.40
C SER I 117 -18.10 -58.99 68.86
N GLY I 118 -18.61 -59.92 69.66
CA GLY I 118 -18.71 -59.70 71.09
C GLY I 118 -19.94 -58.96 71.55
N ASP I 119 -20.96 -58.79 70.71
CA ASP I 119 -22.19 -58.14 71.13
C ASP I 119 -23.32 -58.54 70.19
N CYS I 120 -24.55 -58.34 70.65
CA CYS I 120 -25.74 -58.65 69.89
C CYS I 120 -26.66 -57.45 69.83
N ASN I 121 -27.40 -57.34 68.72
CA ASN I 121 -28.26 -56.18 68.52
C ASN I 121 -29.51 -56.24 69.39
N VAL I 122 -30.11 -57.42 69.52
CA VAL I 122 -31.35 -57.62 70.27
C VAL I 122 -31.09 -58.66 71.34
N PRO I 123 -31.40 -58.39 72.60
CA PRO I 123 -31.20 -59.39 73.66
C PRO I 123 -32.29 -60.46 73.62
N ALA I 124 -32.08 -61.48 74.43
CA ALA I 124 -33.01 -62.60 74.50
C ALA I 124 -34.23 -62.23 75.32
N ASN I 125 -35.41 -62.68 74.86
CA ASN I 125 -36.69 -62.49 75.54
C ASN I 125 -36.98 -61.00 75.75
N ALA I 126 -36.98 -60.24 74.67
CA ALA I 126 -37.18 -58.80 74.72
C ALA I 126 -38.52 -58.44 74.09
N THR I 127 -39.32 -57.66 74.81
CA THR I 127 -40.57 -57.14 74.27
C THR I 127 -40.27 -55.88 73.46
N LEU I 128 -40.75 -55.86 72.22
CA LEU I 128 -40.44 -54.78 71.30
C LEU I 128 -41.65 -53.87 71.12
N LEU I 129 -41.40 -52.60 70.82
CA LEU I 129 -42.45 -51.62 70.58
C LEU I 129 -42.22 -50.98 69.23
N TYR I 130 -43.27 -50.93 68.40
CA TYR I 130 -43.15 -50.47 67.03
C TYR I 130 -44.20 -49.38 66.77
N ASP I 131 -43.75 -48.21 66.35
CA ASP I 131 -44.65 -47.14 65.92
C ASP I 131 -44.70 -47.15 64.40
N VAL I 132 -45.44 -48.11 63.85
CA VAL I 132 -45.42 -48.33 62.41
C VAL I 132 -46.35 -47.34 61.72
N THR I 133 -45.99 -46.97 60.50
CA THR I 133 -46.75 -46.01 59.69
C THR I 133 -46.77 -46.51 58.26
N PHE I 134 -47.92 -46.99 57.81
CA PHE I 134 -48.08 -47.53 56.46
C PHE I 134 -47.99 -46.38 55.47
N MET I 135 -46.80 -46.21 54.87
CA MET I 135 -46.62 -45.13 53.90
C MET I 135 -47.35 -45.44 52.60
N GLY I 136 -47.28 -46.68 52.12
CA GLY I 136 -48.06 -47.03 50.96
C GLY I 136 -47.60 -48.34 50.35
N VAL I 137 -48.21 -48.65 49.21
CA VAL I 137 -47.83 -49.82 48.42
C VAL I 137 -46.68 -49.44 47.50
N TYR I 138 -45.74 -50.36 47.31
CA TYR I 138 -44.55 -50.09 46.52
C TYR I 138 -44.90 -49.85 45.06
N SER I 139 -44.31 -48.80 44.49
CA SER I 139 -44.46 -48.48 43.09
C SER I 139 -43.08 -48.18 42.51
N GLY I 140 -42.89 -48.54 41.23
CA GLY I 140 -41.60 -48.34 40.60
C GLY I 140 -41.21 -46.89 40.44
N ASN I 141 -42.18 -46.01 40.22
CA ASN I 141 -41.93 -44.59 40.02
C ASN I 141 -42.45 -43.79 41.20
N ARG I 142 -41.60 -42.92 41.74
CA ARG I 142 -42.02 -41.94 42.73
C ARG I 142 -42.44 -40.66 42.04
N ALA I 143 -43.28 -39.89 42.72
CA ALA I 143 -43.80 -38.64 42.16
C ALA I 143 -42.70 -37.59 42.03
N PRO J 1 -47.74 -17.60 77.69
CA PRO J 1 -46.87 -17.01 78.69
C PRO J 1 -45.68 -17.90 78.99
N LEU J 2 -44.67 -17.35 79.64
CA LEU J 2 -43.47 -18.10 79.99
C LEU J 2 -43.70 -18.90 81.26
N GLN J 3 -43.26 -20.16 81.24
CA GLN J 3 -43.47 -21.04 82.40
C GLN J 3 -42.52 -20.68 83.54
N SER J 4 -41.36 -20.10 83.23
CA SER J 4 -40.39 -19.72 84.24
C SER J 4 -39.60 -18.53 83.73
N LYS J 5 -38.89 -17.87 84.64
CA LYS J 5 -38.08 -16.72 84.24
C LYS J 5 -36.86 -17.18 83.46
N VAL J 6 -36.41 -16.32 82.55
CA VAL J 6 -35.26 -16.62 81.72
C VAL J 6 -34.00 -16.20 82.46
N THR J 7 -33.10 -17.16 82.69
CA THR J 7 -31.82 -16.86 83.30
C THR J 7 -30.78 -16.47 82.25
N ASN J 8 -30.53 -17.34 81.29
CA ASN J 8 -29.55 -17.13 80.24
C ASN J 8 -30.25 -17.05 78.90
N LYS J 9 -29.70 -16.24 77.99
CA LYS J 9 -30.26 -16.04 76.66
C LYS J 9 -29.27 -16.53 75.61
N VAL J 10 -29.78 -17.30 74.65
CA VAL J 10 -28.97 -17.80 73.53
C VAL J 10 -29.70 -17.47 72.24
N TYR J 11 -28.93 -17.47 71.14
CA TYR J 11 -29.47 -17.13 69.84
C TYR J 11 -28.78 -17.93 68.75
N PHE J 12 -29.53 -18.17 67.67
CA PHE J 12 -29.09 -18.85 66.48
C PHE J 12 -29.20 -17.92 65.28
N ASP J 13 -28.34 -18.13 64.29
CA ASP J 13 -28.45 -17.48 62.99
C ASP J 13 -28.73 -18.58 61.96
N ILE J 14 -29.91 -18.53 61.36
CA ILE J 14 -30.41 -19.60 60.51
C ILE J 14 -30.12 -19.26 59.06
N SER J 15 -29.51 -20.21 58.34
CA SER J 15 -29.24 -20.10 56.92
C SER J 15 -29.88 -21.27 56.19
N ILE J 16 -30.58 -20.97 55.10
CA ILE J 16 -31.24 -21.98 54.28
C ILE J 16 -30.70 -21.86 52.85
N GLY J 17 -30.31 -22.98 52.28
CA GLY J 17 -29.85 -23.00 50.91
C GLY J 17 -28.93 -24.18 50.65
N ASN J 18 -28.58 -24.34 49.37
CA ASN J 18 -27.70 -25.40 48.92
C ASN J 18 -26.79 -24.84 47.83
N PRO J 19 -25.47 -25.06 47.92
CA PRO J 19 -24.74 -25.76 48.99
C PRO J 19 -24.40 -24.84 50.16
N VAL J 20 -24.39 -23.53 49.96
CA VAL J 20 -24.13 -22.57 51.01
C VAL J 20 -25.42 -21.79 51.24
N GLY J 21 -25.93 -21.85 52.47
CA GLY J 21 -27.21 -21.25 52.76
C GLY J 21 -27.15 -19.74 52.89
N LYS J 22 -28.26 -19.10 52.56
CA LYS J 22 -28.44 -17.67 52.75
C LYS J 22 -29.14 -17.43 54.09
N LEU J 23 -28.71 -16.39 54.79
CA LEU J 23 -29.30 -16.08 56.09
C LEU J 23 -30.75 -15.65 55.93
N VAL J 24 -31.61 -16.18 56.79
CA VAL J 24 -33.03 -15.85 56.75
C VAL J 24 -33.51 -15.12 57.99
N GLY J 25 -32.81 -15.21 59.11
CA GLY J 25 -33.23 -14.49 60.30
C GLY J 25 -32.50 -15.01 61.53
N ARG J 26 -32.94 -14.49 62.68
CA ARG J 26 -32.38 -14.82 63.97
C ARG J 26 -33.43 -15.46 64.85
N VAL J 27 -33.06 -16.51 65.56
CA VAL J 27 -33.94 -17.21 66.50
C VAL J 27 -33.36 -17.05 67.89
N VAL J 28 -34.13 -16.45 68.79
CA VAL J 28 -33.69 -16.17 70.15
C VAL J 28 -34.40 -17.13 71.09
N ILE J 29 -33.64 -17.81 71.94
CA ILE J 29 -34.17 -18.82 72.86
C ILE J 29 -33.78 -18.42 74.27
N GLY J 30 -34.77 -18.30 75.15
CA GLY J 30 -34.53 -18.06 76.56
C GLY J 30 -34.49 -19.38 77.31
N LEU J 31 -33.45 -19.56 78.12
CA LEU J 31 -33.21 -20.80 78.83
C LEU J 31 -33.75 -20.71 80.25
N PHE J 32 -34.43 -21.75 80.70
CA PHE J 32 -34.97 -21.81 82.06
C PHE J 32 -33.96 -22.50 82.97
N GLY J 33 -32.87 -21.77 83.25
CA GLY J 33 -31.78 -22.33 84.01
C GLY J 33 -32.07 -22.55 85.48
N ASP J 34 -33.14 -21.95 85.99
CA ASP J 34 -33.49 -22.13 87.40
C ASP J 34 -34.03 -23.53 87.66
N ASP J 35 -34.89 -24.03 86.78
CA ASP J 35 -35.53 -25.32 87.00
C ASP J 35 -34.67 -26.47 86.49
N VAL J 36 -34.02 -26.29 85.34
CA VAL J 36 -33.16 -27.32 84.77
C VAL J 36 -31.77 -26.75 84.56
N PRO J 37 -30.92 -26.74 85.59
CA PRO J 37 -29.61 -26.10 85.46
C PRO J 37 -28.65 -26.81 84.52
N GLN J 38 -28.58 -28.15 84.60
CA GLN J 38 -27.61 -28.89 83.81
C GLN J 38 -27.94 -28.86 82.32
N THR J 39 -29.23 -29.05 81.98
CA THR J 39 -29.62 -29.04 80.57
C THR J 39 -29.44 -27.65 79.95
N ALA J 40 -29.83 -26.60 80.68
CA ALA J 40 -29.64 -25.24 80.19
C ALA J 40 -28.16 -24.89 80.06
N GLU J 41 -27.34 -25.35 81.00
CA GLU J 41 -25.90 -25.13 80.91
C GLU J 41 -25.31 -25.84 79.71
N ASN J 42 -25.76 -27.08 79.45
CA ASN J 42 -25.31 -27.82 78.28
C ASN J 42 -25.67 -27.10 76.99
N PHE J 43 -26.92 -26.63 76.90
CA PHE J 43 -27.36 -25.92 75.70
C PHE J 43 -26.59 -24.61 75.51
N ARG J 44 -26.35 -23.88 76.60
CA ARG J 44 -25.60 -22.63 76.52
C ARG J 44 -24.16 -22.88 76.09
N ALA J 45 -23.52 -23.92 76.65
CA ALA J 45 -22.14 -24.21 76.30
C ALA J 45 -22.01 -24.67 74.86
N LEU J 46 -23.02 -25.41 74.36
CA LEU J 46 -23.02 -25.78 72.95
C LEU J 46 -23.29 -24.58 72.05
N CYS J 47 -24.11 -23.63 72.51
CA CYS J 47 -24.34 -22.42 71.73
C CYS J 47 -23.08 -21.56 71.65
N THR J 48 -22.38 -21.39 72.77
CA THR J 48 -21.19 -20.55 72.77
C THR J 48 -20.01 -21.26 72.12
N GLY J 49 -19.86 -22.56 72.40
CA GLY J 49 -18.71 -23.30 71.90
C GLY J 49 -17.47 -23.24 72.77
N GLU J 50 -17.63 -23.03 74.08
CA GLU J 50 -16.48 -22.93 74.97
C GLU J 50 -15.74 -24.26 75.09
N LYS J 51 -16.46 -25.38 75.00
CA LYS J 51 -15.85 -26.69 75.15
C LYS J 51 -15.10 -27.15 73.91
N GLY J 52 -15.23 -26.43 72.79
CA GLY J 52 -14.56 -26.83 71.56
C GLY J 52 -15.54 -27.22 70.47
N PHE J 53 -16.59 -27.94 70.85
CA PHE J 53 -17.63 -28.36 69.93
C PHE J 53 -18.91 -27.57 70.22
N GLY J 54 -19.67 -27.30 69.17
CA GLY J 54 -20.86 -26.50 69.34
C GLY J 54 -21.83 -26.65 68.19
N TYR J 55 -22.89 -25.84 68.23
CA TYR J 55 -23.93 -25.89 67.23
C TYR J 55 -23.60 -25.13 65.96
N LYS J 56 -22.47 -24.43 65.91
CA LYS J 56 -22.10 -23.68 64.73
C LYS J 56 -21.78 -24.63 63.59
N GLY J 57 -22.46 -24.45 62.45
CA GLY J 57 -22.31 -25.33 61.31
C GLY J 57 -23.21 -26.54 61.31
N SER J 58 -23.96 -26.77 62.39
CA SER J 58 -24.89 -27.89 62.44
C SER J 58 -26.16 -27.56 61.67
N ALA J 59 -27.02 -28.57 61.52
CA ALA J 59 -28.22 -28.41 60.71
C ALA J 59 -29.41 -29.01 61.44
N PHE J 60 -30.60 -28.50 61.09
CA PHE J 60 -31.86 -29.04 61.58
C PHE J 60 -32.21 -30.24 60.71
N HIS J 61 -31.96 -31.44 61.23
CA HIS J 61 -31.99 -32.65 60.41
C HIS J 61 -33.32 -33.37 60.42
N ARG J 62 -34.33 -32.89 61.16
CA ARG J 62 -35.62 -33.55 61.12
C ARG J 62 -36.74 -32.52 61.28
N VAL J 63 -37.50 -32.30 60.22
CA VAL J 63 -38.58 -31.31 60.22
C VAL J 63 -39.88 -32.02 59.86
N ILE J 64 -40.86 -31.95 60.74
CA ILE J 64 -42.22 -32.41 60.46
C ILE J 64 -43.15 -31.20 60.54
N LYS J 65 -43.85 -30.94 59.43
CA LYS J 65 -44.70 -29.76 59.33
C LYS J 65 -45.85 -29.85 60.32
N ASP J 66 -46.16 -28.71 60.94
CA ASP J 66 -47.19 -28.54 61.96
C ASP J 66 -46.92 -29.38 63.22
N PHE J 67 -45.73 -30.01 63.33
CA PHE J 67 -45.37 -30.70 64.55
C PHE J 67 -44.12 -30.11 65.19
N MET J 68 -42.98 -30.08 64.49
CA MET J 68 -41.72 -29.86 65.19
C MET J 68 -40.59 -29.66 64.18
N ILE J 69 -39.59 -28.88 64.57
CA ILE J 69 -38.28 -28.89 63.93
C ILE J 69 -37.28 -29.45 64.93
N GLN J 70 -36.26 -30.15 64.44
CA GLN J 70 -35.31 -30.82 65.32
C GLN J 70 -33.92 -30.79 64.70
N GLY J 71 -32.94 -30.37 65.50
CA GLY J 71 -31.56 -30.35 65.08
C GLY J 71 -30.61 -30.53 66.25
N GLY J 72 -29.39 -30.01 66.11
CA GLY J 72 -28.39 -30.13 67.14
C GLY J 72 -27.39 -31.25 66.96
N ASP J 73 -27.36 -31.88 65.78
CA ASP J 73 -26.42 -32.96 65.47
C ASP J 73 -25.25 -32.35 64.70
N PHE J 74 -24.22 -31.94 65.44
CA PHE J 74 -23.01 -31.44 64.80
C PHE J 74 -22.04 -32.55 64.41
N ASP J 75 -22.24 -33.76 64.91
CA ASP J 75 -21.30 -34.85 64.64
C ASP J 75 -21.54 -35.48 63.28
N LYS J 76 -22.73 -36.05 63.08
CA LYS J 76 -23.04 -36.77 61.86
C LYS J 76 -24.16 -36.15 61.04
N GLY J 77 -25.05 -35.36 61.65
CA GLY J 77 -26.07 -34.66 60.93
C GLY J 77 -27.27 -35.49 60.49
N ASN J 78 -27.37 -36.73 60.96
CA ASN J 78 -28.51 -37.58 60.61
C ASN J 78 -29.33 -38.01 61.81
N GLY J 79 -28.94 -37.64 63.03
CA GLY J 79 -29.63 -38.04 64.23
C GLY J 79 -28.88 -39.05 65.06
N THR J 80 -27.73 -39.54 64.60
CA THR J 80 -26.96 -40.55 65.31
C THR J 80 -25.71 -39.99 65.96
N GLY J 81 -25.59 -38.67 66.05
CA GLY J 81 -24.42 -38.06 66.66
C GLY J 81 -24.82 -36.99 67.66
N GLY J 82 -23.80 -36.38 68.26
CA GLY J 82 -24.02 -35.35 69.26
C GLY J 82 -23.58 -35.78 70.65
N LYS J 83 -22.73 -34.99 71.28
CA LYS J 83 -22.23 -35.28 72.62
C LYS J 83 -22.45 -34.08 73.52
N SER J 84 -22.79 -34.36 74.78
CA SER J 84 -22.94 -33.31 75.76
C SER J 84 -21.56 -32.87 76.28
N ILE J 85 -21.56 -31.76 77.02
CA ILE J 85 -20.31 -31.25 77.58
C ILE J 85 -19.83 -32.10 78.76
N TYR J 86 -20.72 -32.91 79.35
CA TYR J 86 -20.30 -33.80 80.42
C TYR J 86 -19.77 -35.12 79.84
N GLY J 87 -20.60 -35.81 79.07
CA GLY J 87 -20.20 -37.03 78.41
C GLY J 87 -20.98 -37.20 77.11
N ARG J 88 -21.09 -38.44 76.63
CA ARG J 88 -21.91 -38.67 75.45
C ARG J 88 -23.39 -38.52 75.76
N THR J 89 -23.85 -39.07 76.89
CA THR J 89 -25.21 -38.91 77.34
C THR J 89 -25.20 -38.44 78.79
N PHE J 90 -26.27 -37.76 79.20
CA PHE J 90 -26.44 -37.36 80.58
C PHE J 90 -27.89 -37.59 81.01
N LYS J 91 -28.08 -37.75 82.31
CA LYS J 91 -29.37 -38.14 82.85
C LYS J 91 -30.40 -37.02 82.70
N ASP J 92 -31.65 -37.41 82.43
CA ASP J 92 -32.76 -36.47 82.45
C ASP J 92 -32.90 -35.85 83.84
N GLU J 93 -32.90 -34.53 83.90
CA GLU J 93 -32.97 -33.82 85.17
C GLU J 93 -34.29 -34.08 85.90
N ASN J 94 -35.38 -33.59 85.32
CA ASN J 94 -36.72 -33.63 85.91
C ASN J 94 -37.69 -33.05 84.91
N PHE J 95 -38.98 -33.36 85.12
CA PHE J 95 -40.02 -33.05 84.13
C PHE J 95 -41.11 -32.14 84.70
N ASN J 96 -40.72 -31.13 85.47
CA ASN J 96 -41.72 -30.17 85.96
C ASN J 96 -42.22 -29.29 84.82
N LEU J 97 -41.33 -28.94 83.89
CA LEU J 97 -41.72 -28.11 82.75
C LEU J 97 -42.60 -28.92 81.80
N THR J 98 -43.45 -28.19 81.07
CA THR J 98 -44.44 -28.81 80.20
C THR J 98 -44.36 -28.19 78.81
N HIS J 99 -44.69 -28.99 77.80
CA HIS J 99 -44.75 -28.50 76.41
C HIS J 99 -46.00 -27.64 76.27
N THR J 100 -45.87 -26.38 76.70
CA THR J 100 -47.02 -25.49 76.83
C THR J 100 -47.51 -24.93 75.50
N GLY J 101 -46.76 -25.11 74.42
CA GLY J 101 -47.19 -24.62 73.13
C GLY J 101 -46.05 -24.38 72.15
N PRO J 102 -46.29 -23.51 71.17
CA PRO J 102 -45.25 -23.21 70.18
C PRO J 102 -44.04 -22.52 70.81
N GLY J 103 -42.88 -22.74 70.20
CA GLY J 103 -41.64 -22.17 70.68
C GLY J 103 -40.98 -22.92 71.81
N THR J 104 -41.54 -24.04 72.24
CA THR J 104 -40.95 -24.80 73.33
C THR J 104 -39.73 -25.57 72.81
N VAL J 105 -38.58 -25.34 73.43
CA VAL J 105 -37.32 -25.99 73.06
C VAL J 105 -37.03 -27.05 74.10
N SER J 106 -37.03 -28.31 73.68
CA SER J 106 -36.86 -29.44 74.58
C SER J 106 -35.81 -30.38 74.02
N MET J 107 -35.41 -31.34 74.85
CA MET J 107 -34.36 -32.29 74.50
C MET J 107 -34.94 -33.51 73.81
N ALA J 108 -34.28 -33.92 72.73
CA ALA J 108 -34.62 -35.15 72.02
C ALA J 108 -33.66 -36.25 72.45
N ASN J 109 -34.20 -37.37 72.92
CA ASN J 109 -33.40 -38.43 73.47
C ASN J 109 -33.84 -39.77 72.88
N ALA J 110 -32.90 -40.72 72.86
CA ALA J 110 -33.24 -42.09 72.47
C ALA J 110 -34.17 -42.74 73.48
N GLY J 111 -34.06 -42.36 74.75
CA GLY J 111 -34.90 -42.89 75.79
C GLY J 111 -34.67 -42.19 77.11
N PRO J 112 -35.07 -42.84 78.21
CA PRO J 112 -34.81 -42.27 79.53
C PRO J 112 -33.31 -42.21 79.81
N ASN J 113 -32.90 -41.08 80.40
CA ASN J 113 -31.50 -40.83 80.79
C ASN J 113 -30.55 -40.97 79.62
N THR J 114 -30.97 -40.50 78.44
CA THR J 114 -30.16 -40.56 77.24
C THR J 114 -30.21 -39.23 76.49
N ASN J 115 -30.20 -38.13 77.23
CA ASN J 115 -30.14 -36.80 76.63
C ASN J 115 -28.76 -36.55 76.07
N GLY J 116 -28.70 -35.91 74.90
CA GLY J 116 -27.44 -35.58 74.28
C GLY J 116 -27.33 -34.13 73.86
N SER J 117 -26.91 -33.90 72.63
CA SER J 117 -26.78 -32.55 72.10
C SER J 117 -27.92 -32.19 71.16
N GLN J 118 -28.90 -33.06 70.98
CA GLN J 118 -29.95 -32.85 70.00
C GLN J 118 -31.17 -32.26 70.67
N PHE J 119 -31.71 -31.19 70.08
CA PHE J 119 -32.87 -30.49 70.62
C PHE J 119 -33.94 -30.39 69.54
N PHE J 120 -35.15 -30.08 69.98
CA PHE J 120 -36.25 -29.84 69.06
C PHE J 120 -37.12 -28.71 69.56
N ILE J 121 -37.58 -27.89 68.62
CA ILE J 121 -38.49 -26.78 68.87
C ILE J 121 -39.87 -27.19 68.37
N CYS J 122 -40.85 -27.13 69.27
CA CYS J 122 -42.23 -27.45 68.94
C CYS J 122 -42.92 -26.23 68.34
N THR J 123 -43.83 -26.47 67.40
CA THR J 123 -44.60 -25.41 66.78
C THR J 123 -46.08 -25.45 67.13
N VAL J 124 -46.55 -26.54 67.73
CA VAL J 124 -47.92 -26.66 68.22
C VAL J 124 -47.87 -27.20 69.64
N LYS J 125 -49.05 -27.41 70.22
CA LYS J 125 -49.14 -28.03 71.53
C LYS J 125 -48.89 -29.52 71.41
N THR J 126 -47.94 -30.03 72.20
CA THR J 126 -47.58 -31.45 72.21
C THR J 126 -47.70 -31.97 73.63
N PRO J 127 -48.92 -32.26 74.10
CA PRO J 127 -49.08 -32.75 75.47
C PRO J 127 -48.71 -34.21 75.66
N TRP J 128 -48.36 -34.93 74.60
CA TRP J 128 -47.96 -36.33 74.73
C TRP J 128 -46.47 -36.50 74.97
N LEU J 129 -45.68 -35.45 74.87
CA LEU J 129 -44.23 -35.52 75.08
C LEU J 129 -43.83 -35.19 76.50
N ASP J 130 -44.77 -34.83 77.38
CA ASP J 130 -44.42 -34.52 78.76
C ASP J 130 -44.06 -35.80 79.52
N ASN J 131 -43.22 -35.62 80.55
CA ASN J 131 -42.63 -36.67 81.36
C ASN J 131 -41.78 -37.65 80.56
N ARG J 132 -41.44 -37.31 79.32
CA ARG J 132 -40.54 -38.11 78.49
C ARG J 132 -39.44 -37.30 77.82
N HIS J 133 -39.60 -35.99 77.67
CA HIS J 133 -38.57 -35.12 77.13
C HIS J 133 -38.40 -33.93 78.07
N VAL J 134 -37.15 -33.52 78.26
CA VAL J 134 -36.81 -32.47 79.22
C VAL J 134 -36.98 -31.13 78.52
N VAL J 135 -38.01 -30.38 78.91
CA VAL J 135 -38.22 -29.02 78.39
C VAL J 135 -37.28 -28.08 79.12
N PHE J 136 -36.52 -27.28 78.36
CA PHE J 136 -35.56 -26.39 78.97
C PHE J 136 -35.54 -24.98 78.39
N GLY J 137 -36.33 -24.67 77.37
CA GLY J 137 -36.29 -23.31 76.86
C GLY J 137 -37.55 -22.90 76.14
N GLN J 138 -37.64 -21.60 75.88
CA GLN J 138 -38.76 -21.03 75.15
C GLN J 138 -38.25 -20.07 74.09
N VAL J 139 -38.79 -20.16 72.88
CA VAL J 139 -38.40 -19.25 71.81
C VAL J 139 -39.08 -17.91 72.04
N LEU J 140 -38.27 -16.86 72.18
CA LEU J 140 -38.77 -15.52 72.45
C LEU J 140 -38.90 -14.68 71.19
N GLU J 141 -37.90 -14.72 70.31
CA GLU J 141 -37.93 -13.98 69.06
C GLU J 141 -37.53 -14.92 67.92
N GLY J 142 -38.13 -14.69 66.76
CA GLY J 142 -37.82 -15.48 65.59
C GLY J 142 -38.72 -16.69 65.37
N MET J 143 -39.95 -16.66 65.88
CA MET J 143 -40.86 -17.78 65.66
C MET J 143 -41.28 -17.87 64.19
N ASP J 144 -41.28 -16.75 63.48
CA ASP J 144 -41.53 -16.79 62.04
C ASP J 144 -40.43 -17.54 61.31
N ILE J 145 -39.19 -17.41 61.77
CA ILE J 145 -38.09 -18.17 61.20
C ILE J 145 -38.25 -19.66 61.48
N VAL J 146 -38.75 -19.99 62.68
CA VAL J 146 -39.02 -21.39 63.02
C VAL J 146 -40.10 -21.97 62.11
N LYS J 147 -41.16 -21.20 61.87
CA LYS J 147 -42.22 -21.67 60.98
C LYS J 147 -41.73 -21.74 59.53
N LEU J 148 -40.81 -20.86 59.14
CA LEU J 148 -40.20 -20.95 57.82
C LEU J 148 -39.36 -22.20 57.67
N ILE J 149 -38.64 -22.58 58.74
CA ILE J 149 -37.90 -23.84 58.74
C ILE J 149 -38.87 -25.02 58.63
N GLU J 150 -39.98 -24.95 59.36
CA GLU J 150 -40.97 -26.03 59.32
C GLU J 150 -41.58 -26.19 57.93
N SER J 151 -41.80 -25.09 57.21
CA SER J 151 -42.42 -25.15 55.89
C SER J 151 -41.48 -25.64 54.80
N SER J 152 -40.25 -26.03 55.14
CA SER J 152 -39.31 -26.52 54.14
C SER J 152 -39.77 -27.86 53.58
N GLU J 153 -39.52 -28.06 52.28
CA GLU J 153 -39.85 -29.32 51.65
C GLU J 153 -38.90 -30.42 52.15
N THR J 154 -39.45 -31.62 52.34
CA THR J 154 -38.73 -32.71 52.94
C THR J 154 -38.66 -33.90 51.99
N ASP J 155 -37.64 -34.74 52.19
CA ASP J 155 -37.45 -35.94 51.40
C ASP J 155 -38.33 -37.07 51.93
N ARG J 156 -38.03 -38.30 51.50
CA ARG J 156 -38.80 -39.46 51.97
C ARG J 156 -38.70 -39.65 53.48
N GLY J 157 -37.58 -39.22 54.07
CA GLY J 157 -37.48 -39.18 55.52
C GLY J 157 -38.10 -37.91 56.05
N ASP J 158 -37.36 -37.20 56.90
CA ASP J 158 -37.80 -35.89 57.37
C ASP J 158 -36.73 -34.83 57.22
N ARG J 159 -35.63 -35.14 56.53
CA ARG J 159 -34.60 -34.14 56.29
C ARG J 159 -35.10 -33.08 55.33
N PRO J 160 -34.86 -31.80 55.60
CA PRO J 160 -35.20 -30.77 54.61
C PRO J 160 -34.37 -30.94 53.34
N LYS J 161 -35.00 -30.67 52.19
CA LYS J 161 -34.28 -30.74 50.93
C LYS J 161 -33.21 -29.66 50.83
N LYS J 162 -33.50 -28.48 51.35
CA LYS J 162 -32.51 -27.40 51.46
C LYS J 162 -31.96 -27.40 52.88
N ARG J 163 -30.63 -27.40 52.99
CA ARG J 163 -29.99 -27.53 54.29
C ARG J 163 -30.22 -26.29 55.14
N VAL J 164 -30.93 -26.47 56.25
CA VAL J 164 -31.16 -25.38 57.20
C VAL J 164 -30.01 -25.42 58.20
N VAL J 165 -29.06 -24.50 58.04
CA VAL J 165 -27.79 -24.53 58.77
C VAL J 165 -27.76 -23.37 59.76
N ILE J 166 -27.32 -23.67 60.98
CA ILE J 166 -27.10 -22.65 62.00
C ILE J 166 -25.73 -22.02 61.71
N SER J 167 -25.74 -20.84 61.11
CA SER J 167 -24.49 -20.19 60.71
C SER J 167 -23.66 -19.79 61.92
N GLU J 168 -24.27 -19.09 62.87
CA GLU J 168 -23.56 -18.60 64.04
C GLU J 168 -24.48 -18.64 65.25
N CYS J 169 -24.01 -19.25 66.32
CA CYS J 169 -24.77 -19.39 67.55
C CYS J 169 -24.01 -18.78 68.71
N GLY J 170 -24.73 -18.25 69.68
CA GLY J 170 -24.07 -17.64 70.81
C GLY J 170 -25.04 -17.16 71.86
N GLU J 171 -24.55 -16.22 72.68
CA GLU J 171 -25.32 -15.62 73.75
C GLU J 171 -25.58 -14.15 73.44
N LEU J 172 -26.77 -13.68 73.80
CA LEU J 172 -27.06 -12.25 73.75
C LEU J 172 -27.24 -11.73 75.17
N PRO J 173 -26.30 -10.93 75.69
CA PRO J 173 -26.42 -10.46 77.07
C PRO J 173 -27.62 -9.54 77.26
N ALA J 174 -28.19 -9.58 78.45
CA ALA J 174 -29.34 -8.75 78.79
C ALA J 174 -29.30 -8.35 80.26
N PHE K 1 -22.48 -87.89 74.99
CA PHE K 1 -22.15 -89.31 75.02
C PHE K 1 -23.09 -90.06 75.95
N SER K 2 -24.21 -90.53 75.39
CA SER K 2 -25.21 -91.29 76.14
C SER K 2 -24.99 -92.77 75.86
N ARG K 3 -24.71 -93.54 76.90
CA ARG K 3 -24.50 -94.98 76.74
C ARG K 3 -25.82 -95.75 76.87
N LEU K 4 -26.85 -95.24 76.21
CA LEU K 4 -28.07 -95.97 75.94
C LEU K 4 -28.33 -95.96 74.45
N GLU K 5 -28.19 -94.76 73.85
CA GLU K 5 -28.38 -94.58 72.42
C GLU K 5 -27.12 -94.88 71.62
N PHE K 6 -25.94 -94.81 72.25
CA PHE K 6 -24.70 -95.14 71.55
C PHE K 6 -24.67 -96.61 71.14
N LEU K 7 -25.05 -97.50 72.05
CA LEU K 7 -25.12 -98.92 71.73
C LEU K 7 -26.18 -99.20 70.67
N LYS K 8 -27.32 -98.51 70.75
CA LYS K 8 -28.36 -98.65 69.74
C LYS K 8 -27.85 -98.23 68.38
N GLU K 9 -27.13 -97.11 68.30
CA GLU K 9 -26.61 -96.65 67.02
C GLU K 9 -25.50 -97.56 66.50
N VAL K 10 -24.69 -98.14 67.39
CA VAL K 10 -23.67 -99.10 66.93
C VAL K 10 -24.34 -100.34 66.34
N TYR K 11 -25.37 -100.86 67.01
CA TYR K 11 -26.09 -102.01 66.45
C TYR K 11 -26.82 -101.65 65.17
N GLU K 12 -27.31 -100.41 65.06
CA GLU K 12 -27.91 -99.96 63.81
C GLU K 12 -26.88 -99.89 62.69
N THR K 13 -25.66 -99.42 62.99
CA THR K 13 -24.61 -99.42 61.97
C THR K 13 -24.27 -100.83 61.54
N ILE K 14 -24.31 -101.79 62.48
CA ILE K 14 -24.14 -103.20 62.11
C ILE K 14 -25.27 -103.65 61.19
N TRP K 15 -26.50 -103.25 61.50
CA TRP K 15 -27.67 -103.68 60.73
C TRP K 15 -27.82 -102.97 59.40
N MET K 16 -27.13 -101.86 59.17
CA MET K 16 -26.97 -101.35 57.80
C MET K 16 -25.72 -101.85 57.11
N LEU K 17 -24.69 -102.27 57.85
CA LEU K 17 -23.54 -102.89 57.21
C LEU K 17 -23.91 -104.24 56.60
N PHE K 18 -24.71 -105.04 57.33
CA PHE K 18 -25.07 -106.38 56.88
C PHE K 18 -25.65 -106.41 55.46
N PRO K 19 -26.64 -105.58 55.09
CA PRO K 19 -27.07 -105.57 53.67
C PRO K 19 -25.96 -105.17 52.71
N ILE K 20 -25.04 -104.30 53.13
CA ILE K 20 -23.96 -103.87 52.26
C ILE K 20 -23.02 -105.04 51.97
N LEU K 21 -22.66 -105.81 53.00
CA LEU K 21 -21.77 -106.94 52.76
C LEU K 21 -22.45 -108.06 51.96
N ILE K 22 -23.74 -108.34 52.20
CA ILE K 22 -24.34 -109.41 51.40
C ILE K 22 -24.49 -108.95 49.95
N LEU K 23 -24.79 -107.67 49.73
CA LEU K 23 -24.85 -107.15 48.37
C LEU K 23 -23.49 -107.20 47.68
N VAL K 24 -22.42 -106.87 48.41
CA VAL K 24 -21.08 -106.92 47.83
C VAL K 24 -20.68 -108.35 47.49
N LEU K 25 -20.98 -109.29 48.39
CA LEU K 25 -20.70 -110.71 48.11
C LEU K 25 -21.47 -111.19 46.89
N GLY K 26 -22.76 -110.85 46.81
CA GLY K 26 -23.53 -111.20 45.63
C GLY K 26 -23.05 -110.52 44.37
N ILE K 27 -22.49 -109.32 44.50
CA ILE K 27 -21.95 -108.59 43.35
C ILE K 27 -20.73 -109.31 42.79
N THR K 28 -19.80 -109.71 43.67
CA THR K 28 -18.62 -110.44 43.20
C THR K 28 -19.00 -111.81 42.65
N ILE K 29 -19.96 -112.47 43.30
CA ILE K 29 -20.47 -113.74 42.79
C ILE K 29 -21.05 -113.53 41.40
N GLY K 30 -21.82 -112.45 41.20
CA GLY K 30 -22.39 -112.16 39.90
C GLY K 30 -21.36 -111.87 38.83
N VAL K 31 -20.24 -111.24 39.19
CA VAL K 31 -19.15 -111.09 38.24
C VAL K 31 -18.62 -112.47 37.82
N LEU K 32 -18.48 -113.37 38.79
CA LEU K 32 -18.09 -114.75 38.47
C LEU K 32 -19.09 -115.39 37.51
N VAL K 33 -20.38 -115.18 37.76
CA VAL K 33 -21.43 -115.75 36.90
C VAL K 33 -21.32 -115.19 35.49
N ILE K 34 -21.10 -113.89 35.36
CA ILE K 34 -21.07 -113.28 34.03
C ILE K 34 -19.86 -113.78 33.25
N VAL K 35 -18.72 -113.97 33.92
CA VAL K 35 -17.55 -114.53 33.24
C VAL K 35 -17.85 -115.95 32.75
N TRP K 36 -18.40 -116.79 33.63
CA TRP K 36 -18.72 -118.16 33.24
C TRP K 36 -19.76 -118.20 32.13
N LEU K 37 -20.77 -117.34 32.22
CA LEU K 37 -21.84 -117.31 31.22
C LEU K 37 -21.31 -116.87 29.87
N GLU K 38 -20.44 -115.85 29.85
CA GLU K 38 -19.88 -115.39 28.59
C GLU K 38 -19.04 -116.49 27.94
N ARG K 39 -18.21 -117.16 28.74
CA ARG K 39 -17.40 -118.25 28.19
C ARG K 39 -18.26 -119.38 27.65
N GLU K 40 -19.30 -119.77 28.39
CA GLU K 40 -20.12 -120.91 27.98
C GLU K 40 -21.01 -120.57 26.79
N ILE K 41 -21.52 -119.34 26.73
CA ILE K 41 -22.32 -118.92 25.58
C ILE K 41 -21.46 -118.84 24.33
N SER K 42 -20.23 -118.32 24.47
CA SER K 42 -19.30 -118.31 23.34
C SER K 42 -18.99 -119.73 22.87
N ALA K 43 -18.76 -120.64 23.81
CA ALA K 43 -18.50 -122.04 23.44
C ALA K 43 -19.71 -122.67 22.76
N SER K 44 -20.91 -122.36 23.24
CA SER K 44 -22.11 -122.98 22.67
C SER K 44 -22.38 -122.47 21.25
N ILE K 45 -22.26 -121.15 21.05
CA ILE K 45 -22.51 -120.62 19.71
C ILE K 45 -21.31 -120.76 18.78
N GLN K 46 -20.17 -121.21 19.29
CA GLN K 46 -19.02 -121.57 18.47
C GLN K 46 -18.80 -123.08 18.42
N GLN K 47 -19.77 -123.86 18.91
CA GLN K 47 -19.72 -125.33 18.92
C GLN K 47 -18.50 -125.85 19.67
N ARG K 48 -18.30 -125.35 20.89
CA ARG K 48 -17.24 -125.83 21.75
C ARG K 48 -17.81 -126.26 23.09
N ILE K 49 -16.95 -126.54 24.07
CA ILE K 49 -17.37 -126.97 25.39
C ILE K 49 -17.19 -125.86 26.42
N GLY K 50 -16.11 -125.10 26.34
CA GLY K 50 -15.83 -124.06 27.30
C GLY K 50 -15.08 -124.61 28.50
N PRO K 51 -15.07 -123.86 29.60
CA PRO K 51 -14.37 -124.34 30.80
C PRO K 51 -14.98 -125.61 31.34
N GLU K 52 -14.13 -126.63 31.50
CA GLU K 52 -14.61 -127.96 31.89
C GLU K 52 -13.82 -128.51 33.07
N TYR K 53 -12.54 -128.17 33.17
CA TYR K 53 -11.65 -128.80 34.13
C TYR K 53 -11.48 -128.01 35.42
N ALA K 54 -11.72 -126.71 35.41
CA ALA K 54 -11.64 -125.91 36.63
C ALA K 54 -13.00 -126.01 37.33
N GLY K 55 -13.15 -127.06 38.13
CA GLY K 55 -14.42 -127.35 38.77
C GLY K 55 -15.19 -128.40 38.01
N PRO K 56 -16.46 -128.61 38.40
CA PRO K 56 -17.29 -129.61 37.72
C PRO K 56 -17.56 -129.28 36.26
N LEU K 57 -18.10 -128.10 36.00
CA LEU K 57 -18.44 -127.65 34.66
C LEU K 57 -17.84 -126.28 34.38
N GLY K 58 -16.62 -126.06 34.86
CA GLY K 58 -16.01 -124.76 34.73
C GLY K 58 -16.54 -123.72 35.70
N ILE K 59 -17.26 -124.14 36.74
CA ILE K 59 -17.86 -123.21 37.69
C ILE K 59 -16.78 -122.41 38.42
N LEU K 60 -15.67 -123.06 38.74
CA LEU K 60 -14.59 -122.43 39.48
C LEU K 60 -13.55 -121.76 38.58
N GLN K 61 -13.86 -121.58 37.29
CA GLN K 61 -12.88 -121.01 36.37
C GLN K 61 -12.62 -119.54 36.70
N ALA K 62 -13.68 -118.75 36.87
CA ALA K 62 -13.51 -117.33 37.14
C ALA K 62 -12.91 -117.09 38.53
N LEU K 63 -13.25 -117.94 39.50
CA LEU K 63 -12.60 -117.87 40.81
C LEU K 63 -11.12 -118.16 40.70
N ALA K 64 -10.75 -119.14 39.86
CA ALA K 64 -9.34 -119.44 39.62
C ALA K 64 -8.64 -118.26 38.98
N ASP K 65 -9.30 -117.60 38.01
CA ASP K 65 -8.72 -116.41 37.40
C ASP K 65 -8.50 -115.31 38.42
N GLY K 66 -9.48 -115.10 39.30
CA GLY K 66 -9.34 -114.05 40.31
C GLY K 66 -8.23 -114.33 41.30
N THR K 67 -8.12 -115.57 41.76
CA THR K 67 -7.05 -115.90 42.71
C THR K 67 -5.69 -115.89 42.03
N LYS K 68 -5.61 -116.25 40.74
CA LYS K 68 -4.36 -116.14 40.01
C LYS K 68 -3.93 -114.69 39.89
N LEU K 69 -4.87 -113.80 39.56
CA LEU K 69 -4.54 -112.38 39.48
C LEU K 69 -4.17 -111.82 40.84
N LEU K 70 -4.75 -112.38 41.92
CA LEU K 70 -4.34 -112.00 43.27
C LEU K 70 -2.90 -112.43 43.54
N PHE K 71 -2.52 -113.62 43.10
CA PHE K 71 -1.18 -114.14 43.32
C PHE K 71 -0.18 -113.72 42.25
N LYS K 72 -0.62 -112.98 41.24
CA LYS K 72 0.27 -112.49 40.20
C LYS K 72 0.98 -111.23 40.66
N GLU K 73 2.27 -111.14 40.34
CA GLU K 73 3.09 -110.00 40.74
C GLU K 73 2.53 -108.68 40.23
N ASN K 74 2.40 -107.71 41.12
CA ASN K 74 1.91 -106.39 40.76
C ASN K 74 3.03 -105.64 40.06
N LEU K 75 2.82 -105.29 38.80
CA LEU K 75 3.85 -104.71 37.94
C LEU K 75 3.56 -103.23 37.72
N LEU K 76 4.51 -102.38 38.07
CA LEU K 76 4.38 -100.94 37.92
C LEU K 76 5.32 -100.42 36.83
N PRO K 77 4.92 -99.42 36.07
CA PRO K 77 5.79 -98.87 35.02
C PRO K 77 6.85 -97.95 35.61
N SER K 78 8.09 -98.13 35.19
CA SER K 78 9.17 -97.27 35.66
C SER K 78 9.13 -95.91 34.97
N ARG K 79 8.72 -95.87 33.70
CA ARG K 79 8.72 -94.63 32.95
C ARG K 79 7.57 -93.70 33.34
N GLY K 80 6.42 -94.28 33.70
CA GLY K 80 5.22 -93.52 33.96
C GLY K 80 5.08 -93.06 35.39
N ASP K 81 3.84 -92.75 35.76
CA ASP K 81 3.49 -92.28 37.09
C ASP K 81 2.81 -93.40 37.87
N THR K 82 3.29 -93.65 39.09
CA THR K 82 2.75 -94.74 39.89
C THR K 82 1.38 -94.39 40.45
N TYR K 83 1.19 -93.14 40.88
CA TYR K 83 -0.03 -92.77 41.59
C TYR K 83 -1.24 -92.82 40.67
N LEU K 84 -1.13 -92.24 39.46
CA LEU K 84 -2.24 -92.31 38.50
C LEU K 84 -2.52 -93.76 38.10
N PHE K 85 -1.45 -94.55 37.94
CA PHE K 85 -1.57 -95.96 37.59
C PHE K 85 -2.38 -96.72 38.63
N SER K 86 -2.11 -96.47 39.91
CA SER K 86 -2.84 -97.15 40.98
C SER K 86 -4.24 -96.57 41.19
N ILE K 87 -4.45 -95.30 40.86
CA ILE K 87 -5.70 -94.64 41.19
C ILE K 87 -6.78 -94.92 40.13
N GLY K 88 -6.39 -94.98 38.85
CA GLY K 88 -7.33 -95.14 37.75
C GLY K 88 -8.37 -96.24 37.87
N PRO K 89 -7.93 -97.50 37.89
CA PRO K 89 -8.90 -98.61 38.03
C PRO K 89 -9.71 -98.56 39.31
N SER K 90 -9.13 -98.06 40.40
CA SER K 90 -9.90 -97.92 41.64
C SER K 90 -11.03 -96.92 41.47
N ILE K 91 -10.76 -95.79 40.80
CA ILE K 91 -11.81 -94.81 40.55
C ILE K 91 -12.89 -95.41 39.65
N ALA K 92 -12.48 -96.16 38.62
CA ALA K 92 -13.46 -96.77 37.73
C ALA K 92 -14.36 -97.74 38.47
N VAL K 93 -13.76 -98.62 39.29
CA VAL K 93 -14.57 -99.61 39.99
C VAL K 93 -15.42 -98.98 41.07
N ILE K 94 -14.96 -97.90 41.70
CA ILE K 94 -15.76 -97.22 42.71
C ILE K 94 -16.97 -96.56 42.06
N SER K 95 -16.74 -95.82 40.97
CA SER K 95 -17.82 -95.13 40.30
C SER K 95 -18.80 -96.09 39.62
N ILE K 96 -18.36 -97.30 39.30
CA ILE K 96 -19.29 -98.28 38.75
C ILE K 96 -20.06 -98.99 39.86
N LEU K 97 -19.40 -99.31 40.97
CA LEU K 97 -20.07 -99.95 42.10
C LEU K 97 -21.09 -99.05 42.76
N LEU K 98 -20.88 -97.72 42.70
CA LEU K 98 -21.80 -96.79 43.36
C LEU K 98 -23.19 -96.80 42.75
N GLY K 99 -23.36 -97.34 41.54
CA GLY K 99 -24.67 -97.40 40.92
C GLY K 99 -25.57 -98.52 41.42
N TYR K 100 -25.04 -99.44 42.23
CA TYR K 100 -25.82 -100.55 42.75
C TYR K 100 -26.61 -100.18 44.00
N LEU K 101 -26.48 -98.94 44.47
CA LEU K 101 -27.17 -98.52 45.68
C LEU K 101 -28.68 -98.34 45.46
N ILE K 102 -29.11 -98.10 44.22
CA ILE K 102 -30.48 -97.72 43.95
C ILE K 102 -31.25 -98.79 43.20
N ILE K 103 -30.65 -99.93 42.91
CA ILE K 103 -31.33 -100.98 42.15
C ILE K 103 -32.27 -101.76 43.06
N PRO K 104 -33.56 -101.78 42.77
CA PRO K 104 -34.49 -102.57 43.59
C PRO K 104 -34.68 -103.99 43.06
N PHE K 105 -34.51 -104.98 43.94
CA PHE K 105 -34.86 -106.36 43.64
C PHE K 105 -36.21 -106.73 44.21
N GLY K 106 -36.92 -105.78 44.81
CA GLY K 106 -38.23 -105.99 45.38
C GLY K 106 -38.81 -104.65 45.78
N SER K 107 -39.96 -104.63 46.44
CA SER K 107 -40.55 -103.30 46.71
C SER K 107 -39.70 -102.59 47.77
N ARG K 108 -38.97 -103.36 48.56
CA ARG K 108 -38.22 -102.77 49.68
C ARG K 108 -36.83 -103.41 49.78
N LEU K 109 -36.49 -104.25 48.80
CA LEU K 109 -35.16 -104.87 48.77
C LEU K 109 -34.28 -103.96 47.93
N VAL K 110 -34.13 -102.73 48.42
CA VAL K 110 -33.25 -101.73 47.84
C VAL K 110 -32.43 -101.14 48.98
N LEU K 111 -31.12 -100.99 48.78
CA LEU K 111 -30.26 -100.45 49.82
C LEU K 111 -30.64 -99.03 50.18
N ALA K 112 -30.93 -98.20 49.18
CA ALA K 112 -31.33 -96.83 49.42
C ALA K 112 -32.24 -96.38 48.30
N ASP K 113 -33.49 -96.07 48.63
CA ASP K 113 -34.45 -95.54 47.66
C ASP K 113 -34.30 -94.02 47.64
N LEU K 114 -33.16 -93.58 47.11
CA LEU K 114 -32.91 -92.16 46.99
C LEU K 114 -33.82 -91.55 45.95
N SER K 115 -34.44 -90.42 46.30
CA SER K 115 -35.38 -89.78 45.39
C SER K 115 -34.68 -89.16 44.20
N ILE K 116 -33.38 -88.90 44.32
CA ILE K 116 -32.61 -88.45 43.15
C ILE K 116 -32.48 -89.59 42.14
N GLY K 117 -32.34 -90.82 42.63
CA GLY K 117 -32.52 -92.01 41.81
C GLY K 117 -31.55 -92.14 40.66
N VAL K 118 -32.10 -92.29 39.45
CA VAL K 118 -31.32 -92.64 38.27
C VAL K 118 -30.37 -91.51 37.88
N PHE K 119 -30.72 -90.28 38.24
CA PHE K 119 -29.82 -89.15 37.97
C PHE K 119 -28.49 -89.32 38.68
N LEU K 120 -28.52 -89.79 39.93
CA LEU K 120 -27.30 -90.07 40.65
C LEU K 120 -26.52 -91.20 39.97
N TRP K 121 -27.23 -92.19 39.41
CA TRP K 121 -26.55 -93.27 38.69
C TRP K 121 -25.81 -92.74 37.48
N ILE K 122 -26.44 -91.84 36.72
CA ILE K 122 -25.76 -91.23 35.58
C ILE K 122 -24.56 -90.41 36.04
N ALA K 123 -24.74 -89.65 37.12
CA ALA K 123 -23.67 -88.79 37.63
C ALA K 123 -22.46 -89.62 38.08
N VAL K 124 -22.69 -90.75 38.74
CA VAL K 124 -21.56 -91.55 39.22
C VAL K 124 -20.98 -92.39 38.08
N SER K 125 -21.80 -92.74 37.09
CA SER K 125 -21.26 -93.51 35.96
C SER K 125 -20.46 -92.62 35.03
N SER K 126 -20.62 -91.30 35.14
CA SER K 126 -19.82 -90.40 34.31
C SER K 126 -18.36 -90.35 34.77
N ILE K 127 -18.07 -90.84 35.97
CA ILE K 127 -16.75 -90.62 36.57
C ILE K 127 -15.71 -91.65 36.10
N ALA K 128 -16.15 -92.86 35.76
CA ALA K 128 -15.22 -93.91 35.36
C ALA K 128 -14.32 -93.57 34.16
N PRO K 129 -14.80 -92.89 33.10
CA PRO K 129 -13.86 -92.54 32.01
C PRO K 129 -12.72 -91.63 32.42
N ILE K 130 -12.90 -90.84 33.49
CA ILE K 130 -11.77 -90.10 34.03
C ILE K 130 -10.72 -91.06 34.58
N GLY K 131 -11.16 -92.13 35.23
CA GLY K 131 -10.22 -93.16 35.66
C GLY K 131 -9.56 -93.87 34.50
N LEU K 132 -10.29 -94.10 33.41
CA LEU K 132 -9.70 -94.70 32.22
C LEU K 132 -8.64 -93.79 31.60
N LEU K 133 -8.93 -92.48 31.53
CA LEU K 133 -7.95 -91.52 31.02
C LEU K 133 -6.74 -91.45 31.95
N MET K 134 -6.96 -91.54 33.26
CA MET K 134 -5.86 -91.55 34.21
C MET K 134 -4.97 -92.78 34.01
N SER K 135 -5.60 -93.94 33.78
CA SER K 135 -4.84 -95.16 33.50
C SER K 135 -4.07 -95.05 32.20
N GLY K 136 -4.67 -94.43 31.18
CA GLY K 136 -3.99 -94.26 29.91
C GLY K 136 -2.79 -93.33 30.00
N TYR K 137 -2.94 -92.23 30.74
CA TYR K 137 -1.84 -91.28 30.86
C TYR K 137 -0.74 -91.80 31.77
N GLY K 138 -1.11 -92.51 32.84
CA GLY K 138 -0.11 -92.92 33.81
C GLY K 138 0.74 -94.08 33.35
N SER K 139 0.28 -94.83 32.35
CA SER K 139 1.00 -96.01 31.91
C SER K 139 2.21 -95.66 31.06
N ASN K 140 2.24 -94.43 30.52
CA ASN K 140 3.31 -93.96 29.63
C ASN K 140 3.51 -94.89 28.43
N ASN K 141 2.40 -95.33 27.85
CA ASN K 141 2.42 -96.19 26.68
C ASN K 141 1.53 -95.60 25.60
N LYS K 142 1.96 -95.73 24.35
CA LYS K 142 1.20 -95.18 23.24
C LYS K 142 -0.14 -95.88 23.07
N TYR K 143 -0.15 -97.21 23.23
CA TYR K 143 -1.40 -97.95 23.19
C TYR K 143 -2.33 -97.54 24.32
N SER K 144 -1.77 -97.36 25.53
CA SER K 144 -2.56 -96.92 26.67
C SER K 144 -3.13 -95.52 26.44
N PHE K 145 -2.31 -94.62 25.86
CA PHE K 145 -2.77 -93.27 25.58
C PHE K 145 -3.92 -93.28 24.58
N LEU K 146 -3.78 -94.07 23.52
CA LEU K 146 -4.84 -94.18 22.53
C LEU K 146 -6.11 -94.76 23.14
N GLY K 147 -5.97 -95.78 23.99
CA GLY K 147 -7.13 -96.37 24.64
C GLY K 147 -7.84 -95.39 25.56
N GLY K 148 -7.08 -94.61 26.31
CA GLY K 148 -7.70 -93.62 27.19
C GLY K 148 -8.43 -92.54 26.41
N LEU K 149 -7.81 -92.04 25.34
CA LEU K 149 -8.48 -91.03 24.52
C LEU K 149 -9.75 -91.60 23.87
N ARG K 150 -9.69 -92.84 23.41
CA ARG K 150 -10.86 -93.48 22.81
C ARG K 150 -11.98 -93.67 23.83
N ALA K 151 -11.62 -94.04 25.07
CA ALA K 151 -12.62 -94.18 26.12
C ALA K 151 -13.30 -92.86 26.43
N ALA K 152 -12.50 -91.79 26.52
CA ALA K 152 -13.08 -90.46 26.77
C ALA K 152 -14.02 -90.05 25.64
N ALA K 153 -13.62 -90.28 24.38
CA ALA K 153 -14.46 -89.93 23.25
C ALA K 153 -15.76 -90.75 23.24
N GLN K 154 -15.65 -92.04 23.55
CA GLN K 154 -16.83 -92.91 23.60
C GLN K 154 -17.82 -92.44 24.65
N SER K 155 -17.33 -92.12 25.84
CA SER K 155 -18.20 -91.65 26.91
C SER K 155 -18.85 -90.32 26.55
N ILE K 156 -18.07 -89.40 25.98
CA ILE K 156 -18.61 -88.11 25.57
C ILE K 156 -19.72 -88.29 24.54
N SER K 157 -19.51 -89.19 23.58
CA SER K 157 -20.52 -89.42 22.55
C SER K 157 -21.78 -90.04 23.11
N TYR K 158 -21.66 -91.01 24.01
CA TYR K 158 -22.83 -91.79 24.39
C TYR K 158 -23.38 -91.50 25.78
N GLU K 159 -22.94 -90.44 26.44
CA GLU K 159 -23.57 -90.08 27.72
C GLU K 159 -24.91 -89.39 27.51
N ILE K 160 -25.04 -88.61 26.43
CA ILE K 160 -26.23 -87.76 26.26
C ILE K 160 -27.47 -88.55 25.84
N PRO K 161 -27.43 -89.43 24.83
CA PRO K 161 -28.65 -90.20 24.52
C PRO K 161 -29.15 -91.05 25.67
N LEU K 162 -28.24 -91.63 26.45
CA LEU K 162 -28.64 -92.38 27.64
C LEU K 162 -29.33 -91.47 28.64
N THR K 163 -28.80 -90.25 28.83
CA THR K 163 -29.41 -89.31 29.75
C THR K 163 -30.81 -88.91 29.30
N LEU K 164 -30.99 -88.66 28.01
CA LEU K 164 -32.31 -88.29 27.51
C LEU K 164 -33.29 -89.46 27.57
N CYS K 165 -32.80 -90.68 27.34
CA CYS K 165 -33.66 -91.85 27.44
C CYS K 165 -34.11 -92.09 28.87
N VAL K 166 -33.21 -91.87 29.84
CA VAL K 166 -33.60 -91.95 31.25
C VAL K 166 -34.56 -90.83 31.60
N LEU K 167 -34.35 -89.64 31.03
CA LEU K 167 -35.22 -88.50 31.28
C LEU K 167 -36.64 -88.75 30.79
N SER K 168 -36.78 -89.40 29.63
CA SER K 168 -38.11 -89.72 29.12
C SER K 168 -38.85 -90.69 30.04
N ILE K 169 -38.15 -91.70 30.55
CA ILE K 169 -38.75 -92.65 31.47
C ILE K 169 -39.15 -91.96 32.78
N SER K 170 -38.29 -91.06 33.27
CA SER K 170 -38.60 -90.31 34.48
C SER K 170 -39.80 -89.39 34.27
N LEU K 171 -39.91 -88.81 33.08
CA LEU K 171 -41.08 -88.00 32.74
C LEU K 171 -42.35 -88.83 32.72
N LEU K 172 -42.27 -90.04 32.16
CA LEU K 172 -43.43 -90.92 32.13
C LEU K 172 -43.85 -91.34 33.54
N SER K 173 -42.87 -91.63 34.40
CA SER K 173 -43.20 -92.12 35.73
C SER K 173 -43.35 -90.99 36.73
N ASN K 174 -43.06 -89.76 36.32
CA ASN K 174 -43.13 -88.53 37.10
C ASN K 174 -42.22 -88.55 38.33
N SER K 175 -41.24 -89.46 38.40
CA SER K 175 -40.35 -89.54 39.54
C SER K 175 -39.02 -90.15 39.09
N SER K 176 -37.96 -89.74 39.76
CA SER K 176 -36.62 -90.25 39.45
C SER K 176 -36.26 -91.50 40.25
N SER K 177 -37.07 -91.89 41.22
CA SER K 177 -36.76 -93.07 42.02
C SER K 177 -37.08 -94.33 41.23
N THR K 178 -36.24 -95.36 41.40
CA THR K 178 -36.41 -96.60 40.66
C THR K 178 -37.64 -97.36 41.12
N VAL K 179 -37.93 -97.33 42.43
CA VAL K 179 -39.09 -98.04 42.96
C VAL K 179 -40.37 -97.42 42.41
N ASP K 180 -40.42 -96.09 42.32
CA ASP K 180 -41.58 -95.42 41.75
C ASP K 180 -41.76 -95.79 40.28
N ILE K 181 -40.67 -95.89 39.53
CA ILE K 181 -40.74 -96.28 38.13
C ILE K 181 -41.28 -97.70 37.99
N VAL K 182 -40.78 -98.63 38.82
CA VAL K 182 -41.24 -100.01 38.72
C VAL K 182 -42.71 -100.12 39.11
N GLU K 183 -43.13 -99.38 40.14
CA GLU K 183 -44.54 -99.45 40.54
C GLU K 183 -45.45 -98.81 39.51
N ALA K 184 -45.01 -97.73 38.87
CA ALA K 184 -45.78 -97.12 37.79
C ALA K 184 -45.92 -98.08 36.62
N GLN K 185 -44.87 -98.85 36.33
CA GLN K 185 -44.99 -99.94 35.36
C GLN K 185 -45.99 -100.99 35.85
N SER K 186 -45.97 -101.30 37.14
CA SER K 186 -46.77 -102.38 37.68
C SER K 186 -48.22 -102.01 37.82
N LYS K 187 -48.57 -100.73 37.63
CA LYS K 187 -49.97 -100.33 37.71
C LYS K 187 -50.82 -101.05 36.67
N TYR K 188 -50.38 -101.04 35.42
CA TYR K 188 -51.12 -101.70 34.34
C TYR K 188 -50.61 -103.10 34.04
N GLY K 189 -49.64 -103.60 34.79
CA GLY K 189 -49.21 -104.97 34.61
C GLY K 189 -48.26 -105.13 33.43
N PHE K 190 -48.45 -106.22 32.69
CA PHE K 190 -47.56 -106.56 31.59
C PHE K 190 -47.63 -105.52 30.47
N TRP K 191 -48.81 -104.96 30.24
CA TRP K 191 -48.94 -103.91 29.22
C TRP K 191 -48.44 -102.58 29.74
N GLY K 192 -48.23 -102.47 31.05
CA GLY K 192 -47.78 -101.21 31.63
C GLY K 192 -46.29 -101.00 31.57
N TRP K 193 -45.54 -101.96 31.03
CA TRP K 193 -44.09 -101.81 30.93
C TRP K 193 -43.76 -100.68 29.96
N ASN K 194 -42.70 -99.94 30.28
CA ASN K 194 -42.30 -98.82 29.42
C ASN K 194 -41.65 -99.30 28.13
N LEU K 195 -41.39 -100.61 28.01
CA LEU K 195 -40.86 -101.17 26.77
C LEU K 195 -41.84 -100.98 25.62
N TRP K 196 -43.13 -101.21 25.86
CA TRP K 196 -44.13 -101.04 24.82
C TRP K 196 -44.43 -99.58 24.56
N ARG K 197 -44.46 -98.77 25.62
CA ARG K 197 -44.84 -97.37 25.46
C ARG K 197 -43.70 -96.54 24.88
N GLN K 198 -42.46 -96.92 25.15
CA GLN K 198 -41.28 -96.19 24.69
C GLN K 198 -40.32 -97.13 23.99
N PRO K 199 -40.60 -97.51 22.74
CA PRO K 199 -39.68 -98.41 22.04
C PRO K 199 -38.42 -97.72 21.57
N ILE K 200 -38.54 -96.48 21.10
CA ILE K 200 -37.38 -95.76 20.58
C ILE K 200 -36.36 -95.51 21.67
N GLY K 201 -36.83 -95.06 22.84
CA GLY K 201 -35.95 -94.92 23.97
C GLY K 201 -35.36 -96.24 24.42
N PHE K 202 -36.11 -97.33 24.24
CA PHE K 202 -35.62 -98.66 24.59
C PHE K 202 -34.41 -99.04 23.74
N ILE K 203 -34.53 -98.90 22.42
CA ILE K 203 -33.40 -99.24 21.53
C ILE K 203 -32.21 -98.31 21.78
N VAL K 204 -32.47 -97.01 21.93
CA VAL K 204 -31.38 -96.06 22.12
C VAL K 204 -30.69 -96.30 23.47
N PHE K 205 -31.46 -96.68 24.49
CA PHE K 205 -30.88 -97.01 25.79
C PHE K 205 -30.01 -98.26 25.69
N ILE K 206 -30.46 -99.26 24.94
CA ILE K 206 -29.66 -100.48 24.76
C ILE K 206 -28.33 -100.14 24.10
N ILE K 207 -28.38 -99.37 23.01
CA ILE K 207 -27.16 -99.05 22.27
C ILE K 207 -26.23 -98.18 23.12
N SER K 208 -26.78 -97.20 23.83
CA SER K 208 -25.97 -96.31 24.66
C SER K 208 -25.36 -97.06 25.84
N SER K 209 -26.10 -97.97 26.45
CA SER K 209 -25.56 -98.75 27.56
C SER K 209 -24.48 -99.71 27.07
N LEU K 210 -24.67 -100.29 25.88
CA LEU K 210 -23.64 -101.15 25.31
C LEU K 210 -22.38 -100.34 25.00
N ALA K 211 -22.53 -99.09 24.59
CA ALA K 211 -21.36 -98.25 24.35
C ALA K 211 -20.67 -97.85 25.66
N GLU K 212 -21.45 -97.56 26.70
CA GLU K 212 -20.87 -97.17 27.98
C GLU K 212 -20.21 -98.36 28.67
N CYS K 213 -20.78 -99.56 28.49
CA CYS K 213 -20.15 -100.75 29.04
C CYS K 213 -18.93 -101.17 28.22
N GLU K 214 -18.72 -100.51 27.08
CA GLU K 214 -17.61 -100.74 26.16
C GLU K 214 -17.63 -102.17 25.62
N ARG K 215 -18.81 -102.76 25.53
CA ARG K 215 -18.95 -104.06 24.89
C ARG K 215 -18.95 -103.89 23.37
N LEU K 216 -18.58 -104.96 22.68
CA LEU K 216 -18.56 -104.95 21.23
C LEU K 216 -19.98 -104.77 20.70
N PRO K 217 -20.18 -104.03 19.59
CA PRO K 217 -19.21 -103.38 18.69
C PRO K 217 -18.64 -102.05 19.16
N PHE K 218 -18.70 -101.72 20.45
CA PHE K 218 -18.20 -100.45 20.96
C PHE K 218 -17.05 -100.71 21.93
N ASP K 219 -16.19 -101.67 21.58
CA ASP K 219 -15.03 -102.02 22.39
C ASP K 219 -13.76 -101.31 21.91
N LEU K 220 -13.90 -100.12 21.35
CA LEU K 220 -12.75 -99.41 20.77
C LEU K 220 -11.63 -99.08 21.75
N PRO K 221 -11.87 -98.56 22.96
CA PRO K 221 -10.73 -98.27 23.85
C PRO K 221 -9.95 -99.51 24.28
N GLU K 222 -10.56 -100.69 24.25
CA GLU K 222 -9.86 -101.93 24.58
C GLU K 222 -9.78 -102.89 23.39
N ALA K 223 -9.83 -102.37 22.17
CA ALA K 223 -9.84 -103.21 20.98
C ALA K 223 -8.52 -103.94 20.83
N GLU K 224 -8.56 -105.27 20.99
CA GLU K 224 -7.34 -106.07 21.06
C GLU K 224 -6.62 -106.12 19.72
N GLU K 225 -7.34 -105.97 18.61
CA GLU K 225 -6.70 -106.10 17.30
C GLU K 225 -6.04 -104.79 16.88
N GLU K 226 -6.55 -103.65 17.35
CA GLU K 226 -5.96 -102.37 16.95
C GLU K 226 -4.85 -101.95 17.92
N LEU K 227 -5.15 -101.93 19.21
CA LEU K 227 -4.15 -101.74 20.26
C LEU K 227 -3.98 -103.06 20.97
N VAL K 228 -2.83 -103.26 21.61
CA VAL K 228 -2.50 -104.57 22.17
C VAL K 228 -3.51 -104.94 23.27
N ALA K 229 -3.72 -104.04 24.23
CA ALA K 229 -4.79 -104.22 25.19
C ALA K 229 -5.50 -102.92 25.55
N GLY K 230 -5.20 -101.82 24.84
CA GLY K 230 -5.84 -100.56 25.17
C GLY K 230 -5.24 -99.95 26.42
N TYR K 231 -6.10 -99.43 27.30
CA TYR K 231 -5.62 -98.83 28.54
C TYR K 231 -5.13 -99.89 29.52
N GLN K 232 -5.49 -101.15 29.29
CA GLN K 232 -5.03 -102.25 30.13
C GLN K 232 -3.72 -102.86 29.65
N THR K 233 -2.99 -102.17 28.78
CA THR K 233 -1.81 -102.76 28.15
C THR K 233 -0.69 -102.98 29.16
N GLU K 234 -0.43 -101.98 30.00
CA GLU K 234 0.67 -102.04 30.96
C GLU K 234 0.20 -102.53 32.34
N TYR K 235 -1.05 -102.94 32.47
CA TYR K 235 -1.62 -103.29 33.77
C TYR K 235 -1.50 -104.79 34.00
N SER K 236 -0.97 -105.15 35.16
CA SER K 236 -0.74 -106.53 35.52
C SER K 236 -1.20 -106.78 36.95
N GLY K 237 -1.56 -108.03 37.22
CA GLY K 237 -1.89 -108.41 38.59
C GLY K 237 -3.33 -108.10 38.93
N ILE K 238 -3.52 -107.43 40.07
CA ILE K 238 -4.88 -107.25 40.60
C ILE K 238 -5.57 -106.08 39.90
N LYS K 239 -4.80 -105.18 39.29
CA LYS K 239 -5.41 -104.01 38.66
C LYS K 239 -6.15 -104.38 37.38
N PHE K 240 -5.59 -105.32 36.60
CA PHE K 240 -6.30 -105.82 35.43
C PHE K 240 -7.59 -106.52 35.83
N GLY K 241 -7.54 -107.27 36.94
CA GLY K 241 -8.74 -107.86 37.47
C GLY K 241 -9.76 -106.82 37.91
N LEU K 242 -9.29 -105.71 38.47
CA LEU K 242 -10.18 -104.61 38.83
C LEU K 242 -10.85 -104.01 37.59
N PHE K 243 -10.07 -103.84 36.53
CA PHE K 243 -10.60 -103.25 35.28
C PHE K 243 -11.37 -104.30 34.55
N TYR K 244 -11.32 -105.54 35.02
CA TYR K 244 -12.20 -106.56 34.40
C TYR K 244 -13.47 -106.56 35.20
N VAL K 245 -13.38 -106.73 36.51
CA VAL K 245 -14.59 -106.60 37.36
C VAL K 245 -15.40 -105.38 36.93
N ALA K 246 -14.82 -104.18 36.94
CA ALA K 246 -15.59 -102.97 36.67
C ALA K 246 -16.39 -103.11 35.37
N SER K 247 -15.78 -103.69 34.33
CA SER K 247 -16.49 -103.87 33.07
C SER K 247 -17.70 -104.79 33.22
N TYR K 248 -17.53 -105.92 33.90
CA TYR K 248 -18.64 -106.85 34.04
C TYR K 248 -19.70 -106.30 35.00
N LEU K 249 -19.28 -105.51 35.98
CA LEU K 249 -20.23 -104.85 36.87
C LEU K 249 -21.04 -103.80 36.12
N ASN K 250 -20.39 -103.08 35.20
CA ASN K 250 -21.11 -102.14 34.35
C ASN K 250 -22.13 -102.86 33.48
N LEU K 251 -21.74 -104.01 32.92
CA LEU K 251 -22.69 -104.79 32.13
C LEU K 251 -23.88 -105.24 32.98
N LEU K 252 -23.63 -105.72 34.19
CA LEU K 252 -24.70 -106.17 35.06
C LEU K 252 -25.63 -105.03 35.46
N ILE K 253 -25.06 -103.87 35.80
CA ILE K 253 -25.89 -102.75 36.24
C ILE K 253 -26.66 -102.18 35.06
N SER K 254 -26.10 -102.25 33.85
CA SER K 254 -26.85 -101.81 32.67
C SER K 254 -28.03 -102.74 32.40
N SER K 255 -27.81 -104.06 32.54
CA SER K 255 -28.92 -105.00 32.37
C SER K 255 -30.00 -104.80 33.44
N LEU K 256 -29.58 -104.54 34.68
CA LEU K 256 -30.54 -104.29 35.75
C LEU K 256 -31.32 -103.01 35.51
N PHE K 257 -30.68 -101.98 34.97
CA PHE K 257 -31.40 -100.75 34.68
C PHE K 257 -32.30 -100.91 33.47
N VAL K 258 -31.94 -101.81 32.54
CA VAL K 258 -32.84 -102.13 31.44
C VAL K 258 -34.11 -102.79 31.97
N THR K 259 -33.96 -103.77 32.86
CA THR K 259 -35.15 -104.47 33.35
C THR K 259 -35.93 -103.64 34.36
N VAL K 260 -35.29 -102.62 34.94
CA VAL K 260 -36.02 -101.75 35.88
C VAL K 260 -36.76 -100.65 35.13
N LEU K 261 -36.06 -99.94 34.25
CA LEU K 261 -36.65 -98.75 33.62
C LEU K 261 -37.66 -99.13 32.53
N TYR K 262 -37.33 -100.12 31.71
CA TYR K 262 -38.14 -100.45 30.54
C TYR K 262 -38.97 -101.70 30.71
N LEU K 263 -38.40 -102.75 31.31
CA LEU K 263 -39.23 -103.87 31.71
C LEU K 263 -39.91 -103.55 33.05
N GLY K 264 -40.74 -104.47 33.51
CA GLY K 264 -41.53 -104.23 34.69
C GLY K 264 -40.85 -104.45 36.01
N GLY K 265 -39.55 -104.79 36.01
CA GLY K 265 -38.88 -105.06 37.26
C GLY K 265 -39.36 -106.38 37.83
N TRP K 266 -39.72 -106.37 39.12
CA TRP K 266 -40.19 -107.58 39.77
C TRP K 266 -41.63 -107.93 39.42
N ASN K 267 -42.35 -107.04 38.74
CA ASN K 267 -43.75 -107.26 38.44
C ASN K 267 -43.91 -108.25 37.30
N LEU K 268 -44.89 -109.16 37.45
CA LEU K 268 -45.23 -110.11 36.40
C LEU K 268 -46.70 -110.44 36.56
N SER K 269 -47.56 -109.75 35.81
CA SER K 269 -48.99 -109.96 35.89
C SER K 269 -49.65 -109.34 34.66
N ILE K 270 -50.77 -109.94 34.25
CA ILE K 270 -51.57 -109.42 33.14
C ILE K 270 -52.99 -109.17 33.66
N PRO K 271 -53.30 -107.96 34.13
CA PRO K 271 -54.63 -107.70 34.69
C PRO K 271 -55.75 -107.72 33.66
N TYR K 272 -55.44 -107.48 32.38
CA TYR K 272 -56.48 -107.42 31.35
C TYR K 272 -56.92 -108.79 30.87
N ILE K 273 -56.22 -109.85 31.25
CA ILE K 273 -56.57 -111.21 30.86
C ILE K 273 -56.67 -112.09 32.10
N PHE K 274 -57.45 -113.16 31.98
CA PHE K 274 -57.68 -114.08 33.09
C PHE K 274 -56.56 -115.13 33.17
N ILE K 275 -55.34 -114.63 33.36
CA ILE K 275 -54.16 -115.47 33.51
C ILE K 275 -54.12 -115.99 34.94
N SER K 276 -54.45 -117.26 35.12
CA SER K 276 -54.49 -117.85 36.47
C SER K 276 -53.10 -117.91 37.08
N GLU K 277 -52.09 -118.26 36.29
CA GLU K 277 -50.73 -118.39 36.81
C GLU K 277 -50.17 -117.05 37.26
N PHE K 278 -50.36 -116.00 36.44
CA PHE K 278 -49.84 -114.68 36.80
C PHE K 278 -50.58 -114.11 38.00
N PHE K 279 -51.90 -114.31 38.06
CA PHE K 279 -52.67 -113.83 39.20
C PHE K 279 -52.26 -114.55 40.48
N GLU K 280 -52.03 -115.86 40.39
CA GLU K 280 -51.58 -116.61 41.57
C GLU K 280 -50.17 -116.22 41.98
N ILE K 281 -49.31 -115.87 41.02
CA ILE K 281 -47.98 -115.38 41.34
C ILE K 281 -48.05 -114.04 42.06
N ASN K 282 -48.88 -113.12 41.55
CA ASN K 282 -49.00 -111.81 42.18
C ASN K 282 -49.76 -111.86 43.50
N LYS K 283 -50.54 -112.92 43.75
CA LYS K 283 -51.28 -113.01 44.99
C LYS K 283 -50.39 -113.35 46.18
N ILE K 284 -49.19 -113.87 45.95
CA ILE K 284 -48.29 -114.24 47.04
C ILE K 284 -47.65 -112.99 47.63
N ASP K 285 -47.64 -112.90 48.94
CA ASP K 285 -47.01 -111.79 49.65
C ASP K 285 -46.18 -112.33 50.80
N GLY K 286 -45.17 -111.56 51.18
CA GLY K 286 -44.29 -111.93 52.27
C GLY K 286 -42.89 -112.25 51.80
N VAL K 287 -42.29 -113.24 52.48
CA VAL K 287 -40.96 -113.72 52.11
C VAL K 287 -41.00 -114.37 50.74
N PHE K 288 -42.02 -115.19 50.49
CA PHE K 288 -42.14 -115.88 49.21
C PHE K 288 -42.37 -114.90 48.06
N GLY K 289 -43.15 -113.85 48.30
CA GLY K 289 -43.37 -112.84 47.28
C GLY K 289 -42.08 -112.12 46.90
N THR K 290 -41.27 -111.77 47.91
CA THR K 290 -39.98 -111.14 47.63
C THR K 290 -39.04 -112.09 46.90
N THR K 291 -39.06 -113.37 47.27
CA THR K 291 -38.23 -114.35 46.57
C THR K 291 -38.63 -114.48 45.11
N ILE K 292 -39.95 -114.52 44.84
CA ILE K 292 -40.43 -114.61 43.46
C ILE K 292 -40.08 -113.34 42.69
N GLY K 293 -40.15 -112.18 43.36
CA GLY K 293 -39.74 -110.94 42.72
C GLY K 293 -38.27 -110.92 42.35
N ILE K 294 -37.42 -111.44 43.25
CA ILE K 294 -35.99 -111.55 42.96
C ILE K 294 -35.76 -112.49 41.78
N PHE K 295 -36.49 -113.61 41.75
CA PHE K 295 -36.38 -114.56 40.65
C PHE K 295 -36.76 -113.92 39.32
N ILE K 296 -37.85 -113.17 39.30
CA ILE K 296 -38.31 -112.52 38.08
C ILE K 296 -37.32 -111.46 37.63
N THR K 297 -36.81 -110.66 38.57
CA THR K 297 -35.82 -109.64 38.23
C THR K 297 -34.55 -110.26 37.67
N LEU K 298 -34.10 -111.37 38.26
CA LEU K 298 -32.90 -112.03 37.77
C LEU K 298 -33.11 -112.64 36.38
N ALA K 299 -34.30 -113.19 36.12
CA ALA K 299 -34.57 -113.74 34.79
C ALA K 299 -34.58 -112.64 33.73
N LYS K 300 -35.26 -111.52 34.03
CA LYS K 300 -35.30 -110.42 33.08
C LYS K 300 -33.94 -109.78 32.89
N THR K 301 -33.11 -109.76 33.95
CA THR K 301 -31.74 -109.30 33.81
C THR K 301 -30.92 -110.26 32.96
N PHE K 302 -31.16 -111.57 33.11
CA PHE K 302 -30.40 -112.54 32.35
C PHE K 302 -30.75 -112.49 30.87
N LEU K 303 -31.96 -112.07 30.52
CA LEU K 303 -32.29 -111.90 29.10
C LEU K 303 -31.37 -110.87 28.44
N PHE K 304 -31.23 -109.70 29.05
CA PHE K 304 -30.38 -108.64 28.55
C PHE K 304 -28.95 -108.75 29.05
N LEU K 305 -28.61 -109.89 29.67
CA LEU K 305 -27.21 -110.33 29.77
C LEU K 305 -26.88 -111.30 28.65
N PHE K 306 -27.84 -112.14 28.27
CA PHE K 306 -27.67 -113.08 27.17
C PHE K 306 -27.51 -112.35 25.84
N ILE K 307 -28.31 -111.31 25.63
CA ILE K 307 -28.28 -110.58 24.35
C ILE K 307 -26.92 -109.92 24.09
N PRO K 308 -26.32 -109.14 25.01
CA PRO K 308 -25.03 -108.52 24.67
C PRO K 308 -23.86 -109.48 24.65
N ILE K 309 -23.90 -110.54 25.45
CA ILE K 309 -22.85 -111.57 25.39
C ILE K 309 -22.85 -112.21 24.02
N THR K 310 -24.04 -112.47 23.47
CA THR K 310 -24.14 -112.90 22.07
C THR K 310 -23.63 -111.81 21.14
N THR K 311 -23.99 -110.55 21.41
CA THR K 311 -23.65 -109.45 20.51
C THR K 311 -22.15 -109.30 20.35
N ARG K 312 -21.39 -109.54 21.42
CA ARG K 312 -19.93 -109.48 21.34
C ARG K 312 -19.38 -110.52 20.37
N TRP K 313 -19.94 -111.73 20.38
CA TRP K 313 -19.42 -112.83 19.59
C TRP K 313 -20.06 -112.96 18.22
N THR K 314 -20.91 -112.02 17.82
CA THR K 314 -21.56 -112.10 16.51
C THR K 314 -21.14 -110.99 15.58
N LEU K 315 -21.31 -109.74 15.97
CA LEU K 315 -21.11 -108.62 15.08
C LEU K 315 -19.62 -108.30 14.94
N PRO K 316 -19.23 -107.62 13.86
CA PRO K 316 -17.91 -106.98 13.84
C PRO K 316 -17.92 -105.72 14.68
N ARG K 317 -16.76 -105.15 14.97
CA ARG K 317 -16.68 -103.96 15.80
C ARG K 317 -16.69 -102.71 14.92
N LEU K 318 -17.10 -101.60 15.53
CA LEU K 318 -17.22 -100.33 14.83
C LEU K 318 -15.85 -99.70 14.64
N ARG K 319 -15.85 -98.51 14.03
CA ARG K 319 -14.65 -97.68 13.98
C ARG K 319 -14.91 -96.40 14.77
N MET K 320 -13.82 -95.72 15.13
CA MET K 320 -13.91 -94.55 15.99
C MET K 320 -14.74 -93.45 15.34
N ASP K 321 -14.49 -93.14 14.07
CA ASP K 321 -15.26 -92.12 13.37
C ASP K 321 -16.73 -92.52 13.26
N GLN K 322 -16.98 -93.79 12.91
CA GLN K 322 -18.34 -94.28 12.82
C GLN K 322 -19.02 -94.36 14.18
N LEU K 323 -18.25 -94.64 15.25
CA LEU K 323 -18.80 -94.58 16.60
C LEU K 323 -19.26 -93.17 16.93
N LEU K 324 -18.43 -92.17 16.61
CA LEU K 324 -18.81 -90.78 16.84
C LEU K 324 -20.03 -90.40 16.01
N ASN K 325 -20.08 -90.83 14.75
CA ASN K 325 -21.21 -90.53 13.89
C ASN K 325 -22.50 -91.14 14.42
N LEU K 326 -22.44 -92.40 14.88
CA LEU K 326 -23.61 -93.04 15.44
C LEU K 326 -24.06 -92.36 16.73
N GLY K 327 -23.10 -91.97 17.57
CA GLY K 327 -23.45 -91.33 18.83
C GLY K 327 -24.05 -89.94 18.66
N TRP K 328 -23.52 -89.16 17.72
CA TRP K 328 -23.87 -87.75 17.62
C TRP K 328 -24.87 -87.42 16.52
N LYS K 329 -25.07 -88.30 15.55
CA LYS K 329 -25.93 -87.99 14.42
C LYS K 329 -27.10 -88.95 14.24
N PHE K 330 -27.14 -90.07 14.97
CA PHE K 330 -28.22 -91.02 14.80
C PHE K 330 -28.95 -91.25 16.11
N LEU K 331 -28.23 -91.21 17.23
CA LEU K 331 -28.83 -91.50 18.52
C LEU K 331 -29.36 -90.24 19.21
N LEU K 332 -28.60 -89.15 19.15
CA LEU K 332 -29.02 -87.93 19.86
C LEU K 332 -30.27 -87.28 19.27
N PRO K 333 -30.37 -87.03 17.94
CA PRO K 333 -31.65 -86.47 17.43
C PRO K 333 -32.83 -87.40 17.63
N ILE K 334 -32.60 -88.70 17.54
CA ILE K 334 -33.67 -89.67 17.76
C ILE K 334 -34.13 -89.65 19.21
N SER K 335 -33.19 -89.52 20.16
CA SER K 335 -33.56 -89.41 21.57
C SER K 335 -34.31 -88.11 21.85
N LEU K 336 -33.90 -87.02 21.19
CA LEU K 336 -34.62 -85.76 21.33
C LEU K 336 -36.05 -85.89 20.81
N GLY K 337 -36.23 -86.54 19.67
CA GLY K 337 -37.57 -86.77 19.14
C GLY K 337 -38.40 -87.66 20.06
N ASN K 338 -37.77 -88.66 20.67
CA ASN K 338 -38.48 -89.51 21.62
C ASN K 338 -38.91 -88.73 22.84
N LEU K 339 -38.05 -87.82 23.34
CA LEU K 339 -38.43 -86.98 24.45
C LEU K 339 -39.60 -86.06 24.09
N LEU K 340 -39.57 -85.50 22.88
CA LEU K 340 -40.67 -84.65 22.43
C LEU K 340 -41.97 -85.43 22.33
N LEU K 341 -41.91 -86.66 21.80
CA LEU K 341 -43.10 -87.49 21.72
C LEU K 341 -43.61 -87.87 23.10
N THR K 342 -42.70 -88.14 24.04
CA THR K 342 -43.09 -88.46 25.41
C THR K 342 -43.80 -87.27 26.06
N THR K 343 -43.28 -86.06 25.86
CA THR K 343 -43.93 -84.87 26.42
C THR K 343 -45.30 -84.64 25.79
N SER K 344 -45.39 -84.81 24.46
CA SER K 344 -46.67 -84.62 23.77
C SER K 344 -47.71 -85.63 24.25
N SER K 345 -47.30 -86.87 24.46
CA SER K 345 -48.23 -87.88 24.98
C SER K 345 -48.57 -87.62 26.45
N GLN K 346 -47.62 -87.09 27.23
CA GLN K 346 -47.87 -86.80 28.63
C GLN K 346 -48.74 -85.58 28.83
N LEU K 347 -48.88 -84.74 27.80
CA LEU K 347 -49.82 -83.63 27.87
C LEU K 347 -51.26 -84.09 28.09
N PHE K 348 -51.60 -85.32 27.70
CA PHE K 348 -52.96 -85.82 27.90
C PHE K 348 -53.22 -86.21 29.35
N SER K 349 -52.17 -86.47 30.14
CA SER K 349 -52.37 -86.93 31.51
C SER K 349 -52.87 -85.82 32.41
N LEU K 350 -52.27 -84.64 32.31
CA LEU K 350 -52.65 -83.52 33.17
C LEU K 350 -53.96 -82.87 32.70
N LYS L 1 -52.96 -76.64 32.33
CA LYS L 1 -52.71 -75.41 33.12
C LYS L 1 -53.32 -74.20 32.42
N ALA L 2 -52.64 -73.04 32.47
CA ALA L 2 -53.23 -71.81 31.90
C ALA L 2 -52.26 -71.12 30.94
N PHE L 3 -50.95 -71.30 31.13
CA PHE L 3 -49.92 -70.62 30.30
C PHE L 3 -50.27 -69.14 30.25
N HIS L 4 -51.07 -68.65 31.20
CA HIS L 4 -51.56 -67.26 31.11
C HIS L 4 -50.68 -66.35 31.96
N LEU L 5 -50.50 -66.74 33.23
CA LEU L 5 -49.67 -65.94 34.11
C LEU L 5 -48.34 -65.57 33.46
N LEU L 6 -47.71 -66.52 32.76
CA LEU L 6 -46.49 -66.19 32.03
C LEU L 6 -46.79 -65.46 30.73
N LEU L 7 -47.97 -65.65 30.16
CA LEU L 7 -48.31 -64.99 28.90
C LEU L 7 -48.48 -63.49 29.10
N PHE L 8 -49.18 -63.09 30.17
CA PHE L 8 -49.31 -61.68 30.48
C PHE L 8 -47.99 -61.08 30.92
N ASP L 9 -47.16 -61.83 31.65
CA ASP L 9 -45.83 -61.38 31.99
C ASP L 9 -44.87 -61.43 30.82
N GLY L 10 -45.12 -62.32 29.85
CA GLY L 10 -44.29 -62.40 28.67
C GLY L 10 -44.44 -61.23 27.72
N SER L 11 -45.56 -60.50 27.80
CA SER L 11 -45.72 -59.29 27.02
C SER L 11 -44.91 -58.13 27.57
N LEU L 12 -44.45 -58.23 28.82
CA LEU L 12 -43.65 -57.17 29.40
C LEU L 12 -42.23 -57.18 28.86
N ILE L 13 -41.74 -58.33 28.42
CA ILE L 13 -40.40 -58.44 27.85
C ILE L 13 -40.51 -58.64 26.35
N PHE L 14 -41.61 -58.15 25.76
CA PHE L 14 -41.79 -58.27 24.31
C PHE L 14 -40.70 -57.59 23.49
N PRO L 15 -40.16 -56.40 23.83
CA PRO L 15 -39.01 -55.90 23.08
C PRO L 15 -37.80 -56.82 23.10
N GLU L 16 -37.58 -57.56 24.19
CA GLU L 16 -36.52 -58.56 24.20
C GLU L 16 -36.92 -59.82 23.45
N CYS L 17 -38.21 -60.16 23.46
CA CYS L 17 -38.69 -61.30 22.67
C CYS L 17 -38.53 -61.05 21.17
N ILE L 18 -38.65 -59.78 20.74
CA ILE L 18 -38.39 -59.44 19.35
C ILE L 18 -36.94 -59.70 18.99
N LEU L 19 -36.02 -59.32 19.88
CA LEU L 19 -34.61 -59.61 19.66
C LEU L 19 -34.34 -61.10 19.61
N ILE L 20 -34.97 -61.87 20.50
CA ILE L 20 -34.79 -63.33 20.50
C ILE L 20 -35.31 -63.93 19.20
N PHE L 21 -36.48 -63.47 18.74
CA PHE L 21 -37.05 -63.99 17.50
C PHE L 21 -36.18 -63.64 16.30
N GLY L 22 -35.65 -62.41 16.26
CA GLY L 22 -34.77 -62.04 15.18
C GLY L 22 -33.47 -62.83 15.19
N LEU L 23 -32.94 -63.08 16.38
CA LEU L 23 -31.76 -63.92 16.55
C LEU L 23 -32.00 -65.32 16.00
N ILE L 24 -33.11 -65.93 16.40
CA ILE L 24 -33.42 -67.30 15.99
C ILE L 24 -33.67 -67.36 14.49
N LEU L 25 -34.37 -66.37 13.94
CA LEU L 25 -34.65 -66.35 12.50
C LEU L 25 -33.37 -66.18 11.70
N LEU L 26 -32.49 -65.29 12.14
CA LEU L 26 -31.19 -65.10 11.49
C LEU L 26 -30.37 -66.38 11.52
N LEU L 27 -30.33 -67.05 12.68
CA LEU L 27 -29.57 -68.29 12.79
C LEU L 27 -30.15 -69.39 11.91
N MET L 28 -31.48 -69.50 11.86
CA MET L 28 -32.12 -70.53 11.06
C MET L 28 -31.89 -70.30 9.57
N ILE L 29 -31.94 -69.04 9.13
CA ILE L 29 -31.69 -68.75 7.72
C ILE L 29 -30.21 -68.98 7.37
N ASP L 30 -29.31 -68.63 8.29
CA ASP L 30 -27.89 -68.91 8.06
C ASP L 30 -27.63 -70.41 7.94
N SER L 31 -28.29 -71.21 8.79
CA SER L 31 -28.10 -72.65 8.73
C SER L 31 -28.74 -73.26 7.49
N THR L 32 -29.92 -72.76 7.09
CA THR L 32 -30.68 -73.40 6.03
C THR L 32 -30.08 -73.14 4.65
N SER L 33 -29.66 -71.91 4.38
CA SER L 33 -29.23 -71.52 3.05
C SER L 33 -27.72 -71.43 2.98
N ASP L 34 -27.15 -71.97 1.90
CA ASP L 34 -25.69 -71.99 1.75
C ASP L 34 -25.16 -70.60 1.43
N GLN L 35 -25.81 -69.88 0.52
CA GLN L 35 -25.33 -68.58 0.10
C GLN L 35 -25.55 -67.54 1.21
N LYS L 36 -24.71 -66.50 1.19
CA LYS L 36 -24.75 -65.44 2.18
C LYS L 36 -24.92 -64.11 1.46
N ASP L 37 -25.84 -63.28 1.97
CA ASP L 37 -26.13 -61.98 1.38
C ASP L 37 -26.02 -60.91 2.46
N ILE L 38 -25.21 -59.89 2.17
CA ILE L 38 -25.08 -58.76 3.10
C ILE L 38 -26.40 -58.00 3.32
N PRO L 39 -27.17 -57.64 2.26
CA PRO L 39 -28.39 -56.85 2.52
C PRO L 39 -29.42 -57.52 3.41
N TRP L 40 -29.58 -58.85 3.32
CA TRP L 40 -30.56 -59.49 4.19
C TRP L 40 -30.10 -59.45 5.64
N LEU L 41 -28.81 -59.68 5.90
CA LEU L 41 -28.31 -59.58 7.26
C LEU L 41 -28.47 -58.18 7.82
N TYR L 42 -28.19 -57.17 6.98
CA TYR L 42 -28.46 -55.78 7.36
C TYR L 42 -29.92 -55.58 7.73
N PHE L 43 -30.82 -56.09 6.87
CA PHE L 43 -32.25 -55.89 7.09
C PHE L 43 -32.72 -56.56 8.38
N ILE L 44 -32.26 -57.80 8.63
CA ILE L 44 -32.76 -58.51 9.80
C ILE L 44 -32.20 -57.89 11.08
N SER L 45 -30.92 -57.49 11.09
CA SER L 45 -30.37 -56.85 12.28
C SER L 45 -31.06 -55.52 12.56
N SER L 46 -31.29 -54.72 11.51
CA SER L 46 -31.94 -53.43 11.69
C SER L 46 -33.39 -53.60 12.15
N THR L 47 -34.17 -54.46 11.47
CA THR L 47 -35.57 -54.64 11.82
C THR L 47 -35.73 -55.36 13.14
N SER L 48 -34.69 -56.04 13.64
CA SER L 48 -34.74 -56.51 15.02
C SER L 48 -34.47 -55.36 15.99
N LEU L 49 -33.59 -54.45 15.62
CA LEU L 49 -33.22 -53.37 16.53
C LEU L 49 -34.04 -52.10 16.36
N VAL L 50 -34.95 -52.03 15.39
CA VAL L 50 -35.85 -50.90 15.26
C VAL L 50 -37.30 -51.29 15.55
N MET L 51 -37.56 -52.58 15.80
CA MET L 51 -38.84 -53.01 16.31
C MET L 51 -38.85 -53.17 17.83
N SER L 52 -37.68 -53.39 18.42
CA SER L 52 -37.59 -53.40 19.88
C SER L 52 -37.85 -52.01 20.45
N ILE L 53 -37.27 -50.97 19.83
CA ILE L 53 -37.56 -49.60 20.23
C ILE L 53 -39.00 -49.20 19.93
N THR L 54 -39.57 -49.69 18.82
CA THR L 54 -40.98 -49.44 18.52
C THR L 54 -41.87 -50.01 19.60
N ALA L 55 -41.58 -51.23 20.06
CA ALA L 55 -42.37 -51.83 21.13
C ALA L 55 -42.07 -51.19 22.48
N LEU L 56 -40.82 -50.78 22.71
CA LEU L 56 -40.46 -50.17 24.00
C LEU L 56 -41.09 -48.80 24.17
N LEU L 57 -41.13 -48.01 23.09
CA LEU L 57 -41.79 -46.71 23.16
C LEU L 57 -43.30 -46.85 23.34
N PHE L 58 -43.88 -47.94 22.85
CA PHE L 58 -45.29 -48.22 23.10
C PHE L 58 -45.54 -48.64 24.54
N ARG L 59 -44.49 -49.07 25.26
CA ARG L 59 -44.59 -49.51 26.63
C ARG L 59 -44.14 -48.45 27.63
N TRP L 60 -43.94 -47.21 27.17
CA TRP L 60 -43.39 -46.18 28.05
C TRP L 60 -44.42 -45.70 29.06
N ARG L 61 -45.67 -45.49 28.62
CA ARG L 61 -46.70 -44.97 29.50
C ARG L 61 -47.27 -46.00 30.46
N GLU L 62 -46.92 -47.28 30.29
CA GLU L 62 -47.50 -48.34 31.09
C GLU L 62 -47.05 -48.25 32.54
N GLU L 63 -47.84 -48.85 33.43
CA GLU L 63 -47.56 -48.81 34.85
C GLU L 63 -46.31 -49.62 35.18
N PRO L 64 -45.50 -49.18 36.14
CA PRO L 64 -44.36 -49.99 36.58
C PRO L 64 -44.83 -51.28 37.21
N MET L 65 -44.13 -52.38 36.93
CA MET L 65 -44.54 -53.67 37.45
C MET L 65 -43.33 -54.59 37.59
N ILE L 66 -43.42 -55.49 38.55
CA ILE L 66 -42.40 -56.51 38.80
C ILE L 66 -42.99 -57.84 38.37
N SER L 67 -42.39 -58.44 37.35
CA SER L 67 -42.91 -59.62 36.70
C SER L 67 -41.93 -60.79 36.80
N PHE L 68 -42.42 -61.96 36.39
CA PHE L 68 -41.69 -63.23 36.47
C PHE L 68 -41.32 -63.56 37.91
N SER L 69 -42.23 -63.26 38.84
CA SER L 69 -42.11 -63.58 40.26
C SER L 69 -40.85 -62.95 40.86
N GLY L 70 -40.81 -61.62 40.85
CA GLY L 70 -39.68 -60.88 41.36
C GLY L 70 -38.40 -61.11 40.57
N ASN L 71 -38.49 -61.04 39.25
CA ASN L 71 -37.34 -61.23 38.39
C ASN L 71 -37.10 -60.10 37.39
N PHE L 72 -38.12 -59.33 37.02
CA PHE L 72 -37.95 -58.28 36.01
C PHE L 72 -38.77 -57.07 36.42
N GLN L 73 -38.11 -55.95 36.68
CA GLN L 73 -38.78 -54.72 37.05
C GLN L 73 -38.83 -53.77 35.86
N THR L 74 -40.04 -53.33 35.51
CA THR L 74 -40.24 -52.33 34.46
C THR L 74 -40.74 -51.06 35.12
N ASN L 75 -39.96 -49.98 34.95
CA ASN L 75 -40.34 -48.67 35.43
C ASN L 75 -39.71 -47.63 34.50
N ASN L 76 -39.69 -46.37 34.94
CA ASN L 76 -39.19 -45.30 34.09
C ASN L 76 -37.67 -45.29 33.99
N PHE L 77 -36.97 -45.73 35.04
CA PHE L 77 -35.52 -45.62 35.05
C PHE L 77 -34.87 -46.60 34.08
N ASN L 78 -35.32 -47.87 34.10
CA ASN L 78 -34.71 -48.88 33.26
C ASN L 78 -35.11 -48.77 31.80
N GLU L 79 -36.27 -48.18 31.51
CA GLU L 79 -36.71 -48.05 30.12
C GLU L 79 -35.79 -47.13 29.33
N ILE L 80 -35.33 -46.04 29.95
CA ILE L 80 -34.40 -45.13 29.28
C ILE L 80 -33.09 -45.84 28.98
N PHE L 81 -32.60 -46.64 29.92
CA PHE L 81 -31.34 -47.33 29.72
C PHE L 81 -31.46 -48.43 28.66
N GLN L 82 -32.60 -49.12 28.62
CA GLN L 82 -32.84 -50.10 27.56
C GLN L 82 -32.91 -49.43 26.20
N PHE L 83 -33.53 -48.25 26.13
CA PHE L 83 -33.54 -47.48 24.89
C PHE L 83 -32.12 -47.07 24.49
N LEU L 84 -31.29 -46.71 25.47
CA LEU L 84 -29.90 -46.36 25.18
C LEU L 84 -29.13 -47.56 24.62
N ILE L 85 -29.34 -48.75 25.21
CA ILE L 85 -28.69 -49.96 24.70
C ILE L 85 -29.13 -50.24 23.27
N LEU L 86 -30.42 -50.11 23.00
CA LEU L 86 -30.94 -50.34 21.64
C LEU L 86 -30.37 -49.32 20.66
N LEU L 87 -30.23 -48.07 21.09
CA LEU L 87 -29.66 -47.04 20.23
C LEU L 87 -28.19 -47.34 19.93
N CYS L 88 -27.44 -47.80 20.93
CA CYS L 88 -26.05 -48.18 20.70
C CYS L 88 -25.94 -49.31 19.70
N SER L 89 -26.78 -50.35 19.84
CA SER L 89 -26.75 -51.46 18.90
C SER L 89 -27.16 -51.01 17.50
N THR L 90 -28.17 -50.14 17.41
CA THR L 90 -28.64 -49.67 16.11
C THR L 90 -27.58 -48.86 15.39
N LEU L 91 -26.83 -48.04 16.11
CA LEU L 91 -25.77 -47.24 15.50
C LEU L 91 -24.45 -47.99 15.41
N CYS L 92 -24.36 -49.19 15.99
CA CYS L 92 -23.16 -50.01 15.84
C CYS L 92 -23.28 -51.10 14.79
N ILE L 93 -24.50 -51.47 14.36
CA ILE L 93 -24.65 -52.44 13.27
C ILE L 93 -24.02 -51.97 11.97
N PRO L 94 -24.25 -50.73 11.48
CA PRO L 94 -23.50 -50.29 10.28
C PRO L 94 -22.01 -50.25 10.49
N LEU L 95 -21.55 -49.99 11.72
CA LEU L 95 -20.13 -50.03 12.01
C LEU L 95 -19.55 -51.42 11.89
N SER L 96 -20.37 -52.46 12.09
CA SER L 96 -19.89 -53.84 12.12
C SER L 96 -20.03 -54.55 10.77
N VAL L 97 -21.11 -54.29 10.04
CA VAL L 97 -21.36 -55.06 8.82
C VAL L 97 -20.30 -54.78 7.77
N GLU L 98 -19.85 -53.53 7.63
CA GLU L 98 -18.79 -53.23 6.68
C GLU L 98 -17.45 -53.78 7.15
N TYR L 99 -17.14 -53.59 8.44
CA TYR L 99 -15.83 -53.95 8.97
C TYR L 99 -15.59 -55.46 8.91
N ILE L 100 -16.55 -56.26 9.37
CA ILE L 100 -16.38 -57.71 9.35
C ILE L 100 -16.45 -58.28 7.95
N GLU L 101 -17.23 -57.68 7.05
CA GLU L 101 -17.23 -58.10 5.66
C GLU L 101 -15.90 -57.83 4.97
N CYS L 102 -15.25 -56.69 5.27
CA CYS L 102 -13.96 -56.42 4.68
C CYS L 102 -12.84 -57.29 5.24
N THR L 103 -13.07 -57.97 6.36
CA THR L 103 -12.11 -58.92 6.90
C THR L 103 -12.32 -60.33 6.36
N GLU L 104 -13.26 -60.51 5.42
CA GLU L 104 -13.56 -61.76 4.74
C GLU L 104 -14.04 -62.86 5.68
N MET L 105 -14.56 -62.50 6.85
CA MET L 105 -14.99 -63.48 7.83
C MET L 105 -16.51 -63.60 7.84
N ALA L 106 -16.99 -64.63 8.52
CA ALA L 106 -18.43 -64.83 8.68
C ALA L 106 -19.03 -63.69 9.49
N LEU L 107 -20.16 -63.17 9.02
CA LEU L 107 -20.76 -61.99 9.64
C LEU L 107 -22.03 -62.30 10.42
N THR L 108 -22.73 -63.39 10.08
CA THR L 108 -23.93 -63.77 10.81
C THR L 108 -23.60 -64.10 12.27
N GLU L 109 -22.44 -64.69 12.52
CA GLU L 109 -22.01 -64.96 13.89
C GLU L 109 -21.75 -63.67 14.65
N PHE L 110 -21.13 -62.69 13.99
CA PHE L 110 -20.87 -61.40 14.63
C PHE L 110 -22.17 -60.68 14.98
N LEU L 111 -23.13 -60.69 14.07
CA LEU L 111 -24.43 -60.08 14.34
C LEU L 111 -25.16 -60.82 15.43
N LEU L 112 -25.02 -62.16 15.47
CA LEU L 112 -25.63 -62.95 16.54
C LEU L 112 -25.04 -62.57 17.90
N PHE L 113 -23.71 -62.42 17.97
CA PHE L 113 -23.08 -62.04 19.22
C PHE L 113 -23.48 -60.65 19.66
N ILE L 114 -23.56 -59.71 18.71
CA ILE L 114 -23.98 -58.34 19.04
C ILE L 114 -25.41 -58.32 19.53
N LEU L 115 -26.30 -59.06 18.86
CA LEU L 115 -27.70 -59.11 19.26
C LEU L 115 -27.87 -59.78 20.62
N THR L 116 -27.07 -60.80 20.92
CA THR L 116 -27.15 -61.45 22.22
C THR L 116 -26.62 -60.54 23.33
N ALA L 117 -25.54 -59.79 23.05
CA ALA L 117 -25.02 -58.85 24.03
C ALA L 117 -26.00 -57.72 24.28
N THR L 118 -26.72 -57.29 23.23
CA THR L 118 -27.80 -56.32 23.43
C THR L 118 -28.92 -56.91 24.25
N LEU L 119 -29.28 -58.17 23.99
CA LEU L 119 -30.34 -58.84 24.75
C LEU L 119 -29.92 -59.02 26.20
N GLY L 120 -28.66 -59.35 26.45
CA GLY L 120 -28.17 -59.44 27.81
C GLY L 120 -27.88 -58.11 28.47
N GLY L 121 -27.89 -57.02 27.70
CA GLY L 121 -27.72 -55.70 28.28
C GLY L 121 -29.06 -55.08 28.63
N MET L 122 -30.08 -55.40 27.83
CA MET L 122 -31.44 -54.94 28.15
C MET L 122 -31.97 -55.62 29.40
N PHE L 123 -31.65 -56.89 29.60
CA PHE L 123 -32.08 -57.61 30.80
C PHE L 123 -31.36 -57.12 32.05
N LEU L 124 -30.11 -56.67 31.90
CA LEU L 124 -29.38 -56.14 33.05
C LEU L 124 -29.93 -54.81 33.51
N CYS L 125 -30.58 -54.06 32.62
CA CYS L 125 -31.10 -52.74 32.96
C CYS L 125 -32.23 -52.85 34.00
N GLY L 126 -33.16 -53.78 33.79
CA GLY L 126 -34.09 -54.11 34.85
C GLY L 126 -33.98 -55.59 35.17
N ALA L 127 -33.40 -55.89 36.32
CA ALA L 127 -33.02 -57.26 36.67
C ALA L 127 -33.33 -57.52 38.15
N ASN L 128 -34.57 -57.26 38.56
CA ASN L 128 -34.89 -57.15 39.98
C ASN L 128 -34.82 -58.48 40.70
N ASP L 129 -33.60 -59.02 40.84
CA ASP L 129 -33.28 -60.29 41.47
C ASP L 129 -31.76 -60.39 41.49
N LEU L 130 -31.23 -61.32 42.30
CA LEU L 130 -29.79 -61.51 42.34
C LEU L 130 -29.29 -62.55 41.34
N ILE L 131 -30.14 -63.51 40.96
CA ILE L 131 -29.74 -64.50 39.97
C ILE L 131 -29.62 -63.85 38.60
N THR L 132 -30.60 -63.03 38.22
CA THR L 132 -30.59 -62.39 36.91
C THR L 132 -29.67 -61.17 36.85
N ILE L 133 -29.21 -60.65 38.00
CA ILE L 133 -28.09 -59.70 37.99
C ILE L 133 -26.77 -60.43 37.79
N PHE L 134 -26.78 -61.77 37.83
CA PHE L 134 -25.62 -62.56 37.46
C PHE L 134 -25.74 -63.18 36.07
N VAL L 135 -26.92 -63.69 35.71
CA VAL L 135 -27.07 -64.39 34.43
C VAL L 135 -27.02 -63.40 33.27
N ALA L 136 -27.72 -62.27 33.39
CA ALA L 136 -27.77 -61.29 32.31
C ALA L 136 -26.40 -60.69 31.95
N PRO L 137 -25.55 -60.25 32.89
CA PRO L 137 -24.21 -59.81 32.49
C PRO L 137 -23.32 -60.94 32.07
N GLU L 138 -23.69 -62.19 32.31
CA GLU L 138 -23.02 -63.32 31.70
C GLU L 138 -23.55 -63.63 30.31
N CYS L 139 -24.70 -63.07 29.95
CA CYS L 139 -25.12 -63.07 28.55
C CYS L 139 -24.38 -62.00 27.76
N PHE L 140 -23.80 -61.03 28.45
CA PHE L 140 -23.06 -59.94 27.84
C PHE L 140 -21.55 -60.20 27.84
N SER L 141 -21.02 -60.64 28.99
CA SER L 141 -19.57 -60.83 29.11
C SER L 141 -19.09 -62.00 28.27
N LEU L 142 -19.86 -63.09 28.21
CA LEU L 142 -19.46 -64.23 27.39
C LEU L 142 -19.45 -63.86 25.91
N CYS L 143 -20.42 -63.07 25.47
CA CYS L 143 -20.42 -62.60 24.08
C CYS L 143 -19.28 -61.63 23.84
N SER L 144 -18.92 -60.82 24.85
CA SER L 144 -17.79 -59.93 24.72
C SER L 144 -16.47 -60.71 24.64
N TYR L 145 -16.42 -61.87 25.28
CA TYR L 145 -15.26 -62.75 25.11
C TYR L 145 -15.26 -63.38 23.73
N LEU L 146 -16.45 -63.78 23.24
CA LEU L 146 -16.56 -64.29 21.88
C LEU L 146 -16.24 -63.20 20.87
N LEU L 147 -16.69 -61.97 21.12
CA LEU L 147 -16.22 -60.83 20.37
C LEU L 147 -14.81 -60.46 20.84
N SER L 148 -14.23 -59.44 20.20
CA SER L 148 -12.90 -58.91 20.51
C SER L 148 -11.79 -59.94 20.31
N GLY L 149 -12.15 -61.13 19.85
CA GLY L 149 -11.22 -62.17 19.48
C GLY L 149 -11.78 -62.89 18.29
N TYR L 150 -12.86 -62.33 17.74
CA TYR L 150 -13.47 -62.83 16.52
C TYR L 150 -12.54 -62.71 15.33
N THR L 151 -11.54 -61.84 15.43
CA THR L 151 -10.52 -61.72 14.38
C THR L 151 -9.80 -63.05 14.16
N LYS L 152 -9.40 -63.71 15.25
CA LYS L 152 -9.02 -65.12 15.29
C LYS L 152 -7.68 -65.39 14.60
N LYS L 153 -7.11 -64.39 13.94
CA LYS L 153 -5.85 -64.55 13.22
C LYS L 153 -4.78 -63.55 13.61
N ASP L 154 -5.16 -62.33 13.97
CA ASP L 154 -4.17 -61.37 14.45
C ASP L 154 -3.62 -61.80 15.79
N VAL L 155 -2.30 -61.64 15.96
CA VAL L 155 -1.65 -62.00 17.22
C VAL L 155 -2.02 -61.06 18.34
N ARG L 156 -2.62 -59.91 18.04
CA ARG L 156 -3.09 -59.00 19.07
C ARG L 156 -4.42 -59.45 19.66
N SER L 157 -5.32 -59.96 18.80
CA SER L 157 -6.66 -60.31 19.25
C SER L 157 -6.65 -61.49 20.21
N ASN L 158 -5.75 -62.45 19.99
CA ASN L 158 -5.66 -63.60 20.88
C ASN L 158 -5.23 -63.17 22.28
N GLU L 159 -4.23 -62.29 22.36
CA GLU L 159 -3.78 -61.80 23.65
C GLU L 159 -4.85 -60.94 24.32
N ALA L 160 -5.57 -60.14 23.52
CA ALA L 160 -6.66 -59.35 24.07
C ALA L 160 -7.76 -60.23 24.63
N THR L 161 -8.10 -61.32 23.93
CA THR L 161 -9.11 -62.24 24.43
C THR L 161 -8.63 -62.97 25.68
N THR L 162 -7.34 -63.33 25.73
CA THR L 162 -6.78 -63.92 26.94
C THR L 162 -6.94 -62.99 28.13
N LYS L 163 -6.53 -61.73 27.96
CA LYS L 163 -6.60 -60.77 29.05
C LYS L 163 -8.04 -60.50 29.46
N TYR L 164 -8.94 -60.35 28.48
CA TYR L 164 -10.34 -60.09 28.79
C TYR L 164 -10.97 -61.27 29.52
N LEU L 165 -10.75 -62.49 29.02
CA LEU L 165 -11.35 -63.67 29.65
C LEU L 165 -10.82 -63.87 31.07
N LEU L 166 -9.52 -63.72 31.26
CA LEU L 166 -8.95 -63.94 32.59
C LEU L 166 -9.38 -62.85 33.57
N MET L 167 -9.37 -61.59 33.13
CA MET L 167 -9.73 -60.51 34.05
C MET L 167 -11.22 -60.46 34.33
N GLY L 168 -12.05 -60.86 33.37
CA GLY L 168 -13.48 -60.94 33.58
C GLY L 168 -13.95 -62.24 34.18
N GLY L 169 -13.06 -63.21 34.34
CA GLY L 169 -13.32 -64.33 35.21
C GLY L 169 -12.86 -64.01 36.61
N ALA L 170 -11.85 -63.14 36.73
CA ALA L 170 -11.47 -62.62 38.04
C ALA L 170 -12.58 -61.79 38.64
N SER L 171 -13.10 -60.83 37.88
CA SER L 171 -14.38 -60.23 38.19
C SER L 171 -15.50 -61.18 37.79
N SER L 172 -16.73 -60.84 38.16
CA SER L 172 -17.92 -61.66 37.96
C SER L 172 -17.80 -63.02 38.64
N SER L 173 -16.81 -63.20 39.50
CA SER L 173 -16.73 -64.26 40.49
C SER L 173 -16.47 -63.70 41.88
N ILE L 174 -15.71 -62.60 41.96
CA ILE L 174 -15.73 -61.75 43.15
C ILE L 174 -17.11 -61.15 43.34
N LEU L 175 -17.75 -60.75 42.24
CA LEU L 175 -19.11 -60.22 42.31
C LEU L 175 -20.09 -61.26 42.85
N VAL L 176 -19.95 -62.51 42.42
CA VAL L 176 -20.89 -63.53 42.89
C VAL L 176 -20.52 -63.99 44.29
N HIS L 177 -19.25 -63.88 44.69
CA HIS L 177 -18.89 -64.11 46.08
C HIS L 177 -19.53 -63.05 46.98
N GLY L 178 -19.53 -61.80 46.52
CA GLY L 178 -20.26 -60.76 47.25
C GLY L 178 -21.75 -60.99 47.26
N PHE L 179 -22.30 -61.53 46.17
CA PHE L 179 -23.70 -61.90 46.14
C PHE L 179 -24.01 -62.99 47.14
N SER L 180 -23.11 -63.98 47.27
CA SER L 180 -23.32 -65.05 48.24
C SER L 180 -23.22 -64.54 49.66
N TRP L 181 -22.29 -63.61 49.93
CA TRP L 181 -22.20 -63.01 51.26
C TRP L 181 -23.44 -62.18 51.56
N LEU L 182 -23.96 -61.45 50.58
CA LEU L 182 -25.15 -60.64 50.77
C LEU L 182 -26.40 -61.51 50.93
N TYR L 183 -26.46 -62.63 50.23
CA TYR L 183 -27.60 -63.54 50.31
C TYR L 183 -27.59 -64.35 51.60
N GLY L 184 -26.42 -64.72 52.10
CA GLY L 184 -26.33 -65.47 53.33
C GLY L 184 -26.67 -64.65 54.54
N SER L 185 -26.00 -63.51 54.72
CA SER L 185 -26.29 -62.66 55.86
C SER L 185 -27.45 -61.72 55.55
N SER L 186 -28.57 -62.30 55.09
CA SER L 186 -29.81 -61.57 54.90
C SER L 186 -31.05 -62.40 55.19
N GLY L 187 -30.93 -63.70 55.35
CA GLY L 187 -32.08 -64.56 55.52
C GLY L 187 -32.57 -65.23 54.26
N GLY L 188 -31.68 -65.49 53.30
CA GLY L 188 -32.09 -66.14 52.06
C GLY L 188 -32.99 -65.31 51.17
N GLU L 189 -32.67 -64.04 50.96
CA GLU L 189 -33.43 -63.16 50.08
C GLU L 189 -32.53 -62.71 48.93
N ILE L 190 -33.09 -62.71 47.72
CA ILE L 190 -32.34 -62.30 46.54
C ILE L 190 -33.01 -61.20 45.75
N GLU L 191 -34.30 -60.92 45.97
CA GLU L 191 -34.94 -59.81 45.26
C GLU L 191 -34.38 -58.49 45.76
N LEU L 192 -34.25 -57.52 44.85
CA LEU L 192 -33.49 -56.31 45.16
C LEU L 192 -34.11 -55.50 46.29
N GLN L 193 -35.42 -55.23 46.20
CA GLN L 193 -36.09 -54.52 47.29
C GLN L 193 -36.69 -55.47 48.32
N GLU L 194 -35.94 -56.47 48.73
CA GLU L 194 -36.41 -57.35 49.78
C GLU L 194 -35.30 -57.83 50.71
N ILE L 195 -34.05 -57.39 50.53
CA ILE L 195 -32.95 -57.84 51.36
C ILE L 195 -32.52 -56.83 52.39
N VAL L 196 -32.88 -55.56 52.24
CA VAL L 196 -32.71 -54.62 53.34
C VAL L 196 -33.67 -54.96 54.46
N ASN L 197 -34.90 -55.32 54.10
CA ASN L 197 -35.84 -55.83 55.08
C ASN L 197 -35.35 -57.15 55.68
N GLY L 198 -34.80 -58.03 54.83
CA GLY L 198 -34.25 -59.27 55.33
C GLY L 198 -33.06 -59.06 56.24
N LEU L 199 -32.25 -58.04 55.95
CA LEU L 199 -31.12 -57.70 56.81
C LEU L 199 -31.57 -57.25 58.20
N ILE L 200 -32.62 -56.44 58.28
CA ILE L 200 -33.17 -56.02 59.56
C ILE L 200 -33.84 -57.19 60.28
N ASN L 201 -34.49 -58.07 59.51
CA ASN L 201 -35.15 -59.23 60.11
C ASN L 201 -34.14 -60.15 60.78
N THR L 202 -32.96 -60.31 60.19
CA THR L 202 -31.87 -61.05 60.83
C THR L 202 -30.97 -60.16 61.67
N GLN L 203 -31.20 -58.84 61.66
CA GLN L 203 -30.43 -57.87 62.44
C GLN L 203 -28.94 -57.93 62.11
N MET L 204 -28.62 -58.17 60.84
CA MET L 204 -27.24 -58.25 60.40
C MET L 204 -26.87 -57.07 59.49
N TYR L 205 -27.60 -55.97 59.58
CA TYR L 205 -27.33 -54.81 58.73
C TYR L 205 -26.03 -54.11 59.12
N ASN L 206 -25.51 -54.36 60.32
CA ASN L 206 -24.21 -53.83 60.74
C ASN L 206 -23.17 -54.94 60.89
N SER L 207 -23.41 -56.10 60.27
CA SER L 207 -22.48 -57.21 60.36
C SER L 207 -21.21 -56.92 59.56
N PRO L 208 -20.07 -57.48 59.98
CA PRO L 208 -18.86 -57.36 59.15
C PRO L 208 -18.96 -58.08 57.82
N GLY L 209 -19.87 -59.05 57.68
CA GLY L 209 -20.05 -59.73 56.42
C GLY L 209 -20.79 -58.93 55.37
N ILE L 210 -21.44 -57.85 55.76
CA ILE L 210 -22.07 -56.96 54.79
C ILE L 210 -21.05 -56.06 54.10
N SER L 211 -20.00 -55.66 54.83
CA SER L 211 -18.93 -54.88 54.22
C SER L 211 -18.19 -55.67 53.15
N ILE L 212 -18.03 -56.97 53.35
CA ILE L 212 -17.39 -57.82 52.35
C ILE L 212 -18.22 -57.86 51.08
N ALA L 213 -19.53 -58.03 51.21
CA ALA L 213 -20.42 -58.06 50.07
C ALA L 213 -20.41 -56.74 49.30
N LEU L 214 -20.44 -55.61 50.01
CA LEU L 214 -20.40 -54.30 49.37
C LEU L 214 -19.10 -54.10 48.59
N ILE L 215 -17.97 -54.44 49.21
CA ILE L 215 -16.68 -54.28 48.55
C ILE L 215 -16.57 -55.18 47.32
N PHE L 216 -16.98 -56.43 47.45
CA PHE L 216 -16.88 -57.37 46.33
C PHE L 216 -17.80 -56.95 45.19
N ILE L 217 -19.01 -56.50 45.51
CA ILE L 217 -19.94 -56.04 44.47
C ILE L 217 -19.39 -54.80 43.78
N THR L 218 -18.86 -53.86 44.56
CA THR L 218 -18.31 -52.64 43.98
C THR L 218 -17.12 -52.94 43.09
N VAL L 219 -16.27 -53.88 43.48
CA VAL L 219 -15.12 -54.26 42.67
C VAL L 219 -15.57 -54.94 41.38
N GLY L 220 -16.52 -55.86 41.49
CA GLY L 220 -16.99 -56.57 40.30
C GLY L 220 -17.75 -55.67 39.33
N ILE L 221 -18.32 -54.58 39.82
CA ILE L 221 -18.99 -53.63 38.95
C ILE L 221 -18.03 -52.60 38.38
N GLY L 222 -17.07 -52.14 39.19
CA GLY L 222 -16.04 -51.23 38.71
C GLY L 222 -15.06 -51.87 37.76
N PHE L 223 -15.04 -53.20 37.70
CA PHE L 223 -14.34 -53.84 36.58
C PHE L 223 -15.06 -53.55 35.27
N LYS L 224 -16.39 -53.69 35.25
CA LYS L 224 -17.14 -53.53 34.01
C LYS L 224 -17.22 -52.07 33.60
N LEU L 225 -17.48 -51.17 34.55
CA LEU L 225 -17.45 -49.74 34.25
C LEU L 225 -16.03 -49.26 33.97
N SER L 226 -15.02 -49.97 34.46
CA SER L 226 -13.63 -49.58 34.37
C SER L 226 -13.28 -48.17 34.84
N PRO L 227 -13.61 -47.80 36.11
CA PRO L 227 -12.86 -46.71 36.74
C PRO L 227 -11.75 -47.27 37.62
N ALA L 228 -10.69 -46.47 37.87
CA ALA L 228 -9.74 -46.70 38.97
C ALA L 228 -8.95 -47.99 38.70
N PRO L 229 -8.15 -48.62 39.66
CA PRO L 229 -7.29 -49.74 39.22
C PRO L 229 -7.97 -50.99 38.69
N SER L 230 -9.29 -50.97 38.55
CA SER L 230 -10.01 -51.98 37.79
C SER L 230 -10.08 -51.64 36.31
N HIS L 231 -9.15 -50.80 35.82
CA HIS L 231 -9.15 -50.29 34.47
C HIS L 231 -8.23 -51.02 33.52
N GLN L 232 -7.30 -51.84 34.03
CA GLN L 232 -6.23 -52.39 33.20
C GLN L 232 -6.73 -53.33 32.12
N TRP L 233 -7.92 -53.91 32.28
CA TRP L 233 -8.49 -54.73 31.22
C TRP L 233 -8.85 -53.93 29.99
N THR L 234 -9.12 -52.63 30.14
CA THR L 234 -9.66 -51.83 29.05
C THR L 234 -8.68 -51.57 27.92
N PRO L 235 -7.50 -50.95 28.14
CA PRO L 235 -6.73 -50.47 26.97
C PRO L 235 -6.24 -51.58 26.04
N ASP L 236 -5.68 -52.65 26.60
CA ASP L 236 -5.19 -53.76 25.79
C ASP L 236 -6.31 -54.35 24.94
N VAL L 237 -7.45 -54.65 25.58
CA VAL L 237 -8.61 -55.11 24.84
C VAL L 237 -9.05 -54.08 23.82
N TYR L 238 -8.98 -52.79 24.19
CA TYR L 238 -9.34 -51.76 23.22
C TYR L 238 -8.29 -51.63 22.13
N GLU L 239 -7.04 -52.00 22.42
CA GLU L 239 -5.99 -51.86 21.41
C GLU L 239 -5.88 -53.08 20.51
N GLY L 240 -6.35 -54.24 20.96
CA GLY L 240 -6.21 -55.46 20.18
C GLY L 240 -7.52 -56.14 19.87
N SER L 241 -8.55 -55.37 19.54
CA SER L 241 -9.83 -55.90 19.12
C SER L 241 -10.31 -55.12 17.92
N PRO L 242 -11.20 -55.71 17.09
CA PRO L 242 -11.76 -54.95 15.97
C PRO L 242 -12.55 -53.75 16.45
N THR L 243 -12.54 -52.70 15.62
CA THR L 243 -13.11 -51.42 16.03
C THR L 243 -14.61 -51.43 16.30
N PRO L 244 -15.48 -52.08 15.50
CA PRO L 244 -16.92 -52.05 15.85
C PRO L 244 -17.24 -52.72 17.18
N VAL L 245 -16.62 -53.86 17.48
CA VAL L 245 -16.89 -54.54 18.73
C VAL L 245 -16.38 -53.71 19.91
N VAL L 246 -15.25 -53.04 19.75
CA VAL L 246 -14.73 -52.24 20.86
C VAL L 246 -15.56 -50.97 21.05
N ALA L 247 -16.12 -50.43 19.96
CA ALA L 247 -17.06 -49.32 20.11
C ALA L 247 -18.31 -49.77 20.86
N PHE L 248 -18.81 -50.96 20.50
CA PHE L 248 -19.97 -51.54 21.19
C PHE L 248 -19.68 -51.72 22.67
N LEU L 249 -18.54 -52.34 23.00
CA LEU L 249 -18.15 -52.53 24.39
C LEU L 249 -17.78 -51.22 25.08
N SER L 250 -17.57 -50.15 24.32
CA SER L 250 -17.34 -48.85 24.93
C SER L 250 -18.64 -48.17 25.31
N VAL L 251 -19.70 -48.33 24.54
CA VAL L 251 -20.98 -47.67 24.80
C VAL L 251 -21.98 -48.60 25.45
N THR L 252 -22.05 -49.87 25.03
CA THR L 252 -23.08 -50.76 25.57
C THR L 252 -22.72 -51.27 26.95
N SER L 253 -21.43 -51.53 27.21
CA SER L 253 -21.03 -52.07 28.51
C SER L 253 -21.20 -51.05 29.63
N LYS L 254 -20.89 -49.79 29.35
CA LYS L 254 -21.00 -48.77 30.39
C LYS L 254 -22.44 -48.44 30.74
N VAL L 255 -23.36 -48.52 29.76
CA VAL L 255 -24.77 -48.23 30.04
C VAL L 255 -25.36 -49.30 30.96
N ALA L 256 -25.15 -50.58 30.61
CA ALA L 256 -25.70 -51.67 31.41
C ALA L 256 -25.07 -51.71 32.80
N ALA L 257 -23.75 -51.52 32.88
CA ALA L 257 -23.08 -51.52 34.17
C ALA L 257 -23.48 -50.31 35.02
N SER L 258 -23.71 -49.16 34.38
CA SER L 258 -24.20 -47.99 35.12
C SER L 258 -25.60 -48.24 35.67
N ALA L 259 -26.48 -48.87 34.87
CA ALA L 259 -27.81 -49.20 35.35
C ALA L 259 -27.75 -50.19 36.51
N SER L 260 -26.92 -51.22 36.39
CA SER L 260 -26.79 -52.21 37.47
C SER L 260 -26.19 -51.57 38.73
N ALA L 261 -25.22 -50.67 38.57
CA ALA L 261 -24.62 -50.00 39.72
C ALA L 261 -25.63 -49.08 40.40
N THR L 262 -26.45 -48.39 39.61
CA THR L 262 -27.46 -47.53 40.21
C THR L 262 -28.54 -48.33 40.92
N ARG L 263 -28.94 -49.48 40.37
CA ARG L 263 -29.97 -50.29 40.98
C ARG L 263 -29.46 -51.21 42.06
N ILE L 264 -28.14 -51.33 42.23
CA ILE L 264 -27.56 -52.16 43.28
C ILE L 264 -26.97 -51.34 44.42
N PHE L 265 -26.80 -50.03 44.24
CA PHE L 265 -26.30 -49.18 45.30
C PHE L 265 -27.38 -48.37 45.97
N ASP L 266 -28.54 -48.23 45.35
CA ASP L 266 -29.65 -47.45 45.88
C ASP L 266 -30.75 -48.30 46.48
N ILE L 267 -31.18 -49.36 45.79
CA ILE L 267 -32.28 -50.18 46.27
C ILE L 267 -31.83 -51.12 47.40
N PRO L 268 -30.77 -51.96 47.24
CA PRO L 268 -30.45 -52.90 48.32
C PRO L 268 -29.35 -52.43 49.27
N PHE L 269 -28.75 -51.27 49.02
CA PHE L 269 -27.59 -50.83 49.78
C PHE L 269 -27.71 -49.36 50.16
N TYR L 270 -28.91 -48.91 50.52
CA TYR L 270 -29.07 -47.53 50.94
C TYR L 270 -28.73 -47.32 52.42
N PHE L 271 -28.78 -48.38 53.22
CA PHE L 271 -28.49 -48.24 54.65
C PHE L 271 -27.02 -47.97 54.93
N SER L 272 -26.14 -48.36 54.01
CA SER L 272 -24.69 -48.19 54.17
C SER L 272 -24.15 -47.23 53.11
N SER L 273 -24.84 -46.10 52.94
CA SER L 273 -24.47 -45.15 51.90
C SER L 273 -23.12 -44.50 52.19
N ASN L 274 -22.75 -44.35 53.46
CA ASN L 274 -21.51 -43.69 53.84
C ASN L 274 -20.27 -44.49 53.46
N GLU L 275 -20.42 -45.77 53.11
CA GLU L 275 -19.29 -46.60 52.70
C GLU L 275 -19.11 -46.63 51.19
N TRP L 276 -20.18 -46.97 50.45
CA TRP L 276 -20.05 -46.99 49.00
C TRP L 276 -19.98 -45.59 48.41
N HIS L 277 -20.39 -44.56 49.14
CA HIS L 277 -20.11 -43.19 48.72
C HIS L 277 -18.61 -42.94 48.68
N LEU L 278 -17.90 -43.33 49.74
CA LEU L 278 -16.45 -43.18 49.77
C LEU L 278 -15.78 -44.05 48.71
N LEU L 279 -16.27 -45.29 48.55
CA LEU L 279 -15.71 -46.18 47.53
C LEU L 279 -15.86 -45.59 46.14
N LEU L 280 -17.04 -45.04 45.83
CA LEU L 280 -17.25 -44.45 44.51
C LEU L 280 -16.49 -43.15 44.34
N GLU L 281 -16.29 -42.38 45.42
CA GLU L 281 -15.49 -41.17 45.32
C GLU L 281 -14.04 -41.49 44.99
N ILE L 282 -13.47 -42.50 45.66
CA ILE L 282 -12.12 -42.94 45.33
C ILE L 282 -12.06 -43.48 43.90
N LEU L 283 -13.04 -44.32 43.55
CA LEU L 283 -13.12 -44.94 42.24
C LEU L 283 -13.25 -43.93 41.12
N ALA L 284 -13.87 -42.78 41.37
CA ALA L 284 -14.01 -41.74 40.37
C ALA L 284 -12.81 -40.82 40.31
N ILE L 285 -12.28 -40.39 41.46
CA ILE L 285 -11.13 -39.49 41.47
C ILE L 285 -9.93 -40.17 40.82
N LEU L 286 -9.66 -41.42 41.21
CA LEU L 286 -8.57 -42.16 40.60
C LEU L 286 -8.81 -42.37 39.11
N SER L 287 -10.07 -42.57 38.72
CA SER L 287 -10.39 -42.80 37.31
C SER L 287 -10.06 -41.57 36.46
N MET L 288 -10.55 -40.39 36.85
CA MET L 288 -10.25 -39.21 36.06
C MET L 288 -8.76 -38.90 36.07
N ILE L 289 -8.12 -39.00 37.24
CA ILE L 289 -6.70 -38.64 37.35
C ILE L 289 -5.84 -39.56 36.50
N LEU L 290 -6.10 -40.87 36.55
CA LEU L 290 -5.27 -41.84 35.86
C LEU L 290 -5.83 -42.27 34.52
N GLY L 291 -6.88 -41.61 34.05
CA GLY L 291 -7.35 -41.85 32.69
C GLY L 291 -7.09 -40.66 31.81
N ASN L 292 -7.00 -39.47 32.41
CA ASN L 292 -6.65 -38.29 31.63
C ASN L 292 -5.15 -38.05 31.57
N LEU L 293 -4.40 -38.52 32.56
CA LEU L 293 -2.96 -38.33 32.56
C LEU L 293 -2.25 -39.26 31.58
N ILE L 294 -2.69 -40.52 31.50
CA ILE L 294 -2.02 -41.47 30.61
C ILE L 294 -2.44 -41.28 29.16
N ALA L 295 -3.62 -40.70 28.91
CA ALA L 295 -4.09 -40.52 27.55
C ALA L 295 -3.27 -39.51 26.75
N ILE L 296 -2.57 -38.60 27.44
CA ILE L 296 -1.75 -37.60 26.75
C ILE L 296 -0.40 -38.15 26.31
N THR L 297 -0.08 -39.40 26.66
CA THR L 297 1.16 -40.05 26.28
C THR L 297 0.88 -41.29 25.44
N GLN L 298 -0.07 -41.21 24.53
CA GLN L 298 -0.51 -42.35 23.74
C GLN L 298 -0.16 -42.16 22.27
N THR L 299 0.39 -43.21 21.66
CA THR L 299 0.72 -43.21 20.24
C THR L 299 -0.27 -44.02 19.42
N SER L 300 -1.28 -44.62 20.03
CA SER L 300 -2.29 -45.39 19.33
C SER L 300 -3.66 -44.78 19.59
N MET L 301 -4.50 -44.75 18.55
CA MET L 301 -5.78 -44.06 18.65
C MET L 301 -6.78 -44.83 19.50
N LYS L 302 -6.85 -46.16 19.32
CA LYS L 302 -7.80 -46.95 20.08
C LYS L 302 -7.45 -47.00 21.56
N ARG L 303 -6.15 -47.11 21.87
CA ARG L 303 -5.72 -47.09 23.28
C ARG L 303 -5.97 -45.71 23.91
N MET L 304 -5.76 -44.65 23.14
CA MET L 304 -6.05 -43.31 23.65
C MET L 304 -7.55 -43.15 23.90
N LEU L 305 -8.39 -43.71 23.03
CA LEU L 305 -9.83 -43.70 23.27
C LEU L 305 -10.20 -44.57 24.47
N ALA L 306 -9.43 -45.61 24.75
CA ALA L 306 -9.65 -46.41 25.95
C ALA L 306 -9.41 -45.61 27.21
N TYR L 307 -8.26 -44.94 27.29
CA TYR L 307 -7.99 -44.07 28.42
C TYR L 307 -8.99 -42.93 28.48
N SER L 308 -9.46 -42.47 27.32
CA SER L 308 -10.53 -41.48 27.27
C SER L 308 -11.80 -41.99 27.93
N SER L 309 -12.19 -43.23 27.61
CA SER L 309 -13.41 -43.80 28.18
C SER L 309 -13.29 -43.99 29.68
N ILE L 310 -12.15 -44.50 30.15
CA ILE L 310 -11.94 -44.65 31.58
C ILE L 310 -11.76 -43.32 32.29
N GLY L 311 -11.54 -42.23 31.55
CA GLY L 311 -11.62 -40.91 32.13
C GLY L 311 -13.02 -40.35 32.19
N GLN L 312 -13.80 -40.53 31.12
CA GLN L 312 -15.16 -39.99 31.08
C GLN L 312 -16.11 -40.76 31.98
N ILE L 313 -15.78 -42.00 32.35
CA ILE L 313 -16.67 -42.74 33.24
C ILE L 313 -16.69 -42.11 34.64
N GLY L 314 -15.58 -41.50 35.06
CA GLY L 314 -15.53 -40.84 36.35
C GLY L 314 -16.43 -39.64 36.46
N TYR L 315 -16.69 -38.94 35.35
CA TYR L 315 -17.67 -37.86 35.36
C TYR L 315 -19.07 -38.41 35.62
N VAL L 316 -19.41 -39.55 35.01
CA VAL L 316 -20.72 -40.15 35.19
C VAL L 316 -20.89 -40.69 36.61
N ILE L 317 -19.80 -41.16 37.22
CA ILE L 317 -19.87 -41.71 38.58
C ILE L 317 -20.35 -40.65 39.59
N ILE L 318 -20.06 -39.37 39.32
CA ILE L 318 -20.51 -38.29 40.18
C ILE L 318 -22.04 -38.27 40.27
N GLY L 319 -22.73 -38.65 39.19
CA GLY L 319 -24.17 -38.73 39.22
C GLY L 319 -24.70 -39.75 40.22
N ILE L 320 -24.02 -40.90 40.34
CA ILE L 320 -24.39 -41.84 41.39
C ILE L 320 -24.04 -41.28 42.75
N ILE L 321 -22.89 -40.60 42.86
CA ILE L 321 -22.38 -40.17 44.16
C ILE L 321 -23.29 -39.12 44.78
N VAL L 322 -23.79 -38.17 43.97
CA VAL L 322 -24.61 -37.10 44.54
C VAL L 322 -25.96 -37.64 45.01
N GLY L 323 -26.51 -38.63 44.31
CA GLY L 323 -27.78 -39.22 44.69
C GLY L 323 -28.94 -38.61 43.91
N ASP L 324 -30.12 -39.19 44.14
CA ASP L 324 -31.32 -38.80 43.40
C ASP L 324 -31.91 -37.48 43.87
N SER L 325 -31.47 -36.94 45.00
CA SER L 325 -32.06 -35.71 45.53
C SER L 325 -31.68 -34.51 44.68
N ASN L 326 -30.39 -34.20 44.60
CA ASN L 326 -29.89 -33.09 43.79
C ASN L 326 -29.70 -33.57 42.35
N ASP L 327 -30.83 -33.77 41.68
CA ASP L 327 -30.89 -34.43 40.37
C ASP L 327 -30.14 -35.76 40.41
N GLY L 328 -28.90 -35.77 39.94
CA GLY L 328 -28.10 -36.97 40.11
C GLY L 328 -28.27 -37.97 38.99
N TYR L 329 -29.17 -38.94 39.21
CA TYR L 329 -29.45 -39.94 38.19
C TYR L 329 -29.99 -39.30 36.91
N ALA L 330 -30.59 -38.11 37.02
CA ALA L 330 -30.96 -37.32 35.85
C ALA L 330 -29.75 -36.69 35.17
N SER L 331 -28.58 -36.71 35.81
CA SER L 331 -27.35 -36.26 35.18
C SER L 331 -26.47 -37.40 34.69
N MET L 332 -26.74 -38.64 35.15
CA MET L 332 -26.14 -39.81 34.53
C MET L 332 -26.58 -39.94 33.08
N ILE L 333 -27.88 -40.13 32.86
CA ILE L 333 -28.45 -39.86 31.56
C ILE L 333 -28.44 -38.36 31.31
N THR L 334 -28.58 -37.98 30.04
CA THR L 334 -28.38 -36.65 29.46
C THR L 334 -26.87 -36.35 29.39
N TYR L 335 -26.06 -37.23 29.96
CA TYR L 335 -24.64 -37.29 29.66
C TYR L 335 -24.24 -38.62 29.04
N MET L 336 -24.82 -39.72 29.50
CA MET L 336 -24.60 -41.00 28.82
C MET L 336 -25.21 -40.97 27.43
N LEU L 337 -26.36 -40.31 27.28
CA LEU L 337 -26.93 -40.08 25.95
C LEU L 337 -25.99 -39.26 25.09
N PHE L 338 -25.32 -38.27 25.69
CA PHE L 338 -24.28 -37.54 24.97
C PHE L 338 -23.13 -38.48 24.64
N TYR L 339 -22.62 -39.18 25.66
CA TYR L 339 -21.41 -40.00 25.55
C TYR L 339 -21.55 -41.05 24.46
N ILE L 340 -22.75 -41.58 24.28
CA ILE L 340 -22.98 -42.58 23.23
C ILE L 340 -22.69 -41.97 21.86
N SER L 341 -23.26 -40.80 21.58
CA SER L 341 -23.03 -40.16 20.28
C SER L 341 -21.57 -39.75 20.11
N MET L 342 -20.98 -39.16 21.15
CA MET L 342 -19.57 -38.76 21.12
C MET L 342 -18.67 -39.94 20.76
N ASN L 343 -18.80 -41.05 21.47
CA ASN L 343 -17.91 -42.18 21.24
C ASN L 343 -18.23 -42.90 19.94
N LEU L 344 -19.50 -43.03 19.57
CA LEU L 344 -19.83 -43.74 18.35
C LEU L 344 -19.42 -42.94 17.11
N GLY L 345 -19.51 -41.61 17.15
CA GLY L 345 -18.97 -40.82 16.06
C GLY L 345 -17.46 -40.88 15.99
N THR L 346 -16.78 -40.73 17.14
CA THR L 346 -15.33 -40.76 17.12
C THR L 346 -14.78 -42.15 16.85
N PHE L 347 -15.61 -43.19 16.92
CA PHE L 347 -15.23 -44.52 16.49
C PHE L 347 -15.63 -44.82 15.05
N ALA L 348 -16.70 -44.21 14.55
CA ALA L 348 -17.06 -44.37 13.14
C ALA L 348 -16.03 -43.71 12.24
N CYS L 349 -15.55 -42.54 12.63
CA CYS L 349 -14.48 -41.90 11.86
C CYS L 349 -13.23 -42.77 11.86
N ILE L 350 -12.91 -43.40 13.00
CA ILE L 350 -11.76 -44.29 13.08
C ILE L 350 -11.97 -45.52 12.20
N VAL L 351 -13.21 -46.04 12.18
CA VAL L 351 -13.52 -47.21 11.35
C VAL L 351 -13.30 -46.90 9.88
N LEU L 352 -13.84 -45.78 9.42
CA LEU L 352 -13.68 -45.41 8.00
C LEU L 352 -12.22 -45.13 7.67
N PHE L 353 -11.52 -44.41 8.55
CA PHE L 353 -10.13 -44.08 8.29
C PHE L 353 -9.26 -45.33 8.23
N GLY L 354 -9.49 -46.28 9.15
CA GLY L 354 -8.72 -47.51 9.14
C GLY L 354 -9.04 -48.38 7.93
N LEU L 355 -10.31 -48.45 7.55
CA LEU L 355 -10.68 -49.25 6.40
C LEU L 355 -10.09 -48.70 5.11
N ARG L 356 -10.13 -47.38 4.93
CA ARG L 356 -9.57 -46.80 3.72
C ARG L 356 -8.05 -46.67 3.80
N THR L 357 -7.49 -46.82 4.99
CA THR L 357 -6.07 -46.53 5.17
C THR L 357 -5.29 -47.77 5.59
N GLY L 358 -5.74 -48.47 6.63
CA GLY L 358 -5.06 -49.65 7.08
C GLY L 358 -4.10 -49.43 8.23
N THR L 359 -4.42 -48.51 9.13
CA THR L 359 -3.52 -48.16 10.22
C THR L 359 -4.33 -47.78 11.46
N ASP L 360 -3.62 -47.74 12.59
CA ASP L 360 -4.19 -47.29 13.85
C ASP L 360 -3.33 -46.27 14.57
N ASN L 361 -2.06 -46.10 14.20
CA ASN L 361 -1.19 -45.14 14.86
C ASN L 361 -1.67 -43.73 14.62
N ILE L 362 -1.51 -42.88 15.64
CA ILE L 362 -1.98 -41.50 15.54
C ILE L 362 -1.15 -40.71 14.53
N ARG L 363 0.13 -41.05 14.39
CA ARG L 363 1.02 -40.32 13.49
C ARG L 363 0.61 -40.43 12.03
N ASP L 364 -0.22 -41.41 11.68
CA ASP L 364 -0.70 -41.55 10.32
C ASP L 364 -1.98 -40.77 10.07
N TYR L 365 -2.46 -40.02 11.05
CA TYR L 365 -3.63 -39.16 10.87
C TYR L 365 -3.28 -37.80 10.32
N ALA L 366 -2.00 -37.56 10.03
CA ALA L 366 -1.57 -36.26 9.53
C ALA L 366 -2.07 -36.04 8.11
N GLY L 367 -2.57 -34.83 7.85
CA GLY L 367 -2.96 -34.45 6.51
C GLY L 367 -4.25 -35.08 6.01
N LEU L 368 -5.12 -35.52 6.92
CA LEU L 368 -6.41 -36.06 6.48
C LEU L 368 -7.34 -34.96 6.01
N TYR L 369 -7.13 -33.72 6.48
CA TYR L 369 -7.97 -32.61 6.04
C TYR L 369 -7.80 -32.34 4.55
N THR L 370 -6.58 -32.46 4.05
CA THR L 370 -6.34 -32.26 2.61
C THR L 370 -6.99 -33.36 1.79
N LYS L 371 -6.99 -34.60 2.27
CA LYS L 371 -7.57 -35.70 1.52
C LYS L 371 -9.08 -35.74 1.66
N ASP L 372 -9.58 -35.88 2.89
CA ASP L 372 -11.01 -35.95 3.18
C ASP L 372 -11.37 -34.88 4.21
N PRO L 373 -11.74 -33.68 3.76
CA PRO L 373 -12.13 -32.63 4.72
C PRO L 373 -13.36 -32.99 5.54
N PHE L 374 -14.31 -33.74 4.98
CA PHE L 374 -15.51 -34.11 5.72
C PHE L 374 -15.19 -35.02 6.89
N LEU L 375 -14.35 -36.05 6.64
CA LEU L 375 -13.99 -36.98 7.70
C LEU L 375 -13.17 -36.29 8.79
N ALA L 376 -12.25 -35.41 8.39
CA ALA L 376 -11.46 -34.67 9.37
C ALA L 376 -12.33 -33.75 10.20
N LEU L 377 -13.28 -33.06 9.55
CA LEU L 377 -14.22 -32.20 10.25
C LEU L 377 -15.06 -32.98 11.25
N SER L 378 -15.58 -34.14 10.83
CA SER L 378 -16.42 -34.93 11.72
C SER L 378 -15.63 -35.49 12.90
N LEU L 379 -14.42 -36.00 12.64
CA LEU L 379 -13.59 -36.52 13.73
C LEU L 379 -13.18 -35.42 14.69
N ALA L 380 -12.85 -34.23 14.16
CA ALA L 380 -12.51 -33.10 15.02
C ALA L 380 -13.69 -32.67 15.87
N LEU L 381 -14.89 -32.66 15.29
CA LEU L 381 -16.09 -32.30 16.07
C LEU L 381 -16.36 -33.32 17.16
N CYS L 382 -16.20 -34.61 16.84
CA CYS L 382 -16.40 -35.64 17.86
C CYS L 382 -15.38 -35.52 18.98
N LEU L 383 -14.12 -35.28 18.64
CA LEU L 383 -13.07 -35.17 19.66
C LEU L 383 -13.23 -33.92 20.50
N LEU L 384 -13.65 -32.80 19.89
CA LEU L 384 -13.89 -31.59 20.65
C LEU L 384 -15.11 -31.72 21.55
N SER L 385 -16.13 -32.44 21.11
CA SER L 385 -17.23 -32.78 22.00
C SER L 385 -16.75 -33.67 23.14
N LEU L 386 -15.77 -34.54 22.86
CA LEU L 386 -15.22 -35.39 23.91
C LEU L 386 -14.47 -34.56 24.96
N GLY L 387 -13.82 -33.49 24.54
CA GLY L 387 -13.09 -32.63 25.45
C GLY L 387 -13.91 -31.61 26.20
N GLY L 388 -15.23 -31.61 26.02
CA GLY L 388 -16.08 -30.62 26.65
C GLY L 388 -15.88 -29.22 26.12
N LEU L 389 -15.64 -29.09 24.82
CA LEU L 389 -15.49 -27.79 24.19
C LEU L 389 -16.88 -27.14 24.01
N PRO L 390 -16.95 -25.81 24.06
CA PRO L 390 -18.22 -25.12 24.44
C PRO L 390 -19.41 -25.45 23.55
N PRO L 391 -19.36 -25.24 22.22
CA PRO L 391 -20.61 -25.38 21.45
C PRO L 391 -21.02 -26.81 21.16
N LEU L 392 -20.41 -27.79 21.82
CA LEU L 392 -20.65 -29.21 21.55
C LEU L 392 -21.13 -29.89 22.83
N ALA L 393 -21.67 -31.09 22.67
CA ALA L 393 -22.50 -31.72 23.70
C ALA L 393 -21.75 -31.96 25.01
N GLY L 394 -20.47 -32.29 24.94
CA GLY L 394 -19.72 -32.62 26.14
C GLY L 394 -19.62 -31.48 27.14
N PHE L 395 -19.57 -30.24 26.64
CA PHE L 395 -19.46 -29.09 27.53
C PHE L 395 -20.70 -28.92 28.39
N PHE L 396 -21.89 -28.93 27.76
CA PHE L 396 -23.13 -28.82 28.52
C PHE L 396 -23.36 -30.05 29.39
N GLY L 397 -22.97 -31.23 28.91
CA GLY L 397 -23.07 -32.42 29.74
C GLY L 397 -22.22 -32.33 30.99
N LYS L 398 -21.00 -31.80 30.84
CA LYS L 398 -20.11 -31.67 31.99
C LYS L 398 -20.60 -30.58 32.95
N ILE L 399 -21.13 -29.49 32.44
CA ILE L 399 -21.63 -28.47 33.37
C ILE L 399 -22.90 -28.96 34.07
N TYR L 400 -23.71 -29.78 33.40
CA TYR L 400 -24.85 -30.41 34.07
C TYR L 400 -24.36 -31.38 35.16
N LEU L 401 -23.31 -32.14 34.86
CA LEU L 401 -22.76 -33.07 35.85
C LEU L 401 -22.16 -32.34 37.03
N PHE L 402 -21.57 -31.17 36.80
CA PHE L 402 -20.91 -30.42 37.85
C PHE L 402 -21.86 -29.53 38.64
N TRP L 403 -22.98 -29.12 38.06
CA TRP L 403 -23.98 -28.37 38.79
C TRP L 403 -24.55 -29.17 39.94
N CYS L 404 -24.88 -30.44 39.68
CA CYS L 404 -25.39 -31.31 40.74
C CYS L 404 -24.32 -31.65 41.77
N GLY L 405 -23.07 -31.77 41.33
CA GLY L 405 -21.99 -32.02 42.26
C GLY L 405 -21.75 -30.84 43.20
N TRP L 406 -21.77 -29.63 42.66
CA TRP L 406 -21.64 -28.44 43.50
C TRP L 406 -22.86 -28.27 44.41
N GLN L 407 -24.05 -28.59 43.89
CA GLN L 407 -25.27 -28.47 44.68
C GLN L 407 -25.26 -29.44 45.85
N ALA L 408 -24.58 -30.57 45.72
CA ALA L 408 -24.47 -31.55 46.80
C ALA L 408 -23.26 -31.31 47.70
N GLY L 409 -22.51 -30.25 47.46
CA GLY L 409 -21.37 -29.92 48.31
C GLY L 409 -20.11 -30.68 48.02
N LEU L 410 -20.03 -31.38 46.89
CA LEU L 410 -18.84 -32.14 46.53
C LEU L 410 -17.87 -31.25 45.73
N TYR L 411 -17.25 -30.33 46.46
CA TYR L 411 -16.32 -29.39 45.84
C TYR L 411 -15.06 -30.09 45.34
N PHE L 412 -14.58 -31.08 46.08
CA PHE L 412 -13.37 -31.81 45.70
C PHE L 412 -13.58 -32.56 44.39
N LEU L 413 -14.72 -33.24 44.26
CA LEU L 413 -15.00 -34.02 43.05
C LEU L 413 -15.13 -33.12 41.83
N VAL L 414 -15.84 -31.99 41.97
CA VAL L 414 -16.02 -31.07 40.85
C VAL L 414 -14.69 -30.42 40.48
N LEU L 415 -13.87 -30.07 41.48
CA LEU L 415 -12.57 -29.48 41.20
C LEU L 415 -11.66 -30.45 40.46
N ILE L 416 -11.63 -31.71 40.90
CA ILE L 416 -10.84 -32.72 40.20
C ILE L 416 -11.37 -32.95 38.80
N GLY L 417 -12.69 -32.93 38.63
CA GLY L 417 -13.28 -33.08 37.31
C GLY L 417 -12.89 -31.95 36.37
N LEU L 418 -12.88 -30.72 36.88
CA LEU L 418 -12.52 -29.58 36.05
C LEU L 418 -11.03 -29.60 35.70
N LEU L 419 -10.18 -29.93 36.67
CA LEU L 419 -8.74 -30.02 36.39
C LEU L 419 -8.44 -31.12 35.38
N THR L 420 -9.11 -32.27 35.52
CA THR L 420 -8.90 -33.36 34.56
C THR L 420 -9.51 -33.02 33.22
N SER L 421 -10.57 -32.21 33.18
CA SER L 421 -11.09 -31.76 31.90
C SER L 421 -10.13 -30.80 31.20
N VAL L 422 -9.43 -29.97 31.98
CA VAL L 422 -8.37 -29.14 31.41
C VAL L 422 -7.26 -30.01 30.85
N LEU L 423 -6.87 -31.05 31.61
CA LEU L 423 -5.89 -32.02 31.10
C LEU L 423 -6.40 -32.75 29.87
N SER L 424 -7.72 -32.90 29.75
CA SER L 424 -8.37 -33.63 28.66
C SER L 424 -8.62 -32.78 27.43
N ILE L 425 -7.83 -31.72 27.23
CA ILE L 425 -7.88 -30.93 26.00
C ILE L 425 -6.65 -31.18 25.14
N TYR L 426 -5.48 -31.38 25.77
CA TYR L 426 -4.24 -31.63 25.07
C TYR L 426 -4.36 -32.83 24.13
N TYR L 427 -4.91 -33.92 24.62
CA TYR L 427 -5.47 -34.91 23.73
C TYR L 427 -6.93 -34.55 23.47
N TYR L 428 -7.40 -34.93 22.27
CA TYR L 428 -8.51 -34.35 21.50
C TYR L 428 -8.11 -33.04 20.85
N LEU L 429 -6.95 -32.48 21.18
CA LEU L 429 -6.36 -31.44 20.35
C LEU L 429 -5.12 -31.89 19.60
N LYS L 430 -4.40 -32.89 20.13
CA LYS L 430 -3.23 -33.42 19.44
C LYS L 430 -3.61 -34.06 18.11
N ILE L 431 -4.73 -34.80 18.09
CA ILE L 431 -5.18 -35.44 16.85
C ILE L 431 -5.55 -34.38 15.82
N ILE L 432 -6.22 -33.30 16.25
CA ILE L 432 -6.58 -32.23 15.33
C ILE L 432 -5.33 -31.52 14.82
N LYS L 433 -4.35 -31.31 15.71
CA LYS L 433 -3.08 -30.72 15.32
C LYS L 433 -2.40 -31.54 14.24
N LEU L 434 -2.48 -32.87 14.35
CA LEU L 434 -2.01 -33.72 13.26
C LEU L 434 -2.87 -33.57 12.02
N LEU L 435 -4.20 -33.52 12.19
CA LEU L 435 -5.12 -33.46 11.05
C LEU L 435 -4.93 -32.20 10.21
N MET L 436 -4.40 -31.14 10.79
CA MET L 436 -4.22 -29.88 10.06
C MET L 436 -2.77 -29.60 9.70
N THR L 437 -1.98 -30.65 9.44
CA THR L 437 -0.61 -30.47 8.97
C THR L 437 -0.60 -30.44 7.45
N GLY L 438 -0.20 -29.30 6.88
CA GLY L 438 0.00 -29.18 5.46
C GLY L 438 1.37 -29.57 4.98
N ARG L 439 2.24 -30.02 5.89
CA ARG L 439 3.60 -30.40 5.53
C ARG L 439 3.57 -31.76 4.84
N ASN L 440 3.95 -31.78 3.56
CA ASN L 440 3.92 -33.03 2.80
C ASN L 440 4.99 -34.00 3.27
N GLN L 441 6.07 -33.50 3.86
CA GLN L 441 7.11 -34.38 4.37
C GLN L 441 6.70 -35.12 5.64
N GLU L 442 5.83 -34.52 6.44
CA GLU L 442 5.33 -35.17 7.65
C GLU L 442 4.10 -36.03 7.38
N ILE L 443 3.58 -36.02 6.17
CA ILE L 443 2.39 -36.81 5.83
C ILE L 443 2.83 -38.24 5.53
N THR L 444 2.24 -39.20 6.25
CA THR L 444 2.57 -40.60 6.06
C THR L 444 2.03 -41.08 4.71
N PRO L 445 2.75 -41.98 4.03
CA PRO L 445 2.19 -42.59 2.80
C PRO L 445 0.88 -43.35 3.01
N HIS L 446 0.47 -43.59 4.26
CA HIS L 446 -0.80 -44.26 4.52
C HIS L 446 -1.98 -43.41 4.02
N VAL L 447 -1.90 -42.09 4.21
CA VAL L 447 -2.96 -41.19 3.75
C VAL L 447 -2.64 -40.55 2.41
N ARG L 448 -1.41 -40.68 1.91
CA ARG L 448 -1.10 -40.17 0.58
C ARG L 448 -1.87 -40.94 -0.49
N ASN L 449 -1.94 -42.26 -0.37
CA ASN L 449 -2.75 -43.10 -1.26
C ASN L 449 -4.07 -43.39 -0.56
N TYR L 450 -4.93 -42.38 -0.53
CA TYR L 450 -6.24 -42.47 0.12
C TYR L 450 -7.31 -42.17 -0.93
N ARG L 451 -8.23 -43.11 -1.11
CA ARG L 451 -9.33 -42.94 -2.05
C ARG L 451 -10.64 -42.84 -1.28
N ARG L 452 -11.28 -41.67 -1.39
CA ARG L 452 -12.57 -41.47 -0.73
C ARG L 452 -13.69 -42.19 -1.47
N SER L 453 -13.61 -42.23 -2.80
CA SER L 453 -14.49 -42.93 -3.75
C SER L 453 -15.89 -42.30 -3.80
N PRO L 454 -16.53 -42.30 -4.98
CA PRO L 454 -17.82 -41.60 -5.13
C PRO L 454 -19.02 -42.47 -4.73
N LEU L 455 -19.00 -42.95 -3.48
CA LEU L 455 -20.14 -43.63 -2.90
C LEU L 455 -20.26 -43.23 -1.44
N ARG L 456 -21.47 -43.34 -0.90
CA ARG L 456 -21.76 -42.80 0.43
C ARG L 456 -21.26 -43.71 1.55
N SER L 457 -21.52 -45.02 1.45
CA SER L 457 -21.25 -46.03 2.47
C SER L 457 -22.13 -45.85 3.71
N LYS L 458 -22.33 -46.94 4.45
CA LYS L 458 -23.33 -46.95 5.51
C LYS L 458 -22.87 -46.19 6.75
N ASN L 459 -21.57 -46.28 7.05
CA ASN L 459 -21.01 -45.61 8.22
C ASN L 459 -21.15 -44.10 8.11
N SER L 460 -21.13 -43.56 6.89
CA SER L 460 -21.32 -42.13 6.71
C SER L 460 -22.70 -41.68 7.17
N ILE L 461 -23.74 -42.45 6.83
CA ILE L 461 -25.08 -42.16 7.31
C ILE L 461 -25.13 -42.34 8.83
N GLU L 462 -24.50 -43.40 9.33
CA GLU L 462 -24.56 -43.68 10.76
C GLU L 462 -23.89 -42.60 11.59
N PHE L 463 -22.80 -42.00 11.11
CA PHE L 463 -22.16 -40.91 11.84
C PHE L 463 -22.68 -39.54 11.43
N SER L 464 -23.42 -39.42 10.33
CA SER L 464 -24.15 -38.19 10.05
C SER L 464 -25.40 -38.09 10.91
N MET L 465 -25.87 -39.22 11.43
CA MET L 465 -26.92 -39.24 12.44
C MET L 465 -26.33 -38.91 13.83
N ILE L 466 -25.03 -38.60 13.90
CA ILE L 466 -24.32 -38.50 15.16
C ILE L 466 -23.62 -37.15 15.30
N VAL L 467 -22.84 -36.77 14.29
CA VAL L 467 -22.12 -35.50 14.31
C VAL L 467 -23.09 -34.34 14.36
N CYS L 468 -24.19 -34.43 13.63
CA CYS L 468 -25.26 -33.44 13.73
C CYS L 468 -26.01 -33.52 15.05
N VAL L 469 -25.77 -34.55 15.87
CA VAL L 469 -26.38 -34.65 17.18
C VAL L 469 -25.50 -34.04 18.26
N ILE L 470 -24.19 -34.34 18.27
CA ILE L 470 -23.30 -33.82 19.30
C ILE L 470 -23.13 -32.31 19.23
N ALA L 471 -23.52 -31.68 18.11
CA ALA L 471 -23.48 -30.24 17.97
C ALA L 471 -24.84 -29.57 18.12
N SER L 472 -25.92 -30.22 17.67
CA SER L 472 -27.25 -29.62 17.67
C SER L 472 -28.12 -30.13 18.81
N THR L 473 -27.57 -30.92 19.73
CA THR L 473 -28.26 -31.21 20.98
C THR L 473 -27.99 -30.10 22.00
N ILE L 474 -26.97 -29.28 21.77
CA ILE L 474 -26.59 -28.17 22.65
C ILE L 474 -27.73 -27.18 22.85
N PRO L 475 -28.67 -26.97 21.90
CA PRO L 475 -29.88 -26.25 22.31
C PRO L 475 -30.90 -27.16 22.98
N GLY L 476 -30.93 -28.43 22.60
CA GLY L 476 -31.95 -29.34 23.09
C GLY L 476 -31.60 -30.05 24.38
N ILE L 477 -30.92 -29.35 25.29
CA ILE L 477 -30.63 -29.90 26.62
C ILE L 477 -31.67 -29.42 27.63
N SER L 478 -32.82 -28.95 27.14
CA SER L 478 -33.99 -28.77 27.98
C SER L 478 -35.07 -29.81 27.71
N MET L 479 -35.10 -30.39 26.51
CA MET L 479 -36.03 -31.46 26.22
C MET L 479 -35.61 -32.78 26.87
N ASN L 480 -34.32 -33.07 26.84
CA ASN L 480 -33.82 -34.32 27.45
C ASN L 480 -34.02 -34.40 28.96
N PRO L 481 -33.63 -33.42 29.79
CA PRO L 481 -33.70 -33.63 31.24
C PRO L 481 -35.12 -33.82 31.77
N ILE L 482 -36.12 -33.18 31.17
CA ILE L 482 -37.50 -33.36 31.63
C ILE L 482 -38.01 -34.79 31.40
N ILE L 483 -37.29 -35.58 30.60
CA ILE L 483 -37.53 -37.02 30.54
C ILE L 483 -36.69 -37.79 31.53
N THR L 484 -35.66 -37.17 32.12
CA THR L 484 -34.77 -37.86 33.05
C THR L 484 -34.95 -37.46 34.51
N ILE L 485 -35.55 -36.30 34.80
CA ILE L 485 -35.97 -36.03 36.17
C ILE L 485 -37.36 -36.60 36.44
N ALA L 486 -38.09 -36.99 35.40
CA ALA L 486 -39.39 -37.62 35.59
C ALA L 486 -39.26 -39.01 36.20
N GLN L 487 -38.13 -39.67 36.00
CA GLN L 487 -37.90 -40.97 36.61
C GLN L 487 -37.43 -40.77 38.05
N ASP L 488 -37.74 -41.75 38.89
CA ASP L 488 -37.35 -41.73 40.30
C ASP L 488 -37.36 -43.13 40.88
N TYR M 1 -32.19 -93.48 58.28
CA TYR M 1 -32.09 -92.38 57.32
C TYR M 1 -31.69 -92.95 55.97
N GLU M 2 -32.12 -92.29 54.90
CA GLU M 2 -31.93 -92.83 53.56
C GLU M 2 -30.55 -92.55 52.99
N TYR M 3 -29.70 -91.79 53.68
CA TYR M 3 -28.41 -91.42 53.13
C TYR M 3 -27.20 -91.84 53.96
N ASP M 4 -27.39 -92.35 55.18
CA ASP M 4 -26.25 -92.93 55.89
C ASP M 4 -25.83 -94.24 55.24
N ILE M 5 -26.78 -94.97 54.65
CA ILE M 5 -26.45 -96.15 53.88
C ILE M 5 -25.61 -95.78 52.66
N PHE M 6 -25.89 -94.61 52.08
CA PHE M 6 -25.08 -94.13 50.97
C PHE M 6 -23.64 -93.90 51.39
N TRP M 7 -23.44 -93.26 52.53
CA TRP M 7 -22.08 -93.00 53.00
C TRP M 7 -21.35 -94.28 53.37
N ALA M 8 -22.03 -95.21 54.03
CA ALA M 8 -21.42 -96.49 54.36
C ALA M 8 -21.07 -97.28 53.11
N PHE M 9 -21.95 -97.27 52.11
CA PHE M 9 -21.69 -97.97 50.86
C PHE M 9 -20.52 -97.33 50.10
N LEU M 10 -20.44 -96.00 50.11
CA LEU M 10 -19.31 -95.32 49.47
C LEU M 10 -18.00 -95.67 50.18
N ILE M 11 -18.02 -95.71 51.51
CA ILE M 11 -16.81 -96.06 52.26
C ILE M 11 -16.39 -97.50 51.95
N ILE M 12 -17.35 -98.42 51.91
CA ILE M 12 -17.03 -99.82 51.59
C ILE M 12 -16.50 -99.96 50.16
N SER M 13 -17.13 -99.25 49.22
CA SER M 13 -16.70 -99.29 47.83
C SER M 13 -15.32 -98.70 47.64
N SER M 14 -14.94 -97.70 48.44
CA SER M 14 -13.58 -97.18 48.39
C SER M 14 -12.60 -98.12 49.10
N VAL M 15 -13.05 -98.82 50.13
CA VAL M 15 -12.18 -99.71 50.89
C VAL M 15 -11.81 -100.94 50.07
N ILE M 16 -12.73 -101.41 49.22
CA ILE M 16 -12.52 -102.67 48.48
C ILE M 16 -11.24 -102.67 47.64
N PRO M 17 -10.96 -101.64 46.80
CA PRO M 17 -9.67 -101.65 46.10
C PRO M 17 -8.47 -101.57 47.02
N ILE M 18 -8.59 -100.91 48.18
CA ILE M 18 -7.50 -100.88 49.14
C ILE M 18 -7.23 -102.27 49.68
N LEU M 19 -8.30 -103.02 49.98
CA LEU M 19 -8.13 -104.40 50.42
C LEU M 19 -7.50 -105.27 49.34
N ALA M 20 -7.92 -105.08 48.09
CA ALA M 20 -7.33 -105.85 46.99
C ALA M 20 -5.85 -105.54 46.82
N PHE M 21 -5.48 -104.27 46.91
CA PHE M 21 -4.08 -103.88 46.79
C PHE M 21 -3.25 -104.43 47.94
N LEU M 22 -3.79 -104.38 49.16
CA LEU M 22 -3.07 -104.91 50.32
C LEU M 22 -2.88 -106.42 50.21
N PHE M 23 -3.93 -107.13 49.77
CA PHE M 23 -3.83 -108.57 49.63
C PHE M 23 -2.84 -108.96 48.54
N SER M 24 -2.83 -108.22 47.43
CA SER M 24 -1.83 -108.47 46.39
C SER M 24 -0.43 -108.16 46.88
N GLY M 25 -0.27 -107.11 47.68
CA GLY M 25 1.04 -106.77 48.21
C GLY M 25 1.57 -107.81 49.18
N ILE M 26 0.70 -108.39 50.01
CA ILE M 26 1.15 -109.39 50.98
C ILE M 26 1.15 -110.80 50.43
N LEU M 27 0.57 -111.03 49.25
CA LEU M 27 0.53 -112.36 48.65
C LEU M 27 1.46 -112.51 47.46
N ALA M 28 1.39 -111.61 46.50
CA ALA M 28 2.18 -111.75 45.29
C ALA M 28 3.65 -111.44 45.56
N PRO M 29 4.57 -112.16 44.93
CA PRO M 29 6.00 -111.85 45.10
C PRO M 29 6.40 -110.65 44.26
N ILE M 30 7.59 -110.13 44.58
CA ILE M 30 8.21 -109.06 43.80
C ILE M 30 9.53 -109.57 43.25
N SER M 31 9.72 -109.41 41.94
CA SER M 31 10.90 -109.93 41.25
C SER M 31 11.35 -108.92 40.20
N LYS M 32 11.41 -107.64 40.59
CA LYS M 32 11.61 -106.57 39.63
C LYS M 32 12.98 -106.66 38.95
N GLY M 33 13.01 -106.25 37.68
CA GLY M 33 14.21 -106.26 36.88
C GLY M 33 14.16 -105.15 35.85
N PRO M 34 15.33 -104.67 35.41
CA PRO M 34 15.35 -103.54 34.47
C PRO M 34 14.70 -103.83 33.12
N GLU M 35 14.76 -105.07 32.62
CA GLU M 35 14.02 -105.37 31.39
C GLU M 35 12.52 -105.41 31.65
N LYS M 36 12.10 -105.88 32.82
CA LYS M 36 10.67 -106.02 33.11
C LYS M 36 9.99 -104.67 33.23
N LEU M 37 10.68 -103.67 33.79
CA LEU M 37 10.07 -102.37 34.03
C LEU M 37 10.03 -101.49 32.79
N SER M 38 10.62 -101.92 31.68
CA SER M 38 10.58 -101.14 30.45
C SER M 38 9.16 -101.12 29.88
N SER M 39 8.82 -100.00 29.24
CA SER M 39 7.48 -99.87 28.66
C SER M 39 7.32 -100.80 27.47
N TYR M 40 6.16 -101.43 27.39
CA TYR M 40 5.90 -102.41 26.34
C TYR M 40 5.60 -101.71 25.03
N GLU M 41 6.34 -102.06 23.99
CA GLU M 41 6.16 -101.50 22.64
C GLU M 41 6.21 -102.59 21.60
N SER M 42 5.44 -103.66 21.84
CA SER M 42 5.31 -104.80 20.92
C SER M 42 6.66 -105.44 20.61
N GLY M 43 7.51 -105.57 21.61
CA GLY M 43 8.82 -106.17 21.40
C GLY M 43 9.87 -105.10 21.17
N ILE M 44 9.70 -104.28 20.15
CA ILE M 44 10.72 -103.25 19.78
C ILE M 44 10.90 -102.27 20.93
N GLU M 45 12.01 -101.53 20.94
CA GLU M 45 12.33 -100.58 22.03
C GLU M 45 11.55 -99.29 21.80
N PRO M 46 10.74 -98.81 22.76
CA PRO M 46 9.92 -97.65 22.52
C PRO M 46 10.74 -96.49 22.11
N MET M 47 10.21 -95.63 21.26
CA MET M 47 10.92 -94.38 20.91
C MET M 47 10.57 -93.32 21.95
N GLY M 48 10.39 -92.07 21.54
CA GLY M 48 9.98 -91.01 22.44
C GLY M 48 8.68 -91.25 23.18
N ASP M 49 8.58 -90.72 24.39
CA ASP M 49 7.58 -91.15 25.37
C ASP M 49 6.19 -90.70 24.94
N ALA M 50 5.43 -91.61 24.33
CA ALA M 50 3.97 -91.54 24.12
C ALA M 50 3.62 -90.27 23.32
N TRP M 51 2.46 -89.67 23.61
CA TRP M 51 2.02 -88.35 23.17
C TRP M 51 1.59 -88.32 21.70
N LEU M 52 0.40 -87.79 21.43
CA LEU M 52 -0.21 -87.89 20.11
C LEU M 52 -0.62 -86.56 19.50
N GLN M 53 -1.19 -85.64 20.29
CA GLN M 53 -1.58 -84.30 19.83
C GLN M 53 -2.57 -84.37 18.65
N PHE M 54 -3.78 -84.81 18.97
CA PHE M 54 -4.88 -84.89 18.00
C PHE M 54 -5.12 -83.54 17.30
N ARG M 55 -5.85 -83.59 16.20
CA ARG M 55 -6.29 -82.37 15.56
C ARG M 55 -7.50 -81.77 16.29
N ILE M 56 -7.70 -80.47 16.10
CA ILE M 56 -8.80 -79.78 16.76
C ILE M 56 -10.14 -80.21 16.16
N ARG M 57 -10.21 -80.29 14.82
CA ARG M 57 -11.46 -80.60 14.14
C ARG M 57 -12.01 -81.96 14.54
N TYR M 58 -11.14 -82.87 14.96
CA TYR M 58 -11.61 -84.15 15.50
C TYR M 58 -12.29 -83.95 16.84
N TYR M 59 -11.67 -83.20 17.75
CA TYR M 59 -12.13 -83.11 19.14
C TYR M 59 -12.96 -81.86 19.38
N MET M 60 -13.74 -81.43 18.40
CA MET M 60 -14.64 -80.30 18.57
C MET M 60 -16.03 -80.72 19.03
N PHE M 61 -16.28 -82.02 19.17
CA PHE M 61 -17.56 -82.46 19.72
C PHE M 61 -17.64 -82.25 21.22
N ALA M 62 -16.49 -82.14 21.87
CA ALA M 62 -16.44 -81.99 23.32
C ALA M 62 -17.04 -80.65 23.75
N LEU M 63 -16.80 -79.60 22.97
CA LEU M 63 -17.41 -78.30 23.26
C LEU M 63 -18.91 -78.34 23.10
N VAL M 64 -19.42 -79.17 22.19
CA VAL M 64 -20.86 -79.40 22.10
C VAL M 64 -21.36 -80.18 23.31
N PHE M 65 -20.57 -81.16 23.75
CA PHE M 65 -20.97 -82.03 24.85
C PHE M 65 -21.06 -81.26 26.16
N VAL M 66 -20.17 -80.27 26.36
CA VAL M 66 -20.23 -79.46 27.57
C VAL M 66 -21.56 -78.71 27.67
N VAL M 67 -21.99 -78.10 26.56
CA VAL M 67 -23.25 -77.37 26.57
C VAL M 67 -24.43 -78.32 26.70
N PHE M 68 -24.37 -79.46 25.99
CA PHE M 68 -25.51 -80.38 25.99
C PHE M 68 -25.69 -81.06 27.34
N ASP M 69 -24.59 -81.28 28.08
CA ASP M 69 -24.71 -81.79 29.44
C ASP M 69 -25.49 -80.83 30.33
N VAL M 70 -25.21 -79.53 30.22
CA VAL M 70 -25.94 -78.53 30.99
C VAL M 70 -27.40 -78.51 30.59
N GLU M 71 -27.68 -78.60 29.29
CA GLU M 71 -29.08 -78.60 28.84
C GLU M 71 -29.84 -79.81 29.36
N THR M 72 -29.24 -81.00 29.30
CA THR M 72 -29.89 -82.19 29.83
C THR M 72 -30.00 -82.18 31.35
N VAL M 73 -29.07 -81.51 32.05
CA VAL M 73 -29.21 -81.33 33.49
C VAL M 73 -30.38 -80.40 33.80
N PHE M 74 -30.52 -79.32 33.03
CA PHE M 74 -31.60 -78.37 33.24
C PHE M 74 -32.96 -78.96 32.90
N LEU M 75 -33.01 -79.95 32.00
CA LEU M 75 -34.27 -80.55 31.62
C LEU M 75 -34.86 -81.45 32.70
N TYR M 76 -34.04 -81.99 33.61
CA TYR M 76 -34.54 -82.89 34.64
C TYR M 76 -35.50 -82.25 35.64
N PRO M 77 -35.21 -81.09 36.26
CA PRO M 77 -36.18 -80.53 37.21
C PRO M 77 -37.51 -80.17 36.59
N TRP M 78 -37.51 -79.76 35.31
CA TRP M 78 -38.78 -79.52 34.62
C TRP M 78 -39.60 -80.79 34.51
N ALA M 79 -38.94 -81.91 34.20
CA ALA M 79 -39.65 -83.18 34.11
C ALA M 79 -40.16 -83.63 35.46
N MET M 80 -39.41 -83.31 36.53
CA MET M 80 -39.89 -83.64 37.87
C MET M 80 -41.13 -82.84 38.26
N SER M 81 -41.26 -81.62 37.75
CA SER M 81 -42.38 -80.75 38.06
C SER M 81 -43.38 -80.63 36.92
N PHE M 82 -43.38 -81.58 35.99
CA PHE M 82 -44.28 -81.50 34.84
C PHE M 82 -45.72 -81.82 35.22
N ASP M 83 -45.91 -82.67 36.24
CA ASP M 83 -47.27 -83.10 36.58
C ASP M 83 -47.92 -82.17 37.59
N ILE M 84 -47.14 -81.65 38.54
CA ILE M 84 -47.69 -80.71 39.51
C ILE M 84 -48.16 -79.43 38.82
N LEU M 85 -47.37 -78.93 37.90
CA LEU M 85 -47.78 -77.82 37.05
C LEU M 85 -48.42 -78.38 35.79
N GLY M 86 -48.72 -77.52 34.82
CA GLY M 86 -49.46 -77.96 33.66
C GLY M 86 -48.77 -77.70 32.33
N VAL M 87 -49.49 -77.07 31.41
CA VAL M 87 -48.92 -76.75 30.10
C VAL M 87 -47.95 -75.58 30.15
N SER M 88 -47.89 -74.86 31.27
CA SER M 88 -46.95 -73.75 31.40
C SER M 88 -45.51 -74.23 31.31
N VAL M 89 -45.19 -75.32 32.02
CA VAL M 89 -43.84 -75.84 31.96
C VAL M 89 -43.58 -76.52 30.62
N PHE M 90 -44.64 -77.01 29.96
CA PHE M 90 -44.48 -77.54 28.61
C PHE M 90 -44.03 -76.45 27.65
N ILE M 91 -44.71 -75.30 27.69
CA ILE M 91 -44.30 -74.16 26.87
C ILE M 91 -42.91 -73.68 27.25
N GLU M 92 -42.60 -73.71 28.56
CA GLU M 92 -41.30 -73.27 29.04
C GLU M 92 -40.16 -74.13 28.48
N ALA M 93 -40.31 -75.46 28.58
CA ALA M 93 -39.23 -76.35 28.15
C ALA M 93 -39.24 -76.60 26.65
N LEU M 94 -40.32 -76.24 25.95
CA LEU M 94 -40.33 -76.38 24.50
C LEU M 94 -39.27 -75.48 23.86
N ILE M 95 -39.09 -74.27 24.40
CA ILE M 95 -38.04 -73.38 23.88
C ILE M 95 -36.66 -73.95 24.19
N PHE M 96 -36.50 -74.57 25.35
CA PHE M 96 -35.22 -75.20 25.68
C PHE M 96 -34.88 -76.31 24.70
N VAL M 97 -35.84 -77.18 24.42
CA VAL M 97 -35.60 -78.28 23.48
C VAL M 97 -35.39 -77.74 22.06
N LEU M 98 -36.11 -76.69 21.69
CA LEU M 98 -35.93 -76.10 20.36
C LEU M 98 -34.55 -75.48 20.20
N ILE M 99 -34.06 -74.80 21.24
CA ILE M 99 -32.71 -74.23 21.21
C ILE M 99 -31.68 -75.34 21.14
N LEU M 100 -31.90 -76.44 21.87
CA LEU M 100 -31.02 -77.60 21.78
C LEU M 100 -30.98 -78.15 20.35
N ILE M 101 -32.13 -78.26 19.71
CA ILE M 101 -32.20 -78.79 18.35
C ILE M 101 -31.51 -77.85 17.37
N VAL M 102 -31.70 -76.53 17.56
CA VAL M 102 -31.06 -75.55 16.67
C VAL M 102 -29.54 -75.59 16.83
N GLY M 103 -29.06 -75.72 18.06
CA GLY M 103 -27.62 -75.85 18.27
C GLY M 103 -27.05 -77.12 17.67
N LEU M 104 -27.79 -78.23 17.78
CA LEU M 104 -27.37 -79.47 17.13
C LEU M 104 -27.32 -79.31 15.61
N VAL M 105 -28.31 -78.63 15.05
CA VAL M 105 -28.34 -78.39 13.61
C VAL M 105 -27.16 -77.52 13.17
N TYR M 106 -26.84 -76.50 13.98
CA TYR M 106 -25.69 -75.64 13.67
C TYR M 106 -24.39 -76.43 13.71
N ALA M 107 -24.22 -77.28 14.72
CA ALA M 107 -23.01 -78.10 14.81
C ALA M 107 -22.93 -79.09 13.66
N TRP M 108 -24.08 -79.63 13.23
CA TRP M 108 -24.10 -80.55 12.11
C TRP M 108 -23.73 -79.85 10.81
N ARG M 109 -24.29 -78.66 10.57
CA ARG M 109 -24.10 -77.99 9.29
C ARG M 109 -22.71 -77.35 9.19
N LYS M 110 -22.17 -76.87 10.32
CA LYS M 110 -20.88 -76.21 10.27
C LYS M 110 -19.72 -77.19 10.21
N GLY M 111 -19.98 -78.49 10.31
CA GLY M 111 -18.91 -79.47 10.26
C GLY M 111 -18.18 -79.71 11.56
N ALA M 112 -18.71 -79.22 12.68
CA ALA M 112 -18.11 -79.52 13.98
C ALA M 112 -18.21 -81.00 14.30
N LEU M 113 -19.33 -81.62 13.96
CA LEU M 113 -19.53 -83.06 14.15
C LEU M 113 -19.17 -83.84 12.89
N GLU M 114 -17.93 -83.70 12.42
CA GLU M 114 -17.47 -84.43 11.25
C GLU M 114 -16.05 -84.91 11.50
N TRP M 115 -15.78 -86.17 11.18
CA TRP M 115 -14.49 -86.79 11.45
C TRP M 115 -14.00 -87.62 10.26
N SER N 1 -38.88 -4.19 20.46
CA SER N 1 -39.60 -5.43 20.15
C SER N 1 -38.75 -6.36 19.31
N PHE N 2 -38.05 -5.80 18.32
CA PHE N 2 -37.19 -6.59 17.47
C PHE N 2 -35.94 -7.03 18.23
N PRO N 3 -35.54 -8.29 18.10
CA PRO N 3 -34.32 -8.75 18.79
C PRO N 3 -33.05 -8.25 18.14
N TRP N 4 -32.65 -7.02 18.47
CA TRP N 4 -31.48 -6.41 17.84
C TRP N 4 -30.20 -7.10 18.26
N LEU N 5 -30.02 -7.30 19.57
CA LEU N 5 -28.77 -7.88 20.06
C LEU N 5 -28.64 -9.35 19.68
N THR N 6 -29.75 -10.08 19.69
CA THR N 6 -29.71 -11.47 19.25
C THR N 6 -29.32 -11.57 17.78
N THR N 7 -29.86 -10.70 16.95
CA THR N 7 -29.49 -10.67 15.54
C THR N 7 -28.01 -10.32 15.37
N ILE N 8 -27.54 -9.34 16.13
CA ILE N 8 -26.14 -8.92 16.04
C ILE N 8 -25.20 -10.06 16.43
N VAL N 9 -25.53 -10.78 17.50
CA VAL N 9 -24.70 -11.90 17.92
C VAL N 9 -24.75 -13.04 16.91
N VAL N 10 -25.95 -13.38 16.42
CA VAL N 10 -26.12 -14.56 15.59
C VAL N 10 -25.56 -14.36 14.18
N LEU N 11 -25.67 -13.15 13.62
CA LEU N 11 -25.40 -12.94 12.19
C LEU N 11 -24.00 -13.35 11.72
N PRO N 12 -22.90 -12.99 12.41
CA PRO N 12 -21.58 -13.39 11.86
C PRO N 12 -21.34 -14.89 11.84
N ILE N 13 -21.64 -15.61 12.92
CA ILE N 13 -21.39 -17.04 12.95
C ILE N 13 -22.34 -17.77 11.99
N PHE N 14 -23.58 -17.31 11.91
CA PHE N 14 -24.54 -17.93 10.99
C PHE N 14 -24.12 -17.71 9.54
N ALA N 15 -23.61 -16.51 9.22
CA ALA N 15 -23.14 -16.25 7.86
C ALA N 15 -21.85 -17.01 7.56
N GLY N 16 -20.97 -17.17 8.54
CA GLY N 16 -19.75 -17.92 8.33
C GLY N 16 -19.95 -19.41 8.25
N SER N 17 -21.05 -19.92 8.81
CA SER N 17 -21.39 -21.32 8.62
C SER N 17 -21.73 -21.63 7.16
N LEU N 18 -22.21 -20.63 6.43
CA LEU N 18 -22.54 -20.79 5.01
C LEU N 18 -21.36 -20.56 4.10
N ILE N 19 -20.17 -20.27 4.64
CA ILE N 19 -19.00 -20.04 3.81
C ILE N 19 -18.49 -21.33 3.18
N PHE N 20 -18.92 -22.49 3.70
CA PHE N 20 -18.52 -23.78 3.16
C PHE N 20 -19.41 -24.24 2.02
N LEU N 21 -20.53 -23.55 1.76
CA LEU N 21 -21.34 -23.82 0.58
C LEU N 21 -20.70 -23.28 -0.69
N PHE N 22 -19.70 -22.41 -0.57
CA PHE N 22 -19.04 -21.85 -1.73
C PHE N 22 -18.09 -22.88 -2.32
N PRO N 23 -18.25 -23.26 -3.58
CA PRO N 23 -17.29 -24.16 -4.23
C PRO N 23 -16.12 -23.48 -4.91
N HIS N 24 -15.99 -22.16 -4.77
CA HIS N 24 -14.93 -21.42 -5.43
C HIS N 24 -13.58 -21.70 -4.78
N ARG N 25 -12.54 -21.57 -5.60
CA ARG N 25 -11.17 -21.70 -5.14
C ARG N 25 -10.61 -20.31 -4.84
N GLY N 26 -9.35 -20.27 -4.38
CA GLY N 26 -8.76 -18.99 -4.09
C GLY N 26 -9.30 -18.38 -2.80
N ASN N 27 -9.19 -17.06 -2.71
CA ASN N 27 -9.64 -16.33 -1.54
C ASN N 27 -10.49 -15.11 -1.87
N LYS N 28 -10.71 -14.79 -3.15
CA LYS N 28 -11.36 -13.55 -3.53
C LYS N 28 -12.80 -13.51 -3.07
N VAL N 29 -13.60 -14.49 -3.49
CA VAL N 29 -15.01 -14.53 -3.16
C VAL N 29 -15.21 -14.68 -1.65
N ILE N 30 -14.39 -15.53 -1.03
CA ILE N 30 -14.50 -15.79 0.41
C ILE N 30 -14.23 -14.52 1.20
N ARG N 31 -13.14 -13.82 0.87
CA ARG N 31 -12.80 -12.62 1.63
C ARG N 31 -13.78 -11.48 1.36
N TRP N 32 -14.32 -11.39 0.15
CA TRP N 32 -15.29 -10.32 -0.12
C TRP N 32 -16.62 -10.60 0.56
N TYR N 33 -17.04 -11.87 0.60
CA TYR N 33 -18.23 -12.24 1.36
C TYR N 33 -18.05 -11.98 2.85
N THR N 34 -16.87 -12.30 3.38
CA THR N 34 -16.60 -12.07 4.80
C THR N 34 -16.58 -10.59 5.13
N ILE N 35 -15.99 -9.76 4.27
CA ILE N 35 -15.97 -8.33 4.54
C ILE N 35 -17.38 -7.74 4.37
N CYS N 36 -18.20 -8.31 3.47
CA CYS N 36 -19.58 -7.87 3.35
C CYS N 36 -20.36 -8.15 4.64
N ILE N 37 -20.18 -9.35 5.18
CA ILE N 37 -20.85 -9.71 6.43
C ILE N 37 -20.37 -8.82 7.57
N SER N 38 -19.05 -8.57 7.64
CA SER N 38 -18.50 -7.75 8.71
C SER N 38 -19.01 -6.32 8.63
N MET N 39 -19.06 -5.74 7.42
CA MET N 39 -19.53 -4.37 7.29
C MET N 39 -21.03 -4.25 7.52
N ILE N 40 -21.81 -5.25 7.11
CA ILE N 40 -23.25 -5.26 7.41
C ILE N 40 -23.47 -5.31 8.91
N GLU N 41 -22.72 -6.17 9.60
CA GLU N 41 -22.82 -6.25 11.06
C GLU N 41 -22.40 -4.95 11.72
N LEU N 42 -21.33 -4.32 11.23
CA LEU N 42 -20.89 -3.03 11.76
C LEU N 42 -21.97 -1.96 11.60
N LEU N 43 -22.61 -1.92 10.44
CA LEU N 43 -23.70 -0.97 10.23
C LEU N 43 -24.89 -1.29 11.14
N LEU N 44 -25.12 -2.58 11.42
CA LEU N 44 -26.20 -2.96 12.33
C LEU N 44 -25.93 -2.45 13.74
N MET N 45 -24.70 -2.63 14.24
CA MET N 45 -24.36 -2.10 15.55
C MET N 45 -24.40 -0.58 15.56
N THR N 46 -24.01 0.06 14.45
CA THR N 46 -24.10 1.50 14.36
C THR N 46 -25.54 1.98 14.46
N TYR N 47 -26.46 1.28 13.78
CA TYR N 47 -27.88 1.61 13.89
C TYR N 47 -28.39 1.44 15.31
N VAL N 48 -27.97 0.34 15.96
CA VAL N 48 -28.41 0.09 17.33
C VAL N 48 -27.92 1.19 18.26
N PHE N 49 -26.64 1.54 18.15
CA PHE N 49 -26.06 2.58 19.00
C PHE N 49 -26.66 3.95 18.71
N PHE N 50 -27.01 4.20 17.45
CA PHE N 50 -27.54 5.51 17.06
C PHE N 50 -28.98 5.69 17.53
N TYR N 51 -29.81 4.67 17.37
CA TYR N 51 -31.25 4.84 17.52
C TYR N 51 -31.85 4.20 18.77
N HIS N 52 -31.17 3.23 19.39
CA HIS N 52 -31.75 2.54 20.53
C HIS N 52 -30.90 2.56 21.79
N PHE N 53 -29.70 3.15 21.75
CA PHE N 53 -28.88 3.29 22.93
C PHE N 53 -28.91 4.73 23.41
N GLN N 54 -29.23 4.93 24.69
CA GLN N 54 -29.25 6.25 25.29
C GLN N 54 -28.11 6.36 26.30
N PRO N 55 -27.08 7.18 26.03
CA PRO N 55 -25.96 7.26 26.97
C PRO N 55 -26.31 7.87 28.31
N ASP N 56 -27.41 8.61 28.41
CA ASP N 56 -27.82 9.19 29.68
C ASP N 56 -28.54 8.22 30.58
N ASP N 57 -28.85 7.02 30.10
CA ASP N 57 -29.57 6.03 30.90
C ASP N 57 -28.58 5.15 31.64
N PRO N 58 -28.58 5.14 32.97
CA PRO N 58 -27.68 4.25 33.72
C PRO N 58 -28.19 2.82 33.84
N LEU N 59 -29.36 2.51 33.29
CA LEU N 59 -29.97 1.19 33.40
C LEU N 59 -29.60 0.34 32.19
N ILE N 60 -30.05 -0.92 32.22
CA ILE N 60 -29.83 -1.81 31.09
C ILE N 60 -30.79 -1.46 29.97
N GLN N 61 -30.34 -1.65 28.73
CA GLN N 61 -31.10 -1.25 27.55
C GLN N 61 -31.11 -2.38 26.53
N LEU N 62 -32.18 -2.41 25.74
CA LEU N 62 -32.38 -3.40 24.68
C LEU N 62 -32.31 -4.83 25.21
N VAL N 63 -32.93 -5.06 26.36
CA VAL N 63 -32.85 -6.37 27.00
C VAL N 63 -33.69 -7.37 26.23
N GLU N 64 -33.23 -8.62 26.22
CA GLU N 64 -33.92 -9.73 25.60
C GLU N 64 -33.74 -10.95 26.50
N ASP N 65 -34.83 -11.63 26.81
CA ASP N 65 -34.81 -12.72 27.79
C ASP N 65 -35.59 -13.90 27.22
N TYR N 66 -34.88 -14.98 26.90
CA TYR N 66 -35.51 -16.21 26.42
C TYR N 66 -35.02 -17.37 27.27
N LYS N 67 -35.94 -18.05 27.95
CA LYS N 67 -35.56 -19.17 28.81
C LYS N 67 -35.08 -20.35 27.98
N TRP N 68 -33.85 -20.81 28.23
CA TRP N 68 -33.27 -21.90 27.45
C TRP N 68 -33.24 -23.19 28.23
N ILE N 69 -32.68 -23.21 29.45
CA ILE N 69 -32.69 -24.39 30.30
C ILE N 69 -33.40 -24.04 31.61
N ASN N 70 -34.40 -24.85 31.96
CA ASN N 70 -35.17 -24.59 33.17
C ASN N 70 -34.44 -24.99 34.44
N PHE N 71 -33.59 -26.02 34.36
CA PHE N 71 -32.95 -26.54 35.57
C PHE N 71 -31.99 -25.53 36.18
N PHE N 72 -31.18 -24.86 35.37
CA PHE N 72 -30.27 -23.85 35.88
C PHE N 72 -30.93 -22.49 36.03
N ASP N 73 -32.22 -22.37 35.71
CA ASP N 73 -32.90 -21.08 35.54
C ASP N 73 -32.11 -20.22 34.55
N PHE N 74 -31.71 -20.84 33.46
CA PHE N 74 -30.72 -20.28 32.56
C PHE N 74 -31.40 -19.69 31.34
N HIS N 75 -31.13 -18.42 31.07
CA HIS N 75 -31.81 -17.66 30.02
C HIS N 75 -30.77 -17.10 29.06
N TRP N 76 -31.08 -17.15 27.78
CA TRP N 76 -30.42 -16.32 26.79
C TRP N 76 -30.89 -14.89 27.04
N ARG N 77 -30.08 -14.13 27.77
CA ARG N 77 -30.40 -12.77 28.17
C ARG N 77 -29.32 -11.83 27.65
N LEU N 78 -29.76 -10.83 26.89
CA LEU N 78 -28.86 -9.86 26.28
C LEU N 78 -29.28 -8.45 26.68
N GLY N 79 -28.29 -7.57 26.79
CA GLY N 79 -28.54 -6.19 27.18
C GLY N 79 -27.30 -5.33 27.10
N ILE N 80 -27.46 -4.06 26.75
CA ILE N 80 -26.34 -3.14 26.62
C ILE N 80 -26.56 -1.96 27.56
N ASP N 81 -25.46 -1.32 27.91
CA ASP N 81 -25.47 -0.10 28.72
C ASP N 81 -24.27 0.74 28.30
N GLY N 82 -23.92 1.72 29.12
CA GLY N 82 -22.79 2.58 28.80
C GLY N 82 -21.45 1.85 28.91
N LEU N 83 -21.41 0.77 29.69
CA LEU N 83 -20.16 0.02 29.85
C LEU N 83 -19.87 -0.85 28.64
N SER N 84 -20.91 -1.40 28.02
CA SER N 84 -20.72 -2.46 27.03
C SER N 84 -20.68 -1.96 25.60
N ILE N 85 -21.32 -0.82 25.31
CA ILE N 85 -21.43 -0.36 23.92
C ILE N 85 -20.07 0.06 23.36
N GLY N 86 -19.17 0.58 24.19
CA GLY N 86 -17.85 0.94 23.75
C GLY N 86 -17.02 -0.25 23.31
N PRO N 87 -16.90 -1.25 24.18
CA PRO N 87 -16.27 -2.51 23.75
C PRO N 87 -16.97 -3.18 22.58
N ILE N 88 -18.29 -3.06 22.45
CA ILE N 88 -19.00 -3.68 21.33
C ILE N 88 -18.60 -3.00 20.01
N LEU N 89 -18.60 -1.66 20.01
CA LEU N 89 -18.21 -0.92 18.81
C LEU N 89 -16.74 -1.17 18.47
N LEU N 90 -15.89 -1.22 19.50
CA LEU N 90 -14.47 -1.50 19.28
C LEU N 90 -14.28 -2.91 18.70
N THR N 91 -15.05 -3.88 19.21
CA THR N 91 -14.99 -5.24 18.69
C THR N 91 -15.36 -5.28 17.22
N GLY N 92 -16.47 -4.63 16.86
CA GLY N 92 -16.89 -4.61 15.47
C GLY N 92 -15.87 -3.94 14.56
N PHE N 93 -15.36 -2.78 14.97
CA PHE N 93 -14.40 -2.03 14.18
C PHE N 93 -13.11 -2.81 13.99
N ILE N 94 -12.54 -3.34 15.08
CA ILE N 94 -11.27 -4.03 15.01
C ILE N 94 -11.42 -5.35 14.26
N THR N 95 -12.54 -6.05 14.42
CA THR N 95 -12.71 -7.32 13.71
C THR N 95 -12.89 -7.10 12.23
N THR N 96 -13.64 -6.05 11.83
CA THR N 96 -13.76 -5.75 10.41
C THR N 96 -12.41 -5.36 9.81
N LEU N 97 -11.63 -4.55 10.53
CA LEU N 97 -10.33 -4.16 10.00
C LEU N 97 -9.33 -5.31 9.99
N ALA N 98 -9.45 -6.24 10.94
CA ALA N 98 -8.60 -7.43 10.92
C ALA N 98 -8.98 -8.38 9.79
N THR N 99 -10.27 -8.46 9.46
CA THR N 99 -10.68 -9.20 8.27
C THR N 99 -10.12 -8.56 7.01
N LEU N 100 -10.14 -7.22 6.94
CA LEU N 100 -9.59 -6.52 5.79
C LEU N 100 -8.08 -6.70 5.70
N ALA N 101 -7.38 -6.74 6.84
CA ALA N 101 -5.93 -6.84 6.82
C ALA N 101 -5.44 -8.26 6.64
N ALA N 102 -6.34 -9.24 6.67
CA ALA N 102 -5.99 -10.65 6.52
C ALA N 102 -6.20 -11.14 5.10
N TRP N 103 -6.12 -10.25 4.13
CA TRP N 103 -6.39 -10.52 2.73
C TRP N 103 -5.30 -11.30 1.97
N PRO N 104 -4.00 -11.14 2.25
CA PRO N 104 -3.01 -12.00 1.60
C PRO N 104 -3.11 -13.47 1.96
N VAL N 105 -3.97 -13.85 2.91
CA VAL N 105 -4.06 -15.25 3.33
C VAL N 105 -4.72 -16.06 2.22
N THR N 106 -3.93 -16.94 1.58
CA THR N 106 -4.43 -17.82 0.53
C THR N 106 -4.51 -19.27 0.96
N ARG N 107 -3.92 -19.64 2.09
CA ARG N 107 -3.95 -21.01 2.57
C ARG N 107 -5.11 -21.16 3.56
N ASN N 108 -6.08 -21.99 3.20
CA ASN N 108 -7.28 -22.26 4.01
C ASN N 108 -8.01 -20.96 4.34
N SER N 109 -8.37 -20.21 3.29
CA SER N 109 -9.03 -18.93 3.48
C SER N 109 -10.45 -19.12 4.02
N GLN N 110 -11.13 -20.20 3.61
CA GLN N 110 -12.50 -20.44 4.06
C GLN N 110 -12.56 -20.63 5.57
N LEU N 111 -11.71 -21.52 6.09
CA LEU N 111 -11.68 -21.78 7.53
C LEU N 111 -11.22 -20.54 8.29
N PHE N 112 -10.25 -19.80 7.73
CA PHE N 112 -9.77 -18.59 8.37
C PHE N 112 -10.89 -17.57 8.55
N HIS N 113 -11.65 -17.32 7.48
CA HIS N 113 -12.69 -16.32 7.56
C HIS N 113 -13.87 -16.79 8.39
N PHE N 114 -14.15 -18.10 8.38
CA PHE N 114 -15.18 -18.64 9.27
C PHE N 114 -14.78 -18.44 10.73
N LEU N 115 -13.51 -18.69 11.06
CA LEU N 115 -13.06 -18.49 12.43
C LEU N 115 -13.07 -17.02 12.82
N MET N 116 -12.78 -16.13 11.87
CA MET N 116 -12.86 -14.70 12.13
C MET N 116 -14.29 -14.29 12.46
N LEU N 117 -15.26 -14.79 11.70
CA LEU N 117 -16.66 -14.46 11.98
C LEU N 117 -17.13 -15.09 13.28
N ALA N 118 -16.65 -16.29 13.59
CA ALA N 118 -16.96 -16.91 14.87
C ALA N 118 -16.41 -16.10 16.03
N MET N 119 -15.19 -15.57 15.89
CA MET N 119 -14.61 -14.71 16.92
C MET N 119 -15.40 -13.43 17.09
N TYR N 120 -15.82 -12.83 15.97
CA TYR N 120 -16.74 -11.69 15.97
C TYR N 120 -17.96 -11.98 16.84
N SER N 121 -18.65 -13.09 16.53
CA SER N 121 -19.87 -13.44 17.23
C SER N 121 -19.62 -13.71 18.71
N ALA N 122 -18.52 -14.40 19.03
CA ALA N 122 -18.25 -14.76 20.42
C ALA N 122 -17.92 -13.54 21.26
N GLN N 123 -17.09 -12.63 20.74
CA GLN N 123 -16.78 -11.41 21.46
C GLN N 123 -18.01 -10.55 21.68
N ILE N 124 -18.85 -10.41 20.65
CA ILE N 124 -20.05 -9.59 20.80
C ILE N 124 -21.03 -10.26 21.78
N GLY N 125 -21.13 -11.59 21.74
CA GLY N 125 -21.99 -12.27 22.69
C GLY N 125 -21.51 -12.14 24.12
N LEU N 126 -20.19 -12.10 24.33
CA LEU N 126 -19.68 -11.86 25.68
C LEU N 126 -20.00 -10.44 26.14
N PHE N 127 -19.74 -9.45 25.28
CA PHE N 127 -19.87 -8.07 25.71
C PHE N 127 -21.32 -7.65 25.92
N SER N 128 -22.30 -8.44 25.47
CA SER N 128 -23.70 -8.09 25.60
C SER N 128 -24.50 -9.18 26.30
N SER N 129 -23.89 -9.89 27.24
CA SER N 129 -24.54 -10.99 27.94
C SER N 129 -24.92 -10.55 29.35
N ARG N 130 -26.19 -10.74 29.71
CA ARG N 130 -26.70 -10.40 31.03
C ARG N 130 -26.94 -11.62 31.90
N ASP N 131 -26.49 -12.79 31.47
CA ASP N 131 -26.63 -14.02 32.24
C ASP N 131 -25.24 -14.57 32.55
N LEU N 132 -25.07 -15.03 33.79
CA LEU N 132 -23.75 -15.46 34.24
C LEU N 132 -23.25 -16.69 33.48
N LEU N 133 -24.12 -17.68 33.29
CA LEU N 133 -23.71 -18.86 32.54
C LEU N 133 -23.58 -18.55 31.06
N LEU N 134 -24.41 -17.64 30.53
CA LEU N 134 -24.22 -17.19 29.16
C LEU N 134 -22.90 -16.43 29.02
N PHE N 135 -22.55 -15.64 30.03
CA PHE N 135 -21.24 -14.98 30.05
C PHE N 135 -20.12 -16.01 30.02
N PHE N 136 -20.25 -17.07 30.81
CA PHE N 136 -19.23 -18.12 30.85
C PHE N 136 -19.14 -18.87 29.51
N ILE N 137 -20.29 -19.14 28.89
CA ILE N 137 -20.30 -19.83 27.60
C ILE N 137 -19.65 -18.98 26.52
N MET N 138 -19.98 -17.69 26.47
CA MET N 138 -19.35 -16.82 25.48
C MET N 138 -17.88 -16.60 25.78
N TRP N 139 -17.49 -16.66 27.06
CA TRP N 139 -16.08 -16.62 27.42
C TRP N 139 -15.34 -17.83 26.89
N GLU N 140 -15.94 -19.02 27.04
CA GLU N 140 -15.32 -20.25 26.58
C GLU N 140 -15.35 -20.38 25.06
N LEU N 141 -16.29 -19.72 24.38
CA LEU N 141 -16.48 -19.96 22.94
C LEU N 141 -15.32 -19.47 22.07
N GLU N 142 -14.19 -18.99 22.59
CA GLU N 142 -13.08 -18.56 21.76
C GLU N 142 -11.82 -19.38 21.92
N LEU N 143 -11.84 -20.43 22.75
CA LEU N 143 -10.64 -21.25 22.91
C LEU N 143 -10.27 -21.95 21.63
N ILE N 144 -11.25 -22.48 20.90
CA ILE N 144 -11.01 -23.22 19.67
C ILE N 144 -10.65 -22.31 18.49
N PRO N 145 -11.38 -21.20 18.22
CA PRO N 145 -10.97 -20.36 17.08
C PRO N 145 -9.57 -19.77 17.21
N VAL N 146 -9.19 -19.27 18.39
CA VAL N 146 -7.86 -18.71 18.56
C VAL N 146 -6.81 -19.81 18.47
N TYR N 147 -7.11 -20.99 19.01
CA TYR N 147 -6.19 -22.12 18.90
C TYR N 147 -5.93 -22.49 17.45
N LEU N 148 -7.00 -22.57 16.64
CA LEU N 148 -6.84 -22.92 15.23
C LEU N 148 -6.10 -21.82 14.46
N LEU N 149 -6.44 -20.56 14.74
CA LEU N 149 -5.77 -19.44 14.07
C LEU N 149 -4.27 -19.43 14.38
N LEU N 150 -3.93 -19.64 15.65
CA LEU N 150 -2.52 -19.71 16.05
C LEU N 150 -1.82 -20.89 15.39
N SER N 151 -2.41 -22.09 15.50
CA SER N 151 -1.72 -23.29 15.05
C SER N 151 -1.67 -23.41 13.54
N MET N 152 -2.49 -22.66 12.80
CA MET N 152 -2.50 -22.79 11.34
C MET N 152 -2.01 -21.55 10.61
N TRP N 153 -1.92 -20.39 11.27
CA TRP N 153 -1.44 -19.18 10.63
C TRP N 153 -0.49 -18.39 11.52
N GLY N 154 0.16 -19.04 12.48
CA GLY N 154 1.04 -18.36 13.41
C GLY N 154 2.46 -18.23 12.90
N GLY N 155 3.40 -18.16 13.83
CA GLY N 155 4.81 -18.01 13.53
C GLY N 155 5.57 -19.31 13.68
N LYS N 156 6.84 -19.19 14.07
CA LYS N 156 7.70 -20.37 14.16
C LYS N 156 7.30 -21.27 15.33
N LYS N 157 7.00 -20.68 16.48
CA LYS N 157 6.63 -21.43 17.69
C LYS N 157 5.13 -21.37 17.93
N ARG N 158 4.34 -21.46 16.85
CA ARG N 158 2.90 -21.28 16.95
C ARG N 158 2.21 -22.40 17.73
N LEU N 159 2.70 -23.64 17.61
CA LEU N 159 1.99 -24.77 18.20
C LEU N 159 2.13 -24.77 19.71
N TYR N 160 3.35 -24.53 20.20
CA TYR N 160 3.56 -24.42 21.65
C TYR N 160 2.80 -23.23 22.22
N SER N 161 2.77 -22.12 21.48
CA SER N 161 2.03 -20.96 21.91
C SER N 161 0.54 -21.24 22.00
N ALA N 162 -0.01 -21.95 21.01
CA ALA N 162 -1.43 -22.28 21.01
C ALA N 162 -1.78 -23.23 22.15
N THR N 163 -0.93 -24.24 22.39
CA THR N 163 -1.16 -25.17 23.49
C THR N 163 -1.12 -24.44 24.84
N LYS N 164 -0.11 -23.58 25.03
CA LYS N 164 0.01 -22.81 26.26
C LYS N 164 -1.20 -21.90 26.45
N PHE N 165 -1.64 -21.25 25.37
CA PHE N 165 -2.78 -20.34 25.44
C PHE N 165 -4.04 -21.08 25.85
N ILE N 166 -4.35 -22.20 25.18
CA ILE N 166 -5.61 -22.88 25.46
C ILE N 166 -5.58 -23.50 26.86
N LEU N 167 -4.43 -24.03 27.29
CA LEU N 167 -4.37 -24.62 28.62
C LEU N 167 -4.46 -23.55 29.70
N TYR N 168 -3.80 -22.40 29.51
CA TYR N 168 -3.89 -21.31 30.49
C TYR N 168 -5.32 -20.77 30.57
N THR N 169 -5.97 -20.60 29.42
CA THR N 169 -7.32 -20.06 29.43
C THR N 169 -8.31 -21.04 30.05
N ALA N 170 -8.13 -22.34 29.80
CA ALA N 170 -8.98 -23.33 30.46
C ALA N 170 -8.73 -23.36 31.96
N GLY N 171 -7.47 -23.21 32.38
CA GLY N 171 -7.16 -23.19 33.79
C GLY N 171 -7.77 -22.00 34.52
N GLY N 172 -7.79 -20.84 33.87
CA GLY N 172 -8.51 -19.71 34.43
C GLY N 172 -10.01 -19.91 34.41
N SER N 173 -10.53 -20.49 33.32
CA SER N 173 -11.97 -20.51 33.12
C SER N 173 -12.64 -21.57 33.97
N ILE N 174 -11.91 -22.57 34.46
CA ILE N 174 -12.53 -23.48 35.42
C ILE N 174 -12.78 -22.76 36.74
N PHE N 175 -11.87 -21.88 37.17
CA PHE N 175 -12.15 -21.02 38.31
C PHE N 175 -13.30 -20.08 38.03
N LEU N 176 -13.39 -19.58 36.79
CA LEU N 176 -14.55 -18.79 36.40
C LEU N 176 -15.84 -19.57 36.55
N LEU N 177 -15.85 -20.84 36.14
CA LEU N 177 -17.04 -21.67 36.27
C LEU N 177 -17.36 -21.97 37.73
N MET N 178 -16.34 -22.18 38.56
CA MET N 178 -16.58 -22.37 39.99
C MET N 178 -17.21 -21.14 40.62
N GLY N 179 -16.74 -19.95 40.23
CA GLY N 179 -17.37 -18.72 40.70
C GLY N 179 -18.80 -18.58 40.21
N VAL N 180 -19.06 -18.98 38.97
CA VAL N 180 -20.41 -18.94 38.44
C VAL N 180 -21.32 -19.88 39.22
N LEU N 181 -20.85 -21.09 39.52
CA LEU N 181 -21.63 -22.04 40.29
C LEU N 181 -21.89 -21.53 41.70
N GLY N 182 -20.88 -20.91 42.32
CA GLY N 182 -21.05 -20.40 43.67
C GLY N 182 -22.04 -19.25 43.74
N VAL N 183 -21.94 -18.30 42.82
CA VAL N 183 -22.83 -17.14 42.84
C VAL N 183 -24.24 -17.55 42.44
N GLY N 184 -24.39 -18.40 41.42
CA GLY N 184 -25.69 -18.79 40.93
C GLY N 184 -26.45 -19.77 41.79
N LEU N 185 -25.80 -20.35 42.79
CA LEU N 185 -26.47 -21.28 43.70
C LEU N 185 -26.63 -20.71 45.11
N TYR N 186 -26.31 -19.44 45.31
CA TYR N 186 -26.44 -18.84 46.63
C TYR N 186 -27.90 -18.54 46.99
N GLY N 187 -28.79 -18.51 46.01
CA GLY N 187 -30.19 -18.27 46.25
C GLY N 187 -30.84 -19.28 47.19
N SER N 188 -31.57 -18.76 48.19
CA SER N 188 -32.16 -19.64 49.20
C SER N 188 -33.28 -20.48 48.62
N ASN N 189 -34.05 -19.93 47.68
CA ASN N 189 -35.19 -20.63 47.12
C ASN N 189 -34.85 -21.38 45.84
N GLU N 190 -34.38 -20.66 44.82
CA GLU N 190 -34.09 -21.23 43.51
C GLU N 190 -32.81 -20.60 42.97
N PRO N 191 -32.08 -21.31 42.12
CA PRO N 191 -30.88 -20.72 41.51
C PRO N 191 -31.25 -19.59 40.55
N THR N 192 -30.36 -18.62 40.46
CA THR N 192 -30.56 -17.46 39.60
C THR N 192 -29.22 -17.01 39.03
N LEU N 193 -29.22 -16.62 37.76
CA LEU N 193 -28.02 -16.21 37.07
C LEU N 193 -28.13 -14.85 36.41
N ASN N 194 -29.27 -14.17 36.53
CA ASN N 194 -29.41 -12.84 35.95
C ASN N 194 -28.59 -11.84 36.75
N LEU N 195 -27.87 -10.97 36.05
CA LEU N 195 -27.00 -10.01 36.72
C LEU N 195 -27.80 -8.92 37.42
N GLU N 196 -29.00 -8.60 36.91
CA GLU N 196 -29.81 -7.54 37.50
C GLU N 196 -30.26 -7.90 38.91
N THR N 197 -30.73 -9.13 39.10
CA THR N 197 -31.12 -9.55 40.44
C THR N 197 -29.94 -9.95 41.30
N LEU N 198 -28.80 -10.26 40.69
CA LEU N 198 -27.59 -10.57 41.45
C LEU N 198 -26.85 -9.33 41.93
N VAL N 199 -27.14 -8.17 41.35
CA VAL N 199 -26.47 -6.95 41.79
C VAL N 199 -26.95 -6.48 43.15
N ASN N 200 -28.11 -6.97 43.61
CA ASN N 200 -28.65 -6.62 44.92
C ASN N 200 -28.40 -7.70 45.96
N GLN N 201 -27.69 -8.76 45.62
CA GLN N 201 -27.46 -9.85 46.54
C GLN N 201 -26.50 -9.44 47.64
N SER N 202 -26.74 -9.95 48.84
CA SER N 202 -25.88 -9.71 50.01
C SER N 202 -25.23 -11.01 50.43
N TYR N 203 -23.91 -10.99 50.58
CA TYR N 203 -23.12 -12.15 50.95
C TYR N 203 -22.40 -11.91 52.26
N PRO N 204 -22.04 -12.96 52.99
CA PRO N 204 -21.06 -12.81 54.06
C PRO N 204 -19.69 -12.45 53.50
N VAL N 205 -18.84 -11.91 54.37
CA VAL N 205 -17.55 -11.38 53.92
C VAL N 205 -16.67 -12.48 53.35
N ALA N 206 -16.60 -13.62 54.05
CA ALA N 206 -15.73 -14.71 53.61
C ALA N 206 -16.20 -15.31 52.30
N LEU N 207 -17.50 -15.56 52.15
CA LEU N 207 -18.01 -16.14 50.93
C LEU N 207 -17.86 -15.17 49.75
N GLU N 208 -18.08 -13.88 50.00
CA GLU N 208 -17.87 -12.88 48.96
C GLU N 208 -16.40 -12.83 48.55
N ILE N 209 -15.49 -12.96 49.51
CA ILE N 209 -14.06 -12.98 49.20
C ILE N 209 -13.70 -14.20 48.36
N ILE N 210 -14.28 -15.35 48.70
CA ILE N 210 -14.00 -16.58 47.95
C ILE N 210 -14.51 -16.47 46.51
N PHE N 211 -15.73 -15.94 46.35
CA PHE N 211 -16.28 -15.73 45.00
C PHE N 211 -15.44 -14.73 44.21
N TYR N 212 -14.98 -13.68 44.88
CA TYR N 212 -14.12 -12.69 44.23
C TYR N 212 -12.81 -13.31 43.76
N ILE N 213 -12.22 -14.19 44.59
CA ILE N 213 -10.99 -14.86 44.19
C ILE N 213 -11.24 -15.77 43.00
N GLY N 214 -12.36 -16.49 43.02
CA GLY N 214 -12.69 -17.39 41.91
C GLY N 214 -12.87 -16.66 40.60
N PHE N 215 -13.50 -15.47 40.64
CA PHE N 215 -13.62 -14.69 39.40
C PHE N 215 -12.31 -14.00 39.03
N PHE N 216 -11.54 -13.58 40.04
CA PHE N 216 -10.35 -12.78 39.80
C PHE N 216 -9.21 -13.61 39.24
N ILE N 217 -9.15 -14.90 39.56
CA ILE N 217 -8.12 -15.76 38.96
C ILE N 217 -8.32 -15.84 37.44
N ALA N 218 -9.58 -16.01 37.01
CA ALA N 218 -9.88 -16.02 35.57
C ALA N 218 -9.60 -14.67 34.94
N PHE N 219 -10.03 -13.59 35.59
CA PHE N 219 -9.84 -12.26 35.02
C PHE N 219 -8.40 -11.79 35.09
N ALA N 220 -7.55 -12.46 35.88
CA ALA N 220 -6.11 -12.21 35.88
C ALA N 220 -5.37 -13.10 34.91
N VAL N 221 -5.93 -14.26 34.57
CA VAL N 221 -5.37 -15.05 33.48
C VAL N 221 -5.64 -14.37 32.15
N LYS N 222 -6.87 -13.89 31.94
CA LYS N 222 -7.20 -13.26 30.66
C LYS N 222 -6.60 -11.87 30.54
N LEU N 223 -7.01 -10.96 31.41
CA LEU N 223 -6.34 -9.67 31.49
C LEU N 223 -5.02 -9.88 32.22
N PRO N 224 -3.88 -9.57 31.59
CA PRO N 224 -2.59 -10.00 32.15
C PRO N 224 -2.23 -9.31 33.46
N ILE N 225 -2.24 -10.09 34.54
CA ILE N 225 -1.88 -9.62 35.87
C ILE N 225 -0.73 -10.45 36.37
N ILE N 226 0.30 -9.78 36.90
CA ILE N 226 1.50 -10.47 37.39
C ILE N 226 1.11 -11.41 38.53
N PRO N 227 1.55 -12.68 38.52
CA PRO N 227 2.38 -13.35 37.51
C PRO N 227 1.62 -14.32 36.63
N LEU N 228 0.37 -14.03 36.26
CA LEU N 228 -0.42 -14.88 35.37
C LEU N 228 -0.39 -14.40 33.93
N HIS N 229 0.73 -13.84 33.48
CA HIS N 229 0.83 -13.20 32.18
C HIS N 229 1.69 -13.98 31.19
N THR N 230 2.25 -15.11 31.58
CA THR N 230 3.28 -15.77 30.79
C THR N 230 2.76 -16.35 29.47
N TRP N 231 1.45 -16.59 29.35
CA TRP N 231 0.91 -17.05 28.08
C TRP N 231 0.97 -15.96 27.02
N LEU N 232 0.86 -14.69 27.43
CA LEU N 232 0.72 -13.60 26.48
C LEU N 232 1.95 -13.39 25.58
N PRO N 233 3.20 -13.35 26.09
CA PRO N 233 4.32 -13.05 25.18
C PRO N 233 4.47 -14.04 24.04
N ASP N 234 4.48 -15.34 24.34
CA ASP N 234 4.59 -16.30 23.24
C ASP N 234 3.29 -16.47 22.47
N THR N 235 2.12 -16.18 23.05
CA THR N 235 0.89 -16.26 22.28
C THR N 235 0.80 -15.13 21.26
N HIS N 236 1.06 -13.90 21.68
CA HIS N 236 0.96 -12.76 20.78
C HIS N 236 2.16 -12.64 19.84
N GLY N 237 3.34 -13.03 20.30
CA GLY N 237 4.51 -12.95 19.44
C GLY N 237 4.46 -13.91 18.27
N GLU N 238 3.94 -15.11 18.50
CA GLU N 238 3.88 -16.15 17.48
C GLU N 238 2.49 -16.32 16.88
N ALA N 239 1.73 -15.24 16.78
CA ALA N 239 0.41 -15.27 16.16
C ALA N 239 0.39 -14.43 14.89
N HIS N 240 -0.62 -14.68 14.06
CA HIS N 240 -0.84 -13.84 12.89
C HIS N 240 -1.23 -12.44 13.33
N TYR N 241 -0.77 -11.43 12.59
CA TYR N 241 -1.00 -10.05 13.01
C TYR N 241 -2.47 -9.67 12.95
N SER N 242 -3.21 -10.24 11.98
CA SER N 242 -4.66 -10.04 11.95
C SER N 242 -5.32 -10.64 13.18
N THR N 243 -4.88 -11.84 13.60
CA THR N 243 -5.33 -12.39 14.86
C THR N 243 -4.78 -11.61 16.04
N CYS N 244 -3.60 -11.02 15.88
CA CYS N 244 -3.02 -10.20 16.95
C CYS N 244 -3.85 -8.96 17.23
N MET N 245 -4.53 -8.43 16.21
CA MET N 245 -5.50 -7.35 16.44
C MET N 245 -6.54 -7.74 17.48
N LEU N 246 -7.18 -8.88 17.27
CA LEU N 246 -8.22 -9.34 18.20
C LEU N 246 -7.62 -9.73 19.54
N LEU N 247 -6.42 -10.29 19.54
CA LEU N 247 -5.81 -10.75 20.78
C LEU N 247 -5.41 -9.59 21.68
N ALA N 248 -4.78 -8.55 21.12
CA ALA N 248 -4.26 -7.46 21.91
C ALA N 248 -5.20 -6.26 21.97
N GLY N 249 -6.29 -6.25 21.22
CA GLY N 249 -7.19 -5.11 21.22
C GLY N 249 -8.55 -5.42 21.80
N ILE N 250 -9.00 -6.67 21.67
CA ILE N 250 -10.34 -7.08 22.08
C ILE N 250 -10.30 -8.10 23.22
N LEU N 251 -9.56 -9.19 23.04
CA LEU N 251 -9.58 -10.27 24.03
C LEU N 251 -8.93 -9.86 25.34
N LEU N 252 -7.95 -8.94 25.30
CA LEU N 252 -7.35 -8.47 26.53
C LEU N 252 -8.32 -7.62 27.34
N LYS N 253 -9.17 -6.85 26.67
CA LYS N 253 -10.13 -5.99 27.34
C LYS N 253 -11.29 -6.76 27.95
N MET N 254 -11.44 -8.04 27.59
CA MET N 254 -12.54 -8.83 28.14
C MET N 254 -12.34 -9.11 29.62
N GLY N 255 -11.09 -9.32 30.05
CA GLY N 255 -10.84 -9.47 31.48
C GLY N 255 -11.18 -8.22 32.26
N ALA N 256 -10.85 -7.05 31.72
CA ALA N 256 -11.21 -5.79 32.38
C ALA N 256 -12.73 -5.60 32.39
N TYR N 257 -13.40 -5.94 31.31
CA TYR N 257 -14.86 -5.83 31.26
C TYR N 257 -15.51 -6.77 32.28
N GLY N 258 -14.99 -7.98 32.42
CA GLY N 258 -15.48 -8.89 33.45
C GLY N 258 -15.18 -8.39 34.85
N LEU N 259 -14.04 -7.71 35.02
CA LEU N 259 -13.72 -7.13 36.32
C LEU N 259 -14.70 -6.02 36.69
N VAL N 260 -15.08 -5.17 35.74
CA VAL N 260 -16.06 -4.13 36.05
C VAL N 260 -17.44 -4.74 36.27
N ARG N 261 -17.85 -5.66 35.38
CA ARG N 261 -19.23 -6.12 35.37
C ARG N 261 -19.52 -7.04 36.54
N ILE N 262 -18.55 -7.85 36.95
CA ILE N 262 -18.75 -8.88 37.97
C ILE N 262 -18.05 -8.51 39.26
N ASN N 263 -16.72 -8.34 39.22
CA ASN N 263 -15.97 -8.10 40.44
C ASN N 263 -16.28 -6.72 41.04
N MET N 264 -16.44 -5.71 40.20
CA MET N 264 -16.65 -4.36 40.70
C MET N 264 -18.13 -4.10 41.00
N GLU N 265 -19.04 -4.68 40.24
CA GLU N 265 -20.46 -4.39 40.37
C GLU N 265 -21.19 -5.38 41.26
N LEU N 266 -21.02 -6.68 41.01
CA LEU N 266 -21.77 -7.67 41.76
C LEU N 266 -21.26 -7.85 43.18
N LEU N 267 -19.95 -7.70 43.40
CA LEU N 267 -19.32 -7.95 44.69
C LEU N 267 -18.52 -6.73 45.11
N PRO N 268 -19.18 -5.69 45.63
CA PRO N 268 -18.47 -4.45 45.95
C PRO N 268 -17.63 -4.51 47.21
N HIS N 269 -18.07 -5.28 48.22
CA HIS N 269 -17.35 -5.33 49.48
C HIS N 269 -16.01 -6.04 49.32
N ALA N 270 -16.01 -7.19 48.64
CA ALA N 270 -14.77 -7.91 48.37
C ALA N 270 -13.85 -7.09 47.47
N HIS N 271 -14.43 -6.33 46.54
CA HIS N 271 -13.62 -5.47 45.69
C HIS N 271 -12.97 -4.35 46.49
N SER N 272 -13.70 -3.78 47.45
CA SER N 272 -13.11 -2.77 48.32
C SER N 272 -12.00 -3.37 49.18
N ILE N 273 -12.16 -4.64 49.58
CA ILE N 273 -11.11 -5.30 50.34
C ILE N 273 -9.87 -5.52 49.47
N PHE N 274 -10.06 -5.95 48.22
CA PHE N 274 -8.96 -6.38 47.36
C PHE N 274 -8.29 -5.24 46.59
N SER N 275 -8.95 -4.10 46.44
CA SER N 275 -8.43 -3.03 45.58
C SER N 275 -7.09 -2.44 46.02
N PRO N 276 -6.83 -2.12 47.30
CA PRO N 276 -5.50 -1.60 47.65
C PRO N 276 -4.37 -2.56 47.34
N TRP N 277 -4.61 -3.87 47.45
CA TRP N 277 -3.62 -4.84 47.01
C TRP N 277 -3.54 -4.96 45.50
N LEU N 278 -4.61 -4.56 44.79
CA LEU N 278 -4.55 -4.52 43.33
C LEU N 278 -3.76 -3.32 42.83
N MET N 279 -3.73 -2.22 43.60
CA MET N 279 -2.99 -1.04 43.17
C MET N 279 -1.49 -1.31 43.10
N ILE N 280 -0.95 -1.93 44.15
CA ILE N 280 0.47 -2.26 44.18
C ILE N 280 0.80 -3.25 43.07
N ILE N 281 -0.08 -4.21 42.84
CA ILE N 281 0.13 -5.20 41.78
C ILE N 281 0.15 -4.52 40.42
N GLY N 282 -0.76 -3.56 40.19
CA GLY N 282 -0.77 -2.85 38.91
C GLY N 282 0.47 -2.00 38.70
N THR N 283 0.92 -1.29 39.75
CA THR N 283 2.13 -0.47 39.63
C THR N 283 3.35 -1.34 39.37
N MET N 284 3.49 -2.44 40.10
CA MET N 284 4.61 -3.35 39.85
C MET N 284 4.49 -4.01 38.49
N GLN N 285 3.27 -4.22 38.00
CA GLN N 285 3.09 -4.76 36.65
C GLN N 285 3.58 -3.77 35.60
N ILE N 286 3.25 -2.49 35.76
CA ILE N 286 3.73 -1.46 34.85
C ILE N 286 5.26 -1.45 34.84
N ILE N 287 5.87 -1.41 36.02
CA ILE N 287 7.33 -1.35 36.11
C ILE N 287 7.96 -2.62 35.54
N TYR N 288 7.39 -3.78 35.88
CA TYR N 288 7.96 -5.06 35.51
C TYR N 288 7.91 -5.27 33.99
N ALA N 289 6.78 -4.94 33.36
CA ALA N 289 6.68 -5.11 31.92
C ALA N 289 7.48 -4.05 31.17
N ALA N 290 7.50 -2.82 31.67
CA ALA N 290 8.31 -1.79 31.04
C ALA N 290 9.80 -2.04 31.19
N SER N 291 10.20 -2.86 32.17
CA SER N 291 11.59 -3.30 32.26
C SER N 291 11.85 -4.57 31.47
N THR N 292 10.83 -5.42 31.29
CA THR N 292 11.01 -6.62 30.48
C THR N 292 11.08 -6.29 28.99
N SER N 293 10.43 -5.21 28.58
CA SER N 293 10.42 -4.84 27.16
C SER N 293 11.79 -4.56 26.56
N PRO N 294 12.70 -3.81 27.22
CA PRO N 294 14.06 -3.67 26.63
C PRO N 294 14.82 -4.99 26.55
N GLY N 295 14.51 -5.96 27.40
CA GLY N 295 15.21 -7.23 27.37
C GLY N 295 14.79 -8.17 26.27
N GLN N 296 13.75 -7.82 25.51
CA GLN N 296 13.27 -8.66 24.42
C GLN N 296 13.89 -8.21 23.11
N ARG N 297 14.64 -9.10 22.47
CA ARG N 297 15.17 -8.82 21.14
C ARG N 297 14.09 -8.93 20.07
N ASN N 298 13.11 -9.79 20.27
CA ASN N 298 12.00 -9.91 19.33
C ASN N 298 11.11 -8.67 19.39
N LEU N 299 10.67 -8.22 18.22
CA LEU N 299 9.84 -7.03 18.13
C LEU N 299 8.44 -7.29 18.68
N LYS N 300 7.82 -8.40 18.27
CA LYS N 300 6.45 -8.69 18.68
C LYS N 300 6.37 -9.01 20.17
N LYS N 301 7.40 -9.65 20.71
CA LYS N 301 7.45 -9.89 22.15
C LYS N 301 7.56 -8.58 22.92
N ARG N 302 8.33 -7.62 22.40
CA ARG N 302 8.42 -6.31 23.00
C ARG N 302 7.07 -5.60 22.99
N ILE N 303 6.33 -5.71 21.88
CA ILE N 303 5.02 -5.09 21.80
C ILE N 303 4.04 -5.76 22.77
N ALA N 304 4.13 -7.09 22.91
CA ALA N 304 3.28 -7.80 23.85
C ALA N 304 3.56 -7.40 25.30
N TYR N 305 4.84 -7.26 25.66
CA TYR N 305 5.16 -6.80 27.00
C TYR N 305 4.74 -5.35 27.21
N SER N 306 4.76 -4.54 26.13
CA SER N 306 4.21 -3.20 26.22
C SER N 306 2.72 -3.23 26.51
N SER N 307 2.00 -4.18 25.92
CA SER N 307 0.58 -4.34 26.21
C SER N 307 0.35 -4.72 27.67
N VAL N 308 1.19 -5.61 28.19
CA VAL N 308 1.12 -5.96 29.61
C VAL N 308 1.35 -4.74 30.48
N SER N 309 2.32 -3.90 30.10
CA SER N 309 2.58 -2.67 30.84
C SER N 309 1.39 -1.73 30.79
N HIS N 310 0.76 -1.58 29.63
CA HIS N 310 -0.37 -0.68 29.50
C HIS N 310 -1.61 -1.18 30.23
N MET N 311 -1.71 -2.48 30.48
CA MET N 311 -2.85 -3.00 31.25
C MET N 311 -2.80 -2.56 32.72
N GLY N 312 -1.63 -2.15 33.21
CA GLY N 312 -1.52 -1.74 34.60
C GLY N 312 -2.31 -0.48 34.93
N PHE N 313 -2.43 0.43 33.96
CA PHE N 313 -3.25 1.62 34.18
C PHE N 313 -4.72 1.26 34.30
N ILE N 314 -5.18 0.28 33.53
CA ILE N 314 -6.54 -0.22 33.68
C ILE N 314 -6.73 -0.84 35.06
N ILE N 315 -5.74 -1.61 35.52
CA ILE N 315 -5.82 -2.21 36.85
C ILE N 315 -5.88 -1.13 37.93
N ILE N 316 -5.09 -0.06 37.77
CA ILE N 316 -5.08 1.03 38.74
C ILE N 316 -6.44 1.73 38.76
N GLY N 317 -6.98 2.03 37.58
CA GLY N 317 -8.27 2.69 37.51
C GLY N 317 -9.40 1.84 38.07
N ILE N 318 -9.29 0.51 37.91
CA ILE N 318 -10.23 -0.40 38.55
C ILE N 318 -10.11 -0.32 40.07
N SER N 319 -8.88 -0.39 40.56
CA SER N 319 -8.66 -0.47 42.01
C SER N 319 -8.87 0.87 42.70
N SER N 320 -8.65 1.98 42.00
CA SER N 320 -8.96 3.30 42.55
C SER N 320 -10.46 3.52 42.48
N ILE N 321 -11.10 3.62 43.63
CA ILE N 321 -12.58 3.59 43.69
C ILE N 321 -13.04 5.04 43.51
N THR N 322 -13.11 5.46 42.24
CA THR N 322 -13.65 6.74 41.83
C THR N 322 -14.32 6.58 40.47
N ASP N 323 -15.22 7.53 40.15
CA ASP N 323 -15.77 7.57 38.81
C ASP N 323 -14.70 7.93 37.79
N THR N 324 -13.78 8.83 38.16
CA THR N 324 -12.73 9.25 37.26
C THR N 324 -11.79 8.09 36.91
N GLY N 325 -11.48 7.26 37.90
CA GLY N 325 -10.60 6.11 37.65
C GLY N 325 -11.24 5.10 36.71
N LEU N 326 -12.53 4.82 36.90
CA LEU N 326 -13.22 3.89 36.01
C LEU N 326 -13.34 4.45 34.60
N ASN N 327 -13.61 5.76 34.48
CA ASN N 327 -13.64 6.40 33.18
C ASN N 327 -12.29 6.33 32.49
N GLY N 328 -11.21 6.54 33.24
CA GLY N 328 -9.88 6.40 32.68
C GLY N 328 -9.56 4.98 32.28
N ALA N 329 -10.06 4.01 33.04
CA ALA N 329 -9.87 2.60 32.67
C ALA N 329 -10.57 2.27 31.36
N ILE N 330 -11.81 2.76 31.19
CA ILE N 330 -12.52 2.54 29.93
C ILE N 330 -11.83 3.25 28.77
N LEU N 331 -11.36 4.48 29.01
CA LEU N 331 -10.64 5.22 27.97
C LEU N 331 -9.35 4.52 27.59
N GLN N 332 -8.65 3.94 28.57
CA GLN N 332 -7.43 3.19 28.28
C GLN N 332 -7.74 1.88 27.55
N ILE N 333 -8.89 1.26 27.86
CA ILE N 333 -9.34 0.10 27.11
C ILE N 333 -9.48 0.44 25.63
N ILE N 334 -10.18 1.54 25.34
CA ILE N 334 -10.39 1.95 23.95
C ILE N 334 -9.07 2.35 23.30
N SER N 335 -8.23 3.09 24.02
CA SER N 335 -6.95 3.56 23.49
C SER N 335 -6.03 2.38 23.17
N HIS N 336 -5.97 1.39 24.05
CA HIS N 336 -5.10 0.25 23.80
C HIS N 336 -5.65 -0.62 22.68
N GLY N 337 -6.98 -0.76 22.59
CA GLY N 337 -7.56 -1.44 21.45
C GLY N 337 -7.29 -0.74 20.13
N PHE N 338 -7.09 0.57 20.16
CA PHE N 338 -6.71 1.31 18.96
C PHE N 338 -5.21 1.32 18.70
N ILE N 339 -4.38 1.10 19.71
CA ILE N 339 -2.93 1.23 19.55
C ILE N 339 -2.24 -0.11 19.34
N GLY N 340 -2.54 -1.10 20.19
CA GLY N 340 -1.84 -2.38 20.10
C GLY N 340 -2.15 -3.14 18.83
N ALA N 341 -3.40 -3.08 18.38
CA ALA N 341 -3.78 -3.76 17.13
C ALA N 341 -3.03 -3.16 15.94
N ALA N 342 -2.93 -1.84 15.88
CA ALA N 342 -2.21 -1.19 14.79
C ALA N 342 -0.72 -1.46 14.86
N LEU N 343 -0.15 -1.49 16.08
CA LEU N 343 1.27 -1.79 16.22
C LEU N 343 1.58 -3.21 15.76
N PHE N 344 0.73 -4.18 16.15
CA PHE N 344 0.92 -5.55 15.71
C PHE N 344 0.74 -5.69 14.20
N PHE N 345 -0.23 -4.96 13.64
CA PHE N 345 -0.44 -4.97 12.19
C PHE N 345 0.77 -4.44 11.44
N LEU N 346 1.33 -3.33 11.91
CA LEU N 346 2.51 -2.77 11.27
C LEU N 346 3.70 -3.70 11.41
N ALA N 347 3.86 -4.34 12.57
CA ALA N 347 4.95 -5.29 12.76
C ALA N 347 4.82 -6.47 11.80
N GLY N 348 3.61 -7.01 11.65
CA GLY N 348 3.42 -8.13 10.74
C GLY N 348 3.65 -7.76 9.28
N THR N 349 3.13 -6.59 8.86
CA THR N 349 3.34 -6.15 7.49
C THR N 349 4.81 -5.86 7.21
N SER N 350 5.53 -5.31 8.19
CA SER N 350 6.96 -5.08 8.02
C SER N 350 7.73 -6.39 7.94
N TYR N 351 7.34 -7.39 8.75
CA TYR N 351 8.00 -8.69 8.69
C TYR N 351 7.73 -9.38 7.36
N ASP N 352 6.56 -9.15 6.76
CA ASP N 352 6.26 -9.76 5.46
C ASP N 352 7.21 -9.31 4.36
N ARG N 353 7.88 -8.16 4.54
CA ARG N 353 8.88 -7.68 3.60
C ARG N 353 10.31 -7.95 4.05
N ILE N 354 10.62 -7.59 5.29
CA ILE N 354 12.00 -7.70 5.78
C ILE N 354 12.34 -9.15 6.09
N ARG N 355 11.39 -9.91 6.62
CA ARG N 355 11.56 -11.33 6.98
C ARG N 355 12.68 -11.50 8.01
N LEU N 356 12.70 -10.64 9.01
CA LEU N 356 13.63 -10.72 10.12
C LEU N 356 12.86 -10.56 11.43
N VAL N 357 13.39 -11.15 12.50
CA VAL N 357 12.71 -11.22 13.79
C VAL N 357 13.38 -10.34 14.84
N TYR N 358 14.66 -10.59 15.12
CA TYR N 358 15.35 -9.90 16.21
C TYR N 358 15.75 -8.48 15.79
N LEU N 359 15.64 -7.56 16.74
CA LEU N 359 15.79 -6.14 16.42
C LEU N 359 17.22 -5.76 16.07
N ASP N 360 18.21 -6.56 16.48
CA ASP N 360 19.58 -6.16 16.22
C ASP N 360 20.04 -6.43 14.80
N GLU N 361 19.15 -6.70 13.84
CA GLU N 361 19.56 -6.91 12.45
C GLU N 361 18.60 -6.26 11.46
N MET N 362 17.76 -5.33 11.89
CA MET N 362 16.74 -4.71 11.04
C MET N 362 16.98 -3.22 10.87
N GLY N 363 18.23 -2.81 10.65
CA GLY N 363 18.51 -1.41 10.44
C GLY N 363 18.17 -0.96 9.03
N GLY N 364 17.92 0.35 8.91
CA GLY N 364 17.77 0.98 7.62
C GLY N 364 16.47 0.70 6.88
N ILE N 365 15.45 0.19 7.56
CA ILE N 365 14.17 -0.10 6.90
C ILE N 365 13.44 1.18 6.50
N ALA N 366 13.80 2.33 7.10
CA ALA N 366 13.17 3.58 6.75
C ALA N 366 13.48 4.04 5.33
N ILE N 367 14.53 3.52 4.73
CA ILE N 367 14.93 3.95 3.38
C ILE N 367 14.03 3.31 2.32
N PRO N 368 13.76 1.98 2.31
CA PRO N 368 12.82 1.47 1.30
C PRO N 368 11.37 1.61 1.71
N MET N 369 11.10 1.74 3.01
CA MET N 369 9.76 1.70 3.56
C MET N 369 9.52 2.92 4.45
N PRO N 370 9.30 4.09 3.85
CA PRO N 370 9.12 5.31 4.69
C PRO N 370 7.73 5.45 5.29
N LYS N 371 6.68 5.02 4.58
CA LYS N 371 5.32 5.19 5.10
C LYS N 371 5.08 4.35 6.34
N ILE N 372 5.55 3.09 6.32
CA ILE N 372 5.41 2.25 7.50
C ILE N 372 6.26 2.78 8.64
N PHE N 373 7.40 3.39 8.32
CA PHE N 373 8.18 4.12 9.33
C PHE N 373 7.35 5.23 9.97
N THR N 374 6.66 6.01 9.14
CA THR N 374 5.85 7.12 9.67
C THR N 374 4.72 6.60 10.57
N LEU N 375 4.03 5.55 10.12
CA LEU N 375 2.94 4.99 10.92
C LEU N 375 3.46 4.37 12.20
N PHE N 376 4.59 3.67 12.15
CA PHE N 376 5.19 3.08 13.34
C PHE N 376 5.59 4.15 14.34
N SER N 377 6.20 5.23 13.86
CA SER N 377 6.58 6.33 14.75
C SER N 377 5.35 6.97 15.38
N SER N 378 4.30 7.19 14.59
CA SER N 378 3.09 7.81 15.12
C SER N 378 2.42 6.93 16.17
N PHE N 379 2.35 5.62 15.92
CA PHE N 379 1.70 4.74 16.88
C PHE N 379 2.59 4.48 18.10
N SER N 380 3.91 4.60 17.94
CA SER N 380 4.78 4.60 19.12
C SER N 380 4.56 5.84 19.96
N MET N 381 4.38 7.00 19.32
CA MET N 381 4.06 8.22 20.05
C MET N 381 2.74 8.08 20.79
N ALA N 382 1.76 7.44 20.15
CA ALA N 382 0.49 7.15 20.83
C ALA N 382 0.71 6.20 22.01
N SER N 383 1.60 5.22 21.84
CA SER N 383 1.96 4.35 22.97
C SER N 383 2.66 5.11 24.08
N LEU N 384 3.43 6.12 23.73
CA LEU N 384 4.26 6.95 24.60
C LEU N 384 3.46 7.89 25.49
N ALA N 385 2.13 7.79 25.52
CA ALA N 385 1.28 8.72 26.27
C ALA N 385 1.56 10.17 25.87
N LEU N 386 1.73 10.38 24.57
CA LEU N 386 1.91 11.72 24.05
C LEU N 386 0.57 12.45 23.95
N PRO N 387 0.50 13.71 24.34
CA PRO N 387 -0.75 14.46 24.22
C PRO N 387 -1.15 14.65 22.77
N GLY N 388 -2.46 14.81 22.57
CA GLY N 388 -3.04 14.69 21.25
C GLY N 388 -3.42 13.27 20.89
N MET N 389 -3.13 12.31 21.75
CA MET N 389 -3.48 10.92 21.56
C MET N 389 -4.31 10.45 22.74
N SER N 390 -4.98 9.31 22.57
CA SER N 390 -5.88 8.81 23.61
C SER N 390 -5.13 8.29 24.83
N GLY N 391 -3.90 7.80 24.63
CA GLY N 391 -3.16 7.23 25.74
C GLY N 391 -2.82 8.25 26.81
N PHE N 392 -2.42 9.45 26.41
CA PHE N 392 -2.06 10.48 27.37
C PHE N 392 -3.26 10.88 28.22
N ILE N 393 -4.41 11.12 27.58
CA ILE N 393 -5.58 11.54 28.34
C ILE N 393 -6.09 10.40 29.22
N ALA N 394 -5.94 9.15 28.77
CA ALA N 394 -6.34 8.01 29.60
C ALA N 394 -5.48 7.92 30.86
N GLU N 395 -4.15 8.01 30.68
CA GLU N 395 -3.27 7.95 31.86
C GLU N 395 -3.46 9.15 32.76
N LEU N 396 -3.71 10.33 32.19
CA LEU N 396 -3.94 11.52 32.99
C LEU N 396 -5.21 11.40 33.81
N ILE N 397 -6.27 10.86 33.21
CA ILE N 397 -7.52 10.68 33.94
C ILE N 397 -7.36 9.61 35.03
N VAL N 398 -6.57 8.57 34.77
CA VAL N 398 -6.29 7.58 35.80
C VAL N 398 -5.52 8.22 36.97
N PHE N 399 -4.53 9.06 36.65
CA PHE N 399 -3.80 9.78 37.68
C PHE N 399 -4.73 10.67 38.50
N PHE N 400 -5.64 11.38 37.83
CA PHE N 400 -6.60 12.23 38.53
C PHE N 400 -7.53 11.40 39.41
N GLY N 401 -7.94 10.23 38.93
CA GLY N 401 -8.80 9.36 39.74
C GLY N 401 -8.10 8.85 40.98
N LEU N 402 -6.80 8.59 40.88
CA LEU N 402 -6.04 8.23 42.08
C LEU N 402 -5.91 9.42 43.03
N ILE N 403 -5.58 10.59 42.50
CA ILE N 403 -5.36 11.77 43.34
C ILE N 403 -6.65 12.16 44.05
N THR N 404 -7.78 12.07 43.36
CA THR N 404 -9.08 12.41 43.92
C THR N 404 -9.69 11.29 44.75
N SER N 405 -9.04 10.14 44.86
CA SER N 405 -9.61 9.01 45.58
C SER N 405 -9.64 9.26 47.08
N GLN N 406 -10.72 8.80 47.71
CA GLN N 406 -10.91 8.98 49.14
C GLN N 406 -10.53 7.75 49.97
N LYS N 407 -10.30 6.60 49.32
CA LYS N 407 -9.97 5.39 50.06
C LYS N 407 -8.55 5.44 50.60
N TYR N 408 -7.62 6.00 49.84
CA TYR N 408 -6.22 6.04 50.20
C TYR N 408 -5.87 7.42 50.76
N LEU N 409 -4.92 7.45 51.69
CA LEU N 409 -4.56 8.68 52.40
C LEU N 409 -3.07 8.95 52.21
N LEU N 410 -2.76 10.02 51.48
CA LEU N 410 -1.43 10.62 51.42
C LEU N 410 -0.36 9.66 50.88
N ILE N 411 0.35 8.98 51.80
CA ILE N 411 1.61 8.33 51.44
C ILE N 411 1.46 7.27 50.35
N PRO N 412 0.52 6.31 50.44
CA PRO N 412 0.33 5.43 49.27
C PRO N 412 -0.06 6.20 48.01
N LYS N 413 -0.91 7.21 48.15
CA LYS N 413 -1.26 8.09 47.04
C LYS N 413 -0.03 8.75 46.44
N LEU N 414 1.02 8.96 47.25
CA LEU N 414 2.29 9.40 46.70
C LEU N 414 3.01 8.26 46.01
N LEU N 415 3.19 7.14 46.73
CA LEU N 415 4.08 6.09 46.27
C LEU N 415 3.54 5.35 45.04
N ILE N 416 2.25 5.49 44.77
CA ILE N 416 1.70 4.97 43.51
C ILE N 416 1.80 6.01 42.41
N THR N 417 1.57 7.28 42.73
CA THR N 417 1.67 8.35 41.74
C THR N 417 3.09 8.45 41.19
N PHE N 418 4.09 8.33 42.08
CA PHE N 418 5.47 8.22 41.64
C PHE N 418 5.66 6.97 40.79
N GLY N 419 5.06 5.84 41.21
CA GLY N 419 5.23 4.55 40.58
C GLY N 419 4.99 4.52 39.08
N MET N 420 3.76 4.80 38.66
CA MET N 420 3.46 4.83 37.22
C MET N 420 4.29 5.89 36.52
N ALA N 421 4.70 6.93 37.25
CA ALA N 421 5.57 7.95 36.66
C ALA N 421 6.89 7.33 36.20
N ILE N 422 7.46 6.43 37.01
CA ILE N 422 8.64 5.68 36.58
C ILE N 422 8.34 4.92 35.30
N GLY N 423 7.12 4.39 35.20
CA GLY N 423 6.71 3.72 33.97
C GLY N 423 6.80 4.61 32.75
N MET N 424 6.34 5.87 32.86
CA MET N 424 6.42 6.74 31.70
C MET N 424 7.81 7.33 31.51
N ILE N 425 8.78 6.92 32.33
CA ILE N 425 10.19 7.09 31.99
C ILE N 425 10.70 5.86 31.26
N LEU N 426 10.23 4.66 31.67
CA LEU N 426 10.70 3.43 31.05
C LEU N 426 10.05 3.17 29.70
N THR N 427 8.81 3.63 29.51
CA THR N 427 8.13 3.43 28.24
C THR N 427 8.86 4.04 27.04
N PRO N 428 9.42 5.27 27.08
CA PRO N 428 10.29 5.69 25.96
C PRO N 428 11.50 4.79 25.76
N ILE N 429 12.09 4.33 26.87
CA ILE N 429 13.46 3.81 26.86
C ILE N 429 13.60 2.63 25.89
N TYR N 430 12.60 1.77 25.83
CA TYR N 430 12.66 0.71 24.83
C TYR N 430 12.04 1.14 23.50
N LEU N 431 10.91 1.86 23.55
CA LEU N 431 10.09 2.06 22.35
C LEU N 431 10.88 2.78 21.26
N LEU N 432 11.42 3.95 21.59
CA LEU N 432 12.28 4.67 20.65
C LEU N 432 13.49 3.83 20.28
N SER N 433 14.07 3.14 21.25
CA SER N 433 15.18 2.23 20.97
C SER N 433 14.76 1.20 19.94
N MET N 434 13.54 0.67 20.11
CA MET N 434 12.96 -0.23 19.12
C MET N 434 13.00 0.41 17.73
N SER N 435 12.48 1.63 17.62
CA SER N 435 12.53 2.34 16.34
C SER N 435 13.97 2.57 15.91
N ARG N 436 14.85 2.90 16.86
CA ARG N 436 16.25 3.14 16.52
C ARG N 436 16.91 1.87 16.03
N GLN N 437 16.43 0.71 16.48
CA GLN N 437 16.98 -0.54 15.99
C GLN N 437 16.20 -1.12 14.83
N MET N 438 15.11 -0.46 14.40
CA MET N 438 14.27 -0.99 13.35
C MET N 438 14.19 -0.11 12.12
N PHE N 439 14.51 1.17 12.23
CA PHE N 439 14.41 2.08 11.09
C PHE N 439 15.60 3.01 10.91
N TYR N 440 16.39 3.26 11.94
CA TYR N 440 17.45 4.26 11.82
C TYR N 440 18.75 3.59 11.41
N GLY N 441 19.61 4.38 10.76
CA GLY N 441 20.83 3.86 10.18
C GLY N 441 20.71 3.62 8.70
N TYR N 442 21.82 3.26 8.08
CA TYR N 442 21.89 3.05 6.64
C TYR N 442 22.25 1.60 6.34
N LYS N 443 21.49 0.98 5.44
CA LYS N 443 21.79 -0.33 4.90
C LYS N 443 21.54 -0.31 3.40
N LEU N 444 22.39 -1.02 2.67
CA LEU N 444 22.26 -1.09 1.21
C LEU N 444 21.21 -2.14 0.88
N PHE N 445 20.07 -1.69 0.37
CA PHE N 445 18.96 -2.58 0.03
C PHE N 445 18.92 -2.86 -1.46
N ASN N 446 18.23 -3.94 -1.82
CA ASN N 446 18.13 -4.36 -3.20
C ASN N 446 17.33 -3.37 -4.03
N ILE N 447 17.61 -3.34 -5.33
CA ILE N 447 16.90 -2.45 -6.24
C ILE N 447 15.43 -2.85 -6.36
N SER N 448 15.14 -4.15 -6.28
CA SER N 448 13.76 -4.62 -6.31
C SER N 448 12.96 -4.14 -5.11
N ASN N 449 13.63 -3.77 -4.02
CA ASN N 449 12.97 -3.17 -2.86
C ASN N 449 12.75 -1.68 -3.02
N SER N 450 13.16 -1.09 -4.13
CA SER N 450 12.92 0.33 -4.36
C SER N 450 11.46 0.61 -4.71
N SER N 451 10.81 -0.31 -5.42
CA SER N 451 9.43 -0.16 -5.84
C SER N 451 8.63 -1.39 -5.46
N PHE N 452 7.32 -1.19 -5.24
CA PHE N 452 6.39 -2.24 -4.85
C PHE N 452 6.85 -2.96 -3.58
N PHE N 453 7.32 -2.18 -2.63
CA PHE N 453 7.85 -2.67 -1.35
C PHE N 453 7.20 -2.03 -0.14
N ASP N 454 6.74 -0.78 -0.27
CA ASP N 454 6.14 -0.07 0.84
C ASP N 454 4.70 -0.54 1.05
N SER N 455 4.02 0.05 2.03
CA SER N 455 2.63 -0.30 2.29
C SER N 455 1.73 0.23 1.19
N GLY N 456 0.80 -0.62 0.74
CA GLY N 456 -0.10 -0.26 -0.32
C GLY N 456 -1.28 0.56 0.19
N PRO N 457 -2.27 0.77 -0.68
CA PRO N 457 -3.46 1.52 -0.26
C PRO N 457 -4.23 0.87 0.88
N ARG N 458 -4.28 -0.46 0.91
CA ARG N 458 -5.04 -1.17 1.93
C ARG N 458 -4.42 -1.01 3.32
N GLU N 459 -3.11 -1.23 3.43
CA GLU N 459 -2.43 -1.09 4.70
C GLU N 459 -2.40 0.35 5.17
N LEU N 460 -2.22 1.29 4.24
CA LEU N 460 -2.29 2.71 4.56
C LEU N 460 -3.66 3.08 5.10
N PHE N 461 -4.72 2.58 4.45
CA PHE N 461 -6.07 2.86 4.93
C PHE N 461 -6.31 2.26 6.31
N VAL N 462 -5.84 1.04 6.55
CA VAL N 462 -6.04 0.41 7.85
C VAL N 462 -5.35 1.22 8.95
N SER N 463 -4.08 1.57 8.72
CA SER N 463 -3.33 2.33 9.73
C SER N 463 -3.95 3.71 9.95
N THR N 464 -4.38 4.38 8.88
CA THR N 464 -5.00 5.69 9.01
C THR N 464 -6.34 5.60 9.73
N SER N 465 -7.13 4.57 9.43
CA SER N 465 -8.45 4.43 10.03
C SER N 465 -8.38 4.01 11.48
N ILE N 466 -7.27 3.42 11.92
CA ILE N 466 -7.11 3.22 13.36
C ILE N 466 -6.42 4.42 14.03
N PHE N 467 -5.64 5.19 13.27
CA PHE N 467 -4.95 6.35 13.85
C PHE N 467 -5.87 7.53 14.08
N LEU N 468 -6.85 7.73 13.19
CA LEU N 468 -7.75 8.88 13.31
C LEU N 468 -8.56 8.92 14.60
N PRO N 469 -9.18 7.82 15.07
CA PRO N 469 -9.88 7.90 16.37
C PRO N 469 -8.96 8.20 17.53
N VAL N 470 -7.68 7.82 17.44
CA VAL N 470 -6.72 8.14 18.49
C VAL N 470 -6.59 9.65 18.64
N ILE N 471 -6.41 10.35 17.52
CA ILE N 471 -6.32 11.81 17.54
C ILE N 471 -7.66 12.42 17.97
N GLY N 472 -8.77 11.88 17.45
CA GLY N 472 -10.08 12.41 17.79
C GLY N 472 -10.44 12.28 19.25
N ILE N 473 -9.97 11.24 19.92
CA ILE N 473 -10.19 11.09 21.35
C ILE N 473 -9.16 11.87 22.16
N GLY N 474 -7.91 11.96 21.70
CA GLY N 474 -6.93 12.76 22.39
C GLY N 474 -7.23 14.25 22.37
N VAL N 475 -7.97 14.70 21.36
CA VAL N 475 -8.40 16.09 21.32
C VAL N 475 -9.66 16.29 22.16
N TYR N 476 -10.66 15.42 21.95
CA TYR N 476 -11.92 15.48 22.69
C TYR N 476 -12.18 14.12 23.32
N PRO N 477 -11.73 13.92 24.56
CA PRO N 477 -11.96 12.62 25.23
C PRO N 477 -13.43 12.30 25.45
N ASP N 478 -14.28 13.32 25.58
CA ASP N 478 -15.70 13.10 25.82
C ASP N 478 -16.43 12.52 24.62
N LEU N 479 -15.73 12.21 23.53
CA LEU N 479 -16.30 11.37 22.49
C LEU N 479 -16.52 9.94 22.98
N VAL N 480 -15.82 9.53 24.03
CA VAL N 480 -15.96 8.21 24.61
C VAL N 480 -16.57 8.28 26.01
N LEU N 481 -16.04 9.17 26.85
CA LEU N 481 -16.44 9.21 28.26
C LEU N 481 -17.92 9.51 28.42
N SER N 482 -18.48 10.35 27.54
CA SER N 482 -19.89 10.70 27.62
C SER N 482 -20.80 9.51 27.40
N LEU N 483 -20.29 8.41 26.82
CA LEU N 483 -21.09 7.20 26.70
C LEU N 483 -21.24 6.47 28.03
N SER N 484 -20.31 6.68 28.97
CA SER N 484 -20.28 5.86 30.19
C SER N 484 -20.09 6.67 31.47
N VAL N 485 -20.28 7.98 31.45
CA VAL N 485 -20.20 8.76 32.68
C VAL N 485 -21.34 8.41 33.63
N GLU N 486 -22.53 8.13 33.08
CA GLU N 486 -23.68 7.84 33.93
C GLU N 486 -23.58 6.47 34.58
N LYS N 487 -23.40 5.43 33.75
CA LYS N 487 -23.41 4.05 34.25
C LYS N 487 -22.31 3.81 35.27
N VAL N 488 -21.11 4.35 35.01
CA VAL N 488 -20.00 4.24 35.95
C VAL N 488 -20.39 4.81 37.30
N GLU N 489 -21.11 5.95 37.30
CA GLU N 489 -21.59 6.53 38.54
C GLU N 489 -22.47 5.55 39.30
N ALA N 490 -23.36 4.85 38.58
CA ALA N 490 -24.18 3.82 39.22
C ALA N 490 -23.31 2.73 39.82
N ILE N 491 -22.26 2.33 39.10
CA ILE N 491 -21.33 1.33 39.62
C ILE N 491 -20.65 1.86 40.88
N LEU N 492 -20.39 3.16 40.93
CA LEU N 492 -19.79 3.73 42.12
C LEU N 492 -20.80 3.94 43.24
N SER N 493 -22.10 3.96 42.91
CA SER N 493 -23.12 4.27 43.91
C SER N 493 -23.21 3.24 45.01
N ASN N 494 -22.70 2.03 44.78
CA ASN N 494 -22.69 0.99 45.79
C ASN N 494 -21.47 1.02 46.70
N TYR N 495 -20.49 1.88 46.41
CA TYR N 495 -19.26 1.91 47.18
C TYR N 495 -19.27 2.95 48.31
N PHE N 496 -20.36 3.71 48.45
CA PHE N 496 -20.47 4.71 49.48
C PHE N 496 -21.48 4.28 50.54
N TYR N 497 -21.52 5.02 51.64
CA TYR N 497 -22.39 4.68 52.75
C TYR N 497 -23.85 4.84 52.36
N ARG N 498 -24.67 3.87 52.75
CA ARG N 498 -26.08 3.84 52.38
C ARG N 498 -26.94 3.45 53.57
N MET O 1 -23.12 -78.56 65.98
CA MET O 1 -22.26 -79.00 64.89
C MET O 1 -21.37 -77.85 64.40
N ILE O 2 -20.46 -78.18 63.48
CA ILE O 2 -19.40 -77.26 63.08
C ILE O 2 -19.55 -76.88 61.62
N LEU O 3 -20.81 -76.73 61.18
CA LEU O 3 -21.12 -76.45 59.78
C LEU O 3 -20.40 -75.21 59.25
N GLU O 4 -20.14 -74.22 60.11
CA GLU O 4 -19.45 -73.00 59.69
C GLU O 4 -18.07 -73.27 59.11
N HIS O 5 -17.45 -74.40 59.50
CA HIS O 5 -16.16 -74.79 58.93
C HIS O 5 -16.21 -74.86 57.42
N VAL O 6 -17.36 -75.28 56.86
CA VAL O 6 -17.52 -75.32 55.40
C VAL O 6 -17.26 -73.95 54.81
N LEU O 7 -17.85 -72.91 55.42
CA LEU O 7 -17.58 -71.53 55.00
C LEU O 7 -16.09 -71.25 54.96
N VAL O 8 -15.38 -71.65 56.02
CA VAL O 8 -13.94 -71.46 56.09
C VAL O 8 -13.27 -72.08 54.88
N LEU O 9 -13.64 -73.34 54.58
CA LEU O 9 -13.04 -74.04 53.44
C LEU O 9 -13.32 -73.28 52.16
N SER O 10 -14.56 -72.80 52.00
CA SER O 10 -14.91 -72.04 50.82
C SER O 10 -14.00 -70.84 50.67
N ALA O 11 -13.81 -70.09 51.77
CA ALA O 11 -12.93 -68.93 51.73
C ALA O 11 -11.53 -69.34 51.31
N PHE O 12 -11.03 -70.44 51.90
CA PHE O 12 -9.72 -70.96 51.55
C PHE O 12 -9.65 -71.23 50.06
N LEU O 13 -10.67 -71.93 49.54
CA LEU O 13 -10.70 -72.26 48.11
C LEU O 13 -10.61 -71.00 47.28
N PHE O 14 -11.41 -70.00 47.65
CA PHE O 14 -11.42 -68.73 46.93
C PHE O 14 -10.01 -68.17 46.86
N SER O 15 -9.37 -68.06 48.03
CA SER O 15 -8.02 -67.49 48.08
C SER O 15 -7.08 -68.33 47.26
N ILE O 16 -7.17 -69.66 47.41
CA ILE O 16 -6.28 -70.54 46.66
C ILE O 16 -6.53 -70.37 45.17
N GLY O 17 -7.81 -70.34 44.78
CA GLY O 17 -8.12 -70.12 43.38
C GLY O 17 -7.59 -68.79 42.92
N ILE O 18 -7.75 -67.75 43.75
CA ILE O 18 -7.22 -66.44 43.43
C ILE O 18 -5.71 -66.51 43.24
N TYR O 19 -5.03 -67.24 44.13
CA TYR O 19 -3.59 -67.42 43.98
C TYR O 19 -3.28 -68.14 42.68
N GLY O 20 -4.02 -69.21 42.40
CA GLY O 20 -3.80 -69.94 41.17
C GLY O 20 -4.19 -69.15 39.94
N LEU O 21 -5.00 -68.10 40.11
CA LEU O 21 -5.32 -67.27 38.96
C LEU O 21 -4.16 -66.36 38.58
N VAL O 22 -3.31 -66.01 39.55
CA VAL O 22 -2.30 -64.99 39.29
C VAL O 22 -1.00 -65.62 38.82
N THR O 23 -0.51 -66.63 39.55
CA THR O 23 0.75 -67.28 39.21
C THR O 23 0.62 -68.30 38.09
N SER O 24 -0.45 -68.22 37.30
CA SER O 24 -0.68 -69.18 36.24
C SER O 24 0.17 -68.84 35.02
N ARG O 25 1.03 -69.78 34.64
CA ARG O 25 1.83 -69.69 33.43
C ARG O 25 1.25 -70.54 32.32
N ASN O 26 0.01 -70.99 32.50
CA ASN O 26 -0.70 -71.84 31.54
C ASN O 26 -2.17 -71.45 31.63
N LEU O 27 -2.76 -71.02 30.51
CA LEU O 27 -4.11 -70.47 30.56
C LEU O 27 -5.16 -71.54 30.82
N VAL O 28 -4.86 -72.81 30.52
CA VAL O 28 -5.72 -73.91 30.95
C VAL O 28 -5.79 -73.96 32.47
N ARG O 29 -4.64 -73.81 33.13
CA ARG O 29 -4.60 -73.77 34.58
C ARG O 29 -5.34 -72.56 35.13
N ALA O 30 -5.27 -71.42 34.44
CA ALA O 30 -6.03 -70.25 34.84
C ALA O 30 -7.53 -70.51 34.75
N LEU O 31 -7.97 -71.21 33.70
CA LEU O 31 -9.37 -71.59 33.59
C LEU O 31 -9.78 -72.52 34.72
N MET O 32 -8.90 -73.47 35.08
CA MET O 32 -9.19 -74.37 36.19
C MET O 32 -9.31 -73.61 37.51
N CYS O 33 -8.46 -72.60 37.72
CA CYS O 33 -8.57 -71.82 38.94
C CYS O 33 -9.81 -70.92 38.94
N LEU O 34 -10.26 -70.49 37.75
CA LEU O 34 -11.55 -69.83 37.65
C LEU O 34 -12.68 -70.77 38.10
N GLU O 35 -12.60 -72.03 37.67
CA GLU O 35 -13.55 -73.03 38.15
C GLU O 35 -13.46 -73.20 39.66
N LEU O 36 -12.24 -73.12 40.22
CA LEU O 36 -12.07 -73.22 41.67
C LEU O 36 -12.77 -72.07 42.40
N ILE O 37 -12.62 -70.85 41.88
CA ILE O 37 -13.26 -69.70 42.50
C ILE O 37 -14.78 -69.82 42.44
N LEU O 38 -15.31 -70.20 41.26
CA LEU O 38 -16.75 -70.39 41.13
C LEU O 38 -17.25 -71.53 42.02
N ASN O 39 -16.42 -72.55 42.24
CA ASN O 39 -16.78 -73.64 43.13
C ASN O 39 -16.85 -73.19 44.58
N ALA O 40 -15.92 -72.32 44.99
CA ALA O 40 -15.99 -71.76 46.34
C ALA O 40 -17.26 -70.92 46.53
N VAL O 41 -17.60 -70.11 45.52
CA VAL O 41 -18.84 -69.34 45.57
C VAL O 41 -20.04 -70.26 45.67
N ASN O 42 -20.03 -71.36 44.92
CA ASN O 42 -21.13 -72.31 44.95
C ASN O 42 -21.23 -73.02 46.29
N LEU O 43 -20.09 -73.31 46.92
CA LEU O 43 -20.10 -73.90 48.25
C LEU O 43 -20.76 -72.95 49.25
N ASN O 44 -20.40 -71.66 49.17
CA ASN O 44 -21.05 -70.66 50.02
C ASN O 44 -22.56 -70.63 49.78
N PHE O 45 -22.97 -70.65 48.51
CA PHE O 45 -24.39 -70.58 48.17
C PHE O 45 -25.15 -71.80 48.69
N VAL O 46 -24.58 -72.99 48.53
CA VAL O 46 -25.26 -74.21 48.94
C VAL O 46 -25.37 -74.28 50.47
N THR O 47 -24.29 -73.94 51.18
CA THR O 47 -24.39 -73.99 52.64
C THR O 47 -25.31 -72.89 53.19
N PHE O 48 -25.40 -71.74 52.50
CA PHE O 48 -26.34 -70.72 52.93
C PHE O 48 -27.78 -71.13 52.66
N SER O 49 -28.03 -71.84 51.54
CA SER O 49 -29.36 -72.37 51.29
C SER O 49 -29.74 -73.44 52.30
N ASP O 50 -28.77 -74.25 52.73
CA ASP O 50 -29.01 -75.20 53.80
C ASP O 50 -29.34 -74.47 55.09
N PHE O 51 -28.61 -73.39 55.38
CA PHE O 51 -28.80 -72.67 56.63
C PHE O 51 -30.17 -71.98 56.70
N PHE O 52 -30.52 -71.22 55.67
CA PHE O 52 -31.62 -70.27 55.76
C PHE O 52 -32.74 -70.48 54.76
N ASP O 53 -32.60 -71.37 53.79
CA ASP O 53 -33.53 -71.45 52.66
C ASP O 53 -33.93 -72.89 52.40
N SER O 54 -34.36 -73.59 53.45
CA SER O 54 -34.75 -74.99 53.32
C SER O 54 -35.99 -75.19 52.46
N ARG O 55 -36.81 -74.16 52.29
CA ARG O 55 -38.05 -74.27 51.50
C ARG O 55 -37.86 -73.77 50.07
N GLN O 56 -37.42 -72.52 49.90
CA GLN O 56 -37.37 -71.93 48.57
C GLN O 56 -36.22 -72.46 47.74
N LEU O 57 -35.12 -72.88 48.38
CA LEU O 57 -33.94 -73.44 47.71
C LEU O 57 -33.38 -72.48 46.66
N LYS O 58 -33.36 -71.19 46.99
CA LYS O 58 -32.82 -70.20 46.06
C LYS O 58 -31.31 -70.35 45.88
N GLY O 59 -30.61 -70.73 46.95
CA GLY O 59 -29.18 -70.94 46.84
C GLY O 59 -28.82 -72.12 45.95
N ASN O 60 -29.61 -73.19 46.02
CA ASN O 60 -29.36 -74.34 45.16
C ASN O 60 -29.58 -74.00 43.69
N ILE O 61 -30.64 -73.24 43.40
CA ILE O 61 -30.92 -72.82 42.03
C ILE O 61 -29.80 -71.90 41.51
N PHE O 62 -29.35 -70.97 42.37
CA PHE O 62 -28.23 -70.11 42.01
C PHE O 62 -26.96 -70.93 41.78
N SER O 63 -26.76 -71.99 42.57
CA SER O 63 -25.61 -72.86 42.36
C SER O 63 -25.69 -73.57 41.02
N ILE O 64 -26.89 -74.02 40.64
CA ILE O 64 -27.08 -74.65 39.33
C ILE O 64 -26.76 -73.67 38.21
N PHE O 65 -27.23 -72.43 38.34
CA PHE O 65 -26.96 -71.42 37.31
C PHE O 65 -25.48 -71.06 37.25
N VAL O 66 -24.80 -71.03 38.39
CA VAL O 66 -23.36 -70.75 38.39
C VAL O 66 -22.60 -71.90 37.75
N ILE O 67 -23.03 -73.14 37.97
CA ILE O 67 -22.43 -74.28 37.30
C ILE O 67 -22.63 -74.18 35.79
N ALA O 68 -23.83 -73.76 35.37
CA ALA O 68 -24.10 -73.55 33.95
C ALA O 68 -23.18 -72.50 33.35
N ILE O 69 -23.00 -71.38 34.06
CA ILE O 69 -22.13 -70.31 33.58
C ILE O 69 -20.68 -70.78 33.52
N ALA O 70 -20.24 -71.54 34.52
CA ALA O 70 -18.89 -72.07 34.54
C ALA O 70 -18.65 -73.02 33.38
N ALA O 71 -19.63 -73.85 33.05
CA ALA O 71 -19.50 -74.75 31.91
C ALA O 71 -19.51 -73.97 30.60
N ALA O 72 -20.29 -72.88 30.53
CA ALA O 72 -20.27 -72.04 29.33
C ALA O 72 -18.90 -71.40 29.15
N GLU O 73 -18.28 -70.94 30.25
CA GLU O 73 -16.92 -70.42 30.17
C GLU O 73 -15.93 -71.51 29.77
N ALA O 74 -16.11 -72.73 30.30
CA ALA O 74 -15.24 -73.85 29.96
C ALA O 74 -15.46 -74.32 28.53
N ALA O 75 -16.58 -73.94 27.90
CA ALA O 75 -16.76 -74.21 26.48
C ALA O 75 -16.18 -73.10 25.61
N ILE O 76 -16.30 -71.85 26.05
CA ILE O 76 -15.75 -70.74 25.28
C ILE O 76 -14.23 -70.79 25.28
N GLY O 77 -13.63 -71.06 26.43
CA GLY O 77 -12.24 -71.46 26.49
C GLY O 77 -12.17 -72.82 27.16
N PRO O 78 -11.46 -73.78 26.57
CA PRO O 78 -10.37 -73.67 25.60
C PRO O 78 -10.66 -73.53 24.09
N ALA O 79 -11.80 -73.07 23.58
CA ALA O 79 -11.84 -72.73 22.16
C ALA O 79 -10.97 -71.52 21.86
N ILE O 80 -10.95 -70.54 22.77
CA ILE O 80 -10.01 -69.43 22.68
C ILE O 80 -8.58 -69.94 22.75
N VAL O 81 -8.33 -70.94 23.62
CA VAL O 81 -7.02 -71.59 23.67
C VAL O 81 -6.68 -72.23 22.33
N SER O 82 -7.69 -72.81 21.67
CA SER O 82 -7.47 -73.42 20.36
C SER O 82 -7.03 -72.40 19.34
N SER O 83 -7.70 -71.25 19.32
CA SER O 83 -7.30 -70.18 18.40
C SER O 83 -5.89 -69.69 18.71
N ILE O 84 -5.57 -69.52 19.99
CA ILE O 84 -4.24 -69.04 20.38
C ILE O 84 -3.16 -70.04 19.99
N TYR O 85 -3.40 -71.33 20.20
CA TYR O 85 -2.40 -72.32 19.86
C TYR O 85 -2.27 -72.49 18.35
N ARG O 86 -3.36 -72.33 17.60
CA ARG O 86 -3.26 -72.35 16.15
C ARG O 86 -2.48 -71.18 15.61
N ASN O 87 -2.56 -70.01 16.25
CA ASN O 87 -1.88 -68.83 15.72
C ASN O 87 -0.46 -68.64 16.25
N ARG O 88 -0.16 -69.05 17.49
CA ARG O 88 1.13 -68.79 18.10
C ARG O 88 1.92 -70.03 18.50
N LYS O 89 1.27 -71.19 18.60
CA LYS O 89 1.91 -72.44 19.03
C LYS O 89 2.55 -72.31 20.40
N SER O 90 1.93 -71.54 21.29
CA SER O 90 2.41 -71.38 22.66
C SER O 90 1.23 -71.03 23.55
N ILE O 91 1.33 -71.43 24.81
CA ILE O 91 0.24 -71.26 25.76
C ILE O 91 0.58 -70.27 26.87
N ARG O 92 1.86 -70.16 27.25
CA ARG O 92 2.30 -69.30 28.34
C ARG O 92 1.84 -67.86 28.14
N ILE O 93 1.00 -67.39 29.07
CA ILE O 93 0.32 -66.12 28.89
C ILE O 93 1.21 -64.93 29.25
N ASN O 94 2.11 -65.10 30.23
CA ASN O 94 2.99 -64.01 30.61
C ASN O 94 4.01 -63.68 29.52
N GLN O 95 4.25 -64.60 28.58
CA GLN O 95 5.17 -64.34 27.49
C GLN O 95 4.57 -63.46 26.40
N SER O 96 3.24 -63.31 26.37
CA SER O 96 2.57 -62.47 25.38
C SER O 96 2.29 -61.12 26.04
N ASN O 97 3.13 -60.13 25.73
CA ASN O 97 3.00 -58.78 26.24
C ASN O 97 3.17 -57.76 25.12
N LEU O 98 2.62 -58.07 23.94
CA LEU O 98 2.69 -57.14 22.82
C LEU O 98 1.89 -55.88 23.09
N LEU O 99 0.66 -56.04 23.57
CA LEU O 99 -0.20 -54.91 23.91
C LEU O 99 0.19 -54.41 25.29
N ASN O 100 0.93 -53.32 25.35
CA ASN O 100 1.38 -52.76 26.63
C ASN O 100 1.71 -51.27 26.49
N MET P 1 -10.37 47.05 21.35
CA MET P 1 -9.77 46.78 22.66
C MET P 1 -9.87 45.30 23.01
N GLU P 2 -11.11 44.83 23.21
CA GLU P 2 -11.35 43.43 23.52
C GLU P 2 -11.57 42.57 22.27
N HIS P 3 -11.61 43.19 21.11
CA HIS P 3 -11.83 42.45 19.85
C HIS P 3 -10.58 41.65 19.50
N ILE P 4 -9.40 42.25 19.62
CA ILE P 4 -8.16 41.56 19.17
C ILE P 4 -8.00 40.27 19.98
N TYR P 5 -8.16 40.33 21.30
CA TYR P 5 -7.91 39.15 22.17
C TYR P 5 -8.85 38.02 21.80
N GLN P 6 -10.10 38.34 21.54
CA GLN P 6 -11.11 37.29 21.19
C GLN P 6 -10.53 36.42 20.09
N TYR P 7 -10.08 37.03 19.01
CA TYR P 7 -9.56 36.26 17.84
C TYR P 7 -8.09 36.00 18.03
N ALA P 8 -7.68 35.39 19.15
CA ALA P 8 -6.27 35.01 19.33
C ALA P 8 -6.12 33.51 19.37
N TRP P 9 -7.21 32.78 19.17
CA TRP P 9 -7.13 31.31 19.11
C TRP P 9 -6.43 30.96 17.80
N ILE P 10 -6.36 31.93 16.89
CA ILE P 10 -5.79 31.72 15.56
C ILE P 10 -4.27 31.65 15.66
N ILE P 11 -3.71 32.09 16.77
CA ILE P 11 -2.25 32.21 16.87
C ILE P 11 -1.57 30.83 16.86
N PRO P 12 -1.98 29.83 17.67
CA PRO P 12 -1.30 28.53 17.56
C PRO P 12 -1.78 27.71 16.37
N PHE P 13 -3.03 27.87 15.98
CA PHE P 13 -3.66 26.99 14.99
C PHE P 13 -3.56 27.50 13.57
N LEU P 14 -2.87 28.61 13.33
CA LEU P 14 -2.70 29.10 11.97
C LEU P 14 -1.63 28.35 11.18
N PRO P 15 -0.45 28.03 11.74
CA PRO P 15 0.49 27.20 10.96
C PRO P 15 0.02 25.78 10.69
N LEU P 16 -0.90 25.25 11.51
CA LEU P 16 -1.25 23.82 11.48
C LEU P 16 -1.69 23.24 10.14
N PRO P 17 -2.45 23.93 9.27
CA PRO P 17 -2.84 23.30 8.00
C PRO P 17 -1.68 22.87 7.12
N VAL P 18 -0.54 23.55 7.17
CA VAL P 18 0.60 23.15 6.33
C VAL P 18 1.15 21.79 6.79
N PRO P 19 1.44 21.55 8.09
CA PRO P 19 1.79 20.17 8.46
C PRO P 19 0.69 19.16 8.22
N LEU P 20 -0.58 19.54 8.41
CA LEU P 20 -1.67 18.59 8.19
C LEU P 20 -1.70 18.14 6.73
N LEU P 21 -1.67 19.09 5.81
CA LEU P 21 -1.72 18.76 4.39
C LEU P 21 -0.46 18.07 3.92
N ILE P 22 0.71 18.48 4.43
CA ILE P 22 1.97 17.84 4.02
C ILE P 22 1.99 16.40 4.48
N GLY P 23 1.57 16.14 5.73
CA GLY P 23 1.54 14.77 6.22
C GLY P 23 0.56 13.90 5.44
N ALA P 24 -0.65 14.42 5.22
CA ALA P 24 -1.65 13.66 4.47
C ALA P 24 -1.18 13.38 3.04
N GLY P 25 -0.61 14.38 2.38
CA GLY P 25 -0.11 14.17 1.03
C GLY P 25 1.04 13.20 0.98
N LEU P 26 2.08 13.44 1.78
CA LEU P 26 3.27 12.60 1.81
C LEU P 26 2.98 11.19 2.28
N LEU P 27 1.83 10.95 2.91
CA LEU P 27 1.44 9.59 3.23
C LEU P 27 0.52 9.00 2.16
N PHE P 28 -0.12 9.85 1.36
CA PHE P 28 -1.06 9.38 0.34
C PHE P 28 -0.69 9.77 -1.09
N PHE P 29 -0.28 11.01 -1.33
CA PHE P 29 0.06 11.50 -2.67
C PHE P 29 1.46 12.08 -2.65
N PRO P 30 2.48 11.22 -2.61
CA PRO P 30 3.85 11.73 -2.38
C PRO P 30 4.41 12.57 -3.52
N THR P 31 4.28 12.11 -4.77
CA THR P 31 4.85 12.86 -5.88
C THR P 31 4.13 14.19 -6.09
N ALA P 32 2.80 14.20 -5.96
CA ALA P 32 2.03 15.42 -6.12
C ALA P 32 2.37 16.44 -5.05
N THR P 33 2.58 15.97 -3.81
CA THR P 33 2.97 16.89 -2.74
C THR P 33 4.39 17.42 -2.96
N LYS P 34 5.32 16.53 -3.31
CA LYS P 34 6.70 16.93 -3.57
C LYS P 34 6.85 17.82 -4.80
N ASN P 35 5.83 17.87 -5.65
CA ASN P 35 5.85 18.80 -6.78
C ASN P 35 5.69 20.27 -6.35
N LEU P 36 5.36 20.54 -5.10
CA LEU P 36 5.06 21.89 -4.62
C LEU P 36 5.98 22.30 -3.48
N ARG P 37 7.29 22.01 -3.64
CA ARG P 37 8.24 22.08 -2.54
C ARG P 37 8.35 23.49 -1.96
N ARG P 38 8.84 24.43 -2.74
CA ARG P 38 9.05 25.79 -2.26
C ARG P 38 7.73 26.51 -2.00
N ILE P 39 6.65 26.08 -2.67
CA ILE P 39 5.32 26.63 -2.41
C ILE P 39 4.90 26.35 -0.98
N TRP P 40 5.14 25.12 -0.50
CA TRP P 40 4.82 24.79 0.89
C TRP P 40 5.60 25.66 1.87
N ALA P 41 6.88 25.87 1.61
CA ALA P 41 7.71 26.70 2.48
C ALA P 41 7.21 28.14 2.52
N PHE P 42 6.84 28.69 1.36
CA PHE P 42 6.33 30.06 1.35
C PHE P 42 4.96 30.16 2.00
N SER P 43 4.13 29.11 1.91
CA SER P 43 2.87 29.11 2.63
C SER P 43 3.10 29.15 4.13
N SER P 44 4.07 28.37 4.61
CA SER P 44 4.42 28.41 6.03
C SER P 44 4.94 29.78 6.44
N ILE P 45 5.77 30.40 5.58
CA ILE P 45 6.32 31.72 5.87
C ILE P 45 5.20 32.76 5.95
N SER P 46 4.25 32.71 5.02
CA SER P 46 3.14 33.67 5.03
C SER P 46 2.26 33.50 6.26
N LEU P 47 1.94 32.26 6.63
CA LEU P 47 1.13 32.02 7.83
C LEU P 47 1.85 32.52 9.09
N LEU P 48 3.15 32.25 9.19
CA LEU P 48 3.91 32.75 10.33
C LEU P 48 4.01 34.28 10.32
N SER P 49 4.04 34.89 9.13
CA SER P 49 4.03 36.35 9.05
C SER P 49 2.71 36.92 9.57
N ILE P 50 1.59 36.27 9.24
CA ILE P 50 0.30 36.71 9.75
C ILE P 50 0.26 36.58 11.27
N VAL P 51 0.76 35.46 11.80
CA VAL P 51 0.82 35.28 13.25
C VAL P 51 1.70 36.34 13.89
N MET P 52 2.82 36.69 13.24
CA MET P 52 3.71 37.71 13.77
C MET P 52 3.06 39.09 13.78
N ILE P 53 2.30 39.42 12.74
CA ILE P 53 1.58 40.70 12.72
C ILE P 53 0.56 40.75 13.85
N PHE P 54 -0.18 39.67 14.05
CA PHE P 54 -1.16 39.64 15.17
C PHE P 54 -0.42 39.81 16.47
N SER P 55 0.68 39.08 16.67
CA SER P 55 1.40 39.15 17.94
C SER P 55 1.97 40.55 18.17
N MET P 56 2.38 41.23 17.10
CA MET P 56 2.90 42.58 17.24
C MET P 56 1.80 43.55 17.66
N LYS P 57 0.62 43.41 17.07
CA LYS P 57 -0.51 44.23 17.48
C LYS P 57 -0.89 43.94 18.94
N LEU P 58 -0.87 42.66 19.33
CA LEU P 58 -1.16 42.29 20.71
C LEU P 58 -0.13 42.88 21.67
N ALA P 59 1.15 42.84 21.31
CA ALA P 59 2.20 43.39 22.15
C ALA P 59 2.05 44.90 22.31
N ILE P 60 1.74 45.59 21.20
CA ILE P 60 1.55 47.05 21.26
C ILE P 60 0.36 47.38 22.15
N GLN P 61 -0.73 46.61 22.04
CA GLN P 61 -1.87 46.81 22.95
C GLN P 61 -1.49 46.54 24.39
N GLN P 62 -0.69 45.50 24.64
CA GLN P 62 -0.35 45.12 26.01
C GLN P 62 0.59 46.12 26.67
N ILE P 63 1.43 46.80 25.89
CA ILE P 63 2.36 47.76 26.47
C ILE P 63 1.60 48.94 27.10
N ASN P 64 0.69 49.54 26.34
CA ASN P 64 -0.07 50.71 26.82
C ASN P 64 -1.43 50.30 27.39
N SER P 65 -1.46 49.38 28.34
CA SER P 65 -2.71 48.95 28.95
C SER P 65 -2.42 48.36 30.31
N ASN P 66 -3.48 48.20 31.10
CA ASN P 66 -3.41 47.62 32.44
C ASN P 66 -4.45 46.51 32.59
N SER P 67 -4.52 45.62 31.61
CA SER P 67 -5.49 44.53 31.63
C SER P 67 -4.87 43.28 31.02
N ILE P 68 -5.19 42.13 31.61
CA ILE P 68 -4.79 40.83 31.09
C ILE P 68 -6.05 40.06 30.74
N TYR P 69 -6.12 39.55 29.51
CA TYR P 69 -7.32 38.92 28.99
C TYR P 69 -7.13 37.41 28.93
N GLN P 70 -8.10 36.68 29.50
CA GLN P 70 -8.09 35.23 29.51
C GLN P 70 -9.40 34.72 28.93
N TYR P 71 -9.31 33.70 28.07
CA TYR P 71 -10.47 33.05 27.47
C TYR P 71 -10.43 31.58 27.82
N LEU P 72 -11.56 31.04 28.28
CA LEU P 72 -11.63 29.67 28.75
C LEU P 72 -12.85 28.96 28.17
N TRP P 73 -12.74 27.64 28.07
CA TRP P 73 -13.83 26.80 27.63
C TRP P 73 -13.75 25.48 28.39
N SER P 74 -14.88 24.79 28.48
CA SER P 74 -14.97 23.53 29.22
C SER P 74 -14.58 22.40 28.27
N TRP P 75 -13.36 21.90 28.42
CA TRP P 75 -12.88 20.80 27.59
C TRP P 75 -13.62 19.51 27.91
N THR P 76 -13.84 19.22 29.19
CA THR P 76 -14.41 17.96 29.64
C THR P 76 -15.44 18.23 30.72
N ILE P 77 -16.63 17.65 30.56
CA ILE P 77 -17.70 17.74 31.55
C ILE P 77 -18.03 16.33 31.99
N ASN P 78 -17.64 15.97 33.22
CA ASN P 78 -17.97 14.69 33.82
C ASN P 78 -18.64 14.94 35.16
N ASN P 79 -19.16 13.86 35.76
CA ASN P 79 -19.82 13.97 37.05
C ASN P 79 -18.81 14.26 38.16
N ASP P 80 -17.62 13.67 38.08
CA ASP P 80 -16.62 13.80 39.13
C ASP P 80 -15.52 14.80 38.79
N PHE P 81 -15.24 15.02 37.51
CA PHE P 81 -14.12 15.85 37.08
C PHE P 81 -14.56 16.80 35.99
N SER P 82 -13.79 17.87 35.82
CA SER P 82 -14.04 18.84 34.76
C SER P 82 -12.73 19.53 34.41
N LEU P 83 -12.40 19.57 33.12
CA LEU P 83 -11.18 20.17 32.63
C LEU P 83 -11.48 21.39 31.78
N GLU P 84 -10.55 22.32 31.73
CA GLU P 84 -10.71 23.56 30.99
C GLU P 84 -9.55 23.76 30.03
N PHE P 85 -9.83 24.43 28.92
CA PHE P 85 -8.80 24.78 27.95
C PHE P 85 -9.05 26.21 27.49
N GLY P 86 -7.97 26.96 27.31
CA GLY P 86 -8.12 28.34 26.89
C GLY P 86 -6.77 28.99 26.68
N TYR P 87 -6.81 30.30 26.49
CA TYR P 87 -5.60 31.07 26.28
C TYR P 87 -5.58 32.32 27.15
N LEU P 88 -4.40 32.62 27.68
CA LEU P 88 -4.17 33.78 28.53
C LEU P 88 -3.17 34.69 27.84
N MET P 89 -3.45 35.99 27.82
CA MET P 89 -2.59 36.97 27.15
C MET P 89 -2.07 37.95 28.20
N ASP P 90 -0.98 37.58 28.85
CA ASP P 90 -0.22 38.44 29.74
C ASP P 90 1.09 38.85 29.05
N PRO P 91 1.78 39.87 29.58
CA PRO P 91 2.99 40.36 28.90
C PRO P 91 4.06 39.32 28.62
N LEU P 92 4.21 38.32 29.49
CA LEU P 92 5.17 37.25 29.22
C LEU P 92 4.79 36.47 27.96
N THR P 93 3.50 36.21 27.78
CA THR P 93 3.03 35.52 26.58
C THR P 93 3.31 36.34 25.33
N SER P 94 3.07 37.65 25.39
CA SER P 94 3.32 38.51 24.24
C SER P 94 4.81 38.56 23.91
N ILE P 95 5.66 38.65 24.93
CA ILE P 95 7.10 38.66 24.73
C ILE P 95 7.56 37.37 24.06
N MET P 96 7.08 36.24 24.58
CA MET P 96 7.48 34.95 24.03
C MET P 96 6.97 34.76 22.61
N SER P 97 5.73 35.21 22.33
CA SER P 97 5.19 35.05 20.97
C SER P 97 5.95 35.90 19.98
N MET P 98 6.30 37.14 20.35
CA MET P 98 7.15 37.96 19.50
C MET P 98 8.50 37.30 19.24
N LEU P 99 9.14 36.78 20.29
CA LEU P 99 10.44 36.14 20.12
C LEU P 99 10.35 34.93 19.20
N ILE P 100 9.33 34.09 19.42
CA ILE P 100 9.16 32.86 18.65
C ILE P 100 8.91 33.18 17.18
N THR P 101 7.96 34.08 16.91
CA THR P 101 7.61 34.39 15.53
C THR P 101 8.77 35.05 14.80
N THR P 102 9.43 36.02 15.45
CA THR P 102 10.51 36.75 14.79
C THR P 102 11.69 35.85 14.48
N VAL P 103 12.05 34.94 15.39
CA VAL P 103 13.14 34.02 15.09
C VAL P 103 12.71 32.99 14.05
N ALA P 104 11.47 32.50 14.15
CA ALA P 104 11.06 31.36 13.35
C ALA P 104 10.83 31.73 11.89
N ILE P 105 10.37 32.95 11.59
CA ILE P 105 10.20 33.32 10.19
C ILE P 105 11.55 33.41 9.49
N LEU P 106 12.56 33.94 10.19
CA LEU P 106 13.91 33.99 9.64
C LEU P 106 14.50 32.59 9.50
N VAL P 107 14.18 31.70 10.45
CA VAL P 107 14.66 30.33 10.36
C VAL P 107 14.02 29.62 9.16
N LEU P 108 12.74 29.89 8.89
CA LEU P 108 12.09 29.30 7.72
C LEU P 108 12.72 29.81 6.43
N ILE P 109 12.98 31.12 6.34
CA ILE P 109 13.62 31.68 5.16
C ILE P 109 15.01 31.07 4.96
N TYR P 110 15.76 30.92 6.06
CA TYR P 110 17.07 30.28 5.99
C TYR P 110 16.97 28.82 5.57
N SER P 111 15.95 28.11 6.05
CA SER P 111 15.79 26.69 5.75
C SER P 111 15.37 26.47 4.31
N ASP P 112 14.78 27.48 3.67
CA ASP P 112 14.51 27.36 2.24
C ASP P 112 15.78 27.10 1.44
N ASN P 113 16.89 27.74 1.80
CA ASN P 113 18.14 27.57 1.07
C ASN P 113 19.08 26.57 1.73
N TYR P 114 18.93 26.30 3.02
CA TYR P 114 19.76 25.30 3.67
C TYR P 114 19.46 23.91 3.12
N MET P 115 18.18 23.56 3.03
CA MET P 115 17.77 22.29 2.44
C MET P 115 17.39 22.46 0.97
N SER P 116 18.27 23.08 0.20
CA SER P 116 17.99 23.29 -1.22
C SER P 116 18.10 21.99 -2.00
N HIS P 117 19.09 21.16 -1.66
CA HIS P 117 19.34 19.91 -2.36
C HIS P 117 18.90 18.69 -1.55
N ASP P 118 18.15 18.89 -0.48
CA ASP P 118 17.65 17.79 0.34
C ASP P 118 16.32 17.27 -0.20
N GLN P 119 16.04 16.01 0.07
CA GLN P 119 14.77 15.41 -0.32
C GLN P 119 13.70 15.48 0.77
N GLY P 120 14.09 15.74 2.01
CA GLY P 120 13.13 15.84 3.09
C GLY P 120 12.68 17.27 3.35
N TYR P 121 12.60 18.06 2.28
CA TYR P 121 12.24 19.47 2.39
C TYR P 121 10.85 19.66 3.01
N LEU P 122 9.85 18.97 2.45
CA LEU P 122 8.48 19.11 2.91
C LEU P 122 8.30 18.58 4.32
N ARG P 123 8.92 17.44 4.62
CA ARG P 123 8.90 16.90 5.98
C ARG P 123 9.56 17.86 6.96
N PHE P 124 10.64 18.50 6.53
CA PHE P 124 11.34 19.47 7.35
C PHE P 124 10.44 20.64 7.71
N PHE P 125 9.77 21.21 6.71
CA PHE P 125 8.94 22.38 6.97
C PHE P 125 7.68 22.02 7.73
N ALA P 126 7.14 20.80 7.51
CA ALA P 126 6.02 20.33 8.32
C ALA P 126 6.41 20.20 9.77
N TYR P 127 7.60 19.65 10.04
CA TYR P 127 8.08 19.52 11.41
C TYR P 127 8.24 20.89 12.06
N MET P 128 8.83 21.84 11.33
CA MET P 128 9.04 23.17 11.90
C MET P 128 7.73 23.88 12.18
N SER P 129 6.76 23.78 11.26
CA SER P 129 5.49 24.46 11.48
C SER P 129 4.70 23.80 12.61
N PHE P 130 4.81 22.48 12.76
CA PHE P 130 4.15 21.82 13.89
C PHE P 130 4.80 22.21 15.21
N PHE P 131 6.13 22.36 15.23
CA PHE P 131 6.78 22.87 16.43
C PHE P 131 6.33 24.29 16.74
N ASN P 132 6.19 25.13 15.71
CA ASN P 132 5.73 26.50 15.92
C ASN P 132 4.34 26.51 16.52
N THR P 133 3.45 25.65 16.01
CA THR P 133 2.11 25.51 16.58
C THR P 133 2.17 25.08 18.04
N SER P 134 2.99 24.07 18.34
CA SER P 134 3.09 23.57 19.72
C SER P 134 3.64 24.62 20.67
N MET P 135 4.68 25.35 20.24
CA MET P 135 5.30 26.34 21.10
C MET P 135 4.38 27.55 21.30
N LEU P 136 3.67 27.97 20.26
CA LEU P 136 2.70 29.04 20.40
C LEU P 136 1.54 28.63 21.31
N GLY P 137 1.15 27.36 21.26
CA GLY P 137 0.16 26.88 22.20
C GLY P 137 0.70 26.85 23.62
N LEU P 138 1.99 26.54 23.78
CA LEU P 138 2.60 26.50 25.11
C LEU P 138 2.66 27.87 25.74
N VAL P 139 3.08 28.88 24.98
CA VAL P 139 3.27 30.20 25.59
C VAL P 139 1.95 30.88 25.89
N THR P 140 0.89 30.55 25.16
CA THR P 140 -0.43 31.11 25.42
C THR P 140 -1.29 30.24 26.32
N SER P 141 -0.74 29.16 26.86
CA SER P 141 -1.53 28.26 27.69
C SER P 141 -1.94 28.93 28.99
N SER P 142 -3.16 28.61 29.45
CA SER P 142 -3.73 29.24 30.64
C SER P 142 -3.72 28.36 31.88
N ASN P 143 -3.67 27.04 31.73
CA ASN P 143 -3.64 26.12 32.85
C ASN P 143 -2.46 25.17 32.70
N LEU P 144 -2.16 24.45 33.78
CA LEU P 144 -0.97 23.61 33.81
C LEU P 144 -1.10 22.40 32.90
N ILE P 145 -2.32 21.89 32.71
CA ILE P 145 -2.53 20.75 31.82
C ILE P 145 -2.18 21.10 30.38
N GLN P 146 -2.63 22.27 29.92
CA GLN P 146 -2.30 22.73 28.58
C GLN P 146 -0.80 22.98 28.45
N ILE P 147 -0.19 23.53 29.49
CA ILE P 147 1.25 23.75 29.52
C ILE P 147 1.99 22.43 29.32
N TYR P 148 1.56 21.39 30.04
CA TYR P 148 2.20 20.09 29.94
C TYR P 148 1.94 19.45 28.57
N ILE P 149 0.75 19.64 28.02
CA ILE P 149 0.42 19.09 26.70
C ILE P 149 1.35 19.65 25.65
N PHE P 150 1.47 20.98 25.59
CA PHE P 150 2.34 21.55 24.57
C PHE P 150 3.81 21.41 24.92
N TRP P 151 4.13 21.22 26.20
CA TRP P 151 5.49 20.87 26.63
C TRP P 151 5.93 19.56 26.00
N GLU P 152 5.12 18.51 26.15
CA GLU P 152 5.45 17.21 25.58
C GLU P 152 5.38 17.24 24.05
N LEU P 153 4.45 18.03 23.48
CA LEU P 153 4.40 18.13 22.02
C LEU P 153 5.66 18.80 21.47
N VAL P 154 6.15 19.83 22.15
CA VAL P 154 7.39 20.48 21.74
C VAL P 154 8.57 19.52 21.86
N GLY P 155 8.59 18.72 22.93
CA GLY P 155 9.63 17.70 23.05
C GLY P 155 9.58 16.67 21.92
N MET P 156 8.37 16.28 21.53
CA MET P 156 8.19 15.35 20.41
C MET P 156 8.71 15.95 19.11
N CYS P 157 8.39 17.22 18.86
CA CYS P 157 8.88 17.89 17.65
C CYS P 157 10.41 17.97 17.66
N SER P 158 10.99 18.25 18.83
CA SER P 158 12.45 18.28 18.94
C SER P 158 13.06 16.92 18.66
N TYR P 159 12.43 15.85 19.16
CA TYR P 159 12.92 14.51 18.88
C TYR P 159 12.87 14.20 17.39
N LEU P 160 11.78 14.59 16.73
CA LEU P 160 11.65 14.34 15.30
C LEU P 160 12.66 15.13 14.49
N LEU P 161 12.93 16.37 14.91
CA LEU P 161 13.83 17.22 14.14
C LEU P 161 15.30 16.95 14.39
N ILE P 162 15.66 16.50 15.60
CA ILE P 162 17.07 16.19 15.88
C ILE P 162 17.51 14.97 15.07
N GLY P 163 16.71 13.91 15.08
CA GLY P 163 16.99 12.75 14.26
C GLY P 163 16.35 12.86 12.90
N PHE P 164 16.53 14.01 12.25
CA PHE P 164 15.93 14.24 10.94
C PHE P 164 16.56 13.32 9.89
N TRP P 165 17.90 13.29 9.84
CA TRP P 165 18.62 12.36 8.97
C TRP P 165 18.75 11.03 9.72
N PHE P 166 17.71 10.22 9.62
CA PHE P 166 17.65 8.97 10.38
C PHE P 166 18.71 7.97 9.94
N THR P 167 19.25 8.11 8.73
CA THR P 167 20.33 7.24 8.29
C THR P 167 21.63 7.51 9.04
N ARG P 168 21.80 8.69 9.60
CA ARG P 168 22.99 9.00 10.38
C ARG P 168 22.88 8.34 11.75
N PRO P 169 23.83 7.49 12.15
CA PRO P 169 23.71 6.81 13.45
C PRO P 169 23.89 7.74 14.64
N ILE P 170 24.71 8.78 14.51
CA ILE P 170 24.91 9.70 15.62
C ILE P 170 23.63 10.45 15.93
N ALA P 171 22.93 10.94 14.90
CA ALA P 171 21.63 11.55 15.10
C ALA P 171 20.61 10.54 15.61
N ALA P 172 20.76 9.27 15.19
CA ALA P 172 19.87 8.21 15.65
C ALA P 172 19.97 8.03 17.16
N ASN P 173 21.19 8.05 17.70
CA ASN P 173 21.33 7.99 19.15
C ASN P 173 20.89 9.29 19.81
N ALA P 174 21.20 10.43 19.17
CA ALA P 174 21.01 11.74 19.79
C ALA P 174 19.53 12.05 19.99
N CYS P 175 18.68 11.70 19.02
CA CYS P 175 17.25 12.01 19.15
C CYS P 175 16.64 11.26 20.32
N GLN P 176 16.94 9.96 20.45
CA GLN P 176 16.43 9.18 21.56
C GLN P 176 16.97 9.70 22.89
N LYS P 177 18.25 10.07 22.92
CA LYS P 177 18.84 10.62 24.14
C LYS P 177 18.14 11.91 24.56
N ALA P 178 17.87 12.80 23.59
CA ALA P 178 17.19 14.05 23.89
C ALA P 178 15.77 13.80 24.39
N PHE P 179 15.05 12.86 23.76
CA PHE P 179 13.69 12.57 24.20
C PHE P 179 13.66 11.99 25.61
N VAL P 180 14.58 11.10 25.94
CA VAL P 180 14.58 10.52 27.29
C VAL P 180 14.97 11.55 28.33
N THR P 181 15.98 12.38 28.02
CA THR P 181 16.39 13.42 28.96
C THR P 181 15.28 14.43 29.20
N ASN P 182 14.53 14.77 28.15
CA ASN P 182 13.38 15.67 28.35
C ASN P 182 12.21 14.95 29.01
N ARG P 183 12.11 13.63 28.84
CA ARG P 183 11.02 12.88 29.45
C ARG P 183 11.21 12.77 30.96
N VAL P 184 12.45 12.78 31.42
CA VAL P 184 12.70 12.87 32.87
C VAL P 184 12.10 14.16 33.42
N GLY P 185 12.34 15.27 32.73
CA GLY P 185 11.74 16.53 33.13
C GLY P 185 10.23 16.54 33.02
N ASP P 186 9.70 15.87 32.00
CA ASP P 186 8.24 15.76 31.88
C ASP P 186 7.65 14.96 33.03
N PHE P 187 8.34 13.90 33.47
CA PHE P 187 7.91 13.14 34.63
C PHE P 187 7.88 14.01 35.88
N GLY P 188 8.94 14.80 36.08
CA GLY P 188 8.96 15.72 37.21
C GLY P 188 7.87 16.77 37.15
N LEU P 189 7.65 17.33 35.95
CA LEU P 189 6.63 18.37 35.79
C LEU P 189 5.23 17.82 36.02
N LEU P 190 4.96 16.61 35.53
CA LEU P 190 3.66 15.98 35.77
C LEU P 190 3.45 15.69 37.25
N LEU P 191 4.50 15.22 37.94
CA LEU P 191 4.36 14.98 39.37
C LEU P 191 4.09 16.28 40.11
N GLY P 192 4.77 17.36 39.74
CA GLY P 192 4.53 18.64 40.36
C GLY P 192 3.13 19.18 40.10
N ILE P 193 2.62 18.98 38.88
CA ILE P 193 1.27 19.42 38.55
C ILE P 193 0.23 18.64 39.35
N LEU P 194 0.42 17.32 39.47
CA LEU P 194 -0.51 16.53 40.27
C LEU P 194 -0.47 16.93 41.75
N GLY P 195 0.73 17.17 42.28
CA GLY P 195 0.83 17.63 43.66
C GLY P 195 0.18 18.98 43.87
N LEU P 196 0.35 19.90 42.91
CA LEU P 196 -0.28 21.21 43.00
C LEU P 196 -1.80 21.10 42.95
N TYR P 197 -2.32 20.20 42.11
CA TYR P 197 -3.77 19.99 42.07
C TYR P 197 -4.28 19.41 43.38
N TRP P 198 -3.52 18.49 43.98
CA TRP P 198 -3.95 17.93 45.27
C TRP P 198 -3.94 19.00 46.36
N ILE P 199 -2.92 19.85 46.38
CA ILE P 199 -2.80 20.87 47.41
C ILE P 199 -3.87 21.94 47.24
N THR P 200 -4.06 22.41 46.00
CA THR P 200 -4.91 23.57 45.73
C THR P 200 -6.30 23.21 45.22
N GLY P 201 -6.40 22.30 44.27
CA GLY P 201 -7.67 22.00 43.64
C GLY P 201 -7.95 22.77 42.38
N SER P 202 -6.94 23.36 41.76
CA SER P 202 -7.13 24.15 40.55
C SER P 202 -5.88 24.08 39.69
N PHE P 203 -6.06 24.38 38.41
CA PHE P 203 -4.96 24.45 37.45
C PHE P 203 -4.70 25.86 36.93
N GLU P 204 -5.64 26.78 37.13
CA GLU P 204 -5.44 28.16 36.71
C GLU P 204 -4.34 28.80 37.54
N PHE P 205 -3.55 29.67 36.90
CA PHE P 205 -2.36 30.20 37.54
C PHE P 205 -2.70 31.13 38.71
N ARG P 206 -3.61 32.09 38.48
CA ARG P 206 -3.91 33.09 39.50
C ARG P 206 -4.56 32.47 40.72
N ASP P 207 -5.55 31.60 40.50
CA ASP P 207 -6.24 30.95 41.61
C ASP P 207 -5.30 30.04 42.39
N LEU P 208 -4.44 29.30 41.69
CA LEU P 208 -3.46 28.44 42.36
C LEU P 208 -2.49 29.27 43.19
N PHE P 209 -2.03 30.40 42.66
CA PHE P 209 -1.10 31.24 43.40
C PHE P 209 -1.75 31.81 44.66
N GLU P 210 -2.99 32.29 44.53
CA GLU P 210 -3.69 32.85 45.69
C GLU P 210 -3.95 31.77 46.75
N ILE P 211 -4.37 30.58 46.31
CA ILE P 211 -4.65 29.48 47.23
C ILE P 211 -3.36 29.05 47.94
N PHE P 212 -2.26 28.94 47.20
CA PHE P 212 -0.99 28.53 47.79
C PHE P 212 -0.48 29.57 48.78
N ASN P 213 -0.62 30.85 48.45
CA ASN P 213 -0.21 31.90 49.38
C ASN P 213 -1.04 31.86 50.65
N ASN P 214 -2.36 31.66 50.53
CA ASN P 214 -3.22 31.55 51.70
C ASN P 214 -2.85 30.34 52.56
N LEU P 215 -2.55 29.21 51.90
CA LEU P 215 -2.19 28.01 52.64
C LEU P 215 -0.86 28.16 53.36
N ILE P 216 0.13 28.78 52.70
CA ILE P 216 1.44 28.92 53.31
C ILE P 216 1.41 29.93 54.45
N LYS P 217 0.72 31.06 54.27
CA LYS P 217 0.74 32.11 55.28
C LYS P 217 -0.01 31.70 56.55
N ASN P 218 -0.96 30.78 56.44
CA ASN P 218 -1.74 30.34 57.58
C ASN P 218 -1.31 28.98 58.10
N ASN P 219 -0.26 28.39 57.53
CA ASN P 219 0.29 27.08 57.94
C ASN P 219 -0.79 26.00 57.89
N GLU P 220 -1.45 25.88 56.74
CA GLU P 220 -2.44 24.85 56.51
C GLU P 220 -1.92 23.70 55.67
N VAL P 221 -0.64 23.70 55.32
CA VAL P 221 -0.03 22.64 54.53
C VAL P 221 1.42 22.49 54.97
N ASN P 222 1.90 21.26 55.01
CA ASN P 222 3.29 21.02 55.39
C ASN P 222 4.24 21.53 54.32
N SER P 223 5.38 22.06 54.76
CA SER P 223 6.30 22.72 53.85
C SER P 223 7.06 21.72 52.99
N LEU P 224 7.26 20.50 53.48
CA LEU P 224 8.05 19.51 52.74
C LEU P 224 7.38 19.13 51.44
N PHE P 225 6.05 18.96 51.45
CA PHE P 225 5.33 18.64 50.22
C PHE P 225 5.40 19.79 49.22
N CYS P 226 5.30 21.03 49.71
CA CYS P 226 5.41 22.19 48.83
C CYS P 226 6.79 22.28 48.20
N ILE P 227 7.84 22.05 48.98
CA ILE P 227 9.20 22.08 48.45
C ILE P 227 9.40 20.95 47.44
N LEU P 228 8.86 19.76 47.73
CA LEU P 228 8.97 18.64 46.80
C LEU P 228 8.27 18.94 45.48
N CYS P 229 7.07 19.51 45.55
CA CYS P 229 6.34 19.86 44.33
C CYS P 229 7.06 20.94 43.54
N ALA P 230 7.64 21.93 44.23
CA ALA P 230 8.40 22.97 43.55
C ALA P 230 9.63 22.41 42.86
N PHE P 231 10.35 21.50 43.53
CA PHE P 231 11.51 20.87 42.91
C PHE P 231 11.11 20.01 41.72
N LEU P 232 10.00 19.30 41.82
CA LEU P 232 9.51 18.50 40.71
C LEU P 232 9.13 19.38 39.52
N LEU P 233 8.48 20.52 39.78
CA LEU P 233 8.16 21.46 38.71
C LEU P 233 9.41 22.04 38.09
N PHE P 234 10.42 22.35 38.90
CA PHE P 234 11.67 22.91 38.40
C PHE P 234 12.49 21.87 37.65
N ALA P 235 12.26 20.58 37.89
CA ALA P 235 12.98 19.55 37.15
C ALA P 235 12.66 19.61 35.66
N GLY P 236 11.41 19.87 35.31
CA GLY P 236 11.05 20.00 33.90
C GLY P 236 11.72 21.19 33.24
N ALA P 237 11.79 22.32 33.95
CA ALA P 237 12.49 23.48 33.43
C ALA P 237 13.98 23.21 33.29
N VAL P 238 14.55 22.45 34.23
CA VAL P 238 15.97 22.10 34.16
C VAL P 238 16.23 21.23 32.93
N ALA P 239 15.35 20.25 32.67
CA ALA P 239 15.55 19.35 31.55
C ALA P 239 15.36 20.05 30.21
N LYS P 240 14.29 20.84 30.08
CA LYS P 240 14.00 21.46 28.79
C LYS P 240 14.98 22.61 28.49
N SER P 241 15.45 23.31 29.52
CA SER P 241 16.43 24.37 29.32
C SER P 241 17.86 23.85 29.38
N ALA P 242 18.05 22.53 29.48
CA ALA P 242 19.36 21.87 29.40
C ALA P 242 20.33 22.43 30.44
N GLN P 243 19.96 22.27 31.70
CA GLN P 243 20.77 22.71 32.82
C GLN P 243 21.22 21.50 33.64
N PHE P 244 22.06 21.77 34.63
CA PHE P 244 22.55 20.71 35.49
C PHE P 244 21.41 20.14 36.32
N PRO P 245 21.34 18.80 36.46
CA PRO P 245 22.21 17.78 35.88
C PRO P 245 21.68 17.16 34.59
N LEU P 246 20.64 17.73 33.98
CA LEU P 246 20.04 17.18 32.77
C LEU P 246 20.45 17.93 31.52
N HIS P 247 21.71 18.37 31.47
CA HIS P 247 22.23 19.18 30.38
C HIS P 247 22.81 18.36 29.23
N VAL P 248 22.81 17.02 29.35
CA VAL P 248 23.57 16.19 28.43
C VAL P 248 22.94 16.12 27.04
N TRP P 249 21.65 16.42 26.91
CA TRP P 249 20.99 16.28 25.62
C TRP P 249 21.33 17.42 24.66
N LEU P 250 21.70 18.58 25.19
CA LEU P 250 21.95 19.74 24.34
C LEU P 250 23.13 19.57 23.38
N PRO P 251 24.32 19.10 23.80
CA PRO P 251 25.39 18.93 22.80
C PRO P 251 25.07 17.92 21.71
N ASP P 252 24.35 16.86 22.05
CA ASP P 252 23.93 15.89 21.04
C ASP P 252 22.77 16.40 20.18
N ALA P 253 22.05 17.42 20.66
CA ALA P 253 20.98 18.01 19.86
C ALA P 253 21.46 18.72 18.61
N MET P 254 22.77 18.96 18.47
CA MET P 254 23.35 19.59 17.30
C MET P 254 23.67 18.61 16.18
N GLU P 255 23.33 17.32 16.34
CA GLU P 255 23.40 16.41 15.20
C GLU P 255 22.28 16.65 14.20
N GLY P 256 21.27 17.44 14.56
CA GLY P 256 20.28 17.87 13.62
C GLY P 256 20.78 19.03 12.78
N PRO P 257 19.96 19.44 11.82
CA PRO P 257 20.35 20.56 10.95
C PRO P 257 20.42 21.88 11.70
N THR P 258 21.26 22.76 11.17
CA THR P 258 21.55 24.03 11.85
C THR P 258 20.35 24.95 12.11
N PRO P 259 19.38 25.14 11.18
CA PRO P 259 18.23 25.98 11.54
C PRO P 259 17.43 25.43 12.71
N ILE P 260 17.33 24.10 12.81
CA ILE P 260 16.78 23.47 14.02
C ILE P 260 17.63 23.80 15.24
N SER P 261 18.96 23.76 15.10
CA SER P 261 19.82 24.12 16.23
C SER P 261 19.48 25.52 16.72
N ALA P 262 19.46 26.50 15.81
CA ALA P 262 19.11 27.87 16.13
C ALA P 262 17.72 27.99 16.77
N LEU P 263 16.68 27.65 16.00
CA LEU P 263 15.30 27.89 16.45
C LEU P 263 14.96 27.09 17.70
N ILE P 264 15.31 25.80 17.72
CA ILE P 264 14.92 24.94 18.81
C ILE P 264 15.80 25.22 20.03
N HIS P 265 17.11 24.98 19.90
CA HIS P 265 18.01 24.97 21.03
C HIS P 265 18.71 26.30 21.25
N ALA P 266 18.21 27.38 20.67
CA ALA P 266 18.81 28.69 20.87
C ALA P 266 17.81 29.75 21.33
N ALA P 267 16.57 29.70 20.85
CA ALA P 267 15.64 30.79 21.07
C ALA P 267 14.33 30.37 21.71
N THR P 268 13.77 29.22 21.35
CA THR P 268 12.38 28.90 21.69
C THR P 268 12.24 27.74 22.65
N MET P 269 12.74 26.54 22.28
CA MET P 269 12.52 25.37 23.14
C MET P 269 13.32 25.47 24.43
N VAL P 270 14.58 25.91 24.33
CA VAL P 270 15.38 26.09 25.53
C VAL P 270 14.87 27.22 26.39
N ALA P 271 14.06 28.12 25.82
CA ALA P 271 13.40 29.17 26.57
C ALA P 271 12.13 28.70 27.27
N ALA P 272 11.70 27.46 27.04
CA ALA P 272 10.49 26.96 27.69
C ALA P 272 10.69 26.82 29.20
N GLY P 273 11.89 26.41 29.62
CA GLY P 273 12.16 26.33 31.05
C GLY P 273 12.15 27.70 31.71
N ILE P 274 12.75 28.70 31.06
CA ILE P 274 12.73 30.06 31.58
C ILE P 274 11.30 30.59 31.64
N PHE P 275 10.52 30.30 30.59
CA PHE P 275 9.12 30.71 30.55
C PHE P 275 8.31 30.07 31.67
N LEU P 276 8.58 28.79 31.95
CA LEU P 276 7.84 28.09 32.99
C LEU P 276 8.23 28.60 34.38
N VAL P 277 9.51 28.86 34.61
CA VAL P 277 9.94 29.38 35.91
C VAL P 277 9.39 30.79 36.12
N ALA P 278 9.44 31.64 35.09
CA ALA P 278 8.87 32.98 35.20
C ALA P 278 7.36 32.94 35.36
N ARG P 279 6.69 31.95 34.75
CA ARG P 279 5.26 31.79 34.90
C ARG P 279 4.90 31.36 36.33
N LEU P 280 5.72 30.48 36.92
CA LEU P 280 5.49 29.97 38.25
C LEU P 280 6.28 30.72 39.31
N LEU P 281 6.87 31.87 38.96
CA LEU P 281 7.64 32.64 39.93
C LEU P 281 6.85 33.12 41.15
N PRO P 282 5.60 33.61 41.05
CA PRO P 282 4.85 33.92 42.28
C PRO P 282 4.61 32.71 43.16
N LEU P 283 4.56 31.51 42.58
CA LEU P 283 4.47 30.30 43.41
C LEU P 283 5.80 30.01 44.08
N PHE P 284 6.91 30.15 43.36
CA PHE P 284 8.23 29.84 43.91
C PHE P 284 8.70 30.87 44.92
N VAL P 285 8.14 32.07 44.91
CA VAL P 285 8.60 33.12 45.83
C VAL P 285 8.27 32.75 47.27
N VAL P 286 7.05 32.29 47.52
CA VAL P 286 6.64 31.97 48.88
C VAL P 286 7.21 30.65 49.38
N ILE P 287 7.57 29.74 48.48
CA ILE P 287 8.16 28.46 48.89
C ILE P 287 9.57 28.70 49.39
N PRO P 288 9.93 28.18 50.59
CA PRO P 288 11.16 28.63 51.27
C PRO P 288 12.48 28.45 50.53
N TYR P 289 12.83 27.22 50.15
CA TYR P 289 14.19 26.91 49.72
C TYR P 289 14.34 26.78 48.22
N ILE P 290 13.29 26.97 47.44
CA ILE P 290 13.39 26.66 46.02
C ILE P 290 14.12 27.75 45.23
N MET P 291 14.12 28.99 45.71
CA MET P 291 14.82 30.05 44.99
C MET P 291 16.33 29.89 45.11
N TYR P 292 16.81 29.47 46.28
CA TYR P 292 18.22 29.17 46.44
C TYR P 292 18.65 28.01 45.56
N VAL P 293 17.79 27.00 45.43
CA VAL P 293 18.08 25.86 44.56
C VAL P 293 18.15 26.31 43.11
N ILE P 294 17.21 27.17 42.69
CA ILE P 294 17.21 27.67 41.32
C ILE P 294 18.48 28.46 41.03
N SER P 295 18.87 29.34 41.96
CA SER P 295 20.08 30.15 41.78
C SER P 295 21.34 29.27 41.76
N PHE P 296 21.40 28.27 42.63
CA PHE P 296 22.56 27.37 42.67
C PHE P 296 22.67 26.55 41.38
N ILE P 297 21.53 26.05 40.88
CA ILE P 297 21.52 25.31 39.62
C ILE P 297 21.95 26.22 38.48
N GLY P 298 21.48 27.47 38.50
CA GLY P 298 21.88 28.41 37.46
C GLY P 298 23.37 28.70 37.45
N ILE P 299 23.95 28.92 38.63
CA ILE P 299 25.38 29.23 38.68
C ILE P 299 26.23 28.01 38.36
N ILE P 300 25.79 26.81 38.76
CA ILE P 300 26.52 25.59 38.41
C ILE P 300 26.49 25.37 36.90
N THR P 301 25.31 25.57 36.30
CA THR P 301 25.18 25.46 34.85
C THR P 301 26.04 26.50 34.14
N VAL P 302 26.09 27.71 34.69
CA VAL P 302 26.92 28.79 34.15
C VAL P 302 28.38 28.37 34.11
N LEU P 303 28.90 27.89 35.24
CA LEU P 303 30.32 27.54 35.31
C LEU P 303 30.63 26.34 34.43
N LEU P 304 29.76 25.33 34.44
CA LEU P 304 29.99 24.13 33.65
C LEU P 304 29.95 24.42 32.15
N GLY P 305 28.96 25.21 31.71
CA GLY P 305 28.88 25.56 30.30
C GLY P 305 30.03 26.45 29.84
N ALA P 306 30.49 27.34 30.72
CA ALA P 306 31.66 28.14 30.36
C ALA P 306 32.91 27.29 30.25
N THR P 307 33.11 26.35 31.19
CA THR P 307 34.33 25.56 31.20
C THR P 307 34.31 24.42 30.19
N LEU P 308 33.15 24.06 29.65
CA LEU P 308 33.07 22.94 28.71
C LEU P 308 33.25 23.36 27.26
N ALA P 309 33.30 24.65 26.96
CA ALA P 309 33.48 25.13 25.59
C ALA P 309 34.86 25.71 25.35
N LEU P 310 35.80 25.51 26.28
CA LEU P 310 37.11 26.13 26.15
C LEU P 310 37.96 25.42 25.10
N ALA P 311 37.92 24.10 25.07
CA ALA P 311 38.82 23.30 24.24
C ALA P 311 38.05 22.36 23.32
N GLN P 312 37.05 22.91 22.63
CA GLN P 312 36.29 22.15 21.65
C GLN P 312 36.76 22.49 20.24
N LYS P 313 36.70 21.50 19.36
CA LYS P 313 37.03 21.69 17.96
C LYS P 313 35.80 21.84 17.08
N ASP P 314 34.63 21.41 17.55
CA ASP P 314 33.39 21.56 16.81
C ASP P 314 32.74 22.89 17.19
N ILE P 315 32.34 23.65 16.18
CA ILE P 315 31.76 24.97 16.43
C ILE P 315 30.38 24.84 17.06
N LYS P 316 29.56 23.92 16.55
CA LYS P 316 28.19 23.79 17.04
C LYS P 316 28.14 23.23 18.47
N ARG P 317 29.09 22.35 18.82
CA ARG P 317 29.11 21.82 20.18
C ARG P 317 29.44 22.92 21.19
N SER P 318 30.41 23.77 20.89
CA SER P 318 30.73 24.89 21.76
C SER P 318 29.57 25.88 21.81
N LEU P 319 28.90 26.09 20.67
CA LEU P 319 27.72 26.95 20.66
C LEU P 319 26.64 26.40 21.58
N ALA P 320 26.41 25.09 21.56
CA ALA P 320 25.45 24.47 22.46
C ALA P 320 25.86 24.61 23.91
N TYR P 321 27.14 24.39 24.21
CA TYR P 321 27.60 24.43 25.60
C TYR P 321 27.45 25.82 26.20
N TYR P 322 27.82 26.85 25.45
CA TYR P 322 27.62 28.16 26.03
C TYR P 322 26.21 28.72 25.83
N THR P 323 25.39 28.11 24.97
CA THR P 323 23.95 28.33 25.06
C THR P 323 23.43 27.88 26.41
N MET P 324 23.86 26.68 26.82
CA MET P 324 23.54 26.18 28.16
C MET P 324 24.05 27.13 29.24
N SER P 325 25.23 27.70 29.04
CA SER P 325 25.76 28.67 30.01
C SER P 325 24.88 29.91 30.11
N GLN P 326 24.43 30.45 28.97
CA GLN P 326 23.59 31.64 29.00
C GLN P 326 22.21 31.33 29.60
N LEU P 327 21.69 30.14 29.35
CA LEU P 327 20.45 29.71 29.99
C LEU P 327 20.63 29.60 31.50
N GLY P 328 21.80 29.13 31.93
CA GLY P 328 22.11 29.14 33.36
C GLY P 328 22.17 30.54 33.92
N TYR P 329 22.66 31.49 33.13
CA TYR P 329 22.63 32.90 33.54
C TYR P 329 21.21 33.39 33.71
N MET P 330 20.32 33.00 32.80
CA MET P 330 18.91 33.37 32.89
C MET P 330 18.28 32.80 34.16
N MET P 331 18.56 31.53 34.45
CA MET P 331 18.04 30.91 35.66
C MET P 331 18.64 31.52 36.92
N LEU P 332 19.91 31.94 36.85
CA LEU P 332 20.52 32.64 37.97
C LEU P 332 19.83 33.97 38.23
N ALA P 333 19.48 34.71 37.16
CA ALA P 333 18.74 35.94 37.32
C ALA P 333 17.35 35.69 37.88
N LEU P 334 16.71 34.60 37.46
CA LEU P 334 15.40 34.25 38.01
C LEU P 334 15.50 33.82 39.47
N GLY P 335 16.64 33.26 39.88
CA GLY P 335 16.81 32.82 41.26
C GLY P 335 16.81 33.93 42.28
N MET P 336 17.30 35.10 41.91
CA MET P 336 17.28 36.26 42.79
C MET P 336 15.99 37.06 42.67
N GLY P 337 15.09 36.66 41.79
CA GLY P 337 13.85 37.38 41.58
C GLY P 337 13.89 38.46 40.53
N SER P 338 14.93 38.50 39.71
CA SER P 338 15.05 39.50 38.64
C SER P 338 14.26 38.99 37.43
N TYR P 339 12.94 39.20 37.50
CA TYR P 339 12.04 38.80 36.43
C TYR P 339 12.34 39.57 35.14
N ARG P 340 12.39 40.91 35.24
CA ARG P 340 12.61 41.75 34.07
C ARG P 340 13.99 41.53 33.47
N THR P 341 15.01 41.39 34.32
CA THR P 341 16.37 41.18 33.83
C THR P 341 16.49 39.83 33.12
N ALA P 342 15.87 38.79 33.66
CA ALA P 342 15.91 37.48 33.01
C ALA P 342 15.19 37.50 31.67
N LEU P 343 14.04 38.18 31.60
CA LEU P 343 13.35 38.28 30.31
C LEU P 343 14.14 39.10 29.31
N PHE P 344 14.81 40.16 29.78
CA PHE P 344 15.68 40.96 28.92
C PHE P 344 16.81 40.11 28.34
N HIS P 345 17.46 39.31 29.20
CA HIS P 345 18.53 38.46 28.73
C HIS P 345 18.01 37.41 27.76
N LEU P 346 16.81 36.88 28.01
CA LEU P 346 16.22 35.94 27.08
C LEU P 346 15.99 36.57 25.71
N ILE P 347 15.44 37.79 25.70
CA ILE P 347 15.13 38.48 24.46
C ILE P 347 16.40 38.76 23.66
N THR P 348 17.43 39.26 24.33
CA THR P 348 18.67 39.60 23.62
C THR P 348 19.41 38.35 23.17
N HIS P 349 19.51 37.35 24.05
CA HIS P 349 20.28 36.15 23.77
C HIS P 349 19.64 35.31 22.67
N ALA P 350 18.32 35.28 22.58
CA ALA P 350 17.68 34.51 21.51
C ALA P 350 18.06 35.05 20.14
N TYR P 351 18.02 36.38 19.97
CA TYR P 351 18.35 36.97 18.68
C TYR P 351 19.83 36.82 18.37
N SER P 352 20.70 37.09 19.35
CA SER P 352 22.14 36.92 19.11
C SER P 352 22.49 35.47 18.82
N LYS P 353 21.81 34.53 19.49
CA LYS P 353 22.07 33.12 19.29
C LYS P 353 21.60 32.65 17.92
N ALA P 354 20.42 33.10 17.49
CA ALA P 354 19.95 32.78 16.15
C ALA P 354 20.91 33.34 15.10
N LEU P 355 21.40 34.57 15.31
CA LEU P 355 22.37 35.15 14.40
C LEU P 355 23.63 34.31 14.30
N LEU P 356 24.19 33.93 15.46
CA LEU P 356 25.43 33.17 15.46
C LEU P 356 25.26 31.78 14.88
N PHE P 357 24.15 31.11 15.21
CA PHE P 357 23.91 29.77 14.68
C PHE P 357 23.69 29.79 13.17
N LEU P 358 22.92 30.77 12.66
CA LEU P 358 22.72 30.84 11.22
C LEU P 358 24.01 31.21 10.49
N ALA P 359 24.84 32.08 11.08
CA ALA P 359 26.13 32.38 10.50
C ALA P 359 27.02 31.15 10.46
N SER P 360 27.05 30.38 11.54
CA SER P 360 27.84 29.16 11.57
C SER P 360 27.34 28.14 10.56
N GLY P 361 26.03 28.05 10.38
CA GLY P 361 25.49 27.14 9.39
C GLY P 361 25.84 27.53 7.96
N SER P 362 25.74 28.83 7.65
CA SER P 362 26.13 29.30 6.33
C SER P 362 27.62 29.07 6.08
N LEU P 363 28.43 29.27 7.11
CA LEU P 363 29.87 29.04 6.98
C LEU P 363 30.19 27.55 6.79
N ILE P 364 29.45 26.68 7.49
CA ILE P 364 29.61 25.24 7.28
C ILE P 364 29.21 24.84 5.87
N HIS P 365 28.12 25.44 5.37
CA HIS P 365 27.71 25.21 3.99
C HIS P 365 28.78 25.66 3.00
N SER P 366 29.43 26.79 3.29
CA SER P 366 30.52 27.26 2.44
C SER P 366 31.72 26.32 2.47
N MET P 367 32.08 25.82 3.65
CA MET P 367 33.21 24.92 3.79
C MET P 367 32.95 23.52 3.24
N GLY P 368 31.68 23.11 3.16
CA GLY P 368 31.35 21.79 2.66
C GLY P 368 31.67 21.58 1.19
N THR P 369 31.88 22.66 0.44
CA THR P 369 32.27 22.54 -0.95
C THR P 369 33.75 22.24 -1.13
N ILE P 370 34.56 22.39 -0.09
CA ILE P 370 36.00 22.19 -0.16
C ILE P 370 36.48 21.07 0.75
N VAL P 371 35.70 20.74 1.79
CA VAL P 371 36.07 19.63 2.67
C VAL P 371 35.07 18.48 2.63
N GLY P 372 33.98 18.62 1.91
CA GLY P 372 32.96 17.59 1.87
C GLY P 372 31.85 17.83 2.88
N TYR P 373 30.85 16.97 2.82
CA TYR P 373 29.63 17.12 3.60
C TYR P 373 29.70 16.41 4.95
N SER P 374 30.84 15.84 5.30
CA SER P 374 30.98 15.19 6.60
C SER P 374 31.02 16.23 7.70
N PRO P 375 30.18 16.13 8.72
CA PRO P 375 30.22 17.12 9.82
C PRO P 375 31.48 17.02 10.67
N ASP P 376 32.21 15.91 10.60
CA ASP P 376 33.49 15.82 11.29
C ASP P 376 34.56 16.70 10.62
N LYS P 377 34.37 17.02 9.34
CA LYS P 377 35.29 17.89 8.60
C LYS P 377 34.72 19.28 8.35
N SER P 378 33.42 19.38 8.09
CA SER P 378 32.80 20.66 7.76
C SER P 378 32.42 21.48 8.98
N GLN P 379 32.64 20.97 10.20
CA GLN P 379 32.39 21.71 11.41
C GLN P 379 33.62 21.77 12.31
N ASN P 380 34.80 21.51 11.77
CA ASN P 380 36.05 21.49 12.52
C ASN P 380 36.73 22.84 12.37
N MET P 381 36.85 23.58 13.48
CA MET P 381 37.48 24.89 13.44
C MET P 381 39.00 24.82 13.29
N VAL P 382 39.60 23.63 13.42
CA VAL P 382 41.03 23.50 13.21
C VAL P 382 41.39 23.73 11.75
N LEU P 383 40.58 23.19 10.83
CA LEU P 383 40.82 23.31 9.40
C LEU P 383 40.05 24.47 8.77
N MET P 384 39.76 25.52 9.53
CA MET P 384 38.75 26.49 9.15
C MET P 384 39.25 27.92 9.10
N GLY P 385 40.55 28.15 9.30
CA GLY P 385 41.04 29.50 9.43
C GLY P 385 40.99 30.29 8.14
N GLY P 386 41.13 31.60 8.28
CA GLY P 386 41.24 32.49 7.13
C GLY P 386 39.99 32.60 6.28
N LEU P 387 38.82 32.65 6.90
CA LEU P 387 37.57 32.81 6.18
C LEU P 387 37.10 34.26 6.13
N THR P 388 37.88 35.20 6.67
CA THR P 388 37.51 36.61 6.57
C THR P 388 37.49 37.08 5.13
N LYS P 389 38.48 36.64 4.34
CA LYS P 389 38.57 37.06 2.94
C LYS P 389 37.48 36.43 2.09
N HIS P 390 37.00 35.25 2.47
CA HIS P 390 36.08 34.48 1.62
C HIS P 390 34.62 34.76 1.92
N VAL P 391 34.23 34.79 3.19
CA VAL P 391 32.84 35.05 3.55
C VAL P 391 32.76 36.32 4.41
N PRO P 392 32.68 37.50 3.78
CA PRO P 392 32.71 38.74 4.57
C PRO P 392 31.42 39.02 5.33
N ILE P 393 30.26 38.78 4.72
CA ILE P 393 28.98 39.03 5.40
C ILE P 393 28.83 38.10 6.59
N THR P 394 29.17 36.82 6.42
CA THR P 394 29.16 35.88 7.53
C THR P 394 30.17 36.28 8.60
N LYS P 395 31.31 36.84 8.17
CA LYS P 395 32.30 37.33 9.14
C LYS P 395 31.72 38.45 9.99
N THR P 396 31.05 39.41 9.35
CA THR P 396 30.48 40.53 10.09
C THR P 396 29.37 40.05 11.02
N SER P 397 28.53 39.12 10.56
CA SER P 397 27.45 38.61 11.40
C SER P 397 27.99 37.85 12.61
N PHE P 398 28.98 36.99 12.39
CA PHE P 398 29.58 36.24 13.49
C PHE P 398 30.30 37.16 14.45
N LEU P 399 30.99 38.19 13.94
CA LEU P 399 31.67 39.14 14.80
C LEU P 399 30.68 39.94 15.64
N ILE P 400 29.55 40.34 15.04
CA ILE P 400 28.55 41.09 15.77
C ILE P 400 27.92 40.23 16.87
N GLY P 401 27.61 38.97 16.55
CA GLY P 401 27.09 38.07 17.58
C GLY P 401 28.09 37.83 18.69
N THR P 402 29.37 37.66 18.34
CA THR P 402 30.42 37.47 19.34
C THR P 402 30.53 38.70 20.25
N LEU P 403 30.54 39.90 19.66
CA LEU P 403 30.64 41.11 20.46
C LEU P 403 29.42 41.29 21.35
N SER P 404 28.25 40.88 20.87
CA SER P 404 27.04 40.94 21.69
C SER P 404 27.16 40.01 22.88
N LEU P 405 27.65 38.79 22.66
CA LEU P 405 27.69 37.80 23.73
C LEU P 405 29.03 37.76 24.45
N CYS P 406 29.96 38.66 24.12
CA CYS P 406 31.12 38.91 24.96
C CYS P 406 30.87 40.05 25.95
N GLY P 407 29.67 40.60 25.98
CA GLY P 407 29.36 41.73 26.85
C GLY P 407 30.05 43.02 26.48
N ILE P 408 30.11 43.33 25.20
CA ILE P 408 30.77 44.54 24.70
C ILE P 408 29.69 45.54 24.27
N PRO P 409 29.73 46.78 24.75
CA PRO P 409 28.71 47.76 24.36
C PRO P 409 28.92 48.23 22.93
N PRO P 410 27.87 48.75 22.27
CA PRO P 410 26.49 48.94 22.74
C PRO P 410 25.56 47.87 22.21
N LEU P 411 26.00 46.62 22.19
CA LEU P 411 25.23 45.55 21.56
C LEU P 411 24.15 45.04 22.52
N ALA P 412 23.55 43.90 22.17
CA ALA P 412 22.31 43.48 22.82
C ALA P 412 22.55 42.97 24.23
N CYS P 413 23.31 41.89 24.38
CA CYS P 413 23.38 41.21 25.66
C CYS P 413 24.27 41.89 26.68
N PHE P 414 24.96 42.97 26.31
CA PHE P 414 25.81 43.67 27.28
C PHE P 414 25.00 44.23 28.44
N TRP P 415 23.88 44.90 28.12
CA TRP P 415 23.03 45.48 29.15
C TRP P 415 22.44 44.41 30.06
N SER P 416 21.89 43.36 29.46
CA SER P 416 21.26 42.30 30.26
C SER P 416 22.29 41.59 31.12
N LYS P 417 23.46 41.27 30.56
CA LYS P 417 24.47 40.55 31.30
C LYS P 417 25.02 41.37 32.45
N ASP P 418 25.33 42.66 32.23
CA ASP P 418 25.89 43.42 33.34
C ASP P 418 24.83 43.79 34.37
N GLU P 419 23.55 43.90 33.97
CA GLU P 419 22.49 43.99 34.97
C GLU P 419 22.45 42.72 35.83
N ILE P 420 22.59 41.55 35.19
CA ILE P 420 22.63 40.29 35.93
C ILE P 420 23.80 40.27 36.90
N LEU P 421 24.98 40.75 36.45
CA LEU P 421 26.16 40.74 37.30
C LEU P 421 26.01 41.67 38.50
N ASN P 422 25.44 42.87 38.28
CA ASN P 422 25.21 43.79 39.38
C ASN P 422 24.20 43.22 40.38
N ASP P 423 23.11 42.63 39.87
CA ASP P 423 22.12 42.01 40.75
C ASP P 423 22.70 40.83 41.50
N SER P 424 23.64 40.10 40.89
CA SER P 424 24.28 38.99 41.58
C SER P 424 25.25 39.47 42.65
N TRP P 425 25.94 40.58 42.41
CA TRP P 425 26.79 41.15 43.45
C TRP P 425 25.95 41.63 44.63
N VAL P 426 24.77 42.20 44.34
CA VAL P 426 23.84 42.52 45.42
C VAL P 426 23.39 41.24 46.13
N TYR P 427 23.17 40.17 45.36
CA TYR P 427 22.72 38.90 45.91
C TYR P 427 23.77 38.28 46.84
N SER P 428 24.93 37.92 46.29
CA SER P 428 25.98 37.28 47.08
C SER P 428 27.32 37.45 46.38
N PRO P 429 28.41 37.65 47.12
CA PRO P 429 29.71 37.91 46.45
C PRO P 429 30.29 36.72 45.72
N ILE P 430 30.10 35.50 46.24
CA ILE P 430 30.68 34.32 45.60
C ILE P 430 30.05 34.09 44.23
N PHE P 431 28.73 34.23 44.13
CA PHE P 431 28.04 34.08 42.85
C PHE P 431 28.50 35.14 41.86
N ALA P 432 28.74 36.37 42.36
CA ALA P 432 29.26 37.43 41.50
C ALA P 432 30.65 37.11 40.99
N ILE P 433 31.51 36.55 41.85
CA ILE P 433 32.86 36.17 41.42
C ILE P 433 32.79 35.12 40.33
N ILE P 434 31.94 34.10 40.53
CA ILE P 434 31.80 33.05 39.53
C ILE P 434 31.25 33.61 38.22
N ALA P 435 30.27 34.51 38.32
CA ALA P 435 29.64 35.07 37.11
C ALA P 435 30.60 35.96 36.33
N TYR P 436 31.39 36.79 37.03
CA TYR P 436 32.37 37.63 36.33
C TYR P 436 33.48 36.80 35.70
N PHE P 437 33.94 35.75 36.40
CA PHE P 437 34.93 34.85 35.80
C PHE P 437 34.35 34.14 34.59
N THR P 438 33.06 33.79 34.64
CA THR P 438 32.39 33.22 33.49
C THR P 438 32.31 34.21 32.33
N ALA P 439 32.06 35.49 32.62
CA ALA P 439 32.04 36.50 31.55
C ALA P 439 33.40 36.59 30.87
N GLY P 440 34.48 36.57 31.65
CA GLY P 440 35.81 36.54 31.06
C GLY P 440 36.07 35.29 30.24
N LEU P 441 35.66 34.13 30.76
CA LEU P 441 35.82 32.89 30.01
C LEU P 441 35.01 32.90 28.72
N THR P 442 33.81 33.48 28.77
CA THR P 442 32.95 33.56 27.59
C THR P 442 33.60 34.42 26.52
N ALA P 443 34.16 35.56 26.92
CA ALA P 443 34.91 36.38 25.97
C ALA P 443 36.06 35.59 25.37
N PHE P 444 36.78 34.84 26.21
CA PHE P 444 37.94 34.09 25.73
C PHE P 444 37.54 33.05 24.68
N TYR P 445 36.56 32.20 25.00
CA TYR P 445 36.25 31.14 24.05
C TYR P 445 35.48 31.63 22.83
N MET P 446 34.70 32.70 22.95
CA MET P 446 34.07 33.24 21.75
C MET P 446 35.08 33.85 20.80
N PHE P 447 36.03 34.64 21.31
CA PHE P 447 37.01 35.16 20.37
C PHE P 447 38.01 34.09 19.96
N ARG P 448 38.17 33.02 20.75
CA ARG P 448 38.91 31.86 20.29
C ARG P 448 38.23 31.23 19.07
N ILE P 449 36.90 31.07 19.14
CA ILE P 449 36.15 30.53 18.00
C ILE P 449 36.28 31.44 16.79
N TYR P 450 36.13 32.75 17.00
CA TYR P 450 36.19 33.69 15.88
C TYR P 450 37.57 33.71 15.24
N LEU P 451 38.64 33.70 16.04
CA LEU P 451 39.99 33.72 15.48
C LEU P 451 40.33 32.40 14.81
N LEU P 452 39.89 31.28 15.39
CA LEU P 452 40.13 29.98 14.77
C LEU P 452 39.36 29.82 13.47
N THR P 453 38.24 30.51 13.34
CA THR P 453 37.32 30.28 12.23
C THR P 453 37.45 31.30 11.12
N PHE P 454 37.95 32.51 11.40
CA PHE P 454 37.99 33.57 10.40
C PHE P 454 39.37 34.16 10.14
N GLU P 455 40.29 34.10 11.11
CA GLU P 455 41.59 34.74 10.97
C GLU P 455 42.67 33.68 10.79
N GLY P 456 43.66 33.99 9.96
CA GLY P 456 44.74 33.08 9.67
C GLY P 456 44.76 32.66 8.22
N HIS P 457 45.11 31.40 7.97
CA HIS P 457 45.09 30.82 6.64
C HIS P 457 44.19 29.59 6.64
N LEU P 458 43.73 29.21 5.45
CA LEU P 458 42.90 28.02 5.29
C LEU P 458 43.75 26.80 5.59
N ASN P 459 43.58 26.24 6.80
CA ASN P 459 44.45 25.15 7.24
C ASN P 459 44.23 23.89 6.42
N PHE P 460 43.03 23.71 5.86
CA PHE P 460 42.80 22.57 4.98
C PHE P 460 43.58 22.71 3.67
N PHE P 461 43.65 23.93 3.14
CA PHE P 461 44.34 24.19 1.88
C PHE P 461 45.69 24.86 2.08
N CYS P 462 46.20 24.89 3.31
CA CYS P 462 47.50 25.50 3.57
C CYS P 462 48.60 24.62 2.98
N LYS P 463 49.52 25.24 2.25
CA LYS P 463 50.61 24.51 1.62
C LYS P 463 51.65 24.03 2.63
N ASN P 464 51.58 24.50 3.88
CA ASN P 464 52.49 24.00 4.92
C ASN P 464 52.20 22.55 5.24
N TYR P 465 50.92 22.16 5.29
CA TYR P 465 50.51 20.81 5.65
C TYR P 465 49.97 20.02 4.46
N SER P 466 49.01 20.57 3.73
CA SER P 466 48.36 19.84 2.66
C SER P 466 49.29 19.74 1.46
N GLY P 467 49.70 18.51 1.13
CA GLY P 467 50.53 18.29 -0.04
C GLY P 467 49.78 18.16 -1.34
N LYS P 468 48.45 18.14 -1.30
CA LYS P 468 47.66 18.01 -2.53
C LYS P 468 47.69 19.30 -3.34
N LYS P 469 47.69 20.45 -2.68
CA LYS P 469 47.69 21.73 -3.37
C LYS P 469 49.11 22.27 -3.55
N SER P 470 49.98 21.46 -4.16
CA SER P 470 51.35 21.83 -4.41
C SER P 470 51.52 22.35 -5.84
N SER P 471 52.71 22.82 -6.15
CA SER P 471 53.03 23.32 -7.48
C SER P 471 53.67 22.26 -8.38
N SER P 472 53.83 21.04 -7.90
CA SER P 472 54.42 19.97 -8.68
C SER P 472 53.43 19.31 -9.62
N PHE P 473 52.14 19.62 -9.52
CA PHE P 473 51.10 18.94 -10.28
C PHE P 473 50.74 19.68 -11.57
N TYR P 474 51.48 20.73 -11.92
CA TYR P 474 51.35 21.38 -13.20
C TYR P 474 52.25 20.69 -14.22
N SER P 475 51.91 20.84 -15.50
CA SER P 475 52.79 20.33 -16.54
C SER P 475 54.11 21.10 -16.60
N ILE P 476 54.14 22.32 -16.07
CA ILE P 476 55.37 23.08 -15.98
C ILE P 476 56.25 22.46 -14.90
N SER P 477 57.37 21.88 -15.31
CA SER P 477 58.36 21.38 -14.37
C SER P 477 59.25 22.51 -13.91
N LEU P 478 59.67 22.44 -12.64
CA LEU P 478 60.46 23.52 -12.05
C LEU P 478 61.83 23.62 -12.72
N TRP P 479 62.47 22.48 -12.99
CA TRP P 479 63.84 22.48 -13.48
C TRP P 479 63.95 22.82 -14.95
N GLY P 480 62.92 22.62 -15.73
CA GLY P 480 62.96 22.92 -17.15
C GLY P 480 62.13 21.91 -17.93
N LYS P 481 62.43 21.84 -19.23
CA LYS P 481 61.71 20.94 -20.13
C LYS P 481 62.40 19.59 -20.27
N LYS P 482 62.72 18.96 -19.12
CA LYS P 482 63.41 17.67 -19.14
C LYS P 482 62.89 16.72 -18.07
N GLU P 483 61.77 17.02 -17.42
CA GLU P 483 61.26 16.21 -16.33
C GLU P 483 59.81 15.81 -16.60
N LEU P 484 59.51 14.54 -16.37
CA LEU P 484 58.18 13.96 -16.57
C LEU P 484 58.13 12.62 -15.85
N LYS P 485 57.07 11.85 -16.12
CA LYS P 485 56.89 10.46 -15.71
C LYS P 485 56.60 10.32 -14.21
N THR P 486 55.71 9.41 -13.85
CA THR P 486 55.41 9.12 -12.45
C THR P 486 56.63 8.52 -11.77
N ILE P 487 57.25 9.27 -10.86
CA ILE P 487 58.51 8.90 -10.24
C ILE P 487 58.22 7.96 -9.08
N ASN P 488 59.04 6.92 -8.95
CA ASN P 488 58.99 5.98 -7.83
C ASN P 488 60.34 6.01 -7.14
N GLN P 489 60.41 6.63 -5.96
CA GLN P 489 61.68 6.87 -5.31
C GLN P 489 62.10 5.68 -4.44
N LYS P 490 63.18 5.91 -3.71
CA LYS P 490 63.80 4.99 -2.77
C LYS P 490 64.20 5.75 -1.52
N ILE P 491 63.83 5.20 -0.35
CA ILE P 491 64.19 5.76 0.94
C ILE P 491 65.71 5.81 1.10
N SER P 492 66.45 4.91 0.45
CA SER P 492 67.91 4.99 0.47
C SER P 492 68.39 6.23 -0.26
N LEU P 493 67.80 6.54 -1.42
CA LEU P 493 68.16 7.77 -2.14
C LEU P 493 67.81 9.01 -1.33
N LEU P 494 66.67 8.99 -0.63
CA LEU P 494 66.34 10.10 0.24
C LEU P 494 67.29 10.20 1.42
N ASN P 495 67.83 9.06 1.87
CA ASN P 495 68.77 9.06 2.97
C ASN P 495 70.13 9.61 2.56
N LEU P 496 70.61 9.27 1.36
CA LEU P 496 71.91 9.77 0.93
C LEU P 496 71.86 11.20 0.40
N LEU P 497 70.66 11.76 0.22
CA LEU P 497 70.46 13.18 -0.11
C LEU P 497 71.15 13.59 -1.41
N THR P 498 71.27 12.66 -2.36
CA THR P 498 71.91 12.88 -3.66
C THR P 498 73.32 13.45 -3.50
N MET P 499 74.02 12.99 -2.47
CA MET P 499 75.37 13.44 -2.14
C MET P 499 76.25 12.20 -1.90
N ASN P 500 76.28 11.33 -2.92
CA ASN P 500 76.92 10.02 -2.88
C ASN P 500 78.33 10.07 -2.29
N ASN P 501 78.46 9.45 -1.12
CA ASN P 501 79.52 9.58 -0.13
C ASN P 501 78.89 9.16 1.19
N LYS P 502 77.57 9.29 1.27
CA LYS P 502 76.76 8.91 2.41
C LYS P 502 76.25 7.49 2.32
N GLU P 503 76.72 6.71 1.34
CA GLU P 503 76.31 5.32 1.18
C GLU P 503 77.01 4.49 2.25
N ARG P 504 76.39 4.44 3.43
CA ARG P 504 76.89 3.63 4.53
C ARG P 504 75.93 2.54 4.96
N ALA P 505 74.62 2.71 4.75
CA ALA P 505 73.68 1.61 4.99
C ALA P 505 73.93 0.46 4.02
N SER P 506 73.95 0.77 2.72
CA SER P 506 74.40 -0.12 1.65
C SER P 506 73.61 -1.42 1.50
N PHE P 507 72.55 -1.58 2.30
CA PHE P 507 71.78 -2.82 2.32
C PHE P 507 70.48 -2.55 3.08
N PHE P 508 69.70 -3.62 3.27
CA PHE P 508 68.46 -3.55 4.03
C PHE P 508 68.76 -3.90 5.49
N SER P 509 67.71 -4.12 6.28
CA SER P 509 67.84 -4.45 7.70
C SER P 509 67.26 -5.82 7.99
N LYS P 510 67.51 -6.78 7.11
CA LYS P 510 67.02 -8.15 7.29
C LYS P 510 67.92 -9.15 6.59
N TYR P 531 52.58 10.68 -7.17
CA TYR P 531 51.70 10.07 -8.15
C TYR P 531 50.88 11.14 -8.88
N PHE P 532 51.18 11.30 -10.17
CA PHE P 532 50.57 12.35 -10.98
C PHE P 532 49.28 11.82 -11.61
N GLU P 533 48.77 12.53 -12.63
CA GLU P 533 47.58 12.28 -13.44
C GLU P 533 46.30 12.62 -12.66
N ASN P 534 46.39 12.94 -11.36
CA ASN P 534 45.19 13.33 -10.62
C ASN P 534 44.64 14.67 -11.11
N LYS P 535 45.53 15.64 -11.37
CA LYS P 535 45.24 16.99 -11.85
C LYS P 535 44.49 17.81 -10.80
N ASN P 536 44.93 19.04 -10.57
CA ASN P 536 44.39 19.87 -9.51
C ASN P 536 43.94 21.22 -10.06
N ILE P 537 42.84 21.73 -9.49
CA ILE P 537 42.28 23.01 -9.88
C ILE P 537 42.21 23.89 -8.63
N SER P 538 42.10 25.20 -8.86
CA SER P 538 42.04 26.17 -7.77
C SER P 538 40.60 26.27 -7.28
N LEU P 539 40.37 25.83 -6.05
CA LEU P 539 39.06 25.86 -5.42
C LEU P 539 39.12 26.73 -4.17
N TYR P 540 38.18 27.67 -4.05
CA TYR P 540 38.10 28.53 -2.89
C TYR P 540 36.67 28.53 -2.37
N PRO P 541 36.48 28.56 -1.05
CA PRO P 541 35.13 28.75 -0.50
C PRO P 541 34.62 30.14 -0.80
N TYR P 542 33.31 30.23 -0.97
CA TYR P 542 32.65 31.49 -1.27
C TYR P 542 31.39 31.64 -0.41
N GLU P 543 30.83 32.84 -0.43
CA GLU P 543 29.66 33.13 0.37
C GLU P 543 28.45 32.35 -0.15
N SER P 544 27.53 32.05 0.77
CA SER P 544 26.35 31.28 0.43
C SER P 544 25.34 32.16 -0.30
N ASP P 545 24.16 31.59 -0.54
CA ASP P 545 23.14 32.27 -1.33
C ASP P 545 22.50 33.40 -0.54
N ASN P 546 21.77 34.26 -1.26
CA ASN P 546 21.15 35.43 -0.64
C ASN P 546 20.03 35.05 0.32
N THR P 547 19.37 33.91 0.09
CA THR P 547 18.32 33.47 1.00
C THR P 547 18.87 33.11 2.37
N MET P 548 20.14 32.71 2.42
CA MET P 548 20.81 32.53 3.70
C MET P 548 21.28 33.85 4.29
N LEU P 549 21.66 34.81 3.44
CA LEU P 549 22.25 36.05 3.92
C LEU P 549 21.22 37.03 4.46
N PHE P 550 20.00 37.05 3.90
CA PHE P 550 19.00 38.02 4.33
C PHE P 550 18.58 37.87 5.79
N PRO P 551 18.27 36.68 6.32
CA PRO P 551 18.03 36.57 7.76
C PRO P 551 19.24 36.94 8.60
N LEU P 552 20.45 36.77 8.07
CA LEU P 552 21.64 37.21 8.79
C LEU P 552 21.66 38.74 8.93
N ILE P 553 21.26 39.46 7.87
CA ILE P 553 21.17 40.92 7.96
C ILE P 553 20.08 41.34 8.94
N ILE P 554 18.93 40.66 8.89
CA ILE P 554 17.84 41.01 9.80
C ILE P 554 18.24 40.74 11.24
N LEU P 555 18.95 39.64 11.49
CA LEU P 555 19.40 39.34 12.85
C LEU P 555 20.54 40.24 13.28
N ILE P 556 21.34 40.75 12.34
CA ILE P 556 22.33 41.78 12.67
C ILE P 556 21.62 43.03 13.18
N MET P 557 20.56 43.44 12.47
CA MET P 557 19.78 44.59 12.92
C MET P 557 19.14 44.35 14.28
N PHE P 558 18.60 43.14 14.48
CA PHE P 558 18.00 42.78 15.76
C PHE P 558 19.03 42.81 16.89
N THR P 559 20.20 42.24 16.65
CA THR P 559 21.26 42.23 17.65
C THR P 559 21.73 43.64 17.98
N LEU P 560 21.82 44.51 16.97
CA LEU P 560 22.26 45.88 17.21
C LEU P 560 21.21 46.68 17.97
N PHE P 561 19.93 46.48 17.68
CA PHE P 561 18.90 47.40 18.16
C PHE P 561 17.87 46.77 19.09
N VAL P 562 18.15 45.58 19.65
CA VAL P 562 17.20 44.99 20.60
C VAL P 562 17.61 45.22 22.05
N GLY P 563 18.83 45.70 22.30
CA GLY P 563 19.21 46.05 23.64
C GLY P 563 18.61 47.35 24.14
N PHE P 564 17.92 48.09 23.28
CA PHE P 564 17.30 49.36 23.63
C PHE P 564 15.85 49.20 24.07
N ILE P 565 15.35 47.96 24.20
CA ILE P 565 14.01 47.75 24.75
C ILE P 565 14.06 47.56 26.26
N GLY P 566 15.22 47.24 26.83
CA GLY P 566 15.36 47.14 28.26
C GLY P 566 16.07 48.34 28.84
N ILE P 567 16.86 49.01 28.00
CA ILE P 567 17.50 50.27 28.39
C ILE P 567 16.53 51.35 27.94
N PRO P 568 16.47 52.51 28.59
CA PRO P 568 15.63 53.59 28.07
C PRO P 568 16.21 54.16 26.79
N PHE P 569 15.36 54.28 25.77
CA PHE P 569 15.77 54.85 24.49
C PHE P 569 15.52 56.35 24.51
N ASN P 570 16.60 57.13 24.37
CA ASN P 570 16.57 58.59 24.42
C ASN P 570 15.91 59.11 25.69
N GLN P 571 16.54 58.80 26.82
CA GLN P 571 16.02 59.20 28.11
C GLN P 571 16.11 60.71 28.29
N GLU P 572 14.99 61.33 28.66
CA GLU P 572 14.91 62.76 28.96
C GLU P 572 14.18 62.90 30.29
N GLY P 573 14.92 62.86 31.39
CA GLY P 573 14.29 62.95 32.70
C GLY P 573 13.69 61.62 33.09
N MET P 574 12.47 61.68 33.64
CA MET P 574 11.77 60.47 34.07
C MET P 574 11.24 59.74 32.85
N ASP P 575 11.88 58.64 32.49
CA ASP P 575 11.47 57.83 31.34
C ASP P 575 11.67 56.36 31.65
N LEU P 576 10.60 55.59 31.54
CA LEU P 576 10.64 54.14 31.71
C LEU P 576 10.82 53.47 30.36
N ASP P 577 11.63 52.41 30.33
CA ASP P 577 11.90 51.73 29.08
C ASP P 577 10.70 50.88 28.66
N ILE P 578 10.82 50.26 27.49
CA ILE P 578 9.70 49.49 26.93
C ILE P 578 9.43 48.26 27.78
N LEU P 579 10.48 47.61 28.28
CA LEU P 579 10.30 46.35 28.99
C LEU P 579 9.65 46.55 30.35
N THR P 580 10.05 47.58 31.10
CA THR P 580 9.48 47.78 32.41
C THR P 580 8.04 48.30 32.33
N LYS P 581 7.71 49.03 31.27
CA LYS P 581 6.32 49.41 31.03
C LYS P 581 5.51 48.21 30.57
N TRP P 582 6.16 47.29 29.86
CA TRP P 582 5.51 46.04 29.48
C TRP P 582 5.22 45.17 30.70
N LEU P 583 6.23 44.97 31.54
CA LEU P 583 6.08 44.22 32.79
C LEU P 583 5.91 45.17 33.97
N THR P 584 4.82 45.94 33.94
CA THR P 584 4.57 46.89 35.03
C THR P 584 4.34 46.20 36.37
N PRO P 585 3.47 45.16 36.50
CA PRO P 585 3.56 44.33 37.71
C PRO P 585 4.60 43.23 37.54
N SER P 586 5.74 43.36 38.22
CA SER P 586 6.82 42.40 38.05
C SER P 586 7.51 42.18 39.39
N ILE P 587 7.89 40.93 39.65
CA ILE P 587 8.60 40.60 40.88
C ILE P 587 10.02 41.12 40.78
N ASN P 588 10.46 41.84 41.82
CA ASN P 588 11.84 42.32 41.89
C ASN P 588 12.22 42.34 43.38
N LEU P 589 12.83 41.27 43.84
CA LEU P 589 13.14 41.13 45.26
C LEU P 589 14.33 41.98 45.67
N LEU P 590 15.31 42.12 44.79
CA LEU P 590 16.52 42.87 45.14
C LEU P 590 16.30 44.38 45.13
N HIS P 591 15.47 44.87 44.21
CA HIS P 591 15.27 46.31 44.05
C HIS P 591 13.81 46.66 44.27
N SER P 592 13.21 46.13 45.33
CA SER P 592 11.79 46.37 45.62
C SER P 592 11.52 47.77 46.16
N ASN P 593 12.56 48.56 46.46
CA ASN P 593 12.38 49.89 47.02
C ASN P 593 13.00 51.00 46.19
N SER P 594 13.81 50.68 45.18
CA SER P 594 14.50 51.69 44.38
C SER P 594 13.81 51.82 43.04
N GLU P 595 13.09 52.93 42.85
CA GLU P 595 12.44 53.23 41.56
C GLU P 595 13.36 54.17 40.79
N ASN P 596 14.50 53.63 40.37
CA ASN P 596 15.54 54.40 39.72
C ASN P 596 15.42 54.30 38.20
N PHE P 597 15.76 55.39 37.52
CA PHE P 597 15.84 55.41 36.06
C PHE P 597 17.31 55.44 35.66
N VAL P 598 17.75 54.40 34.97
CA VAL P 598 19.13 54.29 34.53
C VAL P 598 19.31 55.14 33.27
N ASP P 599 20.56 55.42 32.90
CA ASP P 599 20.87 56.28 31.78
C ASP P 599 21.67 55.53 30.73
N TRP P 600 21.51 55.94 29.47
CA TRP P 600 22.17 55.28 28.35
C TRP P 600 23.68 55.44 28.42
N TYR P 601 24.16 56.65 28.71
CA TYR P 601 25.60 56.93 28.75
C TYR P 601 26.19 56.87 30.15
N GLU P 602 25.40 56.50 31.16
CA GLU P 602 25.91 56.35 32.51
C GLU P 602 26.13 54.89 32.91
N PHE P 603 25.49 53.94 32.23
CA PHE P 603 25.60 52.55 32.61
C PHE P 603 26.98 52.00 32.25
N VAL P 604 27.57 52.48 31.15
CA VAL P 604 28.92 52.07 30.78
C VAL P 604 29.98 52.59 31.74
N ILE P 605 29.62 53.51 32.63
CA ILE P 605 30.56 53.97 33.65
C ILE P 605 30.64 52.96 34.80
N ASN P 606 29.49 52.47 35.26
CA ASN P 606 29.46 51.50 36.34
C ASN P 606 29.75 50.08 35.88
N ALA P 607 29.85 49.85 34.57
CA ALA P 607 30.15 48.53 34.02
C ALA P 607 31.61 48.40 33.61
N ILE P 608 32.53 49.10 34.28
CA ILE P 608 33.94 49.03 33.91
C ILE P 608 34.50 47.65 34.21
N PHE P 609 34.06 47.03 35.31
CA PHE P 609 34.62 45.74 35.71
C PHE P 609 34.32 44.64 34.71
N SER P 610 33.06 44.55 34.26
CA SER P 610 32.68 43.49 33.33
C SER P 610 33.37 43.65 31.98
N ILE P 611 33.43 44.88 31.46
CA ILE P 611 34.13 45.13 30.21
C ILE P 611 35.62 44.89 30.36
N SER P 612 36.20 45.20 31.53
CA SER P 612 37.62 44.96 31.76
C SER P 612 37.93 43.46 31.75
N ILE P 613 37.10 42.66 32.41
CA ILE P 613 37.33 41.22 32.43
C ILE P 613 37.10 40.61 31.05
N ALA P 614 36.09 41.11 30.33
CA ALA P 614 35.87 40.65 28.96
C ALA P 614 37.05 40.99 28.06
N PHE P 615 37.61 42.19 28.21
CA PHE P 615 38.78 42.57 27.43
C PHE P 615 40.01 41.78 27.83
N PHE P 616 40.11 41.39 29.10
CA PHE P 616 41.19 40.49 29.51
C PHE P 616 41.08 39.14 28.83
N GLY P 617 39.87 38.58 28.77
CA GLY P 617 39.66 37.34 28.05
C GLY P 617 39.94 37.47 26.56
N ILE P 618 39.55 38.61 25.98
CA ILE P 618 39.80 38.87 24.57
C ILE P 618 41.30 39.01 24.30
N PHE P 619 42.03 39.62 25.23
CA PHE P 619 43.49 39.71 25.10
C PHE P 619 44.14 38.34 25.19
N ILE P 620 43.65 37.48 26.07
CA ILE P 620 44.17 36.11 26.16
C ILE P 620 43.91 35.36 24.85
N ALA P 621 42.69 35.49 24.32
CA ALA P 621 42.37 34.84 23.05
C ALA P 621 43.21 35.38 21.90
N PHE P 622 43.45 36.69 21.89
CA PHE P 622 44.29 37.31 20.85
C PHE P 622 45.72 36.82 20.95
N PHE P 623 46.25 36.69 22.17
CA PHE P 623 47.60 36.16 22.33
C PHE P 623 47.69 34.72 21.88
N PHE P 624 46.66 33.93 22.17
CA PHE P 624 46.71 32.51 21.85
C PHE P 624 46.52 32.24 20.36
N TYR P 625 45.57 32.92 19.72
CA TYR P 625 45.08 32.47 18.42
C TYR P 625 45.19 33.48 17.29
N LYS P 626 45.70 34.68 17.52
CA LYS P 626 45.78 35.58 16.39
C LYS P 626 46.97 35.20 15.49
N PRO P 627 46.87 35.49 14.18
CA PRO P 627 47.94 35.10 13.27
C PRO P 627 49.23 35.87 13.55
N ILE P 628 50.34 35.27 13.10
CA ILE P 628 51.66 35.85 13.34
C ILE P 628 51.84 37.16 12.59
N TYR P 629 51.16 37.33 11.45
CA TYR P 629 51.28 38.54 10.67
C TYR P 629 50.42 39.69 11.20
N SER P 630 49.59 39.44 12.21
CA SER P 630 48.80 40.51 12.79
C SER P 630 49.69 41.47 13.56
N SER P 631 49.41 42.77 13.40
CA SER P 631 50.22 43.79 14.06
C SER P 631 50.02 43.80 15.57
N LEU P 632 48.91 43.25 16.06
CA LEU P 632 48.65 43.21 17.49
C LEU P 632 49.52 42.21 18.22
N LYS P 633 50.10 41.24 17.49
CA LYS P 633 50.93 40.21 18.11
C LYS P 633 52.39 40.60 17.98
N ASN P 634 53.01 40.93 19.12
CA ASN P 634 54.39 41.39 19.13
C ASN P 634 55.36 40.21 19.13
N PHE P 635 56.47 40.37 18.42
CA PHE P 635 57.46 39.31 18.33
C PHE P 635 58.17 39.08 19.67
N ASP P 636 58.46 40.16 20.39
CA ASP P 636 59.17 40.03 21.67
C ASP P 636 58.32 39.32 22.71
N LEU P 637 57.01 39.59 22.74
CA LEU P 637 56.13 38.92 23.68
C LEU P 637 56.05 37.42 23.38
N ILE P 638 56.02 37.05 22.11
CA ILE P 638 56.05 35.64 21.74
C ILE P 638 57.39 35.01 22.11
N ASN P 639 58.48 35.78 21.97
CA ASN P 639 59.78 35.28 22.40
C ASN P 639 59.81 35.03 23.91
N SER P 640 59.13 35.88 24.68
CA SER P 640 58.99 35.63 26.11
C SER P 640 58.16 34.37 26.39
N PHE P 641 57.32 33.96 25.44
CA PHE P 641 56.55 32.72 25.53
C PHE P 641 57.17 31.64 24.65
N ASP P 642 58.51 31.57 24.64
CA ASP P 642 59.20 30.60 23.80
C ASP P 642 58.92 29.17 24.27
N LYS P 643 58.68 28.98 25.58
CA LYS P 643 58.36 27.69 26.21
C LYS P 643 59.26 26.54 25.74
N ARG P 644 60.54 26.86 25.52
CA ARG P 644 61.48 25.90 24.97
C ARG P 644 61.66 24.71 25.91
N GLY P 645 61.60 23.51 25.35
CA GLY P 645 61.56 22.30 26.13
C GLY P 645 60.18 21.77 26.42
N GLN P 646 59.14 22.38 25.85
CA GLN P 646 57.72 22.08 26.10
C GLN P 646 57.46 21.86 27.60
N LYS P 647 57.65 22.97 28.34
CA LYS P 647 57.69 22.99 29.80
C LYS P 647 56.49 22.26 30.42
N ARG P 648 56.80 21.19 31.16
CA ARG P 648 55.78 20.30 31.71
C ARG P 648 54.96 20.98 32.80
N ILE P 649 55.48 22.05 33.40
CA ILE P 649 54.72 22.81 34.39
C ILE P 649 53.51 23.47 33.74
N LEU P 650 53.62 23.79 32.44
CA LEU P 650 52.50 24.39 31.71
C LEU P 650 51.62 23.36 31.02
N GLY P 651 52.19 22.24 30.59
CA GLY P 651 51.44 21.29 29.77
C GLY P 651 50.28 20.64 30.53
N ASP P 652 50.54 20.18 31.74
CA ASP P 652 49.50 19.54 32.54
C ASP P 652 48.80 20.50 33.49
N ASN P 653 49.22 21.76 33.55
CA ASN P 653 48.54 22.73 34.40
C ASN P 653 47.15 23.06 33.85
N ILE P 654 47.06 23.35 32.56
CA ILE P 654 45.82 23.72 31.92
C ILE P 654 45.53 22.86 30.70
N ILE P 655 46.49 22.77 29.77
CA ILE P 655 46.21 22.29 28.42
C ILE P 655 45.68 20.86 28.44
N THR P 656 46.38 19.97 29.15
CA THR P 656 45.89 18.59 29.29
C THR P 656 44.58 18.56 30.05
N ILE P 657 44.48 19.30 31.15
CA ILE P 657 43.28 19.26 31.99
C ILE P 657 42.09 19.88 31.27
N ILE P 658 42.29 21.06 30.65
CA ILE P 658 41.20 21.71 29.95
C ILE P 658 40.76 20.89 28.74
N TYR P 659 41.71 20.34 27.99
CA TYR P 659 41.35 19.53 26.82
C TYR P 659 40.62 18.26 27.23
N ASN P 660 41.04 17.62 28.32
CA ASN P 660 40.35 16.42 28.77
C ASN P 660 38.97 16.76 29.34
N TRP P 661 38.83 17.92 29.97
CA TRP P 661 37.53 18.35 30.47
C TRP P 661 36.56 18.62 29.33
N SER P 662 37.03 19.29 28.28
CA SER P 662 36.15 19.63 27.17
C SER P 662 35.87 18.43 26.28
N ALA P 663 36.85 17.55 26.09
CA ALA P 663 36.68 16.40 25.19
C ALA P 663 35.78 15.34 25.81
N ASN P 664 35.97 15.07 27.11
CA ASN P 664 35.17 14.07 27.80
C ASN P 664 33.83 14.59 28.28
N ARG P 665 33.46 15.81 27.86
CA ARG P 665 32.16 16.42 28.16
C ARG P 665 31.93 16.56 29.66
N GLY P 666 33.00 16.82 30.42
CA GLY P 666 32.89 17.01 31.85
C GLY P 666 32.74 15.75 32.67
N TYR P 667 32.86 14.58 32.04
CA TYR P 667 32.82 13.25 32.65
C TYR P 667 31.45 12.89 33.23
N ILE P 668 30.47 13.78 33.16
CA ILE P 668 29.14 13.44 33.65
C ILE P 668 28.46 12.45 32.72
N ASP P 669 28.47 12.74 31.42
CA ASP P 669 27.73 11.94 30.45
C ASP P 669 28.21 10.50 30.42
N ALA P 670 29.54 10.31 30.41
CA ALA P 670 30.10 8.96 30.48
C ALA P 670 29.67 8.25 31.75
N PHE P 671 29.62 8.99 32.87
CA PHE P 671 29.07 8.42 34.10
C PHE P 671 27.63 8.00 33.91
N TYR P 672 26.84 8.84 33.23
CA TYR P 672 25.46 8.49 32.92
C TYR P 672 25.39 7.25 32.04
N SER P 673 26.41 7.03 31.21
CA SER P 673 26.48 5.77 30.48
C SER P 673 26.89 4.63 31.39
N THR P 674 27.85 4.87 32.28
CA THR P 674 28.38 3.78 33.10
C THR P 674 27.41 3.38 34.20
N PHE P 675 26.81 4.36 34.88
CA PHE P 675 25.96 4.07 36.03
C PHE P 675 24.52 3.76 35.63
N LEU P 676 23.86 4.69 34.96
CA LEU P 676 22.44 4.52 34.66
C LEU P 676 22.22 3.56 33.50
N ILE P 677 22.68 3.97 32.30
CA ILE P 677 22.25 3.35 31.04
C ILE P 677 22.54 1.86 31.04
N LYS P 678 23.83 1.50 31.11
CA LYS P 678 24.22 0.09 31.16
C LYS P 678 23.54 -0.62 32.30
N GLY P 679 23.48 0.03 33.47
CA GLY P 679 22.81 -0.58 34.61
C GLY P 679 21.38 -0.92 34.30
N ILE P 680 20.63 0.03 33.71
CA ILE P 680 19.23 -0.25 33.41
C ILE P 680 19.14 -1.36 32.38
N ARG P 681 20.11 -1.41 31.44
CA ARG P 681 20.16 -2.50 30.48
C ARG P 681 20.27 -3.83 31.20
N SER P 682 21.23 -3.92 32.13
CA SER P 682 21.39 -5.14 32.91
C SER P 682 20.12 -5.45 33.67
N LEU P 683 19.50 -4.41 34.26
CA LEU P 683 18.27 -4.61 35.01
C LEU P 683 17.20 -5.22 34.12
N SER P 684 17.08 -4.70 32.89
CA SER P 684 16.10 -5.22 31.95
C SER P 684 16.34 -6.71 31.72
N GLU P 685 17.60 -7.07 31.44
CA GLU P 685 17.93 -8.47 31.21
C GLU P 685 17.59 -9.31 32.43
N LEU P 686 17.93 -8.79 33.62
CA LEU P 686 17.64 -9.51 34.85
C LEU P 686 16.15 -9.76 34.97
N VAL P 687 15.34 -8.73 34.70
CA VAL P 687 13.89 -8.88 34.77
C VAL P 687 13.44 -9.92 33.76
N SER P 688 14.00 -9.85 32.54
CA SER P 688 13.65 -10.82 31.51
C SER P 688 14.01 -12.23 31.97
N PHE P 689 15.15 -12.37 32.66
CA PHE P 689 15.54 -13.67 33.18
C PHE P 689 14.50 -14.18 34.16
N PHE P 690 14.01 -13.30 35.04
CA PHE P 690 13.00 -13.71 36.01
C PHE P 690 11.67 -14.00 35.33
N ASP P 691 11.47 -13.48 34.12
CA ASP P 691 10.25 -13.81 33.38
C ASP P 691 10.41 -15.04 32.51
N ARG P 692 11.62 -15.58 32.40
CA ARG P 692 11.86 -16.70 31.50
C ARG P 692 12.14 -18.01 32.22
N ARG P 693 12.80 -17.96 33.37
CA ARG P 693 13.23 -19.17 34.06
C ARG P 693 12.50 -19.44 35.36
N ILE P 694 11.94 -18.42 36.01
CA ILE P 694 11.29 -18.62 37.30
C ILE P 694 9.78 -18.57 37.14
N ILE P 695 9.26 -17.44 36.65
CA ILE P 695 7.81 -17.30 36.51
C ILE P 695 7.29 -18.18 35.39
N ASP P 696 7.98 -18.20 34.25
CA ASP P 696 7.58 -19.06 33.14
C ASP P 696 7.92 -20.52 33.36
N GLY P 697 8.72 -20.83 34.39
CA GLY P 697 9.03 -22.22 34.68
C GLY P 697 7.91 -22.98 35.35
N ILE P 698 6.98 -22.28 35.99
CA ILE P 698 5.84 -22.92 36.66
C ILE P 698 4.89 -23.60 35.66
N PRO P 699 4.41 -22.96 34.58
CA PRO P 699 3.50 -23.68 33.68
C PRO P 699 4.20 -24.74 32.84
N ASN P 700 5.39 -24.41 32.32
CA ASN P 700 6.18 -25.41 31.60
C ASN P 700 6.60 -26.55 32.52
N GLY P 701 6.89 -26.24 33.79
CA GLY P 701 7.16 -27.29 34.75
C GLY P 701 5.94 -28.16 35.02
N PHE P 702 4.76 -27.54 35.06
CA PHE P 702 3.52 -28.30 35.18
C PHE P 702 3.36 -29.28 34.02
N GLY P 703 3.58 -28.80 32.80
CA GLY P 703 3.47 -29.66 31.63
C GLY P 703 4.50 -30.78 31.63
N VAL P 704 5.75 -30.46 31.97
CA VAL P 704 6.81 -31.46 31.97
C VAL P 704 6.56 -32.52 33.04
N THR P 705 6.15 -32.10 34.24
CA THR P 705 5.84 -33.07 35.28
C THR P 705 4.63 -33.92 34.93
N SER P 706 3.62 -33.33 34.26
CA SER P 706 2.48 -34.12 33.81
C SER P 706 2.91 -35.19 32.81
N PHE P 707 3.77 -34.79 31.86
CA PHE P 707 4.30 -35.75 30.88
C PHE P 707 5.08 -36.86 31.56
N PHE P 708 5.94 -36.51 32.53
CA PHE P 708 6.78 -37.50 33.19
C PHE P 708 5.95 -38.47 34.03
N VAL P 709 4.97 -37.95 34.78
CA VAL P 709 4.14 -38.83 35.60
C VAL P 709 3.28 -39.73 34.73
N GLY P 710 2.74 -39.20 33.62
CA GLY P 710 1.98 -40.04 32.71
C GLY P 710 2.81 -41.14 32.11
N GLU P 711 4.03 -40.82 31.68
CA GLU P 711 4.93 -41.84 31.13
C GLU P 711 5.31 -42.88 32.18
N GLY P 712 5.55 -42.43 33.41
CA GLY P 712 5.92 -43.37 34.46
C GLY P 712 4.80 -44.33 34.82
N ILE P 713 3.57 -43.81 34.92
CA ILE P 713 2.44 -44.67 35.21
C ILE P 713 2.16 -45.61 34.05
N LYS P 714 2.37 -45.13 32.81
CA LYS P 714 2.20 -46.00 31.66
C LYS P 714 3.22 -47.14 31.64
N TYR P 715 4.48 -46.84 31.98
CA TYR P 715 5.55 -47.83 31.88
C TYR P 715 5.72 -48.70 33.12
N VAL P 716 5.11 -48.34 34.24
CA VAL P 716 5.41 -49.05 35.49
C VAL P 716 4.70 -50.40 35.60
N GLY P 717 3.62 -50.62 34.85
CA GLY P 717 2.87 -51.85 34.97
C GLY P 717 3.55 -53.08 34.40
N GLY P 718 3.69 -53.13 33.08
CA GLY P 718 4.34 -54.26 32.43
C GLY P 718 3.56 -54.84 31.27
N GLY P 719 2.24 -54.81 31.36
CA GLY P 719 1.40 -55.32 30.28
C GLY P 719 1.14 -56.81 30.31
N ARG P 720 1.61 -57.52 31.32
CA ARG P 720 1.38 -58.95 31.42
C ARG P 720 0.09 -59.21 32.18
N ILE P 721 -0.57 -60.33 31.85
CA ILE P 721 -1.88 -60.63 32.42
C ILE P 721 -1.77 -60.95 33.91
N SER P 722 -0.69 -61.64 34.30
CA SER P 722 -0.49 -61.96 35.72
C SER P 722 -0.31 -60.69 36.55
N SER P 723 0.43 -59.71 36.02
CA SER P 723 0.57 -58.43 36.69
C SER P 723 -0.78 -57.71 36.78
N TYR P 724 -1.59 -57.80 35.73
CA TYR P 724 -2.91 -57.19 35.74
C TYR P 724 -3.76 -57.77 36.86
N LEU P 725 -3.77 -59.10 36.98
CA LEU P 725 -4.57 -59.77 38.00
C LEU P 725 -4.04 -59.44 39.40
N PHE P 726 -2.72 -59.42 39.57
CA PHE P 726 -2.14 -59.13 40.88
C PHE P 726 -2.44 -57.70 41.33
N TRP P 727 -2.34 -56.73 40.42
CA TRP P 727 -2.69 -55.36 40.78
C TRP P 727 -4.19 -55.21 40.99
N TYR P 728 -5.01 -55.94 40.23
CA TYR P 728 -6.46 -55.92 40.43
C TYR P 728 -6.85 -56.49 41.79
N LEU P 729 -6.07 -57.44 42.32
CA LEU P 729 -6.39 -58.09 43.58
C LEU P 729 -5.75 -57.43 44.81
N LEU P 730 -4.61 -56.75 44.64
CA LEU P 730 -3.99 -56.07 45.77
C LEU P 730 -4.90 -54.98 46.32
N TYR P 731 -5.55 -54.22 45.43
CA TYR P 731 -6.41 -53.14 45.91
C TYR P 731 -7.70 -53.68 46.51
N VAL P 732 -8.17 -54.84 46.05
CA VAL P 732 -9.29 -55.51 46.72
C VAL P 732 -8.90 -55.90 48.14
N SER P 733 -7.69 -56.45 48.31
CA SER P 733 -7.21 -56.80 49.63
C SER P 733 -7.07 -55.56 50.52
N ILE P 734 -6.58 -54.46 49.94
CA ILE P 734 -6.42 -53.22 50.69
C ILE P 734 -7.78 -52.68 51.14
N PHE P 735 -8.76 -52.70 50.24
CA PHE P 735 -10.10 -52.24 50.59
C PHE P 735 -10.71 -53.11 51.69
N LEU P 736 -10.52 -54.43 51.59
CA LEU P 736 -11.06 -55.34 52.60
C LEU P 736 -10.40 -55.12 53.96
N PHE P 737 -9.09 -54.86 53.97
CA PHE P 737 -8.40 -54.61 55.23
C PHE P 737 -8.80 -53.26 55.81
N ILE P 738 -9.08 -52.28 54.95
CA ILE P 738 -9.45 -50.95 55.43
C ILE P 738 -10.85 -50.97 56.04
N PHE P 739 -11.82 -51.55 55.33
CA PHE P 739 -13.22 -51.40 55.72
C PHE P 739 -13.71 -52.47 56.67
N THR P 740 -12.93 -53.51 56.95
CA THR P 740 -13.34 -54.54 57.90
C THR P 740 -12.44 -54.61 59.12
N PHE P 741 -11.12 -54.68 58.93
CA PHE P 741 -10.21 -54.80 60.06
C PHE P 741 -10.14 -53.48 60.83
N THR P 742 -9.74 -52.41 60.17
CA THR P 742 -9.63 -51.11 60.81
C THR P 742 -10.94 -50.34 60.71
N MET Q 1 -33.22 -84.92 59.82
CA MET Q 1 -32.82 -85.27 58.47
C MET Q 1 -31.34 -85.04 58.25
N ASP Q 2 -30.50 -85.80 58.96
CA ASP Q 2 -29.06 -85.63 58.88
C ASP Q 2 -28.38 -86.90 59.37
N LEU Q 3 -27.06 -86.94 59.19
CA LEU Q 3 -26.22 -87.98 59.75
C LEU Q 3 -26.07 -87.76 61.25
N PRO Q 4 -25.57 -88.77 61.98
CA PRO Q 4 -25.20 -88.53 63.38
C PRO Q 4 -24.14 -87.45 63.49
N GLY Q 5 -24.20 -86.72 64.60
CA GLY Q 5 -23.37 -85.55 64.84
C GLY Q 5 -21.88 -85.75 64.67
N PRO Q 6 -21.28 -86.63 65.48
CA PRO Q 6 -19.83 -86.91 65.32
C PRO Q 6 -19.45 -87.40 63.93
N ILE Q 7 -20.30 -88.23 63.31
CA ILE Q 7 -20.03 -88.68 61.96
C ILE Q 7 -20.07 -87.50 60.99
N HIS Q 8 -21.03 -86.59 61.16
CA HIS Q 8 -21.13 -85.42 60.30
C HIS Q 8 -19.91 -84.53 60.42
N ASP Q 9 -19.46 -84.27 61.66
CA ASP Q 9 -18.28 -83.43 61.85
C ASP Q 9 -17.01 -84.09 61.32
N PHE Q 10 -16.87 -85.41 61.53
CA PHE Q 10 -15.71 -86.10 61.01
C PHE Q 10 -15.69 -86.09 59.49
N LEU Q 11 -16.86 -86.27 58.87
CA LEU Q 11 -16.95 -86.18 57.42
C LEU Q 11 -16.60 -84.78 56.93
N LEU Q 12 -17.05 -83.75 57.66
CA LEU Q 12 -16.70 -82.38 57.31
C LEU Q 12 -15.19 -82.18 57.32
N VAL Q 13 -14.53 -82.62 58.39
CA VAL Q 13 -13.08 -82.45 58.51
C VAL Q 13 -12.35 -83.24 57.44
N PHE Q 14 -12.77 -84.48 57.20
CA PHE Q 14 -12.08 -85.34 56.23
C PHE Q 14 -12.22 -84.80 54.81
N LEU Q 15 -13.45 -84.41 54.42
CA LEU Q 15 -13.65 -83.85 53.10
C LEU Q 15 -12.98 -82.49 52.94
N GLY Q 16 -12.88 -81.72 54.03
CA GLY Q 16 -12.14 -80.48 53.97
C GLY Q 16 -10.66 -80.69 53.75
N SER Q 17 -10.09 -81.70 54.42
CA SER Q 17 -8.67 -82.03 54.19
C SER Q 17 -8.45 -82.50 52.76
N GLY Q 18 -9.35 -83.33 52.24
CA GLY Q 18 -9.24 -83.76 50.85
C GLY Q 18 -9.36 -82.61 49.87
N LEU Q 19 -10.27 -81.67 50.14
CA LEU Q 19 -10.43 -80.49 49.31
C LEU Q 19 -9.18 -79.61 49.34
N ILE Q 20 -8.60 -79.44 50.53
CA ILE Q 20 -7.37 -78.65 50.64
C ILE Q 20 -6.23 -79.30 49.86
N LEU Q 21 -6.11 -80.63 49.98
CA LEU Q 21 -5.09 -81.35 49.23
C LEU Q 21 -5.29 -81.20 47.72
N GLY Q 22 -6.54 -81.32 47.26
CA GLY Q 22 -6.81 -81.18 45.84
C GLY Q 22 -6.53 -79.78 45.32
N ALA Q 23 -6.93 -78.76 46.07
CA ALA Q 23 -6.68 -77.38 45.64
C ALA Q 23 -5.18 -77.07 45.63
N LEU Q 24 -4.45 -77.55 46.65
CA LEU Q 24 -3.00 -77.35 46.67
C LEU Q 24 -2.34 -78.09 45.51
N GLY Q 25 -2.84 -79.27 45.16
CA GLY Q 25 -2.34 -79.94 43.97
C GLY Q 25 -2.62 -79.17 42.70
N VAL Q 26 -3.78 -78.50 42.64
CA VAL Q 26 -4.11 -77.68 41.47
C VAL Q 26 -3.12 -76.52 41.35
N VAL Q 27 -2.83 -75.84 42.45
CA VAL Q 27 -2.07 -74.61 42.36
C VAL Q 27 -0.57 -74.82 42.54
N LEU Q 28 -0.12 -76.08 42.58
CA LEU Q 28 1.30 -76.37 42.74
C LEU Q 28 1.86 -77.31 41.68
N PHE Q 29 1.06 -77.74 40.72
CA PHE Q 29 1.48 -78.70 39.71
C PHE Q 29 1.79 -77.99 38.40
N THR Q 30 2.94 -78.31 37.81
CA THR Q 30 3.31 -77.75 36.52
C THR Q 30 2.48 -78.35 35.40
N ASN Q 31 2.30 -79.66 35.43
CA ASN Q 31 1.54 -80.35 34.38
C ASN Q 31 0.07 -79.99 34.50
N PRO Q 32 -0.57 -79.49 33.43
CA PRO Q 32 -2.02 -79.29 33.48
C PRO Q 32 -2.79 -80.58 33.68
N ILE Q 33 -2.23 -81.72 33.30
CA ILE Q 33 -2.89 -83.00 33.51
C ILE Q 33 -2.97 -83.34 35.00
N PHE Q 34 -1.85 -83.18 35.71
CA PHE Q 34 -1.82 -83.50 37.14
C PHE Q 34 -2.72 -82.55 37.92
N SER Q 35 -2.66 -81.25 37.60
CA SER Q 35 -3.50 -80.28 38.28
C SER Q 35 -4.97 -80.47 37.92
N ALA Q 36 -5.27 -80.92 36.70
CA ALA Q 36 -6.65 -81.26 36.36
C ALA Q 36 -7.13 -82.45 37.18
N PHE Q 37 -6.28 -83.46 37.36
CA PHE Q 37 -6.67 -84.61 38.16
C PHE Q 37 -6.86 -84.24 39.63
N SER Q 38 -6.09 -83.26 40.13
CA SER Q 38 -6.36 -82.74 41.47
C SER Q 38 -7.67 -81.95 41.52
N LEU Q 39 -7.96 -81.22 40.44
CA LEU Q 39 -9.25 -80.53 40.33
C LEU Q 39 -10.41 -81.51 40.39
N GLY Q 40 -10.23 -82.69 39.81
CA GLY Q 40 -11.26 -83.72 39.91
C GLY Q 40 -11.52 -84.17 41.34
N LEU Q 41 -10.46 -84.29 42.13
CA LEU Q 41 -10.62 -84.57 43.56
C LEU Q 41 -11.39 -83.46 44.25
N VAL Q 42 -11.09 -82.21 43.89
CA VAL Q 42 -11.82 -81.07 44.45
C VAL Q 42 -13.31 -81.16 44.09
N LEU Q 43 -13.60 -81.49 42.83
CA LEU Q 43 -14.98 -81.62 42.36
C LEU Q 43 -15.73 -82.71 43.13
N VAL Q 44 -15.08 -83.86 43.33
CA VAL Q 44 -15.71 -84.96 44.04
C VAL Q 44 -15.97 -84.58 45.49
N CYS Q 45 -14.99 -83.93 46.15
CA CYS Q 45 -15.17 -83.51 47.53
C CYS Q 45 -16.29 -82.48 47.66
N ILE Q 46 -16.40 -81.57 46.69
CA ILE Q 46 -17.44 -80.55 46.74
C ILE Q 46 -18.81 -81.17 46.52
N SER Q 47 -18.90 -82.16 45.62
CA SER Q 47 -20.16 -82.88 45.45
C SER Q 47 -20.55 -83.62 46.71
N LEU Q 48 -19.57 -84.21 47.40
CA LEU Q 48 -19.85 -84.86 48.67
C LEU Q 48 -20.29 -83.86 49.73
N PHE Q 49 -19.74 -82.65 49.70
CA PHE Q 49 -20.20 -81.58 50.59
C PHE Q 49 -21.65 -81.22 50.30
N TYR Q 50 -22.01 -81.15 49.02
CA TYR Q 50 -23.40 -80.86 48.65
C TYR Q 50 -24.33 -81.95 49.14
N ILE Q 51 -23.92 -83.22 48.98
CA ILE Q 51 -24.70 -84.33 49.52
C ILE Q 51 -24.83 -84.21 51.03
N LEU Q 52 -23.75 -83.77 51.69
CA LEU Q 52 -23.77 -83.60 53.14
C LEU Q 52 -24.78 -82.56 53.58
N ALA Q 53 -24.82 -81.40 52.92
CA ALA Q 53 -25.68 -80.33 53.41
C ALA Q 53 -27.16 -80.66 53.30
N ASN Q 54 -27.74 -80.55 52.10
CA ASN Q 54 -28.98 -81.24 51.77
C ASN Q 54 -29.12 -81.48 50.28
N SER Q 55 -28.13 -81.06 49.50
CA SER Q 55 -28.29 -80.92 48.06
C SER Q 55 -27.97 -82.24 47.38
N HIS Q 56 -29.01 -83.04 47.16
CA HIS Q 56 -28.86 -84.31 46.45
C HIS Q 56 -29.01 -84.15 44.95
N PHE Q 57 -29.60 -83.05 44.48
CA PHE Q 57 -29.67 -82.77 43.05
C PHE Q 57 -28.51 -81.92 42.58
N VAL Q 58 -28.12 -80.92 43.37
CA VAL Q 58 -27.00 -80.06 43.00
C VAL Q 58 -25.71 -80.86 42.99
N ALA Q 59 -25.57 -81.85 43.88
CA ALA Q 59 -24.40 -82.71 43.87
C ALA Q 59 -24.31 -83.52 42.59
N SER Q 60 -25.44 -84.08 42.14
CA SER Q 60 -25.45 -84.86 40.91
C SER Q 60 -25.18 -83.98 39.70
N ALA Q 61 -25.76 -82.78 39.67
CA ALA Q 61 -25.51 -81.84 38.59
C ALA Q 61 -24.04 -81.42 38.55
N GLN Q 62 -23.46 -81.15 39.73
CA GLN Q 62 -22.05 -80.83 39.82
C GLN Q 62 -21.19 -81.96 39.28
N LEU Q 63 -21.48 -83.19 39.72
CA LEU Q 63 -20.72 -84.35 39.26
C LEU Q 63 -20.79 -84.48 37.74
N LEU Q 64 -22.00 -84.47 37.17
CA LEU Q 64 -22.17 -84.66 35.75
C LEU Q 64 -21.48 -83.55 34.95
N ILE Q 65 -21.88 -82.30 35.19
CA ILE Q 65 -21.40 -81.19 34.37
C ILE Q 65 -19.90 -80.97 34.56
N TYR Q 66 -19.43 -80.97 35.81
CA TYR Q 66 -18.02 -80.70 36.05
C TYR Q 66 -17.14 -81.88 35.67
N VAL Q 67 -17.68 -83.10 35.67
CA VAL Q 67 -16.91 -84.25 35.17
C VAL Q 67 -16.76 -84.16 33.66
N GLY Q 68 -17.82 -83.76 32.95
CA GLY Q 68 -17.67 -83.46 31.54
C GLY Q 68 -16.67 -82.36 31.30
N ALA Q 69 -16.69 -81.32 32.13
CA ALA Q 69 -15.78 -80.19 31.98
C ALA Q 69 -14.33 -80.62 32.19
N ILE Q 70 -14.05 -81.43 33.22
CA ILE Q 70 -12.67 -81.84 33.46
C ILE Q 70 -12.20 -82.82 32.39
N ASN Q 71 -13.09 -83.67 31.87
CA ASN Q 71 -12.69 -84.57 30.80
C ASN Q 71 -12.30 -83.77 29.56
N VAL Q 72 -13.10 -82.75 29.23
CA VAL Q 72 -12.79 -81.88 28.10
C VAL Q 72 -11.50 -81.11 28.37
N LEU Q 73 -11.30 -80.69 29.62
CA LEU Q 73 -10.10 -79.95 30.00
C LEU Q 73 -8.85 -80.78 29.84
N ILE Q 74 -8.90 -82.04 30.26
CA ILE Q 74 -7.78 -82.96 30.08
C ILE Q 74 -7.50 -83.20 28.61
N ILE Q 75 -8.56 -83.38 27.81
CA ILE Q 75 -8.38 -83.60 26.38
C ILE Q 75 -7.70 -82.40 25.73
N PHE Q 76 -8.17 -81.18 26.03
CA PHE Q 76 -7.61 -80.00 25.41
C PHE Q 76 -6.25 -79.61 25.99
N SER Q 77 -5.93 -80.05 27.20
CA SER Q 77 -4.59 -79.86 27.75
C SER Q 77 -3.59 -80.84 27.15
N VAL Q 78 -4.02 -82.08 26.87
CA VAL Q 78 -3.19 -83.00 26.10
C VAL Q 78 -2.96 -82.44 24.72
N MET Q 79 -4.00 -81.92 24.09
CA MET Q 79 -3.92 -81.52 22.70
C MET Q 79 -3.16 -80.20 22.55
N PHE Q 80 -3.38 -79.24 23.45
CA PHE Q 80 -2.66 -77.96 23.43
C PHE Q 80 -1.58 -77.87 24.52
N MET Q 81 -0.54 -78.69 24.40
CA MET Q 81 0.68 -78.50 25.18
C MET Q 81 1.81 -79.29 24.54
N SER Q 82 3.02 -79.14 25.09
CA SER Q 82 4.21 -79.83 24.60
C SER Q 82 4.19 -81.28 25.05
N GLY Q 83 5.33 -81.97 24.99
CA GLY Q 83 5.45 -83.36 25.38
C GLY Q 83 4.91 -83.66 26.77
N PRO Q 84 4.75 -84.96 27.09
CA PRO Q 84 4.03 -85.35 28.32
C PRO Q 84 4.59 -84.74 29.59
N GLU Q 85 5.92 -84.63 29.67
CA GLU Q 85 6.60 -83.77 30.64
C GLU Q 85 6.26 -84.14 32.08
N TYR Q 86 6.54 -85.40 32.42
CA TYR Q 86 6.50 -85.80 33.82
C TYR Q 86 7.64 -85.17 34.62
N ASP Q 87 8.65 -84.63 33.94
CA ASP Q 87 9.80 -84.05 34.60
C ASP Q 87 9.57 -82.61 35.04
N LYS Q 88 8.47 -81.98 34.62
CA LYS Q 88 8.19 -80.60 35.00
C LYS Q 88 7.98 -80.48 36.51
N LYS Q 89 6.92 -81.10 37.03
CA LYS Q 89 6.90 -81.53 38.43
C LYS Q 89 7.09 -80.42 39.46
N PHE Q 90 6.03 -79.64 39.74
CA PHE Q 90 6.04 -78.56 40.72
C PHE Q 90 6.92 -77.39 40.28
N GLN Q 91 6.41 -76.60 39.34
CA GLN Q 91 7.07 -75.43 38.76
C GLN Q 91 7.74 -74.55 39.82
N LEU Q 92 8.80 -73.87 39.41
CA LEU Q 92 9.72 -73.20 40.31
C LEU Q 92 9.06 -71.99 40.97
N TRP Q 93 9.71 -71.51 42.04
CA TRP Q 93 9.21 -70.42 42.85
C TRP Q 93 9.94 -69.12 42.48
N THR Q 94 9.17 -68.06 42.26
CA THR Q 94 9.71 -66.75 41.96
C THR Q 94 9.24 -65.75 43.02
N VAL Q 95 9.78 -64.55 42.95
CA VAL Q 95 9.35 -63.47 43.84
C VAL Q 95 7.91 -63.07 43.52
N GLY Q 96 7.55 -63.11 42.23
CA GLY Q 96 6.19 -62.78 41.81
C GLY Q 96 5.14 -63.73 42.35
N ASP Q 97 5.52 -64.96 42.70
CA ASP Q 97 4.62 -65.84 43.43
C ASP Q 97 4.63 -65.55 44.92
N GLY Q 98 5.78 -65.16 45.47
CA GLY Q 98 5.90 -64.87 46.89
C GLY Q 98 5.11 -63.67 47.34
N VAL Q 99 5.04 -62.62 46.53
CA VAL Q 99 4.24 -61.45 46.91
C VAL Q 99 2.75 -61.78 46.85
N THR Q 100 2.32 -62.51 45.82
CA THR Q 100 0.91 -62.87 45.70
C THR Q 100 0.49 -63.87 46.77
N SER Q 101 1.41 -64.71 47.25
CA SER Q 101 1.10 -65.57 48.38
C SER Q 101 0.76 -64.75 49.62
N LEU Q 102 1.53 -63.68 49.86
CA LEU Q 102 1.23 -62.79 50.98
C LEU Q 102 -0.11 -62.08 50.79
N VAL Q 103 -0.37 -61.62 49.56
CA VAL Q 103 -1.63 -60.92 49.28
C VAL Q 103 -2.83 -61.84 49.50
N CYS Q 104 -2.73 -63.08 49.00
CA CYS Q 104 -3.83 -64.04 49.17
C CYS Q 104 -3.98 -64.48 50.62
N ILE Q 105 -2.87 -64.56 51.36
CA ILE Q 105 -2.95 -64.88 52.78
C ILE Q 105 -3.67 -63.76 53.52
N SER Q 106 -3.37 -62.50 53.16
CA SER Q 106 -4.08 -61.38 53.77
C SER Q 106 -5.57 -61.40 53.43
N LEU Q 107 -5.91 -61.74 52.18
CA LEU Q 107 -7.32 -61.82 51.79
C LEU Q 107 -8.04 -62.93 52.55
N PHE Q 108 -7.41 -64.09 52.67
CA PHE Q 108 -8.01 -65.21 53.39
C PHE Q 108 -8.15 -64.89 54.87
N VAL Q 109 -7.19 -64.18 55.45
CA VAL Q 109 -7.28 -63.76 56.84
C VAL Q 109 -8.43 -62.77 57.03
N SER Q 110 -8.60 -61.85 56.08
CA SER Q 110 -9.70 -60.90 56.14
C SER Q 110 -11.05 -61.60 56.08
N LEU Q 111 -11.17 -62.62 55.22
CA LEU Q 111 -12.42 -63.38 55.15
C LEU Q 111 -12.66 -64.19 56.42
N ILE Q 112 -11.62 -64.85 56.93
CA ILE Q 112 -11.81 -65.73 58.07
C ILE Q 112 -11.98 -64.95 59.38
N SER Q 113 -11.53 -63.71 59.44
CA SER Q 113 -11.78 -62.90 60.64
C SER Q 113 -13.23 -62.44 60.69
N THR Q 114 -13.94 -62.49 59.57
CA THR Q 114 -15.37 -62.22 59.54
C THR Q 114 -16.18 -63.49 59.75
N ILE Q 115 -15.75 -64.59 59.13
CA ILE Q 115 -16.47 -65.85 59.32
C ILE Q 115 -16.40 -66.31 60.78
N LEU Q 116 -15.23 -66.19 61.40
CA LEU Q 116 -15.06 -66.61 62.79
C LEU Q 116 -15.68 -65.64 63.79
N ASN Q 117 -16.06 -64.43 63.36
CA ASN Q 117 -16.64 -63.44 64.25
C ASN Q 117 -18.15 -63.34 64.14
N THR Q 118 -18.76 -63.92 63.12
CA THR Q 118 -20.19 -63.85 62.90
C THR Q 118 -20.85 -65.11 63.44
N SER Q 119 -21.89 -64.93 64.26
CA SER Q 119 -22.65 -66.06 64.81
C SER Q 119 -23.65 -66.52 63.76
N TRP Q 120 -23.25 -67.51 62.97
CA TRP Q 120 -24.10 -68.01 61.91
C TRP Q 120 -25.29 -68.78 62.43
N TYR Q 121 -25.22 -69.30 63.66
CA TYR Q 121 -26.38 -69.96 64.25
C TYR Q 121 -27.44 -68.97 64.69
N GLY Q 122 -27.05 -67.74 65.01
CA GLY Q 122 -28.02 -66.72 65.38
C GLY Q 122 -28.93 -66.32 64.23
N ILE Q 123 -28.40 -66.31 63.00
CA ILE Q 123 -29.22 -65.97 61.85
C ILE Q 123 -30.26 -67.05 61.57
N ILE Q 124 -29.92 -68.31 61.85
CA ILE Q 124 -30.84 -69.42 61.55
C ILE Q 124 -32.11 -69.31 62.38
N TRP Q 125 -31.98 -68.97 63.66
CA TRP Q 125 -33.16 -68.85 64.51
C TRP Q 125 -34.00 -67.62 64.20
N THR Q 126 -33.49 -66.68 63.41
CA THR Q 126 -34.28 -65.53 62.98
C THR Q 126 -35.08 -65.82 61.71
N THR Q 127 -34.57 -66.69 60.84
CA THR Q 127 -35.26 -67.07 59.61
C THR Q 127 -36.06 -68.36 59.84
N LYS Q 128 -36.98 -68.30 60.80
CA LYS Q 128 -37.79 -69.46 61.12
C LYS Q 128 -38.79 -69.76 60.01
N SER Q 129 -39.51 -68.73 59.54
CA SER Q 129 -40.57 -68.93 58.55
C SER Q 129 -40.03 -69.30 57.18
N ASN Q 130 -38.75 -69.12 56.92
CA ASN Q 130 -38.15 -69.55 55.66
C ASN Q 130 -37.83 -71.04 55.65
N GLN Q 131 -38.00 -71.73 56.77
CA GLN Q 131 -37.64 -73.14 56.88
C GLN Q 131 -38.84 -74.03 57.14
N ILE Q 132 -40.05 -73.55 56.85
CA ILE Q 132 -41.27 -74.33 57.00
C ILE Q 132 -41.64 -74.82 55.61
N LEU Q 133 -41.25 -76.06 55.29
CA LEU Q 133 -41.51 -76.62 53.98
C LEU Q 133 -42.99 -76.92 53.80
N GLU Q 134 -43.41 -76.93 52.53
CA GLU Q 134 -44.75 -77.40 52.20
C GLU Q 134 -44.80 -78.91 52.41
N GLN Q 135 -45.84 -79.36 53.10
CA GLN Q 135 -45.91 -80.77 53.49
C GLN Q 135 -46.18 -81.69 52.31
N ASP Q 136 -46.76 -81.18 51.23
CA ASP Q 136 -47.04 -82.02 50.07
C ASP Q 136 -45.78 -82.33 49.26
N LEU Q 137 -44.79 -81.44 49.30
CA LEU Q 137 -43.57 -81.61 48.51
C LEU Q 137 -42.55 -82.40 49.34
N ILE Q 138 -42.73 -83.72 49.34
CA ILE Q 138 -41.81 -84.60 50.05
C ILE Q 138 -40.46 -84.65 49.35
N ASN Q 139 -40.47 -84.80 48.03
CA ASN Q 139 -39.23 -84.92 47.26
C ASN Q 139 -38.57 -83.55 47.15
N ALA Q 140 -37.30 -83.47 47.55
CA ALA Q 140 -36.57 -82.21 47.46
C ALA Q 140 -36.32 -81.83 46.00
N SER Q 141 -36.07 -82.81 45.14
CA SER Q 141 -35.92 -82.54 43.72
C SER Q 141 -37.22 -82.03 43.12
N GLN Q 142 -38.36 -82.45 43.67
CA GLN Q 142 -39.63 -81.90 43.23
C GLN Q 142 -39.76 -80.42 43.58
N GLN Q 143 -39.32 -80.04 44.78
CA GLN Q 143 -39.32 -78.62 45.14
C GLN Q 143 -38.37 -77.83 44.25
N ILE Q 144 -37.19 -78.37 43.97
CA ILE Q 144 -36.25 -77.66 43.11
C ILE Q 144 -36.79 -77.55 41.70
N GLY Q 145 -37.53 -78.55 41.22
CA GLY Q 145 -38.16 -78.45 39.91
C GLY Q 145 -39.25 -77.41 39.87
N ILE Q 146 -40.10 -77.38 40.89
CA ILE Q 146 -41.20 -76.41 40.94
C ILE Q 146 -40.63 -74.99 41.00
N HIS Q 147 -39.64 -74.76 41.86
CA HIS Q 147 -39.09 -73.42 42.02
C HIS Q 147 -38.15 -73.02 40.89
N LEU Q 148 -37.62 -73.98 40.13
CA LEU Q 148 -36.92 -73.63 38.89
C LEU Q 148 -37.90 -73.28 37.78
N SER Q 149 -39.02 -73.99 37.72
CA SER Q 149 -39.97 -73.77 36.63
C SER Q 149 -40.79 -72.50 36.82
N THR Q 150 -41.17 -72.18 38.06
CA THR Q 150 -42.07 -71.05 38.30
C THR Q 150 -41.34 -69.79 38.77
N ASP Q 151 -40.52 -69.91 39.81
CA ASP Q 151 -39.89 -68.71 40.38
C ASP Q 151 -38.89 -68.09 39.42
N PHE Q 152 -38.11 -68.91 38.72
CA PHE Q 152 -37.04 -68.43 37.85
C PHE Q 152 -37.34 -68.85 36.41
N PHE Q 153 -38.14 -68.05 35.72
CA PHE Q 153 -38.45 -68.28 34.31
C PHE Q 153 -37.48 -67.54 33.40
N LEU Q 154 -37.27 -66.25 33.67
CA LEU Q 154 -36.37 -65.45 32.84
C LEU Q 154 -34.93 -65.96 32.82
N PRO Q 155 -34.29 -66.29 33.96
CA PRO Q 155 -32.97 -66.92 33.85
C PRO Q 155 -33.00 -68.28 33.18
N PHE Q 156 -34.12 -68.99 33.23
CA PHE Q 156 -34.19 -70.33 32.65
C PHE Q 156 -34.11 -70.30 31.13
N GLU Q 157 -34.64 -69.25 30.49
CA GLU Q 157 -34.49 -69.08 29.05
C GLU Q 157 -33.24 -68.29 28.70
N LEU Q 158 -32.81 -67.38 29.59
CA LEU Q 158 -31.57 -66.66 29.36
C LEU Q 158 -30.38 -67.62 29.33
N ILE Q 159 -30.39 -68.64 30.19
CA ILE Q 159 -29.32 -69.62 30.19
C ILE Q 159 -29.36 -70.48 28.93
N SER Q 160 -30.55 -70.70 28.37
CA SER Q 160 -30.65 -71.41 27.10
C SER Q 160 -30.02 -70.61 25.97
N ILE Q 161 -30.32 -69.31 25.91
CA ILE Q 161 -29.71 -68.44 24.92
C ILE Q 161 -28.20 -68.38 25.12
N ILE Q 162 -27.76 -68.30 26.38
CA ILE Q 162 -26.33 -68.25 26.68
C ILE Q 162 -25.62 -69.52 26.21
N LEU Q 163 -26.23 -70.68 26.48
CA LEU Q 163 -25.64 -71.95 26.08
C LEU Q 163 -25.57 -72.07 24.56
N LEU Q 164 -26.63 -71.65 23.86
CA LEU Q 164 -26.62 -71.72 22.39
C LEU Q 164 -25.54 -70.82 21.81
N VAL Q 165 -25.43 -69.59 22.31
CA VAL Q 165 -24.44 -68.66 21.78
C VAL Q 165 -23.03 -69.11 22.14
N SER Q 166 -22.85 -69.68 23.34
CA SER Q 166 -21.55 -70.20 23.73
C SER Q 166 -21.13 -71.37 22.85
N LEU Q 167 -22.08 -72.25 22.52
CA LEU Q 167 -21.80 -73.35 21.61
C LEU Q 167 -21.38 -72.84 20.23
N ILE Q 168 -22.12 -71.84 19.72
CA ILE Q 168 -21.81 -71.29 18.40
C ILE Q 168 -20.44 -70.62 18.40
N GLY Q 169 -20.14 -69.85 19.45
CA GLY Q 169 -18.84 -69.19 19.51
C GLY Q 169 -17.70 -70.17 19.69
N ALA Q 170 -17.91 -71.23 20.46
CA ALA Q 170 -16.88 -72.25 20.63
C ALA Q 170 -16.61 -72.98 19.32
N ILE Q 171 -17.66 -73.25 18.54
CA ILE Q 171 -17.46 -73.90 17.24
C ILE Q 171 -16.75 -72.96 16.28
N ALA Q 172 -17.17 -71.68 16.25
CA ALA Q 172 -16.63 -70.74 15.27
C ALA Q 172 -15.17 -70.39 15.58
N VAL Q 173 -14.84 -70.18 16.86
CA VAL Q 173 -13.49 -69.79 17.22
C VAL Q 173 -12.51 -70.95 17.03
N ALA Q 174 -12.89 -72.14 17.48
CA ALA Q 174 -11.96 -73.26 17.50
C ALA Q 174 -11.82 -73.98 16.17
N ARG Q 175 -12.62 -73.64 15.16
CA ARG Q 175 -12.53 -74.32 13.88
C ARG Q 175 -11.22 -73.96 13.18
N GLN Q 176 -10.70 -74.93 12.42
CA GLN Q 176 -9.42 -74.75 11.74
C GLN Q 176 -9.57 -73.91 10.48
N THR R 1 3.95 -79.28 13.12
CA THR R 1 3.26 -80.56 13.02
C THR R 1 4.18 -81.63 12.45
N THR R 2 5.40 -81.24 12.07
CA THR R 2 6.35 -82.19 11.51
C THR R 2 6.86 -83.16 12.57
N ARG R 3 7.28 -82.64 13.72
CA ARG R 3 7.76 -83.48 14.82
C ARG R 3 7.15 -82.97 16.11
N LYS R 4 7.21 -83.81 17.14
CA LYS R 4 6.68 -83.64 18.49
C LYS R 4 5.15 -83.62 18.49
N ASP R 5 4.53 -83.66 17.31
CA ASP R 5 3.09 -83.80 17.13
C ASP R 5 2.75 -85.13 16.48
N LEU R 6 3.71 -85.72 15.77
CA LEU R 6 3.50 -86.96 15.03
C LEU R 6 3.97 -88.12 15.90
N MET R 7 3.08 -89.05 16.19
CA MET R 7 3.41 -90.18 17.07
C MET R 7 3.91 -91.35 16.23
N ILE R 8 5.14 -91.77 16.48
CA ILE R 8 5.74 -92.90 15.76
C ILE R 8 5.60 -94.12 16.67
N VAL R 9 4.73 -95.05 16.27
CA VAL R 9 4.41 -96.23 17.05
C VAL R 9 4.91 -97.46 16.31
N ASN R 10 5.51 -98.40 17.02
CA ASN R 10 6.09 -99.59 16.38
C ASN R 10 5.11 -100.74 16.55
N MET R 11 4.08 -100.80 15.73
CA MET R 11 3.12 -101.90 15.74
C MET R 11 3.84 -103.10 15.13
N GLY R 12 4.61 -103.78 15.99
CA GLY R 12 5.69 -104.61 15.52
C GLY R 12 5.40 -106.09 15.47
N PRO R 13 6.43 -106.89 15.74
CA PRO R 13 6.29 -108.36 15.59
C PRO R 13 5.23 -108.97 16.47
N HIS R 14 5.01 -108.43 17.66
CA HIS R 14 4.04 -108.97 18.61
C HIS R 14 2.82 -108.05 18.59
N HIS R 15 1.86 -108.37 17.72
CA HIS R 15 0.63 -107.62 17.59
C HIS R 15 -0.38 -108.61 17.05
N PRO R 16 -1.60 -108.65 17.59
CA PRO R 16 -2.59 -109.62 17.10
C PRO R 16 -2.94 -109.45 15.63
N SER R 17 -2.98 -108.22 15.13
CA SER R 17 -3.32 -108.00 13.74
C SER R 17 -2.16 -108.31 12.80
N MET R 18 -0.93 -108.11 13.25
CA MET R 18 0.25 -108.45 12.47
C MET R 18 0.31 -109.96 12.29
N HIS R 19 0.06 -110.43 11.07
CA HIS R 19 0.04 -111.86 10.77
C HIS R 19 1.47 -112.38 10.84
N GLY R 20 1.83 -113.00 11.96
CA GLY R 20 3.18 -113.43 12.17
C GLY R 20 4.04 -112.38 12.86
N VAL R 21 5.12 -111.97 12.20
CA VAL R 21 6.08 -111.08 12.81
C VAL R 21 6.34 -109.86 11.93
N LEU R 22 5.34 -109.46 11.16
CA LEU R 22 5.44 -108.22 10.39
C LEU R 22 5.46 -107.02 11.33
N ARG R 23 6.32 -106.06 11.03
CA ARG R 23 6.43 -104.85 11.84
C ARG R 23 6.04 -103.64 10.99
N LEU R 24 5.25 -102.73 11.57
CA LEU R 24 4.92 -101.47 10.92
C LEU R 24 5.29 -100.33 11.84
N ILE R 25 6.16 -99.44 11.34
CA ILE R 25 6.47 -98.19 12.03
C ILE R 25 5.48 -97.16 11.49
N VAL R 26 4.43 -96.89 12.26
CA VAL R 26 3.31 -96.08 11.80
C VAL R 26 3.40 -94.69 12.44
N THR R 27 3.34 -93.65 11.61
CA THR R 27 3.35 -92.28 12.10
C THR R 27 1.94 -91.74 12.04
N LEU R 28 1.39 -91.38 13.20
CA LEU R 28 0.00 -91.01 13.37
C LEU R 28 -0.13 -89.54 13.72
N ASP R 29 -1.10 -88.87 13.11
CA ASP R 29 -1.49 -87.51 13.46
C ASP R 29 -2.93 -87.56 13.95
N GLY R 30 -3.09 -87.88 15.23
CA GLY R 30 -4.42 -88.03 15.81
C GLY R 30 -5.25 -89.10 15.11
N GLU R 31 -4.81 -90.36 15.22
CA GLU R 31 -5.44 -91.53 14.62
C GLU R 31 -5.48 -91.48 13.10
N ASP R 32 -4.73 -90.58 12.47
CA ASP R 32 -4.61 -90.51 11.02
C ASP R 32 -3.21 -90.93 10.62
N VAL R 33 -3.11 -91.93 9.75
CA VAL R 33 -1.83 -92.50 9.36
C VAL R 33 -1.17 -91.55 8.36
N ILE R 34 -0.15 -90.83 8.81
CA ILE R 34 0.63 -90.01 7.89
C ILE R 34 1.40 -90.89 6.92
N ASP R 35 2.10 -91.90 7.45
CA ASP R 35 2.74 -92.93 6.64
C ASP R 35 3.07 -94.11 7.53
N CYS R 36 3.54 -95.19 6.91
CA CYS R 36 3.97 -96.37 7.64
C CYS R 36 5.15 -96.99 6.91
N GLU R 37 6.08 -97.53 7.68
CA GLU R 37 7.26 -98.20 7.14
C GLU R 37 7.22 -99.67 7.49
N PRO R 38 7.17 -100.58 6.51
CA PRO R 38 7.15 -102.01 6.83
C PRO R 38 8.55 -102.54 7.07
N ILE R 39 8.75 -103.17 8.22
CA ILE R 39 9.97 -103.89 8.55
C ILE R 39 9.63 -105.38 8.60
N VAL R 40 10.31 -106.14 7.75
CA VAL R 40 10.11 -107.59 7.66
C VAL R 40 11.45 -108.26 7.93
N GLY R 41 11.48 -109.58 7.84
CA GLY R 41 12.70 -110.31 8.07
C GLY R 41 12.89 -110.85 9.47
N TYR R 42 11.87 -110.74 10.31
CA TYR R 42 11.92 -111.36 11.64
C TYR R 42 11.78 -112.87 11.57
N LEU R 43 11.44 -113.42 10.41
CA LEU R 43 11.36 -114.86 10.20
C LEU R 43 12.31 -115.31 9.10
N HIS R 44 13.29 -114.48 8.74
CA HIS R 44 14.23 -114.83 7.68
C HIS R 44 15.15 -115.94 8.16
N ARG R 45 14.88 -117.16 7.71
CA ARG R 45 15.67 -118.33 8.07
C ARG R 45 16.76 -118.64 7.04
N GLY R 46 16.92 -117.79 6.03
CA GLY R 46 17.92 -118.02 5.00
C GLY R 46 17.64 -119.24 4.15
N MET R 47 16.37 -119.44 3.77
CA MET R 47 15.98 -120.67 3.09
C MET R 47 16.58 -120.78 1.69
N GLU R 48 16.91 -119.66 1.05
CA GLU R 48 17.56 -119.71 -0.25
C GLU R 48 18.99 -120.26 -0.13
N LYS R 49 19.66 -119.98 0.99
CA LYS R 49 20.98 -120.55 1.22
C LYS R 49 20.89 -122.03 1.55
N ILE R 50 19.86 -122.44 2.31
CA ILE R 50 19.66 -123.85 2.60
C ILE R 50 19.16 -124.60 1.38
N ALA R 51 18.65 -123.89 0.38
CA ALA R 51 18.26 -124.55 -0.86
C ALA R 51 19.47 -125.15 -1.57
N GLU R 52 20.58 -124.44 -1.57
CA GLU R 52 21.84 -125.05 -1.94
C GLU R 52 22.35 -125.92 -0.79
N ASN R 53 23.34 -126.77 -1.11
CA ASN R 53 23.89 -127.77 -0.17
C ASN R 53 22.83 -128.72 0.37
N ARG R 54 21.75 -128.91 -0.39
CA ARG R 54 20.70 -129.86 -0.05
C ARG R 54 20.16 -130.47 -1.33
N THR R 55 20.02 -131.80 -1.35
CA THR R 55 19.37 -132.44 -2.47
C THR R 55 17.86 -132.18 -2.44
N ILE R 56 17.20 -132.48 -3.55
CA ILE R 56 15.76 -132.22 -3.66
C ILE R 56 14.97 -133.08 -2.67
N ILE R 57 15.35 -134.36 -2.55
CA ILE R 57 14.69 -135.24 -1.59
C ILE R 57 15.01 -134.85 -0.15
N GLN R 58 16.04 -134.03 0.05
CA GLN R 58 16.31 -133.45 1.37
C GLN R 58 15.66 -132.10 1.54
N TYR R 59 15.56 -131.31 0.47
CA TYR R 59 15.00 -129.97 0.55
C TYR R 59 13.47 -129.96 0.57
N LEU R 60 12.83 -131.05 0.15
CA LEU R 60 11.36 -131.08 0.11
C LEU R 60 10.68 -130.80 1.46
N PRO R 61 11.14 -131.30 2.61
CA PRO R 61 10.53 -130.86 3.88
C PRO R 61 10.67 -129.37 4.14
N TYR R 62 11.76 -128.74 3.68
CA TYR R 62 11.93 -127.30 3.86
C TYR R 62 10.94 -126.49 3.05
N VAL R 63 10.34 -127.08 2.01
CA VAL R 63 9.57 -126.32 1.04
C VAL R 63 8.27 -125.81 1.65
N THR R 64 7.61 -126.65 2.46
CA THR R 64 6.30 -126.30 3.00
C THR R 64 6.36 -125.19 4.05
N ARG R 65 7.54 -124.70 4.40
CA ARG R 65 7.68 -123.70 5.45
C ARG R 65 7.55 -122.27 4.95
N TRP R 66 7.54 -122.06 3.64
CA TRP R 66 7.00 -120.83 3.05
C TRP R 66 5.58 -121.13 2.59
N ASP R 67 4.65 -120.22 2.91
CA ASP R 67 3.23 -120.40 2.65
C ASP R 67 2.72 -121.70 3.28
N TYR R 68 2.81 -121.75 4.61
CA TYR R 68 2.43 -122.95 5.34
C TYR R 68 0.93 -123.21 5.35
N LEU R 69 0.12 -122.27 4.86
CA LEU R 69 -1.29 -122.54 4.64
C LEU R 69 -1.51 -123.29 3.34
N ALA R 70 -0.93 -122.79 2.25
CA ALA R 70 -0.98 -123.46 0.96
C ALA R 70 0.35 -124.17 0.69
N THR R 71 0.53 -125.31 1.35
CA THR R 71 1.78 -126.05 1.25
C THR R 71 1.92 -126.78 -0.07
N MET R 72 0.82 -127.30 -0.62
CA MET R 72 0.89 -128.04 -1.87
C MET R 72 1.33 -127.18 -3.04
N PHE R 73 1.06 -125.88 -3.01
CA PHE R 73 1.52 -125.03 -4.10
C PHE R 73 3.04 -124.89 -4.11
N THR R 74 3.64 -124.70 -2.94
CA THR R 74 5.10 -124.66 -2.85
C THR R 74 5.70 -126.01 -3.20
N GLU R 75 5.10 -127.10 -2.74
CA GLU R 75 5.59 -128.42 -3.10
C GLU R 75 5.49 -128.65 -4.60
N ALA R 76 4.40 -128.18 -5.23
CA ALA R 76 4.21 -128.34 -6.66
C ALA R 76 5.27 -127.56 -7.44
N ILE R 77 5.55 -126.33 -7.02
CA ILE R 77 6.53 -125.54 -7.76
C ILE R 77 7.93 -126.14 -7.57
N THR R 78 8.24 -126.65 -6.38
CA THR R 78 9.54 -127.26 -6.14
C THR R 78 9.70 -128.55 -6.93
N VAL R 79 8.64 -129.34 -7.06
CA VAL R 79 8.78 -130.59 -7.81
C VAL R 79 8.60 -130.40 -9.31
N ASN R 80 8.05 -129.26 -9.77
CA ASN R 80 7.90 -129.10 -11.21
C ASN R 80 8.98 -128.22 -11.82
N GLY R 81 9.82 -127.57 -11.01
CA GLY R 81 11.01 -126.95 -11.55
C GLY R 81 11.97 -127.97 -12.15
N PRO R 82 12.58 -128.78 -11.28
CA PRO R 82 13.51 -129.82 -11.77
C PRO R 82 12.89 -130.84 -12.71
N GLU R 83 11.61 -131.17 -12.59
CA GLU R 83 11.06 -132.16 -13.53
C GLU R 83 10.84 -131.55 -14.90
N GLN R 84 10.70 -130.22 -14.97
CA GLN R 84 10.73 -129.54 -16.26
C GLN R 84 12.17 -129.41 -16.78
N LEU R 85 13.13 -129.24 -15.88
CA LEU R 85 14.53 -129.19 -16.28
C LEU R 85 14.98 -130.52 -16.89
N GLY R 86 14.59 -131.63 -16.27
CA GLY R 86 14.94 -132.96 -16.72
C GLY R 86 13.98 -133.57 -17.71
N ASN R 87 12.97 -132.82 -18.17
CA ASN R 87 11.98 -133.28 -19.14
C ASN R 87 11.24 -134.53 -18.66
N ILE R 88 10.92 -134.59 -17.38
CA ILE R 88 10.18 -135.71 -16.82
C ILE R 88 8.69 -135.49 -17.03
N GLN R 89 8.02 -136.48 -17.61
CA GLN R 89 6.57 -136.43 -17.77
C GLN R 89 5.87 -136.84 -16.48
N VAL R 90 4.65 -136.35 -16.32
CA VAL R 90 3.82 -136.66 -15.17
C VAL R 90 2.63 -137.47 -15.67
N PRO R 91 2.32 -138.60 -15.05
CA PRO R 91 1.13 -139.37 -15.46
C PRO R 91 -0.16 -138.60 -15.17
N LYS R 92 -1.20 -138.96 -15.92
CA LYS R 92 -2.46 -138.22 -15.84
C LYS R 92 -3.11 -138.35 -14.47
N ARG R 93 -3.05 -139.54 -13.87
CA ARG R 93 -3.61 -139.73 -12.54
C ARG R 93 -2.89 -138.87 -11.50
N ALA R 94 -1.56 -138.80 -11.58
CA ALA R 94 -0.80 -137.96 -10.67
C ALA R 94 -1.15 -136.49 -10.88
N SER R 95 -1.34 -136.08 -12.14
CA SER R 95 -1.72 -134.69 -12.43
C SER R 95 -3.09 -134.36 -11.85
N TYR R 96 -4.05 -135.29 -11.97
CA TYR R 96 -5.37 -135.06 -11.41
C TYR R 96 -5.32 -134.98 -9.89
N ILE R 97 -4.54 -135.86 -9.26
CA ILE R 97 -4.37 -135.81 -7.81
C ILE R 97 -3.74 -134.49 -7.39
N ARG R 98 -2.75 -134.02 -8.17
CA ARG R 98 -2.12 -132.74 -7.89
C ARG R 98 -3.12 -131.59 -7.99
N VAL R 99 -3.98 -131.61 -9.00
CA VAL R 99 -4.98 -130.56 -9.16
C VAL R 99 -5.94 -130.56 -7.99
N ILE R 100 -6.39 -131.74 -7.56
CA ILE R 100 -7.31 -131.85 -6.44
C ILE R 100 -6.68 -131.31 -5.17
N MET R 101 -5.42 -131.70 -4.90
CA MET R 101 -4.74 -131.24 -3.69
C MET R 101 -4.49 -129.75 -3.73
N LEU R 102 -4.11 -129.20 -4.89
CA LEU R 102 -3.89 -127.77 -5.01
C LEU R 102 -5.17 -126.99 -4.75
N GLU R 103 -6.29 -127.46 -5.29
CA GLU R 103 -7.55 -126.75 -5.07
C GLU R 103 -8.00 -126.85 -3.62
N LEU R 104 -7.77 -128.01 -2.98
CA LEU R 104 -8.08 -128.12 -1.55
C LEU R 104 -7.22 -127.17 -0.72
N SER R 105 -5.94 -127.05 -1.06
CA SER R 105 -5.07 -126.12 -0.34
C SER R 105 -5.48 -124.68 -0.58
N ARG R 106 -5.96 -124.37 -1.79
CA ARG R 106 -6.48 -123.02 -2.04
C ARG R 106 -7.70 -122.74 -1.19
N ILE R 107 -8.59 -123.72 -1.05
CA ILE R 107 -9.77 -123.57 -0.20
C ILE R 107 -9.35 -123.32 1.24
N ALA R 108 -8.39 -124.11 1.73
CA ALA R 108 -7.94 -123.95 3.12
C ALA R 108 -7.26 -122.61 3.35
N SER R 109 -6.45 -122.16 2.37
CA SER R 109 -5.77 -120.89 2.50
C SER R 109 -6.75 -119.73 2.48
N HIS R 110 -7.77 -119.79 1.61
CA HIS R 110 -8.78 -118.74 1.61
C HIS R 110 -9.58 -118.73 2.91
N LEU R 111 -9.85 -119.91 3.47
CA LEU R 111 -10.51 -119.98 4.77
C LEU R 111 -9.68 -119.29 5.84
N LEU R 112 -8.45 -119.77 6.05
CA LEU R 112 -7.57 -119.20 7.08
C LEU R 112 -7.03 -117.83 6.70
N TRP R 113 -7.43 -117.27 5.56
CA TRP R 113 -7.38 -115.83 5.37
C TRP R 113 -8.62 -115.16 5.92
N LEU R 114 -9.80 -115.73 5.66
CA LEU R 114 -11.05 -115.14 6.10
C LEU R 114 -11.14 -115.04 7.61
N GLY R 115 -10.54 -115.98 8.31
CA GLY R 115 -10.55 -116.00 9.75
C GLY R 115 -9.87 -114.79 10.39
N PRO R 116 -8.54 -114.69 10.21
CA PRO R 116 -7.83 -113.52 10.74
C PRO R 116 -8.32 -112.19 10.19
N PHE R 117 -8.83 -112.17 8.96
CA PHE R 117 -9.38 -110.92 8.41
C PHE R 117 -10.57 -110.44 9.23
N MET R 118 -11.53 -111.33 9.49
CA MET R 118 -12.69 -110.94 10.28
C MET R 118 -12.34 -110.75 11.75
N ALA R 119 -11.29 -111.43 12.23
CA ALA R 119 -10.80 -111.15 13.57
C ALA R 119 -10.25 -109.74 13.68
N ASP R 120 -9.48 -109.31 12.67
CA ASP R 120 -8.95 -107.95 12.65
C ASP R 120 -10.06 -106.93 12.49
N ILE R 121 -11.11 -107.27 11.73
CA ILE R 121 -12.29 -106.41 11.68
C ILE R 121 -12.97 -106.35 13.04
N GLY R 122 -13.08 -107.50 13.72
CA GLY R 122 -13.64 -107.51 15.06
C GLY R 122 -14.48 -108.72 15.40
N ALA R 123 -14.76 -109.58 14.42
CA ALA R 123 -15.57 -110.77 14.63
C ALA R 123 -14.66 -111.98 14.86
N GLN R 124 -14.81 -112.61 16.02
CA GLN R 124 -13.96 -113.75 16.38
C GLN R 124 -14.60 -115.09 16.07
N THR R 125 -15.92 -115.16 16.05
CA THR R 125 -16.63 -116.40 15.72
C THR R 125 -16.30 -116.96 14.34
N PRO R 126 -16.17 -116.17 13.25
CA PRO R 126 -15.79 -116.77 11.96
C PRO R 126 -14.47 -117.52 11.99
N PHE R 127 -13.55 -117.19 12.89
CA PHE R 127 -12.31 -117.96 12.99
C PHE R 127 -12.59 -119.41 13.37
N PHE R 128 -13.41 -119.62 14.40
CA PHE R 128 -13.80 -120.98 14.77
C PHE R 128 -14.64 -121.62 13.66
N TYR R 129 -15.46 -120.81 12.98
CA TYR R 129 -16.31 -121.35 11.92
C TYR R 129 -15.49 -121.88 10.75
N ILE R 130 -14.42 -121.17 10.36
CA ILE R 130 -13.54 -121.70 9.32
C ILE R 130 -12.75 -122.89 9.84
N LEU R 131 -12.41 -122.90 11.15
CA LEU R 131 -11.58 -123.98 11.63
C LEU R 131 -12.34 -125.28 11.70
N ARG R 132 -13.65 -125.21 11.89
CA ARG R 132 -14.50 -126.40 11.86
C ARG R 132 -14.38 -127.18 10.55
N GLU R 133 -14.19 -126.48 9.43
CA GLU R 133 -14.05 -127.14 8.13
C GLU R 133 -12.59 -127.30 7.69
N ARG R 134 -11.70 -126.42 8.14
CA ARG R 134 -10.28 -126.62 7.87
C ARG R 134 -9.77 -127.86 8.60
N GLU R 135 -10.40 -128.23 9.72
CA GLU R 135 -10.08 -129.50 10.35
C GLU R 135 -10.48 -130.67 9.46
N LEU R 136 -11.60 -130.56 8.75
CA LEU R 136 -12.00 -131.60 7.81
C LEU R 136 -11.01 -131.69 6.65
N ILE R 137 -10.55 -130.54 6.16
CA ILE R 137 -9.52 -130.53 5.11
C ILE R 137 -8.24 -131.19 5.62
N TYR R 138 -7.86 -130.88 6.87
CA TYR R 138 -6.70 -131.51 7.49
C TYR R 138 -6.89 -133.02 7.60
N ASP R 139 -8.11 -133.46 7.92
CA ASP R 139 -8.40 -134.88 8.02
C ASP R 139 -8.24 -135.57 6.67
N LEU R 140 -8.73 -134.93 5.61
CA LEU R 140 -8.55 -135.48 4.26
C LEU R 140 -7.06 -135.57 3.90
N PHE R 141 -6.30 -134.51 4.20
CA PHE R 141 -4.88 -134.51 3.89
C PHE R 141 -4.12 -135.58 4.69
N GLU R 142 -4.46 -135.73 5.97
CA GLU R 142 -3.80 -136.73 6.80
C GLU R 142 -4.18 -138.14 6.38
N ALA R 143 -5.42 -138.35 5.91
CA ALA R 143 -5.80 -139.64 5.37
C ALA R 143 -5.04 -139.95 4.08
N ALA R 144 -4.81 -138.93 3.25
CA ALA R 144 -4.13 -139.14 1.98
C ALA R 144 -2.61 -139.07 2.13
N THR R 145 -2.09 -137.94 2.62
CA THR R 145 -0.65 -137.71 2.65
C THR R 145 0.02 -138.26 3.90
N GLY R 146 -0.66 -138.24 5.05
CA GLY R 146 -0.10 -138.74 6.29
C GLY R 146 0.06 -137.70 7.37
N MET R 147 -0.04 -136.42 7.05
CA MET R 147 0.06 -135.35 8.04
C MET R 147 -0.93 -134.24 7.69
N ARG R 148 -1.29 -133.46 8.69
CA ARG R 148 -2.19 -132.34 8.48
C ARG R 148 -1.52 -131.26 7.63
N MET R 149 -0.42 -130.70 8.12
CA MET R 149 0.42 -129.80 7.37
C MET R 149 1.79 -130.45 7.20
N MET R 150 2.62 -129.85 6.35
CA MET R 150 3.93 -130.40 5.97
C MET R 150 3.77 -131.84 5.48
N HIS R 151 3.03 -131.97 4.38
CA HIS R 151 2.58 -133.27 3.91
C HIS R 151 3.71 -134.12 3.37
N ASN R 152 4.66 -133.50 2.66
CA ASN R 152 5.72 -134.20 1.93
C ASN R 152 5.14 -135.24 0.98
N TYR R 153 4.05 -134.86 0.30
CA TYR R 153 3.31 -135.74 -0.59
C TYR R 153 3.70 -135.60 -2.05
N PHE R 154 3.97 -134.38 -2.51
CA PHE R 154 4.36 -134.20 -3.90
C PHE R 154 5.79 -134.67 -4.12
N ARG R 155 6.01 -135.32 -5.26
CA ARG R 155 7.30 -135.88 -5.60
C ARG R 155 7.62 -135.52 -7.04
N ILE R 156 8.89 -135.66 -7.40
CA ILE R 156 9.30 -135.39 -8.77
C ILE R 156 8.79 -136.50 -9.67
N GLY R 157 8.12 -136.12 -10.76
CA GLY R 157 7.52 -137.08 -11.66
C GLY R 157 6.40 -137.89 -11.05
N GLY R 158 5.50 -137.24 -10.31
CA GLY R 158 4.38 -137.92 -9.71
C GLY R 158 4.04 -137.47 -8.32
N VAL R 159 3.64 -138.42 -7.46
CA VAL R 159 3.30 -138.16 -6.07
C VAL R 159 3.91 -139.26 -5.21
N ALA R 160 3.77 -139.11 -3.89
CA ALA R 160 4.35 -140.07 -2.97
C ALA R 160 3.63 -141.42 -3.06
N ALA R 161 2.30 -141.40 -3.01
CA ALA R 161 1.53 -142.63 -3.02
C ALA R 161 0.14 -142.33 -3.59
N ASP R 162 -0.54 -143.40 -4.00
CA ASP R 162 -1.88 -143.27 -4.53
C ASP R 162 -2.87 -142.91 -3.43
N LEU R 163 -4.04 -142.43 -3.83
CA LEU R 163 -5.08 -142.09 -2.87
C LEU R 163 -5.56 -143.36 -2.17
N PRO R 164 -5.83 -143.30 -0.87
CA PRO R 164 -6.30 -144.48 -0.14
C PRO R 164 -7.71 -144.85 -0.54
N TYR R 165 -8.10 -146.07 -0.20
CA TYR R 165 -9.43 -146.56 -0.50
C TYR R 165 -10.48 -145.78 0.28
N GLY R 166 -11.56 -145.40 -0.40
CA GLY R 166 -12.60 -144.61 0.25
C GLY R 166 -12.26 -143.15 0.42
N TRP R 167 -11.48 -142.57 -0.48
CA TRP R 167 -11.13 -141.15 -0.40
C TRP R 167 -12.01 -140.28 -1.29
N ILE R 168 -12.44 -140.81 -2.45
CA ILE R 168 -13.22 -140.02 -3.40
C ILE R 168 -14.57 -139.63 -2.79
N ASP R 169 -15.26 -140.60 -2.19
CA ASP R 169 -16.56 -140.32 -1.59
C ASP R 169 -16.43 -139.40 -0.39
N LYS R 170 -15.36 -139.56 0.39
CA LYS R 170 -15.12 -138.66 1.52
C LYS R 170 -14.91 -137.23 1.06
N CYS R 171 -14.14 -137.05 -0.01
CA CYS R 171 -13.91 -135.70 -0.53
C CYS R 171 -15.18 -135.11 -1.13
N LEU R 172 -15.99 -135.94 -1.79
CA LEU R 172 -17.26 -135.46 -2.34
C LEU R 172 -18.22 -135.04 -1.23
N ASP R 173 -18.30 -135.82 -0.15
CA ASP R 173 -19.13 -135.44 0.98
C ASP R 173 -18.62 -134.16 1.64
N PHE R 174 -17.29 -134.00 1.70
CA PHE R 174 -16.72 -132.75 2.20
C PHE R 174 -17.14 -131.57 1.35
N CYS R 175 -17.10 -131.74 0.02
CA CYS R 175 -17.51 -130.66 -0.88
C CYS R 175 -18.97 -130.30 -0.68
N ASP R 176 -19.83 -131.32 -0.54
CA ASP R 176 -21.26 -131.08 -0.33
C ASP R 176 -21.50 -130.34 0.98
N TYR R 177 -20.78 -130.69 2.04
CA TYR R 177 -20.93 -130.00 3.32
C TYR R 177 -20.35 -128.59 3.25
N PHE R 178 -19.22 -128.42 2.55
CA PHE R 178 -18.54 -127.14 2.55
C PHE R 178 -19.27 -126.11 1.71
N LEU R 179 -20.03 -126.55 0.69
CA LEU R 179 -20.87 -125.58 -0.03
C LEU R 179 -21.92 -124.98 0.91
N ILE R 180 -22.54 -125.80 1.74
CA ILE R 180 -23.49 -125.31 2.73
C ILE R 180 -22.80 -124.38 3.73
N GLY R 181 -21.61 -124.77 4.18
CA GLY R 181 -20.86 -123.91 5.09
C GLY R 181 -20.51 -122.57 4.48
N LEU R 182 -20.17 -122.55 3.20
CA LEU R 182 -19.85 -121.29 2.52
C LEU R 182 -21.09 -120.42 2.36
N THR R 183 -22.25 -121.04 2.11
CA THR R 183 -23.49 -120.27 2.08
C THR R 183 -23.79 -119.67 3.45
N GLU R 184 -23.52 -120.42 4.53
CA GLU R 184 -23.70 -119.87 5.87
C GLU R 184 -22.75 -118.70 6.12
N TYR R 185 -21.50 -118.82 5.65
CA TYR R 185 -20.55 -117.72 5.81
C TYR R 185 -21.01 -116.47 5.08
N GLN R 186 -21.48 -116.62 3.85
CA GLN R 186 -21.96 -115.47 3.09
C GLN R 186 -23.24 -114.89 3.69
N LYS R 187 -24.07 -115.73 4.29
CA LYS R 187 -25.26 -115.21 4.97
C LYS R 187 -24.88 -114.41 6.22
N LEU R 188 -23.87 -114.88 6.96
CA LEU R 188 -23.49 -114.21 8.19
C LEU R 188 -22.71 -112.93 7.95
N ILE R 189 -21.84 -112.90 6.94
CA ILE R 189 -20.82 -111.86 6.85
C ILE R 189 -21.10 -110.83 5.76
N THR R 190 -21.50 -111.30 4.58
CA THR R 190 -21.36 -110.49 3.35
C THR R 190 -22.18 -109.20 3.41
N ARG R 191 -23.40 -109.24 3.91
CA ARG R 191 -24.17 -107.97 3.85
C ARG R 191 -24.17 -107.27 5.22
N ASN R 192 -23.51 -107.82 6.22
CA ASN R 192 -23.52 -107.20 7.54
C ASN R 192 -23.21 -105.71 7.40
N PRO R 193 -23.99 -104.84 8.05
CA PRO R 193 -23.74 -103.40 7.89
C PRO R 193 -22.42 -102.94 8.47
N ILE R 194 -22.01 -103.49 9.62
CA ILE R 194 -20.74 -103.10 10.23
C ILE R 194 -19.58 -103.59 9.37
N PHE R 195 -19.67 -104.82 8.85
CA PHE R 195 -18.62 -105.36 7.99
C PHE R 195 -18.48 -104.52 6.72
N LEU R 196 -19.61 -104.20 6.08
CA LEU R 196 -19.56 -103.38 4.87
C LEU R 196 -18.97 -102.01 5.17
N GLU R 197 -19.45 -101.36 6.22
CA GLU R 197 -18.97 -100.01 6.54
C GLU R 197 -17.53 -100.01 7.02
N ARG R 198 -17.01 -101.16 7.43
CA ARG R 198 -15.57 -101.26 7.72
C ARG R 198 -14.76 -101.59 6.48
N VAL R 199 -15.39 -102.14 5.43
CA VAL R 199 -14.66 -102.72 4.32
C VAL R 199 -14.94 -102.04 2.98
N GLU R 200 -16.10 -101.39 2.82
CA GLU R 200 -16.63 -101.05 1.50
C GLU R 200 -15.71 -100.15 0.69
N ASN R 201 -15.04 -99.20 1.35
CA ASN R 201 -14.26 -98.20 0.62
C ASN R 201 -12.88 -98.02 1.22
N VAL R 202 -12.17 -99.12 1.47
CA VAL R 202 -10.79 -99.09 1.95
C VAL R 202 -9.90 -99.77 0.92
N GLY R 203 -8.72 -99.19 0.71
CA GLY R 203 -7.72 -99.78 -0.17
C GLY R 203 -8.10 -99.86 -1.64
N ILE R 204 -8.58 -98.77 -2.20
CA ILE R 204 -8.91 -98.72 -3.62
C ILE R 204 -7.61 -98.76 -4.42
N ILE R 205 -7.45 -99.77 -5.26
CA ILE R 205 -6.25 -99.96 -6.06
C ILE R 205 -6.66 -99.94 -7.53
N GLY R 206 -5.98 -99.10 -8.32
CA GLY R 206 -6.20 -99.10 -9.75
C GLY R 206 -5.60 -100.32 -10.42
N GLY R 207 -6.13 -100.65 -11.60
CA GLY R 207 -5.60 -101.77 -12.36
C GLY R 207 -4.20 -101.51 -12.86
N GLU R 208 -3.94 -100.29 -13.33
CA GLU R 208 -2.59 -99.93 -13.78
C GLU R 208 -1.59 -99.98 -12.64
N GLU R 209 -1.98 -99.47 -11.47
CA GLU R 209 -1.11 -99.55 -10.29
C GLU R 209 -0.90 -101.00 -9.86
N ALA R 210 -1.94 -101.82 -9.96
CA ALA R 210 -1.80 -103.23 -9.60
C ALA R 210 -0.85 -103.95 -10.53
N ILE R 211 -0.88 -103.61 -11.83
CA ILE R 211 0.06 -104.21 -12.77
C ILE R 211 1.48 -103.73 -12.50
N ASN R 212 1.66 -102.42 -12.28
CA ASN R 212 3.00 -101.88 -12.10
C ASN R 212 3.63 -102.35 -10.79
N TRP R 213 2.84 -102.46 -9.73
CA TRP R 213 3.36 -102.89 -8.43
C TRP R 213 3.72 -104.37 -8.39
N GLY R 214 3.38 -105.13 -9.42
CA GLY R 214 3.69 -106.54 -9.43
C GLY R 214 2.71 -107.42 -8.69
N LEU R 215 1.51 -106.90 -8.43
CA LEU R 215 0.51 -107.67 -7.70
C LEU R 215 0.02 -108.85 -8.54
N SER R 216 -0.42 -109.90 -7.86
CA SER R 216 -0.93 -111.09 -8.52
C SER R 216 -2.02 -111.71 -7.66
N GLY R 217 -2.79 -112.60 -8.27
CA GLY R 217 -3.83 -113.31 -7.59
C GLY R 217 -5.03 -112.44 -7.29
N PRO R 218 -5.65 -112.67 -6.13
CA PRO R 218 -6.85 -111.88 -5.77
C PRO R 218 -6.59 -110.40 -5.62
N MET R 219 -5.35 -109.99 -5.32
CA MET R 219 -5.03 -108.57 -5.30
C MET R 219 -5.11 -107.96 -6.69
N LEU R 220 -4.48 -108.58 -7.69
CA LEU R 220 -4.50 -108.04 -9.03
C LEU R 220 -5.85 -108.23 -9.70
N ARG R 221 -6.52 -109.35 -9.42
CA ARG R 221 -7.81 -109.63 -10.01
C ARG R 221 -8.93 -108.74 -9.47
N ALA R 222 -8.72 -108.09 -8.32
CA ALA R 222 -9.70 -107.18 -7.75
C ALA R 222 -9.48 -105.74 -8.19
N SER R 223 -8.95 -105.53 -9.39
CA SER R 223 -8.78 -104.19 -9.95
C SER R 223 -9.23 -104.13 -11.41
N GLY R 224 -10.07 -105.07 -11.83
CA GLY R 224 -10.52 -105.10 -13.21
C GLY R 224 -9.66 -105.90 -14.16
N ILE R 225 -8.79 -106.75 -13.64
CA ILE R 225 -7.84 -107.50 -14.46
C ILE R 225 -8.14 -108.98 -14.30
N GLN R 226 -8.44 -109.65 -15.42
CA GLN R 226 -8.73 -111.08 -15.41
C GLN R 226 -7.45 -111.83 -15.78
N TRP R 227 -6.56 -111.96 -14.80
CA TRP R 227 -5.25 -112.55 -14.98
C TRP R 227 -5.08 -113.69 -13.99
N ASP R 228 -5.26 -114.92 -14.47
CA ASP R 228 -5.02 -116.12 -13.67
C ASP R 228 -4.00 -116.98 -14.39
N LEU R 229 -2.94 -117.36 -13.68
CA LEU R 229 -1.86 -118.14 -14.28
C LEU R 229 -2.23 -119.60 -14.50
N ARG R 230 -3.37 -120.06 -14.00
CA ARG R 230 -3.86 -121.38 -14.32
C ARG R 230 -4.38 -121.47 -15.75
N LYS R 231 -5.01 -120.40 -16.23
CA LYS R 231 -5.55 -120.37 -17.58
C LYS R 231 -4.60 -119.73 -18.59
N VAL R 232 -3.62 -118.97 -18.13
CA VAL R 232 -2.66 -118.36 -19.04
C VAL R 232 -1.57 -119.36 -19.42
N ASP R 233 -0.99 -120.04 -18.42
CA ASP R 233 0.11 -120.96 -18.64
C ASP R 233 -0.34 -122.40 -18.92
N HIS R 234 -1.64 -122.66 -18.88
CA HIS R 234 -2.21 -124.00 -19.11
C HIS R 234 -1.61 -125.02 -18.15
N TYR R 235 -1.69 -124.73 -16.85
CA TYR R 235 -1.05 -125.57 -15.86
C TYR R 235 -1.83 -126.88 -15.69
N GLU R 236 -1.10 -127.99 -15.69
CA GLU R 236 -1.61 -129.32 -15.39
C GLU R 236 -2.82 -129.70 -16.24
N CYS R 237 -3.99 -129.80 -15.60
CA CYS R 237 -5.23 -130.18 -16.28
C CYS R 237 -6.32 -129.13 -16.11
N TYR R 238 -5.95 -127.88 -15.86
CA TYR R 238 -6.94 -126.84 -15.65
C TYR R 238 -7.67 -126.44 -16.93
N ASP R 239 -7.16 -126.82 -18.09
CA ASP R 239 -7.86 -126.57 -19.35
C ASP R 239 -9.00 -127.55 -19.60
N GLU R 240 -9.01 -128.69 -18.91
CA GLU R 240 -10.05 -129.69 -19.09
C GLU R 240 -11.28 -129.44 -18.24
N PHE R 241 -11.14 -128.73 -17.13
CA PHE R 241 -12.26 -128.49 -16.23
C PHE R 241 -12.93 -127.17 -16.53
N ASP R 242 -14.23 -127.12 -16.28
CA ASP R 242 -15.02 -125.90 -16.48
C ASP R 242 -14.96 -125.06 -15.20
N TRP R 243 -14.34 -123.90 -15.30
CA TRP R 243 -14.22 -122.98 -14.16
C TRP R 243 -14.05 -121.57 -14.70
N GLU R 244 -14.31 -120.60 -13.84
CA GLU R 244 -14.28 -119.20 -14.22
C GLU R 244 -13.27 -118.45 -13.36
N VAL R 245 -12.54 -117.52 -13.99
CA VAL R 245 -11.59 -116.67 -13.28
C VAL R 245 -12.38 -115.59 -12.56
N GLN R 246 -12.27 -115.56 -11.23
CA GLN R 246 -13.04 -114.62 -10.42
C GLN R 246 -12.31 -113.27 -10.39
N TRP R 247 -12.93 -112.25 -10.97
CA TRP R 247 -12.37 -110.91 -10.95
C TRP R 247 -13.49 -109.91 -10.72
N GLN R 248 -13.13 -108.78 -10.10
CA GLN R 248 -14.08 -107.72 -9.79
C GLN R 248 -13.55 -106.39 -10.30
N LYS R 249 -14.46 -105.45 -10.53
CA LYS R 249 -14.08 -104.19 -11.15
C LYS R 249 -13.58 -103.18 -10.11
N GLU R 250 -14.30 -103.04 -9.00
CA GLU R 250 -13.88 -102.11 -7.96
C GLU R 250 -12.64 -102.64 -7.24
N GLY R 251 -11.87 -101.72 -6.66
CA GLY R 251 -10.58 -102.05 -6.09
C GLY R 251 -10.53 -102.24 -4.59
N ASP R 252 -11.65 -102.10 -3.90
CA ASP R 252 -11.66 -102.08 -2.44
C ASP R 252 -11.47 -103.48 -1.86
N SER R 253 -11.48 -103.56 -0.53
CA SER R 253 -11.29 -104.84 0.14
C SER R 253 -12.50 -105.76 -0.01
N LEU R 254 -13.67 -105.17 -0.23
CA LEU R 254 -14.87 -105.98 -0.45
C LEU R 254 -14.77 -106.78 -1.73
N ALA R 255 -14.15 -106.21 -2.76
CA ALA R 255 -13.91 -106.94 -3.99
C ALA R 255 -12.98 -108.12 -3.76
N ARG R 256 -11.94 -107.93 -2.95
CA ARG R 256 -11.02 -109.03 -2.63
C ARG R 256 -11.74 -110.13 -1.85
N TYR R 257 -12.59 -109.75 -0.89
CA TYR R 257 -13.34 -110.74 -0.13
C TYR R 257 -14.29 -111.54 -1.03
N LEU R 258 -15.00 -110.84 -1.92
CA LEU R 258 -15.92 -111.52 -2.83
C LEU R 258 -15.14 -112.41 -3.80
N ILE R 259 -13.96 -111.96 -4.25
CA ILE R 259 -13.13 -112.76 -5.14
C ILE R 259 -12.69 -114.04 -4.45
N ARG R 260 -12.29 -113.95 -3.19
CA ARG R 260 -11.82 -115.16 -2.50
C ARG R 260 -12.97 -116.13 -2.22
N ILE R 261 -14.16 -115.61 -1.93
CA ILE R 261 -15.33 -116.49 -1.76
C ILE R 261 -15.66 -117.19 -3.08
N GLY R 262 -15.70 -116.43 -4.18
CA GLY R 262 -15.96 -117.03 -5.47
C GLY R 262 -14.88 -118.00 -5.91
N GLU R 263 -13.63 -117.74 -5.53
CA GLU R 263 -12.54 -118.66 -5.82
C GLU R 263 -12.70 -119.95 -5.05
N MET R 264 -13.16 -119.87 -3.80
CA MET R 264 -13.47 -121.08 -3.05
C MET R 264 -14.55 -121.90 -3.74
N ALA R 265 -15.62 -121.23 -4.21
CA ALA R 265 -16.70 -121.94 -4.90
C ALA R 265 -16.21 -122.59 -6.19
N GLU R 266 -15.43 -121.84 -6.99
CA GLU R 266 -14.90 -122.37 -8.24
C GLU R 266 -13.94 -123.53 -7.97
N SER R 267 -13.15 -123.43 -6.91
CA SER R 267 -12.28 -124.53 -6.52
C SER R 267 -13.07 -125.78 -6.20
N VAL R 268 -14.16 -125.63 -5.44
CA VAL R 268 -15.03 -126.77 -5.11
C VAL R 268 -15.57 -127.41 -6.39
N LYS R 269 -15.98 -126.57 -7.35
CA LYS R 269 -16.41 -127.09 -8.64
C LYS R 269 -15.29 -127.86 -9.33
N ILE R 270 -14.05 -127.40 -9.19
CA ILE R 270 -12.91 -128.08 -9.82
C ILE R 270 -12.66 -129.44 -9.17
N ILE R 271 -12.73 -129.52 -7.83
CA ILE R 271 -12.61 -130.82 -7.18
C ILE R 271 -13.71 -131.77 -7.65
N GLN R 272 -14.94 -131.27 -7.75
CA GLN R 272 -16.05 -132.13 -8.18
C GLN R 272 -15.82 -132.66 -9.59
N GLN R 273 -15.41 -131.78 -10.51
CA GLN R 273 -15.17 -132.21 -11.88
C GLN R 273 -13.99 -133.17 -11.97
N ALA R 274 -12.93 -132.92 -11.19
CA ALA R 274 -11.76 -133.78 -11.24
C ALA R 274 -12.05 -135.17 -10.67
N LEU R 275 -12.78 -135.23 -9.56
CA LEU R 275 -13.12 -136.53 -8.98
C LEU R 275 -14.12 -137.28 -9.84
N GLU R 276 -14.98 -136.56 -10.57
CA GLU R 276 -15.91 -137.24 -11.46
C GLU R 276 -15.19 -137.91 -12.63
N GLY R 277 -14.10 -137.30 -13.10
CA GLY R 277 -13.37 -137.84 -14.24
C GLY R 277 -11.95 -138.26 -13.94
N ILE R 278 -11.75 -138.90 -12.79
CA ILE R 278 -10.41 -139.35 -12.40
C ILE R 278 -9.95 -140.45 -13.35
N PRO R 279 -8.71 -140.44 -13.82
CA PRO R 279 -8.21 -141.51 -14.68
C PRO R 279 -7.54 -142.61 -13.86
N GLY R 280 -7.16 -143.68 -14.56
CA GLY R 280 -6.42 -144.77 -13.98
C GLY R 280 -4.95 -144.72 -14.35
N GLY R 281 -4.33 -145.90 -14.33
CA GLY R 281 -2.93 -146.02 -14.68
C GLY R 281 -2.00 -145.68 -13.52
N PRO R 282 -0.71 -145.58 -13.81
CA PRO R 282 0.26 -145.31 -12.75
C PRO R 282 0.23 -143.85 -12.31
N TYR R 283 0.88 -143.60 -11.19
CA TYR R 283 1.04 -142.26 -10.63
C TYR R 283 2.49 -141.82 -10.56
N GLU R 284 3.39 -142.68 -10.09
CA GLU R 284 4.81 -142.39 -10.16
C GLU R 284 5.34 -142.73 -11.55
N ASN R 285 6.27 -141.91 -12.05
CA ASN R 285 6.88 -142.19 -13.33
C ASN R 285 7.82 -143.39 -13.20
N LEU R 286 7.57 -144.41 -14.02
CA LEU R 286 8.36 -145.64 -13.93
C LEU R 286 9.77 -145.47 -14.48
N GLU R 287 9.99 -144.46 -15.32
CA GLU R 287 11.33 -144.25 -15.88
C GLU R 287 12.29 -143.73 -14.82
N ILE R 288 11.86 -142.74 -14.03
CA ILE R 288 12.74 -142.19 -13.00
C ILE R 288 12.82 -143.15 -11.82
N ARG R 289 11.81 -143.99 -11.61
CA ARG R 289 11.78 -144.92 -10.49
C ARG R 289 12.72 -146.08 -10.80
N ARG R 290 13.95 -146.01 -10.29
CA ARG R 290 14.94 -147.05 -10.53
C ARG R 290 15.98 -147.08 -9.42
N LYS R 309 20.40 -150.83 -0.39
CA LYS R 309 21.74 -150.91 0.18
C LYS R 309 22.74 -150.24 -0.74
N LYS R 310 22.45 -150.28 -2.04
CA LYS R 310 23.30 -149.63 -3.02
C LYS R 310 23.24 -148.11 -2.84
N PRO R 311 24.32 -147.40 -3.16
CA PRO R 311 24.30 -145.93 -3.05
C PRO R 311 23.29 -145.33 -4.02
N SER R 312 22.47 -144.42 -3.50
CA SER R 312 21.39 -143.83 -4.26
C SER R 312 21.69 -142.36 -4.54
N PRO R 313 21.90 -141.97 -5.78
CA PRO R 313 22.06 -140.54 -6.10
C PRO R 313 20.72 -139.84 -6.13
N ALA R 314 20.78 -138.51 -6.08
CA ALA R 314 19.60 -137.67 -6.17
C ALA R 314 19.46 -137.18 -7.61
N PHE R 315 18.50 -136.27 -7.82
CA PHE R 315 18.27 -135.73 -9.15
C PHE R 315 19.36 -134.72 -9.49
N GLU R 316 20.14 -135.03 -10.53
CA GLU R 316 21.20 -134.13 -10.99
C GLU R 316 20.59 -133.12 -11.95
N LEU R 317 20.55 -131.86 -11.54
CA LEU R 317 19.95 -130.82 -12.36
C LEU R 317 20.82 -130.49 -13.57
N SER R 318 20.17 -130.21 -14.70
CA SER R 318 20.91 -129.85 -15.90
C SER R 318 21.48 -128.44 -15.78
N LYS R 319 22.42 -128.13 -16.66
CA LYS R 319 23.12 -126.84 -16.63
C LYS R 319 22.41 -125.85 -17.53
N GLN R 320 21.31 -125.30 -17.02
CA GLN R 320 20.60 -124.20 -17.66
C GLN R 320 19.69 -123.55 -16.63
N GLU R 321 19.33 -122.30 -16.92
CA GLU R 321 18.42 -121.55 -16.07
C GLU R 321 16.97 -121.90 -16.39
N LEU R 322 16.08 -121.65 -15.43
CA LEU R 322 14.67 -121.95 -15.60
C LEU R 322 13.87 -121.07 -14.66
N TYR R 323 12.68 -120.68 -15.11
CA TYR R 323 11.73 -119.98 -14.26
C TYR R 323 10.38 -120.68 -14.35
N VAL R 324 9.83 -121.03 -13.19
CA VAL R 324 8.55 -121.73 -13.13
C VAL R 324 7.61 -120.95 -12.21
N ARG R 325 6.34 -120.88 -12.60
CA ARG R 325 5.34 -120.10 -11.88
C ARG R 325 4.17 -120.99 -11.48
N VAL R 326 3.47 -120.56 -10.43
CA VAL R 326 2.25 -121.22 -9.97
C VAL R 326 1.31 -120.16 -9.43
N GLU R 327 0.01 -120.44 -9.52
CA GLU R 327 -1.02 -119.52 -9.03
C GLU R 327 -1.34 -119.90 -7.59
N ALA R 328 -0.56 -119.35 -6.66
CA ALA R 328 -0.82 -119.56 -5.25
C ALA R 328 -2.05 -118.74 -4.84
N PRO R 329 -2.70 -119.11 -3.73
CA PRO R 329 -3.86 -118.32 -3.27
C PRO R 329 -3.52 -116.88 -2.94
N LYS R 330 -2.26 -116.60 -2.62
CA LYS R 330 -1.79 -115.25 -2.34
C LYS R 330 -1.33 -114.52 -3.59
N GLY R 331 -1.27 -115.19 -4.75
CA GLY R 331 -0.83 -114.55 -5.97
C GLY R 331 -0.05 -115.46 -6.87
N GLU R 332 1.14 -115.03 -7.28
CA GLU R 332 2.01 -115.83 -8.13
C GLU R 332 3.25 -116.23 -7.34
N LEU R 333 3.46 -117.53 -7.19
CA LEU R 333 4.64 -118.06 -6.53
C LEU R 333 5.59 -118.62 -7.57
N GLY R 334 6.83 -118.15 -7.57
CA GLY R 334 7.76 -118.50 -8.61
C GLY R 334 9.05 -119.07 -8.07
N ILE R 335 9.71 -119.86 -8.90
CA ILE R 335 11.04 -120.39 -8.61
C ILE R 335 11.94 -120.14 -9.81
N PHE R 336 13.05 -119.44 -9.55
CA PHE R 336 14.11 -119.24 -10.52
C PHE R 336 15.26 -120.18 -10.15
N LEU R 337 15.50 -121.18 -10.98
CA LEU R 337 16.43 -122.26 -10.67
C LEU R 337 17.58 -122.24 -11.67
N ILE R 338 18.80 -122.18 -11.15
CA ILE R 338 20.02 -122.29 -11.94
C ILE R 338 20.75 -123.53 -11.48
N GLY R 339 20.89 -124.50 -12.37
CA GLY R 339 21.59 -125.73 -12.04
C GLY R 339 23.09 -125.63 -12.27
N ASP R 340 23.80 -126.65 -11.78
CA ASP R 340 25.25 -126.67 -11.89
C ASP R 340 25.78 -128.05 -12.28
N GLN R 341 24.96 -128.86 -12.94
CA GLN R 341 25.30 -130.24 -13.30
C GLN R 341 25.69 -131.04 -12.06
N SER R 342 24.93 -130.84 -10.97
CA SER R 342 25.19 -131.52 -9.71
C SER R 342 23.88 -131.69 -8.97
N VAL R 343 23.94 -132.38 -7.83
CA VAL R 343 22.75 -132.62 -7.03
C VAL R 343 22.25 -131.32 -6.40
N PHE R 344 23.17 -130.46 -5.96
CA PHE R 344 22.82 -129.19 -5.33
C PHE R 344 22.62 -128.12 -6.40
N PRO R 345 21.48 -127.43 -6.41
CA PRO R 345 21.28 -126.33 -7.37
C PRO R 345 22.24 -125.19 -7.09
N TRP R 346 22.64 -124.51 -8.18
CA TRP R 346 23.55 -123.38 -8.04
C TRP R 346 22.83 -122.16 -7.49
N ARG R 347 21.62 -121.90 -7.95
CA ARG R 347 20.85 -120.77 -7.46
C ARG R 347 19.38 -121.15 -7.38
N TRP R 348 18.73 -120.78 -6.28
CA TRP R 348 17.33 -121.11 -6.03
C TRP R 348 16.66 -119.85 -5.48
N LYS R 349 16.09 -119.04 -6.36
CA LYS R 349 15.41 -117.82 -5.98
C LYS R 349 13.91 -118.07 -5.90
N ILE R 350 13.29 -117.60 -4.83
CA ILE R 350 11.86 -117.74 -4.61
C ILE R 350 11.21 -116.38 -4.83
N ARG R 351 10.19 -116.36 -5.70
CA ARG R 351 9.36 -115.20 -5.95
C ARG R 351 8.11 -115.34 -5.10
N PRO R 352 8.01 -114.66 -3.96
CA PRO R 352 6.87 -114.84 -3.09
C PRO R 352 5.76 -113.85 -3.41
N PRO R 353 4.53 -114.32 -3.54
CA PRO R 353 3.42 -113.38 -3.80
C PRO R 353 3.18 -112.38 -2.68
N GLY R 354 3.25 -112.82 -1.42
CA GLY R 354 2.99 -111.92 -0.32
C GLY R 354 4.06 -110.85 -0.16
N PHE R 355 5.32 -111.21 -0.40
CA PHE R 355 6.43 -110.26 -0.28
C PHE R 355 6.29 -109.11 -1.27
N ILE R 356 5.70 -109.36 -2.44
CA ILE R 356 5.50 -108.31 -3.42
C ILE R 356 4.16 -107.61 -3.22
N ASN R 357 3.14 -108.32 -2.73
CA ASN R 357 1.86 -107.67 -2.45
C ASN R 357 1.96 -106.74 -1.23
N LEU R 358 2.93 -106.97 -0.35
CA LEU R 358 3.02 -106.19 0.87
C LEU R 358 3.55 -104.79 0.61
N GLN R 359 4.35 -104.59 -0.43
CA GLN R 359 4.99 -103.30 -0.66
C GLN R 359 4.03 -102.20 -1.08
N ILE R 360 2.78 -102.53 -1.41
CA ILE R 360 1.78 -101.51 -1.73
C ILE R 360 1.07 -101.00 -0.48
N LEU R 361 1.30 -101.63 0.68
CA LEU R 361 0.61 -101.23 1.91
C LEU R 361 0.87 -99.80 2.35
N PRO R 362 2.11 -99.26 2.35
CA PRO R 362 2.27 -97.84 2.74
C PRO R 362 1.52 -96.88 1.83
N GLN R 363 1.38 -97.18 0.55
CA GLN R 363 0.61 -96.33 -0.34
C GLN R 363 -0.86 -96.36 0.02
N LEU R 364 -1.39 -97.54 0.37
CA LEU R 364 -2.81 -97.66 0.69
C LEU R 364 -3.14 -97.01 2.03
N VAL R 365 -2.34 -97.29 3.06
CA VAL R 365 -2.66 -96.80 4.40
C VAL R 365 -2.31 -95.34 4.61
N LYS R 366 -1.67 -94.70 3.63
CA LYS R 366 -1.35 -93.27 3.75
C LYS R 366 -2.64 -92.45 3.73
N LYS R 367 -2.72 -91.49 4.65
CA LYS R 367 -3.87 -90.61 4.88
C LYS R 367 -5.13 -91.37 5.28
N MET R 368 -5.01 -92.65 5.62
CA MET R 368 -6.11 -93.43 6.17
C MET R 368 -6.07 -93.31 7.69
N LYS R 369 -6.84 -94.14 8.38
CA LYS R 369 -6.91 -94.09 9.84
C LYS R 369 -6.26 -95.32 10.45
N LEU R 370 -6.04 -95.24 11.76
CA LEU R 370 -5.33 -96.29 12.48
C LEU R 370 -6.10 -97.60 12.44
N ALA R 371 -7.41 -97.56 12.68
CA ALA R 371 -8.22 -98.76 12.68
C ALA R 371 -8.39 -99.35 11.29
N ASP R 372 -8.10 -98.60 10.24
CA ASP R 372 -8.18 -99.12 8.89
C ASP R 372 -6.96 -99.95 8.50
N ILE R 373 -5.85 -99.85 9.24
CA ILE R 373 -4.66 -100.62 8.91
C ILE R 373 -4.94 -102.11 9.05
N MET R 374 -5.71 -102.49 10.07
CA MET R 374 -6.08 -103.90 10.23
C MET R 374 -6.89 -104.40 9.05
N THR R 375 -7.86 -103.60 8.59
CA THR R 375 -8.68 -104.00 7.45
C THR R 375 -7.84 -104.12 6.18
N ILE R 376 -6.94 -103.16 5.94
CA ILE R 376 -6.10 -103.21 4.74
C ILE R 376 -5.19 -104.43 4.78
N LEU R 377 -4.56 -104.67 5.93
CA LEU R 377 -3.61 -105.77 6.02
C LEU R 377 -4.32 -107.13 6.01
N GLY R 378 -5.56 -107.19 6.48
CA GLY R 378 -6.33 -108.42 6.36
C GLY R 378 -6.87 -108.63 4.96
N SER R 379 -7.05 -107.55 4.20
CA SER R 379 -7.44 -107.69 2.80
C SER R 379 -6.35 -108.38 1.99
N ILE R 380 -5.09 -108.05 2.27
CA ILE R 380 -3.96 -108.69 1.63
C ILE R 380 -3.67 -110.00 2.35
N ASP R 381 -3.56 -111.08 1.59
CA ASP R 381 -3.24 -112.38 2.16
C ASP R 381 -1.74 -112.43 2.42
N ILE R 382 -1.32 -111.95 3.59
CA ILE R 382 0.08 -111.94 3.99
C ILE R 382 0.27 -112.90 5.14
N ILE R 383 1.18 -113.87 4.96
CA ILE R 383 1.71 -114.66 6.06
C ILE R 383 3.22 -114.53 6.05
N MET R 384 3.80 -114.35 7.23
CA MET R 384 5.17 -113.87 7.31
C MET R 384 6.20 -114.95 6.98
N GLY R 385 5.80 -116.23 7.00
CA GLY R 385 6.71 -117.30 6.65
C GLY R 385 7.04 -117.37 5.17
N GLU R 386 6.20 -116.78 4.34
CA GLU R 386 6.43 -116.71 2.90
C GLU R 386 7.00 -115.37 2.46
N VAL R 387 6.72 -114.29 3.20
CA VAL R 387 7.27 -112.98 2.88
C VAL R 387 8.79 -113.00 2.94
N ASP R 388 9.35 -113.55 4.01
CA ASP R 388 10.79 -113.80 4.10
C ASP R 388 11.07 -115.29 3.95
N ARG R 389 12.32 -115.60 3.60
CA ARG R 389 12.73 -116.97 3.39
C ARG R 389 14.10 -117.23 3.99
N MET S 1 -36.81 -83.59 -0.28
CA MET S 1 -36.37 -83.53 1.10
C MET S 1 -36.94 -84.69 1.90
N VAL S 2 -38.21 -85.00 1.66
CA VAL S 2 -38.84 -86.14 2.31
C VAL S 2 -38.23 -87.45 1.84
N THR S 3 -37.84 -87.51 0.56
CA THR S 3 -37.22 -88.70 0.01
C THR S 3 -35.92 -89.06 0.71
N GLY S 4 -35.18 -88.05 1.20
CA GLY S 4 -33.99 -88.32 1.98
C GLY S 4 -34.31 -89.05 3.28
N PHE S 5 -35.36 -88.61 3.98
CA PHE S 5 -35.77 -89.31 5.19
C PHE S 5 -36.28 -90.72 4.89
N ILE S 6 -37.00 -90.87 3.78
CA ILE S 6 -37.48 -92.20 3.40
C ILE S 6 -36.31 -93.13 3.11
N ASN S 7 -35.31 -92.64 2.38
CA ASN S 7 -34.13 -93.46 2.08
C ASN S 7 -33.36 -93.79 3.36
N TYR S 8 -33.27 -92.83 4.28
CA TYR S 8 -32.66 -93.12 5.59
C TYR S 8 -33.44 -94.22 6.31
N GLY S 9 -34.76 -94.21 6.20
CA GLY S 9 -35.55 -95.27 6.81
C GLY S 9 -35.29 -96.63 6.20
N GLN S 10 -35.26 -96.70 4.87
CA GLN S 10 -35.04 -98.01 4.23
C GLN S 10 -33.61 -98.50 4.35
N GLN S 11 -32.63 -97.61 4.53
CA GLN S 11 -31.26 -98.05 4.74
C GLN S 11 -30.92 -98.26 6.22
N THR S 12 -31.89 -98.07 7.10
CA THR S 12 -31.77 -98.43 8.51
C THR S 12 -32.43 -99.77 8.82
N ILE S 13 -33.60 -100.02 8.24
CA ILE S 13 -34.29 -101.29 8.44
C ILE S 13 -33.47 -102.44 7.85
N ARG S 14 -32.78 -102.19 6.74
CA ARG S 14 -31.93 -103.21 6.13
C ARG S 14 -30.79 -103.61 7.06
N ALA S 15 -30.18 -102.64 7.73
CA ALA S 15 -29.09 -102.94 8.67
C ALA S 15 -29.61 -103.75 9.85
N ALA S 16 -30.80 -103.40 10.35
CA ALA S 16 -31.40 -104.15 11.44
C ALA S 16 -31.70 -105.59 11.01
N ARG S 17 -32.20 -105.77 9.79
CA ARG S 17 -32.46 -107.11 9.27
C ARG S 17 -31.18 -107.92 9.18
N TYR S 18 -30.09 -107.30 8.70
CA TYR S 18 -28.86 -108.07 8.53
C TYR S 18 -28.17 -108.34 9.86
N ILE S 19 -28.32 -107.45 10.83
CA ILE S 19 -27.84 -107.73 12.18
C ILE S 19 -28.62 -108.91 12.78
N GLY S 20 -29.94 -108.91 12.60
CA GLY S 20 -30.73 -110.04 13.05
C GLY S 20 -30.39 -111.33 12.31
N GLN S 21 -30.03 -111.21 11.03
CA GLN S 21 -29.60 -112.37 10.27
C GLN S 21 -28.29 -112.95 10.80
N SER S 22 -27.33 -112.08 11.14
CA SER S 22 -26.10 -112.55 11.77
C SER S 22 -26.39 -113.22 13.11
N PHE S 23 -27.28 -112.62 13.90
CA PHE S 23 -27.66 -113.21 15.19
C PHE S 23 -28.30 -114.58 15.00
N MET S 24 -29.19 -114.71 14.02
CA MET S 24 -29.87 -115.98 13.78
C MET S 24 -28.90 -117.04 13.28
N ILE S 25 -27.99 -116.68 12.37
CA ILE S 25 -27.02 -117.62 11.84
C ILE S 25 -26.10 -118.12 12.95
N THR S 26 -25.65 -117.21 13.82
CA THR S 26 -24.77 -117.62 14.92
C THR S 26 -25.52 -118.45 15.96
N LEU S 27 -26.73 -118.06 16.31
CA LEU S 27 -27.47 -118.77 17.35
C LEU S 27 -28.07 -120.08 16.88
N SER S 28 -28.14 -120.30 15.56
CA SER S 28 -28.57 -121.60 15.07
C SER S 28 -27.53 -122.68 15.33
N HIS S 29 -26.30 -122.30 15.66
CA HIS S 29 -25.25 -123.24 16.02
C HIS S 29 -25.39 -123.78 17.44
N ALA S 30 -26.27 -123.19 18.25
CA ALA S 30 -26.52 -123.71 19.58
C ALA S 30 -27.31 -125.00 19.55
N ASN S 31 -28.07 -125.25 18.48
CA ASN S 31 -28.83 -126.48 18.34
C ASN S 31 -27.99 -127.62 17.76
N ARG S 32 -26.74 -127.35 17.39
CA ARG S 32 -25.87 -128.35 16.80
C ARG S 32 -24.92 -128.91 17.84
N LEU S 33 -24.58 -130.19 17.67
CA LEU S 33 -23.70 -130.87 18.61
C LEU S 33 -22.28 -130.28 18.54
N PRO S 34 -21.57 -130.27 19.65
CA PRO S 34 -20.18 -129.79 19.63
C PRO S 34 -19.28 -130.69 18.81
N VAL S 35 -18.26 -130.08 18.21
CA VAL S 35 -17.25 -130.81 17.43
C VAL S 35 -16.00 -131.05 18.26
N THR S 36 -15.93 -130.51 19.47
CA THR S 36 -14.70 -130.53 20.27
C THR S 36 -14.33 -131.96 20.67
N ILE S 37 -13.08 -132.32 20.44
CA ILE S 37 -12.51 -133.57 20.93
C ILE S 37 -11.91 -133.28 22.30
N GLN S 38 -12.46 -133.92 23.33
CA GLN S 38 -12.10 -133.60 24.71
C GLN S 38 -10.83 -134.35 25.10
N TYR S 39 -9.71 -133.86 24.58
CA TYR S 39 -8.41 -134.36 25.03
C TYR S 39 -8.12 -133.82 26.43
N PRO S 40 -7.52 -134.62 27.32
CA PRO S 40 -7.02 -135.99 27.16
C PRO S 40 -8.01 -137.09 27.52
N TYR S 41 -9.27 -136.76 27.81
CA TYR S 41 -10.24 -137.81 28.08
C TYR S 41 -10.74 -138.46 26.79
N GLU S 42 -10.52 -137.82 25.64
CA GLU S 42 -10.85 -138.40 24.35
C GLU S 42 -9.68 -138.17 23.41
N LYS S 43 -9.32 -139.22 22.66
CA LYS S 43 -8.18 -139.16 21.75
C LYS S 43 -8.62 -139.54 20.35
N LEU S 44 -8.13 -138.79 19.37
CA LEU S 44 -8.47 -139.03 17.97
C LEU S 44 -7.57 -140.14 17.43
N ILE S 45 -8.17 -141.15 16.81
CA ILE S 45 -7.41 -142.26 16.27
C ILE S 45 -6.66 -141.79 15.03
N THR S 46 -5.33 -141.95 15.05
CA THR S 46 -4.49 -141.45 13.99
C THR S 46 -4.69 -142.26 12.71
N SER S 47 -4.26 -141.68 11.59
CA SER S 47 -4.39 -142.32 10.30
C SER S 47 -3.42 -143.50 10.19
N GLU S 48 -3.62 -144.30 9.14
CA GLU S 48 -2.78 -145.48 8.93
C GLU S 48 -1.36 -145.13 8.54
N ARG S 49 -1.11 -143.89 8.11
CA ARG S 49 0.22 -143.45 7.70
C ARG S 49 0.63 -142.18 8.45
N PHE S 50 0.20 -142.04 9.70
CA PHE S 50 0.61 -140.91 10.51
C PHE S 50 2.08 -141.03 10.87
N ARG S 51 2.80 -139.91 10.77
CA ARG S 51 4.24 -139.88 10.99
C ARG S 51 4.50 -139.40 12.41
N GLY S 52 4.82 -140.33 13.30
CA GLY S 52 5.13 -139.99 14.68
C GLY S 52 6.51 -140.44 15.10
N ARG S 53 6.64 -140.96 16.32
CA ARG S 53 7.93 -141.38 16.83
C ARG S 53 8.45 -142.59 16.05
N ILE S 54 9.76 -142.61 15.83
CA ILE S 54 10.40 -143.67 15.07
C ILE S 54 10.52 -144.92 15.92
N HIS S 55 10.29 -146.07 15.30
CA HIS S 55 10.56 -147.36 15.91
C HIS S 55 11.68 -148.03 15.11
N PHE S 56 12.71 -148.49 15.84
CA PHE S 56 13.94 -148.99 15.24
C PHE S 56 14.16 -150.43 15.68
N GLU S 57 14.41 -151.31 14.71
CA GLU S 57 14.71 -152.71 14.96
C GLU S 57 16.22 -152.90 14.91
N PHE S 58 16.80 -153.30 16.04
CA PHE S 58 18.25 -153.39 16.14
C PHE S 58 18.80 -154.57 15.34
N ASP S 59 18.04 -155.66 15.24
CA ASP S 59 18.56 -156.86 14.58
C ASP S 59 18.59 -156.69 13.06
N LYS S 60 17.72 -155.87 12.51
CA LYS S 60 17.62 -155.71 11.06
C LYS S 60 18.48 -154.58 10.51
N CYS S 61 19.17 -153.84 11.38
CA CYS S 61 20.01 -152.75 10.91
C CYS S 61 21.35 -153.27 10.41
N ILE S 62 21.78 -152.73 9.26
CA ILE S 62 23.06 -153.09 8.67
C ILE S 62 24.07 -151.95 8.69
N ALA S 63 23.72 -150.82 9.31
CA ALA S 63 24.59 -149.64 9.42
C ALA S 63 25.03 -149.14 8.05
N CYS S 64 24.12 -149.18 7.08
CA CYS S 64 24.42 -148.71 5.73
C CYS S 64 24.41 -147.19 5.63
N GLU S 65 23.85 -146.50 6.62
CA GLU S 65 23.89 -145.04 6.75
C GLU S 65 23.23 -144.31 5.58
N VAL S 66 22.32 -144.96 4.84
CA VAL S 66 21.56 -144.24 3.83
C VAL S 66 20.43 -143.45 4.49
N CYS S 67 19.96 -143.88 5.66
CA CYS S 67 18.98 -143.09 6.41
C CYS S 67 19.56 -141.76 6.87
N VAL S 68 20.88 -141.72 7.11
CA VAL S 68 21.53 -140.46 7.45
C VAL S 68 21.57 -139.52 6.25
N ARG S 69 21.90 -140.06 5.07
CA ARG S 69 22.02 -139.23 3.88
C ARG S 69 20.66 -138.76 3.38
N ALA S 70 19.62 -139.58 3.54
CA ALA S 70 18.29 -139.18 3.13
C ALA S 70 17.66 -138.16 4.07
N CYS S 71 18.19 -138.06 5.29
CA CYS S 71 17.67 -137.08 6.24
C CYS S 71 18.00 -135.67 5.77
N PRO S 72 17.07 -134.71 5.91
CA PRO S 72 17.37 -133.33 5.54
C PRO S 72 18.48 -132.69 6.35
N ILE S 73 18.77 -133.23 7.54
CA ILE S 73 19.74 -132.64 8.45
C ILE S 73 20.79 -133.65 8.90
N ASP S 74 20.81 -134.84 8.29
CA ASP S 74 21.72 -135.92 8.65
C ASP S 74 21.63 -136.26 10.14
N LEU S 75 20.40 -136.27 10.66
CA LEU S 75 20.20 -136.39 12.10
C LEU S 75 20.60 -137.74 12.69
N PRO S 76 20.20 -138.90 12.13
CA PRO S 76 20.48 -140.17 12.83
C PRO S 76 21.97 -140.44 13.00
N VAL S 77 22.34 -140.89 14.19
CA VAL S 77 23.72 -141.19 14.54
C VAL S 77 23.88 -142.70 14.58
N VAL S 78 24.74 -143.22 13.71
CA VAL S 78 24.96 -144.65 13.55
C VAL S 78 26.42 -144.91 13.88
N ASP S 79 26.70 -145.29 15.12
CA ASP S 79 28.04 -145.66 15.56
C ASP S 79 28.20 -147.16 15.30
N TRP S 80 29.14 -147.50 14.43
CA TRP S 80 29.36 -148.88 14.03
C TRP S 80 30.85 -149.16 13.94
N LYS S 81 31.18 -150.45 13.98
CA LYS S 81 32.55 -150.91 13.79
C LYS S 81 32.52 -152.17 12.95
N LEU S 82 33.64 -152.45 12.29
CA LEU S 82 33.74 -153.60 11.40
C LEU S 82 34.15 -154.84 12.19
N GLU S 83 33.36 -155.91 12.06
CA GLU S 83 33.66 -157.19 12.70
C GLU S 83 34.60 -157.93 11.75
N THR S 84 35.90 -157.90 12.05
CA THR S 84 36.92 -158.37 11.13
C THR S 84 36.85 -159.88 10.87
N ASP S 85 36.22 -160.64 11.76
CA ASP S 85 36.08 -162.07 11.53
C ASP S 85 35.23 -162.37 10.31
N ILE S 86 34.17 -161.58 10.11
CA ILE S 86 33.26 -161.77 8.98
C ILE S 86 33.26 -160.58 8.03
N ARG S 87 33.92 -159.48 8.39
CA ARG S 87 34.01 -158.25 7.58
C ARG S 87 32.63 -157.67 7.26
N LYS S 88 31.70 -157.78 8.19
CA LYS S 88 30.40 -157.14 8.10
C LYS S 88 30.31 -156.04 9.15
N LYS S 89 29.54 -155.01 8.83
CA LYS S 89 29.42 -153.86 9.72
C LYS S 89 28.59 -154.22 10.94
N ARG S 90 29.20 -154.15 12.12
CA ARG S 90 28.52 -154.44 13.37
C ARG S 90 28.04 -153.13 13.98
N LEU S 91 26.75 -153.05 14.26
CA LEU S 91 26.17 -151.87 14.87
C LEU S 91 26.49 -151.81 16.35
N LEU S 92 26.96 -150.66 16.82
CA LEU S 92 27.24 -150.42 18.22
C LEU S 92 26.20 -149.53 18.89
N ASN S 93 25.85 -148.41 18.26
CA ASN S 93 24.88 -147.48 18.82
C ASN S 93 24.07 -146.86 17.69
N TYR S 94 22.78 -146.67 17.96
CA TYR S 94 21.90 -145.94 17.04
C TYR S 94 21.11 -144.94 17.86
N SER S 95 21.17 -143.67 17.47
CA SER S 95 20.50 -142.63 18.24
C SER S 95 19.86 -141.61 17.33
N ILE S 96 18.60 -141.27 17.59
CA ILE S 96 17.90 -140.18 16.93
C ILE S 96 17.42 -139.21 18.01
N ASP S 97 17.79 -137.95 17.86
CA ASP S 97 17.37 -136.92 18.82
C ASP S 97 16.09 -136.29 18.27
N PHE S 98 15.01 -136.42 19.03
CA PHE S 98 13.71 -135.94 18.56
C PHE S 98 13.49 -134.46 18.80
N GLY S 99 14.45 -133.76 19.42
CA GLY S 99 14.36 -132.31 19.48
C GLY S 99 14.68 -131.65 18.16
N ILE S 100 15.46 -132.33 17.31
CA ILE S 100 15.78 -131.81 15.98
C ILE S 100 14.94 -132.49 14.90
N CYS S 101 14.36 -133.65 15.18
CA CYS S 101 13.59 -134.39 14.19
C CYS S 101 12.33 -133.65 13.79
N ILE S 102 12.03 -133.67 12.50
CA ILE S 102 10.84 -133.04 11.94
C ILE S 102 9.81 -134.04 11.46
N PHE S 103 10.10 -135.34 11.60
CA PHE S 103 9.18 -136.42 11.22
C PHE S 103 8.77 -136.33 9.74
N CYS S 104 9.76 -136.09 8.89
CA CYS S 104 9.48 -135.94 7.46
C CYS S 104 9.15 -137.29 6.82
N GLY S 105 9.77 -138.36 7.31
CA GLY S 105 9.54 -139.68 6.76
C GLY S 105 10.55 -140.16 5.74
N ASN S 106 11.70 -139.49 5.62
CA ASN S 106 12.68 -139.90 4.63
C ASN S 106 13.42 -141.16 5.07
N CYS S 107 13.71 -141.27 6.37
CA CYS S 107 14.45 -142.44 6.88
C CYS S 107 13.62 -143.71 6.72
N VAL S 108 12.34 -143.66 7.08
CA VAL S 108 11.49 -144.84 7.00
C VAL S 108 11.17 -145.19 5.55
N GLU S 109 11.36 -144.24 4.62
CA GLU S 109 11.07 -144.48 3.22
C GLU S 109 12.28 -145.04 2.47
N TYR S 110 13.48 -144.55 2.79
CA TYR S 110 14.68 -144.95 2.07
C TYR S 110 15.51 -145.99 2.81
N CYS S 111 15.00 -146.55 3.90
CA CYS S 111 15.70 -147.63 4.58
C CYS S 111 15.58 -148.92 3.76
N PRO S 112 16.69 -149.56 3.39
CA PRO S 112 16.59 -150.74 2.54
C PRO S 112 16.13 -151.98 3.28
N THR S 113 16.46 -152.08 4.56
CA THR S 113 16.04 -153.21 5.38
C THR S 113 14.68 -153.02 6.03
N ASN S 114 14.09 -151.82 5.90
CA ASN S 114 12.78 -151.49 6.45
C ASN S 114 12.72 -151.71 7.96
N CYS S 115 13.83 -151.47 8.65
CA CYS S 115 13.85 -151.60 10.10
C CYS S 115 13.33 -150.36 10.80
N LEU S 116 13.20 -149.25 10.09
CA LEU S 116 12.68 -148.01 10.65
C LEU S 116 11.20 -147.86 10.28
N SER S 117 10.37 -147.60 11.28
CA SER S 117 8.94 -147.46 11.04
C SER S 117 8.42 -146.23 11.77
N MET S 118 7.30 -145.70 11.28
CA MET S 118 6.60 -144.60 11.92
C MET S 118 5.44 -145.15 12.76
N THR S 119 5.41 -144.75 14.02
CA THR S 119 4.35 -145.14 14.93
C THR S 119 3.34 -144.01 15.08
N GLU S 120 2.31 -144.26 15.87
CA GLU S 120 1.32 -143.24 16.20
C GLU S 120 1.68 -142.48 17.47
N GLU S 121 2.85 -142.74 18.04
CA GLU S 121 3.24 -142.18 19.34
C GLU S 121 3.64 -140.72 19.14
N TYR S 122 2.67 -139.84 19.28
CA TYR S 122 2.90 -138.41 19.45
C TYR S 122 3.09 -138.15 20.94
N GLU S 123 2.95 -136.88 21.37
CA GLU S 123 2.92 -136.48 22.79
C GLU S 123 4.21 -136.86 23.52
N LEU S 124 5.33 -136.68 22.84
CA LEU S 124 6.65 -137.03 23.36
C LEU S 124 7.28 -135.90 24.18
N SER S 125 6.46 -135.04 24.79
CA SER S 125 6.99 -133.90 25.54
C SER S 125 7.77 -134.36 26.76
N THR S 126 8.90 -133.70 27.01
CA THR S 126 9.75 -133.99 28.15
C THR S 126 10.15 -132.68 28.81
N TYR S 127 10.48 -132.76 30.10
CA TYR S 127 10.89 -131.56 30.82
C TYR S 127 12.31 -131.14 30.47
N ASP S 128 13.17 -132.10 30.12
CA ASP S 128 14.56 -131.82 29.79
C ASP S 128 14.79 -132.09 28.32
N ARG S 129 15.54 -131.18 27.68
CA ARG S 129 15.80 -131.30 26.25
C ARG S 129 16.65 -132.53 25.93
N HIS S 130 17.70 -132.77 26.72
CA HIS S 130 18.62 -133.87 26.45
C HIS S 130 18.01 -135.23 26.72
N GLU S 131 16.83 -135.29 27.34
CA GLU S 131 16.10 -136.55 27.44
C GLU S 131 15.46 -136.97 26.12
N LEU S 132 15.49 -136.11 25.10
CA LEU S 132 14.93 -136.42 23.80
C LEU S 132 15.93 -137.14 22.89
N ASN S 133 17.12 -137.46 23.41
CA ASN S 133 18.13 -138.20 22.64
C ASN S 133 17.89 -139.69 22.83
N TYR S 134 16.94 -140.21 22.05
CA TYR S 134 16.58 -141.62 22.17
C TYR S 134 17.65 -142.50 21.54
N ASN S 135 18.12 -143.50 22.29
CA ASN S 135 19.09 -144.44 21.79
C ASN S 135 18.36 -145.67 21.21
N GLN S 136 19.11 -146.74 20.92
CA GLN S 136 18.52 -147.90 20.27
C GLN S 136 17.61 -148.70 21.19
N ILE S 137 17.63 -148.45 22.49
CA ILE S 137 16.69 -149.11 23.40
C ILE S 137 15.38 -148.36 23.48
N ALA S 138 15.43 -147.03 23.59
CA ALA S 138 14.20 -146.23 23.62
C ALA S 138 13.46 -146.29 22.29
N LEU S 139 14.19 -146.32 21.18
CA LEU S 139 13.57 -146.44 19.87
C LEU S 139 12.92 -147.80 19.67
N GLY S 140 13.46 -148.84 20.30
CA GLY S 140 12.94 -150.17 20.16
C GLY S 140 11.71 -150.49 20.97
N ARG S 141 11.26 -149.56 21.82
CA ARG S 141 10.07 -149.80 22.61
C ARG S 141 8.82 -149.74 21.74
N LEU S 142 7.91 -150.69 21.97
CA LEU S 142 6.67 -150.73 21.20
C LEU S 142 5.77 -149.56 21.58
N PRO S 143 5.14 -148.90 20.60
CA PRO S 143 4.28 -147.77 20.92
C PRO S 143 3.03 -148.20 21.65
N ILE S 144 2.53 -147.31 22.50
CA ILE S 144 1.32 -147.54 23.28
C ILE S 144 0.13 -147.06 22.44
N SER S 145 -0.69 -147.99 21.97
CA SER S 145 -1.87 -147.63 21.20
C SER S 145 -2.95 -147.07 22.11
N ILE S 146 -3.65 -146.05 21.61
CA ILE S 146 -4.74 -145.46 22.38
C ILE S 146 -5.94 -146.39 22.44
N THR S 147 -6.02 -147.37 21.53
CA THR S 147 -7.10 -148.36 21.60
C THR S 147 -6.92 -149.31 22.77
N ASP S 148 -5.70 -149.44 23.31
CA ASP S 148 -5.44 -150.28 24.46
C ASP S 148 -5.64 -149.57 25.79
N ASP S 149 -5.85 -148.25 25.77
CA ASP S 149 -6.13 -147.49 26.97
C ASP S 149 -7.65 -147.38 27.09
N TYR S 150 -8.21 -147.97 28.14
CA TYR S 150 -9.65 -148.10 28.27
C TYR S 150 -10.26 -147.10 29.24
N THR S 151 -9.49 -146.08 29.64
CA THR S 151 -10.00 -144.99 30.46
C THR S 151 -10.41 -143.78 29.63
N ILE S 152 -10.25 -143.84 28.30
CA ILE S 152 -10.55 -142.72 27.42
C ILE S 152 -11.51 -143.20 26.33
N ARG S 153 -12.11 -142.24 25.64
CA ARG S 153 -13.01 -142.51 24.53
C ARG S 153 -12.27 -142.22 23.23
N THR S 154 -11.86 -143.27 22.53
CA THR S 154 -11.16 -143.10 21.26
C THR S 154 -12.15 -142.60 20.21
N ILE S 155 -11.80 -141.49 19.56
CA ILE S 155 -12.67 -140.85 18.58
C ILE S 155 -12.17 -141.18 17.18
N LEU S 156 -13.07 -141.65 16.33
CA LEU S 156 -12.79 -141.88 14.92
C LEU S 156 -13.25 -140.67 14.12
N ASN S 157 -12.40 -140.20 13.21
CA ASN S 157 -12.67 -138.95 12.50
C ASN S 157 -13.83 -139.10 11.53
N SER S 158 -13.91 -140.21 10.81
CA SER S 158 -14.92 -140.39 9.77
C SER S 158 -15.43 -141.82 9.88
N PRO S 159 -16.59 -142.11 9.28
CA PRO S 159 -17.05 -143.50 9.20
C PRO S 159 -16.04 -144.36 8.46
N GLN S 160 -16.00 -145.64 8.86
CA GLN S 160 -14.92 -146.54 8.45
C GLN S 160 -14.87 -146.78 6.94
N THR S 161 -15.99 -146.56 6.23
CA THR S 161 -16.18 -146.69 4.78
C THR S 161 -15.52 -147.94 4.18
N LYS S 162 -15.47 -149.02 4.95
CA LYS S 162 -14.90 -150.28 4.50
C LYS S 162 -15.95 -151.22 3.92
N GLU S 163 -17.21 -150.80 3.88
CA GLU S 163 -18.29 -151.61 3.36
C GLU S 163 -18.18 -151.80 1.86
N MET T 1 18.93 -118.19 -32.80
CA MET T 1 18.02 -117.33 -33.56
C MET T 1 17.75 -116.03 -32.82
N GLN T 2 17.62 -114.94 -33.57
CA GLN T 2 17.33 -113.64 -32.97
C GLN T 2 15.90 -113.61 -32.44
N GLY T 3 15.75 -113.13 -31.21
CA GLY T 3 14.43 -112.99 -30.63
C GLY T 3 13.68 -111.79 -31.18
N ARG T 4 12.39 -111.72 -30.81
CA ARG T 4 11.56 -110.60 -31.24
C ARG T 4 12.06 -109.29 -30.62
N LEU T 5 12.36 -109.31 -29.33
CA LEU T 5 12.83 -108.10 -28.65
C LEU T 5 14.21 -107.70 -29.16
N SER T 6 15.09 -108.68 -29.40
CA SER T 6 16.42 -108.37 -29.92
C SER T 6 16.33 -107.77 -31.32
N ALA T 7 15.44 -108.31 -32.16
CA ALA T 7 15.23 -107.74 -33.49
C ALA T 7 14.67 -106.33 -33.40
N TRP T 8 13.75 -106.09 -32.47
CA TRP T 8 13.23 -104.75 -32.28
C TRP T 8 14.32 -103.77 -31.83
N LEU T 9 15.19 -104.22 -30.93
CA LEU T 9 16.26 -103.37 -30.43
C LEU T 9 17.29 -103.06 -31.52
N VAL T 10 17.64 -104.06 -32.33
CA VAL T 10 18.59 -103.81 -33.42
C VAL T 10 17.94 -102.96 -34.51
N LYS T 11 16.62 -103.02 -34.65
CA LYS T 11 15.92 -102.11 -35.54
C LYS T 11 15.96 -100.68 -35.00
N HIS T 12 15.87 -100.52 -33.68
CA HIS T 12 15.94 -99.21 -33.06
C HIS T 12 17.34 -98.81 -32.62
N GLY T 13 18.35 -99.64 -32.91
CA GLY T 13 19.72 -99.30 -32.62
C GLY T 13 20.08 -99.20 -31.16
N LEU T 14 19.62 -100.17 -30.36
CA LEU T 14 19.94 -100.23 -28.94
C LEU T 14 20.94 -101.35 -28.70
N VAL T 15 22.06 -101.02 -28.05
CA VAL T 15 23.10 -102.01 -27.83
C VAL T 15 22.67 -103.01 -26.77
N HIS T 16 23.02 -104.27 -26.98
CA HIS T 16 22.67 -105.38 -26.11
C HIS T 16 23.46 -106.61 -26.55
N ARG T 17 23.17 -107.73 -25.92
CA ARG T 17 23.79 -109.00 -26.30
C ARG T 17 22.85 -110.14 -25.93
N SER T 18 22.58 -111.01 -26.90
CA SER T 18 21.66 -112.12 -26.71
C SER T 18 22.42 -113.33 -26.16
N LEU T 19 22.02 -113.80 -24.98
CA LEU T 19 22.65 -114.95 -24.35
C LEU T 19 21.92 -116.26 -24.63
N GLY T 20 20.83 -116.23 -25.40
CA GLY T 20 20.14 -117.46 -25.76
C GLY T 20 18.76 -117.57 -25.17
N PHE T 21 18.37 -118.79 -24.81
CA PHE T 21 17.03 -119.06 -24.28
C PHE T 21 17.15 -120.01 -23.09
N ASP T 22 16.13 -119.96 -22.24
CA ASP T 22 15.99 -120.92 -21.14
C ASP T 22 15.33 -122.19 -21.68
N TYR T 23 14.90 -123.07 -20.78
CA TYR T 23 14.27 -124.32 -21.20
C TYR T 23 12.91 -124.09 -21.84
N GLN T 24 12.25 -122.97 -21.55
CA GLN T 24 10.97 -122.65 -22.16
C GLN T 24 11.10 -121.79 -23.41
N GLY T 25 12.32 -121.43 -23.81
CA GLY T 25 12.50 -120.63 -25.00
C GLY T 25 12.37 -119.14 -24.80
N ILE T 26 12.29 -118.66 -23.57
CA ILE T 26 12.22 -117.22 -23.32
C ILE T 26 13.59 -116.60 -23.59
N GLU T 27 13.59 -115.47 -24.29
CA GLU T 27 14.84 -114.82 -24.68
C GLU T 27 15.58 -114.31 -23.45
N THR T 28 16.91 -114.38 -23.51
CA THR T 28 17.76 -113.84 -22.46
C THR T 28 18.73 -112.85 -23.09
N LEU T 29 18.65 -111.60 -22.66
CA LEU T 29 19.48 -110.52 -23.17
C LEU T 29 20.36 -109.97 -22.06
N GLN T 30 21.55 -109.51 -22.45
CA GLN T 30 22.48 -108.87 -21.53
C GLN T 30 22.55 -107.38 -21.84
N ILE T 31 22.37 -106.56 -20.82
CA ILE T 31 22.36 -105.11 -20.95
C ILE T 31 23.52 -104.56 -20.12
N LYS T 32 24.31 -103.68 -20.72
CA LYS T 32 25.37 -103.02 -19.97
C LYS T 32 24.76 -102.15 -18.88
N PRO T 33 25.39 -102.06 -17.71
CA PRO T 33 24.80 -101.27 -16.61
C PRO T 33 24.66 -99.80 -16.93
N GLU T 34 25.53 -99.23 -17.75
CA GLU T 34 25.46 -97.80 -18.04
C GLU T 34 24.24 -97.46 -18.89
N ASP T 35 23.74 -98.41 -19.66
CA ASP T 35 22.60 -98.19 -20.56
C ASP T 35 21.30 -98.72 -20.00
N TRP T 36 21.31 -99.34 -18.82
CA TRP T 36 20.15 -100.06 -18.33
C TRP T 36 19.01 -99.12 -17.95
N HIS T 37 19.34 -97.95 -17.39
CA HIS T 37 18.30 -97.00 -17.00
C HIS T 37 17.58 -96.43 -18.22
N SER T 38 18.29 -96.24 -19.33
CA SER T 38 17.64 -95.80 -20.56
C SER T 38 16.89 -96.94 -21.25
N ILE T 39 17.40 -98.16 -21.14
CA ILE T 39 16.79 -99.29 -21.84
C ILE T 39 15.55 -99.80 -21.12
N ALA T 40 15.43 -99.61 -19.81
CA ALA T 40 14.23 -100.07 -19.09
C ALA T 40 12.99 -99.30 -19.53
N VAL T 41 13.11 -97.99 -19.73
CA VAL T 41 11.99 -97.20 -20.21
C VAL T 41 11.56 -97.65 -21.59
N ILE T 42 12.54 -97.92 -22.47
CA ILE T 42 12.26 -98.43 -23.80
C ILE T 42 11.63 -99.82 -23.72
N LEU T 43 12.01 -100.62 -22.74
CA LEU T 43 11.41 -101.93 -22.53
C LEU T 43 9.93 -101.80 -22.18
N TYR T 44 9.61 -100.86 -21.29
CA TYR T 44 8.20 -100.62 -20.99
C TYR T 44 7.47 -100.08 -22.21
N VAL T 45 8.15 -99.23 -22.99
CA VAL T 45 7.58 -98.68 -24.21
C VAL T 45 7.24 -99.79 -25.20
N TYR T 46 8.07 -100.84 -25.24
CA TYR T 46 7.77 -102.02 -26.05
C TYR T 46 6.45 -102.65 -25.64
N GLY T 47 6.12 -102.61 -24.34
CA GLY T 47 4.85 -103.10 -23.88
C GLY T 47 4.92 -104.02 -22.69
N TYR T 48 6.09 -104.12 -22.06
CA TYR T 48 6.28 -105.03 -20.94
C TYR T 48 5.69 -104.40 -19.69
N ASN T 49 4.40 -104.66 -19.50
CA ASN T 49 3.64 -104.10 -18.39
C ASN T 49 4.14 -104.63 -17.05
N TYR T 50 4.47 -105.91 -16.98
CA TYR T 50 4.59 -106.64 -15.74
C TYR T 50 6.05 -107.00 -15.49
N LEU T 51 6.60 -106.50 -14.37
CA LEU T 51 7.89 -106.94 -13.88
C LEU T 51 7.63 -108.13 -12.96
N ARG T 52 7.74 -109.32 -13.53
CA ARG T 52 7.30 -110.53 -12.83
C ARG T 52 8.19 -110.83 -11.62
N SER T 53 9.49 -110.72 -11.78
CA SER T 53 10.42 -110.99 -10.68
C SER T 53 11.74 -110.29 -10.95
N GLN T 54 12.35 -109.77 -9.88
CA GLN T 54 13.70 -109.25 -9.92
C GLN T 54 14.56 -110.11 -9.00
N CYS T 55 15.68 -110.59 -9.52
CA CYS T 55 16.53 -111.50 -8.78
C CYS T 55 17.99 -111.16 -9.04
N ALA T 56 18.85 -111.59 -8.12
CA ALA T 56 20.28 -111.46 -8.27
C ALA T 56 20.93 -112.79 -7.92
N TYR T 57 22.05 -113.08 -8.59
CA TYR T 57 22.73 -114.33 -8.33
C TYR T 57 24.22 -114.17 -8.62
N ASP T 58 24.99 -115.14 -8.12
CA ASP T 58 26.45 -115.14 -8.26
C ASP T 58 26.84 -115.97 -9.47
N VAL T 59 27.53 -115.34 -10.42
CA VAL T 59 28.03 -116.07 -11.58
C VAL T 59 29.12 -117.05 -11.16
N ALA T 60 30.05 -116.59 -10.31
CA ALA T 60 31.12 -117.42 -9.78
C ALA T 60 31.65 -116.73 -8.54
N PRO T 61 32.11 -117.49 -7.53
CA PRO T 61 32.71 -116.86 -6.35
C PRO T 61 33.97 -116.10 -6.73
N GLY T 62 34.10 -114.89 -6.18
CA GLY T 62 35.15 -114.00 -6.60
C GLY T 62 35.00 -113.47 -8.01
N GLY T 63 33.78 -113.48 -8.55
CA GLY T 63 33.51 -113.08 -9.91
C GLY T 63 32.38 -112.07 -9.97
N LEU T 64 31.73 -112.04 -11.14
CA LEU T 64 30.70 -111.05 -11.40
C LEU T 64 29.43 -111.35 -10.63
N LEU T 65 28.68 -110.28 -10.32
CA LEU T 65 27.36 -110.37 -9.72
C LEU T 65 26.33 -110.01 -10.77
N ALA T 66 25.38 -110.90 -11.01
CA ALA T 66 24.38 -110.74 -12.06
C ALA T 66 23.03 -110.44 -11.43
N SER T 67 22.36 -109.41 -11.94
CA SER T 67 21.00 -109.06 -11.54
C SER T 67 20.04 -109.42 -12.67
N VAL T 68 18.96 -110.11 -12.32
CA VAL T 68 18.07 -110.72 -13.29
C VAL T 68 16.70 -110.06 -13.20
N TYR T 69 16.12 -109.73 -14.36
CA TYR T 69 14.79 -109.17 -14.46
C TYR T 69 13.95 -110.04 -15.38
N HIS T 70 12.75 -110.39 -14.94
CA HIS T 70 11.79 -111.12 -15.76
C HIS T 70 10.64 -110.19 -16.11
N LEU T 71 10.30 -110.12 -17.39
CA LEU T 71 9.30 -109.17 -17.85
C LEU T 71 8.27 -109.88 -18.72
N THR T 72 7.02 -109.43 -18.62
CA THR T 72 5.95 -109.95 -19.45
C THR T 72 4.91 -108.85 -19.65
N ARG T 73 3.86 -109.18 -20.41
CA ARG T 73 2.79 -108.24 -20.71
C ARG T 73 1.48 -108.73 -20.12
N ILE T 74 0.73 -107.82 -19.52
CA ILE T 74 -0.64 -108.09 -19.08
C ILE T 74 -1.56 -107.23 -19.94
N GLU T 75 -2.37 -107.88 -20.77
CA GLU T 75 -3.23 -107.20 -21.71
C GLU T 75 -4.46 -108.05 -21.96
N TYR T 76 -5.55 -107.40 -22.38
CA TYR T 76 -6.77 -108.11 -22.74
C TYR T 76 -6.65 -108.67 -24.14
N GLY T 77 -7.03 -109.94 -24.30
CA GLY T 77 -7.12 -110.54 -25.62
C GLY T 77 -5.83 -111.11 -26.17
N VAL T 78 -4.76 -111.20 -25.38
CA VAL T 78 -3.52 -111.82 -25.82
C VAL T 78 -3.51 -113.26 -25.31
N ASP T 79 -3.28 -114.21 -26.24
CA ASP T 79 -3.31 -115.61 -25.87
C ASP T 79 -2.02 -116.04 -25.17
N GLN T 80 -0.89 -115.90 -25.86
CA GLN T 80 0.41 -116.26 -25.29
C GLN T 80 1.21 -114.98 -25.04
N PRO T 81 1.38 -114.57 -23.79
CA PRO T 81 2.16 -113.36 -23.51
C PRO T 81 3.63 -113.57 -23.79
N GLU T 82 4.31 -112.46 -24.07
CA GLU T 82 5.74 -112.47 -24.39
C GLU T 82 6.53 -112.18 -23.13
N GLU T 83 7.42 -113.11 -22.76
CA GLU T 83 8.23 -113.00 -21.57
C GLU T 83 9.70 -112.93 -21.96
N VAL T 84 10.46 -112.09 -21.27
CA VAL T 84 11.89 -111.91 -21.54
C VAL T 84 12.66 -111.88 -20.23
N CYS T 85 13.80 -112.56 -20.22
CA CYS T 85 14.77 -112.49 -19.15
C CYS T 85 15.90 -111.57 -19.55
N ILE T 86 16.33 -110.70 -18.63
CA ILE T 86 17.39 -109.73 -18.92
C ILE T 86 18.34 -109.68 -17.73
N LYS T 87 19.63 -109.83 -18.01
CA LYS T 87 20.66 -109.91 -16.98
C LYS T 87 21.64 -108.75 -17.13
N VAL T 88 21.94 -108.10 -16.01
CA VAL T 88 22.93 -107.02 -15.95
C VAL T 88 24.04 -107.46 -15.01
N PHE T 89 25.27 -107.40 -15.50
CA PHE T 89 26.43 -107.89 -14.76
C PHE T 89 27.22 -106.73 -14.20
N ALA T 90 27.61 -106.84 -12.93
CA ALA T 90 28.37 -105.83 -12.23
C ALA T 90 29.57 -106.47 -11.54
N PRO T 91 30.68 -105.75 -11.44
CA PRO T 91 31.87 -106.30 -10.77
C PRO T 91 31.66 -106.46 -9.28
N ARG T 92 32.41 -107.39 -8.70
CA ARG T 92 32.28 -107.68 -7.27
C ARG T 92 32.87 -106.57 -6.41
N ARG T 93 33.90 -105.89 -6.90
CA ARG T 93 34.61 -104.90 -6.08
C ARG T 93 33.70 -103.73 -5.72
N ASN T 94 32.88 -103.28 -6.66
CA ASN T 94 31.94 -102.18 -6.40
C ASN T 94 30.77 -102.31 -7.36
N PRO T 95 29.79 -103.16 -7.03
CA PRO T 95 28.65 -103.38 -7.94
C PRO T 95 27.70 -102.20 -7.93
N ARG T 96 27.43 -101.66 -9.11
CA ARG T 96 26.52 -100.53 -9.28
C ARG T 96 25.62 -100.78 -10.47
N ILE T 97 24.32 -100.84 -10.22
CA ILE T 97 23.33 -101.08 -11.27
C ILE T 97 22.19 -100.09 -11.07
N PRO T 98 21.75 -99.39 -12.13
CA PRO T 98 20.64 -98.45 -11.97
C PRO T 98 19.35 -99.14 -11.60
N SER T 99 18.53 -98.45 -10.82
CA SER T 99 17.28 -99.01 -10.31
C SER T 99 16.15 -98.76 -11.30
N VAL T 100 15.30 -99.76 -11.48
CA VAL T 100 14.14 -99.66 -12.33
C VAL T 100 12.87 -99.38 -11.53
N PHE T 101 13.02 -98.90 -10.29
CA PHE T 101 11.86 -98.56 -9.47
C PHE T 101 11.06 -97.41 -10.08
N TRP T 102 11.71 -96.54 -10.84
CA TRP T 102 11.03 -95.44 -11.50
C TRP T 102 10.39 -95.86 -12.82
N VAL T 103 10.57 -97.10 -13.24
CA VAL T 103 9.83 -97.67 -14.37
C VAL T 103 8.78 -98.65 -13.90
N TRP T 104 9.18 -99.69 -13.17
CA TRP T 104 8.27 -100.61 -12.51
C TRP T 104 8.43 -100.49 -11.01
N LYS T 105 7.33 -100.20 -10.31
CA LYS T 105 7.39 -100.06 -8.86
C LYS T 105 7.60 -101.40 -8.16
N SER T 106 7.36 -102.51 -8.85
CA SER T 106 7.48 -103.85 -8.26
C SER T 106 8.90 -104.15 -7.80
N ALA T 107 9.90 -103.45 -8.33
CA ALA T 107 11.27 -103.67 -7.89
C ALA T 107 11.54 -103.11 -6.51
N ASP T 108 10.60 -102.34 -5.94
CA ASP T 108 10.83 -101.53 -4.76
C ASP T 108 11.39 -102.38 -3.62
N PHE T 109 10.70 -103.46 -3.26
CA PHE T 109 11.24 -104.37 -2.27
C PHE T 109 12.35 -105.23 -2.86
N GLN T 110 12.15 -105.70 -4.09
CA GLN T 110 12.96 -106.81 -4.62
C GLN T 110 14.42 -106.41 -4.76
N GLU T 111 14.67 -105.21 -5.31
CA GLU T 111 16.03 -104.71 -5.43
C GLU T 111 16.68 -104.58 -4.06
N ARG T 112 15.91 -104.18 -3.05
CA ARG T 112 16.43 -104.14 -1.69
C ARG T 112 16.90 -105.52 -1.25
N GLU T 113 16.14 -106.56 -1.59
CA GLU T 113 16.58 -107.92 -1.34
C GLU T 113 17.89 -108.20 -2.05
N SER T 114 17.99 -107.76 -3.32
CA SER T 114 19.23 -107.92 -4.05
C SER T 114 20.36 -107.13 -3.41
N TYR T 115 20.03 -106.03 -2.74
CA TYR T 115 21.05 -105.32 -1.98
C TYR T 115 21.36 -106.03 -0.67
N ASP T 116 20.36 -106.66 -0.06
CA ASP T 116 20.57 -107.26 1.26
C ASP T 116 21.36 -108.56 1.17
N MET T 117 21.12 -109.34 0.12
CA MET T 117 21.71 -110.66 0.00
C MET T 117 23.05 -110.65 -0.73
N PHE T 118 23.20 -109.81 -1.75
CA PHE T 118 24.40 -109.81 -2.57
C PHE T 118 25.18 -108.51 -2.56
N GLY T 119 24.62 -107.43 -2.03
CA GLY T 119 25.34 -106.18 -1.95
C GLY T 119 25.37 -105.37 -3.22
N ILE T 120 24.51 -105.67 -4.19
CA ILE T 120 24.43 -104.87 -5.40
C ILE T 120 23.73 -103.56 -5.06
N SER T 121 24.47 -102.45 -5.20
CA SER T 121 23.93 -101.14 -4.86
C SER T 121 23.16 -100.59 -6.05
N TYR T 122 21.93 -100.15 -5.79
CA TYR T 122 21.06 -99.58 -6.81
C TYR T 122 20.99 -98.07 -6.61
N ASP T 123 21.23 -97.32 -7.70
CA ASP T 123 21.51 -95.90 -7.58
C ASP T 123 20.23 -95.11 -7.26
N ASN T 124 19.25 -95.16 -8.14
CA ASN T 124 18.07 -94.32 -8.02
C ASN T 124 17.00 -94.89 -7.11
N HIS T 125 17.29 -95.98 -6.41
CA HIS T 125 16.36 -96.50 -5.42
C HIS T 125 16.32 -95.53 -4.24
N PRO T 126 15.15 -95.00 -3.86
CA PRO T 126 15.13 -93.95 -2.84
C PRO T 126 15.24 -94.47 -1.41
N ARG T 127 15.01 -95.76 -1.18
CA ARG T 127 14.97 -96.33 0.17
C ARG T 127 15.82 -97.59 0.24
N LEU T 128 17.01 -97.54 -0.34
CA LEU T 128 17.87 -98.72 -0.41
C LEU T 128 18.46 -99.01 0.96
N LYS T 129 17.92 -100.03 1.63
CA LYS T 129 18.42 -100.47 2.91
C LYS T 129 18.09 -101.94 3.07
N ARG T 130 18.71 -102.57 4.07
CA ARG T 130 18.50 -104.00 4.30
C ARG T 130 17.06 -104.26 4.69
N ILE T 131 16.48 -105.31 4.10
CA ILE T 131 15.06 -105.61 4.22
C ILE T 131 14.83 -106.91 4.98
N LEU T 132 15.60 -107.96 4.67
CA LEU T 132 15.42 -109.25 5.32
C LEU T 132 16.35 -109.43 6.51
N MET T 133 17.62 -109.12 6.34
CA MET T 133 18.61 -109.24 7.39
C MET T 133 18.43 -108.09 8.38
N PRO T 134 18.99 -108.20 9.59
CA PRO T 134 18.98 -107.05 10.50
C PRO T 134 19.68 -105.84 9.88
N GLU T 135 19.13 -104.66 10.19
CA GLU T 135 19.58 -103.43 9.55
C GLU T 135 21.01 -103.04 9.92
N SER T 136 21.55 -103.58 11.02
CA SER T 136 22.91 -103.28 11.43
C SER T 136 23.90 -104.36 11.00
N TRP T 137 23.46 -105.32 10.19
CA TRP T 137 24.31 -106.41 9.77
C TRP T 137 25.42 -105.93 8.83
N ILE T 138 26.58 -106.56 8.93
CA ILE T 138 27.72 -106.29 8.06
C ILE T 138 28.00 -107.57 7.27
N GLY T 139 27.87 -107.48 5.95
CA GLY T 139 28.12 -108.63 5.10
C GLY T 139 26.89 -109.00 4.29
N TRP T 140 27.14 -109.67 3.17
CA TRP T 140 26.10 -110.10 2.25
C TRP T 140 26.00 -111.62 2.28
N PRO T 141 24.95 -112.19 2.87
CA PRO T 141 24.95 -113.63 3.17
C PRO T 141 24.88 -114.55 1.96
N LEU T 142 24.21 -114.14 0.89
CA LEU T 142 23.99 -115.07 -0.22
C LEU T 142 25.16 -115.18 -1.18
N ARG T 143 26.21 -114.40 -1.00
CA ARG T 143 27.40 -114.58 -1.83
C ARG T 143 28.07 -115.89 -1.50
N LYS T 144 28.64 -116.52 -2.53
CA LYS T 144 29.14 -117.89 -2.40
C LYS T 144 30.35 -118.00 -1.48
N ASP T 145 31.06 -116.90 -1.24
CA ASP T 145 32.23 -116.91 -0.37
C ASP T 145 31.95 -116.24 0.97
N TYR T 146 30.68 -116.10 1.35
CA TYR T 146 30.33 -115.54 2.65
C TYR T 146 30.59 -116.55 3.76
N ILE T 147 31.03 -116.04 4.90
CA ILE T 147 31.33 -116.87 6.07
C ILE T 147 30.65 -116.26 7.29
N VAL T 148 29.87 -117.08 7.99
CA VAL T 148 29.11 -116.61 9.16
C VAL T 148 30.07 -116.42 10.32
N PRO T 149 30.05 -115.25 11.00
CA PRO T 149 31.08 -114.93 12.00
C PRO T 149 30.82 -115.47 13.40
N ASN T 150 30.43 -116.75 13.49
CA ASN T 150 30.50 -117.54 14.72
C ASN T 150 29.70 -116.92 15.87
N PHE T 151 28.44 -116.60 15.61
CA PHE T 151 27.58 -116.12 16.68
C PHE T 151 27.19 -117.27 17.60
N TYR T 152 27.00 -116.94 18.88
CA TYR T 152 26.75 -117.97 19.89
C TYR T 152 25.42 -118.66 19.66
N GLU T 153 24.36 -117.90 19.35
CA GLU T 153 23.04 -118.49 19.21
C GLU T 153 22.85 -119.20 17.87
N ILE T 154 23.82 -119.12 16.96
CA ILE T 154 23.79 -119.93 15.75
C ILE T 154 24.45 -121.30 15.96
N GLN T 155 25.35 -121.42 16.93
CA GLN T 155 26.05 -122.66 17.19
C GLN T 155 25.11 -123.75 17.69
N ASP T 156 25.65 -124.97 17.81
CA ASP T 156 24.87 -126.13 18.20
C ASP T 156 24.24 -125.92 19.58
N ALA T 157 22.98 -126.35 19.71
CA ALA T 157 22.32 -126.40 21.00
C ALA T 157 22.98 -127.49 21.83
N TYR T 158 23.82 -127.09 22.77
CA TYR T 158 24.65 -128.03 23.53
C TYR T 158 23.82 -128.89 24.48
N MET U 1 35.08 -131.25 33.44
CA MET U 1 33.78 -131.75 33.85
C MET U 1 32.83 -130.62 34.23
N ASN U 2 31.78 -130.45 33.45
CA ASN U 2 30.69 -129.53 33.78
C ASN U 2 29.85 -130.12 34.90
N SER U 3 30.24 -129.87 36.14
CA SER U 3 29.60 -130.43 37.32
C SER U 3 28.48 -129.50 37.78
N ILE U 4 27.68 -130.01 38.72
CA ILE U 4 26.57 -129.27 39.29
C ILE U 4 26.80 -129.13 40.79
N GLU U 5 26.19 -128.11 41.40
CA GLU U 5 26.42 -127.83 42.81
C GLU U 5 25.19 -127.17 43.43
N PHE U 6 24.85 -127.60 44.66
CA PHE U 6 23.75 -127.05 45.44
C PHE U 6 24.27 -125.95 46.36
N PRO U 7 23.69 -124.75 46.33
CA PRO U 7 24.12 -123.68 47.22
C PRO U 7 23.62 -123.92 48.64
N LEU U 8 24.05 -123.04 49.55
CA LEU U 8 23.69 -123.14 50.96
C LEU U 8 22.37 -122.44 51.22
N LEU U 9 21.44 -123.16 51.85
CA LEU U 9 20.10 -122.65 52.14
C LEU U 9 19.69 -123.02 53.55
N ASP U 10 18.64 -122.37 54.03
CA ASP U 10 18.10 -122.60 55.36
C ASP U 10 16.92 -123.57 55.31
N GLN U 11 16.40 -123.89 56.48
CA GLN U 11 15.21 -124.74 56.58
C GLN U 11 14.00 -123.98 56.05
N ILE U 12 13.01 -124.73 55.55
CA ILE U 12 11.96 -124.16 54.71
C ILE U 12 11.01 -123.27 55.52
N ALA U 13 10.24 -123.88 56.44
CA ALA U 13 9.19 -123.20 57.19
C ALA U 13 8.45 -124.16 58.11
N GLN U 14 7.78 -125.16 57.51
CA GLN U 14 6.88 -126.11 58.14
C GLN U 14 5.62 -125.42 58.67
N ASN U 15 4.45 -125.91 58.27
CA ASN U 15 3.19 -125.32 58.69
C ASN U 15 2.12 -126.40 58.73
N SER U 16 1.06 -126.13 59.48
CA SER U 16 -0.02 -127.09 59.70
C SER U 16 -1.19 -126.87 58.73
N VAL U 17 -1.79 -125.69 58.76
CA VAL U 17 -3.04 -125.46 58.03
C VAL U 17 -2.92 -124.28 57.08
N ILE U 18 -2.52 -123.12 57.59
CA ILE U 18 -2.68 -121.87 56.85
C ILE U 18 -1.77 -121.83 55.62
N SER U 19 -0.46 -121.87 55.85
CA SER U 19 0.49 -121.65 54.76
C SER U 19 0.43 -122.78 53.73
N THR U 20 0.31 -124.04 54.19
CA THR U 20 0.34 -125.17 53.27
C THR U 20 -0.88 -125.17 52.37
N THR U 21 -2.07 -125.01 52.94
CA THR U 21 -3.29 -124.99 52.12
C THR U 21 -3.35 -123.73 51.25
N SER U 22 -2.84 -122.60 51.75
CA SER U 22 -2.77 -121.40 50.93
C SER U 22 -1.88 -121.62 49.71
N ASN U 23 -0.72 -122.24 49.91
CA ASN U 23 0.18 -122.55 48.79
C ASN U 23 -0.45 -123.53 47.82
N ASP U 24 -1.14 -124.54 48.33
CA ASP U 24 -1.80 -125.51 47.46
C ASP U 24 -2.90 -124.85 46.63
N LEU U 25 -3.70 -123.96 47.25
CA LEU U 25 -4.75 -123.28 46.52
C LEU U 25 -4.19 -122.29 45.51
N SER U 26 -3.08 -121.61 45.84
CA SER U 26 -2.43 -120.74 44.87
C SER U 26 -1.91 -121.54 43.68
N ASN U 27 -1.31 -122.70 43.94
CA ASN U 27 -0.86 -123.56 42.86
C ASN U 27 -2.02 -124.02 41.99
N TRP U 28 -3.14 -124.42 42.62
CA TRP U 28 -4.30 -124.84 41.85
C TRP U 28 -4.88 -123.71 41.02
N SER U 29 -4.92 -122.50 41.57
CA SER U 29 -5.42 -121.36 40.80
C SER U 29 -4.53 -121.06 39.61
N ARG U 30 -3.21 -121.14 39.79
CA ARG U 30 -2.33 -120.91 38.65
C ARG U 30 -2.32 -122.09 37.69
N LEU U 31 -2.83 -123.25 38.10
CA LEU U 31 -2.98 -124.37 37.18
C LEU U 31 -4.03 -124.09 36.11
N SER U 32 -5.21 -123.66 36.52
CA SER U 32 -6.39 -123.67 35.68
C SER U 32 -6.56 -122.39 34.88
N SER U 33 -5.64 -121.44 34.98
CA SER U 33 -5.78 -120.16 34.29
C SER U 33 -4.45 -119.74 33.68
N LEU U 34 -3.75 -120.67 33.05
CA LEU U 34 -2.47 -120.37 32.40
C LEU U 34 -2.73 -119.63 31.10
N TRP U 35 -2.85 -118.31 31.17
CA TRP U 35 -3.20 -117.53 29.99
C TRP U 35 -2.01 -117.42 29.05
N PRO U 36 -2.10 -117.90 27.83
CA PRO U 36 -0.97 -117.80 26.90
C PRO U 36 -0.78 -116.38 26.38
N LEU U 37 0.43 -116.15 25.86
CA LEU U 37 0.84 -114.82 25.40
C LEU U 37 0.24 -114.45 24.04
N LEU U 38 -0.34 -115.41 23.32
CA LEU U 38 -0.68 -115.25 21.90
C LEU U 38 0.55 -114.81 21.11
N TYR U 39 1.67 -115.45 21.41
CA TYR U 39 2.93 -115.19 20.71
C TYR U 39 3.04 -116.16 19.55
N GLY U 40 2.92 -115.64 18.33
CA GLY U 40 3.03 -116.48 17.15
C GLY U 40 4.06 -115.95 16.19
N THR U 41 4.93 -116.83 15.70
CA THR U 41 6.02 -116.42 14.83
C THR U 41 5.97 -117.07 13.46
N SER U 42 5.69 -118.38 13.39
CA SER U 42 5.89 -119.14 12.17
C SER U 42 4.79 -120.21 12.09
N CYS U 43 5.07 -121.24 11.29
CA CYS U 43 4.05 -122.24 10.93
C CYS U 43 3.43 -122.93 12.13
N CYS U 44 4.20 -123.13 13.21
CA CYS U 44 3.68 -123.81 14.38
C CYS U 44 2.51 -123.06 15.01
N PHE U 45 2.50 -121.72 14.88
CA PHE U 45 1.39 -120.92 15.38
C PHE U 45 0.06 -121.34 14.77
N ILE U 46 0.08 -121.84 13.54
CA ILE U 46 -1.14 -122.33 12.91
C ILE U 46 -1.75 -123.45 13.74
N GLU U 47 -0.91 -124.39 14.18
CA GLU U 47 -1.41 -125.44 15.07
C GLU U 47 -1.84 -124.85 16.41
N PHE U 48 -1.14 -123.81 16.86
CA PHE U 48 -1.60 -123.06 18.03
C PHE U 48 -2.99 -122.49 17.78
N ALA U 49 -3.22 -121.96 16.58
CA ALA U 49 -4.55 -121.51 16.21
C ALA U 49 -5.54 -122.67 16.21
N SER U 50 -5.07 -123.86 15.80
CA SER U 50 -5.93 -125.04 15.86
C SER U 50 -6.27 -125.44 17.27
N LEU U 51 -5.49 -124.99 18.25
CA LEU U 51 -5.83 -125.19 19.65
C LEU U 51 -6.67 -124.06 20.23
N ILE U 52 -6.83 -122.96 19.50
CA ILE U 52 -7.80 -121.95 19.91
C ILE U 52 -9.18 -122.31 19.36
N GLY U 53 -9.22 -123.04 18.24
CA GLY U 53 -10.46 -123.32 17.56
C GLY U 53 -11.39 -124.30 18.25
N SER U 54 -12.35 -124.83 17.49
CA SER U 54 -13.44 -125.59 18.06
C SER U 54 -13.12 -127.06 18.29
N ARG U 55 -12.33 -127.68 17.40
CA ARG U 55 -12.10 -129.12 17.50
C ARG U 55 -11.26 -129.46 18.73
N PHE U 56 -10.21 -128.69 18.99
CA PHE U 56 -9.47 -128.76 20.24
C PHE U 56 -9.57 -127.41 20.91
N ASP U 57 -10.11 -127.38 22.12
CA ASP U 57 -10.52 -126.15 22.77
C ASP U 57 -9.48 -125.72 23.79
N PHE U 58 -9.03 -124.47 23.70
CA PHE U 58 -8.18 -123.88 24.72
C PHE U 58 -8.95 -123.65 26.01
N ASP U 59 -10.26 -123.37 25.91
CA ASP U 59 -11.03 -122.90 27.05
C ASP U 59 -11.26 -123.98 28.11
N ARG U 60 -11.11 -125.26 27.76
CA ARG U 60 -11.34 -126.32 28.73
C ARG U 60 -10.29 -126.29 29.84
N TYR U 61 -9.06 -125.91 29.52
CA TYR U 61 -8.02 -125.73 30.51
C TYR U 61 -8.00 -124.33 31.08
N GLY U 62 -8.93 -123.47 30.69
CA GLY U 62 -8.81 -122.04 30.91
C GLY U 62 -8.12 -121.43 29.72
N LEU U 63 -6.89 -120.98 29.91
CA LEU U 63 -5.91 -120.77 28.83
C LEU U 63 -6.43 -119.82 27.76
N VAL U 64 -7.07 -118.74 28.19
CA VAL U 64 -7.53 -117.70 27.27
C VAL U 64 -6.33 -116.88 26.80
N PRO U 65 -6.14 -116.72 25.49
CA PRO U 65 -4.98 -115.98 25.00
C PRO U 65 -5.11 -114.49 25.28
N ARG U 66 -4.07 -113.91 25.88
CA ARG U 66 -4.03 -112.49 26.20
C ARG U 66 -2.88 -111.86 25.42
N ALA U 67 -3.18 -110.74 24.75
CA ALA U 67 -2.19 -110.13 23.87
C ALA U 67 -1.06 -109.48 24.66
N SER U 68 -1.40 -108.73 25.71
CA SER U 68 -0.37 -108.02 26.45
C SER U 68 0.44 -109.00 27.30
N PRO U 69 1.76 -108.81 27.36
CA PRO U 69 2.58 -109.66 28.24
C PRO U 69 2.23 -109.54 29.72
N ARG U 70 1.79 -108.36 30.15
CA ARG U 70 1.50 -108.15 31.57
C ARG U 70 0.33 -109.00 32.04
N GLN U 71 -0.53 -109.44 31.12
CA GLN U 71 -1.68 -110.26 31.45
C GLN U 71 -1.46 -111.73 31.10
N ALA U 72 -0.23 -112.12 30.77
CA ALA U 72 0.07 -113.49 30.34
C ALA U 72 0.97 -114.19 31.34
N ASP U 73 0.59 -115.42 31.70
CA ASP U 73 1.42 -116.25 32.56
C ASP U 73 2.37 -117.14 31.75
N LEU U 74 1.85 -117.77 30.71
CA LEU U 74 2.60 -118.72 29.91
C LEU U 74 2.92 -118.12 28.55
N ILE U 75 4.17 -118.26 28.12
CA ILE U 75 4.56 -117.96 26.76
C ILE U 75 4.80 -119.28 26.05
N LEU U 76 4.06 -119.50 24.97
CA LEU U 76 4.10 -120.77 24.25
C LEU U 76 4.78 -120.45 22.91
N THR U 77 6.10 -120.57 22.91
CA THR U 77 6.93 -120.12 21.79
C THR U 77 6.70 -121.02 20.58
N ALA U 78 5.97 -120.50 19.61
CA ALA U 78 5.64 -121.23 18.39
C ALA U 78 6.33 -120.56 17.21
N GLY U 79 7.36 -121.22 16.68
CA GLY U 79 8.03 -120.70 15.50
C GLY U 79 9.52 -120.54 15.65
N THR U 80 10.24 -120.47 14.52
CA THR U 80 11.67 -120.24 14.57
C THR U 80 11.96 -118.83 15.06
N VAL U 81 12.98 -118.70 15.88
CA VAL U 81 13.40 -117.41 16.41
C VAL U 81 14.66 -117.01 15.66
N THR U 82 14.54 -116.01 14.80
CA THR U 82 15.70 -115.54 14.07
C THR U 82 16.53 -114.60 14.93
N MET U 83 17.68 -114.19 14.39
CA MET U 83 18.53 -113.23 15.09
C MET U 83 17.83 -111.88 15.24
N LYS U 84 16.99 -111.52 14.26
CA LYS U 84 16.27 -110.26 14.32
C LYS U 84 15.14 -110.28 15.33
N MET U 85 14.65 -111.46 15.70
CA MET U 85 13.49 -111.59 16.58
C MET U 85 13.85 -111.95 18.01
N ALA U 86 14.98 -112.62 18.22
CA ALA U 86 15.36 -113.11 19.54
C ALA U 86 15.43 -112.04 20.63
N PRO U 87 16.01 -110.84 20.42
CA PRO U 87 15.90 -109.81 21.47
C PRO U 87 14.47 -109.41 21.77
N SER U 88 13.60 -109.36 20.76
CA SER U 88 12.19 -109.07 21.00
C SER U 88 11.53 -110.17 21.81
N LEU U 89 11.87 -111.43 21.53
CA LEU U 89 11.34 -112.55 22.30
C LEU U 89 11.77 -112.48 23.76
N LEU U 90 13.05 -112.18 24.00
CA LEU U 90 13.53 -112.07 25.37
C LEU U 90 12.89 -110.88 26.09
N ARG U 91 12.65 -109.78 25.38
CA ARG U 91 11.96 -108.65 26.05
C ARG U 91 10.57 -109.14 26.42
N LEU U 92 9.85 -109.71 25.46
CA LEU U 92 8.48 -110.10 25.76
C LEU U 92 8.42 -111.06 26.95
N TYR U 93 9.38 -111.98 27.04
CA TYR U 93 9.43 -112.87 28.19
C TYR U 93 9.71 -112.10 29.47
N GLU U 94 10.64 -111.14 29.42
CA GLU U 94 11.00 -110.39 30.61
C GLU U 94 9.85 -109.50 31.07
N GLN U 95 9.09 -108.93 30.14
CA GLN U 95 7.99 -108.06 30.51
C GLN U 95 6.80 -108.81 31.10
N MET U 96 6.77 -110.14 30.98
CA MET U 96 5.70 -110.91 31.60
C MET U 96 5.90 -110.95 33.11
N PRO U 97 4.84 -110.86 33.89
CA PRO U 97 4.98 -110.83 35.35
C PRO U 97 5.18 -112.22 35.94
N GLU U 98 5.89 -112.26 37.05
CA GLU U 98 6.15 -113.52 37.72
C GLU U 98 4.92 -113.99 38.51
N PRO U 99 4.72 -115.30 38.62
CA PRO U 99 5.49 -116.40 38.02
C PRO U 99 5.13 -116.60 36.55
N LYS U 100 6.11 -116.91 35.71
CA LYS U 100 5.89 -117.09 34.30
C LYS U 100 6.52 -118.39 33.83
N TYR U 101 5.93 -118.99 32.81
CA TYR U 101 6.31 -120.30 32.33
C TYR U 101 6.49 -120.27 30.82
N VAL U 102 7.43 -121.09 30.34
CA VAL U 102 7.79 -121.13 28.93
C VAL U 102 7.64 -122.56 28.44
N ILE U 103 6.98 -122.73 27.29
CA ILE U 103 6.89 -124.02 26.60
C ILE U 103 7.49 -123.83 25.21
N ALA U 104 8.54 -124.59 24.92
CA ALA U 104 9.18 -124.55 23.61
C ALA U 104 8.50 -125.59 22.72
N MET U 105 7.63 -125.13 21.83
CA MET U 105 6.89 -126.02 20.94
C MET U 105 7.53 -126.00 19.56
N GLY U 106 7.62 -127.17 18.95
CA GLY U 106 8.27 -127.27 17.66
C GLY U 106 9.73 -127.67 17.79
N ALA U 107 10.24 -128.34 16.75
CA ALA U 107 11.64 -128.69 16.73
C ALA U 107 12.52 -127.46 16.53
N CYS U 108 11.98 -126.41 15.92
CA CYS U 108 12.76 -125.20 15.70
C CYS U 108 12.93 -124.38 16.97
N THR U 109 12.11 -124.62 17.98
CA THR U 109 12.22 -123.91 19.25
C THR U 109 13.04 -124.69 20.27
N ILE U 110 13.19 -126.00 20.08
CA ILE U 110 13.98 -126.80 21.00
C ILE U 110 15.46 -126.73 20.64
N THR U 111 15.79 -127.00 19.38
CA THR U 111 17.18 -127.06 18.94
C THR U 111 17.42 -126.43 17.58
N GLY U 112 16.42 -125.80 16.96
CA GLY U 112 16.56 -125.24 15.64
C GLY U 112 15.92 -126.05 14.54
N GLY U 113 15.70 -127.34 14.76
CA GLY U 113 15.00 -128.17 13.78
C GLY U 113 15.77 -128.30 12.48
N MET U 114 15.02 -128.18 11.37
CA MET U 114 15.62 -128.29 10.04
C MET U 114 16.68 -127.23 9.81
N PHE U 115 16.57 -126.09 10.47
CA PHE U 115 17.50 -124.99 10.33
C PHE U 115 18.68 -125.10 11.28
N SER U 116 18.85 -126.25 11.93
CA SER U 116 19.98 -126.44 12.84
C SER U 116 21.29 -126.62 12.10
N THR U 117 21.26 -126.79 10.77
CA THR U 117 22.44 -127.20 10.03
C THR U 117 23.01 -126.11 9.13
N ASP U 118 22.17 -125.40 8.37
CA ASP U 118 22.66 -124.47 7.37
C ASP U 118 22.11 -123.05 7.47
N SER U 119 21.13 -122.79 8.33
CA SER U 119 20.60 -121.45 8.45
C SER U 119 21.59 -120.54 9.16
N TYR U 120 21.81 -119.36 8.60
CA TYR U 120 22.77 -118.40 9.15
C TYR U 120 22.13 -117.40 10.09
N SER U 121 20.84 -117.53 10.40
CA SER U 121 20.18 -116.58 11.29
C SER U 121 19.22 -117.22 12.27
N THR U 122 19.10 -118.54 12.31
CA THR U 122 18.12 -119.21 13.16
C THR U 122 18.76 -119.55 14.51
N VAL U 123 18.14 -119.07 15.59
CA VAL U 123 18.61 -119.41 16.93
C VAL U 123 18.27 -120.86 17.21
N ARG U 124 19.28 -121.66 17.54
CA ARG U 124 19.10 -123.09 17.75
C ARG U 124 18.60 -123.32 19.18
N GLY U 125 17.30 -123.09 19.35
CA GLY U 125 16.66 -123.30 20.64
C GLY U 125 16.55 -122.05 21.48
N VAL U 126 15.36 -121.81 22.05
CA VAL U 126 15.17 -120.66 22.92
C VAL U 126 15.68 -120.89 24.33
N ASP U 127 16.18 -122.09 24.64
CA ASP U 127 16.85 -122.31 25.91
C ASP U 127 18.15 -121.51 26.01
N LYS U 128 18.68 -121.05 24.88
CA LYS U 128 19.76 -120.08 24.86
C LYS U 128 19.28 -118.66 25.17
N LEU U 129 17.97 -118.43 25.19
CA LEU U 129 17.40 -117.11 25.44
C LEU U 129 16.52 -117.07 26.66
N ILE U 130 15.62 -118.04 26.82
CA ILE U 130 14.65 -118.03 27.92
C ILE U 130 14.67 -119.40 28.61
N PRO U 131 14.44 -119.45 29.92
CA PRO U 131 14.41 -120.75 30.61
C PRO U 131 13.13 -121.49 30.29
N VAL U 132 13.28 -122.67 29.69
CA VAL U 132 12.15 -123.45 29.19
C VAL U 132 11.76 -124.49 30.24
N ASP U 133 10.47 -124.56 30.55
CA ASP U 133 9.98 -125.55 31.51
C ASP U 133 9.71 -126.88 30.82
N VAL U 134 8.94 -126.87 29.73
CA VAL U 134 8.52 -128.09 29.04
C VAL U 134 8.93 -127.97 27.58
N TYR U 135 9.62 -129.00 27.08
CA TYR U 135 10.02 -129.08 25.69
C TYR U 135 9.02 -129.94 24.93
N LEU U 136 8.54 -129.44 23.79
CA LEU U 136 7.52 -130.13 23.00
C LEU U 136 8.10 -130.47 21.63
N PRO U 137 8.53 -131.71 21.40
CA PRO U 137 9.09 -132.08 20.10
C PRO U 137 8.01 -132.23 19.04
N GLY U 138 8.45 -132.08 17.79
CA GLY U 138 7.56 -132.28 16.65
C GLY U 138 7.45 -131.09 15.73
N CYS U 139 7.51 -131.34 14.42
CA CYS U 139 7.24 -130.26 13.48
C CYS U 139 5.74 -130.23 13.20
N PRO U 140 5.11 -129.06 13.24
CA PRO U 140 3.74 -128.93 13.70
C PRO U 140 3.33 -130.05 14.64
N PRO U 141 3.59 -129.89 15.94
CA PRO U 141 3.09 -130.87 16.91
C PRO U 141 1.59 -130.95 16.85
N LYS U 142 1.06 -132.15 17.01
CA LYS U 142 -0.38 -132.32 17.03
C LYS U 142 -0.95 -131.53 18.21
N PRO U 143 -2.12 -130.91 18.04
CA PRO U 143 -2.69 -130.10 19.14
C PRO U 143 -2.90 -130.90 20.42
N GLU U 144 -3.18 -132.20 20.30
CA GLU U 144 -3.25 -133.06 21.47
C GLU U 144 -1.89 -133.14 22.16
N ALA U 145 -0.81 -133.15 21.39
CA ALA U 145 0.53 -133.15 22.00
C ALA U 145 0.80 -131.83 22.70
N VAL U 146 0.27 -130.72 22.18
CA VAL U 146 0.39 -129.44 22.86
C VAL U 146 -0.36 -129.48 24.19
N ILE U 147 -1.55 -130.08 24.19
CA ILE U 147 -2.30 -130.22 25.43
C ILE U 147 -1.56 -131.12 26.41
N ASP U 148 -0.88 -132.16 25.91
CA ASP U 148 -0.10 -133.03 26.78
C ASP U 148 1.08 -132.27 27.40
N ALA U 149 1.75 -131.43 26.62
CA ALA U 149 2.82 -130.61 27.16
C ALA U 149 2.31 -129.64 28.21
N ILE U 150 1.13 -129.07 27.99
CA ILE U 150 0.51 -128.18 28.97
C ILE U 150 0.13 -128.96 30.23
N THR U 151 -0.30 -130.21 30.06
CA THR U 151 -0.61 -131.07 31.20
C THR U 151 0.65 -131.35 32.03
N LYS U 152 1.77 -131.62 31.36
CA LYS U 152 3.02 -131.83 32.07
C LYS U 152 3.48 -130.56 32.78
N LEU U 153 3.27 -129.40 32.14
CA LEU U 153 3.55 -128.13 32.78
C LEU U 153 2.72 -127.95 34.03
N ARG U 154 1.44 -128.32 33.98
CA ARG U 154 0.58 -128.28 35.16
C ARG U 154 1.08 -129.23 36.23
N LYS U 155 1.55 -130.40 35.83
CA LYS U 155 2.10 -131.37 36.77
C LYS U 155 3.30 -130.77 37.52
N LYS U 156 4.13 -130.01 36.81
CA LYS U 156 5.25 -129.35 37.48
C LYS U 156 4.82 -128.13 38.29
N ILE U 157 3.79 -127.41 37.84
CA ILE U 157 3.33 -126.22 38.56
C ILE U 157 2.75 -126.59 39.91
N SER U 158 1.95 -127.66 39.95
CA SER U 158 1.30 -128.06 41.20
C SER U 158 2.29 -128.49 42.27
N ARG U 159 3.53 -128.79 41.89
CA ARG U 159 4.56 -129.22 42.82
C ARG U 159 5.30 -128.06 43.47
N GLU U 160 4.95 -126.83 43.16
CA GLU U 160 5.69 -125.67 43.64
C GLU U 160 5.42 -125.40 45.11
N ILE U 161 6.43 -124.85 45.79
CA ILE U 161 6.29 -124.36 47.16
C ILE U 161 6.64 -122.89 47.19
N TYR U 162 6.61 -122.30 48.39
CA TYR U 162 6.97 -120.90 48.54
C TYR U 162 8.46 -120.68 48.28
N GLU U 163 9.29 -121.69 48.56
CA GLU U 163 10.73 -121.57 48.33
C GLU U 163 11.03 -121.30 46.86
N ASP U 164 10.25 -121.88 45.96
CA ASP U 164 10.46 -121.66 44.54
C ASP U 164 10.34 -120.20 44.15
N ARG U 165 9.61 -119.38 44.94
CA ARG U 165 9.55 -117.96 44.64
C ARG U 165 10.91 -117.31 44.72
N ILE U 166 11.72 -117.66 45.72
CA ILE U 166 13.06 -117.04 45.76
C ILE U 166 13.99 -117.71 44.77
N LYS U 167 13.57 -118.78 44.11
CA LYS U 167 14.30 -119.29 42.96
C LYS U 167 13.99 -118.53 41.69
N SER U 168 12.98 -117.66 41.70
CA SER U 168 12.49 -117.04 40.48
C SER U 168 12.93 -115.58 40.32
N GLN U 169 13.21 -114.87 41.39
CA GLN U 169 13.63 -113.48 41.27
C GLN U 169 15.08 -113.41 40.77
N PRO U 170 15.37 -112.52 39.83
CA PRO U 170 16.74 -112.41 39.32
C PRO U 170 17.70 -111.85 40.36
N LYS U 171 18.97 -112.25 40.24
CA LYS U 171 19.99 -111.77 41.16
C LYS U 171 20.39 -110.33 40.86
N ASN U 172 20.32 -109.92 39.59
CA ASN U 172 20.48 -108.53 39.15
C ASN U 172 21.85 -107.96 39.54
N ARG U 173 22.88 -108.54 38.92
CA ARG U 173 24.24 -108.03 39.03
C ARG U 173 24.58 -107.23 37.78
N CYS U 174 25.33 -106.14 37.97
CA CYS U 174 25.61 -105.21 36.88
C CYS U 174 27.07 -104.78 36.93
N PHE U 175 27.54 -104.24 35.80
CA PHE U 175 28.91 -103.75 35.67
C PHE U 175 28.94 -102.75 34.53
N THR U 176 29.33 -101.51 34.82
CA THR U 176 29.20 -100.40 33.89
C THR U 176 30.56 -99.80 33.58
N ILE U 177 30.85 -99.62 32.30
CA ILE U 177 32.09 -98.98 31.83
C ILE U 177 31.76 -98.11 30.62
N ASN U 178 32.70 -97.22 30.29
CA ASN U 178 32.63 -96.49 29.04
C ASN U 178 33.15 -97.35 27.90
N HIS U 179 32.63 -97.11 26.69
CA HIS U 179 32.89 -97.99 25.57
C HIS U 179 33.65 -97.35 24.41
N LYS U 180 33.72 -96.02 24.35
CA LYS U 180 34.28 -95.22 23.24
C LYS U 180 33.93 -95.77 21.86
N PHE U 181 32.70 -96.24 21.69
CA PHE U 181 32.18 -96.63 20.39
C PHE U 181 31.66 -95.40 19.65
N ARG U 182 31.14 -95.63 18.45
CA ARG U 182 30.54 -94.57 17.64
C ARG U 182 29.02 -94.67 17.80
N VAL U 183 28.42 -93.61 18.33
CA VAL U 183 26.97 -93.58 18.53
C VAL U 183 26.30 -93.09 17.27
N GLY U 184 25.33 -93.85 16.78
CA GLY U 184 24.61 -93.48 15.57
C GLY U 184 23.11 -93.61 15.78
N ARG U 185 22.38 -92.72 15.11
CA ARG U 185 20.94 -92.70 15.21
C ARG U 185 20.32 -93.89 14.46
N SER U 186 19.04 -94.12 14.71
CA SER U 186 18.36 -95.27 14.13
C SER U 186 18.22 -95.12 12.61
N ILE U 187 18.47 -96.21 11.91
CA ILE U 187 18.34 -96.22 10.45
C ILE U 187 16.87 -96.16 10.04
N HIS U 188 16.02 -96.92 10.73
CA HIS U 188 14.58 -96.94 10.42
C HIS U 188 13.91 -95.83 11.24
N THR U 189 13.82 -94.64 10.62
CA THR U 189 13.28 -93.48 11.29
C THR U 189 11.76 -93.35 11.13
N GLY U 190 11.14 -94.19 10.31
CA GLY U 190 9.71 -94.12 10.06
C GLY U 190 9.32 -93.33 8.83
N ASN U 191 10.27 -92.68 8.17
CA ASN U 191 9.97 -91.91 6.96
C ASN U 191 9.91 -92.87 5.78
N TYR U 192 8.72 -92.99 5.19
CA TYR U 192 8.50 -93.98 4.14
C TYR U 192 7.31 -93.52 3.30
N ASP U 193 7.53 -93.41 1.98
CA ASP U 193 6.54 -93.03 0.98
C ASP U 193 6.00 -91.62 1.22
N GLN U 194 6.68 -90.79 1.98
CA GLN U 194 6.30 -89.40 2.14
C GLN U 194 7.23 -88.52 1.30
N ALA U 195 6.62 -87.70 0.44
CA ALA U 195 7.35 -86.91 -0.56
C ALA U 195 8.25 -87.81 -1.42
N LEU U 196 7.71 -88.96 -1.82
CA LEU U 196 8.47 -89.91 -2.62
C LEU U 196 8.66 -89.41 -4.04
N LEU U 197 7.66 -88.72 -4.60
CA LEU U 197 7.71 -88.29 -5.99
C LEU U 197 8.79 -87.24 -6.24
N TYR U 198 9.31 -86.61 -5.19
CA TYR U 198 10.39 -85.65 -5.31
C TYR U 198 11.76 -86.26 -5.02
N LYS U 199 11.84 -87.59 -4.93
CA LYS U 199 13.09 -88.28 -4.62
C LYS U 199 13.70 -88.94 -5.85
N TYR U 200 13.45 -88.41 -7.05
CA TYR U 200 13.97 -89.04 -8.26
C TYR U 200 15.48 -88.83 -8.37
N LYS U 201 15.92 -87.57 -8.43
CA LYS U 201 17.32 -87.18 -8.45
C LYS U 201 18.07 -87.82 -9.63
N SER U 202 17.66 -87.39 -10.82
CA SER U 202 18.27 -87.86 -12.07
C SER U 202 19.74 -87.52 -12.16
N ALA V 1 -43.86 -101.12 68.35
CA ALA V 1 -42.59 -100.90 67.68
C ALA V 1 -42.33 -99.42 67.43
N VAL V 2 -42.21 -99.04 66.17
CA VAL V 2 -41.97 -97.66 65.78
C VAL V 2 -42.98 -97.29 64.70
N THR V 3 -43.26 -95.99 64.59
CA THR V 3 -44.14 -95.52 63.53
C THR V 3 -43.44 -95.58 62.19
N GLY V 4 -44.14 -96.08 61.18
CA GLY V 4 -43.61 -96.25 59.85
C GLY V 4 -43.69 -97.69 59.35
N VAL V 5 -43.54 -98.65 60.24
CA VAL V 5 -43.70 -100.07 59.92
C VAL V 5 -45.08 -100.51 60.42
N ASN V 6 -45.79 -101.26 59.59
CA ASN V 6 -47.17 -101.63 59.87
C ASN V 6 -47.40 -103.08 59.47
N ASN V 7 -48.09 -103.82 60.35
CA ASN V 7 -48.55 -105.19 60.07
C ASN V 7 -47.39 -106.12 59.70
N GLN V 8 -46.27 -105.97 60.39
CA GLN V 8 -45.14 -106.86 60.16
C GLN V 8 -45.43 -108.24 60.75
N GLU V 9 -45.00 -109.27 60.03
CA GLU V 9 -45.25 -110.65 60.47
C GLU V 9 -44.42 -110.98 61.70
N ASP V 10 -44.84 -112.04 62.39
CA ASP V 10 -44.09 -112.54 63.53
C ASP V 10 -42.74 -113.06 63.09
N LEU V 11 -41.73 -112.88 63.95
CA LEU V 11 -40.36 -113.20 63.55
C LEU V 11 -40.16 -114.70 63.36
N ILE V 12 -40.90 -115.53 64.10
CA ILE V 12 -40.71 -116.98 63.97
C ILE V 12 -41.19 -117.48 62.62
N TRP V 13 -42.29 -116.90 62.09
CA TRP V 13 -42.79 -117.35 60.79
C TRP V 13 -41.90 -116.84 59.67
N VAL V 14 -41.41 -115.60 59.78
CA VAL V 14 -40.47 -115.07 58.80
C VAL V 14 -39.19 -115.89 58.79
N LEU V 15 -38.71 -116.27 59.98
CA LEU V 15 -37.51 -117.10 60.07
C LEU V 15 -37.74 -118.47 59.47
N LEU V 16 -38.91 -119.08 59.72
CA LEU V 16 -39.21 -120.39 59.14
C LEU V 16 -39.28 -120.33 57.61
N LYS V 17 -39.95 -119.29 57.08
CA LYS V 17 -40.06 -119.16 55.62
C LYS V 17 -38.70 -118.89 54.99
N ALA V 18 -37.89 -118.03 55.61
CA ALA V 18 -36.55 -117.79 55.09
C ALA V 18 -35.67 -119.03 55.18
N GLY V 19 -35.85 -119.82 56.25
CA GLY V 19 -35.10 -121.06 56.36
C GLY V 19 -35.47 -122.07 55.30
N VAL V 20 -36.77 -122.20 55.00
CA VAL V 20 -37.16 -123.14 53.95
C VAL V 20 -36.72 -122.63 52.57
N VAL V 21 -36.70 -121.30 52.37
CA VAL V 21 -36.20 -120.75 51.12
C VAL V 21 -34.71 -121.01 50.98
N GLY V 22 -33.95 -120.81 52.04
CA GLY V 22 -32.52 -121.10 51.99
C GLY V 22 -32.23 -122.58 51.83
N PHE V 23 -33.08 -123.44 52.42
CA PHE V 23 -32.93 -124.88 52.25
C PHE V 23 -33.17 -125.29 50.80
N CYS V 24 -34.18 -124.69 50.16
CA CYS V 24 -34.43 -125.01 48.76
C CYS V 24 -33.38 -124.39 47.84
N TYR V 25 -32.79 -123.25 48.24
CA TYR V 25 -31.90 -122.50 47.38
C TYR V 25 -30.44 -122.92 47.47
N PHE V 26 -30.01 -123.44 48.62
CA PHE V 26 -28.58 -123.63 48.85
C PHE V 26 -28.14 -125.09 48.81
N LEU V 27 -29.02 -126.04 49.12
CA LEU V 27 -28.62 -127.43 49.21
C LEU V 27 -29.55 -128.41 48.50
N ILE V 28 -30.67 -127.95 47.96
CA ILE V 28 -31.61 -128.81 47.23
C ILE V 28 -31.51 -128.56 45.73
N MET V 29 -31.70 -127.32 45.30
CA MET V 29 -31.75 -126.97 43.88
C MET V 29 -30.39 -126.97 43.15
N PRO V 30 -29.28 -126.52 43.74
CA PRO V 30 -27.99 -126.59 43.03
C PRO V 30 -27.59 -128.01 42.63
N PRO V 31 -27.83 -129.05 43.45
CA PRO V 31 -27.56 -130.41 42.92
C PRO V 31 -28.39 -130.79 41.70
N ILE V 32 -29.69 -130.49 41.71
CA ILE V 32 -30.52 -130.82 40.55
C ILE V 32 -30.09 -130.00 39.34
N ILE V 33 -29.73 -128.74 39.56
CA ILE V 33 -29.31 -127.89 38.45
C ILE V 33 -28.00 -128.37 37.84
N MET V 34 -27.02 -128.74 38.67
CA MET V 34 -25.76 -129.21 38.13
C MET V 34 -25.88 -130.60 37.51
N ASN V 35 -26.82 -131.42 37.99
CA ASN V 35 -27.06 -132.70 37.33
C ASN V 35 -27.76 -132.49 35.99
N TRP V 36 -28.70 -131.54 35.92
CA TRP V 36 -29.36 -131.19 34.67
C TRP V 36 -28.41 -130.50 33.71
N LEU V 37 -27.30 -129.95 34.21
CA LEU V 37 -26.27 -129.41 33.35
C LEU V 37 -25.31 -130.50 32.87
N ARG V 38 -25.00 -131.46 33.74
CA ARG V 38 -24.11 -132.55 33.35
C ARG V 38 -24.81 -133.52 32.41
N ILE V 39 -25.90 -134.15 32.87
CA ILE V 39 -26.78 -134.85 31.95
C ILE V 39 -27.44 -133.83 31.03
N ARG V 40 -27.76 -134.26 29.80
CA ARG V 40 -28.36 -133.41 28.78
C ARG V 40 -27.50 -132.22 28.42
N TRP V 41 -26.17 -132.36 28.54
CA TRP V 41 -25.27 -131.29 28.09
C TRP V 41 -25.21 -131.21 26.58
N TYR V 42 -25.30 -132.35 25.89
CA TYR V 42 -25.25 -132.38 24.44
C TYR V 42 -26.63 -132.45 23.78
N ARG V 43 -27.68 -132.62 24.57
CA ARG V 43 -29.04 -132.70 24.04
C ARG V 43 -29.75 -131.34 24.03
N ARG V 44 -29.04 -130.27 24.37
CA ARG V 44 -29.67 -128.96 24.43
C ARG V 44 -30.01 -128.43 23.05
N ASN V 45 -31.14 -127.74 22.96
CA ASN V 45 -31.40 -126.80 21.89
C ASN V 45 -31.11 -125.40 22.41
N LEU V 46 -31.46 -124.38 21.63
CA LEU V 46 -31.21 -123.01 22.07
C LEU V 46 -32.05 -122.65 23.30
N LEU V 47 -33.31 -123.08 23.32
CA LEU V 47 -34.20 -122.76 24.44
C LEU V 47 -33.75 -123.45 25.72
N GLU V 48 -33.42 -124.74 25.63
CA GLU V 48 -32.99 -125.49 26.80
C GLU V 48 -31.67 -124.96 27.34
N MET V 49 -30.74 -124.61 26.45
CA MET V 49 -29.47 -124.01 26.89
C MET V 49 -29.70 -122.65 27.55
N TYR V 50 -30.61 -121.85 26.99
CA TYR V 50 -30.93 -120.55 27.58
C TYR V 50 -31.49 -120.72 28.99
N PHE V 51 -32.42 -121.67 29.17
CA PHE V 51 -33.00 -121.86 30.50
C PHE V 51 -32.00 -122.48 31.47
N GLN V 52 -31.13 -123.37 31.00
CA GLN V 52 -30.08 -123.91 31.85
C GLN V 52 -29.16 -122.81 32.36
N PHE V 53 -28.74 -121.93 31.45
CA PHE V 53 -27.87 -120.83 31.84
C PHE V 53 -28.59 -119.83 32.73
N MET V 54 -29.88 -119.62 32.52
CA MET V 54 -30.66 -118.75 33.40
C MET V 54 -30.73 -119.32 34.80
N PHE V 55 -30.98 -120.63 34.93
CA PHE V 55 -31.06 -121.23 36.26
C PHE V 55 -29.70 -121.22 36.95
N VAL V 56 -28.62 -121.44 36.20
CA VAL V 56 -27.28 -121.34 36.78
C VAL V 56 -27.01 -119.92 37.24
N PHE V 57 -27.41 -118.93 36.44
CA PHE V 57 -27.21 -117.53 36.81
C PHE V 57 -27.97 -117.18 38.08
N ILE V 58 -29.18 -117.70 38.22
CA ILE V 58 -29.98 -117.41 39.41
C ILE V 58 -29.42 -118.11 40.64
N PHE V 59 -29.04 -119.39 40.51
CA PHE V 59 -28.69 -120.21 41.67
C PHE V 59 -27.19 -120.37 41.87
N PHE V 60 -26.37 -119.55 41.20
CA PHE V 60 -24.93 -119.64 41.37
C PHE V 60 -24.41 -119.45 42.80
N PRO V 61 -24.98 -118.59 43.65
CA PRO V 61 -24.53 -118.59 45.07
C PRO V 61 -24.67 -119.94 45.76
N GLY V 62 -25.65 -120.75 45.39
CA GLY V 62 -25.74 -122.10 45.90
C GLY V 62 -24.91 -123.12 45.17
N ILE V 63 -24.51 -122.81 43.93
CA ILE V 63 -23.67 -123.72 43.16
C ILE V 63 -22.19 -123.54 43.50
N LEU V 64 -21.79 -122.33 43.90
CA LEU V 64 -20.41 -122.06 44.27
C LEU V 64 -19.97 -122.84 45.50
N VAL V 65 -20.92 -123.28 46.34
CA VAL V 65 -20.58 -124.08 47.50
C VAL V 65 -20.44 -125.55 47.13
N TRP V 66 -21.38 -126.06 46.33
CA TRP V 66 -21.37 -127.47 45.97
C TRP V 66 -20.30 -127.82 44.95
N ALA V 67 -19.87 -126.86 44.14
CA ALA V 67 -18.91 -127.15 43.07
C ALA V 67 -17.56 -127.67 43.57
N PRO V 68 -16.92 -127.12 44.61
CA PRO V 68 -15.69 -127.76 45.11
C PRO V 68 -15.87 -129.17 45.62
N PHE V 69 -17.08 -129.55 46.04
CA PHE V 69 -17.34 -130.87 46.57
C PHE V 69 -18.01 -131.80 45.55
N LEU V 70 -17.78 -131.58 44.26
CA LEU V 70 -18.31 -132.41 43.19
C LEU V 70 -17.28 -132.52 42.09
N ASN V 71 -17.16 -133.71 41.50
CA ASN V 71 -16.38 -133.91 40.29
C ASN V 71 -17.24 -134.56 39.21
N PHE V 72 -17.06 -134.10 37.98
CA PHE V 72 -17.82 -134.58 36.82
C PHE V 72 -16.90 -135.17 35.76
N ARG V 73 -15.78 -135.76 36.20
CA ARG V 73 -14.82 -136.33 35.27
C ARG V 73 -15.42 -137.53 34.54
N LYS V 74 -15.11 -137.64 33.25
CA LYS V 74 -15.72 -138.66 32.41
C LYS V 74 -15.21 -140.04 32.79
N PHE V 75 -16.11 -141.02 32.70
CA PHE V 75 -15.92 -142.38 33.14
C PHE V 75 -15.23 -143.21 32.07
N PRO V 76 -14.60 -144.33 32.46
CA PRO V 76 -13.96 -145.19 31.45
C PRO V 76 -14.97 -145.82 30.51
N ARG V 77 -14.47 -146.24 29.35
CA ARG V 77 -15.34 -146.79 28.31
C ARG V 77 -15.99 -148.10 28.76
N ASP V 78 -15.22 -148.99 29.36
CA ASP V 78 -15.85 -150.22 29.81
C ASP V 78 -16.42 -150.06 31.22
N PRO V 79 -17.62 -150.60 31.48
CA PRO V 79 -18.15 -150.57 32.85
C PRO V 79 -17.68 -151.75 33.69
N THR V 80 -16.39 -152.10 33.58
CA THR V 80 -15.77 -153.12 34.40
C THR V 80 -14.51 -152.64 35.08
N MET V 81 -13.96 -151.50 34.69
CA MET V 81 -12.69 -150.99 35.21
C MET V 81 -12.92 -150.46 36.62
N LYS V 82 -12.74 -151.34 37.61
CA LYS V 82 -12.86 -150.91 39.00
C LYS V 82 -11.68 -150.06 39.42
N TYR V 83 -10.49 -150.37 38.92
CA TYR V 83 -9.24 -149.70 39.25
C TYR V 83 -8.46 -149.43 37.98
N PRO V 84 -7.58 -148.42 38.00
CA PRO V 84 -6.74 -148.16 36.81
C PRO V 84 -5.82 -149.30 36.45
N TRP V 85 -5.48 -150.18 37.39
CA TRP V 85 -4.68 -151.35 37.10
C TRP V 85 -5.52 -152.58 36.75
N SER V 86 -6.83 -152.46 36.75
CA SER V 86 -7.70 -153.57 36.39
C SER V 86 -7.68 -153.79 34.88
N LYS V 87 -7.81 -155.06 34.47
CA LYS V 87 -7.82 -155.42 33.08
C LYS V 87 -9.23 -155.83 32.65
N PRO V 88 -9.64 -155.49 31.43
CA PRO V 88 -10.95 -155.93 30.94
C PRO V 88 -11.00 -157.43 30.77
N GLU V 89 -12.19 -158.00 30.96
CA GLU V 89 -12.38 -159.44 30.78
C GLU V 89 -12.18 -159.84 29.32
N ASN V 90 -12.91 -159.20 28.41
CA ASN V 90 -12.75 -159.42 26.97
C ASN V 90 -12.71 -158.03 26.35
N PRO V 91 -11.63 -157.66 25.66
CA PRO V 91 -11.49 -156.31 25.10
C PRO V 91 -12.11 -156.16 23.72
N SER V 92 -13.36 -156.59 23.56
CA SER V 92 -14.04 -156.48 22.29
C SER V 92 -15.45 -155.91 22.46
N GLU V 93 -16.02 -156.06 23.66
CA GLU V 93 -17.36 -155.52 23.91
C GLU V 93 -17.37 -154.02 24.09
N VAL V 94 -16.21 -153.38 24.23
CA VAL V 94 -16.15 -151.93 24.32
C VAL V 94 -16.51 -151.33 22.96
N LYS V 95 -16.94 -150.08 22.96
CA LYS V 95 -17.30 -149.38 21.75
C LYS V 95 -16.23 -148.32 21.48
N GLY V 96 -15.41 -148.56 20.46
CA GLY V 96 -14.36 -147.65 20.08
C GLY V 96 -14.66 -146.96 18.76
N GLY V 97 -14.27 -145.70 18.67
CA GLY V 97 -14.51 -144.93 17.46
C GLY V 97 -15.77 -144.10 17.51
N PHE V 98 -15.94 -143.33 18.59
CA PHE V 98 -17.05 -142.40 18.68
C PHE V 98 -16.85 -141.27 17.67
N LEU V 99 -17.90 -140.96 16.92
CA LEU V 99 -17.82 -139.94 15.90
C LEU V 99 -18.15 -138.57 16.48
N LYS V 100 -18.03 -137.54 15.66
CA LYS V 100 -18.29 -136.17 16.08
C LYS V 100 -19.29 -135.51 15.14
N TYR V 101 -19.49 -134.20 15.35
CA TYR V 101 -20.65 -133.47 14.84
C TYR V 101 -20.96 -133.66 13.36
N PRO V 102 -19.99 -133.62 12.42
CA PRO V 102 -20.38 -133.81 11.01
C PRO V 102 -21.03 -135.15 10.70
N TRP V 103 -20.68 -136.22 11.41
CA TRP V 103 -21.17 -137.55 11.05
C TRP V 103 -21.68 -138.34 12.25
N ALA V 104 -22.09 -137.69 13.34
CA ALA V 104 -22.57 -138.40 14.52
C ALA V 104 -23.95 -137.93 14.93
N THR V 105 -24.63 -138.79 15.66
CA THR V 105 -25.93 -138.50 16.26
C THR V 105 -25.73 -138.19 17.74
N ILE V 106 -26.85 -138.07 18.47
CA ILE V 106 -26.77 -137.81 19.91
C ILE V 106 -26.31 -139.02 20.68
N GLU V 107 -26.36 -140.22 20.07
CA GLU V 107 -25.93 -141.42 20.77
C GLU V 107 -24.41 -141.45 20.96
N ASP V 108 -23.67 -140.81 20.07
CA ASP V 108 -22.22 -140.73 20.18
C ASP V 108 -21.74 -139.59 21.06
N TYR V 109 -22.66 -138.75 21.54
CA TYR V 109 -22.36 -137.60 22.39
C TYR V 109 -21.35 -136.65 21.76
N GLU W 1 51.22 -119.48 41.96
CA GLU W 1 50.84 -118.79 43.18
C GLU W 1 50.37 -117.37 42.88
N MET W 2 50.82 -116.42 43.71
CA MET W 2 50.55 -114.98 43.60
C MET W 2 49.05 -114.65 43.62
N LYS W 3 48.72 -113.37 43.50
CA LYS W 3 47.31 -112.94 43.55
C LYS W 3 46.51 -113.53 42.40
N GLU W 4 47.00 -113.34 41.16
CA GLU W 4 46.39 -113.77 39.91
C GLU W 4 45.08 -113.05 39.61
N VAL W 5 44.76 -112.90 38.32
CA VAL W 5 43.65 -112.09 37.83
C VAL W 5 43.76 -110.71 38.48
N LEU W 6 44.93 -110.11 38.40
CA LEU W 6 45.23 -108.86 39.09
C LEU W 6 44.73 -107.64 38.33
N LYS W 7 44.08 -107.83 37.18
CA LYS W 7 43.54 -106.69 36.44
C LYS W 7 42.49 -105.93 37.24
N ARG W 8 41.57 -106.67 37.87
CA ARG W 8 40.60 -106.13 38.83
C ARG W 8 39.77 -105.01 38.21
N ALA W 9 38.92 -105.42 37.25
CA ALA W 9 38.12 -104.53 36.41
C ALA W 9 37.45 -103.42 37.21
N THR W 10 37.77 -102.17 36.85
CA THR W 10 37.28 -101.01 37.58
C THR W 10 36.04 -100.47 36.89
N PRO W 11 34.86 -100.56 37.51
CA PRO W 11 33.67 -99.96 36.90
C PRO W 11 33.71 -98.45 37.00
N ILE W 12 32.83 -97.82 36.22
CA ILE W 12 32.68 -96.37 36.30
C ILE W 12 32.09 -96.00 37.65
N GLU W 13 32.32 -94.75 38.06
CA GLU W 13 31.83 -94.27 39.36
C GLU W 13 30.31 -94.30 39.40
N ALA W 14 29.77 -94.84 40.50
CA ALA W 14 28.34 -95.06 40.59
C ALA W 14 27.60 -93.74 40.74
N GLN W 15 26.55 -93.58 39.94
CA GLN W 15 25.68 -92.41 40.03
C GLN W 15 24.58 -92.65 41.06
N VAL W 16 23.90 -91.57 41.44
CA VAL W 16 22.83 -91.63 42.41
C VAL W 16 21.60 -90.95 41.84
N ASN W 17 20.43 -91.38 42.33
CA ASN W 17 19.13 -90.85 41.90
C ASN W 17 18.93 -90.96 40.40
N VAL W 18 19.37 -92.08 39.82
CA VAL W 18 19.20 -92.33 38.40
C VAL W 18 17.76 -92.78 38.16
N LYS W 19 17.08 -92.13 37.21
CA LYS W 19 15.69 -92.41 36.91
C LYS W 19 15.58 -93.01 35.52
N SER W 20 14.60 -93.89 35.35
CA SER W 20 14.44 -94.62 34.09
C SER W 20 14.00 -93.67 32.98
N ARG W 21 14.68 -93.76 31.83
CA ARG W 21 14.38 -92.92 30.69
C ARG W 21 14.35 -93.78 29.43
N ASN W 22 13.40 -93.51 28.55
CA ASN W 22 13.34 -94.18 27.27
C ASN W 22 14.31 -93.56 26.27
N LEU W 23 14.51 -94.23 25.16
CA LEU W 23 15.40 -93.71 24.10
C LEU W 23 14.68 -92.56 23.41
N GLU W 24 15.40 -91.60 22.85
CA GLU W 24 14.82 -90.44 22.18
C GLU W 24 14.16 -90.87 20.87
N ARG W 25 13.49 -89.91 20.25
CA ARG W 25 12.74 -90.18 19.02
C ARG W 25 13.68 -90.57 17.88
N GLU W 26 14.82 -89.88 17.76
CA GLU W 26 15.75 -90.18 16.67
C GLU W 26 16.54 -91.46 16.95
N TYR W 27 16.90 -91.71 18.20
CA TYR W 27 17.66 -92.90 18.57
C TYR W 27 16.79 -94.10 18.90
N GLY W 28 15.46 -93.92 18.96
CA GLY W 28 14.58 -95.00 19.30
C GLY W 28 14.24 -95.88 18.12
N GLY W 29 13.76 -97.08 18.44
CA GLY W 29 13.40 -98.04 17.38
C GLY W 29 14.51 -99.04 17.13
N GLN W 30 15.59 -98.96 17.89
CA GLN W 30 16.75 -99.83 17.63
C GLN W 30 17.10 -100.54 18.92
N TRP W 31 17.97 -101.54 18.88
CA TRP W 31 18.17 -102.32 20.11
C TRP W 31 19.39 -101.84 20.88
N LEU W 32 20.34 -101.23 20.21
CA LEU W 32 21.58 -100.77 20.86
C LEU W 32 21.91 -101.65 22.06
N SER W 33 21.63 -102.95 21.93
CA SER W 33 21.82 -103.87 23.04
C SER W 33 21.92 -105.29 22.49
N SER W 34 22.50 -106.16 23.31
CA SER W 34 22.58 -107.59 23.01
C SER W 34 22.09 -108.35 24.23
N VAL W 35 20.92 -108.96 24.12
CA VAL W 35 20.31 -109.68 25.23
C VAL W 35 20.24 -111.16 24.88
N THR W 36 20.55 -112.00 25.86
CA THR W 36 20.61 -113.45 25.71
C THR W 36 20.63 -113.99 27.14
N ARG W 37 20.19 -115.24 27.31
CA ARG W 37 19.85 -115.79 28.63
C ARG W 37 20.95 -115.59 29.67
N HIS W 38 22.21 -115.68 29.26
CA HIS W 38 23.29 -115.51 30.21
C HIS W 38 23.94 -114.13 30.18
N VAL W 39 23.76 -113.33 29.12
CA VAL W 39 24.44 -112.05 29.02
C VAL W 39 23.48 -110.98 28.51
N ARG W 40 23.47 -109.82 29.18
CA ARG W 40 22.72 -108.67 28.72
C ARG W 40 23.68 -107.47 28.70
N ILE W 41 24.03 -107.03 27.51
CA ILE W 41 24.86 -105.84 27.32
C ILE W 41 23.94 -104.72 26.84
N TYR W 42 23.81 -103.68 27.64
CA TYR W 42 22.91 -102.57 27.36
C TYR W 42 23.71 -101.29 27.24
N ALA W 43 23.46 -100.52 26.17
CA ALA W 43 24.05 -99.19 26.03
C ALA W 43 23.23 -98.21 26.89
N ALA W 44 23.34 -98.40 28.20
CA ALA W 44 22.52 -97.69 29.17
C ALA W 44 23.19 -97.79 30.52
N TYR W 45 22.73 -96.99 31.47
CA TYR W 45 23.19 -97.06 32.85
C TYR W 45 22.11 -97.74 33.68
N ILE W 46 22.39 -98.95 34.16
CA ILE W 46 21.44 -99.73 34.94
C ILE W 46 21.96 -99.85 36.36
N ASP W 47 21.17 -99.40 37.32
CA ASP W 47 21.71 -99.66 38.65
C ASP W 47 20.99 -100.86 39.28
N PRO W 48 21.70 -101.68 40.05
CA PRO W 48 21.08 -102.91 40.57
C PRO W 48 20.23 -102.69 41.81
N VAL W 49 20.52 -101.63 42.56
CA VAL W 49 19.83 -101.41 43.83
C VAL W 49 18.37 -101.01 43.61
N THR W 50 18.11 -100.14 42.63
CA THR W 50 16.77 -99.65 42.38
C THR W 50 16.19 -100.10 41.05
N CYS W 51 16.94 -100.90 40.28
CA CYS W 51 16.47 -101.49 39.02
C CYS W 51 16.06 -100.42 38.01
N ALA W 52 16.79 -99.30 38.01
CA ALA W 52 16.51 -98.19 37.10
C ALA W 52 17.50 -98.21 35.95
N MET W 53 16.98 -98.14 34.72
CA MET W 53 17.80 -98.14 33.52
C MET W 53 17.62 -96.82 32.79
N ASP W 54 18.71 -96.09 32.63
CA ASP W 54 18.71 -94.83 31.88
C ASP W 54 19.32 -95.15 30.52
N GLN W 55 18.47 -95.16 29.50
CA GLN W 55 18.94 -95.55 28.14
C GLN W 55 19.44 -94.32 27.37
N THR W 56 19.27 -93.12 27.91
CA THR W 56 19.83 -91.94 27.26
C THR W 56 21.34 -91.86 27.45
N GLN W 57 21.90 -92.58 28.42
CA GLN W 57 23.34 -92.59 28.67
C GLN W 57 23.96 -93.65 27.76
N MET W 58 24.13 -93.29 26.49
CA MET W 58 24.66 -94.21 25.50
C MET W 58 26.18 -94.33 25.55
N ASP W 59 26.86 -93.54 26.38
CA ASP W 59 28.30 -93.62 26.52
C ASP W 59 28.73 -94.66 27.54
N LYS W 60 27.79 -95.39 28.12
CA LYS W 60 28.07 -96.43 29.11
C LYS W 60 27.56 -97.77 28.62
N LEU W 61 28.33 -98.83 28.87
CA LEU W 61 27.91 -100.19 28.60
C LEU W 61 27.72 -100.91 29.93
N THR W 62 26.49 -101.35 30.19
CA THR W 62 26.16 -102.10 31.39
C THR W 62 26.05 -103.58 31.03
N LEU W 63 26.81 -104.40 31.75
CA LEU W 63 26.85 -105.84 31.52
C LEU W 63 26.21 -106.56 32.70
N MET W 64 25.19 -107.36 32.42
CA MET W 64 24.53 -108.19 33.42
C MET W 64 24.70 -109.64 33.00
N ILE W 65 25.48 -110.40 33.75
CA ILE W 65 25.69 -111.82 33.46
C ILE W 65 24.83 -112.65 34.41
N ASP W 66 24.19 -113.67 33.84
CA ASP W 66 23.33 -114.64 34.52
C ASP W 66 22.21 -113.96 35.32
N PRO W 67 21.22 -113.35 34.67
CA PRO W 67 20.10 -112.82 35.46
C PRO W 67 19.22 -113.91 36.03
N THR W 68 18.87 -114.92 35.23
CA THR W 68 18.22 -116.14 35.72
C THR W 68 19.34 -117.13 36.00
N ASP W 69 19.67 -117.31 37.28
CA ASP W 69 20.89 -118.00 37.68
C ASP W 69 20.93 -119.45 37.24
N GLU W 70 21.80 -119.75 36.28
CA GLU W 70 22.10 -121.12 35.87
C GLU W 70 23.48 -121.58 36.30
N PHE W 71 24.32 -120.67 36.77
CA PHE W 71 25.65 -121.00 37.28
C PHE W 71 25.84 -120.35 38.63
N LEU W 72 26.68 -120.97 39.46
CA LEU W 72 27.02 -120.42 40.77
C LEU W 72 28.26 -119.55 40.62
N TRP W 73 28.12 -118.26 40.93
CA TRP W 73 29.14 -117.26 40.66
C TRP W 73 29.79 -116.80 41.96
N ASN W 74 31.11 -116.87 42.01
CA ASN W 74 31.89 -116.22 43.04
C ASN W 74 32.36 -114.85 42.54
N ASP W 75 32.96 -114.08 43.45
CA ASP W 75 33.45 -112.75 43.06
C ASP W 75 34.63 -112.84 42.12
N GLU W 76 35.47 -113.87 42.26
CA GLU W 76 36.61 -114.03 41.36
C GLU W 76 36.15 -114.34 39.94
N THR W 77 35.13 -115.19 39.79
CA THR W 77 34.62 -115.50 38.46
C THR W 77 33.95 -114.27 37.83
N LEU W 78 33.23 -113.49 38.64
CA LEU W 78 32.67 -112.24 38.16
C LEU W 78 33.77 -111.29 37.69
N ASN W 79 34.86 -111.21 38.45
CA ASN W 79 35.98 -110.35 38.06
C ASN W 79 36.63 -110.84 36.77
N LYS W 80 36.73 -112.17 36.59
CA LYS W 80 37.29 -112.71 35.36
C LYS W 80 36.44 -112.35 34.15
N VAL W 81 35.12 -112.51 34.28
CA VAL W 81 34.22 -112.16 33.18
C VAL W 81 34.27 -110.65 32.93
N TYR W 82 34.42 -109.85 33.98
CA TYR W 82 34.43 -108.41 33.82
C TYR W 82 35.71 -107.91 33.17
N VAL W 83 36.86 -108.50 33.52
CA VAL W 83 38.10 -108.09 32.86
C VAL W 83 38.10 -108.54 31.42
N TYR W 84 37.50 -109.71 31.12
CA TYR W 84 37.36 -110.11 29.72
C TYR W 84 36.45 -109.16 28.96
N PHE W 85 35.37 -108.69 29.60
CA PHE W 85 34.48 -107.73 28.97
C PHE W 85 35.18 -106.41 28.71
N GLU W 86 35.98 -105.94 29.67
CA GLU W 86 36.74 -104.71 29.48
C GLU W 86 37.74 -104.85 28.34
N GLU W 87 38.44 -105.99 28.26
CA GLU W 87 39.39 -106.21 27.18
C GLU W 87 38.69 -106.28 25.83
N LEU W 88 37.52 -106.91 25.78
CA LEU W 88 36.75 -106.97 24.54
C LEU W 88 36.27 -105.60 24.10
N VAL W 89 35.82 -104.77 25.05
CA VAL W 89 35.37 -103.42 24.72
C VAL W 89 36.53 -102.57 24.22
N ASP W 90 37.69 -102.66 24.89
CA ASP W 90 38.86 -101.92 24.44
C ASP W 90 39.37 -102.45 23.10
N HIS W 91 39.11 -103.72 22.79
CA HIS W 91 39.55 -104.31 21.54
C HIS W 91 38.74 -103.78 20.36
N TYR W 92 37.46 -103.49 20.58
CA TYR W 92 36.56 -103.04 19.52
C TYR W 92 36.48 -101.52 19.43
N GLU W 93 37.56 -100.82 19.77
CA GLU W 93 37.55 -99.36 19.75
C GLU W 93 37.36 -98.85 18.33
N GLY W 94 36.46 -97.88 18.17
CA GLY W 94 36.12 -97.32 16.88
C GLY W 94 34.94 -97.98 16.19
N ALA W 95 34.47 -99.11 16.70
CA ALA W 95 33.30 -99.75 16.11
C ALA W 95 32.04 -98.96 16.46
N PRO W 96 31.00 -99.03 15.62
CA PRO W 96 29.75 -98.35 15.94
C PRO W 96 29.02 -99.00 17.09
N LEU W 97 28.07 -98.25 17.66
CA LEU W 97 27.24 -98.72 18.76
C LEU W 97 26.07 -99.58 18.27
N THR W 98 26.14 -100.10 17.05
CA THR W 98 25.06 -100.89 16.50
C THR W 98 24.90 -102.21 17.26
N GLU W 99 23.77 -102.87 16.99
CA GLU W 99 23.46 -104.14 17.64
C GLU W 99 24.45 -105.23 17.26
N TYR W 100 25.03 -105.15 16.06
CA TYR W 100 25.93 -106.18 15.56
C TYR W 100 27.18 -106.31 16.43
N THR W 101 27.79 -105.17 16.79
CA THR W 101 29.01 -105.18 17.59
C THR W 101 28.74 -105.74 18.98
N LEU W 102 27.64 -105.31 19.61
CA LEU W 102 27.32 -105.80 20.95
C LEU W 102 26.96 -107.28 20.93
N ARG W 103 26.31 -107.75 19.87
CA ARG W 103 26.01 -109.17 19.75
C ARG W 103 27.29 -109.99 19.59
N LEU W 104 28.26 -109.46 18.83
CA LEU W 104 29.55 -110.14 18.73
C LEU W 104 30.24 -110.21 20.08
N ILE W 105 30.23 -109.09 20.83
CA ILE W 105 30.88 -109.06 22.14
C ILE W 105 30.21 -110.06 23.09
N GLY W 106 28.88 -110.12 23.07
CA GLY W 106 28.17 -111.09 23.87
C GLY W 106 28.47 -112.52 23.46
N SER W 107 28.67 -112.75 22.16
CA SER W 107 29.00 -114.09 21.69
C SER W 107 30.36 -114.54 22.22
N ASP W 108 31.38 -113.69 22.12
CA ASP W 108 32.68 -114.07 22.68
C ASP W 108 32.62 -114.21 24.21
N ILE W 109 31.81 -113.37 24.88
CA ILE W 109 31.72 -113.47 26.33
C ILE W 109 31.07 -114.80 26.73
N GLU W 110 30.05 -115.23 25.99
CA GLU W 110 29.41 -116.50 26.31
C GLU W 110 30.30 -117.69 25.95
N HIS W 111 31.11 -117.57 24.90
CA HIS W 111 32.10 -118.61 24.63
C HIS W 111 33.10 -118.72 25.78
N TYR W 112 33.51 -117.57 26.33
CA TYR W 112 34.36 -117.56 27.51
C TYR W 112 33.67 -118.21 28.71
N ILE W 113 32.37 -117.94 28.88
CA ILE W 113 31.63 -118.51 29.99
C ILE W 113 31.53 -120.03 29.86
N ARG W 114 31.27 -120.51 28.64
CA ARG W 114 31.22 -121.95 28.41
C ARG W 114 32.59 -122.60 28.63
N LYS W 115 33.66 -121.91 28.22
CA LYS W 115 35.01 -122.42 28.49
C LYS W 115 35.28 -122.50 29.98
N MET W 116 34.84 -121.49 30.74
CA MET W 116 35.00 -121.50 32.19
C MET W 116 34.21 -122.65 32.81
N LEU W 117 32.99 -122.89 32.32
CA LEU W 117 32.18 -123.97 32.85
C LEU W 117 32.81 -125.34 32.57
N TYR W 118 33.34 -125.52 31.37
CA TYR W 118 33.95 -126.81 31.03
C TYR W 118 35.34 -126.97 31.63
N GLU W 119 35.97 -125.89 32.05
CA GLU W 119 37.27 -125.97 32.72
C GLU W 119 37.15 -126.20 34.22
N GLY W 120 35.95 -126.09 34.78
CA GLY W 120 35.74 -126.24 36.20
C GLY W 120 35.72 -124.96 37.00
N GLU W 121 35.81 -123.80 36.35
CA GLU W 121 35.77 -122.53 37.06
C GLU W 121 34.42 -122.30 37.73
N ILE W 122 33.33 -122.60 37.02
CA ILE W 122 31.99 -122.47 37.55
C ILE W 122 31.25 -123.78 37.36
N LYS W 123 30.21 -123.97 38.17
CA LYS W 123 29.35 -125.14 38.10
C LYS W 123 27.92 -124.70 37.88
N TYR W 124 27.10 -125.62 37.39
CA TYR W 124 25.68 -125.34 37.19
C TYR W 124 25.00 -125.05 38.51
N ASN W 125 24.08 -124.10 38.50
CA ASN W 125 23.37 -123.70 39.71
C ASN W 125 22.17 -124.62 39.91
N MET W 126 22.30 -125.56 40.83
CA MET W 126 21.12 -126.21 41.36
C MET W 126 20.34 -125.22 42.23
N ASN W 127 19.12 -125.62 42.60
CA ASN W 127 18.12 -124.74 43.22
C ASN W 127 17.80 -123.57 42.28
N SER W 128 17.94 -123.78 40.98
CA SER W 128 17.47 -122.81 39.99
C SER W 128 16.01 -123.08 39.66
N ARG W 129 15.40 -122.14 38.93
CA ARG W 129 13.99 -122.29 38.58
C ARG W 129 13.80 -123.43 37.58
N VAL W 130 14.75 -123.63 36.68
CA VAL W 130 14.72 -124.73 35.73
C VAL W 130 16.06 -125.46 35.78
N LEU W 131 16.04 -126.71 35.33
CA LEU W 131 17.25 -127.53 35.21
C LEU W 131 17.25 -128.11 33.79
N ASN W 132 17.78 -127.35 32.84
CA ASN W 132 17.80 -127.77 31.45
C ASN W 132 19.19 -127.88 30.86
N PHE W 133 20.21 -127.28 31.49
CA PHE W 133 21.61 -127.38 31.08
C PHE W 133 21.80 -126.89 29.64
N SER W 134 21.55 -125.59 29.44
CA SER W 134 21.62 -125.00 28.11
C SER W 134 23.02 -125.05 27.50
N MET W 135 24.06 -125.20 28.33
CA MET W 135 25.42 -125.32 27.85
C MET W 135 25.89 -126.76 27.77
N GLY W 136 24.99 -127.73 27.97
CA GLY W 136 25.37 -129.12 27.91
C GLY W 136 25.15 -129.87 29.22
N LYS W 137 24.78 -131.14 29.12
CA LYS W 137 24.54 -131.93 30.32
C LYS W 137 25.86 -132.24 31.04
N PRO W 138 25.79 -132.60 32.32
CA PRO W 138 26.99 -133.11 33.00
C PRO W 138 27.53 -134.35 32.31
N ARG W 139 28.78 -134.27 31.88
CA ARG W 139 29.46 -135.36 31.18
C ARG W 139 30.84 -135.57 31.76
N MET W 140 31.33 -136.80 31.66
CA MET W 140 32.63 -137.15 32.19
C MET W 140 33.70 -137.07 31.11
N LYS W 141 34.95 -136.94 31.55
CA LYS W 141 36.08 -136.88 30.63
C LYS W 141 36.96 -138.13 30.76
N ILE X 1 -21.54 -147.10 37.44
CA ILE X 1 -21.53 -146.88 38.88
C ILE X 1 -21.65 -145.38 39.17
N GLY X 2 -22.29 -145.05 40.28
CA GLY X 2 -22.45 -143.65 40.66
C GLY X 2 -22.40 -143.42 42.16
N ILE X 3 -23.24 -142.51 42.65
CA ILE X 3 -23.34 -142.13 44.06
C ILE X 3 -21.98 -141.67 44.57
N ARG X 4 -21.14 -142.62 44.99
CA ARG X 4 -19.82 -142.29 45.49
C ARG X 4 -18.93 -141.74 44.37
N ASP X 5 -19.11 -142.21 43.14
CA ASP X 5 -18.30 -141.73 42.02
C ASP X 5 -18.60 -140.26 41.73
N PHE X 6 -19.87 -139.86 41.77
CA PHE X 6 -20.25 -138.48 41.50
C PHE X 6 -20.16 -137.59 42.72
N ILE X 7 -19.77 -138.12 43.88
CA ILE X 7 -19.62 -137.32 45.08
C ILE X 7 -18.17 -136.88 45.16
N GLY X 8 -17.89 -135.89 46.02
CA GLY X 8 -16.66 -135.11 46.01
C GLY X 8 -15.34 -135.82 45.83
N GLY X 9 -14.66 -135.49 44.74
CA GLY X 9 -13.28 -135.86 44.53
C GLY X 9 -12.40 -134.67 44.89
N ASP X 10 -12.81 -133.98 45.96
CA ASP X 10 -12.15 -132.76 46.39
C ASP X 10 -10.73 -133.07 46.87
N LEU X 11 -9.86 -132.06 46.80
CA LEU X 11 -8.46 -132.21 47.19
C LEU X 11 -8.21 -131.67 48.59
N VAL X 12 -9.15 -131.89 49.51
CA VAL X 12 -8.97 -131.57 50.92
C VAL X 12 -9.00 -132.83 51.78
N LYS X 13 -8.95 -134.00 51.16
CA LYS X 13 -9.07 -135.27 51.86
C LYS X 13 -7.88 -135.49 52.79
N PHE X 14 -8.10 -136.35 53.79
CA PHE X 14 -7.11 -136.68 54.80
C PHE X 14 -6.32 -137.93 54.43
N ASP X 15 -6.16 -138.18 53.13
CA ASP X 15 -5.39 -139.31 52.64
C ASP X 15 -3.88 -139.09 52.73
N LEU X 16 -3.44 -137.91 53.19
CA LEU X 16 -2.04 -137.55 53.05
C LEU X 16 -1.17 -138.29 54.06
N GLY X 17 -1.69 -138.51 55.27
CA GLY X 17 -0.95 -139.30 56.24
C GLY X 17 -0.77 -140.74 55.77
N THR X 18 -1.83 -141.33 55.19
CA THR X 18 -1.71 -142.65 54.59
C THR X 18 -0.75 -142.65 53.41
N TRP X 19 -0.74 -141.57 52.62
CA TRP X 19 0.17 -141.48 51.49
C TRP X 19 1.63 -141.45 51.94
N LEU X 20 1.94 -140.66 52.97
CA LEU X 20 3.29 -140.62 53.50
C LEU X 20 3.68 -141.94 54.15
N SER X 21 2.75 -142.56 54.87
CA SER X 21 3.05 -143.86 55.48
C SER X 21 3.30 -144.93 54.42
N ASP X 22 2.55 -144.88 53.32
CA ASP X 22 2.75 -145.83 52.24
C ASP X 22 4.07 -145.59 51.52
N VAL X 23 4.42 -144.33 51.28
CA VAL X 23 5.67 -144.03 50.59
C VAL X 23 6.88 -144.28 51.50
N GLU X 24 6.68 -144.32 52.82
CA GLU X 24 7.78 -144.71 53.70
C GLU X 24 7.87 -146.23 53.81
N GLU X 25 6.73 -146.92 53.87
CA GLU X 25 6.73 -148.38 53.96
C GLU X 25 7.07 -149.00 52.61
N HIS X 26 6.28 -148.69 51.59
CA HIS X 26 6.54 -149.15 50.22
C HIS X 26 7.39 -148.08 49.54
N LYS X 27 8.66 -148.39 49.30
CA LYS X 27 9.58 -147.40 48.76
C LYS X 27 9.21 -147.01 47.33
N ALA X 28 8.82 -147.97 46.51
CA ALA X 28 8.46 -147.72 45.12
C ALA X 28 6.94 -147.73 45.00
N ILE X 29 6.38 -146.63 44.49
CA ILE X 29 4.93 -146.42 44.46
C ILE X 29 4.51 -146.07 43.04
N ALA X 30 3.54 -146.81 42.51
CA ALA X 30 2.89 -146.46 41.26
C ALA X 30 1.70 -145.56 41.56
N MET X 31 1.56 -144.50 40.79
CA MET X 31 0.56 -143.46 41.04
C MET X 31 -0.34 -143.29 39.82
N TYR X 32 -1.63 -143.06 40.07
CA TYR X 32 -2.61 -142.85 39.02
C TYR X 32 -3.38 -141.58 39.34
N SER X 33 -3.52 -140.70 38.34
CA SER X 33 -3.93 -139.32 38.55
C SER X 33 -4.95 -138.89 37.51
N PRO X 34 -5.61 -137.73 37.69
CA PRO X 34 -6.49 -137.22 36.63
C PRO X 34 -5.76 -136.98 35.33
N HIS X 35 -6.50 -137.15 34.23
CA HIS X 35 -5.91 -137.07 32.89
C HIS X 35 -5.36 -135.67 32.60
N GLU X 36 -6.04 -134.63 33.08
CA GLU X 36 -5.58 -133.27 32.86
C GLU X 36 -4.44 -132.86 33.78
N GLY X 37 -4.09 -133.70 34.76
CA GLY X 37 -2.95 -133.43 35.59
C GLY X 37 -3.19 -132.31 36.58
N GLY X 38 -2.15 -132.02 37.36
CA GLY X 38 -2.18 -130.95 38.34
C GLY X 38 -2.68 -131.35 39.70
N TYR X 39 -3.20 -132.55 39.86
CA TYR X 39 -3.64 -133.04 41.16
C TYR X 39 -2.63 -133.99 41.79
N GLU X 40 -1.42 -134.05 41.22
CA GLU X 40 -0.32 -134.82 41.79
C GLU X 40 0.55 -133.97 42.72
N GLY X 41 0.58 -132.65 42.50
CA GLY X 41 1.44 -131.78 43.28
C GLY X 41 1.07 -131.70 44.74
N ARG X 42 -0.20 -131.95 45.08
CA ARG X 42 -0.60 -132.01 46.47
C ARG X 42 0.11 -133.14 47.22
N TYR X 43 0.41 -134.23 46.52
CA TYR X 43 1.06 -135.38 47.14
C TYR X 43 2.57 -135.35 47.05
N LEU X 44 3.12 -134.82 45.96
CA LEU X 44 4.57 -134.64 45.86
C LEU X 44 5.05 -133.48 46.71
N ASN X 45 4.17 -132.52 46.99
CA ASN X 45 4.56 -131.32 47.73
C ASN X 45 4.96 -131.66 49.15
N ARG X 46 4.22 -132.55 49.81
CA ARG X 46 4.54 -132.92 51.18
C ARG X 46 5.81 -133.75 51.24
N LEU X 47 6.07 -134.56 50.21
CA LEU X 47 7.34 -135.26 50.13
C LEU X 47 8.49 -134.26 50.00
N ARG X 48 8.31 -133.21 49.20
CA ARG X 48 9.31 -132.16 49.14
C ARG X 48 9.38 -131.34 50.42
N TYR X 49 8.33 -131.39 51.26
CA TYR X 49 8.36 -130.69 52.54
C TYR X 49 9.21 -131.43 53.57
N GLN X 50 9.42 -132.73 53.38
CA GLN X 50 10.22 -133.52 54.30
C GLN X 50 11.71 -133.48 53.99
N GLY X 51 12.11 -132.71 52.98
CA GLY X 51 13.49 -132.62 52.58
C GLY X 51 13.86 -133.45 51.36
N TYR X 52 12.93 -134.21 50.81
CA TYR X 52 13.20 -134.98 49.61
C TYR X 52 13.39 -134.06 48.41
N HIS X 53 14.40 -134.36 47.60
CA HIS X 53 14.67 -133.63 46.37
C HIS X 53 14.27 -134.48 45.17
N PHE X 54 13.61 -133.87 44.20
CA PHE X 54 13.00 -134.60 43.10
C PHE X 54 13.93 -134.65 41.89
N LEU X 55 13.98 -135.82 41.27
CA LEU X 55 14.68 -136.02 40.00
C LEU X 55 13.64 -136.47 38.98
N ASP X 56 13.37 -135.63 37.99
CA ASP X 56 12.32 -135.89 37.00
C ASP X 56 12.92 -136.70 35.86
N VAL X 57 12.41 -137.92 35.68
CA VAL X 57 12.90 -138.83 34.66
C VAL X 57 11.76 -139.18 33.72
N SER X 58 11.95 -138.95 32.43
CA SER X 58 10.99 -139.32 31.41
C SER X 58 11.26 -140.73 30.95
N ALA X 59 10.26 -141.61 31.06
CA ALA X 59 10.45 -143.01 30.75
C ALA X 59 10.43 -143.31 29.27
N ARG X 60 10.03 -142.36 28.43
CA ARG X 60 10.03 -142.59 26.99
C ARG X 60 11.45 -142.67 26.45
N GLY X 61 12.29 -141.72 26.81
CA GLY X 61 13.67 -141.71 26.36
C GLY X 61 14.63 -142.23 27.41
N LEU X 62 14.13 -143.07 28.31
CA LEU X 62 14.94 -143.57 29.41
C LEU X 62 16.07 -144.46 28.89
N GLY X 63 15.74 -145.43 28.04
CA GLY X 63 16.78 -146.22 27.40
C GLY X 63 17.51 -147.18 28.32
N ASP X 64 16.85 -148.28 28.72
CA ASP X 64 17.43 -149.33 29.55
C ASP X 64 17.87 -148.75 30.89
N PRO X 65 16.92 -148.52 31.81
CA PRO X 65 17.19 -147.69 32.99
C PRO X 65 18.30 -148.20 33.92
N GLU X 66 18.70 -149.46 33.81
CA GLU X 66 19.77 -149.98 34.66
C GLU X 66 21.06 -149.21 34.43
N THR X 67 21.56 -149.20 33.19
CA THR X 67 22.78 -148.46 32.89
C THR X 67 22.54 -146.98 32.71
N THR X 68 21.29 -146.55 32.50
CA THR X 68 21.00 -145.13 32.41
C THR X 68 21.05 -144.47 33.78
N LEU X 69 20.55 -145.14 34.81
CA LEU X 69 20.44 -144.57 36.14
C LEU X 69 21.57 -145.01 37.09
N THR X 70 21.91 -146.29 37.11
CA THR X 70 22.83 -146.82 38.12
C THR X 70 24.24 -147.05 37.57
N LYS X 71 24.52 -146.64 36.34
CA LYS X 71 25.83 -146.87 35.73
C LYS X 71 26.21 -145.69 34.85
N VAL X 72 27.50 -145.59 34.56
CA VAL X 72 27.97 -144.61 33.58
C VAL X 72 27.53 -145.07 32.20
N HIS X 73 26.88 -144.18 31.45
CA HIS X 73 26.31 -144.68 30.22
C HIS X 73 26.81 -143.90 29.01
N PRO X 74 27.01 -144.58 27.88
CA PRO X 74 27.43 -143.86 26.66
C PRO X 74 26.26 -143.28 25.90
N VAL X 75 26.37 -142.01 25.55
CA VAL X 75 25.38 -141.31 24.72
C VAL X 75 26.12 -140.57 23.61
N CYS X 76 25.53 -140.56 22.42
CA CYS X 76 26.12 -139.88 21.29
C CYS X 76 25.38 -138.58 21.05
N PRO X 77 26.02 -137.41 21.21
CA PRO X 77 25.34 -136.16 20.88
C PRO X 77 25.04 -136.10 19.41
N PRO X 78 23.92 -135.49 19.03
CA PRO X 78 23.50 -135.54 17.62
C PRO X 78 24.30 -134.62 16.72
N HIS X 79 25.18 -135.20 15.91
CA HIS X 79 25.82 -134.45 14.83
C HIS X 79 24.82 -134.26 13.70
N VAL X 80 24.94 -133.13 13.01
CA VAL X 80 24.02 -132.82 11.92
C VAL X 80 24.80 -132.86 10.60
N GLY X 81 25.85 -133.69 10.56
CA GLY X 81 26.69 -133.79 9.40
C GLY X 81 27.86 -132.85 9.38
N LYS X 82 27.94 -131.92 10.34
CA LYS X 82 29.05 -130.98 10.43
C LYS X 82 30.19 -131.50 11.30
N GLN X 83 29.97 -132.54 12.09
CA GLN X 83 30.95 -133.07 13.01
C GLN X 83 31.07 -134.58 12.85
N PRO X 84 32.23 -135.15 13.17
CA PRO X 84 32.33 -136.61 13.26
C PRO X 84 31.59 -137.12 14.49
N ILE X 85 31.29 -138.42 14.47
CA ILE X 85 30.52 -139.03 15.54
C ILE X 85 31.35 -139.07 16.82
N ALA X 86 30.81 -138.51 17.89
CA ALA X 86 31.48 -138.46 19.18
C ALA X 86 30.71 -139.29 20.19
N ARG X 87 31.43 -140.05 21.00
CA ARG X 87 30.85 -140.90 22.02
C ARG X 87 31.13 -140.27 23.38
N TRP X 88 30.09 -139.67 23.96
CA TRP X 88 30.21 -139.08 25.29
C TRP X 88 29.79 -140.08 26.35
N TRP X 89 30.32 -139.91 27.56
CA TRP X 89 29.98 -140.78 28.68
C TRP X 89 29.37 -139.92 29.78
N PHE X 90 28.17 -140.29 30.22
CA PHE X 90 27.43 -139.53 31.21
C PHE X 90 27.43 -140.27 32.54
N PRO X 91 27.48 -139.54 33.65
CA PRO X 91 27.49 -140.16 34.97
C PRO X 91 26.16 -140.80 35.29
N PRO X 92 26.11 -141.75 36.23
CA PRO X 92 24.82 -142.34 36.63
C PRO X 92 23.95 -141.30 37.29
N GLU X 93 22.75 -141.09 36.73
CA GLU X 93 21.95 -139.91 37.05
C GLU X 93 21.53 -139.89 38.52
N VAL X 94 20.92 -140.98 38.99
CA VAL X 94 20.40 -141.01 40.35
C VAL X 94 21.55 -141.01 41.36
N ASP X 95 22.65 -141.69 41.06
CA ASP X 95 23.78 -141.70 41.98
C ASP X 95 24.51 -140.36 41.98
N TYR X 96 24.62 -139.72 40.82
CA TYR X 96 25.21 -138.38 40.77
C TYR X 96 24.41 -137.39 41.60
N ARG X 97 23.08 -137.43 41.45
CA ARG X 97 22.23 -136.54 42.24
C ARG X 97 22.26 -136.90 43.73
N LEU X 98 22.41 -138.19 44.06
CA LEU X 98 22.50 -138.61 45.45
C LEU X 98 23.78 -138.10 46.10
N GLU X 99 24.92 -138.33 45.47
CA GLU X 99 26.19 -137.87 46.05
C GLU X 99 26.33 -136.36 46.00
N ALA X 100 25.57 -135.68 45.15
CA ALA X 100 25.63 -134.22 45.09
C ALA X 100 24.57 -133.53 45.92
N LEU X 101 23.71 -134.28 46.61
CA LEU X 101 22.69 -133.67 47.45
C LEU X 101 23.34 -133.07 48.71
N PRO X 102 22.73 -132.03 49.27
CA PRO X 102 23.20 -131.52 50.58
C PRO X 102 22.94 -132.54 51.68
N SER X 103 23.76 -132.44 52.73
CA SER X 103 23.73 -133.42 53.80
C SER X 103 22.43 -133.38 54.60
N ASP X 104 21.72 -132.25 54.59
CA ASP X 104 20.47 -132.14 55.35
C ASP X 104 19.27 -132.72 54.61
N ALA X 105 19.40 -133.06 53.33
CA ALA X 105 18.29 -133.59 52.57
C ALA X 105 17.91 -134.99 53.06
N LYS X 106 16.60 -135.24 53.13
CA LYS X 106 16.12 -136.56 53.53
C LYS X 106 16.46 -137.62 52.49
N GLY X 107 16.47 -137.26 51.22
CA GLY X 107 16.82 -138.20 50.18
C GLY X 107 16.39 -137.69 48.82
N LEU X 108 16.39 -138.61 47.86
CA LEU X 108 16.03 -138.31 46.48
C LEU X 108 14.78 -139.12 46.10
N VAL X 109 13.86 -138.47 45.41
CA VAL X 109 12.64 -139.11 44.92
C VAL X 109 12.68 -139.05 43.39
N VAL X 110 12.63 -140.21 42.75
CA VAL X 110 12.71 -140.30 41.30
C VAL X 110 11.29 -140.30 40.75
N TRP X 111 10.91 -139.20 40.11
CA TRP X 111 9.58 -139.03 39.53
C TRP X 111 9.63 -139.50 38.09
N VAL X 112 9.17 -140.71 37.84
CA VAL X 112 9.23 -141.32 36.51
C VAL X 112 7.91 -141.02 35.83
N ILE X 113 7.91 -140.03 34.94
CA ILE X 113 6.70 -139.68 34.21
C ILE X 113 6.53 -140.62 33.03
N GLU X 114 5.25 -140.89 32.69
CA GLU X 114 4.88 -141.76 31.58
C GLU X 114 5.56 -143.13 31.65
N ALA X 115 5.42 -143.78 32.80
CA ALA X 115 6.03 -145.09 33.01
C ALA X 115 5.25 -146.22 32.38
N LYS X 116 4.12 -145.94 31.74
CA LYS X 116 3.36 -146.98 31.07
C LYS X 116 4.08 -147.51 29.83
N VAL X 117 4.98 -146.71 29.25
CA VAL X 117 5.69 -147.14 28.05
C VAL X 117 6.79 -148.14 28.35
N LEU X 118 7.20 -148.27 29.60
CA LEU X 118 8.22 -149.24 29.95
C LEU X 118 7.65 -150.66 29.93
N SER X 119 8.53 -151.63 29.71
CA SER X 119 8.12 -153.02 29.67
C SER X 119 7.97 -153.56 31.10
N LYS X 120 7.81 -154.88 31.23
CA LYS X 120 7.63 -155.47 32.55
C LYS X 120 8.94 -155.44 33.34
N ALA X 121 10.05 -155.84 32.71
CA ALA X 121 11.32 -155.95 33.41
C ALA X 121 11.86 -154.58 33.81
N GLU X 122 11.61 -153.56 32.99
CA GLU X 122 12.01 -152.21 33.36
C GLU X 122 11.26 -151.74 34.60
N LEU X 123 9.98 -152.06 34.71
CA LEU X 123 9.23 -151.75 35.91
C LEU X 123 9.70 -152.58 37.11
N GLN X 124 10.12 -153.83 36.87
CA GLN X 124 10.73 -154.63 37.93
C GLN X 124 11.96 -153.94 38.49
N PHE X 125 12.84 -153.47 37.60
CA PHE X 125 14.05 -152.79 38.06
C PHE X 125 13.71 -151.47 38.74
N LEU X 126 12.72 -150.74 38.22
CA LEU X 126 12.34 -149.48 38.86
C LEU X 126 11.74 -149.71 40.24
N ALA X 127 11.07 -150.84 40.44
CA ALA X 127 10.55 -151.15 41.77
C ALA X 127 11.65 -151.60 42.71
N MET X 128 12.64 -152.35 42.20
CA MET X 128 13.73 -152.85 43.03
C MET X 128 14.89 -151.87 43.17
N LEU X 129 14.82 -150.70 42.54
CA LEU X 129 15.87 -149.71 42.68
C LEU X 129 16.11 -149.25 44.13
N PRO X 130 15.09 -148.95 44.96
CA PRO X 130 15.41 -148.53 46.34
C PRO X 130 16.10 -149.58 47.19
N SER X 131 16.03 -150.86 46.83
CA SER X 131 16.78 -151.85 47.57
C SER X 131 18.28 -151.67 47.37
N LEU X 132 18.70 -151.34 46.15
CA LEU X 132 20.12 -151.11 45.88
C LEU X 132 20.58 -149.77 46.44
N ARG X 133 19.77 -148.72 46.27
CA ARG X 133 20.09 -147.39 46.77
C ARG X 133 19.16 -147.06 47.94
N PRO X 134 19.64 -147.09 49.18
CA PRO X 134 18.73 -146.98 50.34
C PRO X 134 17.95 -145.67 50.41
N LYS X 135 18.54 -144.56 49.97
CA LYS X 135 17.93 -143.25 50.15
C LYS X 135 17.21 -142.75 48.89
N VAL X 136 16.60 -143.66 48.14
CA VAL X 136 15.88 -143.32 46.91
C VAL X 136 14.46 -143.84 47.02
N ARG X 137 13.50 -142.96 46.71
CA ARG X 137 12.10 -143.33 46.58
C ARG X 137 11.67 -143.21 45.13
N VAL X 138 10.86 -144.15 44.67
CA VAL X 138 10.46 -144.23 43.27
C VAL X 138 8.97 -143.94 43.16
N ILE X 139 8.62 -142.96 42.35
CA ILE X 139 7.23 -142.63 42.03
C ILE X 139 7.10 -142.67 40.52
N ALA X 140 6.16 -143.47 40.03
CA ALA X 140 6.00 -143.70 38.60
C ALA X 140 4.53 -143.60 38.24
N GLU X 141 4.19 -142.66 37.36
CA GLU X 141 2.84 -142.57 36.82
C GLU X 141 2.62 -143.70 35.83
N CYS X 142 1.88 -144.73 36.25
CA CYS X 142 1.63 -145.90 35.41
C CYS X 142 0.30 -145.82 34.68
N GLY X 143 -0.38 -144.69 34.73
CA GLY X 143 -1.64 -144.54 34.04
C GLY X 143 -2.39 -143.32 34.53
N ASN X 144 -3.67 -143.28 34.18
CA ASN X 144 -4.55 -142.18 34.54
C ASN X 144 -5.87 -142.72 35.07
N TRP X 145 -6.52 -141.92 35.90
CA TRP X 145 -7.77 -142.33 36.54
C TRP X 145 -8.54 -141.07 36.94
N ARG X 146 -9.82 -141.25 37.24
CA ARG X 146 -10.64 -140.12 37.67
C ARG X 146 -10.18 -139.55 39.00
N LYS X 147 -9.61 -140.38 39.87
CA LYS X 147 -9.13 -139.95 41.18
C LYS X 147 -7.74 -140.50 41.42
N VAL X 148 -6.99 -139.80 42.29
CA VAL X 148 -5.61 -140.19 42.57
C VAL X 148 -5.62 -141.44 43.44
N MET X 149 -5.06 -142.54 42.91
CA MET X 149 -4.87 -143.75 43.69
C MET X 149 -3.47 -144.28 43.46
N TRP X 150 -2.86 -144.80 44.52
CA TRP X 150 -1.49 -145.30 44.48
C TRP X 150 -1.46 -146.73 44.97
N LYS X 151 -0.51 -147.49 44.43
CA LYS X 151 -0.27 -148.87 44.79
C LYS X 151 1.22 -149.08 44.92
N PRO X 152 1.66 -150.14 45.61
CA PRO X 152 3.07 -150.52 45.55
C PRO X 152 3.48 -150.85 44.12
N LEU X 153 4.67 -150.39 43.72
CA LEU X 153 5.12 -150.63 42.37
C LEU X 153 5.54 -152.09 42.16
N LYS X 154 5.93 -152.78 43.23
CA LYS X 154 6.25 -154.20 43.12
C LYS X 154 4.99 -155.01 42.78
N GLU X 155 3.84 -154.57 43.29
CA GLU X 155 2.59 -155.26 42.98
C GLU X 155 2.22 -155.09 41.50
N ILE X 156 2.42 -153.89 40.95
CA ILE X 156 2.10 -153.65 39.55
C ILE X 156 3.11 -154.37 38.65
N ALA X 157 4.39 -154.33 39.01
CA ALA X 157 5.41 -154.96 38.19
C ALA X 157 5.35 -156.48 38.23
N GLY X 158 4.71 -157.06 39.25
CA GLY X 158 4.52 -158.49 39.32
C GLY X 158 5.33 -159.23 40.39
N LEU X 159 6.05 -158.51 41.25
CA LEU X 159 6.80 -159.17 42.32
C LEU X 159 5.89 -159.63 43.45
N VAL X 160 4.79 -158.94 43.68
CA VAL X 160 3.84 -159.27 44.75
C VAL X 160 2.49 -159.54 44.08
N PRO X 161 1.75 -160.56 44.50
CA PRO X 161 0.40 -160.78 43.94
C PRO X 161 -0.50 -159.56 44.14
N LEU X 162 -1.30 -159.28 43.13
CA LEU X 162 -2.13 -158.06 43.10
C LEU X 162 -3.34 -158.28 43.99
N GLN X 163 -3.22 -157.86 45.25
CA GLN X 163 -4.33 -157.96 46.19
C GLN X 163 -5.43 -156.99 45.82
N GLU X 164 -6.68 -157.44 45.94
CA GLU X 164 -7.82 -156.60 45.61
C GLU X 164 -7.96 -155.47 46.63
N ALA X 165 -8.14 -154.25 46.14
CA ALA X 165 -8.25 -153.09 47.00
C ALA X 165 -9.65 -152.99 47.60
N PRO Y 1 32.24 -135.15 -24.61
CA PRO Y 1 33.68 -134.93 -24.52
C PRO Y 1 34.11 -134.44 -23.14
N PRO Y 2 35.34 -134.74 -22.74
CA PRO Y 2 35.87 -134.24 -21.48
C PRO Y 2 36.09 -132.74 -21.53
N PRO Y 3 36.17 -132.07 -20.37
CA PRO Y 3 36.46 -130.62 -20.39
C PRO Y 3 37.80 -130.29 -21.02
N LYS Y 4 38.87 -130.95 -20.59
CA LYS Y 4 40.17 -130.81 -21.22
C LYS Y 4 40.63 -132.11 -21.87
N LYS Y 5 40.72 -133.19 -21.09
CA LYS Y 5 41.04 -134.54 -21.55
C LYS Y 5 40.74 -135.56 -20.45
N PRO Y 6 41.12 -135.36 -19.18
CA PRO Y 6 40.57 -136.20 -18.12
C PRO Y 6 39.14 -135.80 -17.80
N PRO Y 7 38.37 -136.66 -17.13
CA PRO Y 7 36.98 -136.29 -16.76
C PRO Y 7 36.90 -135.07 -15.85
N LYS Y 8 37.92 -134.84 -15.03
CA LYS Y 8 38.01 -133.66 -14.19
C LYS Y 8 39.34 -132.97 -14.44
N PRO Y 9 39.39 -131.63 -14.34
CA PRO Y 9 40.59 -130.90 -14.80
C PRO Y 9 41.77 -130.97 -13.85
N VAL Y 10 41.71 -131.92 -12.90
CA VAL Y 10 42.68 -132.22 -11.83
C VAL Y 10 42.88 -131.03 -10.89
N TYR Y 11 42.78 -131.28 -9.60
CA TYR Y 11 42.77 -130.24 -8.59
C TYR Y 11 43.99 -130.36 -7.67
N SER Y 12 44.21 -129.32 -6.89
CA SER Y 12 45.34 -129.29 -5.97
C SER Y 12 45.13 -130.18 -4.75
N MET Y 13 43.91 -130.33 -4.27
CA MET Y 13 43.62 -131.14 -3.10
C MET Y 13 42.59 -132.21 -3.43
N LYS Y 14 42.39 -133.10 -2.45
CA LYS Y 14 41.41 -134.16 -2.52
C LYS Y 14 40.22 -133.79 -1.63
N LYS Y 15 39.05 -134.30 -1.97
CA LYS Y 15 37.86 -134.07 -1.15
C LYS Y 15 38.04 -134.70 0.23
N GLY Y 16 37.61 -133.97 1.26
CA GLY Y 16 37.80 -134.40 2.63
C GLY Y 16 39.12 -133.98 3.25
N GLN Y 17 39.95 -133.23 2.53
CA GLN Y 17 41.20 -132.75 3.09
C GLN Y 17 40.94 -131.64 4.11
N ILE Y 18 41.58 -131.75 5.27
CA ILE Y 18 41.44 -130.75 6.32
C ILE Y 18 42.38 -129.59 5.99
N VAL Y 19 41.83 -128.39 5.85
CA VAL Y 19 42.58 -127.23 5.40
C VAL Y 19 42.50 -126.12 6.44
N ARG Y 20 43.48 -125.22 6.38
CA ARG Y 20 43.53 -124.05 7.23
C ARG Y 20 43.78 -122.82 6.38
N VAL Y 21 43.04 -121.74 6.64
CA VAL Y 21 43.03 -120.57 5.78
C VAL Y 21 44.11 -119.60 6.22
N GLU Y 22 44.78 -118.96 5.27
CA GLU Y 22 45.63 -117.82 5.56
C GLU Y 22 44.82 -116.72 6.23
N ARG Y 23 45.43 -116.02 7.17
CA ARG Y 23 44.80 -114.80 7.67
C ARG Y 23 45.03 -113.65 6.70
N GLU Y 24 46.30 -113.36 6.40
CA GLU Y 24 46.63 -112.19 5.60
C GLU Y 24 46.09 -112.31 4.17
N LYS Y 25 46.27 -113.46 3.54
CA LYS Y 25 45.81 -113.64 2.15
C LYS Y 25 44.30 -113.53 2.05
N TYR Y 26 43.59 -114.10 3.03
CA TYR Y 26 42.13 -113.96 3.05
C TYR Y 26 41.73 -112.50 3.27
N LEU Y 27 42.47 -111.79 4.12
CA LEU Y 27 42.14 -110.41 4.43
C LEU Y 27 42.34 -109.50 3.22
N ASP Y 28 43.39 -109.71 2.42
CA ASP Y 28 43.53 -108.88 1.24
C ASP Y 28 42.79 -109.44 0.03
N SER Y 29 42.11 -110.57 0.16
CA SER Y 29 41.41 -111.17 -0.96
C SER Y 29 40.12 -110.43 -1.28
N VAL Y 30 39.61 -110.67 -2.48
CA VAL Y 30 38.33 -110.10 -2.89
C VAL Y 30 37.19 -110.72 -2.09
N ASN Y 31 37.30 -112.01 -1.76
CA ASN Y 31 36.22 -112.74 -1.10
C ASN Y 31 35.90 -112.15 0.28
N TYR Y 32 36.88 -111.55 0.94
CA TYR Y 32 36.64 -110.92 2.23
C TYR Y 32 35.65 -109.76 2.14
N LEU Y 33 35.47 -109.19 0.95
CA LEU Y 33 34.45 -108.16 0.77
C LEU Y 33 33.04 -108.70 0.99
N SER Y 34 32.85 -110.02 0.91
CA SER Y 34 31.55 -110.59 1.21
C SER Y 34 31.21 -110.47 2.69
N VAL Y 35 32.22 -110.55 3.56
CA VAL Y 35 32.01 -110.39 5.00
C VAL Y 35 32.02 -108.92 5.38
N GLY Y 36 32.99 -108.15 4.88
CA GLY Y 36 33.00 -106.73 5.09
C GLY Y 36 33.37 -106.27 6.48
N HIS Y 37 33.83 -107.17 7.34
CA HIS Y 37 34.20 -106.79 8.70
C HIS Y 37 35.47 -105.93 8.68
N PRO Y 38 35.60 -105.02 9.64
CA PRO Y 38 36.90 -104.37 9.85
C PRO Y 38 37.94 -105.36 10.32
N LYS Y 39 39.20 -104.92 10.32
CA LYS Y 39 40.32 -105.82 10.58
C LYS Y 39 40.31 -106.38 12.00
N TYR Y 40 39.75 -105.64 12.96
CA TYR Y 40 39.84 -106.01 14.37
C TYR Y 40 38.64 -106.83 14.85
N TYR Y 41 37.69 -107.15 13.98
CA TYR Y 41 36.56 -107.97 14.40
C TYR Y 41 37.00 -109.41 14.64
N LYS Y 42 36.39 -110.05 15.63
CA LYS Y 42 36.80 -111.37 16.09
C LYS Y 42 35.74 -112.43 15.84
N GLY Y 43 35.02 -112.31 14.72
CA GLY Y 43 34.02 -113.33 14.40
C GLY Y 43 34.56 -114.50 13.59
N LEU Y 44 35.69 -114.33 12.92
CA LEU Y 44 36.20 -115.31 11.98
C LEU Y 44 37.47 -116.00 12.47
N ASP Y 45 37.66 -116.12 13.78
CA ASP Y 45 38.87 -116.76 14.31
C ASP Y 45 38.89 -118.25 13.98
N TYR Y 46 37.73 -118.92 14.10
CA TYR Y 46 37.64 -120.36 13.87
C TYR Y 46 38.04 -120.75 12.45
N ILE Y 47 38.02 -119.78 11.53
CA ILE Y 47 38.48 -120.03 10.16
C ILE Y 47 39.92 -120.49 10.17
N TYR Y 48 40.77 -119.85 10.97
CA TYR Y 48 42.19 -120.16 11.01
C TYR Y 48 42.55 -121.28 11.97
N GLU Y 49 41.54 -121.89 12.61
CA GLU Y 49 41.77 -122.88 13.66
C GLU Y 49 41.88 -124.30 13.12
N ASP Y 50 42.22 -124.45 11.84
CA ASP Y 50 42.49 -125.76 11.22
C ASP Y 50 41.29 -126.70 11.30
N ARG Y 51 40.09 -126.13 11.15
CA ARG Y 51 38.86 -126.92 11.24
C ARG Y 51 38.20 -127.20 9.90
N GLY Y 52 38.61 -126.53 8.83
CA GLY Y 52 37.90 -126.64 7.58
C GLY Y 52 38.07 -128.00 6.93
N GLU Y 53 37.08 -128.38 6.13
CA GLU Y 53 37.09 -129.62 5.38
C GLU Y 53 36.56 -129.36 3.98
N VAL Y 54 37.30 -129.83 2.97
CA VAL Y 54 36.92 -129.60 1.59
C VAL Y 54 35.86 -130.62 1.18
N LEU Y 55 34.74 -130.13 0.66
CA LEU Y 55 33.65 -130.98 0.18
C LEU Y 55 33.68 -131.16 -1.33
N ASP Y 56 34.00 -130.10 -2.08
CA ASP Y 56 34.02 -130.17 -3.53
C ASP Y 56 35.03 -129.17 -4.05
N LEU Y 57 35.46 -129.39 -5.29
CA LEU Y 57 36.41 -128.52 -5.96
C LEU Y 57 35.93 -128.23 -7.38
N ARG Y 58 36.08 -126.99 -7.82
CA ARG Y 58 35.59 -126.61 -9.13
C ARG Y 58 36.47 -125.52 -9.73
N PHE Y 59 36.61 -125.54 -11.04
CA PHE Y 59 37.40 -124.56 -11.78
C PHE Y 59 36.44 -123.52 -12.37
N PHE Y 60 36.21 -122.45 -11.61
CA PHE Y 60 35.43 -121.34 -12.14
C PHE Y 60 36.31 -120.46 -13.03
N GLU Y 61 35.66 -119.52 -13.72
CA GLU Y 61 36.38 -118.61 -14.60
C GLU Y 61 37.36 -117.71 -13.85
N THR Y 62 37.20 -117.60 -12.53
CA THR Y 62 38.11 -116.82 -11.69
C THR Y 62 39.16 -117.69 -11.00
N GLY Y 63 39.22 -118.98 -11.31
CA GLY Y 63 40.27 -119.84 -10.81
C GLY Y 63 39.72 -121.07 -10.14
N GLU Y 64 40.59 -121.77 -9.41
CA GLU Y 64 40.21 -122.99 -8.72
C GLU Y 64 39.66 -122.65 -7.34
N TYR Y 65 38.53 -123.26 -6.99
CA TYR Y 65 37.83 -122.97 -5.75
C TYR Y 65 37.45 -124.27 -5.06
N ALA Y 66 37.46 -124.24 -3.72
CA ALA Y 66 37.08 -125.38 -2.90
C ALA Y 66 35.94 -124.97 -1.99
N LEU Y 67 34.90 -125.80 -1.92
CA LEU Y 67 33.78 -125.58 -1.02
C LEU Y 67 34.16 -126.17 0.33
N VAL Y 68 34.48 -125.31 1.28
CA VAL Y 68 34.96 -125.72 2.59
C VAL Y 68 33.87 -125.43 3.63
N SER Y 69 33.65 -126.39 4.52
CA SER Y 69 32.78 -126.22 5.67
C SER Y 69 33.57 -126.62 6.92
N TRP Y 70 33.48 -125.80 7.95
CA TRP Y 70 34.29 -125.97 9.15
C TRP Y 70 33.60 -126.90 10.13
N VAL Y 71 34.37 -127.81 10.72
CA VAL Y 71 33.82 -128.82 11.61
C VAL Y 71 33.39 -128.17 12.91
N GLY Y 72 32.17 -128.48 13.34
CA GLY Y 72 31.62 -127.92 14.56
C GLY Y 72 30.86 -126.62 14.37
N ILE Y 73 30.83 -126.07 13.17
CA ILE Y 73 30.16 -124.81 12.87
C ILE Y 73 28.92 -125.14 12.03
N PRO Y 74 27.71 -124.96 12.55
CA PRO Y 74 26.49 -125.31 11.80
C PRO Y 74 26.03 -124.21 10.87
N THR Y 75 26.92 -123.78 9.98
CA THR Y 75 26.61 -122.73 9.02
C THR Y 75 26.89 -123.24 7.62
N SER Y 76 26.50 -122.43 6.63
CA SER Y 76 26.66 -122.82 5.25
C SER Y 76 28.13 -122.85 4.85
N PRO Y 77 28.53 -123.77 3.99
CA PRO Y 77 29.93 -123.78 3.52
C PRO Y 77 30.21 -122.62 2.59
N ALA Y 78 31.49 -122.34 2.41
CA ALA Y 78 31.92 -121.21 1.59
C ALA Y 78 32.90 -121.67 0.53
N TRP Y 79 32.82 -121.05 -0.65
CA TRP Y 79 33.76 -121.29 -1.73
C TRP Y 79 34.97 -120.39 -1.53
N LEU Y 80 36.15 -121.00 -1.36
CA LEU Y 80 37.36 -120.24 -1.13
C LEU Y 80 38.43 -120.66 -2.12
N PRO Y 81 39.29 -119.73 -2.53
CA PRO Y 81 40.37 -120.08 -3.47
C PRO Y 81 41.36 -121.05 -2.85
N THR Y 82 41.94 -121.88 -3.71
CA THR Y 82 42.86 -122.92 -3.26
C THR Y 82 44.22 -122.36 -2.85
N ASP Y 83 44.56 -121.16 -3.30
CA ASP Y 83 45.88 -120.59 -2.97
C ASP Y 83 45.95 -120.16 -1.51
N MET Y 84 44.85 -119.75 -0.92
CA MET Y 84 44.82 -119.26 0.46
C MET Y 84 44.59 -120.37 1.49
N LEU Y 85 44.46 -121.62 1.06
CA LEU Y 85 44.25 -122.75 1.95
C LEU Y 85 45.52 -123.58 2.02
N ILE Y 86 45.80 -124.15 3.19
CA ILE Y 86 46.87 -125.14 3.35
C ILE Y 86 46.25 -126.47 3.71
N LYS Y 87 46.68 -127.53 3.02
CA LYS Y 87 46.40 -128.89 3.44
C LYS Y 87 47.12 -129.17 4.74
N SER Y 88 46.39 -129.57 5.77
CA SER Y 88 46.94 -129.79 7.09
C SER Y 88 47.10 -131.29 7.36
N ASP Y 89 47.52 -131.61 8.58
CA ASP Y 89 47.84 -132.98 8.97
C ASP Y 89 46.73 -133.64 9.77
N LYS Y 90 46.20 -132.96 10.79
CA LYS Y 90 45.20 -133.54 11.67
C LYS Y 90 44.00 -132.62 11.78
N LEU Y 91 42.89 -133.18 12.30
CA LEU Y 91 41.66 -132.43 12.42
C LEU Y 91 41.80 -131.28 13.41
N ASN Y 92 42.45 -131.52 14.56
CA ASN Y 92 42.72 -130.53 15.59
C ASN Y 92 41.42 -129.88 16.09
N TYR Y 93 40.48 -130.73 16.49
CA TYR Y 93 39.21 -130.26 17.01
C TYR Y 93 38.57 -131.36 17.85
N GLU Y 94 38.04 -130.99 19.00
CA GLU Y 94 37.27 -131.90 19.84
C GLU Y 94 36.03 -131.17 20.34
N ARG Y 95 34.90 -131.87 20.34
CA ARG Y 95 33.63 -131.27 20.71
C ARG Y 95 33.55 -131.02 22.21
N SER Z 78 33.34 -113.59 -23.94
CA SER Z 78 33.94 -112.83 -25.02
C SER Z 78 32.88 -112.22 -25.92
N TRP Z 79 32.91 -112.59 -27.20
CA TRP Z 79 31.98 -112.13 -28.25
C TRP Z 79 32.04 -110.60 -28.32
N GLU Z 80 30.92 -109.97 -28.62
CA GLU Z 80 30.84 -108.52 -28.68
C GLU Z 80 29.41 -108.08 -28.41
N GLY Z 81 29.26 -106.82 -28.01
CA GLY Z 81 27.94 -106.26 -27.75
C GLY Z 81 27.24 -106.03 -29.08
N GLU Z 82 26.14 -106.76 -29.30
CA GLU Z 82 25.44 -106.69 -30.58
C GLU Z 82 24.65 -105.39 -30.69
N GLY Z 83 24.19 -105.11 -31.92
CA GLY Z 83 23.38 -103.95 -32.24
C GLY Z 83 24.07 -102.64 -31.86
N GLU Z 84 25.34 -102.52 -32.25
CA GLU Z 84 26.10 -101.28 -32.07
C GLU Z 84 25.71 -100.30 -33.16
N ASN Z 85 24.48 -99.79 -33.04
CA ASN Z 85 23.77 -98.90 -33.96
C ASN Z 85 23.41 -99.56 -35.29
N SER Z 86 23.87 -100.79 -35.54
CA SER Z 86 23.50 -101.64 -36.68
C SER Z 86 23.87 -101.06 -38.04
N PRO Z 87 24.46 -99.85 -38.06
CA PRO Z 87 25.00 -99.18 -39.25
C PRO Z 87 23.93 -98.78 -40.26
N MET Z 88 22.69 -99.20 -40.07
CA MET Z 88 21.58 -98.70 -40.87
C MET Z 88 20.50 -98.12 -39.97
N GLU Z 89 20.01 -98.94 -39.03
CA GLU Z 89 18.98 -98.58 -38.05
C GLU Z 89 17.74 -98.00 -38.71
N MET Z 90 17.65 -96.67 -38.72
CA MET Z 90 16.53 -95.97 -39.37
C MET Z 90 16.90 -95.57 -40.79
N PRO Z 91 17.00 -96.58 -41.65
CA PRO Z 91 17.33 -96.36 -43.06
C PRO Z 91 16.08 -95.87 -43.77
N LYS Z 92 16.07 -94.58 -44.11
CA LYS Z 92 14.97 -93.90 -44.82
C LYS Z 92 13.66 -93.93 -44.05
N GLY Z 93 12.65 -93.23 -44.58
CA GLY Z 93 11.35 -93.18 -43.95
C GLY Z 93 11.35 -92.28 -42.73
N PRO Z 94 10.22 -92.22 -42.04
CA PRO Z 94 10.15 -91.44 -40.79
C PRO Z 94 10.94 -92.13 -39.70
N PRO Z 95 11.92 -91.43 -39.11
CA PRO Z 95 12.71 -92.03 -38.04
C PRO Z 95 11.88 -92.30 -36.79
N SER Z 96 12.23 -93.36 -36.09
CA SER Z 96 11.53 -93.71 -34.87
C SER Z 96 11.83 -92.70 -33.77
N ILE Z 97 10.79 -92.35 -33.01
CA ILE Z 97 10.96 -91.42 -31.90
C ILE Z 97 11.60 -92.12 -30.70
N ILE Z 98 11.64 -93.46 -30.71
CA ILE Z 98 12.18 -94.22 -29.59
C ILE Z 98 13.70 -94.29 -29.75
N SER Z 99 14.41 -93.62 -28.84
CA SER Z 99 15.86 -93.58 -28.87
C SER Z 99 16.37 -93.36 -27.46
N ALA Z 100 17.66 -93.63 -27.26
CA ALA Z 100 18.27 -93.44 -25.94
C ALA Z 100 18.31 -91.96 -25.57
N LEU Z 101 18.61 -91.10 -26.54
CA LEU Z 101 18.68 -89.66 -26.25
C LEU Z 101 17.32 -89.09 -25.90
N ASN Z 102 16.28 -89.48 -26.65
CA ASN Z 102 14.93 -89.01 -26.36
C ASN Z 102 14.46 -89.51 -25.00
N VAL Z 103 14.77 -90.77 -24.67
CA VAL Z 103 14.38 -91.32 -23.38
C VAL Z 103 15.11 -90.62 -22.24
N GLU Z 104 16.40 -90.33 -22.42
CA GLU Z 104 17.14 -89.59 -21.40
C GLU Z 104 16.59 -88.19 -21.22
N LYS Z 105 16.21 -87.53 -22.32
CA LYS Z 105 15.61 -86.20 -22.23
C LYS Z 105 14.27 -86.26 -21.50
N ALA Z 106 13.49 -87.31 -21.75
CA ALA Z 106 12.22 -87.48 -21.05
C ALA Z 106 12.43 -87.73 -19.56
N LEU Z 107 13.45 -88.52 -19.22
CA LEU Z 107 13.77 -88.78 -17.82
C LEU Z 107 14.19 -87.51 -17.10
N ARG Z 108 15.04 -86.69 -17.75
CA ARG Z 108 15.53 -85.48 -17.12
C ARG Z 108 14.46 -84.41 -16.97
N GLY Z 109 13.38 -84.49 -17.75
CA GLY Z 109 12.33 -83.50 -17.69
C GLY Z 109 12.45 -82.44 -18.77
N ILE Z 110 12.91 -82.85 -19.93
CA ILE Z 110 13.10 -81.97 -21.08
C ILE Z 110 12.22 -82.47 -22.21
N GLY Z 111 11.45 -81.55 -22.81
CA GLY Z 111 10.60 -81.89 -23.92
C GLY Z 111 11.38 -82.41 -25.12
N ILE Z 112 11.09 -83.64 -25.54
CA ILE Z 112 11.87 -84.27 -26.60
C ILE Z 112 11.43 -83.85 -27.99
N THR Z 113 10.31 -83.16 -28.11
CA THR Z 113 9.86 -82.64 -29.41
C THR Z 113 8.97 -81.45 -29.15
N ASP Z 114 9.36 -80.27 -29.66
CA ASP Z 114 8.57 -79.07 -29.47
C ASP Z 114 7.28 -79.09 -30.27
N VAL Z 115 7.18 -79.96 -31.28
CA VAL Z 115 5.98 -80.06 -32.10
C VAL Z 115 4.89 -80.77 -31.30
N ASP Z 116 3.72 -80.16 -31.24
CA ASP Z 116 2.56 -80.76 -30.57
C ASP Z 116 1.83 -81.66 -31.56
N HIS Z 117 2.12 -82.96 -31.48
CA HIS Z 117 1.53 -83.92 -32.41
C HIS Z 117 0.04 -84.13 -32.15
N TYR Z 118 -0.45 -83.76 -30.97
CA TYR Z 118 -1.90 -83.75 -30.75
C TYR Z 118 -2.55 -82.62 -31.53
N ALA Z 119 -1.84 -81.52 -31.73
CA ALA Z 119 -2.24 -80.53 -32.72
C ALA Z 119 -1.95 -81.07 -34.12
N ARG Z 120 -2.33 -80.26 -35.13
CA ARG Z 120 -2.27 -80.51 -36.57
C ARG Z 120 -3.12 -81.70 -36.96
N LEU Z 121 -3.81 -82.30 -35.99
CA LEU Z 121 -4.84 -83.30 -36.21
C LEU Z 121 -6.18 -82.87 -35.64
N GLY Z 122 -6.22 -81.85 -34.80
CA GLY Z 122 -7.44 -81.41 -34.16
C GLY Z 122 -7.83 -82.21 -32.94
N LEU Z 123 -6.97 -83.09 -32.46
CA LEU Z 123 -7.31 -83.96 -31.34
C LEU Z 123 -6.99 -83.29 -30.00
N ARG Z 124 -7.55 -83.87 -28.95
CA ARG Z 124 -7.28 -83.46 -27.58
C ARG Z 124 -6.37 -84.48 -26.91
N ARG Z 125 -5.80 -84.07 -25.78
CA ARG Z 125 -4.90 -84.94 -25.04
C ARG Z 125 -5.69 -86.11 -24.43
N GLY Z 126 -5.17 -87.32 -24.60
CA GLY Z 126 -5.83 -88.50 -24.08
C GLY Z 126 -6.84 -89.12 -25.00
N CYS Z 127 -6.82 -88.81 -26.29
CA CYS Z 127 -7.78 -89.38 -27.23
C CYS Z 127 -7.49 -90.85 -27.47
N THR Z 128 -8.51 -91.58 -27.91
CA THR Z 128 -8.38 -93.01 -28.14
C THR Z 128 -7.78 -93.27 -29.53
N TYR Z 129 -7.64 -94.56 -29.85
CA TYR Z 129 -6.92 -94.96 -31.05
C TYR Z 129 -7.79 -94.98 -32.31
N ASP Z 130 -9.10 -94.74 -32.17
CA ASP Z 130 -9.93 -94.55 -33.36
C ASP Z 130 -9.94 -93.09 -33.78
N GLN Z 131 -9.87 -92.18 -32.80
CA GLN Z 131 -9.89 -90.75 -33.09
C GLN Z 131 -8.65 -90.31 -33.85
N VAL Z 132 -7.49 -90.94 -33.61
CA VAL Z 132 -6.28 -90.57 -34.34
C VAL Z 132 -6.43 -90.91 -35.82
N GLY Z 133 -6.98 -92.09 -36.12
CA GLY Z 133 -7.21 -92.45 -37.51
C GLY Z 133 -8.27 -91.58 -38.18
N ALA Z 134 -9.35 -91.28 -37.45
CA ALA Z 134 -10.38 -90.40 -37.99
C ALA Z 134 -9.84 -89.01 -38.27
N ALA Z 135 -9.03 -88.48 -37.35
CA ALA Z 135 -8.41 -87.17 -37.56
C ALA Z 135 -7.44 -87.20 -38.73
N TYR Z 136 -6.68 -88.29 -38.87
CA TYR Z 136 -5.83 -88.46 -40.05
C TYR Z 136 -6.65 -88.38 -41.33
N GLU Z 137 -7.79 -89.10 -41.36
CA GLU Z 137 -8.61 -89.12 -42.58
C GLU Z 137 -9.15 -87.73 -42.91
N ILE Z 138 -9.72 -87.04 -41.91
CA ILE Z 138 -10.33 -85.74 -42.19
C ILE Z 138 -9.28 -84.66 -42.38
N GLN Z 139 -8.03 -84.90 -41.97
CA GLN Z 139 -7.00 -83.90 -42.20
C GLN Z 139 -6.21 -84.16 -43.48
N VAL Z 140 -6.22 -85.38 -43.99
CA VAL Z 140 -5.46 -85.69 -45.20
C VAL Z 140 -6.34 -85.74 -46.43
N LYS Z 141 -7.66 -85.89 -46.28
CA LYS Z 141 -8.56 -85.98 -47.42
C LYS Z 141 -9.48 -84.79 -47.55
N GLU Z 142 -9.94 -84.22 -46.43
CA GLU Z 142 -10.88 -83.11 -46.49
C GLU Z 142 -10.17 -81.76 -46.40
N LEU Z 143 -9.41 -81.54 -45.33
CA LEU Z 143 -8.83 -80.21 -45.11
C LEU Z 143 -7.68 -79.93 -46.07
N SER Z 144 -6.77 -80.90 -46.25
CA SER Z 144 -5.55 -80.63 -47.02
C SER Z 144 -5.81 -80.66 -48.52
N SER Z 145 -6.55 -81.66 -48.99
CA SER Z 145 -6.79 -81.81 -50.43
C SER Z 145 -7.66 -80.70 -51.00
N GLN Z 146 -8.47 -80.04 -50.17
CA GLN Z 146 -9.30 -78.95 -50.65
C GLN Z 146 -8.49 -77.69 -50.91
N GLY Z 147 -7.43 -77.46 -50.13
CA GLY Z 147 -6.69 -76.22 -50.20
C GLY Z 147 -5.93 -75.98 -51.48
N MET Z 148 -4.89 -76.77 -51.74
CA MET Z 148 -4.03 -76.57 -52.90
C MET Z 148 -3.75 -77.89 -53.59
N ASP Z 149 -3.49 -77.82 -54.89
CA ASP Z 149 -3.18 -78.99 -55.71
C ASP Z 149 -1.69 -79.15 -55.98
N GLU Z 150 -0.88 -78.18 -55.58
CA GLU Z 150 0.56 -78.24 -55.86
C GLU Z 150 1.23 -79.31 -55.00
N GLU Z 151 2.50 -79.58 -55.33
CA GLU Z 151 3.25 -80.61 -54.63
C GLU Z 151 3.61 -80.22 -53.21
N GLN Z 152 3.43 -78.94 -52.83
CA GLN Z 152 3.61 -78.53 -51.44
C GLN Z 152 2.64 -79.26 -50.52
N PHE Z 153 1.48 -79.67 -51.05
CA PHE Z 153 0.58 -80.54 -50.29
C PHE Z 153 1.24 -81.86 -49.95
N ASN Z 154 2.00 -82.43 -50.90
CA ASN Z 154 2.59 -83.76 -50.72
C ASN Z 154 3.51 -83.79 -49.50
N LYS Z 155 4.44 -82.84 -49.42
CA LYS Z 155 5.29 -82.75 -48.24
C LYS Z 155 4.46 -82.43 -47.00
N GLU Z 156 3.38 -81.66 -47.17
CA GLU Z 156 2.47 -81.42 -46.06
C GLU Z 156 1.82 -82.71 -45.60
N ARG Z 157 1.53 -83.61 -46.55
CA ARG Z 157 1.10 -84.96 -46.20
C ARG Z 157 2.13 -85.63 -45.31
N ASP Z 158 3.41 -85.54 -45.68
CA ASP Z 158 4.46 -86.07 -44.82
C ASP Z 158 4.50 -85.34 -43.49
N LEU Z 159 4.20 -84.04 -43.50
CA LEU Z 159 4.12 -83.29 -42.25
C LEU Z 159 3.01 -83.83 -41.36
N LEU Z 160 1.95 -84.37 -41.96
CA LEU Z 160 0.96 -85.09 -41.16
C LEU Z 160 1.43 -86.50 -40.84
N LYS Z 161 2.15 -87.14 -41.77
CA LYS Z 161 2.51 -88.54 -41.65
C LYS Z 161 3.43 -88.81 -40.47
N GLU Z 162 4.13 -87.80 -39.98
CA GLU Z 162 4.87 -87.94 -38.73
C GLU Z 162 3.90 -88.13 -37.57
N SER Z 163 2.97 -87.19 -37.39
CA SER Z 163 2.16 -87.13 -36.17
C SER Z 163 1.29 -88.36 -36.01
N TYR Z 164 0.67 -88.80 -37.11
CA TYR Z 164 -0.10 -90.04 -37.08
C TYR Z 164 0.76 -91.21 -36.65
N ASN Z 165 1.96 -91.33 -37.23
CA ASN Z 165 2.85 -92.42 -36.85
C ASN Z 165 3.35 -92.28 -35.42
N ILE Z 166 3.21 -91.10 -34.82
CA ILE Z 166 3.49 -90.99 -33.40
C ILE Z 166 2.27 -91.40 -32.58
N LEU Z 167 1.07 -91.06 -33.06
CA LEU Z 167 -0.15 -91.24 -32.27
C LEU Z 167 -0.91 -92.51 -32.63
N SER Z 168 -0.44 -93.30 -33.58
CA SER Z 168 -1.08 -94.56 -33.91
C SER Z 168 -0.35 -95.77 -33.32
N SER Z 169 0.98 -95.79 -33.39
CA SER Z 169 1.74 -96.86 -32.80
C SER Z 169 1.71 -96.74 -31.28
N GLU Z 170 1.54 -97.87 -30.60
CA GLU Z 170 1.41 -97.85 -29.14
C GLU Z 170 2.70 -97.40 -28.47
N GLN Z 171 3.85 -97.88 -28.97
CA GLN Z 171 5.13 -97.63 -28.31
C GLN Z 171 5.54 -96.17 -28.41
N GLU Z 172 5.49 -95.61 -29.63
CA GLU Z 172 5.89 -94.23 -29.82
C GLU Z 172 4.93 -93.28 -29.11
N ARG Z 173 3.64 -93.60 -29.10
CA ARG Z 173 2.69 -92.76 -28.38
C ARG Z 173 2.92 -92.84 -26.88
N ARG Z 174 3.24 -94.02 -26.35
CA ARG Z 174 3.57 -94.14 -24.94
C ARG Z 174 4.75 -93.26 -24.58
N LEU Z 175 5.80 -93.30 -25.40
CA LEU Z 175 6.96 -92.45 -25.16
C LEU Z 175 6.59 -90.97 -25.25
N TYR Z 176 5.75 -90.61 -26.22
CA TYR Z 176 5.39 -89.21 -26.42
C TYR Z 176 4.58 -88.65 -25.26
N ASP Z 177 3.56 -89.39 -24.81
CA ASP Z 177 2.77 -88.92 -23.67
C ASP Z 177 3.60 -88.90 -22.40
N TRP Z 178 4.50 -89.87 -22.20
CA TRP Z 178 5.32 -89.84 -21.01
C TRP Z 178 6.28 -88.65 -21.04
N SER Z 179 6.84 -88.33 -22.21
CA SER Z 179 7.69 -87.16 -22.34
C SER Z 179 6.91 -85.88 -22.07
N LEU Z 180 5.68 -85.79 -22.58
CA LEU Z 180 4.86 -84.61 -22.32
C LEU Z 180 4.54 -84.46 -20.85
N ALA Z 181 4.20 -85.56 -20.17
CA ALA Z 181 3.90 -85.51 -18.75
C ALA Z 181 5.13 -85.13 -17.93
N ARG Z 182 6.29 -85.65 -18.32
CA ARG Z 182 7.53 -85.28 -17.61
C ARG Z 182 7.89 -83.82 -17.83
N ASN Z 183 7.68 -83.33 -19.05
CA ASN Z 183 8.02 -81.93 -19.34
C ASN Z 183 7.04 -80.97 -18.68
N SER Z 184 5.79 -81.39 -18.47
CA SER Z 184 4.79 -80.49 -17.88
C SER Z 184 5.14 -80.12 -16.44
N ALA Z 185 5.44 -81.11 -15.61
CA ALA Z 185 5.80 -80.90 -14.22
C ALA Z 185 7.07 -81.67 -13.90
N PRO Z 186 8.24 -81.13 -14.26
CA PRO Z 186 9.49 -81.87 -14.06
C PRO Z 186 9.90 -82.02 -12.60
N GLU Z 187 9.34 -81.22 -11.68
CA GLU Z 187 9.73 -81.32 -10.28
C GLU Z 187 9.25 -82.63 -9.66
N ARG Z 188 8.01 -83.02 -9.94
CA ARG Z 188 7.47 -84.27 -9.45
C ARG Z 188 7.53 -85.33 -10.54
N TYR Z 189 7.65 -86.58 -10.13
CA TYR Z 189 7.85 -87.67 -11.08
C TYR Z 189 6.54 -88.36 -11.40
N MET Z 190 6.35 -88.68 -12.68
CA MET Z 190 5.19 -89.43 -13.14
C MET Z 190 5.68 -90.66 -13.88
N TRP Z 191 5.23 -91.84 -13.44
CA TRP Z 191 5.64 -93.10 -14.04
C TRP Z 191 5.08 -93.22 -15.46
N PRO Z 192 5.72 -94.03 -16.30
CA PRO Z 192 5.18 -94.25 -17.66
C PRO Z 192 3.77 -94.83 -17.68
N PHE Z 193 3.39 -95.65 -16.69
CA PHE Z 193 2.06 -96.22 -16.70
C PHE Z 193 1.00 -95.18 -16.36
N GLU Z 194 1.37 -94.13 -15.61
CA GLU Z 194 0.41 -93.08 -15.28
C GLU Z 194 0.05 -92.24 -16.50
N ALA Z 195 0.99 -92.06 -17.42
CA ALA Z 195 0.76 -91.27 -18.62
C ALA Z 195 0.34 -92.13 -19.82
N ASP Z 196 0.13 -93.42 -19.62
CA ASP Z 196 -0.27 -94.33 -20.69
C ASP Z 196 -1.77 -94.56 -20.63
N ILE Z 197 -2.43 -94.49 -21.79
CA ILE Z 197 -3.87 -94.71 -21.86
C ILE Z 197 -4.24 -96.16 -22.11
N THR Z 198 -3.28 -97.01 -22.46
CA THR Z 198 -3.56 -98.43 -22.68
C THR Z 198 -3.59 -99.23 -21.40
N GLN Z 199 -3.31 -98.61 -20.25
CA GLN Z 199 -3.29 -99.29 -18.97
C GLN Z 199 -4.64 -99.36 -18.30
N THR Z 200 -5.64 -98.68 -18.84
CA THR Z 200 -6.99 -98.74 -18.28
C THR Z 200 -7.56 -100.13 -18.50
N PRO Z 201 -8.01 -100.84 -17.46
CA PRO Z 201 -8.48 -102.21 -17.65
C PRO Z 201 -9.77 -102.26 -18.47
N ARG Z 202 -9.78 -103.18 -19.43
CA ARG Z 202 -10.95 -103.42 -20.29
C ARG Z 202 -11.09 -104.92 -20.45
N TRP Z 203 -11.85 -105.55 -19.56
CA TRP Z 203 -12.01 -107.00 -19.57
C TRP Z 203 -13.46 -107.44 -19.57
N GLY Z 204 -14.40 -106.53 -19.83
CA GLY Z 204 -15.80 -106.89 -19.85
C GLY Z 204 -16.49 -106.65 -18.53
N THR Z 205 -17.44 -107.50 -18.18
CA THR Z 205 -18.14 -107.34 -16.92
C THR Z 205 -17.77 -108.47 -15.95
N PRO Z 206 -17.68 -108.18 -14.66
CA PRO Z 206 -17.44 -109.24 -13.67
C PRO Z 206 -18.62 -110.15 -13.55
N PRO Z 207 -18.43 -111.37 -13.04
CA PRO Z 207 -19.58 -112.24 -12.74
C PRO Z 207 -20.47 -111.61 -11.68
N PRO Z 208 -21.78 -111.38 -11.93
CA PRO Z 208 -22.59 -110.65 -10.97
C PRO Z 208 -22.64 -111.39 -9.65
N GLN Z 209 -22.81 -110.64 -8.56
CA GLN Z 209 -22.95 -111.28 -7.23
C GLN Z 209 -24.40 -111.74 -7.09
N GLU Z 210 -24.68 -112.65 -6.16
CA GLU Z 210 -26.05 -113.20 -6.00
C GLU Z 210 -27.05 -112.06 -5.81
N PRO Z 211 -28.33 -112.22 -6.21
CA PRO Z 211 -29.32 -111.18 -5.99
C PRO Z 211 -29.63 -111.06 -4.50
N GLU Z 212 -30.47 -110.10 -4.11
CA GLU Z 212 -30.74 -109.87 -2.68
C GLU Z 212 -32.18 -110.20 -2.34
N ASP Z 213 -32.44 -110.64 -1.13
CA ASP Z 213 -33.79 -110.93 -0.63
C ASP Z 213 -34.27 -109.73 0.17
N VAL Z 214 -35.40 -109.15 -0.26
CA VAL Z 214 -35.88 -107.88 0.29
C VAL Z 214 -37.15 -108.05 1.10
N GLY Z 215 -37.78 -109.23 1.07
CA GLY Z 215 -38.98 -109.49 1.83
C GLY Z 215 -38.87 -109.34 3.34
N PRO Z 216 -37.84 -109.98 3.95
CA PRO Z 216 -37.63 -109.78 5.39
C PRO Z 216 -37.35 -108.34 5.79
N THR Z 217 -36.79 -107.53 4.89
CA THR Z 217 -36.63 -106.11 5.17
C THR Z 217 -37.98 -105.45 5.38
N THR Z 218 -38.94 -105.72 4.48
CA THR Z 218 -40.28 -105.17 4.63
C THR Z 218 -40.98 -105.74 5.86
N ALA Z 219 -40.73 -107.01 6.18
CA ALA Z 219 -41.32 -107.59 7.39
C ALA Z 219 -40.82 -106.89 8.64
N VAL Z 220 -39.52 -106.64 8.72
CA VAL Z 220 -38.94 -105.96 9.89
C VAL Z 220 -39.46 -104.53 9.97
N GLY Z 221 -39.54 -103.86 8.82
CA GLY Z 221 -40.07 -102.50 8.81
C GLY Z 221 -41.51 -102.42 9.26
N TYR Z 222 -42.33 -103.38 8.81
CA TYR Z 222 -43.72 -103.43 9.24
C TYR Z 222 -43.82 -103.70 10.73
N PHE Z 223 -42.97 -104.60 11.25
CA PHE Z 223 -42.97 -104.88 12.69
C PHE Z 223 -42.63 -103.65 13.49
N LEU Z 224 -41.60 -102.91 13.07
CA LEU Z 224 -41.20 -101.71 13.82
C LEU Z 224 -42.26 -100.60 13.71
N LEU Z 225 -42.87 -100.42 12.54
CA LEU Z 225 -43.91 -99.43 12.38
C LEU Z 225 -45.14 -99.77 13.23
N ALA Z 226 -45.53 -101.05 13.26
CA ALA Z 226 -46.64 -101.47 14.12
C ALA Z 226 -46.29 -101.29 15.59
N TRP Z 227 -45.03 -101.53 15.96
CA TRP Z 227 -44.60 -101.30 17.33
C TRP Z 227 -44.72 -99.82 17.71
N PHE Z 228 -44.32 -98.92 16.81
CA PHE Z 228 -44.43 -97.50 17.11
C PHE Z 228 -45.88 -97.04 17.18
N VAL Z 229 -46.73 -97.53 16.28
CA VAL Z 229 -48.14 -97.16 16.31
C VAL Z 229 -48.81 -97.68 17.58
N PHE Z 230 -48.46 -98.91 17.98
CA PHE Z 230 -48.96 -99.46 19.24
C PHE Z 230 -48.47 -98.65 20.43
N SER Z 231 -47.24 -98.15 20.36
CA SER Z 231 -46.72 -97.29 21.42
C SER Z 231 -47.53 -96.00 21.52
N PHE Z 232 -47.82 -95.39 20.38
CA PHE Z 232 -48.63 -94.17 20.35
C PHE Z 232 -50.00 -94.42 20.99
N ILE Z 233 -50.68 -95.48 20.53
CA ILE Z 233 -52.01 -95.79 21.01
C ILE Z 233 -51.99 -96.13 22.50
N LEU Z 234 -51.01 -96.92 22.93
CA LEU Z 234 -50.91 -97.33 24.33
C LEU Z 234 -50.63 -96.14 25.23
N SER Z 235 -49.74 -95.24 24.83
CA SER Z 235 -49.46 -94.06 25.64
C SER Z 235 -50.69 -93.18 25.77
N ILE Z 236 -51.41 -92.97 24.66
CA ILE Z 236 -52.61 -92.13 24.71
C ILE Z 236 -53.68 -92.77 25.59
N ALA Z 237 -53.87 -94.07 25.47
CA ALA Z 237 -54.93 -94.75 26.22
C ALA Z 237 -54.61 -94.84 27.70
N LEU Z 238 -53.36 -95.22 28.03
CA LEU Z 238 -53.00 -95.40 29.42
C LEU Z 238 -52.80 -94.07 30.14
N ASN Z 239 -52.51 -93.00 29.40
CA ASN Z 239 -52.36 -91.70 30.04
C ASN Z 239 -53.69 -91.17 30.56
N ARG Z 240 -54.77 -91.43 29.81
CA ARG Z 240 -56.11 -91.00 30.23
C ARG Z 240 -56.59 -91.81 31.42
N GLU AA 1 -28.93 49.17 -63.72
CA GLU AA 1 -27.58 49.69 -63.91
C GLU AA 1 -27.16 50.57 -62.74
N VAL AA 2 -28.15 51.21 -62.10
CA VAL AA 2 -27.88 52.02 -60.92
C VAL AA 2 -27.80 51.10 -59.71
N LYS AA 3 -26.59 50.66 -59.37
CA LYS AA 3 -26.33 49.77 -58.26
C LYS AA 3 -25.39 50.44 -57.29
N ILE AA 4 -24.99 49.69 -56.27
CA ILE AA 4 -23.99 50.14 -55.30
C ILE AA 4 -22.65 49.60 -55.76
N LEU AA 5 -21.85 50.45 -56.39
CA LEU AA 5 -20.52 50.07 -56.89
C LEU AA 5 -19.49 50.59 -55.89
N VAL AA 6 -18.91 49.69 -55.12
CA VAL AA 6 -18.01 50.03 -54.03
C VAL AA 6 -16.83 49.07 -54.03
N ASP AA 7 -15.61 49.62 -53.97
CA ASP AA 7 -14.41 48.81 -53.84
C ASP AA 7 -13.97 48.77 -52.38
N ARG AA 8 -13.45 47.61 -51.96
CA ARG AA 8 -13.14 47.34 -50.57
C ARG AA 8 -11.67 47.62 -50.29
N ASP AA 9 -11.41 48.36 -49.21
CA ASP AA 9 -10.07 48.66 -48.73
C ASP AA 9 -9.14 49.26 -49.79
N PRO AA 10 -9.45 50.45 -50.31
CA PRO AA 10 -8.56 51.05 -51.31
C PRO AA 10 -7.36 51.75 -50.70
N VAL AA 11 -7.53 52.35 -49.53
CA VAL AA 11 -6.48 53.13 -48.87
C VAL AA 11 -6.18 52.57 -47.50
N LYS AA 12 -4.91 52.32 -47.22
CA LYS AA 12 -4.50 51.79 -45.92
C LYS AA 12 -4.48 52.85 -44.84
N THR AA 13 -5.11 52.56 -43.70
CA THR AA 13 -5.16 53.49 -42.59
C THR AA 13 -3.83 53.41 -41.86
N SER AA 14 -3.01 54.46 -41.98
CA SER AA 14 -1.70 54.48 -41.34
C SER AA 14 -1.30 55.93 -41.08
N PHE AA 15 -0.33 56.09 -40.18
CA PHE AA 15 0.19 57.40 -39.84
C PHE AA 15 1.45 57.75 -40.62
N GLU AA 16 1.82 56.94 -41.62
CA GLU AA 16 3.00 57.24 -42.43
C GLU AA 16 2.82 58.54 -43.20
N ALA AA 17 1.64 58.76 -43.78
CA ALA AA 17 1.37 60.01 -44.48
C ALA AA 17 1.20 61.18 -43.53
N TRP AA 18 0.89 60.91 -42.26
CA TRP AA 18 0.87 61.99 -41.26
C TRP AA 18 2.28 62.50 -40.99
N ALA AA 19 3.26 61.60 -40.95
CA ALA AA 19 4.63 61.98 -40.64
C ALA AA 19 5.30 62.75 -41.78
N LYS AA 20 4.81 62.59 -43.02
CA LYS AA 20 5.39 63.30 -44.16
C LYS AA 20 4.43 64.43 -44.54
N PRO AA 21 4.84 65.69 -44.41
CA PRO AA 21 3.97 66.79 -44.87
C PRO AA 21 3.99 66.91 -46.37
N GLY AA 22 2.85 67.33 -46.93
CA GLY AA 22 2.75 67.53 -48.36
C GLY AA 22 2.85 66.26 -49.18
N HIS AA 23 2.30 65.15 -48.69
CA HIS AA 23 2.41 63.88 -49.39
C HIS AA 23 1.55 63.83 -50.64
N PHE AA 24 0.56 64.72 -50.73
CA PHE AA 24 -0.47 64.60 -51.78
C PHE AA 24 0.07 64.89 -53.17
N SER AA 25 1.01 65.82 -53.31
CA SER AA 25 1.60 66.11 -54.60
C SER AA 25 3.11 65.87 -54.59
N ARG AA 26 3.72 65.97 -55.76
CA ARG AA 26 5.11 65.56 -55.98
C ARG AA 26 6.08 66.72 -55.74
N THR AA 27 5.79 67.90 -56.26
CA THR AA 27 6.70 69.04 -56.14
C THR AA 27 6.83 69.52 -54.70
N ILE AA 28 5.97 69.04 -53.81
CA ILE AA 28 5.92 69.52 -52.44
C ILE AA 28 6.45 68.48 -51.46
N ALA AA 29 6.29 67.19 -51.79
CA ALA AA 29 6.75 66.12 -50.92
C ALA AA 29 8.26 65.97 -50.92
N LYS AA 30 8.97 66.66 -51.81
CA LYS AA 30 10.43 66.60 -51.85
C LYS AA 30 11.08 67.24 -50.63
N GLY AA 31 10.34 68.02 -49.85
CA GLY AA 31 10.88 68.69 -48.69
C GLY AA 31 11.00 70.18 -48.91
N PRO AA 32 11.02 70.95 -47.82
CA PRO AA 32 11.11 72.41 -47.95
C PRO AA 32 12.53 72.85 -48.28
N GLU AA 33 12.66 73.66 -49.33
CA GLU AA 33 13.91 74.34 -49.62
C GLU AA 33 13.87 75.81 -49.22
N THR AA 34 12.69 76.43 -49.27
CA THR AA 34 12.47 77.79 -48.82
C THR AA 34 11.22 77.80 -47.94
N THR AA 35 10.90 78.97 -47.39
CA THR AA 35 9.72 79.09 -46.53
C THR AA 35 8.43 79.04 -47.33
N THR AA 36 8.49 79.43 -48.61
CA THR AA 36 7.30 79.47 -49.46
C THR AA 36 6.61 78.12 -49.53
N TRP AA 37 7.39 77.03 -49.47
CA TRP AA 37 6.85 75.68 -49.45
C TRP AA 37 5.77 75.52 -48.38
N ILE AA 38 6.02 76.07 -47.19
CA ILE AA 38 5.05 75.97 -46.10
C ILE AA 38 3.71 76.55 -46.53
N TRP AA 39 3.74 77.75 -47.11
CA TRP AA 39 2.50 78.36 -47.60
C TRP AA 39 1.86 77.51 -48.67
N ASN AA 40 2.69 76.96 -49.58
CA ASN AA 40 2.17 76.08 -50.62
C ASN AA 40 1.50 74.86 -50.00
N LEU AA 41 2.03 74.40 -48.86
CA LEU AA 41 1.46 73.22 -48.22
C LEU AA 41 0.06 73.50 -47.69
N HIS AA 42 -0.24 74.76 -47.41
CA HIS AA 42 -1.59 75.12 -47.00
C HIS AA 42 -2.41 75.68 -48.14
N ALA AA 43 -1.88 75.70 -49.37
CA ALA AA 43 -2.61 76.20 -50.53
C ALA AA 43 -3.12 75.09 -51.43
N ASP AA 44 -2.40 73.98 -51.54
CA ASP AA 44 -2.80 72.85 -52.36
C ASP AA 44 -3.33 71.69 -51.54
N ALA AA 45 -3.69 71.93 -50.27
CA ALA AA 45 -4.11 70.86 -49.38
C ALA AA 45 -5.44 70.24 -49.83
N HIS AA 46 -6.39 71.06 -50.26
CA HIS AA 46 -7.71 70.59 -50.66
C HIS AA 46 -7.95 70.74 -52.16
N ASP AA 47 -6.89 70.90 -52.95
CA ASP AA 47 -7.01 70.95 -54.40
C ASP AA 47 -6.79 69.55 -54.95
N PHE AA 48 -7.83 68.72 -54.80
CA PHE AA 48 -7.73 67.31 -55.19
C PHE AA 48 -7.59 67.13 -56.69
N ASP AA 49 -8.04 68.12 -57.49
CA ASP AA 49 -7.91 68.01 -58.94
C ASP AA 49 -6.47 68.11 -59.40
N SER AA 50 -5.59 68.75 -58.62
CA SER AA 50 -4.19 68.88 -58.98
C SER AA 50 -3.35 67.73 -58.43
N HIS AA 51 -3.82 67.06 -57.37
CA HIS AA 51 -3.07 65.94 -56.80
C HIS AA 51 -3.06 64.76 -57.76
N THR AA 52 -4.23 64.39 -58.28
CA THR AA 52 -4.37 63.25 -59.16
C THR AA 52 -5.29 63.60 -60.32
N SER AA 53 -5.11 62.89 -61.43
CA SER AA 53 -5.92 63.09 -62.62
C SER AA 53 -7.08 62.11 -62.72
N ASP AA 54 -7.29 61.26 -61.72
CA ASP AA 54 -8.36 60.28 -61.73
C ASP AA 54 -9.57 60.83 -60.98
N LEU AA 55 -10.73 60.77 -61.62
CA LEU AA 55 -11.94 61.35 -61.04
C LEU AA 55 -12.45 60.55 -59.85
N GLU AA 56 -12.15 59.25 -59.81
CA GLU AA 56 -12.68 58.39 -58.74
C GLU AA 56 -12.10 58.76 -57.38
N GLU AA 57 -10.77 58.90 -57.30
CA GLU AA 57 -10.14 59.27 -56.04
C GLU AA 57 -10.54 60.67 -55.61
N ILE AA 58 -10.67 61.59 -56.57
CA ILE AA 58 -11.11 62.95 -56.27
C ILE AA 58 -12.51 62.92 -55.67
N SER AA 59 -13.41 62.14 -56.27
CA SER AA 59 -14.78 62.06 -55.77
C SER AA 59 -14.83 61.43 -54.38
N ARG AA 60 -14.01 60.40 -54.14
CA ARG AA 60 -13.98 59.77 -52.82
C ARG AA 60 -13.45 60.75 -51.75
N LYS AA 61 -12.42 61.51 -52.08
CA LYS AA 61 -11.90 62.52 -51.17
C LYS AA 61 -12.95 63.59 -50.89
N ILE AA 62 -13.70 63.98 -51.93
CA ILE AA 62 -14.78 64.96 -51.76
C ILE AA 62 -15.85 64.43 -50.82
N PHE AA 63 -16.24 63.16 -51.00
CA PHE AA 63 -17.27 62.55 -50.17
C PHE AA 63 -16.84 62.49 -48.71
N SER AA 64 -15.60 62.08 -48.46
CA SER AA 64 -15.14 62.00 -47.08
C SER AA 64 -14.89 63.37 -46.46
N ALA AA 65 -14.47 64.36 -47.25
CA ALA AA 65 -14.38 65.73 -46.75
C ALA AA 65 -15.75 66.29 -46.39
N HIS AA 66 -16.77 65.96 -47.18
CA HIS AA 66 -18.13 66.35 -46.82
C HIS AA 66 -18.57 65.69 -45.53
N PHE AA 67 -18.20 64.42 -45.33
CA PHE AA 67 -18.51 63.75 -44.08
C PHE AA 67 -17.82 64.42 -42.90
N GLY AA 68 -16.55 64.81 -43.07
CA GLY AA 68 -15.86 65.51 -42.00
C GLY AA 68 -16.47 66.86 -41.69
N GLN AA 69 -16.91 67.58 -42.72
CA GLN AA 69 -17.60 68.85 -42.52
C GLN AA 69 -18.90 68.65 -41.77
N LEU AA 70 -19.66 67.60 -42.11
CA LEU AA 70 -20.89 67.29 -41.39
C LEU AA 70 -20.61 66.95 -39.93
N SER AA 71 -19.52 66.22 -39.68
CA SER AA 71 -19.12 65.93 -38.31
C SER AA 71 -18.79 67.19 -37.54
N ILE AA 72 -18.09 68.13 -38.17
CA ILE AA 72 -17.77 69.39 -37.52
C ILE AA 72 -19.04 70.19 -37.23
N ILE AA 73 -19.99 70.20 -38.17
CA ILE AA 73 -21.26 70.91 -37.96
C ILE AA 73 -22.04 70.29 -36.81
N PHE AA 74 -22.08 68.95 -36.75
CA PHE AA 74 -22.77 68.28 -35.65
C PHE AA 74 -22.09 68.55 -34.32
N LEU AA 75 -20.76 68.60 -34.30
CA LEU AA 75 -20.03 68.95 -33.09
C LEU AA 75 -20.37 70.37 -32.63
N TRP AA 76 -20.45 71.31 -33.58
CA TRP AA 76 -20.81 72.69 -33.26
C TRP AA 76 -22.23 72.78 -32.73
N LEU AA 77 -23.16 72.03 -33.34
CA LEU AA 77 -24.54 72.02 -32.85
C LEU AA 77 -24.64 71.43 -31.45
N SER AA 78 -23.88 70.35 -31.19
CA SER AA 78 -23.82 69.78 -29.85
C SER AA 78 -23.28 70.79 -28.85
N GLY AA 79 -22.28 71.57 -29.26
CA GLY AA 79 -21.76 72.61 -28.39
C GLY AA 79 -22.79 73.68 -28.08
N MET AA 80 -23.55 74.11 -29.08
CA MET AA 80 -24.58 75.12 -28.83
C MET AA 80 -25.67 74.59 -27.92
N TYR AA 81 -26.07 73.33 -28.12
CA TYR AA 81 -27.09 72.75 -27.25
C TYR AA 81 -26.59 72.56 -25.84
N PHE AA 82 -25.31 72.19 -25.68
CA PHE AA 82 -24.73 72.05 -24.35
C PHE AA 82 -24.62 73.40 -23.65
N HIS AA 83 -24.15 74.42 -24.36
CA HIS AA 83 -24.04 75.76 -23.79
C HIS AA 83 -25.40 76.43 -23.63
N GLY AA 84 -26.46 75.86 -24.19
CA GLY AA 84 -27.81 76.28 -23.85
C GLY AA 84 -28.36 75.51 -22.67
N ALA AA 85 -27.85 74.29 -22.46
CA ALA AA 85 -28.25 73.52 -21.28
C ALA AA 85 -27.54 74.02 -20.03
N ARG AA 86 -26.22 73.95 -20.01
CA ARG AA 86 -25.42 74.57 -18.97
C ARG AA 86 -24.95 75.94 -19.44
N PHE AA 87 -24.64 76.80 -18.46
CA PHE AA 87 -24.17 78.17 -18.71
C PHE AA 87 -25.17 78.97 -19.54
N SER AA 88 -26.44 78.90 -19.18
CA SER AA 88 -27.47 79.62 -19.92
C SER AA 88 -28.65 79.91 -19.01
N ASN AA 89 -29.49 80.84 -19.46
CA ASN AA 89 -30.69 81.26 -18.74
C ASN AA 89 -31.95 80.98 -19.56
N TYR AA 90 -31.96 79.83 -20.25
CA TYR AA 90 -33.09 79.50 -21.12
C TYR AA 90 -34.37 79.29 -20.32
N GLU AA 91 -34.28 78.62 -19.17
CA GLU AA 91 -35.45 78.41 -18.34
C GLU AA 91 -35.97 79.74 -17.77
N ALA AA 92 -35.06 80.63 -17.39
CA ALA AA 92 -35.48 81.96 -16.96
C ALA AA 92 -36.06 82.77 -18.12
N TRP AA 93 -35.47 82.64 -19.30
CA TRP AA 93 -35.95 83.37 -20.47
C TRP AA 93 -37.34 82.90 -20.91
N LEU AA 94 -37.67 81.63 -20.65
CA LEU AA 94 -38.97 81.10 -21.05
C LEU AA 94 -40.10 81.80 -20.31
N SER AA 95 -39.89 82.13 -19.03
CA SER AA 95 -40.94 82.77 -18.25
C SER AA 95 -41.16 84.21 -18.70
N ASP AA 96 -40.09 84.97 -18.92
CA ASP AA 96 -40.17 86.37 -19.29
C ASP AA 96 -39.28 86.62 -20.51
N PRO AA 97 -39.75 86.28 -21.71
CA PRO AA 97 -38.93 86.52 -22.90
C PRO AA 97 -38.80 87.98 -23.29
N THR AA 98 -39.71 88.84 -22.83
CA THR AA 98 -39.73 90.24 -23.25
C THR AA 98 -38.87 91.14 -22.39
N HIS AA 99 -38.29 90.63 -21.30
CA HIS AA 99 -37.46 91.43 -20.41
C HIS AA 99 -36.12 90.79 -20.08
N ILE AA 100 -35.89 89.54 -20.45
CA ILE AA 100 -34.67 88.83 -20.12
C ILE AA 100 -33.89 88.60 -21.41
N GLY AA 101 -32.65 89.09 -21.45
CA GLY AA 101 -31.81 88.91 -22.60
C GLY AA 101 -31.25 87.50 -22.67
N PRO AA 102 -31.33 86.89 -23.85
CA PRO AA 102 -30.77 85.54 -24.02
C PRO AA 102 -29.27 85.53 -23.79
N SER AA 103 -28.78 84.47 -23.15
CA SER AA 103 -27.36 84.35 -22.84
C SER AA 103 -27.01 82.87 -22.75
N ALA AA 104 -25.92 82.48 -23.40
CA ALA AA 104 -25.48 81.09 -23.39
C ALA AA 104 -23.98 80.93 -23.23
N GLN AA 105 -23.26 82.00 -22.87
CA GLN AA 105 -21.82 81.94 -22.70
C GLN AA 105 -21.42 82.76 -21.49
N VAL AA 106 -20.59 82.19 -20.62
CA VAL AA 106 -20.07 82.87 -19.45
C VAL AA 106 -18.55 82.81 -19.48
N VAL AA 107 -17.91 83.90 -19.12
CA VAL AA 107 -16.45 83.97 -19.09
C VAL AA 107 -15.97 83.62 -17.70
N TRP AA 108 -14.73 83.15 -17.63
CA TRP AA 108 -14.12 82.79 -16.36
C TRP AA 108 -13.53 84.03 -15.69
N PRO AA 109 -13.49 84.05 -14.35
CA PRO AA 109 -12.93 85.23 -13.64
C PRO AA 109 -11.40 85.27 -13.66
N ILE AA 110 -10.85 85.71 -14.78
CA ILE AA 110 -9.42 85.85 -14.95
C ILE AA 110 -9.14 87.21 -15.58
N VAL AA 111 -8.00 87.80 -15.22
CA VAL AA 111 -7.45 89.08 -15.67
C VAL AA 111 -8.49 90.19 -15.83
N GLY AA 112 -9.54 90.15 -15.01
CA GLY AA 112 -10.56 91.18 -15.05
C GLY AA 112 -11.55 91.09 -16.18
N GLN AA 113 -11.61 89.95 -16.89
CA GLN AA 113 -12.54 89.80 -17.99
C GLN AA 113 -13.96 89.48 -17.53
N GLU AA 114 -14.16 89.27 -16.23
CA GLU AA 114 -15.46 88.93 -15.68
C GLU AA 114 -16.45 90.07 -15.79
N ILE AA 115 -15.96 91.27 -16.17
CA ILE AA 115 -16.84 92.38 -16.50
C ILE AA 115 -17.70 92.06 -17.71
N LEU AA 116 -17.29 91.12 -18.55
CA LEU AA 116 -18.10 90.74 -19.70
C LEU AA 116 -19.33 89.94 -19.32
N ASN AA 117 -19.44 89.49 -18.07
CA ASN AA 117 -20.63 88.80 -17.58
C ASN AA 117 -21.66 89.85 -17.20
N GLY AA 118 -22.44 90.28 -18.19
CA GLY AA 118 -23.41 91.33 -17.98
C GLY AA 118 -24.70 90.84 -17.36
N ASP AA 119 -25.43 91.78 -16.75
CA ASP AA 119 -26.72 91.49 -16.12
C ASP AA 119 -27.77 91.37 -17.22
N VAL AA 120 -27.85 90.17 -17.80
CA VAL AA 120 -28.81 89.92 -18.86
C VAL AA 120 -30.23 89.69 -18.34
N GLY AA 121 -30.39 89.44 -17.05
CA GLY AA 121 -31.68 89.20 -16.47
C GLY AA 121 -31.91 87.72 -16.16
N GLY AA 122 -32.91 87.48 -15.31
CA GLY AA 122 -33.23 86.13 -14.92
C GLY AA 122 -32.28 85.52 -13.91
N GLY AA 123 -31.64 86.35 -13.09
CA GLY AA 123 -30.66 85.86 -12.14
C GLY AA 123 -29.44 85.25 -12.77
N PHE AA 124 -29.01 85.77 -13.91
CA PHE AA 124 -27.89 85.21 -14.66
C PHE AA 124 -26.96 86.34 -15.09
N ARG AA 125 -25.66 86.07 -15.07
CA ARG AA 125 -24.65 86.99 -15.55
C ARG AA 125 -23.83 86.27 -16.62
N GLY AA 126 -23.79 86.84 -17.81
CA GLY AA 126 -23.07 86.21 -18.91
C GLY AA 126 -23.16 87.05 -20.16
N ILE AA 127 -22.62 86.49 -21.24
CA ILE AA 127 -22.58 87.19 -22.52
C ILE AA 127 -23.91 87.01 -23.23
N GLN AA 128 -24.51 88.12 -23.65
CA GLN AA 128 -25.77 88.06 -24.39
C GLN AA 128 -25.52 87.55 -25.80
N ILE AA 129 -26.28 86.52 -26.19
CA ILE AA 129 -26.13 85.90 -27.49
C ILE AA 129 -27.17 86.50 -28.44
N THR AA 130 -26.86 86.47 -29.73
CA THR AA 130 -27.74 86.99 -30.76
C THR AA 130 -28.03 85.98 -31.86
N SER AA 131 -27.65 84.71 -31.66
CA SER AA 131 -27.86 83.67 -32.66
C SER AA 131 -29.30 83.20 -32.73
N GLY AA 132 -30.14 83.58 -31.77
CA GLY AA 132 -31.54 83.18 -31.77
C GLY AA 132 -31.79 81.70 -31.57
N PHE AA 133 -30.97 81.05 -30.77
CA PHE AA 133 -31.21 79.63 -30.46
C PHE AA 133 -32.36 79.47 -29.48
N PHE AA 134 -32.56 80.43 -28.58
CA PHE AA 134 -33.66 80.35 -27.61
C PHE AA 134 -35.00 80.34 -28.32
N GLN AA 135 -35.14 81.15 -29.37
CA GLN AA 135 -36.38 81.21 -30.14
C GLN AA 135 -36.62 79.90 -30.88
N ILE AA 136 -35.56 79.28 -31.41
CA ILE AA 136 -35.69 77.99 -32.06
C ILE AA 136 -36.16 76.93 -31.06
N TRP AA 137 -35.56 76.92 -29.87
CA TRP AA 137 -35.89 75.92 -28.87
C TRP AA 137 -37.32 76.12 -28.35
N ARG AA 138 -37.75 77.37 -28.20
CA ARG AA 138 -39.14 77.62 -27.83
C ARG AA 138 -40.10 77.20 -28.93
N ALA AA 139 -39.73 77.45 -30.20
CA ALA AA 139 -40.56 77.00 -31.31
C ALA AA 139 -40.53 75.48 -31.47
N SER AA 140 -39.51 74.81 -30.94
CA SER AA 140 -39.44 73.36 -30.98
C SER AA 140 -40.14 72.68 -29.80
N GLY AA 141 -40.61 73.46 -28.82
CA GLY AA 141 -41.27 72.90 -27.67
C GLY AA 141 -40.35 72.49 -26.54
N ILE AA 142 -39.11 72.96 -26.53
CA ILE AA 142 -38.15 72.59 -25.49
C ILE AA 142 -38.37 73.49 -24.28
N THR AA 143 -38.71 72.88 -23.14
CA THR AA 143 -38.98 73.63 -21.92
C THR AA 143 -38.08 73.23 -20.76
N SER AA 144 -37.00 72.47 -21.02
CA SER AA 144 -36.13 72.03 -19.95
C SER AA 144 -34.71 71.91 -20.47
N GLU AA 145 -33.76 71.99 -19.54
CA GLU AA 145 -32.34 71.84 -19.89
C GLU AA 145 -31.94 70.39 -20.14
N LEU AA 146 -32.70 69.43 -19.60
CA LEU AA 146 -32.41 68.02 -19.87
C LEU AA 146 -32.63 67.69 -21.34
N GLN AA 147 -33.63 68.30 -21.96
CA GLN AA 147 -33.85 68.10 -23.39
C GLN AA 147 -32.68 68.64 -24.21
N LEU AA 148 -32.15 69.80 -23.82
CA LEU AA 148 -30.98 70.35 -24.51
C LEU AA 148 -29.76 69.48 -24.31
N TYR AA 149 -29.58 68.92 -23.10
CA TYR AA 149 -28.49 68.00 -22.84
C TYR AA 149 -28.60 66.74 -23.69
N CYS AA 150 -29.81 66.20 -23.80
CA CYS AA 150 -30.04 65.01 -24.64
C CYS AA 150 -29.76 65.32 -26.10
N THR AA 151 -30.17 66.50 -26.57
CA THR AA 151 -29.88 66.89 -27.95
C THR AA 151 -28.39 67.05 -28.19
N ALA AA 152 -27.67 67.60 -27.20
CA ALA AA 152 -26.21 67.73 -27.32
C ALA AA 152 -25.54 66.36 -27.38
N ILE AA 153 -25.99 65.42 -26.54
CA ILE AA 153 -25.41 64.07 -26.56
C ILE AA 153 -25.71 63.39 -27.90
N GLY AA 154 -26.93 63.54 -28.40
CA GLY AA 154 -27.28 62.96 -29.69
C GLY AA 154 -26.49 63.55 -30.83
N ALA AA 155 -26.23 64.86 -30.78
CA ALA AA 155 -25.42 65.49 -31.82
C ALA AA 155 -23.95 65.08 -31.71
N LEU AA 156 -23.44 64.84 -30.50
CA LEU AA 156 -22.10 64.28 -30.35
C LEU AA 156 -22.02 62.89 -30.96
N VAL AA 157 -23.03 62.06 -30.72
CA VAL AA 157 -23.07 60.72 -31.29
C VAL AA 157 -23.15 60.80 -32.81
N PHE AA 158 -23.94 61.74 -33.33
CA PHE AA 158 -24.06 61.90 -34.78
C PHE AA 158 -22.76 62.40 -35.40
N ALA AA 159 -22.03 63.27 -34.69
CA ALA AA 159 -20.73 63.71 -35.18
C ALA AA 159 -19.74 62.55 -35.23
N ALA AA 160 -19.75 61.71 -34.20
CA ALA AA 160 -18.91 60.51 -34.23
C ALA AA 160 -19.29 59.58 -35.37
N LEU AA 161 -20.60 59.44 -35.63
CA LEU AA 161 -21.07 58.62 -36.73
C LEU AA 161 -20.64 59.19 -38.08
N MET AA 162 -20.70 60.51 -38.24
CA MET AA 162 -20.25 61.15 -39.47
C MET AA 162 -18.75 60.94 -39.68
N LEU AA 163 -17.96 61.07 -38.61
CA LEU AA 163 -16.52 60.85 -38.73
C LEU AA 163 -16.21 59.40 -39.08
N PHE AA 164 -16.90 58.46 -38.46
CA PHE AA 164 -16.72 57.05 -38.78
C PHE AA 164 -17.12 56.76 -40.23
N ALA AA 165 -18.22 57.37 -40.69
CA ALA AA 165 -18.64 57.18 -42.07
C ALA AA 165 -17.63 57.76 -43.05
N GLY AA 166 -17.04 58.90 -42.71
CA GLY AA 166 -16.01 59.48 -43.57
C GLY AA 166 -14.77 58.61 -43.65
N TRP AA 167 -14.38 58.01 -42.52
CA TRP AA 167 -13.27 57.06 -42.57
C TRP AA 167 -13.64 55.81 -43.35
N PHE AA 168 -14.88 55.34 -43.19
CA PHE AA 168 -15.31 54.07 -43.77
C PHE AA 168 -15.44 54.17 -45.28
N HIS AA 169 -16.02 55.26 -45.78
CA HIS AA 169 -16.30 55.40 -47.19
C HIS AA 169 -15.10 55.89 -47.99
N TYR AA 170 -13.92 55.99 -47.37
CA TYR AA 170 -12.68 56.23 -48.08
C TYR AA 170 -11.64 55.15 -47.85
N HIS AA 171 -11.47 54.70 -46.60
CA HIS AA 171 -10.41 53.75 -46.27
C HIS AA 171 -10.88 52.31 -46.30
N LYS AA 172 -12.18 52.05 -46.18
CA LYS AA 172 -12.70 50.69 -46.12
C LYS AA 172 -13.58 50.33 -47.29
N ALA AA 173 -14.64 51.10 -47.54
CA ALA AA 173 -15.62 50.76 -48.58
C ALA AA 173 -15.89 52.03 -49.39
N ALA AA 174 -15.09 52.24 -50.44
CA ALA AA 174 -15.18 53.50 -51.17
C ALA AA 174 -16.07 53.35 -52.39
N PRO AA 175 -16.96 54.29 -52.64
CA PRO AA 175 -17.82 54.20 -53.83
C PRO AA 175 -17.02 54.38 -55.12
N LYS AA 176 -17.50 53.74 -56.18
CA LYS AA 176 -16.88 53.86 -57.48
C LYS AA 176 -17.35 55.13 -58.19
N LEU AA 177 -16.76 55.39 -59.36
CA LEU AA 177 -17.09 56.60 -60.11
C LEU AA 177 -18.53 56.58 -60.60
N ALA AA 178 -18.99 55.44 -61.09
CA ALA AA 178 -20.37 55.33 -61.58
C ALA AA 178 -21.40 55.52 -60.49
N TRP AA 179 -21.02 55.26 -59.23
CA TRP AA 179 -21.92 55.55 -58.11
C TRP AA 179 -22.15 57.05 -57.97
N PHE AA 180 -21.11 57.86 -58.15
CA PHE AA 180 -21.24 59.30 -58.04
C PHE AA 180 -21.93 59.90 -59.26
N GLN AA 181 -21.78 59.29 -60.43
CA GLN AA 181 -22.35 59.82 -61.66
C GLN AA 181 -23.81 59.46 -61.85
N ASP AA 182 -24.41 58.74 -60.91
CA ASP AA 182 -25.85 58.44 -60.94
C ASP AA 182 -26.62 59.62 -60.38
N VAL AA 183 -26.66 60.69 -61.19
CA VAL AA 183 -27.25 61.95 -60.75
C VAL AA 183 -28.77 61.82 -60.61
N GLU AA 184 -29.40 60.95 -61.39
CA GLU AA 184 -30.86 60.83 -61.36
C GLU AA 184 -31.34 60.25 -60.04
N SER AA 185 -30.72 59.14 -59.61
CA SER AA 185 -31.08 58.54 -58.33
C SER AA 185 -30.73 59.47 -57.17
N MET AA 186 -29.61 60.19 -57.28
CA MET AA 186 -29.22 61.14 -56.25
C MET AA 186 -30.24 62.26 -56.12
N LEU AA 187 -30.71 62.80 -57.25
CA LEU AA 187 -31.74 63.83 -57.23
C LEU AA 187 -33.05 63.30 -56.68
N ASN AA 188 -33.43 62.09 -57.06
CA ASN AA 188 -34.65 61.49 -56.55
C ASN AA 188 -34.61 61.31 -55.04
N HIS AA 189 -33.48 60.81 -54.53
CA HIS AA 189 -33.34 60.58 -53.10
C HIS AA 189 -33.21 61.88 -52.31
N HIS AA 190 -32.58 62.90 -52.89
CA HIS AA 190 -32.42 64.17 -52.20
C HIS AA 190 -33.65 65.06 -52.31
N LEU AA 191 -34.57 64.76 -53.21
CA LEU AA 191 -35.83 65.50 -53.28
C LEU AA 191 -36.95 64.80 -52.54
N ALA AA 192 -36.92 63.46 -52.49
CA ALA AA 192 -37.99 62.72 -51.83
C ALA AA 192 -37.60 62.24 -50.44
N GLY AA 193 -36.34 61.88 -50.24
CA GLY AA 193 -35.91 61.30 -48.98
C GLY AA 193 -35.26 62.27 -48.02
N LEU AA 194 -34.57 63.29 -48.56
CA LEU AA 194 -33.89 64.26 -47.72
C LEU AA 194 -34.79 65.47 -47.43
N LEU AA 195 -35.27 66.13 -48.48
CA LEU AA 195 -36.10 67.32 -48.30
C LEU AA 195 -37.54 66.94 -48.00
N GLY AA 196 -38.11 66.02 -48.78
CA GLY AA 196 -39.51 65.67 -48.59
C GLY AA 196 -39.77 64.95 -47.29
N LEU AA 197 -39.00 63.90 -47.00
CA LEU AA 197 -39.19 63.17 -45.76
C LEU AA 197 -38.77 63.99 -44.55
N GLY AA 198 -37.74 64.84 -44.70
CA GLY AA 198 -37.36 65.72 -43.62
C GLY AA 198 -38.44 66.74 -43.29
N SER AA 199 -39.04 67.33 -44.32
CA SER AA 199 -40.15 68.26 -44.10
C SER AA 199 -41.35 67.55 -43.50
N LEU AA 200 -41.63 66.33 -43.94
CA LEU AA 200 -42.74 65.57 -43.37
C LEU AA 200 -42.51 65.25 -41.90
N SER AA 201 -41.29 64.85 -41.54
CA SER AA 201 -40.98 64.55 -40.15
C SER AA 201 -41.02 65.81 -39.28
N TRP AA 202 -40.54 66.94 -39.81
CA TRP AA 202 -40.61 68.17 -39.04
C TRP AA 202 -42.05 68.65 -38.88
N ALA AA 203 -42.88 68.45 -39.92
CA ALA AA 203 -44.30 68.76 -39.79
C ALA AA 203 -44.95 67.88 -38.74
N GLY AA 204 -44.56 66.60 -38.69
CA GLY AA 204 -45.08 65.73 -37.64
C GLY AA 204 -44.65 66.17 -36.25
N HIS AA 205 -43.40 66.61 -36.10
CA HIS AA 205 -42.95 67.13 -34.81
C HIS AA 205 -43.71 68.39 -34.42
N GLN AA 206 -43.92 69.30 -35.38
CA GLN AA 206 -44.64 70.54 -35.09
C GLN AA 206 -46.09 70.26 -34.72
N ILE AA 207 -46.73 69.31 -35.42
CA ILE AA 207 -48.12 68.99 -35.15
C ILE AA 207 -48.26 68.30 -33.79
N HIS AA 208 -47.37 67.35 -33.50
CA HIS AA 208 -47.52 66.53 -32.30
C HIS AA 208 -46.84 67.10 -31.07
N VAL AA 209 -45.84 67.96 -31.22
CA VAL AA 209 -45.08 68.43 -30.07
C VAL AA 209 -45.11 69.95 -29.96
N SER AA 210 -44.70 70.65 -31.04
CA SER AA 210 -44.54 72.09 -30.96
C SER AA 210 -45.87 72.80 -30.76
N LEU AA 211 -46.93 72.36 -31.45
CA LEU AA 211 -48.23 73.01 -31.34
C LEU AA 211 -48.81 72.95 -29.93
N PRO AA 212 -48.93 71.78 -29.25
CA PRO AA 212 -49.52 71.82 -27.91
C PRO AA 212 -48.65 72.51 -26.87
N ILE AA 213 -47.33 72.31 -26.92
CA ILE AA 213 -46.43 72.95 -25.97
C ILE AA 213 -46.47 74.46 -26.13
N ASN AA 214 -46.46 74.94 -27.38
CA ASN AA 214 -46.52 76.37 -27.61
C ASN AA 214 -47.90 76.95 -27.28
N GLN AA 215 -48.97 76.16 -27.46
CA GLN AA 215 -50.29 76.62 -27.03
C GLN AA 215 -50.34 76.78 -25.51
N PHE AA 216 -49.76 75.82 -24.78
CA PHE AA 216 -49.69 75.93 -23.33
C PHE AA 216 -48.84 77.11 -22.90
N LEU AA 217 -47.73 77.35 -23.60
CA LEU AA 217 -46.86 78.47 -23.27
C LEU AA 217 -47.55 79.81 -23.52
N ASN AA 218 -48.25 79.94 -24.64
CA ASN AA 218 -48.95 81.18 -24.96
C ASN AA 218 -50.23 81.34 -24.14
N ALA AA 219 -50.71 80.27 -23.51
CA ALA AA 219 -51.86 80.36 -22.62
C ALA AA 219 -51.48 80.85 -21.23
N GLY AA 220 -50.20 81.12 -20.97
CA GLY AA 220 -49.74 81.57 -19.68
C GLY AA 220 -49.41 80.47 -18.69
N VAL AA 221 -49.49 79.21 -19.10
CA VAL AA 221 -49.16 78.09 -18.21
C VAL AA 221 -47.67 78.11 -17.93
N ASP AA 222 -47.31 77.85 -16.68
CA ASP AA 222 -45.92 77.83 -16.27
C ASP AA 222 -45.19 76.69 -16.98
N PRO AA 223 -43.96 76.92 -17.46
CA PRO AA 223 -43.29 75.90 -18.29
C PRO AA 223 -43.05 74.57 -17.58
N LYS AA 224 -42.78 74.59 -16.27
CA LYS AA 224 -42.53 73.35 -15.56
C LYS AA 224 -43.81 72.55 -15.33
N GLU AA 225 -44.97 73.19 -15.38
CA GLU AA 225 -46.24 72.50 -15.21
C GLU AA 225 -46.84 72.03 -16.53
N ILE AA 226 -46.23 72.40 -17.66
CA ILE AA 226 -46.70 71.95 -18.97
C ILE AA 226 -46.47 70.44 -19.09
N PRO AA 227 -47.43 69.68 -19.62
CA PRO AA 227 -47.20 68.24 -19.84
C PRO AA 227 -46.03 68.00 -20.79
N LEU AA 228 -45.32 66.91 -20.55
CA LEU AA 228 -44.19 66.55 -21.39
C LEU AA 228 -44.65 66.21 -22.80
N PRO AA 229 -43.80 66.43 -23.81
CA PRO AA 229 -44.24 66.19 -25.21
C PRO AA 229 -44.67 64.77 -25.49
N HIS AA 230 -44.10 63.78 -24.80
CA HIS AA 230 -44.54 62.41 -25.01
C HIS AA 230 -45.90 62.14 -24.38
N GLU AA 231 -46.30 62.92 -23.38
CA GLU AA 231 -47.61 62.75 -22.77
C GLU AA 231 -48.73 63.12 -23.73
N LEU AA 232 -48.46 64.05 -24.65
CA LEU AA 232 -49.45 64.41 -25.67
C LEU AA 232 -49.47 63.42 -26.83
N ILE AA 233 -48.55 62.47 -26.86
CA ILE AA 233 -48.56 61.41 -27.87
C ILE AA 233 -49.27 60.16 -27.35
N LEU AA 234 -48.95 59.74 -26.13
CA LEU AA 234 -49.62 58.59 -25.53
C LEU AA 234 -51.07 58.90 -25.21
N ASN AA 235 -51.38 60.11 -24.80
CA ASN AA 235 -52.74 60.55 -24.49
C ASN AA 235 -53.23 61.40 -25.65
N ARG AA 236 -54.08 60.82 -26.50
CA ARG AA 236 -54.63 61.57 -27.62
C ARG AA 236 -55.67 62.58 -27.17
N ASP AA 237 -56.33 62.33 -26.02
CA ASP AA 237 -57.32 63.27 -25.52
C ASP AA 237 -56.68 64.57 -25.06
N LEU AA 238 -55.44 64.50 -24.55
CA LEU AA 238 -54.73 65.71 -24.14
C LEU AA 238 -54.49 66.63 -25.33
N LEU AA 239 -54.13 66.07 -26.48
CA LEU AA 239 -54.02 66.86 -27.70
C LEU AA 239 -55.38 67.22 -28.27
N ALA AA 240 -56.40 66.41 -28.01
CA ALA AA 240 -57.73 66.65 -28.55
C ALA AA 240 -58.44 67.81 -27.83
N GLN AA 241 -58.09 68.07 -26.57
CA GLN AA 241 -58.66 69.22 -25.88
C GLN AA 241 -58.28 70.52 -26.57
N LEU AA 242 -57.02 70.64 -26.99
CA LEU AA 242 -56.59 71.83 -27.72
C LEU AA 242 -57.10 71.82 -29.15
N TYR AA 243 -57.02 70.67 -29.82
CA TYR AA 243 -57.44 70.53 -31.22
C TYR AA 243 -58.41 69.37 -31.33
N PRO AA 244 -59.72 69.63 -31.39
CA PRO AA 244 -60.70 68.54 -31.36
C PRO AA 244 -60.63 67.58 -32.55
N SER AA 245 -60.05 68.00 -33.67
CA SER AA 245 -59.98 67.13 -34.85
C SER AA 245 -59.13 65.89 -34.58
N PHE AA 246 -58.23 65.95 -33.61
CA PHE AA 246 -57.44 64.79 -33.21
C PHE AA 246 -58.31 63.68 -32.65
N ALA AA 247 -59.53 63.99 -32.21
CA ALA AA 247 -60.45 62.94 -31.79
C ALA AA 247 -60.90 62.06 -32.95
N GLU AA 248 -60.79 62.55 -34.19
CA GLU AA 248 -61.21 61.78 -35.35
C GLU AA 248 -60.10 60.89 -35.92
N GLY AA 249 -58.87 61.03 -35.44
CA GLY AA 249 -57.79 60.19 -35.93
C GLY AA 249 -57.39 60.57 -37.35
N ALA AA 250 -56.81 59.60 -38.05
CA ALA AA 250 -56.35 59.79 -39.42
C ALA AA 250 -57.41 59.46 -40.46
N THR AA 251 -58.62 59.08 -40.04
CA THR AA 251 -59.70 58.83 -40.99
C THR AA 251 -60.08 60.04 -41.84
N PRO AA 252 -60.13 61.29 -41.34
CA PRO AA 252 -60.36 62.41 -42.28
C PRO AA 252 -59.29 62.55 -43.34
N PHE AA 253 -58.04 62.19 -43.03
CA PHE AA 253 -56.99 62.19 -44.05
C PHE AA 253 -57.24 61.11 -45.09
N PHE AA 254 -57.62 59.92 -44.66
CA PHE AA 254 -57.79 58.80 -45.58
C PHE AA 254 -59.10 58.87 -46.36
N THR AA 255 -60.08 59.62 -45.87
CA THR AA 255 -61.33 59.83 -46.58
C THR AA 255 -61.36 61.15 -47.33
N LEU AA 256 -60.22 61.83 -47.44
CA LEU AA 256 -60.07 63.12 -48.10
C LEU AA 256 -60.95 64.20 -47.49
N ASN AA 257 -61.30 64.06 -46.22
CA ASN AA 257 -61.98 65.12 -45.47
C ASN AA 257 -60.96 65.97 -44.72
N TRP AA 258 -60.04 66.55 -45.49
CA TRP AA 258 -58.94 67.31 -44.92
C TRP AA 258 -59.41 68.60 -44.27
N SER AA 259 -60.58 69.11 -44.65
CA SER AA 259 -61.12 70.33 -44.06
C SER AA 259 -61.47 70.13 -42.58
N LYS AA 260 -61.58 68.88 -42.12
CA LYS AA 260 -61.76 68.62 -40.71
C LYS AA 260 -60.51 68.97 -39.90
N TYR AA 261 -59.34 68.99 -40.54
CA TYR AA 261 -58.09 69.35 -39.88
C TYR AA 261 -57.83 70.85 -39.86
N ALA AA 262 -58.87 71.66 -40.02
CA ALA AA 262 -58.74 73.11 -40.10
C ALA AA 262 -58.51 73.78 -38.75
N ASP AA 263 -58.23 73.04 -37.67
CA ASP AA 263 -57.92 73.67 -36.39
C ASP AA 263 -56.42 73.74 -36.11
N PHE AA 264 -55.63 72.80 -36.63
CA PHE AA 264 -54.19 72.85 -36.51
C PHE AA 264 -53.47 72.97 -37.85
N LEU AA 265 -54.22 73.08 -38.95
CA LEU AA 265 -53.68 73.31 -40.29
C LEU AA 265 -54.43 74.49 -40.89
N THR AA 266 -53.94 75.70 -40.64
CA THR AA 266 -54.64 76.92 -41.04
C THR AA 266 -53.78 77.75 -41.98
N PHE AA 267 -54.43 78.36 -42.97
CA PHE AA 267 -53.80 79.37 -43.83
C PHE AA 267 -54.22 80.73 -43.30
N ARG AA 268 -53.59 81.13 -42.19
CA ARG AA 268 -53.97 82.37 -41.52
C ARG AA 268 -53.12 83.56 -41.98
N GLY AA 269 -51.81 83.39 -42.06
CA GLY AA 269 -50.94 84.49 -42.43
C GLY AA 269 -50.72 85.46 -41.29
N GLY AA 270 -49.97 86.50 -41.58
CA GLY AA 270 -49.68 87.50 -40.57
C GLY AA 270 -48.76 86.96 -39.48
N LEU AA 271 -48.89 87.53 -38.28
CA LEU AA 271 -48.08 87.16 -37.14
C LEU AA 271 -48.98 86.86 -35.94
N ASP AA 272 -48.44 86.08 -35.01
CA ASP AA 272 -49.14 85.81 -33.77
C ASP AA 272 -49.06 87.02 -32.86
N PRO AA 273 -50.19 87.61 -32.44
CA PRO AA 273 -50.13 88.76 -31.54
C PRO AA 273 -49.51 88.46 -30.19
N VAL AA 274 -49.64 87.23 -29.71
CA VAL AA 274 -49.09 86.88 -28.40
C VAL AA 274 -47.57 86.85 -28.44
N THR AA 275 -46.98 86.29 -29.49
CA THR AA 275 -45.55 86.05 -29.56
C THR AA 275 -44.81 86.92 -30.56
N GLY AA 276 -45.50 87.49 -31.53
CA GLY AA 276 -44.82 88.28 -32.55
C GLY AA 276 -44.16 87.47 -33.64
N GLY AA 277 -44.46 86.18 -33.74
CA GLY AA 277 -43.93 85.34 -34.79
C GLY AA 277 -45.05 84.73 -35.64
N LEU AA 278 -44.64 83.94 -36.61
CA LEU AA 278 -45.60 83.24 -37.45
C LEU AA 278 -46.38 82.22 -36.65
N TRP AA 279 -47.62 81.97 -37.07
CA TRP AA 279 -48.43 80.94 -36.45
C TRP AA 279 -47.79 79.58 -36.69
N LEU AA 280 -47.69 78.77 -35.63
CA LEU AA 280 -47.07 77.46 -35.77
C LEU AA 280 -47.95 76.49 -36.55
N THR AA 281 -49.27 76.71 -36.54
CA THR AA 281 -50.15 75.95 -37.41
C THR AA 281 -49.86 76.25 -38.88
N ASP AA 282 -49.57 77.51 -39.19
CA ASP AA 282 -49.18 77.89 -40.54
C ASP AA 282 -47.89 77.18 -40.96
N THR AA 283 -46.90 77.11 -40.05
CA THR AA 283 -45.66 76.43 -40.35
C THR AA 283 -45.87 74.93 -40.52
N ALA AA 284 -46.77 74.34 -39.73
CA ALA AA 284 -47.06 72.92 -39.85
C ALA AA 284 -47.69 72.60 -41.21
N HIS AA 285 -48.70 73.39 -41.60
CA HIS AA 285 -49.32 73.19 -42.91
C HIS AA 285 -48.33 73.46 -44.04
N HIS AA 286 -47.46 74.46 -43.85
CA HIS AA 286 -46.45 74.78 -44.85
C HIS AA 286 -45.48 73.62 -45.06
N HIS AA 287 -44.98 73.06 -43.96
CA HIS AA 287 -44.04 71.95 -44.07
C HIS AA 287 -44.71 70.70 -44.59
N LEU AA 288 -45.98 70.48 -44.26
CA LEU AA 288 -46.72 69.37 -44.83
C LEU AA 288 -46.86 69.50 -46.35
N ALA AA 289 -47.27 70.68 -46.82
CA ALA AA 289 -47.43 70.91 -48.25
C ALA AA 289 -46.10 70.82 -48.97
N ILE AA 290 -45.03 71.34 -48.35
CA ILE AA 290 -43.69 71.27 -48.93
C ILE AA 290 -43.24 69.82 -49.03
N ALA AA 291 -43.54 69.02 -48.01
CA ALA AA 291 -43.20 67.59 -48.04
C ALA AA 291 -43.94 66.88 -49.16
N ILE AA 292 -45.23 67.16 -49.33
CA ILE AA 292 -45.98 66.53 -50.42
C ILE AA 292 -45.41 66.93 -51.77
N LEU AA 293 -45.12 68.23 -51.94
CA LEU AA 293 -44.61 68.73 -53.21
C LEU AA 293 -43.24 68.14 -53.54
N PHE AA 294 -42.37 68.02 -52.53
CA PHE AA 294 -41.05 67.45 -52.77
C PHE AA 294 -41.13 65.95 -53.01
N LEU AA 295 -42.05 65.26 -52.33
CA LEU AA 295 -42.17 63.81 -52.50
C LEU AA 295 -42.71 63.45 -53.88
N ILE AA 296 -43.71 64.20 -54.37
CA ILE AA 296 -44.15 63.98 -55.75
C ILE AA 296 -43.21 64.63 -56.76
N ALA AA 297 -42.30 65.50 -56.33
CA ALA AA 297 -41.29 66.07 -57.21
C ALA AA 297 -40.01 65.24 -57.24
N GLY AA 298 -39.91 64.20 -56.42
CA GLY AA 298 -38.76 63.34 -56.39
C GLY AA 298 -38.88 62.05 -57.16
N HIS AA 299 -40.05 61.78 -57.75
CA HIS AA 299 -40.26 60.62 -58.59
C HIS AA 299 -40.21 60.97 -60.08
N MET AA 300 -39.36 61.93 -60.44
CA MET AA 300 -39.32 62.45 -61.81
C MET AA 300 -38.27 61.76 -62.67
N TYR AA 301 -37.07 61.55 -62.14
CA TYR AA 301 -35.95 61.12 -62.94
C TYR AA 301 -35.86 59.60 -63.01
N ARG AA 302 -35.36 59.11 -64.14
CA ARG AA 302 -35.38 57.68 -64.44
C ARG AA 302 -34.31 56.94 -63.65
N THR AA 303 -34.58 55.65 -63.41
CA THR AA 303 -33.70 54.76 -62.67
C THR AA 303 -33.90 53.36 -63.24
N ASN AA 304 -33.56 52.33 -62.45
CA ASN AA 304 -33.63 50.93 -62.87
C ASN AA 304 -34.94 50.54 -63.53
N TRP AA 305 -36.04 51.23 -63.22
CA TRP AA 305 -37.32 50.99 -63.85
C TRP AA 305 -37.58 52.05 -64.92
N GLY AA 306 -38.20 51.63 -66.02
CA GLY AA 306 -38.27 52.44 -67.23
C GLY AA 306 -39.03 53.74 -67.09
N ILE AA 307 -39.91 53.84 -66.08
CA ILE AA 307 -40.61 55.09 -65.84
C ILE AA 307 -39.64 56.13 -65.32
N GLY AA 308 -39.91 57.40 -65.64
CA GLY AA 308 -39.10 58.51 -65.20
C GLY AA 308 -38.54 59.30 -66.36
N HIS AA 309 -37.79 60.34 -66.02
CA HIS AA 309 -37.20 61.25 -66.98
C HIS AA 309 -35.70 61.08 -67.05
N GLY AA 310 -35.14 61.30 -68.24
CA GLY AA 310 -33.72 61.33 -68.43
C GLY AA 310 -33.23 62.76 -68.53
N LEU AA 311 -32.27 63.11 -67.67
CA LEU AA 311 -31.75 64.48 -67.67
C LEU AA 311 -31.08 64.82 -68.99
N LYS AA 312 -30.37 63.85 -69.58
CA LYS AA 312 -29.72 64.07 -70.87
C LYS AA 312 -30.75 64.34 -71.96
N ASP AA 313 -31.84 63.57 -71.99
CA ASP AA 313 -32.87 63.77 -73.01
C ASP AA 313 -33.61 65.08 -72.80
N ILE AA 314 -33.88 65.44 -71.54
CA ILE AA 314 -34.54 66.71 -71.25
C ILE AA 314 -33.68 67.88 -71.70
N LEU AA 315 -32.37 67.81 -71.42
CA LEU AA 315 -31.46 68.87 -71.85
C LEU AA 315 -31.37 68.92 -73.38
N GLU AA 316 -31.26 67.77 -74.03
CA GLU AA 316 -31.11 67.74 -75.49
C GLU AA 316 -32.38 68.15 -76.21
N ALA AA 317 -33.54 68.08 -75.56
CA ALA AA 317 -34.79 68.44 -76.21
C ALA AA 317 -35.00 69.95 -76.31
N HIS AA 318 -34.22 70.75 -75.60
CA HIS AA 318 -34.39 72.20 -75.58
C HIS AA 318 -33.27 72.85 -76.41
N LYS AA 319 -33.61 73.25 -77.64
CA LYS AA 319 -32.66 73.94 -78.50
C LYS AA 319 -33.44 74.87 -79.43
N GLY AA 320 -32.97 76.11 -79.54
CA GLY AA 320 -33.66 77.11 -80.32
C GLY AA 320 -32.86 77.60 -81.51
N PRO AA 321 -33.49 78.41 -82.37
CA PRO AA 321 -32.78 78.94 -83.54
C PRO AA 321 -31.62 79.84 -83.18
N PHE AA 322 -31.74 80.62 -82.10
CA PHE AA 322 -30.66 81.51 -81.70
C PHE AA 322 -29.48 80.73 -81.12
N THR AA 323 -29.77 79.69 -80.34
CA THR AA 323 -28.76 78.94 -79.60
C THR AA 323 -28.22 77.74 -80.36
N GLY AA 324 -28.76 77.43 -81.54
CA GLY AA 324 -28.25 76.31 -82.32
C GLY AA 324 -28.55 74.96 -81.73
N GLN AA 325 -27.49 74.22 -81.37
CA GLN AA 325 -27.67 72.87 -80.82
C GLN AA 325 -28.24 72.87 -79.42
N GLY AA 326 -28.23 74.00 -78.72
CA GLY AA 326 -28.88 74.11 -77.44
C GLY AA 326 -28.12 73.50 -76.28
N HIS AA 327 -28.84 72.85 -75.37
CA HIS AA 327 -28.27 72.34 -74.14
C HIS AA 327 -27.63 70.96 -74.30
N LYS AA 328 -27.44 70.49 -75.53
CA LYS AA 328 -26.78 69.22 -75.75
C LYS AA 328 -25.31 69.30 -75.34
N GLY AA 329 -24.84 68.27 -74.64
CA GLY AA 329 -23.48 68.23 -74.14
C GLY AA 329 -23.29 68.77 -72.74
N LEU AA 330 -24.33 69.34 -72.13
CA LEU AA 330 -24.20 69.87 -70.78
C LEU AA 330 -24.23 68.77 -69.73
N TYR AA 331 -24.91 67.66 -70.00
CA TYR AA 331 -24.96 66.55 -69.06
C TYR AA 331 -23.58 65.96 -68.84
N GLU AA 332 -22.82 65.76 -69.92
CA GLU AA 332 -21.48 65.22 -69.81
C GLU AA 332 -20.53 66.20 -69.14
N ILE AA 333 -20.77 67.50 -69.31
CA ILE AA 333 -19.97 68.51 -68.63
C ILE AA 333 -20.24 68.49 -67.14
N LEU AA 334 -21.52 68.45 -66.75
CA LEU AA 334 -21.87 68.52 -65.34
C LEU AA 334 -21.62 67.22 -64.59
N THR AA 335 -21.61 66.08 -65.27
CA THR AA 335 -21.37 64.80 -64.60
C THR AA 335 -19.89 64.45 -64.52
N THR AA 336 -19.01 65.20 -65.17
CA THR AA 336 -17.58 64.91 -65.17
C THR AA 336 -16.75 66.07 -64.63
N SER AA 337 -17.38 67.09 -64.05
CA SER AA 337 -16.66 68.25 -63.54
C SER AA 337 -17.25 68.63 -62.19
N TRP AA 338 -16.45 68.52 -61.13
CA TRP AA 338 -16.91 68.92 -59.81
C TRP AA 338 -16.93 70.43 -59.66
N HIS AA 339 -16.09 71.14 -60.42
CA HIS AA 339 -16.00 72.59 -60.28
C HIS AA 339 -17.24 73.27 -60.85
N ALA AA 340 -17.79 72.74 -61.94
CA ALA AA 340 -19.03 73.29 -62.49
C ALA AA 340 -20.19 73.12 -61.52
N GLN AA 341 -20.29 71.94 -60.91
CA GLN AA 341 -21.31 71.70 -59.89
C GLN AA 341 -21.10 72.61 -58.69
N LEU AA 342 -19.85 72.82 -58.29
CA LEU AA 342 -19.58 73.72 -57.17
C LEU AA 342 -19.98 75.15 -57.50
N ALA AA 343 -19.71 75.60 -58.72
CA ALA AA 343 -20.13 76.94 -59.13
C ALA AA 343 -21.64 77.09 -59.08
N LEU AA 344 -22.36 76.13 -59.68
CA LEU AA 344 -23.82 76.21 -59.72
C LEU AA 344 -24.41 76.16 -58.32
N ASN AA 345 -23.94 75.21 -57.49
CA ASN AA 345 -24.50 75.05 -56.16
C ASN AA 345 -24.14 76.22 -55.26
N LEU AA 346 -22.94 76.79 -55.42
CA LEU AA 346 -22.56 77.95 -54.62
C LEU AA 346 -23.41 79.17 -54.98
N ALA AA 347 -23.64 79.40 -56.27
CA ALA AA 347 -24.50 80.51 -56.67
C ALA AA 347 -25.91 80.34 -56.13
N MET AA 348 -26.47 79.13 -56.28
CA MET AA 348 -27.83 78.88 -55.82
C MET AA 348 -27.93 78.98 -54.30
N LEU AA 349 -26.93 78.49 -53.58
CA LEU AA 349 -26.97 78.52 -52.12
C LEU AA 349 -26.77 79.93 -51.59
N GLY AA 350 -25.93 80.73 -52.25
CA GLY AA 350 -25.79 82.12 -51.85
C GLY AA 350 -27.07 82.92 -52.07
N SER AA 351 -27.70 82.73 -53.23
CA SER AA 351 -28.98 83.40 -53.47
C SER AA 351 -30.05 82.93 -52.51
N LEU AA 352 -30.05 81.62 -52.19
CA LEU AA 352 -30.98 81.08 -51.21
C LEU AA 352 -30.75 81.67 -49.84
N THR AA 353 -29.49 81.85 -49.44
CA THR AA 353 -29.19 82.45 -48.15
C THR AA 353 -29.65 83.90 -48.09
N ILE AA 354 -29.48 84.64 -49.20
CA ILE AA 354 -29.92 86.03 -49.24
C ILE AA 354 -31.44 86.11 -49.12
N VAL AA 355 -32.15 85.25 -49.86
CA VAL AA 355 -33.61 85.27 -49.78
C VAL AA 355 -34.09 84.76 -48.42
N VAL AA 356 -33.29 83.89 -47.79
CA VAL AA 356 -33.60 83.44 -46.43
C VAL AA 356 -33.52 84.61 -45.46
N ALA AA 357 -32.46 85.41 -45.56
CA ALA AA 357 -32.32 86.57 -44.69
C ALA AA 357 -33.47 87.54 -44.88
N HIS AA 358 -33.84 87.81 -46.14
CA HIS AA 358 -34.95 88.72 -46.40
C HIS AA 358 -36.27 88.18 -45.86
N HIS AA 359 -36.53 86.89 -46.03
CA HIS AA 359 -37.80 86.35 -45.58
C HIS AA 359 -37.86 86.14 -44.07
N MET AA 360 -36.72 85.93 -43.41
CA MET AA 360 -36.72 85.91 -41.94
C MET AA 360 -36.94 87.30 -41.36
N TYR AA 361 -36.31 88.32 -41.93
CA TYR AA 361 -36.58 89.68 -41.44
C TYR AA 361 -38.02 90.07 -41.71
N ALA AA 362 -38.56 89.69 -42.87
CA ALA AA 362 -39.92 90.08 -43.23
C ALA AA 362 -40.96 89.25 -42.49
N MET AA 363 -40.72 87.96 -42.29
CA MET AA 363 -41.61 87.09 -41.52
C MET AA 363 -40.80 86.36 -40.45
N PRO AA 364 -40.82 86.85 -39.21
CA PRO AA 364 -40.20 86.11 -38.12
C PRO AA 364 -40.97 84.83 -37.84
N PRO AA 365 -40.33 83.66 -38.01
CA PRO AA 365 -41.04 82.40 -37.81
C PRO AA 365 -41.00 81.85 -36.39
N TYR AA 366 -40.25 82.49 -35.49
CA TYR AA 366 -40.12 81.99 -34.14
C TYR AA 366 -40.78 82.93 -33.14
N PRO AA 367 -41.27 82.41 -32.01
CA PRO AA 367 -41.86 83.30 -30.99
C PRO AA 367 -40.82 84.22 -30.39
N TYR AA 368 -41.21 85.49 -30.21
CA TYR AA 368 -40.38 86.53 -29.61
C TYR AA 368 -39.06 86.71 -30.36
N LEU AA 369 -39.12 86.61 -31.69
CA LEU AA 369 -37.96 86.83 -32.54
C LEU AA 369 -37.91 88.25 -33.12
N ALA AA 370 -39.06 88.78 -33.52
CA ALA AA 370 -39.10 90.13 -34.07
C ALA AA 370 -38.77 91.18 -33.01
N THR AA 371 -39.26 90.99 -31.79
CA THR AA 371 -38.98 91.93 -30.71
C THR AA 371 -37.56 91.83 -30.18
N ASP AA 372 -36.83 90.77 -30.55
CA ASP AA 372 -35.40 90.69 -30.26
C ASP AA 372 -34.67 91.33 -31.44
N TYR AA 373 -34.36 92.62 -31.28
CA TYR AA 373 -33.77 93.39 -32.38
C TYR AA 373 -32.35 92.91 -32.69
N GLY AA 374 -31.60 92.54 -31.65
CA GLY AA 374 -30.25 92.05 -31.86
C GLY AA 374 -30.21 90.78 -32.67
N THR AA 375 -31.12 89.84 -32.37
CA THR AA 375 -31.19 88.60 -33.13
C THR AA 375 -31.54 88.85 -34.59
N GLN AA 376 -32.51 89.74 -34.84
CA GLN AA 376 -32.91 90.05 -36.22
C GLN AA 376 -31.76 90.67 -37.00
N LEU AA 377 -31.10 91.67 -36.41
CA LEU AA 377 -29.99 92.33 -37.08
C LEU AA 377 -28.84 91.36 -37.35
N SER AA 378 -28.50 90.55 -36.35
CA SER AA 378 -27.40 89.60 -36.50
C SER AA 378 -27.70 88.57 -37.56
N LEU AA 379 -28.92 88.02 -37.56
CA LEU AA 379 -29.29 87.00 -38.53
C LEU AA 379 -29.26 87.55 -39.95
N PHE AA 380 -29.87 88.73 -40.15
CA PHE AA 380 -29.89 89.33 -41.48
C PHE AA 380 -28.48 89.61 -41.97
N THR AA 381 -27.65 90.26 -41.14
CA THR AA 381 -26.30 90.60 -41.55
C THR AA 381 -25.47 89.35 -41.83
N HIS AA 382 -25.56 88.35 -40.96
CA HIS AA 382 -24.78 87.14 -41.09
C HIS AA 382 -25.13 86.39 -42.37
N HIS AA 383 -26.43 86.20 -42.64
CA HIS AA 383 -26.81 85.45 -43.82
C HIS AA 383 -26.58 86.25 -45.09
N MET AA 384 -26.63 87.59 -45.02
CA MET AA 384 -26.20 88.40 -46.16
C MET AA 384 -24.75 88.14 -46.50
N TRP AA 385 -23.88 88.14 -45.48
CA TRP AA 385 -22.46 87.92 -45.72
C TRP AA 385 -22.20 86.52 -46.26
N ILE AA 386 -22.89 85.51 -45.71
CA ILE AA 386 -22.72 84.14 -46.18
C ILE AA 386 -23.14 84.02 -47.65
N GLY AA 387 -24.28 84.62 -48.00
CA GLY AA 387 -24.73 84.57 -49.38
C GLY AA 387 -23.78 85.25 -50.34
N GLY AA 388 -23.26 86.42 -49.95
CA GLY AA 388 -22.29 87.11 -50.80
C GLY AA 388 -21.02 86.30 -51.01
N PHE AA 389 -20.52 85.68 -49.94
CA PHE AA 389 -19.31 84.85 -50.06
C PHE AA 389 -19.55 83.67 -50.98
N LEU AA 390 -20.69 83.00 -50.84
CA LEU AA 390 -20.98 81.84 -51.70
C LEU AA 390 -21.16 82.25 -53.15
N ILE AA 391 -21.78 83.41 -53.39
CA ILE AA 391 -21.96 83.88 -54.77
C ILE AA 391 -20.61 84.20 -55.40
N VAL AA 392 -19.70 84.80 -54.63
CA VAL AA 392 -18.35 85.06 -55.15
C VAL AA 392 -17.63 83.74 -55.45
N GLY AA 393 -17.73 82.76 -54.55
CA GLY AA 393 -17.10 81.47 -54.78
C GLY AA 393 -17.65 80.74 -55.98
N ALA AA 394 -18.92 81.01 -56.32
CA ALA AA 394 -19.50 80.43 -57.53
C ALA AA 394 -18.69 80.80 -58.77
N ALA AA 395 -18.45 82.10 -58.96
CA ALA AA 395 -17.63 82.53 -60.08
C ALA AA 395 -16.18 82.08 -59.92
N ALA AA 396 -15.70 82.02 -58.67
CA ALA AA 396 -14.34 81.58 -58.41
C ALA AA 396 -14.10 80.16 -58.91
N HIS AA 397 -15.10 79.30 -58.79
CA HIS AA 397 -14.97 77.92 -59.25
C HIS AA 397 -15.43 77.72 -60.69
N ALA AA 398 -16.31 78.59 -61.20
CA ALA AA 398 -16.59 78.60 -62.62
C ALA AA 398 -15.35 78.92 -63.43
N ALA AA 399 -14.53 79.85 -62.92
CA ALA AA 399 -13.26 80.15 -63.56
C ALA AA 399 -12.33 78.94 -63.56
N ILE AA 400 -12.32 78.18 -62.47
CA ILE AA 400 -11.50 76.97 -62.41
C ILE AA 400 -11.97 75.94 -63.42
N PHE AA 401 -13.30 75.81 -63.58
CA PHE AA 401 -13.83 74.93 -64.62
C PHE AA 401 -13.37 75.37 -66.00
N MET AA 402 -13.45 76.68 -66.28
CA MET AA 402 -13.10 77.18 -67.60
C MET AA 402 -11.61 76.98 -67.89
N VAL AA 403 -10.76 77.18 -66.88
CA VAL AA 403 -9.33 77.02 -67.10
C VAL AA 403 -8.96 75.54 -67.23
N ARG AA 404 -9.45 74.70 -66.32
CA ARG AA 404 -9.00 73.32 -66.22
C ARG AA 404 -9.90 72.35 -66.98
N ASP AA 405 -11.18 72.29 -66.62
CA ASP AA 405 -12.07 71.23 -67.09
C ASP AA 405 -12.73 71.53 -68.41
N TYR AA 406 -12.51 72.71 -69.00
CA TYR AA 406 -13.14 73.06 -70.26
C TYR AA 406 -12.24 72.64 -71.42
N ASP AA 407 -12.84 71.99 -72.42
CA ASP AA 407 -12.17 71.67 -73.67
C ASP AA 407 -13.26 71.41 -74.69
N PRO AA 408 -13.11 71.89 -75.93
CA PRO AA 408 -14.14 71.64 -76.96
C PRO AA 408 -13.89 70.41 -77.82
N THR AA 409 -12.72 69.78 -77.73
CA THR AA 409 -12.46 68.57 -78.50
C THR AA 409 -13.38 67.44 -78.06
N THR AA 410 -13.55 67.27 -76.74
CA THR AA 410 -14.54 66.37 -76.19
C THR AA 410 -15.30 67.11 -75.09
N ARG AA 411 -16.55 66.71 -74.87
CA ARG AA 411 -17.49 67.43 -74.00
C ARG AA 411 -17.66 68.88 -74.47
N TYR AA 412 -18.18 69.01 -75.69
CA TYR AA 412 -18.39 70.32 -76.32
C TYR AA 412 -19.85 70.73 -76.16
N ASN AA 413 -20.06 71.96 -75.70
CA ASN AA 413 -21.40 72.53 -75.54
C ASN AA 413 -21.54 73.74 -76.45
N ASP AA 414 -22.67 73.81 -77.15
CA ASP AA 414 -22.89 74.91 -78.09
C ASP AA 414 -23.17 76.22 -77.37
N LEU AA 415 -23.92 76.16 -76.27
CA LEU AA 415 -24.28 77.38 -75.54
C LEU AA 415 -23.06 78.07 -74.97
N LEU AA 416 -22.15 77.30 -74.37
CA LEU AA 416 -20.93 77.88 -73.82
C LEU AA 416 -20.04 78.46 -74.90
N ASP AA 417 -19.98 77.79 -76.05
CA ASP AA 417 -19.21 78.31 -77.18
C ASP AA 417 -19.79 79.63 -77.69
N ARG AA 418 -21.13 79.72 -77.80
CA ARG AA 418 -21.75 80.95 -78.26
C ARG AA 418 -21.63 82.06 -77.22
N VAL AA 419 -21.58 81.72 -75.94
CA VAL AA 419 -21.32 82.72 -74.90
C VAL AA 419 -19.90 83.24 -75.03
N LEU AA 420 -18.93 82.34 -75.22
CA LEU AA 420 -17.54 82.74 -75.35
C LEU AA 420 -17.26 83.49 -76.64
N ARG AA 421 -18.09 83.32 -77.66
CA ARG AA 421 -17.85 83.99 -78.94
C ARG AA 421 -18.22 85.46 -78.91
N HIS AA 422 -19.26 85.84 -78.15
CA HIS AA 422 -19.69 87.24 -78.06
C HIS AA 422 -19.44 87.83 -76.67
N ARG AA 423 -18.38 87.38 -76.00
CA ARG AA 423 -18.09 87.83 -74.65
C ARG AA 423 -17.76 89.32 -74.58
N ASP AA 424 -17.18 89.87 -75.64
CA ASP AA 424 -16.88 91.30 -75.67
C ASP AA 424 -18.14 92.14 -75.60
N ALA AA 425 -19.18 91.72 -76.32
CA ALA AA 425 -20.46 92.44 -76.28
C ALA AA 425 -21.07 92.40 -74.89
N ILE AA 426 -21.03 91.24 -74.24
CA ILE AA 426 -21.58 91.10 -72.88
C ILE AA 426 -20.83 92.01 -71.92
N ILE AA 427 -19.50 91.96 -71.97
CA ILE AA 427 -18.70 92.73 -71.02
C ILE AA 427 -18.86 94.22 -71.27
N SER AA 428 -18.90 94.66 -72.53
CA SER AA 428 -19.05 96.08 -72.82
C SER AA 428 -20.43 96.60 -72.43
N HIS AA 429 -21.49 95.81 -72.70
CA HIS AA 429 -22.83 96.23 -72.31
C HIS AA 429 -22.97 96.29 -70.80
N LEU AA 430 -22.38 95.33 -70.09
CA LEU AA 430 -22.43 95.37 -68.63
C LEU AA 430 -21.59 96.52 -68.09
N ASN AA 431 -20.49 96.85 -68.77
CA ASN AA 431 -19.69 98.01 -68.39
C ASN AA 431 -20.49 99.30 -68.52
N TRP AA 432 -21.21 99.44 -69.64
CA TRP AA 432 -22.07 100.62 -69.81
C TRP AA 432 -23.17 100.66 -68.76
N ALA AA 433 -23.77 99.51 -68.46
CA ALA AA 433 -24.81 99.46 -67.43
C ALA AA 433 -24.26 99.86 -66.08
N CYS AA 434 -23.04 99.40 -65.75
CA CYS AA 434 -22.42 99.77 -64.48
C CYS AA 434 -22.14 101.26 -64.42
N ILE AA 435 -21.64 101.85 -65.52
CA ILE AA 435 -21.36 103.28 -65.53
C ILE AA 435 -22.64 104.09 -65.38
N PHE AA 436 -23.69 103.69 -66.13
CA PHE AA 436 -24.95 104.40 -66.08
C PHE AA 436 -25.60 104.31 -64.70
N LEU AA 437 -25.56 103.12 -64.10
CA LEU AA 437 -26.10 102.94 -62.76
C LEU AA 437 -25.30 103.73 -61.73
N GLY AA 438 -23.98 103.72 -61.85
CA GLY AA 438 -23.15 104.47 -60.91
C GLY AA 438 -23.42 105.96 -60.98
N PHE AA 439 -23.48 106.51 -62.19
CA PHE AA 439 -23.81 107.91 -62.36
C PHE AA 439 -25.20 108.20 -61.80
N HIS AA 440 -26.24 107.63 -62.41
CA HIS AA 440 -27.59 107.96 -61.98
C HIS AA 440 -27.97 107.38 -60.60
N SER AA 441 -27.07 106.78 -59.83
CA SER AA 441 -27.35 106.41 -58.45
C SER AA 441 -26.52 107.17 -57.43
N PHE AA 442 -25.22 107.37 -57.68
CA PHE AA 442 -24.35 108.05 -56.74
C PHE AA 442 -24.19 109.53 -57.03
N GLY AA 443 -24.26 109.94 -58.30
CA GLY AA 443 -24.26 111.35 -58.60
C GLY AA 443 -25.50 112.05 -58.07
N LEU AA 444 -26.59 111.30 -57.87
CA LEU AA 444 -27.75 111.87 -57.19
C LEU AA 444 -27.43 112.18 -55.73
N TYR AA 445 -26.69 111.29 -55.06
CA TYR AA 445 -26.24 111.58 -53.69
C TYR AA 445 -25.31 112.77 -53.66
N ILE AA 446 -24.39 112.85 -54.62
CA ILE AA 446 -23.46 113.98 -54.70
C ILE AA 446 -24.23 115.28 -54.95
N HIS AA 447 -25.24 115.21 -55.82
CA HIS AA 447 -26.09 116.35 -56.12
C HIS AA 447 -26.85 116.82 -54.89
N ASN AA 448 -27.41 115.87 -54.12
CA ASN AA 448 -28.12 116.21 -52.89
C ASN AA 448 -27.18 116.84 -51.87
N ASP AA 449 -25.97 116.28 -51.73
CA ASP AA 449 -25.00 116.83 -50.80
C ASP AA 449 -24.58 118.24 -51.19
N THR AA 450 -24.40 118.49 -52.49
CA THR AA 450 -24.00 119.81 -52.94
C THR AA 450 -25.13 120.81 -52.79
N MET AA 451 -26.37 120.41 -53.10
CA MET AA 451 -27.51 121.30 -52.94
C MET AA 451 -27.74 121.65 -51.48
N SER AA 452 -27.58 120.67 -50.58
CA SER AA 452 -27.71 120.96 -49.16
C SER AA 452 -26.56 121.80 -48.63
N ALA AA 453 -25.35 121.60 -49.16
CA ALA AA 453 -24.20 122.39 -48.72
C ALA AA 453 -24.24 123.80 -49.27
N LEU AA 454 -24.89 124.00 -50.43
CA LEU AA 454 -25.03 125.32 -51.02
C LEU AA 454 -26.26 126.06 -50.52
N GLY AA 455 -27.00 125.48 -49.57
CA GLY AA 455 -28.23 126.08 -49.10
C GLY AA 455 -29.35 126.09 -50.11
N ARG AA 456 -29.50 125.00 -50.85
CA ARG AA 456 -30.58 124.85 -51.82
C ARG AA 456 -31.29 123.53 -51.58
N PRO AA 457 -32.07 123.43 -50.49
CA PRO AA 457 -32.74 122.16 -50.20
C PRO AA 457 -33.89 121.85 -51.14
N GLN AA 458 -34.42 122.84 -51.86
CA GLN AA 458 -35.49 122.60 -52.81
C GLN AA 458 -35.00 121.98 -54.11
N ASP AA 459 -33.70 121.92 -54.34
CA ASP AA 459 -33.13 121.36 -55.55
C ASP AA 459 -32.65 119.93 -55.39
N MET AA 460 -32.78 119.35 -54.20
CA MET AA 460 -32.31 117.99 -53.96
C MET AA 460 -33.32 116.97 -54.48
N PHE AA 461 -32.96 115.70 -54.37
CA PHE AA 461 -33.87 114.59 -54.69
C PHE AA 461 -34.47 114.02 -53.40
N SER AA 462 -35.29 114.84 -52.76
CA SER AA 462 -35.91 114.50 -51.48
C SER AA 462 -37.41 114.36 -51.63
N ASP AA 463 -38.05 113.95 -50.54
CA ASP AA 463 -39.51 113.86 -50.52
C ASP AA 463 -40.16 115.24 -50.55
N THR AA 464 -39.54 116.22 -49.90
CA THR AA 464 -39.99 117.61 -49.94
C THR AA 464 -39.35 118.38 -51.10
N ALA AA 465 -38.93 117.69 -52.14
CA ALA AA 465 -38.18 118.24 -53.26
C ALA AA 465 -38.55 117.41 -54.49
N ILE AA 466 -37.68 117.44 -55.51
CA ILE AA 466 -37.82 116.56 -56.67
C ILE AA 466 -37.92 115.13 -56.19
N GLN AA 467 -39.03 114.47 -56.49
CA GLN AA 467 -39.38 113.19 -55.91
C GLN AA 467 -39.12 112.07 -56.91
N LEU AA 468 -38.40 111.04 -56.46
CA LEU AA 468 -38.20 109.81 -57.23
C LEU AA 468 -38.90 108.70 -56.44
N GLN AA 469 -40.20 108.55 -56.69
CA GLN AA 469 -41.02 107.64 -55.90
C GLN AA 469 -41.00 106.25 -56.54
N PRO AA 470 -40.78 105.19 -55.75
CA PRO AA 470 -40.86 103.84 -56.31
C PRO AA 470 -42.29 103.40 -56.55
N VAL AA 471 -42.85 103.79 -57.69
CA VAL AA 471 -44.26 103.50 -57.96
C VAL AA 471 -44.49 102.00 -58.12
N PHE AA 472 -43.52 101.28 -58.70
CA PHE AA 472 -43.68 99.85 -58.92
C PHE AA 472 -43.67 99.09 -57.60
N ALA AA 473 -42.71 99.40 -56.73
CA ALA AA 473 -42.64 98.72 -55.44
C ALA AA 473 -43.83 99.06 -54.55
N GLN AA 474 -44.27 100.32 -54.58
CA GLN AA 474 -45.46 100.69 -53.82
C GLN AA 474 -46.70 99.99 -54.35
N TRP AA 475 -46.81 99.84 -55.68
CA TRP AA 475 -47.93 99.11 -56.26
C TRP AA 475 -47.89 97.64 -55.86
N ILE AA 476 -46.69 97.04 -55.81
CA ILE AA 476 -46.57 95.66 -55.36
C ILE AA 476 -46.98 95.52 -53.90
N GLN AA 477 -46.56 96.47 -53.06
CA GLN AA 477 -46.95 96.46 -51.66
C GLN AA 477 -48.46 96.58 -51.50
N ASN AA 478 -49.08 97.46 -52.29
CA ASN AA 478 -50.52 97.65 -52.23
C ASN AA 478 -51.26 96.39 -52.69
N THR AA 479 -50.74 95.74 -53.75
CA THR AA 479 -51.34 94.52 -54.25
C THR AA 479 -51.27 93.40 -53.21
N HIS AA 480 -50.11 93.24 -52.57
CA HIS AA 480 -49.96 92.21 -51.56
C HIS AA 480 -50.69 92.55 -50.27
N ALA AA 481 -51.01 93.82 -50.03
CA ALA AA 481 -51.82 94.18 -48.87
C ALA AA 481 -53.26 93.74 -49.03
N LEU AA 482 -53.80 93.79 -50.24
CA LEU AA 482 -55.18 93.41 -50.51
C LEU AA 482 -55.29 91.99 -51.07
N ALA AA 483 -54.22 91.20 -50.97
CA ALA AA 483 -54.28 89.80 -51.40
C ALA AA 483 -55.35 88.98 -50.70
N PRO AA 484 -55.58 89.08 -49.39
CA PRO AA 484 -56.70 88.31 -48.80
C PRO AA 484 -58.07 88.69 -49.32
N SER AA 485 -58.23 89.88 -49.92
CA SER AA 485 -59.54 90.31 -50.37
C SER AA 485 -59.98 89.55 -51.62
N ALA AA 486 -59.16 89.58 -52.67
CA ALA AA 486 -59.54 89.01 -53.95
C ALA AA 486 -58.65 87.87 -54.40
N THR AA 487 -57.32 88.08 -54.42
CA THR AA 487 -56.44 87.11 -55.05
C THR AA 487 -56.22 85.87 -54.21
N ALA AA 488 -56.21 86.00 -52.88
CA ALA AA 488 -56.04 84.87 -51.97
C ALA AA 488 -57.14 84.88 -50.93
N PRO AA 489 -58.37 84.52 -51.31
CA PRO AA 489 -59.49 84.58 -50.36
C PRO AA 489 -59.39 83.59 -49.23
N GLY AA 490 -58.59 82.53 -49.37
CA GLY AA 490 -58.44 81.56 -48.30
C GLY AA 490 -57.51 81.96 -47.19
N ALA AA 491 -56.81 83.08 -47.34
CA ALA AA 491 -55.91 83.60 -46.32
C ALA AA 491 -56.63 84.66 -45.49
N THR AA 492 -56.58 84.50 -44.17
CA THR AA 492 -57.24 85.46 -43.29
C THR AA 492 -56.55 86.83 -43.35
N ALA AA 493 -55.24 86.85 -43.18
CA ALA AA 493 -54.45 88.06 -43.22
C ALA AA 493 -53.40 87.98 -44.32
N SER AA 494 -52.68 89.08 -44.51
CA SER AA 494 -51.67 89.13 -45.55
C SER AA 494 -50.45 88.29 -45.17
N THR AA 495 -49.59 88.05 -46.15
CA THR AA 495 -48.41 87.22 -45.93
C THR AA 495 -47.39 87.88 -45.02
N SER AA 496 -47.48 89.19 -44.81
CA SER AA 496 -46.57 89.91 -43.94
C SER AA 496 -47.21 91.24 -43.57
N LEU AA 497 -46.67 91.86 -42.53
CA LEU AA 497 -47.12 93.18 -42.08
C LEU AA 497 -46.32 94.31 -42.69
N THR AA 498 -45.43 94.02 -43.64
CA THR AA 498 -44.53 95.00 -44.22
C THR AA 498 -45.05 95.55 -45.54
N TRP AA 499 -46.32 95.32 -45.87
CA TRP AA 499 -46.91 95.89 -47.07
C TRP AA 499 -47.73 97.14 -46.77
N GLY AA 500 -48.74 97.03 -45.92
CA GLY AA 500 -49.60 98.16 -45.66
C GLY AA 500 -50.75 97.77 -44.74
N GLY AA 501 -51.72 98.68 -44.67
CA GLY AA 501 -52.86 98.48 -43.79
C GLY AA 501 -52.67 99.11 -42.43
N SER AA 502 -53.69 98.94 -41.59
CA SER AA 502 -53.67 99.45 -40.24
C SER AA 502 -53.14 98.44 -39.22
N ASP AA 503 -52.67 97.28 -39.69
CA ASP AA 503 -52.19 96.26 -38.77
C ASP AA 503 -50.85 96.65 -38.15
N LEU AA 504 -50.66 96.23 -36.90
CA LEU AA 504 -49.42 96.47 -36.17
C LEU AA 504 -49.34 95.48 -35.03
N VAL AA 505 -48.23 94.76 -34.95
CA VAL AA 505 -48.02 93.76 -33.90
C VAL AA 505 -46.94 94.30 -32.97
N ALA AA 506 -47.26 94.37 -31.67
CA ALA AA 506 -46.34 94.82 -30.65
C ALA AA 506 -46.39 93.86 -29.48
N VAL AA 507 -45.24 93.36 -29.05
CA VAL AA 507 -45.14 92.42 -27.93
C VAL AA 507 -44.24 93.05 -26.87
N GLY AA 508 -44.77 93.14 -25.65
CA GLY AA 508 -43.99 93.64 -24.52
C GLY AA 508 -43.55 95.08 -24.65
N GLY AA 509 -44.37 95.93 -25.27
CA GLY AA 509 -44.03 97.32 -25.43
C GLY AA 509 -43.05 97.62 -26.54
N LYS AA 510 -42.67 96.62 -27.33
CA LYS AA 510 -41.75 96.81 -28.45
C LYS AA 510 -42.46 96.46 -29.75
N VAL AA 511 -42.15 97.22 -30.79
CA VAL AA 511 -42.77 97.00 -32.10
C VAL AA 511 -42.13 95.78 -32.76
N ALA AA 512 -42.97 94.85 -33.20
CA ALA AA 512 -42.46 93.69 -33.94
C ALA AA 512 -42.30 94.02 -35.42
N LEU AA 513 -43.39 94.43 -36.07
CA LEU AA 513 -43.36 94.77 -37.48
C LEU AA 513 -44.37 95.88 -37.76
N LEU AA 514 -44.07 96.67 -38.78
CA LEU AA 514 -44.91 97.78 -39.21
C LEU AA 514 -44.96 97.79 -40.73
N PRO AA 515 -46.00 98.38 -41.32
CA PRO AA 515 -45.97 98.65 -42.76
C PRO AA 515 -44.84 99.58 -43.13
N ILE AA 516 -43.86 99.06 -43.87
CA ILE AA 516 -42.64 99.81 -44.18
C ILE AA 516 -42.93 100.79 -45.31
N PRO AA 517 -42.77 102.09 -45.09
CA PRO AA 517 -42.97 103.05 -46.18
C PRO AA 517 -41.81 103.05 -47.15
N LEU AA 518 -42.11 103.34 -48.40
CA LEU AA 518 -41.11 103.42 -49.46
C LEU AA 518 -41.15 104.81 -50.08
N GLY AA 519 -39.99 105.45 -50.15
CA GLY AA 519 -39.91 106.79 -50.69
C GLY AA 519 -38.70 107.02 -51.58
N THR AA 520 -38.28 108.28 -51.71
CA THR AA 520 -37.14 108.61 -52.57
C THR AA 520 -35.85 108.03 -52.01
N ALA AA 521 -35.70 108.02 -50.68
CA ALA AA 521 -34.49 107.47 -50.08
C ALA AA 521 -34.35 105.98 -50.37
N ASP AA 522 -35.44 105.23 -50.24
CA ASP AA 522 -35.41 103.80 -50.58
C ASP AA 522 -35.09 103.61 -52.06
N PHE AA 523 -35.61 104.49 -52.91
CA PHE AA 523 -35.33 104.46 -54.34
C PHE AA 523 -33.83 104.59 -54.61
N LEU AA 524 -33.21 105.60 -54.00
CA LEU AA 524 -31.78 105.83 -54.20
C LEU AA 524 -30.96 104.67 -53.67
N VAL AA 525 -31.31 104.15 -52.50
CA VAL AA 525 -30.52 103.06 -51.91
C VAL AA 525 -30.66 101.79 -52.74
N HIS AA 526 -31.87 101.52 -53.25
CA HIS AA 526 -32.06 100.31 -54.05
C HIS AA 526 -31.32 100.40 -55.38
N HIS AA 527 -31.28 101.60 -55.98
CA HIS AA 527 -30.51 101.70 -57.22
C HIS AA 527 -29.00 101.66 -56.96
N ILE AA 528 -28.57 102.13 -55.78
CA ILE AA 528 -27.18 101.93 -55.36
C ILE AA 528 -26.87 100.44 -55.23
N HIS AA 529 -27.81 99.69 -54.64
CA HIS AA 529 -27.68 98.24 -54.52
C HIS AA 529 -27.54 97.60 -55.90
N ALA AA 530 -28.40 97.99 -56.83
CA ALA AA 530 -28.35 97.45 -58.19
C ALA AA 530 -27.01 97.75 -58.85
N PHE AA 531 -26.50 98.98 -58.66
CA PHE AA 531 -25.22 99.36 -59.24
C PHE AA 531 -24.08 98.50 -58.68
N THR AA 532 -24.06 98.31 -57.35
CA THR AA 532 -22.98 97.52 -56.75
C THR AA 532 -23.05 96.07 -57.19
N ILE AA 533 -24.26 95.51 -57.25
CA ILE AA 533 -24.44 94.12 -57.69
C ILE AA 533 -23.99 93.98 -59.13
N HIS AA 534 -24.36 94.94 -59.99
CA HIS AA 534 -23.98 94.86 -61.40
C HIS AA 534 -22.47 94.97 -61.57
N VAL AA 535 -21.79 95.79 -60.76
CA VAL AA 535 -20.33 95.89 -60.87
C VAL AA 535 -19.66 94.59 -60.43
N THR AA 536 -20.15 94.00 -59.33
CA THR AA 536 -19.59 92.71 -58.89
C THR AA 536 -19.81 91.63 -59.94
N VAL AA 537 -20.99 91.62 -60.57
CA VAL AA 537 -21.28 90.69 -61.65
C VAL AA 537 -20.34 90.94 -62.82
N LEU AA 538 -20.07 92.20 -63.13
CA LEU AA 538 -19.17 92.53 -64.23
C LEU AA 538 -17.77 91.98 -63.98
N ILE AA 539 -17.24 92.19 -62.78
CA ILE AA 539 -15.90 91.70 -62.46
C ILE AA 539 -15.85 90.17 -62.53
N LEU AA 540 -16.81 89.51 -61.88
CA LEU AA 540 -16.79 88.06 -61.81
C LEU AA 540 -17.01 87.42 -63.18
N LEU AA 541 -17.97 87.94 -63.96
CA LEU AA 541 -18.26 87.38 -65.28
C LEU AA 541 -17.13 87.66 -66.25
N LYS AA 542 -16.48 88.82 -66.13
CA LYS AA 542 -15.30 89.09 -66.96
C LYS AA 542 -14.19 88.11 -66.66
N GLY AA 543 -13.96 87.83 -65.37
CA GLY AA 543 -12.96 86.82 -65.02
C GLY AA 543 -13.29 85.45 -65.56
N VAL AA 544 -14.57 85.04 -65.45
CA VAL AA 544 -14.99 83.73 -65.93
C VAL AA 544 -14.83 83.63 -67.45
N LEU AA 545 -15.24 84.68 -68.17
CA LEU AA 545 -15.23 84.63 -69.63
C LEU AA 545 -13.82 84.74 -70.19
N PHE AA 546 -12.97 85.58 -69.59
CA PHE AA 546 -11.61 85.78 -70.07
C PHE AA 546 -10.59 84.97 -69.28
N ALA AA 547 -11.03 83.94 -68.54
CA ALA AA 547 -10.09 83.09 -67.81
C ALA AA 547 -9.20 82.28 -68.76
N ARG AA 548 -9.65 82.06 -70.00
CA ARG AA 548 -8.90 81.25 -70.95
C ARG AA 548 -8.03 82.07 -71.89
N SER AA 549 -8.61 83.09 -72.52
CA SER AA 549 -7.88 83.87 -73.52
C SER AA 549 -8.52 85.24 -73.64
N SER AA 550 -7.78 86.15 -74.26
CA SER AA 550 -8.25 87.51 -74.53
C SER AA 550 -7.42 88.08 -75.67
N ARG AA 551 -7.62 89.35 -75.98
CA ARG AA 551 -6.81 90.02 -76.98
C ARG AA 551 -5.41 90.33 -76.47
N LEU AA 552 -5.22 90.35 -75.15
CA LEU AA 552 -3.91 90.64 -74.57
C LEU AA 552 -3.05 89.39 -74.44
N ILE AA 553 -3.57 88.36 -73.78
CA ILE AA 553 -2.86 87.10 -73.58
C ILE AA 553 -3.67 85.99 -74.23
N PRO AA 554 -3.32 85.60 -75.47
CA PRO AA 554 -4.06 84.53 -76.14
C PRO AA 554 -3.88 83.16 -75.52
N ASP AA 555 -2.87 82.96 -74.69
CA ASP AA 555 -2.59 81.68 -74.06
C ASP AA 555 -2.66 81.78 -72.55
N LYS AA 556 -3.69 82.47 -72.05
CA LYS AA 556 -3.82 82.65 -70.60
C LYS AA 556 -4.20 81.36 -69.90
N ALA AA 557 -4.87 80.44 -70.60
CA ALA AA 557 -5.22 79.15 -70.00
C ALA AA 557 -3.99 78.30 -69.73
N ASN AA 558 -2.95 78.44 -70.57
CA ASN AA 558 -1.71 77.71 -70.32
C ASN AA 558 -0.98 78.24 -69.09
N LEU AA 559 -1.16 79.52 -68.77
CA LEU AA 559 -0.54 80.08 -67.57
C LEU AA 559 -1.18 79.58 -66.29
N GLY AA 560 -2.43 79.14 -66.35
CA GLY AA 560 -3.12 78.59 -65.21
C GLY AA 560 -4.27 79.48 -64.75
N PHE AA 561 -5.03 78.94 -63.78
CA PHE AA 561 -6.11 79.70 -63.19
C PHE AA 561 -5.60 80.75 -62.21
N ARG AA 562 -4.55 80.41 -61.46
CA ARG AA 562 -4.05 81.26 -60.37
C ARG AA 562 -2.56 81.54 -60.63
N PHE AA 563 -2.28 82.59 -61.38
CA PHE AA 563 -0.93 83.06 -61.62
C PHE AA 563 -0.87 84.56 -61.42
N PRO AA 564 0.27 85.10 -60.99
CA PRO AA 564 0.34 86.53 -60.67
C PRO AA 564 0.16 87.46 -61.86
N CYS AA 565 0.94 87.25 -62.92
CA CYS AA 565 0.98 88.17 -64.05
C CYS AA 565 1.64 87.47 -65.23
N ASP AA 566 1.90 88.23 -66.28
CA ASP AA 566 2.68 87.78 -67.43
C ASP AA 566 3.82 88.74 -67.69
N GLY AA 567 4.36 89.34 -66.64
CA GLY AA 567 5.45 90.28 -66.75
C GLY AA 567 4.97 91.69 -66.97
N PRO AA 568 5.91 92.65 -67.00
CA PRO AA 568 5.56 94.04 -67.29
C PRO AA 568 5.33 94.33 -68.77
N GLY AA 569 5.22 93.31 -69.60
CA GLY AA 569 5.04 93.52 -71.02
C GLY AA 569 3.64 93.92 -71.39
N ARG AA 570 3.48 94.32 -72.66
CA ARG AA 570 2.24 94.86 -73.19
C ARG AA 570 1.75 96.06 -72.38
N GLY AA 571 2.69 96.85 -71.86
CA GLY AA 571 2.38 97.92 -70.94
C GLY AA 571 2.22 97.49 -69.50
N GLY AA 572 2.14 96.19 -69.25
CA GLY AA 572 1.85 95.65 -67.93
C GLY AA 572 0.68 94.68 -67.97
N THR AA 573 0.91 93.46 -67.50
CA THR AA 573 -0.11 92.42 -67.48
C THR AA 573 -0.41 91.97 -66.06
N CYS AA 574 -0.58 92.94 -65.17
CA CYS AA 574 -0.78 92.66 -63.76
C CYS AA 574 -2.23 92.25 -63.49
N GLN AA 575 -2.41 91.19 -62.71
CA GLN AA 575 -3.74 90.73 -62.29
C GLN AA 575 -4.61 90.35 -63.48
N VAL AA 576 -4.02 89.63 -64.44
CA VAL AA 576 -4.78 89.16 -65.60
C VAL AA 576 -5.50 87.84 -65.33
N SER AA 577 -5.14 87.12 -64.27
CA SER AA 577 -5.75 85.83 -64.00
C SER AA 577 -7.16 86.01 -63.45
N ALA AA 578 -7.94 84.93 -63.54
CA ALA AA 578 -9.30 84.96 -63.01
C ALA AA 578 -9.30 84.94 -61.49
N TRP AA 579 -8.25 84.39 -60.88
CA TRP AA 579 -8.12 84.47 -59.43
C TRP AA 579 -8.05 85.91 -58.95
N ASP AA 580 -7.34 86.76 -59.70
CA ASP AA 580 -7.30 88.18 -59.36
C ASP AA 580 -8.64 88.85 -59.59
N HIS AA 581 -9.43 88.36 -60.55
CA HIS AA 581 -10.78 88.87 -60.71
C HIS AA 581 -11.65 88.53 -59.51
N VAL AA 582 -11.50 87.32 -58.97
CA VAL AA 582 -12.18 86.96 -57.73
C VAL AA 582 -11.69 87.82 -56.57
N PHE AA 583 -10.39 88.07 -56.52
CA PHE AA 583 -9.80 88.89 -55.46
C PHE AA 583 -10.32 90.32 -55.52
N LEU AA 584 -10.55 90.84 -56.72
CA LEU AA 584 -11.13 92.17 -56.86
C LEU AA 584 -12.62 92.18 -56.54
N GLY AA 585 -13.35 91.15 -56.98
CA GLY AA 585 -14.77 91.07 -56.72
C GLY AA 585 -15.12 90.83 -55.28
N LEU AA 586 -14.18 90.30 -54.48
CA LEU AA 586 -14.40 90.17 -53.05
C LEU AA 586 -14.65 91.53 -52.40
N PHE AA 587 -13.85 92.54 -52.78
CA PHE AA 587 -14.03 93.88 -52.23
C PHE AA 587 -15.39 94.45 -52.61
N TRP AA 588 -15.82 94.23 -53.85
CA TRP AA 588 -17.09 94.79 -54.30
C TRP AA 588 -18.28 94.07 -53.68
N MET AA 589 -18.18 92.76 -53.46
CA MET AA 589 -19.21 92.06 -52.69
C MET AA 589 -19.27 92.60 -51.27
N TYR AA 590 -18.10 92.85 -50.67
CA TYR AA 590 -18.05 93.43 -49.34
C TYR AA 590 -18.74 94.79 -49.31
N ASN AA 591 -18.45 95.62 -50.31
CA ASN AA 591 -19.07 96.94 -50.40
C ASN AA 591 -20.58 96.85 -50.56
N SER AA 592 -21.04 95.96 -51.43
CA SER AA 592 -22.47 95.82 -51.67
C SER AA 592 -23.20 95.34 -50.42
N ILE AA 593 -22.67 94.31 -49.77
CA ILE AA 593 -23.33 93.77 -48.57
C ILE AA 593 -23.26 94.79 -47.43
N SER AA 594 -22.17 95.55 -47.34
CA SER AA 594 -22.07 96.58 -46.31
C SER AA 594 -23.13 97.66 -46.51
N VAL AA 595 -23.33 98.10 -47.76
CA VAL AA 595 -24.38 99.09 -48.03
C VAL AA 595 -25.76 98.50 -47.73
N VAL AA 596 -25.96 97.22 -48.07
CA VAL AA 596 -27.25 96.58 -47.84
C VAL AA 596 -27.56 96.51 -46.34
N ILE AA 597 -26.58 96.09 -45.54
CA ILE AA 597 -26.83 95.94 -44.11
C ILE AA 597 -26.94 97.30 -43.43
N PHE AA 598 -26.23 98.32 -43.93
CA PHE AA 598 -26.42 99.67 -43.40
C PHE AA 598 -27.83 100.18 -43.69
N HIS AA 599 -28.32 99.93 -44.90
CA HIS AA 599 -29.68 100.29 -45.27
C HIS AA 599 -30.69 99.59 -44.37
N PHE AA 600 -30.51 98.28 -44.17
CA PHE AA 600 -31.42 97.52 -43.33
C PHE AA 600 -31.43 98.04 -41.90
N SER AA 601 -30.24 98.26 -41.33
CA SER AA 601 -30.15 98.72 -39.95
C SER AA 601 -30.81 100.06 -39.76
N TRP AA 602 -30.47 101.04 -40.62
CA TRP AA 602 -31.05 102.37 -40.46
C TRP AA 602 -32.55 102.38 -40.73
N LYS AA 603 -33.01 101.64 -41.75
CA LYS AA 603 -34.42 101.66 -42.09
C LYS AA 603 -35.28 101.01 -41.02
N MET AA 604 -34.84 99.87 -40.47
CA MET AA 604 -35.62 99.25 -39.40
C MET AA 604 -35.49 100.01 -38.09
N GLN AA 605 -34.36 100.70 -37.85
CA GLN AA 605 -34.25 101.48 -36.62
C GLN AA 605 -35.11 102.74 -36.70
N SER AA 606 -35.32 103.30 -37.89
CA SER AA 606 -36.06 104.55 -38.01
C SER AA 606 -37.54 104.35 -38.28
N ASP AA 607 -37.92 103.30 -39.01
CA ASP AA 607 -39.29 103.16 -39.48
C ASP AA 607 -40.01 101.91 -38.98
N VAL AA 608 -39.31 100.96 -38.37
CA VAL AA 608 -39.95 99.74 -37.91
C VAL AA 608 -39.76 99.56 -36.42
N TRP AA 609 -38.52 99.42 -35.98
CA TRP AA 609 -38.25 99.14 -34.57
C TRP AA 609 -38.53 100.37 -33.71
N GLY AA 610 -38.82 100.13 -32.45
CA GLY AA 610 -39.13 101.20 -31.52
C GLY AA 610 -39.89 100.65 -30.32
N SER AA 611 -40.66 101.55 -29.70
CA SER AA 611 -41.44 101.20 -28.53
C SER AA 611 -42.86 101.73 -28.66
N ILE AA 612 -43.78 101.02 -28.04
CA ILE AA 612 -45.21 101.32 -28.05
C ILE AA 612 -45.60 101.85 -26.69
N SER AA 613 -46.21 103.03 -26.66
CA SER AA 613 -46.69 103.59 -25.41
C SER AA 613 -48.04 102.99 -25.04
N ASP AA 614 -48.43 103.17 -23.78
CA ASP AA 614 -49.71 102.64 -23.31
C ASP AA 614 -50.87 103.35 -23.98
N GLN AA 615 -50.70 104.64 -24.30
CA GLN AA 615 -51.74 105.37 -25.02
C GLN AA 615 -51.92 104.82 -26.43
N GLY AA 616 -50.83 104.48 -27.12
CA GLY AA 616 -50.91 103.90 -28.44
C GLY AA 616 -49.89 104.45 -29.41
N VAL AA 617 -49.17 105.50 -29.01
CA VAL AA 617 -48.19 106.10 -29.91
C VAL AA 617 -46.97 105.18 -30.03
N VAL AA 618 -46.21 105.40 -31.11
CA VAL AA 618 -45.02 104.62 -31.40
C VAL AA 618 -43.84 105.58 -31.53
N THR AA 619 -42.76 105.30 -30.79
CA THR AA 619 -41.54 106.09 -30.89
C THR AA 619 -40.40 105.17 -31.33
N HIS AA 620 -39.78 105.51 -32.46
CA HIS AA 620 -38.75 104.66 -33.02
C HIS AA 620 -37.39 104.98 -32.40
N ILE AA 621 -36.40 104.16 -32.74
CA ILE AA 621 -35.08 104.29 -32.13
C ILE AA 621 -34.39 105.57 -32.58
N THR AA 622 -34.41 105.83 -33.89
CA THR AA 622 -33.77 107.02 -34.44
C THR AA 622 -34.77 108.09 -34.87
N GLY AA 623 -36.05 107.90 -34.55
CA GLY AA 623 -37.04 108.94 -34.78
C GLY AA 623 -37.42 109.18 -36.22
N GLY AA 624 -37.24 108.19 -37.09
CA GLY AA 624 -37.65 108.32 -38.48
C GLY AA 624 -36.90 109.37 -39.28
N ASN AA 625 -35.57 109.40 -39.14
CA ASN AA 625 -34.74 110.35 -39.87
C ASN AA 625 -34.20 109.77 -41.18
N PHE AA 626 -34.58 108.55 -41.55
CA PHE AA 626 -34.08 107.95 -42.77
C PHE AA 626 -34.60 108.66 -44.01
N ALA AA 627 -35.81 109.22 -43.94
CA ALA AA 627 -36.41 109.82 -45.13
C ALA AA 627 -35.70 111.10 -45.55
N GLN AA 628 -35.17 111.85 -44.57
CA GLN AA 628 -34.59 113.15 -44.86
C GLN AA 628 -33.07 113.19 -44.78
N SER AA 629 -32.44 112.23 -44.09
CA SER AA 629 -31.00 112.26 -43.90
C SER AA 629 -30.25 111.27 -44.79
N SER AA 630 -30.85 110.12 -45.07
CA SER AA 630 -30.14 109.08 -45.83
C SER AA 630 -29.95 109.44 -47.30
N ILE AA 631 -30.57 110.51 -47.78
CA ILE AA 631 -30.41 110.93 -49.17
C ILE AA 631 -29.08 111.61 -49.44
N THR AA 632 -28.30 111.89 -48.41
CA THR AA 632 -26.99 112.52 -48.55
C THR AA 632 -25.94 111.66 -47.87
N ILE AA 633 -24.72 111.70 -48.41
CA ILE AA 633 -23.62 110.98 -47.80
C ILE AA 633 -23.27 111.55 -46.43
N ASN AA 634 -23.40 112.87 -46.27
CA ASN AA 634 -23.21 113.49 -44.96
C ASN AA 634 -24.22 112.97 -43.95
N GLY AA 635 -25.45 112.69 -44.39
CA GLY AA 635 -26.43 112.10 -43.49
C GLY AA 635 -26.02 110.71 -43.02
N TRP AA 636 -25.48 109.90 -43.93
CA TRP AA 636 -24.98 108.59 -43.55
C TRP AA 636 -23.79 108.71 -42.60
N LEU AA 637 -22.91 109.69 -42.85
CA LEU AA 637 -21.74 109.85 -42.00
C LEU AA 637 -22.11 110.33 -40.60
N ARG AA 638 -23.08 111.23 -40.50
CA ARG AA 638 -23.41 111.86 -39.22
C ARG AA 638 -24.50 111.10 -38.47
N ASP AA 639 -25.68 110.95 -39.08
CA ASP AA 639 -26.84 110.40 -38.38
C ASP AA 639 -26.82 108.88 -38.30
N PHE AA 640 -25.95 108.20 -39.05
CA PHE AA 640 -25.86 106.74 -38.97
C PHE AA 640 -24.54 106.25 -38.41
N LEU AA 641 -23.41 106.70 -38.96
CA LEU AA 641 -22.12 106.25 -38.44
C LEU AA 641 -21.76 106.96 -37.14
N TRP AA 642 -21.68 108.29 -37.19
CA TRP AA 642 -21.27 109.07 -36.02
C TRP AA 642 -22.27 108.94 -34.88
N ALA AA 643 -23.56 109.00 -35.18
CA ALA AA 643 -24.57 108.98 -34.13
C ALA AA 643 -24.67 107.62 -33.45
N GLN AA 644 -24.64 106.54 -34.23
CA GLN AA 644 -24.81 105.21 -33.68
C GLN AA 644 -23.50 104.57 -33.24
N ALA AA 645 -22.35 105.18 -33.52
CA ALA AA 645 -21.09 104.68 -33.00
C ALA AA 645 -20.85 105.09 -31.56
N SER AA 646 -21.69 105.96 -31.01
CA SER AA 646 -21.56 106.36 -29.61
C SER AA 646 -21.84 105.21 -28.66
N GLN AA 647 -22.59 104.20 -29.10
CA GLN AA 647 -22.87 103.04 -28.27
C GLN AA 647 -21.74 102.01 -28.29
N VAL AA 648 -20.81 102.11 -29.24
CA VAL AA 648 -19.67 101.20 -29.29
C VAL AA 648 -18.39 101.88 -28.82
N ILE AA 649 -18.28 103.21 -28.90
CA ILE AA 649 -17.10 103.87 -28.38
C ILE AA 649 -17.20 104.16 -26.89
N GLN AA 650 -18.41 104.15 -26.33
CA GLN AA 650 -18.62 104.40 -24.91
C GLN AA 650 -18.90 103.12 -24.14
N SER AA 651 -18.61 101.96 -24.73
CA SER AA 651 -18.87 100.68 -24.08
C SER AA 651 -17.77 100.27 -23.12
N TYR AA 652 -16.70 101.06 -23.01
CA TYR AA 652 -15.61 100.73 -22.11
C TYR AA 652 -16.06 100.79 -20.66
N GLY AA 653 -15.60 99.83 -19.86
CA GLY AA 653 -15.98 99.74 -18.47
C GLY AA 653 -17.28 99.02 -18.20
N SER AA 654 -17.99 98.59 -19.23
CA SER AA 654 -19.25 97.87 -19.10
C SER AA 654 -19.12 96.49 -19.73
N SER AA 655 -20.24 95.77 -19.81
CA SER AA 655 -20.23 94.42 -20.36
C SER AA 655 -20.08 94.39 -21.87
N LEU AA 656 -20.21 95.53 -22.55
CA LEU AA 656 -20.08 95.60 -24.00
C LEU AA 656 -18.70 96.06 -24.43
N SER AA 657 -17.74 96.11 -23.51
CA SER AA 657 -16.40 96.60 -23.83
C SER AA 657 -15.65 95.70 -24.79
N ALA AA 658 -16.00 94.41 -24.84
CA ALA AA 658 -15.40 93.52 -25.84
C ALA AA 658 -15.76 93.97 -27.25
N TYR AA 659 -16.94 94.55 -27.43
CA TYR AA 659 -17.31 95.09 -28.72
C TYR AA 659 -16.47 96.31 -29.08
N GLY AA 660 -16.14 97.16 -28.10
CA GLY AA 660 -15.24 98.27 -28.38
C GLY AA 660 -13.83 97.82 -28.71
N LEU AA 661 -13.34 96.82 -27.98
CA LEU AA 661 -12.02 96.26 -28.28
C LEU AA 661 -11.99 95.63 -29.67
N PHE AA 662 -13.08 94.93 -30.06
CA PHE AA 662 -13.15 94.37 -31.39
C PHE AA 662 -13.30 95.43 -32.47
N PHE AA 663 -13.98 96.53 -32.15
CA PHE AA 663 -14.04 97.69 -33.04
C PHE AA 663 -12.64 98.20 -33.34
N LEU AA 664 -11.85 98.45 -32.30
CA LEU AA 664 -10.49 98.95 -32.49
C LEU AA 664 -9.61 97.92 -33.20
N GLY AA 665 -9.72 96.64 -32.81
CA GLY AA 665 -8.90 95.62 -33.45
C GLY AA 665 -9.26 95.41 -34.90
N ALA AA 666 -10.54 95.53 -35.25
CA ALA AA 666 -10.96 95.39 -36.63
C ALA AA 666 -10.50 96.57 -37.47
N HIS AA 667 -10.55 97.78 -36.91
CA HIS AA 667 -9.93 98.93 -37.58
C HIS AA 667 -8.44 98.67 -37.81
N PHE AA 668 -7.76 98.12 -36.81
CA PHE AA 668 -6.33 97.83 -36.92
C PHE AA 668 -6.04 96.80 -38.00
N VAL AA 669 -6.83 95.72 -38.07
CA VAL AA 669 -6.61 94.68 -39.06
C VAL AA 669 -6.92 95.18 -40.47
N TRP AA 670 -7.98 96.00 -40.61
CA TRP AA 670 -8.31 96.59 -41.89
C TRP AA 670 -7.17 97.50 -42.38
N ALA AA 671 -6.59 98.28 -41.47
CA ALA AA 671 -5.42 99.08 -41.85
C ALA AA 671 -4.22 98.21 -42.17
N PHE AA 672 -4.05 97.12 -41.43
CA PHE AA 672 -2.92 96.21 -41.63
C PHE AA 672 -2.97 95.55 -42.99
N SER AA 673 -4.17 95.33 -43.52
CA SER AA 673 -4.32 94.72 -44.83
C SER AA 673 -3.75 95.59 -45.95
N LEU AA 674 -3.75 96.91 -45.75
CA LEU AA 674 -3.30 97.82 -46.81
C LEU AA 674 -1.81 97.68 -47.07
N MET AA 675 -1.05 97.20 -46.08
CA MET AA 675 0.37 96.94 -46.29
C MET AA 675 0.58 95.85 -47.35
N PHE AA 676 -0.19 94.78 -47.26
CA PHE AA 676 -0.10 93.72 -48.26
C PHE AA 676 -0.73 94.15 -49.59
N LEU AA 677 -1.80 94.94 -49.51
CA LEU AA 677 -2.52 95.31 -50.72
C LEU AA 677 -1.77 96.33 -51.57
N PHE AA 678 -1.01 97.23 -50.94
CA PHE AA 678 -0.40 98.34 -51.67
C PHE AA 678 1.04 98.08 -52.07
N SER AA 679 1.71 97.09 -51.49
CA SER AA 679 3.14 96.89 -51.67
C SER AA 679 3.40 95.79 -52.69
N GLY AA 680 4.68 95.44 -52.84
CA GLY AA 680 5.07 94.38 -53.73
C GLY AA 680 6.15 93.52 -53.11
N ARG AA 681 6.36 92.34 -53.71
CA ARG AA 681 7.21 91.33 -53.10
C ARG AA 681 8.69 91.73 -53.09
N GLY AA 682 9.14 92.46 -54.12
CA GLY AA 682 10.57 92.70 -54.28
C GLY AA 682 11.19 93.50 -53.15
N TYR AA 683 10.49 94.54 -52.68
CA TYR AA 683 11.01 95.35 -51.57
C TYR AA 683 11.13 94.51 -50.30
N TRP AA 684 10.12 93.69 -50.02
CA TRP AA 684 10.17 92.85 -48.81
C TRP AA 684 11.26 91.80 -48.91
N GLN AA 685 11.47 91.24 -50.11
CA GLN AA 685 12.56 90.29 -50.30
C GLN AA 685 13.91 90.96 -50.09
N GLU AA 686 14.08 92.18 -50.58
CA GLU AA 686 15.35 92.88 -50.42
C GLU AA 686 15.59 93.24 -48.95
N LEU AA 687 14.53 93.56 -48.20
CA LEU AA 687 14.69 93.79 -46.77
C LEU AA 687 15.01 92.50 -46.02
N ILE AA 688 14.36 91.41 -46.43
CA ILE AA 688 14.65 90.09 -45.85
C ILE AA 688 16.08 89.68 -46.12
N GLU AA 689 16.67 90.15 -47.22
CA GLU AA 689 18.09 89.90 -47.47
C GLU AA 689 18.96 90.50 -46.37
N SER AA 690 18.68 91.75 -45.98
CA SER AA 690 19.46 92.39 -44.92
C SER AA 690 19.23 91.71 -43.58
N ILE AA 691 17.97 91.32 -43.30
CA ILE AA 691 17.69 90.61 -42.05
C ILE AA 691 18.38 89.26 -42.02
N VAL AA 692 18.46 88.60 -43.18
CA VAL AA 692 19.15 87.32 -43.30
C VAL AA 692 20.64 87.50 -43.09
N TRP AA 693 21.21 88.61 -43.58
CA TRP AA 693 22.62 88.90 -43.30
C TRP AA 693 22.84 89.11 -41.80
N ALA AA 694 21.92 89.82 -41.15
CA ALA AA 694 22.04 90.04 -39.71
C ALA AA 694 21.99 88.73 -38.94
N HIS AA 695 21.13 87.81 -39.36
CA HIS AA 695 21.06 86.50 -38.72
C HIS AA 695 22.30 85.66 -39.02
N ASN AA 696 22.81 85.77 -40.25
CA ASN AA 696 23.98 84.99 -40.64
C ASN AA 696 25.25 85.47 -39.95
N LYS AA 697 25.27 86.75 -39.55
CA LYS AA 697 26.43 87.27 -38.84
C LYS AA 697 26.63 86.56 -37.51
N LEU AA 698 25.54 86.19 -36.84
CA LEU AA 698 25.60 85.55 -35.53
C LEU AA 698 25.30 84.05 -35.59
N LYS AA 699 25.45 83.44 -36.78
CA LYS AA 699 25.28 81.99 -36.97
C LYS AA 699 23.91 81.50 -36.53
N VAL AA 700 22.87 82.26 -36.85
CA VAL AA 700 21.53 81.93 -36.38
C VAL AA 700 20.55 81.92 -37.54
N ALA AA 701 21.06 82.05 -38.76
CA ALA AA 701 20.19 81.96 -39.93
C ALA AA 701 19.71 80.53 -40.13
N PRO AA 702 18.46 80.34 -40.55
CA PRO AA 702 17.91 78.98 -40.69
C PRO AA 702 18.30 78.36 -42.03
N ALA AA 703 18.13 77.04 -42.08
CA ALA AA 703 18.34 76.33 -43.34
C ALA AA 703 17.22 76.61 -44.34
N THR AA 704 15.98 76.67 -43.87
CA THR AA 704 14.87 77.12 -44.69
C THR AA 704 15.07 78.60 -44.99
N GLN AA 705 15.45 78.92 -46.22
CA GLN AA 705 15.78 80.29 -46.56
C GLN AA 705 14.51 81.15 -46.53
N PRO AA 706 14.51 82.23 -45.75
CA PRO AA 706 13.32 83.08 -45.69
C PRO AA 706 13.06 83.77 -47.02
N ARG AA 707 11.80 83.71 -47.46
CA ARG AA 707 11.37 84.32 -48.70
C ARG AA 707 10.13 85.15 -48.43
N ALA AA 708 10.02 86.28 -49.10
CA ALA AA 708 8.81 87.09 -49.02
C ALA AA 708 7.64 86.33 -49.63
N LEU AA 709 6.43 86.69 -49.19
CA LEU AA 709 5.23 86.04 -49.71
C LEU AA 709 5.10 86.30 -51.20
N SER AA 710 4.54 85.31 -51.90
CA SER AA 710 4.35 85.43 -53.33
C SER AA 710 3.31 86.50 -53.64
N ILE AA 711 3.25 86.87 -54.92
CA ILE AA 711 2.38 87.96 -55.35
C ILE AA 711 0.92 87.60 -55.10
N VAL AA 712 0.52 86.40 -55.52
CA VAL AA 712 -0.84 85.92 -55.30
C VAL AA 712 -1.12 85.76 -53.81
N GLN AA 713 -0.15 85.23 -53.06
CA GLN AA 713 -0.35 85.09 -51.62
C GLN AA 713 -0.41 86.44 -50.93
N GLY AA 714 0.37 87.41 -51.41
CA GLY AA 714 0.28 88.75 -50.85
C GLY AA 714 -1.09 89.36 -51.07
N ARG AA 715 -1.64 89.21 -52.29
CA ARG AA 715 -2.99 89.70 -52.56
C ARG AA 715 -4.02 88.96 -51.71
N ALA AA 716 -3.85 87.65 -51.53
CA ALA AA 716 -4.79 86.87 -50.74
C ALA AA 716 -4.77 87.29 -49.28
N VAL AA 717 -3.58 87.50 -48.71
CA VAL AA 717 -3.47 87.96 -47.33
C VAL AA 717 -4.09 89.34 -47.18
N GLY AA 718 -3.82 90.23 -48.15
CA GLY AA 718 -4.40 91.56 -48.10
C GLY AA 718 -5.92 91.55 -48.13
N VAL AA 719 -6.50 90.79 -49.05
CA VAL AA 719 -7.96 90.76 -49.15
C VAL AA 719 -8.57 90.04 -47.96
N THR AA 720 -7.90 89.02 -47.42
CA THR AA 720 -8.44 88.31 -46.26
C THR AA 720 -8.46 89.21 -45.02
N HIS AA 721 -7.35 89.90 -44.75
CA HIS AA 721 -7.33 90.81 -43.61
C HIS AA 721 -8.27 92.00 -43.83
N TYR AA 722 -8.41 92.46 -45.08
CA TYR AA 722 -9.32 93.55 -45.38
C TYR AA 722 -10.76 93.16 -45.08
N LEU AA 723 -11.19 92.00 -45.59
CA LEU AA 723 -12.55 91.54 -45.34
C LEU AA 723 -12.77 91.27 -43.85
N LEU AA 724 -11.79 90.67 -43.18
CA LEU AA 724 -11.92 90.37 -41.76
C LEU AA 724 -12.10 91.65 -40.94
N GLY AA 725 -11.23 92.64 -41.16
CA GLY AA 725 -11.35 93.90 -40.43
C GLY AA 725 -12.63 94.65 -40.74
N GLY AA 726 -12.95 94.79 -42.03
CA GLY AA 726 -14.11 95.56 -42.42
C GLY AA 726 -15.43 94.88 -42.08
N ILE AA 727 -15.41 93.58 -41.86
CA ILE AA 727 -16.61 92.87 -41.43
C ILE AA 727 -16.73 92.85 -39.91
N ALA AA 728 -15.62 92.63 -39.20
CA ALA AA 728 -15.67 92.64 -37.74
C ALA AA 728 -15.96 94.04 -37.19
N THR AA 729 -15.59 95.09 -37.92
CA THR AA 729 -15.95 96.44 -37.52
C THR AA 729 -17.46 96.61 -37.50
N THR AA 730 -18.13 96.22 -38.59
CA THR AA 730 -19.59 96.30 -38.66
C THR AA 730 -20.22 95.36 -37.64
N TRP AA 731 -19.61 94.19 -37.41
CA TRP AA 731 -20.12 93.25 -36.43
C TRP AA 731 -20.15 93.85 -35.03
N ALA AA 732 -19.02 94.40 -34.60
CA ALA AA 732 -18.95 95.00 -33.26
C ALA AA 732 -19.85 96.22 -33.16
N PHE AA 733 -19.86 97.07 -34.19
CA PHE AA 733 -20.68 98.27 -34.16
C PHE AA 733 -22.16 97.93 -34.09
N PHE AA 734 -22.62 97.02 -34.95
CA PHE AA 734 -24.01 96.58 -34.95
C PHE AA 734 -24.40 95.97 -33.62
N LEU AA 735 -23.55 95.06 -33.10
CA LEU AA 735 -23.91 94.33 -31.88
C LEU AA 735 -23.98 95.27 -30.68
N ALA AA 736 -22.98 96.15 -30.52
CA ALA AA 736 -23.01 97.08 -29.39
C ALA AA 736 -24.19 98.05 -29.50
N ARG AA 737 -24.44 98.58 -30.70
CA ARG AA 737 -25.53 99.55 -30.85
C ARG AA 737 -26.87 98.91 -30.59
N ILE AA 738 -27.10 97.70 -31.12
CA ILE AA 738 -28.41 97.07 -31.01
C ILE AA 738 -28.61 96.32 -29.70
N ILE AA 739 -27.56 96.07 -28.93
CA ILE AA 739 -27.72 95.51 -27.61
C ILE AA 739 -27.90 96.61 -26.56
N ALA AA 740 -27.15 97.72 -26.70
CA ALA AA 740 -27.25 98.80 -25.73
C ALA AA 740 -28.61 99.49 -25.78
N VAL AA 741 -29.18 99.68 -26.96
CA VAL AA 741 -30.45 100.39 -27.11
C VAL AA 741 -31.62 99.47 -27.44
N GLY AA 742 -31.37 98.22 -27.81
CA GLY AA 742 -32.45 97.33 -28.17
C GLY AA 742 -32.53 96.09 -27.29
N ALA BA 1 11.78 116.35 -81.79
CA ALA BA 1 10.80 115.36 -82.21
C ALA BA 1 9.70 116.01 -83.05
N LEU BA 2 8.94 115.18 -83.76
CA LEU BA 2 7.87 115.65 -84.62
C LEU BA 2 6.51 115.65 -83.96
N ARG BA 3 6.45 115.34 -82.66
CA ARG BA 3 5.18 115.19 -81.98
C ARG BA 3 5.41 115.42 -80.49
N PHE BA 4 4.35 115.85 -79.80
CA PHE BA 4 4.44 116.04 -78.35
C PHE BA 4 4.65 114.69 -77.67
N PRO BA 5 5.59 114.58 -76.73
CA PRO BA 5 6.53 115.60 -76.28
C PRO BA 5 7.74 115.74 -77.19
N ARG BA 6 8.24 116.95 -77.39
CA ARG BA 6 9.36 117.17 -78.30
C ARG BA 6 10.72 116.92 -77.64
N PHE BA 7 10.76 116.76 -76.31
CA PHE BA 7 12.01 116.47 -75.64
C PHE BA 7 12.32 114.98 -75.58
N SER BA 8 11.42 114.12 -76.05
CA SER BA 8 11.61 112.68 -76.01
C SER BA 8 11.16 112.10 -77.34
N GLN BA 9 12.11 111.58 -78.11
CA GLN BA 9 11.78 110.90 -79.35
C GLN BA 9 11.06 109.59 -79.10
N GLY BA 10 11.40 108.90 -78.00
CA GLY BA 10 10.75 107.64 -77.69
C GLY BA 10 9.28 107.80 -77.34
N LEU BA 11 8.94 108.88 -76.64
CA LEU BA 11 7.55 109.11 -76.28
C LEU BA 11 6.75 109.71 -77.42
N ALA BA 12 7.41 110.42 -78.33
CA ALA BA 12 6.69 111.12 -79.40
C ALA BA 12 6.03 110.16 -80.36
N GLN BA 13 6.70 109.04 -80.69
CA GLN BA 13 6.18 108.07 -81.63
C GLN BA 13 5.29 107.02 -80.97
N ASP BA 14 4.93 107.22 -79.71
CA ASP BA 14 4.04 106.28 -79.03
C ASP BA 14 2.63 106.40 -79.59
N PRO BA 15 2.03 105.31 -80.09
CA PRO BA 15 0.67 105.41 -80.62
C PRO BA 15 -0.42 105.39 -79.58
N THR BA 16 -0.08 105.14 -78.30
CA THR BA 16 -1.07 105.03 -77.25
C THR BA 16 -1.28 106.37 -76.57
N THR BA 17 -2.12 106.41 -75.54
CA THR BA 17 -2.40 107.64 -74.82
C THR BA 17 -1.39 107.92 -73.71
N ARG BA 18 -0.58 106.92 -73.32
CA ARG BA 18 0.36 107.10 -72.22
C ARG BA 18 1.39 108.16 -72.54
N ARG BA 19 1.67 108.38 -73.83
CA ARG BA 19 2.52 109.48 -74.27
C ARG BA 19 2.04 110.80 -73.70
N ILE BA 20 0.73 111.06 -73.82
CA ILE BA 20 0.15 112.29 -73.27
C ILE BA 20 0.38 112.36 -71.77
N TRP BA 21 0.30 111.21 -71.08
CA TRP BA 21 0.66 111.19 -69.67
C TRP BA 21 2.16 111.37 -69.49
N PHE BA 22 2.96 110.62 -70.26
CA PHE BA 22 4.38 110.54 -69.97
C PHE BA 22 5.16 111.76 -70.43
N GLY BA 23 4.56 112.60 -71.28
CA GLY BA 23 5.14 113.89 -71.57
C GLY BA 23 4.95 114.91 -70.48
N ILE BA 24 4.12 114.62 -69.49
CA ILE BA 24 3.90 115.53 -68.37
C ILE BA 24 4.86 115.26 -67.23
N ALA BA 25 5.01 113.99 -66.83
CA ALA BA 25 5.82 113.65 -65.68
C ALA BA 25 7.31 113.56 -65.99
N THR BA 26 7.70 113.69 -67.26
CA THR BA 26 9.10 113.71 -67.64
C THR BA 26 9.52 115.07 -68.20
N ALA BA 27 8.68 116.09 -68.05
CA ALA BA 27 8.97 117.39 -68.66
C ALA BA 27 10.09 118.11 -67.93
N HIS BA 28 10.13 118.01 -66.60
CA HIS BA 28 11.11 118.71 -65.80
C HIS BA 28 12.33 117.86 -65.45
N ASP BA 29 12.38 116.62 -65.93
CA ASP BA 29 13.55 115.77 -65.76
C ASP BA 29 14.43 115.93 -67.00
N PHE BA 30 15.28 116.97 -66.95
CA PHE BA 30 16.06 117.32 -68.13
C PHE BA 30 17.12 116.27 -68.44
N GLU BA 31 17.66 115.60 -67.41
CA GLU BA 31 18.74 114.65 -67.60
C GLU BA 31 18.33 113.44 -68.44
N SER BA 32 17.03 113.16 -68.54
CA SER BA 32 16.52 112.06 -69.34
C SER BA 32 16.05 112.49 -70.72
N HIS BA 33 16.22 113.76 -71.08
CA HIS BA 33 15.74 114.28 -72.35
C HIS BA 33 16.66 113.84 -73.49
N ASP BA 34 16.32 114.29 -74.70
CA ASP BA 34 17.03 113.89 -75.91
C ASP BA 34 18.00 114.98 -76.33
N ASP BA 35 19.23 114.58 -76.66
CA ASP BA 35 20.27 115.46 -77.18
C ASP BA 35 20.55 116.63 -76.23
N ILE BA 36 20.78 116.30 -74.96
CA ILE BA 36 21.09 117.29 -73.94
C ILE BA 36 22.56 117.17 -73.56
N THR BA 37 23.15 118.32 -73.21
CA THR BA 37 24.50 118.39 -72.69
C THR BA 37 24.45 118.94 -71.27
N GLU BA 38 25.63 119.08 -70.66
CA GLU BA 38 25.70 119.54 -69.28
C GLU BA 38 25.34 121.01 -69.15
N GLU BA 39 25.90 121.86 -70.02
CA GLU BA 39 25.68 123.30 -69.91
C GLU BA 39 24.23 123.66 -70.22
N ARG BA 40 23.60 122.97 -71.18
CA ARG BA 40 22.19 123.22 -71.47
C ARG BA 40 21.32 122.83 -70.29
N LEU BA 41 21.65 121.71 -69.63
CA LEU BA 41 20.93 121.29 -68.43
C LEU BA 41 21.05 122.33 -67.33
N TYR BA 42 22.27 122.85 -67.10
CA TYR BA 42 22.47 123.85 -66.06
C TYR BA 42 21.73 125.15 -66.37
N GLN BA 43 21.73 125.56 -67.64
CA GLN BA 43 21.03 126.80 -68.01
C GLN BA 43 19.51 126.62 -67.90
N ASN BA 44 19.00 125.45 -68.24
CA ASN BA 44 17.57 125.17 -68.05
C ASN BA 44 17.21 125.20 -66.57
N ILE BA 45 18.07 124.65 -65.71
CA ILE BA 45 17.84 124.70 -64.27
C ILE BA 45 17.82 126.15 -63.78
N PHE BA 46 18.75 126.96 -64.27
CA PHE BA 46 18.79 128.39 -63.90
C PHE BA 46 17.51 129.11 -64.31
N ALA BA 47 17.06 128.88 -65.54
CA ALA BA 47 15.86 129.54 -66.03
C ALA BA 47 14.62 129.10 -65.27
N SER BA 48 14.53 127.80 -64.94
CA SER BA 48 13.39 127.32 -64.15
C SER BA 48 13.42 127.88 -62.73
N HIS BA 49 14.60 128.07 -62.16
CA HIS BA 49 14.70 128.71 -60.85
C HIS BA 49 14.21 130.16 -60.90
N PHE BA 50 14.58 130.89 -61.96
CA PHE BA 50 14.08 132.25 -62.13
C PHE BA 50 12.56 132.26 -62.27
N GLY BA 51 12.02 131.31 -63.04
CA GLY BA 51 10.57 131.20 -63.16
C GLY BA 51 9.90 130.94 -61.82
N GLN BA 52 10.45 130.00 -61.05
CA GLN BA 52 9.88 129.66 -59.74
C GLN BA 52 9.88 130.87 -58.80
N LEU BA 53 10.97 131.65 -58.83
CA LEU BA 53 11.00 132.89 -58.07
C LEU BA 53 9.90 133.84 -58.53
N ALA BA 54 9.67 133.91 -59.84
CA ALA BA 54 8.62 134.78 -60.37
C ALA BA 54 7.24 134.36 -59.87
N ILE BA 55 6.94 133.05 -59.90
CA ILE BA 55 5.63 132.60 -59.40
C ILE BA 55 5.50 132.83 -57.90
N ILE BA 56 6.58 132.66 -57.14
CA ILE BA 56 6.51 132.92 -55.70
C ILE BA 56 6.17 134.39 -55.44
N PHE BA 57 6.86 135.30 -56.14
CA PHE BA 57 6.58 136.72 -55.98
C PHE BA 57 5.16 137.07 -56.41
N LEU BA 58 4.70 136.48 -57.52
CA LEU BA 58 3.36 136.75 -58.01
C LEU BA 58 2.29 136.26 -57.03
N TRP BA 59 2.52 135.08 -56.43
CA TRP BA 59 1.59 134.56 -55.44
C TRP BA 59 1.52 135.43 -54.21
N THR BA 60 2.67 135.92 -53.74
CA THR BA 60 2.67 136.83 -52.58
C THR BA 60 1.97 138.15 -52.94
N SER BA 61 2.21 138.67 -54.14
CA SER BA 61 1.54 139.89 -54.57
C SER BA 61 0.03 139.70 -54.66
N GLY BA 62 -0.40 138.54 -55.14
CA GLY BA 62 -1.82 138.26 -55.18
C GLY BA 62 -2.45 138.18 -53.81
N ASN BA 63 -1.73 137.58 -52.85
CA ASN BA 63 -2.22 137.56 -51.48
C ASN BA 63 -2.38 138.97 -50.92
N LEU BA 64 -1.35 139.81 -51.09
CA LEU BA 64 -1.43 141.20 -50.61
C LEU BA 64 -2.56 141.96 -51.29
N PHE BA 65 -2.70 141.81 -52.62
CA PHE BA 65 -3.72 142.55 -53.34
C PHE BA 65 -5.12 142.13 -52.94
N HIS BA 66 -5.35 140.83 -52.76
CA HIS BA 66 -6.68 140.37 -52.39
C HIS BA 66 -7.02 140.76 -50.96
N VAL BA 67 -6.04 140.77 -50.06
CA VAL BA 67 -6.29 141.26 -48.71
C VAL BA 67 -6.62 142.76 -48.74
N ALA BA 68 -5.89 143.52 -49.56
CA ALA BA 68 -6.15 144.96 -49.64
C ALA BA 68 -7.51 145.26 -50.26
N TRP BA 69 -7.91 144.49 -51.27
CA TRP BA 69 -9.09 144.79 -52.06
C TRP BA 69 -10.37 144.23 -51.46
N GLN BA 70 -10.32 143.05 -50.85
CA GLN BA 70 -11.52 142.41 -50.33
C GLN BA 70 -11.47 142.13 -48.83
N GLY BA 71 -10.34 142.33 -48.16
CA GLY BA 71 -10.20 142.05 -46.75
C GLY BA 71 -10.60 143.22 -45.88
N ASN BA 72 -10.35 143.05 -44.59
CA ASN BA 72 -10.69 144.04 -43.56
C ASN BA 72 -9.48 144.33 -42.69
N PHE BA 73 -8.33 144.56 -43.34
CA PHE BA 73 -7.08 144.78 -42.61
C PHE BA 73 -7.14 146.06 -41.79
N GLU BA 74 -7.74 147.13 -42.34
CA GLU BA 74 -7.81 148.40 -41.63
C GLU BA 74 -8.66 148.29 -40.37
N SER BA 75 -9.79 147.58 -40.46
CA SER BA 75 -10.62 147.36 -39.28
C SER BA 75 -10.07 146.29 -38.35
N TRP BA 76 -9.22 145.39 -38.87
CA TRP BA 76 -8.57 144.41 -38.02
C TRP BA 76 -7.43 145.03 -37.20
N VAL BA 77 -6.78 146.06 -37.73
CA VAL BA 77 -5.69 146.72 -37.01
C VAL BA 77 -6.21 147.37 -35.73
N GLN BA 78 -7.37 148.04 -35.82
CA GLN BA 78 -7.92 148.72 -34.66
C GLN BA 78 -8.34 147.72 -33.58
N ASP BA 79 -8.91 146.59 -33.98
CA ASP BA 79 -9.38 145.55 -33.05
C ASP BA 79 -8.80 144.22 -33.50
N PRO BA 80 -7.55 143.92 -33.11
CA PRO BA 80 -6.96 142.63 -33.50
C PRO BA 80 -7.72 141.43 -32.97
N LEU BA 81 -8.27 141.53 -31.76
CA LEU BA 81 -9.23 140.56 -31.28
C LEU BA 81 -10.64 141.04 -31.63
N HIS BA 82 -11.59 140.11 -31.52
CA HIS BA 82 -13.01 140.34 -31.84
C HIS BA 82 -13.22 140.82 -33.28
N VAL BA 83 -12.28 140.50 -34.18
CA VAL BA 83 -12.44 140.74 -35.61
C VAL BA 83 -11.79 139.57 -36.34
N ARG BA 84 -12.54 138.95 -37.25
CA ARG BA 84 -11.99 137.83 -38.01
C ARG BA 84 -11.34 138.35 -39.30
N PRO BA 85 -10.13 137.89 -39.62
CA PRO BA 85 -9.49 138.32 -40.87
C PRO BA 85 -10.23 137.78 -42.08
N ILE BA 86 -10.11 138.50 -43.19
CA ILE BA 86 -10.75 138.12 -44.45
C ILE BA 86 -9.67 137.94 -45.50
N ALA BA 87 -9.65 136.76 -46.13
CA ALA BA 87 -8.67 136.47 -47.16
C ALA BA 87 -9.09 137.05 -48.51
N HIS BA 88 -10.22 136.61 -49.04
CA HIS BA 88 -10.72 137.09 -50.31
C HIS BA 88 -12.23 136.91 -50.36
N ALA BA 89 -12.86 137.63 -51.29
CA ALA BA 89 -14.30 137.54 -51.44
C ALA BA 89 -14.69 136.25 -52.14
N ILE BA 90 -15.96 135.91 -52.03
CA ILE BA 90 -16.54 134.72 -52.65
C ILE BA 90 -17.57 135.17 -53.67
N TRP BA 91 -17.40 134.76 -54.92
CA TRP BA 91 -18.41 134.96 -55.96
C TRP BA 91 -18.67 133.61 -56.60
N ASP BA 92 -19.73 132.95 -56.14
CA ASP BA 92 -20.11 131.63 -56.66
C ASP BA 92 -21.51 131.73 -57.25
N PRO BA 93 -21.68 131.59 -58.57
CA PRO BA 93 -23.04 131.56 -59.13
C PRO BA 93 -23.87 130.39 -58.64
N HIS BA 94 -23.23 129.28 -58.26
CA HIS BA 94 -23.96 128.13 -57.74
C HIS BA 94 -24.43 128.32 -56.30
N PHE BA 95 -24.01 129.41 -55.65
CA PHE BA 95 -24.41 129.66 -54.26
C PHE BA 95 -25.91 129.86 -54.15
N GLY BA 96 -26.50 129.26 -53.12
CA GLY BA 96 -27.85 129.60 -52.72
C GLY BA 96 -27.86 130.81 -51.80
N GLN BA 97 -29.06 131.30 -51.52
CA GLN BA 97 -29.20 132.44 -50.62
C GLN BA 97 -28.72 132.17 -49.20
N PRO BA 98 -29.06 131.05 -48.54
CA PRO BA 98 -28.47 130.79 -47.22
C PRO BA 98 -26.95 130.67 -47.23
N ALA BA 99 -26.36 130.25 -48.35
CA ALA BA 99 -24.91 130.26 -48.46
C ALA BA 99 -24.38 131.69 -48.43
N VAL BA 100 -25.08 132.63 -49.05
CA VAL BA 100 -24.69 134.03 -48.98
C VAL BA 100 -24.88 134.56 -47.56
N GLU BA 101 -25.93 134.12 -46.87
CA GLU BA 101 -26.14 134.53 -45.48
C GLU BA 101 -25.01 134.05 -44.58
N ALA BA 102 -24.69 132.76 -44.65
CA ALA BA 102 -23.78 132.16 -43.68
C ALA BA 102 -22.33 132.57 -43.90
N PHE BA 103 -21.96 132.97 -45.12
CA PHE BA 103 -20.58 133.29 -45.45
C PHE BA 103 -20.28 134.78 -45.39
N THR BA 104 -21.25 135.59 -44.96
CA THR BA 104 -21.03 137.03 -44.82
C THR BA 104 -20.49 137.28 -43.42
N ARG BA 105 -19.17 137.26 -43.30
CA ARG BA 105 -18.48 137.49 -42.04
C ARG BA 105 -17.69 138.78 -42.09
N GLY BA 106 -17.25 139.22 -40.92
CA GLY BA 106 -16.54 140.48 -40.84
C GLY BA 106 -17.45 141.66 -41.11
N GLY BA 107 -16.83 142.76 -41.54
CA GLY BA 107 -17.56 143.94 -41.93
C GLY BA 107 -17.83 143.98 -43.42
N ALA BA 108 -17.69 142.83 -44.07
CA ALA BA 108 -17.85 142.75 -45.51
C ALA BA 108 -19.33 142.85 -45.90
N LEU BA 109 -19.56 143.26 -47.14
CA LEU BA 109 -20.91 143.39 -47.68
C LEU BA 109 -21.37 142.16 -48.45
N GLY BA 110 -20.54 141.11 -48.50
CA GLY BA 110 -20.87 139.90 -49.20
C GLY BA 110 -20.19 138.69 -48.62
N PRO BA 111 -20.27 137.55 -49.31
CA PRO BA 111 -19.61 136.34 -48.83
C PRO BA 111 -18.09 136.47 -48.91
N VAL BA 112 -17.42 136.09 -47.82
CA VAL BA 112 -15.96 136.15 -47.73
C VAL BA 112 -15.44 134.90 -47.06
N ASN BA 113 -14.16 134.62 -47.28
CA ASN BA 113 -13.46 133.54 -46.62
C ASN BA 113 -12.61 134.11 -45.49
N ILE BA 114 -12.59 133.41 -44.36
CA ILE BA 114 -11.84 133.87 -43.19
C ILE BA 114 -10.41 133.39 -43.31
N ALA BA 115 -9.46 134.32 -43.31
CA ALA BA 115 -8.05 133.99 -43.53
C ALA BA 115 -7.49 133.25 -42.33
N TYR BA 116 -6.92 132.07 -42.58
CA TYR BA 116 -6.29 131.27 -41.54
C TYR BA 116 -4.79 131.08 -41.78
N SER BA 117 -4.20 131.87 -42.68
CA SER BA 117 -2.78 131.77 -42.99
C SER BA 117 -1.92 132.67 -42.11
N GLY BA 118 -2.51 133.55 -41.32
CA GLY BA 118 -1.76 134.41 -40.42
C GLY BA 118 -1.05 135.56 -41.06
N VAL BA 119 -1.36 135.88 -42.33
CA VAL BA 119 -0.69 136.98 -43.01
C VAL BA 119 -1.09 138.31 -42.38
N TYR BA 120 -2.29 138.41 -41.80
CA TYR BA 120 -2.73 139.64 -41.17
C TYR BA 120 -1.83 140.03 -40.00
N GLN BA 121 -1.57 139.07 -39.11
CA GLN BA 121 -0.72 139.34 -37.94
C GLN BA 121 0.71 139.64 -38.36
N TRP BA 122 1.22 138.92 -39.36
CA TRP BA 122 2.58 139.14 -39.85
C TRP BA 122 2.73 140.52 -40.46
N TRP BA 123 1.75 140.96 -41.26
CA TRP BA 123 1.84 142.28 -41.86
C TRP BA 123 1.61 143.38 -40.83
N TYR BA 124 0.76 143.15 -39.84
CA TYR BA 124 0.54 144.14 -38.79
C TYR BA 124 1.78 144.31 -37.92
N THR BA 125 2.48 143.22 -37.64
CA THR BA 125 3.66 143.28 -36.78
C THR BA 125 4.80 144.05 -37.44
N ILE BA 126 5.03 143.81 -38.73
CA ILE BA 126 6.22 144.36 -39.40
C ILE BA 126 6.02 145.77 -39.91
N GLY BA 127 4.89 146.41 -39.63
CA GLY BA 127 4.72 147.83 -39.89
C GLY BA 127 3.61 148.20 -40.85
N LEU BA 128 3.03 147.26 -41.61
CA LEU BA 128 1.95 147.61 -42.51
C LEU BA 128 0.67 147.89 -41.73
N ARG BA 129 0.02 148.99 -42.04
CA ARG BA 129 -1.15 149.44 -41.28
C ARG BA 129 -2.36 149.79 -42.13
N THR BA 130 -2.20 150.13 -43.41
CA THR BA 130 -3.33 150.53 -44.24
C THR BA 130 -3.30 149.77 -45.55
N ASN BA 131 -4.37 149.91 -46.33
CA ASN BA 131 -4.53 149.16 -47.56
C ASN BA 131 -3.60 149.67 -48.67
N GLU BA 132 -3.23 150.96 -48.62
CA GLU BA 132 -2.32 151.48 -49.62
C GLU BA 132 -0.93 150.88 -49.48
N ASP BA 133 -0.53 150.52 -48.26
CA ASP BA 133 0.73 149.80 -48.05
C ASP BA 133 0.68 148.43 -48.70
N LEU BA 134 -0.44 147.74 -48.58
CA LEU BA 134 -0.60 146.43 -49.21
C LEU BA 134 -0.61 146.55 -50.72
N TYR BA 135 -1.26 147.59 -51.26
CA TYR BA 135 -1.24 147.81 -52.70
C TYR BA 135 0.17 148.08 -53.21
N THR BA 136 0.93 148.92 -52.48
CA THR BA 136 2.31 149.19 -52.87
C THR BA 136 3.17 147.95 -52.80
N GLY BA 137 2.98 147.13 -51.76
CA GLY BA 137 3.73 145.88 -51.66
C GLY BA 137 3.39 144.90 -52.77
N ALA BA 138 2.11 144.81 -53.13
CA ALA BA 138 1.72 143.95 -54.24
C ALA BA 138 2.31 144.43 -55.55
N LEU BA 139 2.32 145.74 -55.78
CA LEU BA 139 2.94 146.28 -56.99
C LEU BA 139 4.44 145.99 -57.02
N PHE BA 140 5.11 146.15 -55.87
CA PHE BA 140 6.55 145.87 -55.82
C PHE BA 140 6.85 144.39 -56.06
N LEU BA 141 6.02 143.51 -55.51
CA LEU BA 141 6.24 142.08 -55.73
C LEU BA 141 5.94 141.68 -57.18
N LEU BA 142 4.94 142.30 -57.81
CA LEU BA 142 4.70 142.08 -59.22
C LEU BA 142 5.89 142.55 -60.06
N PHE BA 143 6.45 143.70 -59.72
CA PHE BA 143 7.65 144.19 -60.40
C PHE BA 143 8.82 143.24 -60.21
N LEU BA 144 8.96 142.68 -59.01
CA LEU BA 144 10.02 141.71 -58.75
C LEU BA 144 9.82 140.44 -59.57
N SER BA 145 8.57 139.99 -59.71
CA SER BA 145 8.27 138.84 -60.55
C SER BA 145 8.64 139.10 -62.00
N VAL BA 146 8.29 140.29 -62.51
CA VAL BA 146 8.64 140.65 -63.88
C VAL BA 146 10.15 140.72 -64.05
N ILE BA 147 10.85 141.25 -63.05
CA ILE BA 147 12.30 141.35 -63.10
C ILE BA 147 12.95 139.96 -63.13
N SER BA 148 12.43 139.04 -62.30
CA SER BA 148 12.97 137.68 -62.29
C SER BA 148 12.71 136.96 -63.61
N LEU BA 149 11.52 137.16 -64.19
CA LEU BA 149 11.25 136.59 -65.51
C LEU BA 149 12.17 137.15 -66.57
N LEU BA 150 12.41 138.47 -66.54
CA LEU BA 150 13.31 139.10 -67.49
C LEU BA 150 14.73 138.57 -67.33
N GLY BA 151 15.17 138.38 -66.09
CA GLY BA 151 16.50 137.82 -65.86
C GLY BA 151 16.62 136.39 -66.33
N GLY BA 152 15.57 135.59 -66.13
CA GLY BA 152 15.57 134.22 -66.62
C GLY BA 152 15.62 134.16 -68.14
N TRP BA 153 14.90 135.06 -68.81
CA TRP BA 153 15.00 135.14 -70.27
C TRP BA 153 16.38 135.60 -70.70
N LEU BA 154 16.95 136.59 -69.99
CA LEU BA 154 18.23 137.17 -70.38
C LEU BA 154 19.36 136.17 -70.24
N HIS BA 155 19.37 135.40 -69.16
CA HIS BA 155 20.49 134.52 -68.86
C HIS BA 155 20.43 133.22 -69.67
N LEU BA 156 19.44 133.09 -70.57
CA LEU BA 156 19.38 132.01 -71.53
C LEU BA 156 19.84 132.41 -72.92
N GLN BA 157 19.95 133.71 -73.20
CA GLN BA 157 20.42 134.17 -74.49
C GLN BA 157 21.88 133.81 -74.70
N PRO BA 158 22.31 133.60 -75.94
CA PRO BA 158 23.71 133.17 -76.19
C PRO BA 158 24.76 134.15 -75.70
N LYS BA 159 24.43 135.45 -75.59
CA LYS BA 159 25.40 136.40 -75.07
C LYS BA 159 25.57 136.29 -73.57
N TRP BA 160 24.51 135.96 -72.84
CA TRP BA 160 24.55 135.94 -71.38
C TRP BA 160 24.47 134.53 -70.80
N LYS BA 161 24.66 133.50 -71.61
CA LYS BA 161 24.60 132.13 -71.11
C LYS BA 161 25.82 131.81 -70.27
N PRO BA 162 25.67 131.43 -69.00
CA PRO BA 162 26.84 131.11 -68.18
C PRO BA 162 27.45 129.77 -68.58
N SER BA 163 28.74 129.65 -68.28
CA SER BA 163 29.46 128.40 -68.52
C SER BA 163 29.19 127.40 -67.40
N VAL BA 164 29.45 126.13 -67.69
CA VAL BA 164 29.20 125.07 -66.71
C VAL BA 164 30.14 125.21 -65.52
N SER BA 165 31.39 125.63 -65.77
CA SER BA 165 32.35 125.83 -64.69
C SER BA 165 31.96 126.99 -63.79
N TRP BA 166 31.18 127.95 -64.29
CA TRP BA 166 30.66 129.02 -63.44
C TRP BA 166 29.70 128.47 -62.40
N PHE BA 167 28.86 127.50 -62.78
CA PHE BA 167 27.96 126.87 -61.82
C PHE BA 167 28.72 126.01 -60.82
N LYS BA 168 29.89 125.49 -61.21
CA LYS BA 168 30.68 124.63 -60.35
C LYS BA 168 31.65 125.41 -59.47
N ASN BA 169 31.64 126.74 -59.54
CA ASN BA 169 32.44 127.59 -58.65
C ASN BA 169 31.72 127.62 -57.30
N ALA BA 170 31.92 126.56 -56.52
CA ALA BA 170 31.17 126.39 -55.28
C ALA BA 170 31.65 127.37 -54.21
N GLU BA 171 32.94 127.67 -54.18
CA GLU BA 171 33.49 128.52 -53.13
C GLU BA 171 32.93 129.93 -53.20
N SER BA 172 32.95 130.54 -54.39
CA SER BA 172 32.44 131.89 -54.56
C SER BA 172 30.94 131.95 -54.32
N ARG BA 173 30.20 130.95 -54.80
CA ARG BA 173 28.75 130.91 -54.59
C ARG BA 173 28.42 130.82 -53.11
N LEU BA 174 29.11 129.94 -52.38
CA LEU BA 174 28.83 129.79 -50.95
C LEU BA 174 29.22 131.04 -50.18
N ASN BA 175 30.37 131.65 -50.52
CA ASN BA 175 30.79 132.87 -49.85
C ASN BA 175 29.78 133.99 -50.07
N HIS BA 176 29.34 134.18 -51.32
CA HIS BA 176 28.40 135.24 -51.63
C HIS BA 176 27.04 134.99 -50.99
N HIS BA 177 26.58 133.74 -50.98
CA HIS BA 177 25.27 133.44 -50.40
C HIS BA 177 25.28 133.57 -48.89
N LEU BA 178 26.36 133.15 -48.24
CA LEU BA 178 26.45 133.29 -46.79
C LEU BA 178 26.60 134.75 -46.39
N SER BA 179 27.39 135.52 -47.13
CA SER BA 179 27.60 136.93 -46.76
C SER BA 179 26.47 137.82 -47.27
N GLY BA 180 26.06 137.65 -48.52
CA GLY BA 180 25.09 138.53 -49.11
C GLY BA 180 23.65 138.08 -48.99
N LEU BA 181 23.37 136.83 -49.35
CA LEU BA 181 21.99 136.35 -49.31
C LEU BA 181 21.51 136.13 -47.88
N PHE BA 182 22.43 135.86 -46.95
CA PHE BA 182 22.07 135.61 -45.56
C PHE BA 182 22.41 136.80 -44.67
N GLY BA 183 23.65 137.28 -44.71
CA GLY BA 183 24.05 138.35 -43.82
C GLY BA 183 23.47 139.69 -44.19
N VAL BA 184 23.58 140.07 -45.47
CA VAL BA 184 23.10 141.39 -45.90
C VAL BA 184 21.58 141.45 -45.83
N SER BA 185 20.90 140.36 -46.17
CA SER BA 185 19.45 140.34 -46.08
C SER BA 185 18.97 140.45 -44.63
N SER BA 186 19.64 139.75 -43.71
CA SER BA 186 19.28 139.87 -42.30
C SER BA 186 19.58 141.26 -41.76
N LEU BA 187 20.68 141.87 -42.21
CA LEU BA 187 20.99 143.24 -41.82
C LEU BA 187 19.95 144.21 -42.34
N ALA BA 188 19.47 144.00 -43.57
CA ALA BA 188 18.42 144.84 -44.12
C ALA BA 188 17.11 144.67 -43.37
N TRP BA 189 16.80 143.43 -42.97
CA TRP BA 189 15.59 143.21 -42.18
C TRP BA 189 15.71 143.85 -40.80
N THR BA 190 16.92 143.83 -40.24
CA THR BA 190 17.17 144.57 -39.00
C THR BA 190 16.93 146.06 -39.21
N GLY BA 191 17.39 146.60 -40.34
CA GLY BA 191 17.14 148.00 -40.63
C GLY BA 191 15.67 148.31 -40.79
N HIS BA 192 14.92 147.40 -41.42
CA HIS BA 192 13.48 147.59 -41.55
C HIS BA 192 12.78 147.57 -40.20
N LEU BA 193 13.19 146.63 -39.32
CA LEU BA 193 12.59 146.57 -37.99
C LEU BA 193 12.91 147.83 -37.19
N VAL BA 194 14.16 148.28 -37.24
CA VAL BA 194 14.59 149.42 -36.44
C VAL BA 194 13.97 150.71 -36.94
N HIS BA 195 13.92 150.89 -38.26
CA HIS BA 195 13.48 152.17 -38.83
C HIS BA 195 11.95 152.26 -38.92
N VAL BA 196 11.26 151.15 -39.16
CA VAL BA 196 9.84 151.20 -39.50
C VAL BA 196 8.99 150.41 -38.50
N ALA BA 197 9.28 149.12 -38.35
CA ALA BA 197 8.38 148.24 -37.60
C ALA BA 197 8.35 148.58 -36.11
N ILE BA 198 9.53 148.79 -35.51
CA ILE BA 198 9.57 149.16 -34.10
C ILE BA 198 8.94 150.54 -33.84
N PRO BA 199 9.24 151.59 -34.62
CA PRO BA 199 8.46 152.83 -34.44
C PRO BA 199 6.98 152.67 -34.76
N GLY BA 200 6.63 151.78 -35.68
CA GLY BA 200 5.22 151.53 -35.95
C GLY BA 200 4.51 150.89 -34.78
N SER BA 201 5.20 150.03 -34.03
CA SER BA 201 4.62 149.44 -32.84
C SER BA 201 4.43 150.45 -31.72
N ARG BA 202 5.15 151.58 -31.75
CA ARG BA 202 5.03 152.61 -30.75
C ARG BA 202 4.15 153.77 -31.20
N GLY BA 203 3.44 153.63 -32.32
CA GLY BA 203 2.51 154.63 -32.78
C GLY BA 203 3.06 155.65 -33.75
N GLU BA 204 4.28 155.45 -34.26
CA GLU BA 204 4.89 156.39 -35.19
C GLU BA 204 4.80 155.81 -36.61
N TYR BA 205 4.23 156.59 -37.52
CA TYR BA 205 4.08 156.17 -38.92
C TYR BA 205 5.35 156.56 -39.66
N VAL BA 206 6.17 155.58 -40.03
CA VAL BA 206 7.40 155.81 -40.77
C VAL BA 206 7.25 155.16 -42.13
N ARG BA 207 7.27 155.99 -43.18
CA ARG BA 207 7.19 155.52 -44.56
C ARG BA 207 8.34 156.10 -45.36
N TRP BA 208 8.28 155.97 -46.69
CA TRP BA 208 9.35 156.53 -47.54
C TRP BA 208 9.38 158.05 -47.51
N ASN BA 209 8.30 158.70 -47.06
CA ASN BA 209 8.29 160.15 -46.99
C ASN BA 209 9.12 160.65 -45.82
N ASN BA 210 8.79 160.21 -44.61
CA ASN BA 210 9.54 160.55 -43.40
C ASN BA 210 10.66 159.58 -43.12
N PHE BA 211 11.17 158.90 -44.15
CA PHE BA 211 12.21 157.89 -43.96
C PHE BA 211 13.51 158.52 -43.48
N LEU BA 212 13.92 159.62 -44.08
CA LEU BA 212 15.21 160.24 -43.79
C LEU BA 212 15.12 161.32 -42.71
N ASP BA 213 13.94 161.56 -42.14
CA ASP BA 213 13.76 162.59 -41.14
C ASP BA 213 13.51 162.06 -39.74
N VAL BA 214 13.11 160.81 -39.59
CA VAL BA 214 12.80 160.22 -38.29
C VAL BA 214 14.01 159.44 -37.81
N LEU BA 215 14.53 159.84 -36.64
CA LEU BA 215 15.66 159.15 -36.05
C LEU BA 215 15.19 157.92 -35.30
N PRO BA 216 15.71 156.73 -35.61
CA PRO BA 216 15.36 155.54 -34.81
C PRO BA 216 15.75 155.65 -33.34
N HIS BA 217 16.83 156.38 -33.04
CA HIS BA 217 17.25 156.63 -31.67
C HIS BA 217 17.40 158.13 -31.46
N PRO BA 218 17.17 158.61 -30.23
CA PRO BA 218 17.46 160.01 -29.94
C PRO BA 218 18.92 160.38 -30.12
N GLN BA 219 19.83 159.43 -29.98
CA GLN BA 219 21.27 159.69 -30.07
C GLN BA 219 21.86 159.33 -31.42
N GLY BA 220 21.07 158.79 -32.35
CA GLY BA 220 21.54 158.55 -33.70
C GLY BA 220 22.56 157.42 -33.79
N LEU BA 221 23.45 157.55 -34.78
CA LEU BA 221 24.48 156.55 -35.05
C LEU BA 221 25.74 156.77 -34.21
N GLY BA 222 25.76 157.77 -33.34
CA GLY BA 222 26.88 158.01 -32.46
C GLY BA 222 27.20 156.86 -31.53
N PRO BA 223 26.19 156.31 -30.84
CA PRO BA 223 26.42 155.09 -30.05
C PRO BA 223 26.73 153.85 -30.88
N LEU BA 224 26.72 153.93 -32.21
CA LEU BA 224 27.13 152.78 -33.01
C LEU BA 224 28.61 152.80 -33.36
N PHE BA 225 29.18 153.99 -33.54
CA PHE BA 225 30.56 154.11 -34.01
C PHE BA 225 31.57 154.41 -32.91
N THR BA 226 31.12 154.93 -31.77
CA THR BA 226 32.01 155.32 -30.68
C THR BA 226 31.91 154.33 -29.52
N GLY BA 227 31.67 153.05 -29.82
CA GLY BA 227 31.43 152.10 -28.76
C GLY BA 227 30.10 152.39 -28.07
N GLN BA 228 30.04 152.00 -26.79
CA GLN BA 228 28.87 152.12 -25.91
C GLN BA 228 27.56 151.79 -26.63
N TRP BA 229 27.49 150.53 -27.12
CA TRP BA 229 26.30 150.05 -27.79
C TRP BA 229 25.11 149.92 -26.86
N ASN BA 230 25.35 149.81 -25.54
CA ASN BA 230 24.28 149.60 -24.58
C ASN BA 230 23.32 150.78 -24.51
N LEU BA 231 23.69 151.93 -25.07
CA LEU BA 231 22.78 153.06 -25.16
C LEU BA 231 21.59 152.76 -26.07
N TYR BA 232 21.67 151.71 -26.88
CA TYR BA 232 20.53 151.25 -27.66
C TYR BA 232 19.61 150.31 -26.88
N ALA BA 233 19.92 150.05 -25.62
CA ALA BA 233 19.13 149.16 -24.77
C ALA BA 233 18.83 149.81 -23.43
N GLN BA 234 18.53 151.11 -23.43
CA GLN BA 234 18.37 151.82 -22.17
C GLN BA 234 16.97 151.62 -21.58
N ASN BA 235 15.94 152.06 -22.28
CA ASN BA 235 14.57 151.92 -21.80
C ASN BA 235 13.74 151.12 -22.80
N PRO BA 236 13.53 149.82 -22.55
CA PRO BA 236 12.66 149.04 -23.45
C PRO BA 236 11.19 149.35 -23.20
N ASP BA 237 10.31 148.74 -23.99
CA ASP BA 237 8.88 148.95 -23.81
C ASP BA 237 8.43 148.37 -22.47
N SER BA 238 7.55 149.10 -21.80
CA SER BA 238 7.11 148.72 -20.46
C SER BA 238 6.19 147.50 -20.52
N SER BA 239 5.93 146.94 -19.33
CA SER BA 239 5.00 145.82 -19.23
C SER BA 239 3.57 146.24 -19.53
N SER BA 240 3.26 147.51 -19.34
CA SER BA 240 1.93 148.06 -19.64
C SER BA 240 1.85 148.67 -21.03
N HIS BA 241 2.82 148.36 -21.90
CA HIS BA 241 2.80 148.90 -23.26
C HIS BA 241 1.66 148.31 -24.07
N LEU BA 242 1.00 149.15 -24.85
CA LEU BA 242 -0.05 148.73 -25.77
C LEU BA 242 0.50 148.79 -27.18
N PHE BA 243 0.36 147.70 -27.93
CA PHE BA 243 0.94 147.60 -29.26
C PHE BA 243 0.24 148.56 -30.22
N GLY BA 244 1.04 149.29 -30.99
CA GLY BA 244 0.52 150.24 -31.95
C GLY BA 244 0.25 151.63 -31.40
N THR BA 245 0.40 151.83 -30.10
CA THR BA 245 0.18 153.13 -29.48
C THR BA 245 1.41 153.52 -28.66
N SER BA 246 1.50 154.81 -28.35
CA SER BA 246 2.64 155.33 -27.61
C SER BA 246 2.54 155.12 -26.11
N GLN BA 247 1.42 154.60 -25.62
CA GLN BA 247 1.24 154.39 -24.19
C GLN BA 247 2.15 153.27 -23.70
N GLY BA 248 3.02 153.59 -22.75
CA GLY BA 248 3.93 152.62 -22.20
C GLY BA 248 5.10 152.27 -23.08
N ALA BA 249 5.35 153.04 -24.14
CA ALA BA 249 6.41 152.73 -25.09
C ALA BA 249 7.77 153.14 -24.54
N GLY BA 250 8.82 152.69 -25.23
CA GLY BA 250 10.17 153.07 -24.89
C GLY BA 250 10.95 153.57 -26.09
N THR BA 251 12.26 153.71 -25.96
CA THR BA 251 13.10 154.15 -27.06
C THR BA 251 14.23 153.16 -27.37
N ALA BA 252 14.24 151.99 -26.74
CA ALA BA 252 15.29 151.02 -26.99
C ALA BA 252 15.11 150.38 -28.36
N ILE BA 253 16.23 150.00 -28.96
CA ILE BA 253 16.26 149.43 -30.30
C ILE BA 253 16.69 147.96 -30.29
N LEU BA 254 17.83 147.67 -29.65
CA LEU BA 254 18.35 146.31 -29.58
C LEU BA 254 18.44 145.91 -28.11
N THR BA 255 17.60 144.98 -27.70
CA THR BA 255 17.61 144.49 -26.33
C THR BA 255 17.68 142.96 -26.34
N LEU BA 256 18.17 142.42 -25.23
CA LEU BA 256 18.16 140.98 -24.97
C LEU BA 256 17.39 140.80 -23.66
N LEU BA 257 16.07 140.71 -23.78
CA LEU BA 257 15.21 140.36 -22.65
C LEU BA 257 14.25 139.28 -23.12
N GLY BA 258 14.20 138.18 -22.38
CA GLY BA 258 13.43 137.03 -22.79
C GLY BA 258 11.94 137.20 -22.57
N GLY BA 259 11.20 136.18 -22.96
CA GLY BA 259 9.77 136.17 -22.75
C GLY BA 259 9.00 136.79 -23.89
N PHE BA 260 7.72 136.99 -23.63
CA PHE BA 260 6.79 137.52 -24.62
C PHE BA 260 6.28 138.89 -24.21
N HIS BA 261 5.75 139.62 -25.18
CA HIS BA 261 5.06 140.87 -24.90
C HIS BA 261 3.81 140.58 -24.08
N PRO BA 262 3.53 141.34 -23.03
CA PRO BA 262 2.37 141.03 -22.17
C PRO BA 262 1.03 141.10 -22.89
N GLN BA 263 0.88 141.98 -23.87
CA GLN BA 263 -0.40 142.14 -24.56
C GLN BA 263 -0.52 141.23 -25.78
N THR BA 264 0.48 141.24 -26.66
CA THR BA 264 0.41 140.46 -27.88
C THR BA 264 0.74 138.99 -27.67
N GLN BA 265 1.33 138.66 -26.52
CA GLN BA 265 1.81 137.30 -26.22
C GLN BA 265 2.76 136.79 -27.30
N SER BA 266 3.64 137.68 -27.76
CA SER BA 266 4.62 137.35 -28.79
C SER BA 266 5.95 137.98 -28.41
N LEU BA 267 7.00 137.57 -29.12
CA LEU BA 267 8.34 138.04 -28.82
C LEU BA 267 8.47 139.55 -29.08
N TRP BA 268 9.36 140.18 -28.32
CA TRP BA 268 9.60 141.61 -28.49
C TRP BA 268 10.23 141.90 -29.84
N LEU BA 269 9.85 143.02 -30.44
CA LEU BA 269 10.39 143.40 -31.74
C LEU BA 269 11.85 143.80 -31.63
N THR BA 270 12.24 144.42 -30.50
CA THR BA 270 13.64 144.77 -30.27
C THR BA 270 14.49 143.51 -30.15
N ASP BA 271 13.95 142.46 -29.50
CA ASP BA 271 14.63 141.17 -29.46
C ASP BA 271 14.90 140.65 -30.86
N MET BA 272 13.90 140.77 -31.74
CA MET BA 272 14.06 140.31 -33.12
C MET BA 272 15.08 141.13 -33.89
N ALA BA 273 15.10 142.45 -33.67
CA ALA BA 273 16.09 143.30 -34.31
C ALA BA 273 17.50 142.90 -33.89
N HIS BA 274 17.71 142.70 -32.58
CA HIS BA 274 19.02 142.28 -32.11
C HIS BA 274 19.39 140.89 -32.62
N HIS BA 275 18.40 139.99 -32.70
CA HIS BA 275 18.64 138.65 -33.21
C HIS BA 275 19.09 138.68 -34.66
N HIS BA 276 18.39 139.45 -35.50
CA HIS BA 276 18.75 139.52 -36.90
C HIS BA 276 20.06 140.26 -37.11
N LEU BA 277 20.38 141.24 -36.25
CA LEU BA 277 21.67 141.90 -36.35
C LEU BA 277 22.81 140.95 -36.00
N ALA BA 278 22.66 140.15 -34.95
CA ALA BA 278 23.68 139.18 -34.59
C ALA BA 278 23.82 138.11 -35.67
N ILE BA 279 22.70 137.66 -36.24
CA ILE BA 279 22.74 136.67 -37.31
C ILE BA 279 23.42 137.25 -38.55
N ALA BA 280 23.16 138.53 -38.84
CA ALA BA 280 23.82 139.20 -39.95
C ALA BA 280 25.33 139.28 -39.72
N PHE BA 281 25.75 139.60 -38.49
CA PHE BA 281 27.18 139.61 -38.16
C PHE BA 281 27.80 138.23 -38.38
N VAL BA 282 27.13 137.20 -37.87
CA VAL BA 282 27.68 135.84 -37.93
C VAL BA 282 27.80 135.37 -39.38
N PHE BA 283 26.76 135.63 -40.19
CA PHE BA 283 26.79 135.19 -41.57
C PHE BA 283 27.76 136.01 -42.41
N LEU BA 284 27.89 137.32 -42.13
CA LEU BA 284 28.88 138.13 -42.83
C LEU BA 284 30.30 137.68 -42.51
N VAL BA 285 30.54 137.27 -41.26
CA VAL BA 285 31.84 136.71 -40.90
C VAL BA 285 32.06 135.39 -41.63
N ALA BA 286 31.04 134.52 -41.64
CA ALA BA 286 31.18 133.21 -42.25
C ALA BA 286 31.28 133.27 -43.77
N GLY BA 287 30.84 134.36 -44.38
CA GLY BA 287 30.94 134.53 -45.83
C GLY BA 287 32.29 134.96 -46.34
N HIS BA 288 33.31 135.00 -45.49
CA HIS BA 288 34.68 135.31 -45.89
C HIS BA 288 35.59 134.11 -45.67
N MET BA 289 35.03 132.90 -45.71
CA MET BA 289 35.77 131.69 -45.39
C MET BA 289 36.51 131.10 -46.59
N TYR BA 290 35.83 130.97 -47.72
CA TYR BA 290 36.33 130.19 -48.83
C TYR BA 290 37.11 131.05 -49.82
N ARG BA 291 38.02 130.41 -50.55
CA ARG BA 291 38.94 131.13 -51.42
C ARG BA 291 38.21 131.63 -52.67
N THR BA 292 38.63 132.80 -53.13
CA THR BA 292 38.10 133.43 -54.33
C THR BA 292 39.29 134.03 -55.09
N ASN BA 293 39.01 134.95 -56.01
CA ASN BA 293 40.04 135.56 -56.84
C ASN BA 293 41.02 136.44 -56.07
N PHE BA 294 40.91 136.54 -54.74
CA PHE BA 294 41.76 137.43 -53.96
C PHE BA 294 42.84 136.71 -53.18
N GLY BA 295 43.04 135.42 -53.42
CA GLY BA 295 44.14 134.69 -52.81
C GLY BA 295 43.92 134.05 -51.46
N ILE BA 296 43.32 134.79 -50.53
CA ILE BA 296 43.05 134.26 -49.20
C ILE BA 296 41.76 133.44 -49.23
N GLY BA 297 41.58 132.64 -48.19
CA GLY BA 297 40.40 131.83 -48.03
C GLY BA 297 40.73 130.34 -48.04
N HIS BA 298 39.68 129.55 -47.86
CA HIS BA 298 39.79 128.10 -47.79
C HIS BA 298 39.41 127.46 -49.12
N SER BA 299 39.99 126.29 -49.39
CA SER BA 299 39.59 125.45 -50.50
C SER BA 299 38.89 124.23 -49.93
N MET BA 300 37.63 124.04 -50.31
CA MET BA 300 36.83 122.98 -49.71
C MET BA 300 37.28 121.61 -50.19
N LYS BA 301 37.90 121.54 -51.37
CA LYS BA 301 38.47 120.27 -51.83
C LYS BA 301 39.56 119.79 -50.90
N ASP BA 302 40.55 120.66 -50.62
CA ASP BA 302 41.60 120.29 -49.68
C ASP BA 302 41.07 120.12 -48.27
N LEU BA 303 39.98 120.82 -47.93
CA LEU BA 303 39.34 120.61 -46.65
C LEU BA 303 38.81 119.19 -46.53
N LEU BA 304 38.24 118.66 -47.62
CA LEU BA 304 37.73 117.30 -47.60
C LEU BA 304 38.87 116.27 -47.68
N GLU BA 305 39.93 116.58 -48.44
CA GLU BA 305 41.06 115.66 -48.52
C GLU BA 305 41.78 115.53 -47.18
N ALA BA 306 41.95 116.65 -46.47
CA ALA BA 306 42.79 116.65 -45.28
C ALA BA 306 42.16 115.88 -44.13
N HIS BA 307 40.83 115.85 -44.05
CA HIS BA 307 40.16 115.24 -42.90
C HIS BA 307 40.07 113.73 -43.12
N ILE BA 308 41.18 113.06 -42.87
CA ILE BA 308 41.29 111.62 -42.93
C ILE BA 308 41.74 111.13 -41.56
N PRO BA 309 40.98 110.28 -40.88
CA PRO BA 309 41.43 109.75 -39.60
C PRO BA 309 42.53 108.72 -39.80
N PRO BA 310 43.66 108.85 -39.10
CA PRO BA 310 44.70 107.83 -39.18
C PRO BA 310 44.23 106.51 -38.60
N GLY BA 311 44.74 105.42 -39.15
CA GLY BA 311 44.31 104.09 -38.80
C GLY BA 311 43.30 103.48 -39.75
N GLY BA 312 42.72 104.28 -40.64
CA GLY BA 312 41.83 103.75 -41.67
C GLY BA 312 40.48 103.30 -41.17
N ARG BA 313 40.02 103.82 -40.03
CA ARG BA 313 38.69 103.46 -39.53
C ARG BA 313 37.57 104.01 -40.40
N LEU BA 314 37.85 105.03 -41.21
CA LEU BA 314 36.89 105.55 -42.17
C LEU BA 314 37.33 105.32 -43.61
N GLY BA 315 38.26 104.38 -43.83
CA GLY BA 315 38.75 104.14 -45.17
C GLY BA 315 39.63 105.30 -45.63
N ARG BA 316 39.37 105.79 -46.83
CA ARG BA 316 40.07 106.94 -47.36
C ARG BA 316 39.44 108.26 -46.93
N GLY BA 317 38.49 108.22 -46.00
CA GLY BA 317 37.89 109.45 -45.51
C GLY BA 317 36.97 110.08 -46.53
N HIS BA 318 37.15 111.39 -46.73
CA HIS BA 318 36.37 112.15 -47.70
C HIS BA 318 37.13 112.41 -48.99
N LYS BA 319 37.97 111.47 -49.42
CA LYS BA 319 38.82 111.70 -50.57
C LYS BA 319 38.02 111.61 -51.87
N GLY BA 320 38.08 112.67 -52.66
CA GLY BA 320 37.35 112.73 -53.91
C GLY BA 320 35.88 113.02 -53.77
N LEU BA 321 35.41 113.32 -52.56
CA LEU BA 321 33.98 113.57 -52.36
C LEU BA 321 33.57 114.93 -52.89
N TYR BA 322 34.51 115.88 -52.96
CA TYR BA 322 34.20 117.20 -53.51
C TYR BA 322 33.78 117.09 -54.97
N ASP BA 323 34.49 116.28 -55.76
CA ASP BA 323 34.17 116.13 -57.17
C ASP BA 323 32.78 115.51 -57.36
N THR BA 324 32.45 114.50 -56.54
CA THR BA 324 31.15 113.86 -56.66
C THR BA 324 30.02 114.78 -56.22
N ILE BA 325 30.23 115.53 -55.14
CA ILE BA 325 29.16 116.40 -54.64
C ILE BA 325 29.01 117.64 -55.53
N ASN BA 326 30.07 118.03 -56.23
CA ASN BA 326 29.98 119.18 -57.11
C ASN BA 326 29.44 118.81 -58.49
N ASN BA 327 29.81 117.64 -59.00
CA ASN BA 327 29.35 117.22 -60.31
C ASN BA 327 27.91 116.72 -60.29
N SER BA 328 27.45 116.17 -59.18
CA SER BA 328 26.10 115.63 -59.08
C SER BA 328 25.15 116.70 -58.59
N LEU BA 329 24.12 116.98 -59.38
CA LEU BA 329 23.07 117.90 -58.94
C LEU BA 329 22.14 117.23 -57.94
N HIS BA 330 21.98 115.92 -58.01
CA HIS BA 330 21.07 115.22 -57.11
C HIS BA 330 21.63 115.15 -55.69
N PHE BA 331 22.94 115.09 -55.53
CA PHE BA 331 23.55 115.17 -54.21
C PHE BA 331 23.24 116.50 -53.55
N GLN BA 332 23.44 117.60 -54.28
CA GLN BA 332 23.14 118.92 -53.76
C GLN BA 332 21.65 119.08 -53.47
N LEU BA 333 20.81 118.54 -54.35
CA LEU BA 333 19.37 118.61 -54.13
C LEU BA 333 18.95 117.84 -52.90
N GLY BA 334 19.53 116.65 -52.69
CA GLY BA 334 19.19 115.87 -51.51
C GLY BA 334 19.63 116.55 -50.22
N LEU BA 335 20.85 117.10 -50.21
CA LEU BA 335 21.31 117.81 -49.02
C LEU BA 335 20.47 119.06 -48.77
N ALA BA 336 20.14 119.79 -49.83
CA ALA BA 336 19.31 121.00 -49.69
C ALA BA 336 17.94 120.66 -49.15
N LEU BA 337 17.32 119.60 -49.66
CA LEU BA 337 15.99 119.22 -49.19
C LEU BA 337 16.05 118.68 -47.77
N ALA BA 338 17.09 117.93 -47.40
CA ALA BA 338 17.21 117.44 -46.03
C ALA BA 338 17.31 118.61 -45.05
N SER BA 339 18.19 119.56 -45.36
CA SER BA 339 18.34 120.73 -44.49
C SER BA 339 17.08 121.57 -44.45
N LEU BA 340 16.43 121.76 -45.60
CA LEU BA 340 15.21 122.56 -45.66
C LEU BA 340 14.09 121.92 -44.87
N GLY BA 341 13.96 120.60 -44.94
CA GLY BA 341 12.96 119.91 -44.14
C GLY BA 341 13.24 119.98 -42.66
N VAL BA 342 14.51 119.86 -42.27
CA VAL BA 342 14.87 119.96 -40.85
C VAL BA 342 14.53 121.35 -40.31
N ILE BA 343 14.93 122.40 -41.05
CA ILE BA 343 14.61 123.75 -40.57
C ILE BA 343 13.14 124.10 -40.76
N THR BA 344 12.41 123.40 -41.63
CA THR BA 344 10.97 123.64 -41.70
C THR BA 344 10.26 123.04 -40.50
N SER BA 345 10.70 121.85 -40.07
CA SER BA 345 10.23 121.31 -38.79
C SER BA 345 10.62 122.23 -37.63
N LEU BA 346 11.81 122.82 -37.72
CA LEU BA 346 12.23 123.80 -36.72
C LEU BA 346 11.31 125.01 -36.70
N VAL BA 347 10.94 125.50 -37.88
CA VAL BA 347 10.03 126.64 -38.00
C VAL BA 347 8.68 126.30 -37.38
N ALA BA 348 8.16 125.11 -37.67
CA ALA BA 348 6.88 124.69 -37.13
C ALA BA 348 6.93 124.55 -35.62
N GLN BA 349 7.98 123.91 -35.09
CA GLN BA 349 8.09 123.70 -33.66
C GLN BA 349 8.44 124.97 -32.89
N HIS BA 350 8.95 125.99 -33.57
CA HIS BA 350 9.33 127.22 -32.89
C HIS BA 350 8.30 128.33 -33.02
N MET BA 351 7.46 128.31 -34.04
CA MET BA 351 6.44 129.36 -34.13
C MET BA 351 5.31 129.16 -33.13
N TYR BA 352 4.91 127.91 -32.86
CA TYR BA 352 3.82 127.69 -31.93
C TYR BA 352 4.25 127.93 -30.49
N SER BA 353 5.48 127.58 -30.15
CA SER BA 353 5.97 127.77 -28.79
C SER BA 353 6.50 129.17 -28.55
N LEU BA 354 7.09 129.79 -29.57
CA LEU BA 354 7.60 131.16 -29.49
C LEU BA 354 6.96 131.94 -30.64
N PRO BA 355 5.74 132.40 -30.46
CA PRO BA 355 5.05 133.13 -31.54
C PRO BA 355 5.75 134.44 -31.86
N ALA BA 356 5.73 134.79 -33.14
CA ALA BA 356 6.54 135.87 -33.66
C ALA BA 356 5.74 137.10 -34.05
N TYR BA 357 4.42 137.01 -34.11
CA TYR BA 357 3.59 138.08 -34.65
C TYR BA 357 2.56 138.49 -33.61
N ALA BA 358 2.18 139.76 -33.65
CA ALA BA 358 1.25 140.30 -32.66
C ALA BA 358 -0.12 139.68 -32.81
N PHE BA 359 -0.68 139.22 -31.68
CA PHE BA 359 -2.04 138.68 -31.60
C PHE BA 359 -2.23 137.45 -32.49
N ILE BA 360 -1.18 136.65 -32.63
CA ILE BA 360 -1.30 135.36 -33.32
C ILE BA 360 -1.42 134.20 -32.34
N ALA BA 361 -1.01 134.39 -31.08
CA ALA BA 361 -1.18 133.34 -30.09
C ALA BA 361 -2.66 133.14 -29.74
N GLN BA 362 -3.43 134.23 -29.74
CA GLN BA 362 -4.86 134.13 -29.47
C GLN BA 362 -5.62 133.52 -30.63
N ASP BA 363 -5.12 133.67 -31.86
CA ASP BA 363 -5.74 133.06 -33.04
C ASP BA 363 -5.31 131.60 -33.09
N PHE BA 364 -6.16 130.72 -32.56
CA PHE BA 364 -5.79 129.32 -32.43
C PHE BA 364 -5.83 128.59 -33.76
N THR BA 365 -6.83 128.90 -34.59
CA THR BA 365 -6.97 128.24 -35.89
C THR BA 365 -5.79 128.55 -36.80
N THR BA 366 -5.31 129.80 -36.77
CA THR BA 366 -4.15 130.18 -37.56
C THR BA 366 -2.92 129.39 -37.14
N GLN BA 367 -2.69 129.27 -35.82
CA GLN BA 367 -1.54 128.53 -35.32
C GLN BA 367 -1.62 127.05 -35.71
N ALA BA 368 -2.80 126.45 -35.58
CA ALA BA 368 -2.97 125.04 -35.94
C ALA BA 368 -2.72 124.82 -37.43
N ALA BA 369 -3.29 125.70 -38.27
CA ALA BA 369 -3.11 125.58 -39.71
C ALA BA 369 -1.64 125.75 -40.11
N LEU BA 370 -0.97 126.73 -39.50
CA LEU BA 370 0.44 126.96 -39.82
C LEU BA 370 1.30 125.78 -39.43
N TYR BA 371 1.09 125.24 -38.22
CA TYR BA 371 1.88 124.11 -37.76
C TYR BA 371 1.66 122.89 -38.64
N THR BA 372 0.41 122.56 -38.93
CA THR BA 372 0.11 121.40 -39.77
C THR BA 372 0.68 121.57 -41.17
N HIS BA 373 0.53 122.77 -41.74
CA HIS BA 373 1.03 123.06 -43.08
C HIS BA 373 2.54 122.87 -43.16
N HIS BA 374 3.27 123.49 -42.23
CA HIS BA 374 4.73 123.43 -42.31
C HIS BA 374 5.25 122.04 -41.95
N GLN BA 375 4.57 121.30 -41.08
CA GLN BA 375 5.01 119.94 -40.78
C GLN BA 375 4.81 119.00 -41.96
N TYR BA 376 3.67 119.12 -42.65
CA TYR BA 376 3.46 118.31 -43.85
C TYR BA 376 4.46 118.67 -44.94
N ILE BA 377 4.75 119.98 -45.08
CA ILE BA 377 5.75 120.43 -46.04
C ILE BA 377 7.10 119.81 -45.71
N ALA BA 378 7.49 119.83 -44.44
CA ALA BA 378 8.78 119.28 -44.03
C ALA BA 378 8.85 117.78 -44.28
N GLY BA 379 7.77 117.06 -44.01
CA GLY BA 379 7.77 115.62 -44.28
C GLY BA 379 7.94 115.30 -45.75
N PHE BA 380 7.18 116.02 -46.61
CA PHE BA 380 7.32 115.82 -48.05
C PHE BA 380 8.74 116.16 -48.52
N ILE BA 381 9.32 117.22 -47.97
CA ILE BA 381 10.65 117.66 -48.40
C ILE BA 381 11.72 116.65 -47.97
N MET BA 382 11.59 116.08 -46.78
CA MET BA 382 12.54 115.05 -46.34
C MET BA 382 12.41 113.78 -47.20
N THR BA 383 11.18 113.39 -47.53
CA THR BA 383 10.97 112.27 -48.44
C THR BA 383 11.64 112.53 -49.79
N GLY BA 384 11.50 113.76 -50.29
CA GLY BA 384 12.18 114.12 -51.54
C GLY BA 384 13.69 114.11 -51.43
N ALA BA 385 14.21 114.49 -50.26
CA ALA BA 385 15.66 114.45 -50.04
C ALA BA 385 16.18 113.03 -50.17
N PHE BA 386 15.50 112.08 -49.53
CA PHE BA 386 15.93 110.69 -49.61
C PHE BA 386 15.75 110.14 -51.03
N ALA BA 387 14.66 110.52 -51.70
CA ALA BA 387 14.44 110.07 -53.07
C ALA BA 387 15.54 110.58 -54.00
N HIS BA 388 15.95 111.83 -53.85
CA HIS BA 388 16.99 112.37 -54.71
C HIS BA 388 18.36 111.82 -54.35
N GLY BA 389 18.57 111.43 -53.10
CA GLY BA 389 19.78 110.68 -52.77
C GLY BA 389 19.82 109.33 -53.48
N ALA BA 390 18.69 108.64 -53.53
CA ALA BA 390 18.62 107.39 -54.30
C ALA BA 390 18.86 107.64 -55.79
N ILE BA 391 18.33 108.74 -56.30
CA ILE BA 391 18.55 109.10 -57.71
C ILE BA 391 20.02 109.35 -57.97
N PHE BA 392 20.71 110.04 -57.05
CA PHE BA 392 22.14 110.25 -57.18
C PHE BA 392 22.90 108.92 -57.19
N PHE BA 393 22.50 108.00 -56.31
CA PHE BA 393 23.17 106.71 -56.24
C PHE BA 393 23.01 105.94 -57.54
N ILE BA 394 21.82 105.98 -58.14
CA ILE BA 394 21.60 105.27 -59.40
C ILE BA 394 22.35 105.95 -60.55
N ARG BA 395 22.27 107.28 -60.63
CA ARG BA 395 22.71 108.00 -61.82
C ARG BA 395 24.14 108.52 -61.71
N ASP BA 396 24.46 109.27 -60.66
CA ASP BA 396 25.68 110.06 -60.61
C ASP BA 396 26.80 109.42 -59.80
N TYR BA 397 26.53 108.32 -59.09
CA TYR BA 397 27.56 107.71 -58.26
C TYR BA 397 28.60 107.00 -59.12
N ASN BA 398 29.86 107.28 -58.85
CA ASN BA 398 30.99 106.68 -59.57
C ASN BA 398 31.80 105.83 -58.60
N PRO BA 399 31.69 104.51 -58.66
CA PRO BA 399 32.45 103.66 -57.71
C PRO BA 399 33.96 103.77 -57.85
N GLU BA 400 34.47 104.00 -59.06
CA GLU BA 400 35.90 104.06 -59.26
C GLU BA 400 36.50 105.31 -58.63
N GLN BA 401 35.76 106.42 -58.65
CA GLN BA 401 36.22 107.66 -58.05
C GLN BA 401 35.90 107.76 -56.56
N ASN BA 402 35.15 106.80 -56.02
CA ASN BA 402 34.71 106.85 -54.62
C ASN BA 402 35.18 105.64 -53.81
N GLU BA 403 36.25 104.98 -54.24
CA GLU BA 403 36.68 103.75 -53.58
C GLU BA 403 37.20 104.04 -52.18
N ASP BA 404 36.73 103.25 -51.22
CA ASP BA 404 37.09 103.35 -49.80
C ASP BA 404 36.76 104.72 -49.21
N ASN BA 405 35.78 105.41 -49.78
CA ASN BA 405 35.32 106.68 -49.25
C ASN BA 405 34.36 106.44 -48.09
N VAL BA 406 33.92 107.53 -47.47
CA VAL BA 406 32.85 107.45 -46.47
C VAL BA 406 31.50 107.24 -47.11
N LEU BA 407 31.40 107.36 -48.44
CA LEU BA 407 30.17 107.14 -49.17
C LEU BA 407 30.05 105.72 -49.70
N ALA BA 408 31.16 105.13 -50.15
CA ALA BA 408 31.14 103.74 -50.59
C ALA BA 408 31.02 102.79 -49.41
N ARG BA 409 31.54 103.16 -48.25
CA ARG BA 409 31.47 102.31 -47.08
C ARG BA 409 30.05 102.18 -46.55
N MET BA 410 29.16 103.12 -46.91
CA MET BA 410 27.74 102.93 -46.62
C MET BA 410 27.18 101.75 -47.40
N LEU BA 411 27.52 101.65 -48.69
CA LEU BA 411 27.11 100.50 -49.48
C LEU BA 411 27.84 99.24 -49.04
N ASP BA 412 29.02 99.39 -48.44
CA ASP BA 412 29.76 98.23 -47.94
C ASP BA 412 29.03 97.58 -46.77
N HIS BA 413 28.51 98.37 -45.84
CA HIS BA 413 27.83 97.85 -44.65
C HIS BA 413 26.36 98.26 -44.63
N LYS BA 414 25.72 98.27 -45.82
CA LYS BA 414 24.32 98.64 -45.91
C LYS BA 414 23.42 97.65 -45.19
N GLU BA 415 23.82 96.37 -45.15
CA GLU BA 415 23.00 95.36 -44.48
C GLU BA 415 22.89 95.64 -42.99
N ALA BA 416 24.00 96.04 -42.36
CA ALA BA 416 23.98 96.37 -40.94
C ALA BA 416 23.07 97.56 -40.65
N ILE BA 417 23.16 98.59 -41.48
CA ILE BA 417 22.32 99.78 -41.28
C ILE BA 417 20.85 99.43 -41.43
N ILE BA 418 20.50 98.69 -42.49
CA ILE BA 418 19.10 98.35 -42.75
C ILE BA 418 18.56 97.44 -41.66
N SER BA 419 19.36 96.46 -41.22
CA SER BA 419 18.90 95.54 -40.19
C SER BA 419 18.74 96.22 -38.84
N HIS BA 420 19.64 97.15 -38.50
CA HIS BA 420 19.51 97.86 -37.23
C HIS BA 420 18.34 98.82 -37.25
N LEU BA 421 18.09 99.47 -38.40
CA LEU BA 421 16.89 100.28 -38.54
C LEU BA 421 15.63 99.44 -38.41
N SER BA 422 15.64 98.23 -39.00
CA SER BA 422 14.52 97.31 -38.88
C SER BA 422 14.31 96.90 -37.42
N TRP BA 423 15.39 96.62 -36.69
CA TRP BA 423 15.26 96.26 -35.28
C TRP BA 423 14.68 97.41 -34.47
N ALA BA 424 15.16 98.63 -34.71
CA ALA BA 424 14.66 99.78 -33.96
C ALA BA 424 13.18 100.01 -34.23
N SER BA 425 12.78 99.95 -35.50
CA SER BA 425 11.38 100.15 -35.86
C SER BA 425 10.50 99.05 -35.28
N LEU BA 426 10.96 97.78 -35.37
CA LEU BA 426 10.17 96.68 -34.84
C LEU BA 426 10.02 96.76 -33.33
N PHE BA 427 11.11 97.09 -32.63
CA PHE BA 427 11.04 97.21 -31.17
C PHE BA 427 10.11 98.32 -30.75
N LEU BA 428 10.23 99.49 -31.39
CA LEU BA 428 9.36 100.62 -31.06
C LEU BA 428 7.90 100.29 -31.33
N GLY BA 429 7.62 99.72 -32.51
CA GLY BA 429 6.24 99.39 -32.83
C GLY BA 429 5.66 98.34 -31.92
N PHE BA 430 6.42 97.27 -31.67
CA PHE BA 430 5.98 96.21 -30.77
C PHE BA 430 5.62 96.75 -29.40
N HIS BA 431 6.54 97.50 -28.79
CA HIS BA 431 6.31 97.89 -27.41
C HIS BA 431 5.29 99.03 -27.29
N THR BA 432 5.29 99.98 -28.23
CA THR BA 432 4.29 101.05 -28.19
C THR BA 432 2.88 100.50 -28.42
N LEU BA 433 2.72 99.63 -29.42
CA LEU BA 433 1.41 99.03 -29.66
C LEU BA 433 0.99 98.14 -28.50
N GLY BA 434 1.94 97.41 -27.90
CA GLY BA 434 1.60 96.59 -26.75
C GLY BA 434 1.14 97.41 -25.57
N LEU BA 435 1.82 98.52 -25.28
CA LEU BA 435 1.40 99.39 -24.18
C LEU BA 435 0.04 100.02 -24.45
N TYR BA 436 -0.19 100.46 -25.68
CA TYR BA 436 -1.48 101.06 -26.03
C TYR BA 436 -2.62 100.04 -25.91
N VAL BA 437 -2.41 98.83 -26.44
CA VAL BA 437 -3.43 97.80 -26.35
C VAL BA 437 -3.65 97.37 -24.91
N HIS BA 438 -2.57 97.33 -24.11
CA HIS BA 438 -2.69 97.03 -22.69
C HIS BA 438 -3.57 98.05 -21.99
N ASN BA 439 -3.33 99.34 -22.26
CA ASN BA 439 -4.13 100.39 -21.64
C ASN BA 439 -5.59 100.31 -22.07
N ASP BA 440 -5.82 100.06 -23.37
CA ASP BA 440 -7.19 99.94 -23.87
C ASP BA 440 -7.92 98.76 -23.24
N VAL BA 441 -7.24 97.62 -23.09
CA VAL BA 441 -7.85 96.46 -22.48
C VAL BA 441 -8.12 96.70 -21.00
N MET BA 442 -7.18 97.33 -20.30
CA MET BA 442 -7.36 97.57 -18.87
C MET BA 442 -8.52 98.52 -18.61
N LEU BA 443 -8.64 99.59 -19.40
CA LEU BA 443 -9.74 100.52 -19.17
C LEU BA 443 -11.06 99.96 -19.72
N ALA BA 444 -11.00 99.06 -20.70
CA ALA BA 444 -12.21 98.38 -21.13
C ALA BA 444 -12.78 97.50 -20.02
N PHE BA 445 -11.91 96.86 -19.25
CA PHE BA 445 -12.32 96.00 -18.15
C PHE BA 445 -12.67 96.77 -16.88
N GLY BA 446 -12.81 98.10 -16.96
CA GLY BA 446 -13.19 98.88 -15.81
C GLY BA 446 -12.09 99.13 -14.80
N THR BA 447 -10.84 98.86 -15.16
CA THR BA 447 -9.70 99.03 -14.26
C THR BA 447 -8.68 99.96 -14.93
N PRO BA 448 -8.90 101.28 -14.87
CA PRO BA 448 -7.91 102.21 -15.43
C PRO BA 448 -6.63 102.29 -14.61
N GLU BA 449 -6.62 101.80 -13.37
CA GLU BA 449 -5.44 101.89 -12.53
C GLU BA 449 -4.38 100.85 -12.86
N LYS BA 450 -4.72 99.85 -13.67
CA LYS BA 450 -3.77 98.81 -14.05
C LYS BA 450 -3.01 99.17 -15.33
N GLN BA 451 -3.17 100.39 -15.82
CA GLN BA 451 -2.48 100.83 -17.02
C GLN BA 451 -0.98 100.99 -16.74
N ILE BA 452 -0.20 100.90 -17.81
CA ILE BA 452 1.23 101.16 -17.75
C ILE BA 452 1.43 102.60 -18.21
N LEU BA 453 1.66 103.49 -17.24
CA LEU BA 453 1.88 104.90 -17.51
C LEU BA 453 3.31 105.25 -17.10
N ILE BA 454 4.16 105.49 -18.09
CA ILE BA 454 5.57 105.79 -17.85
C ILE BA 454 5.74 107.30 -17.96
N GLU BA 455 6.21 107.92 -16.89
CA GLU BA 455 6.41 109.36 -16.88
C GLU BA 455 7.63 109.71 -17.73
N PRO BA 456 7.52 110.67 -18.65
CA PRO BA 456 8.71 111.08 -19.42
C PRO BA 456 9.69 111.86 -18.56
N ILE BA 457 10.44 111.14 -17.72
CA ILE BA 457 11.32 111.77 -16.75
C ILE BA 457 12.42 112.55 -17.44
N PHE BA 458 12.91 112.05 -18.58
CA PHE BA 458 14.02 112.71 -19.27
C PHE BA 458 13.59 114.06 -19.82
N ALA BA 459 12.47 114.10 -20.54
CA ALA BA 459 12.00 115.36 -21.12
C ALA BA 459 11.52 116.33 -20.06
N GLN BA 460 10.95 115.83 -18.97
CA GLN BA 460 10.58 116.69 -17.85
C GLN BA 460 11.80 117.29 -17.19
N TRP BA 461 12.87 116.50 -17.06
CA TRP BA 461 14.14 117.02 -16.54
C TRP BA 461 14.71 118.07 -17.49
N ILE BA 462 14.56 117.88 -18.79
CA ILE BA 462 15.02 118.87 -19.75
C ILE BA 462 14.23 120.17 -19.61
N GLN BA 463 12.91 120.06 -19.44
CA GLN BA 463 12.07 121.23 -19.23
C GLN BA 463 12.45 121.96 -17.95
N SER BA 464 12.77 121.21 -16.90
CA SER BA 464 13.27 121.83 -15.67
C SER BA 464 14.63 122.47 -15.89
N ALA BA 465 15.45 121.88 -16.76
CA ALA BA 465 16.72 122.48 -17.13
C ALA BA 465 16.55 123.74 -17.96
N HIS BA 466 15.39 123.93 -18.56
CA HIS BA 466 15.06 125.17 -19.26
C HIS BA 466 14.32 126.17 -18.38
N GLY BA 467 14.03 125.82 -17.14
CA GLY BA 467 13.44 126.76 -16.20
C GLY BA 467 12.05 126.39 -15.69
N LYS BA 468 11.45 125.30 -16.12
CA LYS BA 468 10.13 124.93 -15.62
C LYS BA 468 10.21 124.39 -14.21
N THR BA 469 9.23 124.76 -13.37
CA THR BA 469 9.24 124.41 -11.96
C THR BA 469 7.98 123.66 -11.56
N SER BA 470 7.38 122.92 -12.49
CA SER BA 470 6.19 122.13 -12.21
C SER BA 470 6.51 120.68 -11.90
N TYR BA 471 7.78 120.29 -11.86
CA TYR BA 471 8.17 118.93 -11.58
C TYR BA 471 9.04 118.77 -10.35
N GLY BA 472 9.47 119.87 -9.73
CA GLY BA 472 10.23 119.81 -8.51
C GLY BA 472 11.73 119.58 -8.67
N PHE BA 473 12.22 119.46 -9.90
CA PHE BA 473 13.65 119.28 -10.10
C PHE BA 473 14.38 120.59 -9.87
N ASP BA 474 15.40 120.56 -9.00
CA ASP BA 474 16.23 121.73 -8.72
C ASP BA 474 17.52 121.56 -9.52
N VAL BA 475 17.50 122.03 -10.75
CA VAL BA 475 18.57 121.82 -11.71
C VAL BA 475 18.86 123.16 -12.38
N LEU BA 476 19.74 123.18 -13.38
CA LEU BA 476 20.14 124.42 -14.06
C LEU BA 476 18.93 125.16 -14.61
N LEU BA 477 18.98 126.50 -14.52
CA LEU BA 477 17.95 127.45 -14.93
C LEU BA 477 16.69 127.35 -14.10
N SER BA 478 16.61 126.42 -13.14
CA SER BA 478 15.50 126.34 -12.21
C SER BA 478 15.93 126.50 -10.76
N SER BA 479 17.21 126.31 -10.46
CA SER BA 479 17.75 126.54 -9.13
C SER BA 479 18.42 127.91 -9.12
N THR BA 480 18.13 128.70 -8.07
CA THR BA 480 18.62 130.07 -8.01
C THR BA 480 20.10 130.18 -7.70
N SER BA 481 20.76 129.08 -7.33
CA SER BA 481 22.17 129.10 -6.94
C SER BA 481 23.10 128.55 -8.01
N GLY BA 482 22.57 128.13 -9.15
CA GLY BA 482 23.38 127.55 -10.20
C GLY BA 482 24.18 128.59 -10.98
N PRO BA 483 25.38 128.21 -11.42
CA PRO BA 483 26.18 129.15 -12.24
C PRO BA 483 25.52 129.51 -13.56
N ALA BA 484 24.78 128.58 -14.17
CA ALA BA 484 24.03 128.91 -15.38
C ALA BA 484 22.94 129.93 -15.09
N PHE BA 485 22.27 129.80 -13.95
CA PHE BA 485 21.27 130.79 -13.55
C PHE BA 485 21.93 132.12 -13.20
N ASN BA 486 23.07 132.08 -12.52
CA ASN BA 486 23.70 133.31 -12.06
C ASN BA 486 24.33 134.10 -13.21
N ALA BA 487 24.82 133.42 -14.24
CA ALA BA 487 25.48 134.11 -15.34
C ALA BA 487 24.50 134.92 -16.17
N GLY BA 488 23.34 134.35 -16.47
CA GLY BA 488 22.35 135.05 -17.29
C GLY BA 488 21.23 135.65 -16.49
N ARG BA 489 21.45 135.85 -15.18
CA ARG BA 489 20.40 136.33 -14.30
C ARG BA 489 19.92 137.73 -14.67
N SER BA 490 20.86 138.63 -15.00
CA SER BA 490 20.51 140.03 -15.19
C SER BA 490 20.05 140.35 -16.61
N ILE BA 491 20.27 139.47 -17.58
CA ILE BA 491 20.06 139.82 -18.98
C ILE BA 491 18.65 139.44 -19.43
N TRP BA 492 18.35 138.15 -19.47
CA TRP BA 492 17.09 137.67 -20.04
C TRP BA 492 16.36 136.65 -19.18
N LEU BA 493 16.95 136.19 -18.09
CA LEU BA 493 16.33 135.12 -17.31
C LEU BA 493 14.97 135.46 -16.69
N PRO BA 494 14.72 136.66 -16.12
CA PRO BA 494 13.37 136.90 -15.56
C PRO BA 494 12.24 136.77 -16.56
N GLY BA 495 12.38 137.38 -17.74
CA GLY BA 495 11.34 137.27 -18.75
C GLY BA 495 11.17 135.86 -19.27
N TRP BA 496 12.29 135.17 -19.51
CA TRP BA 496 12.23 133.79 -20.00
C TRP BA 496 11.57 132.87 -18.99
N LEU BA 497 11.91 133.02 -17.71
CA LEU BA 497 11.29 132.19 -16.67
C LEU BA 497 9.81 132.52 -16.50
N ASN BA 498 9.45 133.80 -16.62
CA ASN BA 498 8.05 134.19 -16.53
C ASN BA 498 7.24 133.61 -17.69
N ALA BA 499 7.82 133.59 -18.88
CA ALA BA 499 7.12 133.01 -20.03
C ALA BA 499 7.03 131.49 -19.93
N VAL BA 500 8.09 130.86 -19.42
CA VAL BA 500 8.11 129.39 -19.33
C VAL BA 500 7.13 128.92 -18.27
N ASN BA 501 7.15 129.53 -17.08
CA ASN BA 501 6.33 129.08 -15.97
C ASN BA 501 4.86 129.43 -16.13
N GLU BA 502 4.50 130.28 -17.08
CA GLU BA 502 3.10 130.59 -17.34
C GLU BA 502 2.45 129.42 -18.07
N ASN BA 503 1.41 128.84 -17.46
CA ASN BA 503 0.78 127.64 -17.99
C ASN BA 503 -0.37 127.95 -18.94
N SER BA 504 -0.37 129.11 -19.57
CA SER BA 504 -1.39 129.46 -20.55
C SER BA 504 -0.87 129.45 -21.98
N ASN BA 505 0.43 129.64 -22.18
CA ASN BA 505 1.02 129.63 -23.51
C ASN BA 505 1.52 128.23 -23.85
N SER BA 506 2.03 128.08 -25.07
CA SER BA 506 2.54 126.80 -25.55
C SER BA 506 4.02 126.60 -25.27
N LEU BA 507 4.65 127.52 -24.57
CA LEU BA 507 6.09 127.41 -24.28
C LEU BA 507 6.31 126.36 -23.20
N PHE BA 508 6.85 125.21 -23.60
CA PHE BA 508 7.20 124.10 -22.71
C PHE BA 508 5.97 123.61 -21.94
N LEU BA 509 5.04 123.05 -22.70
CA LEU BA 509 3.81 122.51 -22.12
C LEU BA 509 4.11 121.35 -21.19
N THR BA 510 3.29 121.25 -20.14
CA THR BA 510 3.41 120.12 -19.21
C THR BA 510 3.06 118.82 -19.93
N ILE BA 511 3.86 117.78 -19.68
CA ILE BA 511 3.75 116.53 -20.41
C ILE BA 511 3.55 115.39 -19.42
N GLY BA 512 2.94 114.32 -19.92
CA GLY BA 512 2.66 113.15 -19.10
C GLY BA 512 2.91 111.85 -19.85
N PRO BA 513 2.37 110.75 -19.33
CA PRO BA 513 2.58 109.44 -19.97
C PRO BA 513 2.03 109.36 -21.39
N GLY BA 514 0.92 110.05 -21.67
CA GLY BA 514 0.42 110.09 -23.04
C GLY BA 514 1.42 110.74 -23.99
N ASP BA 515 2.08 111.80 -23.53
CA ASP BA 515 3.14 112.42 -24.31
C ASP BA 515 4.29 111.44 -24.56
N PHE BA 516 4.64 110.65 -23.54
CA PHE BA 516 5.68 109.63 -23.70
C PHE BA 516 5.30 108.62 -24.77
N LEU BA 517 4.06 108.11 -24.71
CA LEU BA 517 3.62 107.10 -25.67
C LEU BA 517 3.56 107.67 -27.08
N VAL BA 518 3.03 108.89 -27.23
CA VAL BA 518 2.91 109.46 -28.57
C VAL BA 518 4.27 109.86 -29.12
N HIS BA 519 5.21 110.26 -28.26
CA HIS BA 519 6.56 110.57 -28.74
C HIS BA 519 7.29 109.30 -29.16
N HIS BA 520 7.05 108.19 -28.47
CA HIS BA 520 7.65 106.93 -28.92
C HIS BA 520 7.01 106.42 -30.20
N ALA BA 521 5.71 106.66 -30.39
CA ALA BA 521 5.08 106.36 -31.67
C ALA BA 521 5.66 107.24 -32.78
N ILE BA 522 5.95 108.51 -32.47
CA ILE BA 522 6.60 109.42 -33.40
C ILE BA 522 7.98 108.90 -33.79
N ALA BA 523 8.74 108.43 -32.79
CA ALA BA 523 10.05 107.85 -33.06
C ALA BA 523 9.94 106.59 -33.92
N LEU BA 524 8.92 105.78 -33.68
CA LEU BA 524 8.67 104.61 -34.51
C LEU BA 524 8.40 105.01 -35.96
N GLY BA 525 7.57 106.03 -36.16
CA GLY BA 525 7.28 106.48 -37.51
C GLY BA 525 8.51 107.03 -38.22
N LEU BA 526 9.30 107.84 -37.52
CA LEU BA 526 10.52 108.39 -38.10
C LEU BA 526 11.51 107.28 -38.46
N HIS BA 527 11.70 106.32 -37.55
CA HIS BA 527 12.64 105.24 -37.80
C HIS BA 527 12.17 104.34 -38.94
N THR BA 528 10.86 104.07 -39.04
CA THR BA 528 10.37 103.22 -40.12
C THR BA 528 10.47 103.91 -41.47
N THR BA 529 10.10 105.20 -41.55
CA THR BA 529 10.22 105.93 -42.80
C THR BA 529 11.69 106.04 -43.23
N THR BA 530 12.57 106.29 -42.27
CA THR BA 530 14.00 106.29 -42.55
C THR BA 530 14.47 104.93 -43.04
N LEU BA 531 13.93 103.85 -42.46
CA LEU BA 531 14.31 102.51 -42.89
C LEU BA 531 13.92 102.27 -44.34
N ILE BA 532 12.69 102.64 -44.71
CA ILE BA 532 12.24 102.45 -46.09
C ILE BA 532 13.10 103.26 -47.06
N LEU BA 533 13.31 104.54 -46.73
CA LEU BA 533 14.03 105.42 -47.64
C LEU BA 533 15.51 105.04 -47.76
N VAL BA 534 16.13 104.67 -46.64
CA VAL BA 534 17.53 104.27 -46.65
C VAL BA 534 17.71 102.94 -47.38
N LYS BA 535 16.77 102.00 -47.18
CA LYS BA 535 16.82 100.74 -47.92
C LYS BA 535 16.70 100.98 -49.41
N GLY BA 536 15.80 101.87 -49.82
CA GLY BA 536 15.68 102.19 -51.24
C GLY BA 536 16.94 102.84 -51.79
N ALA BA 537 17.51 103.78 -51.04
CA ALA BA 537 18.71 104.48 -51.50
C ALA BA 537 19.90 103.54 -51.61
N LEU BA 538 20.07 102.63 -50.64
CA LEU BA 538 21.24 101.77 -50.61
C LEU BA 538 21.08 100.53 -51.48
N ASP BA 539 19.85 100.11 -51.79
CA ASP BA 539 19.61 99.02 -52.73
C ASP BA 539 19.21 99.55 -54.10
N ALA BA 540 19.33 100.85 -54.33
CA ALA BA 540 19.00 101.43 -55.63
C ALA BA 540 19.92 100.90 -56.72
N ARG BA 541 21.21 100.76 -56.42
CA ARG BA 541 22.16 100.28 -57.41
C ARG BA 541 22.08 98.77 -57.64
N GLY BA 542 21.48 98.04 -56.73
CA GLY BA 542 21.31 96.60 -56.92
C GLY BA 542 21.21 95.88 -55.60
N SER BA 543 20.76 94.62 -55.67
CA SER BA 543 20.67 93.74 -54.52
C SER BA 543 20.92 92.31 -55.00
N LYS BA 544 20.73 91.34 -54.11
CA LYS BA 544 20.89 89.95 -54.50
C LYS BA 544 19.79 89.50 -55.46
N LEU BA 545 18.60 90.06 -55.33
CA LEU BA 545 17.51 89.70 -56.24
C LEU BA 545 17.72 90.33 -57.62
N MET BA 546 18.14 91.59 -57.67
CA MET BA 546 18.36 92.32 -58.91
C MET BA 546 19.71 93.01 -58.87
N PRO BA 547 20.79 92.30 -59.23
CA PRO BA 547 22.12 92.91 -59.17
C PRO BA 547 22.34 94.06 -60.15
N ASP BA 548 21.54 94.19 -61.20
CA ASP BA 548 21.74 95.23 -62.20
C ASP BA 548 20.58 96.23 -62.21
N LYS BA 549 20.15 96.65 -61.03
CA LYS BA 549 19.07 97.63 -60.94
C LYS BA 549 19.47 98.98 -61.51
N LYS BA 550 20.76 99.32 -61.41
CA LYS BA 550 21.24 100.61 -61.90
C LYS BA 550 21.08 100.74 -63.40
N ASP BA 551 21.09 99.62 -64.13
CA ASP BA 551 20.86 99.65 -65.57
C ASP BA 551 19.40 99.90 -65.92
N PHE BA 552 18.47 99.77 -64.97
CA PHE BA 552 17.05 99.91 -65.24
C PHE BA 552 16.51 101.27 -64.82
N GLY BA 553 17.37 102.21 -64.41
CA GLY BA 553 16.94 103.53 -64.07
C GLY BA 553 16.34 103.62 -62.68
N TYR BA 554 15.91 104.84 -62.34
CA TYR BA 554 15.32 105.08 -61.02
C TYR BA 554 13.93 104.49 -60.91
N SER BA 555 13.10 104.68 -61.93
CA SER BA 555 11.70 104.29 -61.87
C SER BA 555 11.41 103.30 -63.00
N PHE BA 556 11.20 102.05 -62.64
CA PHE BA 556 10.73 101.01 -63.55
C PHE BA 556 9.72 100.17 -62.79
N PRO BA 557 8.75 99.55 -63.49
CA PRO BA 557 7.68 98.84 -62.78
C PRO BA 557 8.14 97.64 -61.96
N CYS BA 558 8.85 96.71 -62.59
CA CYS BA 558 9.22 95.46 -61.95
C CYS BA 558 10.31 94.80 -62.79
N ASP BA 559 10.61 93.54 -62.47
CA ASP BA 559 11.51 92.73 -63.28
C ASP BA 559 10.85 91.41 -63.67
N GLY BA 560 9.52 91.41 -63.79
CA GLY BA 560 8.79 90.24 -64.18
C GLY BA 560 8.45 89.34 -63.00
N PRO BA 561 7.67 88.29 -63.26
CA PRO BA 561 7.31 87.36 -62.19
C PRO BA 561 8.38 86.31 -61.90
N GLY BA 562 9.51 86.35 -62.60
CA GLY BA 562 10.57 85.41 -62.35
C GLY BA 562 11.28 85.68 -61.04
N ARG BA 563 12.07 84.69 -60.61
CA ARG BA 563 12.79 84.72 -59.33
C ARG BA 563 11.85 84.93 -58.15
N GLY BA 564 10.64 84.38 -58.25
CA GLY BA 564 9.66 84.47 -57.19
C GLY BA 564 8.70 85.63 -57.30
N GLY BA 565 9.03 86.66 -58.08
CA GLY BA 565 8.21 87.86 -58.16
C GLY BA 565 9.00 89.08 -57.75
N THR BA 566 8.89 90.16 -58.51
CA THR BA 566 9.74 91.34 -58.32
C THR BA 566 8.92 92.62 -58.36
N CYS BA 567 7.75 92.62 -57.73
CA CYS BA 567 6.97 93.84 -57.64
C CYS BA 567 7.60 94.81 -56.65
N ASP BA 568 7.49 96.10 -56.96
CA ASP BA 568 7.94 97.19 -56.09
C ASP BA 568 9.42 97.06 -55.74
N ILE BA 569 10.24 96.67 -56.72
CA ILE BA 569 11.66 96.43 -56.47
C ILE BA 569 12.52 97.66 -56.74
N SER BA 570 11.97 98.69 -57.38
CA SER BA 570 12.73 99.89 -57.67
C SER BA 570 12.78 100.83 -56.47
N ALA BA 571 13.72 101.77 -56.52
CA ALA BA 571 13.85 102.77 -55.46
C ALA BA 571 12.69 103.76 -55.50
N TRP BA 572 12.12 104.01 -56.68
CA TRP BA 572 10.92 104.83 -56.78
C TRP BA 572 9.78 104.19 -56.00
N ASP BA 573 9.66 102.87 -56.06
CA ASP BA 573 8.64 102.18 -55.27
C ASP BA 573 8.93 102.28 -53.79
N ALA BA 574 10.21 102.30 -53.40
CA ALA BA 574 10.54 102.54 -51.99
C ALA BA 574 10.10 103.93 -51.54
N PHE BA 575 10.31 104.93 -52.40
CA PHE BA 575 9.79 106.28 -52.11
C PHE BA 575 8.27 106.25 -51.99
N TYR BA 576 7.60 105.54 -52.91
CA TYR BA 576 6.15 105.49 -52.92
C TYR BA 576 5.60 104.82 -51.66
N LEU BA 577 6.27 103.76 -51.20
CA LEU BA 577 5.86 103.12 -49.95
C LEU BA 577 6.14 104.02 -48.75
N ALA BA 578 7.26 104.75 -48.77
CA ALA BA 578 7.62 105.59 -47.64
C ALA BA 578 6.76 106.84 -47.54
N VAL BA 579 6.12 107.26 -48.64
CA VAL BA 579 5.21 108.41 -48.57
C VAL BA 579 4.03 108.10 -47.64
N PHE BA 580 3.53 106.86 -47.68
CA PHE BA 580 2.45 106.47 -46.77
C PHE BA 580 2.89 106.57 -45.32
N TRP BA 581 4.10 106.09 -45.01
CA TRP BA 581 4.58 106.14 -43.64
C TRP BA 581 4.85 107.58 -43.20
N MET BA 582 5.34 108.42 -44.10
CA MET BA 582 5.51 109.83 -43.79
C MET BA 582 4.17 110.49 -43.49
N LEU BA 583 3.15 110.19 -44.30
CA LEU BA 583 1.83 110.74 -44.05
C LEU BA 583 1.27 110.28 -42.71
N ASN BA 584 1.47 109.00 -42.38
CA ASN BA 584 1.01 108.47 -41.10
C ASN BA 584 1.73 109.14 -39.93
N THR BA 585 3.05 109.36 -40.07
CA THR BA 585 3.82 109.98 -39.00
C THR BA 585 3.39 111.43 -38.78
N ILE BA 586 3.23 112.19 -39.87
CA ILE BA 586 2.79 113.58 -39.73
C ILE BA 586 1.37 113.62 -39.20
N GLY BA 587 0.52 112.65 -39.58
CA GLY BA 587 -0.81 112.56 -39.01
C GLY BA 587 -0.77 112.35 -37.51
N TRP BA 588 0.11 111.47 -37.04
CA TRP BA 588 0.27 111.28 -35.60
C TRP BA 588 0.75 112.55 -34.91
N VAL BA 589 1.74 113.23 -35.50
CA VAL BA 589 2.29 114.45 -34.92
C VAL BA 589 1.21 115.53 -34.80
N THR BA 590 0.46 115.73 -35.88
CA THR BA 590 -0.54 116.79 -35.90
C THR BA 590 -1.76 116.42 -35.07
N PHE BA 591 -2.10 115.13 -34.98
CA PHE BA 591 -3.14 114.69 -34.06
C PHE BA 591 -2.76 115.03 -32.62
N TYR BA 592 -1.52 114.70 -32.24
CA TYR BA 592 -1.04 114.99 -30.90
C TYR BA 592 -1.05 116.49 -30.61
N TRP BA 593 -0.53 117.28 -31.57
CA TRP BA 593 -0.49 118.73 -31.39
C TRP BA 593 -1.88 119.32 -31.26
N HIS BA 594 -2.78 118.95 -32.18
CA HIS BA 594 -4.12 119.52 -32.18
C HIS BA 594 -4.91 119.12 -30.95
N TRP BA 595 -4.80 117.87 -30.51
CA TRP BA 595 -5.55 117.45 -29.33
C TRP BA 595 -5.01 118.10 -28.06
N LYS BA 596 -3.68 118.14 -27.91
CA LYS BA 596 -3.10 118.77 -26.73
C LYS BA 596 -3.46 120.25 -26.67
N HIS BA 597 -3.39 120.94 -27.81
CA HIS BA 597 -3.71 122.37 -27.79
C HIS BA 597 -5.21 122.63 -27.67
N ILE BA 598 -6.05 121.79 -28.26
CA ILE BA 598 -7.49 121.99 -28.14
C ILE BA 598 -8.00 121.61 -26.77
N THR BA 599 -7.25 120.82 -26.00
CA THR BA 599 -7.57 120.62 -24.60
C THR BA 599 -7.00 121.70 -23.70
N LEU BA 600 -5.84 122.27 -24.08
CA LEU BA 600 -5.27 123.36 -23.30
C LEU BA 600 -6.08 124.64 -23.46
N TRP BA 601 -6.54 124.94 -24.68
CA TRP BA 601 -7.26 126.18 -24.94
C TRP BA 601 -8.61 126.20 -24.23
N GLN BA 602 -9.26 125.05 -24.11
CA GLN BA 602 -10.51 124.96 -23.36
C GLN BA 602 -10.28 124.98 -21.85
N GLY BA 603 -9.04 124.93 -21.40
CA GLY BA 603 -8.77 124.77 -19.98
C GLY BA 603 -9.19 123.43 -19.44
N ASN BA 604 -9.05 122.38 -20.24
CA ASN BA 604 -9.48 121.03 -19.89
C ASN BA 604 -8.38 120.03 -20.24
N VAL BA 605 -7.16 120.31 -19.79
CA VAL BA 605 -6.01 119.46 -20.08
C VAL BA 605 -6.13 118.10 -19.40
N SER BA 606 -7.02 117.96 -18.41
CA SER BA 606 -7.24 116.67 -17.76
C SER BA 606 -7.82 115.65 -18.73
N GLN BA 607 -8.62 116.11 -19.70
CA GLN BA 607 -9.18 115.20 -20.69
C GLN BA 607 -8.08 114.55 -21.53
N PHE BA 608 -7.12 115.35 -21.98
CA PHE BA 608 -5.99 114.80 -22.72
C PHE BA 608 -5.10 113.96 -21.81
N ASN BA 609 -4.88 114.41 -20.58
CA ASN BA 609 -3.99 113.68 -19.67
C ASN BA 609 -4.58 112.33 -19.27
N GLU BA 610 -5.89 112.18 -19.32
CA GLU BA 610 -6.53 110.92 -18.94
C GLU BA 610 -6.99 110.09 -20.12
N SER BA 611 -7.08 110.66 -21.32
CA SER BA 611 -7.63 109.95 -22.46
C SER BA 611 -6.61 109.66 -23.56
N SER BA 612 -5.43 110.27 -23.53
CA SER BA 612 -4.44 110.03 -24.58
C SER BA 612 -3.62 108.77 -24.34
N THR BA 613 -3.78 108.11 -23.20
CA THR BA 613 -3.00 106.93 -22.89
C THR BA 613 -3.54 105.66 -23.53
N TYR BA 614 -4.71 105.72 -24.16
CA TYR BA 614 -5.32 104.57 -24.81
C TYR BA 614 -5.96 105.03 -26.11
N LEU BA 615 -6.03 104.12 -27.08
CA LEU BA 615 -6.41 104.49 -28.44
C LEU BA 615 -7.90 104.80 -28.55
N MET BA 616 -8.73 104.19 -27.71
CA MET BA 616 -10.16 104.52 -27.72
C MET BA 616 -10.40 105.95 -27.29
N GLY BA 617 -9.56 106.48 -26.40
CA GLY BA 617 -9.65 107.89 -26.06
C GLY BA 617 -9.35 108.79 -27.24
N TRP BA 618 -8.34 108.42 -28.04
CA TRP BA 618 -8.05 109.15 -29.26
C TRP BA 618 -9.21 109.08 -30.24
N LEU BA 619 -9.83 107.90 -30.37
CA LEU BA 619 -10.91 107.74 -31.33
C LEU BA 619 -12.17 108.49 -30.90
N ARG BA 620 -12.46 108.51 -29.60
CA ARG BA 620 -13.72 109.07 -29.11
C ARG BA 620 -13.59 110.54 -28.75
N ASP BA 621 -12.67 110.88 -27.85
CA ASP BA 621 -12.58 112.24 -27.34
C ASP BA 621 -11.91 113.21 -28.29
N TYR BA 622 -11.30 112.74 -29.38
CA TYR BA 622 -10.66 113.62 -30.34
C TYR BA 622 -11.34 113.56 -31.70
N LEU BA 623 -11.46 112.39 -32.32
CA LEU BA 623 -12.03 112.31 -33.66
C LEU BA 623 -13.55 112.38 -33.63
N TRP BA 624 -14.18 111.62 -32.73
CA TRP BA 624 -15.64 111.60 -32.67
C TRP BA 624 -16.21 112.86 -32.04
N LEU BA 625 -15.56 113.35 -30.97
CA LEU BA 625 -16.13 114.46 -30.21
C LEU BA 625 -16.01 115.78 -30.94
N ASN BA 626 -14.86 116.03 -31.58
CA ASN BA 626 -14.59 117.32 -32.19
C ASN BA 626 -15.14 117.47 -33.59
N SER BA 627 -15.77 116.44 -34.14
CA SER BA 627 -16.29 116.48 -35.50
C SER BA 627 -17.80 116.70 -35.56
N SER BA 628 -18.43 117.05 -34.43
CA SER BA 628 -19.88 117.25 -34.43
C SER BA 628 -20.27 118.48 -35.26
N GLN BA 629 -19.63 119.61 -34.99
CA GLN BA 629 -19.93 120.83 -35.73
C GLN BA 629 -19.45 120.74 -37.18
N LEU BA 630 -18.40 119.94 -37.43
CA LEU BA 630 -17.94 119.75 -38.80
C LEU BA 630 -18.97 119.01 -39.63
N ILE BA 631 -19.47 117.88 -39.13
CA ILE BA 631 -20.45 117.11 -39.90
C ILE BA 631 -21.82 117.78 -39.87
N ASN BA 632 -22.07 118.68 -38.92
CA ASN BA 632 -23.30 119.45 -38.90
C ASN BA 632 -23.17 120.76 -39.67
N GLY BA 633 -22.23 120.85 -40.62
CA GLY BA 633 -22.13 122.03 -41.45
C GLY BA 633 -23.36 122.23 -42.32
N TYR BA 634 -23.91 121.15 -42.85
CA TYR BA 634 -25.20 121.18 -43.51
C TYR BA 634 -25.99 119.94 -43.12
N ASN BA 635 -27.25 120.14 -42.80
CA ASN BA 635 -28.15 119.08 -42.36
C ASN BA 635 -29.50 119.31 -43.03
N PRO BA 636 -30.50 118.42 -42.86
CA PRO BA 636 -31.83 118.73 -43.41
C PRO BA 636 -32.47 119.98 -42.84
N PHE BA 637 -32.01 120.49 -41.70
CA PHE BA 637 -32.59 121.68 -41.09
C PHE BA 637 -31.95 122.98 -41.59
N GLY BA 638 -30.89 122.91 -42.38
CA GLY BA 638 -30.29 124.11 -42.92
C GLY BA 638 -28.79 123.93 -43.13
N MET BA 639 -28.07 125.04 -43.01
CA MET BA 639 -26.62 125.03 -43.17
C MET BA 639 -26.06 126.27 -42.49
N ASN BA 640 -24.74 126.26 -42.28
CA ASN BA 640 -24.04 127.39 -41.68
C ASN BA 640 -22.70 127.56 -42.40
N SER BA 641 -21.81 128.36 -41.81
CA SER BA 641 -20.54 128.69 -42.44
C SER BA 641 -19.55 127.53 -42.45
N LEU BA 642 -19.84 126.44 -41.73
CA LEU BA 642 -18.97 125.27 -41.71
C LEU BA 642 -19.36 124.26 -42.78
N SER BA 643 -20.31 124.60 -43.65
CA SER BA 643 -20.72 123.68 -44.70
C SER BA 643 -19.61 123.43 -45.72
N VAL BA 644 -18.78 124.42 -45.98
CA VAL BA 644 -17.66 124.24 -46.90
C VAL BA 644 -16.67 123.24 -46.34
N TRP BA 645 -16.47 123.25 -45.03
CA TRP BA 645 -15.53 122.31 -44.41
C TRP BA 645 -16.10 120.91 -44.38
N ALA BA 646 -17.42 120.77 -44.20
CA ALA BA 646 -18.05 119.46 -44.32
C ALA BA 646 -17.94 118.91 -45.74
N TRP BA 647 -18.17 119.77 -46.74
CA TRP BA 647 -18.08 119.35 -48.13
C TRP BA 647 -16.65 118.95 -48.48
N MET BA 648 -15.66 119.72 -48.03
CA MET BA 648 -14.26 119.36 -48.27
C MET BA 648 -13.86 118.12 -47.49
N PHE BA 649 -14.44 117.92 -46.31
CA PHE BA 649 -14.22 116.70 -45.53
C PHE BA 649 -14.66 115.46 -46.31
N LEU BA 650 -15.89 115.49 -46.83
CA LEU BA 650 -16.38 114.36 -47.61
C LEU BA 650 -15.64 114.22 -48.93
N PHE BA 651 -15.26 115.35 -49.54
CA PHE BA 651 -14.47 115.32 -50.76
C PHE BA 651 -13.12 114.65 -50.52
N GLY BA 652 -12.47 114.96 -49.40
CA GLY BA 652 -11.22 114.32 -49.06
C GLY BA 652 -11.38 112.84 -48.78
N HIS BA 653 -12.45 112.47 -48.08
CA HIS BA 653 -12.73 111.05 -47.86
C HIS BA 653 -12.90 110.32 -49.20
N LEU BA 654 -13.62 110.93 -50.14
CA LEU BA 654 -13.88 110.30 -51.43
C LEU BA 654 -12.60 110.16 -52.25
N VAL BA 655 -11.79 111.22 -52.34
CA VAL BA 655 -10.58 111.15 -53.14
C VAL BA 655 -9.49 110.34 -52.44
N TRP BA 656 -9.57 110.18 -51.12
CA TRP BA 656 -8.69 109.25 -50.42
C TRP BA 656 -9.07 107.81 -50.75
N ALA BA 657 -10.37 107.54 -50.84
CA ALA BA 657 -10.83 106.20 -51.19
C ALA BA 657 -10.68 105.88 -52.67
N THR BA 658 -10.56 106.89 -53.53
CA THR BA 658 -10.47 106.62 -54.96
C THR BA 658 -9.10 106.13 -55.36
N GLY BA 659 -8.05 106.61 -54.69
CA GLY BA 659 -6.70 106.11 -54.94
C GLY BA 659 -6.51 104.65 -54.58
N PHE BA 660 -7.39 104.12 -53.72
CA PHE BA 660 -7.33 102.72 -53.33
C PHE BA 660 -7.47 101.78 -54.52
N MET BA 661 -8.08 102.22 -55.62
CA MET BA 661 -8.20 101.36 -56.78
C MET BA 661 -7.03 101.47 -57.74
N PHE BA 662 -6.35 102.62 -57.76
CA PHE BA 662 -5.07 102.67 -58.43
C PHE BA 662 -3.99 101.95 -57.64
N LEU BA 663 -4.23 101.70 -56.34
CA LEU BA 663 -3.26 101.00 -55.51
C LEU BA 663 -3.55 99.52 -55.34
N ILE BA 664 -4.82 99.10 -55.41
CA ILE BA 664 -5.18 97.69 -55.21
C ILE BA 664 -5.35 97.01 -56.55
N SER BA 665 -6.32 97.48 -57.34
CA SER BA 665 -6.52 96.92 -58.68
C SER BA 665 -5.35 97.29 -59.58
N TRP BA 666 -4.93 96.36 -60.42
CA TRP BA 666 -3.74 96.53 -61.24
C TRP BA 666 -4.11 96.43 -62.72
N ARG BA 667 -3.08 96.43 -63.58
CA ARG BA 667 -3.25 96.97 -64.93
C ARG BA 667 -4.01 96.02 -65.87
N GLY BA 668 -3.79 94.70 -65.75
CA GLY BA 668 -4.28 93.79 -66.77
C GLY BA 668 -5.78 93.73 -66.86
N TYR BA 669 -6.46 93.81 -65.71
CA TYR BA 669 -7.92 93.84 -65.69
C TYR BA 669 -8.45 95.05 -66.45
N TRP BA 670 -7.85 96.22 -66.22
CA TRP BA 670 -8.30 97.44 -66.87
C TRP BA 670 -7.96 97.44 -68.36
N GLN BA 671 -6.81 96.86 -68.74
CA GLN BA 671 -6.48 96.75 -70.15
C GLN BA 671 -7.45 95.83 -70.88
N GLU BA 672 -7.79 94.69 -70.27
CA GLU BA 672 -8.76 93.78 -70.89
C GLU BA 672 -10.15 94.39 -70.92
N LEU BA 673 -10.47 95.29 -69.99
CA LEU BA 673 -11.73 96.02 -70.06
C LEU BA 673 -11.71 97.05 -71.19
N ILE BA 674 -10.58 97.75 -71.34
CA ILE BA 674 -10.46 98.78 -72.38
C ILE BA 674 -10.49 98.15 -73.77
N GLU BA 675 -10.00 96.92 -73.92
CA GLU BA 675 -10.10 96.23 -75.20
C GLU BA 675 -11.56 96.02 -75.60
N THR BA 676 -12.39 95.59 -74.66
CA THR BA 676 -13.82 95.40 -74.93
C THR BA 676 -14.51 96.74 -75.19
N LEU BA 677 -14.11 97.78 -74.46
CA LEU BA 677 -14.67 99.11 -74.70
C LEU BA 677 -14.33 99.62 -76.10
N ALA BA 678 -13.10 99.38 -76.55
CA ALA BA 678 -12.69 99.77 -77.89
C ALA BA 678 -13.46 98.99 -78.94
N TRP BA 679 -13.68 97.70 -78.71
CA TRP BA 679 -14.52 96.92 -79.63
C TRP BA 679 -15.93 97.49 -79.69
N ALA BA 680 -16.49 97.87 -78.53
CA ALA BA 680 -17.85 98.40 -78.49
C ALA BA 680 -17.94 99.72 -79.25
N HIS BA 681 -16.94 100.58 -79.10
CA HIS BA 681 -16.97 101.84 -79.83
C HIS BA 681 -16.76 101.64 -81.33
N GLU BA 682 -15.95 100.65 -81.72
CA GLU BA 682 -15.71 100.42 -83.14
C GLU BA 682 -16.91 99.79 -83.85
N ARG BA 683 -17.87 99.23 -83.10
CA ARG BA 683 -19.01 98.53 -83.68
C ARG BA 683 -20.35 99.18 -83.35
N THR BA 684 -20.34 100.41 -82.84
CA THR BA 684 -21.58 101.09 -82.48
C THR BA 684 -21.97 102.07 -83.58
N PRO BA 685 -23.13 101.87 -84.23
CA PRO BA 685 -23.54 102.80 -85.29
C PRO BA 685 -23.73 104.21 -84.77
N LEU BA 686 -23.45 105.17 -85.64
CA LEU BA 686 -23.38 106.61 -85.40
C LEU BA 686 -22.19 106.99 -84.51
N ALA BA 687 -21.37 106.03 -84.09
CA ALA BA 687 -20.20 106.29 -83.27
C ALA BA 687 -18.90 105.82 -83.89
N ASN BA 688 -18.95 104.95 -84.91
CA ASN BA 688 -17.75 104.64 -85.69
C ASN BA 688 -17.29 105.82 -86.52
N LEU BA 689 -18.15 106.81 -86.73
CA LEU BA 689 -17.74 108.03 -87.42
C LEU BA 689 -16.67 108.76 -86.63
N ILE BA 690 -16.78 108.75 -85.30
CA ILE BA 690 -15.80 109.36 -84.42
C ILE BA 690 -14.79 108.30 -84.02
N ARG BA 691 -13.52 108.53 -84.34
CA ARG BA 691 -12.46 107.59 -84.03
C ARG BA 691 -11.32 108.31 -83.31
N TRP BA 692 -10.66 107.58 -82.42
CA TRP BA 692 -9.56 108.15 -81.66
C TRP BA 692 -8.29 108.17 -82.49
N ARG BA 693 -7.45 109.17 -82.21
CA ARG BA 693 -6.13 109.23 -82.82
C ARG BA 693 -5.09 108.48 -82.00
N ASP BA 694 -5.23 108.50 -80.66
CA ASP BA 694 -4.36 107.79 -79.75
C ASP BA 694 -5.08 106.56 -79.23
N LYS BA 695 -4.44 105.41 -79.34
CA LYS BA 695 -5.08 104.16 -78.94
C LYS BA 695 -5.23 104.12 -77.42
N PRO BA 696 -6.44 103.89 -76.90
CA PRO BA 696 -6.64 103.87 -75.45
C PRO BA 696 -6.00 102.65 -74.81
N VAL BA 697 -5.16 102.90 -73.80
CA VAL BA 697 -4.53 101.84 -73.03
C VAL BA 697 -4.72 102.14 -71.55
N ALA BA 698 -4.51 101.11 -70.74
CA ALA BA 698 -4.62 101.27 -69.30
C ALA BA 698 -3.45 102.08 -68.75
N LEU BA 699 -3.63 102.58 -67.52
CA LEU BA 699 -2.59 103.37 -66.88
C LEU BA 699 -1.38 102.49 -66.57
N SER BA 700 -0.19 103.05 -66.80
CA SER BA 700 1.04 102.31 -66.53
C SER BA 700 1.18 102.05 -65.04
N ILE BA 701 1.94 101.00 -64.70
CA ILE BA 701 2.03 100.53 -63.32
C ILE BA 701 2.64 101.60 -62.43
N VAL BA 702 3.76 102.18 -62.85
CA VAL BA 702 4.35 103.30 -62.11
C VAL BA 702 3.41 104.51 -62.16
N GLN BA 703 2.80 104.75 -63.32
CA GLN BA 703 1.83 105.84 -63.44
C GLN BA 703 0.64 105.64 -62.53
N ALA BA 704 0.13 104.41 -62.43
CA ALA BA 704 -1.01 104.16 -61.56
C ALA BA 704 -0.62 104.26 -60.10
N ARG BA 705 0.60 103.83 -59.75
CA ARG BA 705 1.08 104.02 -58.39
C ARG BA 705 1.15 105.50 -58.04
N LEU BA 706 1.65 106.32 -58.96
CA LEU BA 706 1.71 107.76 -58.72
C LEU BA 706 0.32 108.37 -58.60
N VAL BA 707 -0.62 107.93 -59.45
CA VAL BA 707 -1.98 108.47 -59.42
C VAL BA 707 -2.67 108.10 -58.10
N GLY BA 708 -2.53 106.84 -57.68
CA GLY BA 708 -3.10 106.43 -56.40
C GLY BA 708 -2.48 107.15 -55.22
N LEU BA 709 -1.15 107.35 -55.26
CA LEU BA 709 -0.49 108.10 -54.20
C LEU BA 709 -0.94 109.54 -54.17
N ALA BA 710 -1.16 110.14 -55.35
CA ALA BA 710 -1.64 111.53 -55.41
C ALA BA 710 -3.05 111.64 -54.84
N HIS BA 711 -3.94 110.73 -55.23
CA HIS BA 711 -5.30 110.74 -54.66
C HIS BA 711 -5.27 110.51 -53.16
N PHE BA 712 -4.42 109.59 -52.70
CA PHE BA 712 -4.28 109.29 -51.27
C PHE BA 712 -3.81 110.53 -50.50
N SER BA 713 -2.78 111.21 -51.03
CA SER BA 713 -2.23 112.37 -50.34
C SER BA 713 -3.21 113.54 -50.36
N VAL BA 714 -3.92 113.74 -51.48
CA VAL BA 714 -4.92 114.80 -51.54
C VAL BA 714 -6.04 114.54 -50.55
N GLY BA 715 -6.49 113.28 -50.45
CA GLY BA 715 -7.51 112.95 -49.47
C GLY BA 715 -7.05 113.17 -48.04
N TYR BA 716 -5.82 112.72 -47.74
CA TYR BA 716 -5.23 112.91 -46.41
C TYR BA 716 -5.21 114.39 -46.04
N ILE BA 717 -4.64 115.22 -46.92
CA ILE BA 717 -4.46 116.63 -46.63
C ILE BA 717 -5.80 117.34 -46.52
N PHE BA 718 -6.70 117.13 -47.49
CA PHE BA 718 -7.97 117.83 -47.49
C PHE BA 718 -8.84 117.42 -46.32
N THR BA 719 -8.88 116.12 -46.01
CA THR BA 719 -9.66 115.63 -44.89
C THR BA 719 -9.18 116.21 -43.56
N TYR BA 720 -7.86 116.13 -43.31
CA TYR BA 720 -7.38 116.62 -42.03
C TYR BA 720 -7.47 118.14 -41.94
N ALA BA 721 -7.26 118.84 -43.05
CA ALA BA 721 -7.38 120.28 -43.05
C ALA BA 721 -8.81 120.71 -42.74
N ALA BA 722 -9.78 120.06 -43.39
CA ALA BA 722 -11.19 120.37 -43.12
C ALA BA 722 -11.56 120.10 -41.67
N PHE BA 723 -11.13 118.93 -41.15
CA PHE BA 723 -11.45 118.60 -39.77
C PHE BA 723 -10.80 119.58 -38.80
N LEU BA 724 -9.52 119.90 -39.02
CA LEU BA 724 -8.79 120.80 -38.13
C LEU BA 724 -9.40 122.19 -38.11
N ILE BA 725 -9.64 122.77 -39.29
CA ILE BA 725 -10.16 124.12 -39.36
C ILE BA 725 -11.59 124.18 -38.84
N ALA BA 726 -12.41 123.16 -39.16
CA ALA BA 726 -13.78 123.17 -38.66
C ALA BA 726 -13.84 123.00 -37.14
N SER BA 727 -12.97 122.15 -36.58
CA SER BA 727 -12.95 121.98 -35.14
C SER BA 727 -12.47 123.23 -34.42
N THR BA 728 -11.47 123.91 -34.97
CA THR BA 728 -10.93 125.07 -34.29
C THR BA 728 -11.67 126.36 -34.65
N SER BA 729 -12.59 126.31 -35.62
CA SER BA 729 -13.39 127.47 -35.97
C SER BA 729 -14.82 127.40 -35.46
N GLY BA 730 -15.40 126.20 -35.34
CA GLY BA 730 -16.67 126.07 -34.65
C GLY BA 730 -16.59 126.47 -33.20
N LYS BA 731 -15.47 126.18 -32.55
CA LYS BA 731 -15.13 126.78 -31.26
C LYS BA 731 -13.68 127.23 -31.36
N PHE BA 732 -13.43 128.52 -31.10
CA PHE BA 732 -12.05 129.00 -31.12
C PHE BA 732 -11.43 128.74 -29.76
N GLY BA 733 -10.96 127.52 -29.55
CA GLY BA 733 -10.45 127.10 -28.26
C GLY BA 733 -11.46 126.21 -27.55
N MET CA 1 13.04 101.87 -81.38
CA MET CA 1 11.66 101.80 -80.93
C MET CA 1 11.24 100.35 -80.66
N SER CA 2 11.94 99.69 -79.75
CA SER CA 2 11.62 98.33 -79.34
C SER CA 2 12.31 98.05 -78.01
N HIS CA 3 11.80 97.05 -77.30
CA HIS CA 3 12.48 96.58 -76.09
C HIS CA 3 13.83 95.96 -76.46
N SER CA 4 14.82 96.18 -75.60
CA SER CA 4 16.19 95.76 -75.89
C SER CA 4 16.44 94.41 -75.23
N VAL CA 5 16.59 93.37 -76.03
CA VAL CA 5 16.89 92.03 -75.53
C VAL CA 5 18.35 91.74 -75.82
N LYS CA 6 19.12 91.43 -74.78
CA LYS CA 6 20.55 91.21 -74.88
C LYS CA 6 20.91 89.83 -74.37
N ILE CA 7 21.83 89.18 -75.07
CA ILE CA 7 22.34 87.86 -74.71
C ILE CA 7 23.78 88.02 -74.26
N TYR CA 8 24.10 87.42 -73.12
CA TYR CA 8 25.45 87.49 -72.56
C TYR CA 8 26.14 86.14 -72.70
N ASP CA 9 27.47 86.16 -72.53
CA ASP CA 9 28.28 84.98 -72.78
C ASP CA 9 28.13 83.88 -71.73
N THR CA 10 27.42 84.14 -70.64
CA THR CA 10 27.17 83.15 -69.60
C THR CA 10 26.08 82.15 -70.00
N CYS CA 11 25.59 82.23 -71.24
CA CYS CA 11 24.52 81.34 -71.69
C CYS CA 11 25.02 79.90 -71.80
N ILE CA 12 24.30 78.99 -71.13
CA ILE CA 12 24.71 77.59 -71.11
C ILE CA 12 24.49 76.95 -72.47
N GLY CA 13 23.38 77.25 -73.12
CA GLY CA 13 22.98 76.58 -74.34
C GLY CA 13 21.60 75.96 -74.26
N CYS CA 14 20.95 75.99 -73.10
CA CYS CA 14 19.59 75.53 -72.96
C CYS CA 14 18.66 76.40 -73.81
N THR CA 15 17.76 75.77 -74.55
CA THR CA 15 16.91 76.53 -75.45
C THR CA 15 15.64 77.04 -74.78
N GLN CA 16 15.56 76.98 -73.44
CA GLN CA 16 14.32 77.32 -72.75
C GLN CA 16 13.94 78.78 -72.95
N CYS CA 17 14.93 79.66 -73.10
CA CYS CA 17 14.66 81.06 -73.42
C CYS CA 17 13.93 81.18 -74.76
N VAL CA 18 14.32 80.35 -75.73
CA VAL CA 18 13.65 80.39 -77.03
C VAL CA 18 12.26 79.76 -76.96
N ARG CA 19 12.14 78.61 -76.29
CA ARG CA 19 10.84 77.95 -76.18
C ARG CA 19 9.84 78.75 -75.37
N ALA CA 20 10.29 79.65 -74.50
CA ALA CA 20 9.39 80.42 -73.65
C ALA CA 20 8.95 81.74 -74.29
N CYS CA 21 9.33 81.99 -75.54
CA CYS CA 21 9.04 83.27 -76.17
C CYS CA 21 7.71 83.19 -76.91
N PRO CA 22 6.72 84.03 -76.55
CA PRO CA 22 5.42 83.98 -77.24
C PRO CA 22 5.36 84.80 -78.52
N THR CA 23 6.44 85.48 -78.92
CA THR CA 23 6.43 86.31 -80.11
C THR CA 23 7.60 86.03 -81.04
N ASP CA 24 8.32 84.92 -80.82
CA ASP CA 24 9.39 84.45 -81.71
C ASP CA 24 10.50 85.49 -81.85
N VAL CA 25 10.95 86.01 -80.72
CA VAL CA 25 12.02 87.01 -80.74
C VAL CA 25 13.39 86.34 -80.78
N LEU CA 26 13.58 85.33 -79.96
CA LEU CA 26 14.88 84.70 -79.81
C LEU CA 26 15.01 83.48 -80.73
N GLU CA 27 16.26 83.13 -81.02
CA GLU CA 27 16.57 81.90 -81.73
C GLU CA 27 17.94 81.39 -81.27
N MET CA 28 18.25 80.16 -81.66
CA MET CA 28 19.49 79.50 -81.27
C MET CA 28 20.47 79.52 -82.43
N ILE CA 29 21.67 80.05 -82.19
CA ILE CA 29 22.70 80.15 -83.22
C ILE CA 29 23.90 79.35 -82.74
N PRO CA 30 24.76 78.90 -83.66
CA PRO CA 30 25.95 78.16 -83.25
C PRO CA 30 26.93 79.04 -82.47
N TRP CA 31 27.70 78.39 -81.61
CA TRP CA 31 28.69 79.05 -80.77
C TRP CA 31 29.74 78.02 -80.38
N ASP CA 32 30.74 78.47 -79.63
CA ASP CA 32 31.79 77.57 -79.14
C ASP CA 32 32.20 77.84 -77.70
N GLY CA 33 31.50 78.71 -76.99
CA GLY CA 33 31.85 79.07 -75.63
C GLY CA 33 31.25 78.21 -74.55
N CYS CA 34 30.53 77.14 -74.91
CA CYS CA 34 29.91 76.28 -73.92
C CYS CA 34 29.86 74.87 -74.47
N LYS CA 35 29.40 73.94 -73.63
CA LYS CA 35 29.31 72.54 -74.04
C LYS CA 35 28.29 72.33 -75.14
N ALA CA 36 27.18 73.07 -75.10
CA ALA CA 36 26.10 72.88 -76.05
C ALA CA 36 26.42 73.42 -77.44
N LYS CA 37 27.52 74.17 -77.59
CA LYS CA 37 27.96 74.74 -78.86
C LYS CA 37 26.88 75.62 -79.50
N GLN CA 38 26.14 76.34 -78.67
CA GLN CA 38 25.09 77.23 -79.17
C GLN CA 38 24.84 78.33 -78.16
N ILE CA 39 24.34 79.46 -78.67
CA ILE CA 39 23.99 80.60 -77.85
C ILE CA 39 22.70 81.23 -78.40
N ALA CA 40 22.00 81.95 -77.54
CA ALA CA 40 20.77 82.61 -77.95
C ALA CA 40 21.08 83.92 -78.68
N SER CA 41 20.11 84.34 -79.49
CA SER CA 41 20.22 85.60 -80.20
C SER CA 41 18.83 86.22 -80.33
N ALA CA 42 18.79 87.54 -80.43
CA ALA CA 42 17.55 88.31 -80.50
C ALA CA 42 17.57 89.18 -81.75
N PRO CA 43 17.23 88.63 -82.91
CA PRO CA 43 17.16 89.44 -84.13
C PRO CA 43 15.82 90.11 -84.36
N ARG CA 44 14.77 89.69 -83.66
CA ARG CA 44 13.43 90.21 -83.90
C ARG CA 44 12.86 90.88 -82.66
N THR CA 45 13.65 91.74 -82.02
CA THR CA 45 13.19 92.46 -80.84
C THR CA 45 12.12 93.49 -81.15
N GLU CA 46 11.86 93.78 -82.43
CA GLU CA 46 10.76 94.66 -82.78
C GLU CA 46 9.40 94.05 -82.44
N ASP CA 47 9.32 92.73 -82.32
CA ASP CA 47 8.10 92.04 -81.92
C ASP CA 47 8.08 91.70 -80.44
N CYS CA 48 9.10 92.13 -79.68
CA CYS CA 48 9.15 91.82 -78.26
C CYS CA 48 8.09 92.60 -77.51
N VAL CA 49 7.32 91.91 -76.68
CA VAL CA 49 6.31 92.56 -75.87
C VAL CA 49 6.84 92.97 -74.50
N GLY CA 50 7.87 92.31 -74.00
CA GLY CA 50 8.38 92.58 -72.68
C GLY CA 50 7.85 91.68 -71.59
N CYS CA 51 7.27 90.52 -71.95
CA CYS CA 51 6.66 89.63 -70.96
C CYS CA 51 7.67 89.02 -70.02
N LYS CA 52 8.95 88.99 -70.42
CA LYS CA 52 10.05 88.46 -69.60
C LYS CA 52 9.84 87.00 -69.22
N ARG CA 53 9.17 86.24 -70.08
CA ARG CA 53 9.12 84.80 -69.91
C ARG CA 53 10.46 84.15 -70.23
N CYS CA 54 11.23 84.77 -71.12
CA CYS CA 54 12.52 84.22 -71.51
C CYS CA 54 13.50 84.20 -70.35
N GLU CA 55 13.54 85.28 -69.58
CA GLU CA 55 14.44 85.37 -68.43
C GLU CA 55 13.81 84.79 -67.18
N SER CA 56 12.57 84.32 -67.24
CA SER CA 56 11.99 83.55 -66.15
C SER CA 56 12.35 82.07 -66.24
N ALA CA 57 13.04 81.65 -67.31
CA ALA CA 57 13.45 80.28 -67.50
C ALA CA 57 14.97 80.13 -67.62
N CYS CA 58 15.73 81.20 -67.45
CA CYS CA 58 17.17 81.14 -67.57
C CYS CA 58 17.76 80.56 -66.28
N PRO CA 59 18.52 79.47 -66.34
CA PRO CA 59 18.96 78.79 -65.12
C PRO CA 59 20.31 79.22 -64.56
N THR CA 60 20.93 80.27 -65.11
CA THR CA 60 22.22 80.71 -64.61
C THR CA 60 22.07 81.45 -63.29
N ASP CA 61 23.21 81.81 -62.69
CA ASP CA 61 23.19 82.51 -61.40
C ASP CA 61 22.48 83.86 -61.53
N PHE CA 62 22.77 84.59 -62.60
CA PHE CA 62 21.92 85.68 -63.05
C PHE CA 62 21.74 85.56 -64.55
N LEU CA 63 20.75 86.29 -65.05
CA LEU CA 63 20.16 86.03 -66.36
C LEU CA 63 21.15 86.30 -67.48
N SER CA 64 21.37 85.30 -68.33
CA SER CA 64 22.13 85.49 -69.57
C SER CA 64 21.31 86.17 -70.65
N VAL CA 65 19.99 86.17 -70.53
CA VAL CA 65 19.10 86.94 -71.40
C VAL CA 65 18.47 88.04 -70.56
N ARG CA 66 18.56 89.28 -71.05
CA ARG CA 66 18.05 90.42 -70.32
C ARG CA 66 17.17 91.26 -71.24
N VAL CA 67 15.96 91.55 -70.77
CA VAL CA 67 15.00 92.37 -71.49
C VAL CA 67 14.90 93.69 -70.77
N TYR CA 68 15.36 94.76 -71.41
CA TYR CA 68 15.25 96.11 -70.90
C TYR CA 68 14.08 96.79 -71.62
N LEU CA 69 13.08 97.20 -70.84
CA LEU CA 69 11.92 97.87 -71.40
C LEU CA 69 12.32 99.23 -71.97
N TRP CA 70 11.73 99.57 -73.11
CA TRP CA 70 12.16 100.72 -73.89
C TRP CA 70 10.93 101.27 -74.60
N HIS CA 71 11.15 102.05 -75.65
CA HIS CA 71 10.08 102.70 -76.39
C HIS CA 71 9.08 101.67 -76.90
N GLU CA 72 7.79 101.99 -76.76
CA GLU CA 72 6.72 101.02 -76.94
C GLU CA 72 5.91 101.37 -78.18
N THR CA 73 5.63 100.35 -79.01
CA THR CA 73 4.85 100.46 -80.22
C THR CA 73 3.52 99.73 -80.04
N THR CA 74 2.75 99.63 -81.12
CA THR CA 74 1.48 98.92 -81.06
C THR CA 74 1.67 97.43 -80.86
N ARG CA 75 2.74 96.86 -81.43
CA ARG CA 75 3.05 95.44 -81.22
C ARG CA 75 3.89 95.21 -79.97
N SER CA 76 4.46 96.27 -79.39
CA SER CA 76 5.14 96.15 -78.10
C SER CA 76 4.21 96.42 -76.92
N MET CA 77 3.07 97.05 -77.16
CA MET CA 77 2.06 97.26 -76.13
C MET CA 77 1.00 96.17 -76.13
N GLY CA 78 1.11 95.17 -76.99
CA GLY CA 78 0.14 94.09 -77.04
C GLY CA 78 -1.25 94.54 -77.43
N LEU CA 79 -1.35 95.42 -78.41
CA LEU CA 79 -2.62 96.00 -78.82
C LEU CA 79 -3.14 95.26 -80.05
N GLY CA 80 -4.28 94.61 -79.91
CA GLY CA 80 -4.97 94.01 -81.04
C GLY CA 80 -5.95 94.92 -81.72
N TYR CA 81 -6.05 96.18 -81.29
CA TYR CA 81 -6.97 97.13 -81.86
C TYR CA 81 -6.24 98.37 -82.37
N GLY DA 1 20.29 77.03 -98.94
CA GLY DA 1 19.46 78.16 -99.35
C GLY DA 1 17.97 77.87 -99.26
N PHE DA 2 17.38 78.17 -98.12
CA PHE DA 2 15.96 77.93 -97.91
C PHE DA 2 15.15 79.09 -98.48
N THR DA 3 14.14 78.76 -99.29
CA THR DA 3 13.29 79.83 -99.79
C THR DA 3 11.97 79.85 -99.03
N PRO DA 4 11.46 81.04 -98.70
CA PRO DA 4 10.19 81.14 -97.98
C PRO DA 4 9.03 80.72 -98.86
N PRO DA 5 8.11 79.91 -98.32
CA PRO DA 5 6.93 79.53 -99.11
C PRO DA 5 6.00 80.71 -99.32
N GLU DA 6 5.52 80.85 -100.56
CA GLU DA 6 4.65 81.94 -100.91
C GLU DA 6 3.25 81.74 -100.34
N LEU DA 7 2.60 82.84 -99.99
CA LEU DA 7 1.24 82.78 -99.48
C LEU DA 7 0.27 82.44 -100.60
N ASP DA 8 -0.67 81.53 -100.30
CA ASP DA 8 -1.72 81.17 -101.25
C ASP DA 8 -3.02 81.83 -100.80
N PRO DA 9 -3.47 82.89 -101.47
CA PRO DA 9 -4.73 83.55 -101.05
C PRO DA 9 -5.95 82.66 -101.16
N ASN DA 10 -5.96 81.71 -102.09
CA ASN DA 10 -7.11 80.84 -102.29
C ASN DA 10 -7.18 79.68 -101.30
N THR DA 11 -6.41 79.74 -100.23
CA THR DA 11 -6.45 78.69 -99.21
C THR DA 11 -7.77 78.75 -98.44
N PRO DA 12 -8.49 77.63 -98.31
CA PRO DA 12 -9.74 77.65 -97.54
C PRO DA 12 -9.48 77.87 -96.05
N SER DA 13 -10.48 78.44 -95.39
CA SER DA 13 -10.43 78.81 -93.99
C SER DA 13 -11.14 77.79 -93.13
N PRO DA 14 -10.80 77.70 -91.83
CA PRO DA 14 -11.52 76.80 -90.94
C PRO DA 14 -12.98 77.21 -90.76
N ILE DA 15 -13.82 76.21 -90.51
CA ILE DA 15 -15.26 76.44 -90.33
C ILE DA 15 -15.46 77.11 -88.98
N PHE DA 16 -15.81 78.39 -88.99
CA PHE DA 16 -16.06 79.16 -87.78
C PHE DA 16 -17.38 79.89 -87.91
N ALA DA 17 -18.09 80.02 -86.79
CA ALA DA 17 -19.42 80.62 -86.77
C ALA DA 17 -19.41 82.11 -86.45
N GLY DA 18 -18.24 82.71 -86.29
CA GLY DA 18 -18.17 84.13 -86.01
C GLY DA 18 -17.94 84.47 -84.56
N SER DA 19 -17.02 85.39 -84.29
CA SER DA 19 -16.71 85.81 -82.94
C SER DA 19 -16.37 87.29 -82.93
N THR DA 20 -16.53 87.91 -81.76
CA THR DA 20 -16.22 89.31 -81.59
C THR DA 20 -14.74 89.56 -81.31
N GLY DA 21 -13.94 88.52 -81.15
CA GLY DA 21 -12.53 88.63 -80.88
C GLY DA 21 -11.64 88.67 -82.10
N GLY DA 22 -12.21 88.79 -83.29
CA GLY DA 22 -11.43 88.77 -84.52
C GLY DA 22 -10.74 90.07 -84.85
N LEU DA 23 -10.69 90.40 -86.14
CA LEU DA 23 -9.98 91.57 -86.60
C LEU DA 23 -10.73 92.85 -86.24
N LEU DA 24 -9.99 93.95 -86.21
CA LEU DA 24 -10.54 95.28 -85.94
C LEU DA 24 -9.93 96.28 -86.91
N ARG DA 25 -10.07 97.58 -86.62
CA ARG DA 25 -9.54 98.62 -87.50
C ARG DA 25 -8.02 98.53 -87.66
N LYS DA 26 -7.32 97.94 -86.69
CA LYS DA 26 -5.87 97.78 -86.80
C LYS DA 26 -5.51 96.91 -88.00
N ALA DA 27 -6.37 95.96 -88.38
CA ALA DA 27 -6.12 95.16 -89.57
C ALA DA 27 -6.22 95.97 -90.86
N GLN DA 28 -6.91 97.11 -90.84
CA GLN DA 28 -7.11 97.91 -92.04
C GLN DA 28 -6.04 98.98 -92.20
N VAL DA 29 -5.81 99.78 -91.17
CA VAL DA 29 -4.81 100.85 -91.22
C VAL DA 29 -3.40 100.32 -91.01
N GLU DA 30 -3.26 99.17 -90.35
CA GLU DA 30 -1.95 98.62 -90.03
C GLU DA 30 -1.95 97.15 -90.44
N GLU DA 31 -0.94 96.41 -89.99
CA GLU DA 31 -0.74 95.04 -90.43
C GLU DA 31 -1.66 94.06 -89.69
N PHE DA 32 -1.78 92.86 -90.26
CA PHE DA 32 -2.50 91.76 -89.64
C PHE DA 32 -1.83 90.47 -90.08
N TYR DA 33 -1.91 89.44 -89.23
CA TYR DA 33 -1.11 88.24 -89.42
C TYR DA 33 -1.98 87.11 -89.97
N VAL DA 34 -1.36 86.21 -90.73
CA VAL DA 34 -2.06 85.13 -91.41
C VAL DA 34 -1.28 83.84 -91.20
N ILE DA 35 -1.93 82.83 -90.60
CA ILE DA 35 -1.29 81.56 -90.30
C ILE DA 35 -1.87 80.49 -91.22
N THR DA 36 -0.98 79.72 -91.84
CA THR DA 36 -1.34 78.65 -92.75
C THR DA 36 -0.76 77.33 -92.23
N TRP DA 37 -1.59 76.29 -92.24
CA TRP DA 37 -1.14 74.97 -91.81
C TRP DA 37 -1.82 73.93 -92.69
N GLU DA 38 -1.50 72.66 -92.43
CA GLU DA 38 -2.00 71.54 -93.23
C GLU DA 38 -2.54 70.48 -92.29
N SER DA 39 -3.87 70.41 -92.17
CA SER DA 39 -4.50 69.44 -91.29
C SER DA 39 -4.65 68.10 -92.01
N PRO DA 40 -4.13 67.00 -91.45
CA PRO DA 40 -4.33 65.69 -92.09
C PRO DA 40 -5.71 65.07 -91.81
N LYS DA 41 -6.50 65.67 -90.94
CA LYS DA 41 -7.81 65.14 -90.59
C LYS DA 41 -8.71 66.28 -90.16
N GLU DA 42 -9.98 66.21 -90.56
CA GLU DA 42 -10.97 67.22 -90.22
C GLU DA 42 -11.30 67.11 -88.74
N GLN DA 43 -10.73 67.99 -87.92
CA GLN DA 43 -10.98 67.95 -86.48
C GLN DA 43 -11.38 69.32 -85.97
N ILE DA 44 -11.47 69.47 -84.65
CA ILE DA 44 -11.94 70.69 -84.00
C ILE DA 44 -10.86 71.20 -83.06
N PHE DA 45 -10.55 72.49 -83.18
CA PHE DA 45 -9.56 73.13 -82.33
C PHE DA 45 -10.17 74.36 -81.66
N GLU DA 46 -9.41 74.93 -80.74
CA GLU DA 46 -9.86 76.10 -79.97
C GLU DA 46 -9.17 77.34 -80.51
N MET DA 47 -9.98 78.34 -80.87
CA MET DA 47 -9.43 79.58 -81.40
C MET DA 47 -8.78 80.40 -80.29
N PRO DA 48 -7.71 81.14 -80.61
CA PRO DA 48 -7.13 82.07 -79.62
C PRO DA 48 -7.98 83.30 -79.40
N THR DA 49 -8.99 83.55 -80.24
CA THR DA 49 -9.89 84.68 -80.07
C THR DA 49 -11.18 84.28 -79.36
N GLY DA 50 -11.15 83.20 -78.60
CA GLY DA 50 -12.34 82.70 -77.94
C GLY DA 50 -13.17 81.82 -78.84
N GLY DA 51 -13.78 80.78 -78.29
CA GLY DA 51 -14.59 79.88 -79.06
C GLY DA 51 -13.79 78.76 -79.69
N ALA DA 52 -14.51 77.90 -80.40
CA ALA DA 52 -13.93 76.73 -81.05
C ALA DA 52 -14.28 76.73 -82.53
N ALA DA 53 -13.31 76.32 -83.35
CA ALA DA 53 -13.49 76.22 -84.80
C ALA DA 53 -13.23 74.79 -85.23
N ILE DA 54 -13.65 74.48 -86.46
CA ILE DA 54 -13.49 73.16 -87.04
C ILE DA 54 -12.62 73.30 -88.27
N MET DA 55 -11.35 72.91 -88.16
CA MET DA 55 -10.45 72.94 -89.30
C MET DA 55 -10.85 71.86 -90.30
N ARG DA 56 -10.68 72.18 -91.58
CA ARG DA 56 -10.99 71.25 -92.65
C ARG DA 56 -9.72 70.53 -93.10
N GLU DA 57 -9.93 69.37 -93.74
CA GLU DA 57 -8.80 68.57 -94.21
C GLU DA 57 -8.07 69.29 -95.33
N GLY DA 58 -6.74 69.19 -95.31
CA GLY DA 58 -5.92 69.87 -96.29
C GLY DA 58 -5.38 71.18 -95.76
N PRO DA 59 -5.11 72.12 -96.65
CA PRO DA 59 -4.56 73.41 -96.23
C PRO DA 59 -5.61 74.28 -95.57
N ASN DA 60 -5.19 75.01 -94.54
CA ASN DA 60 -6.05 75.89 -93.77
C ASN DA 60 -5.36 77.23 -93.56
N LEU DA 61 -6.13 78.31 -93.72
CA LEU DA 61 -5.63 79.67 -93.59
C LEU DA 61 -6.50 80.44 -92.61
N LEU DA 62 -5.86 81.13 -91.66
CA LEU DA 62 -6.58 81.88 -90.63
C LEU DA 62 -5.93 83.24 -90.44
N LYS DA 63 -6.73 84.30 -90.47
CA LYS DA 63 -6.23 85.65 -90.26
C LYS DA 63 -6.53 86.12 -88.85
N LEU DA 64 -5.49 86.57 -88.15
CA LEU DA 64 -5.58 87.07 -86.79
C LEU DA 64 -4.94 88.46 -86.73
N ALA DA 65 -5.07 89.10 -85.57
CA ALA DA 65 -4.67 90.49 -85.42
C ALA DA 65 -3.28 90.68 -84.83
N ARG DA 66 -2.75 89.69 -84.12
CA ARG DA 66 -1.47 89.83 -83.43
C ARG DA 66 -0.58 88.63 -83.72
N LYS DA 67 0.73 88.86 -83.65
CA LYS DA 67 1.69 87.77 -83.83
C LYS DA 67 1.65 86.78 -82.68
N GLU DA 68 1.34 87.26 -81.48
CA GLU DA 68 1.24 86.38 -80.32
C GLU DA 68 0.11 85.38 -80.48
N GLN DA 69 -1.02 85.81 -81.05
CA GLN DA 69 -2.12 84.88 -81.32
C GLN DA 69 -1.70 83.81 -82.32
N CYS DA 70 -1.00 84.21 -83.38
CA CYS DA 70 -0.52 83.25 -84.37
C CYS DA 70 0.44 82.24 -83.75
N LEU DA 71 1.36 82.72 -82.92
CA LEU DA 71 2.34 81.81 -82.32
C LEU DA 71 1.69 80.89 -81.30
N ALA DA 72 0.72 81.39 -80.54
CA ALA DA 72 0.01 80.55 -79.58
C ALA DA 72 -0.78 79.46 -80.29
N LEU DA 73 -1.47 79.81 -81.36
CA LEU DA 73 -2.20 78.82 -82.14
C LEU DA 73 -1.25 77.80 -82.76
N GLY DA 74 -0.12 78.27 -83.29
CA GLY DA 74 0.85 77.36 -83.87
C GLY DA 74 1.46 76.41 -82.86
N THR DA 75 1.75 76.92 -81.65
CA THR DA 75 2.26 76.06 -80.58
C THR DA 75 1.22 75.02 -80.19
N ARG DA 76 -0.05 75.42 -80.11
CA ARG DA 76 -1.10 74.46 -79.81
C ARG DA 76 -1.21 73.38 -80.89
N LEU DA 77 -1.12 73.80 -82.17
CA LEU DA 77 -1.18 72.83 -83.26
C LEU DA 77 0.00 71.86 -83.22
N ARG DA 78 1.20 72.38 -82.96
CA ARG DA 78 2.38 71.53 -82.95
C ARG DA 78 2.38 70.57 -81.76
N SER DA 79 2.00 71.06 -80.58
CA SER DA 79 2.03 70.22 -79.40
C SER DA 79 0.89 69.20 -79.37
N LYS DA 80 -0.32 69.61 -79.76
CA LYS DA 80 -1.47 68.74 -79.59
C LYS DA 80 -1.78 67.91 -80.83
N TYR DA 81 -1.70 68.51 -82.02
CA TYR DA 81 -2.10 67.83 -83.24
C TYR DA 81 -0.93 67.50 -84.16
N LYS DA 82 0.27 68.01 -83.89
CA LYS DA 82 1.47 67.77 -84.68
C LYS DA 82 1.28 68.21 -86.14
N ILE DA 83 1.08 69.51 -86.32
CA ILE DA 83 0.89 70.10 -87.66
C ILE DA 83 1.97 71.15 -87.89
N LYS DA 84 2.62 71.09 -89.05
CA LYS DA 84 3.53 72.15 -89.46
C LYS DA 84 2.75 73.41 -89.79
N TYR DA 85 3.27 74.56 -89.35
CA TYR DA 85 2.58 75.83 -89.44
C TYR DA 85 3.55 76.93 -89.86
N GLN DA 86 3.07 77.87 -90.68
CA GLN DA 86 3.85 79.06 -91.01
C GLN DA 86 2.91 80.26 -91.02
N PHE DA 87 3.33 81.36 -90.41
CA PHE DA 87 2.51 82.57 -90.46
C PHE DA 87 3.31 83.75 -91.00
N TYR DA 88 2.56 84.64 -91.65
CA TYR DA 88 3.06 85.80 -92.37
C TYR DA 88 2.42 87.06 -91.80
N ARG DA 89 2.98 88.21 -92.15
CA ARG DA 89 2.43 89.50 -91.82
C ARG DA 89 2.03 90.21 -93.10
N VAL DA 90 0.78 90.69 -93.14
CA VAL DA 90 0.21 91.32 -94.33
C VAL DA 90 -0.10 92.77 -93.99
N PHE DA 91 0.37 93.67 -94.82
CA PHE DA 91 0.17 95.11 -94.72
C PHE DA 91 -1.01 95.54 -95.59
N PRO DA 92 -1.60 96.71 -95.31
CA PRO DA 92 -2.68 97.20 -96.18
C PRO DA 92 -2.25 97.46 -97.62
N SER DA 93 -0.95 97.63 -97.87
CA SER DA 93 -0.44 97.78 -99.22
C SER DA 93 -0.36 96.46 -99.97
N GLY DA 94 -0.63 95.34 -99.30
CA GLY DA 94 -0.56 94.03 -99.91
C GLY DA 94 0.74 93.29 -99.71
N GLU DA 95 1.73 93.91 -99.06
CA GLU DA 95 3.01 93.27 -98.85
C GLU DA 95 2.88 92.13 -97.84
N VAL DA 96 3.58 91.03 -98.11
CA VAL DA 96 3.58 89.85 -97.26
C VAL DA 96 5.00 89.57 -96.78
N GLN DA 97 5.16 89.43 -95.47
CA GLN DA 97 6.46 89.16 -94.86
C GLN DA 97 6.39 87.81 -94.16
N TYR DA 98 7.21 86.87 -94.61
CA TYR DA 98 7.23 85.52 -94.05
C TYR DA 98 7.98 85.54 -92.73
N LEU DA 99 7.26 85.29 -91.63
CA LEU DA 99 7.74 85.65 -90.30
C LEU DA 99 8.41 84.51 -89.54
N HIS DA 100 7.67 83.43 -89.24
CA HIS DA 100 8.05 82.61 -88.09
C HIS DA 100 9.34 81.80 -88.31
N PRO DA 101 9.40 80.78 -89.21
CA PRO DA 101 10.70 80.12 -89.38
C PRO DA 101 11.57 80.91 -90.34
N LYS DA 102 12.55 81.65 -89.82
CA LYS DA 102 13.33 82.53 -90.69
C LYS DA 102 14.31 81.76 -91.57
N ASP DA 103 14.57 80.49 -91.25
CA ASP DA 103 15.42 79.65 -92.08
C ASP DA 103 14.79 78.30 -92.35
N GLY DA 104 13.49 78.15 -92.14
CA GLY DA 104 12.82 76.89 -92.33
C GLY DA 104 12.94 75.94 -91.16
N VAL DA 105 13.78 76.26 -90.19
CA VAL DA 105 14.02 75.42 -89.01
C VAL DA 105 13.53 76.18 -87.79
N TYR DA 106 12.97 75.46 -86.83
CA TYR DA 106 12.39 76.09 -85.66
C TYR DA 106 13.47 76.77 -84.83
N PRO DA 107 13.19 77.94 -84.24
CA PRO DA 107 14.24 78.71 -83.55
C PRO DA 107 14.80 78.02 -82.32
N GLU DA 108 14.08 77.07 -81.73
CA GLU DA 108 14.56 76.42 -80.51
C GLU DA 108 15.81 75.58 -80.79
N LYS DA 109 15.86 74.91 -81.93
CA LYS DA 109 17.00 74.07 -82.27
C LYS DA 109 17.98 74.84 -83.14
N VAL DA 110 19.27 74.52 -82.97
CA VAL DA 110 20.33 75.27 -83.63
C VAL DA 110 20.35 74.95 -85.13
N ASN DA 111 20.63 75.98 -85.94
CA ASN DA 111 20.71 75.83 -87.37
C ASN DA 111 21.82 76.74 -87.88
N PRO DA 112 22.71 76.25 -88.73
CA PRO DA 112 23.78 77.11 -89.27
C PRO DA 112 23.23 78.17 -90.20
N GLY DA 113 23.94 79.29 -90.25
CA GLY DA 113 23.55 80.42 -91.08
C GLY DA 113 22.86 81.55 -90.36
N ARG DA 114 22.65 81.43 -89.05
CA ARG DA 114 22.03 82.48 -88.27
C ARG DA 114 23.11 83.40 -87.69
N GLN DA 115 22.84 84.70 -87.72
CA GLN DA 115 23.78 85.70 -87.23
C GLN DA 115 23.35 86.18 -85.85
N GLY DA 116 24.34 86.52 -85.02
CA GLY DA 116 24.06 86.94 -83.66
C GLY DA 116 23.71 88.42 -83.58
N VAL DA 117 22.53 88.70 -83.04
CA VAL DA 117 22.06 90.06 -82.83
C VAL DA 117 21.81 90.24 -81.34
N GLY DA 118 22.34 91.33 -80.78
CA GLY DA 118 22.23 91.58 -79.36
C GLY DA 118 23.13 90.74 -78.50
N LEU DA 119 24.27 90.31 -79.03
CA LEU DA 119 25.19 89.44 -78.30
C LEU DA 119 26.25 90.29 -77.59
N ASN DA 120 26.37 90.08 -76.28
CA ASN DA 120 27.34 90.79 -75.46
C ASN DA 120 28.35 89.78 -74.93
N MET DA 121 29.62 89.99 -75.26
CA MET DA 121 30.69 89.06 -74.86
C MET DA 121 31.26 89.43 -73.49
N ARG DA 122 30.36 89.47 -72.50
CA ARG DA 122 30.75 89.71 -71.12
C ARG DA 122 29.64 89.19 -70.22
N SER DA 123 29.97 89.02 -68.95
CA SER DA 123 28.96 88.68 -67.96
C SER DA 123 28.06 89.89 -67.70
N ILE DA 124 26.89 89.61 -67.13
CA ILE DA 124 25.89 90.66 -66.94
C ILE DA 124 26.36 91.70 -65.93
N GLY DA 125 27.19 91.29 -64.97
CA GLY DA 125 27.68 92.21 -63.95
C GLY DA 125 28.82 93.09 -64.38
N LYS DA 126 29.33 92.92 -65.60
CA LYS DA 126 30.40 93.75 -66.13
C LYS DA 126 29.87 94.94 -66.92
N ASN DA 127 28.59 95.26 -66.78
CA ASN DA 127 28.01 96.40 -67.47
C ASN DA 127 28.56 97.71 -66.93
N VAL DA 128 28.68 98.69 -67.81
CA VAL DA 128 29.24 99.99 -67.46
C VAL DA 128 28.21 100.78 -66.66
N SER DA 129 28.68 101.48 -65.62
CA SER DA 129 27.79 102.26 -64.77
C SER DA 129 27.16 103.40 -65.56
N PRO DA 130 25.94 103.83 -65.19
CA PRO DA 130 25.28 104.90 -65.94
C PRO DA 130 26.02 106.22 -65.95
N ILE DA 131 26.80 106.52 -64.91
CA ILE DA 131 27.54 107.78 -64.84
C ILE DA 131 28.55 107.87 -65.98
N GLU DA 132 29.06 106.73 -66.46
CA GLU DA 132 29.99 106.73 -67.56
C GLU DA 132 29.32 106.82 -68.92
N VAL DA 133 27.98 106.74 -68.98
CA VAL DA 133 27.26 106.91 -70.23
C VAL DA 133 26.36 108.13 -70.21
N LYS DA 134 26.49 108.99 -69.19
CA LYS DA 134 25.68 110.19 -69.10
C LYS DA 134 26.04 111.18 -70.21
N PHE DA 135 25.02 111.93 -70.65
CA PHE DA 135 25.12 112.92 -71.72
C PHE DA 135 25.55 112.31 -73.05
N THR DA 136 25.37 110.99 -73.20
CA THR DA 136 25.56 110.29 -74.47
C THR DA 136 24.35 109.41 -74.71
N GLY DA 137 23.97 109.25 -75.97
CA GLY DA 137 22.81 108.45 -76.31
C GLY DA 137 22.99 106.97 -76.06
N LYS DA 138 24.23 106.51 -75.93
CA LYS DA 138 24.49 105.09 -75.72
C LYS DA 138 24.10 104.67 -74.31
N GLN DA 139 23.37 103.56 -74.22
CA GLN DA 139 22.94 102.90 -72.99
C GLN DA 139 24.02 101.92 -72.53
N PRO DA 140 24.08 101.62 -71.22
CA PRO DA 140 25.10 100.68 -70.73
C PRO DA 140 25.01 99.30 -71.37
N TYR DA 141 23.80 98.80 -71.63
CA TYR DA 141 23.64 97.48 -72.21
C TYR DA 141 23.88 97.46 -73.71
N ASP DA 142 23.87 98.61 -74.37
CA ASP DA 142 24.13 98.68 -75.81
C ASP DA 142 25.62 98.69 -76.15
N LEU DA 143 26.48 98.89 -75.15
CA LEU DA 143 27.91 98.95 -75.38
C LEU DA 143 28.52 97.55 -75.48
N LYS EA 1 50.65 64.42 -70.69
CA LYS EA 1 51.46 65.57 -70.27
C LYS EA 1 50.66 66.87 -69.98
N PRO EA 2 49.66 67.24 -70.78
CA PRO EA 2 48.83 68.40 -70.40
C PRO EA 2 48.00 68.10 -69.16
N PRO EA 3 48.22 68.84 -68.08
CA PRO EA 3 47.46 68.60 -66.86
C PRO EA 3 46.08 69.22 -66.95
N PRO EA 4 45.09 68.66 -66.25
CA PRO EA 4 43.76 69.27 -66.22
C PRO EA 4 43.82 70.67 -65.60
N ILE EA 5 43.02 71.57 -66.15
CA ILE EA 5 42.98 72.95 -65.67
C ILE EA 5 41.87 73.08 -64.64
N GLY EA 6 41.96 74.13 -63.83
CA GLY EA 6 40.93 74.42 -62.85
C GLY EA 6 41.11 73.64 -61.57
N PRO EA 7 40.23 73.90 -60.60
CA PRO EA 7 40.30 73.19 -59.32
C PRO EA 7 39.91 71.73 -59.47
N LYS EA 8 40.43 70.91 -58.56
CA LYS EA 8 40.04 69.51 -58.49
C LYS EA 8 38.59 69.40 -58.06
N ARG EA 9 37.90 68.39 -58.60
CA ARG EA 9 36.49 68.21 -58.29
C ARG EA 9 36.29 67.81 -56.83
N GLY EA 10 35.18 68.27 -56.26
CA GLY EA 10 34.89 68.05 -54.86
C GLY EA 10 35.48 69.07 -53.92
N SER EA 11 36.41 69.90 -54.38
CA SER EA 11 37.02 70.91 -53.54
C SER EA 11 36.09 72.09 -53.34
N LYS EA 12 36.34 72.85 -52.27
CA LYS EA 12 35.52 74.00 -51.93
C LYS EA 12 36.10 75.26 -52.57
N VAL EA 13 35.20 76.10 -53.10
CA VAL EA 13 35.59 77.30 -53.82
C VAL EA 13 34.71 78.47 -53.37
N ARG EA 14 35.33 79.64 -53.24
CA ARG EA 14 34.60 80.88 -53.12
C ARG EA 14 34.30 81.44 -54.50
N ILE EA 15 33.21 82.21 -54.59
CA ILE EA 15 32.68 82.60 -55.88
C ILE EA 15 33.27 83.91 -56.37
N MET EA 16 33.21 84.97 -55.55
CA MET EA 16 33.77 86.28 -55.87
C MET EA 16 33.20 86.86 -57.16
N ARG EA 17 31.92 86.62 -57.40
CA ARG EA 17 31.21 87.16 -58.55
C ARG EA 17 30.09 88.07 -58.05
N LYS EA 18 30.19 89.36 -58.37
CA LYS EA 18 29.35 90.37 -57.73
C LYS EA 18 27.87 90.19 -58.05
N GLU EA 19 27.54 89.67 -59.24
CA GLU EA 19 26.16 89.49 -59.64
C GLU EA 19 25.60 88.12 -59.23
N SER EA 20 26.41 87.27 -58.61
CA SER EA 20 25.96 85.94 -58.24
C SER EA 20 25.20 85.95 -56.92
N TYR EA 21 24.28 85.00 -56.79
CA TYR EA 21 23.53 84.85 -55.54
C TYR EA 21 24.42 84.37 -54.41
N TRP EA 22 25.47 83.62 -54.73
CA TRP EA 22 26.40 83.06 -53.75
C TRP EA 22 27.73 83.81 -53.73
N TYR EA 23 27.69 85.14 -53.81
CA TYR EA 23 28.89 85.96 -53.96
C TYR EA 23 29.94 85.67 -52.90
N LYS EA 24 29.54 85.64 -51.63
CA LYS EA 24 30.45 85.31 -50.55
C LYS EA 24 30.34 83.86 -50.11
N GLY EA 25 29.49 83.06 -50.76
CA GLY EA 25 29.29 81.68 -50.37
C GLY EA 25 30.39 80.76 -50.88
N VAL EA 26 30.36 79.54 -50.36
CA VAL EA 26 31.34 78.51 -50.70
C VAL EA 26 30.60 77.33 -51.31
N GLY EA 27 31.07 76.86 -52.47
CA GLY EA 27 30.45 75.74 -53.15
C GLY EA 27 31.46 74.64 -53.42
N SER EA 28 30.95 73.55 -53.99
CA SER EA 28 31.78 72.38 -54.29
C SER EA 28 31.84 72.19 -55.81
N VAL EA 29 33.05 71.98 -56.31
CA VAL EA 29 33.25 71.76 -57.74
C VAL EA 29 32.80 70.36 -58.11
N VAL EA 30 31.95 70.24 -59.11
CA VAL EA 30 31.48 68.93 -59.57
C VAL EA 30 32.07 68.55 -60.93
N ALA EA 31 32.53 69.51 -61.73
CA ALA EA 31 33.11 69.24 -63.04
C ALA EA 31 33.80 70.51 -63.53
N VAL EA 32 34.87 70.32 -64.30
CA VAL EA 32 35.56 71.41 -64.99
C VAL EA 32 35.71 71.01 -66.45
N ASP EA 33 35.22 71.86 -67.35
CA ASP EA 33 35.31 71.59 -68.78
C ASP EA 33 36.73 71.90 -69.26
N GLN EA 34 37.36 70.93 -69.90
CA GLN EA 34 38.74 71.07 -70.35
C GLN EA 34 38.85 71.69 -71.75
N ASP EA 35 37.72 72.04 -72.36
CA ASP EA 35 37.75 72.73 -73.64
C ASP EA 35 38.27 74.15 -73.45
N PRO EA 36 39.38 74.55 -74.08
CA PRO EA 36 39.89 75.92 -73.89
C PRO EA 36 38.96 77.00 -74.41
N LYS EA 37 38.03 76.68 -75.29
CA LYS EA 37 37.06 77.67 -75.77
C LYS EA 37 35.90 77.87 -74.81
N THR EA 38 35.77 77.04 -73.78
CA THR EA 38 34.69 77.20 -72.81
C THR EA 38 35.01 78.36 -71.88
N ARG EA 39 34.12 79.35 -71.83
CA ARG EA 39 34.37 80.55 -71.04
C ARG EA 39 34.18 80.30 -69.55
N TYR EA 40 33.20 79.49 -69.18
CA TYR EA 40 32.86 79.23 -67.77
C TYR EA 40 32.86 77.73 -67.54
N PRO EA 41 34.03 77.14 -67.31
CA PRO EA 41 34.11 75.68 -67.21
C PRO EA 41 33.83 75.12 -65.82
N VAL EA 42 34.06 75.92 -64.77
CA VAL EA 42 34.02 75.39 -63.41
C VAL EA 42 32.56 75.27 -62.98
N VAL EA 43 32.06 74.05 -62.90
CA VAL EA 43 30.69 73.79 -62.47
C VAL EA 43 30.68 73.64 -60.95
N VAL EA 44 29.93 74.52 -60.28
CA VAL EA 44 29.89 74.58 -58.82
C VAL EA 44 28.47 74.32 -58.35
N ARG EA 45 28.35 73.46 -57.33
CA ARG EA 45 27.08 73.14 -56.70
C ARG EA 45 27.09 73.68 -55.27
N PHE EA 46 25.97 74.29 -54.88
CA PHE EA 46 25.81 74.90 -53.57
C PHE EA 46 24.69 74.22 -52.80
N ASN EA 47 24.75 74.33 -51.47
CA ASN EA 47 23.73 73.71 -50.63
C ASN EA 47 22.41 74.48 -50.66
N LYS EA 48 22.46 75.80 -50.81
CA LYS EA 48 21.27 76.63 -50.82
C LYS EA 48 20.84 76.92 -52.25
N VAL EA 49 19.52 76.90 -52.48
CA VAL EA 49 18.98 77.26 -53.78
C VAL EA 49 18.84 78.77 -53.87
N ASN EA 50 18.93 79.29 -55.09
CA ASN EA 50 18.81 80.72 -55.33
C ASN EA 50 17.33 81.08 -55.47
N TYR EA 51 17.06 82.30 -55.95
CA TYR EA 51 15.68 82.74 -56.13
C TYR EA 51 15.00 82.02 -57.29
N ALA EA 52 15.78 81.39 -58.18
CA ALA EA 52 15.23 80.58 -59.27
C ALA EA 52 15.20 79.10 -58.92
N ASN EA 53 15.43 78.74 -57.66
CA ASN EA 53 15.46 77.36 -57.18
C ASN EA 53 16.47 76.51 -57.96
N VAL EA 54 17.65 77.09 -58.17
CA VAL EA 54 18.75 76.42 -58.85
C VAL EA 54 19.98 76.48 -57.94
N SER EA 55 20.58 75.30 -57.70
CA SER EA 55 21.71 75.20 -56.78
C SER EA 55 23.03 74.91 -57.49
N THR EA 56 23.07 75.05 -58.81
CA THR EA 56 24.29 74.78 -59.57
C THR EA 56 24.52 75.91 -60.57
N ASN EA 57 25.79 76.14 -60.90
CA ASN EA 57 26.14 77.23 -61.80
C ASN EA 57 27.50 76.95 -62.42
N ASN EA 58 27.85 77.77 -63.42
CA ASN EA 58 29.14 77.71 -64.09
C ASN EA 58 29.88 79.02 -63.85
N TYR EA 59 31.14 78.92 -63.44
CA TYR EA 59 31.99 80.07 -63.17
C TYR EA 59 33.33 79.89 -63.85
N ALA EA 60 33.99 81.01 -64.14
CA ALA EA 60 35.29 81.02 -64.78
C ALA EA 60 36.39 80.91 -63.73
N LEU EA 61 37.64 80.85 -64.20
CA LEU EA 61 38.77 80.66 -63.29
C LEU EA 61 39.00 81.90 -62.42
N ASP EA 62 38.88 83.09 -62.99
CA ASP EA 62 39.09 84.31 -62.22
C ASP EA 62 38.01 84.52 -61.18
N GLU EA 63 36.79 84.04 -61.44
CA GLU EA 63 35.72 84.07 -60.45
C GLU EA 63 35.66 82.77 -59.65
N ILE EA 64 36.81 82.36 -59.13
CA ILE EA 64 36.94 81.15 -58.32
C ILE EA 64 38.08 81.39 -57.33
N GLN EA 65 37.83 81.10 -56.05
CA GLN EA 65 38.83 81.32 -55.01
C GLN EA 65 38.88 80.08 -54.12
N GLU EA 66 40.02 79.39 -54.12
CA GLU EA 66 40.21 78.24 -53.26
C GLU EA 66 40.23 78.65 -51.79
N VAL EA 67 39.77 77.74 -50.94
CA VAL EA 67 39.76 77.95 -49.50
C VAL EA 67 40.39 76.74 -48.83
N ALA EA 68 40.88 76.96 -47.62
CA ALA EA 68 41.53 75.90 -46.84
C ALA EA 68 40.59 75.38 -45.76
N ASP FA 1 8.31 111.85 -3.85
CA ASP FA 1 7.61 112.82 -4.68
C ASP FA 1 8.43 113.18 -5.91
N ILE FA 2 8.71 112.19 -6.74
CA ILE FA 2 9.49 112.40 -7.96
C ILE FA 2 8.55 112.93 -9.05
N ALA FA 3 9.00 113.99 -9.73
CA ALA FA 3 8.26 114.64 -10.81
C ALA FA 3 6.89 115.14 -10.35
N GLY FA 4 6.79 115.57 -9.10
CA GLY FA 4 5.54 116.09 -8.58
C GLY FA 4 4.43 115.07 -8.49
N LEU FA 5 4.76 113.83 -8.13
CA LEU FA 5 3.79 112.74 -8.04
C LEU FA 5 3.65 112.32 -6.58
N THR FA 6 2.41 112.35 -6.09
CA THR FA 6 2.14 111.87 -4.74
C THR FA 6 2.16 110.35 -4.71
N PRO FA 7 2.59 109.75 -3.60
CA PRO FA 7 2.52 108.30 -3.47
C PRO FA 7 1.07 107.82 -3.47
N CYS FA 8 0.87 106.61 -4.00
CA CYS FA 8 -0.48 106.10 -4.19
C CYS FA 8 -1.19 105.78 -2.87
N LYS FA 9 -0.44 105.53 -1.80
CA LYS FA 9 -1.04 105.28 -0.49
C LYS FA 9 -1.39 106.57 0.24
N GLU FA 10 -0.95 107.72 -0.27
CA GLU FA 10 -1.29 109.02 0.31
C GLU FA 10 -1.99 109.91 -0.72
N SER FA 11 -2.72 109.32 -1.65
CA SER FA 11 -3.39 110.05 -2.71
C SER FA 11 -4.89 109.97 -2.52
N LYS FA 12 -5.55 111.15 -2.50
CA LYS FA 12 -7.00 111.18 -2.34
C LYS FA 12 -7.70 110.64 -3.58
N GLN FA 13 -7.15 110.92 -4.77
CA GLN FA 13 -7.78 110.48 -6.00
C GLN FA 13 -7.73 108.97 -6.17
N PHE FA 14 -6.69 108.32 -5.66
CA PHE FA 14 -6.62 106.86 -5.70
C PHE FA 14 -7.75 106.24 -4.89
N ALA FA 15 -7.98 106.76 -3.68
CA ALA FA 15 -9.09 106.29 -2.86
C ALA FA 15 -10.42 106.62 -3.53
N LYS FA 16 -10.50 107.76 -4.20
CA LYS FA 16 -11.73 108.11 -4.93
C LYS FA 16 -12.00 107.11 -6.05
N ARG FA 17 -10.98 106.72 -6.81
CA ARG FA 17 -11.15 105.73 -7.87
C ARG FA 17 -11.60 104.39 -7.29
N GLU FA 18 -11.00 103.99 -6.17
CA GLU FA 18 -11.46 102.77 -5.50
C GLU FA 18 -12.92 102.89 -5.07
N LYS FA 19 -13.33 104.06 -4.60
CA LYS FA 19 -14.72 104.26 -4.21
C LYS FA 19 -15.67 104.13 -5.39
N GLN FA 20 -15.32 104.72 -6.53
CA GLN FA 20 -16.17 104.57 -7.71
C GLN FA 20 -16.25 103.12 -8.17
N ALA FA 21 -15.12 102.40 -8.15
CA ALA FA 21 -15.14 101.00 -8.56
C ALA FA 21 -16.02 100.17 -7.63
N LEU FA 22 -15.88 100.37 -6.33
CA LEU FA 22 -16.68 99.62 -5.36
C LEU FA 22 -18.15 99.99 -5.45
N LYS FA 23 -18.45 101.26 -5.72
CA LYS FA 23 -19.84 101.69 -5.85
C LYS FA 23 -20.50 101.07 -7.09
N LYS FA 24 -19.78 101.03 -8.22
CA LYS FA 24 -20.31 100.38 -9.41
C LYS FA 24 -20.51 98.88 -9.17
N LEU FA 25 -19.56 98.24 -8.49
CA LEU FA 25 -19.69 96.81 -8.21
C LEU FA 25 -20.86 96.53 -7.26
N GLN FA 26 -21.09 97.41 -6.28
CA GLN FA 26 -22.23 97.24 -5.39
C GLN FA 26 -23.54 97.47 -6.12
N ALA FA 27 -23.57 98.42 -7.05
CA ALA FA 27 -24.76 98.64 -7.85
C ALA FA 27 -25.07 97.42 -8.71
N SER FA 28 -24.03 96.77 -9.23
CA SER FA 28 -24.25 95.50 -9.93
C SER FA 28 -24.66 94.38 -8.97
N LEU FA 29 -24.15 94.42 -7.74
CA LEU FA 29 -24.44 93.37 -6.76
C LEU FA 29 -25.87 93.42 -6.26
N LYS FA 30 -26.48 94.61 -6.25
CA LYS FA 30 -27.80 94.77 -5.66
C LYS FA 30 -28.91 94.04 -6.44
N LEU FA 31 -28.62 93.54 -7.63
CA LEU FA 31 -29.64 92.88 -8.45
C LEU FA 31 -29.85 91.41 -8.11
N TYR FA 32 -29.03 90.84 -7.22
CA TYR FA 32 -29.07 89.40 -6.96
C TYR FA 32 -29.08 89.14 -5.47
N ALA FA 33 -29.62 87.98 -5.10
CA ALA FA 33 -29.60 87.53 -3.71
C ALA FA 33 -28.18 87.12 -3.32
N ASP FA 34 -27.84 87.38 -2.05
CA ASP FA 34 -26.46 87.24 -1.59
C ASP FA 34 -25.95 85.79 -1.59
N ASP FA 35 -26.84 84.81 -1.60
CA ASP FA 35 -26.42 83.41 -1.57
C ASP FA 35 -26.26 82.81 -2.96
N SER FA 36 -26.42 83.60 -4.02
CA SER FA 36 -26.33 83.10 -5.38
C SER FA 36 -24.89 83.16 -5.90
N ALA FA 37 -24.64 82.37 -6.94
CA ALA FA 37 -23.32 82.37 -7.57
C ALA FA 37 -22.92 83.71 -8.19
N PRO FA 38 -23.78 84.44 -8.92
CA PRO FA 38 -23.34 85.78 -9.39
C PRO FA 38 -22.97 86.73 -8.26
N ALA FA 39 -23.69 86.67 -7.13
CA ALA FA 39 -23.35 87.51 -5.99
C ALA FA 39 -21.97 87.14 -5.44
N LEU FA 40 -21.67 85.84 -5.36
CA LEU FA 40 -20.36 85.41 -4.89
C LEU FA 40 -19.26 85.86 -5.84
N ALA FA 41 -19.52 85.78 -7.15
CA ALA FA 41 -18.54 86.25 -8.12
C ALA FA 41 -18.30 87.75 -8.00
N ILE FA 42 -19.37 88.53 -7.80
CA ILE FA 42 -19.23 89.97 -7.65
C ILE FA 42 -18.47 90.29 -6.36
N LYS FA 43 -18.76 89.58 -5.27
CA LYS FA 43 -18.05 89.80 -4.01
C LYS FA 43 -16.57 89.46 -4.14
N ALA FA 44 -16.25 88.37 -4.86
CA ALA FA 44 -14.85 88.04 -5.10
C ALA FA 44 -14.16 89.11 -5.93
N THR FA 45 -14.87 89.67 -6.92
CA THR FA 45 -14.31 90.76 -7.72
C THR FA 45 -14.04 92.00 -6.86
N MET FA 46 -14.97 92.32 -5.95
CA MET FA 46 -14.76 93.46 -5.04
C MET FA 46 -13.57 93.23 -4.13
N GLU FA 47 -13.44 92.02 -3.59
CA GLU FA 47 -12.29 91.71 -2.72
C GLU FA 47 -10.98 91.79 -3.50
N LYS FA 48 -10.99 91.31 -4.75
CA LYS FA 48 -9.82 91.42 -5.61
C LYS FA 48 -9.46 92.88 -5.88
N THR FA 49 -10.47 93.72 -6.11
CA THR FA 49 -10.23 95.14 -6.32
C THR FA 49 -9.63 95.81 -5.08
N LYS FA 50 -10.17 95.48 -3.90
CA LYS FA 50 -9.63 96.04 -2.66
C LYS FA 50 -8.19 95.61 -2.45
N LYS FA 51 -7.89 94.32 -2.69
CA LYS FA 51 -6.52 93.84 -2.55
C LYS FA 51 -5.60 94.50 -3.55
N ARG FA 52 -6.07 94.72 -4.78
CA ARG FA 52 -5.26 95.37 -5.80
C ARG FA 52 -4.92 96.80 -5.41
N PHE FA 53 -5.91 97.54 -4.92
CA PHE FA 53 -5.67 98.93 -4.52
C PHE FA 53 -4.74 99.00 -3.31
N ASP FA 54 -4.92 98.10 -2.33
CA ASP FA 54 -4.03 98.08 -1.18
C ASP FA 54 -2.61 97.73 -1.58
N ASN FA 55 -2.44 96.76 -2.48
CA ASN FA 55 -1.11 96.37 -2.94
C ASN FA 55 -0.45 97.50 -3.72
N TYR FA 56 -1.21 98.19 -4.57
CA TYR FA 56 -0.65 99.31 -5.33
C TYR FA 56 -0.24 100.45 -4.40
N GLY FA 57 -1.02 100.68 -3.33
CA GLY FA 57 -0.62 101.68 -2.36
C GLY FA 57 0.63 101.30 -1.59
N LYS FA 58 0.74 100.03 -1.19
CA LYS FA 58 1.86 99.58 -0.37
C LYS FA 58 3.11 99.29 -1.18
N TYR FA 59 3.01 99.19 -2.50
CA TYR FA 59 4.18 98.86 -3.32
C TYR FA 59 5.13 100.05 -3.47
N GLY FA 60 4.71 101.25 -3.11
CA GLY FA 60 5.51 102.43 -3.28
C GLY FA 60 5.30 103.17 -4.58
N LEU FA 61 4.24 102.85 -5.33
CA LEU FA 61 3.99 103.51 -6.60
C LEU FA 61 3.61 104.97 -6.40
N LEU FA 62 4.03 105.81 -7.34
CA LEU FA 62 3.71 107.23 -7.31
C LEU FA 62 2.49 107.46 -8.20
N CYS FA 63 1.44 108.03 -7.62
CA CYS FA 63 0.19 108.29 -8.33
C CYS FA 63 0.16 109.72 -8.83
N GLY FA 64 -0.30 109.90 -10.06
CA GLY FA 64 -0.41 111.21 -10.65
C GLY FA 64 -1.61 111.97 -10.15
N SER FA 65 -1.84 113.14 -10.74
CA SER FA 65 -2.98 113.97 -10.38
C SER FA 65 -4.32 113.37 -10.79
N ASP FA 66 -4.32 112.38 -11.67
CA ASP FA 66 -5.53 111.72 -12.11
C ASP FA 66 -5.87 110.48 -11.28
N GLY FA 67 -5.07 110.15 -10.27
CA GLY FA 67 -5.33 109.00 -9.44
C GLY FA 67 -4.84 107.68 -9.97
N LEU FA 68 -3.98 107.69 -10.98
CA LEU FA 68 -3.45 106.44 -11.51
C LEU FA 68 -1.95 106.35 -11.25
N PRO FA 69 -1.43 105.15 -11.00
CA PRO FA 69 0.01 105.02 -10.73
C PRO FA 69 0.83 105.28 -11.97
N HIS FA 70 1.93 106.00 -11.79
CA HIS FA 70 2.86 106.32 -12.87
C HIS FA 70 4.19 105.64 -12.63
N LEU FA 71 4.64 104.87 -13.61
CA LEU FA 71 5.92 104.19 -13.51
C LEU FA 71 7.06 105.15 -13.80
N ILE FA 72 8.17 104.98 -13.08
CA ILE FA 72 9.38 105.76 -13.27
C ILE FA 72 10.46 104.81 -13.74
N VAL FA 73 11.00 105.07 -14.93
CA VAL FA 73 12.00 104.22 -15.57
C VAL FA 73 13.36 104.90 -15.63
N SER FA 74 13.52 106.04 -14.94
CA SER FA 74 14.79 106.77 -14.96
C SER FA 74 15.90 106.03 -14.22
N GLY FA 75 15.59 104.98 -13.47
CA GLY FA 75 16.58 104.23 -12.75
C GLY FA 75 16.65 104.49 -11.26
N ASP FA 76 15.70 105.27 -10.72
CA ASP FA 76 15.69 105.57 -9.29
C ASP FA 76 15.54 104.29 -8.47
N GLN FA 77 16.39 104.16 -7.44
CA GLN FA 77 16.46 102.92 -6.67
C GLN FA 77 15.17 102.63 -5.90
N ARG FA 78 14.36 103.66 -5.63
CA ARG FA 78 13.08 103.42 -4.98
C ARG FA 78 12.10 102.71 -5.91
N HIS FA 79 12.29 102.84 -7.22
CA HIS FA 79 11.40 102.27 -8.21
C HIS FA 79 12.15 101.37 -9.18
N TRP FA 80 13.08 100.55 -8.65
CA TRP FA 80 13.77 99.59 -9.49
C TRP FA 80 12.89 98.40 -9.83
N GLY FA 81 11.84 98.15 -9.07
CA GLY FA 81 10.96 97.03 -9.33
C GLY FA 81 9.88 97.29 -10.36
N GLU FA 82 9.77 98.54 -10.84
CA GLU FA 82 8.78 98.84 -11.87
C GLU FA 82 9.29 98.49 -13.26
N PHE FA 83 10.54 98.85 -13.56
CA PHE FA 83 11.12 98.60 -14.88
C PHE FA 83 12.38 97.75 -14.83
N ILE FA 84 13.32 98.07 -13.93
CA ILE FA 84 14.67 97.53 -14.05
C ILE FA 84 14.70 96.05 -13.69
N THR FA 85 14.09 95.67 -12.56
CA THR FA 85 14.04 94.26 -12.20
C THR FA 85 13.21 93.42 -13.17
N PRO FA 86 11.97 93.80 -13.54
CA PRO FA 86 11.29 93.04 -14.60
C PRO FA 86 12.01 93.09 -15.93
N GLY FA 87 12.72 94.19 -16.23
CA GLY FA 87 13.50 94.24 -17.45
C GLY FA 87 14.64 93.24 -17.46
N ILE FA 88 15.32 93.10 -16.32
CA ILE FA 88 16.40 92.12 -16.20
C ILE FA 88 15.84 90.71 -16.32
N LEU FA 89 14.70 90.46 -15.69
CA LEU FA 89 14.07 89.14 -15.81
C LEU FA 89 13.67 88.83 -17.25
N PHE FA 90 13.09 89.81 -17.94
CA PHE FA 90 12.73 89.61 -19.34
C PHE FA 90 13.95 89.38 -20.21
N LEU FA 91 15.02 90.15 -19.98
CA LEU FA 91 16.24 89.97 -20.76
C LEU FA 91 16.83 88.58 -20.54
N TYR FA 92 16.78 88.08 -19.29
CA TYR FA 92 17.24 86.74 -19.00
C TYR FA 92 16.41 85.70 -19.75
N ILE FA 93 15.09 85.83 -19.72
CA ILE FA 93 14.23 84.84 -20.38
C ILE FA 93 14.39 84.91 -21.90
N ALA FA 94 14.47 86.11 -22.46
CA ALA FA 94 14.63 86.27 -23.90
C ALA FA 94 16.00 85.76 -24.36
N GLY FA 95 17.05 85.99 -23.58
CA GLY FA 95 18.34 85.41 -23.89
C GLY FA 95 18.33 83.89 -23.80
N TRP FA 96 17.57 83.35 -22.85
CA TRP FA 96 17.37 81.91 -22.76
C TRP FA 96 16.76 81.37 -24.05
N ILE FA 97 15.66 81.99 -24.50
CA ILE FA 97 14.97 81.52 -25.70
C ILE FA 97 15.87 81.65 -26.93
N GLY FA 98 16.54 82.79 -27.07
CA GLY FA 98 17.39 83.01 -28.22
C GLY FA 98 18.59 82.09 -28.24
N TRP FA 99 19.20 81.85 -27.08
CA TRP FA 99 20.35 80.95 -27.01
C TRP FA 99 19.94 79.51 -27.30
N VAL FA 100 18.78 79.09 -26.81
CA VAL FA 100 18.31 77.73 -27.09
C VAL FA 100 18.03 77.56 -28.58
N GLY FA 101 17.37 78.56 -29.18
CA GLY FA 101 17.10 78.49 -30.62
C GLY FA 101 18.37 78.49 -31.45
N ARG FA 102 19.34 79.33 -31.07
CA ARG FA 102 20.61 79.37 -31.79
C ARG FA 102 21.39 78.07 -31.64
N SER FA 103 21.36 77.48 -30.44
CA SER FA 103 22.03 76.20 -30.23
C SER FA 103 21.37 75.10 -31.05
N TYR FA 104 20.04 75.09 -31.11
CA TYR FA 104 19.35 74.10 -31.93
C TYR FA 104 19.67 74.27 -33.41
N LEU FA 105 19.72 75.52 -33.88
CA LEU FA 105 20.04 75.77 -35.28
C LEU FA 105 21.48 75.38 -35.61
N ILE FA 106 22.39 75.61 -34.67
CA ILE FA 106 23.79 75.23 -34.88
C ILE FA 106 23.93 73.71 -34.88
N ALA FA 107 23.19 73.03 -34.01
CA ALA FA 107 23.31 71.57 -33.90
C ALA FA 107 22.83 70.86 -35.16
N ILE FA 108 21.77 71.37 -35.80
CA ILE FA 108 21.20 70.73 -36.96
C ILE FA 108 21.74 71.36 -38.24
N ARG FA 109 22.78 72.17 -38.11
CA ARG FA 109 23.31 72.87 -39.28
C ARG FA 109 24.04 71.92 -40.21
N ASP FA 110 24.85 71.01 -39.68
CA ASP FA 110 25.63 70.08 -40.49
C ASP FA 110 24.93 68.73 -40.56
N GLU FA 111 23.81 68.71 -41.28
CA GLU FA 111 23.07 67.49 -41.58
C GLU FA 111 22.85 67.37 -43.08
N LYS FA 112 22.32 66.22 -43.49
CA LYS FA 112 22.06 65.99 -44.91
C LYS FA 112 20.94 66.89 -45.41
N LYS FA 113 19.81 66.93 -44.69
CA LYS FA 113 18.70 67.81 -45.01
C LYS FA 113 18.31 68.53 -43.73
N PRO FA 114 18.96 69.65 -43.43
CA PRO FA 114 18.66 70.37 -42.18
C PRO FA 114 17.24 70.90 -42.10
N THR FA 115 16.63 71.24 -43.24
CA THR FA 115 15.27 71.78 -43.25
C THR FA 115 14.26 70.80 -42.70
N GLN FA 116 14.50 69.50 -42.88
CA GLN FA 116 13.61 68.49 -42.31
C GLN FA 116 13.59 68.54 -40.79
N LYS FA 117 14.66 69.06 -40.17
CA LYS FA 117 14.71 69.23 -38.73
C LYS FA 117 14.12 70.56 -38.27
N GLU FA 118 13.61 71.38 -39.20
CA GLU FA 118 12.94 72.62 -38.84
C GLU FA 118 11.43 72.51 -38.95
N ILE FA 119 10.91 71.88 -40.01
CA ILE FA 119 9.48 71.63 -40.09
C ILE FA 119 9.07 70.58 -39.06
N ILE FA 120 9.91 69.58 -38.85
CA ILE FA 120 9.68 68.54 -37.85
C ILE FA 120 10.80 68.68 -36.82
N ILE FA 121 10.44 69.19 -35.64
CA ILE FA 121 11.44 69.43 -34.59
C ILE FA 121 11.88 68.10 -33.99
N ASP FA 122 13.18 67.89 -33.88
CA ASP FA 122 13.72 66.70 -33.25
C ASP FA 122 13.68 66.94 -31.73
N VAL FA 123 12.65 66.37 -31.09
CA VAL FA 123 12.36 66.71 -29.69
C VAL FA 123 13.47 66.34 -28.71
N PRO FA 124 14.12 65.17 -28.78
CA PRO FA 124 15.18 64.88 -27.78
C PRO FA 124 16.33 65.88 -27.76
N LEU FA 125 16.80 66.32 -28.93
CA LEU FA 125 17.88 67.30 -28.96
C LEU FA 125 17.40 68.66 -28.42
N ALA FA 126 16.17 69.04 -28.77
CA ALA FA 126 15.62 70.31 -28.27
C ALA FA 126 15.48 70.28 -26.75
N SER FA 127 15.01 69.17 -26.20
CA SER FA 127 14.87 69.07 -24.74
C SER FA 127 16.23 68.97 -24.07
N SER FA 128 17.24 68.42 -24.75
CA SER FA 128 18.59 68.44 -24.22
C SER FA 128 19.14 69.87 -24.18
N LEU FA 129 18.84 70.66 -25.20
CA LEU FA 129 19.35 72.03 -25.27
C LEU FA 129 18.48 73.05 -24.54
N LEU FA 130 17.32 72.65 -24.04
CA LEU FA 130 16.42 73.60 -23.38
C LEU FA 130 17.06 74.24 -22.15
N PHE FA 131 17.71 73.45 -21.32
CA PHE FA 131 18.29 73.95 -20.08
C PHE FA 131 19.67 74.55 -20.27
N ARG FA 132 20.22 74.51 -21.48
CA ARG FA 132 21.50 75.16 -21.75
C ARG FA 132 21.39 76.68 -21.69
N GLY FA 133 20.17 77.22 -21.84
CA GLY FA 133 19.95 78.64 -21.72
C GLY FA 133 19.81 79.15 -20.30
N PHE FA 134 19.85 78.25 -19.32
CA PHE FA 134 19.87 78.69 -17.93
C PHE FA 134 21.15 79.47 -17.63
N SER FA 135 22.28 79.01 -18.16
CA SER FA 135 23.55 79.71 -18.05
C SER FA 135 23.90 80.45 -19.34
N TRP FA 136 22.88 81.00 -20.00
CA TRP FA 136 23.11 81.75 -21.24
C TRP FA 136 24.03 82.96 -21.09
N PRO FA 137 24.00 83.79 -20.03
CA PRO FA 137 24.94 84.92 -20.01
C PRO FA 137 26.40 84.50 -19.97
N VAL FA 138 26.73 83.46 -19.21
CA VAL FA 138 28.12 82.99 -19.13
C VAL FA 138 28.56 82.43 -20.48
N ALA FA 139 27.72 81.59 -21.08
CA ALA FA 139 28.06 80.98 -22.37
C ALA FA 139 28.20 82.04 -23.45
N ALA FA 140 27.29 83.01 -23.48
CA ALA FA 140 27.35 84.08 -24.47
C ALA FA 140 28.58 84.95 -24.29
N TYR FA 141 28.93 85.27 -23.03
CA TYR FA 141 30.12 86.09 -22.78
C TYR FA 141 31.38 85.36 -23.19
N ARG FA 142 31.48 84.07 -22.86
CA ARG FA 142 32.67 83.31 -23.26
C ARG FA 142 32.75 83.15 -24.77
N GLU FA 143 31.60 82.90 -25.43
CA GLU FA 143 31.60 82.75 -26.89
C GLU FA 143 31.99 84.06 -27.58
N LEU FA 144 31.55 85.19 -27.03
CA LEU FA 144 31.99 86.47 -27.55
C LEU FA 144 33.49 86.67 -27.32
N LEU FA 145 33.99 86.23 -26.16
CA LEU FA 145 35.42 86.38 -25.87
C LEU FA 145 36.27 85.48 -26.77
N ASN FA 146 35.79 84.27 -27.06
CA ASN FA 146 36.52 83.37 -27.95
C ASN FA 146 36.26 83.65 -29.42
N GLY FA 147 35.44 84.64 -29.74
CA GLY FA 147 35.13 84.94 -31.14
C GLY FA 147 34.31 83.86 -31.82
N GLU FA 148 33.40 83.22 -31.10
CA GLU FA 148 32.50 82.23 -31.67
C GLU FA 148 31.07 82.74 -31.82
N LEU FA 149 30.74 83.88 -31.20
CA LEU FA 149 29.39 84.42 -31.30
C LEU FA 149 29.12 84.95 -32.71
N VAL FA 150 30.10 85.61 -33.31
CA VAL FA 150 29.93 86.23 -34.61
C VAL FA 150 30.55 85.33 -35.68
N ASP FA 151 30.09 85.52 -36.91
CA ASP FA 151 30.64 84.83 -38.08
C ASP FA 151 31.23 85.87 -39.01
N ASN FA 152 32.49 85.66 -39.40
CA ASN FA 152 33.19 86.60 -40.26
C ASN FA 152 32.91 86.39 -41.74
N ASN FA 153 32.02 85.45 -42.06
CA ASN FA 153 31.59 85.17 -43.44
C ASN FA 153 32.75 84.77 -44.34
N LEU GA 1 35.47 153.64 -22.80
CA LEU GA 1 36.85 153.87 -23.21
C LEU GA 1 36.91 154.92 -24.31
N SER GA 2 38.11 155.11 -24.87
CA SER GA 2 38.29 155.98 -26.02
C SER GA 2 38.26 155.13 -27.27
N PRO GA 3 37.25 155.27 -28.14
CA PRO GA 3 37.15 154.39 -29.31
C PRO GA 3 38.34 154.47 -30.25
N SER GA 4 38.91 155.67 -30.44
CA SER GA 4 40.04 155.82 -31.37
C SER GA 4 41.25 155.05 -30.87
N LEU GA 5 41.57 155.18 -29.59
CA LEU GA 5 42.75 154.51 -29.03
C LEU GA 5 42.62 153.00 -29.09
N VAL GA 6 41.45 152.48 -28.68
CA VAL GA 6 41.25 151.03 -28.67
C VAL GA 6 41.26 150.48 -30.10
N ILE GA 7 40.59 151.18 -31.03
CA ILE GA 7 40.54 150.71 -32.41
C ILE GA 7 41.93 150.71 -33.04
N SER GA 8 42.69 151.79 -32.83
CA SER GA 8 44.04 151.86 -33.37
C SER GA 8 44.95 150.80 -32.77
N LEU GA 9 44.85 150.58 -31.45
CA LEU GA 9 45.69 149.58 -30.80
C LEU GA 9 45.36 148.17 -31.29
N SER GA 10 44.07 147.84 -31.38
CA SER GA 10 43.69 146.50 -31.81
C SER GA 10 44.04 146.26 -33.27
N THR GA 11 43.82 147.25 -34.14
CA THR GA 11 44.19 147.11 -35.55
C THR GA 11 45.70 146.97 -35.71
N GLY GA 12 46.46 147.76 -34.94
CA GLY GA 12 47.91 147.66 -35.02
C GLY GA 12 48.42 146.31 -34.54
N LEU GA 13 47.87 145.80 -33.43
CA LEU GA 13 48.28 144.50 -32.93
C LEU GA 13 47.92 143.38 -33.91
N SER GA 14 46.72 143.45 -34.51
CA SER GA 14 46.31 142.43 -35.46
C SER GA 14 47.18 142.47 -36.72
N LEU GA 15 47.50 143.66 -37.21
CA LEU GA 15 48.37 143.77 -38.38
C LEU GA 15 49.79 143.32 -38.06
N PHE GA 16 50.26 143.60 -36.85
CA PHE GA 16 51.57 143.13 -36.42
C PHE GA 16 51.61 141.60 -36.37
N LEU GA 17 50.57 140.99 -35.81
CA LEU GA 17 50.50 139.53 -35.73
C LEU GA 17 50.42 138.91 -37.13
N GLY GA 18 49.66 139.52 -38.03
CA GLY GA 18 49.55 139.00 -39.38
C GLY GA 18 50.84 139.15 -40.17
N ARG GA 19 51.53 140.27 -40.00
CA ARG GA 19 52.75 140.53 -40.75
C ARG GA 19 53.93 139.70 -40.24
N PHE GA 20 54.06 139.56 -38.93
CA PHE GA 20 55.25 138.96 -38.35
C PHE GA 20 55.02 137.56 -37.80
N VAL GA 21 54.00 137.37 -36.97
CA VAL GA 21 53.85 136.10 -36.25
C VAL GA 21 53.21 135.05 -37.14
N PHE GA 22 51.99 135.30 -37.62
CA PHE GA 22 51.20 134.31 -38.33
C PHE GA 22 51.25 134.50 -39.84
N PHE GA 23 52.42 134.90 -40.38
CA PHE GA 23 52.53 135.12 -41.81
C PHE GA 23 52.96 133.87 -42.57
N ASN GA 24 54.00 133.19 -42.07
CA ASN GA 24 54.53 132.03 -42.78
C ASN GA 24 53.53 130.86 -42.77
N PHE GA 25 52.87 130.64 -41.63
CA PHE GA 25 51.85 129.60 -41.54
C PHE GA 25 50.69 129.87 -42.51
N GLN GA 26 50.23 131.13 -42.54
CA GLN GA 26 49.15 131.49 -43.45
C GLN GA 26 49.56 131.32 -44.91
N ARG GA 27 50.77 131.77 -45.25
CA ARG GA 27 51.24 131.65 -46.63
C ARG GA 27 51.36 130.18 -47.04
N GLU GA 28 51.87 129.33 -46.15
CA GLU GA 28 51.96 127.90 -46.46
C GLU GA 28 50.58 127.30 -46.64
N ASN GA 29 49.61 127.72 -45.82
CA ASN GA 29 48.26 127.16 -45.93
C ASN GA 29 47.58 127.60 -47.23
N MET GA 30 47.74 128.86 -47.64
CA MET GA 30 47.18 129.24 -48.94
C MET GA 30 47.94 128.60 -50.09
N ALA GA 31 49.23 128.29 -49.90
CA ALA GA 31 49.94 127.52 -50.91
C ALA GA 31 49.38 126.11 -51.05
N LYS GA 32 49.00 125.50 -49.93
CA LYS GA 32 48.45 124.15 -49.96
C LYS GA 32 46.97 124.10 -50.33
N GLN GA 33 46.23 125.19 -50.14
CA GLN GA 33 44.79 125.22 -50.38
C GLN GA 33 44.50 126.10 -51.59
N VAL GA 34 44.13 125.47 -52.69
CA VAL GA 34 43.71 126.17 -53.91
C VAL GA 34 42.44 125.50 -54.42
N PRO GA 35 41.38 126.25 -54.69
CA PRO GA 35 40.12 125.63 -55.11
C PRO GA 35 40.23 125.08 -56.54
N GLU GA 36 39.93 123.79 -56.67
CA GLU GA 36 39.99 123.10 -57.97
C GLU GA 36 38.71 122.30 -58.19
N GLN GA 37 38.30 122.22 -59.45
CA GLN GA 37 37.15 121.41 -59.85
C GLN GA 37 37.59 120.41 -60.92
N ASN GA 38 37.23 119.14 -60.72
CA ASN GA 38 37.55 118.05 -61.66
C ASN GA 38 39.06 117.95 -61.91
N GLY GA 39 39.86 118.19 -60.87
CA GLY GA 39 41.30 118.10 -60.97
C GLY GA 39 41.99 119.31 -61.55
N MET GA 40 41.26 120.38 -61.85
CA MET GA 40 41.85 121.59 -62.39
C MET GA 40 41.23 122.80 -61.70
N SER GA 41 41.96 123.91 -61.73
CA SER GA 41 41.52 125.12 -61.05
C SER GA 41 40.26 125.69 -61.72
N HIS GA 42 39.59 126.58 -60.98
CA HIS GA 42 38.31 127.13 -61.44
C HIS GA 42 38.49 127.94 -62.71
N PHE GA 43 39.56 128.73 -62.81
CA PHE GA 43 39.76 129.56 -63.99
C PHE GA 43 40.06 128.71 -65.22
N GLU GA 44 40.99 127.76 -65.09
CA GLU GA 44 41.37 126.94 -66.24
C GLU GA 44 40.31 125.91 -66.62
N ALA GA 45 39.31 125.70 -65.77
CA ALA GA 45 38.20 124.83 -66.13
C ALA GA 45 37.23 125.47 -67.11
N GLY GA 46 37.34 126.78 -67.35
CA GLY GA 46 36.50 127.44 -68.31
C GLY GA 46 35.77 128.65 -67.74
N ASP GA 47 36.02 128.98 -66.48
CA ASP GA 47 35.37 130.10 -65.82
C ASP GA 47 36.24 131.34 -65.99
N THR GA 48 35.75 132.30 -66.77
CA THR GA 48 36.51 133.52 -67.03
C THR GA 48 36.50 134.49 -65.85
N ARG GA 49 35.54 134.36 -64.95
CA ARG GA 49 35.43 135.25 -63.79
C ARG GA 49 36.14 134.73 -62.56
N ALA GA 50 36.77 133.56 -62.65
CA ALA GA 50 37.47 132.97 -61.52
C ALA GA 50 38.98 133.20 -61.56
N LYS GA 51 39.45 134.07 -62.44
CA LYS GA 51 40.87 134.35 -62.54
C LYS GA 51 41.34 135.14 -61.33
N GLU GA 52 42.44 134.69 -60.72
CA GLU GA 52 42.98 135.37 -59.54
C GLU GA 52 43.64 136.67 -59.96
N TYR GA 53 43.33 137.75 -59.23
CA TYR GA 53 43.88 139.06 -59.52
C TYR GA 53 45.33 139.11 -59.07
N VAL GA 54 46.26 138.85 -60.00
CA VAL GA 54 47.68 138.87 -59.66
C VAL GA 54 48.20 140.30 -59.55
N SER GA 55 47.50 141.29 -60.12
CA SER GA 55 47.92 142.68 -59.99
C SER GA 55 47.55 143.23 -58.62
N LEU GA 56 46.37 142.86 -58.10
CA LEU GA 56 45.95 143.35 -56.80
C LEU GA 56 46.74 142.70 -55.67
N LEU GA 57 47.20 141.46 -55.87
CA LEU GA 57 47.94 140.73 -54.86
C LEU GA 57 49.45 140.90 -54.98
N LYS GA 58 49.92 141.67 -55.96
CA LYS GA 58 51.34 141.98 -56.07
C LYS GA 58 51.66 143.18 -55.19
N SER GA 59 52.68 143.03 -54.34
CA SER GA 59 53.05 144.06 -53.39
C SER GA 59 54.55 144.27 -53.38
N ASN GA 60 54.96 145.47 -52.99
CA ASN GA 60 56.37 145.82 -52.88
C ASN GA 60 56.94 145.49 -51.51
N ASP GA 61 56.15 144.89 -50.63
CA ASP GA 61 56.62 144.53 -49.30
C ASP GA 61 57.69 143.45 -49.40
N PRO GA 62 58.70 143.48 -48.52
CA PRO GA 62 59.75 142.44 -48.56
C PRO GA 62 59.23 141.03 -48.34
N VAL GA 63 58.19 140.85 -47.54
CA VAL GA 63 57.65 139.52 -47.27
C VAL GA 63 56.46 139.18 -48.16
N GLY GA 64 55.90 140.15 -48.88
CA GLY GA 64 54.75 139.92 -49.71
C GLY GA 64 53.42 140.30 -49.11
N PHE GA 65 53.41 141.12 -48.07
CA PHE GA 65 52.17 141.58 -47.45
C PHE GA 65 51.41 142.49 -48.43
N ASN GA 66 50.25 142.04 -48.88
CA ASN GA 66 49.46 142.74 -49.88
C ASN GA 66 48.20 143.29 -49.24
N ILE GA 67 47.40 143.99 -50.07
CA ILE GA 67 46.26 144.77 -49.58
C ILE GA 67 45.18 143.86 -48.99
N VAL GA 68 45.00 142.65 -49.54
CA VAL GA 68 43.96 141.75 -49.05
C VAL GA 68 44.25 141.31 -47.63
N ASP GA 69 45.52 141.01 -47.32
CA ASP GA 69 45.90 140.67 -45.95
C ASP GA 69 45.70 141.86 -45.01
N VAL GA 70 45.97 143.07 -45.50
CA VAL GA 70 45.73 144.27 -44.71
C VAL GA 70 44.26 144.38 -44.36
N LEU GA 71 43.38 144.17 -45.35
CA LEU GA 71 41.94 144.25 -45.11
C LEU GA 71 41.48 143.18 -44.13
N ALA GA 72 41.97 141.95 -44.28
CA ALA GA 72 41.54 140.87 -43.40
C ALA GA 72 41.99 141.11 -41.95
N TRP GA 73 43.27 141.45 -41.75
CA TRP GA 73 43.76 141.64 -40.40
C TRP GA 73 43.21 142.92 -39.78
N GLY GA 74 42.94 143.96 -40.58
CA GLY GA 74 42.25 145.11 -40.06
C GLY GA 74 40.82 144.82 -39.68
N SER GA 75 40.15 143.91 -40.42
CA SER GA 75 38.83 143.46 -40.02
C SER GA 75 38.86 142.76 -38.68
N ILE GA 76 39.87 141.90 -38.48
CA ILE GA 76 40.05 141.24 -37.19
C ILE GA 76 40.24 142.26 -36.08
N GLY GA 77 41.11 143.25 -36.33
CA GLY GA 77 41.39 144.26 -35.31
C GLY GA 77 40.18 145.11 -34.97
N HIS GA 78 39.43 145.54 -36.00
CA HIS GA 78 38.23 146.34 -35.76
C HIS GA 78 37.17 145.54 -35.00
N ILE GA 79 37.00 144.26 -35.35
CA ILE GA 79 36.02 143.43 -34.66
C ILE GA 79 36.41 143.26 -33.19
N VAL GA 80 37.69 142.98 -32.93
CA VAL GA 80 38.17 142.82 -31.57
C VAL GA 80 38.00 144.11 -30.77
N ALA GA 81 38.34 145.25 -31.40
CA ALA GA 81 38.22 146.53 -30.72
C ALA GA 81 36.78 146.86 -30.37
N TYR GA 82 35.85 146.61 -31.30
CA TYR GA 82 34.45 146.89 -31.03
C TYR GA 82 33.88 145.94 -29.99
N TYR GA 83 34.33 144.68 -29.97
CA TYR GA 83 33.95 143.76 -28.91
C TYR GA 83 34.43 144.28 -27.55
N ILE GA 84 35.67 144.75 -27.49
CA ILE GA 84 36.22 145.27 -26.24
C ILE GA 84 35.42 146.49 -25.78
N LEU GA 85 35.13 147.40 -26.71
CA LEU GA 85 34.41 148.62 -26.36
C LEU GA 85 33.00 148.32 -25.87
N ALA GA 86 32.27 147.45 -26.60
CA ALA GA 86 30.90 147.15 -26.23
C ALA GA 86 30.82 146.36 -24.94
N THR GA 87 31.82 145.51 -24.67
CA THR GA 87 31.82 144.78 -23.41
C THR GA 87 32.19 145.68 -22.24
N ALA GA 88 33.18 146.56 -22.42
CA ALA GA 88 33.58 147.45 -21.34
C ALA GA 88 32.49 148.48 -21.03
N SER GA 89 31.69 148.86 -22.02
CA SER GA 89 30.57 149.76 -21.76
C SER GA 89 29.53 149.10 -20.86
N ASN GA 90 29.24 147.82 -21.09
CA ASN GA 90 28.22 147.12 -20.33
C ASN GA 90 28.82 146.65 -19.00
N GLY GA 91 28.24 147.12 -17.90
CA GLY GA 91 28.68 146.70 -16.58
C GLY GA 91 27.94 145.47 -16.09
N TYR GA 92 27.68 144.54 -17.01
CA TYR GA 92 26.90 143.34 -16.72
C TYR GA 92 27.56 142.19 -17.47
N ASP GA 93 26.79 141.09 -17.64
CA ASP GA 93 27.09 139.88 -18.41
C ASP GA 93 28.12 139.02 -17.67
N PRO GA 94 27.96 137.65 -17.71
CA PRO GA 94 28.44 136.75 -16.64
C PRO GA 94 29.30 137.32 -15.52
N SER GA 95 28.73 138.25 -14.75
CA SER GA 95 29.43 138.87 -13.63
C SER GA 95 29.01 138.33 -12.27
N PHE GA 96 27.75 137.93 -12.13
CA PHE GA 96 27.28 137.34 -10.87
C PHE GA 96 27.68 135.87 -10.84
N PHE GA 97 28.55 135.51 -9.90
CA PHE GA 97 29.01 134.14 -9.77
C PHE GA 97 29.27 133.79 -8.31
N LYS HA 1 -10.84 84.33 -105.96
CA LYS HA 1 -11.08 85.68 -105.44
C LYS HA 1 -11.60 85.64 -104.01
N TYR HA 2 -11.93 86.81 -103.47
CA TYR HA 2 -12.47 86.89 -102.11
C TYR HA 2 -13.87 86.28 -102.02
N GLY HA 3 -14.66 86.40 -103.07
CA GLY HA 3 -16.04 85.97 -103.04
C GLY HA 3 -16.28 84.48 -103.18
N ASP HA 4 -15.24 83.68 -103.41
CA ASP HA 4 -15.42 82.25 -103.54
C ASP HA 4 -15.69 81.62 -102.18
N LYS HA 5 -16.06 80.34 -102.19
CA LYS HA 5 -16.47 79.66 -100.98
C LYS HA 5 -15.29 79.37 -100.07
N SER HA 6 -15.51 79.56 -98.76
CA SER HA 6 -14.59 79.22 -97.68
C SER HA 6 -13.26 79.96 -97.74
N VAL HA 7 -13.15 81.00 -98.55
CA VAL HA 7 -11.93 81.79 -98.67
C VAL HA 7 -12.27 83.25 -98.42
N TYR HA 8 -11.51 83.91 -97.55
CA TYR HA 8 -11.77 85.28 -97.16
C TYR HA 8 -10.54 86.17 -97.23
N PHE HA 9 -9.44 85.69 -97.82
CA PHE HA 9 -8.19 86.44 -97.91
C PHE HA 9 -7.83 86.62 -99.37
N ASP HA 10 -7.72 87.87 -99.81
CA ASP HA 10 -7.30 88.20 -101.16
C ASP HA 10 -6.16 89.19 -101.10
N LEU HA 11 -5.08 88.90 -101.82
CA LEU HA 11 -3.91 89.78 -101.80
C LEU HA 11 -4.17 91.05 -102.61
N GLU HA 12 -4.87 90.92 -103.74
CA GLU HA 12 -5.19 92.07 -104.57
C GLU HA 12 -6.41 92.85 -104.08
N ASP HA 13 -7.09 92.35 -103.04
CA ASP HA 13 -8.30 92.96 -102.51
C ASP HA 13 -8.19 92.93 -100.99
N ILE HA 14 -7.69 94.04 -100.43
CA ILE HA 14 -7.42 94.13 -99.01
C ILE HA 14 -8.64 94.65 -98.24
N ALA HA 15 -9.38 95.60 -98.85
CA ALA HA 15 -10.49 96.24 -98.16
C ALA HA 15 -11.58 95.25 -97.78
N ASN HA 16 -11.91 94.31 -98.68
CA ASN HA 16 -12.85 93.26 -98.33
C ASN HA 16 -12.23 92.27 -97.35
N THR HA 17 -10.92 92.00 -97.46
CA THR HA 17 -10.26 91.09 -96.54
C THR HA 17 -10.24 91.66 -95.13
N THR HA 18 -9.96 92.95 -95.00
CA THR HA 18 -9.87 93.61 -93.69
C THR HA 18 -11.19 94.23 -93.25
N GLY HA 19 -12.26 93.99 -94.00
CA GLY HA 19 -13.58 94.52 -93.63
C GLY HA 19 -13.73 96.01 -93.72
N GLN HA 20 -13.20 96.63 -94.77
CA GLN HA 20 -13.37 98.06 -95.01
C GLN HA 20 -14.64 98.28 -95.82
N TRP HA 21 -15.76 98.32 -95.09
CA TRP HA 21 -17.08 98.44 -95.71
C TRP HA 21 -17.83 99.62 -95.14
N ASP HA 22 -18.74 100.16 -95.93
CA ASP HA 22 -19.72 101.16 -95.47
C ASP HA 22 -20.96 100.39 -95.06
N VAL HA 23 -21.11 100.14 -93.76
CA VAL HA 23 -22.15 99.25 -93.28
C VAL HA 23 -23.53 99.87 -93.45
N TYR HA 24 -23.65 101.18 -93.18
CA TYR HA 24 -24.93 101.85 -93.27
C TYR HA 24 -24.94 103.04 -94.22
N GLY HA 25 -23.80 103.36 -94.84
CA GLY HA 25 -23.78 104.45 -95.79
C GLY HA 25 -24.55 104.11 -97.05
N SER HA 26 -25.38 105.06 -97.50
CA SER HA 26 -26.21 104.88 -98.68
C SER HA 26 -25.89 105.97 -99.70
N ASP HA 27 -25.78 105.57 -100.96
CA ASP HA 27 -25.50 106.48 -102.06
C ASP HA 27 -26.77 107.06 -102.68
N ALA HA 28 -27.87 107.07 -101.93
CA ALA HA 28 -29.11 107.64 -102.44
C ALA HA 28 -28.98 109.16 -102.58
N PRO HA 29 -29.71 109.77 -103.52
CA PRO HA 29 -29.62 111.22 -103.70
C PRO HA 29 -30.22 111.98 -102.53
N SER HA 30 -30.08 113.29 -102.58
CA SER HA 30 -30.51 114.16 -101.49
C SER HA 30 -32.02 114.17 -101.37
N PRO HA 31 -32.59 113.85 -100.20
CA PRO HA 31 -34.05 113.90 -100.06
C PRO HA 31 -34.60 115.30 -99.80
N TYR HA 32 -33.76 116.23 -99.36
CA TYR HA 32 -34.22 117.58 -99.04
C TYR HA 32 -34.59 118.34 -100.30
N ASN HA 33 -35.44 119.35 -100.13
CA ASN HA 33 -35.85 120.20 -101.24
C ASN HA 33 -34.67 121.04 -101.73
N SER HA 34 -34.67 121.34 -103.03
CA SER HA 34 -33.59 122.12 -103.62
C SER HA 34 -33.55 123.54 -103.05
N LEU HA 35 -34.72 124.16 -102.87
CA LEU HA 35 -34.76 125.49 -102.28
C LEU HA 35 -34.30 125.46 -100.82
N GLN HA 36 -34.70 124.43 -100.08
CA GLN HA 36 -34.22 124.24 -98.71
C GLN HA 36 -32.70 124.10 -98.69
N SER HA 37 -32.16 123.30 -99.59
CA SER HA 37 -30.71 123.08 -99.66
C SER HA 37 -29.98 124.38 -100.00
N LYS HA 38 -30.53 125.15 -100.95
CA LYS HA 38 -29.89 126.42 -101.33
C LYS HA 38 -29.93 127.41 -100.17
N PHE HA 39 -31.07 127.51 -99.47
CA PHE HA 39 -31.18 128.43 -98.35
C PHE HA 39 -30.20 128.06 -97.24
N PHE HA 40 -30.09 126.77 -96.93
CA PHE HA 40 -29.15 126.37 -95.87
C PHE HA 40 -27.70 126.46 -96.33
N GLU HA 41 -27.45 126.39 -97.65
CA GLU HA 41 -26.09 126.52 -98.14
C GLU HA 41 -25.61 127.97 -98.08
N THR HA 42 -26.45 128.92 -98.50
CA THR HA 42 -26.02 130.31 -98.43
C THR HA 42 -26.15 130.91 -97.04
N PHE HA 43 -27.01 130.35 -96.18
CA PHE HA 43 -27.18 130.91 -94.85
C PHE HA 43 -26.28 130.28 -93.81
N ALA HA 44 -25.50 129.25 -94.17
CA ALA HA 44 -24.50 128.68 -93.27
C ALA HA 44 -23.10 128.76 -93.86
N ALA HA 45 -22.93 129.54 -94.93
CA ALA HA 45 -21.60 129.70 -95.53
C ALA HA 45 -20.55 130.33 -94.62
N PRO HA 46 -20.82 131.39 -93.83
CA PRO HA 46 -19.73 131.95 -93.00
C PRO HA 46 -19.17 131.00 -91.96
N PHE HA 47 -19.91 129.97 -91.57
CA PHE HA 47 -19.44 129.01 -90.57
C PHE HA 47 -18.66 127.85 -91.18
N THR HA 48 -18.38 127.90 -92.49
CA THR HA 48 -17.67 126.81 -93.14
C THR HA 48 -16.21 126.75 -92.72
N LYS HA 49 -15.53 127.89 -92.71
CA LYS HA 49 -14.10 127.92 -92.38
C LYS HA 49 -13.89 127.54 -90.92
N ARG HA 50 -13.16 126.44 -90.69
CA ARG HA 50 -13.14 125.83 -89.37
C ARG HA 50 -12.30 126.64 -88.37
N GLY HA 51 -11.15 127.17 -88.81
CA GLY HA 51 -10.37 128.01 -87.92
C GLY HA 51 -11.08 129.31 -87.57
N LEU HA 52 -11.69 129.94 -88.57
CA LEU HA 52 -12.48 131.14 -88.34
C LEU HA 52 -13.68 130.84 -87.46
N LEU HA 53 -14.32 129.69 -87.67
CA LEU HA 53 -15.45 129.31 -86.83
C LEU HA 53 -15.01 129.06 -85.39
N LEU HA 54 -13.84 128.45 -85.19
CA LEU HA 54 -13.32 128.23 -83.85
C LEU HA 54 -13.05 129.55 -83.13
N LYS HA 55 -12.38 130.47 -83.83
CA LYS HA 55 -12.10 131.77 -83.23
C LYS HA 55 -13.38 132.54 -82.93
N PHE HA 56 -14.33 132.52 -83.87
CA PHE HA 56 -15.61 133.21 -83.67
C PHE HA 56 -16.40 132.61 -82.52
N LEU HA 57 -16.41 131.28 -82.42
CA LEU HA 57 -17.12 130.61 -81.34
C LEU HA 57 -16.52 130.97 -79.98
N ILE HA 58 -15.18 130.95 -79.89
CA ILE HA 58 -14.53 131.26 -78.62
C ILE HA 58 -14.80 132.70 -78.22
N LEU HA 59 -14.63 133.64 -79.16
CA LEU HA 59 -14.82 135.06 -78.84
C LEU HA 59 -16.28 135.35 -78.50
N GLY HA 60 -17.21 134.81 -79.29
CA GLY HA 60 -18.62 135.05 -79.03
C GLY HA 60 -19.10 134.44 -77.73
N GLY HA 61 -18.65 133.21 -77.43
CA GLY HA 61 -19.03 132.59 -76.18
C GLY HA 61 -18.50 133.33 -74.97
N GLY HA 62 -17.22 133.73 -75.02
CA GLY HA 62 -16.66 134.50 -73.93
C GLY HA 62 -17.33 135.84 -73.73
N SER HA 63 -17.56 136.56 -74.84
CA SER HA 63 -18.19 137.88 -74.75
C SER HA 63 -19.63 137.77 -74.24
N LEU HA 64 -20.38 136.79 -74.74
CA LEU HA 64 -21.76 136.64 -74.30
C LEU HA 64 -21.85 136.19 -72.85
N LEU HA 65 -20.96 135.29 -72.42
CA LEU HA 65 -20.94 134.87 -71.03
C LEU HA 65 -20.60 136.02 -70.09
N THR HA 66 -19.58 136.81 -70.44
CA THR HA 66 -19.22 137.95 -69.61
C THR HA 66 -20.32 139.00 -69.59
N TYR HA 67 -20.94 139.26 -70.75
CA TYR HA 67 -22.02 140.25 -70.82
C TYR HA 67 -23.24 139.81 -70.01
N VAL HA 68 -23.58 138.53 -70.06
CA VAL HA 68 -24.73 138.04 -69.30
C VAL HA 68 -24.43 138.06 -67.81
N SER HA 69 -23.24 137.60 -67.41
CA SER HA 69 -22.90 137.55 -65.99
C SER HA 69 -22.80 138.94 -65.38
N ALA HA 70 -22.22 139.89 -66.11
CA ALA HA 70 -22.04 141.24 -65.57
C ALA HA 70 -23.36 141.99 -65.49
N ASN HA 71 -24.22 141.83 -66.49
CA ASN HA 71 -25.45 142.59 -66.59
C ASN HA 71 -26.70 141.76 -66.27
N ALA HA 72 -26.54 140.69 -65.50
CA ALA HA 72 -27.69 139.94 -65.04
C ALA HA 72 -28.47 140.75 -64.00
N PRO HA 73 -29.78 140.57 -63.93
CA PRO HA 73 -30.57 141.24 -62.88
C PRO HA 73 -30.15 140.75 -61.50
N GLN HA 74 -30.26 141.65 -60.52
CA GLN HA 74 -29.83 141.34 -59.16
C GLN HA 74 -30.74 140.32 -58.48
N ASP HA 75 -31.98 140.17 -58.93
CA ASP HA 75 -32.92 139.24 -58.32
C ASP HA 75 -32.87 137.86 -58.94
N VAL HA 76 -32.06 137.65 -59.96
CA VAL HA 76 -31.97 136.34 -60.59
C VAL HA 76 -31.04 135.42 -59.81
N LEU HA 77 -29.78 135.82 -59.68
CA LEU HA 77 -28.81 135.02 -58.93
C LEU HA 77 -28.78 135.46 -57.47
N PRO HA 78 -28.77 134.53 -56.52
CA PRO HA 78 -28.64 134.93 -55.11
C PRO HA 78 -27.28 135.51 -54.77
N ILE HA 79 -26.26 135.23 -55.59
CA ILE HA 79 -24.93 135.77 -55.34
C ILE HA 79 -24.84 137.22 -55.81
N THR HA 80 -25.61 137.59 -56.83
CA THR HA 80 -25.58 138.97 -57.33
C THR HA 80 -26.13 139.92 -56.28
N ARG HA 81 -27.25 139.57 -55.65
CA ARG HA 81 -27.74 140.33 -54.51
C ARG HA 81 -26.92 140.00 -53.28
N GLY HA 82 -26.92 140.93 -52.33
CA GLY HA 82 -26.18 140.76 -51.10
C GLY HA 82 -26.90 139.84 -50.13
N PRO HA 83 -26.49 139.87 -48.86
CA PRO HA 83 -27.17 139.03 -47.86
C PRO HA 83 -28.60 139.45 -47.60
N GLN HA 84 -28.88 140.77 -47.57
CA GLN HA 84 -30.15 141.33 -47.12
C GLN HA 84 -30.58 140.80 -45.75
N GLN HA 85 -29.61 140.50 -44.90
CA GLN HA 85 -29.85 140.03 -43.54
C GLN HA 85 -28.76 140.59 -42.64
N PRO HA 86 -29.05 140.79 -41.36
CA PRO HA 86 -28.01 141.24 -40.42
C PRO HA 86 -27.02 140.12 -40.15
N PRO HA 87 -25.72 140.41 -40.16
CA PRO HA 87 -24.72 139.37 -39.89
C PRO HA 87 -24.79 138.89 -38.45
N LYS HA 88 -24.39 137.64 -38.25
CA LYS HA 88 -24.41 137.01 -36.94
C LYS HA 88 -23.01 137.00 -36.33
N LEU HA 89 -22.97 136.90 -35.00
CA LEU HA 89 -21.73 136.92 -34.26
C LEU HA 89 -21.04 135.55 -34.34
N GLY HA 90 -19.74 135.56 -34.08
CA GLY HA 90 -18.98 134.33 -33.97
C GLY HA 90 -19.15 133.68 -32.63
N PRO HA 91 -18.65 132.45 -32.51
CA PRO HA 91 -18.79 131.70 -31.25
C PRO HA 91 -17.82 132.10 -30.16
N ARG HA 92 -17.00 133.13 -30.37
CA ARG HA 92 -16.19 133.68 -29.29
C ARG HA 92 -16.37 135.20 -29.20
N GLY HA 93 -17.30 135.77 -29.96
CA GLY HA 93 -17.48 137.20 -29.98
C GLY HA 93 -16.72 137.87 -31.12
N LYS HA 94 -17.00 137.42 -32.34
CA LYS HA 94 -16.49 137.93 -33.62
C LYS HA 94 -15.01 137.60 -33.83
N ILE HA 95 -14.37 136.88 -32.91
CA ILE HA 95 -12.99 136.45 -33.09
C ILE HA 95 -12.96 134.96 -33.39
N MET IA 1 -17.84 149.05 -60.12
CA MET IA 1 -17.92 147.96 -61.10
C MET IA 1 -17.65 146.63 -60.43
N ASN IA 2 -18.50 145.63 -60.73
CA ASN IA 2 -18.37 144.30 -60.14
C ASN IA 2 -17.39 143.50 -60.99
N PHE IA 3 -16.15 143.42 -60.53
CA PHE IA 3 -15.08 142.68 -61.20
C PHE IA 3 -15.15 141.17 -61.03
N PRO IA 4 -15.57 140.60 -59.88
CA PRO IA 4 -15.73 139.13 -59.83
C PRO IA 4 -16.67 138.56 -60.88
N SER IA 5 -17.77 139.24 -61.18
CA SER IA 5 -18.73 138.75 -62.17
C SER IA 5 -18.15 138.71 -63.59
N ILE IA 6 -17.03 139.38 -63.84
CA ILE IA 6 -16.38 139.36 -65.13
C ILE IA 6 -15.21 138.37 -65.16
N PHE IA 7 -14.37 138.38 -64.11
CA PHE IA 7 -13.16 137.58 -64.10
C PHE IA 7 -13.40 136.13 -63.68
N VAL IA 8 -14.35 135.87 -62.77
CA VAL IA 8 -14.62 134.49 -62.35
C VAL IA 8 -15.13 133.63 -63.50
N PRO IA 9 -16.11 134.06 -64.32
CA PRO IA 9 -16.43 133.28 -65.52
C PRO IA 9 -15.28 133.22 -66.52
N LEU IA 10 -14.47 134.28 -66.61
CA LEU IA 10 -13.34 134.27 -67.54
C LEU IA 10 -12.30 133.25 -67.15
N VAL IA 11 -11.99 133.13 -65.86
CA VAL IA 11 -10.93 132.24 -65.40
C VAL IA 11 -11.46 130.81 -65.19
N GLY IA 12 -12.74 130.64 -64.89
CA GLY IA 12 -13.28 129.31 -64.68
C GLY IA 12 -13.86 128.65 -65.90
N LEU IA 13 -14.30 129.42 -66.89
CA LEU IA 13 -14.96 128.87 -68.07
C LEU IA 13 -14.22 129.17 -69.36
N VAL IA 14 -13.92 130.44 -69.63
CA VAL IA 14 -13.39 130.82 -70.94
C VAL IA 14 -11.91 130.45 -71.06
N PHE IA 15 -11.10 130.85 -70.09
CA PHE IA 15 -9.69 130.48 -70.09
C PHE IA 15 -9.45 128.96 -70.08
N PRO IA 16 -10.15 128.14 -69.27
CA PRO IA 16 -9.96 126.69 -69.42
C PRO IA 16 -10.36 126.17 -70.79
N ALA IA 17 -11.43 126.70 -71.38
CA ALA IA 17 -11.83 126.26 -72.71
C ALA IA 17 -10.73 126.55 -73.73
N ILE IA 18 -10.18 127.77 -73.68
CA ILE IA 18 -9.10 128.15 -74.59
C ILE IA 18 -7.87 127.27 -74.34
N ALA IA 19 -7.55 127.03 -73.07
CA ALA IA 19 -6.34 126.29 -72.74
C ALA IA 19 -6.42 124.83 -73.18
N MET IA 20 -7.50 124.13 -72.85
CA MET IA 20 -7.62 122.75 -73.27
C MET IA 20 -7.82 122.63 -74.78
N ALA IA 21 -8.46 123.62 -75.42
CA ALA IA 21 -8.55 123.58 -76.88
C ALA IA 21 -7.16 123.68 -77.52
N SER IA 22 -6.35 124.63 -77.05
CA SER IA 22 -5.01 124.80 -77.59
C SER IA 22 -4.13 123.60 -77.31
N LEU IA 23 -4.23 123.04 -76.09
CA LEU IA 23 -3.41 121.89 -75.74
C LEU IA 23 -3.85 120.63 -76.49
N PHE IA 24 -5.16 120.48 -76.73
CA PHE IA 24 -5.63 119.36 -77.53
C PHE IA 24 -5.17 119.48 -78.98
N LEU IA 25 -5.17 120.70 -79.53
CA LEU IA 25 -4.69 120.87 -80.89
C LEU IA 25 -3.18 120.67 -80.98
N TYR IA 26 -2.43 121.08 -79.95
CA TYR IA 26 -0.98 120.94 -79.99
C TYR IA 26 -0.56 119.49 -79.75
N VAL IA 27 -1.28 118.77 -78.89
CA VAL IA 27 -0.92 117.39 -78.58
C VAL IA 27 -1.16 116.49 -79.79
N GLN IA 28 -2.29 116.67 -80.48
CA GLN IA 28 -2.66 115.84 -81.61
C GLN IA 28 -1.98 116.26 -82.92
N LYS IA 29 -0.92 117.06 -82.85
CA LYS IA 29 -0.23 117.50 -84.05
C LYS IA 29 0.70 116.41 -84.58
N ASN IA 30 0.89 116.42 -85.89
CA ASN IA 30 1.84 115.52 -86.57
C ASN IA 30 2.74 116.39 -87.43
N LYS IA 31 3.84 116.87 -86.84
CA LYS IA 31 4.77 117.74 -87.55
C LYS IA 31 5.69 116.92 -88.45
N MET JA 1 3.75 53.78 -34.40
CA MET JA 1 3.93 54.67 -33.26
C MET JA 1 5.02 55.69 -33.55
N ARG JA 2 6.05 55.27 -34.28
CA ARG JA 2 7.12 56.19 -34.66
C ARG JA 2 6.59 57.27 -35.60
N ASP JA 3 5.71 56.91 -36.53
CA ASP JA 3 5.11 57.88 -37.43
C ASP JA 3 4.19 58.84 -36.69
N PHE JA 4 3.44 58.34 -35.71
CA PHE JA 4 2.59 59.21 -34.91
C PHE JA 4 3.41 60.18 -34.06
N LYS JA 5 4.52 59.71 -33.50
CA LYS JA 5 5.41 60.60 -32.76
C LYS JA 5 6.08 61.61 -33.67
N THR JA 6 6.37 61.23 -34.92
CA THR JA 6 6.88 62.18 -35.89
C THR JA 6 5.84 63.24 -36.21
N TYR JA 7 4.57 62.84 -36.33
CA TYR JA 7 3.49 63.79 -36.53
C TYR JA 7 3.35 64.73 -35.34
N LEU JA 8 3.51 64.20 -34.12
CA LEU JA 8 3.49 65.04 -32.93
C LEU JA 8 4.67 65.99 -32.87
N SER JA 9 5.76 65.69 -33.58
CA SER JA 9 6.93 66.54 -33.61
C SER JA 9 6.89 67.58 -34.71
N VAL JA 10 5.83 67.60 -35.54
CA VAL JA 10 5.75 68.58 -36.60
C VAL JA 10 5.44 69.95 -36.01
N ALA JA 11 5.63 71.00 -36.83
CA ALA JA 11 5.62 72.37 -36.33
C ALA JA 11 4.29 72.81 -35.71
N PRO JA 12 3.12 72.64 -36.35
CA PRO JA 12 1.89 73.16 -35.69
C PRO JA 12 1.50 72.41 -34.44
N VAL JA 13 1.65 71.09 -34.40
CA VAL JA 13 1.24 70.33 -33.23
C VAL JA 13 2.15 70.66 -32.04
N LEU JA 14 3.46 70.69 -32.27
CA LEU JA 14 4.40 71.04 -31.21
C LEU JA 14 4.22 72.48 -30.76
N SER JA 15 3.98 73.39 -31.71
CA SER JA 15 3.73 74.79 -31.35
C SER JA 15 2.45 74.92 -30.54
N THR JA 16 1.41 74.16 -30.90
CA THR JA 16 0.15 74.21 -30.16
C THR JA 16 0.34 73.70 -28.75
N LEU JA 17 1.05 72.57 -28.59
CA LEU JA 17 1.29 72.04 -27.24
C LEU JA 17 2.12 73.01 -26.41
N TRP JA 18 3.20 73.55 -26.99
CA TRP JA 18 4.07 74.46 -26.26
C TRP JA 18 3.35 75.74 -25.85
N PHE JA 19 2.60 76.33 -26.79
CA PHE JA 19 1.91 77.58 -26.50
C PHE JA 19 0.72 77.37 -25.58
N GLY JA 20 0.06 76.21 -25.65
CA GLY JA 20 -0.99 75.90 -24.70
C GLY JA 20 -0.45 75.73 -23.29
N SER JA 21 0.69 75.04 -23.15
CA SER JA 21 1.31 74.93 -21.83
C SER JA 21 1.75 76.29 -21.30
N LEU JA 22 2.32 77.12 -22.17
CA LEU JA 22 2.75 78.46 -21.76
C LEU JA 22 1.56 79.32 -21.36
N ALA JA 23 0.48 79.26 -22.13
CA ALA JA 23 -0.72 80.04 -21.82
C ALA JA 23 -1.35 79.58 -20.52
N GLY JA 24 -1.39 78.26 -20.28
CA GLY JA 24 -1.89 77.76 -19.01
C GLY JA 24 -1.04 78.20 -17.84
N LEU JA 25 0.28 78.18 -18.00
CA LEU JA 25 1.17 78.65 -16.94
C LEU JA 25 0.96 80.13 -16.65
N LEU JA 26 0.85 80.95 -17.70
CA LEU JA 26 0.62 82.38 -17.51
C LEU JA 26 -0.73 82.66 -16.86
N ILE JA 27 -1.77 81.92 -17.26
CA ILE JA 27 -3.09 82.10 -16.69
C ILE JA 27 -3.11 81.71 -15.21
N GLU JA 28 -2.47 80.59 -14.87
CA GLU JA 28 -2.41 80.19 -13.46
C GLU JA 28 -1.59 81.17 -12.63
N ILE JA 29 -0.51 81.70 -13.19
CA ILE JA 29 0.28 82.72 -12.49
C ILE JA 29 -0.55 83.97 -12.27
N ASN JA 30 -1.33 84.37 -13.28
CA ASN JA 30 -2.18 85.56 -13.14
C ASN JA 30 -3.33 85.32 -12.17
N ARG JA 31 -3.77 84.07 -12.01
CA ARG JA 31 -4.76 83.80 -10.97
C ARG JA 31 -4.15 83.87 -9.58
N PHE JA 32 -2.99 83.24 -9.39
CA PHE JA 32 -2.38 83.19 -8.07
C PHE JA 32 -1.64 84.47 -7.70
N PHE JA 33 -1.18 85.23 -8.67
CA PHE JA 33 -0.51 86.52 -8.44
C PHE JA 33 -1.15 87.58 -9.33
N PRO JA 34 -2.37 88.01 -9.01
CA PRO JA 34 -3.09 88.90 -9.91
C PRO JA 34 -2.70 90.37 -9.72
N ASP JA 35 -2.92 91.13 -10.79
CA ASP JA 35 -2.78 92.59 -10.79
C ASP JA 35 -1.36 93.02 -10.42
N ALA JA 36 -0.40 92.50 -11.19
CA ALA JA 36 1.01 92.74 -10.95
C ALA JA 36 1.49 93.88 -11.84
N LEU JA 37 1.81 95.01 -11.22
CA LEU JA 37 2.36 96.17 -11.93
C LEU JA 37 3.84 96.39 -11.67
N THR JA 38 4.33 95.99 -10.50
CA THR JA 38 5.74 96.11 -10.13
C THR JA 38 6.27 94.74 -9.73
N PHE JA 39 7.57 94.69 -9.47
CA PHE JA 39 8.24 93.50 -8.95
C PHE JA 39 8.65 93.78 -7.50
N PRO JA 40 7.81 93.45 -6.53
CA PRO JA 40 8.05 93.88 -5.14
C PRO JA 40 8.84 92.90 -4.28
N PHE JA 41 9.36 91.82 -4.85
CA PHE JA 41 10.00 90.79 -4.04
C PHE JA 41 11.33 91.26 -3.46
N PHE JA 42 12.01 92.17 -4.13
CA PHE JA 42 13.28 92.68 -3.64
C PHE JA 42 13.11 94.01 -2.94
N ILE KA 49 -67.04 52.70 -49.65
CA ILE KA 49 -68.12 53.59 -49.27
C ILE KA 49 -69.15 53.69 -50.39
N GLY KA 50 -68.69 54.12 -51.57
CA GLY KA 50 -69.57 54.37 -52.68
C GLY KA 50 -70.00 55.82 -52.85
N SER KA 51 -69.39 56.75 -52.11
CA SER KA 51 -69.75 58.15 -52.17
C SER KA 51 -69.12 58.80 -53.41
N SER KA 52 -69.25 60.12 -53.51
CA SER KA 52 -68.70 60.83 -54.66
C SER KA 52 -67.17 60.76 -54.68
N THR KA 53 -66.53 60.86 -53.52
CA THR KA 53 -65.08 60.77 -53.45
C THR KA 53 -64.59 59.40 -53.89
N ASN KA 54 -65.27 58.34 -53.45
CA ASN KA 54 -64.89 56.99 -53.84
C ASN KA 54 -65.03 56.78 -55.34
N LEU KA 55 -66.13 57.27 -55.92
CA LEU KA 55 -66.34 57.13 -57.36
C LEU KA 55 -65.29 57.91 -58.14
N ILE KA 56 -64.97 59.13 -57.70
CA ILE KA 56 -64.00 59.95 -58.40
C ILE KA 56 -62.62 59.31 -58.35
N MET KA 57 -62.21 58.84 -57.17
CA MET KA 57 -60.89 58.24 -57.04
C MET KA 57 -60.77 56.93 -57.80
N VAL KA 58 -61.81 56.09 -57.75
CA VAL KA 58 -61.80 54.83 -58.49
C VAL KA 58 -61.75 55.09 -59.98
N THR KA 59 -62.56 56.05 -60.46
CA THR KA 59 -62.57 56.38 -61.88
C THR KA 59 -61.21 56.93 -62.33
N SER KA 60 -60.60 57.80 -61.51
CA SER KA 60 -59.32 58.39 -61.89
C SER KA 60 -58.21 57.33 -61.93
N THR KA 61 -58.17 56.46 -60.92
CA THR KA 61 -57.15 55.41 -60.89
C THR KA 61 -57.33 54.43 -62.05
N THR KA 62 -58.58 54.02 -62.31
CA THR KA 62 -58.86 53.09 -63.40
C THR KA 62 -58.52 53.72 -64.75
N LEU KA 63 -58.88 54.99 -64.95
CA LEU KA 63 -58.58 55.67 -66.21
C LEU KA 63 -57.09 55.84 -66.41
N MET KA 64 -56.35 56.18 -65.36
CA MET KA 64 -54.91 56.33 -65.50
C MET KA 64 -54.23 54.99 -65.78
N LEU KA 65 -54.69 53.93 -65.12
CA LEU KA 65 -54.14 52.60 -65.39
C LEU KA 65 -54.43 52.16 -66.82
N PHE KA 66 -55.65 52.43 -67.30
CA PHE KA 66 -56.00 52.07 -68.67
C PHE KA 66 -55.19 52.88 -69.67
N ALA KA 67 -54.96 54.17 -69.39
CA ALA KA 67 -54.15 55.00 -70.28
C ALA KA 67 -52.70 54.54 -70.30
N GLY KA 68 -52.16 54.15 -69.15
CA GLY KA 68 -50.81 53.63 -69.11
C GLY KA 68 -50.66 52.25 -69.70
N ARG KA 69 -51.73 51.46 -69.71
CA ARG KA 69 -51.69 50.11 -70.24
C ARG KA 69 -51.89 50.07 -71.75
N PHE KA 70 -52.97 50.67 -72.25
CA PHE KA 70 -53.32 50.61 -73.66
C PHE KA 70 -52.86 51.82 -74.46
N GLY KA 71 -52.89 53.02 -73.87
CA GLY KA 71 -52.50 54.21 -74.57
C GLY KA 71 -51.00 54.39 -74.65
N LEU KA 72 -50.60 55.49 -75.29
CA LEU KA 72 -49.18 55.79 -75.44
C LEU KA 72 -48.52 56.21 -74.13
N ALA KA 73 -49.31 56.54 -73.12
CA ALA KA 73 -48.74 56.91 -71.83
C ALA KA 73 -48.07 55.70 -71.17
N PRO KA 74 -46.93 55.90 -70.49
CA PRO KA 74 -46.24 54.81 -69.81
C PRO KA 74 -46.67 54.67 -68.35
N ARG KA 89 -33.32 52.21 -71.59
CA ARG KA 89 -31.92 51.87 -71.41
C ARG KA 89 -31.63 51.46 -69.97
N ASP KA 90 -32.67 51.51 -69.13
CA ASP KA 90 -32.58 51.11 -67.72
C ASP KA 90 -33.88 50.38 -67.38
N SER KA 91 -33.86 49.06 -67.51
CA SER KA 91 -35.04 48.23 -67.25
C SER KA 91 -34.57 46.87 -66.74
N GLY KA 92 -35.48 45.90 -66.77
CA GLY KA 92 -35.13 44.55 -66.35
C GLY KA 92 -36.24 43.80 -65.62
N LEU KA 93 -37.20 44.54 -65.07
CA LEU KA 93 -38.30 43.89 -64.37
C LEU KA 93 -39.21 43.15 -65.34
N GLN KA 94 -39.66 41.96 -64.95
CA GLN KA 94 -40.48 41.11 -65.80
C GLN KA 94 -41.76 40.74 -65.08
N THR KA 95 -42.86 40.66 -65.84
CA THR KA 95 -44.16 40.23 -65.33
C THR KA 95 -44.82 39.33 -66.37
N GLY KA 96 -46.01 38.84 -66.01
CA GLY KA 96 -46.71 37.88 -66.86
C GLY KA 96 -47.65 38.47 -67.89
N ASP KA 97 -48.09 39.73 -67.71
CA ASP KA 97 -48.99 40.33 -68.67
C ASP KA 97 -48.24 40.62 -69.98
N PRO KA 98 -48.89 40.45 -71.13
CA PRO KA 98 -48.15 40.41 -72.40
C PRO KA 98 -47.52 41.73 -72.81
N ALA KA 99 -48.07 42.86 -72.39
CA ALA KA 99 -47.56 44.16 -72.85
C ALA KA 99 -46.39 44.67 -72.02
N GLY KA 100 -45.89 43.87 -71.09
CA GLY KA 100 -44.81 44.31 -70.23
C GLY KA 100 -45.19 45.43 -69.29
N PHE KA 101 -46.43 45.44 -68.81
CA PHE KA 101 -46.90 46.42 -67.83
C PHE KA 101 -46.46 45.92 -66.45
N THR KA 102 -45.25 46.30 -66.05
CA THR KA 102 -44.65 45.77 -64.84
C THR KA 102 -45.27 46.42 -63.60
N LEU KA 103 -44.77 46.01 -62.44
CA LEU KA 103 -45.25 46.58 -61.17
C LEU KA 103 -44.89 48.05 -61.06
N ALA KA 104 -43.76 48.46 -61.65
CA ALA KA 104 -43.37 49.87 -61.61
C ALA KA 104 -44.36 50.74 -62.37
N ASP KA 105 -44.80 50.29 -63.55
CA ASP KA 105 -45.79 51.03 -64.31
C ASP KA 105 -47.13 51.06 -63.59
N THR KA 106 -47.51 49.95 -62.96
CA THR KA 106 -48.74 49.91 -62.18
C THR KA 106 -48.70 50.91 -61.03
N LEU KA 107 -47.59 50.94 -60.30
CA LEU KA 107 -47.44 51.89 -59.20
C LEU KA 107 -47.44 53.33 -59.69
N ALA KA 108 -46.78 53.59 -60.82
CA ALA KA 108 -46.74 54.95 -61.37
C ALA KA 108 -48.12 55.41 -61.77
N CYS KA 109 -48.87 54.57 -62.50
CA CYS KA 109 -50.21 54.94 -62.93
C CYS KA 109 -51.14 55.10 -61.74
N GLY KA 110 -51.05 54.22 -60.74
CA GLY KA 110 -51.87 54.35 -59.57
C GLY KA 110 -51.57 55.60 -58.77
N SER KA 111 -50.29 55.95 -58.64
CA SER KA 111 -49.91 57.15 -57.91
C SER KA 111 -50.37 58.41 -58.63
N PHE KA 112 -50.20 58.47 -59.95
CA PHE KA 112 -50.65 59.64 -60.70
C PHE KA 112 -52.16 59.77 -60.68
N GLY KA 113 -52.88 58.64 -60.80
CA GLY KA 113 -54.32 58.68 -60.69
C GLY KA 113 -54.78 59.10 -59.31
N HIS KA 114 -54.06 58.67 -58.28
CA HIS KA 114 -54.39 59.09 -56.92
C HIS KA 114 -54.18 60.59 -56.75
N ILE KA 115 -53.09 61.14 -57.30
CA ILE KA 115 -52.85 62.57 -57.21
C ILE KA 115 -53.95 63.35 -57.92
N ILE KA 116 -54.30 62.91 -59.14
CA ILE KA 116 -55.33 63.59 -59.92
C ILE KA 116 -56.68 63.51 -59.23
N GLY KA 117 -57.02 62.33 -58.70
CA GLY KA 117 -58.30 62.17 -58.01
C GLY KA 117 -58.39 62.96 -56.72
N VAL KA 118 -57.28 63.04 -55.97
CA VAL KA 118 -57.24 63.84 -54.76
C VAL KA 118 -57.45 65.32 -55.09
N GLY KA 119 -56.77 65.80 -56.13
CA GLY KA 119 -56.97 67.19 -56.55
C GLY KA 119 -58.38 67.47 -57.01
N VAL KA 120 -58.97 66.54 -57.79
CA VAL KA 120 -60.33 66.72 -58.28
C VAL KA 120 -61.33 66.71 -57.13
N VAL KA 121 -61.16 65.80 -56.18
CA VAL KA 121 -62.06 65.72 -55.03
C VAL KA 121 -61.98 67.00 -54.20
N LEU KA 122 -60.77 67.46 -53.90
CA LEU KA 122 -60.63 68.66 -53.08
C LEU KA 122 -61.02 69.94 -53.82
N GLY KA 123 -61.03 69.92 -55.15
CA GLY KA 123 -61.52 71.05 -55.89
C GLY KA 123 -63.03 71.08 -55.97
N LEU KA 124 -63.63 69.91 -56.20
CA LEU KA 124 -65.08 69.82 -56.29
C LEU KA 124 -65.75 70.02 -54.93
N LYS KA 125 -65.05 69.67 -53.85
CA LYS KA 125 -65.58 69.94 -52.52
C LYS KA 125 -65.66 71.44 -52.26
N ASN KA 126 -64.64 72.20 -52.69
CA ASN KA 126 -64.68 73.64 -52.53
C ASN KA 126 -65.70 74.28 -53.45
N ILE KA 127 -65.76 73.83 -54.71
CA ILE KA 127 -66.73 74.39 -55.65
C ILE KA 127 -68.14 73.97 -55.26
N GLY KA 128 -68.34 72.69 -54.96
CA GLY KA 128 -69.65 72.19 -54.59
C GLY KA 128 -70.00 70.88 -55.28
N GLN LA 1 -30.69 79.31 -87.84
CA GLN LA 1 -29.54 80.20 -87.93
C GLN LA 1 -29.96 81.66 -88.04
N VAL LA 2 -29.96 82.38 -86.91
CA VAL LA 2 -30.36 83.78 -86.89
C VAL LA 2 -29.15 84.69 -86.75
N ILE LA 3 -28.15 84.26 -85.97
CA ILE LA 3 -26.93 85.01 -85.73
C ILE LA 3 -25.88 84.54 -86.74
N GLN LA 4 -25.50 85.40 -87.66
CA GLN LA 4 -24.55 85.10 -88.70
C GLN LA 4 -23.21 85.75 -88.40
N PRO LA 5 -22.13 85.30 -89.05
CA PRO LA 5 -20.91 86.08 -89.05
C PRO LA 5 -21.06 87.38 -89.82
N LEU LA 6 -20.18 88.34 -89.48
CA LEU LA 6 -20.20 89.69 -90.04
C LEU LA 6 -19.81 89.66 -91.51
N ASN LA 7 -20.81 89.80 -92.38
CA ASN LA 7 -20.68 89.77 -93.83
C ASN LA 7 -19.95 88.48 -94.23
N GLY LA 8 -20.48 87.37 -93.69
CA GLY LA 8 -19.97 86.05 -93.99
C GLY LA 8 -18.56 85.78 -93.50
N ASP LA 9 -18.00 86.72 -92.73
CA ASP LA 9 -16.62 86.64 -92.30
C ASP LA 9 -16.56 86.33 -90.80
N PRO LA 10 -16.20 85.11 -90.41
CA PRO LA 10 -16.12 84.78 -88.98
C PRO LA 10 -14.88 85.31 -88.28
N PHE LA 11 -13.93 85.91 -89.01
CA PHE LA 11 -12.67 86.35 -88.42
C PHE LA 11 -12.59 87.87 -88.36
N ILE LA 12 -13.74 88.53 -88.38
CA ILE LA 12 -13.85 89.97 -88.17
C ILE LA 12 -14.55 90.19 -86.84
N GLY LA 13 -14.08 91.16 -86.07
CA GLY LA 13 -14.56 91.35 -84.72
C GLY LA 13 -15.97 91.89 -84.63
N GLY LA 14 -16.93 91.08 -85.04
CA GLY LA 14 -18.33 91.46 -84.97
C GLY LA 14 -19.20 90.29 -85.36
N LEU LA 15 -20.51 90.50 -85.23
CA LEU LA 15 -21.49 89.48 -85.56
C LEU LA 15 -22.69 90.14 -86.23
N GLU LA 16 -23.42 89.34 -87.02
CA GLU LA 16 -24.65 89.77 -87.65
C GLU LA 16 -25.82 89.26 -86.82
N THR LA 17 -26.63 90.18 -86.31
CA THR LA 17 -27.73 89.88 -85.41
C THR LA 17 -28.95 90.65 -85.88
N PRO LA 18 -30.15 90.25 -85.45
CA PRO LA 18 -31.35 91.03 -85.81
C PRO LA 18 -31.32 92.46 -85.32
N VAL LA 19 -30.55 92.77 -84.28
CA VAL LA 19 -30.37 94.16 -83.87
C VAL LA 19 -29.38 94.88 -84.76
N THR LA 20 -28.49 94.14 -85.43
CA THR LA 20 -27.43 94.72 -86.25
C THR LA 20 -27.83 94.82 -87.73
N SER LA 21 -28.32 93.73 -88.33
CA SER LA 21 -28.50 93.65 -89.77
C SER LA 21 -29.94 93.35 -90.15
N SER LA 22 -30.91 93.88 -89.41
CA SER LA 22 -32.30 93.78 -89.83
C SER LA 22 -32.54 94.73 -91.01
N PRO LA 23 -33.40 94.35 -91.96
CA PRO LA 23 -33.69 95.27 -93.07
C PRO LA 23 -34.31 96.59 -92.62
N LEU LA 24 -35.19 96.55 -91.62
CA LEU LA 24 -35.78 97.79 -91.11
C LEU LA 24 -34.73 98.63 -90.39
N ILE LA 25 -33.89 97.99 -89.57
CA ILE LA 25 -32.83 98.71 -88.87
C ILE LA 25 -31.81 99.27 -89.85
N ALA LA 26 -31.45 98.50 -90.87
CA ALA LA 26 -30.52 98.99 -91.89
C ALA LA 26 -31.12 100.17 -92.65
N TRP LA 27 -32.41 100.09 -92.99
CA TRP LA 27 -33.07 101.21 -93.66
C TRP LA 27 -33.08 102.46 -92.79
N TYR LA 28 -33.42 102.29 -91.50
CA TYR LA 28 -33.47 103.43 -90.59
C TYR LA 28 -32.10 104.07 -90.40
N LEU LA 29 -31.05 103.24 -90.31
CA LEU LA 29 -29.71 103.79 -90.16
C LEU LA 29 -29.23 104.45 -91.45
N SER LA 30 -29.61 103.89 -92.60
CA SER LA 30 -29.17 104.45 -93.87
C SER LA 30 -29.85 105.78 -94.17
N ASN LA 31 -31.08 105.96 -93.70
CA ASN LA 31 -31.79 107.21 -93.92
C ASN LA 31 -31.44 108.30 -92.90
N LEU LA 32 -30.58 108.00 -91.92
CA LEU LA 32 -30.11 109.04 -91.03
C LEU LA 32 -29.14 109.96 -91.77
N PRO LA 33 -29.10 111.25 -91.41
CA PRO LA 33 -28.22 112.19 -92.13
C PRO LA 33 -26.75 111.85 -92.05
N ALA LA 34 -26.28 111.22 -90.97
CA ALA LA 34 -24.88 110.87 -90.85
C ALA LA 34 -24.45 109.80 -91.84
N TYR LA 35 -25.40 109.02 -92.37
CA TYR LA 35 -25.10 107.94 -93.31
C TYR LA 35 -25.60 108.26 -94.72
N ARG LA 36 -25.83 109.53 -95.03
CA ARG LA 36 -26.22 109.97 -96.37
C ARG LA 36 -24.96 110.47 -97.06
N THR LA 37 -24.25 109.54 -97.71
CA THR LA 37 -22.93 109.85 -98.24
C THR LA 37 -23.00 110.75 -99.47
N ALA LA 38 -24.05 110.63 -100.28
CA ALA LA 38 -24.14 111.39 -101.52
C ALA LA 38 -24.65 112.81 -101.32
N VAL LA 39 -25.04 113.18 -100.10
CA VAL LA 39 -25.61 114.48 -99.82
C VAL LA 39 -24.53 115.40 -99.26
N ASN LA 40 -24.73 116.70 -99.44
CA ASN LA 40 -23.83 117.71 -98.90
C ASN LA 40 -23.76 117.57 -97.37
N PRO LA 41 -22.57 117.50 -96.78
CA PRO LA 41 -22.47 117.45 -95.31
C PRO LA 41 -23.06 118.66 -94.61
N LEU LA 42 -23.19 119.80 -95.30
CA LEU LA 42 -23.84 120.97 -94.70
C LEU LA 42 -25.28 120.68 -94.34
N LEU LA 43 -26.02 120.02 -95.25
CA LEU LA 43 -27.43 119.73 -94.99
C LEU LA 43 -27.59 118.71 -93.86
N ARG LA 44 -26.76 117.66 -93.86
CA ARG LA 44 -26.82 116.67 -92.80
C ARG LA 44 -26.45 117.27 -91.45
N GLY LA 45 -25.45 118.15 -91.43
CA GLY LA 45 -25.11 118.86 -90.22
C GLY LA 45 -26.25 119.75 -89.75
N VAL LA 46 -26.95 120.42 -90.68
CA VAL LA 46 -28.08 121.26 -90.34
C VAL LA 46 -29.18 120.42 -89.68
N GLU LA 47 -29.47 119.25 -90.26
CA GLU LA 47 -30.51 118.38 -89.71
C GLU LA 47 -30.13 117.87 -88.32
N VAL LA 48 -28.88 117.42 -88.17
CA VAL LA 48 -28.41 116.90 -86.87
C VAL LA 48 -28.44 118.00 -85.82
N GLY LA 49 -27.97 119.19 -86.16
CA GLY LA 49 -28.00 120.30 -85.24
C GLY LA 49 -29.41 120.70 -84.86
N LEU LA 50 -30.33 120.71 -85.82
CA LEU LA 50 -31.71 121.04 -85.53
C LEU LA 50 -32.31 120.06 -84.53
N ALA LA 51 -32.12 118.76 -84.78
CA ALA LA 51 -32.67 117.75 -83.88
C ALA LA 51 -32.06 117.85 -82.47
N HIS LA 52 -30.73 117.98 -82.40
CA HIS LA 52 -30.07 117.95 -81.10
C HIS LA 52 -30.35 119.23 -80.31
N GLY LA 53 -30.29 120.39 -80.96
CA GLY LA 53 -30.64 121.63 -80.29
C GLY LA 53 -32.10 121.69 -79.87
N PHE LA 54 -32.98 121.08 -80.66
CA PHE LA 54 -34.38 121.02 -80.26
C PHE LA 54 -34.58 120.14 -79.02
N LEU LA 55 -33.90 118.99 -78.97
CA LEU LA 55 -34.07 118.11 -77.82
C LEU LA 55 -33.30 118.60 -76.60
N LEU LA 56 -32.30 119.47 -76.76
CA LEU LA 56 -31.51 119.91 -75.62
C LEU LA 56 -32.21 120.96 -74.77
N VAL LA 57 -33.22 121.64 -75.30
CA VAL LA 57 -33.84 122.75 -74.57
C VAL LA 57 -34.63 122.25 -73.37
N GLY LA 58 -35.32 121.12 -73.52
CA GLY LA 58 -36.19 120.59 -72.50
C GLY LA 58 -35.56 120.30 -71.15
N PRO LA 59 -34.47 119.52 -71.12
CA PRO LA 59 -33.79 119.28 -69.83
C PRO LA 59 -33.28 120.54 -69.16
N PHE LA 60 -32.72 121.49 -69.93
CA PHE LA 60 -32.19 122.71 -69.31
C PHE LA 60 -33.30 123.59 -68.75
N VAL LA 61 -34.42 123.68 -69.46
CA VAL LA 61 -35.53 124.50 -68.98
C VAL LA 61 -36.20 123.84 -67.77
N LYS LA 62 -36.45 122.53 -67.84
CA LYS LA 62 -37.23 121.86 -66.81
C LYS LA 62 -36.42 121.50 -65.57
N ALA LA 63 -35.10 121.36 -65.68
CA ALA LA 63 -34.28 120.93 -64.56
C ALA LA 63 -33.25 121.96 -64.14
N GLY LA 64 -33.28 123.17 -64.71
CA GLY LA 64 -32.32 124.19 -64.39
C GLY LA 64 -32.53 124.77 -63.01
N PRO LA 65 -31.56 125.54 -62.53
CA PRO LA 65 -31.71 126.18 -61.21
C PRO LA 65 -32.85 127.17 -61.15
N LEU LA 66 -33.24 127.75 -62.29
CA LEU LA 66 -34.35 128.70 -62.36
C LEU LA 66 -35.61 128.09 -62.98
N ARG LA 67 -35.80 126.78 -62.79
CA ARG LA 67 -36.93 126.09 -63.41
C ARG LA 67 -38.27 126.49 -62.80
N ASN LA 68 -38.27 127.01 -61.57
CA ASN LA 68 -39.50 127.36 -60.87
C ASN LA 68 -39.77 128.85 -60.87
N THR LA 69 -39.00 129.63 -61.63
CA THR LA 69 -39.13 131.07 -61.68
C THR LA 69 -39.66 131.50 -63.04
N GLU LA 70 -39.77 132.82 -63.22
CA GLU LA 70 -40.25 133.36 -64.49
C GLU LA 70 -39.22 133.20 -65.60
N TYR LA 71 -37.93 133.20 -65.25
CA TYR LA 71 -36.85 133.09 -66.22
C TYR LA 71 -36.55 131.65 -66.63
N ALA LA 72 -37.46 130.72 -66.38
CA ALA LA 72 -37.25 129.33 -66.77
C ALA LA 72 -37.19 129.18 -68.28
N GLY LA 73 -38.05 129.90 -69.00
CA GLY LA 73 -38.11 129.75 -70.45
C GLY LA 73 -36.87 130.28 -71.16
N ALA LA 74 -36.35 131.42 -70.73
CA ALA LA 74 -35.25 132.05 -71.44
C ALA LA 74 -33.90 131.45 -71.06
N ALA LA 75 -33.54 131.57 -69.77
CA ALA LA 75 -32.16 131.30 -69.34
C ALA LA 75 -31.76 129.86 -69.64
N GLY LA 76 -32.60 128.90 -69.28
CA GLY LA 76 -32.32 127.51 -69.59
C GLY LA 76 -32.15 127.28 -71.08
N SER LA 77 -33.01 127.90 -71.90
CA SER LA 77 -32.86 127.82 -73.35
C SER LA 77 -31.52 128.39 -73.77
N LEU LA 78 -31.13 129.53 -73.17
CA LEU LA 78 -29.81 130.10 -73.42
C LEU LA 78 -28.73 129.10 -73.10
N ALA LA 79 -28.87 128.38 -71.97
CA ALA LA 79 -27.90 127.36 -71.61
C ALA LA 79 -27.80 126.29 -72.70
N ALA LA 80 -28.95 125.89 -73.24
CA ALA LA 80 -28.94 124.93 -74.34
C ALA LA 80 -28.14 125.46 -75.51
N ALA LA 81 -28.38 126.74 -75.87
CA ALA LA 81 -27.60 127.36 -76.93
C ALA LA 81 -26.13 127.38 -76.57
N GLY LA 82 -25.82 127.69 -75.31
CA GLY LA 82 -24.44 127.65 -74.86
C GLY LA 82 -23.81 126.29 -75.06
N LEU LA 83 -24.58 125.23 -74.78
CA LEU LA 83 -24.05 123.88 -74.97
C LEU LA 83 -23.73 123.63 -76.43
N VAL LA 84 -24.58 124.14 -77.33
CA VAL LA 84 -24.31 124.04 -78.76
C VAL LA 84 -23.01 124.77 -79.09
N VAL LA 85 -22.82 125.95 -78.50
CA VAL LA 85 -21.58 126.71 -78.69
C VAL LA 85 -20.40 125.89 -78.21
N ILE LA 86 -20.58 125.12 -77.14
CA ILE LA 86 -19.54 124.20 -76.72
C ILE LA 86 -19.40 123.05 -77.72
N LEU LA 87 -20.52 122.44 -78.09
CA LEU LA 87 -20.48 121.17 -78.81
C LEU LA 87 -19.84 121.33 -80.19
N SER LA 88 -20.32 122.31 -80.96
CA SER LA 88 -19.71 122.63 -82.25
C SER LA 88 -18.23 122.91 -82.10
N MET LA 89 -17.86 123.62 -81.03
CA MET LA 89 -16.46 123.89 -80.75
C MET LA 89 -15.66 122.61 -80.67
N CYS LA 90 -16.18 121.63 -79.91
CA CYS LA 90 -15.54 120.33 -79.82
C CYS LA 90 -15.41 119.72 -81.22
N LEU LA 91 -16.50 119.76 -81.98
CA LEU LA 91 -16.49 119.26 -83.35
C LEU LA 91 -15.41 119.93 -84.16
N THR LA 92 -15.29 121.26 -84.01
CA THR LA 92 -14.27 122.00 -84.75
C THR LA 92 -12.89 121.48 -84.40
N MET LA 93 -12.63 121.27 -83.11
CA MET LA 93 -11.33 120.75 -82.70
C MET LA 93 -11.10 119.37 -83.30
N TYR LA 94 -12.14 118.54 -83.33
CA TYR LA 94 -12.02 117.24 -83.98
C TYR LA 94 -11.67 117.40 -85.44
N GLY LA 95 -12.32 118.35 -86.12
CA GLY LA 95 -12.03 118.58 -87.51
C GLY LA 95 -10.61 119.06 -87.75
N ILE LA 96 -10.01 119.69 -86.74
CA ILE LA 96 -8.62 120.09 -86.89
C ILE LA 96 -7.69 118.95 -86.51
N ALA LA 97 -8.11 118.09 -85.58
CA ALA LA 97 -7.22 117.04 -85.09
C ALA LA 97 -7.08 115.91 -86.10
N SER LA 98 -8.19 115.49 -86.72
CA SER LA 98 -8.19 114.27 -87.52
C SER LA 98 -7.79 114.53 -88.97
N PHE LA 99 -8.48 115.44 -89.64
CA PHE LA 99 -8.35 115.61 -91.08
C PHE LA 99 -7.42 116.77 -91.43
N LYS LA 100 -6.65 116.58 -92.50
CA LYS LA 100 -5.72 117.58 -93.00
C LYS LA 100 -6.25 118.20 -94.28
N GLU LA 101 -5.65 119.34 -94.67
CA GLU LA 101 -6.09 120.05 -95.86
C GLU LA 101 -5.81 119.25 -97.13
N GLY LA 102 -4.61 118.70 -97.25
CA GLY LA 102 -4.19 118.03 -98.47
C GLY LA 102 -4.60 116.59 -98.62
N GLU LA 103 -5.26 116.01 -97.61
CA GLU LA 103 -5.59 114.61 -97.79
C GLU LA 103 -7.03 114.45 -98.28
N PRO LA 104 -7.32 113.39 -99.04
CA PRO LA 104 -8.72 113.12 -99.44
C PRO LA 104 -9.51 112.45 -98.34
N SER LA 105 -10.74 112.05 -98.64
CA SER LA 105 -11.59 111.42 -97.64
C SER LA 105 -11.08 110.05 -97.26
N ILE LA 106 -11.17 109.72 -95.97
CA ILE LA 106 -10.72 108.44 -95.45
C ILE LA 106 -11.89 107.47 -95.24
N ALA LA 107 -13.07 107.82 -95.71
CA ALA LA 107 -14.23 106.95 -95.58
C ALA LA 107 -14.06 105.69 -96.42
N PRO LA 108 -14.70 104.58 -96.02
CA PRO LA 108 -14.62 103.36 -96.85
C PRO LA 108 -15.22 103.57 -98.23
N ALA LA 109 -14.59 102.96 -99.23
CA ALA LA 109 -15.01 103.10 -100.62
C ALA LA 109 -15.77 101.88 -101.13
N LEU LA 110 -16.13 100.95 -100.25
CA LEU LA 110 -16.85 99.75 -100.63
C LEU LA 110 -18.14 99.64 -99.82
N THR LA 111 -18.98 98.69 -100.20
CA THR LA 111 -20.23 98.40 -99.52
C THR LA 111 -20.18 96.96 -99.00
N LEU LA 112 -21.31 96.48 -98.48
CA LEU LA 112 -21.39 95.11 -97.98
C LEU LA 112 -21.22 94.10 -99.10
N THR LA 113 -21.80 94.38 -100.27
CA THR LA 113 -21.67 93.49 -101.41
C THR LA 113 -20.30 93.55 -102.08
N GLY LA 114 -19.47 94.52 -101.71
CA GLY LA 114 -18.14 94.64 -102.27
C GLY LA 114 -18.03 95.50 -103.52
N ARG LA 115 -19.08 96.24 -103.86
CA ARG LA 115 -19.06 97.08 -105.05
C ARG LA 115 -18.38 98.41 -104.74
N LYS LA 116 -17.86 99.04 -105.79
CA LYS LA 116 -17.16 100.32 -105.64
C LYS LA 116 -18.15 101.42 -105.29
N LYS LA 117 -17.79 102.22 -104.28
CA LYS LA 117 -18.63 103.30 -103.80
C LYS LA 117 -17.79 104.56 -103.64
N GLN LA 118 -18.35 105.70 -104.02
CA GLN LA 118 -17.69 106.97 -103.80
C GLN LA 118 -17.56 107.23 -102.30
N PRO LA 119 -16.36 107.53 -101.80
CA PRO LA 119 -16.20 107.71 -100.35
C PRO LA 119 -16.95 108.93 -99.85
N ASP LA 120 -17.39 108.85 -98.59
CA ASP LA 120 -18.14 109.93 -97.98
C ASP LA 120 -17.24 111.14 -97.75
N GLN LA 121 -17.72 112.32 -98.17
CA GLN LA 121 -16.97 113.56 -98.00
C GLN LA 121 -16.94 114.04 -96.56
N LEU LA 122 -17.71 113.41 -95.66
CA LEU LA 122 -17.74 113.84 -94.27
C LEU LA 122 -16.40 113.64 -93.60
N GLN LA 123 -15.70 112.55 -93.91
CA GLN LA 123 -14.40 112.26 -93.31
C GLN LA 123 -13.27 112.99 -94.05
N SER LA 124 -13.41 114.31 -94.09
CA SER LA 124 -12.42 115.17 -94.73
C SER LA 124 -12.47 116.52 -94.03
N ALA LA 125 -11.44 117.34 -94.27
CA ALA LA 125 -11.34 118.63 -93.61
C ALA LA 125 -12.48 119.55 -94.01
N ASP LA 126 -12.68 119.74 -95.32
CA ASP LA 126 -13.76 120.60 -95.80
C ASP LA 126 -15.13 120.03 -95.44
N GLY LA 127 -15.30 118.71 -95.59
CA GLY LA 127 -16.58 118.11 -95.28
C GLY LA 127 -16.95 118.20 -93.81
N TRP LA 128 -15.99 117.92 -92.93
CA TRP LA 128 -16.26 118.03 -91.49
C TRP LA 128 -16.44 119.47 -91.07
N ALA LA 129 -15.70 120.41 -91.69
CA ALA LA 129 -15.90 121.82 -91.37
C ALA LA 129 -17.29 122.30 -91.77
N LYS LA 130 -17.75 121.90 -92.96
CA LYS LA 130 -19.12 122.23 -93.39
C LYS LA 130 -20.15 121.58 -92.47
N PHE LA 131 -19.90 120.32 -92.08
CA PHE LA 131 -20.80 119.62 -91.16
C PHE LA 131 -20.89 120.35 -89.82
N THR LA 132 -19.75 120.81 -89.30
CA THR LA 132 -19.74 121.49 -88.02
C THR LA 132 -20.45 122.84 -88.09
N GLY LA 133 -20.24 123.58 -89.18
CA GLY LA 133 -20.96 124.84 -89.36
C GLY LA 133 -22.46 124.63 -89.47
N GLY LA 134 -22.88 123.62 -90.24
CA GLY LA 134 -24.29 123.29 -90.31
C GLY LA 134 -24.85 122.85 -88.98
N PHE LA 135 -24.05 122.11 -88.19
CA PHE LA 135 -24.49 121.70 -86.86
C PHE LA 135 -24.71 122.90 -85.97
N PHE LA 136 -23.80 123.88 -86.00
CA PHE LA 136 -23.96 125.06 -85.16
C PHE LA 136 -25.20 125.86 -85.57
N PHE LA 137 -25.39 126.06 -86.88
CA PHE LA 137 -26.55 126.80 -87.35
C PHE LA 137 -27.85 126.08 -87.00
N GLY LA 138 -27.89 124.76 -87.20
CA GLY LA 138 -29.07 124.00 -86.86
C GLY LA 138 -29.32 123.97 -85.37
N GLY LA 139 -28.26 123.92 -84.56
CA GLY LA 139 -28.45 123.91 -83.12
C GLY LA 139 -29.05 125.20 -82.60
N VAL LA 140 -28.52 126.34 -83.05
CA VAL LA 140 -29.09 127.61 -82.59
C VAL LA 140 -30.50 127.80 -83.14
N SER LA 141 -30.74 127.34 -84.37
CA SER LA 141 -32.08 127.43 -84.94
C SER LA 141 -33.07 126.56 -84.17
N GLY LA 142 -32.66 125.35 -83.79
CA GLY LA 142 -33.53 124.48 -83.03
C GLY LA 142 -33.83 124.98 -81.64
N VAL LA 143 -32.81 125.55 -80.98
CA VAL LA 143 -33.04 126.15 -79.66
C VAL LA 143 -34.01 127.32 -79.77
N THR LA 144 -33.83 128.17 -80.79
CA THR LA 144 -34.74 129.28 -81.00
C THR LA 144 -36.15 128.81 -81.31
N TRP LA 145 -36.28 127.74 -82.11
CA TRP LA 145 -37.60 127.21 -82.45
C TRP LA 145 -38.28 126.61 -81.24
N ALA LA 146 -37.53 125.90 -80.38
CA ALA LA 146 -38.11 125.35 -79.16
C ALA LA 146 -38.59 126.46 -78.22
N CYS LA 147 -37.77 127.51 -78.07
CA CYS LA 147 -38.18 128.64 -77.24
C CYS LA 147 -39.42 129.32 -77.80
N PHE LA 148 -39.46 129.50 -79.13
CA PHE LA 148 -40.61 130.12 -79.78
C PHE LA 148 -41.87 129.28 -79.60
N LEU LA 149 -41.74 127.96 -79.71
CA LEU LA 149 -42.91 127.09 -79.58
C LEU LA 149 -43.42 127.06 -78.15
N MET LA 150 -42.53 126.90 -77.17
CA MET LA 150 -43.00 126.74 -75.80
C MET LA 150 -43.43 128.07 -75.17
N TYR LA 151 -42.70 129.16 -75.43
CA TYR LA 151 -42.88 130.36 -74.63
C TYR LA 151 -43.20 131.63 -75.40
N VAL LA 152 -42.89 131.71 -76.69
CA VAL LA 152 -43.23 132.90 -77.47
C VAL LA 152 -44.58 132.75 -78.15
N LEU LA 153 -44.80 131.65 -78.86
CA LEU LA 153 -46.10 131.39 -79.46
C LEU LA 153 -47.08 130.78 -78.47
N ASP LA 154 -46.60 130.28 -77.33
CA ASP LA 154 -47.42 129.76 -76.24
C ASP LA 154 -48.32 128.62 -76.70
N LEU LA 155 -47.74 127.65 -77.41
CA LEU LA 155 -48.50 126.46 -77.77
C LEU LA 155 -48.77 125.63 -76.52
N PRO LA 156 -49.94 124.99 -76.42
CA PRO LA 156 -50.22 124.15 -75.26
C PRO LA 156 -49.34 122.90 -75.24
N TYR LA 157 -48.81 122.60 -74.07
CA TYR LA 157 -47.94 121.46 -73.90
C TYR LA 157 -48.07 120.94 -72.48
N TYR LA 158 -47.64 119.70 -72.26
CA TYR LA 158 -47.65 119.12 -70.92
C TYR LA 158 -46.46 119.56 -70.08
N PHE LA 159 -45.39 120.03 -70.73
CA PHE LA 159 -44.10 120.39 -70.13
C PHE LA 159 -43.69 119.43 -69.01
N LYS LA 160 -43.63 118.15 -69.38
CA LYS LA 160 -43.27 117.06 -68.47
C LYS LA 160 -44.13 117.01 -67.22
N GLY MA 1 16.64 20.30 -18.21
CA GLY MA 1 17.36 19.40 -17.29
C GLY MA 1 17.68 20.09 -15.99
N GLY MA 2 18.17 21.33 -16.08
CA GLY MA 2 18.44 22.13 -14.86
C GLY MA 2 17.43 23.24 -14.74
N ILE MA 3 17.86 24.41 -14.28
CA ILE MA 3 16.91 25.55 -14.10
C ILE MA 3 17.26 26.63 -15.15
N SER MA 4 16.40 26.83 -16.13
CA SER MA 4 16.55 27.82 -17.19
C SER MA 4 16.13 29.19 -16.64
N SER MA 5 17.03 30.16 -16.71
CA SER MA 5 16.79 31.49 -16.17
C SER MA 5 16.44 32.51 -17.24
N VAL MA 6 16.15 32.07 -18.46
CA VAL MA 6 15.81 32.96 -19.56
C VAL MA 6 14.32 32.85 -19.84
N CYS MA 7 13.69 33.98 -20.17
CA CYS MA 7 12.28 33.98 -20.51
C CYS MA 7 12.05 33.26 -21.84
N GLU MA 8 11.05 32.39 -21.86
CA GLU MA 8 10.70 31.66 -23.07
C GLU MA 8 9.51 32.33 -23.71
N PRO MA 9 9.64 32.85 -24.94
CA PRO MA 9 8.50 33.49 -25.60
C PRO MA 9 7.38 32.49 -25.87
N LEU MA 10 6.15 32.99 -25.78
CA LEU MA 10 4.98 32.15 -26.04
C LEU MA 10 4.92 31.79 -27.53
N PRO MA 11 4.36 30.63 -27.86
CA PRO MA 11 4.22 30.25 -29.28
C PRO MA 11 3.24 31.16 -29.99
N PRO MA 12 3.35 31.27 -31.32
CA PRO MA 12 2.45 32.17 -32.07
C PRO MA 12 0.98 31.78 -31.98
N ASP MA 13 0.66 30.53 -31.63
CA ASP MA 13 -0.73 30.10 -31.45
C ASP MA 13 -1.18 30.24 -30.00
N ARG MA 14 -0.63 31.19 -29.26
CA ARG MA 14 -1.03 31.43 -27.88
C ARG MA 14 -2.46 31.95 -27.83
N PRO MA 15 -3.18 31.73 -26.72
CA PRO MA 15 -4.51 32.33 -26.58
C PRO MA 15 -4.44 33.85 -26.62
N LEU MA 16 -5.44 34.45 -27.25
CA LEU MA 16 -5.49 35.88 -27.48
C LEU MA 16 -6.68 36.49 -26.75
N TRP MA 17 -6.68 37.82 -26.68
CA TRP MA 17 -7.79 38.53 -26.06
C TRP MA 17 -9.07 38.40 -26.88
N PHE MA 18 -8.93 38.26 -28.20
CA PHE MA 18 -10.06 38.22 -29.12
C PHE MA 18 -9.81 37.03 -30.03
N PRO MA 19 -10.22 35.83 -29.61
CA PRO MA 19 -9.91 34.63 -30.40
C PRO MA 19 -10.52 34.67 -31.79
N GLY MA 20 -9.77 34.13 -32.75
CA GLY MA 20 -10.13 34.21 -34.15
C GLY MA 20 -9.54 35.40 -34.88
N SER MA 21 -8.91 36.33 -34.17
CA SER MA 21 -8.29 37.49 -34.78
C SER MA 21 -6.80 37.27 -34.93
N THR MA 22 -6.17 38.11 -35.76
CA THR MA 22 -4.74 38.04 -36.01
C THR MA 22 -4.02 38.89 -34.99
N PRO MA 23 -3.09 38.34 -34.22
CA PRO MA 23 -2.33 39.17 -33.28
C PRO MA 23 -1.43 40.13 -34.02
N PRO MA 24 -1.15 41.30 -33.45
CA PRO MA 24 -0.30 42.27 -34.12
C PRO MA 24 1.14 41.78 -34.26
N GLN MA 25 1.82 42.29 -35.29
CA GLN MA 25 3.15 41.82 -35.62
C GLN MA 25 4.21 42.24 -34.60
N TRP MA 26 3.95 43.31 -33.84
CA TRP MA 26 4.90 43.75 -32.83
C TRP MA 26 4.73 43.04 -31.49
N LEU MA 27 3.71 42.21 -31.35
CA LEU MA 27 3.49 41.42 -30.14
C LEU MA 27 3.72 39.95 -30.51
N ASP MA 28 4.95 39.49 -30.30
CA ASP MA 28 5.36 38.15 -30.67
C ASP MA 28 5.37 37.19 -29.49
N GLY MA 29 4.81 37.59 -28.35
CA GLY MA 29 4.77 36.72 -27.19
C GLY MA 29 6.00 36.73 -26.33
N SER MA 30 6.94 37.64 -26.56
CA SER MA 30 8.16 37.70 -25.76
C SER MA 30 7.98 38.47 -24.46
N LEU MA 31 6.87 39.19 -24.30
CA LEU MA 31 6.61 39.97 -23.09
C LEU MA 31 5.68 39.21 -22.16
N PRO MA 32 5.78 39.46 -20.85
CA PRO MA 32 4.84 38.83 -19.91
C PRO MA 32 3.40 39.29 -20.16
N GLY MA 33 2.48 38.35 -20.03
CA GLY MA 33 1.06 38.64 -20.24
C GLY MA 33 0.73 39.04 -21.66
N ASP MA 34 1.41 38.45 -22.64
CA ASP MA 34 1.24 38.80 -24.04
C ASP MA 34 0.02 38.07 -24.59
N PHE MA 35 -1.04 38.81 -24.88
CA PHE MA 35 -2.27 38.24 -25.42
C PHE MA 35 -2.66 38.90 -26.74
N GLY MA 36 -1.75 39.65 -27.35
CA GLY MA 36 -2.00 40.29 -28.64
C GLY MA 36 -3.07 41.35 -28.62
N PHE MA 37 -3.15 42.13 -27.54
CA PHE MA 37 -4.17 43.16 -27.37
C PHE MA 37 -3.51 44.53 -27.59
N ASP MA 38 -3.67 45.06 -28.81
CA ASP MA 38 -3.19 46.41 -29.13
C ASP MA 38 -4.04 46.98 -30.26
N PRO MA 39 -5.28 47.35 -29.97
CA PRO MA 39 -6.12 47.95 -31.03
C PRO MA 39 -5.57 49.26 -31.59
N LEU MA 40 -4.96 50.09 -30.75
CA LEU MA 40 -4.47 51.39 -31.18
C LEU MA 40 -3.06 51.36 -31.73
N GLY MA 41 -2.37 50.23 -31.65
CA GLY MA 41 -1.00 50.13 -32.16
C GLY MA 41 -0.02 50.98 -31.39
N LEU MA 42 -0.17 51.07 -30.07
CA LEU MA 42 0.72 51.90 -29.26
C LEU MA 42 2.10 51.28 -29.07
N GLY MA 43 2.24 49.97 -29.28
CA GLY MA 43 3.51 49.31 -29.08
C GLY MA 43 4.24 48.99 -30.37
N SER MA 44 3.97 49.75 -31.42
CA SER MA 44 4.60 49.51 -32.71
C SER MA 44 6.11 49.76 -32.65
N ASP MA 45 6.52 50.84 -32.00
CA ASP MA 45 7.94 51.14 -31.86
C ASP MA 45 8.53 50.28 -30.76
N PRO MA 46 9.58 49.49 -31.03
CA PRO MA 46 10.14 48.62 -29.98
C PRO MA 46 10.69 49.36 -28.77
N GLU MA 47 11.28 50.54 -28.96
CA GLU MA 47 11.78 51.30 -27.83
C GLU MA 47 10.63 51.77 -26.94
N THR MA 48 9.59 52.33 -27.56
CA THR MA 48 8.40 52.70 -26.81
C THR MA 48 7.70 51.48 -26.25
N LEU MA 49 7.83 50.32 -26.92
CA LEU MA 49 7.27 49.09 -26.36
C LEU MA 49 7.98 48.69 -25.08
N ARG MA 50 9.32 48.81 -25.05
CA ARG MA 50 10.06 48.53 -23.82
C ARG MA 50 9.69 49.51 -22.71
N TRP MA 51 9.60 50.80 -23.05
CA TRP MA 51 9.23 51.80 -22.06
C TRP MA 51 7.82 51.55 -21.52
N PHE MA 52 6.90 51.17 -22.40
CA PHE MA 52 5.53 50.88 -21.97
C PHE MA 52 5.46 49.60 -21.16
N ALA MA 53 6.30 48.61 -21.46
CA ALA MA 53 6.36 47.41 -20.63
C ALA MA 53 6.85 47.72 -19.24
N GLN MA 54 7.89 48.56 -19.13
CA GLN MA 54 8.38 48.96 -17.81
C GLN MA 54 7.34 49.79 -17.07
N ALA MA 55 6.64 50.67 -17.78
CA ALA MA 55 5.58 51.46 -17.15
C ALA MA 55 4.43 50.59 -16.67
N GLU MA 56 4.06 49.58 -17.47
CA GLU MA 56 3.02 48.65 -17.06
C GLU MA 56 3.44 47.86 -15.84
N LEU MA 57 4.71 47.43 -15.79
CA LEU MA 57 5.22 46.72 -14.62
C LEU MA 57 5.17 47.60 -13.38
N MET MA 58 5.58 48.87 -13.51
CA MET MA 58 5.58 49.78 -12.38
C MET MA 58 4.17 50.05 -11.89
N HIS MA 59 3.25 50.30 -12.82
CA HIS MA 59 1.85 50.53 -12.48
C HIS MA 59 1.24 49.29 -11.84
N SER MA 60 1.63 48.10 -12.34
CA SER MA 60 1.15 46.85 -11.76
C SER MA 60 1.57 46.71 -10.31
N ARG MA 61 2.85 46.93 -10.03
CA ARG MA 61 3.35 46.75 -8.67
C ARG MA 61 2.76 47.78 -7.72
N TRP MA 62 2.69 49.04 -8.15
CA TRP MA 62 2.10 50.08 -7.31
C TRP MA 62 0.61 49.82 -7.09
N ALA MA 63 -0.10 49.31 -8.10
CA ALA MA 63 -1.52 49.04 -7.95
C ALA MA 63 -1.77 47.86 -7.02
N MET MA 64 -0.95 46.81 -7.11
CA MET MA 64 -1.09 45.69 -6.20
C MET MA 64 -0.82 46.10 -4.76
N LEU MA 65 0.24 46.89 -4.53
CA LEU MA 65 0.50 47.40 -3.19
C LEU MA 65 -0.66 48.28 -2.71
N ALA MA 66 -1.20 49.12 -3.61
CA ALA MA 66 -2.29 50.01 -3.26
C ALA MA 66 -3.55 49.25 -2.87
N VAL MA 67 -3.94 48.27 -3.68
CA VAL MA 67 -5.16 47.53 -3.40
C VAL MA 67 -5.00 46.67 -2.15
N ALA MA 68 -3.80 46.13 -1.92
CA ALA MA 68 -3.56 45.41 -0.67
C ALA MA 68 -3.72 46.34 0.53
N GLY MA 69 -3.10 47.52 0.47
CA GLY MA 69 -3.20 48.47 1.56
C GLY MA 69 -4.56 49.11 1.73
N ILE MA 70 -5.43 48.98 0.72
CA ILE MA 70 -6.82 49.38 0.90
C ILE MA 70 -7.62 48.24 1.54
N LEU MA 71 -7.49 47.03 0.99
CA LEU MA 71 -8.40 45.95 1.33
C LEU MA 71 -8.09 45.33 2.69
N ILE MA 72 -6.82 45.02 2.95
CA ILE MA 72 -6.47 44.35 4.21
C ILE MA 72 -6.80 45.20 5.44
N PRO MA 73 -6.45 46.49 5.50
CA PRO MA 73 -6.95 47.31 6.63
C PRO MA 73 -8.47 47.45 6.66
N GLU MA 74 -9.13 47.50 5.51
CA GLU MA 74 -10.59 47.54 5.50
C GLU MA 74 -11.19 46.23 6.00
N TRP MA 75 -10.58 45.10 5.63
CA TRP MA 75 -11.01 43.81 6.16
C TRP MA 75 -10.73 43.67 7.64
N LEU MA 76 -9.70 44.34 8.15
CA LEU MA 76 -9.45 44.39 9.58
C LEU MA 76 -10.44 45.27 10.32
N GLU MA 77 -10.85 46.39 9.73
CA GLU MA 77 -11.82 47.27 10.37
C GLU MA 77 -13.18 46.62 10.46
N SER MA 78 -13.61 45.92 9.40
CA SER MA 78 -14.88 45.21 9.44
C SER MA 78 -14.85 44.09 10.46
N ILE MA 79 -13.68 43.45 10.60
CA ILE MA 79 -13.51 42.40 11.66
C ILE MA 79 -13.54 43.13 13.00
N GLY MA 80 -12.84 44.25 13.12
CA GLY MA 80 -12.88 45.05 14.33
C GLY MA 80 -11.53 45.35 14.95
N LEU MA 81 -10.47 45.01 14.23
CA LEU MA 81 -9.09 45.22 14.74
C LEU MA 81 -8.55 46.58 14.28
N MET MA 82 -9.37 47.43 13.65
CA MET MA 82 -8.99 48.79 13.30
C MET MA 82 -10.14 49.71 13.67
N GLU MA 83 -9.83 50.78 14.41
CA GLU MA 83 -10.89 51.57 15.04
C GLU MA 83 -11.60 52.47 14.03
N ASN MA 84 -10.85 53.25 13.26
CA ASN MA 84 -11.43 54.29 12.41
C ASN MA 84 -10.75 54.34 11.05
N PHE MA 85 -10.51 53.18 10.44
CA PHE MA 85 -9.85 53.18 9.14
C PHE MA 85 -10.81 53.63 8.04
N ASN MA 86 -10.31 54.50 7.17
CA ASN MA 86 -11.04 54.92 5.98
C ASN MA 86 -10.01 55.40 4.96
N TRP MA 87 -9.86 54.66 3.86
CA TRP MA 87 -8.80 54.96 2.91
C TRP MA 87 -9.04 56.26 2.17
N TYR MA 88 -10.31 56.63 1.96
CA TYR MA 88 -10.61 57.91 1.33
C TYR MA 88 -10.22 59.08 2.22
N ASP MA 89 -10.49 58.97 3.52
CA ASP MA 89 -10.18 60.02 4.48
C ASP MA 89 -8.79 59.87 5.09
N ALA MA 90 -8.02 58.87 4.66
CA ALA MA 90 -6.70 58.64 5.24
C ALA MA 90 -5.72 59.75 4.91
N GLY MA 91 -5.90 60.42 3.78
CA GLY MA 91 -5.00 61.49 3.39
C GLY MA 91 -5.19 62.77 4.18
N SER MA 92 -6.39 62.97 4.76
CA SER MA 92 -6.72 64.19 5.48
C SER MA 92 -6.61 64.02 6.99
N ARG MA 93 -5.99 62.94 7.46
CA ARG MA 93 -5.85 62.70 8.88
C ARG MA 93 -4.75 63.59 9.46
N GLU MA 94 -4.61 63.55 10.78
CA GLU MA 94 -3.59 64.31 11.48
C GLU MA 94 -2.42 63.38 11.79
N TYR MA 95 -1.24 63.72 11.30
CA TYR MA 95 -0.02 62.97 11.52
C TYR MA 95 0.98 63.84 12.28
N PHE MA 96 2.21 63.34 12.43
CA PHE MA 96 3.25 64.09 13.12
C PHE MA 96 3.80 65.23 12.28
N ALA MA 97 3.45 65.31 11.00
CA ALA MA 97 3.94 66.37 10.13
C ALA MA 97 2.85 66.76 9.14
N ASP MA 98 3.01 67.95 8.57
CA ASP MA 98 2.07 68.44 7.57
C ASP MA 98 2.18 67.58 6.30
N PRO MA 99 1.08 67.45 5.55
CA PRO MA 99 1.16 66.71 4.28
C PRO MA 99 2.14 67.29 3.28
N THR MA 100 2.37 68.61 3.30
CA THR MA 100 3.26 69.22 2.32
C THR MA 100 4.71 68.85 2.56
N THR MA 101 5.18 68.95 3.81
CA THR MA 101 6.57 68.60 4.11
C THR MA 101 6.80 67.11 3.97
N LEU MA 102 5.79 66.30 4.34
CA LEU MA 102 5.87 64.87 4.10
C LEU MA 102 5.95 64.56 2.62
N PHE MA 103 5.20 65.30 1.80
CA PHE MA 103 5.26 65.12 0.35
C PHE MA 103 6.62 65.49 -0.21
N VAL MA 104 7.23 66.57 0.31
CA VAL MA 104 8.55 66.97 -0.18
C VAL MA 104 9.61 65.93 0.20
N VAL MA 105 9.56 65.45 1.45
CA VAL MA 105 10.51 64.42 1.89
C VAL MA 105 10.33 63.14 1.08
N GLN MA 106 9.07 62.75 0.85
CA GLN MA 106 8.78 61.59 0.02
C GLN MA 106 9.27 61.79 -1.41
N LEU MA 107 9.12 63.01 -1.94
CA LEU MA 107 9.58 63.30 -3.28
C LEU MA 107 11.08 63.12 -3.40
N ALA MA 108 11.84 63.64 -2.41
CA ALA MA 108 13.29 63.49 -2.45
C ALA MA 108 13.70 62.02 -2.32
N LEU MA 109 13.16 61.34 -1.32
CA LEU MA 109 13.55 59.95 -1.06
C LEU MA 109 13.17 59.05 -2.22
N MET MA 110 11.98 59.23 -2.78
CA MET MA 110 11.54 58.39 -3.88
C MET MA 110 12.20 58.77 -5.20
N GLY MA 111 12.56 60.05 -5.39
CA GLY MA 111 13.27 60.44 -6.59
C GLY MA 111 14.73 60.06 -6.59
N TRP MA 112 15.27 59.71 -5.43
CA TRP MA 112 16.55 58.98 -5.41
C TRP MA 112 16.41 57.65 -6.16
N VAL MA 113 15.54 56.77 -5.64
CA VAL MA 113 15.45 55.41 -6.17
C VAL MA 113 14.81 55.38 -7.55
N GLU MA 114 13.88 56.30 -7.82
CA GLU MA 114 13.31 56.49 -9.15
C GLU MA 114 14.19 57.53 -9.82
N GLY MA 115 15.15 57.06 -10.59
CA GLY MA 115 16.25 57.84 -11.08
C GLY MA 115 17.48 56.99 -10.98
N ARG MA 116 17.61 56.22 -9.89
CA ARG MA 116 18.50 55.06 -9.95
C ARG MA 116 17.93 53.99 -10.88
N ARG MA 117 16.62 53.74 -10.78
CA ARG MA 117 15.94 52.86 -11.72
C ARG MA 117 15.99 53.42 -13.13
N TRP MA 118 15.88 54.75 -13.27
CA TRP MA 118 15.99 55.38 -14.58
C TRP MA 118 17.38 55.18 -15.18
N ALA MA 119 18.43 55.34 -14.37
CA ALA MA 119 19.78 55.11 -14.85
C ALA MA 119 19.99 53.65 -15.23
N ASP MA 120 19.40 52.72 -14.47
CA ASP MA 120 19.48 51.32 -14.84
C ASP MA 120 18.78 51.03 -16.17
N TYR MA 121 17.61 51.64 -16.38
CA TYR MA 121 16.89 51.43 -17.63
C TYR MA 121 17.66 52.02 -18.81
N VAL MA 122 18.23 53.21 -18.64
CA VAL MA 122 19.00 53.83 -19.71
C VAL MA 122 20.31 53.07 -19.92
N ASN MA 123 21.01 52.76 -18.84
CA ASN MA 123 22.28 52.04 -18.89
C ASN MA 123 22.18 50.82 -17.97
N PRO MA 124 21.89 49.65 -18.53
CA PRO MA 124 21.83 48.44 -17.70
C PRO MA 124 23.19 48.08 -17.13
N GLY MA 125 23.23 47.87 -15.81
CA GLY MA 125 24.45 47.53 -15.12
C GLY MA 125 25.26 48.71 -14.65
N CYS MA 126 24.83 49.95 -14.96
CA CYS MA 126 25.57 51.12 -14.50
C CYS MA 126 25.48 51.26 -12.98
N VAL MA 127 24.31 50.96 -12.41
CA VAL MA 127 24.13 50.92 -10.96
C VAL MA 127 23.91 49.47 -10.55
N ASP MA 128 24.78 48.97 -9.68
CA ASP MA 128 24.68 47.62 -9.14
C ASP MA 128 24.61 47.69 -7.63
N ILE MA 129 23.68 46.95 -7.03
CA ILE MA 129 23.43 47.02 -5.60
C ILE MA 129 23.77 45.67 -4.98
N GLU MA 130 23.60 44.61 -5.76
CA GLU MA 130 23.95 43.27 -5.30
C GLU MA 130 25.46 43.20 -5.04
N PRO MA 131 25.89 42.69 -3.88
CA PRO MA 131 27.32 42.74 -3.53
C PRO MA 131 28.16 41.88 -4.47
N LYS MA 132 29.39 42.34 -4.70
CA LYS MA 132 30.36 41.64 -5.55
C LYS MA 132 31.31 40.91 -4.62
N LEU MA 133 30.88 39.74 -4.15
CA LEU MA 133 31.66 38.91 -3.24
C LEU MA 133 32.82 38.27 -4.00
N PRO MA 134 33.90 37.90 -3.29
CA PRO MA 134 35.17 37.58 -3.98
C PRO MA 134 35.13 36.48 -5.04
N ASN MA 135 34.35 35.42 -4.85
CA ASN MA 135 34.25 34.36 -5.83
C ASN MA 135 32.81 34.04 -6.23
N ARG MA 136 31.84 34.74 -5.65
CA ARG MA 136 30.46 34.59 -6.08
C ARG MA 136 30.34 35.35 -7.40
N LYS MA 137 29.66 34.74 -8.36
CA LYS MA 137 29.40 35.36 -9.65
C LYS MA 137 27.96 35.85 -9.69
N ASN MA 138 27.78 37.14 -9.92
CA ASN MA 138 26.44 37.73 -9.96
C ASN MA 138 25.87 37.60 -11.35
N PRO MA 139 24.75 36.90 -11.54
CA PRO MA 139 24.14 36.84 -12.86
C PRO MA 139 23.59 38.19 -13.29
N LYS MA 140 23.61 38.42 -14.59
CA LYS MA 140 23.16 39.69 -15.13
C LYS MA 140 21.63 39.74 -15.11
N PRO MA 141 21.02 40.68 -14.41
CA PRO MA 141 19.56 40.73 -14.34
C PRO MA 141 18.95 41.47 -15.52
N ASP MA 142 17.69 41.17 -15.77
CA ASP MA 142 16.93 41.87 -16.78
C ASP MA 142 16.51 43.25 -16.28
N VAL MA 143 16.34 44.18 -17.20
CA VAL MA 143 15.94 45.53 -16.84
C VAL MA 143 14.49 45.51 -16.39
N GLY MA 144 14.23 46.02 -15.19
CA GLY MA 144 12.92 45.96 -14.59
C GLY MA 144 12.69 44.74 -13.73
N TYR MA 145 13.57 43.75 -13.79
CA TYR MA 145 13.51 42.57 -12.91
C TYR MA 145 14.86 42.40 -12.25
N PRO MA 146 15.22 43.28 -11.32
CA PRO MA 146 16.51 43.18 -10.63
C PRO MA 146 16.41 42.20 -9.48
N GLY MA 147 17.43 42.15 -8.64
CA GLY MA 147 17.26 41.48 -7.36
C GLY MA 147 18.22 40.36 -7.06
N GLY MA 148 19.14 40.64 -6.14
CA GLY MA 148 19.99 39.65 -5.56
C GLY MA 148 19.66 39.46 -4.09
N LEU MA 149 20.44 40.10 -3.22
CA LEU MA 149 20.21 39.99 -1.79
C LEU MA 149 18.94 40.70 -1.35
N TRP MA 150 18.61 41.84 -1.96
CA TRP MA 150 17.55 42.70 -1.43
C TRP MA 150 16.19 42.43 -2.06
N PHE MA 151 16.08 42.63 -3.37
CA PHE MA 151 14.78 42.55 -4.03
C PHE MA 151 14.34 41.12 -4.27
N ASP MA 152 15.26 40.16 -4.27
CA ASP MA 152 14.94 38.76 -4.53
C ASP MA 152 15.62 37.86 -3.51
N PHE MA 153 15.44 38.19 -2.22
CA PHE MA 153 16.03 37.40 -1.14
C PHE MA 153 15.44 36.00 -1.04
N MET MA 154 14.44 35.66 -1.85
CA MET MA 154 13.82 34.35 -1.85
C MET MA 154 14.37 33.46 -2.96
N MET MA 155 15.04 34.04 -3.96
CA MET MA 155 15.44 33.35 -5.19
C MET MA 155 14.28 32.60 -5.83
N TRP MA 156 13.10 33.21 -5.80
CA TRP MA 156 11.94 32.61 -6.45
C TRP MA 156 11.93 32.86 -7.94
N GLY MA 157 12.66 33.87 -8.42
CA GLY MA 157 12.87 34.06 -9.84
C GLY MA 157 14.03 33.20 -10.32
N ARG MA 158 14.50 33.54 -11.53
CA ARG MA 158 15.65 32.88 -12.17
C ARG MA 158 15.44 31.38 -12.32
N GLY MA 159 14.22 30.99 -12.69
CA GLY MA 159 13.92 29.62 -13.06
C GLY MA 159 13.50 28.72 -11.92
N SER MA 160 13.48 29.22 -10.69
CA SER MA 160 13.04 28.46 -9.52
C SER MA 160 11.50 28.42 -9.57
N PRO MA 161 10.78 27.83 -8.58
CA PRO MA 161 9.78 26.79 -8.91
C PRO MA 161 9.04 26.93 -10.23
N GLU MA 162 8.46 28.10 -10.52
CA GLU MA 162 7.83 28.24 -11.82
C GLU MA 162 8.72 29.03 -12.76
N PRO MA 163 8.79 28.64 -14.04
CA PRO MA 163 9.70 29.33 -14.98
C PRO MA 163 9.44 30.83 -15.02
N VAL MA 164 10.50 31.57 -15.36
CA VAL MA 164 10.50 33.03 -15.19
C VAL MA 164 9.35 33.66 -15.96
N MET MA 165 9.07 33.16 -17.16
CA MET MA 165 7.97 33.68 -17.94
C MET MA 165 6.64 33.47 -17.23
N VAL MA 166 6.44 32.29 -16.63
CA VAL MA 166 5.17 31.99 -15.97
C VAL MA 166 4.93 32.94 -14.80
N LEU MA 167 5.95 33.12 -13.95
CA LEU MA 167 5.81 34.02 -12.80
C LEU MA 167 5.64 35.47 -13.25
N ARG MA 168 6.30 35.85 -14.35
CA ARG MA 168 6.16 37.22 -14.83
C ARG MA 168 4.77 37.49 -15.38
N THR MA 169 4.18 36.54 -16.11
CA THR MA 169 2.79 36.71 -16.54
C THR MA 169 1.84 36.71 -15.36
N LYS MA 170 2.09 35.87 -14.34
CA LYS MA 170 1.29 35.90 -13.13
C LYS MA 170 1.32 37.27 -12.47
N GLU MA 171 2.52 37.85 -12.35
CA GLU MA 171 2.68 39.17 -11.76
C GLU MA 171 1.94 40.22 -12.58
N ILE MA 172 2.09 40.16 -13.91
CA ILE MA 172 1.48 41.16 -14.78
C ILE MA 172 -0.05 41.05 -14.74
N LYS MA 173 -0.57 39.83 -14.68
CA LYS MA 173 -2.02 39.63 -14.66
C LYS MA 173 -2.62 40.11 -13.34
N ASN MA 174 -1.98 39.76 -12.21
CA ASN MA 174 -2.43 40.27 -10.92
C ASN MA 174 -2.32 41.79 -10.88
N GLY MA 175 -1.30 42.35 -11.53
CA GLY MA 175 -1.16 43.79 -11.59
C GLY MA 175 -2.26 44.48 -12.37
N ARG MA 176 -2.61 43.93 -13.54
CA ARG MA 176 -3.72 44.49 -14.32
C ARG MA 176 -5.03 44.42 -13.55
N LEU MA 177 -5.27 43.28 -12.89
CA LEU MA 177 -6.45 43.13 -12.06
C LEU MA 177 -6.46 44.16 -10.93
N ALA MA 178 -5.29 44.43 -10.34
CA ALA MA 178 -5.21 45.43 -9.28
C ALA MA 178 -5.39 46.86 -9.78
N MET MA 179 -4.89 47.18 -10.98
CA MET MA 179 -5.14 48.51 -11.54
C MET MA 179 -6.63 48.73 -11.76
N LEU MA 180 -7.30 47.76 -12.37
CA LEU MA 180 -8.74 47.86 -12.57
C LEU MA 180 -9.46 47.96 -11.23
N ALA MA 181 -9.01 47.19 -10.24
CA ALA MA 181 -9.60 47.23 -8.92
C ALA MA 181 -9.45 48.60 -8.27
N PHE MA 182 -8.26 49.20 -8.37
CA PHE MA 182 -8.02 50.49 -7.73
C PHE MA 182 -8.83 51.60 -8.39
N VAL MA 183 -8.94 51.57 -9.72
CA VAL MA 183 -9.77 52.57 -10.40
C VAL MA 183 -11.23 52.39 -10.01
N GLY MA 184 -11.67 51.13 -9.89
CA GLY MA 184 -13.02 50.88 -9.40
C GLY MA 184 -13.26 51.40 -8.00
N LEU MA 185 -12.28 51.21 -7.11
CA LEU MA 185 -12.42 51.72 -5.75
C LEU MA 185 -12.46 53.24 -5.73
N CYS MA 186 -11.64 53.88 -6.55
CA CYS MA 186 -11.63 55.34 -6.62
C CYS MA 186 -12.97 55.88 -7.10
N PHE MA 187 -13.58 55.20 -8.08
CA PHE MA 187 -14.88 55.68 -8.56
C PHE MA 187 -16.00 55.32 -7.58
N GLN MA 188 -15.89 54.18 -6.90
CA GLN MA 188 -16.93 53.77 -5.95
C GLN MA 188 -16.96 54.66 -4.72
N ALA MA 189 -15.78 55.14 -4.28
CA ALA MA 189 -15.73 55.98 -3.08
C ALA MA 189 -16.42 57.32 -3.29
N VAL MA 190 -16.57 57.76 -4.54
CA VAL MA 190 -17.20 59.05 -4.82
C VAL MA 190 -18.59 58.84 -5.39
N TYR MA 191 -18.88 57.63 -5.86
CA TYR MA 191 -20.21 57.36 -6.38
C TYR MA 191 -21.14 56.83 -5.30
N THR MA 192 -20.80 55.70 -4.69
CA THR MA 192 -21.64 55.08 -3.69
C THR MA 192 -21.60 55.78 -2.34
N GLY MA 193 -20.54 56.53 -2.06
CA GLY MA 193 -20.39 57.16 -0.76
C GLY MA 193 -20.25 56.17 0.38
N GLU MA 194 -19.50 55.09 0.15
CA GLU MA 194 -19.36 54.03 1.14
C GLU MA 194 -18.01 53.35 0.91
N GLY MA 195 -17.77 52.29 1.68
CA GLY MA 195 -16.53 51.54 1.57
C GLY MA 195 -16.61 50.42 0.56
N PRO MA 196 -15.47 49.80 0.26
CA PRO MA 196 -15.45 48.71 -0.73
C PRO MA 196 -16.18 47.45 -0.28
N LEU MA 197 -15.84 46.98 0.93
CA LEU MA 197 -16.44 45.74 1.42
C LEU MA 197 -17.92 45.93 1.72
N GLU MA 198 -18.32 47.12 2.16
CA GLU MA 198 -19.73 47.42 2.33
C GLU MA 198 -20.48 47.35 1.00
N ASN MA 199 -19.88 47.91 -0.06
CA ASN MA 199 -20.48 47.84 -1.38
C ASN MA 199 -20.58 46.40 -1.87
N LEU MA 200 -19.56 45.59 -1.60
CA LEU MA 200 -19.61 44.18 -1.94
C LEU MA 200 -20.73 43.47 -1.18
N SER MA 201 -20.92 43.82 0.09
CA SER MA 201 -21.98 43.19 0.89
C SER MA 201 -23.36 43.55 0.36
N ARG MA 202 -23.59 44.81 0.01
CA ARG MA 202 -24.90 45.16 -0.55
C ARG MA 202 -25.07 44.72 -1.99
N HIS MA 203 -23.98 44.36 -2.70
CA HIS MA 203 -24.17 43.82 -4.04
C HIS MA 203 -24.42 42.31 -4.00
N VAL MA 204 -23.79 41.59 -3.07
CA VAL MA 204 -23.99 40.15 -2.98
C VAL MA 204 -25.44 39.84 -2.61
N ALA MA 205 -25.95 40.52 -1.59
CA ALA MA 205 -27.39 40.50 -1.33
C ALA MA 205 -28.11 41.27 -2.42
N ASP MA 206 -29.27 40.73 -2.85
CA ASP MA 206 -30.15 41.17 -3.95
C ASP MA 206 -29.38 41.83 -5.09
N PRO MA 207 -28.56 41.08 -5.83
CA PRO MA 207 -27.72 41.69 -6.87
C PRO MA 207 -28.51 42.29 -8.03
N GLY MA 208 -29.79 41.97 -8.16
CA GLY MA 208 -30.61 42.64 -9.17
C GLY MA 208 -30.75 44.13 -8.92
N HIS MA 209 -30.67 44.55 -7.66
CA HIS MA 209 -30.63 45.95 -7.28
C HIS MA 209 -29.29 46.22 -6.59
N CYS MA 210 -29.16 47.43 -6.03
CA CYS MA 210 -27.92 47.90 -5.40
C CYS MA 210 -26.75 47.79 -6.37
N ASN MA 211 -26.87 48.51 -7.49
CA ASN MA 211 -25.90 48.46 -8.57
C ASN MA 211 -25.47 49.85 -8.98
N ILE MA 212 -24.80 49.95 -10.14
CA ILE MA 212 -24.41 51.25 -10.70
C ILE MA 212 -25.64 52.11 -10.98
N PHE MA 213 -26.79 51.49 -11.22
CA PHE MA 213 -28.00 52.20 -11.61
C PHE MA 213 -28.86 52.61 -10.43
N SER MA 214 -28.40 52.37 -9.20
CA SER MA 214 -29.13 52.80 -8.00
C SER MA 214 -28.23 53.55 -7.03
N ALA MA 215 -27.11 54.09 -7.51
CA ALA MA 215 -26.13 54.83 -6.70
C ALA MA 215 -25.64 54.02 -5.51
N LYS NA 1 39.15 57.39 -8.76
CA LYS NA 1 38.95 58.59 -7.94
C LYS NA 1 38.16 59.63 -8.72
N LYS NA 2 37.93 59.35 -10.00
CA LYS NA 2 37.17 60.26 -10.85
C LYS NA 2 35.70 60.30 -10.41
N GLY NA 3 35.02 59.17 -10.49
CA GLY NA 3 33.65 59.09 -10.05
C GLY NA 3 32.68 59.70 -11.04
N GLU NA 4 31.40 59.69 -10.66
CA GLU NA 4 30.34 60.23 -11.48
C GLU NA 4 29.33 60.96 -10.61
N TRP NA 5 28.93 62.15 -11.03
CA TRP NA 5 27.81 62.81 -10.37
C TRP NA 5 26.50 62.09 -10.65
N LEU NA 6 26.38 61.49 -11.84
CA LEU NA 6 25.24 60.65 -12.20
C LEU NA 6 25.81 59.33 -12.69
N PRO NA 7 25.53 58.21 -12.01
CA PRO NA 7 26.10 56.92 -12.46
C PRO NA 7 25.69 56.51 -13.86
N GLY NA 8 24.45 56.81 -14.26
CA GLY NA 8 24.02 56.44 -15.60
C GLY NA 8 24.72 57.25 -16.69
N LEU NA 9 24.94 58.53 -16.45
CA LEU NA 9 25.44 59.42 -17.49
C LEU NA 9 26.93 59.17 -17.74
N ALA NA 10 27.34 59.36 -19.00
CA ALA NA 10 28.74 59.24 -19.38
C ALA NA 10 29.43 60.59 -19.26
N SER NA 11 30.74 60.54 -19.01
CA SER NA 11 31.50 61.76 -18.85
C SER NA 11 31.74 62.44 -20.21
N PRO NA 12 31.81 63.76 -20.23
CA PRO NA 12 32.11 64.46 -21.49
C PRO NA 12 33.55 64.22 -21.93
N GLY NA 13 33.77 64.45 -23.23
CA GLY NA 13 35.10 64.21 -23.79
C GLY NA 13 36.16 65.15 -23.25
N TYR NA 14 35.78 66.40 -22.97
CA TYR NA 14 36.74 67.40 -22.50
C TYR NA 14 37.02 67.29 -21.01
N LEU NA 15 36.41 66.34 -20.32
CA LEU NA 15 36.58 66.15 -18.88
C LEU NA 15 37.22 64.81 -18.58
N THR NA 16 38.33 64.52 -19.29
CA THR NA 16 38.98 63.21 -19.24
C THR NA 16 39.37 62.81 -17.82
N GLY NA 17 39.83 63.75 -17.01
CA GLY NA 17 40.16 63.44 -15.63
C GLY NA 17 41.50 63.97 -15.18
N SER NA 18 42.16 64.75 -16.04
CA SER NA 18 43.44 65.35 -15.66
C SER NA 18 43.25 66.40 -14.57
N LEU NA 19 42.17 67.17 -14.64
CA LEU NA 19 41.92 68.19 -13.64
C LEU NA 19 41.48 67.56 -12.32
N PRO NA 20 41.95 68.08 -11.19
CA PRO NA 20 41.44 67.59 -9.90
C PRO NA 20 39.97 67.93 -9.73
N GLY NA 21 39.27 67.09 -8.97
CA GLY NA 21 37.85 67.29 -8.75
C GLY NA 21 37.00 67.11 -9.99
N ASP NA 22 37.31 66.11 -10.80
CA ASP NA 22 36.60 65.87 -12.06
C ASP NA 22 35.59 64.75 -11.84
N ASN NA 23 34.30 65.11 -11.85
CA ASN NA 23 33.23 64.13 -11.75
C ASN NA 23 32.33 64.12 -12.98
N GLY NA 24 32.75 64.76 -14.06
CA GLY NA 24 31.96 64.77 -15.28
C GLY NA 24 30.71 65.60 -15.22
N PHE NA 25 30.67 66.62 -14.35
CA PHE NA 25 29.48 67.43 -14.16
C PHE NA 25 29.58 68.71 -14.99
N ASP NA 26 29.31 68.56 -16.28
CA ASP NA 26 29.08 69.69 -17.17
C ASP NA 26 27.89 69.38 -18.07
N PRO NA 27 26.67 69.36 -17.50
CA PRO NA 27 25.49 69.05 -18.34
C PRO NA 27 25.15 70.16 -19.32
N LEU NA 28 25.53 71.40 -19.03
CA LEU NA 28 25.19 72.53 -19.90
C LEU NA 28 26.30 72.87 -20.88
N ALA NA 29 27.37 72.07 -20.93
CA ALA NA 29 28.46 72.22 -21.89
C ALA NA 29 29.09 73.60 -21.83
N LEU NA 30 29.28 74.13 -20.62
CA LEU NA 30 29.86 75.45 -20.46
C LEU NA 30 31.37 75.45 -20.72
N ALA NA 31 32.05 74.36 -20.35
CA ALA NA 31 33.49 74.26 -20.47
C ALA NA 31 33.93 73.37 -21.64
N GLU NA 32 33.20 73.41 -22.75
CA GLU NA 32 33.60 72.63 -23.92
C GLU NA 32 34.86 73.19 -24.54
N ASP NA 33 34.97 74.51 -24.64
CA ASP NA 33 36.19 75.11 -25.17
C ASP NA 33 37.31 75.01 -24.15
N PRO NA 34 38.52 74.60 -24.55
CA PRO NA 34 39.61 74.47 -23.58
C PRO NA 34 39.98 75.76 -22.88
N GLU NA 35 39.91 76.90 -23.58
CA GLU NA 35 40.16 78.18 -22.93
C GLU NA 35 39.09 78.48 -21.88
N ASN NA 36 37.83 78.14 -22.19
CA ASN NA 36 36.75 78.32 -21.21
C ASN NA 36 36.99 77.46 -19.97
N LEU NA 37 37.42 76.20 -20.18
CA LEU NA 37 37.70 75.33 -19.04
C LEU NA 37 38.88 75.85 -18.22
N ARG NA 38 39.91 76.38 -18.89
CA ARG NA 38 41.06 76.94 -18.19
C ARG NA 38 40.66 78.14 -17.34
N TRP NA 39 39.78 79.00 -17.88
CA TRP NA 39 39.29 80.13 -17.10
C TRP NA 39 38.40 79.67 -15.95
N PHE NA 40 37.55 78.67 -16.20
CA PHE NA 40 36.57 78.24 -15.20
C PHE NA 40 37.23 77.51 -14.04
N VAL NA 41 38.36 76.83 -14.28
CA VAL NA 41 39.09 76.20 -13.18
C VAL NA 41 39.56 77.26 -12.19
N GLN NA 42 40.16 78.34 -12.71
CA GLN NA 42 40.62 79.43 -11.85
C GLN NA 42 39.45 80.12 -11.15
N ALA NA 43 38.36 80.33 -11.88
CA ALA NA 43 37.18 80.96 -11.29
C ALA NA 43 36.61 80.11 -10.16
N GLU NA 44 36.53 78.79 -10.37
CA GLU NA 44 36.05 77.90 -9.33
C GLU NA 44 36.96 77.91 -8.12
N LEU NA 45 38.28 77.90 -8.34
CA LEU NA 45 39.22 77.90 -7.22
C LEU NA 45 39.08 79.17 -6.39
N VAL NA 46 39.04 80.33 -7.05
CA VAL NA 46 38.99 81.59 -6.32
C VAL NA 46 37.64 81.75 -5.62
N ASN NA 47 36.54 81.42 -6.31
CA ASN NA 47 35.22 81.52 -5.70
C ASN NA 47 35.09 80.56 -4.52
N GLY NA 48 35.62 79.34 -4.63
CA GLY NA 48 35.54 78.39 -3.54
C GLY NA 48 36.37 78.79 -2.34
N ARG NA 49 37.57 79.32 -2.57
CA ARG NA 49 38.40 79.77 -1.45
C ARG NA 49 37.77 80.97 -0.74
N TRP NA 50 37.25 81.93 -1.51
CA TRP NA 50 36.56 83.05 -0.89
C TRP NA 50 35.30 82.60 -0.16
N ALA NA 51 34.61 81.58 -0.69
CA ALA NA 51 33.45 81.04 0.00
C ALA NA 51 33.83 80.34 1.29
N MET NA 52 34.98 79.65 1.30
CA MET NA 52 35.49 79.07 2.53
C MET NA 52 35.66 80.14 3.59
N LEU NA 53 36.40 81.20 3.24
CA LEU NA 53 36.67 82.28 4.19
C LEU NA 53 35.38 82.95 4.64
N GLY NA 54 34.48 83.23 3.70
CA GLY NA 54 33.20 83.85 4.00
C GLY NA 54 32.32 83.01 4.89
N VAL NA 55 32.13 81.73 4.57
CA VAL NA 55 31.25 80.88 5.37
C VAL NA 55 31.82 80.70 6.77
N ALA NA 56 33.15 80.59 6.88
CA ALA NA 56 33.76 80.57 8.20
C ALA NA 56 33.45 81.85 8.97
N GLY NA 57 33.57 83.00 8.31
CA GLY NA 57 33.32 84.28 8.96
C GLY NA 57 31.88 84.53 9.35
N MET NA 58 30.93 83.99 8.60
CA MET NA 58 29.52 84.14 8.98
C MET NA 58 28.98 82.99 9.82
N LEU NA 59 29.75 81.93 10.02
CA LEU NA 59 29.30 80.82 10.86
C LEU NA 59 29.98 80.79 12.22
N LEU NA 60 31.30 80.73 12.25
CA LEU NA 60 32.01 80.53 13.51
C LEU NA 60 31.85 81.68 14.50
N PRO NA 61 31.95 82.97 14.12
CA PRO NA 61 31.64 84.03 15.10
C PRO NA 61 30.22 83.98 15.63
N GLU NA 62 29.24 83.60 14.79
CA GLU NA 62 27.87 83.48 15.27
C GLU NA 62 27.74 82.33 16.28
N VAL NA 63 28.41 81.21 16.01
CA VAL NA 63 28.39 80.09 16.95
C VAL NA 63 29.02 80.47 18.27
N PHE NA 64 30.16 81.18 18.21
CA PHE NA 64 30.82 81.62 19.45
C PHE NA 64 29.99 82.65 20.20
N THR NA 65 29.27 83.52 19.48
CA THR NA 65 28.37 84.47 20.14
C THR NA 65 27.21 83.76 20.82
N SER NA 66 26.64 82.74 20.15
CA SER NA 66 25.54 81.99 20.75
C SER NA 66 26.02 81.20 21.96
N ILE NA 67 27.24 80.67 21.91
CA ILE NA 67 27.81 79.97 23.06
C ILE NA 67 28.02 80.94 24.22
N GLY NA 68 28.56 82.12 23.92
CA GLY NA 68 28.79 83.14 24.94
C GLY NA 68 30.24 83.51 25.16
N ILE NA 69 31.19 82.99 24.37
CA ILE NA 69 32.59 83.34 24.55
C ILE NA 69 32.84 84.79 24.17
N ILE NA 70 32.27 85.23 23.04
CA ILE NA 70 32.46 86.60 22.57
C ILE NA 70 31.10 87.17 22.19
N ASP NA 71 31.05 88.49 22.02
CA ASP NA 71 29.86 89.21 21.63
C ASP NA 71 30.14 89.89 20.29
N VAL NA 72 29.87 89.18 19.21
CA VAL NA 72 30.12 89.67 17.85
C VAL NA 72 28.78 89.85 17.15
N PRO NA 73 28.56 90.94 16.43
CA PRO NA 73 27.32 91.10 15.68
C PRO NA 73 27.21 90.09 14.55
N LYS NA 74 25.99 89.94 14.05
CA LYS NA 74 25.72 89.02 12.95
C LYS NA 74 26.41 89.50 11.67
N TRP NA 75 26.54 88.58 10.71
CA TRP NA 75 27.22 88.91 9.47
C TRP NA 75 26.46 89.96 8.66
N TYR NA 76 25.13 89.97 8.76
CA TYR NA 76 24.34 90.98 8.08
C TYR NA 76 24.29 92.29 8.85
N ASP NA 77 24.52 92.26 10.16
CA ASP NA 77 24.53 93.45 10.99
C ASP NA 77 25.93 93.98 11.26
N ALA NA 78 26.96 93.34 10.69
CA ALA NA 78 28.33 93.79 10.94
C ALA NA 78 28.72 95.01 10.12
N GLY NA 79 27.96 95.33 9.08
CA GLY NA 79 28.27 96.52 8.28
C GLY NA 79 28.04 97.81 9.05
N LYS NA 80 26.98 97.86 9.86
CA LYS NA 80 26.61 99.07 10.58
C LYS NA 80 27.37 99.27 11.87
N SER NA 81 28.31 98.39 12.20
CA SER NA 81 29.07 98.52 13.44
C SER NA 81 30.08 99.66 13.32
N GLU NA 82 30.70 99.98 14.46
CA GLU NA 82 31.61 101.11 14.56
C GLU NA 82 33.05 100.61 14.51
N TYR NA 83 33.87 101.27 13.69
CA TYR NA 83 35.28 100.93 13.53
C TYR NA 83 36.11 102.21 13.56
N PHE NA 84 37.43 102.05 13.56
CA PHE NA 84 38.32 103.21 13.61
C PHE NA 84 38.26 104.02 12.32
N ALA NA 85 37.84 103.43 11.21
CA ALA NA 85 37.68 104.14 9.96
C ALA NA 85 36.29 103.88 9.41
N SER NA 86 35.80 104.81 8.59
CA SER NA 86 34.49 104.64 7.99
C SER NA 86 34.55 103.58 6.89
N SER NA 87 33.37 103.12 6.47
CA SER NA 87 33.29 102.05 5.48
C SER NA 87 33.84 102.47 4.13
N SER NA 88 33.72 103.76 3.78
CA SER NA 88 34.17 104.23 2.48
C SER NA 88 35.69 104.16 2.35
N THR NA 89 36.41 104.58 3.38
CA THR NA 89 37.87 104.50 3.35
C THR NA 89 38.34 103.05 3.28
N LEU NA 90 37.69 102.17 4.05
CA LEU NA 90 38.01 100.75 4.00
C LEU NA 90 37.77 100.18 2.60
N PHE NA 91 36.65 100.58 1.97
CA PHE NA 91 36.37 100.12 0.62
C PHE NA 91 37.42 100.61 -0.37
N VAL NA 92 37.85 101.87 -0.24
CA VAL NA 92 38.85 102.41 -1.15
C VAL NA 92 40.19 101.69 -0.99
N ILE NA 93 40.61 101.46 0.26
CA ILE NA 93 41.86 100.75 0.51
C ILE NA 93 41.78 99.32 -0.03
N GLU NA 94 40.67 98.63 0.23
CA GLU NA 94 40.47 97.29 -0.27
C GLU NA 94 40.47 97.26 -1.79
N PHE NA 95 39.86 98.27 -2.41
CA PHE NA 95 39.84 98.36 -3.87
C PHE NA 95 41.24 98.51 -4.44
N ILE NA 96 42.07 99.36 -3.82
CA ILE NA 96 43.43 99.58 -4.31
C ILE NA 96 44.25 98.29 -4.19
N LEU NA 97 44.24 97.69 -3.00
CA LEU NA 97 45.05 96.49 -2.78
C LEU NA 97 44.57 95.33 -3.64
N PHE NA 98 43.24 95.18 -3.78
CA PHE NA 98 42.70 94.10 -4.57
C PHE NA 98 42.95 94.32 -6.06
N HIS NA 99 42.90 95.58 -6.51
CA HIS NA 99 43.27 95.88 -7.89
C HIS NA 99 44.69 95.41 -8.18
N TYR NA 100 45.63 95.74 -7.28
CA TYR NA 100 47.01 95.32 -7.49
C TYR NA 100 47.15 93.79 -7.51
N VAL NA 101 46.65 93.12 -6.46
CA VAL NA 101 46.91 91.69 -6.31
C VAL NA 101 46.16 90.89 -7.38
N GLU NA 102 44.94 91.31 -7.72
CA GLU NA 102 44.18 90.58 -8.71
C GLU NA 102 44.65 90.87 -10.13
N ILE NA 103 45.23 92.04 -10.39
CA ILE NA 103 45.87 92.26 -11.69
C ILE NA 103 47.09 91.35 -11.82
N ARG NA 104 47.86 91.18 -10.74
CA ARG NA 104 48.97 90.25 -10.76
C ARG NA 104 48.49 88.82 -11.02
N ARG NA 105 47.41 88.42 -10.34
CA ARG NA 105 46.84 87.09 -10.56
C ARG NA 105 46.34 86.92 -11.98
N TRP NA 106 45.74 87.97 -12.55
CA TRP NA 106 45.24 87.90 -13.92
C TRP NA 106 46.38 87.78 -14.92
N GLN NA 107 47.51 88.44 -14.65
CA GLN NA 107 48.69 88.24 -15.48
C GLN NA 107 49.19 86.80 -15.41
N ASP NA 108 49.19 86.19 -14.22
CA ASP NA 108 49.57 84.79 -14.15
C ASP NA 108 48.57 83.89 -14.89
N ILE NA 109 47.28 84.24 -14.84
CA ILE NA 109 46.27 83.45 -15.55
C ILE NA 109 46.48 83.54 -17.05
N LYS NA 110 46.73 84.75 -17.56
CA LYS NA 110 46.89 84.94 -19.00
C LYS NA 110 48.13 84.24 -19.52
N ASN NA 111 49.24 84.32 -18.80
CA ASN NA 111 50.49 83.66 -19.18
C ASN NA 111 51.16 83.15 -17.91
N PRO NA 112 51.17 81.84 -17.70
CA PRO NA 112 51.72 81.30 -16.45
C PRO NA 112 53.21 81.52 -16.33
N GLY NA 113 53.66 81.71 -15.09
CA GLY NA 113 55.07 81.94 -14.80
C GLY NA 113 55.63 83.23 -15.35
N CYS NA 114 54.87 84.32 -15.29
CA CYS NA 114 55.32 85.61 -15.79
C CYS NA 114 55.41 86.69 -14.72
N VAL NA 115 54.69 86.54 -13.61
CA VAL NA 115 54.70 87.53 -12.55
C VAL NA 115 55.15 86.90 -11.24
N ASN NA 116 56.02 85.90 -11.35
CA ASN NA 116 56.53 85.21 -10.17
C ASN NA 116 57.59 86.04 -9.42
N GLN NA 117 58.08 87.11 -10.00
CA GLN NA 117 59.19 87.85 -9.44
C GLN NA 117 58.72 89.09 -8.69
N ASP NA 118 59.39 89.38 -7.58
CA ASP NA 118 59.15 90.61 -6.83
C ASP NA 118 59.57 91.81 -7.68
N PRO NA 119 58.75 92.86 -7.76
CA PRO NA 119 59.16 94.04 -8.52
C PRO NA 119 60.03 95.02 -7.75
N ILE NA 120 60.10 94.90 -6.42
CA ILE NA 120 60.91 95.79 -5.61
C ILE NA 120 62.24 95.13 -5.28
N PHE NA 121 62.19 93.98 -4.61
CA PHE NA 121 63.38 93.22 -4.25
C PHE NA 121 63.51 92.06 -5.24
N LYS NA 122 64.22 92.31 -6.34
CA LYS NA 122 64.26 91.38 -7.46
C LYS NA 122 64.91 90.04 -7.11
N GLN NA 123 65.64 89.97 -5.98
CA GLN NA 123 66.24 88.71 -5.56
C GLN NA 123 65.22 87.70 -5.06
N TYR NA 124 63.98 88.10 -4.85
CA TYR NA 124 62.91 87.22 -4.40
C TYR NA 124 62.02 86.84 -5.57
N SER NA 125 61.82 85.54 -5.77
CA SER NA 125 60.99 85.05 -6.86
C SER NA 125 60.35 83.74 -6.45
N LEU NA 126 59.11 83.53 -6.87
CA LEU NA 126 58.42 82.29 -6.56
C LEU NA 126 59.01 81.15 -7.37
N PRO NA 127 59.03 79.93 -6.83
CA PRO NA 127 59.47 78.79 -7.61
C PRO NA 127 58.48 78.49 -8.74
N PRO NA 128 58.92 77.82 -9.80
CA PRO NA 128 57.99 77.48 -10.89
C PRO NA 128 56.86 76.60 -10.40
N ASN NA 129 55.66 76.86 -10.90
CA ASN NA 129 54.46 76.32 -10.30
C ASN NA 129 53.33 76.33 -11.31
N GLU NA 130 52.31 75.51 -11.03
CA GLU NA 130 51.12 75.47 -11.87
C GLU NA 130 50.22 76.66 -11.57
N CYS NA 131 49.42 77.03 -12.56
CA CYS NA 131 48.51 78.16 -12.41
C CYS NA 131 47.40 77.81 -11.43
N GLY NA 132 47.14 78.72 -10.49
CA GLY NA 132 46.14 78.52 -9.47
C GLY NA 132 46.68 78.02 -8.14
N TYR NA 133 47.92 77.53 -8.13
CA TYR NA 133 48.55 77.03 -6.92
C TYR NA 133 49.94 77.65 -6.79
N PRO NA 134 50.00 78.94 -6.40
CA PRO NA 134 51.30 79.62 -6.33
C PRO NA 134 52.04 79.30 -5.03
N GLY NA 135 53.12 78.52 -5.16
CA GLY NA 135 53.86 78.11 -3.98
C GLY NA 135 54.74 79.19 -3.39
N GLY NA 136 55.82 78.79 -2.74
CA GLY NA 136 56.74 79.75 -2.16
C GLY NA 136 56.22 80.45 -0.93
N ILE NA 137 56.02 81.76 -1.02
CA ILE NA 137 55.59 82.54 0.13
C ILE NA 137 54.15 82.23 0.51
N PHE NA 138 53.30 81.90 -0.46
CA PHE NA 138 51.92 81.55 -0.16
C PHE NA 138 51.79 80.18 0.49
N ASN NA 139 52.85 79.40 0.54
CA ASN NA 139 52.86 78.09 1.19
C ASN NA 139 54.01 78.06 2.20
N PRO NA 140 53.85 78.76 3.33
CA PRO NA 140 54.97 78.86 4.28
C PRO NA 140 55.28 77.55 4.99
N LEU NA 141 54.27 76.70 5.20
CA LEU NA 141 54.47 75.43 5.90
C LEU NA 141 54.94 74.32 4.98
N ASN NA 142 55.10 74.61 3.68
CA ASN NA 142 55.63 73.66 2.70
C ASN NA 142 54.82 72.37 2.64
N PHE NA 143 53.50 72.49 2.76
CA PHE NA 143 52.63 71.34 2.58
C PHE NA 143 52.67 70.87 1.13
N ALA NA 144 52.68 69.56 0.95
CA ALA NA 144 52.79 68.99 -0.39
C ALA NA 144 51.49 69.20 -1.15
N PRO NA 145 51.51 69.88 -2.30
CA PRO NA 145 50.29 70.09 -3.09
C PRO NA 145 49.95 68.89 -3.98
N THR NA 146 49.69 67.75 -3.34
CA THR NA 146 49.30 66.55 -4.07
C THR NA 146 47.89 66.70 -4.62
N THR NA 147 47.54 65.82 -5.56
CA THR NA 147 46.23 65.89 -6.18
C THR NA 147 45.12 65.53 -5.20
N GLU NA 148 45.44 64.78 -4.13
CA GLU NA 148 44.47 64.51 -3.09
C GLU NA 148 44.12 65.79 -2.33
N ALA NA 149 45.12 66.61 -2.03
CA ALA NA 149 44.88 67.90 -1.37
C ALA NA 149 44.07 68.82 -2.27
N LYS NA 150 44.37 68.83 -3.57
CA LYS NA 150 43.61 69.64 -4.51
C LYS NA 150 42.15 69.19 -4.59
N GLU NA 151 41.92 67.88 -4.61
CA GLU NA 151 40.55 67.37 -4.64
C GLU NA 151 39.80 67.72 -3.36
N LYS NA 152 40.47 67.59 -2.21
CA LYS NA 152 39.84 67.95 -0.94
C LYS NA 152 39.51 69.44 -0.89
N GLU NA 153 40.44 70.27 -1.39
CA GLU NA 153 40.21 71.71 -1.44
C GLU NA 153 39.02 72.05 -2.33
N LEU NA 154 38.93 71.40 -3.49
CA LEU NA 154 37.82 71.69 -4.39
C LEU NA 154 36.49 71.22 -3.80
N ALA NA 155 36.48 70.07 -3.13
CA ALA NA 155 35.26 69.58 -2.50
C ALA NA 155 34.80 70.53 -1.40
N ASN NA 156 35.72 70.96 -0.54
CA ASN NA 156 35.37 71.90 0.51
C ASN NA 156 34.93 73.24 -0.08
N GLY NA 157 35.52 73.64 -1.21
CA GLY NA 157 35.10 74.87 -1.85
C GLY NA 157 33.69 74.80 -2.39
N ARG NA 158 33.35 73.69 -3.05
CA ARG NA 158 31.99 73.51 -3.55
C ARG NA 158 30.98 73.48 -2.41
N LEU NA 159 31.32 72.80 -1.32
CA LEU NA 159 30.47 72.80 -0.14
C LEU NA 159 30.32 74.20 0.44
N ALA NA 160 31.39 74.99 0.43
CA ALA NA 160 31.34 76.34 0.98
C ALA NA 160 30.49 77.28 0.13
N MET NA 161 30.60 77.17 -1.20
CA MET NA 161 29.73 77.97 -2.07
C MET NA 161 28.27 77.58 -1.91
N LEU NA 162 27.97 76.28 -1.79
CA LEU NA 162 26.60 75.87 -1.50
C LEU NA 162 26.13 76.42 -0.15
N ALA NA 163 27.01 76.40 0.85
CA ALA NA 163 26.66 76.93 2.17
C ALA NA 163 26.42 78.43 2.13
N PHE NA 164 27.18 79.17 1.33
CA PHE NA 164 26.97 80.61 1.22
C PHE NA 164 25.65 80.92 0.51
N LEU NA 165 25.33 80.15 -0.53
CA LEU NA 165 24.03 80.32 -1.17
C LEU NA 165 22.90 80.04 -0.20
N GLY NA 166 23.04 78.98 0.61
CA GLY NA 166 22.07 78.73 1.66
C GLY NA 166 22.01 79.85 2.67
N PHE NA 167 23.15 80.44 3.02
CA PHE NA 167 23.21 81.55 3.95
C PHE NA 167 22.38 82.72 3.46
N ILE NA 168 22.63 83.15 2.22
CA ILE NA 168 21.95 84.35 1.71
C ILE NA 168 20.47 84.08 1.50
N VAL NA 169 20.12 82.88 1.00
CA VAL NA 169 18.70 82.58 0.79
C VAL NA 169 17.96 82.47 2.11
N GLN NA 170 18.57 81.83 3.11
CA GLN NA 170 17.93 81.67 4.41
C GLN NA 170 17.73 83.02 5.10
N HIS NA 171 18.73 83.91 5.01
CA HIS NA 171 18.54 85.24 5.57
C HIS NA 171 17.51 86.04 4.79
N ASN NA 172 17.38 85.78 3.48
CA ASN NA 172 16.38 86.49 2.69
C ASN NA 172 14.97 86.03 3.05
N VAL NA 173 14.79 84.76 3.40
CA VAL NA 173 13.43 84.27 3.65
C VAL NA 173 13.03 84.38 5.12
N THR NA 174 13.98 84.26 6.06
CA THR NA 174 13.66 84.31 7.48
C THR NA 174 14.14 85.57 8.19
N GLY NA 175 15.21 86.19 7.72
CA GLY NA 175 15.72 87.37 8.38
C GLY NA 175 16.43 87.10 9.69
N LYS NA 176 17.03 85.92 9.85
CA LYS NA 176 17.76 85.59 11.06
C LYS NA 176 19.02 84.81 10.67
N GLY NA 177 19.88 84.60 11.67
CA GLY NA 177 21.15 83.94 11.45
C GLY NA 177 21.02 82.49 11.05
N PRO NA 178 21.95 82.02 10.22
CA PRO NA 178 21.90 80.59 9.81
C PRO NA 178 22.04 79.61 10.95
N PHE NA 179 22.86 79.92 11.97
CA PHE NA 179 22.93 79.04 13.13
C PHE NA 179 21.65 79.10 13.95
N ASP NA 180 20.97 80.25 13.97
CA ASP NA 180 19.65 80.32 14.57
C ASP NA 180 18.66 79.46 13.81
N ASN NA 181 18.78 79.42 12.47
CA ASN NA 181 17.95 78.53 11.67
C ASN NA 181 18.25 77.07 11.99
N LEU NA 182 19.52 76.74 12.21
CA LEU NA 182 19.88 75.37 12.58
C LEU NA 182 19.31 75.00 13.94
N GLN NA 183 19.36 75.94 14.90
CA GLN NA 183 18.78 75.68 16.22
C GLN NA 183 17.26 75.52 16.13
N GLN NA 184 16.61 76.33 15.30
CA GLN NA 184 15.17 76.19 15.10
C GLN NA 184 14.82 74.85 14.46
N HIS NA 185 15.64 74.40 13.51
CA HIS NA 185 15.45 73.07 12.93
C HIS NA 185 15.66 71.98 13.98
N LEU NA 186 16.65 72.15 14.85
CA LEU NA 186 16.93 71.14 15.86
C LEU NA 186 15.91 71.15 17.00
N SER NA 187 15.14 72.24 17.14
CA SER NA 187 14.10 72.27 18.17
C SER NA 187 13.01 71.24 17.88
N ASP NA 188 12.46 71.26 16.67
CA ASP NA 188 11.55 70.24 16.20
C ASP NA 188 11.61 70.24 14.68
N PRO NA 189 12.31 69.28 14.06
CA PRO NA 189 12.56 69.34 12.62
C PRO NA 189 11.31 69.27 11.75
N TRP NA 190 10.29 68.52 12.16
CA TRP NA 190 9.18 68.23 11.26
C TRP NA 190 8.20 69.39 11.11
N HIS NA 191 8.33 70.45 11.90
CA HIS NA 191 7.56 71.66 11.70
C HIS NA 191 8.45 72.88 11.48
N ASN NA 192 9.76 72.68 11.32
CA ASN NA 192 10.71 73.76 11.02
C ASN NA 192 11.55 73.29 9.83
N THR NA 193 11.05 73.53 8.63
CA THR NA 193 11.74 73.14 7.40
C THR NA 193 11.64 74.32 6.41
N ILE NA 194 11.99 74.06 5.15
CA ILE NA 194 11.70 75.06 4.10
C ILE NA 194 10.21 75.36 4.00
N ILE NA 195 9.36 74.36 4.28
CA ILE NA 195 7.93 74.48 3.96
C ILE NA 195 7.25 75.53 4.83
N GLN NA 196 7.48 75.48 6.14
CA GLN NA 196 6.73 76.32 7.07
C GLN NA 196 7.23 77.75 7.13
N THR NA 197 8.31 78.09 6.44
CA THR NA 197 8.76 79.47 6.35
C THR NA 197 8.15 80.21 5.16
N PHE NA 198 7.27 79.56 4.40
CA PHE NA 198 6.60 80.20 3.27
C PHE NA 198 5.11 80.35 3.54
N ARG OA 1 -38.20 26.51 -61.96
CA ARG OA 1 -38.15 27.21 -60.67
C ARG OA 1 -39.15 28.36 -60.65
N PRO OA 2 -40.00 28.38 -59.63
CA PRO OA 2 -40.95 29.49 -59.49
C PRO OA 2 -40.24 30.82 -59.23
N LEU OA 3 -40.77 31.88 -59.83
CA LEU OA 3 -40.20 33.21 -59.69
C LEU OA 3 -41.28 34.19 -59.30
N TRP OA 4 -41.03 34.98 -58.25
CA TRP OA 4 -41.96 35.99 -57.77
C TRP OA 4 -41.30 37.35 -57.95
N PHE OA 5 -41.83 38.14 -58.88
CA PHE OA 5 -41.32 39.48 -59.22
C PHE OA 5 -39.85 39.46 -59.57
N ALA OA 6 -39.44 38.46 -60.36
CA ALA OA 6 -38.06 38.34 -60.79
C ALA OA 6 -37.73 39.43 -61.81
N SER OA 7 -36.45 39.79 -61.87
CA SER OA 7 -35.96 40.81 -62.78
C SER OA 7 -34.83 40.24 -63.62
N LYS OA 8 -34.58 40.87 -64.76
CA LYS OA 8 -33.48 40.46 -65.63
C LYS OA 8 -32.14 40.61 -64.93
N GLN OA 9 -31.96 41.71 -64.19
CA GLN OA 9 -30.77 41.87 -63.37
C GLN OA 9 -30.74 40.84 -62.23
N SER OA 10 -31.89 40.59 -61.62
CA SER OA 10 -31.95 39.68 -60.47
C SER OA 10 -31.60 38.25 -60.85
N LEU OA 11 -32.04 37.80 -62.03
CA LEU OA 11 -31.73 36.44 -62.47
C LEU OA 11 -30.27 36.29 -62.89
N SER OA 12 -29.52 37.38 -63.05
CA SER OA 12 -28.12 37.27 -63.44
C SER OA 12 -27.25 36.73 -62.33
N TYR OA 13 -27.68 36.81 -61.07
CA TYR OA 13 -26.92 36.26 -59.95
C TYR OA 13 -27.71 35.29 -59.09
N LEU OA 14 -29.04 35.34 -59.08
CA LEU OA 14 -29.86 34.40 -58.31
C LEU OA 14 -30.12 33.19 -59.20
N ASP OA 15 -29.28 32.17 -59.05
CA ASP OA 15 -29.33 30.96 -59.88
C ASP OA 15 -30.02 29.80 -59.18
N GLY OA 16 -30.66 30.02 -58.04
CA GLY OA 16 -31.33 28.97 -57.31
C GLY OA 16 -30.46 28.17 -56.36
N SER OA 17 -29.19 28.54 -56.20
CA SER OA 17 -28.32 27.81 -55.28
C SER OA 17 -28.69 28.09 -53.83
N LEU OA 18 -28.95 29.34 -53.49
CA LEU OA 18 -29.30 29.69 -52.13
C LEU OA 18 -30.70 29.16 -51.80
N PRO OA 19 -30.94 28.74 -50.55
CA PRO OA 19 -32.28 28.27 -50.18
C PRO OA 19 -33.30 29.40 -50.20
N GLY OA 20 -34.52 29.05 -50.60
CA GLY OA 20 -35.58 30.05 -50.70
C GLY OA 20 -35.32 31.10 -51.76
N ASP OA 21 -34.86 30.69 -52.94
CA ASP OA 21 -34.52 31.61 -54.01
C ASP OA 21 -35.70 31.60 -54.98
N PHE OA 22 -36.31 32.78 -55.18
CA PHE OA 22 -37.39 32.95 -56.14
C PHE OA 22 -37.13 34.12 -57.08
N GLY OA 23 -35.87 34.57 -57.17
CA GLY OA 23 -35.51 35.64 -58.08
C GLY OA 23 -35.94 37.02 -57.65
N PHE OA 24 -36.46 37.18 -56.44
CA PHE OA 24 -37.01 38.46 -56.01
C PHE OA 24 -35.89 39.35 -55.51
N ASP OA 25 -35.50 40.32 -56.34
CA ASP OA 25 -34.56 41.37 -55.96
C ASP OA 25 -34.78 42.58 -56.86
N PRO OA 26 -35.88 43.32 -56.69
CA PRO OA 26 -36.12 44.49 -57.56
C PRO OA 26 -35.08 45.59 -57.40
N LEU OA 27 -34.53 45.78 -56.20
CA LEU OA 27 -33.55 46.83 -55.95
C LEU OA 27 -32.12 46.39 -56.25
N GLY OA 28 -31.88 45.11 -56.50
CA GLY OA 28 -30.54 44.65 -56.81
C GLY OA 28 -29.56 44.80 -55.67
N LEU OA 29 -29.99 44.50 -54.44
CA LEU OA 29 -29.13 44.64 -53.27
C LEU OA 29 -28.08 43.55 -53.17
N SER OA 30 -28.30 42.40 -53.80
CA SER OA 30 -27.35 41.30 -53.79
C SER OA 30 -26.56 41.20 -55.08
N ASP OA 31 -26.37 42.32 -55.77
CA ASP OA 31 -25.61 42.33 -57.02
C ASP OA 31 -24.13 42.14 -56.71
N PRO OA 32 -23.47 41.14 -57.32
CA PRO OA 32 -22.07 40.85 -56.97
C PRO OA 32 -21.05 41.77 -57.63
N GLU OA 33 -21.47 42.88 -58.23
CA GLU OA 33 -20.56 43.83 -58.84
C GLU OA 33 -20.45 45.07 -57.95
N GLY OA 34 -19.22 45.47 -57.66
CA GLY OA 34 -18.99 46.57 -56.74
C GLY OA 34 -19.41 46.24 -55.32
N THR OA 35 -19.12 45.02 -54.86
CA THR OA 35 -19.60 44.52 -53.59
C THR OA 35 -18.58 44.78 -52.48
N GLY OA 36 -19.07 45.31 -51.37
CA GLY OA 36 -18.24 45.58 -50.21
C GLY OA 36 -19.10 45.85 -49.00
N GLY OA 37 -18.43 45.96 -47.85
CA GLY OA 37 -19.12 46.30 -46.62
C GLY OA 37 -20.08 45.20 -46.19
N PHE OA 38 -21.30 45.63 -45.85
CA PHE OA 38 -22.37 44.72 -45.44
C PHE OA 38 -23.31 44.36 -46.58
N ILE OA 39 -22.98 44.75 -47.81
CA ILE OA 39 -23.84 44.53 -48.96
C ILE OA 39 -23.43 43.25 -49.70
N GLU OA 40 -22.49 42.50 -49.13
CA GLU OA 40 -22.09 41.21 -49.70
C GLU OA 40 -23.28 40.25 -49.73
N PRO OA 41 -23.49 39.55 -50.85
CA PRO OA 41 -24.65 38.64 -50.94
C PRO OA 41 -24.62 37.53 -49.90
N ARG OA 42 -23.43 37.01 -49.57
CA ARG OA 42 -23.33 36.01 -48.52
C ARG OA 42 -23.74 36.60 -47.17
N TRP OA 43 -23.29 37.82 -46.88
CA TRP OA 43 -23.69 38.48 -45.63
C TRP OA 43 -25.19 38.79 -45.63
N LEU OA 44 -25.74 39.15 -46.79
CA LEU OA 44 -27.18 39.44 -46.85
C LEU OA 44 -28.00 38.18 -46.59
N ALA OA 45 -27.60 37.05 -47.19
CA ALA OA 45 -28.31 35.79 -46.92
C ALA OA 45 -28.14 35.35 -45.48
N TYR OA 46 -26.95 35.54 -44.92
CA TYR OA 46 -26.70 35.18 -43.53
C TYR OA 46 -27.54 36.03 -42.59
N GLY OA 47 -27.64 37.33 -42.87
CA GLY OA 47 -28.49 38.20 -42.08
C GLY OA 47 -29.96 37.88 -42.22
N GLU OA 48 -30.39 37.48 -43.42
CA GLU OA 48 -31.77 37.02 -43.60
C GLU OA 48 -32.05 35.79 -42.75
N ILE OA 49 -31.12 34.84 -42.73
CA ILE OA 49 -31.31 33.63 -41.94
C ILE OA 49 -31.36 33.95 -40.45
N ILE OA 50 -30.45 34.80 -39.98
CA ILE OA 50 -30.40 35.14 -38.55
C ILE OA 50 -31.66 35.92 -38.14
N ASN OA 51 -32.07 36.89 -38.97
CA ASN OA 51 -33.28 37.65 -38.69
C ASN OA 51 -34.50 36.75 -38.70
N GLY OA 52 -34.56 35.80 -39.63
CA GLY OA 52 -35.66 34.87 -39.66
C GLY OA 52 -35.73 33.99 -38.42
N ARG OA 53 -34.58 33.49 -37.97
CA ARG OA 53 -34.56 32.66 -36.77
C ARG OA 53 -34.98 33.45 -35.54
N TYR OA 54 -34.45 34.67 -35.40
CA TYR OA 54 -34.81 35.51 -34.26
C TYR OA 54 -36.29 35.88 -34.30
N ALA OA 55 -36.84 36.13 -35.49
CA ALA OA 55 -38.26 36.46 -35.58
C ALA OA 55 -39.15 35.25 -35.38
N MET OA 56 -38.70 34.05 -35.75
CA MET OA 56 -39.45 32.85 -35.40
C MET OA 56 -39.49 32.63 -33.90
N LEU OA 57 -38.41 32.99 -33.21
CA LEU OA 57 -38.49 33.00 -31.75
C LEU OA 57 -39.44 34.10 -31.26
N GLY OA 58 -39.35 35.29 -31.84
CA GLY OA 58 -40.05 36.44 -31.29
C GLY OA 58 -41.55 36.45 -31.56
N ALA OA 59 -41.97 35.93 -32.72
CA ALA OA 59 -43.38 35.92 -33.06
C ALA OA 59 -44.18 34.97 -32.18
N VAL OA 60 -43.53 33.94 -31.64
CA VAL OA 60 -44.18 33.09 -30.66
C VAL OA 60 -43.99 33.64 -29.25
N GLY OA 61 -42.85 34.27 -28.96
CA GLY OA 61 -42.62 34.78 -27.63
C GLY OA 61 -43.44 36.01 -27.29
N ALA OA 62 -43.83 36.79 -28.29
CA ALA OA 62 -44.61 37.99 -28.07
C ALA OA 62 -46.11 37.71 -28.01
N ILE OA 63 -46.54 36.50 -28.34
CA ILE OA 63 -47.95 36.14 -28.32
C ILE OA 63 -48.27 35.01 -27.36
N ALA OA 64 -47.27 34.23 -26.92
CA ALA OA 64 -47.54 33.13 -25.99
C ALA OA 64 -48.05 33.58 -24.62
N PRO OA 65 -47.47 34.60 -23.95
CA PRO OA 65 -48.03 34.97 -22.63
C PRO OA 65 -49.48 35.43 -22.69
N GLU OA 66 -49.88 36.12 -23.76
CA GLU OA 66 -51.28 36.54 -23.88
C GLU OA 66 -52.21 35.34 -24.03
N ILE OA 67 -51.81 34.35 -24.85
CA ILE OA 67 -52.62 33.15 -25.01
C ILE OA 67 -52.70 32.36 -23.72
N LEU OA 68 -51.58 32.26 -23.00
CA LEU OA 68 -51.58 31.52 -21.73
C LEU OA 68 -52.42 32.24 -20.68
N GLY OA 69 -52.41 33.57 -20.68
CA GLY OA 69 -53.26 34.30 -19.76
C GLY OA 69 -54.73 34.18 -20.08
N LYS OA 70 -55.08 34.18 -21.38
CA LYS OA 70 -56.46 33.96 -21.77
C LYS OA 70 -56.91 32.55 -21.41
N ALA OA 71 -56.04 31.56 -21.60
CA ALA OA 71 -56.34 30.19 -21.19
C ALA OA 71 -56.17 29.97 -19.70
N GLY OA 72 -55.62 30.93 -18.98
CA GLY OA 72 -55.42 30.81 -17.54
C GLY OA 72 -54.43 29.73 -17.15
N LEU OA 73 -53.32 29.62 -17.87
CA LEU OA 73 -52.33 28.59 -17.57
C LEU OA 73 -51.43 29.01 -16.41
N ILE OA 74 -50.66 30.08 -16.59
CA ILE OA 74 -49.78 30.58 -15.53
C ILE OA 74 -50.23 32.01 -15.25
N PRO OA 75 -49.94 32.53 -14.00
CA PRO OA 75 -50.58 33.78 -13.54
C PRO OA 75 -50.67 34.95 -14.50
N GLN OA 76 -51.81 35.66 -14.45
CA GLN OA 76 -52.11 36.71 -15.42
C GLN OA 76 -51.26 37.96 -15.21
N GLU OA 77 -50.62 38.11 -14.06
CA GLU OA 77 -49.75 39.26 -13.84
C GLU OA 77 -48.52 39.20 -14.73
N THR OA 78 -48.07 37.99 -15.07
CA THR OA 78 -47.00 37.80 -16.04
C THR OA 78 -47.53 37.69 -17.47
N ALA OA 79 -48.84 37.72 -17.66
CA ALA OA 79 -49.46 37.61 -18.97
C ALA OA 79 -49.81 39.03 -19.44
N LEU OA 80 -48.93 39.61 -20.22
CA LEU OA 80 -49.06 40.98 -20.71
C LEU OA 80 -48.75 41.02 -22.19
N PRO OA 81 -49.23 42.04 -22.91
CA PRO OA 81 -48.78 42.26 -24.28
C PRO OA 81 -47.28 42.55 -24.31
N TRP OA 82 -46.69 42.34 -25.49
CA TRP OA 82 -45.23 42.38 -25.62
C TRP OA 82 -44.65 43.74 -25.29
N PHE OA 83 -45.42 44.81 -25.48
CA PHE OA 83 -44.96 46.15 -25.14
C PHE OA 83 -45.21 46.52 -23.69
N GLN OA 84 -45.91 45.66 -22.93
CA GLN OA 84 -46.25 45.93 -21.54
C GLN OA 84 -45.37 45.19 -20.55
N THR OA 85 -44.28 44.58 -21.03
CA THR OA 85 -43.41 43.78 -20.18
C THR OA 85 -42.09 44.48 -19.86
N GLY OA 86 -42.07 45.81 -19.89
CA GLY OA 86 -40.86 46.56 -19.63
C GLY OA 86 -40.03 46.88 -20.85
N VAL OA 87 -40.43 46.41 -22.03
CA VAL OA 87 -39.72 46.77 -23.27
C VAL OA 87 -39.88 48.26 -23.53
N ILE OA 88 -41.09 48.76 -23.41
CA ILE OA 88 -41.39 50.18 -23.53
C ILE OA 88 -42.00 50.64 -22.21
N PRO OA 89 -41.21 51.28 -21.35
CA PRO OA 89 -41.68 51.64 -19.99
C PRO OA 89 -42.88 52.57 -19.98
N PRO OA 90 -43.01 53.52 -20.92
CA PRO OA 90 -44.31 54.23 -20.98
C PRO OA 90 -45.49 53.33 -21.29
N ALA OA 91 -45.31 52.30 -22.10
CA ALA OA 91 -46.40 51.39 -22.43
C ALA OA 91 -46.73 50.45 -21.28
N GLY OA 92 -45.79 50.18 -20.39
CA GLY OA 92 -46.00 49.30 -19.27
C GLY OA 92 -44.67 48.73 -18.79
N THR OA 93 -44.60 48.47 -17.49
CA THR OA 93 -43.38 47.97 -16.85
C THR OA 93 -43.74 46.90 -15.84
N TYR OA 94 -42.97 45.81 -15.83
CA TYR OA 94 -43.13 44.73 -14.88
C TYR OA 94 -41.92 44.68 -13.95
N ASN OA 95 -42.19 44.36 -12.69
CA ASN OA 95 -41.14 44.30 -11.66
C ASN OA 95 -40.55 42.90 -11.64
N TYR OA 96 -39.41 42.72 -12.30
CA TYR OA 96 -38.70 41.45 -12.29
C TYR OA 96 -37.80 41.38 -11.07
N TRP OA 97 -36.91 40.38 -11.04
CA TRP OA 97 -35.95 40.28 -9.96
C TRP OA 97 -34.83 41.29 -10.07
N ALA OA 98 -34.68 41.96 -11.21
CA ALA OA 98 -33.59 42.90 -11.43
C ALA OA 98 -34.13 44.15 -12.11
N ASP OA 99 -33.36 45.22 -11.99
CA ASP OA 99 -33.66 46.44 -12.72
C ASP OA 99 -33.55 46.18 -14.22
N PRO OA 100 -34.39 46.82 -15.04
CA PRO OA 100 -34.30 46.61 -16.49
C PRO OA 100 -32.95 46.95 -17.09
N PHE OA 101 -32.24 47.94 -16.54
CA PHE OA 101 -30.90 48.24 -17.04
C PHE OA 101 -29.90 47.18 -16.61
N THR OA 102 -30.05 46.62 -15.41
CA THR OA 102 -29.22 45.51 -14.99
C THR OA 102 -29.44 44.28 -15.86
N LEU OA 103 -30.71 43.99 -16.18
CA LEU OA 103 -31.03 42.91 -17.10
C LEU OA 103 -30.47 43.20 -18.49
N PHE OA 104 -30.48 44.46 -18.91
CA PHE OA 104 -29.89 44.84 -20.19
C PHE OA 104 -28.39 44.58 -20.19
N VAL OA 105 -27.71 44.90 -19.09
CA VAL OA 105 -26.27 44.64 -18.99
C VAL OA 105 -25.97 43.15 -19.03
N PHE OA 106 -26.76 42.36 -18.31
CA PHE OA 106 -26.58 40.90 -18.30
C PHE OA 106 -26.79 40.33 -19.71
N GLU OA 107 -27.86 40.75 -20.38
CA GLU OA 107 -28.12 40.31 -21.75
C GLU OA 107 -27.02 40.76 -22.69
N MET OA 108 -26.54 42.00 -22.53
CA MET OA 108 -25.49 42.53 -23.39
C MET OA 108 -24.21 41.73 -23.25
N ALA OA 109 -23.84 41.37 -22.01
CA ALA OA 109 -22.63 40.58 -21.82
C ALA OA 109 -22.77 39.17 -22.40
N LEU OA 110 -23.90 38.50 -22.09
CA LEU OA 110 -24.09 37.13 -22.55
C LEU OA 110 -24.15 37.07 -24.08
N MET OA 111 -24.89 37.98 -24.70
CA MET OA 111 -24.97 37.99 -26.15
C MET OA 111 -23.71 38.54 -26.78
N GLY OA 112 -22.95 39.37 -26.07
CA GLY OA 112 -21.65 39.78 -26.58
C GLY OA 112 -20.73 38.60 -26.75
N PHE OA 113 -20.69 37.72 -25.73
CA PHE OA 113 -19.97 36.46 -25.87
C PHE OA 113 -20.52 35.64 -27.03
N ALA OA 114 -21.80 35.28 -26.94
CA ALA OA 114 -22.42 34.34 -27.87
C ALA OA 114 -22.50 34.86 -29.31
N GLU OA 115 -22.29 36.15 -29.53
CA GLU OA 115 -22.39 36.73 -30.86
C GLU OA 115 -21.08 37.24 -31.42
N HIS OA 116 -20.16 37.73 -30.59
CA HIS OA 116 -18.81 37.99 -31.08
C HIS OA 116 -18.12 36.67 -31.44
N ARG OA 117 -18.45 35.57 -30.75
CA ARG OA 117 -17.93 34.27 -31.19
C ARG OA 117 -18.43 33.92 -32.59
N ARG OA 118 -19.72 34.14 -32.84
CA ARG OA 118 -20.29 33.88 -34.16
C ARG OA 118 -19.69 34.80 -35.22
N LEU OA 119 -19.45 36.07 -34.87
CA LEU OA 119 -18.82 37.00 -35.78
C LEU OA 119 -17.40 36.57 -36.13
N GLN OA 120 -16.65 36.07 -35.15
CA GLN OA 120 -15.30 35.60 -35.44
C GLN OA 120 -15.30 34.29 -36.21
N ASP OA 121 -16.37 33.48 -36.09
CA ASP OA 121 -16.50 32.36 -37.01
C ASP OA 121 -16.70 32.89 -38.43
N TRP OA 122 -17.53 33.92 -38.59
CA TRP OA 122 -17.76 34.50 -39.92
C TRP OA 122 -16.48 35.08 -40.51
N TYR OA 123 -15.71 35.82 -39.69
CA TYR OA 123 -14.46 36.39 -40.16
C TYR OA 123 -13.42 35.32 -40.45
N ASN OA 124 -13.22 34.41 -39.51
CA ASN OA 124 -12.25 33.32 -39.64
C ASN OA 124 -12.96 31.99 -39.41
N PRO OA 125 -13.30 31.26 -40.47
CA PRO OA 125 -14.02 29.99 -40.29
C PRO OA 125 -13.18 28.96 -39.55
N GLY OA 126 -13.81 28.25 -38.63
CA GLY OA 126 -13.13 27.23 -37.85
C GLY OA 126 -12.18 27.75 -36.80
N SER OA 127 -12.26 29.03 -36.46
CA SER OA 127 -11.34 29.62 -35.49
C SER OA 127 -11.77 29.43 -34.05
N MET OA 128 -12.99 28.96 -33.81
CA MET OA 128 -13.49 28.75 -32.45
C MET OA 128 -13.33 27.30 -31.98
N GLY OA 129 -12.59 26.48 -32.72
CA GLY OA 129 -12.24 25.16 -32.24
C GLY OA 129 -10.80 25.11 -31.75
N LYS OA 130 -10.08 26.22 -31.90
CA LYS OA 130 -8.66 26.26 -31.57
C LYS OA 130 -8.45 26.73 -30.14
N GLN OA 131 -8.90 27.93 -29.81
CA GLN OA 131 -8.66 28.49 -28.49
C GLN OA 131 -9.51 27.80 -27.44
N TYR OA 132 -8.93 27.60 -26.25
CA TYR OA 132 -9.63 26.92 -25.16
C TYR OA 132 -10.77 27.79 -24.65
N PHE OA 133 -11.99 27.24 -24.66
CA PHE OA 133 -13.17 27.90 -24.10
C PHE OA 133 -13.96 26.84 -23.35
N LEU OA 134 -13.60 26.65 -22.07
CA LEU OA 134 -14.29 25.74 -21.13
C LEU OA 134 -14.37 24.30 -21.65
N GLY OA 135 -13.58 23.93 -22.64
CA GLY OA 135 -13.66 22.62 -23.24
C GLY OA 135 -14.79 22.44 -24.23
N LEU OA 136 -15.59 23.47 -24.47
CA LEU OA 136 -16.71 23.39 -25.40
C LEU OA 136 -16.32 23.72 -26.84
N GLU OA 137 -15.08 24.18 -27.06
CA GLU OA 137 -14.65 24.62 -28.37
C GLU OA 137 -14.67 23.50 -29.41
N LYS OA 138 -14.61 22.24 -28.97
CA LYS OA 138 -14.71 21.12 -29.89
C LYS OA 138 -16.06 21.09 -30.59
N GLY OA 139 -17.10 21.60 -29.94
CA GLY OA 139 -18.40 21.72 -30.56
C GLY OA 139 -18.60 23.00 -31.34
N PHE OA 140 -17.59 23.86 -31.43
CA PHE OA 140 -17.71 25.15 -32.10
C PHE OA 140 -16.86 25.23 -33.37
N ALA OA 141 -16.47 24.09 -33.93
CA ALA OA 141 -15.61 24.09 -35.11
C ALA OA 141 -16.35 24.58 -36.35
N GLY OA 142 -17.64 24.29 -36.46
CA GLY OA 142 -18.40 24.70 -37.62
C GLY OA 142 -18.27 23.72 -38.77
N SER OA 143 -18.89 24.08 -39.89
CA SER OA 143 -18.88 23.24 -41.09
C SER OA 143 -18.45 24.01 -42.34
N GLY OA 144 -17.95 25.24 -42.19
CA GLY OA 144 -17.57 26.05 -43.31
C GLY OA 144 -18.65 26.99 -43.81
N GLU OA 145 -19.90 26.74 -43.47
CA GLU OA 145 -21.01 27.61 -43.82
C GLU OA 145 -21.49 28.32 -42.56
N PRO OA 146 -21.34 29.64 -42.45
CA PRO OA 146 -21.65 30.33 -41.19
C PRO OA 146 -23.11 30.25 -40.76
N ALA OA 147 -24.04 30.22 -41.71
CA ALA OA 147 -25.45 30.19 -41.35
C ALA OA 147 -25.88 28.84 -40.80
N TYR OA 148 -25.20 27.76 -41.21
CA TYR OA 148 -25.54 26.40 -40.80
C TYR OA 148 -24.29 25.71 -40.28
N PRO OA 149 -23.91 25.98 -39.03
CA PRO OA 149 -22.67 25.37 -38.52
C PRO OA 149 -22.79 23.89 -38.20
N GLY OA 150 -23.93 23.45 -37.68
CA GLY OA 150 -24.06 22.06 -37.31
C GLY OA 150 -23.28 21.75 -36.04
N GLY OA 151 -22.77 20.52 -35.97
CA GLY OA 151 -22.01 20.09 -34.82
C GLY OA 151 -22.89 19.51 -33.73
N PRO OA 152 -22.26 19.01 -32.66
CA PRO OA 152 -23.04 18.39 -31.58
C PRO OA 152 -23.77 19.38 -30.69
N ILE OA 153 -23.46 20.67 -30.77
CA ILE OA 153 -24.10 21.67 -29.93
C ILE OA 153 -25.28 22.33 -30.64
N PHE OA 154 -25.12 22.68 -31.92
CA PHE OA 154 -26.17 23.34 -32.67
C PHE OA 154 -27.03 22.38 -33.49
N ASN OA 155 -26.56 21.15 -33.71
CA ASN OA 155 -27.35 20.10 -34.35
C ASN OA 155 -27.22 18.82 -33.54
N PRO OA 156 -27.83 18.77 -32.35
CA PRO OA 156 -27.62 17.60 -31.48
C PRO OA 156 -28.37 16.36 -31.95
N LEU OA 157 -29.57 16.53 -32.51
CA LEU OA 157 -30.36 15.40 -32.95
C LEU OA 157 -29.93 14.86 -34.32
N GLY OA 158 -29.00 15.54 -35.00
CA GLY OA 158 -28.53 15.09 -36.29
C GLY OA 158 -29.58 15.15 -37.38
N PHE OA 159 -30.41 16.19 -37.39
CA PHE OA 159 -31.43 16.32 -38.42
C PHE OA 159 -30.80 16.64 -39.76
N GLY OA 160 -31.40 16.12 -40.83
CA GLY OA 160 -30.96 16.42 -42.18
C GLY OA 160 -29.59 15.92 -42.54
N LYS OA 161 -29.29 14.65 -42.24
CA LYS OA 161 -28.02 14.07 -42.66
C LYS OA 161 -27.94 13.99 -44.19
N ASP OA 162 -29.06 13.68 -44.84
CA ASP OA 162 -29.07 13.61 -46.29
C ASP OA 162 -29.09 15.01 -46.89
N GLU OA 163 -28.47 15.14 -48.07
CA GLU OA 163 -28.34 16.45 -48.71
C GLU OA 163 -29.70 16.99 -49.16
N LYS OA 164 -30.56 16.11 -49.70
CA LYS OA 164 -31.89 16.57 -50.10
C LYS OA 164 -32.73 16.94 -48.89
N SER OA 165 -32.57 16.22 -47.78
CA SER OA 165 -33.26 16.58 -46.55
C SER OA 165 -32.74 17.90 -45.99
N LEU OA 166 -31.43 18.12 -46.09
CA LEU OA 166 -30.85 19.38 -45.65
C LEU OA 166 -31.36 20.55 -46.49
N LYS OA 167 -31.46 20.37 -47.80
CA LYS OA 167 -31.97 21.42 -48.67
C LYS OA 167 -33.44 21.71 -48.38
N GLU OA 168 -34.23 20.66 -48.18
CA GLU OA 168 -35.66 20.85 -47.87
C GLU OA 168 -35.84 21.56 -46.53
N LEU OA 169 -35.03 21.19 -45.53
CA LEU OA 169 -35.13 21.83 -44.23
C LEU OA 169 -34.65 23.28 -44.29
N LYS OA 170 -33.63 23.57 -45.11
CA LYS OA 170 -33.21 24.95 -45.30
C LYS OA 170 -34.31 25.79 -45.94
N LEU OA 171 -34.99 25.23 -46.94
CA LEU OA 171 -36.10 25.93 -47.57
C LEU OA 171 -37.23 26.17 -46.58
N LYS OA 172 -37.56 25.17 -45.77
CA LYS OA 172 -38.59 25.33 -44.74
C LYS OA 172 -38.19 26.41 -43.73
N GLU OA 173 -36.92 26.40 -43.31
CA GLU OA 173 -36.45 27.37 -42.33
C GLU OA 173 -36.54 28.80 -42.87
N VAL OA 174 -36.09 29.00 -44.11
CA VAL OA 174 -36.10 30.36 -44.66
C VAL OA 174 -37.54 30.83 -44.91
N LYS OA 175 -38.43 29.92 -45.33
CA LYS OA 175 -39.82 30.31 -45.56
C LYS OA 175 -40.54 30.66 -44.26
N ASN OA 176 -40.40 29.80 -43.24
CA ASN OA 176 -41.00 30.11 -41.95
C ASN OA 176 -40.38 31.36 -41.32
N GLY OA 177 -39.09 31.57 -41.56
CA GLY OA 177 -38.47 32.79 -41.06
C GLY OA 177 -39.03 34.04 -41.70
N ARG OA 178 -39.20 34.02 -43.03
CA ARG OA 178 -39.77 35.18 -43.73
C ARG OA 178 -41.19 35.45 -43.24
N LEU OA 179 -41.98 34.39 -43.07
CA LEU OA 179 -43.33 34.56 -42.52
C LEU OA 179 -43.28 35.15 -41.11
N ALA OA 180 -42.30 34.74 -40.31
CA ALA OA 180 -42.21 35.22 -38.93
C ALA OA 180 -41.82 36.69 -38.86
N MET OA 181 -40.89 37.14 -39.71
CA MET OA 181 -40.57 38.56 -39.71
C MET OA 181 -41.69 39.41 -40.31
N LEU OA 182 -42.45 38.87 -41.27
CA LEU OA 182 -43.68 39.54 -41.67
C LEU OA 182 -44.64 39.67 -40.49
N ALA OA 183 -44.75 38.61 -39.68
CA ALA OA 183 -45.60 38.63 -38.50
C ALA OA 183 -45.10 39.64 -37.46
N ILE OA 184 -43.79 39.78 -37.31
CA ILE OA 184 -43.24 40.71 -36.34
C ILE OA 184 -43.49 42.15 -36.78
N LEU OA 185 -43.33 42.43 -38.08
CA LEU OA 185 -43.70 43.74 -38.60
C LEU OA 185 -45.18 44.01 -38.40
N GLY OA 186 -46.02 42.98 -38.58
CA GLY OA 186 -47.44 43.13 -38.30
C GLY OA 186 -47.71 43.42 -36.83
N TYR OA 187 -46.98 42.75 -35.93
CA TYR OA 187 -47.09 43.02 -34.51
C TYR OA 187 -46.79 44.49 -34.21
N PHE OA 188 -45.70 45.00 -34.78
CA PHE OA 188 -45.29 46.38 -34.54
C PHE OA 188 -46.32 47.36 -35.06
N ILE OA 189 -46.83 47.12 -36.27
CA ILE OA 189 -47.79 48.04 -36.87
C ILE OA 189 -49.12 48.01 -36.12
N GLN OA 190 -49.56 46.82 -35.70
CA GLN OA 190 -50.81 46.70 -34.96
C GLN OA 190 -50.69 47.32 -33.57
N GLY OA 191 -49.52 47.22 -32.94
CA GLY OA 191 -49.30 47.93 -31.70
C GLY OA 191 -49.29 49.43 -31.88
N LEU OA 192 -48.74 49.90 -33.00
CA LEU OA 192 -48.72 51.33 -33.28
C LEU OA 192 -50.12 51.87 -33.56
N VAL OA 193 -50.96 51.07 -34.22
CA VAL OA 193 -52.29 51.53 -34.65
C VAL OA 193 -53.31 51.27 -33.56
N THR OA 194 -53.42 50.02 -33.11
CA THR OA 194 -54.44 49.66 -32.12
C THR OA 194 -53.92 49.82 -30.70
N GLY OA 195 -52.81 49.15 -30.38
CA GLY OA 195 -52.26 49.24 -29.05
C GLY OA 195 -52.97 48.42 -28.00
N VAL OA 196 -53.45 47.23 -28.36
CA VAL OA 196 -54.13 46.35 -27.42
C VAL OA 196 -53.48 44.98 -27.43
N GLY OA 197 -52.52 44.78 -28.32
CA GLY OA 197 -51.84 43.51 -28.45
C GLY OA 197 -52.30 42.74 -29.67
N PRO OA 198 -51.45 41.85 -30.18
CA PRO OA 198 -51.82 41.12 -31.40
C PRO OA 198 -52.88 40.06 -31.17
N TYR OA 199 -52.83 39.36 -30.02
CA TYR OA 199 -53.84 38.35 -29.75
C TYR OA 199 -55.21 38.98 -29.50
N GLN OA 200 -55.24 40.14 -28.85
CA GLN OA 200 -56.50 40.86 -28.70
C GLN OA 200 -57.03 41.34 -30.05
N ASN OA 201 -56.12 41.72 -30.96
CA ASN OA 201 -56.55 42.08 -32.31
C ASN OA 201 -57.16 40.88 -33.03
N LEU OA 202 -56.54 39.69 -32.87
CA LEU OA 202 -57.09 38.48 -33.47
C LEU OA 202 -58.45 38.14 -32.87
N LEU OA 203 -58.59 38.29 -31.55
CA LEU OA 203 -59.88 38.01 -30.90
C LEU OA 203 -60.96 38.99 -31.34
N ASP OA 204 -60.60 40.27 -31.50
CA ASP OA 204 -61.57 41.25 -31.97
C ASP OA 204 -61.97 41.00 -33.42
N HIS OA 205 -61.02 40.56 -34.24
CA HIS OA 205 -61.35 40.21 -35.62
C HIS OA 205 -62.22 38.96 -35.68
N LEU OA 206 -61.99 38.00 -34.79
CA LEU OA 206 -62.79 36.79 -34.77
C LEU OA 206 -64.19 37.05 -34.26
N ALA OA 207 -64.34 37.91 -33.25
CA ALA OA 207 -65.65 38.22 -32.70
C ALA OA 207 -66.52 38.92 -33.72
N ASP OA 208 -65.99 39.93 -34.39
CA ASP OA 208 -66.64 40.51 -35.55
C ASP OA 208 -65.62 40.88 -36.61
N PRO OA 209 -65.85 40.49 -37.86
CA PRO OA 209 -64.90 40.86 -38.91
C PRO OA 209 -65.10 42.26 -39.45
N VAL OA 210 -66.35 42.71 -39.54
CA VAL OA 210 -66.64 43.98 -40.22
C VAL OA 210 -66.22 45.17 -39.36
N ASN OA 211 -66.54 45.14 -38.06
CA ASN OA 211 -66.26 46.29 -37.21
C ASN OA 211 -64.78 46.42 -36.89
N ASN OA 212 -64.05 45.32 -36.92
CA ASN OA 212 -62.62 45.31 -36.58
C ASN OA 212 -61.82 44.92 -37.83
N ASN OA 213 -61.33 45.94 -38.53
CA ASN OA 213 -60.48 45.74 -39.70
C ASN OA 213 -59.33 46.74 -39.65
N ILE OA 214 -58.48 46.67 -40.68
CA ILE OA 214 -57.51 47.74 -40.90
C ILE OA 214 -58.21 49.03 -41.26
N LEU OA 215 -59.32 48.93 -42.03
CA LEU OA 215 -60.06 50.11 -42.44
C LEU OA 215 -60.70 50.82 -41.25
N THR OA 216 -61.35 50.07 -40.36
CA THR OA 216 -61.94 50.66 -39.16
C THR OA 216 -60.97 50.64 -37.99
N SER OA 217 -59.74 51.08 -38.23
CA SER OA 217 -58.76 51.28 -37.18
C SER OA 217 -57.88 52.50 -37.41
N LEU OA 218 -58.13 53.28 -38.47
CA LEU OA 218 -57.31 54.45 -38.78
C LEU OA 218 -57.49 55.58 -37.78
N LYS OA 219 -58.50 55.50 -36.91
CA LYS OA 219 -58.67 56.49 -35.86
C LYS OA 219 -57.58 56.39 -34.78
N PHE OA 220 -56.87 55.26 -34.74
CA PHE OA 220 -55.78 54.99 -33.80
C PHE OA 220 -56.24 55.03 -32.34
N HIS OA 221 -55.30 54.87 -31.41
CA HIS OA 221 -55.60 54.92 -29.99
C HIS OA 221 -54.33 55.20 -29.18
N GLU PA 1 59.09 98.00 -17.97
CA GLU PA 1 57.76 97.93 -18.54
C GLU PA 1 56.72 98.43 -17.55
N TRP PA 2 55.71 99.13 -18.05
CA TRP PA 2 54.66 99.68 -17.19
C TRP PA 2 53.85 98.58 -16.51
N MET PA 3 53.56 97.50 -17.23
CA MET PA 3 52.67 96.46 -16.77
C MET PA 3 53.38 95.12 -16.88
N PRO PA 4 53.96 94.60 -15.80
CA PRO PA 4 54.74 93.37 -15.89
C PRO PA 4 53.92 92.18 -16.35
N GLY PA 5 54.56 91.31 -17.13
CA GLY PA 5 53.87 90.16 -17.69
C GLY PA 5 53.00 90.47 -18.88
N GLN PA 6 53.16 91.63 -19.50
CA GLN PA 6 52.36 92.03 -20.65
C GLN PA 6 53.27 92.33 -21.83
N PRO PA 7 52.95 91.82 -23.03
CA PRO PA 7 53.84 92.05 -24.18
C PRO PA 7 53.89 93.52 -24.58
N ARG PA 8 55.05 93.92 -25.08
CA ARG PA 8 55.27 95.29 -25.53
C ARG PA 8 54.61 95.52 -26.89
N PRO PA 9 54.08 96.71 -27.15
CA PRO PA 9 53.60 97.03 -28.49
C PRO PA 9 54.74 97.13 -29.49
N ALA PA 10 54.42 96.86 -30.76
CA ALA PA 10 55.44 96.86 -31.80
C ALA PA 10 55.96 98.27 -32.11
N HIS PA 11 55.19 99.31 -31.79
CA HIS PA 11 55.63 100.67 -32.10
C HIS PA 11 56.76 101.11 -31.18
N LEU PA 12 56.78 100.60 -29.95
CA LEU PA 12 57.74 101.01 -28.94
C LEU PA 12 58.76 99.91 -28.70
N ASP PA 13 60.04 100.30 -28.63
CA ASP PA 13 61.12 99.35 -28.41
C ASP PA 13 61.92 99.62 -27.14
N GLY PA 14 61.59 100.67 -26.38
CA GLY PA 14 62.32 101.01 -25.19
C GLY PA 14 63.50 101.93 -25.38
N SER PA 15 63.80 102.33 -26.62
CA SER PA 15 64.94 103.21 -26.87
C SER PA 15 64.65 104.65 -26.45
N ALA PA 16 63.41 105.08 -26.54
CA ALA PA 16 63.06 106.45 -26.19
C ALA PA 16 63.17 106.67 -24.69
N PRO PA 17 63.43 107.91 -24.25
CA PRO PA 17 63.42 108.19 -22.81
C PRO PA 17 62.01 108.06 -22.25
N GLY PA 18 61.88 107.26 -21.19
CA GLY PA 18 60.57 107.00 -20.62
C GLY PA 18 59.72 106.06 -21.43
N ASP PA 19 60.33 105.23 -22.28
CA ASP PA 19 59.60 104.28 -23.12
C ASP PA 19 59.40 103.01 -22.31
N PHE PA 20 58.25 102.94 -21.63
CA PHE PA 20 57.88 101.78 -20.83
C PHE PA 20 56.88 100.87 -21.53
N GLY PA 21 56.66 101.07 -22.83
CA GLY PA 21 55.77 100.21 -23.59
C GLY PA 21 54.31 100.35 -23.25
N PHE PA 22 53.83 101.56 -22.97
CA PHE PA 22 52.44 101.80 -22.61
C PHE PA 22 51.75 102.53 -23.76
N ASP PA 23 50.95 101.80 -24.53
CA ASP PA 23 50.10 102.37 -25.57
C ASP PA 23 48.94 101.43 -25.83
N PRO PA 24 47.98 101.32 -24.91
CA PRO PA 24 46.87 100.36 -25.08
C PRO PA 24 46.00 100.65 -26.29
N LEU PA 25 45.79 101.92 -26.63
CA LEU PA 25 44.98 102.29 -27.78
C LEU PA 25 45.78 102.34 -29.07
N GLY PA 26 47.10 102.19 -29.00
CA GLY PA 26 47.93 102.22 -30.18
C GLY PA 26 47.91 103.56 -30.89
N LEU PA 27 48.04 104.65 -30.13
CA LEU PA 27 47.97 105.98 -30.75
C LEU PA 27 49.23 106.30 -31.54
N GLY PA 28 50.37 105.75 -31.13
CA GLY PA 28 51.64 106.09 -31.76
C GLY PA 28 52.15 105.08 -32.76
N GLU PA 29 51.27 104.56 -33.61
CA GLU PA 29 51.70 103.62 -34.64
C GLU PA 29 52.57 104.31 -35.69
N VAL PA 30 52.13 105.46 -36.19
CA VAL PA 30 52.87 106.18 -37.22
C VAL PA 30 54.09 106.85 -36.57
N PRO PA 31 55.29 106.67 -37.12
CA PRO PA 31 56.49 107.24 -36.48
C PRO PA 31 56.49 108.76 -36.35
N GLU PA 32 56.01 109.48 -37.37
CA GLU PA 32 55.96 110.93 -37.25
C GLU PA 32 54.86 111.36 -36.29
N ASN PA 33 53.78 110.58 -36.20
CA ASN PA 33 52.77 110.82 -35.17
C ASN PA 33 53.35 110.62 -33.78
N LEU PA 34 54.17 109.58 -33.62
CA LEU PA 34 54.83 109.33 -32.33
C LEU PA 34 55.80 110.46 -31.98
N GLU PA 35 56.51 110.98 -32.97
CA GLU PA 35 57.41 112.11 -32.73
C GLU PA 35 56.64 113.35 -32.30
N ARG PA 36 55.52 113.63 -32.96
CA ARG PA 36 54.66 114.74 -32.56
C ARG PA 36 54.12 114.55 -31.16
N PHE PA 37 53.76 113.30 -30.81
CA PHE PA 37 53.27 113.02 -29.46
C PHE PA 37 54.37 113.21 -28.43
N LYS PA 38 55.61 112.86 -28.77
CA LYS PA 38 56.73 113.09 -27.86
C LYS PA 38 56.91 114.58 -27.60
N GLU PA 39 56.86 115.39 -28.66
CA GLU PA 39 56.99 116.83 -28.49
C GLU PA 39 55.85 117.42 -27.67
N SER PA 40 54.61 117.00 -27.97
CA SER PA 40 53.44 117.53 -27.26
C SER PA 40 53.45 117.09 -25.80
N GLU PA 41 53.84 115.84 -25.53
CA GLU PA 41 53.95 115.37 -24.16
C GLU PA 41 55.01 116.14 -23.39
N LEU PA 42 56.16 116.40 -24.02
CA LEU PA 42 57.20 117.16 -23.35
C LEU PA 42 56.71 118.57 -23.01
N ILE PA 43 56.00 119.20 -23.94
CA ILE PA 43 55.48 120.55 -23.68
C ILE PA 43 54.46 120.52 -22.54
N HIS PA 44 53.55 119.54 -22.55
CA HIS PA 44 52.55 119.41 -21.50
C HIS PA 44 53.19 119.21 -20.13
N CYS PA 45 54.19 118.31 -20.06
CA CYS PA 45 54.87 118.06 -18.79
C CYS PA 45 55.64 119.27 -18.32
N ARG PA 46 56.30 120.01 -19.22
CA ARG PA 46 57.04 121.19 -18.81
C ARG PA 46 56.08 122.27 -18.28
N TRP PA 47 54.93 122.44 -18.92
CA TRP PA 47 53.95 123.40 -18.42
C TRP PA 47 53.41 122.99 -17.06
N ALA PA 48 53.15 121.69 -16.84
CA ALA PA 48 52.70 121.25 -15.53
C ALA PA 48 53.78 121.38 -14.46
N MET PA 49 55.04 121.18 -14.85
CA MET PA 49 56.15 121.41 -13.93
C MET PA 49 56.22 122.87 -13.50
N LEU PA 50 56.01 123.80 -14.44
CA LEU PA 50 55.92 125.19 -14.05
C LEU PA 50 54.66 125.47 -13.25
N ALA PA 51 53.63 124.64 -13.44
CA ALA PA 51 52.35 124.85 -12.76
C ALA PA 51 52.42 124.51 -11.29
N VAL PA 52 53.03 123.38 -10.94
CA VAL PA 52 52.85 122.82 -9.60
C VAL PA 52 53.40 123.72 -8.49
N PRO PA 53 54.65 124.23 -8.56
CA PRO PA 53 55.02 125.27 -7.57
C PRO PA 53 54.18 126.54 -7.70
N GLY PA 54 53.80 126.91 -8.92
CA GLY PA 54 52.97 128.08 -9.12
C GLY PA 54 51.60 127.98 -8.50
N ILE PA 55 51.17 126.77 -8.16
CA ILE PA 55 49.93 126.56 -7.43
C ILE PA 55 50.18 126.39 -5.93
N LEU PA 56 51.21 125.65 -5.56
CA LEU PA 56 51.45 125.36 -4.15
C LEU PA 56 51.97 126.57 -3.39
N VAL PA 57 52.95 127.29 -3.96
CA VAL PA 57 53.60 128.39 -3.23
C VAL PA 57 52.66 129.54 -2.90
N PRO PA 58 51.84 130.07 -3.83
CA PRO PA 58 50.90 131.14 -3.42
C PRO PA 58 49.92 130.72 -2.35
N GLU PA 59 49.55 129.43 -2.28
CA GLU PA 59 48.69 128.96 -1.20
C GLU PA 59 49.46 128.89 0.11
N ALA PA 60 50.75 128.52 0.06
CA ALA PA 60 51.53 128.38 1.29
C ALA PA 60 51.86 129.75 1.90
N LEU PA 61 51.94 130.79 1.08
CA LEU PA 61 52.28 132.13 1.55
C LEU PA 61 51.05 132.93 1.97
N GLY PA 62 49.87 132.33 1.96
CA GLY PA 62 48.68 133.01 2.42
C GLY PA 62 48.12 134.05 1.47
N LEU PA 63 48.26 133.84 0.17
CA LEU PA 63 47.70 134.75 -0.83
C LEU PA 63 46.42 134.21 -1.45
N GLY PA 64 45.83 133.18 -0.85
CA GLY PA 64 44.68 132.52 -1.44
C GLY PA 64 45.04 131.16 -1.96
N ASN PA 65 44.57 130.82 -3.16
CA ASN PA 65 44.95 129.57 -3.82
C ASN PA 65 44.94 129.81 -5.33
N TRP PA 66 45.00 128.72 -6.09
CA TRP PA 66 45.04 128.84 -7.54
C TRP PA 66 43.67 129.06 -8.16
N VAL PA 67 42.60 129.02 -7.38
CA VAL PA 67 41.28 129.40 -7.86
C VAL PA 67 40.85 130.77 -7.34
N LYS PA 68 41.43 131.25 -6.24
CA LYS PA 68 41.15 132.61 -5.77
C LYS PA 68 41.81 133.63 -6.68
N ALA PA 69 42.99 133.30 -7.23
CA ALA PA 69 43.78 134.24 -8.02
C ALA PA 69 43.10 134.58 -9.35
N GLN PA 70 42.09 133.81 -9.72
CA GLN PA 70 41.31 134.08 -10.92
C GLN PA 70 39.94 134.68 -10.62
N GLU PA 71 39.65 135.00 -9.36
CA GLU PA 71 38.34 135.56 -9.03
C GLU PA 71 38.21 137.01 -9.49
N TRP PA 72 39.31 137.77 -9.47
CA TRP PA 72 39.25 139.20 -9.72
C TRP PA 72 38.74 139.50 -11.13
N ALA PA 73 39.10 138.66 -12.10
CA ALA PA 73 38.63 138.88 -13.47
C ALA PA 73 37.14 138.62 -13.59
N ALA PA 74 36.57 137.80 -12.71
CA ALA PA 74 35.14 137.58 -12.72
C ALA PA 74 34.38 138.83 -12.27
N LEU PA 75 34.91 139.54 -11.28
CA LEU PA 75 34.28 140.73 -10.77
C LEU PA 75 34.36 141.88 -11.79
N PRO PA 76 33.35 142.75 -11.84
CA PRO PA 76 33.42 143.89 -12.75
C PRO PA 76 34.44 144.92 -12.26
N GLY PA 77 35.35 145.29 -13.14
CA GLY PA 77 36.43 146.20 -12.77
C GLY PA 77 37.37 145.62 -11.74
N GLY PA 78 37.70 144.34 -11.86
CA GLY PA 78 38.56 143.71 -10.88
C GLY PA 78 40.01 144.16 -11.01
N GLN PA 79 40.72 144.09 -9.89
CA GLN PA 79 42.12 144.48 -9.81
C GLN PA 79 42.95 143.28 -9.38
N ALA PA 80 43.98 142.96 -10.17
CA ALA PA 80 44.86 141.86 -9.85
C ALA PA 80 45.85 142.26 -8.78
N THR PA 81 46.28 141.29 -7.97
CA THR PA 81 47.23 141.52 -6.89
C THR PA 81 48.43 140.59 -7.04
N TYR PA 82 49.62 141.12 -6.80
CA TYR PA 82 50.84 140.33 -6.73
C TYR PA 82 51.54 140.62 -5.42
N LEU PA 83 51.81 139.57 -4.65
CA LEU PA 83 52.43 139.65 -3.32
C LEU PA 83 51.63 140.57 -2.38
N GLY PA 84 50.31 140.58 -2.54
CA GLY PA 84 49.45 141.45 -1.76
C GLY PA 84 49.38 142.87 -2.26
N ASN PA 85 50.06 143.20 -3.36
CA ASN PA 85 50.07 144.55 -3.91
C ASN PA 85 49.33 144.60 -5.23
N PRO PA 86 48.48 145.59 -5.45
CA PRO PA 86 47.68 145.64 -6.69
C PRO PA 86 48.50 146.22 -7.83
N VAL PA 87 48.59 145.47 -8.93
CA VAL PA 87 49.30 145.96 -10.11
C VAL PA 87 48.44 147.01 -10.81
N PRO PA 88 48.98 148.21 -11.09
CA PRO PA 88 48.15 149.28 -11.68
C PRO PA 88 47.58 148.94 -13.05
N TRP PA 89 48.30 148.18 -13.87
CA TRP PA 89 47.85 147.84 -15.21
C TRP PA 89 47.22 146.44 -15.27
N GLY PA 90 46.96 145.83 -14.13
CA GLY PA 90 46.43 144.48 -14.10
C GLY PA 90 44.93 144.40 -14.27
N ASN PA 91 44.45 144.70 -15.48
CA ASN PA 91 43.05 144.55 -15.83
C ASN PA 91 42.93 143.50 -16.93
N LEU PA 92 41.73 142.92 -17.04
CA LEU PA 92 41.52 141.78 -17.93
C LEU PA 92 41.81 142.07 -19.40
N PRO PA 93 41.37 143.19 -20.00
CA PRO PA 93 41.76 143.42 -21.41
C PRO PA 93 43.26 143.57 -21.61
N THR PA 94 43.94 144.31 -20.73
CA THR PA 94 45.39 144.50 -20.87
C THR PA 94 46.14 143.18 -20.65
N ILE PA 95 45.74 142.41 -19.63
CA ILE PA 95 46.40 141.14 -19.34
C ILE PA 95 46.20 140.16 -20.49
N LEU PA 96 44.97 140.07 -21.00
CA LEU PA 96 44.69 139.18 -22.12
C LEU PA 96 45.42 139.61 -23.38
N ALA PA 97 45.52 140.92 -23.61
CA ALA PA 97 46.20 141.42 -24.80
C ALA PA 97 47.70 141.13 -24.74
N ILE PA 98 48.33 141.38 -23.60
CA ILE PA 98 49.76 141.10 -23.49
C ILE PA 98 50.03 139.60 -23.50
N GLU PA 99 49.11 138.79 -22.95
CA GLU PA 99 49.27 137.34 -23.01
C GLU PA 99 49.17 136.84 -24.45
N PHE PA 100 48.22 137.37 -25.22
CA PHE PA 100 48.11 136.95 -26.62
C PHE PA 100 49.31 137.44 -27.43
N LEU PA 101 49.81 138.64 -27.13
CA LEU PA 101 50.92 139.18 -27.91
C LEU PA 101 52.22 138.44 -27.62
N ALA PA 102 52.51 138.15 -26.34
CA ALA PA 102 53.79 137.58 -25.98
C ALA PA 102 53.79 136.05 -25.96
N ILE PA 103 52.64 135.43 -25.71
CA ILE PA 103 52.54 133.97 -25.81
C ILE PA 103 52.59 133.54 -27.26
N ALA PA 104 51.96 134.29 -28.16
CA ALA PA 104 52.31 134.17 -29.56
C ALA PA 104 53.69 134.79 -29.78
N PHE PA 105 54.33 134.39 -30.89
CA PHE PA 105 55.67 134.81 -31.29
C PHE PA 105 56.74 134.15 -30.40
N VAL PA 106 56.32 133.45 -29.35
CA VAL PA 106 57.24 132.60 -28.61
C VAL PA 106 56.81 131.15 -28.82
N GLU PA 107 55.54 130.96 -29.15
CA GLU PA 107 55.06 129.68 -29.65
C GLU PA 107 55.19 129.57 -31.16
N HIS PA 108 55.51 130.68 -31.83
CA HIS PA 108 55.70 130.70 -33.28
C HIS PA 108 57.13 130.31 -33.67
N GLN PA 109 58.12 130.84 -32.95
CA GLN PA 109 59.50 130.44 -33.19
C GLN PA 109 59.72 128.98 -32.85
N ARG PA 110 58.97 128.45 -31.88
CA ARG PA 110 59.09 127.03 -31.54
C ARG PA 110 58.63 126.14 -32.70
N SER PA 111 57.70 126.63 -33.52
CA SER PA 111 57.23 125.89 -34.69
C SER PA 111 58.10 126.10 -35.92
N MET PA 112 59.03 127.06 -35.89
CA MET PA 112 59.90 127.29 -37.05
C MET PA 112 60.92 126.18 -37.22
N GLU PA 113 61.40 125.59 -36.12
CA GLU PA 113 62.39 124.54 -36.20
C GLU PA 113 61.79 123.28 -36.80
N LYS PA 114 62.58 122.60 -37.63
CA LYS PA 114 62.15 121.35 -38.26
C LYS PA 114 62.84 120.12 -37.72
N ASP PA 115 63.98 120.28 -37.05
CA ASP PA 115 64.64 119.14 -36.42
C ASP PA 115 63.82 118.64 -35.25
N SER PA 116 63.57 117.33 -35.22
CA SER PA 116 62.73 116.75 -34.17
C SER PA 116 63.42 116.81 -32.81
N GLU PA 117 64.72 116.51 -32.78
CA GLU PA 117 65.48 116.60 -31.54
C GLU PA 117 65.54 118.05 -31.04
N LYS PA 118 65.70 119.00 -31.96
CA LYS PA 118 65.69 120.41 -31.56
C LYS PA 118 64.28 120.88 -31.21
N LYS PA 119 63.25 120.26 -31.80
CA LYS PA 119 61.88 120.56 -31.41
C LYS PA 119 61.61 120.11 -29.97
N LYS PA 120 62.15 118.94 -29.59
CA LYS PA 120 62.01 118.48 -28.22
C LYS PA 120 63.02 119.16 -27.30
N TYR PA 121 64.31 119.06 -27.62
CA TYR PA 121 65.40 119.59 -26.80
C TYR PA 121 66.20 120.57 -27.65
N PRO PA 122 65.90 121.88 -27.56
CA PRO PA 122 66.56 122.83 -28.47
C PRO PA 122 68.02 123.09 -28.13
N GLY PA 123 68.36 123.17 -26.84
CA GLY PA 123 69.73 123.51 -26.48
C GLY PA 123 70.04 124.97 -26.77
N GLY PA 124 71.32 125.25 -26.96
CA GLY PA 124 71.77 126.59 -27.25
C GLY PA 124 71.59 127.55 -26.08
N ALA PA 125 70.78 128.59 -26.29
CA ALA PA 125 70.52 129.55 -25.22
C ALA PA 125 69.68 128.96 -24.09
N PHE PA 126 68.96 127.88 -24.35
CA PHE PA 126 68.12 127.25 -23.35
C PHE PA 126 68.89 126.25 -22.48
N ASP PA 127 70.17 126.03 -22.76
CA ASP PA 127 71.02 125.16 -21.95
C ASP PA 127 72.29 125.94 -21.62
N PRO PA 128 72.21 126.89 -20.68
CA PRO PA 128 73.39 127.72 -20.40
C PRO PA 128 74.38 127.08 -19.44
N LEU PA 129 73.99 126.05 -18.70
CA LEU PA 129 74.87 125.40 -17.74
C LEU PA 129 75.62 124.21 -18.33
N GLY PA 130 75.38 123.88 -19.60
CA GLY PA 130 76.10 122.80 -20.25
C GLY PA 130 75.81 121.42 -19.71
N TYR PA 131 74.55 121.15 -19.34
CA TYR PA 131 74.18 119.84 -18.80
C TYR PA 131 73.95 118.81 -19.89
N SER PA 132 73.84 119.23 -21.15
CA SER PA 132 73.60 118.32 -22.26
C SER PA 132 74.87 117.98 -23.03
N LYS PA 133 76.04 118.37 -22.52
CA LYS PA 133 77.29 118.12 -23.23
C LYS PA 133 77.67 116.65 -23.19
N ASP PA 134 77.57 116.02 -22.01
CA ASP PA 134 77.87 114.61 -21.87
C ASP PA 134 76.66 113.78 -22.26
N PRO PA 135 76.79 112.80 -23.16
CA PRO PA 135 75.60 112.11 -23.68
C PRO PA 135 74.90 111.22 -22.65
N LYS PA 136 75.66 110.49 -21.83
CA LYS PA 136 75.04 109.57 -20.86
C LYS PA 136 74.23 110.34 -19.83
N LYS PA 137 74.80 111.42 -19.28
CA LYS PA 137 74.04 112.27 -18.37
C LYS PA 137 72.91 112.98 -19.09
N PHE PA 138 73.05 113.20 -20.39
CA PHE PA 138 71.96 113.79 -21.18
C PHE PA 138 70.75 112.86 -21.22
N GLU PA 139 70.99 111.56 -21.49
CA GLU PA 139 69.88 110.60 -21.49
C GLU PA 139 69.31 110.41 -20.09
N GLU PA 140 70.18 110.41 -19.06
CA GLU PA 140 69.70 110.30 -17.69
C GLU PA 140 68.81 111.47 -17.32
N LEU PA 141 69.20 112.69 -17.70
CA LEU PA 141 68.37 113.86 -17.45
C LEU PA 141 67.09 113.84 -18.26
N LYS PA 142 67.14 113.27 -19.48
CA LYS PA 142 65.92 113.08 -20.27
C LYS PA 142 64.94 112.19 -19.52
N LEU PA 143 65.42 111.06 -18.99
CA LEU PA 143 64.54 110.16 -18.25
C LEU PA 143 64.01 110.82 -16.99
N LYS PA 144 64.86 111.56 -16.27
CA LYS PA 144 64.41 112.26 -15.07
C LYS PA 144 63.35 113.30 -15.40
N GLU PA 145 63.55 114.06 -16.47
CA GLU PA 145 62.57 115.04 -16.91
C GLU PA 145 61.25 114.37 -17.25
N ILE PA 146 61.31 113.25 -17.98
CA ILE PA 146 60.09 112.55 -18.37
C ILE PA 146 59.33 112.07 -17.14
N LYS PA 147 60.04 111.49 -16.17
CA LYS PA 147 59.36 110.93 -15.00
C LYS PA 147 58.77 112.02 -14.12
N ASN PA 148 59.56 113.07 -13.84
CA ASN PA 148 59.03 114.18 -13.05
C ASN PA 148 57.88 114.88 -13.76
N GLY PA 149 57.91 114.94 -15.09
CA GLY PA 149 56.83 115.59 -15.81
C GLY PA 149 55.55 114.78 -15.82
N ARG PA 150 55.66 113.46 -15.96
CA ARG PA 150 54.48 112.61 -15.82
C ARG PA 150 53.89 112.71 -14.42
N LEU PA 151 54.76 112.80 -13.41
CA LEU PA 151 54.29 113.04 -12.04
C LEU PA 151 53.57 114.37 -11.93
N ALA PA 152 54.09 115.40 -12.61
CA ALA PA 152 53.45 116.72 -12.60
C ALA PA 152 52.08 116.68 -13.28
N LEU PA 153 51.97 115.94 -14.38
CA LEU PA 153 50.68 115.79 -15.05
C LEU PA 153 49.67 115.10 -14.14
N LEU PA 154 50.10 114.03 -13.45
CA LEU PA 154 49.23 113.38 -12.49
C LEU PA 154 48.84 114.33 -11.37
N ALA PA 155 49.78 115.17 -10.92
CA ALA PA 155 49.48 116.15 -9.89
C ALA PA 155 48.46 117.18 -10.36
N PHE PA 156 48.52 117.56 -11.63
CA PHE PA 156 47.56 118.52 -12.15
C PHE PA 156 46.17 117.90 -12.29
N VAL PA 157 46.11 116.62 -12.67
CA VAL PA 157 44.83 115.91 -12.66
C VAL PA 157 44.28 115.88 -11.25
N GLY PA 158 45.14 115.63 -10.26
CA GLY PA 158 44.71 115.71 -8.87
C GLY PA 158 44.21 117.09 -8.49
N PHE PA 159 44.88 118.12 -8.98
CA PHE PA 159 44.45 119.50 -8.74
C PHE PA 159 43.03 119.72 -9.24
N CYS PA 160 42.78 119.37 -10.50
CA CYS PA 160 41.46 119.60 -11.10
C CYS PA 160 40.39 118.77 -10.41
N ILE PA 161 40.69 117.51 -10.11
CA ILE PA 161 39.67 116.63 -9.51
C ILE PA 161 39.36 117.05 -8.09
N GLN PA 162 40.39 117.46 -7.32
CA GLN PA 162 40.15 117.92 -5.96
C GLN PA 162 39.43 119.27 -5.94
N GLN PA 163 39.66 120.11 -6.95
CA GLN PA 163 38.90 121.36 -7.04
C GLN PA 163 37.45 121.09 -7.40
N SER PA 164 37.19 120.12 -8.28
CA SER PA 164 35.82 119.76 -8.60
C SER PA 164 35.10 119.13 -7.41
N ALA PA 165 35.80 118.28 -6.65
CA ALA PA 165 35.21 117.63 -5.50
C ALA PA 165 34.98 118.62 -4.36
N TYR PA 166 35.96 119.48 -4.11
CA TYR PA 166 35.88 120.50 -3.06
C TYR PA 166 35.95 121.86 -3.75
N PRO PA 167 34.81 122.45 -4.10
CA PRO PA 167 34.83 123.73 -4.82
C PRO PA 167 35.34 124.86 -3.95
N GLY PA 168 36.12 125.74 -4.57
CA GLY PA 168 36.59 126.96 -3.93
C GLY PA 168 37.51 126.78 -2.74
N THR PA 169 38.52 125.92 -2.87
CA THR PA 169 39.52 125.77 -1.83
C THR PA 169 40.84 125.35 -2.46
N GLY PA 170 41.88 125.27 -1.62
CA GLY PA 170 43.21 125.00 -2.09
C GLY PA 170 43.65 123.57 -1.84
N PRO PA 171 44.61 123.11 -2.66
CA PRO PA 171 45.14 121.73 -2.48
C PRO PA 171 45.82 121.51 -1.14
N LEU PA 172 46.51 122.53 -0.61
CA LEU PA 172 47.14 122.36 0.71
C LEU PA 172 46.08 122.30 1.81
N GLU PA 173 44.93 122.95 1.60
CA GLU PA 173 43.82 122.78 2.53
C GLU PA 173 43.31 121.35 2.52
N ASN PA 174 43.26 120.73 1.34
CA ASN PA 174 42.89 119.31 1.24
C ASN PA 174 43.93 118.43 1.92
N LEU PA 175 45.21 118.77 1.77
CA LEU PA 175 46.27 118.01 2.43
C LEU PA 175 46.16 118.13 3.95
N ALA PA 176 45.86 119.32 4.46
CA ALA PA 176 45.67 119.50 5.90
C ALA PA 176 44.42 118.76 6.39
N THR PA 177 43.37 118.73 5.56
CA THR PA 177 42.17 117.97 5.90
C THR PA 177 42.47 116.49 6.00
N HIS PA 178 43.27 115.97 5.06
CA HIS PA 178 43.70 114.57 5.15
C HIS PA 178 44.56 114.33 6.37
N LEU PA 179 45.46 115.26 6.68
CA LEU PA 179 46.37 115.08 7.81
C LEU PA 179 45.68 115.25 9.16
N ALA PA 180 44.48 115.85 9.18
CA ALA PA 180 43.77 116.03 10.44
C ALA PA 180 43.34 114.69 11.02
N ASP PA 181 42.70 113.85 10.21
CA ASP PA 181 42.27 112.51 10.62
C ASP PA 181 42.12 111.64 9.38
N PRO PA 182 43.21 111.02 8.91
CA PRO PA 182 43.20 110.41 7.57
C PRO PA 182 42.21 109.27 7.39
N TRP PA 183 41.77 108.63 8.47
CA TRP PA 183 40.88 107.49 8.38
C TRP PA 183 39.43 107.87 8.19
N HIS PA 184 39.11 109.17 8.10
CA HIS PA 184 37.71 109.57 8.00
C HIS PA 184 37.43 110.49 6.82
N ASN PA 185 38.36 111.38 6.47
CA ASN PA 185 38.16 112.31 5.36
C ASN PA 185 39.17 112.03 4.26
N ASN PA 186 38.71 111.49 3.14
CA ASN PA 186 39.54 111.12 2.00
C ASN PA 186 38.63 110.98 0.78
N ILE PA 187 39.15 110.33 -0.28
CA ILE PA 187 38.39 110.11 -1.50
C ILE PA 187 37.15 109.26 -1.27
N GLY PA 188 37.11 108.49 -0.18
CA GLY PA 188 35.99 107.58 0.06
C GLY PA 188 34.67 108.29 0.28
N ASP PA 189 34.70 109.45 0.95
CA ASP PA 189 33.47 110.17 1.23
C ASP PA 189 32.79 110.66 -0.03
N ILE PA 190 33.57 111.12 -1.02
CA ILE PA 190 32.94 111.57 -2.26
C ILE PA 190 32.66 110.39 -3.18
N VAL PA 191 33.43 109.29 -3.04
CA VAL PA 191 33.20 108.17 -3.94
C VAL PA 191 31.95 107.39 -3.50
N ILE PA 192 31.61 107.46 -2.22
CA ILE PA 192 30.35 106.95 -1.69
C ILE PA 192 29.81 108.02 -0.73
N PRO PA 193 28.93 108.92 -1.19
CA PRO PA 193 28.35 109.97 -0.34
C PRO PA 193 27.48 109.44 0.79
C1 BCR QA . 0.19 11.54 10.29
C2 BCR QA . 1.09 10.33 10.61
C3 BCR QA . 0.83 9.11 9.75
C4 BCR QA . -0.63 8.75 9.88
C5 BCR QA . -1.51 9.90 9.51
C6 BCR QA . -1.19 11.17 9.80
C7 BCR QA . -2.27 12.14 10.02
C8 BCR QA . -2.57 13.20 9.26
C9 BCR QA . -3.66 14.14 9.49
C10 BCR QA . -4.53 13.91 10.50
C11 BCR QA . -5.66 14.75 10.87
C33 BCR QA . -2.80 9.44 8.97
C31 BCR QA . 0.94 12.38 9.26
C32 BCR QA . 0.09 12.34 11.59
C34 BCR QA . -3.80 15.34 8.63
C12 BCR QA . -6.65 14.28 11.65
C13 BCR QA . -7.82 15.02 12.08
C14 BCR QA . -8.80 14.41 12.76
C15 BCR QA . -9.98 15.10 13.20
C16 BCR QA . -11.03 14.54 13.86
C17 BCR QA . -11.10 13.14 14.21
C18 BCR QA . -12.21 12.63 14.78
C19 BCR QA . -12.26 11.22 15.14
C20 BCR QA . -13.30 10.64 15.77
C21 BCR QA . -13.26 9.23 16.09
C22 BCR QA . -14.13 8.61 16.91
C23 BCR QA . -13.95 7.18 17.14
C24 BCR QA . -14.93 6.31 17.38
C25 BCR QA . -14.76 4.87 17.62
C26 BCR QA . -14.76 4.34 18.85
C27 BCR QA . -15.05 2.91 19.12
C28 BCR QA . -14.71 2.02 17.94
C29 BCR QA . -15.31 2.56 16.66
C30 BCR QA . -15.03 4.04 16.38
C35 BCR QA . -7.87 16.46 11.71
C36 BCR QA . -13.41 13.46 15.07
C37 BCR QA . -15.23 9.34 17.56
C38 BCR QA . -14.34 5.07 20.07
C39 BCR QA . -16.22 4.63 15.62
C40 BCR QA . -13.80 4.09 15.47
C44 PGT RA . -12.71 11.72 5.08
C43 PGT RA . -12.27 11.28 6.47
C42 PGT RA . -13.43 11.09 7.45
C41 PGT RA . -12.97 10.77 8.86
C40 PGT RA . -11.98 11.78 9.41
C39 PGT RA . -12.29 12.21 10.85
C38 PGT RA . -13.58 13.02 10.96
C37 PGT RA . -14.66 12.32 11.76
C36 PGT RA . -16.04 12.93 11.55
C35 PGT RA . -16.06 14.44 11.75
C34 PGT RA . -17.39 15.07 11.38
C33 PGT RA . -18.56 14.34 12.04
C32 PGT RA . -19.85 14.47 11.25
C31 PGT RA . -20.69 15.66 11.65
O31 PGT RA . -20.55 16.29 12.65
O2 PGT RA . -21.61 15.90 10.73
C2 PGT RA . -22.16 17.22 10.61
C1 PGT RA . -23.67 17.22 10.82
O3P PGT RA . -24.29 18.36 10.29
P PGT RA . -25.48 19.09 11.15
O1P PGT RA . -26.78 18.37 10.94
O2P PGT RA . -25.43 20.58 10.96
O4P PGT RA . -24.84 18.67 12.60
C4 PGT RA . -25.55 19.03 13.77
C5 PGT RA . -26.40 17.84 14.24
O5 PGT RA . -27.28 17.36 13.24
C6 PGT RA . -27.13 18.23 15.51
O6 PGT RA . -26.21 18.81 16.42
C3 PGT RA . -21.69 17.79 9.28
O3 PGT RA . -21.80 16.83 8.24
C11 PGT RA . -20.72 16.16 7.86
O11 PGT RA . -20.67 14.95 7.82
C12 PGT RA . -19.57 17.07 7.47
C13 PGT RA . -18.21 16.38 7.57
C14 PGT RA . -17.84 15.66 6.29
C20 A1H1M SA . 1.23 24.48 -11.63
C01 A1H1M SA . -4.21 27.43 4.37
C02 A1H1M SA . -3.23 26.37 3.91
C03 A1H1M SA . -1.96 26.95 3.30
C04 A1H1M SA . -1.68 26.47 1.87
C05 A1H1M SA . -2.07 25.04 1.53
C06 A1H1M SA . -1.76 24.69 0.09
C08 A1H1M SA . -1.95 25.51 -2.49
C09 A1H1M SA . -2.87 24.42 -2.98
C11 A1H1M SA . -1.84 24.81 -5.36
C16 A1H1M SA . -0.16 26.88 -8.45
C18 A1H1M SA . -0.60 24.99 -10.17
C07 A1H1M SA . -2.28 25.66 -0.98
C10 A1H1M SA . -2.47 23.83 -4.31
O12 A1H1M SA . -2.70 24.91 -6.48
C13 A1H1M SA . -2.15 24.35 -7.66
O14 A1H1M SA . -0.79 24.65 -7.66
C15 A1H1M SA . -0.15 25.33 -8.72
O17 A1H1M SA . 1.09 27.36 -8.84
O19 A1H1M SA . 0.28 24.00 -10.71
O21 A1H1M SA . 2.20 25.14 -10.83
C22 A1H1M SA . 3.04 24.35 -10.03
C23 A1H1M SA . 4.03 25.25 -9.24
O24 A1H1M SA . 5.29 24.67 -9.37
C25 A1H1M SA . 3.77 23.24 -10.80
O26 A1H1M SA . 4.37 22.37 -9.88
C27 A1H1M SA . 2.76 22.37 -11.56
O28 A1H1M SA . 3.46 21.55 -12.45
C29 A1H1M SA . 1.80 23.26 -12.44
O30 A1H1M SA . 0.73 22.50 -12.85
C31 A1H1M SA . -2.04 24.41 -10.20
O32 A1H1M SA . -2.70 25.01 -11.28
C33 A1H1M SA . -2.87 24.80 -8.96
O34 A1H1M SA . -4.08 24.11 -9.01
C35 A1H1M SA . -1.41 26.19 -4.79
C36 A1H1M SA . -2.07 26.64 -3.48
C37 A1H1M SA . -1.93 27.09 -0.56
C38 A1H1M SA . -2.38 27.39 0.86
C1 LMG TA . -3.35 -2.92 56.45
O1 LMG TA . -2.26 -3.07 57.31
C2 LMG TA . -4.62 -3.33 57.26
O2 LMG TA . -4.87 -4.66 56.93
C3 LMG TA . -5.74 -2.43 56.71
O3 LMG TA . -6.95 -2.94 57.16
C4 LMG TA . -5.47 -1.02 57.29
O4 LMG TA . -5.51 -1.15 58.68
C5 LMG TA . -4.06 -0.53 56.79
O5 LMG TA . -2.11 0.67 57.50
C6 LMG TA . -3.18 -0.08 58.01
O6 LMG TA . -3.36 -1.53 55.99
C7 LMG TA . -0.99 -2.89 56.68
C8 LMG TA . -0.70 -4.23 55.97
C9 LMG TA . 0.70 -4.28 55.32
O7 LMG TA . -0.79 -5.23 56.97
C10 LMG TA . -1.77 -6.19 56.76
O9 LMG TA . -2.85 -6.15 57.27
C11 LMG TA . -1.27 -7.26 55.82
C12 LMG TA . -1.94 -8.58 56.21
C13 LMG TA . -2.80 -9.08 55.06
C14 LMG TA . -1.88 -9.52 53.92
C15 LMG TA . -2.76 -10.18 52.88
C16 LMG TA . -2.11 -10.11 51.52
C17 LMG TA . -3.25 -10.22 50.51
C18 LMG TA . -2.71 -10.38 49.11
C19 LMG TA . -3.86 -10.66 48.17
C20 LMG TA . -3.33 -10.50 46.76
O8 LMG TA . 1.18 -2.96 55.06
C28 LMG TA . 2.39 -2.96 54.35
O10 LMG TA . 3.39 -2.57 54.88
C29 LMG TA . 2.20 -3.49 52.95
C30 LMG TA . 1.54 -2.60 51.89
C31 LMG TA . 2.49 -1.75 51.07
C32 LMG TA . 1.76 -0.50 50.55
C33 LMG TA . 2.73 0.44 49.84
C34 LMG TA . 2.49 1.89 50.24
C35 LMG TA . 2.82 2.06 51.72
C36 LMG TA . 4.28 1.76 52.02
C37 LMG TA . 4.44 1.16 53.42
C38 LMG TA . 5.43 -0.01 53.43
C38 PGT UA . -27.31 -109.62 45.63
C37 PGT UA . -28.70 -109.63 45.05
C36 PGT UA . -29.75 -110.23 45.99
C35 PGT UA . -30.84 -109.25 46.38
C34 PGT UA . -30.33 -107.98 47.02
C33 PGT UA . -31.42 -107.21 47.75
C32 PGT UA . -30.91 -105.94 48.43
C31 PGT UA . -30.28 -106.17 49.77
O31 PGT UA . -29.57 -107.10 50.05
O2 PGT UA . -30.58 -105.19 50.62
C2 PGT UA . -31.88 -105.13 51.22
C1 PGT UA . -32.01 -103.88 52.08
O3P PGT UA . -33.35 -103.53 52.36
P PGT UA . -33.71 -102.95 53.84
O1P PGT UA . -34.90 -102.05 53.76
O2P PGT UA . -33.69 -104.05 54.86
O4P PGT UA . -32.33 -102.06 53.93
C4 PGT UA . -31.75 -101.86 55.20
C5 PGT UA . -32.70 -101.01 56.05
O5 PGT UA . -32.71 -99.66 55.65
C6 PGT UA . -32.33 -101.18 57.51
O6 PGT UA . -30.95 -101.00 57.68
C3 PGT UA . -32.11 -106.44 51.94
O3 PGT UA . -33.15 -106.34 52.91
C11 PGT UA . -33.15 -107.22 53.90
O11 PGT UA . -33.14 -106.89 55.06
C12 PGT UA . -33.18 -108.64 53.42
C13 PGT UA . -32.07 -109.50 54.02
C14 PGT UA . -31.87 -110.79 53.25
C15 PGT UA . -31.47 -110.58 51.79
C16 PGT UA . -31.42 -111.87 51.00
C17 PGT UA . -30.94 -111.68 49.56
C42 PGT VA . -8.71 -90.82 45.68
C41 PGT VA . -7.60 -89.90 46.19
C40 PGT VA . -6.27 -90.61 46.39
C39 PGT VA . -5.26 -89.77 47.15
C38 PGT VA . -4.46 -88.80 46.28
C37 PGT VA . -3.29 -88.17 47.00
C36 PGT VA . -2.26 -89.18 47.50
C35 PGT VA . -1.38 -88.65 48.62
C34 PGT VA . -0.46 -87.53 48.18
C33 PGT VA . 0.65 -88.01 47.26
C32 PGT VA . 0.92 -87.05 46.11
C31 PGT VA . 0.43 -87.55 44.79
O31 PGT VA . -0.35 -88.46 44.64
O2 PGT VA . 0.97 -86.87 43.78
C2 PGT VA . 0.91 -87.43 42.46
C1 PGT VA . 2.28 -87.43 41.80
O3P PGT VA . 3.10 -86.39 42.29
P PGT VA . 4.30 -86.78 43.33
O1P PGT VA . 5.19 -85.59 43.56
O2P PGT VA . 3.79 -87.54 44.51
O4P PGT VA . 5.03 -87.78 42.25
C4 PGT VA . 6.25 -88.39 42.62
C5 PGT VA . 6.79 -89.19 41.45
O5 PGT VA . 6.74 -88.47 40.24
C6 PGT VA . 6.09 -90.53 41.37
O6 PGT VA . 4.77 -90.34 40.93
C3 PGT VA . -0.17 -86.69 41.71
O3 PGT VA . -1.42 -86.90 42.36
C11 PGT VA . -2.49 -87.12 41.60
O11 PGT VA . -2.59 -86.74 40.46
C12 PGT VA . -3.53 -87.91 42.35
C13 PGT VA . -4.78 -87.10 42.65
C14 PGT VA . -5.90 -87.36 41.63
C15 PGT VA . -7.19 -87.84 42.27
C16 PGT VA . -8.33 -87.97 41.27
C17 PGT VA . -9.71 -87.89 41.92
C18 PGT VA . -10.84 -87.70 40.92
C42 PGT WA . -49.33 -74.02 20.89
C41 PGT WA . -48.09 -74.50 21.61
C40 PGT WA . -48.15 -75.95 22.04
C39 PGT WA . -49.46 -76.35 22.69
C38 PGT WA . -49.57 -76.01 24.14
C37 PGT WA . -50.56 -76.84 24.89
C36 PGT WA . -51.48 -77.65 24.01
C35 PGT WA . -52.86 -77.08 23.89
C34 PGT WA . -53.94 -77.97 24.47
C33 PGT WA . -53.74 -78.30 25.94
C32 PGT WA . -54.81 -79.20 26.47
C31 PGT WA . -54.29 -80.52 26.95
O31 PGT WA . -54.19 -80.84 28.10
O2 PGT WA . -53.91 -81.32 25.95
C2 PGT WA . -54.95 -82.07 25.24
C1 PGT WA . -55.58 -83.06 26.20
O3P PGT WA . -57.00 -82.75 26.29
P PGT WA . -57.66 -82.54 27.74
O1P PGT WA . -59.15 -82.44 27.55
O2P PGT WA . -57.08 -83.56 28.67
O4P PGT WA . -57.14 -81.07 28.16
C4 PGT WA . -58.10 -79.98 28.24
C5 PGT WA . -57.59 -78.93 29.20
O5 PGT WA . -57.22 -77.76 28.47
C6 PGT WA . -56.43 -79.39 30.06
O6 PGT WA . -55.74 -78.30 30.66
C3 PGT WA . -54.32 -82.72 24.04
O3 PGT WA . -54.13 -81.72 23.02
C11 PGT WA . -53.05 -81.85 22.26
O11 PGT WA . -52.26 -82.74 22.39
C12 PGT WA . -52.97 -80.76 21.24
C13 PGT WA . -51.58 -80.30 20.96
C14 PGT WA . -50.96 -81.02 19.77
C15 PGT WA . -49.48 -80.83 19.65
C16 PGT WA . -48.87 -79.97 20.73
C17 PGT WA . -47.64 -80.56 21.36
C18 PGT WA . -46.40 -80.45 20.50
C19 PGT WA . -45.97 -79.04 20.22
C41 PGT XA . -37.25 -88.70 15.30
C40 PGT XA . -35.89 -88.67 14.60
C39 PGT XA . -35.59 -87.33 13.93
C38 PGT XA . -34.24 -87.31 13.23
C37 PGT XA . -34.12 -88.33 12.11
C36 PGT XA . -32.79 -89.08 12.11
C35 PGT XA . -31.59 -88.16 11.95
C34 PGT XA . -31.44 -87.58 10.56
C33 PGT XA . -31.39 -88.66 9.48
C32 PGT XA . -30.56 -88.23 8.28
C31 PGT XA . -29.08 -88.42 8.48
O31 PGT XA . -28.57 -89.11 9.32
O2 PGT XA . -28.38 -87.70 7.60
C2 PGT XA . -27.72 -88.37 6.52
C1 PGT XA . -26.21 -88.21 6.61
O3P PGT XA . -25.80 -86.91 6.27
P PGT XA . -24.27 -86.44 6.65
O1P PGT XA . -24.23 -85.92 8.05
O2P PGT XA . -23.27 -87.48 6.23
O4P PGT XA . -24.31 -85.19 5.58
C4 PGT XA . -23.17 -84.37 5.49
C5 PGT XA . -22.54 -84.55 4.12
O5 PGT XA . -21.29 -83.89 4.00
C6 PGT XA . -23.51 -84.12 3.04
O6 PGT XA . -23.68 -82.72 3.09
C3 PGT XA . -28.35 -87.86 5.25
O3 PGT XA . -28.56 -86.46 5.35
C11 PGT XA . -28.76 -85.77 4.22
O11 PGT XA . -29.86 -85.47 3.83
C12 PGT XA . -27.47 -85.43 3.54
C13 PGT XA . -27.25 -83.93 3.42
C14 PGT XA . -26.91 -83.28 4.76
C15 PGT XA . -27.03 -81.76 4.72
C16 PGT XA . -26.23 -81.08 5.82
C17 PGT XA . -26.59 -81.58 7.22
C18 PGT XA . -28.01 -81.20 7.65
C19 PGT XA . -28.84 -82.41 8.05
C20 PGT XA . -29.87 -82.10 9.13
C21 PGT XA . -30.58 -83.35 9.63
C22 PGT XA . -31.50 -83.09 10.81
C23 PGT XA . -30.83 -82.41 11.99
C24 PGT XA . -31.43 -82.79 13.33
C25 PGT XA . -32.94 -82.62 13.38
C26 PGT XA . -33.53 -82.98 14.75
C1 PQ9 YA . -11.86 -112.74 27.36
O1 PQ9 YA . -11.46 -111.68 27.71
C2 PQ9 YA . -12.76 -113.58 28.28
C3 PQ9 YA . -13.26 -114.94 27.80
C4 PQ9 YA . -12.85 -115.50 26.44
O4 PQ9 YA . -13.24 -116.55 26.08
C5 PQ9 YA . -11.93 -114.67 25.52
C6 PQ9 YA . -11.51 -115.22 24.14
C9 PQ9 YA . -10.49 -112.44 25.05
C10 PQ9 YA . -11.43 -113.30 25.98
C11 PQ9 YA . -13.20 -113.01 29.68
C12 PQ9 YA . -12.21 -113.25 30.86
C13 PQ9 YA . -10.92 -113.17 30.49
C14 PQ9 YA . -9.40 -113.20 30.72
C15 PQ9 YA . -10.60 -113.48 32.04
C16 PQ9 YA . -10.68 -112.20 32.96
C17 PQ9 YA . -11.25 -112.43 34.38
C18 PQ9 YA . -12.19 -111.50 34.65
C19 PQ9 YA . -13.27 -110.79 35.50
C20 PQ9 YA . -12.34 -112.20 36.07
C21 PQ9 YA . -11.31 -111.76 37.17
C22 PQ9 YA . -11.77 -112.18 38.60
C23 PQ9 YA . -13.03 -111.75 38.89
C24 PQ9 YA . -14.31 -111.59 39.79
C25 PQ9 YA . -12.83 -112.47 40.29
C26 PQ9 YA . -12.10 -111.64 41.43
C27 PQ9 YA . -12.24 -112.32 42.81
C28 PQ9 YA . -13.51 -112.67 43.09
C29 PQ9 YA . -15.03 -113.01 43.15
C30 PQ9 YA . -13.40 -113.34 44.51
C31 PQ9 YA . -14.07 -112.56 45.69
C32 PQ9 YA . -13.95 -113.33 47.05
C33 PQ9 YA . -14.98 -114.00 47.59
C34 PQ9 YA . -15.93 -114.84 48.47
C35 PQ9 YA . -16.27 -113.88 46.63
C36 PQ9 YA . -16.55 -115.16 45.75
C37 PGT ZA . -42.55 -66.02 10.43
C36 PGT ZA . -41.42 -66.45 9.49
C35 PGT ZA . -40.83 -65.28 8.70
C34 PGT ZA . -39.63 -65.68 7.86
C33 PGT ZA . -39.06 -64.52 7.05
C32 PGT ZA . -37.88 -64.96 6.19
C31 PGT ZA . -37.93 -64.41 4.80
O31 PGT ZA . -38.38 -63.33 4.49
O2 PGT ZA . -37.41 -65.27 3.92
C2 PGT ZA . -35.98 -65.27 3.71
C1 PGT ZA . -35.59 -64.33 2.58
O3P PGT ZA . -34.41 -64.76 1.92
P PGT ZA . -33.39 -63.63 1.33
O1P PGT ZA . -33.66 -63.44 -0.14
O2P PGT ZA . -33.33 -62.42 2.22
O4P PGT ZA . -32.07 -64.57 1.53
C4 PGT ZA . -31.98 -65.31 2.74
C5 PGT ZA . -31.33 -66.65 2.45
O5 PGT ZA . -31.88 -67.69 3.21
C6 PGT ZA . -29.83 -66.53 2.64
O6 PGT ZA . -29.30 -65.70 1.62
C3 PGT ZA . -35.52 -66.70 3.57
O3 PGT ZA . -36.21 -67.40 2.55
C11 PGT ZA . -35.53 -68.29 1.85
O11 PGT ZA . -35.37 -68.22 0.66
C12 PGT ZA . -35.01 -69.42 2.71
C13 PGT ZA . -36.07 -70.46 3.06
C14 PGT ZA . -36.77 -70.15 4.37
C15 PGT ZA . -35.82 -70.04 5.55
C16 PGT ZA . -36.53 -69.75 6.87
C17 PGT ZA . -36.96 -71.01 7.62
C18 PGT ZA . -37.07 -70.82 9.12
C19 PGT ZA . -38.04 -69.70 9.52
C20 PGT ZA . -38.24 -69.59 11.02
C39 PGT AB . -29.70 -45.01 12.27
C38 PGT AB . -30.01 -46.17 11.32
C37 PGT AB . -28.84 -47.14 11.17
C36 PGT AB . -29.16 -48.33 10.27
C35 PGT AB . -29.32 -47.95 8.81
C34 PGT AB . -28.05 -47.40 8.18
C33 PGT AB . -28.22 -47.03 6.72
C32 PGT AB . -28.40 -48.24 5.82
C31 PGT AB . -28.60 -47.89 4.37
O31 PGT AB . -28.43 -46.80 3.90
O2 PGT AB . -29.02 -48.94 3.66
C2 PGT AB . -28.12 -50.02 3.40
C1 PGT AB . -27.64 -50.02 1.96
O3P PGT AB . -27.13 -51.28 1.61
P PGT AB . -26.61 -51.56 0.08
O1P PGT AB . -27.75 -52.09 -0.75
O2P PGT AB . -25.80 -50.40 -0.43
O4P PGT AB . -25.64 -52.80 0.55
C4 PGT AB . -24.83 -53.40 -0.43
C5 PGT AB . -23.94 -54.44 0.23
O5 PGT AB . -23.15 -53.90 1.28
C6 PGT AB . -23.10 -55.15 -0.82
O6 PGT AB . -22.39 -56.21 -0.23
C3 PGT AB . -28.80 -51.30 3.78
O3 PGT AB . -29.80 -51.58 2.81
C11 PGT AB . -30.19 -52.84 2.64
O11 PGT AB . -29.84 -53.51 1.70
C12 PGT AB . -31.09 -53.30 3.75
C13 PGT AB . -32.42 -52.55 3.80
C14 PGT AB . -32.37 -51.33 4.72
C15 PGT AB . -31.71 -51.62 6.07
C16 PGT AB . -31.43 -50.36 6.88
C17 PGT AB . -32.69 -49.63 7.33
C18 PGT AB . -33.69 -50.54 8.05
C19 PGT AB . -34.74 -49.78 8.85
C20 PGT AB . -35.80 -49.13 7.97
C21 PGT AB . -37.09 -48.83 8.72
C22 PGT AB . -37.69 -50.06 9.39
C23 PGT AB . -38.13 -51.13 8.39
C24 PGT AB . -38.64 -52.40 9.06
C25 PGT AB . -39.88 -52.17 9.92
C26 PGT AB . -41.09 -51.72 9.12
C48 PGT BB . -32.50 -38.93 20.18
C47 PGT BB . -33.59 -38.53 21.16
C46 PGT BB . -33.75 -37.02 21.30
C45 PGT BB . -34.76 -36.60 22.36
C44 PGT BB . -36.20 -36.65 21.91
C43 PGT BB . -37.11 -35.75 22.72
C42 PGT BB . -38.56 -35.74 22.24
C41 PGT BB . -39.32 -34.47 22.62
C40 PGT BB . -39.79 -34.44 24.07
C39 PGT BB . -40.97 -35.36 24.33
C38 PGT BB . -41.63 -35.13 25.68
C37 PGT BB . -43.01 -35.77 25.79
C36 PGT BB . -42.97 -37.24 26.18
C35 PGT BB . -43.12 -37.46 27.69
C34 PGT BB . -43.53 -38.89 28.05
C33 PGT BB . -44.76 -39.35 27.28
C32 PGT BB . -45.32 -40.65 27.84
C31 PGT BB . -46.37 -41.26 26.94
O31 PGT BB . -47.55 -41.30 27.18
O2 PGT BB . -45.83 -41.78 25.84
C2 PGT BB . -46.68 -42.36 24.84
C1 PGT BB . -46.97 -43.83 25.12
O3P PGT BB . -47.10 -44.58 23.93
P PGT BB . -48.54 -45.29 23.61
O1P PGT BB . -48.69 -45.47 22.13
O2P PGT BB . -48.78 -46.47 24.50
O4P PGT BB . -49.39 -43.98 24.11
C4 PGT BB . -50.40 -43.47 23.27
C5 PGT BB . -50.41 -41.95 23.43
O5 PGT BB . -49.34 -41.33 22.76
C6 PGT BB . -50.45 -41.61 24.91
O6 PGT BB . -51.47 -42.35 25.54
C3 PGT BB . -46.10 -42.05 23.49
O3 PGT BB . -44.82 -42.66 23.37
C11 PGT BB . -43.79 -41.89 23.04
O11 PGT BB . -43.73 -41.28 22.00
C12 PGT BB . -42.73 -41.89 24.10
C13 PGT BB . -41.35 -41.55 23.54
C14 PGT BB . -40.78 -40.28 24.15
C15 PGT BB . -40.11 -40.50 25.49
C16 PGT BB . -38.77 -41.21 25.36
C17 PGT BB . -37.83 -40.54 24.38
C18 PGT BB . -36.50 -41.27 24.22
C19 PGT BB . -35.63 -41.19 25.46
C20 PGT BB . -34.80 -39.92 25.54
C21 PGT BB . -33.44 -40.12 26.20
O6 SQD CB . 3.72 -28.06 25.02
C44 SQD CB . 3.82 -28.83 26.22
C45 SQD CB . 2.58 -28.69 27.06
C46 SQD CB . 2.30 -29.94 27.87
O47 SQD CB . 2.75 -27.59 28.01
C7 SQD CB . 2.66 -26.32 27.58
O49 SQD CB . 2.74 -25.99 26.42
C8 SQD CB . 2.45 -25.37 28.71
C9 SQD CB . 1.16 -25.61 29.43
C10 SQD CB . 1.16 -25.04 30.84
C11 SQD CB . -0.20 -24.98 31.48
C12 SQD CB . -0.16 -24.53 32.92
C13 SQD CB . -1.48 -24.15 33.50
C14 SQD CB . -1.37 -23.44 34.82
C15 SQD CB . -0.52 -22.20 34.78
C16 SQD CB . -0.47 -21.43 36.08
C17 SQD CB . 0.17 -22.19 37.22
O48 SQD CB . 1.10 -29.77 28.64
C23 SQD CB . 0.78 -30.80 29.41
O10 SQD CB . 1.52 -31.72 29.61
C24 SQD CB . -0.62 -30.71 29.96
C25 SQD CB . -0.80 -29.60 30.93
C26 SQD CB . -2.18 -29.62 31.57
C27 SQD CB . -2.33 -28.73 32.77
C28 SQD CB . -3.64 -28.88 33.48
C29 SQD CB . -3.78 -28.04 34.73
C1 SQD CB . 3.96 -28.79 23.85
C2 SQD CB . 2.78 -29.73 23.60
O2 SQD CB . 2.95 -30.89 24.39
C3 SQD CB . 2.69 -30.21 22.17
O3 SQD CB . 1.39 -30.76 21.94
C4 SQD CB . 2.91 -29.08 21.19
O4 SQD CB . 2.92 -29.59 19.87
C5 SQD CB . 4.23 -28.45 21.51
C6 SQD CB . 4.67 -27.37 20.53
O5 SQD CB . 4.11 -27.85 22.80
S SQD CB . 5.41 -27.85 19.00
O7 SQD CB . 6.44 -28.76 19.32
O8 SQD CB . 4.29 -28.58 18.22
O9 SQD CB . 5.76 -26.65 18.31
C1 LMG DB . -38.26 -27.41 24.29
O1 LMG DB . -37.42 -26.46 23.71
C2 LMG DB . -38.81 -26.77 25.61
O2 LMG DB . -37.72 -26.64 26.46
C3 LMG DB . -39.83 -27.80 26.17
O3 LMG DB . -40.32 -27.30 27.37
C4 LMG DB . -40.96 -27.99 25.12
O4 LMG DB . -41.52 -26.73 24.92
C5 LMG DB . -40.30 -28.54 23.81
O5 LMG DB . -41.82 -30.04 22.75
C6 LMG DB . -41.40 -28.70 22.72
O6 LMG DB . -39.33 -27.62 23.36
C7 LMG DB . -38.08 -25.35 23.13
C8 LMG DB . -37.19 -24.12 23.43
C9 LMG DB . -37.97 -22.95 24.06
O7 LMG DB . -36.18 -24.54 24.36
C10 LMG DB . -34.93 -24.85 23.82
O9 LMG DB . -34.32 -25.83 24.14
C11 LMG DB . -34.49 -23.82 22.80
C12 LMG DB . -33.77 -24.55 21.67
C13 LMG DB . -34.74 -25.44 20.93
C14 LMG DB . -33.94 -26.46 20.13
C15 LMG DB . -33.40 -25.76 18.91
C16 LMG DB . -32.52 -26.69 18.11
O8 LMG DB . -37.66 -21.74 23.38
C28 LMG DB . -37.91 -20.60 24.15
O10 LMG DB . -38.43 -20.69 25.22
C29 LMG DB . -37.44 -19.35 23.42
C30 LMG DB . -36.82 -19.45 22.03
C31 LMG DB . -35.37 -19.93 21.93
C32 LMG DB . -34.63 -19.70 23.26
C33 LMG DB . -33.24 -20.33 23.24
C34 LMG DB . -32.18 -19.32 22.83
C35 LMG DB . -31.44 -19.83 21.60
C36 LMG DB . -30.77 -21.17 21.87
C37 LMG DB . -29.57 -21.37 20.95
C38 LMG DB . -28.59 -20.20 21.02
C36 PGT EB . -18.39 -19.91 17.76
C35 PGT EB . -17.43 -21.09 17.86
C34 PGT EB . -17.02 -21.66 16.51
C33 PGT EB . -15.88 -22.67 16.63
C32 PGT EB . -16.28 -23.86 17.49
C31 PGT EB . -17.17 -24.86 16.79
O31 PGT EB . -18.35 -24.72 16.65
O2 PGT EB . -16.50 -25.95 16.38
C2 PGT EB . -15.83 -26.05 15.11
C1 PGT EB . -14.34 -25.80 15.22
O3P PGT EB . -13.54 -26.76 14.57
P PGT EB . -13.65 -26.83 12.93
O1P PGT EB . -14.74 -27.79 12.59
O2P PGT EB . -13.68 -25.45 12.37
O4P PGT EB . -12.19 -27.52 12.68
C4 PGT EB . -11.65 -27.33 11.38
C5 PGT EB . -12.44 -28.18 10.38
O5 PGT EB . -12.01 -29.52 10.33
C6 PGT EB . -12.44 -27.52 9.01
O6 PGT EB . -13.28 -28.25 8.16
C3 PGT EB . -16.57 -25.22 14.07
O3 PGT EB . -17.25 -26.07 13.14
C11 PGT EB . -17.20 -25.76 11.84
O11 PGT EB . -16.19 -25.76 11.19
C12 PGT EB . -18.56 -25.42 11.29
C13 PGT EB . -19.30 -26.62 10.73
C14 PGT EB . -19.98 -27.42 11.83
C15 PGT EB . -20.88 -26.56 12.70
C16 PGT EB . -20.53 -26.64 14.18
C17 PGT EB . -21.11 -25.49 14.99
C18 PGT EB . -20.75 -24.12 14.42
C19 PGT EB . -21.01 -22.98 15.41
C20 PGT EB . -22.41 -22.98 15.98
C21 PGT EB . -22.73 -21.76 16.83
C22 PGT EB . -21.73 -21.54 17.96
C1 LMG FB . -16.95 -21.19 55.54
O1 LMG FB . -15.82 -21.61 54.84
C2 LMG FB . -17.66 -20.14 54.62
O2 LMG FB . -16.83 -19.02 54.60
C3 LMG FB . -19.00 -19.81 55.35
O3 LMG FB . -19.67 -18.85 54.58
C4 LMG FB . -19.83 -21.12 55.47
O4 LMG FB . -20.02 -21.59 54.17
C5 LMG FB . -19.00 -22.12 56.32
O5 LMG FB . -20.59 -23.36 57.59
C6 LMG FB . -19.78 -23.46 56.45
O6 LMG FB . -17.76 -22.35 55.68
C7 LMG FB . -14.67 -21.81 55.65
C8 LMG FB . -13.55 -21.07 54.91
C9 LMG FB . -13.50 -19.56 55.22
O7 LMG FB . -12.33 -21.67 55.35
C10 LMG FB . -12.16 -23.00 54.94
O9 LMG FB . -12.12 -23.91 55.70
C11 LMG FB . -12.03 -23.06 53.43
C12 LMG FB . -10.65 -22.56 53.05
C13 LMG FB . -10.61 -22.20 51.57
C14 LMG FB . -11.06 -23.40 50.75
C15 LMG FB . -10.30 -23.37 49.45
C16 LMG FB . -9.02 -24.19 49.55
C17 LMG FB . -8.47 -24.26 48.14
O8 LMG FB . -12.66 -19.32 56.35
C28 LMG FB . -12.24 -17.99 56.44
O10 LMG FB . -12.61 -17.28 57.32
C29 LMG FB . -11.30 -17.66 55.29
C30 LMG FB . -10.98 -16.19 54.97
C31 LMG FB . -10.42 -15.95 53.57
C32 LMG FB . -9.08 -16.67 53.41
C33 LMG FB . -9.12 -17.66 52.25
C34 LMG FB . -8.97 -16.95 50.91
C38 PGT GB . -12.10 6.86 -4.65
C37 PGT GB . -11.29 7.77 -3.72
C36 PGT GB . -9.79 7.62 -3.88
C35 PGT GB . -9.00 8.19 -2.71
C34 PGT GB . -7.56 8.56 -3.04
C33 PGT GB . -6.65 7.35 -3.17
C32 PGT GB . -5.20 7.73 -2.92
C31 PGT GB . -4.22 6.59 -3.06
O31 PGT GB . -4.36 5.64 -3.78
O2 PGT GB . -3.15 6.78 -2.29
C2 PGT GB . -2.71 5.80 -1.32
C1 PGT GB . -1.85 4.72 -1.95
O3P PGT GB . -1.48 5.02 -3.29
P PGT GB . 0.11 5.08 -3.65
O1P PGT GB . 0.86 5.69 -2.51
O2P PGT GB . 0.32 5.62 -5.04
O4P PGT GB . 0.29 3.45 -3.65
C4 PGT GB . 1.60 2.93 -3.75
C5 PGT GB . 2.12 2.56 -2.37
O5 PGT GB . 1.96 3.59 -1.43
C6 PGT GB . 3.57 2.11 -2.48
O6 PGT GB . 3.66 1.05 -3.40
C3 PGT GB . -3.93 5.30 -0.57
O3 PGT GB . -4.57 6.39 0.09
C11 PGT GB . -5.19 6.15 1.23
O11 PGT GB . -5.02 5.16 1.89
C12 PGT GB . -6.12 7.27 1.61
C13 PGT GB . -6.85 7.04 2.91
C14 PGT GB . -7.98 8.05 3.12
C15 PGT GB . -7.96 8.71 4.50
C16 PGT GB . -8.06 10.23 4.42
C17 PGT GB . -8.03 10.90 5.79
C18 PGT GB . -6.63 11.08 6.37
C19 PGT GB . -6.33 12.51 6.80
O6 SQD HB . 19.83 4.87 27.29
C44 SQD HB . 18.76 5.74 26.91
C45 SQD HB . 18.26 6.42 28.17
C46 SQD HB . 17.94 5.44 29.27
O47 SQD HB . 19.25 7.22 28.87
C7 SQD HB . 19.76 8.34 28.35
O49 SQD HB . 19.55 8.80 27.26
C8 SQD HB . 20.55 8.89 29.50
C9 SQD HB . 20.06 10.20 30.01
C10 SQD HB . 20.62 10.50 31.38
C11 SQD HB . 20.07 11.72 32.06
C12 SQD HB . 20.51 11.88 33.49
C13 SQD HB . 19.96 13.08 34.20
C14 SQD HB . 20.40 13.21 35.64
O48 SQD HB . 17.51 6.26 30.38
C23 SQD HB . 17.39 5.67 31.56
O10 SQD HB . 17.68 4.52 31.75
C24 SQD HB . 16.86 6.62 32.59
C25 SQD HB . 16.71 6.02 33.95
C26 SQD HB . 16.18 7.02 34.97
C27 SQD HB . 16.01 6.46 36.35
C28 SQD HB . 15.03 5.31 36.43
C29 SQD HB . 14.85 4.75 37.82
C30 SQD HB . 16.11 4.24 38.46
C31 SQD HB . 15.92 3.69 39.85
C32 SQD HB . 15.40 4.69 40.84
C33 SQD HB . 15.19 4.15 42.24
C1 SQD HB . 20.41 4.20 26.20
C2 SQD HB . 19.35 3.38 25.48
O2 SQD HB . 18.83 2.38 26.35
C3 SQD HB . 19.93 2.78 24.21
O3 SQD HB . 18.90 2.16 23.45
C4 SQD HB . 20.65 3.83 23.38
O4 SQD HB . 21.36 3.21 22.31
C5 SQD HB . 21.63 4.62 24.23
C6 SQD HB . 22.27 5.80 23.53
O5 SQD HB . 20.93 5.18 25.33
S SQD HB . 21.19 7.08 22.97
O7 SQD HB . 20.53 7.64 24.11
O8 SQD HB . 22.17 8.11 22.37
O9 SQD HB . 20.34 6.53 21.94
C1 LMG IB . -0.23 -49.64 33.40
O1 LMG IB . 0.14 -50.12 34.65
C2 LMG IB . 0.56 -50.49 32.35
O2 LMG IB . 1.89 -50.08 32.45
C3 LMG IB . -0.02 -50.11 30.96
O3 LMG IB . 0.65 -50.86 29.99
C4 LMG IB . -1.54 -50.41 30.95
O4 LMG IB . -1.66 -51.77 31.21
C5 LMG IB . -2.19 -49.56 32.06
O5 LMG IB . -4.39 -48.69 31.71
C6 LMG IB . -3.71 -49.85 32.11
O6 LMG IB . -1.62 -49.91 33.31
C7 LMG IB . 0.15 -49.16 35.68
C8 LMG IB . -1.03 -49.54 36.59
C9 LMG IB . -0.71 -50.68 37.56
O7 LMG IB . -1.30 -48.38 37.34
C10 LMG IB . -2.58 -48.34 37.90
O9 LMG IB . -3.52 -48.89 37.42
C11 LMG IB . -2.55 -47.50 39.16
C12 LMG IB . -3.92 -47.59 39.79
C13 LMG IB . -3.92 -46.86 41.12
O8 LMG IB . 0.51 -50.41 38.24
C28 LMG IB . 0.32 -50.06 39.58
O10 LMG IB . -0.76 -50.08 40.08
C29 LMG IB . 1.64 -49.67 40.21
C30 LMG IB . 1.66 -48.86 41.51
C31 LMG IB . 1.07 -47.46 41.42
C32 LMG IB . 2.10 -46.50 40.80
C40 PGT JB . 24.42 14.77 40.25
C39 PGT JB . 24.91 14.29 38.88
C38 PGT JB . 26.21 13.51 38.94
C37 PGT JB . 27.45 14.39 39.11
C36 PGT JB . 28.74 13.71 38.68
C35 PGT JB . 29.14 12.57 39.60
C34 PGT JB . 30.03 11.53 38.93
C33 PGT JB . 31.40 12.07 38.58
C32 PGT JB . 32.37 10.95 38.21
C31 PGT JB . 32.87 10.16 39.39
O31 PGT JB . 32.66 10.43 40.54
O2 PGT JB . 33.59 9.11 39.00
C2 PGT JB . 34.95 9.31 38.58
C1 PGT JB . 35.39 8.19 37.66
O3P PGT JB . 34.46 7.94 36.63
P PGT JB . 34.80 8.52 35.13
O1P PGT JB . 33.68 8.20 34.20
O2P PGT JB . 35.30 9.93 35.21
O4P PGT JB . 36.03 7.45 34.93
C4 PGT JB . 37.11 7.80 34.09
C5 PGT JB . 36.60 8.14 32.69
O5 PGT JB . 35.69 7.18 32.20
C6 PGT JB . 37.77 8.35 31.76
O6 PGT JB . 38.68 9.24 32.37
C3 PGT JB . 35.79 9.48 39.82
O3 PGT JB . 37.13 9.77 39.46
C11 PGT JB . 38.06 9.70 40.41
O11 PGT JB . 38.26 8.71 41.07
C12 PGT JB . 38.80 10.99 40.55
C13 PGT JB . 39.48 11.14 41.91
C14 PGT JB . 39.86 12.58 42.23
C15 PGT JB . 40.70 13.24 41.14
C16 PGT JB . 41.63 14.32 41.68
C17 PGT JB . 40.90 15.48 42.36
C18 PGT JB . 39.96 16.23 41.43
C19 PGT JB . 40.67 16.94 40.29
C20 PGT JB . 39.72 17.72 39.38
C21 PGT JB . 40.40 18.37 38.19
C22 PGT JB . 39.44 19.19 37.33
C23 PGT JB . 38.68 20.23 38.14
C24 PGT JB . 37.43 20.74 37.44
C25 PGT JB . 36.48 21.49 38.38
C26 PGT JB . 35.23 22.01 37.68
C20 A1H1M KB . 9.71 -54.24 30.11
C01 A1H1M KB . 9.00 -40.57 39.10
C02 A1H1M KB . 8.18 -40.82 37.84
C03 A1H1M KB . 7.24 -42.02 37.96
C04 A1H1M KB . 7.87 -43.35 37.57
C05 A1H1M KB . 9.29 -43.60 38.00
C06 A1H1M KB . 9.72 -44.99 37.64
C08 A1H1M KB . 9.66 -46.89 35.77
C09 A1H1M KB . 10.34 -46.82 34.44
C11 A1H1M KB . 10.06 -49.34 34.57
C16 A1H1M KB . 12.36 -53.81 32.22
C18 A1H1M KB . 9.90 -53.31 32.23
C07 A1H1M KB . 9.49 -45.44 36.20
C10 A1H1M KB . 10.59 -48.14 33.80
O12 A1H1M KB . 10.58 -50.45 33.91
C13 A1H1M KB . 10.39 -51.71 34.50
O14 A1H1M KB . 11.38 -52.51 33.96
C15 A1H1M KB . 11.11 -53.54 33.10
O17 A1H1M KB . 12.49 -55.20 32.11
O19 A1H1M KB . 9.68 -54.44 31.46
O21 A1H1M KB . 10.27 -55.41 29.67
C22 A1H1M KB . 10.51 -55.46 28.33
C23 A1H1M KB . 11.94 -54.95 28.05
O24 A1H1M KB . 12.75 -55.60 29.01
C25 A1H1M KB . 9.47 -54.69 27.50
O26 A1H1M KB . 9.24 -55.38 26.30
C27 A1H1M KB . 8.11 -54.67 28.21
O28 A1H1M KB . 7.24 -53.79 27.56
C29 A1H1M KB . 8.26 -54.10 29.63
O30 A1H1M KB . 7.49 -54.88 30.49
C31 A1H1M KB . 8.68 -53.18 33.13
O32 A1H1M KB . 7.68 -52.57 32.36
C33 A1H1M KB . 8.90 -52.23 34.33
O34 A1H1M KB . 8.60 -52.98 35.46
C35 A1H1M KB . 10.47 -49.24 36.02
C36 A1H1M KB . 10.42 -47.85 36.64
C37 A1H1M KB . 8.10 -45.01 35.75
C38 A1H1M KB . 7.83 -43.56 36.09
O6 SQD LB . 9.31 10.85 3.84
C44 SQD LB . 9.35 9.47 4.21
C45 SQD LB . 8.83 9.18 5.60
C46 SQD LB . 9.59 9.87 6.71
O47 SQD LB . 7.47 9.68 5.63
C7 SQD LB . 6.55 9.19 4.78
O49 SQD LB . 6.72 8.28 4.01
C8 SQD LB . 5.29 9.98 4.93
C9 SQD LB . 5.39 11.05 5.97
C10 SQD LB . 4.12 11.86 6.10
C11 SQD LB . 4.16 12.95 7.12
C12 SQD LB . 5.29 13.94 6.93
C13 SQD LB . 5.16 15.20 7.74
C14 SQD LB . 4.97 15.03 9.23
C15 SQD LB . 4.82 16.34 9.96
C16 SQD LB . 4.55 16.25 11.44
C17 SQD LB . 3.26 15.55 11.79
C18 SQD LB . 2.95 15.53 13.26
C19 SQD LB . 3.99 14.88 14.11
O48 SQD LB . 8.93 9.49 7.94
C23 SQD LB . 9.39 10.01 9.06
O10 SQD LB . 10.32 10.77 9.12
C24 SQD LB . 8.59 9.51 10.24
C25 SQD LB . 7.91 10.61 11.00
C26 SQD LB . 7.10 10.07 12.17
C27 SQD LB . 6.39 11.13 12.99
C28 SQD LB . 5.62 10.58 14.16
C29 SQD LB . 4.92 11.62 14.98
C30 SQD LB . 4.16 11.08 16.16
C1 SQD LB . 9.29 11.00 2.43
C2 SQD LB . 9.17 12.47 2.05
O2 SQD LB . 8.84 12.59 0.67
C3 SQD LB . 10.47 13.16 2.38
O3 SQD LB . 10.74 13.07 3.78
C4 SQD LB . 11.54 12.51 1.53
O4 SQD LB . 11.22 12.62 0.14
C5 SQD LB . 11.71 11.04 1.91
C6 SQD LB . 12.43 10.80 3.23
O5 SQD LB . 10.41 10.37 1.81
S SQD LB . 14.06 11.50 3.30
O7 SQD LB . 13.96 12.91 3.21
O8 SQD LB . 14.59 11.13 4.70
O9 SQD LB . 14.84 10.85 2.29
C1 LMG MB . -24.15 -96.84 10.37
O1 LMG MB . -24.92 -97.94 10.77
C2 LMG MB . -24.55 -96.52 8.88
O2 LMG MB . -23.48 -96.95 8.09
C3 LMG MB . -24.68 -95.00 8.82
O3 LMG MB . -24.85 -94.64 7.48
C4 LMG MB . -25.92 -94.64 9.65
O4 LMG MB . -26.96 -95.47 9.18
C5 LMG MB . -25.60 -94.94 11.15
O5 LMG MB . -27.99 -95.24 11.19
C6 LMG MB . -26.82 -95.64 11.85
O6 LMG MB . -24.40 -95.74 11.30
C7 LMG MB . -24.35 -98.69 11.84
C8 LMG MB . -25.40 -99.77 12.17
C9 LMG MB . -24.87 -100.83 13.15
O7 LMG MB . -26.47 -99.07 12.79
C10 LMG MB . -27.62 -99.01 12.02
O9 LMG MB . -27.62 -98.97 10.83
C11 LMG MB . -28.83 -98.97 12.92
C12 LMG MB . -29.25 -100.41 13.18
C13 LMG MB . -30.22 -100.45 14.34
C14 LMG MB . -30.27 -101.88 14.87
C15 LMG MB . -31.21 -101.87 16.07
O8 LMG MB . -24.68 -100.26 14.43
C28 LMG MB . -25.56 -100.77 15.39
O10 LMG MB . -26.68 -101.02 15.12
C29 LMG MB . -24.85 -100.94 16.72
C30 LMG MB . -25.00 -102.23 17.51
C31 LMG MB . -26.39 -102.52 18.04
C32 LMG MB . -26.85 -103.92 17.62
C33 LMG MB . -27.10 -104.81 18.82
C34 LMG MB . -28.28 -104.30 19.65
C35 LMG MB . -28.44 -105.20 20.87
FE1 SF4 NB . 13.55 -137.42 11.57
FE2 SF4 NB . 15.69 -137.31 9.86
FE3 SF4 NB . 13.15 -137.23 8.86
FE4 SF4 NB . 14.12 -139.55 9.96
S1 SF4 NB . 14.87 -138.48 8.08
S2 SF4 NB . 12.06 -138.62 10.32
S3 SF4 NB . 15.42 -138.72 11.63
S4 SF4 NB . 14.14 -135.68 10.21
FE1 SF4 OB . 20.06 -148.95 9.68
FE2 SF4 OB . 20.48 -148.46 7.02
FE3 SF4 OB . 19.59 -146.46 8.64
FE4 SF4 OB . 17.94 -148.54 8.00
S1 SF4 OB . 18.80 -147.00 6.57
S2 SF4 OB . 18.24 -147.63 10.06
S3 SF4 OB . 19.43 -150.27 7.93
S4 SF4 OB . 21.60 -147.53 8.78
C48 PGT PB . -31.56 -108.95 18.49
C47 PGT PB . -32.00 -110.06 19.41
C46 PGT PB . -31.84 -111.45 18.80
C45 PGT PB . -32.72 -111.68 17.58
C44 PGT PB . -32.58 -113.08 16.99
C43 PGT PB . -32.63 -114.19 18.05
C42 PGT PB . -32.48 -115.60 17.47
C41 PGT PB . -33.78 -116.15 16.91
C40 PGT PB . -33.82 -117.67 16.86
C39 PGT PB . -32.84 -118.27 15.85
C38 PGT PB . -32.70 -119.78 15.97
C37 PGT PB . -33.98 -120.53 15.61
C36 PGT PB . -34.03 -121.93 16.21
C35 PGT PB . -35.24 -122.74 15.73
C34 PGT PB . -35.67 -123.82 16.72
C33 PGT PB . -36.70 -124.77 16.11
C32 PGT PB . -37.53 -125.48 17.18
C31 PGT PB . -38.46 -124.56 17.93
O31 PGT PB . -38.68 -124.61 19.11
O2 PGT PB . -39.04 -123.67 17.11
C2 PGT PB . -39.82 -122.62 17.67
C1 PGT PB . -40.98 -122.24 16.75
O3P PGT PB . -41.86 -121.32 17.33
P PGT PB . -41.84 -119.75 16.81
O1P PGT PB . -40.81 -119.60 15.74
O2P PGT PB . -43.24 -119.26 16.56
O4P PGT PB . -41.25 -119.21 18.25
C4 PGT PB . -40.90 -117.85 18.35
C5 PGT PB . -42.11 -117.04 18.78
O5 PGT PB . -41.80 -115.68 19.01
C6 PGT PB . -42.78 -117.70 19.98
O6 PGT PB . -43.97 -117.01 20.28
C3 PGT PB . -38.88 -121.49 18.02
O3 PGT PB . -38.64 -121.47 19.42
C11 PGT PB . -38.12 -120.38 19.95
O11 PGT PB . -38.77 -119.55 20.54
C12 PGT PB . -36.64 -120.30 19.72
C13 PGT PB . -35.87 -119.82 20.95
C14 PGT PB . -35.78 -118.30 21.00
C15 PGT PB . -35.41 -117.78 22.39
C16 PGT PB . -33.92 -117.90 22.70
C17 PGT PB . -33.11 -116.73 22.19
C18 PGT PB . -33.29 -115.45 23.00
C19 PGT PB . -32.46 -114.29 22.49
FE1 SF4 QB . 10.08 -125.20 12.92
FE2 SF4 QB . 7.36 -125.19 13.17
FE3 SF4 QB . 8.54 -126.67 11.20
FE4 SF4 QB . 8.55 -123.93 11.05
S1 SF4 QB . 6.74 -125.30 10.97
S2 SF4 QB . 10.30 -125.33 10.66
S3 SF4 QB . 8.74 -123.39 13.27
S4 SF4 QB . 8.76 -126.97 13.45
C46 PGT RB . -33.01 -115.95 49.76
C45 PGT RB . -33.20 -115.45 51.18
C44 PGT RB . -34.66 -115.42 51.61
C43 PGT RB . -35.49 -114.41 50.83
C42 PGT RB . -35.41 -113.00 51.41
C41 PGT RB . -35.78 -112.95 52.89
C40 PGT RB . -36.05 -111.53 53.40
C39 PGT RB . -37.15 -110.83 52.62
C38 PGT RB . -38.41 -110.59 53.44
C37 PGT RB . -38.23 -109.55 54.52
C36 PGT RB . -37.79 -108.18 54.00
C35 PGT RB . -38.79 -107.54 53.06
C34 PGT RB . -40.16 -107.31 53.69
C33 PGT RB . -40.11 -106.31 54.84
C32 PGT RB . -41.11 -106.65 55.93
C31 PGT RB . -40.71 -107.85 56.76
O31 PGT RB . -41.31 -108.89 56.78
O2 PGT RB . -39.61 -107.60 57.46
C2 PGT RB . -39.10 -108.63 58.33
C1 PGT RB . -39.72 -108.53 59.71
O3P PGT RB . -38.80 -108.80 60.76
P PGT RB . -38.26 -107.57 61.69
O1P PGT RB . -36.98 -107.98 62.36
O2P PGT RB . -38.30 -106.27 60.94
O4P PGT RB . -39.50 -107.69 62.75
C4 PGT RB . -39.69 -108.91 63.42
C5 PGT RB . -40.21 -108.66 64.83
O5 PGT RB . -41.58 -108.30 64.85
C6 PGT RB . -39.34 -107.63 65.52
O6 PGT RB . -39.51 -106.39 64.89
C3 PGT RB . -37.59 -108.56 58.26
O3 PGT RB . -37.01 -109.77 58.75
C11 PGT RB . -35.73 -109.75 59.09
O11 PGT RB . -35.30 -109.12 60.02
C12 PGT RB . -34.90 -110.59 58.16
C13 PGT RB . -35.09 -112.07 58.38
C14 PGT RB . -33.80 -112.86 58.19
C15 PGT RB . -33.18 -112.68 56.81
C16 PGT RB . -33.06 -114.00 56.05
C17 PGT RB . -32.51 -115.14 56.88
C34 PGT SB . -12.23 -126.27 51.86
C33 PGT SB . -11.96 -125.27 50.74
C32 PGT SB . -11.11 -125.87 49.63
C31 PGT SB . -11.90 -126.69 48.64
O31 PGT SB . -13.06 -126.95 48.73
O2 PGT SB . -11.13 -127.11 47.63
C2 PGT SB . -11.57 -126.94 46.27
C1 PGT SB . -10.61 -127.59 45.29
O3P PGT SB . -11.18 -128.70 44.64
P PGT SB . -11.67 -128.54 43.09
O1P PGT SB . -13.11 -128.11 43.05
O2P PGT SB . -10.67 -127.77 42.30
O4P PGT SB . -11.57 -130.15 42.77
C4 PGT SB . -12.74 -130.92 42.83
C5 PGT SB . -12.81 -131.80 41.60
O5 PGT SB . -11.73 -132.71 41.54
C6 PGT SB . -12.90 -130.94 40.35
O6 PGT SB . -14.11 -130.24 40.37
C3 PGT SB . -11.81 -125.46 46.05
O3 PGT SB . -10.68 -124.71 46.43
C11 PGT SB . -9.97 -124.09 45.49
O11 PGT SB . -9.43 -124.70 44.59
C12 PGT SB . -9.94 -122.61 45.66
C13 PGT SB . -11.29 -121.93 45.47
C14 PGT SB . -12.02 -121.73 46.80
C15 PGT SB . -13.48 -122.16 46.76
MG CLA TB . -17.32 69.75 -50.89
CHA CLA TB . -20.70 70.62 -51.14
CHB CLA TB . -17.43 70.45 -47.60
CHC CLA TB . -13.83 69.73 -50.71
CHD CLA TB . -17.15 69.71 -54.34
NA CLA TB . -18.85 70.54 -49.56
C1A CLA TB . -20.18 70.74 -49.87
C2A CLA TB . -20.99 70.74 -48.60
C3A CLA TB . -19.92 71.04 -47.55
C4A CLA TB . -18.63 70.71 -48.25
CMA CLA TB . -19.94 72.53 -47.20
CAA CLA TB . -21.64 69.35 -48.36
CBA CLA TB . -22.35 69.17 -47.07
CGA CLA TB . -23.61 69.93 -47.01
O1A CLA TB . -24.61 69.38 -47.41
O2A CLA TB . -23.60 71.26 -46.90
NB CLA TB . -15.89 70.04 -49.40
C1B CLA TB . -16.20 70.31 -48.11
C2B CLA TB . -14.97 70.44 -47.33
C3B CLA TB . -13.93 70.25 -48.18
C4B CLA TB . -14.51 69.98 -49.52
CMB CLA TB . -14.95 70.75 -45.87
CAB CLA TB . -12.57 70.34 -47.57
CBB CLA TB . -11.62 69.54 -47.87
NC CLA TB . -15.75 69.73 -52.30
C1C CLA TB . -14.41 69.72 -52.01
C2C CLA TB . -13.67 69.71 -53.27
C3C CLA TB . -14.59 69.71 -54.29
C4C CLA TB . -15.91 69.72 -53.68
CMC CLA TB . -12.16 69.71 -53.39
CAC CLA TB . -14.30 69.69 -55.77
CBC CLA TB . -14.53 71.08 -56.42
ND CLA TB . -18.61 70.05 -52.44
C1D CLA TB . -18.40 70.02 -53.77
C2D CLA TB . -19.60 70.32 -54.48
C3D CLA TB . -20.55 70.57 -53.49
C4D CLA TB . -19.90 70.42 -52.26
CMD CLA TB . -19.80 70.36 -56.00
CAD CLA TB . -21.92 70.92 -53.22
OBD CLA TB . -22.91 70.91 -53.96
CBD CLA TB . -22.06 71.06 -51.69
CGD CLA TB . -22.34 72.54 -51.38
O1D CLA TB . -22.97 72.87 -50.40
O2D CLA TB . -21.90 73.45 -52.23
CED CLA TB . -22.32 74.82 -52.09
C1 CLA TB . -23.32 71.88 -45.58
C2 CLA TB . -24.46 71.49 -44.63
C3 CLA TB . -25.79 71.59 -44.74
C4 CLA TB . -26.48 72.39 -45.85
C5 CLA TB . -26.78 71.17 -43.63
C6 CLA TB . -26.14 70.54 -42.40
C7 CLA TB . -27.16 70.14 -41.35
C8 CLA TB . -26.50 69.60 -40.07
C9 CLA TB . -25.61 68.39 -40.39
C10 CLA TB . -27.60 69.21 -39.11
C11 CLA TB . -28.81 68.46 -39.63
C12 CLA TB . -29.37 67.80 -38.36
C13 CLA TB . -30.89 67.79 -38.10
C14 CLA TB . -31.32 68.94 -37.18
C15 CLA TB . -31.32 66.42 -37.51
C16 CLA TB . -31.04 65.17 -38.34
C17 CLA TB . -32.25 64.54 -38.98
C18 CLA TB . -32.55 63.12 -38.48
C19 CLA TB . -33.58 62.42 -39.36
C20 CLA TB . -31.28 62.29 -38.44
MG CLA UB . -53.59 72.19 -47.30
CHA CLA UB . -56.17 74.51 -46.86
CHB CLA UB . -55.11 70.16 -45.07
CHC CLA UB . -51.50 69.52 -48.19
CHD CLA UB . -52.72 73.84 -50.22
NA CLA UB . -55.42 72.30 -46.14
C1A CLA UB . -56.32 73.36 -46.11
C2A CLA UB . -57.60 72.90 -45.46
C3A CLA UB . -57.15 71.64 -44.72
C4A CLA UB . -55.77 71.37 -45.26
CMA CLA UB . -57.05 71.94 -43.22
CAA CLA UB . -58.70 72.59 -46.53
CBA CLA UB . -58.38 71.57 -47.56
CGA CLA UB . -58.30 72.10 -48.91
O1A CLA UB . -59.02 73.02 -49.23
O2A CLA UB . -57.57 71.50 -49.87
NB CLA UB . -53.35 70.19 -46.72
C1B CLA UB . -54.11 69.59 -45.77
C2B CLA UB . -53.69 68.22 -45.60
C3B CLA UB . -52.67 67.98 -46.47
C4B CLA UB . -52.45 69.26 -47.20
CMB CLA UB . -54.32 67.26 -44.63
CAB CLA UB . -52.10 66.60 -46.45
CBB CLA UB . -51.05 66.25 -47.05
NC CLA UB . -52.32 71.76 -48.94
C1C CLA UB . -51.56 70.63 -49.10
C2C CLA UB . -50.84 70.71 -50.36
C3C CLA UB . -51.17 71.93 -50.93
C4C CLA UB . -52.11 72.58 -50.03
CMC CLA UB . -49.90 69.67 -50.91
CAC CLA UB . -50.68 72.49 -52.25
CBC CLA UB . -49.65 73.61 -52.03
ND CLA UB . -54.26 73.79 -48.37
C1D CLA UB . -53.81 74.37 -49.50
C2D CLA UB . -54.58 75.50 -49.85
C3D CLA UB . -55.54 75.61 -48.84
C4D CLA UB . -55.30 74.57 -47.94
CMD CLA UB . -54.42 76.43 -51.07
CAD CLA UB . -56.66 76.37 -48.34
OBD CLA UB . -57.24 77.37 -48.81
CBD CLA UB . -57.15 75.67 -47.06
CGD CLA UB . -57.06 76.68 -45.89
O1D CLA UB . -56.20 76.53 -45.04
O2D CLA UB . -58.10 77.42 -45.63
CED CLA UB . -58.56 77.57 -44.28
C1 CLA UB . -56.47 72.23 -50.51
C2 CLA UB . -55.50 71.20 -51.10
C3 CLA UB . -55.39 70.70 -52.34
C4 CLA UB . -56.41 71.06 -53.44
C5 CLA UB . -54.10 70.11 -52.93
C6 CLA UB . -53.99 68.59 -52.87
C7 CLA UB . -52.60 68.07 -53.15
C8 CLA UB . -52.35 67.85 -54.65
C9 CLA UB . -53.46 67.01 -55.27
C10 CLA UB . -51.03 67.15 -54.80
C11 CLA UB . -49.74 67.97 -54.78
C12 CLA UB . -49.73 68.60 -56.18
C13 CLA UB . -48.65 69.65 -56.55
C14 CLA UB . -48.95 71.02 -55.91
C15 CLA UB . -48.52 69.76 -58.09
C1 BCR VB . -14.98 75.23 -12.66
C2 BCR VB . -15.99 76.14 -11.92
C3 BCR VB . -17.37 75.53 -11.76
C4 BCR VB . -17.89 75.12 -13.12
C5 BCR VB . -16.92 74.21 -13.81
C6 BCR VB . -15.60 74.39 -13.76
C7 BCR VB . -14.78 74.13 -14.96
C8 BCR VB . -13.87 73.16 -15.14
C9 BCR VB . -13.08 72.94 -16.34
C10 BCR VB . -13.70 72.61 -17.50
C11 BCR VB . -13.07 72.36 -18.79
C33 BCR VB . -17.60 72.95 -14.23
C31 BCR VB . -14.32 74.35 -11.60
C32 BCR VB . -13.92 76.17 -13.24
C34 BCR VB . -11.60 73.09 -16.30
C12 BCR VB . -13.83 72.27 -19.89
C13 BCR VB . -13.37 72.05 -21.25
C14 BCR VB . -14.27 71.83 -22.22
C15 BCR VB . -13.96 71.61 -23.61
C16 BCR VB . -14.87 71.81 -24.58
C17 BCR VB . -14.52 71.59 -25.96
C18 BCR VB . -14.75 70.47 -26.66
C19 BCR VB . -14.32 70.47 -28.04
C20 BCR VB . -14.29 69.42 -28.88
C21 BCR VB . -13.81 69.65 -30.21
C35 BCR VB . -11.92 72.09 -21.48
C36 BCR VB . -15.41 69.26 -26.11
C1A DGD WB . -29.97 60.94 -21.06
C2A DGD WB . -29.90 59.81 -22.07
C3A DGD WB . -29.22 60.33 -23.34
C4A DGD WB . -29.84 59.73 -24.59
C5A DGD WB . -29.28 60.43 -25.84
C6A DGD WB . -28.62 59.43 -26.78
C7A DGD WB . -28.69 59.88 -28.24
C8A DGD WB . -28.49 58.68 -29.17
C9A DGD WB . -28.81 58.94 -30.65
CAA DGD WB . -28.74 57.66 -31.50
CBA DGD WB . -30.11 57.13 -31.97
CCA DGD WB . -30.03 56.35 -33.30
CDA DGD WB . -29.01 56.90 -34.30
CEA DGD WB . -29.51 56.97 -35.74
CFA DGD WB . -28.41 57.26 -36.77
CGA DGD WB . -28.81 56.90 -38.21
CHA DGD WB . -28.09 57.76 -39.27
CIA DGD WB . -27.34 56.91 -40.28
O1A DGD WB . -29.51 62.03 -21.15
C1B DGD WB . -34.79 60.38 -17.76
C2B DGD WB . -35.26 59.14 -16.98
C3B DGD WB . -36.76 59.34 -16.67
C4B DGD WB . -37.27 58.26 -15.71
C5B DGD WB . -37.22 56.84 -16.31
C6B DGD WB . -37.99 56.76 -17.63
C7B DGD WB . -37.28 56.25 -18.90
C8B DGD WB . -36.70 57.23 -19.92
C9B DGD WB . -35.39 56.71 -20.55
CAB DGD WB . -34.09 56.88 -19.74
CBB DGD WB . -32.78 56.46 -20.42
CCB DGD WB . -32.88 55.25 -21.35
CDB DGD WB . -32.58 55.59 -22.80
CEB DGD WB . -33.03 54.45 -23.72
CFB DGD WB . -32.22 54.41 -25.01
CGB DGD WB . -32.51 55.65 -25.85
CHB DGD WB . -31.20 56.18 -26.40
CIB DGD WB . -31.36 56.38 -27.90
O1B DGD WB . -35.11 61.50 -17.59
O1G DGD WB . -30.67 60.55 -19.93
C1G DGD WB . -32.02 60.18 -20.15
C2G DGD WB . -32.78 60.83 -18.96
O2G DGD WB . -33.91 59.99 -18.75
C3G DGD WB . -31.92 60.65 -17.67
O3G DGD WB . -31.63 61.94 -17.20
C1D DGD WB . -30.46 62.09 -16.45
C2D DGD WB . -29.27 62.38 -17.46
O2D DGD WB . -28.78 61.14 -17.85
C3D DGD WB . -28.12 63.18 -16.76
O3D DGD WB . -27.26 63.62 -17.76
C4D DGD WB . -28.68 64.35 -15.94
O4D DGD WB . -29.30 65.22 -16.82
C5D DGD WB . -29.68 63.76 -14.93
O5D DGD WB . -30.33 66.04 -14.82
C6D DGD WB . -30.20 64.89 -14.00
O6D DGD WB . -30.77 63.23 -15.63
C1E DGD WB . -30.24 67.27 -14.15
C2E DGD WB . -31.63 68.03 -14.20
O2E DGD WB . -32.59 67.16 -13.69
C3E DGD WB . -31.92 68.43 -15.66
O3E DGD WB . -33.10 69.16 -15.65
C4E DGD WB . -30.74 69.27 -16.22
O4E DGD WB . -30.66 70.43 -15.46
C5E DGD WB . -29.46 68.42 -16.12
O6E DGD WB . -29.23 68.05 -14.77
C6E DGD WB . -28.26 69.27 -16.60
O5E DGD WB . -28.20 69.17 -17.99
C38 PGT XB . -12.17 51.78 -31.56
C37 PGT XB . -11.45 51.88 -32.90
C36 PGT XB . -10.06 51.24 -32.89
C35 PGT XB . -10.11 49.73 -32.66
C34 PGT XB . -10.80 48.96 -33.77
C33 PGT XB . -10.61 47.46 -33.65
C32 PGT XB . -9.16 47.04 -33.43
C31 PGT XB . -8.33 47.04 -34.68
O31 PGT XB . -8.08 46.06 -35.33
O2 PGT XB . -7.86 48.25 -34.96
C2 PGT XB . -7.89 48.71 -36.32
C1 PGT XB . -6.56 48.46 -37.01
O3P PGT XB . -6.71 48.14 -38.37
P PGT XB . -6.34 49.30 -39.49
O1P PGT XB . -6.19 50.62 -38.80
O2P PGT XB . -5.25 48.84 -40.41
O4P PGT XB . -7.81 49.18 -40.20
C4 PGT XB . -8.20 47.91 -40.68
C5 PGT XB . -9.72 47.85 -40.74
O5 PGT XB . -10.33 48.04 -39.48
C6 PGT XB . -10.15 46.56 -41.41
O6 PGT XB . -9.72 46.57 -42.74
C3 PGT XB . -8.35 50.16 -36.28
O3 PGT XB . -8.88 50.54 -37.55
C11 PGT XB . -9.07 51.83 -37.77
O11 PGT XB . -8.35 52.50 -38.48
C12 PGT XB . -10.28 52.36 -37.05
C13 PGT XB . -10.25 53.89 -36.94
C14 PGT XB . -11.64 54.49 -36.75
C15 PGT XB . -11.65 55.99 -36.98
C16 PGT XB . -13.04 56.61 -36.88
C17 PGT XB . -13.43 57.01 -35.46
C37 PGT YB . -30.53 91.50 -74.13
C36 PGT YB . -30.17 90.03 -73.93
C35 PGT YB . -30.37 89.20 -75.18
C34 PGT YB . -30.13 87.72 -74.97
C33 PGT YB . -30.48 86.90 -76.21
C32 PGT YB . -30.26 85.41 -76.00
C31 PGT YB . -30.73 84.59 -77.17
O31 PGT YB . -30.01 84.11 -78.01
O2 PGT YB . -32.06 84.45 -77.16
C2 PGT YB . -32.62 83.28 -76.54
C1 PGT YB . -33.05 82.27 -77.59
O3P PGT YB . -33.86 81.24 -77.07
P PGT YB . -34.32 80.04 -78.08
O1P PGT YB . -35.79 79.77 -77.92
O2P PGT YB . -33.78 80.28 -79.45
O4P PGT YB . -33.44 78.89 -77.29
C4 PGT YB . -33.23 79.02 -75.91
C5 PGT YB . -32.67 77.72 -75.35
O5 PGT YB . -31.52 77.29 -76.03
C6 PGT YB . -33.76 76.67 -75.33
O6 PGT YB . -34.14 76.37 -76.64
C3 PGT YB . -33.71 83.75 -75.60
O3 PGT YB . -34.44 84.81 -76.20
C11 PGT YB . -34.99 85.71 -75.39
O11 PGT YB . -36.18 85.78 -75.20
C12 PGT YB . -33.97 86.61 -74.77
C13 PGT YB . -34.53 87.40 -73.59
C14 PGT YB . -33.72 88.66 -73.30
C15 PGT YB . -33.88 89.16 -71.87
C16 PGT YB . -33.17 88.27 -70.84
C17 PGT YB . -33.44 88.67 -69.40
C18 PGT YB . -34.68 88.01 -68.81
C19 PGT YB . -35.89 88.93 -68.75
C45 PGT ZB . -11.68 78.78 -39.67
C44 PGT ZB . -10.40 77.96 -39.57
C43 PGT ZB . -9.44 78.18 -40.74
C42 PGT ZB . -8.12 78.80 -40.32
C41 PGT ZB . -6.99 78.55 -41.33
C40 PGT ZB . -5.63 78.96 -40.78
C39 PGT ZB . -4.46 78.36 -41.56
C38 PGT ZB . -3.96 79.25 -42.69
C37 PGT ZB . -2.54 78.93 -43.12
C36 PGT ZB . -2.15 79.60 -44.43
C35 PGT ZB . -3.20 79.45 -45.51
C34 PGT ZB . -2.63 79.46 -46.93
C33 PGT ZB . -1.74 80.67 -47.17
C32 PGT ZB . -2.21 81.49 -48.35
C31 PGT ZB . -1.78 80.92 -49.67
O31 PGT ZB . -1.04 79.98 -49.81
O2 PGT ZB . -2.31 81.58 -50.69
C2 PGT ZB . -2.22 81.02 -52.00
C1 PGT ZB . -0.97 81.48 -52.72
O3P PGT ZB . -0.95 81.17 -54.10
P PGT ZB . 0.36 80.38 -54.67
O1P PGT ZB . 0.67 80.86 -56.06
O2P PGT ZB . 1.45 80.35 -53.65
O4P PGT ZB . -0.44 78.95 -54.72
C4 PGT ZB . 0.32 77.77 -54.62
C5 PGT ZB . 1.17 77.59 -55.86
O5 PGT ZB . 0.40 77.59 -57.05
C6 PGT ZB . 2.03 76.34 -55.72
O6 PGT ZB . 1.18 75.22 -55.61
C3 PGT ZB . -3.54 81.31 -52.70
O3 PGT ZB . -4.60 80.85 -51.88
C11 PGT ZB . -5.54 80.11 -52.45
O11 PGT ZB . -5.64 79.98 -53.64
C12 PGT ZB . -6.46 79.49 -51.44
C13 PGT ZB . -6.95 80.48 -50.39
C14 PGT ZB . -7.77 81.60 -51.01
C15 PGT ZB . -8.05 82.73 -50.03
C16 PGT ZB . -9.29 83.54 -50.40
C17 PGT ZB . -9.65 84.58 -49.33
C18 PGT ZB . -11.13 84.95 -49.34
C19 PGT ZB . -11.50 85.96 -48.26
C20 PGT ZB . -11.53 85.36 -46.86
C21 PGT ZB . -12.41 86.14 -45.89
C22 PGT ZB . -12.36 85.60 -44.46
C23 PGT ZB . -13.60 85.92 -43.64
C24 PGT ZB . -13.58 87.29 -43.00
MG CL0 AC . -13.99 103.64 -38.75
CHA CL0 AC . -15.94 101.08 -40.38
CHB CL0 AC . -11.65 103.05 -41.22
CHC CL0 AC . -12.57 106.55 -37.84
CHD CL0 AC . -16.89 104.51 -36.85
NA CL0 AC . -13.75 102.19 -40.50
C1A CL0 AC . -14.51 101.23 -40.88
C2A CL0 AC . -13.93 100.45 -42.03
C3A CL0 AC . -12.48 100.84 -41.84
C4A CL0 AC . -12.64 102.15 -41.17
CAA CL0 AC . -14.38 100.92 -43.41
CBA CL0 AC . -14.06 100.00 -44.59
CGA CL0 AC . -14.69 100.55 -45.84
O2A CL0 AC . -15.29 99.82 -46.76
NB CL0 AC . -12.34 104.64 -39.44
C1B CL0 AC . -11.52 104.30 -40.43
C2B CL0 AC . -10.43 105.28 -40.66
C3B CL0 AC . -10.70 106.29 -39.66
C4B CL0 AC . -11.92 105.83 -38.95
CMB CL0 AC . -9.32 105.25 -41.65
CAB CL0 AC . -9.96 107.54 -39.40
NC CL0 AC . -14.64 105.27 -37.53
C1C CL0 AC . -13.92 106.37 -37.28
C2C CL0 AC . -14.53 107.39 -36.42
C3C CL0 AC . -15.82 106.75 -36.13
C4C CL0 AC . -15.78 105.47 -36.85
CMC CL0 AC . -13.99 108.71 -35.96
CAC CL0 AC . -16.94 107.28 -35.29
CBC CL0 AC . -16.66 106.88 -33.85
ND CL0 AC . -15.95 103.07 -38.57
C1D CL0 AC . -17.00 103.41 -37.81
C2D CL0 AC . -18.23 102.63 -38.06
C3D CL0 AC . -17.74 101.72 -39.09
C4D CL0 AC . -16.45 102.00 -39.33
CMD CL0 AC . -19.64 102.59 -37.55
CAD CL0 AC . -18.21 100.61 -39.94
OBD CL0 AC . -19.37 100.06 -39.89
CBD CL0 AC . -17.07 100.16 -40.79
CGD CL0 AC . -17.55 100.34 -42.20
O1D CL0 AC . -17.96 101.43 -42.55
O2D CL0 AC . -17.88 99.21 -43.03
C1 CL0 AC . -16.68 100.23 -47.42
C2 CL0 AC . -17.12 101.69 -47.48
C3 CL0 AC . -18.40 102.08 -47.39
C4 CL0 AC . -19.53 101.08 -47.39
C5 CL0 AC . -18.73 103.50 -47.02
C6 CL0 AC . -19.49 103.50 -45.70
C7 CL0 AC . -19.83 104.91 -45.21
C8 CL0 AC . -20.63 105.74 -46.21
C9 CL0 AC . -20.74 107.18 -45.70
C10 CL0 AC . -22.01 105.13 -46.42
C11 CL0 AC . -22.73 105.79 -47.59
C12 CL0 AC . -23.81 104.85 -48.12
C13 CL0 AC . -24.55 105.46 -49.30
C14 CL0 AC . -25.85 104.69 -49.56
C15 CL0 AC . -23.67 105.54 -50.55
C16 CL0 AC . -23.50 104.20 -51.24
C17 CL0 AC . -22.33 104.21 -52.21
C18 CL0 AC . -21.80 102.80 -52.42
C19 CL0 AC . -21.48 102.53 -53.89
C20 CL0 AC . -20.55 102.58 -51.56
MG CLA BC . -32.94 54.37 -52.33
CHA CLA BC . -29.90 53.42 -53.77
CHB CLA BC . -34.57 52.98 -54.92
CHC CLA BC . -35.95 54.44 -50.56
CHD CLA BC . -31.22 55.23 -49.46
NA CLA BC . -32.32 53.25 -54.08
C1A CLA BC . -31.01 53.07 -54.51
C2A CLA BC . -31.01 52.33 -55.82
C3A CLA BC . -32.46 52.47 -56.27
C4A CLA BC . -33.18 52.93 -55.04
CMA CLA BC . -32.56 53.58 -57.32
CAA CLA BC . -30.60 50.82 -55.61
CBA CLA BC . -31.27 50.09 -54.52
CGA CLA BC . -30.47 49.97 -53.30
O1A CLA BC . -29.29 49.73 -53.42
O2A CLA BC . -30.90 50.47 -52.14
NB CLA BC . -34.92 53.79 -52.69
C1B CLA BC . -35.34 53.25 -53.85
C2B CLA BC . -36.75 52.98 -53.78
C3B CLA BC . -37.19 53.38 -52.56
C4B CLA BC . -36.01 53.91 -51.85
CMB CLA BC . -37.54 52.36 -54.90
CAB CLA BC . -38.65 53.18 -52.28
CBB CLA BC . -39.31 53.85 -51.43
NC CLA BC . -33.49 54.77 -50.33
C1C CLA BC . -34.76 54.75 -49.82
C2C CLA BC . -34.71 55.07 -48.41
C3C CLA BC . -33.39 55.30 -48.08
C4C CLA BC . -32.61 55.10 -49.31
CMC CLA BC . -35.90 55.15 -47.49
CAC CLA BC . -32.80 55.68 -46.75
CBC CLA BC . -32.50 54.42 -45.91
ND CLA BC . -31.00 54.32 -51.68
C1D CLA BC . -30.45 54.73 -50.53
C2D CLA BC . -29.03 54.54 -50.54
C3D CLA BC . -28.76 54.01 -51.81
C4D CLA BC . -29.98 53.93 -52.49
CMD CLA BC . -28.03 54.83 -49.43
CAD CLA BC . -27.73 53.55 -52.71
OBD CLA BC . -26.49 53.69 -52.65
CBD CLA BC . -28.42 53.20 -54.06
CGD CLA BC . -27.92 54.19 -55.13
O1D CLA BC . -28.71 54.82 -55.79
O2D CLA BC . -26.67 54.10 -55.53
CED CLA BC . -26.27 54.71 -56.78
C1 CLA BC . -32.26 50.15 -51.65
C2 CLA BC . -32.36 50.61 -50.19
C3 CLA BC . -33.41 50.71 -49.37
C4 CLA BC . -33.31 51.34 -47.97
C5 CLA BC . -34.74 49.96 -49.56
C6 CLA BC . -36.01 50.83 -49.47
C7 CLA BC . -37.27 50.04 -49.73
C8 CLA BC . -38.50 50.65 -49.04
C9 CLA BC . -38.19 51.00 -47.59
C10 CLA BC . -39.63 49.65 -49.11
C11 CLA BC . -40.87 49.88 -48.26
C12 CLA BC . -41.76 48.67 -48.63
C1 BCR CC . -33.67 107.35 -62.03
C2 BCR CC . -33.45 105.85 -62.27
C3 BCR CC . -32.21 105.56 -63.08
C4 BCR CC . -32.35 106.26 -64.41
C5 BCR CC . -32.64 107.73 -64.24
C6 BCR CC . -33.21 108.24 -63.14
C7 BCR CC . -33.01 109.65 -62.78
C8 BCR CC . -33.82 110.69 -63.02
C9 BCR CC . -33.55 112.06 -62.61
C10 BCR CC . -34.29 113.12 -63.04
C11 BCR CC . -34.04 114.50 -62.63
C33 BCR CC . -32.53 108.42 -65.53
C31 BCR CC . -32.96 107.70 -60.72
C32 BCR CC . -35.18 107.53 -61.83
C34 BCR CC . -32.43 112.28 -61.68
C12 BCR CC . -34.75 115.59 -63.00
C13 BCR CC . -35.91 115.82 -63.88
C14 BCR CC . -36.88 116.63 -63.41
C15 BCR CC . -38.08 117.00 -64.11
C16 BCR CC . -39.09 117.66 -63.51
C17 BCR CC . -39.02 118.03 -62.11
C18 BCR CC . -39.11 119.28 -61.60
C19 BCR CC . -39.26 120.38 -62.53
C20 BCR CC . -40.39 120.88 -63.06
C21 BCR CC . -41.65 120.25 -62.72
C22 BCR CC . -42.84 120.87 -62.61
C23 BCR CC . -43.99 120.04 -62.26
C35 BCR CC . -35.97 115.18 -65.23
C36 BCR CC . -39.04 119.57 -60.15
C37 BCR CC . -42.95 122.33 -62.81
MG CLA DC . -22.60 54.65 -45.90
CHA CLA DC . -22.69 51.31 -46.97
CHB CLA DC . -23.70 55.59 -48.94
CHC CLA DC . -23.77 57.68 -44.61
CHD CLA DC . -21.96 53.52 -42.71
NA CLA DC . -23.12 53.59 -47.73
C1A CLA DC . -23.01 52.22 -47.95
C2A CLA DC . -23.33 51.90 -49.37
C3A CLA DC . -23.44 53.28 -50.03
C4A CLA DC . -23.40 54.23 -48.85
CMA CLA DC . -22.20 53.52 -50.89
CAA CLA DC . -24.68 51.09 -49.46
CBA CLA DC . -25.92 51.86 -49.64
CGA CLA DC . -26.97 51.52 -48.68
O1A CLA DC . -27.04 52.16 -47.66
O2A CLA DC . -27.67 50.38 -48.79
NB CLA DC . -23.57 56.34 -46.66
C1B CLA DC . -23.90 56.48 -47.96
C2B CLA DC . -24.55 57.77 -48.15
C3B CLA DC . -24.60 58.39 -46.95
C4B CLA DC . -23.96 57.47 -45.98
CMB CLA DC . -25.07 58.26 -49.48
CAB CLA DC . -25.24 59.74 -46.92
CBB CLA DC . -24.81 60.70 -46.20
NC CLA DC . -22.82 55.46 -43.97
C1C CLA DC . -23.32 56.70 -43.67
C2C CLA DC . -23.31 56.87 -42.22
C3C CLA DC . -22.81 55.71 -41.67
C4C CLA DC . -22.49 54.82 -42.80
CMC CLA DC . -23.78 58.10 -41.49
CAC CLA DC . -22.59 55.38 -40.21
CBC CLA DC . -23.85 54.73 -39.61
ND CLA DC . -22.39 52.84 -44.98
C1D CLA DC . -22.09 52.53 -43.71
C2D CLA DC . -22.02 51.12 -43.52
C3D CLA DC . -22.24 50.58 -44.78
C4D CLA DC . -22.44 51.66 -45.65
CMD CLA DC . -21.74 50.34 -42.21
CAD CLA DC . -22.35 49.37 -45.56
OBD CLA DC . -22.00 48.21 -45.27
CBD CLA DC . -22.58 49.79 -47.04
CGD CLA DC . -21.33 49.39 -47.85
O1D CLA DC . -20.35 50.10 -47.83
O2D CLA DC . -21.50 48.52 -48.82
CED CLA DC . -21.39 48.93 -50.18
C1 CLA DC . -29.14 50.41 -48.60
C2 CLA DC . -29.46 49.80 -47.24
C3 CLA DC . -29.72 50.38 -46.05
C4 CLA DC . -29.82 51.90 -45.91
C5 CLA DC . -29.94 49.63 -44.73
C6 CLA DC . -30.97 50.25 -43.78
C7 CLA DC . -30.39 50.68 -42.46
C8 CLA DC . -31.06 51.95 -41.93
C9 CLA DC . -30.14 53.16 -42.05
C10 CLA DC . -31.42 51.72 -40.47
C11 CLA DC . -30.32 51.73 -39.43
C12 CLA DC . -30.94 52.54 -38.27
C13 CLA DC . -32.38 52.26 -37.78
C14 CLA DC . -33.19 53.56 -37.62
C15 CLA DC . -32.35 51.44 -36.47
C16 CLA DC . -32.15 52.18 -35.15
C17 CLA DC . -32.39 51.37 -33.90
C18 CLA DC . -31.18 51.26 -32.97
C19 CLA DC . -29.86 51.24 -33.70
C20 CLA DC . -31.21 52.39 -31.96
MG CLA EC . -41.35 56.24 -54.69
CHA CLA EC . -39.20 55.21 -57.25
CHB CLA EC . -43.75 54.27 -55.97
CHC CLA EC . -43.25 56.65 -51.80
CHD CLA EC . -38.60 57.63 -53.08
NA CLA EC . -41.43 54.85 -56.36
C1A CLA EC . -40.47 54.69 -57.35
C2A CLA EC . -41.10 54.17 -58.60
C3A CLA EC . -42.55 53.92 -58.19
C4A CLA EC . -42.58 54.28 -56.73
CMA CLA EC . -43.48 54.86 -58.96
CAA CLA EC . -40.42 52.83 -59.07
CBA CLA EC . -40.05 51.86 -58.02
CGA CLA EC . -40.74 50.58 -58.14
O1A CLA EC . -41.70 50.53 -58.87
O2A CLA EC . -40.65 49.67 -57.16
NB CLA EC . -43.21 55.56 -54.00
C1B CLA EC . -44.00 54.75 -54.75
C3B CLA EC . -45.14 55.19 -52.67
C4B CLA EC . -43.82 55.86 -52.77
CAB CLA EC . -46.23 55.11 -51.63
CBB CLA EC . -46.63 56.10 -50.95
NC CLA EC . -40.98 57.01 -52.76
C1C CLA EC . -41.89 57.08 -51.73
C2C CLA EC . -41.25 57.67 -50.57
C3C CLA EC . -39.94 57.95 -50.92
C4C CLA EC . -39.78 57.53 -52.31
CMC CLA EC . -41.92 57.93 -49.24
CAC CLA EC . -38.86 58.57 -50.06
CBC CLA EC . -37.84 57.52 -49.59
ND CLA EC . -39.34 56.39 -55.01
C1D CLA EC . -38.36 57.00 -54.32
C2D CLA EC . -37.10 56.86 -54.96
C3D CLA EC . -37.38 56.16 -56.14
C4D CLA EC . -38.75 55.91 -56.14
CMD CLA EC . -35.73 57.38 -54.48
CAD CLA EC . -36.83 55.59 -57.34
OBD CLA EC . -35.73 55.08 -57.57
CBD CLA EC . -38.05 55.31 -58.26
CGD CLA EC . -38.21 56.55 -59.17
O1D CLA EC . -37.44 57.47 -59.09
O2D CLA EC . -39.15 56.52 -60.09
CED CLA EC . -38.92 55.82 -61.32
C1 CLA EC . -40.08 48.33 -57.44
C2 CLA EC . -39.32 47.91 -56.19
C3 CLA EC . -39.72 47.79 -54.92
C4 CLA EC . -38.75 47.82 -53.73
C5 CLA EC . -41.15 47.42 -54.47
C6 CLA EC . -41.75 48.33 -53.39
C7 CLA EC . -42.77 49.30 -53.93
C8 CLA EC . -42.39 50.78 -53.71
C9 CLA EC . -40.99 51.09 -54.22
C10 CLA EC . -42.47 51.07 -52.24
C11 CLA EC . -43.30 52.26 -51.78
C12 CLA EC . -43.31 52.08 -50.25
C13 CLA EC . -43.62 53.29 -49.33
C14 CLA EC . -42.51 53.51 -48.31
C15 CLA EC . -45.00 53.11 -48.64
C16 CLA EC . -46.04 52.22 -49.33
MG CLA FC . -7.87 69.67 -44.66
CHA CLA FC . -5.72 66.99 -45.36
CHB CLA FC . -10.42 67.47 -44.48
CHC CLA FC . -9.85 72.01 -42.99
CHD CLA FC . -5.12 71.71 -44.33
NA CLA FC . -8.03 67.50 -44.83
C1A CLA FC . -7.05 66.65 -45.27
C2A CLA FC . -7.61 65.26 -45.24
C3A CLA FC . -9.07 65.58 -45.54
C4A CLA FC . -9.21 66.89 -44.83
CMA CLA FC . -9.25 65.81 -47.03
CAA CLA FC . -7.45 64.65 -43.80
CBA CLA FC . -7.89 63.26 -43.58
CGA CLA FC . -7.54 62.76 -42.25
O1A CLA FC . -6.96 61.69 -42.18
O2A CLA FC . -8.08 63.26 -41.14
NB CLA FC . -9.81 69.71 -43.87
C1B CLA FC . -10.66 68.67 -43.94
C2B CLA FC . -11.91 69.03 -43.30
C3B CLA FC . -11.80 70.30 -42.86
C4B CLA FC . -10.44 70.77 -43.22
CMB CLA FC . -13.10 68.09 -43.19
CAB CLA FC . -13.02 70.84 -42.18
CBB CLA FC . -13.71 71.80 -42.62
NC CLA FC . -7.54 71.55 -43.79
C1C CLA FC . -8.48 72.33 -43.16
C2C CLA FC . -7.82 73.56 -42.72
C3C CLA FC . -6.48 73.49 -43.09
C4C CLA FC . -6.32 72.20 -43.78
CMC CLA FC . -8.47 74.69 -41.98
CAC CLA FC . -5.40 74.49 -42.86
CBC CLA FC . -5.11 75.31 -44.15
ND CLA FC . -5.84 69.46 -44.78
C1D CLA FC . -4.86 70.36 -44.66
C2D CLA FC . -3.59 69.76 -44.84
C3D CLA FC . -3.86 68.41 -45.13
C4D CLA FC . -5.25 68.27 -45.10
CMD CLA FC . -2.20 70.42 -44.76
CAD CLA FC . -3.29 67.13 -45.45
OBD CLA FC . -2.12 66.79 -45.66
CBD CLA FC . -4.47 66.13 -45.64
CGD CLA FC . -4.44 65.63 -47.09
O1D CLA FC . -3.68 64.75 -47.42
O2D CLA FC . -5.38 66.05 -47.92
CED CLA FC . -5.41 65.55 -49.27
C1 CLA FC . -8.35 62.38 -39.99
C2 CLA FC . -8.72 63.27 -38.80
C3 CLA FC . -8.98 62.95 -37.52
C4 CLA FC . -9.12 61.49 -37.05
C5 CLA FC . -8.76 63.92 -36.33
C6 CLA FC . -7.75 65.04 -36.58
C7 CLA FC . -7.46 65.86 -35.35
MG CLA GC . -17.72 74.72 -43.42
CHA CLA GC . -14.27 74.93 -43.96
CHB CLA GC . -18.23 75.73 -46.61
CHC CLA GC . -21.12 75.06 -42.85
CHD CLA GC . -17.11 74.96 -40.02
NA CLA GC . -16.41 75.19 -45.09
C1A CLA GC . -15.03 75.09 -45.10
C2A CLA GC . -14.51 75.36 -46.50
C3A CLA GC . -15.76 75.79 -47.26
C4A CLA GC . -16.89 75.56 -46.29
CMA CLA GC . -15.67 77.28 -47.60
CAA CLA GC . -13.89 74.05 -47.11
CBA CLA GC . -13.36 74.16 -48.49
CGA CLA GC . -11.94 74.51 -48.56
O1A CLA GC . -11.13 73.62 -48.61
O2A CLA GC . -11.53 75.75 -48.25
NB CLA GC . -19.39 75.31 -44.55
C1B CLA GC . -19.33 75.67 -45.84
C2B CLA GC . -20.66 76.00 -46.32
C3B CLA GC . -21.52 75.83 -45.28
C4B CLA GC . -20.70 75.37 -44.14
CMB CLA GC . -20.97 76.45 -47.72
CAB CLA GC . -22.96 76.12 -45.57
CBB CLA GC . -23.92 75.40 -45.19
NC CLA GC . -18.92 74.97 -41.70
C1C CLA GC . -20.28 75.09 -41.69
C2C CLA GC . -20.73 75.24 -40.31
C3C CLA GC . -19.60 75.22 -39.50
C4C CLA GC . -18.45 75.05 -40.39
CMC CLA GC . -22.15 75.40 -39.86
CAC CLA GC . -19.53 75.34 -38.01
CBC CLA GC . -19.03 76.74 -37.58
ND CLA GC . -16.10 74.88 -42.20
C1D CLA GC . -15.98 75.00 -40.87
C2D CLA GC . -14.63 75.10 -40.46
C3D CLA GC . -13.89 75.09 -41.65
C4D CLA GC . -14.83 74.97 -42.69
CMD CLA GC . -14.07 75.23 -39.03
CAD CLA GC . -12.59 75.16 -42.23
OBD CLA GC . -11.55 75.68 -41.78
CBD CLA GC . -12.75 74.97 -43.76
CGD CLA GC . -12.11 76.19 -44.42
O1D CLA GC . -11.00 76.11 -44.91
O2D CLA GC . -12.69 77.37 -44.27
CED CLA GC . -11.91 78.56 -44.30
C1 CLA GC . -11.47 76.77 -49.32
C2 CLA GC . -11.58 78.14 -48.63
C3 CLA GC . -11.44 79.37 -49.14
C4 CLA GC . -10.88 79.62 -50.55
C5 CLA GC . -12.08 80.63 -48.53
C6 CLA GC . -13.21 80.35 -47.54
C7 CLA GC . -14.39 81.28 -47.70
C8 CLA GC . -14.60 82.26 -46.52
C9 CLA GC . -13.87 81.82 -45.25
C10 CLA GC . -16.08 82.38 -46.25
C11 CLA GC . -17.06 81.34 -46.77
C12 CLA GC . -17.27 80.42 -45.55
C13 CLA GC . -18.49 79.48 -45.50
C14 CLA GC . -19.77 80.20 -45.93
C15 CLA GC . -18.64 78.82 -44.10
C16 CLA GC . -17.94 79.45 -42.91
C17 CLA GC . -16.80 78.65 -42.33
C18 CLA GC . -15.97 79.44 -41.30
C19 CLA GC . -15.92 78.74 -39.97
C20 CLA GC . -14.58 79.63 -41.84
MG CLA HC . -18.71 83.80 -27.92
CHA CLA HC . -21.61 82.52 -29.38
CHB CLA HC . -17.36 80.74 -28.00
CHC CLA HC . -15.50 85.14 -27.51
CHD CLA HC . -20.02 86.96 -28.21
NA CLA HC . -19.34 81.90 -28.74
C1A CLA HC . -20.60 81.61 -29.26
C2A CLA HC . -20.64 80.16 -29.66
C3A CLA HC . -19.47 79.58 -28.86
C4A CLA HC . -18.68 80.79 -28.47
CMA CLA HC . -19.99 78.91 -27.59
CAA CLA HC . -20.46 80.00 -31.22
CBA CLA HC . -19.14 80.33 -31.82
CGA CLA HC . -18.70 79.38 -32.85
O1A CLA HC . -18.94 78.21 -32.70
O2A CLA HC . -17.93 79.79 -33.86
NB CLA HC . -16.75 83.05 -27.79
C1B CLA HC . -16.48 81.74 -27.83
C2B CLA HC . -15.05 81.54 -27.70
C3B CLA HC . -14.49 82.77 -27.56
C4B CLA HC . -15.58 83.75 -27.62
CMB CLA HC . -14.37 80.19 -27.72
CAB CLA HC . -12.99 82.78 -27.40
CBB CLA HC . -12.40 83.13 -26.34
NC CLA HC . -17.90 85.74 -27.87
C1C CLA HC . -16.58 86.06 -27.69
C2C CLA HC . -16.45 87.51 -27.72
C3C CLA HC . -17.71 88.04 -27.91
C4C CLA HC . -18.64 86.91 -28.00
CMC CLA HC . -15.17 88.28 -27.55
CAC CLA HC . -18.11 89.49 -28.01
CBC CLA HC . -18.75 89.97 -26.68
ND CLA HC . -20.42 84.64 -28.65
C1D CLA HC . -20.84 85.91 -28.68
C2D CLA HC . -22.14 86.01 -29.25
C3D CLA HC . -22.50 84.70 -29.56
C4D CLA HC . -21.45 83.88 -29.15
CMD CLA HC . -22.97 87.28 -29.50
CAD CLA HC . -23.53 83.84 -30.09
OBD CLA HC . -24.71 84.08 -30.36
CBD CLA HC . -23.00 82.39 -30.03
CGD CLA HC . -23.96 81.57 -29.14
O1D CLA HC . -25.09 81.36 -29.50
O2D CLA HC . -23.45 80.87 -28.15
CED CLA HC . -24.02 79.61 -27.78
C1 CLA HC . -16.74 80.62 -33.58
C2 CLA HC . -16.28 81.25 -34.90
C3 CLA HC . -15.69 80.71 -35.97
C4 CLA HC . -15.67 79.18 -36.19
C5 CLA HC . -14.65 81.42 -36.84
C6 CLA HC . -13.23 80.84 -36.80
C7 CLA HC . -12.52 81.06 -35.49
C8 CLA HC . -11.36 80.07 -35.31
C9 CLA HC . -11.87 78.68 -35.01
C10 CLA HC . -10.47 80.57 -34.19
C11 CLA HC . -9.38 79.64 -33.68
C12 CLA HC . -8.38 80.61 -33.03
C13 CLA HC . -7.26 80.06 -32.11
C14 CLA HC . -6.47 81.18 -31.42
C15 CLA HC . -6.34 79.10 -32.91
C16 CLA HC . -5.01 79.65 -33.45
C17 CLA HC . -5.09 80.34 -34.79
C18 CLA HC . -4.25 79.65 -35.87
C19 CLA HC . -4.98 79.59 -37.20
C20 CLA HC . -2.94 80.37 -36.05
MG CLA IC . -42.60 64.18 -66.86
CHA CLA IC . -42.96 61.18 -68.61
CHB CLA IC . -43.46 65.86 -69.65
CHC CLA IC . -43.01 67.14 -65.04
CHD CLA IC . -42.43 62.37 -63.93
NA CLA IC . -43.28 63.58 -68.84
C1A CLA IC . -43.27 62.29 -69.35
C2A CLA IC . -43.95 62.31 -70.69
C3A CLA IC . -43.79 63.77 -71.11
C4A CLA IC . -43.46 64.47 -69.81
CMA CLA IC . -42.60 63.91 -72.07
CAA CLA IC . -45.47 61.92 -70.54
CBA CLA IC . -46.16 61.41 -71.74
NB CLA IC . -43.16 66.16 -67.29
C1B CLA IC . -43.45 66.59 -68.54
C2B CLA IC . -43.78 68.01 -68.49
C3B CLA IC . -43.66 68.41 -67.20
C4B CLA IC . -43.24 67.23 -66.41
CMB CLA IC . -44.16 68.82 -69.69
CAB CLA IC . -43.95 69.86 -66.92
CBB CLA IC . -43.36 70.55 -66.05
NC CLA IC . -42.70 64.67 -64.81
C1C CLA IC . -42.87 65.93 -64.30
C2C CLA IC . -42.89 65.83 -62.84
C3C CLA IC . -42.73 64.50 -62.51
C4C CLA IC . -42.62 63.77 -63.78
CMC CLA IC . -43.06 66.99 -61.89
CAC CLA IC . -42.68 63.87 -61.15
CBC CLA IC . -44.00 63.13 -60.86
ND CLA IC . -42.70 62.22 -66.31
C1D CLA IC . -42.57 61.63 -65.12
C2D CLA IC . -42.68 60.21 -65.22
C3D CLA IC . -42.83 59.97 -66.59
C4D CLA IC . -42.81 61.21 -67.23
CMD CLA IC . -42.61 59.17 -64.09
CAD CLA IC . -42.98 58.96 -67.60
OBD CLA IC . -42.91 57.72 -67.54
CBD CLA IC . -43.11 59.69 -68.97
CGD CLA IC . -41.95 59.21 -69.87
O1D CLA IC . -42.17 58.65 -70.92
O2D CLA IC . -40.73 59.60 -69.56
CED CLA IC . -39.92 60.29 -70.52
MG CLA JC . -39.21 72.31 -71.90
CHA CLA JC . -39.87 68.98 -72.81
CHB CLA JC . -40.25 73.27 -74.97
CHC CLA JC . -39.39 75.65 -70.89
CHD CLA JC . -39.15 71.30 -68.59
NA CLA JC . -39.92 71.27 -73.67
C1A CLA JC . -40.04 69.89 -73.82
C2A CLA JC . -40.76 69.63 -75.13
C3A CLA JC . -40.46 70.90 -75.90
C4A CLA JC . -40.13 71.90 -74.83
CMA CLA JC . -39.23 70.68 -76.79
CAA CLA JC . -42.30 69.46 -74.89
NB CLA JC . -39.73 74.14 -72.79
C1B CLA JC . -40.12 74.25 -74.07
C2B CLA JC . -40.40 75.65 -74.37
C3B CLA JC . -40.18 76.36 -73.24
C4B CLA JC . -39.74 75.39 -72.21
CMB CLA JC . -40.87 76.14 -75.71
CAB CLA JC . -40.42 77.85 -73.33
CBB CLA JC . -40.48 78.62 -72.32
NC CLA JC . -39.27 73.31 -70.04
C1C CLA JC . -39.33 74.66 -69.85
C2C CLA JC . -39.35 74.94 -68.42
C3C CLA JC . -39.27 73.73 -67.76
C4C CLA JC . -39.22 72.69 -68.80
CMC CLA JC . -39.41 76.32 -67.81
CAC CLA JC . -39.26 73.47 -66.29
CBC CLA JC . -37.85 73.72 -65.70
ND CLA JC . -39.47 70.58 -70.86
C1D CLA JC . -39.39 70.30 -69.55
C2D CLA JC . -39.61 68.92 -69.29
C3D CLA JC . -39.80 68.35 -70.55
C4D CLA JC . -39.69 69.37 -71.49
CMD CLA JC . -39.63 68.20 -67.93
CAD CLA JC . -40.06 67.12 -71.26
OBD CLA JC . -39.77 65.96 -70.97
CBD CLA JC . -40.28 67.51 -72.74
CGD CLA JC . -39.37 66.62 -73.61
O1D CLA JC . -38.19 66.53 -73.35
O2D CLA JC . -39.88 66.04 -74.67
CED CLA JC . -39.02 65.54 -75.71
MG CLA KC . -28.06 88.29 -56.71
CHA CLA KC . -30.88 89.46 -55.03
CHB CLA KC . -30.03 87.38 -59.28
CHC CLA KC . -25.28 87.97 -58.80
CHD CLA KC . -26.09 89.71 -54.26
NA CLA KC . -30.16 88.52 -57.16
C1A CLA KC . -31.13 89.02 -56.31
C2A CLA KC . -32.42 89.12 -57.09
C3A CLA KC . -32.22 87.97 -58.07
C4A CLA KC . -30.73 87.89 -58.19
CMA CLA KC . -32.78 86.68 -57.47
CAA CLA KC . -32.49 90.48 -57.86
CBA CLA KC . -33.55 91.44 -57.49
CGA CLA KC . -34.63 91.56 -58.48
O1A CLA KC . -34.59 90.85 -59.45
O2A CLA KC . -35.47 92.60 -58.47
NB CLA KC . -27.73 87.76 -58.71
C1B CLA KC . -28.72 87.42 -59.55
C2B CLA KC . -28.16 87.12 -60.86
C3B CLA KC . -26.81 87.27 -60.77
C4B CLA KC . -26.52 87.69 -59.38
CMB CLA KC . -28.99 86.70 -62.05
CAB CLA KC . -26.02 87.00 -62.03
CBB CLA KC . -25.75 87.86 -62.91
NC CLA KC . -26.01 88.77 -56.55
C1C CLA KC . -25.05 88.56 -57.52
C2C CLA KC . -23.78 89.04 -57.00
C3C CLA KC . -23.99 89.52 -55.73
C4C CLA KC . -25.42 89.35 -55.44
CMC CLA KC . -22.46 88.99 -57.74
CAC CLA KC . -22.98 90.12 -54.78
CBC CLA KC . -23.10 91.65 -54.74
ND CLA KC . -28.35 89.38 -55.02
C1D CLA KC . -27.49 89.86 -54.11
C2D CLA KC . -28.17 90.54 -53.06
C3D CLA KC . -29.53 90.42 -53.37
C4D CLA KC . -29.60 89.68 -54.55
CMD CLA KC . -27.54 91.26 -51.85
CAD CLA KC . -30.86 90.72 -52.95
OBD CLA KC . -31.30 90.97 -51.82
CBD CLA KC . -31.82 90.12 -54.01
CGD CLA KC . -32.69 89.05 -53.32
O1D CLA KC . -32.50 87.87 -53.54
O2D CLA KC . -33.63 89.43 -52.49
CED CLA KC . -34.03 88.56 -51.42
C1 CLA KC . -36.12 93.02 -59.73
C2 CLA KC . -37.46 92.28 -59.84
C3 CLA KC . -38.35 92.23 -60.84
C4 CLA KC . -37.98 92.68 -62.27
C5 CLA KC . -39.87 92.25 -60.63
C6 CLA KC . -40.69 91.26 -61.46
C7 CLA KC . -40.21 89.84 -61.32
C8 CLA KC . -41.37 88.83 -61.32
C9 CLA KC . -40.83 87.41 -61.26
C10 CLA KC . -42.18 89.04 -62.58
C11 CLA KC . -43.63 88.57 -62.60
C12 CLA KC . -44.20 89.32 -63.81
C13 CLA KC . -44.96 88.55 -64.92
C14 CLA KC . -44.15 87.35 -65.43
MG CLA LC . -39.41 86.92 -51.34
CHA CLA LC . -37.36 87.41 -54.13
CHB CLA LC . -40.79 84.25 -52.90
CHC CLA LC . -42.10 86.92 -49.14
CHD CLA LC . -38.50 90.07 -50.24
NA CLA LC . -39.07 85.92 -53.25
C1A CLA LC . -38.16 86.29 -54.22
C2A CLA LC . -38.11 85.24 -55.29
C3A CLA LC . -39.37 84.42 -55.00
C4A CLA LC . -39.74 84.83 -53.61
CMA CLA LC . -40.48 84.82 -55.98
CAA CLA LC . -36.81 84.37 -55.14
CBA CLA LC . -36.37 83.60 -56.32
CGA CLA LC . -35.08 82.93 -56.13
O1A CLA LC . -34.24 83.48 -55.46
O2A CLA LC . -34.91 81.65 -56.46
NB CLA LC . -41.15 85.77 -51.07
C1B CLA LC . -41.48 84.73 -51.85
C2B CLA LC . -42.73 84.16 -51.39
C3B CLA LC . -43.15 84.88 -50.32
C4B CLA LC . -42.12 85.94 -50.11
CMB CLA LC . -43.40 82.97 -52.04
CAB CLA LC . -44.44 84.46 -49.68
CBB CLA LC . -44.52 83.62 -48.73
NC CLA LC . -40.18 88.29 -49.92
C1C CLA LC . -41.28 88.09 -49.13
C2C CLA LC . -41.46 89.26 -48.29
C3C CLA LC . -40.46 90.16 -48.59
C4C CLA LC . -39.64 89.52 -49.63
CMC CLA LC . -42.57 89.44 -47.29
CAC CLA LC . -40.20 91.53 -48.01
CBC CLA LC . -40.71 92.64 -48.94
ND CLA LC . -38.20 88.43 -51.98
C1D CLA LC . -37.94 89.65 -51.47
C2D CLA LC . -37.04 90.38 -52.27
C3D CLA LC . -36.77 89.54 -53.36
C4D CLA LC . -37.51 88.37 -53.15
CMD CLA LC . -36.48 91.79 -52.03
CAD CLA LC . -36.05 89.39 -54.59
OBD CLA LC . -35.12 90.07 -55.05
CBD CLA LC . -36.21 87.91 -55.03
CGD CLA LC . -36.60 87.90 -56.52
O1D CLA LC . -36.23 86.99 -57.24
O2D CLA LC . -37.22 88.95 -57.01
CED CLA LC . -37.67 88.94 -58.37
C1 CLA LC . -33.65 81.23 -57.12
C2 CLA LC . -33.41 79.77 -56.78
C3 CLA LC . -33.26 79.17 -55.58
C4 CLA LC . -32.98 79.96 -54.30
C5 CLA LC . -33.01 77.65 -55.39
C6 CLA LC . -33.10 76.79 -56.65
C7 CLA LC . -34.51 76.37 -57.00
C8 CLA LC . -34.53 75.02 -57.74
C9 CLA LC . -33.67 75.09 -59.00
C10 CLA LC . -35.96 74.69 -58.11
C11 CLA LC . -36.64 75.48 -59.21
C12 CLA LC . -37.20 74.36 -60.11
C13 CLA LC . -38.73 74.16 -60.27
C14 CLA LC . -39.18 74.44 -61.70
C15 CLA LC . -39.51 75.03 -59.24
MG CLA MC . -21.88 85.29 -38.65
CHA CLA MC . -22.22 83.15 -35.89
CHB CLA MC . -23.57 87.63 -36.86
CHC CLA MC . -20.57 87.86 -40.62
CHD CLA MC . -19.59 83.09 -39.97
NA CLA MC . -22.90 85.32 -36.74
C1A CLA MC . -23.00 84.29 -35.84
C2A CLA MC . -24.26 84.48 -35.02
C3A CLA MC . -24.81 85.81 -35.53
C4A CLA MC . -23.70 86.32 -36.40
CMA CLA MC . -26.07 85.57 -36.36
CAA CLA MC . -23.94 84.60 -33.48
CBA CLA MC . -23.19 85.78 -33.04
CGA CLA MC . -21.75 85.55 -33.00
O1A CLA MC . -21.39 84.43 -32.73
O2A CLA MC . -20.90 86.35 -33.65
NB CLA MC . -22.05 87.38 -38.72
C1B CLA MC . -22.81 88.10 -37.86
C2B CLA MC . -22.69 89.50 -38.17
C3B CLA MC . -21.86 89.62 -39.23
C4B CLA MC . -21.43 88.25 -39.60
CMB CLA MC . -23.42 90.60 -37.43
CAB CLA MC . -21.61 91.02 -39.71
CBB CLA MC . -20.49 91.59 -39.77
NC CLA MC . -20.32 85.45 -40.07
C1C CLA MC . -19.96 86.58 -40.76
C2C CLA MC . -18.84 86.24 -41.64
C3C CLA MC . -18.56 84.91 -41.47
C4C CLA MC . -19.51 84.40 -40.47
CMC CLA MC . -18.14 87.19 -42.57
CAC CLA MC . -17.50 84.09 -42.15
CBC CLA MC . -18.10 83.26 -43.30
ND CLA MC . -21.02 83.52 -38.10
C1D CLA MC . -20.15 82.72 -38.73
C2D CLA MC . -19.86 81.56 -37.97
C3D CLA MC . -20.66 81.67 -36.83
C4D CLA MC . -21.37 82.86 -36.95
CMD CLA MC . -18.88 80.42 -38.31
CAD CLA MC . -21.03 81.05 -35.59
OBD CLA MC . -20.84 79.91 -35.15
CBD CLA MC . -22.00 82.04 -34.87
CGD CLA MC . -23.31 81.27 -34.61
O1D CLA MC . -24.03 80.97 -35.53
O2D CLA MC . -23.46 80.71 -33.43
CED CLA MC . -24.60 79.87 -33.19
C1 CLA MC . -19.86 85.75 -34.51
C2 CLA MC . -18.51 85.99 -33.82
C3 CLA MC . -17.89 85.31 -32.83
C4 CLA MC . -18.25 83.86 -32.50
C5 CLA MC . -16.68 85.83 -32.05
C6 CLA MC . -15.72 84.75 -31.52
C7 CLA MC . -14.44 85.31 -30.97
C8 CLA MC . -13.23 84.89 -31.81
C9 CLA MC . -12.78 83.48 -31.44
C10 CLA MC . -12.13 85.90 -31.59
C11 CLA MC . -11.01 85.63 -30.62
C12 CLA MC . -11.35 86.55 -29.43
C13 CLA MC . -11.14 86.05 -27.99
C14 CLA MC . -11.66 87.05 -26.95
C15 CLA MC . -9.64 85.72 -27.76
C16 CLA MC . -8.95 86.14 -26.48
C17 CLA MC . -8.01 87.31 -26.61
C18 CLA MC . -6.59 86.99 -26.14
C19 CLA MC . -5.84 86.12 -27.13
C20 CLA MC . -5.83 88.29 -25.92
MG CLA NC . -28.89 110.46 -67.74
CHA CLA NC . -26.11 109.10 -69.36
CHB CLA NC . -26.99 113.09 -66.80
CHC CLA NC . -31.74 112.36 -66.97
CHD CLA NC . -30.87 108.14 -69.35
NA CLA NC . -26.81 111.02 -68.05
C1A CLA NC . -25.84 110.26 -68.68
C2A CLA NC . -24.47 110.80 -68.34
C3A CLA NC . -24.78 111.94 -67.37
C4A CLA NC . -26.28 112.07 -67.43
CMA CLA NC . -24.33 111.57 -65.96
CAA CLA NC . -23.75 111.32 -69.63
CBA CLA NC . -22.36 111.81 -69.48
CGA CLA NC . -21.36 110.80 -69.78
O1A CLA NC . -21.12 110.55 -70.94
O2A CLA NC . -20.54 110.32 -68.83
NB CLA NC . -29.28 112.40 -67.01
C1B CLA NC . -28.31 113.29 -66.70
C2B CLA NC . -28.92 114.52 -66.24
C3B CLA NC . -30.26 114.36 -66.27
C4B CLA NC . -30.51 112.98 -66.77
CMB CLA NC . -28.14 115.73 -65.79
CAB CLA NC . -31.09 115.53 -65.83
NC CLA NC . -30.96 110.27 -68.10
C1C CLA NC . -31.94 111.16 -67.71
C2C CLA NC . -33.23 110.65 -68.16
C3C CLA NC . -33.01 109.46 -68.83
C4C CLA NC . -31.56 109.23 -68.79
CMC CLA NC . -34.56 111.34 -67.93
CAC CLA NC . -34.01 108.57 -69.50
CBC CLA NC . -34.30 107.33 -68.62
ND CLA NC . -28.63 108.96 -69.08
C1D CLA NC . -29.49 108.08 -69.62
C2D CLA NC . -28.83 107.17 -70.51
C3D CLA NC . -27.48 107.53 -70.44
C4D CLA NC . -27.39 108.60 -69.55
CMD CLA NC . -29.46 106.05 -71.35
CAD CLA NC . -26.16 107.24 -70.91
OBD CLA NC . -25.73 106.32 -71.63
CBD CLA NC . -25.18 108.14 -70.11
CGD CLA NC . -24.40 107.24 -69.14
O1D CLA NC . -24.36 107.52 -67.96
O2D CLA NC . -23.56 106.37 -69.64
CED CLA NC . -22.18 106.72 -69.83
C1 CLA NC . -19.16 110.81 -68.74
C2 CLA NC . -18.24 109.66 -69.17
C3 CLA NC . -16.94 109.44 -68.89
C4 CLA NC . -16.25 108.12 -69.27
C5 CLA NC . -16.17 110.20 -67.79
C6 CLA NC . -15.03 111.10 -68.27
C7 CLA NC . -14.87 112.35 -67.44
C8 CLA NC . -13.45 112.93 -67.54
C9 CLA NC . -13.32 114.18 -66.68
C10 CLA NC . -13.16 113.25 -68.98
C11 CLA NC . -11.91 114.03 -69.33
C12 CLA NC . -11.81 113.85 -70.85
C13 CLA NC . -10.70 112.95 -71.45
C15 CLA NC . -9.35 113.21 -70.73
C16 CLA NC . -8.54 114.44 -71.15
C17 CLA NC . -7.23 114.63 -70.42
C18 CLA NC . -6.02 114.34 -71.30
C19 CLA NC . -5.97 115.24 -72.52
C20 CLA NC . -4.75 114.51 -70.48
MG CLA OC . -35.68 95.91 -51.38
CHA CLA OC . -39.01 95.60 -52.43
CHB CLA OC . -34.68 94.56 -54.29
CHC CLA OC . -32.46 95.36 -50.12
CHD CLA OC . -36.82 96.53 -48.18
NA CLA OC . -36.72 95.21 -53.15
C1A CLA OC . -38.08 95.29 -53.40
C2A CLA OC . -38.40 94.66 -54.73
C3A CLA OC . -37.02 94.34 -55.31
C4A CLA OC . -36.07 94.73 -54.21
CMA CLA OC . -36.92 92.83 -55.56
CAA CLA OC . -39.18 95.63 -55.68
CBA CLA OC . -39.98 95.00 -56.75
CGA CLA OC . -40.14 95.82 -57.95
O1A CLA OC . -40.27 97.01 -57.82
O2A CLA OC . -40.43 95.27 -59.13
NB CLA OC . -33.89 95.09 -52.11
C1B CLA OC . -33.74 94.61 -53.35
C2B CLA OC . -32.38 94.12 -53.54
C3B CLA OC . -31.71 94.33 -52.36
C4B CLA OC . -32.67 94.96 -51.44
CMB CLA OC . -31.93 93.51 -54.83
CAB CLA OC . -30.27 93.91 -52.27
CBB CLA OC . -29.27 94.42 -52.86
NC CLA OC . -34.79 95.94 -49.46
C1C CLA OC . -33.47 95.69 -49.17
C2C CLA OC . -33.28 95.81 -47.74
C3C CLA OC . -34.50 96.15 -47.18
C4C CLA OC . -35.45 96.23 -48.28
CMC CLA OC . -31.96 95.62 -47.03
CAC CLA OC . -34.81 96.37 -45.74
CBC CLA OC . -34.92 97.88 -45.43
ND CLA OC . -37.49 96.07 -50.45
C1D CLA OC . -37.81 96.30 -49.17
C2D CLA OC . -39.21 96.31 -48.97
C3D CLA OC . -39.75 96.03 -50.24
C4D CLA OC . -38.67 95.88 -51.11
CMD CLA OC . -39.99 96.54 -47.66
CAD CLA OC . -40.95 95.85 -50.99
OBD CLA OC . -42.09 95.54 -50.60
CBD CLA OC . -40.54 95.63 -52.46
CGD CLA OC . -41.12 94.27 -52.91
O1D CLA OC . -41.66 94.16 -53.99
O2D CLA OC . -40.82 93.20 -52.19
CED CLA OC . -41.15 91.89 -52.68
C1 CLA OC . -41.56 95.83 -59.92
C2 CLA OC . -41.37 95.41 -61.39
C3 CLA OC . -42.28 95.27 -62.37
C4 CLA OC . -43.80 95.25 -62.08
C5 CLA OC . -41.99 95.47 -63.86
C6 CLA OC . -40.76 96.34 -64.19
MG CLA PC . -34.80 101.32 -61.35
CHA CLA PC . -37.03 100.13 -58.92
CHB CLA PC . -32.78 98.71 -60.69
CHC CLA PC . -33.11 101.77 -64.38
CHD CLA PC . -37.22 103.55 -62.37
NA CLA PC . -34.91 99.62 -60.01
C1A CLA PC . -35.91 99.36 -59.09
C2A CLA PC . -35.64 98.03 -58.43
C3A CLA PC . -34.17 97.79 -58.75
C4A CLA PC . -33.89 98.78 -59.85
CMA CLA PC . -33.33 98.13 -57.53
CAA CLA PC . -36.58 96.90 -59.00
CBA CLA PC . -36.68 96.77 -60.46
CGA CLA PC . -37.86 97.42 -61.04
O1A CLA PC . -38.80 97.64 -60.31
O2A CLA PC . -38.04 97.49 -62.36
NB CLA PC . -33.22 100.39 -62.36
C1B CLA PC . -32.55 99.32 -61.86
C2B CLA PC . -31.51 98.92 -62.79
C3B CLA PC . -31.56 99.77 -63.86
C4B CLA PC . -32.66 100.72 -63.59
CMB CLA PC . -30.57 97.77 -62.56
CAB CLA PC . -30.56 99.51 -64.94
CBB CLA PC . -30.39 100.25 -65.96
NC CLA PC . -35.12 102.48 -63.09
C1C CLA PC . -34.31 102.52 -64.20
C2C CLA PC . -34.89 103.43 -65.17
C3C CLA PC . -36.05 103.94 -64.62
C4C CLA PC . -36.19 103.33 -63.30
CMC CLA PC . -34.31 103.75 -66.52
CAC CLA PC . -37.02 104.93 -65.21
CBC CLA PC . -36.52 106.37 -65.07
ND CLA PC . -36.72 101.77 -60.83
C1D CLA PC . -37.57 102.71 -61.29
C2D CLA PC . -38.81 102.67 -60.59
C3D CLA PC . -38.65 101.67 -59.63
C4D CLA PC . -37.37 101.16 -59.79
CMD CLA PC . -40.05 103.56 -60.83
CAD CLA PC . -39.28 100.97 -58.55
OBD CLA PC . -40.42 101.05 -58.06
CBD CLA PC . -38.30 99.85 -58.10
CGD CLA PC . -38.03 100.02 -56.60
O1D CLA PC . -38.13 99.08 -55.85
O2D CLA PC . -37.39 101.10 -56.21
CED CLA PC . -37.02 101.26 -54.84
C1 CLA PC . -37.18 98.39 -63.16
C2 CLA PC . -38.10 99.24 -64.04
C3 CLA PC . -37.82 100.00 -65.12
C4 CLA PC . -38.91 100.75 -65.90
C5 CLA PC . -36.51 99.90 -65.92
C6 CLA PC . -36.65 99.47 -67.38
C7 CLA PC . -35.34 99.40 -68.12
C8 CLA PC . -35.48 98.63 -69.44
C9 CLA PC . -35.22 97.15 -69.22
C10 CLA PC . -34.50 99.20 -70.43
MG CLA QC . 15.43 87.04 -35.91
CHA CLA QC . 16.16 90.47 -35.99
CHB CLA QC . 17.88 86.60 -33.65
CHC CLA QC . 14.02 84.00 -34.87
CHD CLA QC . 12.69 87.64 -37.90
NA CLA QC . 16.83 88.38 -34.91
C1A CLA QC . 17.01 89.72 -35.18
C2A CLA QC . 18.19 90.24 -34.41
C3A CLA QC . 18.82 88.97 -33.84
C4A CLA QC . 17.80 87.90 -34.15
CMA CLA QC . 20.13 88.68 -34.56
CAA CLA QC . 17.73 91.21 -33.26
CBA CLA QC . 16.81 90.67 -32.24
CGA CLA QC . 15.41 90.92 -32.54
O1A CLA QC . 15.14 91.81 -33.31
O2A CLA QC . 14.47 89.99 -32.31
NB CLA QC . 15.89 85.56 -34.50
C1B CLA QC . 16.97 85.62 -33.69
C2B CLA QC . 16.99 84.45 -32.83
C3B CLA QC . 15.92 83.68 -33.15
C4B CLA QC . 15.19 84.39 -34.23
CMB CLA QC . 18.07 84.18 -31.81
CAB CLA QC . 15.77 82.41 -32.37
CBB CLA QC . 15.82 81.25 -32.90
NC CLA QC . 13.64 85.99 -36.32
C1C CLA QC . 13.27 84.77 -35.80
C2C CLA QC . 11.96 84.42 -36.35
C3C CLA QC . 11.58 85.43 -37.20
C4C CLA QC . 12.66 86.43 -37.18
CMC CLA QC . 11.20 83.16 -36.03
CAC CLA QC . 10.32 85.53 -38.01
CBC CLA QC . 9.29 86.46 -37.33
ND CLA QC . 14.55 88.66 -36.76
C1D CLA QC . 13.48 88.77 -37.56
C2D CLA QC . 13.25 90.11 -37.95
C3D CLA QC . 14.29 90.84 -37.36
C4D CLA QC . 15.07 89.92 -36.66
CMD CLA QC . 12.10 90.65 -38.83
CAD CLA QC . 14.88 92.14 -37.18
OBD CLA QC . 14.73 93.19 -37.85
CBD CLA QC . 16.14 91.97 -36.29
CGD CLA QC . 17.36 92.38 -37.12
O1D CLA QC . 17.69 91.75 -38.09
O2D CLA QC . 18.19 93.28 -36.60
CED CLA QC . 19.55 92.94 -36.30
C1 CLA QC . 13.13 90.17 -32.92
C2 CLA QC . 12.49 88.79 -33.07
C3 CLA QC . 11.36 88.44 -33.70
C4 CLA QC . 10.70 89.39 -34.70
C5 CLA QC . 10.33 87.46 -33.11
C6 CLA QC . 10.54 85.98 -33.44
C7 CLA QC . 11.39 85.28 -32.42
C8 CLA QC . 10.63 84.13 -31.74
C9 CLA QC . 9.97 84.62 -30.46
C10 CLA QC . 11.62 83.03 -31.42
C11 CLA QC . 12.01 82.07 -32.52
C12 CLA QC . 12.50 80.85 -31.72
C13 CLA QC . 12.24 79.42 -32.25
C14 CLA QC . 10.90 79.33 -32.99
C15 CLA QC . 12.32 78.42 -31.08
C16 CLA QC . 12.80 77.00 -31.38
C17 CLA QC . 13.50 76.31 -30.24
C18 CLA QC . 14.27 75.06 -30.68
C19 CLA QC . 13.45 74.20 -31.62
C20 CLA QC . 14.66 74.26 -29.47
C1 PQN RC . 3.78 92.46 -47.47
O1 PQN RC . 3.06 93.40 -47.27
C2 PQN RC . 4.66 91.91 -46.42
C2M PQN RC . 4.52 92.64 -45.17
C3 PQN RC . 5.50 90.85 -46.59
C4 PQN RC . 5.55 90.17 -47.90
O4 PQN RC . 6.28 89.23 -48.08
C5 PQN RC . 4.67 90.72 -48.97
C6 PQN RC . 4.73 90.08 -50.20
C7 PQN RC . 3.92 90.57 -51.23
C8 PQN RC . 3.08 91.65 -51.03
C9 PQN RC . 3.03 92.29 -49.79
C10 PQN RC . 3.85 91.78 -48.79
C11 PQN RC . 6.38 90.29 -45.53
C12 PQN RC . 5.71 89.20 -44.82
C13 PQN RC . 6.29 87.99 -44.56
C14 PQN RC . 7.67 87.68 -44.97
C15 PQN RC . 5.38 87.08 -43.82
C16 PQN RC . 5.29 87.31 -42.33
C17 PQN RC . 6.01 86.16 -41.65
C18 PQN RC . 5.09 85.39 -40.72
C19 PQN RC . 4.95 86.19 -39.43
C20 PQN RC . 5.63 83.98 -40.48
C21 PQN RC . 6.84 83.97 -39.54
C22 PQN RC . 6.58 83.09 -38.31
C23 PQN RC . 7.18 81.69 -38.40
C24 PQN RC . 6.10 80.65 -38.68
C25 PQN RC . 7.93 81.34 -37.12
C26 PQN RC . 6.98 81.20 -35.93
C27 PQN RC . 7.56 81.97 -34.76
C28 PQN RC . 6.58 82.07 -33.60
C29 PQN RC . 6.26 80.67 -33.10
C30 PQN RC . 7.16 82.93 -32.48
MG CLA SC . -38.27 79.92 -78.27
CHA CLA SC . -38.67 81.71 -81.21
CHB CLA SC . -37.61 82.78 -76.62
CHC CLA SC . -37.53 78.14 -75.37
CHD CLA SC . -38.05 77.01 -80.14
NA CLA SC . -37.99 81.99 -78.89
C1A CLA SC . -38.38 82.50 -80.11
C2A CLA SC . -38.90 83.89 -79.88
C3A CLA SC . -38.17 84.28 -78.60
C4A CLA SC . -37.80 82.96 -78.00
CMA CLA SC . -36.89 85.07 -78.96
CAA CLA SC . -40.45 83.85 -79.64
CBA CLA SC . -41.32 84.47 -80.66
CGA CLA SC . -40.84 85.77 -81.14
O1A CLA SC . -40.47 86.59 -80.33
O2A CLA SC . -40.70 86.03 -82.45
NB CLA SC . -37.66 80.40 -76.32
C1B CLA SC . -37.47 81.66 -75.90
C2B CLA SC . -37.06 81.63 -74.50
C3B CLA SC . -37.02 80.34 -74.10
C4B CLA SC . -37.42 79.52 -75.28
CMB CLA SC . -36.75 82.87 -73.70
CAB CLA SC . -36.62 80.07 -72.68
CBB CLA SC . -37.43 80.04 -71.70
NC CLA SC . -37.86 77.90 -77.83
C1C CLA SC . -37.59 77.39 -76.59
C2C CLA SC . -37.35 75.96 -76.72
C3C CLA SC . -37.50 75.63 -78.05
C4C CLA SC . -37.83 76.87 -78.76
CMC CLA SC . -37.03 75.02 -75.59
CAC CLA SC . -37.37 74.28 -78.69
CBC CLA SC . -38.76 73.68 -78.99
ND CLA SC . -38.35 79.40 -80.23
C1D CLA SC . -38.22 78.22 -80.86
C2D CLA SC . -38.34 78.36 -82.26
C3D CLA SC . -38.51 79.73 -82.48
C4D CLA SC . -38.50 80.33 -81.22
CMD CLA SC . -38.28 77.26 -83.34
CAD CLA SC . -38.69 80.77 -83.45
OBD CLA SC . -38.91 80.71 -84.67
CBD CLA SC . -38.97 82.09 -82.67
CGD CLA SC . -38.01 83.17 -83.19
O1D CLA SC . -38.35 84.32 -83.25
O2D CLA SC . -36.87 82.77 -83.74
CED CLA SC . -36.56 83.12 -85.10
C1 BCR TC . -29.86 65.43 -33.61
C2 BCR TC . -28.67 66.42 -33.64
C3 BCR TC . -28.97 67.75 -33.01
C4 BCR TC . -30.17 68.36 -33.69
C5 BCR TC . -31.34 67.42 -33.65
C6 BCR TC . -31.21 66.09 -33.69
C7 BCR TC . -32.41 65.24 -33.53
C8 BCR TC . -33.18 64.74 -34.52
C9 BCR TC . -34.36 63.91 -34.37
C10 BCR TC . -34.94 63.34 -35.45
C11 BCR TC . -36.13 62.50 -35.47
C33 BCR TC . -32.57 68.16 -33.27
C31 BCR TC . -29.73 64.61 -32.32
C32 BCR TC . -29.65 64.50 -34.80
C34 BCR TC . -34.95 63.71 -33.02
C12 BCR TC . -36.58 62.01 -36.63
C13 BCR TC . -37.77 61.19 -36.83
C14 BCR TC . -38.23 61.08 -38.10
C15 BCR TC . -39.40 60.37 -38.54
C16 BCR TC . -39.59 60.17 -39.86
C17 BCR TC . -40.78 59.51 -40.38
C18 BCR TC . -41.07 59.47 -41.69
C19 BCR TC . -42.30 58.84 -42.13
C20 BCR TC . -42.61 58.55 -43.41
C21 BCR TC . -43.91 57.97 -43.71
C22 BCR TC . -44.32 57.59 -44.93
C23 BCR TC . -45.67 57.07 -45.10
C24 BCR TC . -46.06 56.03 -45.84
C25 BCR TC . -47.45 55.57 -45.98
C26 BCR TC . -48.44 56.38 -46.39
C27 BCR TC . -49.76 56.41 -45.69
C28 BCR TC . -49.71 55.69 -44.33
C29 BCR TC . -49.03 54.33 -44.40
C30 BCR TC . -47.79 54.25 -45.31
C35 BCR TC . -38.40 60.54 -35.66
C36 BCR TC . -40.18 60.07 -42.71
C38 BCR TC . -48.48 57.01 -47.72
C39 BCR TC . -48.04 53.21 -46.40
C40 BCR TC . -46.61 53.77 -44.43
C1 BCR UC . -26.87 74.67 -40.26
C2 BCR UC . -25.61 74.96 -41.09
C3 BCR UC . -25.86 75.88 -42.25
C4 BCR UC . -26.93 75.29 -43.14
C5 BCR UC . -28.17 75.00 -42.35
C6 BCR UC . -28.14 74.58 -41.08
C7 BCR UC . -29.22 73.72 -40.56
C8 BCR UC . -29.70 72.62 -41.15
C9 BCR UC . -30.78 71.75 -40.65
C10 BCR UC . -31.24 70.76 -41.41
C11 BCR UC . -32.30 69.84 -41.05
C33 BCR UC . -29.35 75.57 -43.04
C31 BCR UC . -26.96 75.77 -39.22
C32 BCR UC . -26.61 73.35 -39.53
C34 BCR UC . -31.35 71.98 -39.30
C12 BCR UC . -32.41 68.67 -41.69
C13 BCR UC . -33.41 67.65 -41.44
C14 BCR UC . -33.32 66.50 -42.13
C15 BCR UC . -34.22 65.38 -42.03
C16 BCR UC . -34.03 64.29 -42.78
C17 BCR UC . -34.95 63.18 -42.69
C18 BCR UC . -34.68 61.93 -43.09
C19 BCR UC . -35.73 60.95 -42.95
C20 BCR UC . -35.64 59.65 -43.20
C21 BCR UC . -36.83 58.84 -43.01
C22 BCR UC . -37.01 57.60 -43.48
C23 BCR UC . -38.28 56.95 -43.20
C24 BCR UC . -38.56 55.66 -43.46
C25 BCR UC . -39.84 55.00 -43.18
C26 BCR UC . -40.25 54.61 -41.96
C27 BCR UC . -41.50 53.84 -41.75
C28 BCR UC . -42.47 54.03 -42.91
C29 BCR UC . -41.77 53.66 -44.20
C30 BCR UC . -40.49 54.47 -44.45
C35 BCR UC . -34.48 67.93 -40.46
C36 BCR UC . -33.38 61.52 -43.68
C37 BCR UC . -35.95 56.93 -44.26
C38 BCR UC . -39.38 54.62 -40.75
C39 BCR UC . -40.81 55.64 -45.38
C40 BCR UC . -39.50 53.54 -45.15
C1 BCR VC . -42.85 87.29 -70.35
C2 BCR VC . -44.27 87.05 -70.91
C3 BCR VC . -44.87 85.73 -70.51
C4 BCR VC . -43.91 84.62 -70.91
C5 BCR VC . -42.58 84.83 -70.30
C6 BCR VC . -42.02 86.05 -70.18
C7 BCR VC . -40.55 86.19 -70.22
C8 BCR VC . -39.70 85.61 -71.07
C9 BCR VC . -38.25 85.77 -71.10
C10 BCR VC . -37.46 84.77 -70.67
C11 BCR VC . -36.00 84.77 -70.63
C33 BCR VC . -42.20 83.65 -69.47
C31 BCR VC . -43.02 88.02 -69.01
C32 BCR VC . -42.17 88.25 -71.33
C34 BCR VC . -37.65 87.04 -71.60
C12 BCR VC . -35.36 83.71 -70.11
C13 BCR VC . -33.91 83.54 -69.98
C14 BCR VC . -33.46 82.49 -69.26
C15 BCR VC . -32.07 82.18 -69.03
C16 BCR VC . -31.73 81.10 -68.31
C17 BCR VC . -30.35 80.78 -68.07
C18 BCR VC . -29.92 79.73 -67.35
C19 BCR VC . -28.51 79.53 -67.22
C20 BCR VC . -27.91 78.53 -66.58
C21 BCR VC . -26.47 78.48 -66.53
C22 BCR VC . -25.77 77.54 -65.88
C23 BCR VC . -24.32 77.60 -65.91
C24 BCR VC . -23.54 76.63 -65.44
C25 BCR VC . -22.09 76.64 -65.45
C26 BCR VC . -21.34 77.55 -64.81
C27 BCR VC . -19.87 77.54 -64.97
C28 BCR VC . -19.36 76.12 -64.98
C29 BCR VC . -19.97 75.39 -66.16
C30 BCR VC . -21.49 75.51 -66.25
C35 BCR VC . -33.03 84.50 -70.68
C36 BCR VC . -30.84 78.77 -66.69
C37 BCR VC . -26.44 76.47 -65.14
C38 BCR VC . -21.74 78.18 -63.53
C39 BCR VC . -22.12 74.19 -65.81
C40 BCR VC . -21.82 75.74 -67.72
C1 BCR WC . -21.58 85.02 -61.87
C2 BCR WC . -20.33 84.84 -62.77
C3 BCR WC . -20.41 83.64 -63.67
C4 BCR WC . -20.62 82.40 -62.84
C5 BCR WC . -21.81 82.54 -61.95
C6 BCR WC . -22.27 83.73 -61.52
C7 BCR WC . -23.40 83.80 -60.57
C8 BCR WC . -24.71 83.73 -60.87
C9 BCR WC . -25.82 83.81 -59.94
C10 BCR WC . -27.07 83.53 -60.37
C11 BCR WC . -28.30 83.56 -59.59
C33 BCR WC . -22.30 81.21 -61.51
C31 BCR WC . -22.52 85.98 -62.61
C32 BCR WC . -21.09 85.70 -60.60
C34 BCR WC . -25.59 84.21 -58.53
C12 BCR WC . -29.48 83.50 -60.23
C13 BCR WC . -30.79 83.56 -59.62
C14 BCR WC . -31.86 83.67 -60.43
C15 BCR WC . -33.24 83.75 -59.99
C16 BCR WC . -34.24 83.52 -60.84
C17 BCR WC . -35.61 83.62 -60.43
C18 BCR WC . -36.65 83.05 -61.07
C19 BCR WC . -37.97 83.28 -60.53
C20 BCR WC . -39.09 83.21 -61.26
C21 BCR WC . -40.37 83.48 -60.63
C22 BCR WC . -41.55 83.36 -61.27
C23 BCR WC . -42.77 83.67 -60.52
C24 BCR WC . -43.35 84.88 -60.51
C25 BCR WC . -44.57 85.26 -59.79
C26 BCR WC . -45.72 85.53 -60.44
C27 BCR WC . -46.67 86.57 -59.96
C28 BCR WC . -46.74 86.57 -58.45
C29 BCR WC . -45.35 86.79 -57.89
C30 BCR WC . -44.31 85.77 -58.37
C35 BCR WC . -30.89 83.49 -58.17
C36 BCR WC . -36.49 82.21 -62.27
C37 BCR WC . -41.61 82.96 -62.69
C38 BCR WC . -46.17 84.83 -61.67
C39 BCR WC . -44.30 84.59 -57.41
C40 BCR WC . -42.95 86.48 -58.32
C1 BCR XC . -15.78 86.30 -37.76
C2 BCR XC . -17.06 86.91 -38.36
C3 BCR XC . -17.13 88.40 -38.19
C4 BCR XC . -17.06 88.74 -36.73
C5 BCR XC . -15.84 88.15 -36.10
C6 BCR XC . -15.21 87.07 -36.59
C7 BCR XC . -14.01 86.52 -35.91
C8 BCR XC . -12.76 86.98 -36.01
C9 BCR XC . -11.57 86.43 -35.34
C10 BCR XC . -10.60 87.29 -34.96
C11 BCR XC . -10.58 88.73 -35.12
C33 BCR XC . -15.59 88.76 -34.77
C31 BCR XC . -14.76 86.19 -38.89
C32 BCR XC . -16.16 84.88 -37.30
C34 BCR XC . -11.46 84.97 -35.11
C12 BCR XC . -9.55 89.46 -34.67
C13 BCR XC . -9.42 90.91 -34.78
C14 BCR XC . -8.32 91.51 -34.24
C15 BCR XC . -7.24 90.85 -33.56
C16 BCR XC . -6.21 91.55 -33.04
C17 BCR XC . -6.13 92.99 -33.15
C18 BCR XC . -5.10 93.74 -32.72
C19 BCR XC . -3.98 93.03 -32.13
C20 BCR XC . -2.94 93.54 -31.46
C21 BCR XC . -1.95 92.60 -30.97
C22 BCR XC . -0.89 92.87 -30.17
C23 BCR XC . -0.03 91.76 -29.80
C24 BCR XC . 0.67 91.64 -28.67
C25 BCR XC . 1.54 90.51 -28.30
C26 BCR XC . 1.08 89.34 -27.82
C27 BCR XC . 1.99 88.28 -27.28
C28 BCR XC . 3.40 88.45 -27.81
C29 BCR XC . 3.87 89.85 -27.51
C30 BCR XC . 2.99 90.93 -28.13
C35 BCR XC . -10.49 91.66 -35.47
C37 BCR XC . -0.62 94.25 -29.70
C38 BCR XC . -0.34 89.10 -27.44
C39 BCR XC . 3.57 91.32 -29.49
C40 BCR XC . 3.04 92.15 -27.21
FE1 SF4 YC . 3.91 91.00 -62.39
FE2 SF4 YC . 4.43 92.24 -60.02
FE3 SF4 YC . 2.95 93.51 -61.92
FE4 SF4 YC . 5.63 93.12 -62.31
S1 SF4 YC . 4.66 94.41 -60.69
S2 SF4 YC . 3.97 92.78 -63.83
S3 SF4 YC . 5.91 91.09 -61.32
S4 SF4 YC . 2.40 91.61 -60.79
MG CLA ZC . -38.86 74.56 -43.06
CHA CLA ZC . -38.36 75.74 -39.79
CHB CLA ZC . -39.69 77.72 -43.96
CHC CLA ZC . -38.45 73.79 -46.44
CHD CLA ZC . -37.27 71.64 -42.17
NA CLA ZC . -39.07 76.45 -42.01
C1A CLA ZC . -38.85 76.68 -40.66
C2A CLA ZC . -38.88 78.16 -40.45
C3A CLA ZC . -39.83 78.60 -41.56
C4A CLA ZC . -39.63 77.51 -42.58
CMA CLA ZC . -41.27 78.57 -41.06
CAA CLA ZC . -37.46 78.78 -40.69
CBA CLA ZC . -37.40 79.97 -41.55
CGA CLA ZC . -36.35 79.94 -42.56
O1A CLA ZC . -35.40 80.66 -42.39
O2A CLA ZC . -36.64 79.62 -43.83
NB CLA ZC . -39.04 75.58 -44.88
C1B CLA ZC . -39.39 76.88 -44.97
C2B CLA ZC . -39.42 77.28 -46.36
C3B CLA ZC . -39.08 76.20 -47.11
C4B CLA ZC . -38.83 75.09 -46.16
CMB CLA ZC . -39.78 78.66 -46.83
CAB CLA ZC . -39.06 76.43 -48.59
CBB CLA ZC . -39.05 75.51 -49.46
NC CLA ZC . -37.99 72.96 -44.13
C1C CLA ZC . -37.94 72.84 -45.49
C2C CLA ZC . -37.27 71.60 -45.82
C3C CLA ZC . -36.93 70.98 -44.64
C4C CLA ZC . -37.40 71.85 -43.55
CMC CLA ZC . -37.01 71.10 -47.22
CAC CLA ZC . -36.22 69.66 -44.43
CBC CLA ZC . -34.69 69.82 -44.58
ND CLA ZC . -37.97 73.80 -41.39
C1D CLA ZC . -37.40 72.61 -41.16
C2D CLA ZC . -36.92 72.51 -39.82
C3D CLA ZC . -37.28 73.73 -39.23
C4D CLA ZC . -37.94 74.48 -40.20
CMD CLA ZC . -36.19 71.34 -39.16
CAD CLA ZC . -37.25 74.51 -38.01
OBD CLA ZC . -36.77 74.25 -36.90
CBD CLA ZC . -37.93 75.87 -38.32
CGD CLA ZC . -39.15 76.04 -37.40
O1D CLA ZC . -39.08 75.72 -36.23
O2D CLA ZC . -40.10 76.87 -37.78
CED CLA ZC . -40.90 77.54 -36.80
C1 CLA ZC . -37.49 80.54 -44.62
C2 CLA ZC . -36.76 80.84 -45.94
C3 CLA ZC . -36.57 80.10 -47.04
C4 CLA ZC . -36.42 80.75 -48.42
C5 CLA ZC . -36.01 78.65 -47.01
C6 CLA ZC . -35.86 77.95 -48.37
C7 CLA ZC . -34.90 76.79 -48.34
C8 CLA ZC . -35.49 75.54 -49.02
C9 CLA ZC . -34.60 74.33 -48.79
C10 CLA ZC . -35.62 75.81 -50.50
C11 CLA ZC . -36.09 74.68 -51.40
C12 CLA ZC . -36.38 75.39 -52.74
C13 CLA ZC . -37.82 75.46 -53.28
C14 CLA ZC . -37.89 75.09 -54.77
C15 CLA ZC . -38.41 76.87 -53.02
C16 CLA ZC . -37.87 78.02 -53.86
C17 CLA ZC . -38.47 79.38 -53.56
C18 CLA ZC . -37.44 80.45 -53.20
C19 CLA ZC . -38.10 81.75 -52.83
C20 CLA ZC . -36.59 79.97 -52.06
MG CLA AD . -0.07 73.59 -41.11
CHA CLA AD . 2.49 75.86 -40.29
CHB CLA AD . -2.29 75.67 -39.63
CHC CLA AD . -2.55 71.14 -41.18
CHD CLA AD . 2.35 71.17 -41.60
NA CLA AD . 0.08 75.54 -40.15
C1A CLA AD . 1.22 76.29 -39.99
C2A CLA AD . 0.86 77.65 -39.43
C3A CLA AD . -0.57 77.44 -38.95
C4A CLA AD . -0.99 76.18 -39.66
CMA CLA AD . -0.59 77.20 -37.44
CAA CLA AD . 0.93 78.72 -40.57
CBA CLA AD . 0.83 80.13 -40.15
CGA CLA AD . 1.93 80.54 -39.28
O1A CLA AD . 2.99 80.84 -39.79
O2A CLA AD . 1.86 80.39 -37.96
NB CLA AD . -2.07 73.45 -40.50
C1B CLA AD . -2.76 74.45 -39.91
C2B CLA AD . -4.12 74.02 -39.62
C3B CLA AD . -4.24 72.74 -40.05
C4B CLA AD . -2.92 72.36 -40.62
CMB CLA AD . -5.15 74.90 -38.97
CAB CLA AD . -5.58 72.10 -39.83
CBB CLA AD . -5.81 70.87 -39.96
NC CLA AD . -0.09 71.50 -41.35
C1C CLA AD . -1.20 70.69 -41.36
C2C CLA AD . -0.78 69.32 -41.55
C3C CLA AD . 0.59 69.31 -41.66
C4C CLA AD . 1.02 70.70 -41.54
CMC CLA AD . -1.71 68.14 -41.61
CAC CLA AD . 1.50 68.13 -41.89
CBC CLA AD . 1.82 67.43 -40.56
ND CLA AD . 1.97 73.48 -41.02
C1D CLA AD . 2.80 72.45 -41.21
C2D CLA AD . 4.15 72.83 -41.01
C3D CLA AD . 4.10 74.18 -40.64
C4D CLA AD . 2.75 74.54 -40.63
CMD CLA AD . 5.42 71.96 -41.16
CAD CLA AD . 4.87 75.33 -40.25
OBD CLA AD . 6.07 75.60 -40.41
CBD CLA AD . 3.85 76.45 -39.88
CGD CLA AD . 3.94 76.65 -38.35
O1D CLA AD . 3.15 76.14 -37.60
O2D CLA AD . 4.95 77.36 -37.88
CED CLA AD . 5.06 77.60 -36.46
C1 CLA AD . 1.87 81.60 -37.08
C2 CLA AD . 1.04 81.28 -35.84
C3 CLA AD . 1.38 80.64 -34.70
C4 CLA AD . 2.80 80.09 -34.47
C5 CLA AD . 0.58 80.75 -33.39
C6 CLA AD . -0.56 79.74 -33.24
C7 CLA AD . -0.10 78.39 -32.75
C8 CLA AD . -1.26 77.54 -32.20
C9 CLA AD . -2.22 77.14 -33.32
C10 CLA AD . -1.99 78.36 -31.15
C11 CLA AD . -2.80 77.65 -30.08
C12 CLA AD . -2.57 78.51 -28.81
C13 CLA AD . -2.54 80.06 -28.87
C14 CLA AD . -1.18 80.62 -28.42
C15 CLA AD . -3.69 80.67 -28.03
C16 CLA AD . -3.62 82.15 -27.71
C17 CLA AD . -3.88 83.09 -28.87
C18 CLA AD . -2.66 83.95 -29.23
C19 CLA AD . -2.41 85.04 -28.20
C20 CLA AD . -2.85 84.55 -30.60
MG CLA BD . -18.00 74.60 -24.89
CHA CLA BD . -16.52 75.82 -21.97
CHB CLA BD . -16.81 77.26 -26.55
CHC CLA BD . -18.38 72.93 -27.94
CHD CLA BD . -18.88 71.75 -23.19
NA CLA BD . -16.71 76.26 -24.36
C1A CLA BD . -16.24 76.56 -23.09
C2A CLA BD . -15.40 77.81 -23.18
C3A CLA BD . -15.94 78.46 -24.46
C4A CLA BD . -16.53 77.29 -25.19
CMA CLA BD . -17.03 79.46 -24.11
CAA CLA BD . -13.87 77.46 -23.34
CBA CLA BD . -13.15 76.91 -22.17
CGA CLA BD . -12.12 75.95 -22.53
O1A CLA BD . -12.40 75.05 -23.29
O2A CLA BD . -10.82 76.24 -22.35
NB CLA BD . -17.64 75.03 -26.91
C1B CLA BD . -17.16 76.22 -27.33
C2B CLA BD . -17.02 76.20 -28.77
C3B CLA BD . -17.46 75.00 -29.21
C4B CLA BD . -17.87 74.24 -28.01
CMB CLA BD . -16.50 77.36 -29.59
CAB CLA BD . -17.42 74.77 -30.69
CBB CLA BD . -18.45 74.74 -31.43
NC CLA BD . -18.54 72.64 -25.47
C1C CLA BD . -18.64 72.18 -26.76
C2C CLA BD . -19.04 70.78 -26.71
C3C CLA BD . -19.19 70.43 -25.38
C4C CLA BD . -18.87 71.63 -24.60
CMC CLA BD . -19.26 69.90 -27.92
CAC CLA BD . -19.61 69.09 -24.82
CBC CLA BD . -18.42 68.34 -24.19
ND CLA BD . -17.76 73.87 -23.00
C1D CLA BD . -18.19 72.73 -22.44
C2D CLA BD . -17.81 72.65 -21.07
C3D CLA BD . -17.14 73.87 -20.82
C4D CLA BD . -17.15 74.59 -22.02
CMD CLA BD . -18.07 71.51 -20.07
CAD CLA BD . -16.46 74.66 -19.85
OBD CLA BD . -16.22 74.45 -18.64
CBD CLA BD . -16.20 76.05 -20.48
CGD CLA BD . -17.17 77.06 -19.86
O1D CLA BD . -17.73 77.88 -20.56
O2D CLA BD . -17.18 77.19 -18.55
CED CLA BD . -17.53 78.44 -17.94
C1 CLA BD . -9.89 75.18 -21.88
C2 CLA BD . -9.16 74.63 -23.09
C3 CLA BD . -8.24 73.64 -23.20
C4 CLA BD . -7.30 73.51 -24.41
C5 CLA BD . -8.07 72.51 -22.18
C6 CLA BD . -7.91 71.09 -22.76
C7 CLA BD . -9.19 70.53 -23.34
C8 CLA BD . -9.00 69.58 -24.52
C9 CLA BD . -7.72 69.86 -25.30
C10 CLA BD . -10.20 69.74 -25.43
C11 CLA BD . -10.64 68.57 -26.30
C12 CLA BD . -10.92 67.46 -25.25
C13 CLA BD . -12.24 66.66 -25.31
MG CLA CD . -10.11 86.16 -22.07
CHA CLA CD . -12.12 83.31 -22.31
CHB CLA CD . -7.58 84.27 -20.98
CHC CLA CD . -7.85 88.75 -22.68
CHD CLA CD . -12.63 87.99 -23.52
NA CLA CD . -9.82 84.01 -21.87
C1A CLA CD . -10.82 83.05 -21.95
C2A CLA CD . -10.20 81.70 -21.73
C3A CLA CD . -8.86 82.04 -21.06
C4A CLA CD . -8.73 83.53 -21.28
CMA CLA CD . -8.96 81.76 -19.56
CAA CLA CD . -9.96 80.96 -23.09
CBA CLA CD . -10.59 79.63 -23.26
CGA CLA CD . -10.60 79.16 -24.64
O1A CLA CD . -10.60 79.99 -25.53
O2A CLA CD . -10.93 77.91 -24.94
NB CLA CD . -8.05 86.44 -21.86
C1B CLA CD . -7.23 85.50 -21.38
C2B CLA CD . -5.87 86.01 -21.35
C3B CLA CD . -5.91 87.28 -21.83
C4B CLA CD . -7.32 87.58 -22.16
CMB CLA CD . -4.69 85.22 -20.88
CAB CLA CD . -4.60 88.00 -21.88
CBB CLA CD . -4.43 89.16 -22.38
NC CLA CD . -10.23 88.07 -22.96
C1C CLA CD . -9.20 88.95 -23.11
C2C CLA CD . -9.71 90.15 -23.78
C3C CLA CD . -11.05 89.95 -24.02
C4C CLA CD . -11.37 88.62 -23.50
CMC CLA CD . -8.89 91.37 -24.12
CAC CLA CD . -12.02 90.87 -24.69
CBC CLA CD . -12.01 90.71 -26.22
ND CLA CD . -11.97 85.78 -22.81
C1D CLA CD . -12.89 86.61 -23.32
C2D CLA CD . -14.07 85.91 -23.68
C3D CLA CD . -13.83 84.59 -23.29
C4D CLA CD . -12.55 84.55 -22.74
CMD CLA CD . -15.33 86.49 -24.32
CAD CLA CD . -14.37 83.25 -23.23
OBD CLA CD . -15.51 82.82 -23.48
CBD CLA CD . -13.29 82.36 -22.56
CGD CLA CD . -13.87 81.84 -21.23
O1D CLA CD . -13.23 81.94 -20.21
O2D CLA CD . -14.91 81.04 -21.28
CED CLA CD . -15.04 79.96 -20.33
C1 CLA CD . -11.55 77.61 -26.25
C2 CLA CD . -11.46 76.10 -26.46
C3 CLA CD . -12.30 75.26 -27.11
C4 CLA CD . -13.64 75.73 -27.69
C5 CLA CD . -11.92 73.86 -27.59
C6 CLA CD . -10.41 73.62 -27.81
C7 CLA CD . -10.10 72.98 -29.14
C8 CLA CD . -9.57 71.55 -28.97
C9 CLA CD . -8.08 71.57 -28.62
C10 CLA CD . -9.80 70.77 -30.25
C11 CLA CD . -10.78 71.27 -31.29
C12 CLA CD . -10.88 70.06 -32.24
C13 CLA CD . -10.50 70.21 -33.74
C14 CLA CD . -11.34 71.28 -34.43
C15 CLA CD . -10.64 68.84 -34.45
C16 CLA CD . -12.01 68.16 -34.43
C17 CLA CD . -12.15 66.96 -35.33
C18 CLA CD . -13.32 67.07 -36.30
C19 CLA CD . -13.02 66.40 -37.63
C20 CLA CD . -14.56 66.46 -35.69
MG CLA DD . -7.80 59.03 -43.73
CHA CLA DD . -6.11 60.24 -46.57
CHB CLA DD . -4.84 58.00 -42.49
CHC CLA DD . -9.13 58.82 -40.50
CHD CLA DD . -10.61 60.73 -44.78
NA CLA DD . -5.75 59.09 -44.45
C1A CLA DD . -5.30 59.60 -45.66
C2A CLA DD . -3.80 59.67 -45.63
C3A CLA DD . -3.43 58.74 -44.48
C4A CLA DD . -4.75 58.50 -43.79
CMA CLA DD . -2.91 57.41 -45.04
CAA CLA DD . -3.32 61.15 -45.36
CBA CLA DD . -2.91 61.52 -44.00
CGA CLA DD . -3.48 62.80 -43.56
O1A CLA DD . -4.67 62.92 -43.60
O2A CLA DD . -2.72 63.81 -43.12
NB CLA DD . -7.09 58.49 -41.83
C1B CLA DD . -5.82 58.11 -41.59
C2B CLA DD . -5.66 57.81 -40.18
C3B CLA DD . -6.86 58.04 -39.57
C4B CLA DD . -7.79 58.47 -40.63
CMB CLA DD . -4.37 57.35 -39.55
CAB CLA DD . -6.91 57.79 -38.10
CBB CLA DD . -7.97 57.56 -37.45
NC CLA DD . -9.58 59.68 -42.79
C1C CLA DD . -9.91 59.49 -41.48
C2C CLA DD . -11.22 60.10 -41.25
C3C CLA DD . -11.65 60.63 -42.44
C4C CLA DD . -10.60 60.37 -43.43
CMC CLA DD . -11.95 60.11 -39.93
CAC CLA DD . -12.93 61.37 -42.72
CBC CLA DD . -12.70 62.90 -42.74
ND CLA DD . -8.30 60.25 -45.29
C1D CLA DD . -9.47 60.83 -45.61
C2D CLA DD . -9.37 61.58 -46.82
C3D CLA DD . -8.05 61.38 -47.25
C4D CLA DD . -7.44 60.54 -46.31
CMD CLA DD . -10.45 62.41 -47.51
CAD CLA DD . -7.08 61.68 -48.28
OBD CLA DD . -7.12 62.53 -49.18
CBD CLA DD . -5.73 61.09 -47.78
CGD CLA DD . -5.14 60.24 -48.93
O1D CLA DD . -4.65 59.17 -48.69
O2D CLA DD . -4.89 60.85 -50.08
CED CLA DD . -3.56 60.91 -50.59
C1 CLA DD . -2.93 64.34 -41.75
C2 CLA DD . -4.02 65.41 -41.81
C3 CLA DD . -4.54 66.19 -40.85
C4 CLA DD . -4.20 66.00 -39.36
C5 CLA DD . -5.69 67.20 -41.06
C6 CLA DD . -6.95 66.93 -40.24
C7 CLA DD . -8.05 67.94 -40.47
C8 CLA DD . -9.34 67.56 -39.72
C9 CLA DD . -10.13 66.53 -40.50
C10 CLA DD . -10.15 68.83 -39.53
C11 CLA DD . -9.48 70.04 -38.92
C12 CLA DD . -10.60 70.61 -38.03
C13 CLA DD . -11.00 72.10 -38.15
C14 CLA DD . -11.20 72.53 -39.61
C15 CLA DD . -9.95 72.99 -37.45
C16 CLA DD . -10.02 74.50 -37.69
C17 CLA DD . -8.71 75.23 -37.48
C18 CLA DD . -8.81 76.35 -36.45
C19 CLA DD . -9.33 75.84 -35.11
C20 CLA DD . -7.44 76.97 -36.25
MG CLA ED . -27.11 61.91 -50.54
CHA CLA ED . -24.48 64.00 -49.59
CHB CLA ED . -28.75 62.71 -47.73
CHC CLA ED . -29.32 59.25 -50.99
CHD CLA ED . -25.14 60.71 -53.10
NA CLA ED . -26.63 63.16 -48.83
C1A CLA ED . -25.53 63.98 -48.70
C2A CLA ED . -25.73 64.91 -47.53
C3A CLA ED . -27.00 64.38 -46.87
C4A CLA ED . -27.52 63.36 -47.85
CMA CLA ED . -26.66 63.70 -45.55
CAA CLA ED . -25.93 66.39 -48.02
CBA CLA ED . -27.10 67.11 -47.48
CGA CLA ED . -26.88 67.64 -46.14
O1A CLA ED . -25.82 67.41 -45.59
O2A CLA ED . -27.91 67.99 -45.36
NB CLA ED . -28.76 61.12 -49.51
C1B CLA ED . -29.24 61.65 -48.37
C2B CLA ED . -30.37 60.87 -47.92
C3B CLA ED . -30.58 59.88 -48.82
C4B CLA ED . -29.54 60.04 -49.86
CMB CLA ED . -31.15 61.19 -46.68
CAB CLA ED . -31.73 58.95 -48.55
CBB CLA ED . -32.90 59.10 -49.01
NC CLA ED . -27.21 60.25 -51.84
C1C CLA ED . -28.19 59.30 -51.86
C2C CLA ED . -27.88 58.34 -52.91
C3C CLA ED . -26.72 58.73 -53.51
C4C CLA ED . -26.29 59.96 -52.83
CMC CLA ED . -28.72 57.14 -53.23
CAC CLA ED . -25.98 58.06 -54.65
CBC CLA ED . -26.62 58.36 -56.01
ND CLA ED . -25.24 62.25 -51.26
C1D CLA ED . -24.55 61.69 -52.27
C2D CLA ED . -23.25 62.24 -52.38
C3D CLA ED . -23.16 63.16 -51.34
C4D CLA ED . -24.38 63.13 -50.67
CMD CLA ED . -22.16 61.89 -53.42
CAD CLA ED . -22.32 64.13 -50.68
OBD CLA ED . -21.11 64.38 -50.80
CBD CLA ED . -23.19 64.83 -49.61
CGD CLA ED . -22.45 64.72 -48.26
O1D CLA ED . -22.57 65.57 -47.42
O2D CLA ED . -21.91 63.55 -47.97
CED CLA ED . -21.34 63.34 -46.67
C1 CLA ED . -27.88 67.62 -43.92
C2 CLA ED . -28.69 66.33 -43.74
C3 CLA ED . -28.78 65.53 -42.66
C4 CLA ED . -27.69 65.47 -41.58
C5 CLA ED . -30.10 64.89 -42.20
C6 CLA ED . -30.02 63.42 -41.77
C7 CLA ED . -29.52 62.50 -42.85
C8 CLA ED . -28.85 61.25 -42.28
C9 CLA ED . -27.79 61.63 -41.26
C10 CLA ED . -28.20 60.50 -43.43
C11 CLA ED . -28.43 59.01 -43.54
C12 CLA ED . -28.71 58.82 -45.04
C13 CLA ED . -28.06 57.65 -45.82
C14 CLA ED . -28.20 57.83 -47.32
C15 CLA ED . -28.68 56.31 -45.35
C16 CLA ED . -27.86 55.45 -44.39
C17 CLA ED . -27.02 54.35 -45.01
C18 CLA ED . -26.81 53.16 -44.06
C19 CLA ED . -25.79 52.18 -44.60
C20 CLA ED . -26.39 53.66 -42.69
MG CLA FD . -39.15 65.86 -32.53
CHA CLA FD . -38.19 66.18 -29.17
CHB CLA FD . -36.39 67.58 -33.42
CHC CLA FD . -39.40 64.68 -35.82
CHD CLA FD . -41.68 63.76 -31.54
NA CLA FD . -37.49 66.73 -31.44
C1A CLA FD . -37.32 66.78 -30.07
C2A CLA FD . -35.91 67.18 -29.80
C3A CLA FD . -35.62 68.05 -31.03
C4A CLA FD . -36.59 67.51 -32.04
CMA CLA FD . -35.95 69.51 -30.72
CAA CLA FD . -34.99 65.91 -29.79
CBA CLA FD . -33.70 66.00 -29.08
CGA CLA FD . -33.43 64.88 -28.19
O1A CLA FD . -34.34 64.41 -27.53
O2A CLA FD . -32.21 64.33 -28.08
NB CLA FD . -38.06 66.10 -34.31
C1B CLA FD . -36.96 66.87 -34.41
C2B CLA FD . -36.45 66.82 -35.76
C3B CLA FD . -37.28 66.01 -36.48
C4B CLA FD . -38.33 65.54 -35.55
CMB CLA FD . -35.23 67.56 -36.23
CAB CLA FD . -36.92 65.83 -37.92
CBB CLA FD . -37.40 66.53 -38.87
NC CLA FD . -40.35 64.45 -33.52
C1C CLA FD . -40.29 64.12 -34.86
C2C CLA FD . -41.30 63.10 -35.12
C3C CLA FD . -41.95 62.83 -33.93
C4C CLA FD . -41.34 63.70 -32.91
CMC CLA FD . -41.55 62.47 -36.46
CAC CLA FD . -43.07 61.85 -33.68
CBC CLA FD . -44.42 62.58 -33.53
ND CLA FD . -39.82 65.09 -30.77
C1D CLA FD . -40.86 64.28 -30.51
C2D CLA FD . -40.97 64.02 -29.12
C3D CLA FD . -39.94 64.75 -28.53
C4D CLA FD . -39.27 65.41 -29.56
CMD CLA FD . -42.00 63.14 -28.39
CAD CLA FD . -39.28 65.11 -27.30
OBD CLA FD . -39.42 64.65 -26.15
CBD CLA FD . -38.04 65.95 -27.67
CGD CLA FD . -38.13 67.29 -26.89
O1D CLA FD . -37.12 67.91 -26.65
O2D CLA FD . -39.30 67.88 -26.83
CED CLA FD . -39.48 69.17 -27.42
C1 CLA FD . -31.82 63.26 -29.03
C2 CLA FD . -32.45 61.96 -28.53
C3 CLA FD . -32.64 60.79 -29.16
C4 CLA FD . -33.41 59.63 -28.52
C5 CLA FD . -32.34 60.54 -30.66
C6 CLA FD . -33.54 60.11 -31.50
C7 CLA FD . -33.20 59.78 -32.93
C8 CLA FD . -34.38 59.13 -33.66
C9 CLA FD . -34.83 57.86 -32.93
C10 CLA FD . -33.97 58.81 -35.07
C11 CLA FD . -35.04 58.41 -36.07
C12 CLA FD . -34.39 58.73 -37.43
C13 CLA FD . -35.03 58.19 -38.73
C14 CLA FD . -36.13 57.16 -38.47
C15 CLA FD . -33.93 57.62 -39.66
C16 CLA FD . -34.32 56.57 -40.69
C17 CLA FD . -33.29 56.24 -41.76
C18 CLA FD . -32.25 57.35 -41.98
C19 CLA FD . -30.85 56.86 -41.69
C20 CLA FD . -32.33 57.85 -43.41
MG CLA GD . -49.04 62.03 -36.62
CHA CLA GD . -51.34 60.11 -34.81
CHB CLA GD . -46.63 59.86 -35.74
CHC CLA GD . -46.96 63.20 -39.17
CHD CLA GD . -51.67 63.84 -37.91
NA CLA GD . -48.99 60.21 -35.44
C1A CLA GD . -50.05 59.67 -34.72
C2A CLA GD . -49.60 58.34 -34.17
C3A CLA GD . -48.09 58.53 -34.11
C4A CLA GD . -47.85 59.62 -35.12
CMA CLA GD . -47.69 59.03 -32.71
CAA CLA GD . -49.99 57.18 -35.17
CBA CLA GD . -49.60 55.81 -34.78
NB CLA GD . -47.11 61.60 -37.32
C1B CLA GD . -46.32 60.65 -36.77
C2B CLA GD . -45.06 60.61 -37.49
C3B CLA GD . -45.11 61.54 -38.47
C4B CLA GD . -46.44 62.19 -38.37
CMB CLA GD . -43.94 59.66 -37.14
CAB CLA GD . -43.87 61.63 -39.33
CBB CLA GD . -43.79 62.34 -40.37
NC CLA GD . -49.28 63.32 -38.27
C1C CLA GD . -48.31 63.67 -39.18
C2C CLA GD . -48.89 64.57 -40.16
C3C CLA GD . -50.21 64.76 -39.82
C4C CLA GD . -50.46 63.96 -38.61
CMC CLA GD . -48.15 65.17 -41.32
CAC CLA GD . -51.24 65.61 -40.52
CBC CLA GD . -52.08 64.78 -41.52
ND CLA GD . -51.07 62.02 -36.47
C1D CLA GD . -52.01 62.82 -37.01
C2D CLA GD . -53.31 62.45 -36.58
C3D CLA GD . -53.12 61.37 -35.70
C4D CLA GD . -51.73 61.16 -35.64
CMD CLA GD . -54.67 63.08 -36.99
CAD CLA GD . -53.74 60.41 -34.83
OBD CLA GD . -54.91 60.33 -34.44
CBD CLA GD . -52.60 59.74 -34.02
CGD CLA GD . -52.59 60.39 -32.62
O1D CLA GD . -53.09 61.47 -32.46
O2D CLA GD . -51.74 59.92 -31.74
CED CLA GD . -50.87 60.83 -31.03
MG CLA HD . -44.97 78.41 -47.40
CHA CLA HD . -43.19 81.07 -46.05
CHB CLA HD . -47.51 79.08 -45.27
CHC CLA HD . -46.95 75.99 -48.90
CHD CLA HD . -42.99 78.58 -50.23
NA CLA HD . -45.32 79.92 -45.88
C1A CLA HD . -44.39 80.84 -45.42
C2A CLA HD . -44.76 81.28 -44.03
C3A CLA HD . -45.99 80.43 -43.71
C4A CLA HD . -46.36 79.84 -45.04
CMA CLA HD . -45.60 79.33 -42.72
CAA CLA HD . -45.11 82.81 -43.99
CBA CLA HD . -45.93 83.33 -45.09
CGA CLA HD . -47.37 83.18 -44.89
O1A CLA HD . -47.94 83.97 -44.16
O2A CLA HD . -48.09 82.38 -45.67
NB CLA HD . -46.91 77.67 -47.11
C1B CLA HD . -47.76 78.13 -46.16
C2B CLA HD . -49.01 77.40 -46.24
C3B CLA HD . -48.90 76.50 -47.26
C4B CLA HD . -47.54 76.68 -47.84
CMB CLA HD . -50.16 77.66 -45.32
CAB CLA HD . -50.09 75.64 -47.53
CBB CLA HD . -51.04 75.99 -48.29
NC CLA HD . -44.97 77.44 -49.27
C1C CLA HD . -45.86 76.49 -49.68
C2C CLA HD . -45.52 76.07 -51.03
C3C CLA HD . -44.40 76.79 -51.43
C4C CLA HD . -44.06 77.67 -50.30
CMC CLA HD . -46.25 75.05 -51.84
CAC CLA HD . -43.68 76.73 -52.75
CBC CLA HD . -42.28 76.11 -52.64
ND CLA HD . -43.44 79.56 -48.07
C1D CLA HD . -42.71 79.51 -49.20
C2D CLA HD . -41.71 80.52 -49.22
C3D CLA HD . -41.85 81.17 -47.99
C4D CLA HD . -42.89 80.54 -47.31
CMD CLA HD . -40.69 80.83 -50.33
CAD CLA HD . -41.33 82.21 -47.14
OBD CLA HD . -40.27 82.84 -47.21
CBD CLA HD . -42.16 82.18 -45.83
CGD CLA HD . -41.20 81.83 -44.66
O1D CLA HD . -41.44 80.88 -43.96
O2D CLA HD . -40.39 82.77 -44.25
CED CLA HD . -39.95 82.79 -42.87
C1 CLA HD . -48.46 82.82 -47.03
C2 CLA HD . -47.93 81.79 -48.03
C3 CLA HD . -47.93 81.81 -49.37
C4 CLA HD . -48.66 82.91 -50.17
C5 CLA HD . -47.44 80.68 -50.28
C6 CLA HD . -48.53 79.76 -50.83
C7 CLA HD . -48.21 79.20 -52.20
C8 CLA HD . -48.76 77.78 -52.41
C9 CLA HD . -48.58 77.34 -53.85
C10 CLA HD . -50.23 77.77 -52.03
MG CLA ID . -28.06 70.96 -59.87
CHA CLA ID . -28.38 69.76 -56.58
CHB CLA ID . -29.33 73.91 -58.84
CHC CLA ID . -28.87 71.85 -63.16
CHD CLA ID . -27.37 67.75 -60.89
NA CLA ID . -28.72 71.75 -57.95
C1A CLA ID . -28.65 71.10 -56.72
C2A CLA ID . -28.73 72.13 -55.62
C3A CLA ID . -28.79 73.45 -56.38
C4A CLA ID . -29.08 73.02 -57.80
CMA CLA ID . -29.91 74.32 -55.84
CAA CLA ID . -27.47 72.06 -54.69
CBA CLA ID . -27.71 72.10 -53.24
CGA CLA ID . -26.70 72.85 -52.49
O1A CLA ID . -26.68 74.05 -52.58
O2A CLA ID . -25.98 72.27 -51.51
NB CLA ID . -28.95 72.60 -60.82
C1B CLA ID . -29.39 73.70 -60.16
C2B CLA ID . -29.94 74.64 -61.11
C3B CLA ID . -29.83 74.10 -62.35
C4B CLA ID . -29.18 72.78 -62.18
CMB CLA ID . -30.52 75.97 -60.71
CAB CLA ID . -30.36 74.92 -63.49
CBB CLA ID . -29.72 75.82 -64.11
NC CLA ID . -28.11 69.96 -61.73
C1C CLA ID . -28.45 70.50 -62.94
C2C CLA ID . -28.35 69.47 -63.95
C3C CLA ID . -27.93 68.31 -63.34
C4C CLA ID . -27.78 68.63 -61.91
CMC CLA ID . -28.65 69.66 -65.42
CAC CLA ID . -27.67 66.96 -63.95
CBC CLA ID . -26.17 66.71 -64.14
ND CLA ID . -27.88 69.14 -58.99
C1D CLA ID . -27.62 67.92 -59.51
C2D CLA ID . -27.62 66.92 -58.52
C3D CLA ID . -27.92 67.58 -57.33
C4D CLA ID . -28.09 68.94 -57.65
CMD CLA ID . -27.34 65.41 -58.70
CAD CLA ID . -28.12 67.44 -55.91
OBD CLA ID . -28.14 66.44 -55.18
CBD CLA ID . -28.49 68.84 -55.36
CGD CLA ID . -29.93 68.77 -54.83
O1D CLA ID . -30.75 68.08 -55.40
O2D CLA ID . -30.17 69.23 -53.61
CED CLA ID . -31.48 69.07 -53.04
C1 CLA ID . -26.61 72.05 -50.19
C2 CLA ID . -26.47 70.56 -49.86
C3 CLA ID . -26.87 69.47 -50.54
C4 CLA ID . -28.32 68.99 -50.50
C5 CLA ID . -26.12 68.92 -51.76
C6 CLA ID . -25.04 67.88 -51.45
C7 CLA ID . -23.92 67.87 -52.46
C8 CLA ID . -24.34 67.16 -53.76
C9 CLA ID . -24.94 65.79 -53.46
C10 CLA ID . -23.11 67.01 -54.63
C11 CLA ID . -23.21 67.37 -56.10
C12 CLA ID . -22.58 66.14 -56.78
C13 CLA ID . -22.75 65.92 -58.30
C14 CLA ID . -23.51 64.63 -58.61
C15 CLA ID . -21.37 65.94 -59.01
C16 CLA ID . -20.70 64.60 -59.29
C17 CLA ID . -19.54 64.64 -60.28
C18 CLA ID . -19.37 63.31 -61.01
C19 CLA ID . -19.67 63.42 -62.49
C20 CLA ID . -17.95 62.80 -60.80
MG CLA JD . -36.40 70.19 -59.88
CHA CLA JD . -35.46 70.37 -63.24
CHB CLA JD . -33.21 70.75 -59.00
CHC CLA JD . -37.38 71.14 -56.65
CHD CLA JD . -39.69 70.06 -60.85
NA CLA JD . -34.58 70.61 -60.99
C1A CLA JD . -34.43 70.56 -62.36
C2A CLA JD . -33.00 70.85 -62.72
C3A CLA JD . -32.28 70.74 -61.38
C4A CLA JD . -33.40 70.64 -60.37
CMA CLA JD . -31.46 69.45 -61.34
CAA CLA JD . -32.84 72.29 -63.33
CBA CLA JD . -33.54 73.39 -62.63
CGA CLA JD . -34.01 74.44 -63.54
O1A CLA JD . -34.94 74.20 -64.28
O2A CLA JD . -33.50 75.68 -63.52
NB CLA JD . -35.44 70.83 -58.12
C1B CLA JD . -34.10 70.97 -58.03
C2B CLA JD . -33.76 71.42 -56.70
C3B CLA JD . -34.90 71.54 -55.99
C4B CLA JD . -36.01 71.16 -56.90
CMB CLA JD . -32.35 71.67 -56.25
CAB CLA JD . -34.73 72.01 -54.58
CBB CLA JD . -35.63 71.97 -53.69
NC CLA JD . -38.25 70.54 -58.91
C1C CLA JD . -38.42 70.90 -57.60
C2C CLA JD . -39.85 71.03 -57.34
C3C CLA JD . -40.51 70.74 -58.52
C4C CLA JD . -39.49 70.42 -59.52
CMC CLA JD . -40.46 71.43 -56.03
CAC CLA JD . -41.99 70.72 -58.77
CBC CLA JD . -42.45 71.99 -59.52
ND CLA JD . -37.42 70.24 -61.63
C1D CLA JD . -38.73 70.13 -61.90
C2D CLA JD . -38.99 70.18 -63.29
C3D CLA JD . -37.72 70.27 -63.88
C4D CLA JD . -36.79 70.27 -62.84
CMD CLA JD . -40.35 70.12 -64.02
CAD CLA JD . -36.99 70.34 -65.12
OBD CLA JD . -37.34 70.05 -66.29
CBD CLA JD . -35.50 70.48 -64.77
CGD CLA JD . -34.74 69.30 -65.41
O1D CLA JD . -34.45 68.34 -64.73
O2D CLA JD . -34.13 69.52 -66.55
CED CLA JD . -32.71 69.34 -66.67
C1 CLA JD . -34.06 76.69 -62.60
C2 CLA JD . -33.10 77.87 -62.61
C3 CLA JD . -32.99 78.92 -61.76
C4 CLA JD . -33.91 79.10 -60.54
C5 CLA JD . -31.90 80.01 -61.85
C6 CLA JD . -30.72 79.71 -62.77
C7 CLA JD . -29.74 80.86 -62.84
C8 CLA JD . -28.45 80.50 -63.58
C9 CLA JD . -27.50 79.76 -62.66
C10 CLA JD . -27.83 81.78 -64.07
C11 CLA JD . -26.35 81.81 -64.41
C12 CLA JD . -26.13 83.30 -64.75
C13 CLA JD . -24.83 83.78 -65.44
C14 CLA JD . -25.11 84.69 -66.63
C15 CLA JD . -23.94 82.56 -65.82
C16 CLA JD . -23.90 82.12 -67.29
C17 CLA JD . -22.54 82.21 -67.94
C18 CLA JD . -21.83 80.87 -68.05
C19 CLA JD . -20.45 80.90 -67.43
C20 CLA JD . -21.73 80.46 -69.50
MG CLA KD . -30.33 76.99 -70.60
CHA CLA KD . -32.18 74.87 -68.52
CHB CLA KD . -33.20 78.52 -71.49
CHC CLA KD . -28.57 79.76 -71.81
CHD CLA KD . -27.45 75.77 -69.18
NA CLA KD . -32.42 76.72 -70.07
C1A CLA KD . -32.94 75.78 -69.22
C2A CLA KD . -34.30 76.27 -68.79
C3A CLA KD . -34.72 77.05 -70.03
C4A CLA KD . -33.39 77.40 -70.66
CMA CLA KD . -35.50 76.13 -70.98
CAA CLA KD . -34.14 77.21 -67.54
CBA CLA KD . -35.37 77.80 -66.97
CGA CLA KD . -35.22 79.23 -66.65
O1A CLA KD . -35.75 80.03 -67.39
O2A CLA KD . -34.22 79.67 -65.88
NB CLA KD . -30.82 78.83 -71.50
C1B CLA KD . -32.09 79.21 -71.76
C2B CLA KD . -32.08 80.52 -72.38
C3B CLA KD . -30.78 80.91 -72.49
C4B CLA KD . -29.96 79.82 -71.93
CMB CLA KD . -33.30 81.26 -72.81
CAB CLA KD . -30.56 82.25 -73.12
CBB CLA KD . -29.44 82.82 -73.23
NC CLA KD . -28.33 77.66 -70.51
C1C CLA KD . -27.83 78.80 -71.07
C2C CLA KD . -26.41 78.88 -70.78
C3C CLA KD . -26.07 77.77 -70.03
C4C CLA KD . -27.31 76.98 -69.87
CMC CLA KD . -25.50 80.00 -71.22
CAC CLA KD . -24.72 77.40 -69.50
CBC CLA KD . -23.89 76.69 -70.59
ND CLA KD . -29.84 75.64 -69.16
C1D CLA KD . -28.65 75.21 -68.70
C2D CLA KD . -28.81 74.22 -67.69
C3D CLA KD . -30.19 74.04 -67.58
C4D CLA KD . -30.79 74.90 -68.49
CMD CLA KD . -27.71 73.50 -66.90
CAD CLA KD . -31.24 73.32 -66.91
OBD CLA KD . -31.19 72.27 -66.24
CBD CLA KD . -32.59 73.88 -67.43
CGD CLA KD . -33.39 72.70 -68.03
O1D CLA KD . -32.85 71.93 -68.77
O2D CLA KD . -34.71 72.82 -68.02
CED CLA KD . -35.51 71.91 -68.81
C1 CLA KD . -34.40 80.84 -64.99
C2 CLA KD . -33.90 82.08 -65.74
C3 CLA KD . -33.15 83.11 -65.30
C4 CLA KD . -32.49 83.11 -63.92
C5 CLA KD . -32.69 84.30 -66.17
C6 CLA KD . -31.26 84.80 -65.91
C7 CLA KD . -30.52 85.16 -67.18
C8 CLA KD . -29.44 86.24 -66.94
C9 CLA KD . -28.60 85.92 -65.72
C10 CLA KD . -30.14 87.57 -66.78
C11 CLA KD . -29.50 88.82 -67.38
C12 CLA KD . -29.40 88.47 -68.87
MG CLA LD . -27.74 80.09 -41.20
CHA CLA LD . -30.43 79.91 -38.95
CHB CLA LD . -25.61 79.91 -38.58
CHC CLA LD . -25.03 79.67 -43.33
CHD CLA LD . -29.90 79.16 -43.73
NA CLA LD . -27.99 79.92 -39.04
C1A CLA LD . -29.18 80.02 -38.34
C2A CLA LD . -28.91 80.31 -36.88
C3A CLA LD . -27.39 80.47 -36.85
C4A CLA LD . -26.94 80.00 -38.21
CMA CLA LD . -27.02 81.94 -36.66
CAA CLA LD . -29.37 79.13 -35.95
CBA CLA LD . -28.72 77.83 -36.12
CGA CLA LD . -29.53 76.86 -36.86
O1A CLA LD . -29.67 77.04 -38.05
O2A CLA LD . -29.84 75.66 -36.34
NB CLA LD . -25.67 79.83 -40.97
C1B CLA LD . -25.04 79.79 -39.78
C2B CLA LD . -23.62 79.62 -39.99
C3B CLA LD . -23.40 79.55 -41.32
C4B CLA LD . -24.73 79.69 -41.97
CMB CLA LD . -22.63 79.54 -38.86
CAB CLA LD . -21.98 79.36 -41.77
CBB CLA LD . -21.38 78.26 -41.88
NC CLA LD . -27.51 79.50 -43.21
C1C CLA LD . -26.32 79.40 -43.89
C2C CLA LD . -26.60 78.97 -45.25
C3C CLA LD . -27.97 78.82 -45.37
C4C CLA LD . -28.54 79.16 -44.06
CMC CLA LD . -25.56 78.73 -46.32
CAC CLA LD . -28.75 78.40 -46.58
CBC CLA LD . -29.20 76.92 -46.49
ND CLA LD . -29.71 79.59 -41.37
C1D CLA LD . -30.45 79.28 -42.44
C2D CLA LD . -31.81 79.05 -42.08
C3D CLA LD . -31.86 79.28 -40.71
C4D CLA LD . -30.57 79.64 -40.31
CMD CLA LD . -32.95 78.64 -43.02
CAD CLA LD . -32.70 79.32 -39.54
OBD CLA LD . -33.94 79.18 -39.42
CBD CLA LD . -31.80 79.64 -38.33
CGD CLA LD . -32.36 80.88 -37.64
O1D CLA LD . -32.15 81.98 -38.09
O2D CLA LD . -32.95 80.75 -36.47
CED CLA LD . -32.80 81.75 -35.45
C1 CLA LD . -31.27 75.30 -36.15
C2 CLA LD . -31.87 74.95 -37.52
C3 CLA LD . -32.97 75.39 -38.12
C4 CLA LD . -34.10 76.06 -37.32
C5 CLA LD . -33.00 75.83 -39.61
C6 CLA LD . -33.80 74.94 -40.57
C7 CLA LD . -33.45 75.21 -42.02
C8 CLA LD . -34.10 74.22 -43.00
C9 CLA LD . -33.95 72.78 -42.48
C10 CLA LD . -33.41 74.36 -44.34
C11 CLA LD . -32.18 73.52 -44.64
C12 CLA LD . -32.50 72.94 -46.03
C13 CLA LD . -31.55 71.90 -46.69
C14 CLA LD . -31.18 70.78 -45.71
C15 CLA LD . -30.29 72.61 -47.25
C16 CLA LD . -30.05 72.55 -48.76
C17 CLA LD . -30.99 73.37 -49.61
C18 CLA LD . -31.01 72.94 -51.08
C19 CLA LD . -32.40 72.48 -51.51
C20 CLA LD . -30.57 74.09 -51.95
MG CLA MD . -13.26 77.45 -53.41
CHA CLA MD . -9.95 77.09 -54.47
CHB CLA MD . -13.38 74.17 -52.75
CHC CLA MD . -16.19 77.87 -51.54
CHD CLA MD . -12.85 80.88 -53.52
NA CLA MD . -11.79 75.85 -53.42
C1A CLA MD . -10.51 75.95 -53.95
C2A CLA MD . -9.85 74.57 -53.94
C3A CLA MD . -11.04 73.65 -53.63
C4A CLA MD . -12.10 74.59 -53.12
CMA CLA MD . -11.52 73.00 -54.93
CAA CLA MD . -8.74 74.47 -52.85
CBA CLA MD . -9.00 75.11 -51.54
CGA CLA MD . -7.80 75.30 -50.73
O1A CLA MD . -6.82 74.62 -50.98
O2A CLA MD . -7.86 75.89 -49.53
NB CLA MD . -14.56 76.21 -52.32
C1B CLA MD . -14.38 74.89 -52.21
C2B CLA MD . -15.45 74.33 -51.41
C3B CLA MD . -16.27 75.34 -51.04
C4B CLA MD . -15.70 76.57 -51.64
CMB CLA MD . -15.59 72.88 -51.08
CAB CLA MD . -17.45 74.97 -50.21
CBB CLA MD . -18.58 75.55 -50.27
NC CLA MD . -14.33 79.11 -52.66
C1C CLA MD . -15.49 79.04 -51.92
C2C CLA MD . -15.90 80.40 -51.61
C3C CLA MD . -14.98 81.26 -52.15
C4C CLA MD . -13.98 80.43 -52.82
CMC CLA MD . -17.13 80.74 -50.80
CAC CLA MD . -14.95 82.77 -52.09
CBC CLA MD . -14.00 83.27 -50.99
ND CLA MD . -11.76 78.75 -53.86
C1D CLA MD . -11.73 80.10 -53.90
C2D CLA MD . -10.47 80.58 -54.31
C3D CLA MD . -9.71 79.44 -54.55
C4D CLA MD . -10.54 78.34 -54.29
CMD CLA MD . -10.02 82.05 -54.44
CAD CLA MD . -8.43 78.93 -54.98
OBD CLA MD . -7.57 79.47 -55.69
CBD CLA MD . -8.47 77.39 -54.79
CGD CLA MD . -8.04 76.73 -56.12
O1D CLA MD . -8.71 75.84 -56.59
O2D CLA MD . -6.79 76.87 -56.50
CED CLA MD . -6.40 76.50 -57.83
C1 CLA MD . -7.28 75.21 -48.34
C2 CLA MD . -7.54 76.10 -47.13
C3 CLA MD . -7.08 77.34 -46.82
C4 CLA MD . -6.10 78.09 -47.73
C5 CLA MD . -7.59 78.18 -45.65
C6 CLA MD . -7.32 79.69 -45.74
C7 CLA MD . -7.81 80.47 -44.54
C8 CLA MD . -9.07 81.28 -44.85
C9 CLA MD . -8.87 82.15 -46.09
C10 CLA MD . -9.38 82.15 -43.66
C11 CLA MD . -10.82 82.23 -43.17
C12 CLA MD . -10.73 83.24 -42.01
C13 CLA MD . -11.33 82.88 -40.64
C14 CLA MD . -12.87 82.85 -40.67
C15 CLA MD . -10.81 83.86 -39.56
C16 CLA MD . -10.33 83.27 -38.24
C17 CLA MD . -9.05 83.84 -37.70
C18 CLA MD . -7.90 82.83 -37.59
C19 CLA MD . -8.37 81.42 -37.28
C20 CLA MD . -6.92 83.28 -36.53
MG CLA ND . -25.53 87.10 -75.46
CHA CLA ND . -26.57 85.30 -78.32
CHB CLA ND . -25.84 89.98 -77.16
CHC CLA ND . -25.58 88.94 -72.48
CHD CLA ND . -25.80 84.18 -73.65
C1A CLA ND . -26.31 86.63 -78.57
C2A CLA ND . -26.91 87.46 -79.67
C3A CLA ND . -26.34 88.86 -79.41
C4A CLA ND . -26.58 89.09 -77.95
CMA CLA ND . -24.84 88.87 -79.70
CAA CLA ND . -28.48 87.46 -79.57
CBA CLA ND . -29.23 88.11 -80.65
CGA CLA ND . -30.55 88.61 -80.25
NB CLA ND . -25.69 89.12 -74.93
C1B CLA ND . -25.80 90.11 -75.83
C2B CLA ND . -25.89 91.38 -75.14
C3B CLA ND . -25.81 91.14 -73.81
C4B CLA ND . -25.69 89.67 -73.66
CMB CLA ND . -26.02 92.70 -75.84
CAB CLA ND . -25.88 92.33 -72.91
CBB CLA ND . -26.96 92.79 -72.40
NC CLA ND . -25.67 86.64 -73.41
C1C CLA ND . -25.67 87.53 -72.37
C2C CLA ND . -25.77 86.79 -71.11
C3C CLA ND . -25.84 85.46 -71.43
C4C CLA ND . -25.77 85.36 -72.89
CMC CLA ND . -25.81 87.42 -69.74
CAC CLA ND . -25.94 84.29 -70.48
CBC CLA ND . -27.40 83.78 -70.39
ND CLA ND . -26.08 85.16 -75.83
C1D CLA ND . -26.11 84.09 -75.03
C2D CLA ND . -26.52 82.93 -75.72
C3D CLA ND . -26.72 83.35 -77.03
C4D CLA ND . -26.42 84.71 -77.08
CMD CLA ND . -26.72 81.51 -75.15
CAD CLA ND . -27.10 82.95 -78.36
OBD CLA ND . -27.84 82.03 -78.73
CBD CLA ND . -26.77 84.14 -79.30
CGD CLA ND . -25.49 83.77 -80.06
O1D CLA ND . -25.29 82.63 -80.42
O2D CLA ND . -24.65 84.72 -80.40
CED CLA ND . -23.27 84.41 -80.66
MG CLA OD . -26.29 96.95 -77.27
CHA CLA OD . -25.79 94.87 -80.02
CHB CLA OD . -23.99 99.06 -78.49
CHC CLA OD . -27.30 99.44 -75.03
CHD CLA OD . -28.98 94.99 -76.36
NA CLA OD . -25.14 97.03 -79.12
C1A CLA OD . -25.02 96.01 -80.05
C2A CLA OD . -24.18 96.49 -81.19
C3A CLA OD . -23.46 97.69 -80.59
C4A CLA OD . -24.17 97.94 -79.28
CMA CLA OD . -21.99 97.35 -80.32
CAA CLA OD . -25.08 96.87 -82.42
CBA CLA OD . -25.81 98.15 -82.33
CGA CLA OD . -27.26 98.06 -82.48
O1A CLA OD . -27.92 98.04 -81.47
O2A CLA OD . -27.86 98.35 -83.64
NB CLA OD . -25.73 98.92 -76.85
C1B CLA OD . -24.74 99.57 -77.50
C2B CLA OD . -24.60 100.90 -76.96
C3B CLA OD . -25.52 101.05 -75.98
C4B CLA OD . -26.26 99.77 -75.89
CMB CLA OD . -23.60 101.91 -77.45
CAB CLA OD . -25.54 102.38 -75.29
CBB CLA OD . -26.53 102.82 -74.63
NC CLA OD . -27.88 97.18 -75.92
C1C CLA OD . -28.11 98.26 -75.10
C2C CLA OD . -29.32 98.01 -74.32
C3C CLA OD . -29.79 96.77 -74.69
C4C CLA OD . -28.88 96.24 -75.71
CMC CLA OD . -29.90 98.96 -73.31
CAC CLA OD . -31.02 96.06 -74.17
CBC CLA OD . -32.20 96.19 -75.16
ND CLA OD . -27.24 95.30 -78.00
C1D CLA OD . -28.29 94.60 -77.53
C2D CLA OD . -28.58 93.50 -78.37
C3D CLA OD . -27.62 93.54 -79.38
C4D CLA OD . -26.80 94.65 -79.11
CMD CLA OD . -29.72 92.47 -78.19
CAD CLA OD . -27.13 92.92 -80.58
OBD CLA OD . -27.38 91.79 -81.06
CBD CLA OD . -25.87 93.71 -81.03
CGD CLA OD . -24.64 92.80 -80.92
O1D CLA OD . -24.19 92.52 -79.83
O2D CLA OD . -23.92 92.59 -82.00
CED CLA OD . -22.66 91.91 -81.92
C1 CLA OD . -28.42 99.70 -83.86
C2 CLA OD . -29.88 99.68 -83.40
C3 CLA OD . -30.82 100.65 -83.41
C4 CLA OD . -30.50 102.07 -83.90
C5 CLA OD . -32.12 100.62 -82.58
C6 CLA OD . -32.23 101.71 -81.51
C7 CLA OD . -33.60 101.77 -80.88
MG CLA PD . -27.11 117.62 -60.33
CHA CLA PD . -28.64 120.64 -61.27
CHB CLA PD . -29.49 115.98 -62.09
CHC CLA PD . -25.12 114.75 -60.52
CHD CLA PD . -24.37 119.44 -59.29
NA CLA PD . -28.88 118.22 -61.44
C1A CLA PD . -29.27 119.51 -61.75
C2A CLA PD . -30.27 119.45 -62.87
C3A CLA PD . -30.86 118.05 -62.65
C4A CLA PD . -29.73 117.34 -61.94
CMA CLA PD . -32.08 118.13 -61.73
CAA CLA PD . -29.54 119.52 -64.24
CBA CLA PD . -29.55 120.82 -64.94
CGA CLA PD . -28.96 120.77 -66.28
O1A CLA PD . -28.43 121.77 -66.70
O2A CLA PD . -28.67 119.59 -66.86
NB CLA PD . -27.28 115.71 -61.16
C1B CLA PD . -28.38 115.28 -61.84
C2B CLA PD . -28.17 113.91 -62.29
C3B CLA PD . -26.94 113.52 -61.87
C4B CLA PD . -26.36 114.67 -61.14
CMB CLA PD . -29.17 113.11 -63.08
CAB CLA PD . -26.54 112.12 -62.24
CBB CLA PD . -25.34 111.71 -62.24
NC CLA PD . -25.07 117.18 -59.96
C1C CLA PD . -24.47 115.95 -60.11
C2C CLA PD . -23.07 116.07 -59.77
C3C CLA PD . -22.84 117.38 -59.40
C4C CLA PD . -24.12 118.09 -59.54
CMC CLA PD . -22.07 114.94 -59.79
CAC CLA PD . -21.53 118.00 -58.98
CBC CLA PD . -21.47 118.29 -57.48
ND CLA PD . -26.56 119.59 -60.27
C1D CLA PD . -25.45 120.19 -59.80
C2D CLA PD . -25.51 121.60 -59.95
C3D CLA PD . -26.76 121.84 -60.53
C4D CLA PD . -27.38 120.60 -60.69
CMD CLA PD . -24.44 122.65 -59.58
CAD CLA PD . -27.67 122.85 -61.01
OBD CLA PD . -27.62 124.08 -60.92
CBD CLA PD . -28.99 122.13 -61.39
CGD CLA PD . -30.07 122.52 -60.37
O1D CLA PD . -29.76 122.98 -59.30
O2D CLA PD . -31.29 122.06 -60.57
CED CLA PD . -31.89 121.19 -59.60
C1 CLA PD . -29.58 119.03 -67.88
C2 CLA PD . -28.70 118.41 -68.97
C3 CLA PD . -29.02 117.58 -69.98
C4 CLA PD . -28.49 117.79 -71.40
C5 CLA PD . -29.65 116.18 -69.78
C6 CLA PD . -29.16 115.08 -70.74
C7 CLA PD . -29.83 113.75 -70.50
C8 CLA PD . -30.55 113.26 -71.78
C9 CLA PD . -31.99 113.78 -71.79
C10 CLA PD . -30.51 111.75 -71.82
C11 CLA PD . -31.78 110.96 -72.09
C12 CLA PD . -31.25 109.62 -72.65
C13 CLA PD . -31.95 108.97 -73.86
C14 CLA PD . -33.33 108.42 -73.48
C15 CLA PD . -31.06 107.84 -74.45
C16 CLA PD . -31.52 107.13 -75.71
C17 CLA PD . -31.83 108.02 -76.91
C18 CLA PD . -32.79 107.38 -77.90
C19 CLA PD . -32.93 108.22 -79.16
C20 CLA PD . -32.30 105.99 -78.29
MG CLA QD . -46.41 89.27 -55.64
CHA CLA QD . -48.62 87.12 -53.98
CHB CLA QD . -43.90 88.04 -53.78
CHC CLA QD . -44.04 90.66 -57.80
CHD CLA QD . -48.94 90.12 -57.80
NA CLA QD . -46.25 87.64 -54.21
C1A CLA QD . -47.30 86.95 -53.63
C2A CLA QD . -46.71 85.87 -52.78
C3A CLA QD . -45.42 86.55 -52.35
C4A CLA QD . -45.12 87.41 -53.54
CMA CLA QD . -45.68 87.47 -51.16
CAA CLA QD . -46.39 84.61 -53.65
CBA CLA QD . -47.46 83.60 -53.84
CGA CLA QD . -46.98 82.35 -54.42
O1A CLA QD . -47.75 81.67 -55.05
O2A CLA QD . -45.69 82.00 -54.39
NB CLA QD . -44.32 89.33 -55.76
C1B CLA QD . -43.51 88.74 -54.85
C2B CLA QD . -42.13 88.97 -55.21
C3B CLA QD . -42.12 89.72 -56.35
C4B CLA QD . -43.53 89.96 -56.72
CMB CLA QD . -40.96 88.46 -54.43
CAB CLA QD . -40.77 90.07 -56.89
CBB CLA QD . -40.42 91.23 -57.25
NC CLA QD . -46.48 90.23 -57.50
C1C CLA QD . -45.41 90.73 -58.21
C2C CLA QD . -45.90 91.31 -59.44
C3C CLA QD . -47.28 91.17 -59.46
C4C CLA QD . -47.64 90.49 -58.21
CMC CLA QD . -45.04 91.96 -60.49
CAC CLA QD . -48.24 91.61 -60.52
CBC CLA QD . -48.63 90.44 -61.43
ND CLA QD . -48.35 88.75 -55.91
C1D CLA QD . -49.27 89.19 -56.79
C2D CLA QD . -50.53 88.57 -56.58
C3D CLA QD . -50.34 87.74 -55.47
C4D CLA QD . -49.01 87.89 -55.08
CMD CLA QD . -51.83 88.77 -57.38
CAD CLA QD . -50.96 86.79 -54.57
OBD CLA QD . -52.16 86.59 -54.32
CBD CLA QD . -49.85 86.28 -53.61
CGD CLA QD . -50.31 86.57 -52.16
O1D CLA QD . -49.95 87.58 -51.60
O2D CLA QD . -50.83 85.58 -51.48
CED CLA QD . -51.15 85.74 -50.09
C1 CLA QD . -45.24 80.76 -55.04
C2 CLA QD . -43.72 80.88 -55.25
C3 CLA QD . -42.86 80.07 -55.90
C4 CLA QD . -43.31 78.76 -56.56
C5 CLA QD . -41.33 80.14 -55.73
C6 CLA QD . -40.57 81.04 -56.70
C7 CLA QD . -40.22 80.36 -58.01
C8 CLA QD . -38.95 79.51 -57.93
C9 CLA QD . -37.84 80.23 -57.15
C10 CLA QD . -38.46 79.21 -59.32
C11 CLA QD . -39.48 78.96 -60.43
C12 CLA QD . -38.61 79.08 -61.70
C13 CLA QD . -39.08 78.43 -63.02
C14 CLA QD . -37.94 77.70 -63.73
C15 CLA QD . -39.72 79.51 -63.93
C16 CLA QD . -38.80 80.34 -64.82
C17 CLA QD . -39.48 81.24 -65.82
C18 CLA QD . -38.91 81.10 -67.23
C19 CLA QD . -39.66 80.07 -68.05
C20 CLA QD . -38.96 82.44 -67.92
MG CLA RD . -54.83 83.85 -56.12
CHA CLA RD . -55.65 81.10 -54.11
CHB CLA RD . -51.56 83.15 -55.64
CHC CLA RD . -53.91 85.90 -58.81
CHD CLA RD . -58.13 84.06 -57.08
NA CLA RD . -53.74 82.29 -55.04
C1A CLA RD . -54.30 81.32 -54.23
C2A CLA RD . -53.21 80.56 -53.52
C3A CLA RD . -51.98 81.42 -53.80
C4A CLA RD . -52.43 82.35 -54.89
CMA CLA RD . -51.61 82.23 -52.55
CAA CLA RD . -53.04 79.12 -54.11
CBA CLA RD . -53.19 78.96 -55.57
CGA CLA RD . -52.71 77.68 -56.08
O1A CLA RD . -51.76 77.15 -55.53
O2A CLA RD . -53.38 76.99 -57.01
NB CLA RD . -53.03 84.41 -57.05
C1B CLA RD . -51.82 83.98 -56.65
C2B CLA RD . -50.80 84.55 -57.50
C3B CLA RD . -51.41 85.35 -58.41
C4B CLA RD . -52.87 85.26 -58.13
CMB CLA RD . -49.33 84.28 -57.33
CAB CLA RD . -50.51 86.04 -59.39
CBB CLA RD . -50.90 86.87 -60.26
NC CLA RD . -55.86 84.82 -57.69
C1C CLA RD . -55.30 85.60 -58.66
C2C CLA RD . -56.36 86.07 -59.54
C3C CLA RD . -57.55 85.56 -59.07
C4C CLA RD . -57.22 84.76 -57.89
CMC CLA RD . -56.17 86.96 -60.74
CAC CLA RD . -58.93 85.76 -59.62
CBC CLA RD . -59.70 86.83 -58.80
ND CLA RD . -56.54 82.82 -55.74
C1D CLA RD . -57.81 83.03 -56.15
C2D CLA RD . -58.70 82.07 -55.61
C3D CLA RD . -57.90 81.28 -54.78
C4D CLA RD . -56.60 81.78 -54.87
CMD CLA RD . -60.21 81.93 -55.84
CAD CLA RD . -57.88 80.16 -53.86
OBD CLA RD . -58.80 79.50 -53.37
CBD CLA RD . -56.42 80.02 -53.34
CGD CLA RD . -56.43 80.34 -51.83
O1D CLA RD . -57.32 80.99 -51.36
O2D CLA RD . -55.30 80.16 -51.17
CED CLA RD . -55.27 80.29 -49.75
C1 CLA RD . -52.75 76.69 -58.32
MG CLA SD . -28.77 93.83 -65.26
CHA CLA SD . -30.99 93.18 -62.64
CHB CLA SD . -27.31 90.83 -64.69
CHC CLA SD . -26.94 94.08 -68.21
CHD CLA SD . -30.99 96.23 -66.43
NA CLA SD . -29.12 92.20 -63.86
C1A CLA SD . -30.02 92.21 -62.81
C2A CLA SD . -29.59 91.21 -61.77
C3A CLA SD . -28.30 90.65 -62.35
C4A CLA SD . -28.30 91.17 -63.77
CMA CLA SD . -27.11 91.22 -61.59
CAA CLA SD . -30.65 90.07 -61.57
CBA CLA SD . -31.47 89.68 -62.75
CGA CLA SD . -32.69 88.99 -62.40
O1A CLA SD . -33.60 89.62 -61.89
O2A CLA SD . -32.75 87.64 -62.36
NB CLA SD . -27.37 92.65 -66.27
C1B CLA SD . -26.93 91.45 -65.81
C2B CLA SD . -25.96 90.90 -66.75
C3B CLA SD . -25.83 91.79 -67.77
C4B CLA SD . -26.72 92.92 -67.46
CMB CLA SD . -25.27 89.58 -66.56
CAB CLA SD . -24.85 91.40 -68.85
CBB CLA SD . -24.47 92.17 -69.77
NC CLA SD . -28.94 94.97 -67.03
C1C CLA SD . -28.09 94.93 -68.10
C2C CLA SD . -28.54 95.86 -69.11
C3C CLA SD . -29.69 96.47 -68.62
C4C CLA SD . -29.93 95.90 -67.29
CMC CLA SD . -27.88 96.10 -70.43
CAC CLA SD . -30.54 97.52 -69.29
CBC CLA SD . -31.59 96.86 -70.19
ND CLA SD . -30.60 94.57 -64.72
C1D CLA SD . -31.36 95.54 -65.25
C2D CLA SD . -32.55 95.72 -64.51
C3D CLA SD . -32.46 94.82 -63.45
C4D CLA SD . -31.26 94.15 -63.60
CMD CLA SD . -33.70 96.72 -64.79
CAD CLA SD . -33.11 94.31 -62.27
OBD CLA SD . -34.15 94.67 -61.69
CBD CLA SD . -32.20 93.19 -61.70
CGD CLA SD . -31.76 93.54 -60.26
O1D CLA SD . -31.07 92.78 -59.64
O2D CLA SD . -31.96 94.76 -59.80
CED CLA SD . -31.60 95.04 -58.43
C1 CLA SD . -33.98 86.97 -61.89
C2 CLA SD . -35.00 87.02 -63.02
C3 CLA SD . -36.34 87.16 -62.99
C4 CLA SD . -37.11 87.31 -61.67
C5 CLA SD . -37.28 86.98 -64.20
C6 CLA SD . -36.59 87.01 -65.57
MG CLA TD . -2.73 87.62 -40.64
CHA CLA TD . -3.38 84.89 -42.74
CHB CLA TD . -5.71 87.11 -39.15
CHC CLA TD . -1.76 89.53 -37.87
CHD CLA TD . 0.53 87.63 -41.79
NA CLA TD . -4.34 86.17 -40.91
C1A CLA TD . -4.41 85.20 -41.88
C2A CLA TD . -5.71 84.43 -41.75
C3A CLA TD . -6.43 85.17 -40.63
C4A CLA TD . -5.48 86.28 -40.24
CMA CLA TD . -7.73 85.79 -41.16
CAA CLA TD . -5.45 82.94 -41.36
CBA CLA TD . -4.99 82.66 -39.98
CGA CLA TD . -3.55 82.41 -39.88
O1A CLA TD . -3.17 81.40 -39.32
O2A CLA TD . -2.67 83.40 -40.09
NB CLA TD . -3.60 88.21 -38.82
C1B CLA TD . -4.84 87.87 -38.45
C2B CLA TD . -5.14 88.44 -37.15
C3B CLA TD . -4.05 89.14 -36.75
C4B CLA TD . -3.04 89.00 -37.82
CMB CLA TD . -6.45 88.26 -36.43
CAB CLA TD . -4.14 89.82 -35.42
CBB CLA TD . -3.42 90.80 -35.07
NC CLA TD . -0.92 88.44 -39.95
C1C CLA TD . -0.74 89.18 -38.80
C2C CLA TD . 0.66 89.56 -38.69
C3C CLA TD . 1.31 89.04 -39.79
C4C CLA TD . 0.30 88.32 -40.58
CMC CLA TD . 1.25 90.37 -37.59
CAC CLA TD . 2.77 89.15 -40.14
CBC CLA TD . 3.02 90.20 -41.23
ND CLA TD . -1.61 86.53 -41.94
C1D CLA TD . -0.33 86.66 -42.34
C2D CLA TD . 0.02 85.67 -43.29
C3D CLA TD . -1.15 84.94 -43.51
C4D CLA TD . -2.13 85.51 -42.68
CMD CLA TD . 1.39 85.46 -43.98
CAD CLA TD . -1.76 83.86 -44.23
OBD CLA TD . -1.32 83.16 -45.15
CBD CLA TD . -3.27 83.86 -43.87
CGD CLA TD . -4.04 84.32 -45.12
O1D CLA TD . -4.71 85.32 -45.08
O2D CLA TD . -4.19 83.46 -46.11
CED CLA TD . -5.39 83.47 -46.89
C1 CLA TD . -1.22 83.13 -39.92
C2 CLA TD . -0.69 84.07 -38.83
C3 CLA TD . 0.53 84.61 -38.68
C4 CLA TD . 1.68 84.32 -39.66
C5 CLA TD . 0.91 85.66 -37.62
C6 CLA TD . 2.11 85.30 -36.75
C7 CLA TD . 2.70 86.49 -36.04
C8 CLA TD . 3.76 86.09 -35.00
C9 CLA TD . 4.74 85.07 -35.59
C10 CLA TD . 3.06 85.53 -33.79
C11 CLA TD . 3.86 84.72 -32.78
C12 CLA TD . 3.14 85.03 -31.45
C13 CLA TD . 2.57 83.88 -30.61
C14 CLA TD . 1.13 83.55 -31.01
C15 CLA TD . 2.67 84.19 -29.09
C16 CLA TD . 1.91 83.28 -28.14
C17 CLA TD . 2.25 83.43 -26.67
C18 CLA TD . 1.01 83.37 -25.76
C19 CLA TD . 0.65 81.94 -25.41
C20 CLA TD . 1.29 84.15 -24.49
MG CLA UD . 3.68 98.32 -42.69
CHA CLA UD . 7.13 98.02 -42.16
CHB CLA UD . 3.15 97.34 -39.54
CHC CLA UD . 0.38 99.49 -42.84
CHD CLA UD . 4.34 99.72 -45.76
NA CLA UD . 4.99 97.89 -41.02
C1A CLA UD . 6.35 97.70 -41.08
C2A CLA UD . 6.85 97.26 -39.73
C3A CLA UD . 5.58 96.64 -39.14
C4A CLA UD . 4.50 97.37 -39.89
CMA CLA UD . 5.52 95.15 -39.47
CAA CLA UD . 7.32 98.50 -38.89
CBA CLA UD . 8.01 98.22 -37.61
CGA CLA UD . 7.10 97.93 -36.51
O1A CLA UD . 6.27 98.77 -36.23
O2A CLA UD . 6.85 96.67 -36.14
NB CLA UD . 2.05 98.41 -41.38
C1B CLA UD . 2.10 97.92 -40.14
C2B CLA UD . 0.81 98.12 -39.50
C3B CLA UD . 0.00 98.72 -40.39
C4B CLA UD . 0.79 98.91 -41.63
CMB CLA UD . 0.53 97.69 -38.09
CAB CLA UD . -1.40 99.01 -39.92
CBB CLA UD . -1.78 100.18 -39.57
NC CLA UD . 2.54 99.44 -44.08
C1C CLA UD . 1.23 99.79 -43.94
C2C CLA UD . 0.84 100.54 -45.13
C3C CLA UD . 1.93 100.62 -45.96
C4C CLA UD . 3.03 99.90 -45.29
CMC CLA UD . -0.53 101.12 -45.38
CAC CLA UD . 2.03 101.29 -47.29
CBC CLA UD . 2.11 100.26 -48.43
ND CLA UD . 5.33 98.82 -43.77
C1D CLA UD . 5.46 99.33 -45.00
C2D CLA UD . 6.82 99.47 -45.37
C3D CLA UD . 7.54 98.96 -44.28
C4D CLA UD . 6.60 98.55 -43.33
CMD CLA UD . 7.35 100.05 -46.69
CAD CLA UD . 8.84 98.68 -43.74
OBD CLA UD . 9.91 98.41 -44.30
CBD CLA UD . 8.62 98.36 -42.23
CGD CLA UD . 9.50 97.14 -41.87
O1D CLA UD . 9.41 96.13 -42.52
O2D CLA UD . 10.04 97.11 -40.67
CED CLA UD . 10.69 95.91 -40.22
C1 CLA UD . 5.98 96.42 -34.98
C2 CLA UD . 4.96 95.36 -35.43
C3 CLA UD . 3.62 95.45 -35.56
C4 CLA UD . 2.85 96.74 -35.25
C5 CLA UD . 2.78 94.44 -36.34
C6 CLA UD . 2.35 93.20 -35.55
C7 CLA UD . 1.10 93.41 -34.72
C8 CLA UD . 1.12 92.60 -33.43
C9 CLA UD . 2.36 92.95 -32.60
C10 CLA UD . 1.13 91.14 -33.79
C11 CLA UD . 1.49 90.12 -32.73
C12 CLA UD . 0.68 88.87 -33.16
C13 CLA UD . -0.60 88.49 -32.38
C14 CLA UD . -0.29 87.48 -31.26
C15 CLA UD . -1.67 87.95 -33.35
C16 CLA UD . -1.62 86.48 -33.73
C17 CLA UD . -1.85 86.18 -35.20
C18 CLA UD . -2.84 85.04 -35.45
C19 CLA UD . -4.26 85.44 -35.09
C20 CLA UD . -2.44 83.82 -34.64
MG CLA VD . -39.45 60.80 -25.49
CHA CLA VD . -38.11 61.22 -22.30
CHB CLA VD . -36.70 62.30 -26.80
CHC CLA VD . -40.46 59.98 -28.72
CHD CLA VD . -41.67 58.49 -24.18
NA CLA VD . -37.58 61.58 -24.65
C1A CLA VD . -37.31 61.73 -23.31
C2A CLA VD . -36.02 62.48 -23.12
C3A CLA VD . -35.71 62.97 -24.54
C4A CLA VD . -36.72 62.25 -25.40
CMA CLA VD . -35.94 64.48 -24.62
CAA CLA VD . -34.89 61.52 -22.57
CBA CLA VD . -34.65 60.27 -23.32
NB CLA VD . -38.70 61.10 -27.42
C1B CLA VD . -37.54 61.75 -27.70
C2B CLA VD . -37.32 61.77 -29.12
C3B CLA VD . -38.36 61.12 -29.71
C4B CLA VD . -39.26 60.69 -28.62
CMB CLA VD . -36.14 62.40 -29.78
CAB CLA VD . -38.33 61.04 -31.21
CBB CLA VD . -39.32 60.76 -31.93
NC CLA VD . -40.84 59.46 -26.31
C1C CLA VD . -41.10 59.29 -27.64
C2C CLA VD . -42.13 58.27 -27.80
C3C CLA VD . -42.48 57.84 -26.54
C4C CLA VD . -41.65 58.60 -25.58
CMC CLA VD . -42.67 57.80 -29.13
CAC CLA VD . -43.50 56.81 -26.15
CBC CLA VD . -42.99 55.37 -26.41
ND CLA VD . -39.84 59.97 -23.67
C1D CLA VD . -40.77 59.10 -23.27
C2D CLA VD . -40.67 58.83 -21.87
C3D CLA VD . -39.63 59.65 -21.43
C4D CLA VD . -39.17 60.35 -22.55
CMD CLA VD . -41.51 57.88 -21.02
CAD CLA VD . -38.85 60.09 -20.30
OBD CLA VD . -39.01 59.87 -19.09
CBD CLA VD . -37.98 61.28 -20.78
CGD CLA VD . -38.59 62.57 -20.22
O1D CLA VD . -39.64 62.98 -20.66
O2D CLA VD . -37.81 63.37 -19.52
CED CLA VD . -37.69 64.75 -19.87
MG CLA WD . -2.37 103.20 -38.36
CHA CLA WD . -5.80 102.60 -37.92
CHB CLA WD . -1.81 101.54 -35.48
CHC CLA WD . 1.00 102.72 -39.19
CHD CLA WD . -3.03 104.16 -41.59
NA CLA WD . -3.64 102.27 -36.87
C1A CLA WD . -5.01 102.32 -36.82
C2A CLA WD . -5.45 102.33 -35.37
C3A CLA WD . -4.11 102.27 -34.63
C4A CLA WD . -3.14 101.87 -35.70
CMA CLA WD . -3.74 103.64 -34.07
CAA CLA WD . -6.35 101.10 -35.04
CBA CLA WD . -6.83 100.97 -33.65
CGA CLA WD . -6.05 100.05 -32.83
O1A CLA WD . -5.03 99.57 -33.28
O2A CLA WD . -6.54 99.52 -31.70
NB CLA WD . -0.70 102.29 -37.48
C1B CLA WD . -0.74 101.67 -36.27
C2B CLA WD . 0.57 101.14 -35.95
C3B CLA WD . 1.40 101.46 -36.97
C4B CLA WD . 0.59 102.20 -37.98
CMB CLA WD . 0.89 100.39 -34.69
CAB CLA WD . 2.81 100.99 -36.83
CBB CLA WD . 3.27 99.91 -37.28
NC CLA WD . -1.20 103.42 -40.11
C1C CLA WD . 0.14 103.18 -40.24
C2C CLA WD . 0.53 103.46 -41.62
C3C CLA WD . -0.60 103.86 -42.30
C4C CLA WD . -1.70 103.83 -41.34
CMC CLA WD . 1.92 103.31 -42.18
CAC CLA WD . -0.74 104.27 -43.74
CBC CLA WD . -0.89 105.79 -43.90
ND CLA WD . -4.01 103.35 -39.56
C1D CLA WD . -4.15 103.77 -40.82
C2D CLA WD . -5.50 103.72 -41.25
C3D CLA WD . -6.20 103.27 -40.13
C4D CLA WD . -5.27 103.07 -39.11
CMD CLA WD . -6.04 104.09 -42.64
CAD CLA WD . -7.50 102.92 -39.60
OBD CLA WD . -8.50 102.44 -40.19
CBD CLA WD . -7.32 102.66 -38.09
CGD CLA WD . -7.92 103.87 -37.35
O1D CLA WD . -8.27 104.84 -37.98
O2D CLA WD . -8.42 103.67 -36.15
CED CLA WD . -9.75 104.11 -35.84
C1 CLA WD . -5.68 98.63 -30.88
C2 CLA WD . -6.39 98.41 -29.54
C3 CLA WD . -7.38 97.57 -29.20
C5 CLA WD . -7.66 96.23 -29.91
C6 CLA WD . -7.76 95.00 -29.01
C7 CLA WD . -8.32 93.80 -29.73
C8 CLA WD . -7.90 92.45 -29.12
C9 CLA WD . -8.70 92.16 -27.86
C10 CLA WD . -6.42 92.50 -28.81
C11 CLA WD . -5.74 91.26 -28.26
C12 CLA WD . -5.88 90.25 -29.41
C13 CLA WD . -4.86 89.09 -29.55
C14 CLA WD . -3.42 89.62 -29.53
C15 CLA WD . -5.14 88.27 -30.83
C16 CLA WD . -6.56 87.76 -31.05
C17 CLA WD . -6.73 86.81 -32.22
C18 CLA WD . -7.43 85.49 -31.83
C19 CLA WD . -6.82 84.87 -30.58
C20 CLA WD . -7.34 84.52 -32.99
MG CLA XD . -16.69 106.45 -75.51
CHA CLA XD . -18.88 104.07 -74.16
CHB CLA XD . -18.97 107.12 -77.90
CHC CLA XD . -15.06 109.42 -76.34
CHD CLA XD . -14.76 106.18 -72.66
NA CLA XD . -18.68 105.68 -75.97
C1A CLA XD . -19.31 104.64 -75.33
C2A CLA XD . -20.56 104.25 -76.10
C3A CLA XD . -20.41 105.05 -77.39
C4A CLA XD . -19.30 106.03 -77.10
CMA CLA XD . -19.99 104.11 -78.53
CAA CLA XD . -21.86 104.64 -75.32
CBA CLA XD . -22.05 106.06 -75.00
CGA CLA XD . -22.14 106.34 -73.57
O1A CLA XD . -22.84 105.64 -72.88
O2A CLA XD . -21.40 107.32 -73.00
NB CLA XD . -16.98 107.99 -76.89
C1B CLA XD . -18.00 108.03 -77.76
C2B CLA XD . -17.91 109.23 -78.57
C3B CLA XD . -16.82 109.93 -78.16
C4B CLA XD . -16.20 109.13 -77.07
CMB CLA XD . -18.88 109.61 -79.64
CAB CLA XD . -16.53 111.21 -78.87
CBB CLA XD . -15.45 111.85 -78.81
NC CLA XD . -15.16 107.61 -74.64
C1C CLA XD . -14.65 108.78 -75.13
C2C CLA XD . -13.61 109.26 -74.23
C3C CLA XD . -13.52 108.36 -73.20
C4C CLA XD . -14.51 107.30 -73.46
CMC CLA XD . -12.81 110.51 -74.43
CAC CLA XD . -12.60 108.41 -72.01
CBC CLA XD . -13.16 109.36 -70.94
ND CLA XD . -16.76 105.40 -73.76
C1D CLA XD . -15.92 105.36 -72.72
C2D CLA XD . -16.36 104.46 -71.72
C3D CLA XD . -17.54 103.91 -72.23
C4D CLA XD . -17.74 104.48 -73.49
CMD CLA XD . -15.69 104.16 -70.37
CAD CLA XD . -18.62 102.98 -72.00
OBD CLA XD . -18.76 102.12 -71.12
CBD CLA XD . -19.55 103.03 -73.24
CGD CLA XD . -19.57 101.64 -73.88
O1D CLA XD . -18.67 101.30 -74.62
O2D CLA XD . -20.70 100.96 -73.87
CED CLA XD . -21.06 100.11 -74.97
C1 CLA XD . -19.96 107.41 -73.30
C2 CLA XD . -19.59 108.89 -73.39
C3 CLA XD . -20.05 109.87 -74.19
C4 CLA XD . -21.08 109.63 -75.30
C5 CLA XD . -19.40 111.27 -74.30
C6 CLA XD . -19.17 111.78 -75.72
C7 CLA XD . -18.58 113.17 -75.76
C8 CLA XD . -19.53 114.18 -76.41
C9 CLA XD . -18.78 115.44 -76.82
C10 CLA XD . -20.62 114.52 -75.41
C11 CLA XD . -20.24 114.89 -74.00
C12 CLA XD . -21.56 115.44 -73.44
C13 CLA XD . -22.17 116.72 -74.06
C14 CLA XD . -21.60 117.98 -73.43
C15 CLA XD . -23.72 116.69 -73.94
C16 CLA XD . -24.54 116.87 -75.21
C17 CLA XD . -24.47 115.75 -76.21
C18 CLA XD . -25.85 115.18 -76.59
C19 CLA XD . -26.73 114.93 -75.38
C20 CLA XD . -26.55 116.14 -77.54
MG CLA YD . -16.55 103.63 -51.18
CHA CLA YD . -15.47 106.14 -48.99
CHB CLA YD . -18.33 105.97 -52.83
CHC CLA YD . -16.70 101.59 -54.03
CHD CLA YD . -14.27 101.49 -49.76
NA CLA YD . -16.89 105.75 -50.92
C1A CLA YD . -16.49 106.51 -49.83
C2A CLA YD . -17.52 107.56 -49.56
C3A CLA YD . -18.55 107.33 -50.68
C4A CLA YD . -17.83 106.39 -51.59
CMA CLA YD . -19.79 106.63 -50.11
CAA CLA YD . -16.91 108.99 -49.66
CBA CLA YD . -17.66 110.11 -49.07
CGA CLA YD . -18.35 110.95 -50.06
O1A CLA YD . -18.10 110.76 -51.23
O2A CLA YD . -18.99 112.06 -49.70
NB CLA YD . -17.37 103.77 -53.10
C1B CLA YD . -18.06 104.85 -53.53
C2B CLA YD . -18.49 104.64 -54.89
C3B CLA YD . -18.05 103.41 -55.27
C4B CLA YD . -17.33 102.83 -54.12
CMB CLA YD . -19.29 105.63 -55.70
CAB CLA YD . -18.43 103.02 -56.66
CBB CLA YD . -17.60 102.94 -57.63
NC CLA YD . -15.63 101.83 -51.79
C1C CLA YD . -15.84 101.16 -52.97
C2C CLA YD . -15.01 99.96 -52.98
C3C CLA YD . -14.32 99.92 -51.79
C4C CLA YD . -14.73 101.11 -51.03
CMC CLA YD . -14.94 98.96 -54.11
CAC CLA YD . -13.35 98.88 -51.30
CBC CLA YD . -14.05 97.88 -50.36
ND CLA YD . -15.13 103.73 -49.73
C1D CLA YD . -14.30 102.81 -49.23
C2D CLA YD . -13.49 103.34 -48.20
C3D CLA YD . -13.91 104.66 -48.06
C4D CLA YD . -14.93 104.86 -48.98
CMD CLA YD . -12.39 102.62 -47.39
CAD CLA YD . -13.73 105.90 -47.35
OBD CLA YD . -12.68 106.43 -46.92
CBD CLA YD . -14.95 106.79 -47.71
CGD CLA YD . -15.97 106.67 -46.56
O1D CLA YD . -16.29 105.58 -46.14
O2D CLA YD . -16.29 107.77 -45.92
CED CLA YD . -17.01 107.69 -44.68
C1 CLA YD . -19.65 112.90 -50.72
C2 CLA YD . -18.62 113.88 -51.26
C3 CLA YD . -18.77 115.03 -51.95
C4 CLA YD . -20.14 115.71 -52.09
C5 CLA YD . -17.75 115.56 -52.97
C6 CLA YD . -18.00 115.16 -54.43
C7 CLA YD . -17.08 115.85 -55.40
C8 CLA YD . -17.49 115.60 -56.86
C9 CLA YD . -17.17 114.17 -57.27
C10 CLA YD . -16.76 116.57 -57.73
C11 CLA YD . -17.53 117.72 -58.36
C12 CLA YD . -16.42 118.52 -59.07
C13 CLA YD . -15.92 119.86 -58.48
C14 CLA YD . -16.93 120.47 -57.50
C15 CLA YD . -15.58 120.86 -59.61
C16 CLA YD . -14.27 121.62 -59.50
C17 CLA YD . -14.03 122.62 -60.60
C18 CLA YD . -13.84 124.07 -60.11
C19 CLA YD . -14.52 124.37 -58.79
C20 CLA YD . -14.35 125.03 -61.17
O6 SQD ZD . -15.23 46.24 -41.36
C44 SQD ZD . -15.01 46.52 -39.96
C45 SQD ZD . -15.04 48.01 -39.75
C46 SQD ZD . -16.46 48.52 -39.86
O47 SQD ZD . -14.61 48.33 -38.40
C7 SQD ZD . -13.35 48.03 -38.05
O49 SQD ZD . -12.57 47.59 -38.84
C8 SQD ZD . -12.97 48.24 -36.61
C9 SQD ZD . -14.03 48.79 -35.72
C10 SQD ZD . -14.39 50.24 -36.02
C11 SQD ZD . -15.40 50.81 -35.06
C12 SQD ZD . -15.71 52.27 -35.28
O48 SQD ZD . -17.16 47.87 -38.78
C23 SQD ZD . -18.43 48.15 -38.60
O10 SQD ZD . -19.10 48.76 -39.39
C24 SQD ZD . -18.88 47.67 -37.25
C25 SQD ZD . -20.30 47.97 -36.93
C26 SQD ZD . -20.64 47.60 -35.49
C27 SQD ZD . -19.79 48.33 -34.48
C28 SQD ZD . -20.12 48.04 -33.04
C29 SQD ZD . -19.24 48.78 -32.06
C30 SQD ZD . -19.59 48.55 -30.61
C1 SQD ZD . -15.90 45.04 -41.59
C2 SQD ZD . -17.33 45.24 -41.12
O2 SQD ZD . -17.70 44.29 -40.13
C3 SQD ZD . -18.21 45.16 -42.34
O3 SQD ZD . -17.81 46.17 -43.27
C4 SQD ZD . -18.07 43.77 -42.95
O4 SQD ZD . -18.48 42.76 -42.03
C5 SQD ZD . -16.62 43.55 -43.29
C6 SQD ZD . -16.42 43.18 -44.75
O5 SQD ZD . -15.90 44.76 -42.98
S SQD ZD . -14.75 42.91 -45.25
O7 SQD ZD . -14.76 42.62 -46.65
O8 SQD ZD . -14.09 44.29 -45.00
O9 SQD ZD . -14.19 41.91 -44.40
MG CLA AE . -8.78 111.28 -60.00
CHA CLA AE . -5.85 112.87 -61.04
CHB CLA AE . -9.68 114.15 -58.41
CHC CLA AE . -11.98 110.07 -59.40
CHD CLA AE . -8.50 109.16 -62.73
NA CLA AE . -7.83 113.21 -59.66
C1A CLA AE . -6.60 113.60 -60.14
C2A CLA AE . -6.17 114.88 -59.45
C3A CLA AE . -7.34 115.15 -58.50
C4A CLA AE . -8.38 114.16 -58.91
CMA CLA AE . -6.90 114.88 -57.05
CAA CLA AE . -5.99 116.06 -60.47
CBA CLA AE . -7.09 116.32 -61.42
CGA CLA AE . -7.26 117.74 -61.75
O1A CLA AE . -6.87 118.56 -60.96
O2A CLA AE . -8.10 118.12 -62.73
NB CLA AE . -10.52 112.00 -59.06
C1B CLA AE . -10.64 113.22 -58.48
C2B CLA AE . -11.97 113.37 -57.95
C3B CLA AE . -12.66 112.23 -58.20
C4B CLA AE . -11.74 111.34 -58.92
CMB CLA AE . -12.47 114.60 -57.24
CAB CLA AE . -14.09 112.17 -57.72
CBB CLA AE . -14.73 111.10 -57.52
NC CLA AE . -10.03 109.84 -60.91
C1C CLA AE . -11.30 109.50 -60.51
C2C CLA AE . -11.82 108.48 -61.40
C3C CLA AE . -10.86 108.22 -62.34
C4C CLA AE . -9.72 109.10 -62.03
CMC CLA AE . -13.19 107.85 -61.27
CAC CLA AE . -10.92 107.25 -63.47
CBC CLA AE . -10.36 105.88 -63.07
ND CLA AE . -7.51 111.03 -61.57
C1D CLA AE . -7.48 110.13 -62.57
C2D CLA AE . -6.37 110.33 -63.43
C3D CLA AE . -5.68 111.40 -62.87
C4D CLA AE . -6.38 111.80 -61.74
CMD CLA AE . -6.00 109.53 -64.70
CAD CLA AE . -4.53 112.26 -62.99
OBD CLA AE . -3.75 112.44 -63.94
CBD CLA AE . -4.55 113.21 -61.78
CGD CLA AE . -3.30 112.91 -60.91
O1D CLA AE . -2.29 112.51 -61.43
O2D CLA AE . -3.26 113.42 -59.70
CED CLA AE . -2.59 114.67 -59.48
C1 CLA AE . -7.71 119.24 -63.62
C2 CLA AE . -8.17 118.86 -65.04
C3 CLA AE . -9.39 118.80 -65.58
C4 CLA AE . -10.63 119.31 -64.83
C5 CLA AE . -9.77 117.98 -66.82
C6 CLA AE . -10.75 118.65 -67.78
C7 CLA AE . -12.00 117.85 -68.04
C8 CLA AE . -13.17 118.72 -68.52
C9 CLA AE . -14.17 118.94 -67.40
C10 CLA AE . -13.83 118.04 -69.70
C11 CLA AE . -13.80 118.74 -71.05
C12 CLA AE . -14.59 117.78 -71.96
C13 CLA AE . -15.50 118.35 -73.07
C14 CLA AE . -16.32 117.26 -73.76
C15 CLA AE . -14.66 119.16 -74.09
C16 CLA AE . -14.76 120.68 -74.05
C17 CLA AE . -13.97 121.41 -75.12
C18 CLA AE . -13.53 122.83 -74.74
C19 CLA AE . -14.34 123.44 -73.61
C20 CLA AE . -12.06 122.84 -74.40
MG CLA BE . -13.01 109.54 -41.69
CHA CLA BE . -9.79 110.95 -41.24
CHB CLA BE . -11.55 107.21 -43.67
CHC CLA BE . -15.71 107.36 -41.27
CHD CLA BE . -14.10 111.43 -39.03
NA CLA BE . -11.00 109.22 -42.46
C1A CLA BE . -9.87 109.98 -42.21
C2A CLA BE . -8.78 109.56 -43.16
C3A CLA BE . -9.57 108.77 -44.21
C4A CLA BE . -10.76 108.33 -43.41
CMA CLA BE . -10.01 109.72 -45.32
CAA CLA BE . -7.73 108.64 -42.45
CBA CLA BE . -6.31 108.81 -42.85
CGA CLA BE . -5.50 107.61 -42.74
O1A CLA BE . -5.08 107.10 -43.74
O2A CLA BE . -5.12 107.11 -41.55
NB CLA BE . -13.53 107.62 -42.37
C1B CLA BE . -12.74 106.86 -43.17
C2B CLA BE . -13.39 105.60 -43.42
C3B CLA BE . -14.58 105.60 -42.77
C4B CLA BE . -14.67 106.90 -42.07
CMB CLA BE . -12.81 104.51 -44.29
CAB CLA BE . -15.42 104.37 -42.91
CBB CLA BE . -16.68 104.37 -42.94
NC CLA BE . -14.64 109.42 -40.36
C1C CLA BE . -15.63 108.47 -40.37
C2C CLA BE . -16.56 108.75 -39.29
C3C CLA BE . -16.13 109.89 -38.65
C4C CLA BE . -14.91 110.32 -39.35
CMC CLA BE . -17.78 107.94 -38.96
CAC CLA BE . -16.74 110.60 -37.48
CBC CLA BE . -17.50 111.86 -37.94
ND CLA BE . -12.20 110.87 -40.38
C1D CLA BE . -12.75 111.58 -39.39
C2D CLA BE . -11.81 112.41 -38.75
C3D CLA BE . -10.62 112.21 -39.44
C4D CLA BE . -10.88 111.28 -40.45
CMD CLA BE . -12.05 113.35 -37.55
CAD CLA BE . -9.23 112.57 -39.55
OBD CLA BE . -8.54 113.40 -38.94
CBD CLA BE . -8.58 111.51 -40.49
CGD CLA BE . -7.62 112.25 -41.44
O1D CLA BE . -7.89 113.36 -41.83
O2D CLA BE . -6.40 111.78 -41.56
CED CLA BE . -5.27 112.56 -41.12
C1 CLA BE . -3.89 107.64 -40.91
C2 CLA BE . -3.95 107.32 -39.42
C3 CLA BE . -4.84 107.67 -38.47
C4 CLA BE . -6.08 108.54 -38.76
C5 CLA BE . -4.75 107.25 -36.99
C6 CLA BE . -6.05 106.70 -36.40
C7 CLA BE . -6.47 107.41 -35.13
C8 CLA BE . -5.72 106.85 -33.90
C9 CLA BE . -6.67 106.04 -33.03
C10 CLA BE . -5.16 108.03 -33.14
C11 CLA BE . -3.79 108.55 -33.51
C12 CLA BE . -2.85 107.50 -32.88
C13 CLA BE . -1.90 107.92 -31.73
C14 CLA BE . -1.29 109.29 -31.98
C15 CLA BE . -0.79 106.85 -31.52
C16 CLA BE . -0.86 105.55 -32.33
C17 CLA BE . 0.48 104.89 -32.57
C18 CLA BE . 0.46 103.36 -32.55
C19 CLA BE . -0.64 102.77 -31.69
C20 CLA BE . 1.81 102.85 -32.08
MG CLA CE . -13.45 101.64 -58.77
CHA CLA CE . -15.24 100.15 -61.39
CHB CLA CE . -15.07 104.50 -59.29
CHC CLA CE . -12.87 102.62 -55.45
CHD CLA CE . -11.90 98.65 -58.20
NA CLA CE . -15.03 102.23 -60.13
C1A CLA CE . -15.54 101.48 -61.18
C2A CLA CE . -16.24 102.39 -62.15
C3A CLA CE . -15.97 103.79 -61.58
C4A CLA CE . -15.39 103.51 -60.22
CMA CLA CE . -14.92 104.52 -62.42
CAA CLA CE . -17.78 102.09 -62.20
CBA CLA CE . -18.68 103.12 -61.66
CGA CLA CE . -19.19 104.04 -62.66
O1A CLA CE . -18.56 104.19 -63.68
O2A CLA CE . -20.14 104.94 -62.35
NB CLA CE . -13.90 103.29 -57.57
C1B CLA CE . -14.59 104.36 -58.04
C2B CLA CE . -14.74 105.34 -56.98
C3B CLA CE . -14.14 104.84 -55.87
C4B CLA CE . -13.58 103.51 -56.24
CMB CLA CE . -15.46 106.65 -57.13
CAB CLA CE . -14.18 105.71 -54.65
CBB CLA CE . -14.44 105.28 -53.49
NC CLA CE . -12.54 100.75 -57.09
C1C CLA CE . -12.40 101.33 -55.85
C2C CLA CE . -11.69 100.39 -55.00
C3C CLA CE . -11.41 99.26 -55.74
C4C CLA CE . -11.96 99.50 -57.08
CMC CLA CE . -11.35 100.65 -53.56
CAC CLA CE . -10.68 98.02 -55.29
CBC CLA CE . -11.52 96.73 -55.38
ND CLA CE . -13.53 99.77 -59.56
C1D CLA CE . -12.83 98.67 -59.27
C2D CLA CE . -13.18 97.58 -60.10
C3D CLA CE . -14.15 98.11 -60.97
C4D CLA CE . -14.31 99.46 -60.63
CMD CLA CE . -12.63 96.15 -60.06
CAD CLA CE . -15.02 97.84 -62.08
OBD CLA CE . -15.18 96.82 -62.77
CBD CLA CE . -15.93 99.08 -62.24
CGD CLA CE . -15.92 99.45 -63.74
O1D CLA CE . -14.87 99.51 -64.34
O2D CLA CE . -17.05 99.36 -64.39
CED CLA CE . -17.31 100.28 -65.46
C1 CLA CE . -19.98 106.35 -62.78
C2 CLA CE . -18.82 106.95 -61.96
C3 CLA CE . -18.66 107.10 -60.64
C4 CLA CE . -19.77 106.76 -59.62
C5 CLA CE . -17.51 107.88 -60.00
C6 CLA CE . -17.88 109.24 -59.38
C7 CLA CE . -18.39 110.23 -60.40
C8 CLA CE . -19.42 111.20 -59.79
C9 CLA CE . -20.78 110.54 -59.69
C10 CLA CE . -19.48 112.42 -60.67
C11 CLA CE . -18.24 113.28 -60.84
C12 CLA CE . -18.80 114.56 -61.50
C13 CLA CE . -18.46 114.91 -62.97
C14 CLA CE . -17.61 113.84 -63.64
C15 CLA CE . -17.79 116.31 -63.02
C16 CLA CE . -16.27 116.38 -63.07
C17 CLA CE . -15.69 117.72 -62.67
C18 CLA CE . -14.63 118.26 -63.64
C19 CLA CE . -13.67 117.17 -64.10
C20 CLA CE . -13.86 119.38 -62.99
MG CLA DE . 7.05 122.84 -66.77
CHA CLA DE . 8.14 122.53 -70.08
CHB CLA DE . 9.39 125.21 -66.29
CHC CLA DE . 5.38 124.00 -63.91
CHD CLA DE . 4.41 120.76 -67.51
NA CLA DE . 8.54 123.80 -68.04
C1A CLA DE . 8.80 123.49 -69.36
C2A CLA DE . 9.65 124.60 -69.93
C3A CLA DE . 10.28 125.19 -68.68
C4A CLA DE . 9.43 124.65 -67.56
CMA CLA DE . 11.71 124.69 -68.52
CAA CLA DE . 8.74 125.65 -70.68
NB CLA DE . 7.34 124.36 -65.35
C1B CLA DE . 8.40 125.20 -65.38
C2B CLA DE . 8.32 126.12 -64.27
C3B CLA DE . 7.19 125.82 -63.57
C4B CLA DE . 6.56 124.67 -64.26
CMB CLA DE . 9.32 127.20 -63.99
CAB CLA DE . 6.91 126.66 -62.37
CBB CLA DE . 6.56 126.19 -61.25
NC CLA DE . 5.20 122.45 -65.86
C1C CLA DE . 4.71 123.02 -64.71
C2C CLA DE . 3.39 122.47 -64.44
C3C CLA DE . 3.11 121.56 -65.43
C4C CLA DE . 4.27 121.55 -66.34
CMC CLA DE . 2.52 122.84 -63.27
CAC CLA DE . 1.87 120.71 -65.60
CBC CLA DE . 1.96 119.45 -64.72
ND CLA DE . 6.35 121.85 -68.40
C1D CLA DE . 5.31 121.03 -68.57
C2D CLA DE . 5.22 120.54 -69.89
C3D CLA DE . 6.33 121.10 -70.55
C4D CLA DE . 7.01 121.88 -69.61
CMD CLA DE . 4.16 119.60 -70.50
CAD CLA DE . 7.05 121.19 -71.79
OBD CLA DE . 6.93 120.55 -72.84
CBD CLA DE . 8.30 122.06 -71.53
CGD CLA DE . 9.55 121.16 -71.67
O1D CLA DE . 10.00 120.60 -70.69
O2D CLA DE . 10.30 121.30 -72.74
CED CLA DE . 11.61 120.71 -72.80
MG CLA EE . 7.69 125.49 -55.85
CHA CLA EE . 6.75 123.36 -58.47
CHB CLA EE . 9.83 123.11 -54.77
CHC CLA EE . 8.13 127.15 -52.80
CHD CLA EE . 4.85 127.36 -56.46
NA CLA EE . 8.29 123.54 -56.59
C1A CLA EE . 7.85 122.93 -57.76
C2A CLA EE . 8.57 121.63 -57.94
C3A CLA EE . 9.35 121.46 -56.64
C4A CLA EE . 9.21 122.80 -55.97
CMA CLA EE . 8.71 120.39 -55.77
CAA CLA EE . 9.54 121.68 -59.17
CBA CLA EE . 9.31 120.70 -60.25
CGA CLA EE . 10.22 119.55 -60.20
O1A CLA EE . 11.41 119.77 -60.18
O2A CLA EE . 9.79 118.33 -59.84
NB CLA EE . 8.79 125.17 -54.09
C1B CLA EE . 9.60 124.12 -53.90
C2B CLA EE . 10.22 124.19 -52.58
C3B CLA EE . 9.77 125.33 -51.99
C4B CLA EE . 8.85 125.98 -52.95
CMB CLA EE . 11.19 123.19 -52.04
CAB CLA EE . 10.29 125.60 -50.62
CBB CLA EE . 10.81 126.69 -50.26
NC CLA EE . 6.65 127.01 -54.80
C1C CLA EE . 7.00 127.54 -53.58
C2C CLA EE . 6.02 128.56 -53.22
C3C CLA EE . 5.09 128.62 -54.24
C4C CLA EE . 5.50 127.64 -55.25
CMC CLA EE . 6.05 129.38 -51.95
CAC CLA EE . 3.89 129.52 -54.34
CBC CLA EE . 2.60 128.75 -54.00
ND CLA EE . 6.13 125.45 -57.15
C1D CLA EE . 5.04 126.24 -57.28
C2D CLA EE . 4.20 125.80 -58.33
C3D CLA EE . 4.83 124.66 -58.84
C4D CLA EE . 5.99 124.47 -58.08
CMD CLA EE . 2.88 126.43 -58.82
CAD CLA EE . 4.76 123.60 -59.82
OBD CLA EE . 3.78 123.01 -60.29
CBD CLA EE . 6.16 122.93 -59.82
CGD CLA EE . 5.92 121.41 -59.90
O1D CLA EE . 5.85 120.86 -60.98
O2D CLA EE . 5.60 120.77 -58.80
CED CLA EE . 4.29 120.18 -58.66
C1 CLA EE . 8.39 117.93 -60.13
C2 CLA EE . 7.66 117.75 -58.80
C3 CLA EE . 7.81 116.82 -57.84
C4 CLA EE . 8.81 115.67 -58.00
C5 CLA EE . 6.83 116.58 -56.69
C6 CLA EE . 5.90 117.75 -56.36
C7 CLA EE . 5.93 118.15 -54.90
C8 CLA EE . 4.73 117.63 -54.11
C9 CLA EE . 3.42 118.02 -54.79
C10 CLA EE . 4.80 118.23 -52.73
C11 CLA EE . 6.15 118.32 -52.05
C12 CLA EE . 6.12 119.71 -51.42
C13 CLA EE . 6.80 120.91 -52.14
C14 CLA EE . 8.11 121.29 -51.46
C15 CLA EE . 5.83 122.12 -52.19
C16 CLA EE . 5.60 122.80 -53.54
C17 CLA EE . 4.28 123.53 -53.66
C18 CLA EE . 3.56 123.26 -54.98
C19 CLA EE . 3.55 121.78 -55.33
C20 CLA EE . 2.13 123.76 -54.88
MG CLA FE . -6.76 137.53 -57.93
CHA CLA FE . -10.19 137.27 -58.58
CHB CLA FE . -6.77 134.34 -56.86
CHC CLA FE . -3.29 137.34 -58.23
CHD CLA FE . -6.75 140.54 -59.59
NA CLA FE . -8.29 135.98 -57.77
C1A CLA FE . -9.64 136.12 -58.05
C2A CLA FE . -10.32 134.79 -57.88
C3A CLA FE . -9.30 133.99 -57.07
C4A CLA FE . -8.04 134.83 -57.15
CMA CLA FE . -9.76 133.91 -55.62
CAA CLA FE . -10.62 134.13 -59.27
CBA CLA FE . -9.50 133.98 -60.21
CGA CLA FE . -9.39 135.04 -61.20
O1A CLA FE . -10.41 135.53 -61.65
O2A CLA FE . -8.21 135.37 -61.76
NB CLA FE . -5.29 136.08 -57.60
C1B CLA FE . -5.56 134.83 -57.15
C2B CLA FE . -4.32 134.08 -57.03
C3B CLA FE . -3.31 134.90 -57.41
C4B CLA FE . -3.92 136.19 -57.78
CMB CLA FE . -4.25 132.66 -56.56
CAB CLA FE . -1.93 134.30 -57.35
CBB CLA FE . -0.94 134.75 -58.00
NC CLA FE . -5.27 138.75 -58.77
C1C CLA FE . -3.92 138.50 -58.78
C2C CLA FE . -3.24 139.60 -59.46
C3C CLA FE . -4.20 140.50 -59.85
C4C CLA FE . -5.50 139.96 -59.41
CMC CLA FE . -1.75 139.68 -59.68
CAC CLA FE . -4.02 141.80 -60.58
CBC CLA FE . -4.12 143.00 -59.62
ND CLA FE . -8.12 138.68 -58.91
C1D CLA FE . -8.01 139.88 -59.50
C2D CLA FE . -9.24 140.33 -60.04
C3D CLA FE . -10.15 139.33 -59.70
C4D CLA FE . -9.44 138.35 -58.99
CMD CLA FE . -9.53 141.62 -60.82
CAD CLA FE . -11.52 138.90 -59.78
OBD CLA FE . -12.52 139.50 -60.19
CBD CLA FE . -11.65 137.62 -58.91
CGD CLA FE . -12.42 137.99 -57.63
O1D CLA FE . -11.99 138.83 -56.89
O2D CLA FE . -13.34 137.14 -57.21
CED CLA FE . -13.52 136.92 -55.80
C1 CLA FE . -8.07 136.67 -62.45
C2 CLA FE . -6.57 136.97 -62.56
C3 CLA FE . -5.95 138.06 -63.05
C4 CLA FE . -6.71 139.23 -63.68
C5 CLA FE . -4.43 138.15 -63.31
C6 CLA FE . -3.56 137.15 -62.54
C7 CLA FE . -2.10 137.23 -62.92
MG CLA GE . 11.34 147.59 -45.34
CHA CLA GE . 8.29 149.09 -46.14
CHB CLA GE . 10.06 144.62 -46.19
CHC CLA GE . 14.56 146.23 -45.64
CHD CLA GE . 12.69 150.72 -44.83
NA CLA GE . 9.46 146.96 -46.22
C1A CLA GE . 8.36 147.76 -46.46
C2A CLA GE . 7.21 146.90 -46.92
C3A CLA GE . 7.69 145.49 -46.60
C4A CLA GE . 9.16 145.67 -46.33
CMA CLA GE . 6.99 144.99 -45.33
CAA CLA GE . 6.94 147.06 -48.47
CBA CLA GE . 8.07 147.55 -49.29
CGA CLA GE . 7.64 148.26 -50.50
O1A CLA GE . 6.84 149.16 -50.39
O2A CLA GE . 8.37 148.19 -51.63
NB CLA GE . 12.16 145.72 -45.84
C1B CLA GE . 11.40 144.65 -46.14
C2B CLA GE . 12.27 143.53 -46.43
C3B CLA GE . 13.55 143.94 -46.28
C4B CLA GE . 13.49 145.37 -45.90
CMB CLA GE . 11.77 142.16 -46.82
CAB CLA GE . 14.61 142.91 -46.54
CBB CLA GE . 15.32 142.38 -45.65
NC CLA GE . 13.31 148.35 -45.24
C1C CLA GE . 14.46 147.63 -45.39
C2C CLA GE . 15.59 148.54 -45.26
C3C CLA GE . 15.09 149.80 -45.04
C4C CLA GE . 13.63 149.68 -45.02
CMC CLA GE . 17.04 148.14 -45.36
CAC CLA GE . 15.85 151.08 -44.83
CBC CLA GE . 16.24 151.25 -43.36
ND CLA GE . 10.70 149.52 -45.47
C1D CLA GE . 11.33 150.68 -45.20
C2D CLA GE . 10.46 151.79 -45.42
C3D CLA GE . 9.24 151.23 -45.78
C4D CLA GE . 9.41 149.84 -45.78
CMD CLA GE . 10.79 153.29 -45.26
CAD CLA GE . 7.87 151.49 -46.16
OBD CLA GE . 7.21 152.55 -46.13
CBD CLA GE . 7.18 150.12 -46.40
CGD CLA GE . 6.04 149.98 -45.37
O1D CLA GE . 6.27 149.63 -44.23
O2D CLA GE . 4.80 150.05 -45.82
CED CLA GE . 4.55 150.56 -47.14
C1 CLA GE . 8.95 149.43 -52.19
C2 CLA GE . 10.42 149.12 -52.53
C3 CLA GE . 11.43 149.94 -52.86
C4 CLA GE . 11.20 151.42 -53.18
C5 CLA GE . 12.90 149.64 -52.56
C6 CLA GE . 13.63 148.76 -53.59
C7 CLA GE . 15.06 148.49 -53.23
C8 CLA GE . 15.69 147.41 -54.14
C9 CLA GE . 15.57 147.80 -55.60
C10 CLA GE . 14.98 146.11 -53.88
C11 CLA GE . 15.79 144.90 -53.43
C12 CLA GE . 16.13 144.20 -54.76
C13 CLA GE . 15.31 142.95 -55.19
C14 CLA GE . 14.80 142.19 -53.97
C15 CLA GE . 16.13 142.04 -56.13
C16 CLA GE . 15.75 140.56 -56.17
C17 CLA GE . 15.50 139.99 -57.55
C18 CLA GE . 16.01 138.55 -57.70
C19 CLA GE . 15.77 138.00 -59.09
C20 CLA GE . 17.49 138.50 -57.39
MG CLA HE . 19.60 152.66 -40.28
CHA CLA HE . 20.04 156.10 -39.71
CHB CLA HE . 19.76 153.26 -43.59
CHC CLA HE . 20.40 149.31 -40.91
CHD CLA HE . 19.96 152.13 -36.90
NA CLA HE . 19.87 154.44 -41.48
C1A CLA HE . 20.04 155.74 -41.03
C2A CLA HE . 20.44 156.61 -42.19
C3A CLA HE . 19.94 155.79 -43.39
C4A CLA HE . 19.76 154.41 -42.82
CMA CLA HE . 18.59 156.35 -43.85
CAA CLA HE . 22.00 156.81 -42.23
CBA CLA HE . 22.49 158.10 -42.77
CGA CLA HE . 23.84 158.03 -43.34
NB CLA HE . 20.01 151.49 -41.97
C1B CLA HE . 20.01 151.98 -43.22
C2B CLA HE . 20.33 150.92 -44.16
C3B CLA HE . 20.52 149.78 -43.44
C4B CLA HE . 20.31 150.14 -42.02
CMB CLA HE . 20.42 151.10 -45.65
CAB CLA HE . 20.86 148.57 -44.25
CBB CLA HE . 20.91 147.39 -43.78
NC CLA HE . 20.10 150.99 -39.10
C1C CLA HE . 20.38 149.73 -39.55
C2C CLA HE . 20.68 148.88 -38.41
C3C CLA HE . 20.56 149.66 -37.26
C4C CLA HE . 20.19 151.00 -37.71
CMC CLA HE . 21.04 147.42 -38.48
CAC CLA HE . 20.76 149.23 -35.83
CBC CLA HE . 22.13 149.71 -35.30
ND CLA HE . 19.95 153.80 -38.62
C1D CLA HE . 20.04 153.48 -37.33
C2D CLA HE . 20.26 154.62 -36.51
C3D CLA HE . 20.28 155.69 -37.40
C4D CLA HE . 20.05 155.16 -38.68
CMD CLA HE . 20.46 154.67 -34.98
CAD CLA HE . 20.41 157.12 -37.54
OBD CLA HE . 20.25 158.03 -36.70
CBD CLA HE . 20.40 157.44 -39.05
CGD CLA HE . 19.30 158.48 -39.31
O1D CLA HE . 19.59 159.65 -39.45
O2D CLA HE . 18.11 158.05 -39.68
CED CLA HE . 17.38 158.74 -40.70
MG CLA IE . 18.26 134.35 -31.94
CHA CLA IE . 15.31 132.49 -31.78
CHB CLA IE . 16.94 136.55 -29.76
CHC CLA IE . 21.37 135.86 -31.49
CHD CLA IE . 19.78 131.67 -33.54
NA CLA IE . 16.41 134.45 -30.83
C1A CLA IE . 15.30 133.63 -31.01
C2A CLA IE . 14.16 134.12 -30.16
C3A CLA IE . 14.57 135.58 -29.91
C4A CLA IE . 16.07 135.55 -30.15
CMA CLA IE . 13.91 136.49 -30.95
CAA CLA IE . 14.09 133.32 -28.81
CBA CLA IE . 13.57 134.04 -27.63
CGA CLA IE . 14.33 133.83 -26.41
O1A CLA IE . 13.81 134.08 -25.34
O2A CLA IE . 15.64 133.54 -26.42
NB CLA IE . 19.01 135.94 -30.81
C1B CLA IE . 18.25 136.69 -29.98
C2B CLA IE . 19.08 137.71 -29.37
C3B CLA IE . 20.34 137.55 -29.82
C4B CLA IE . 20.32 136.41 -30.77
CMB CLA IE . 18.55 138.72 -28.39
CAB CLA IE . 21.36 138.52 -29.29
CBB CLA IE . 22.48 138.72 -29.81
NC CLA IE . 20.25 133.85 -32.44
C1C CLA IE . 21.37 134.61 -32.17
C2C CLA IE . 22.54 133.90 -32.68
C3C CLA IE . 22.10 132.72 -33.26
C4C CLA IE . 20.64 132.69 -33.10
CMC CLA IE . 23.95 134.39 -32.59
CAC CLA IE . 22.93 131.66 -33.93
CBC CLA IE . 23.57 130.72 -32.89
ND CLA IE . 17.74 132.47 -32.53
C1D CLA IE . 18.42 131.51 -33.18
C2D CLA IE . 17.62 130.36 -33.41
C3D CLA IE . 16.36 130.70 -32.87
C4D CLA IE . 16.46 131.99 -32.37
CMD CLA IE . 18.01 129.04 -34.10
CAD CLA IE . 15.01 130.23 -32.65
OBD CLA IE . 14.37 129.37 -33.27
CBD CLA IE . 14.26 131.39 -31.94
CGD CLA IE . 13.12 131.85 -32.88
O1D CLA IE . 13.36 132.61 -33.78
O2D CLA IE . 11.88 131.57 -32.55
CED CLA IE . 10.79 132.27 -33.15
C1 CLA IE . 16.60 134.43 -25.76
C2 CLA IE . 17.96 134.22 -26.43
C3 CLA IE . 18.69 133.10 -26.57
C4 CLA IE . 18.61 131.95 -25.57
C5 CLA IE . 19.31 132.64 -27.92
C6 CLA IE . 20.83 132.75 -28.02
C7 CLA IE . 21.34 134.15 -27.74
C8 CLA IE . 22.68 134.13 -26.99
C9 CLA IE . 22.84 135.36 -26.12
C10 CLA IE . 23.79 134.05 -28.02
C11 CLA IE . 25.21 133.82 -27.54
C12 CLA IE . 25.63 132.59 -28.38
C13 CLA IE . 26.91 132.64 -29.25
C14 CLA IE . 26.88 131.58 -30.36
MG CLA JE . 34.07 141.02 -47.65
CHA CLA JE . 36.07 139.05 -49.74
CHB CLA JE . 36.78 142.84 -46.83
CHC CLA JE . 32.07 143.48 -46.19
CHD CLA JE . 31.28 139.63 -49.14
NA CLA JE . 36.16 140.99 -48.26
C1A CLA JE . 36.77 140.01 -49.03
C2A CLA JE . 38.26 140.11 -48.90
C3A CLA JE . 38.43 141.14 -47.78
C4A CLA JE . 37.07 141.75 -47.66
CMA CLA JE . 38.80 140.42 -46.48
CAA CLA JE . 38.90 140.60 -50.25
CBA CLA JE . 39.41 141.99 -50.29
CGA CLA JE . 38.84 142.79 -51.38
O1A CLA JE . 38.03 142.27 -52.12
O2A CLA JE . 39.36 143.97 -51.73
NB CLA JE . 34.39 142.85 -46.68
C1B CLA JE . 35.61 143.37 -46.47
C2B CLA JE . 35.48 144.64 -45.77
C3B CLA JE . 34.16 144.87 -45.56
C4B CLA JE . 33.43 143.71 -46.15
CMB CLA JE . 36.64 145.51 -45.37
CAB CLA JE . 33.81 146.14 -44.85
CBB CLA JE . 32.82 146.26 -44.07
NC CLA JE . 32.01 141.48 -47.66
C1C CLA JE . 31.41 142.52 -47.01
C2C CLA JE . 29.98 142.48 -47.28
C3C CLA JE . 29.74 141.41 -48.11
C4C CLA JE . 31.04 140.77 -48.35
CMC CLA JE . 28.97 143.46 -46.74
CAC CLA JE . 28.44 140.93 -48.67
CBC CLA JE . 28.19 141.54 -50.07
ND CLA JE . 33.69 139.67 -49.14
C1D CLA JE . 32.54 139.18 -49.61
C2D CLA JE . 32.77 138.22 -50.62
C3D CLA JE . 34.16 138.13 -50.73
C4D CLA JE . 34.69 139.01 -49.79
CMD CLA JE . 31.72 137.45 -51.45
CAD CLA JE . 35.25 137.48 -51.40
OBD CLA JE . 35.27 136.80 -52.45
CBD CLA JE . 36.56 138.09 -50.83
CGD CLA JE . 37.41 136.95 -50.23
O1D CLA JE . 38.56 136.78 -50.59
O2D CLA JE . 36.91 136.23 -49.27
CED CLA JE . 37.76 135.41 -48.45
C1 CLA JE . 38.92 144.61 -52.99
C2 CLA JE . 38.99 146.13 -52.78
C3 CLA JE . 40.05 146.93 -52.55
C4 CLA JE . 39.92 148.44 -52.33
C5 CLA JE . 41.52 146.48 -52.65
MG CLA KE . 32.02 113.46 -43.28
CHA CLA KE . 32.42 116.94 -43.33
CHB CLA KE . 33.38 113.40 -40.21
CHC CLA KE . 30.53 110.37 -42.62
CHD CLA KE . 30.42 113.65 -46.29
NA CLA KE . 32.74 114.99 -41.91
C1A CLA KE . 32.90 116.33 -42.20
C2A CLA KE . 33.34 117.03 -40.94
C3A CLA KE . 34.05 115.89 -40.22
C4A CLA KE . 33.40 114.67 -40.81
CMA CLA KE . 35.54 115.91 -40.60
CAA CLA KE . 32.08 117.52 -40.13
CBA CLA KE . 32.28 118.56 -39.11
CGA CLA KE . 31.18 119.52 -39.02
O1A CLA KE . 30.74 119.99 -40.05
O2A CLA KE . 30.47 119.68 -37.89
NB CLA KE . 31.97 112.11 -41.67
C1B CLA KE . 32.63 112.33 -40.51
C2B CLA KE . 32.39 111.22 -39.62
C3B CLA KE . 31.59 110.34 -40.26
C4B CLA KE . 31.30 110.90 -41.60
CMB CLA KE . 32.97 111.12 -38.24
CAB CLA KE . 31.23 109.11 -39.47
CBB CLA KE . 30.46 108.19 -39.87
NC CLA KE . 30.67 112.20 -44.31
C1C CLA KE . 30.20 110.99 -43.87
C2C CLA KE . 29.31 110.47 -44.88
C3C CLA KE . 29.26 111.37 -45.93
C4C CLA KE . 30.15 112.48 -45.56
CMC CLA KE . 28.58 109.16 -44.79
CAC CLA KE . 28.48 111.26 -47.21
CBC CLA KE . 27.36 112.30 -47.36
ND CLA KE . 31.48 114.94 -44.57
C1D CLA KE . 30.87 114.88 -45.76
C2D CLA KE . 30.72 116.18 -46.33
C3D CLA KE . 31.31 117.04 -45.41
C4D CLA KE . 31.78 116.25 -44.36
CMD CLA KE . 30.05 116.56 -47.67
CAD CLA KE . 31.65 118.41 -45.12
OBD CLA KE . 31.79 119.37 -45.88
CBD CLA KE . 32.34 118.42 -43.72
CGD CLA KE . 33.76 118.98 -43.88
O1D CLA KE . 34.44 118.66 -44.84
O2D CLA KE . 34.36 119.43 -42.79
CED CLA KE . 35.65 120.06 -42.88
MG CLA LE . 13.77 114.26 -39.32
CHA CLA LE . 12.73 116.28 -36.67
CHB CLA LE . 16.77 113.95 -37.81
CHC CLA LE . 14.53 111.43 -41.25
CHD CLA LE . 10.55 114.25 -40.52
NA CLA LE . 14.62 114.95 -37.45
C1A CLA LE . 14.00 115.78 -36.53
C2A CLA LE . 14.97 116.04 -35.40
C3A CLA LE . 16.31 115.78 -36.08
C4A CLA LE . 15.91 114.87 -37.21
CMA CLA LE . 16.87 117.08 -36.64
CAA CLA LE . 14.74 115.05 -34.20
CBA CLA LE . 15.62 115.23 -33.03
CGA CLA LE . 15.39 114.30 -31.93
O1A CLA LE . 14.27 113.85 -31.79
O2A CLA LE . 16.22 114.27 -30.88
NB CLA LE . 15.38 112.92 -39.49
C1B CLA LE . 16.51 113.03 -38.75
C2B CLA LE . 17.41 111.96 -39.10
C3B CLA LE . 16.82 111.22 -40.08
C4B CLA LE . 15.50 111.84 -40.34
CMB CLA LE . 18.76 111.77 -38.47
CAB CLA LE . 17.64 110.06 -40.57
CBB CLA LE . 18.35 110.08 -41.62
NC CLA LE . 12.71 113.04 -40.67
C1C CLA LE . 13.19 111.95 -41.35
C2C CLA LE . 12.12 111.40 -42.17
C3C CLA LE . 10.99 112.19 -41.97
C4C CLA LE . 11.38 113.24 -41.01
CMC CLA LE . 12.24 110.20 -43.06
CAC CLA LE . 9.64 112.04 -42.59
CBC CLA LE . 8.64 111.39 -41.61
ND CLA LE . 11.99 115.05 -38.75
C1D CLA LE . 10.78 115.00 -39.33
C2D CLA LE . 9.82 115.73 -38.58
C3D CLA LE . 10.54 116.27 -37.51
C4D CLA LE . 11.87 115.85 -37.66
CMD CLA LE . 8.33 115.92 -38.87
CAD CLA LE . 10.47 117.08 -36.33
OBD CLA LE . 9.59 117.89 -35.96
CBD CLA LE . 11.89 117.14 -35.72
CGD CLA LE . 12.35 118.60 -35.74
O1D CLA LE . 13.35 118.92 -36.34
O2D CLA LE . 11.83 119.40 -34.84
CED CLA LE . 12.24 120.77 -34.78
C1 CLA LE . 15.83 113.56 -29.65
C2 CLA LE . 16.95 113.76 -28.63
C3 CLA LE . 18.21 113.28 -28.59
C4 CLA LE . 19.39 114.16 -28.15
C5 CLA LE . 18.55 111.79 -28.47
C6 CLA LE . 19.22 111.37 -27.15
C7 CLA LE . 19.44 109.88 -27.01
C8 CLA LE . 20.41 109.56 -25.86
C9 CLA LE . 21.78 110.17 -26.13
C10 CLA LE . 20.47 108.06 -25.70
C11 CLA LE . 21.79 107.32 -25.87
C12 CLA LE . 21.61 106.63 -27.24
C13 CLA LE . 22.51 105.43 -27.64
C14 CLA LE . 22.99 104.65 -26.42
C15 CLA LE . 23.69 105.92 -28.51
C16 CLA LE . 24.81 104.92 -28.81
C17 CLA LE . 25.72 105.29 -29.96
MG CLA ME . 28.21 102.29 -40.21
CHA CLA ME . 31.61 101.59 -40.64
CHB CLA ME . 27.92 99.45 -38.45
CHC CLA ME . 25.13 103.34 -38.91
CHD CLA ME . 28.75 105.41 -41.54
NA CLA ME . 29.62 100.79 -39.50
C1A CLA ME . 30.96 100.70 -39.82
C2A CLA ME . 31.58 99.71 -38.88
C3A CLA ME . 30.40 98.79 -38.61
C4A CLA ME . 29.23 99.70 -38.86
CMA CLA ME . 30.40 97.65 -39.62
CAA CLA ME . 32.06 100.43 -37.57
CBA CLA ME . 33.14 99.79 -36.80
CGA CLA ME . 34.45 100.43 -36.96
NB CLA ME . 26.78 101.51 -38.89
C1B CLA ME . 26.89 100.31 -38.31
C2B CLA ME . 25.75 100.06 -37.47
C3B CLA ME . 24.92 101.14 -37.57
C4B CLA ME . 25.58 102.08 -38.50
CMB CLA ME . 25.54 98.81 -36.67
CAB CLA ME . 23.67 101.05 -36.76
CBB CLA ME . 22.58 101.62 -37.04
NC CLA ME . 27.12 104.09 -40.22
C1C CLA ME . 25.89 104.31 -39.64
C2C CLA ME . 25.50 105.68 -39.90
C3C CLA ME . 26.50 106.28 -40.63
C4C CLA ME . 27.54 105.26 -40.84
CMC CLA ME . 24.22 106.32 -39.42
CAC CLA ME . 26.57 107.70 -41.15
CBC CLA ME . 26.95 108.71 -40.04
ND CLA ME . 29.80 103.34 -40.92
C1D CLA ME . 29.87 104.57 -41.46
C2D CLA ME . 31.20 104.88 -41.86
C3D CLA ME . 31.94 103.73 -41.56
C4D CLA ME . 31.05 102.81 -41.01
CMD CLA ME . 31.74 106.18 -42.48
CAD CLA ME . 33.24 103.11 -41.60
OBD CLA ME . 34.28 103.46 -42.18
CBD CLA ME . 33.07 101.66 -41.10
CGD CLA ME . 33.32 100.70 -42.28
O1D CLA ME . 34.18 99.87 -42.22
O2D CLA ME . 32.36 100.60 -43.18
CED CLA ME . 32.14 99.36 -43.88
MG CLA NE . 9.98 93.58 -25.02
CHA CLA NE . 11.91 92.57 -27.80
CHB CLA NE . 7.59 91.42 -25.97
CHC CLA NE . 8.74 93.38 -21.75
CHD CLA NE . 12.67 95.39 -23.92
NA CLA NE . 9.75 92.21 -26.70
C1A CLA NE . 10.66 91.99 -27.72
C2A CLA NE . 9.97 91.24 -28.84
C3A CLA NE . 8.61 90.88 -28.24
C4A CLA NE . 8.61 91.57 -26.91
CMA CLA NE . 7.49 91.45 -29.12
CAA CLA NE . 10.77 89.93 -29.23
CBA CLA NE . 11.30 89.10 -28.13
CGA CLA NE . 12.01 87.91 -28.60
O1A CLA NE . 11.69 87.43 -29.66
O2A CLA NE . 12.81 87.20 -27.78
NB CLA NE . 8.42 92.56 -24.03
C1B CLA NE . 7.58 91.73 -24.67
C2B CLA NE . 6.63 91.19 -23.72
C3B CLA NE . 6.90 91.72 -22.50
C4B CLA NE . 8.08 92.62 -22.70
CMB CLA NE . 5.55 90.22 -24.13
CAB CLA NE . 6.04 91.29 -21.35
CBB CLA NE . 4.86 91.65 -21.08
NC CLA NE . 10.62 94.28 -23.12
C1C CLA NE . 9.96 94.09 -21.93
C2C CLA NE . 10.75 94.74 -20.89
C3C CLA NE . 11.86 95.31 -21.48
C4C CLA NE . 11.76 95.01 -22.91
CMC CLA NE . 10.38 94.76 -19.43
CAC CLA NE . 12.97 96.10 -20.83
CBC CLA NE . 14.30 95.31 -20.82
ND CLA NE . 11.89 93.93 -25.65
C1D CLA NE . 12.86 94.70 -25.14
C2D CLA NE . 14.05 94.67 -25.93
C3D CLA NE . 13.72 93.84 -27.00
C4D CLA NE . 12.40 93.42 -26.81
CMD CLA NE . 15.38 95.38 -25.68
CAD CLA NE . 14.18 93.24 -28.23
OBD CLA NE . 15.30 93.25 -28.78
CBD CLA NE . 12.95 92.58 -28.91
CGD CLA NE . 12.52 93.48 -30.07
O1D CLA NE . 11.41 93.97 -30.08
O2D CLA NE . 13.25 93.49 -31.16
CED CLA NE . 12.66 93.84 -32.42
C1 CLA NE . 13.33 85.90 -28.24
C2 CLA NE . 14.80 86.09 -28.63
C3 CLA NE . 15.33 86.56 -29.77
C4 CLA NE . 14.59 86.52 -31.11
C5 CLA NE . 16.71 87.25 -29.89
C6 CLA NE . 17.23 87.92 -28.61
C7 CLA NE . 16.54 89.22 -28.29
C8 CLA NE . 16.67 89.58 -26.80
C9 CLA NE . 15.62 90.59 -26.39
C10 CLA NE . 18.05 90.14 -26.58
C11 CLA NE . 19.03 89.39 -25.71
C12 CLA NE . 19.71 90.52 -24.91
C13 CLA NE . 21.12 91.01 -25.33
C14 CLA NE . 22.19 89.95 -25.03
C15 CLA NE . 21.43 92.35 -24.62
C16 CLA NE . 20.33 93.40 -24.56
C17 CLA NE . 20.22 94.29 -25.77
C18 CLA NE . 19.70 95.70 -25.44
C19 CLA NE . 20.55 96.37 -24.38
C20 CLA NE . 19.67 96.54 -26.69
MG CLA OE . 12.11 106.60 -25.30
CHA CLA OE . 11.80 109.97 -24.39
CHB CLA OE . 12.67 107.55 -28.47
CHC CLA OE . 13.62 103.52 -26.03
CHD CLA OE . 11.88 105.74 -22.00
NA CLA OE . 12.25 108.53 -26.30
C1A CLA OE . 12.03 109.76 -25.74
C2A CLA OE . 12.33 110.84 -26.76
C3A CLA OE . 12.32 110.05 -28.07
C4A CLA OE . 12.34 108.61 -27.64
CMA CLA OE . 11.03 110.34 -28.84
CAA CLA OE . 13.73 111.49 -26.48
CBA CLA OE . 14.89 110.60 -26.31
CGA CLA OE . 15.23 110.32 -24.91
O1A CLA OE . 14.92 111.12 -24.06
O2A CLA OE . 15.96 109.24 -24.56
NB CLA OE . 13.00 105.70 -26.98
C1B CLA OE . 13.10 106.31 -28.17
C2B CLA OE . 13.75 105.43 -29.12
C3B CLA OE . 14.04 104.27 -28.47
C4B CLA OE . 13.55 104.43 -27.08
CMB CLA OE . 14.02 105.80 -30.55
CAB CLA OE . 14.73 103.22 -29.29
CBB CLA OE . 14.15 102.27 -29.87
NC CLA OE . 12.66 104.90 -24.19
C1C CLA OE . 13.24 103.76 -24.68
C2C CLA OE . 13.44 102.85 -23.56
C3C CLA OE . 12.96 103.46 -22.42
C4C CLA OE . 12.45 104.77 -22.83
CMC CLA OE . 14.07 101.48 -23.67
CAC CLA OE . 12.93 102.92 -21.02
CBC CLA OE . 11.51 102.44 -20.66
ND CLA OE . 11.92 107.59 -23.54
C1D CLA OE . 11.80 107.13 -22.27
C2D CLA OE . 11.66 108.20 -21.35
C3D CLA OE . 11.65 109.35 -22.13
C4D CLA OE . 11.79 108.95 -23.46
CMD CLA OE . 11.52 108.12 -19.81
CAD CLA OE . 11.55 110.79 -22.13
OBD CLA OE . 11.41 111.60 -21.20
CBD CLA OE . 11.47 111.25 -23.62
CGD CLA OE . 10.04 111.72 -23.88
O1D CLA OE . 9.09 111.02 -23.60
O2D CLA OE . 9.85 112.86 -24.50
CED CLA OE . 8.55 113.48 -24.53
C1 CLA OE . 15.28 107.95 -24.39
C2 CLA OE . 16.22 106.87 -24.94
C3 CLA OE . 17.13 106.09 -24.31
C4 CLA OE . 17.20 106.00 -22.78
C5 CLA OE . 18.00 105.04 -25.02
C6 CLA OE . 17.28 103.79 -25.50
C7 CLA OE . 18.10 102.98 -26.49
C8 CLA OE . 18.40 101.57 -25.95
C9 CLA OE . 19.38 100.85 -26.88
C10 CLA OE . 17.10 100.82 -25.85
C11 CLA OE . 17.12 99.36 -25.43
C12 CLA OE . 17.55 99.44 -23.95
C13 CLA OE . 17.14 98.32 -22.97
C14 CLA OE . 15.61 98.19 -22.86
C15 CLA OE . 17.80 98.54 -21.58
C16 CLA OE . 17.12 97.93 -20.36
C17 CLA OE . 18.03 97.15 -19.43
C18 CLA OE . 17.92 97.61 -17.98
C19 CLA OE . 16.58 97.25 -17.37
C20 CLA OE . 19.04 96.99 -17.17
C1 BCR PE . 41.18 133.99 -39.65
C2 BCR PE . 42.47 133.18 -39.39
C3 BCR PE . 43.73 133.90 -39.82
C4 BCR PE . 43.61 134.22 -41.28
C5 BCR PE . 42.38 135.02 -41.56
C6 BCR PE . 41.26 134.93 -40.83
C7 BCR PE . 40.33 136.08 -40.80
C8 BCR PE . 39.24 136.30 -41.55
C9 BCR PE . 38.38 137.48 -41.44
C10 BCR PE . 37.95 138.11 -42.56
C11 BCR PE . 37.13 139.31 -42.73
C33 BCR PE . 42.71 136.13 -42.49
C31 BCR PE . 40.87 134.74 -38.35
C32 BCR PE . 40.09 132.96 -39.87
C34 BCR PE . 38.03 137.98 -40.08
C12 BCR PE . 35.84 139.41 -42.33
C13 BCR PE . 35.01 140.59 -42.51
C14 BCR PE . 33.89 140.74 -41.77
C15 BCR PE . 33.00 141.89 -41.88
C16 BCR PE . 31.90 142.02 -41.14
C17 BCR PE . 31.05 143.18 -41.30
C18 BCR PE . 29.88 143.41 -40.67
C19 BCR PE . 29.19 144.64 -40.98
C20 BCR PE . 28.11 145.15 -40.34
C21 BCR PE . 27.59 146.40 -40.84
C22 BCR PE . 26.69 147.19 -40.23
C23 BCR PE . 26.29 148.41 -40.94
C24 BCR PE . 25.17 149.11 -40.76
C25 BCR PE . 24.79 150.33 -41.49
C26 BCR PE . 24.65 150.42 -42.82
C27 BCR PE . 24.38 151.73 -43.48
C28 BCR PE . 23.52 152.62 -42.60
C29 BCR PE . 24.24 152.83 -41.29
C30 BCR PE . 24.63 151.53 -40.57
C35 BCR PE . 35.46 141.59 -43.50
C36 BCR PE . 29.29 142.47 -39.70
C37 BCR PE . 26.13 146.85 -38.91
C38 BCR PE . 24.34 149.27 -43.71
C39 BCR PE . 23.59 151.21 -39.50
C40 BCR PE . 25.98 151.80 -39.87
C1 BCR QE . 25.09 149.13 -53.72
C2 BCR QE . 25.55 150.16 -54.78
C3 BCR QE . 26.55 149.68 -55.82
C4 BCR QE . 26.17 148.31 -56.35
C5 BCR QE . 25.87 147.35 -55.25
C6 BCR QE . 25.14 147.68 -54.18
C7 BCR QE . 24.01 146.81 -53.75
C8 BCR QE . 24.07 145.59 -53.22
C9 BCR QE . 22.91 144.79 -52.79
C10 BCR QE . 23.11 143.68 -52.04
C11 BCR QE . 22.12 142.75 -51.47
C33 BCR QE . 26.89 146.26 -55.26
C31 BCR QE . 23.67 149.53 -53.29
C32 BCR QE . 26.02 149.31 -52.52
C34 BCR QE . 21.54 145.23 -53.20
C12 BCR QE . 21.42 141.87 -52.20
C13 BCR QE . 20.44 140.95 -51.64
C14 BCR QE . 19.51 140.37 -52.42
C15 BCR QE . 18.49 139.46 -51.92
C16 BCR QE . 17.76 138.65 -52.71
C17 BCR QE . 16.79 137.79 -52.07
C18 BCR QE . 15.75 137.16 -52.66
C19 BCR QE . 14.91 136.36 -51.79
C20 BCR QE . 13.76 135.72 -52.09
C21 BCR QE . 13.10 134.98 -51.03
C22 BCR QE . 12.10 134.12 -51.17
C23 BCR QE . 11.55 133.47 -49.98
C24 BCR QE . 10.88 132.31 -49.98
C25 BCR QE . 10.32 131.62 -48.81
C26 BCR QE . 10.83 131.63 -47.57
C27 BCR QE . 9.98 131.39 -46.37
C28 BCR QE . 8.53 131.69 -46.67
C29 BCR QE . 8.09 130.84 -47.83
C30 BCR QE . 8.92 131.08 -49.08
C35 BCR QE . 20.52 140.68 -50.18
C36 BCR QE . 15.43 137.25 -54.10
C37 BCR QE . 11.53 133.83 -52.50
C38 BCR QE . 12.27 131.33 -47.27
C39 BCR QE . 8.14 132.05 -50.00
C40 BCR QE . 9.05 129.74 -49.80
C1 BCR RE . 24.68 154.75 -46.80
C2 BCR RE . 25.87 153.85 -46.41
C3 BCR RE . 26.25 152.83 -47.46
C4 BCR RE . 25.01 152.02 -47.81
C5 BCR RE . 23.92 152.92 -48.30
C6 BCR RE . 23.69 154.12 -47.75
C7 BCR RE . 22.36 154.76 -47.86
C8 BCR RE . 21.17 154.20 -47.60
C9 BCR RE . 19.85 154.83 -47.71
C10 BCR RE . 18.79 154.08 -48.07
C11 BCR RE . 18.81 152.66 -48.40
C33 BCR RE . 23.51 152.51 -49.67
C31 BCR RE . 25.26 156.03 -47.41
C32 BCR RE . 23.99 155.11 -45.49
C34 BCR RE . 19.69 156.27 -47.41
C12 BCR RE . 17.66 151.97 -48.44
C13 BCR RE . 17.52 150.55 -48.75
C14 BCR RE . 16.26 150.07 -48.95
C15 BCR RE . 15.92 148.71 -49.28
C16 BCR RE . 14.63 148.31 -49.30
C17 BCR RE . 14.28 146.96 -49.64
C18 BCR RE . 13.02 146.47 -49.69
C19 BCR RE . 12.86 145.08 -50.07
C20 BCR RE . 11.74 144.36 -49.98
C21 BCR RE . 11.80 142.98 -50.44
C22 BCR RE . 10.83 142.04 -50.30
C23 BCR RE . 9.60 142.44 -49.63
C24 BCR RE . 8.51 141.68 -49.50
C25 BCR RE . 7.26 142.04 -48.83
C26 BCR RE . 6.48 143.09 -49.16
C27 BCR RE . 5.30 143.48 -48.33
C28 BCR RE . 4.65 142.28 -47.70
C29 BCR RE . 5.67 141.51 -46.90
C30 BCR RE . 6.86 141.05 -47.75
C35 BCR RE . 18.74 149.72 -48.84
C36 BCR RE . 11.83 147.29 -49.39
C37 BCR RE . 11.02 140.68 -50.82
C38 BCR RE . 6.47 143.73 -50.50
C39 BCR RE . 6.50 139.73 -48.42
C40 BCR RE . 8.05 140.83 -46.81
C1 BCR SE . 38.31 119.36 -30.85
C2 BCR SE . 39.37 120.33 -30.29
C3 BCR SE . 38.90 121.10 -29.08
C4 BCR SE . 37.64 121.85 -29.43
C5 BCR SE . 36.60 120.93 -29.97
C6 BCR SE . 36.88 119.84 -30.72
C7 BCR SE . 35.84 119.30 -31.62
C8 BCR SE . 35.36 118.05 -31.67
C9 BCR SE . 34.31 117.51 -32.56
C10 BCR SE . 34.39 116.21 -32.94
C11 BCR SE . 33.51 115.37 -33.77
C33 BCR SE . 35.26 121.26 -29.43
C31 BCR SE . 38.52 118.03 -30.10
C32 BCR SE . 38.68 119.15 -32.32
C34 BCR SE . 33.20 118.42 -32.98
C12 BCR SE . 33.15 115.64 -35.04
C13 BCR SE . 32.28 114.78 -35.83
C14 BCR SE . 31.62 115.25 -36.91
C15 BCR SE . 30.73 114.44 -37.73
C16 BCR SE . 30.09 114.91 -38.82
C17 BCR SE . 29.23 114.01 -39.56
C18 BCR SE . 28.66 114.24 -40.76
C19 BCR SE . 27.84 113.17 -41.28
C20 BCR SE . 27.25 113.07 -42.49
C21 BCR SE . 26.48 111.87 -42.72
C22 BCR SE . 25.51 111.66 -43.64
C23 BCR SE . 24.88 110.35 -43.65
C24 BCR SE . 23.86 109.95 -44.40
C25 BCR SE . 23.27 108.61 -44.34
C26 BCR SE . 22.74 108.06 -43.23
C27 BCR SE . 22.53 106.58 -43.13
C28 BCR SE . 22.07 105.99 -44.45
C29 BCR SE . 23.02 106.40 -45.55
C30 BCR SE . 23.18 107.91 -45.67
C35 BCR SE . 32.16 113.37 -35.38
C36 BCR SE . 28.82 115.49 -41.54
C37 BCR SE . 25.08 112.74 -44.56
C38 BCR SE . 21.91 108.82 -42.26
C39 BCR SE . 21.97 108.46 -46.39
C40 BCR SE . 24.44 108.20 -46.50
C1 BCR TE . 23.03 122.32 -28.93
C2 BCR TE . 22.05 123.21 -28.15
C3 BCR TE . 21.25 122.47 -27.11
C4 BCR TE . 20.53 121.31 -27.76
C5 BCR TE . 21.51 120.42 -28.45
C6 BCR TE . 22.55 120.90 -29.14
C7 BCR TE . 23.03 120.18 -30.32
C8 BCR TE . 22.28 119.67 -31.30
C9 BCR TE . 22.78 118.96 -32.47
C10 BCR TE . 21.92 118.45 -33.36
C11 BCR TE . 22.29 117.73 -34.56
C33 BCR TE . 21.42 119.05 -27.88
C31 BCR TE . 24.35 122.32 -28.17
C32 BCR TE . 23.24 123.00 -30.28
C34 BCR TE . 24.25 118.82 -32.66
C12 BCR TE . 21.36 117.19 -35.35
C13 BCR TE . 21.64 116.46 -36.58
C14 BCR TE . 20.62 116.17 -37.41
C15 BCR TE . 20.80 115.45 -38.65
C16 BCR TE . 19.79 115.20 -39.48
C17 BCR TE . 20.08 114.51 -40.70
C18 BCR TE . 19.26 114.31 -41.74
C19 BCR TE . 19.81 113.58 -42.86
C20 BCR TE . 19.17 113.26 -44.00
C21 BCR TE . 19.94 112.54 -44.99
C22 BCR TE . 19.56 112.35 -46.26
C23 BCR TE . 20.46 111.61 -47.13
C24 BCR TE . 20.69 111.89 -48.42
C25 BCR TE . 21.59 111.14 -49.31
C26 BCR TE . 21.52 109.82 -49.54
C27 BCR TE . 22.68 109.05 -50.08
C28 BCR TE . 23.42 109.87 -51.11
C29 BCR TE . 23.86 111.19 -50.50
C30 BCR TE . 22.72 112.00 -49.88
C35 BCR TE . 23.04 116.08 -36.86
C36 BCR TE . 17.87 114.80 -41.78
C37 BCR TE . 18.28 112.88 -46.76
C38 BCR TE . 20.25 109.04 -49.57
C39 BCR TE . 22.14 112.94 -50.93
C40 BCR TE . 23.34 112.84 -48.75
C1A DGD UE . 3.25 109.16 -64.88
C2A DGD UE . 2.44 110.21 -65.63
C3A DGD UE . 1.65 111.00 -64.59
C4A DGD UE . 0.75 112.03 -65.26
C5A DGD UE . -0.06 112.77 -64.19
C6A DGD UE . -0.38 114.19 -64.63
C7A DGD UE . -0.89 115.06 -63.49
C8A DGD UE . -1.51 116.35 -64.06
C9A DGD UE . -1.05 117.65 -63.39
CAA DGD UE . -1.49 117.77 -61.94
CBA DGD UE . -2.00 119.17 -61.55
O1A DGD UE . 3.21 108.87 -63.74
C1B DGD UE . 6.73 109.11 -62.67
C2B DGD UE . 8.00 109.92 -62.41
C3B DGD UE . 7.84 110.56 -61.03
C4B DGD UE . 7.16 111.92 -61.12
C5B DGD UE . 7.40 112.78 -59.88
C6B DGD UE . 6.68 112.20 -58.66
C7B DGD UE . 5.93 113.15 -57.73
C8B DGD UE . 5.64 112.75 -56.27
C9B DGD UE . 4.14 112.91 -55.94
CAB DGD UE . 3.54 111.92 -54.92
CBB DGD UE . 2.29 112.39 -54.16
CCB DGD UE . 2.20 113.88 -53.88
CDB DGD UE . 0.78 114.43 -54.00
CEB DGD UE . 0.70 115.83 -53.42
CFB DGD UE . -0.60 116.05 -52.67
CGB DGD UE . -0.55 117.33 -51.86
CHB DGD UE . -1.67 118.25 -52.35
CIB DGD UE . -2.55 118.60 -51.16
O1B DGD UE . 5.71 109.14 -62.08
O1G DGD UE . 4.11 108.50 -65.75
C1G DGD UE . 5.11 107.72 -65.11
C2G DGD UE . 6.27 108.73 -64.96
O2G DGD UE . 6.92 108.30 -63.78
C3G DGD UE . 7.30 108.45 -66.09
O3G DGD UE . 8.45 107.87 -65.51
C1D DGD UE . 9.61 107.95 -66.28
C2D DGD UE . 10.66 106.95 -65.69
O2D DGD UE . 11.85 107.65 -65.59
C3D DGD UE . 10.81 105.77 -66.70
O3D DGD UE . 9.61 105.07 -66.72
C4D DGD UE . 11.19 106.30 -68.11
O4D DGD UE . 11.06 105.24 -69.01
C5D DGD UE . 10.25 107.47 -68.48
O5D DGD UE . 10.78 107.08 -70.73
C6D DGD UE . 9.65 107.21 -69.89
O6D DGD UE . 9.18 107.54 -67.57
C1E DGD UE . 10.63 107.58 -72.03
C2E DGD UE . 11.62 106.84 -72.99
O2E DGD UE . 11.33 105.49 -72.93
C3E DGD UE . 13.06 107.16 -72.52
O3E DGD UE . 13.92 106.56 -73.43
C4E DGD UE . 13.28 108.69 -72.45
O4E DGD UE . 13.22 109.17 -73.75
C5E DGD UE . 12.19 109.32 -71.55
O6E DGD UE . 10.91 108.96 -72.01
C6E DGD UE . 12.31 110.87 -71.62
O5E DGD UE . 12.07 111.37 -70.35
MG CLA VE . -0.08 93.82 -20.38
CHA CLA VE . -0.87 92.50 -17.25
CHB CLA VE . 3.03 94.45 -19.29
CHC CLA VE . 1.06 94.26 -23.66
CHD CLA VE . -3.12 92.68 -21.57
NA CLA VE . 1.00 93.36 -18.55
C1A CLA VE . 0.47 92.80 -17.40
C2A CLA VE . 1.49 92.87 -16.29
C3A CLA VE . 2.48 93.91 -16.84
C4A CLA VE . 2.19 93.88 -18.32
CMA CLA VE . 2.13 95.30 -16.28
CAA CLA VE . 2.23 91.51 -16.07
CBA CLA VE . 1.42 90.28 -15.93
CGA CLA VE . 1.85 89.41 -14.82
O1A CLA VE . 1.22 89.45 -13.79
O2A CLA VE . 3.06 88.83 -14.82
NB CLA VE . 1.75 94.28 -21.30
C1B CLA VE . 2.89 94.50 -20.62
C2B CLA VE . 3.96 94.80 -21.54
C3B CLA VE . 3.45 94.75 -22.80
C4B CLA VE . 2.01 94.42 -22.65
CMB CLA VE . 5.38 95.10 -21.13
CAB CLA VE . 4.41 95.03 -23.91
CBB CLA VE . 4.38 96.06 -24.64
NC CLA VE . -0.91 93.52 -22.30
C1C CLA VE . -0.27 93.76 -23.49
C2C CLA VE . -1.19 93.42 -24.57
C3C CLA VE . -2.36 92.97 -24.00
C4C CLA VE . -2.18 93.05 -22.54
CMC CLA VE . -0.86 93.54 -26.03
CAC CLA VE . -3.62 92.51 -24.69
CBC CLA VE . -3.46 91.06 -25.21
ND CLA VE . -1.67 92.79 -19.64
C1D CLA VE . -2.84 92.43 -20.20
C2D CLA VE . -3.67 91.75 -19.27
C3D CLA VE . -2.95 91.75 -18.08
C4D CLA VE . -1.75 92.41 -18.34
CMD CLA VE . -5.07 91.15 -19.51
CAD CLA VE . -2.93 91.35 -16.69
OBD CLA VE . -3.83 90.87 -15.98
CBD CLA VE . -1.65 91.94 -16.07
CGD CLA VE . -2.09 93.07 -15.12
O1D CLA VE . -2.66 92.81 -14.09
O2D CLA VE . -1.57 94.27 -15.31
CED CLA VE . -1.45 95.20 -14.22
C1 CLA VE . 3.48 88.05 -13.64
C2 CLA VE . 4.89 87.49 -13.93
C3 CLA VE . 5.29 86.64 -14.88
C4 CLA VE . 4.30 85.84 -15.73
C5 CLA VE . 6.76 86.22 -15.11
C6 CLA VE . 7.00 84.81 -15.64
C7 CLA VE . 8.43 84.36 -15.53
C8 CLA VE . 8.58 82.83 -15.48
C9 CLA VE . 7.67 82.23 -14.41
C10 CLA VE . 10.02 82.52 -15.16
C11 CLA VE . 10.53 82.73 -13.75
C12 CLA VE . 12.06 82.72 -13.94
C13 CLA VE . 12.90 81.54 -13.39
MG CLA WE . 24.15 95.81 -33.47
CHA CLA WE . 27.10 95.12 -35.19
CHB CLA WE . 23.44 92.50 -33.45
CHC CLA WE . 21.49 96.32 -31.28
CHD CLA WE . 25.46 98.90 -32.60
NA CLA WE . 25.17 94.03 -34.17
C1A CLA WE . 26.36 94.00 -34.88
C2A CLA WE . 26.67 92.58 -35.28
C3A CLA WE . 25.33 91.88 -35.06
C4A CLA WE . 24.61 92.83 -34.14
CMA CLA WE . 24.57 91.77 -36.38
CAA CLA WE . 27.80 91.95 -34.39
CBA CLA WE . 28.15 92.62 -33.13
CGA CLA WE . 28.20 91.74 -31.96
O1A CLA WE . 27.89 90.58 -32.11
O2A CLA WE . 28.22 92.24 -30.72
NB CLA WE . 22.71 94.60 -32.53
C1B CLA WE . 22.64 93.26 -32.70
C2B CLA WE . 21.53 92.74 -31.91
C3B CLA WE . 20.95 93.79 -31.27
C4B CLA WE . 21.70 95.00 -31.67
CMB CLA WE . 21.17 91.29 -31.85
CAB CLA WE . 19.78 93.45 -30.40
CBB CLA WE . 19.38 94.15 -29.42
NC CLA WE . 23.57 97.36 -32.15
C1C CLA WE . 22.45 97.37 -31.36
C2C CLA WE . 22.42 98.61 -30.61
C3C CLA WE . 23.52 99.34 -30.97
C4C CLA WE . 24.26 98.53 -31.96
CMC CLA WE . 21.34 99.00 -29.62
CAC CLA WE . 23.95 100.69 -30.47
CBC CLA WE . 23.71 101.78 -31.53
ND CLA WE . 25.89 96.83 -33.76
C1D CLA WE . 26.28 98.06 -33.39
C2D CLA WE . 27.59 98.35 -33.85
C3D CLA WE . 27.97 97.23 -34.59
C4D CLA WE . 26.90 96.32 -34.53
CMD CLA WE . 28.41 99.64 -33.63
CAD CLA WE . 29.01 96.62 -35.37
OBD CLA WE . 30.07 97.09 -35.82
CBD CLA WE . 28.52 95.20 -35.78
CGD CLA WE . 28.48 95.13 -37.32
O1D CLA WE . 27.42 95.12 -37.89
O2D CLA WE . 29.58 94.77 -37.94
CED CLA WE . 29.50 93.98 -39.14
C1 CLA WE . 29.27 91.79 -29.77
C2 CLA WE . 29.28 92.77 -28.59
C3 CLA WE . 28.42 92.90 -27.56
C4 CLA WE . 27.35 91.85 -27.25
C5 CLA WE . 28.11 94.25 -26.87
C6 CLA WE . 27.62 94.15 -25.42
C7 CLA WE . 27.02 95.45 -24.91
C8 CLA WE . 26.08 95.23 -23.71
C9 CLA WE . 25.06 94.14 -23.99
C10 CLA WE . 25.39 96.54 -23.43
MG CLA XE . 41.22 111.23 -34.59
CHA CLA XE . 38.83 112.03 -37.01
CHB CLA XE . 38.72 110.48 -32.45
CHC CLA XE . 43.46 110.97 -31.95
CHD CLA XE . 43.57 112.99 -36.43
NA CLA XE . 39.05 111.27 -34.71
C1A CLA XE . 38.30 111.53 -35.84
C2A CLA XE . 36.86 111.15 -35.59
C3A CLA XE . 36.82 111.01 -34.06
C4A CLA XE . 38.28 110.98 -33.67
CMA CLA XE . 36.14 112.23 -33.44
CAA CLA XE . 36.48 109.81 -36.31
CBA CLA XE . 37.17 108.58 -35.87
CGA CLA XE . 36.79 107.38 -36.59
O1A CLA XE . 37.34 107.14 -37.64
O2A CLA XE . 36.12 106.39 -35.98
NB CLA XE . 41.09 110.80 -32.55
C1B CLA XE . 39.95 110.51 -31.90
C2B CLA XE . 40.22 110.25 -30.50
C3B CLA XE . 41.55 110.38 -30.31
C4B CLA XE . 42.13 110.73 -31.62
CMB CLA XE . 39.16 109.91 -29.49
CAB CLA XE . 42.05 110.15 -28.91
CBB CLA XE . 43.28 110.27 -28.58
NC CLA XE . 43.20 111.89 -34.25
C1C CLA XE . 43.92 111.66 -33.11
C2C CLA XE . 45.23 112.26 -33.27
C3C CLA XE . 45.28 112.83 -34.52
C4C CLA XE . 43.97 112.59 -35.15
CMC CLA XE . 46.30 112.24 -32.22
CAC CLA XE . 46.42 113.59 -35.16
CBC CLA XE . 47.19 112.68 -36.13
ND CLA XE . 41.27 112.27 -36.34
C1D CLA XE . 42.26 112.94 -36.95
C2D CLA XE . 41.81 113.54 -38.16
C3D CLA XE . 40.45 113.22 -38.24
C4D CLA XE . 40.15 112.46 -37.11
CMD CLA XE . 42.62 114.38 -39.17
CAD CLA XE . 39.24 113.35 -39.01
OBD CLA XE . 38.94 114.16 -39.90
CBD CLA XE . 38.17 112.48 -38.32
CGD CLA XE . 36.96 113.38 -38.05
O1D CLA XE . 35.83 112.94 -38.10
O2D CLA XE . 37.17 114.58 -37.55
CED CLA XE . 36.09 115.35 -37.02
C1 CLA XE . 35.36 105.42 -36.78
C2 CLA XE . 33.89 105.89 -36.80
C3 CLA XE . 32.81 105.30 -37.32
C4 CLA XE . 32.88 104.01 -38.15
C5 CLA XE . 31.36 105.73 -37.02
C6 CLA XE . 30.35 104.59 -36.78
C7 CLA XE . 29.23 104.97 -35.85
C8 CLA XE . 27.89 105.10 -36.58
C9 CLA XE . 27.72 106.52 -37.14
C10 CLA XE . 26.78 104.75 -35.63
C11 CLA XE . 26.04 105.84 -34.87
C12 CLA XE . 24.59 105.69 -35.39
C13 CLA XE . 23.42 105.45 -34.41
C14 CLA XE . 23.02 103.97 -34.38
C15 CLA XE . 22.21 106.34 -34.76
C16 CLA XE . 21.98 107.60 -33.95
C17 CLA XE . 21.70 107.40 -32.48
C18 CLA XE . 20.61 108.33 -31.91
C19 CLA XE . 20.73 108.45 -30.40
C20 CLA XE . 20.68 109.70 -32.54
MG CLA YE . -9.41 108.80 -75.83
CHA CLA YE . -10.29 111.29 -78.13
CHB CLA YE . -7.37 111.01 -74.33
CHC CLA YE . -9.12 106.72 -73.03
CHD CLA YE . -11.99 106.85 -77.04
NA CLA YE . -8.98 110.92 -76.12
C1A CLA YE . -9.43 111.72 -77.15
C2A CLA YE . -9.02 113.14 -76.89
C3A CLA YE . -8.07 113.02 -75.70
C4A CLA YE . -8.03 111.54 -75.41
CMA CLA YE . -6.67 113.50 -76.10
CAA CLA YE . -10.26 114.04 -76.52
CBA CLA YE . -11.07 113.63 -75.35
CGA CLA YE . -12.51 113.83 -75.51
O1A CLA YE . -12.98 113.66 -76.62
O2A CLA YE . -13.34 113.79 -74.46
NB CLA YE . -8.41 108.87 -73.99
C1B CLA YE . -7.62 109.89 -73.62
C2B CLA YE . -7.07 109.63 -72.31
C3B CLA YE . -7.54 108.43 -71.90
C4B CLA YE . -8.41 107.92 -72.99
CMB CLA YE . -6.15 110.57 -71.57
CAB CLA YE . -7.09 107.96 -70.55
CBB CLA YE . -6.59 106.81 -70.34
NC CLA YE . -10.40 107.07 -75.15
C1C CLA YE . -10.13 106.39 -73.99
C2C CLA YE . -11.04 105.26 -73.90
C3C CLA YE . -11.85 105.27 -75.01
C4C CLA YE . -11.44 106.43 -75.81
CMC CLA YE . -11.07 104.25 -72.78
CAC CLA YE . -12.95 104.31 -75.39
CBC CLA YE . -12.46 103.28 -76.42
ND CLA YE . -10.87 108.98 -77.24
C1D CLA YE . -11.81 108.12 -77.66
C2D CLA YE . -12.59 108.67 -78.70
C3D CLA YE . -12.04 109.92 -78.94
C4D CLA YE . -10.98 110.07 -78.05
CMD CLA YE . -13.79 108.03 -79.43
CAD CLA YE . -12.12 111.12 -79.73
OBD CLA YE . -12.87 111.43 -80.68
CBD CLA YE . -11.00 112.07 -79.25
CGD CLA YE . -10.04 112.30 -80.44
O1D CLA YE . -9.22 111.47 -80.75
O2D CLA YE . -10.31 113.32 -81.24
CED CLA YE . -9.45 113.57 -82.37
C1 CLA YE . -14.78 114.00 -74.66
C2 CLA YE . -15.52 112.91 -73.87
C3 CLA YE . -15.83 112.81 -72.56
C4 CLA YE . -16.31 111.49 -71.95
C5 CLA YE . -16.22 114.02 -71.67
C6 CLA YE . -17.70 114.07 -71.29
C7 CLA YE . -17.94 114.55 -69.88
C8 CLA YE . -17.51 116.00 -69.67
C9 CLA YE . -17.27 116.28 -68.18
C10 CLA YE . -18.58 116.90 -70.23
C11 CLA YE . -19.00 118.15 -69.46
C12 CLA YE . -19.39 119.16 -70.57
C13 CLA YE . -18.57 120.46 -70.74
C14 CLA YE . -17.09 120.26 -70.36
C15 CLA YE . -19.18 121.62 -69.92
C16 CLA YE . -18.86 123.05 -70.35
C17 CLA YE . -17.74 123.74 -69.62
C18 CLA YE . -16.54 124.10 -70.50
C19 CLA YE . -16.44 125.58 -70.74
C20 CLA YE . -15.27 123.60 -69.87
MG CLA ZE . 40.05 129.33 -41.69
CHA CLA ZE . 43.01 130.50 -43.14
CHB CLA ZE . 41.82 127.02 -40.02
CHC CLA ZE . 37.33 128.67 -39.58
CHD CLA ZE . 38.43 132.11 -42.93
NA CLA ZE . 42.18 128.90 -41.50
C1A CLA ZE . 43.19 129.46 -42.27
C2A CLA ZE . 44.49 128.75 -41.98
C3A CLA ZE . 44.09 127.64 -41.01
C4A CLA ZE . 42.60 127.82 -40.84
CMA CLA ZE . 44.37 126.28 -41.64
CAA CLA ZE . 45.53 129.73 -41.33
CBA CLA ZE . 45.60 129.76 -39.86
CGA CLA ZE . 46.06 131.04 -39.31
O1A CLA ZE . 46.75 131.75 -40.01
O2A CLA ZE . 46.02 131.28 -38.00
NB CLA ZE . 39.66 128.06 -40.07
C1B CLA ZE . 40.57 127.19 -39.58
C2B CLA ZE . 39.98 126.46 -38.47
C3B CLA ZE . 38.71 126.89 -38.31
C4B CLA ZE . 38.48 127.93 -39.34
CMB CLA ZE . 40.71 125.41 -37.69
CAB CLA ZE . 37.93 126.25 -37.20
CBB CLA ZE . 36.66 126.22 -37.15
NC CLA ZE . 38.19 130.25 -41.32
C1C CLA ZE . 37.23 129.82 -40.43
C2C CLA ZE . 36.09 130.73 -40.49
C3C CLA ZE . 36.39 131.70 -41.42
C4C CLA ZE . 37.72 131.39 -41.95
CMC CLA ZE . 34.84 130.61 -39.66
CAC CLA ZE . 35.56 132.87 -41.85
CBC CLA ZE . 36.06 134.16 -41.17
ND CLA ZE . 40.55 130.98 -42.77
C1D CLA ZE . 39.80 132.01 -43.23
C2D CLA ZE . 40.59 132.92 -43.99
C3D CLA ZE . 41.87 132.38 -43.99
C4D CLA ZE . 41.80 131.19 -43.26
CMD CLA ZE . 40.13 134.23 -44.66
CAD CLA ZE . 43.23 132.54 -44.43
OBD CLA ZE . 43.80 133.49 -44.99
CBD CLA ZE . 43.99 131.23 -44.07
CGD CLA ZE . 44.22 130.45 -45.36
O1D CLA ZE . 43.95 130.94 -46.43
O2D CLA ZE . 44.50 129.16 -45.27
CED CLA ZE . 44.09 128.26 -46.31
C1 CLA ZE . 46.37 132.63 -37.48
C2 CLA ZE . 45.55 132.85 -36.21
C3 CLA ZE . 45.55 132.17 -35.05
C4 CLA ZE . 46.65 131.15 -34.72
C5 CLA ZE . 44.32 132.04 -34.12
C6 CLA ZE . 44.59 131.48 -32.72
C7 CLA ZE . 43.43 131.65 -31.76
C8 CLA ZE . 42.07 131.31 -32.41
C9 CLA ZE . 41.10 132.47 -32.25
C10 CLA ZE . 41.53 130.07 -31.73
C1 PQN AF . -7.04 101.50 -62.21
O1 PQN AF . -7.37 101.42 -61.06
C2 PQN AF . -7.93 102.08 -63.22
C2M PQN AF . -9.19 102.50 -62.62
C3 PQN AF . -7.62 102.21 -64.54
C4 PQN AF . -6.31 101.75 -65.03
O4 PQN AF . -6.01 101.85 -66.18
C5 PQN AF . -5.40 101.16 -64.01
C6 PQN AF . -4.16 100.72 -64.47
C7 PQN AF . -3.30 100.16 -63.52
C8 PQN AF . -3.65 100.04 -62.20
C9 PQN AF . -4.89 100.49 -61.75
C10 PQN AF . -5.73 101.04 -62.70
C11 PQN AF . -8.51 102.80 -65.57
C12 PQN AF . -8.39 104.26 -65.59
C13 PQN AF . -8.12 105.01 -66.70
C14 PQN AF . -7.92 104.41 -68.03
C15 PQN AF . -8.06 106.45 -66.36
C16 PQN AF . -8.59 107.39 -67.43
C17 PQN AF . -9.87 108.03 -66.90
C18 PQN AF . -10.03 109.45 -67.43
C19 PQN AF . -10.04 109.39 -68.95
C20 PQN AF . -8.91 110.33 -66.91
C21 PQN AF . -9.30 111.80 -66.93
C22 PQN AF . -9.91 112.22 -65.60
C23 PQN AF . -8.97 113.06 -64.73
C24 PQN AF . -9.73 113.70 -63.59
C25 PQN AF . -8.29 114.14 -65.56
C26 PQN AF . -6.84 114.36 -65.14
C27 PQN AF . -6.15 115.16 -66.23
C28 PQN AF . -4.84 115.76 -65.75
C29 PQN AF . -4.13 116.36 -66.94
C30 PQN AF . -5.11 116.82 -64.70
MG CLA BF . 39.63 119.81 -39.10
CHA CLA BF . 42.04 121.52 -40.97
CHB CLA BF . 42.08 117.82 -37.91
CHC CLA BF . 37.55 118.64 -36.55
CHD CLA BF . 37.39 122.35 -39.78
NA CLA BF . 41.79 119.73 -39.35
C1A CLA BF . 42.56 120.53 -40.16
C2A CLA BF . 43.96 119.95 -40.24
C3A CLA BF . 43.72 118.53 -39.76
C4A CLA BF . 42.48 118.68 -38.93
CMA CLA BF . 43.44 117.61 -40.96
CAA CLA BF . 44.96 120.68 -39.28
CBA CLA BF . 44.97 122.15 -39.25
CGA CLA BF . 46.27 122.74 -38.93
O1A CLA BF . 47.13 122.70 -39.77
O2A CLA BF . 46.40 123.59 -37.90
NB CLA BF . 39.80 118.45 -37.50
C1B CLA BF . 40.93 117.76 -37.23
C2B CLA BF . 40.71 116.92 -36.07
C3B CLA BF . 39.44 117.11 -35.65
C4B CLA BF . 38.83 118.11 -36.57
CMB CLA BF . 41.76 116.02 -35.50
CAB CLA BF . 39.05 116.32 -34.45
CBB CLA BF . 37.85 116.13 -34.06
NC CLA BF . 37.77 120.39 -38.29
C1C CLA BF . 37.10 119.78 -37.27
C2C CLA BF . 35.85 120.50 -37.03
C3C CLA BF . 35.80 121.55 -37.93
C4C CLA BF . 37.03 121.47 -38.73
CMC CLA BF . 34.83 120.15 -35.98
CAC CLA BF . 34.72 122.59 -38.09
CBC CLA BF . 33.61 122.08 -39.03
ND CLA BF . 39.65 121.57 -40.11
C1D CLA BF . 38.68 122.48 -40.34
C2D CLA BF . 39.16 123.56 -41.14
C3D CLA BF . 40.50 123.23 -41.42
C4D CLA BF . 40.75 122.01 -40.80
CMD CLA BF . 38.39 124.81 -41.60
CAD CLA BF . 41.69 123.65 -42.11
OBD CLA BF . 41.86 124.47 -43.01
CBD CLA BF . 42.76 122.55 -41.87
CGD CLA BF . 43.13 121.94 -43.22
O1D CLA BF . 42.31 121.36 -43.90
O2D CLA BF . 44.41 121.88 -43.55
CED CLA BF . 44.80 121.49 -44.87
C1 CLA BF . 45.55 124.80 -37.85
C2 CLA BF . 45.27 125.10 -36.38
C3 CLA BF . 44.49 126.06 -35.83
C4 CLA BF . 44.02 125.98 -34.37
C5 CLA BF . 43.79 127.16 -36.64
C6 CLA BF . 43.35 128.41 -35.85
C7 CLA BF . 42.54 129.37 -36.69
C8 CLA BF . 41.30 129.90 -35.94
C9 CLA BF . 40.51 128.75 -35.32
C10 CLA BF . 40.45 130.65 -36.92
C11 CLA BF . 39.50 131.73 -36.40
C12 CLA BF . 38.12 131.18 -36.83
C13 CLA BF . 36.93 131.27 -35.85
C14 CLA BF . 36.30 129.90 -35.58
C15 CLA BF . 35.87 132.27 -36.38
C48 PGT CF . 2.43 127.48 -64.07
C47 PGT CF . 3.79 128.02 -64.54
C46 PGT CF . 3.97 127.93 -66.05
C45 PGT CF . 5.40 128.23 -66.50
C44 PGT CF . 5.89 129.60 -66.06
C43 PGT CF . 7.39 129.79 -66.30
C42 PGT CF . 7.80 129.58 -67.74
C41 PGT CF . 9.22 129.06 -67.90
C40 PGT CF . 10.30 130.10 -67.58
C39 PGT CF . 11.56 129.90 -68.42
C38 PGT CF . 12.08 128.47 -68.41
C37 PGT CF . 12.92 128.12 -69.63
C36 PGT CF . 12.14 128.19 -70.94
C35 PGT CF . 13.00 127.86 -72.15
C34 PGT CF . 13.65 126.49 -72.09
C33 PGT CF . 12.63 125.35 -72.11
C32 PGT CF . 13.13 124.16 -72.91
C31 PGT CF . 13.49 124.51 -74.32
O31 PGT CF . 14.60 124.43 -74.79
O2 PGT CF . 12.43 124.94 -75.00
C2 PGT CF . 11.55 123.96 -75.57
C1 PGT CF . 12.12 123.41 -76.86
O3P PGT CF . 11.64 122.12 -77.14
P PGT CF . 12.52 120.84 -76.60
O1P PGT CF . 13.48 121.29 -75.53
O2P PGT CF . 11.63 119.67 -76.31
O4P PGT CF . 13.31 120.65 -78.02
C4 PGT CF . 12.55 120.54 -79.20
C5 PGT CF . 13.44 119.98 -80.30
O5 PGT CF . 12.74 119.81 -81.51
C6 PGT CF . 14.11 118.70 -79.82
O6 PGT CF . 14.80 118.96 -78.62
C3 PGT CF . 10.17 124.57 -75.68
O3 PGT CF . 9.27 123.61 -76.21
C11 PGT CF . 8.12 124.03 -76.73
O11 PGT CF . 7.81 123.89 -77.89
C12 PGT CF . 7.26 124.69 -75.69
C13 PGT CF . 6.63 123.69 -74.73
C14 PGT CF . 5.12 123.60 -74.91
C15 PGT CF . 4.37 123.47 -73.59
C16 PGT CF . 4.52 124.71 -72.73
C17 PGT CF . 4.11 124.50 -71.27
C18 PGT CF . 2.74 123.86 -71.12
C19 PGT CF . 1.96 124.41 -69.94
C20 PGT CF . 2.75 124.41 -68.64
C21 PGT CF . 1.98 125.01 -67.47
C22 PGT CF . 0.62 124.35 -67.25
C23 PGT CF . -0.19 124.98 -66.12
C44 PGT DF . 25.25 110.37 -32.86
C43 PGT DF . 25.69 109.87 -34.23
C42 PGT DF . 26.74 110.75 -34.89
C41 PGT DF . 27.32 110.15 -36.16
C40 PGT DF . 28.66 110.75 -36.55
C39 PGT DF . 29.74 110.60 -35.47
C38 PGT DF . 30.22 109.17 -35.28
C37 PGT DF . 31.73 109.05 -35.24
C36 PGT DF . 32.32 109.05 -33.83
C35 PGT DF . 33.12 107.80 -33.51
C34 PGT DF . 34.11 107.97 -32.37
C33 PGT DF . 34.64 106.65 -31.82
C32 PGT DF . 35.91 106.18 -32.51
C31 PGT DF . 37.17 106.82 -31.98
O31 PGT DF . 37.21 107.84 -31.34
O2 PGT DF . 38.26 106.12 -32.32
C2 PGT DF . 39.49 106.82 -32.48
C1 PGT DF . 40.12 106.52 -33.82
O3P PGT DF . 41.46 106.94 -33.90
P PGT DF . 41.81 108.07 -35.03
O1P PGT DF . 41.19 107.67 -36.33
O2P PGT DF . 41.59 109.45 -34.51
O4P PGT DF . 43.42 107.72 -35.06
C4 PGT DF . 44.04 107.31 -33.86
C5 PGT DF . 45.44 106.81 -34.20
O5 PGT DF . 45.91 105.88 -33.26
C6 PGT DF . 46.38 107.99 -34.39
O6 PGT DF . 46.48 108.69 -33.17
C3 PGT DF . 40.37 106.54 -31.28
O3 PGT DF . 40.85 105.21 -31.31
C11 PGT DF . 40.26 104.29 -30.57
O11 PGT DF . 39.88 103.23 -31.01
C12 PGT DF . 40.10 104.70 -29.13
C13 PGT DF . 38.99 103.98 -28.41
C14 PGT DF . 38.11 104.91 -27.59
C15 PGT DF . 38.91 105.79 -26.63
C16 PGT DF . 38.06 106.37 -25.51
C17 PGT DF . 36.99 107.34 -25.99
C18 PGT DF . 37.32 108.80 -25.69
C1 BCR EF . 7.92 89.85 -17.65
C2 BCR EF . 7.04 90.67 -16.66
C3 BCR EF . 5.65 90.15 -16.45
C4 BCR EF . 5.02 89.88 -17.81
C5 BCR EF . 5.82 88.87 -18.54
C6 BCR EF . 7.16 88.85 -18.51
C7 BCR EF . 7.93 88.16 -19.56
C8 BCR EF . 7.75 88.29 -20.88
C9 BCR EF . 8.48 87.64 -21.96
C10 BCR EF . 8.05 87.84 -23.22
C11 BCR EF . 8.61 87.33 -24.47
C33 BCR EF . 4.95 87.71 -18.87
C31 BCR EF . 9.00 89.16 -16.83
C32 BCR EF . 8.58 90.89 -18.54
C34 BCR EF . 9.66 86.80 -21.66
C12 BCR EF . 7.84 87.33 -25.56
C13 BCR EF . 8.21 86.90 -26.90
C14 BCR EF . 7.46 87.37 -27.92
C15 BCR EF . 7.66 87.14 -29.33
C16 BCR EF . 6.93 87.84 -30.21
C17 BCR EF . 7.11 87.72 -31.63
C18 BCR EF . 6.29 88.27 -32.55
C19 BCR EF . 6.64 88.11 -33.95
C20 BCR EF . 6.31 89.02 -34.89
C21 BCR EF . 6.69 88.85 -36.28
C22 BCR EF . 6.51 89.81 -37.21
C23 BCR EF . 6.94 89.58 -38.58
C24 BCR EF . 7.76 90.42 -39.21
C25 BCR EF . 8.26 90.35 -40.59
C26 BCR EF . 9.20 89.47 -40.99
C27 BCR EF . 10.22 89.84 -42.01
C28 BCR EF . 9.59 90.64 -43.11
C29 BCR EF . 9.01 91.91 -42.53
C30 BCR EF . 8.07 91.68 -41.33
C35 BCR EF . 9.38 86.02 -27.06
C36 BCR EF . 5.09 89.06 -32.19
C37 BCR EF . 5.86 91.08 -36.82
C38 BCR EF . 9.09 88.00 -40.82
C39 BCR EF . 6.62 91.77 -41.81
C40 BCR EF . 8.34 92.84 -40.36
MG CLA FF . 22.68 138.00 -64.31
CHA CLA FF . 25.58 139.10 -65.96
CHB CLA FF . 24.58 135.82 -62.56
CHC CLA FF . 20.19 137.66 -61.88
CHD CLA FF . 21.03 140.73 -65.62
NA CLA FF . 24.80 137.51 -64.28
C1A CLA FF . 25.80 138.07 -65.06
C2A CLA FF . 27.07 137.27 -64.93
C3A CLA FF . 26.60 136.05 -64.13
C4A CLA FF . 25.26 136.48 -63.59
CMA CLA FF . 26.41 134.87 -65.08
CAA CLA FF . 28.17 138.09 -64.18
CBA CLA FF . 27.82 138.75 -62.91
CGA CLA FF . 27.72 140.22 -62.99
O1A CLA FF . 26.70 140.71 -63.42
O2A CLA FF . 28.59 141.03 -62.34
NB CLA FF . 22.44 136.91 -62.54
C1B CLA FF . 23.38 136.08 -62.03
C2B CLA FF . 22.89 135.50 -60.79
C3B CLA FF . 21.65 135.99 -60.56
C4B CLA FF . 21.35 136.91 -61.68
CMB CLA FF . 23.68 134.52 -59.96
CAB CLA FF . 20.97 135.50 -59.32
CBB CLA FF . 19.71 135.51 -59.15
NC CLA FF . 20.90 139.03 -63.84
C1C CLA FF . 20.03 138.73 -62.81
C2C CLA FF . 18.93 139.67 -62.83
C3C CLA FF . 19.15 140.54 -63.88
C4C CLA FF . 20.40 140.13 -64.51
CMC CLA FF . 17.77 139.68 -61.87
CAC CLA FF . 18.30 141.71 -64.32
CBC CLA FF . 17.48 141.37 -65.58
ND CLA FF . 23.14 139.60 -65.50
C1D CLA FF . 22.38 140.60 -65.98
C2D CLA FF . 23.14 141.48 -66.80
C3D CLA FF . 24.42 140.93 -66.83
C4D CLA FF . 24.38 139.77 -66.05
CMD CLA FF . 22.65 142.76 -67.51
CAD CLA FF . 25.76 141.07 -67.35
OBD CLA FF . 26.34 142.04 -67.85
CBD CLA FF . 26.55 139.80 -66.92
CGD CLA FF . 26.80 138.94 -68.17
O1D CLA FF . 26.76 137.74 -68.11
O2D CLA FF . 27.27 139.55 -69.25
CED CLA FF . 27.95 138.77 -70.26
C1 CLA FF . 29.50 140.47 -61.31
C2 CLA FF . 30.06 141.63 -60.49
C3 CLA FF . 29.49 142.40 -59.54
C4 CLA FF . 27.96 142.50 -59.40
C5 CLA FF . 30.23 142.91 -58.30
C6 CLA FF . 29.45 143.85 -57.36
C7 CLA FF . 30.20 144.21 -56.11
C8 CLA FF . 31.63 144.69 -56.38
C9 CLA FF . 32.20 145.43 -55.18
MG CLA GF . 23.21 133.17 -55.94
CHA CLA GF . 20.46 131.26 -56.95
CHB CLA GF . 21.12 135.34 -54.43
CHC CLA GF . 25.79 135.46 -55.50
CHD CLA GF . 25.17 131.43 -58.21
NA CLA GF . 21.05 133.30 -55.75
C1A CLA GF . 20.14 132.34 -56.15
C2A CLA GF . 18.78 132.67 -55.61
C3A CLA GF . 18.99 134.01 -54.90
C4A CLA GF . 20.47 134.27 -55.04
CMA CLA GF . 18.20 135.11 -55.62
CAA CLA GF . 18.32 131.56 -54.60
CBA CLA GF . 16.86 131.37 -54.44
CGA CLA GF . 16.28 132.21 -53.40
O1A CLA GF . 15.72 133.23 -53.74
O2A CLA GF . 16.66 132.10 -52.12
NB CLA GF . 23.40 135.08 -55.11
C1B CLA GF . 22.38 135.76 -54.54
C2B CLA GF . 22.86 137.03 -54.05
C3B CLA GF . 24.19 137.12 -54.33
C4B CLA GF . 24.55 135.85 -55.01
CMB CLA GF . 21.99 138.05 -53.37
CAB CLA GF . 24.89 138.37 -53.91
CBB CLA GF . 25.49 138.51 -52.81
NC CLA GF . 25.17 133.40 -56.73
C1C CLA GF . 26.04 134.40 -56.40
C2C CLA GF . 27.27 134.20 -57.15
C3C CLA GF . 27.12 133.07 -57.93
C4C CLA GF . 25.76 132.56 -57.64
CMC CLA GF . 28.47 135.10 -57.07
CAC CLA GF . 28.10 132.44 -58.88
CBC CLA GF . 29.26 131.71 -58.18
ND CLA GF . 22.94 131.66 -57.28
C1D CLA GF . 23.80 131.08 -58.15
C2D CLA GF . 23.14 130.08 -58.92
C3D CLA GF . 21.81 130.10 -58.48
C4D CLA GF . 21.73 131.10 -57.50
CMD CLA GF . 23.75 129.15 -59.98
CAD CLA GF . 20.50 129.53 -58.64
OBD CLA GF . 20.08 128.72 -59.48
CBD CLA GF . 19.53 130.44 -57.85
CGD CLA GF . 18.84 131.36 -58.86
O1D CLA GF . 19.44 132.32 -59.28
O2D CLA GF . 17.54 131.30 -58.95
CED CLA GF . 16.87 132.25 -59.79
C1 CLA GF . 15.80 132.67 -51.06
C2 CLA GF . 16.53 132.49 -49.73
C3 CLA GF . 16.83 133.41 -48.80
C4 CLA GF . 16.64 134.91 -49.01
C5 CLA GF . 17.60 133.10 -47.49
C6 CLA GF . 17.55 131.63 -47.07
C7 CLA GF . 16.28 131.26 -46.35
C8 CLA GF . 16.58 130.56 -45.01
C9 CLA GF . 17.08 129.14 -45.26
C10 CLA GF . 15.31 130.53 -44.19
C11 CLA GF . 15.28 131.25 -42.86
C12 CLA GF . 14.86 132.68 -43.27
C13 CLA GF . 13.69 133.38 -42.54
C14 CLA GF . 13.14 132.55 -41.38
C15 CLA GF . 12.58 133.73 -43.56
C16 CLA GF . 11.22 134.19 -43.03
C17 CLA GF . 10.11 134.17 -44.05
C18 CLA GF . 9.06 135.28 -43.88
C19 CLA GF . 7.79 134.93 -44.64
C20 CLA GF . 8.73 135.46 -42.42
MG CLA HF . 30.47 139.41 -55.66
CHA CLA HF . 31.32 137.60 -58.54
CHB CLA HF . 33.76 139.79 -55.00
CHC CLA HF . 29.77 141.91 -53.32
CHD CLA HF . 27.21 139.53 -56.79
NA CLA HF . 32.30 138.84 -56.69
C1A CLA HF . 32.40 138.05 -57.82
C2A CLA HF . 33.83 138.04 -58.27
C3A CLA HF . 34.56 138.37 -56.97
C4A CLA HF . 33.50 139.01 -56.13
CMA CLA HF . 35.03 137.06 -56.30
CAA CLA HF . 34.08 139.17 -59.34
CBA CLA HF . 34.49 138.74 -60.69
CGA CLA HF . 34.09 139.67 -61.75
O1A CLA HF . 34.29 139.35 -62.90
O2A CLA HF . 33.32 140.73 -61.49
NB CLA HF . 31.59 140.64 -54.38
C1B CLA HF . 32.93 140.59 -54.30
C2B CLA HF . 33.39 141.56 -53.32
C3B CLA HF . 32.30 142.18 -52.82
C4B CLA HF . 31.12 141.59 -53.50
CMB CLA HF . 34.84 141.79 -52.97
CAB CLA HF . 32.55 143.24 -51.78
CBB CLA HF . 31.70 143.60 -50.90
NC CLA HF . 28.76 140.53 -55.15
C1C CLA HF . 28.70 141.49 -54.16
C2C CLA HF . 27.34 142.02 -54.13
C3C CLA HF . 26.61 141.37 -55.09
C4C CLA HF . 27.52 140.42 -55.74
CMC CLA HF . 26.86 143.10 -53.19
CAC CLA HF . 25.16 141.56 -55.46
CBC CLA HF . 25.02 142.43 -56.73
ND CLA HF . 29.44 138.76 -57.30
C1D CLA HF . 28.13 138.83 -57.61
C2D CLA HF . 27.86 138.21 -58.85
C3D CLA HF . 29.08 137.69 -59.27
C4D CLA HF . 30.02 138.02 -58.28
CMD CLA HF . 26.50 138.10 -59.57
CAD CLA HF . 29.77 136.94 -60.29
OBD CLA HF . 29.33 136.26 -61.24
CBD CLA HF . 31.24 136.78 -59.83
CGD CLA HF . 31.50 135.28 -59.55
O1D CLA HF . 31.65 134.89 -58.41
O2D CLA HF . 31.82 134.50 -60.57
CED CLA HF . 32.75 133.43 -60.38
MG CLA IF . -0.76 124.54 -46.77
CHA CLA IF . -1.57 127.83 -47.67
CHB CLA IF . -2.97 124.81 -44.20
CHC CLA IF . -0.67 121.11 -46.22
CHD CLA IF . 0.53 124.07 -49.95
NA CLA IF . -2.05 126.13 -46.01
C1A CLA IF . -2.13 127.43 -46.48
C2A CLA IF . -2.67 128.33 -45.39
C3A CLA IF . -2.82 127.37 -44.21
C4A CLA IF . -2.69 126.01 -44.84
CMA CLA IF . -1.69 127.59 -43.22
CAA CLA IF . -4.05 128.94 -45.80
CBA CLA IF . -4.92 128.13 -46.67
CGA CLA IF . -5.76 127.18 -45.96
O1A CLA IF . -6.03 127.39 -44.80
O2A CLA IF . -5.99 125.96 -46.47
NB CLA IF . -1.67 123.20 -45.44
C1B CLA IF . -2.54 123.57 -44.47
C2B CLA IF . -2.96 122.40 -43.73
C3B CLA IF . -2.34 121.31 -44.28
C4B CLA IF . -1.49 121.83 -45.37
CMB CLA IF . -3.94 122.44 -42.58
CAB CLA IF . -2.64 119.98 -43.67
CBB CLA IF . -3.60 119.22 -44.00
NC CLA IF . -0.16 122.87 -47.90
C1C CLA IF . -0.21 121.56 -47.49
C2C CLA IF . 0.30 120.71 -48.56
C3C CLA IF . 0.63 121.53 -49.62
C4C CLA IF . 0.34 122.91 -49.19
CMC CLA IF . 0.40 119.21 -48.49
CAC CLA IF . 1.19 121.17 -50.96
CBC CLA IF . 2.68 120.79 -50.88
ND CLA IF . -0.56 125.65 -48.47
C1D CLA IF . 0.00 125.36 -49.65
C2D CLA IF . -0.06 126.46 -50.55
C3D CLA IF . -0.67 127.47 -49.82
C4D CLA IF . -0.94 126.96 -48.55
CMD CLA IF . 0.44 126.52 -52.00
CAD CLA IF . -1.13 128.84 -49.84
OBD CLA IF . -0.91 129.74 -50.67
CBD CLA IF . -1.72 129.15 -48.44
CGD CLA IF . -0.85 130.28 -47.83
O1D CLA IF . 0.36 130.21 -47.91
O2D CLA IF . -1.43 131.42 -47.56
CED CLA IF . -0.67 132.64 -47.60
C1 CLA IF . -6.39 124.86 -45.56
C2 CLA IF . -6.95 123.74 -46.42
C3 CLA IF . -6.35 122.93 -47.30
C4 CLA IF . -7.09 121.80 -48.04
C5 CLA IF . -4.82 122.80 -47.45
C6 CLA IF . -4.30 122.72 -48.89
C7 CLA IF . -4.54 123.99 -49.68
C8 CLA IF . -3.59 124.11 -50.87
C9 CLA IF . -3.63 125.53 -51.44
C10 CLA IF . -4.01 123.12 -51.92
C11 CLA IF . -2.98 122.15 -52.47
C12 CLA IF . -2.53 122.84 -53.77
C13 CLA IF . -2.92 122.24 -55.14
C14 CLA IF . -2.17 122.91 -56.30
MG CLA JF . 6.07 128.69 -44.87
CHA CLA JF . 5.22 131.63 -43.16
CHB CLA JF . 3.45 129.24 -46.95
CHC CLA JF . 7.32 126.39 -47.18
CHD CLA JF . 9.12 128.72 -43.26
NA CLA JF . 4.52 130.21 -45.01
C1A CLA JF . 4.34 131.29 -44.15
C2A CLA JF . 3.08 132.03 -44.54
C3A CLA JF . 2.40 131.05 -45.49
C4A CLA JF . 3.49 130.08 -45.84
CMA CLA JF . 1.27 130.32 -44.76
CAA CLA JF . 3.42 133.39 -45.25
CBA CLA JF . 4.55 133.38 -46.20
CGA CLA JF . 4.46 134.41 -47.23
O1A CLA JF . 3.40 134.97 -47.38
O2A CLA JF . 5.36 134.48 -48.22
NB CLA JF . 5.48 127.95 -46.75
C1B CLA JF . 4.35 128.35 -47.39
C2B CLA JF . 4.24 127.65 -48.64
C3B CLA JF . 5.31 126.82 -48.76
C4B CLA JF . 6.12 127.01 -47.53
CMB CLA JF . 3.10 127.83 -49.62
CAB CLA JF . 5.38 126.00 -50.00
CBB CLA JF . 6.25 125.09 -50.23
NC CLA JF . 7.92 127.72 -45.18
C1C CLA JF . 8.21 126.82 -46.17
C2C CLA JF . 9.59 126.39 -46.01
C3C CLA JF . 10.11 127.04 -44.91
C4C CLA JF . 9.04 127.88 -44.38
CMC CLA JF . 10.29 125.41 -46.91
CAC CLA JF . 11.50 126.93 -44.33
CBC CLA JF . 12.38 128.13 -44.76
ND CLA JF . 7.03 129.89 -43.53
C1D CLA JF . 8.22 129.77 -42.94
C2D CLA JF . 8.47 130.84 -42.04
C3D CLA JF . 7.31 131.61 -42.08
C4D CLA JF . 6.43 130.99 -42.98
CMD CLA JF . 9.73 131.09 -41.19
CAD CLA JF . 6.65 132.78 -41.56
OBD CLA JF . 6.84 133.41 -40.50
CBD CLA JF . 5.32 132.93 -42.34
CGD CLA JF . 4.19 133.01 -41.30
O1D CLA JF . 4.12 132.21 -40.41
O2D CLA JF . 3.21 133.88 -41.51
CED CLA JF . 2.08 133.88 -40.63
C1 CLA JF . 6.49 135.44 -48.11
C2 CLA JF . 7.16 135.51 -49.49
C3 CLA JF . 8.31 136.07 -49.87
C4 CLA JF . 8.76 136.07 -51.33
C5 CLA JF . 9.07 137.14 -49.05
C6 CLA JF . 9.98 136.62 -47.95
C7 CLA JF . 11.03 137.63 -47.53
C8 CLA JF . 12.43 137.20 -48.02
C9 CLA JF . 12.90 135.97 -47.25
C10 CLA JF . 13.38 138.35 -47.81
C11 CLA JF . 14.67 138.39 -48.61
C12 CLA JF . 15.23 139.79 -48.31
C13 CLA JF . 15.25 140.89 -49.40
C14 CLA JF . 14.73 140.38 -50.74
C15 CLA JF . 16.67 141.49 -49.53
C16 CLA JF . 16.82 143.01 -49.47
C17 CLA JF . 18.20 143.52 -49.15
C18 CLA JF . 18.42 144.98 -49.53
C19 CLA JF . 19.67 145.56 -48.90
C20 CLA JF . 18.54 145.09 -51.03
MG CLA KF . 15.91 123.60 -59.08
CHA CLA KF . 16.99 124.67 -55.91
CHB CLA KF . 13.02 125.27 -58.60
CHC CLA KF . 14.49 122.07 -61.86
CHD CLA KF . 18.47 121.28 -59.08
NA CLA KF . 15.09 124.78 -57.45
C1A CLA KF . 15.79 125.20 -56.32
C2A CLA KF . 14.93 126.17 -55.54
C3A CLA KF . 13.57 126.03 -56.22
C4A CLA KF . 13.90 125.34 -57.52
CMA CLA KF . 12.67 125.14 -55.37
CAA CLA KF . 15.47 127.64 -55.65
CBA CLA KF . 14.49 128.67 -56.02
CGA CLA KF . 13.64 129.11 -54.91
O1A CLA KF . 12.50 129.43 -55.14
O2A CLA KF . 14.02 128.96 -53.63
NB CLA KF . 14.06 123.67 -60.06
C1B CLA KF . 13.03 124.44 -59.66
C2B CLA KF . 11.91 124.25 -60.55
C3B CLA KF . 12.28 123.35 -61.50
C4B CLA KF . 13.68 122.97 -61.19
CMB CLA KF . 10.59 124.96 -60.41
CAB CLA KF . 11.25 123.02 -62.54
CBB CLA KF . 11.53 122.62 -63.71
NC CLA KF . 16.41 121.93 -60.28
C1C CLA KF . 15.70 121.49 -61.36
C2C CLA KF . 16.38 120.32 -61.90
C3C CLA KF . 17.49 120.08 -61.13
C4C CLA KF . 17.51 121.12 -60.10
CMC CLA KF . 15.91 119.52 -63.09
CAC CLA KF . 18.52 118.99 -61.29
CBC CLA KF . 18.33 117.88 -60.23
ND CLA KF . 17.43 123.06 -57.83
C1D CLA KF . 18.37 122.10 -57.94
C2D CLA KF . 19.23 122.08 -56.81
C3D CLA KF . 18.72 123.08 -55.96
C4D CLA KF . 17.62 123.64 -56.61
CMD CLA KF . 20.43 121.16 -56.55
CAD CLA KF . 18.87 123.76 -54.71
OBD CLA KF . 19.69 123.59 -53.79
CBD CLA KF . 17.59 124.60 -54.51
CGD CLA KF . 16.69 123.80 -53.55
O1D CLA KF . 16.93 122.64 -53.31
O2D CLA KF . 15.81 124.45 -52.83
CED CLA KF . 15.02 123.74 -51.86
C1 CLA KF . 13.06 128.40 -52.66
C2 CLA KF . 13.88 127.66 -51.60
C3 CLA KF . 14.45 128.13 -50.46
C4 CLA KF . 14.14 129.53 -49.92
C5 CLA KF . 15.70 127.51 -49.82
C6 CLA KF . 16.94 128.42 -49.84
C7 CLA KF . 17.49 128.65 -51.22
C8 CLA KF . 18.99 128.31 -51.30
C9 CLA KF . 19.85 129.55 -51.15
C10 CLA KF . 19.24 127.61 -52.62
C11 CLA KF . 19.90 128.36 -53.76
C12 CLA KF . 19.98 127.30 -54.87
C13 CLA KF . 21.34 126.77 -55.33
C14 CLA KF . 22.47 127.77 -55.05
C15 CLA KF . 21.29 126.39 -56.84
C16 CLA KF . 22.11 125.18 -57.29
C17 CLA KF . 21.83 124.71 -58.71
C18 CLA KF . 22.91 125.15 -59.69
C19 CLA KF . 24.20 124.37 -59.51
C20 CLA KF . 22.40 124.98 -61.10
MG CLA LF . 29.53 126.58 -43.05
CHA CLA LF . 31.76 123.93 -43.50
CHB CLA LF . 27.40 125.09 -45.19
CHC CLA LF . 26.92 128.67 -42.01
CHD CLA LF . 31.50 127.72 -40.46
NA CLA LF . 29.51 124.67 -44.09
C1A CLA LF . 30.55 123.75 -44.13
C2A CLA LF . 30.14 122.57 -44.98
C3A CLA LF . 28.90 123.09 -45.70
C4A CLA LF . 28.59 124.39 -45.00
CMA CLA LF . 29.25 123.37 -47.17
CAA CLA LF . 29.82 121.30 -44.11
CBA CLA LF . 29.24 121.50 -42.77
CGA CLA LF . 27.90 120.93 -42.60
O1A CLA LF . 26.95 121.57 -42.98
O2A CLA LF . 27.74 119.61 -42.40
NB CLA LF . 27.51 126.83 -43.52
C1B CLA LF . 26.87 126.08 -44.45
C2B CLA LF . 25.49 126.50 -44.54
C3B CLA LF . 25.30 127.51 -43.65
C4B CLA LF . 26.60 127.73 -42.99
CMB CLA LF . 24.50 125.88 -45.48
CAB CLA LF . 23.92 128.09 -43.60
CBB CLA LF . 23.33 128.41 -42.53
NC CLA LF . 29.26 127.96 -41.49
C1C CLA LF . 28.13 128.70 -41.25
C2C CLA LF . 28.36 129.53 -40.08
C3C CLA LF . 29.64 129.28 -39.62
C4C CLA LF . 30.21 128.28 -40.54
CMC CLA LF . 27.35 130.48 -39.49
CAC CLA LF . 30.35 129.88 -38.45
CBC CLA LF . 30.30 128.94 -37.23
ND CLA LF . 31.24 125.98 -42.12
C1D CLA LF . 31.94 126.54 -41.12
C2D CLA LF . 33.10 125.78 -40.83
C3D CLA LF . 33.09 124.73 -41.74
C4D CLA LF . 31.96 124.90 -42.53
CMD CLA LF . 34.17 126.05 -39.74
CAD CLA LF . 33.78 123.55 -42.20
OBD CLA LF . 34.96 123.21 -42.03
CBD CLA LF . 32.94 122.97 -43.38
CGD CLA LF . 33.83 123.03 -44.65
O1D CLA LF . 34.06 124.08 -45.19
O2D CLA LF . 34.09 121.89 -45.26
CED CLA LF . 33.98 121.80 -46.70
C1 CLA LF . 27.65 119.08 -41.02
C2 CLA LF . 26.32 119.54 -40.40
C3 CLA LF . 25.77 119.23 -39.21
C4 CLA LF . 26.28 118.06 -38.36
C5 CLA LF . 24.84 120.17 -38.42
C6 CLA LF . 25.20 120.40 -36.95
C7 CLA LF . 24.43 121.51 -36.31
MG CLA MF . 26.08 122.41 -49.64
CHA CLA MF . 24.35 125.42 -50.24
CHB CLA MF . 24.07 121.86 -46.99
CHC CLA MF . 28.31 120.05 -48.36
CHD CLA MF . 28.36 123.32 -52.03
NA CLA MF . 24.43 123.50 -48.72
C1A CLA MF . 23.82 124.64 -49.24
C2A CLA MF . 22.37 124.64 -48.81
C3A CLA MF . 22.27 123.42 -47.90
C4A CLA MF . 23.70 122.97 -47.76
CMA CLA MF . 21.74 123.85 -46.53
CAA CLA MF . 21.42 124.46 -50.06
CBA CLA MF . 20.09 125.09 -49.99
CGA CLA MF . 19.76 125.71 -48.70
O1A CLA MF . 20.14 126.83 -48.48
O2A CLA MF . 18.94 125.11 -47.82
NB CLA MF . 26.16 121.17 -47.96
C1B CLA MF . 25.20 121.13 -47.01
C2B CLA MF . 25.56 120.17 -45.99
C3B CLA MF . 26.76 119.63 -46.34
C4B CLA MF . 27.15 120.27 -47.62
CMB CLA MF . 24.71 119.88 -44.79
CAB CLA MF . 27.32 118.60 -45.41
CBB CLA MF . 27.10 117.35 -45.49
NC CLA MF . 28.02 121.79 -50.13
C1C CLA MF . 28.75 120.81 -49.49
C2C CLA MF . 30.04 120.69 -50.15
C3C CLA MF . 30.08 121.61 -51.19
C4C CLA MF . 28.77 122.29 -51.17
CMC CLA MF . 31.14 119.74 -49.76
CAC CLA MF . 31.18 121.88 -52.17
CBC CLA MF . 30.84 121.35 -53.58
ND CLA MF . 26.34 123.99 -50.90
C1D CLA MF . 27.31 124.24 -51.79
C2D CLA MF . 27.10 125.48 -52.44
C3D CLA MF . 25.94 126.00 -51.86
C4D CLA MF . 25.52 125.08 -50.91
CMD CLA MF . 27.96 126.14 -53.54
CAD CLA MF . 25.02 127.10 -51.85
OBD CLA MF . 24.88 128.03 -52.66
CBD CLA MF . 23.88 126.73 -50.88
CGD CLA MF . 23.75 127.89 -49.88
O1D CLA MF . 23.50 129.00 -50.28
O2D CLA MF . 24.15 127.71 -48.64
CED CLA MF . 24.06 128.80 -47.70
C1 CLA MF . 18.09 125.94 -46.95
C2 CLA MF . 18.44 125.61 -45.50
C3 CLA MF . 19.36 126.17 -44.68
C4 CLA MF . 20.32 127.27 -45.17
C5 CLA MF . 19.82 125.56 -43.34
C6 CLA MF . 21.33 125.45 -43.15
C7 CLA MF . 21.74 124.51 -42.04
C8 CLA MF . 23.13 123.92 -42.30
C9 CLA MF . 23.05 122.41 -42.51
C10 CLA MF . 24.01 124.25 -41.11
C11 CLA MF . 25.19 123.35 -40.79
C12 CLA MF . 26.30 124.37 -40.48
C13 CLA MF . 27.07 124.28 -39.14
C14 CLA MF . 26.64 125.41 -38.19
C15 CLA MF . 28.59 124.29 -39.40
C16 CLA MF . 29.53 123.91 -38.26
C17 CLA MF . 30.24 125.06 -37.58
C18 CLA MF . 31.44 124.64 -36.72
C19 CLA MF . 31.93 125.80 -35.88
C20 CLA MF . 31.05 123.49 -35.83
MG CLA NF . 14.76 123.57 -29.96
CHA CLA NF . 15.68 120.87 -31.98
CHB CLA NF . 17.44 125.27 -31.08
CHC CLA NF . 13.64 126.48 -28.41
CHD CLA NF . 11.62 122.16 -29.62
NA CLA NF . 16.31 123.15 -31.43
C1A CLA NF . 16.56 121.93 -32.01
C2A CLA NF . 17.93 121.93 -32.64
C3A CLA NF . 18.54 123.22 -32.11
C4A CLA NF . 17.35 123.98 -31.59
CMA CLA NF . 19.49 122.90 -30.95
CAA CLA NF . 17.82 121.98 -34.21
CBA CLA NF . 18.61 120.98 -34.97
CGA CLA NF . 19.20 121.51 -36.19
O1A CLA NF . 18.56 122.35 -36.81
O2A CLA NF . 20.50 121.39 -36.44
NB CLA NF . 15.44 125.54 -29.79
C1B CLA NF . 16.58 126.00 -30.34
C2B CLA NF . 16.75 127.41 -30.02
C3B CLA NF . 15.69 127.78 -29.26
C4B CLA NF . 14.84 126.59 -29.10
CMB CLA NF . 17.91 128.23 -30.48
CAB CLA NF . 15.68 129.22 -28.83
CBB CLA NF . 15.05 129.65 -27.82
NC CLA NF . 12.92 124.21 -29.15
C1C CLA NF . 12.69 125.42 -28.56
C2C CLA NF . 11.30 125.47 -28.13
C3C CLA NF . 10.72 124.26 -28.47
C4C CLA NF . 11.76 123.46 -29.12
CMC CLA NF . 10.66 126.65 -27.45
CAC CLA NF . 9.30 123.82 -28.24
CBC CLA NF . 9.21 122.84 -27.04
ND CLA NF . 13.79 121.91 -30.64
C1D CLA NF . 12.55 121.45 -30.41
C2D CLA NF . 12.32 120.22 -31.08
C3D CLA NF . 13.53 119.93 -31.72
C4D CLA NF . 14.42 120.97 -31.42
CMD CLA NF . 11.03 119.37 -31.10
CAD CLA NF . 14.23 119.00 -32.55
OBD CLA NF . 13.84 117.97 -33.11
CBD CLA NF . 15.60 119.64 -32.91
CGD CLA NF . 16.71 118.61 -32.60
O1D CLA NF . 17.31 118.08 -33.50
O2D CLA NF . 17.14 118.51 -31.36
CED CLA NF . 18.29 117.71 -31.07
C1 CLA NF . 20.96 120.48 -37.52
C2 CLA NF . 20.66 121.18 -38.85
C3 CLA NF . 20.35 120.68 -40.05
C4 CLA NF . 19.68 121.54 -41.15
C5 CLA NF . 20.70 119.26 -40.54
C6 CLA NF . 21.20 119.16 -41.98
C7 CLA NF . 21.32 117.75 -42.48
C8 CLA NF . 22.78 117.32 -42.71
C9 CLA NF . 22.86 116.35 -43.88
C10 CLA NF . 23.28 116.68 -41.44
C11 CLA NF . 24.48 115.75 -41.51
C12 CLA NF . 24.33 114.90 -40.23
C13 CLA NF . 24.19 113.37 -40.34
C14 CLA NF . 23.18 112.98 -41.43
C15 CLA NF . 23.81 112.75 -38.98
C16 CLA NF . 23.69 111.24 -38.89
C17 CLA NF . 22.29 110.69 -38.76
C18 CLA NF . 22.05 109.88 -37.49
C19 CLA NF . 23.26 109.03 -37.10
C20 CLA NF . 21.70 110.81 -36.35
MG CLA OF . 24.46 142.36 -29.18
CHA CLA OF . 23.79 143.01 -25.80
CHB CLA OF . 24.23 145.67 -29.81
CHC CLA OF . 25.86 141.93 -32.34
CHD CLA OF . 25.50 139.19 -28.27
NA CLA OF . 24.12 144.13 -27.94
C1A CLA OF . 23.81 144.13 -26.59
C2A CLA OF . 23.70 145.56 -26.11
C3A CLA OF . 23.77 146.37 -27.40
C4A CLA OF . 23.97 145.34 -28.48
CMA CLA OF . 22.44 147.08 -27.63
CAA CLA OF . 24.87 145.93 -25.11
CBA CLA OF . 26.19 146.30 -25.66
CGA CLA OF . 26.90 145.23 -26.35
O1A CLA OF . 26.91 145.24 -27.56
O2A CLA OF . 27.78 144.44 -25.71
NB CLA OF . 24.96 143.60 -30.80
C1B CLA OF . 24.76 144.94 -30.80
C2B CLA OF . 25.21 145.48 -32.06
C3B CLA OF . 25.69 144.46 -32.81
C4B CLA OF . 25.53 143.23 -32.00
CMB CLA OF . 25.14 146.95 -32.40
CAB CLA OF . 26.21 144.83 -34.17
CBB CLA OF . 26.82 144.04 -34.94
NC CLA OF . 25.51 140.81 -30.14
C1C CLA OF . 25.99 140.83 -31.43
C2C CLA OF . 26.65 139.58 -31.71
C3C CLA OF . 26.56 138.79 -30.58
C4C CLA OF . 25.83 139.58 -29.59
CMC CLA OF . 27.31 139.21 -33.02
CAC CLA OF . 27.10 137.40 -30.38
CBC CLA OF . 25.98 136.34 -30.28
ND CLA OF . 24.66 141.29 -27.45
C1D CLA OF . 25.05 140.02 -27.23
C2D CLA OF . 24.99 139.69 -25.85
C3D CLA OF . 24.49 140.83 -25.22
C4D CLA OF . 24.28 141.78 -26.24
CMD CLA OF . 25.38 138.35 -25.19
CAD CLA OF . 24.11 141.43 -23.98
OBD CLA OF . 23.84 140.89 -22.89
CBD CLA OF . 23.64 142.87 -24.28
CGD CLA OF . 22.17 143.03 -23.87
O1D CLA OF . 21.32 143.13 -24.72
O2D CLA OF . 21.93 143.54 -22.67
CED CLA OF . 21.09 144.70 -22.54
C1 CLA OF . 27.53 142.99 -25.58
C2 CLA OF . 27.80 142.33 -26.94
C3 CLA OF . 28.94 142.21 -27.64
C4 CLA OF . 30.29 142.71 -27.12
C5 CLA OF . 29.05 141.47 -28.99
C6 CLA OF . 29.81 142.23 -30.08
C7 CLA OF . 29.71 141.58 -31.44
C8 CLA OF . 31.08 141.12 -32.00
C9 CLA OF . 31.65 139.97 -31.17
C10 CLA OF . 32.03 142.30 -31.98
MG CLA PF . 12.42 115.54 -57.19
CHA CLA PF . 12.35 113.46 -60.03
CHB CLA PF . 13.77 117.96 -59.10
CHC CLA PF . 11.65 117.95 -54.79
CHD CLA PF . 10.44 113.25 -55.55
NA CLA PF . 12.95 115.69 -59.29
C1A CLA PF . 12.79 114.74 -60.26
C2A CLA PF . 12.72 115.47 -61.58
C3A CLA PF . 13.66 116.63 -61.29
C4A CLA PF . 13.52 116.79 -59.80
CMA CLA PF . 15.09 116.21 -61.62
CAA CLA PF . 11.26 115.99 -61.85
CBA CLA PF . 10.34 115.11 -62.60
CGA CLA PF . 9.39 115.82 -63.45
O1A CLA PF . 9.65 115.94 -64.63
O2A CLA PF . 8.21 116.25 -63.00
NB CLA PF . 12.67 117.61 -56.98
C1B CLA PF . 13.28 118.38 -57.92
C2B CLA PF . 13.29 119.75 -57.47
C3B CLA PF . 12.70 119.80 -56.25
C4B CLA PF . 12.30 118.42 -55.92
CMB CLA PF . 13.88 120.88 -58.26
CAB CLA PF . 12.62 121.16 -55.62
CBB CLA PF . 13.13 121.43 -54.49
NC CLA PF . 11.22 115.58 -55.45
C1C CLA PF . 11.05 116.67 -54.62
C2C CLA PF . 10.14 116.28 -53.54
C3C CLA PF . 9.78 114.96 -53.75
C4C CLA PF . 10.49 114.52 -54.96
CMC CLA PF . 9.69 117.18 -52.43
CAC CLA PF . 8.88 114.10 -52.91
CBC CLA PF . 7.41 114.30 -53.31
ND CLA PF . 11.54 113.75 -57.64
C1D CLA PF . 10.81 112.92 -56.88
C2D CLA PF . 10.43 111.76 -57.60
C3D CLA PF . 11.02 111.91 -58.86
C4D CLA PF . 11.71 113.12 -58.84
CMD CLA PF . 9.58 110.58 -57.13
CAD CLA PF . 11.21 111.32 -60.15
OBD CLA PF . 11.18 110.13 -60.50
CBD CLA PF . 11.86 112.40 -61.03
CGD CLA PF . 13.01 111.73 -61.79
O1D CLA PF . 12.78 111.04 -62.76
O2D CLA PF . 14.19 111.65 -61.20
CED CLA PF . 15.24 110.90 -61.82
C1 CLA PF . 7.19 115.26 -62.61
C2 CLA PF . 6.01 115.99 -61.97
C3 CLA PF . 4.98 116.66 -62.54
C4 CLA PF . 5.18 117.61 -63.72
C5 CLA PF . 3.50 116.28 -62.37
C6 CLA PF . 3.22 114.85 -61.87
C7 CLA PF . 3.11 114.70 -60.37
C8 CLA PF . 2.40 115.89 -59.70
C9 CLA PF . 3.35 116.57 -58.71
C10 CLA PF . 1.16 115.37 -58.99
C11 CLA PF . 0.93 115.65 -57.51
C12 CLA PF . -0.17 116.73 -57.54
MG CLA QF . -9.07 131.09 -51.14
CHA CLA QF . -6.40 132.22 -49.16
CHB CLA QF . -7.23 131.80 -53.88
CHC CLA QF . -11.06 129.00 -53.13
CHD CLA QF . -10.50 129.76 -48.31
NA CLA QF . -7.12 131.98 -51.48
C1A CLA QF . -6.22 132.42 -50.52
C2A CLA QF . -4.96 132.89 -51.19
C3A CLA QF . -5.43 133.11 -52.62
C4A CLA QF . -6.71 132.33 -52.70
CMA CLA QF . -5.72 134.60 -52.86
CAA CLA QF . -3.82 131.82 -51.09
CBA CLA QF . -4.04 130.48 -51.68
CGA CLA QF . -4.65 129.52 -50.76
O1A CLA QF . -4.54 129.72 -49.56
O2A CLA QF . -5.52 128.59 -51.18
NB CLA QF . -9.11 130.51 -53.15
C1B CLA QF . -8.23 130.95 -54.09
C2B CLA QF . -8.56 130.36 -55.37
C3B CLA QF . -9.63 129.56 -55.20
C4B CLA QF . -10.01 129.64 -53.77
CMB CLA QF . -7.79 130.63 -56.63
CAB CLA QF . -10.14 128.84 -56.42
CBB CLA QF . -10.98 127.89 -56.38
NC CLA QF . -10.54 129.62 -50.77
C1C CLA QF . -11.23 128.91 -51.72
C2C CLA QF . -12.15 128.01 -51.05
C3C CLA QF . -12.01 128.21 -49.69
C4C CLA QF . -10.98 129.24 -49.51
CMC CLA QF . -13.08 127.05 -51.74
CAC CLA QF . -12.75 127.52 -48.57
CBC CLA QF . -11.87 126.46 -47.90
ND CLA QF . -8.60 130.96 -49.16
C1D CLA QF . -9.27 130.43 -48.13
C2D CLA QF . -8.57 130.59 -46.91
C3D CLA QF . -7.42 131.30 -47.25
C4D CLA QF . -7.48 131.52 -48.63
CMD CLA QF . -8.98 130.10 -45.51
CAD CLA QF . -6.20 131.89 -46.76
OBD CLA QF . -5.69 131.88 -45.62
CBD CLA QF . -5.41 132.40 -47.99
CGD CLA QF . -5.09 133.89 -47.75
O1D CLA QF . -4.45 134.24 -46.77
O2D CLA QF . -5.46 134.78 -48.66
CED CLA QF . -4.76 136.02 -48.77
C1 CLA QF . -6.29 127.84 -50.16
C2 CLA QF . -7.36 127.01 -50.89
C3 CLA QF . -8.27 126.17 -50.37
C4 CLA QF . -8.36 125.93 -48.85
C5 CLA QF . -9.05 125.11 -51.16
C6 CLA QF . -9.09 125.30 -52.68
C7 CLA QF . -8.05 124.48 -53.40
C8 CLA QF . -8.01 124.80 -54.90
C9 CLA QF . -8.33 123.56 -55.72
C10 CLA QF . -6.63 125.31 -55.23
C11 CLA QF . -6.41 126.81 -55.30
C12 CLA QF . -5.04 126.99 -54.62
C13 CLA QF . -4.23 128.28 -54.84
C14 CLA QF . -4.52 128.90 -56.20
C15 CLA QF . -2.72 128.01 -54.64
C16 CLA QF . -1.88 127.73 -55.90
C17 CLA QF . -0.53 128.40 -55.92
C18 CLA QF . -0.42 129.47 -57.00
C19 CLA QF . -0.92 130.82 -56.50
C20 CLA QF . 1.02 129.60 -57.43
MG CLA RF . -18.09 126.83 -54.98
CHA CLA RF . -15.50 129.18 -55.08
CHB CLA RF . -17.56 126.17 -58.23
CHC CLA RF . -19.92 123.85 -54.75
CHD CLA RF . -18.13 127.10 -51.55
NA CLA RF . -16.70 127.57 -56.47
C1A CLA RF . -15.81 128.62 -56.31
C2A CLA RF . -15.47 129.20 -57.66
C3A CLA RF . -16.28 128.35 -58.62
C4A CLA RF . -16.83 127.26 -57.75
CMA CLA RF . -17.43 129.18 -59.21
CAA CLA RF . -13.93 129.07 -57.97
CBA CLA RF . -13.29 130.22 -58.65
CGA CLA RF . -12.32 129.83 -59.67
O1A CLA RF . -12.70 129.70 -60.81
O2A CLA RF . -11.11 129.37 -59.34
NB CLA RF . -18.64 125.28 -56.27
C1B CLA RF . -18.29 125.26 -57.57
C2B CLA RF . -18.82 124.05 -58.18
C3B CLA RF . -19.50 123.36 -57.25
C4B CLA RF . -19.40 124.15 -56.00
CMB CLA RF . -18.61 123.70 -59.61
CAB CLA RF . -20.13 122.07 -57.70
CBB CLA RF . -21.36 121.93 -57.94
NC CLA RF . -18.90 125.67 -53.40
C1C CLA RF . -19.60 124.50 -53.54
C2C CLA RF . -19.97 124.03 -52.21
C3C CLA RF . -19.48 124.93 -51.31
C4C CLA RF . -18.79 125.98 -52.06
CMC CLA RF . -20.76 122.77 -51.93
CAC CLA RF . -19.62 124.88 -49.81
CBC CLA RF . -20.64 125.92 -49.31
ND CLA RF . -17.06 127.87 -53.57
C1D CLA RF . -17.19 127.91 -52.24
C2D CLA RF . -16.26 128.80 -51.65
C3D CLA RF . -15.55 129.34 -52.74
C4D CLA RF . -16.08 128.76 -53.89
CMD CLA RF . -16.06 129.12 -50.16
CAD CLA RF . -14.51 130.25 -53.14
OBD CLA RF . -13.77 131.00 -52.48
CBD CLA RF . -14.42 130.19 -54.69
CGD CLA RF . -14.73 131.59 -55.25
O1D CLA RF . -15.74 131.79 -55.87
O2D CLA RF . -13.76 132.48 -55.24
CED CLA RF . -13.47 133.22 -56.44
C1 CLA RF . -10.00 129.41 -60.32
C2 CLA RF . -9.92 128.03 -60.98
C3 CLA RF . -9.88 126.80 -60.43
C4 CLA RF . -10.67 125.63 -61.02
C5 CLA RF . -8.95 126.38 -59.28
C6 CLA RF . -8.60 124.90 -59.19
C7 CLA RF . -7.34 124.52 -59.93
C8 CLA RF . -6.78 123.17 -59.43
C9 CLA RF . -5.52 123.39 -58.58
C10 CLA RF . -6.45 122.33 -60.65
C11 CLA RF . -5.64 122.95 -61.77
C12 CLA RF . -4.66 121.82 -62.13
C13 CLA RF . -4.14 121.66 -63.57
C14 CLA RF . -2.90 122.52 -63.83
C15 CLA RF . -5.28 122.00 -64.58
C16 CLA RF . -4.88 122.33 -66.01
C17 CLA RF . -6.04 122.53 -66.97
C18 CLA RF . -6.35 124.01 -67.22
C19 CLA RF . -5.26 124.67 -68.04
C20 CLA RF . -7.67 124.12 -67.93
MG CLA SF . -21.75 125.71 -63.10
CHA CLA SF . -25.12 125.99 -63.69
CHB CLA SF . -21.50 128.94 -63.66
CHC CLA SF . -18.29 125.44 -62.94
CHD CLA SF . -22.06 122.27 -63.02
NA CLA SF . -23.20 127.33 -62.95
C1A CLA SF . -24.55 127.17 -63.24
C2A CLA SF . -25.18 128.52 -63.41
C3A CLA SF . -23.99 129.36 -63.82
C4A CLA SF . -22.81 128.55 -63.34
CMA CLA SF . -23.94 129.48 -65.34
CAA CLA SF . -25.81 129.03 -62.06
CBA CLA SF . -27.16 129.62 -62.13
CGA CLA SF . -27.42 130.37 -63.35
O1A CLA SF . -26.67 131.26 -63.66
O2A CLA SF . -28.29 129.91 -64.27
NB CLA SF . -20.15 127.01 -63.29
C1B CLA SF . -20.32 128.32 -63.52
C2B CLA SF . -19.01 128.96 -63.58
C3B CLA SF . -18.07 128.00 -63.38
C4B CLA SF . -18.80 126.72 -63.18
CMB CLA SF . -18.81 130.43 -63.82
CAB CLA SF . -16.65 128.45 -63.41
CBB CLA SF . -15.76 127.97 -62.63
NC CLA SF . -20.40 124.11 -62.98
C1C CLA SF . -19.03 124.23 -62.94
C2C CLA SF . -18.46 122.88 -62.88
C3C CLA SF . -19.51 121.98 -62.90
C4C CLA SF . -20.75 122.77 -62.98
CMC CLA SF . -17.00 122.56 -62.81
CAC CLA SF . -19.45 120.48 -62.86
CBC CLA SF . -19.47 119.97 -61.41
ND CLA SF . -23.24 124.35 -63.29
C1D CLA SF . -23.25 123.01 -63.28
C2D CLA SF . -24.55 122.50 -63.48
C3D CLA SF . -25.36 123.63 -63.67
C4D CLA SF . -24.52 124.75 -63.56
CMD CLA SF . -25.01 121.02 -63.51
CAD CLA SF . -26.68 124.14 -63.92
OBD CLA SF . -27.75 123.55 -64.12
CBD CLA SF . -26.55 125.67 -64.15
CGD CLA SF . -26.72 125.94 -65.66
O1D CLA SF . -25.97 126.71 -66.23
O2D CLA SF . -27.83 125.53 -66.25
CED CLA SF . -28.86 126.49 -66.56
C1 CLA SF . -28.61 130.75 -65.45
C2 CLA SF . -27.91 130.12 -66.66
C3 CLA SF . -27.66 130.63 -67.87
C4 CLA SF . -28.33 131.91 -68.39
C5 CLA SF . -26.51 130.17 -68.79
C6 CLA SF . -25.66 131.28 -69.44
C7 CLA SF . -24.62 130.73 -70.38
C8 CLA SF . -24.37 131.60 -71.63
C9 CLA SF . -25.57 132.47 -71.99
C10 CLA SF . -24.05 130.66 -72.77
C11 CLA SF . -23.20 131.14 -73.93
C12 CLA SF . -21.74 130.87 -73.51
C13 CLA SF . -21.36 129.67 -72.61
C14 CLA SF . -20.74 130.13 -71.29
C15 CLA SF . -20.44 128.68 -73.37
C16 CLA SF . -19.40 129.21 -74.36
C17 CLA SF . -18.12 129.74 -73.76
C18 CLA SF . -16.86 128.99 -74.18
C19 CLA SF . -16.51 129.22 -75.63
C20 CLA SF . -17.01 127.51 -73.92
MG CLA TF . 14.48 136.07 -39.42
CHA CLA TF . 11.15 137.10 -39.12
CHB CLA TF . 13.92 133.86 -36.90
CHC CLA TF . 17.50 134.46 -40.06
CHD CLA TF . 14.55 137.46 -42.59
NA CLA TF . 12.79 135.61 -38.13
C1A CLA TF . 11.58 136.28 -38.11
C2A CLA TF . 10.71 135.69 -37.03
C3A CLA TF . 11.72 134.95 -36.17
C4A CLA TF . 12.89 134.77 -37.11
CMA CLA TF . 12.15 135.79 -34.97
CAA CLA TF . 9.65 134.72 -37.65
CBA CLA TF . 9.58 133.35 -37.11
CGA CLA TF . 10.43 132.39 -37.83
O1A CLA TF . 11.09 132.80 -38.75
O2A CLA TF . 10.49 131.10 -37.47
NB CLA TF . 15.52 134.44 -38.61
C1B CLA TF . 15.07 133.69 -37.58
C2B CLA TF . 16.04 132.66 -37.27
C3B CLA TF . 17.08 132.79 -38.14
C4B CLA TF . 16.75 133.94 -39.01
CMB CLA TF . 15.87 131.65 -36.17
CAB CLA TF . 18.19 131.79 -37.99
CBB CLA TF . 19.27 131.85 -38.65
NC CLA TF . 15.80 135.98 -41.06
C1C CLA TF . 16.98 135.27 -41.11
C2C CLA TF . 17.60 135.48 -42.41
C3C CLA TF . 16.77 136.32 -43.13
C4C CLA TF . 15.63 136.64 -42.26
CMC CLA TF . 18.90 134.86 -42.86
CAC CLA TF . 16.96 136.84 -44.53
CBC CLA TF . 16.17 135.98 -45.52
ND CLA TF . 13.18 137.05 -40.65
C1D CLA TF . 13.33 137.58 -41.87
C2D CLA TF . 12.14 138.21 -42.32
C3D CLA TF . 11.24 138.05 -41.27
C4D CLA TF . 11.90 137.36 -40.26
CMD CLA TF . 11.88 138.90 -43.68
CAD CLA TF . 9.90 138.31 -40.80
OBD CLA TF . 8.88 138.69 -41.41
CBD CLA TF . 9.82 137.84 -39.33
CGD CLA TF . 9.73 139.08 -38.43
O1D CLA TF . 10.71 139.78 -38.25
O2D CLA TF . 8.70 139.18 -37.61
CED CLA TF . 8.41 140.43 -36.96
C1 CLA TF . 11.70 130.61 -36.78
C2 CLA TF . 12.73 130.24 -37.84
C3 CLA TF . 13.66 129.26 -37.86
C4 CLA TF . 13.88 128.32 -36.67
C5 CLA TF . 14.51 128.87 -39.08
C6 CLA TF . 16.02 129.05 -38.92
C7 CLA TF . 16.82 128.31 -39.95
C8 CLA TF . 18.31 128.70 -39.93
C9 CLA TF . 18.72 129.33 -41.25
C10 CLA TF . 19.12 127.46 -39.65
C11 CLA TF . 18.74 126.57 -38.48
C12 CLA TF . 19.72 127.02 -37.38
C13 CLA TF . 20.79 126.03 -36.85
C14 CLA TF . 20.82 124.72 -37.64
C15 CLA TF . 20.57 125.77 -35.33
C16 CLA TF . 21.75 125.97 -34.40
C17 CLA TF . 21.49 125.68 -32.94
C18 CLA TF . 22.21 126.62 -31.97
C19 CLA TF . 23.63 126.95 -32.42
C20 CLA TF . 21.41 127.89 -31.81
MG CLA UF . 18.07 123.15 -23.77
CHA CLA UF . 18.80 126.51 -23.22
CHB CLA UF . 16.36 124.01 -26.48
CHC CLA UF . 18.47 119.93 -25.08
CHD CLA UF . 19.89 122.33 -21.00
NA CLA UF . 17.82 125.01 -24.85
C1A CLA UF . 18.22 126.28 -24.44
C2A CLA UF . 17.59 127.29 -25.36
C3A CLA UF . 16.39 126.51 -25.89
C4A CLA UF . 16.91 125.10 -25.82
CMA CLA UF . 15.20 126.66 -24.95
CAA CLA UF . 18.53 127.68 -26.54
CBA CLA UF . 19.96 127.95 -26.27
CGA CLA UF . 20.83 127.64 -27.41
O1A CLA UF . 20.73 126.54 -27.90
O2A CLA UF . 21.38 128.62 -28.14
NB CLA UF . 17.50 122.14 -25.52
C1B CLA UF . 16.78 122.73 -26.48
C2B CLA UF . 16.53 121.78 -27.55
C3B CLA UF . 17.12 120.60 -27.19
C4B CLA UF . 17.74 120.83 -25.85
CMB CLA UF . 15.76 122.13 -28.78
CAB CLA UF . 16.99 119.47 -28.16
CBB CLA UF . 16.90 118.26 -27.80
NC CLA UF . 19.03 121.39 -23.13
C1C CLA UF . 19.08 120.20 -23.80
C2C CLA UF . 19.85 119.26 -23.01
C3C CLA UF . 20.27 119.91 -21.86
C4C CLA UF . 19.73 121.27 -21.94
CMC CLA UF . 20.15 117.83 -23.40
CAC CLA UF . 21.08 119.37 -20.72
CBC CLA UF . 22.52 119.90 -20.73
ND CLA UF . 19.16 124.15 -22.38
C1D CLA UF . 19.81 123.70 -21.30
C2D CLA UF . 20.41 124.78 -20.59
C3D CLA UF . 20.05 125.93 -21.29
C4D CLA UF . 19.26 125.51 -22.37
CMD CLA UF . 21.27 124.71 -19.31
CAD CLA UF . 20.14 127.37 -21.37
OBD CLA UF . 20.65 128.19 -20.59
CBD CLA UF . 19.25 127.83 -22.55
CGD CLA UF . 18.05 128.59 -21.95
O1D CLA UF . 17.07 127.99 -21.56
O2D CLA UF . 18.10 129.90 -21.90
CED CLA UF . 17.01 130.68 -22.41
C1 CLA UF . 22.75 129.11 -27.85
C2 CLA UF . 23.60 127.90 -27.43
C3 CLA UF . 24.70 127.37 -28.00
C4 CLA UF . 25.42 128.04 -29.17
C5 CLA UF . 25.14 125.91 -27.81
C6 CLA UF . 26.63 125.67 -27.56
C7 CLA UF . 26.91 124.94 -26.28
C8 CLA UF . 26.96 125.89 -25.07
C9 CLA UF . 27.86 127.09 -25.36
C10 CLA UF . 27.49 125.13 -23.88
C11 CLA UF . 27.87 125.90 -22.63
C12 CLA UF . 28.40 124.80 -21.69
C13 CLA UF . 29.67 125.05 -20.86
C14 CLA UF . 29.73 124.15 -19.62
C15 CLA UF . 29.78 126.55 -20.48
MG CLA VF . 24.62 127.49 -20.45
CHA CLA VF . 25.73 130.80 -20.81
CHB CLA VF . 23.17 127.71 -23.49
CHC CLA VF . 24.46 124.01 -20.71
CHD CLA VF . 26.62 127.21 -17.66
NA CLA VF . 24.48 129.06 -21.96
C1A CLA VF . 24.97 130.36 -21.86
C2A CLA VF . 24.57 131.15 -23.08
C3A CLA VF . 23.66 130.19 -23.84
C4A CLA VF . 23.69 128.93 -23.04
CMA CLA VF . 22.22 130.75 -23.87
CAA CLA VF . 25.82 131.53 -23.95
CBA CLA VF . 26.79 130.46 -24.25
NB CLA VF . 23.94 126.11 -21.87
C1B CLA VF . 23.38 126.47 -23.04
C2B CLA VF . 23.01 125.28 -23.78
C3B CLA VF . 23.35 124.20 -23.04
C4B CLA VF . 23.95 124.72 -21.78
CMB CLA VF . 22.36 125.33 -25.13
CAB CLA VF . 23.04 122.86 -23.65
CBB CLA VF . 23.76 121.83 -23.48
NC CLA VF . 25.41 125.87 -19.36
C1C CLA VF . 25.23 124.54 -19.62
C2C CLA VF . 25.94 123.76 -18.62
C3C CLA VF . 26.55 124.65 -17.76
C4C CLA VF . 26.21 125.99 -18.23
CMC CLA VF . 25.98 122.26 -18.57
CAC CLA VF . 27.41 124.32 -16.56
CBC CLA VF . 26.71 124.64 -15.22
ND CLA VF . 25.93 128.68 -19.43
C1D CLA VF . 26.63 128.47 -18.31
C2D CLA VF . 27.40 129.60 -17.94
C3D CLA VF . 27.08 130.56 -18.90
C4D CLA VF . 26.16 129.99 -19.78
CMD CLA VF . 28.36 129.76 -16.75
CAD CLA VF . 27.32 131.91 -19.34
OBD CLA VF . 28.16 132.75 -18.97
CBD CLA VF . 26.45 132.14 -20.61
CGD CLA VF . 25.45 133.28 -20.30
O1D CLA VF . 24.85 133.30 -19.25
O2D CLA VF . 25.05 134.02 -21.32
CED CLA VF . 25.36 135.42 -21.37
MG CLA WF . 8.09 116.68 -28.69
CHA CLA WF . 10.25 117.84 -26.17
CHB CLA WF . 10.82 115.56 -30.35
CHC CLA WF . 6.33 116.57 -31.70
CHD CLA WF . 5.62 118.66 -27.32
NA CLA WF . 10.22 116.51 -28.20
C1A CLA WF . 10.85 117.01 -27.09
C2A CLA WF . 12.31 116.64 -27.11
C3A CLA WF . 12.49 116.00 -28.49
C4A CLA WF . 11.08 115.96 -29.05
CMA CLA WF . 13.37 116.90 -29.36
CAA CLA WF . 12.65 115.61 -25.97
CBA CLA WF . 13.98 115.72 -25.35
CGA CLA WF . 14.46 114.49 -24.74
O1A CLA WF . 13.67 113.81 -24.12
O2A CLA WF . 15.76 114.22 -24.61
NB CLA WF . 8.51 116.15 -30.68
C1B CLA WF . 9.72 115.72 -31.10
C2B CLA WF . 9.68 115.45 -32.52
C3B CLA WF . 8.41 115.71 -32.96
C4B CLA WF . 7.66 116.18 -31.77
CMB CLA WF . 10.90 114.95 -33.25
CAB CLA WF . 8.10 115.53 -34.42
CBB CLA WF . 8.06 114.46 -35.10
NC CLA WF . 6.27 117.48 -29.39
C1C CLA WF . 5.74 117.31 -30.64
C2C CLA WF . 4.47 118.02 -30.71
C3C CLA WF . 4.25 118.62 -29.49
C4C CLA WF . 5.40 118.26 -28.65
CMC CLA WF . 3.59 118.07 -31.92
CAC CLA WF . 3.09 119.48 -29.07
CBC CLA WF . 2.08 118.72 -28.18
ND CLA WF . 7.90 117.95 -27.10
C1D CLA WF . 6.86 118.70 -26.68
C2D CLA WF . 7.20 119.47 -25.54
C3D CLA WF . 8.53 119.16 -25.28
C4D CLA WF . 8.94 118.25 -26.27
CMD CLA WF . 6.29 120.43 -24.74
CAD CLA WF . 9.66 119.42 -24.42
OBD CLA WF . 9.94 120.44 -23.77
CBD CLA WF . 10.80 118.47 -24.88
CGD CLA WF . 12.02 119.35 -25.18
O1D CLA WF . 13.05 119.20 -24.55
O2D CLA WF . 11.88 120.37 -25.99
CED CLA WF . 13.04 121.06 -26.48
C1 CLA WF . 16.34 114.00 -23.27
C2 CLA WF . 17.69 113.32 -23.44
C3 CLA WF . 18.66 113.09 -22.53
C4 CLA WF . 18.51 113.50 -21.06
C5 CLA WF . 20.12 112.80 -22.90
C1 BCR XF . -14.61 123.75 -54.32
C2 BCR XF . -15.49 124.14 -53.12
C3 BCR XF . -14.86 123.86 -51.77
C4 BCR XF . -14.41 122.43 -51.71
C5 BCR XF . -13.46 122.13 -52.83
C6 BCR XF . -13.57 122.68 -54.04
C7 BCR XF . -12.74 122.21 -55.17
C8 BCR XF . -12.85 121.02 -55.79
C9 BCR XF . -12.04 120.52 -56.91
C10 BCR XF . -12.37 119.35 -57.48
C11 BCR XF . -11.73 118.64 -58.59
C33 BCR XF . -12.25 121.46 -52.30
C31 BCR XF . -13.95 125.04 -54.81
C32 BCR XF . -15.58 123.27 -55.40
C34 BCR XF . -10.87 121.30 -57.40
C12 BCR XF . -12.39 117.63 -59.16
C13 BCR XF . -11.96 116.76 -60.26
C14 BCR XF . -12.76 115.73 -60.58
C15 BCR XF . -12.53 114.74 -61.61
C16 BCR XF . -13.35 113.67 -61.68
C17 BCR XF . -13.18 112.62 -62.66
C18 BCR XF . -14.04 111.60 -62.78
C19 BCR XF . -13.78 110.57 -63.78
C20 BCR XF . -14.64 109.57 -64.06
C21 BCR XF . -14.31 108.56 -65.05
C22 BCR XF . -15.10 107.51 -65.34
C23 BCR XF . -14.67 106.55 -66.35
C24 BCR XF . -13.63 105.73 -66.22
C25 BCR XF . -13.17 104.72 -67.20
C26 BCR XF . -12.48 104.98 -68.33
C27 BCR XF . -11.76 103.92 -69.10
C28 BCR XF . -11.38 102.76 -68.20
C29 BCR XF . -12.62 102.24 -67.51
C30 BCR XF . -13.33 103.30 -66.68
C35 BCR XF . -10.69 117.08 -60.94
C36 BCR XF . -15.23 111.45 -61.93
C37 BCR XF . -16.39 107.35 -64.64
C38 BCR XF . -12.39 106.31 -68.98
C39 BCR XF . -12.79 103.23 -65.25
C40 BCR XF . -14.82 102.95 -66.65
MG CLA YF . 17.45 106.25 -34.22
CHA CLA YF . 16.34 109.25 -32.82
CHB CLA YF . 17.88 107.87 -37.15
CHC CLA YF . 19.21 103.55 -35.52
CHD CLA YF . 17.92 105.02 -31.01
NA CLA YF . 17.13 108.29 -34.90
C1A CLA YF . 16.55 109.31 -34.18
C2A CLA YF . 16.04 110.38 -35.12
C3A CLA YF . 16.35 109.80 -36.49
C4A CLA YF . 17.23 108.62 -36.18
CMA CLA YF . 15.05 109.32 -37.16
CAA CLA YF . 16.80 111.74 -34.88
CBA CLA YF . 18.26 111.67 -34.64
CGA CLA YF . 18.85 112.93 -34.19
O1A CLA YF . 18.35 113.96 -34.59
O2A CLA YF . 20.06 112.98 -33.61
NB CLA YF . 18.38 105.79 -36.04
C1B CLA YF . 18.42 106.64 -37.09
C2B CLA YF . 19.13 106.02 -38.18
C3B CLA YF . 19.54 104.79 -37.77
C4B CLA YF . 19.05 104.64 -36.38
CMB CLA YF . 19.34 106.71 -39.51
CAB CLA YF . 20.31 103.96 -38.75
CBB CLA YF . 21.54 104.10 -39.01
NC CLA YF . 18.40 104.56 -33.40
C1C CLA YF . 19.06 103.58 -34.10
C2C CLA YF . 19.57 102.59 -33.17
C3C CLA YF . 19.21 102.99 -31.90
C4C CLA YF . 18.47 104.25 -32.05
CMC CLA YF . 20.35 101.36 -33.54
CAC CLA YF . 19.51 102.32 -30.59
CBC CLA YF . 20.64 103.03 -29.82
ND CLA YF . 17.23 106.94 -32.31
C1D CLA YF . 17.41 106.34 -31.12
C2D CLA YF . 17.10 107.22 -30.04
C3D CLA YF . 16.66 108.39 -30.66
C4D CLA YF . 16.73 108.17 -32.04
CMD CLA YF . 17.20 106.95 -28.53
CAD CLA YF . 16.16 109.73 -30.47
OBD CLA YF . 15.77 110.29 -29.43
CBD CLA YF . 15.65 110.22 -31.85
CGD CLA YF . 14.12 110.02 -31.90
O1D CLA YF . 13.67 109.04 -32.43
O2D CLA YF . 13.36 111.08 -31.71
CED CLA YF . 12.09 111.19 -32.36
C1 CLA YF . 20.60 114.28 -33.18
C2 CLA YF . 21.56 114.03 -32.02
FE1 SF4 ZF . 10.27 86.78 -75.98
FE2 SF4 ZF . 10.49 89.43 -75.38
FE3 SF4 ZF . 11.56 87.56 -73.70
FE4 SF4 ZF . 8.84 87.83 -73.90
S1 SF4 ZF . 10.30 89.38 -73.11
S2 SF4 ZF . 10.02 85.88 -73.90
S3 SF4 ZF . 8.63 88.35 -76.11
S4 SF4 ZF . 12.19 88.00 -75.84
FE1 SF4 AG . 19.99 79.21 -71.65
FE2 SF4 AG . 19.19 80.93 -73.62
FE3 SF4 AG . 21.53 81.39 -72.28
FE4 SF4 AG . 19.13 81.73 -71.01
S1 SF4 AG . 19.91 82.93 -72.78
S2 SF4 AG . 20.98 80.66 -70.20
S3 SF4 AG . 17.90 80.06 -71.94
S4 SF4 AG . 21.05 79.62 -73.63
MG CLA BG . 11.76 81.23 -40.44
CHA CLA BG . 12.36 79.06 -37.77
CHB CLA BG . 8.95 79.57 -41.15
CHC CLA BG . 10.56 83.96 -42.29
CHD CLA BG . 14.48 83.09 -39.45
NA CLA BG . 10.73 79.57 -39.51
C1A CLA BG . 11.19 78.80 -38.46
C2A CLA BG . 10.24 77.65 -38.22
C3A CLA BG . 9.32 77.71 -39.43
C4A CLA BG . 9.70 78.99 -40.12
CMA CLA BG . 9.62 76.52 -40.36
CAA CLA BG . 9.43 77.86 -36.89
CBA CLA BG . 9.76 76.96 -35.77
CGA CLA BG . 8.61 76.25 -35.21
O1A CLA BG . 8.00 75.51 -35.94
O2A CLA BG . 8.46 76.09 -33.88
NB CLA BG . 10.03 81.68 -41.53
C1B CLA BG . 9.01 80.79 -41.67
C2B CLA BG . 7.98 81.40 -42.49
C3B CLA BG . 8.39 82.65 -42.83
C4B CLA BG . 9.72 82.83 -42.22
CMB CLA BG . 6.70 80.70 -42.84
CAB CLA BG . 7.45 83.44 -43.69
CBB CLA BG . 7.82 84.12 -44.69
NC CLA BG . 12.42 83.21 -40.80
C1C CLA BG . 11.79 84.14 -41.58
C2C CLA BG . 12.57 85.37 -41.56
C3C CLA BG . 13.68 85.15 -40.77
C4C CLA BG . 13.58 83.76 -40.29
CMC CLA BG . 12.22 86.64 -42.28
CAC CLA BG . 14.79 86.11 -40.43
CBC CLA BG . 16.09 85.76 -41.18
ND CLA BG . 13.13 81.17 -38.93
C1D CLA BG . 14.19 81.95 -38.67
C2D CLA BG . 14.90 81.50 -37.52
C3D CLA BG . 14.21 80.34 -37.12
C4D CLA BG . 13.16 80.16 -38.01
CMD CLA BG . 16.14 82.12 -36.87
CAD CLA BG . 14.16 79.28 -36.16
OBD CLA BG . 14.84 79.05 -35.14
CBD CLA BG . 12.94 78.39 -36.52
CGD CLA BG . 13.49 76.99 -36.86
O1D CLA BG . 13.36 76.54 -37.98
O2D CLA BG . 14.03 76.28 -35.90
CED CLA BG . 13.35 75.11 -35.41
C1 CLA BG . 8.13 74.76 -33.35
C2 CLA BG . 8.76 74.65 -31.96
C3 CLA BG . 8.39 75.22 -30.79
C4 CLA BG . 7.14 76.11 -30.68
C5 CLA BG . 9.19 75.16 -29.49
C6 CLA BG . 10.10 73.93 -29.30
C7 CLA BG . 9.95 73.29 -27.94
C8 CLA BG . 10.73 71.98 -27.81
C9 CLA BG . 10.58 71.11 -29.05
C10 CLA BG . 10.22 71.25 -26.59
C11 CLA BG . 8.94 70.43 -26.70
C12 CLA BG . 9.01 69.52 -25.46
MG CLA CG . 9.10 80.48 -23.54
CHA CLA CG . 11.72 78.77 -21.96
CHB CLA CG . 8.41 82.02 -20.63
CHC CLA CG . 7.17 82.90 -25.17
CHD CLA CG . 10.25 79.32 -26.57
NA CLA CG . 9.99 80.44 -21.55
C1A CLA CG . 11.03 79.61 -21.13
C2A CLA CG . 11.04 79.56 -19.62
C3A CLA CG . 10.01 80.61 -19.22
C4A CLA CG . 9.41 81.05 -20.52
CMA CLA CG . 8.93 79.97 -18.34
CAA CLA CG . 12.45 79.93 -19.02
CBA CLA CG . 12.71 79.52 -17.63
NB CLA CG . 7.98 82.16 -22.97
C1B CLA CG . 7.86 82.59 -21.70
C2B CLA CG . 7.03 83.77 -21.66
C3B CLA CG . 6.65 84.06 -22.93
C4B CLA CG . 7.26 83.02 -23.79
CMB CLA CG . 6.69 84.50 -20.39
CAB CLA CG . 5.77 85.26 -23.11
CBB CLA CG . 4.94 85.40 -24.05
NC CLA CG . 8.76 81.01 -25.54
C1C CLA CG . 7.94 82.02 -25.99
C2C CLA CG . 8.00 82.05 -27.45
C3C CLA CG . 8.86 81.06 -27.85
C4C CLA CG . 9.35 80.39 -26.63
CMC CLA CG . 7.24 83.02 -28.33
CAC CLA CG . 9.26 80.69 -29.25
CBC CLA CG . 8.51 79.43 -29.73
ND CLA CG . 10.64 79.32 -24.19
C1D CLA CG . 10.98 78.91 -25.43
C2D CLA CG . 12.13 78.09 -25.41
C3D CLA CG . 12.47 77.99 -24.06
C4D CLA CG . 11.53 78.73 -23.34
CMD CLA CG . 12.84 77.43 -26.61
CAD CLA CG . 13.39 77.42 -23.11
OBD CLA CG . 14.52 76.92 -23.27
CBD CLA CG . 12.88 77.80 -21.69
CGD CLA CG . 12.40 76.50 -21.01
O1D CLA CG . 11.37 75.97 -21.36
O2D CLA CG . 13.22 75.89 -20.20
CED CLA CG . 12.74 74.88 -19.30
MG CLA DG . 19.84 108.06 -14.62
CHA CLA DG . 20.47 105.79 -12.07
CHB CLA DG . 20.84 105.78 -16.88
CHC CLA DG . 18.83 110.13 -17.24
CHD CLA DG . 18.03 109.98 -12.38
NA CLA DG . 20.41 105.97 -14.50
C1A CLA DG . 20.71 105.29 -13.33
C2A CLA DG . 21.37 103.98 -13.65
C3A CLA DG . 21.70 104.13 -15.14
C4A CLA DG . 20.89 105.31 -15.57
CMA CLA DG . 23.20 104.43 -15.30
CAA CLA DG . 20.40 102.77 -13.41
NB CLA DG . 19.83 107.95 -16.71
C1B CLA DG . 20.32 106.89 -17.40
C2B CLA DG . 20.17 107.14 -18.83
C3B CLA DG . 19.61 108.37 -18.98
C4B CLA DG . 19.39 108.90 -17.61
CMB CLA DG . 20.60 106.17 -19.89
CAB CLA DG . 19.38 108.81 -20.39
CBB CLA DG . 19.30 110.02 -20.75
NC CLA DG . 18.62 109.78 -14.78
C1C CLA DG . 18.35 110.46 -15.93
C2C CLA DG . 17.48 111.58 -15.62
C3C CLA DG . 17.25 111.56 -14.25
C4C CLA DG . 17.98 110.40 -13.73
CMC CLA DG . 16.94 112.58 -16.60
CAC CLA DG . 16.41 112.50 -13.43
CBC CLA DG . 17.29 113.48 -12.64
ND CLA DG . 19.30 107.96 -12.67
C1D CLA DG . 18.61 108.80 -11.88
C2D CLA DG . 18.52 108.31 -10.55
C3D CLA DG . 19.24 107.12 -10.55
C4D CLA DG . 19.73 106.94 -11.85
CMD CLA DG . 17.79 108.95 -9.35
CAD CLA DG . 19.70 106.00 -9.77
OBD CLA DG . 19.75 105.85 -8.54
CBD CLA DG . 20.45 105.05 -10.73
CGD CLA DG . 21.89 104.86 -10.19
O1D CLA DG . 22.79 105.51 -10.66
O2D CLA DG . 22.14 103.77 -9.50
CED CLA DG . 22.52 102.55 -10.18
C1 BCR EG . 21.44 86.42 -29.53
C2 BCR EG . 20.43 85.47 -28.87
C3 BCR EG . 20.14 85.82 -27.43
C4 BCR EG . 21.43 85.83 -26.65
C5 BCR EG . 22.45 86.72 -27.29
C6 BCR EG . 22.38 87.10 -28.57
C7 BCR EG . 23.26 88.15 -29.09
C8 BCR EG . 23.20 89.46 -28.83
C9 BCR EG . 24.10 90.49 -29.37
C10 BCR EG . 23.90 91.78 -29.06
C11 BCR EG . 24.72 92.89 -29.56
C33 BCR EG . 23.66 86.82 -26.44
C31 BCR EG . 20.63 87.44 -30.32
C32 BCR EG . 22.23 85.56 -30.52
C34 BCR EG . 25.21 90.07 -30.24
C12 BCR EG . 24.56 94.13 -29.08
C13 BCR EG . 25.34 95.29 -29.53
C14 BCR EG . 25.21 96.46 -28.86
C15 BCR EG . 24.38 96.75 -27.72
C16 BCR EG . 24.29 98.02 -27.29
C17 BCR EG . 23.49 98.39 -26.15
C18 BCR EG . 23.21 99.66 -25.81
C19 BCR EG . 22.40 99.86 -24.62
C20 BCR EG . 22.03 101.04 -24.11
C21 BCR EG . 21.22 101.03 -22.91
C22 BCR EG . 20.74 102.11 -22.26
C23 BCR EG . 19.96 101.86 -21.07
C24 BCR EG . 19.41 102.81 -20.29
C25 BCR EG . 18.61 102.55 -19.08
C26 BCR EG . 19.01 101.78 -18.05
C27 BCR EG . 18.03 101.26 -17.05
C28 BCR EG . 16.92 102.26 -16.79
C29 BCR EG . 16.27 102.61 -18.11
C30 BCR EG . 17.23 103.18 -19.14
C35 BCR EG . 26.24 95.12 -30.69
C36 BCR EG . 23.68 100.84 -26.56
C37 BCR EG . 21.03 103.48 -22.75
C38 BCR EG . 20.41 101.72 -17.56
C39 BCR EG . 17.37 104.69 -18.89
C40 BCR EG . 16.62 102.96 -20.53
C41 PGT FG . 31.26 98.67 -23.98
C40 PGT FG . 32.51 98.74 -24.85
C39 PGT FG . 32.63 97.58 -25.83
C38 PGT FG . 33.83 97.69 -26.75
C37 PGT FG . 33.81 96.66 -27.88
C36 PGT FG . 34.86 96.90 -28.95
C35 PGT FG . 36.16 96.15 -28.72
C34 PGT FG . 36.51 95.16 -29.82
C33 PGT FG . 35.45 94.08 -29.99
C32 PGT FG . 36.04 92.75 -30.43
C31 PGT FG . 35.23 91.56 -29.97
O31 PGT FG . 34.03 91.53 -29.90
O2 PGT FG . 36.01 90.52 -29.65
C2 PGT FG . 36.98 90.68 -28.61
C1 PGT FG . 38.32 90.07 -29.02
O3P PGT FG . 38.17 88.88 -29.76
P PGT FG . 39.19 88.63 -31.01
O1P PGT FG . 40.62 88.66 -30.54
O2P PGT FG . 38.80 89.46 -32.20
O4P PGT FG . 38.72 87.07 -31.22
C4 PGT FG . 39.39 86.30 -32.18
C5 PGT FG . 39.01 84.85 -32.02
O5 PGT FG . 39.64 84.24 -30.91
C6 PGT FG . 39.27 84.09 -33.32
O6 PGT FG . 40.62 84.24 -33.66
C3 PGT FG . 36.38 90.12 -27.34
O3 PGT FG . 35.46 91.05 -26.81
C11 PGT FG . 35.92 91.97 -25.98
O11 PGT FG . 37.04 91.99 -25.56
C12 PGT FG . 34.85 92.98 -25.63
C13 PGT FG . 33.93 92.53 -24.53
C14 PGT FG . 32.78 93.51 -24.30
C15 PGT FG . 32.07 93.32 -22.97
C16 PGT FG . 32.84 93.91 -21.79
C17 PGT FG . 33.00 95.42 -21.88
C18 PGT FG . 33.07 96.10 -20.52
C19 PGT FG . 31.80 95.92 -19.68
C20 PGT FG . 31.86 96.62 -18.34
C21 PGT FG . 30.60 96.44 -17.51
C1 LMG GG . 19.56 108.73 -5.57
O1 LMG GG . 20.68 108.27 -6.28
C2 LMG GG . 18.71 107.46 -5.23
O2 LMG GG . 18.22 106.99 -6.45
C3 LMG GG . 17.54 107.97 -4.33
O3 LMG GG . 16.75 106.88 -4.01
C4 LMG GG . 18.15 108.62 -3.06
O4 LMG GG . 18.90 107.63 -2.43
C5 LMG GG . 19.04 109.81 -3.52
O5 LMG GG . 20.47 111.56 -2.73
C6 LMG GG . 19.70 110.48 -2.27
O6 LMG GG . 20.06 109.32 -4.38
C7 LMG GG . 21.70 109.24 -6.43
C8 LMG GG . 22.59 108.71 -7.57
C9 LMG GG . 22.65 107.17 -7.66
O7 LMG GG . 22.02 109.23 -8.77
C10 LMG GG . 22.91 109.96 -9.53
O9 LMG GG . 24.09 109.79 -9.52
C11 LMG GG . 22.15 110.99 -10.35
C12 LMG GG . 21.71 110.32 -11.64
C13 LMG GG . 22.86 110.20 -12.59
C14 LMG GG . 23.14 108.72 -12.84
C15 LMG GG . 23.93 108.63 -14.13
C16 LMG GG . 23.10 109.10 -15.30
C17 LMG GG . 24.04 109.05 -16.50
C18 LMG GG . 24.16 107.64 -17.02
C19 LMG GG . 24.87 107.66 -18.36
C20 LMG GG . 24.80 106.26 -18.91
O8 LMG GG . 23.94 106.70 -7.24
C28 LMG GG . 24.76 106.30 -8.30
O10 LMG GG . 24.89 107.00 -9.27
C29 LMG GG . 25.38 104.95 -8.02
C30 LMG GG . 26.36 104.33 -9.01
C31 LMG GG . 27.73 104.98 -9.09
MG CLA HG . 30.46 135.25 -20.12
CHA CLA HG . 29.61 137.82 -22.36
CHB CLA HG . 29.27 133.02 -22.36
CHC CLA HG . 32.29 132.64 -18.65
CHD CLA HG . 32.19 137.55 -18.25
NA CLA HG . 29.47 135.41 -22.05
C1A CLA HG . 29.35 136.56 -22.83
C2A CLA HG . 29.50 136.11 -24.26
C3A CLA HG . 28.85 134.74 -24.19
C4A CLA HG . 29.05 134.35 -22.75
CMA CLA HG . 27.35 134.86 -24.49
CAA CLA HG . 31.02 136.01 -24.63
CBA CLA HG . 31.41 136.06 -26.05
CGA CLA HG . 30.43 135.50 -26.99
O1A CLA HG . 29.57 136.23 -27.43
O2A CLA HG . 30.34 134.18 -27.23
NB CLA HG . 30.73 133.18 -20.46
C1B CLA HG . 30.11 132.51 -21.46
C2B CLA HG . 30.51 131.12 -21.42
C3B CLA HG . 31.37 130.96 -20.38
C4B CLA HG . 31.51 132.30 -19.75
CMB CLA HG . 30.02 130.07 -22.38
CAB CLA HG . 31.90 129.58 -20.15
CBB CLA HG . 32.31 129.14 -19.03
NC CLA HG . 31.99 135.12 -18.69
C1C CLA HG . 32.59 133.98 -18.22
C2C CLA HG . 33.60 134.34 -17.24
C3C CLA HG . 33.58 135.71 -17.11
C4C CLA HG . 32.56 136.21 -18.04
CMC CLA HG . 34.48 133.35 -16.51
CAC CLA HG . 34.43 136.58 -16.22
CBC CLA HG . 35.50 137.33 -17.04
ND CLA HG . 30.87 137.24 -20.24
C1D CLA HG . 31.54 138.05 -19.40
C2D CLA HG . 31.55 139.39 -19.86
C3D CLA HG . 30.79 139.37 -21.04
C4D CLA HG . 30.37 138.04 -21.22
CMD CLA HG . 32.23 140.61 -19.21
CAD CLA HG . 30.27 140.15 -22.12
OBD CLA HG . 29.77 141.28 -22.12
CBD CLA HG . 29.82 139.11 -23.18
CGD CLA HG . 28.48 139.61 -23.78
O1D CLA HG . 27.50 139.71 -23.08
O2D CLA HG . 28.41 139.77 -25.08
CED CLA HG . 29.41 139.20 -25.94
C1 CLA HG . 31.56 133.33 -27.16
C2 CLA HG . 31.12 131.96 -26.62
C3 CLA HG . 31.84 130.88 -26.28
C4 CLA HG . 33.37 130.81 -26.48
C1 BCR IG . 54.42 151.31 -42.40
C2 BCR IG . 55.68 150.81 -43.11
C3 BCR IG . 55.81 151.30 -44.54
C4 BCR IG . 54.58 150.88 -45.31
C5 BCR IG . 53.33 151.35 -44.64
C6 BCR IG . 53.21 151.43 -43.30
C7 BCR IG . 51.91 151.73 -42.66
C8 BCR IG . 50.82 150.94 -42.65
C9 BCR IG . 49.54 151.26 -41.99
C10 BCR IG . 48.44 150.52 -42.27
C11 BCR IG . 47.11 150.71 -41.69
C33 BCR IG . 52.45 152.03 -45.62
C31 BCR IG . 54.76 152.67 -41.78
C32 BCR IG . 54.13 150.32 -41.28
C34 BCR IG . 49.47 152.39 -41.03
C12 BCR IG . 46.10 149.88 -42.00
C13 BCR IG . 44.74 149.95 -41.49
C14 BCR IG . 43.84 149.03 -41.88
C15 BCR IG . 42.46 148.96 -41.45
C16 BCR IG . 41.63 148.04 -41.99
C17 BCR IG . 40.23 147.95 -41.58
C18 BCR IG . 39.30 147.29 -42.30
C19 BCR IG . 37.94 147.25 -41.79
C20 BCR IG . 37.55 146.67 -40.65
C21 BCR IG . 36.14 146.67 -40.24
C22 BCR IG . 35.16 145.87 -40.69
C23 BCR IG . 33.83 146.03 -40.11
C24 BCR IG . 33.54 146.69 -38.98
C25 BCR IG . 32.20 146.82 -38.39
C26 BCR IG . 31.31 147.78 -38.72
C27 BCR IG . 30.31 148.28 -37.73
C28 BCR IG . 29.76 147.13 -36.90
C29 BCR IG . 30.91 146.43 -36.20
C30 BCR IG . 32.01 145.95 -37.16
C35 BCR IG . 44.42 151.06 -40.56
C36 BCR IG . 39.60 146.63 -43.57
C37 BCR IG . 35.40 144.83 -41.72
C38 BCR IG . 30.90 148.06 -40.11
C39 BCR IG . 31.68 144.53 -37.62
C40 BCR IG . 33.31 145.90 -36.34
MG CLA JG . 38.33 151.89 -39.14
CHA CLA JG . 39.84 154.18 -36.96
CHB CLA JG . 41.04 152.20 -41.16
CHC CLA JG . 36.65 150.37 -41.79
CHD CLA JG . 35.30 152.57 -37.61
NA CLA JG . 40.25 152.90 -38.97
C1A CLA JG . 40.67 153.72 -37.95
C2A CLA JG . 42.14 154.02 -38.10
C3A CLA JG . 42.36 153.71 -39.58
C4A CLA JG . 41.16 152.89 -39.96
CMA CLA JG . 42.38 155.02 -40.39
CAA CLA JG . 42.99 153.06 -37.19
CBA CLA JG . 44.41 153.43 -36.95
CGA CLA JG . 45.32 152.31 -37.08
O1A CLA JG . 44.86 151.21 -37.28
O2A CLA JG . 46.60 152.40 -36.68
NB CLA JG . 38.78 151.38 -41.13
C1B CLA JG . 39.98 151.62 -41.72
C2B CLA JG . 39.94 151.15 -43.10
C3B CLA JG . 38.72 150.60 -43.32
C4B CLA JG . 37.96 150.76 -42.06
CMB CLA JG . 41.09 151.25 -44.05
CAB CLA JG . 38.47 150.06 -44.69
CBB CLA JG . 37.33 149.75 -45.15
NC CLA JG . 36.31 151.53 -39.62
C1C CLA JG . 35.85 150.89 -40.74
C2C CLA JG . 34.38 150.85 -40.69
C3C CLA JG . 34.00 151.46 -39.52
C4C CLA JG . 35.23 151.89 -38.84
CMC CLA JG . 33.50 150.24 -41.75
CAC CLA JG . 32.61 151.69 -39.01
CBC CLA JG . 32.15 153.11 -39.38
ND CLA JG . 37.66 153.06 -37.61
C1D CLA JG . 36.43 153.27 -37.12
C2D CLA JG . 36.43 154.22 -36.06
C3D CLA JG . 37.77 154.62 -35.95
C4D CLA JG . 38.48 153.92 -36.92
CMD CLA JG . 35.24 154.71 -35.22
CAD CLA JG . 38.70 155.46 -35.25
OBD CLA JG . 38.52 156.34 -34.40
CBD CLA JG . 40.12 155.07 -35.73
CGD CLA JG . 40.85 156.38 -36.12
O1D CLA JG . 40.42 157.08 -37.00
O2D CLA JG . 42.04 156.60 -35.59
CED CLA JG . 42.25 157.77 -34.78
C1 CLA JG . 47.48 151.22 -36.81
C2 CLA JG . 48.91 151.74 -36.96
C3 CLA JG . 50.05 151.10 -37.31
C4 CLA JG . 51.37 151.86 -37.56
C5 CLA JG . 50.12 149.63 -37.76
C6 CLA JG . 51.37 148.87 -37.32
C7 CLA JG . 51.40 148.57 -35.83
MG CLA KG . 55.35 146.91 -45.08
CHA CLA KG . 53.12 147.86 -47.62
CHB CLA KG . 57.92 147.87 -47.04
CHC CLA KG . 57.55 146.88 -42.36
CHD CLA KG . 52.67 146.86 -42.88
NA CLA KG . 55.50 147.73 -47.09
C1A CLA KG . 54.45 148.07 -47.93
C2A CLA KG . 55.00 148.86 -49.10
C3A CLA KG . 56.46 149.07 -48.71
C4A CLA KG . 56.68 148.03 -47.64
CMA CLA KG . 57.38 148.80 -49.90
CAA CLA KG . 54.30 150.26 -49.27
CBA CLA KG . 53.51 150.46 -50.50
CGA CLA KG . 53.77 149.47 -51.54
NB CLA KG . 57.39 147.30 -44.77
C1B CLA KG . 58.23 147.69 -45.75
C2B CLA KG . 59.56 147.88 -45.21
C3B CLA KG . 59.51 147.60 -43.88
C4B CLA KG . 58.11 147.23 -43.59
CMB CLA KG . 60.75 148.30 -46.03
CAB CLA KG . 60.79 147.75 -43.12
CBB CLA KG . 60.98 147.30 -41.94
NC CLA KG . 55.15 146.87 -42.97
C1C CLA KG . 56.16 146.86 -42.06
C2C CLA KG . 55.60 146.84 -40.71
C3C CLA KG . 54.22 146.83 -40.85
C4C CLA KG . 53.94 146.86 -42.29
CMC CLA KG . 56.40 146.83 -39.44
CAC CLA KG . 53.18 146.81 -39.77
CBC CLA KG . 52.91 145.38 -39.27
ND CLA KG . 53.35 147.29 -45.16
C1D CLA KG . 52.39 147.20 -44.22
C2D CLA KG . 51.11 147.54 -44.74
C3D CLA KG . 51.34 147.81 -46.09
C4D CLA KG . 52.70 147.62 -46.32
CMD CLA KG . 49.78 147.58 -43.97
CAD CLA KG . 50.72 148.19 -47.33
OBD CLA KG . 49.55 148.45 -47.62
CBD CLA KG . 51.83 148.15 -48.41
CGD CLA KG . 51.47 147.00 -49.40
O1D CLA KG . 50.70 146.15 -49.03
O2D CLA KG . 51.61 147.26 -50.68
CED CLA KG . 50.48 147.18 -51.56
MG CLA LG . -38.61 122.34 -95.62
CHA CLA LG . -40.84 120.16 -97.22
CHB CLA LG . -38.99 120.56 -92.77
CHC CLA LG . -36.87 124.74 -93.79
CHD CLA LG . -39.17 124.65 -98.14
NA CLA LG . -39.76 120.57 -95.07
C1A CLA LG . -40.52 119.78 -95.93
C2A CLA LG . -41.06 118.60 -95.16
C3A CLA LG . -40.76 118.97 -93.71
C4A CLA LG . -39.74 120.07 -93.84
CMA CLA LG . -42.02 119.50 -93.02
CAA CLA LG . -40.35 117.28 -95.58
CBA CLA LG . -39.76 116.46 -94.49
CGA CLA LG . -40.37 115.14 -94.33
O1A CLA LG . -40.23 114.56 -93.27
O2A CLA LG . -40.86 114.45 -95.37
NB CLA LG . -38.04 122.59 -93.62
C1B CLA LG . -38.31 121.70 -92.64
C2B CLA LG . -37.76 122.18 -91.38
C3B CLA LG . -37.14 123.37 -91.63
C4B CLA LG . -37.31 123.64 -93.07
CMB CLA LG . -37.87 121.44 -90.08
CAB CLA LG . -36.50 124.03 -90.46
CBB CLA LG . -35.74 125.04 -90.55
NC CLA LG . -38.11 124.37 -95.92
C1C CLA LG . -37.39 125.16 -95.06
C2C CLA LG . -37.25 126.49 -95.64
C3C CLA LG . -37.89 126.47 -96.86
C4C CLA LG . -38.43 125.11 -97.04
CMC CLA LG . -36.53 127.64 -94.99
CAC CLA LG . -38.03 127.59 -97.85
CBC CLA LG . -36.78 127.70 -98.74
ND CLA LG . -39.71 122.44 -97.33
C1D CLA LG . -39.87 123.41 -98.23
C2D CLA LG . -40.76 123.03 -99.27
C3D CLA LG . -41.19 121.75 -98.91
C4D CLA LG . -40.54 121.42 -97.72
CMD CLA LG . -41.21 123.84 -100.50
CAD CLA LG . -42.01 120.63 -99.28
OBD CLA LG . -42.85 120.49 -100.19
CBD CLA LG . -41.67 119.47 -98.30
CGD CLA LG . -43.02 118.92 -97.77
O1D CLA LG . -43.74 119.61 -97.09
O2D CLA LG . -43.36 117.68 -98.08
CED CLA LG . -43.35 117.25 -99.45
C1 CLA LG . -40.44 113.05 -95.58
C1 BCR MG . -5.30 131.46 -60.76
C2 BCR MG . -4.86 132.90 -60.49
C3 BCR MG . -5.07 133.83 -61.65
C4 BCR MG . -4.33 133.28 -62.85
C5 BCR MG . -4.75 131.88 -63.15
C6 BCR MG . -5.22 131.03 -62.21
C7 BCR MG . -5.43 129.61 -62.50
C8 BCR MG . -6.53 129.03 -63.02
C9 BCR MG . -6.73 127.61 -63.29
C10 BCR MG . -7.89 127.20 -63.85
C11 BCR MG . -8.29 125.84 -64.17
C33 BCR MG . -4.72 131.62 -64.61
C31 BCR MG . -6.73 131.31 -60.23
C32 BCR MG . -4.39 130.56 -59.91
C34 BCR MG . -5.69 126.62 -62.91
C12 BCR MG . -9.59 125.62 -64.39
C13 BCR MG . -10.27 124.36 -64.68
C14 BCR MG . -11.60 124.43 -64.87
C15 BCR MG . -12.52 123.34 -65.13
C16 BCR MG . -13.69 123.54 -65.76
C17 BCR MG . -14.59 122.43 -65.93
C18 BCR MG . -15.91 122.59 -66.13
C19 BCR MG . -16.73 121.40 -66.23
C20 BCR MG . -18.06 121.38 -66.39
C21 BCR MG . -18.73 120.10 -66.42
C22 BCR MG . -20.07 119.92 -66.34
C23 BCR MG . -20.59 118.57 -66.34
C24 BCR MG . -21.69 118.21 -65.68
C25 BCR MG . -22.30 116.87 -65.62
C26 BCR MG . -21.82 115.77 -66.25
C27 BCR MG . -21.75 114.44 -65.57
C28 BCR MG . -22.17 114.49 -64.11
C29 BCR MG . -23.44 115.30 -63.99
C30 BCR MG . -23.25 116.74 -64.44
C35 BCR MG . -9.49 123.11 -64.71
C36 BCR MG . -16.56 123.91 -66.21
C37 BCR MG . -20.96 121.09 -66.22
C38 BCR MG . -21.82 115.63 -67.72
C39 BCR MG . -22.76 117.56 -63.25
C40 BCR MG . -24.63 117.27 -64.85
C1 BCR NG . -14.89 74.92 -34.35
C2 BCR NG . -15.28 73.54 -34.92
C3 BCR NG . -14.89 72.33 -34.07
C4 BCR NG . -15.17 72.60 -32.61
C5 BCR NG . -14.53 73.85 -32.14
C6 BCR NG . -14.39 74.94 -32.92
C7 BCR NG . -14.21 76.29 -32.32
C8 BCR NG . -13.06 76.85 -31.93
C9 BCR NG . -12.87 78.20 -31.35
C10 BCR NG . -11.75 78.47 -30.65
C11 BCR NG . -11.37 79.74 -30.02
C33 BCR NG . -13.93 73.66 -30.80
C31 BCR NG . -16.11 75.82 -34.51
C32 BCR NG . -13.78 75.45 -35.27
C34 BCR NG . -13.90 79.25 -31.57
C12 BCR NG . -10.14 79.85 -29.48
C13 BCR NG . -9.51 81.00 -28.85
C14 BCR NG . -8.56 80.79 -27.91
C15 BCR NG . -7.80 81.78 -27.19
C16 BCR NG . -7.11 81.47 -26.08
C17 BCR NG . -6.30 82.44 -25.38
C18 BCR NG . -5.40 82.09 -24.44
C19 BCR NG . -4.57 83.10 -23.80
C20 BCR NG . -3.24 83.15 -23.98
C21 BCR NG . -2.35 84.14 -23.36
C22 BCR NG . -2.21 85.46 -23.61
C23 BCR NG . -1.19 86.18 -22.85
C24 BCR NG . -1.26 87.42 -22.34
C25 BCR NG . -0.19 88.10 -21.59
C26 BCR NG . 0.76 88.84 -22.19
C27 BCR NG . 1.67 89.75 -21.43
C28 BCR NG . 0.98 90.24 -20.17
C29 BCR NG . 0.56 89.06 -19.34
C30 BCR NG . -0.37 88.10 -20.08
C35 BCR NG . -9.93 82.35 -29.29
C36 BCR NG . -5.21 80.68 -24.02
C37 BCR NG . -3.04 86.15 -24.63
C38 BCR NG . 0.81 89.09 -23.65
C39 BCR NG . -1.81 88.44 -19.73
C40 BCR NG . -0.07 86.70 -19.54
MG CLA OG . -4.27 74.55 -13.68
CHA CLA OG . -5.31 73.80 -10.41
CHB CLA OG . -1.06 74.56 -12.61
CHC CLA OG . -3.07 74.32 -16.96
CHD CLA OG . -7.46 73.85 -14.78
NA CLA OG . -3.30 74.19 -11.75
C1A CLA OG . -3.95 73.99 -10.54
C2A CLA OG . -2.92 73.81 -9.46
C3A CLA OG . -1.60 74.13 -10.16
C4A CLA OG . -2.00 74.40 -11.58
CMA CLA OG . -0.97 75.39 -9.55
CAA CLA OG . -2.90 72.33 -8.91
CBA CLA OG . -2.61 71.26 -9.89
NB CLA OG . -2.38 74.45 -14.61
C1B CLA OG . -1.22 74.48 -13.93
C2B CLA OG . -0.11 74.40 -14.87
C3B CLA OG . -0.64 74.34 -16.13
C4B CLA OG . -2.11 74.37 -15.96
CMB CLA OG . 1.34 74.40 -14.46
CAB CLA OG . 0.35 74.26 -17.25
CBB CLA OG . 0.03 74.31 -18.48
NC CLA OG . -5.12 74.15 -15.56
C1C CLA OG . -4.47 74.11 -16.77
C2C CLA OG . -5.43 73.82 -17.82
C3C CLA OG . -6.67 73.67 -17.21
C4C CLA OG . -6.47 73.89 -15.78
CMC CLA OG . -5.11 73.68 -19.28
CAC CLA OG . -8.00 73.37 -17.86
CBC CLA OG . -8.34 71.87 -17.71
ND CLA OG . -6.02 73.94 -12.85
C1D CLA OG . -7.23 73.73 -13.39
C2D CLA OG . -8.19 73.34 -12.41
C3D CLA OG . -7.47 73.35 -11.20
C4D CLA OG . -6.17 73.75 -11.50
CMD CLA OG . -9.66 72.97 -12.61
CAD CLA OG . -7.57 73.13 -9.78
OBD CLA OG . -8.47 72.65 -9.09
CBD CLA OG . -6.15 73.42 -9.20
CGD CLA OG . -6.29 74.59 -8.20
O1D CLA OG . -7.36 75.14 -8.04
O2D CLA OG . -5.28 74.84 -7.39
CED CLA OG . -5.52 75.38 -6.08
C1 BCR PG . -9.25 80.42 -14.66
C2 BCR PG . -10.38 80.81 -13.69
C3 BCR PG . -10.66 79.76 -12.64
C4 BCR PG . -11.00 78.47 -13.34
C5 BCR PG . -9.91 78.06 -14.28
C6 BCR PG . -9.12 78.94 -14.90
C7 BCR PG . -8.00 78.49 -15.76
C8 BCR PG . -8.07 78.19 -17.06
C9 BCR PG . -6.97 77.75 -17.92
C10 BCR PG . -7.17 77.70 -19.26
C11 BCR PG . -6.23 77.29 -20.29
C33 BCR PG . -9.72 76.59 -14.26
C31 BCR PG . -7.97 81.02 -14.13
C32 BCR PG . -9.58 81.13 -15.97
C34 BCR PG . -5.67 77.37 -17.34
C12 BCR PG . -6.52 77.50 -21.58
C13 BCR PG . -5.71 77.13 -22.73
C14 BCR PG . -6.31 77.16 -23.95
C15 BCR PG . -5.68 76.81 -25.21
C16 BCR PG . -6.43 76.79 -26.33
C17 BCR PG . -5.86 76.41 -27.61
C18 BCR PG . -6.61 76.22 -28.71
C19 BCR PG . -5.95 75.82 -29.94
C20 BCR PG . -6.52 74.96 -30.81
C21 BCR PG . -5.85 74.55 -32.03
C22 BCR PG . -6.31 73.54 -32.80
C23 BCR PG . -5.60 73.18 -34.03
C24 BCR PG . -5.15 71.94 -34.27
C25 BCR PG . -4.45 71.46 -35.48
C26 BCR PG . -4.93 70.43 -36.20
C27 BCR PG . -4.04 69.46 -36.91
C28 BCR PG . -2.84 70.16 -37.48
C29 BCR PG . -2.10 70.85 -36.36
C30 BCR PG . -2.96 71.84 -35.55
C35 BCR PG . -4.30 76.75 -22.50
C36 BCR PG . -8.08 76.40 -28.72
C37 BCR PG . -7.53 72.80 -32.40
C38 BCR PG . -6.36 70.00 -36.17
C39 BCR PG . -2.82 73.23 -36.16
C40 BCR PG . -2.36 71.84 -34.13
C1 LMG QG . -1.01 82.39 -2.13
O1 LMG QG . -0.27 81.23 -2.41
C2 LMG QG . -0.39 83.54 -2.99
O2 LMG QG . 0.89 83.76 -2.47
C3 LMG QG . -1.30 84.77 -2.76
O3 LMG QG . -0.78 85.84 -3.49
C4 LMG QG . -2.74 84.41 -3.22
O4 LMG QG . -2.65 84.07 -4.57
C5 LMG QG . -3.23 83.21 -2.37
O5 LMG QG . -5.40 83.98 -3.04
C6 LMG QG . -4.66 82.80 -2.83
O6 LMG QG . -2.34 82.12 -2.55
C7 LMG QG . -0.50 80.67 -3.70
C8 LMG QG . 0.29 79.34 -3.69
C9 LMG QG . -0.54 78.13 -4.14
O7 LMG QG . 1.38 79.54 -4.58
C10 LMG QG . 2.57 79.00 -4.13
O9 LMG QG . 2.63 78.11 -3.32
C11 LMG QG . 3.74 79.67 -4.81
C12 LMG QG . 3.80 79.19 -6.25
C13 LMG QG . 3.98 77.70 -6.31
C14 LMG QG . 5.31 77.35 -5.64
C15 LMG QG . 5.44 75.84 -5.68
C16 LMG QG . 6.06 75.39 -7.00
C17 LMG QG . 7.54 75.72 -6.87
O8 LMG QG . -0.80 78.19 -5.54
C28 LMG QG . 0.03 77.35 -6.31
O10 LMG QG . 0.77 77.80 -7.11
C29 LMG QG . -0.19 75.89 -5.92
C30 LMG QG . 1.01 74.94 -5.80
C31 LMG QG . 1.82 74.73 -7.07
C32 LMG QG . 2.02 73.23 -7.33
C33 LMG QG . 1.85 72.91 -8.82
C34 LMG QG . 3.10 73.27 -9.61
C1 LMG RG . 10.94 62.02 -31.83
O1 LMG RG . 10.00 62.27 -30.82
C2 LMG RG . 10.51 60.68 -32.50
O2 LMG RG . 10.71 59.68 -31.55
C3 LMG RG . 11.46 60.48 -33.71
O3 LMG RG . 11.09 59.30 -34.34
C4 LMG RG . 11.33 61.70 -34.66
O4 LMG RG . 10.01 61.70 -35.10
C5 LMG RG . 11.67 62.98 -33.87
O5 LMG RG . 11.99 63.87 -36.06
C6 LMG RG . 11.46 64.21 -34.80
O6 LMG RG . 10.81 63.10 -32.75
C7 LMG RG . 10.53 62.21 -29.50
C8 LMG RG . 9.36 62.66 -28.59
C9 LMG RG . 7.98 62.37 -29.18
O7 LMG RG . 9.51 61.91 -27.38
C10 LMG RG . 10.60 62.28 -26.60
O9 LMG RG . 11.52 61.55 -26.40
C11 LMG RG . 10.42 63.68 -26.06
C12 LMG RG . 11.49 63.91 -25.02
C13 LMG RG . 10.90 63.79 -23.64
C14 LMG RG . 10.38 65.15 -23.21
C15 LMG RG . 11.51 65.86 -22.50
C16 LMG RG . 11.01 67.10 -21.80
O8 LMG RG . 7.49 63.52 -29.85
C28 LMG RG . 6.30 63.99 -29.30
O10 LMG RG . 5.38 63.26 -29.12
C29 LMG RG . 6.41 65.48 -29.02
C30 LMG RG . 5.50 66.11 -27.95
C31 LMG RG . 5.86 65.80 -26.51
C32 LMG RG . 5.16 64.53 -26.04
C33 LMG RG . 3.65 64.66 -26.18
C34 LMG RG . 2.91 63.79 -25.17
C35 LMG RG . 1.68 64.55 -24.68
C36 LMG RG . 2.07 65.90 -24.05
C37 LMG RG . 1.13 66.26 -22.91
C38 LMG RG . 1.53 67.57 -22.23
O6 SQD SG . 2.75 89.87 -8.37
C44 SQD SG . 4.15 90.09 -8.62
C45 SQD SG . 4.49 89.15 -9.74
C46 SQD SG . 5.60 89.68 -10.63
O47 SQD SG . 4.91 87.90 -9.13
C7 SQD SG . 4.65 86.75 -9.78
O49 SQD SG . 3.99 86.72 -10.79
C8 SQD SG . 5.21 85.53 -9.11
C9 SQD SG . 6.06 84.70 -10.01
C10 SQD SG . 7.28 85.43 -10.53
O48 SQD SG . 5.14 90.88 -11.27
C23 SQD SG . 5.84 91.30 -12.30
O10 SQD SG . 6.78 90.69 -12.74
C24 SQD SG . 5.33 92.60 -12.86
C25 SQD SG . 6.12 93.08 -14.03
C26 SQD SG . 5.69 94.44 -14.52
C27 SQD SG . 6.56 94.97 -15.64
C28 SQD SG . 6.07 96.25 -16.28
C29 SQD SG . 7.00 96.80 -17.31
C30 SQD SG . 6.47 97.99 -18.07
C31 SQD SG . 7.52 98.78 -18.80
C32 SQD SG . 8.13 98.09 -19.99
C33 SQD SG . 7.41 98.32 -21.28
C34 SQD SG . 8.28 98.25 -22.51
C35 SQD SG . 9.49 99.15 -22.46
C36 SQD SG . 9.77 99.90 -23.74
C37 SQD SG . 8.89 101.10 -23.98
C38 SQD SG . 9.20 101.85 -25.25
C1 SQD SG . 2.33 90.16 -7.07
C2 SQD SG . 0.80 90.13 -7.05
O2 SQD SG . 0.30 91.21 -7.84
C3 SQD SG . 0.27 90.23 -5.66
O3 SQD SG . -1.14 90.10 -5.67
C4 SQD SG . 0.90 89.16 -4.79
O4 SQD SG . 0.46 89.31 -3.45
C5 SQD SG . 2.41 89.30 -4.83
C6 SQD SG . 3.14 88.23 -4.02
O5 SQD SG . 2.85 89.17 -6.20
S SQD SG . 2.75 87.97 -2.32
O7 SQD SG . 2.66 89.24 -1.68
O8 SQD SG . 1.35 87.30 -2.34
O9 SQD SG . 3.67 87.01 -1.79
C1 BCR TG . -50.20 59.95 -41.44
C2 BCR TG . -50.29 59.05 -40.18
C3 BCR TG . -49.00 58.90 -39.42
C4 BCR TG . -47.91 58.50 -40.39
C5 BCR TG . -47.74 59.55 -41.43
C6 BCR TG . -48.79 60.20 -41.96
C7 BCR TG . -48.70 60.86 -43.30
C8 BCR TG . -48.02 60.46 -44.37
C9 BCR TG . -47.98 61.15 -45.68
C10 BCR TG . -47.12 60.73 -46.66
C11 BCR TG . -47.05 61.32 -47.98
C33 BCR TG . -46.35 60.06 -41.38
C31 BCR TG . -50.90 61.26 -41.10
C32 BCR TG . -51.02 59.23 -42.50
C34 BCR TG . -48.91 62.28 -45.93
C12 BCR TG . -46.46 60.65 -49.01
C13 BCR TG . -46.38 61.13 -50.39
C14 BCR TG . -45.70 60.42 -51.32
C15 BCR TG . -45.67 60.83 -52.70
C16 BCR TG . -45.92 59.90 -53.63
C17 BCR TG . -45.98 60.18 -55.05
C18 BCR TG . -45.67 59.31 -56.03
C19 BCR TG . -45.87 59.75 -57.39
C20 BCR TG . -45.15 59.49 -58.48
C21 BCR TG . -45.67 60.04 -59.73
C22 BCR TG . -45.52 59.46 -60.93
C23 BCR TG . -46.12 60.08 -62.11
C24 BCR TG . -46.05 59.56 -63.34
C25 BCR TG . -46.61 60.06 -64.61
C26 BCR TG . -46.81 61.35 -64.98
C27 BCR TG . -47.55 61.68 -66.22
C28 BCR TG . -47.19 60.71 -67.32
C29 BCR TG . -47.59 59.32 -66.90
C30 BCR TG . -47.01 58.91 -65.53
C35 BCR TG . -47.09 62.37 -50.73
C36 BCR TG . -45.17 57.95 -55.77
C37 BCR TG . -44.77 58.18 -61.04
C38 BCR TG . -45.93 62.48 -64.56
C39 BCR TG . -45.81 58.00 -65.75
C40 BCR TG . -48.10 58.09 -64.82
C1 BCR UG . -51.14 62.67 -52.52
C2 BCR UG . -51.60 63.85 -51.64
C3 BCR UG . -51.02 63.83 -50.25
C4 BCR UG . -51.36 62.51 -49.60
C5 BCR UG . -50.87 61.36 -50.44
C6 BCR UG . -50.86 61.39 -51.78
C7 BCR UG . -50.28 60.28 -52.55
C8 BCR UG . -50.86 59.09 -52.81
C9 BCR UG . -50.27 58.01 -53.60
C10 BCR UG . -50.93 56.84 -53.76
C11 BCR UG . -50.45 55.69 -54.52
C33 BCR UG . -50.07 60.44 -49.60
C31 BCR UG . -49.91 63.14 -53.29
C32 BCR UG . -52.27 62.44 -53.53
C34 BCR UG . -48.94 58.19 -54.22
C12 BCR UG . -51.35 54.80 -54.99
C13 BCR UG . -51.09 53.60 -55.77
C14 BCR UG . -52.16 52.93 -56.23
C15 BCR UG . -52.15 51.73 -57.04
C16 BCR UG . -53.31 51.12 -57.35
C17 BCR UG . -53.33 49.93 -58.17
C18 BCR UG . -54.37 49.09 -58.28
C19 BCR UG . -54.22 47.96 -59.18
C20 BCR UG . -55.22 47.31 -59.80
C21 BCR UG . -54.89 46.21 -60.68
C22 BCR UG . -55.74 45.67 -61.57
C23 BCR UG . -55.25 44.56 -62.39
C24 BCR UG . -56.03 43.66 -62.99
C25 BCR UG . -55.57 42.54 -63.83
C26 BCR UG . -54.59 41.67 -63.51
C27 BCR UG . -53.97 40.79 -64.54
C28 BCR UG . -55.01 40.30 -65.52
C29 BCR UG . -55.68 41.48 -66.18
C30 BCR UG . -56.27 42.49 -65.18
C35 BCR UG . -49.68 53.20 -56.02
C36 BCR UG . -55.64 49.26 -57.54
C37 BCR UG . -57.13 46.18 -61.71
C38 BCR UG . -54.39 41.15 -62.12
C39 BCR UG . -57.75 42.15 -64.95
C40 BCR UG . -56.18 43.88 -65.84
MG CLA VG . -51.51 41.61 -67.17
CHA CLA VG . -50.11 41.92 -63.98
CHB CLA VG . -51.29 38.25 -66.86
CHC CLA VG . -53.56 41.13 -69.95
CHD CLA VG . -52.77 44.84 -66.82
NA CLA VG . -50.73 40.26 -65.65
C1A CLA VG . -50.17 40.63 -64.43
C2A CLA VG . -49.94 39.39 -63.59
C3A CLA VG . -50.53 38.28 -64.45
C4A CLA VG . -50.74 38.93 -65.79
CMA CLA VG . -49.53 37.13 -64.59
CAA CLA VG . -50.71 39.46 -62.22
NB CLA VG . -52.29 39.96 -68.22
C1B CLA VG . -52.05 38.67 -67.89
C2B CLA VG . -52.73 37.79 -68.82
C3B CLA VG . -53.39 38.57 -69.71
C4B CLA VG . -53.11 39.97 -69.33
CMB CLA VG . -52.67 36.29 -68.74
CAB CLA VG . -54.17 37.84 -70.77
CBB CLA VG . -54.59 38.38 -71.84
NC CLA VG . -52.93 42.80 -68.21
C1C CLA VG . -53.65 42.41 -69.32
C2C CLA VG . -54.51 43.50 -69.73
C3C CLA VG . -54.29 44.55 -68.86
C4C CLA VG . -53.28 44.09 -67.89
CMC CLA VG . -55.45 43.48 -70.91
CAC CLA VG . -54.93 45.91 -68.86
CBC CLA VG . -53.97 47.01 -69.38
ND CLA VG . -51.50 43.08 -65.75
C1D CLA VG . -52.01 44.33 -65.74
C2D CLA VG . -51.72 45.01 -64.53
C3D CLA VG . -50.97 44.10 -63.78
C4D CLA VG . -50.84 42.95 -64.57
CMD CLA VG . -52.15 46.44 -64.11
CAD CLA VG . -50.26 43.86 -62.55
OBD CLA VG . -50.12 44.57 -61.54
CBD CLA VG . -49.42 42.58 -62.78
CGD CLA VG . -47.98 43.02 -63.13
O1D CLA VG . -47.63 44.16 -62.97
O2D CLA VG . -47.20 42.14 -63.72
CED CLA VG . -45.85 41.96 -63.27
MG CLA WG . -57.38 72.48 -58.60
CHA CLA WG . -56.70 74.82 -56.09
CHB CLA WG . -60.65 73.35 -58.45
CHC CLA WG . -58.29 69.74 -60.56
CHD CLA WG . -54.32 71.00 -57.94
NA CLA WG . -58.52 73.93 -57.44
C1A CLA WG . -57.99 74.86 -56.55
C2A CLA WG . -59.10 75.75 -56.04
C3A CLA WG . -60.30 75.33 -56.88
C4A CLA WG . -59.83 74.10 -57.60
CMA CLA WG . -61.48 74.98 -55.95
CAA CLA WG . -58.77 77.27 -56.27
CBA CLA WG . -58.30 77.64 -57.63
CGA CLA WG . -57.09 78.46 -57.62
O1A CLA WG . -56.10 78.01 -57.10
O2A CLA WG . -57.12 79.77 -57.93
NB CLA WG . -59.18 71.70 -59.37
C1B CLA WG . -60.38 72.25 -59.16
C2B CLA WG . -61.41 71.46 -59.83
C3B CLA WG . -60.78 70.42 -60.45
C4B CLA WG . -59.33 70.57 -60.16
CMB CLA WG . -62.87 71.78 -59.81
CAB CLA WG . -61.66 69.49 -61.21
CBB CLA WG . -61.29 68.83 -62.22
NC CLA WG . -56.45 70.67 -59.16
C1C CLA WG . -57.00 69.70 -59.97
C2C CLA WG . -56.03 68.62 -60.11
C3C CLA WG . -54.91 68.95 -59.38
C4C CLA WG . -55.19 70.27 -58.78
CMC CLA WG . -56.25 67.37 -60.92
CAC CLA WG . -53.64 68.18 -59.20
CBC CLA WG . -52.52 68.72 -60.10
ND CLA WG . -55.81 72.80 -57.34
C1D CLA WG . -54.66 72.12 -57.16
C2D CLA WG . -53.87 72.71 -56.14
C3D CLA WG . -54.63 73.79 -55.67
C4D CLA WG . -55.81 73.81 -56.41
CMD CLA WG . -52.48 72.27 -55.64
CAD CLA WG . -54.67 74.87 -54.74
OBD CLA WG . -53.75 75.44 -54.13
CBD CLA WG . -56.05 75.55 -54.89
CGD CLA WG . -56.84 75.31 -53.60
O1D CLA WG . -57.40 74.25 -53.42
O2D CLA WG . -57.18 76.36 -52.87
CED CLA WG . -58.17 76.25 -51.84
C1 CLA WG . -56.43 80.24 -59.15
C2 CLA WG . -54.94 80.44 -58.79
C3 CLA WG . -53.96 81.04 -59.47
C4 CLA WG . -54.18 81.70 -60.84
C5 CLA WG . -52.57 81.36 -58.88
C6 CLA WG . -51.38 80.63 -59.51
C7 CLA WG . -50.10 80.86 -58.77
C8 CLA WG . -49.00 79.84 -59.15
C9 CLA WG . -49.54 78.42 -59.20
C10 CLA WG . -47.90 79.96 -58.12
C11 CLA WG . -46.54 80.49 -58.54
C12 CLA WG . -45.90 79.26 -59.23
MG CLA XG . -55.75 54.56 -52.60
CHA CLA XG . -59.14 53.91 -53.19
CHB CLA XG . -55.04 51.37 -53.43
CHC CLA XG . -52.58 54.80 -51.13
CHD CLA XG . -56.62 57.59 -51.22
NA CLA XG . -56.94 52.86 -53.22
C1A CLA XG . -58.30 52.88 -53.53
C2A CLA XG . -58.58 51.77 -54.50
C3A CLA XG . -57.39 50.84 -54.32
C4A CLA XG . -56.39 51.71 -53.60
CMA CLA XG . -57.77 49.66 -53.42
CAA CLA XG . -58.65 52.32 -55.97
CBA CLA XG . -58.83 51.34 -57.06
NB CLA XG . -54.10 53.29 -52.33
C1B CLA XG . -54.06 52.01 -52.77
C2B CLA XG . -52.79 51.41 -52.43
C3B CLA XG . -52.05 52.36 -51.78
C4B CLA XG . -52.89 53.57 -51.71
CMB CLA XG . -52.40 50.00 -52.77
CAB CLA XG . -50.68 51.93 -51.33
CBB CLA XG . -49.87 52.69 -50.72
NC CLA XG . -54.77 55.98 -51.37
C1C CLA XG . -53.49 55.87 -50.89
C2C CLA XG . -53.20 57.05 -50.10
C3C CLA XG . -54.32 57.85 -50.11
C4C CLA XG . -55.32 57.16 -50.93
CMC CLA XG . -51.88 57.31 -49.40
CAC CLA XG . -54.48 59.19 -49.42
CBC CLA XG . -55.51 59.17 -48.30
ND CLA XG . -57.47 55.60 -52.27
C1D CLA XG . -57.70 56.78 -51.68
C2D CLA XG . -59.08 57.08 -51.65
C3D CLA XG . -59.70 55.98 -52.24
C4D CLA XG . -58.70 55.08 -52.58
CMD CLA XG . -59.77 58.36 -51.10
CAD CLA XG . -60.97 55.40 -52.62
OBD CLA XG . -62.14 55.81 -52.48
CBD CLA XG . -60.67 54.00 -53.22
CGD CLA XG . -61.32 52.96 -52.31
O1D CLA XG . -61.83 51.96 -52.79
O2D CLA XG . -61.56 53.28 -51.05
CED CLA XG . -60.59 53.01 -50.03
MG CLA YG . -37.86 116.89 -74.32
CHA CLA YG . -40.60 118.52 -75.71
CHB CLA YG . -38.77 118.04 -71.27
CHC CLA YG . -35.56 114.78 -72.75
CHD CLA YG . -37.60 115.04 -77.24
NA CLA YG . -39.52 118.10 -73.57
C1A CLA YG . -40.45 118.75 -74.36
C2A CLA YG . -41.32 119.62 -73.49
C3A CLA YG . -40.59 119.59 -72.15
C4A CLA YG . -39.59 118.50 -72.31
CMA CLA YG . -39.88 120.93 -71.92
CAA CLA YG . -42.78 119.02 -73.37
CBA CLA YG . -42.90 117.56 -73.25
CGA CLA YG . -44.24 117.11 -72.86
O1A CLA YG . -45.16 117.28 -73.62
O2A CLA YG . -44.41 116.29 -71.81
NB CLA YG . -37.27 116.49 -72.34
C1B CLA YG . -37.81 117.11 -71.26
C2B CLA YG . -37.18 116.60 -70.06
C3B CLA YG . -36.27 115.68 -70.43
C4B CLA YG . -36.32 115.59 -71.90
CMB CLA YG . -37.54 117.07 -68.67
CAB CLA YG . -35.51 115.03 -69.31
CBB CLA YG . -34.25 114.91 -69.27
NC CLA YG . -36.76 115.19 -74.91
C1C CLA YG . -35.88 114.49 -74.12
C2C CLA YG . -35.34 113.39 -74.90
C3C CLA YG . -35.90 113.44 -76.16
C4C CLA YG . -36.81 114.59 -76.16
CMC CLA YG . -34.34 112.38 -74.40
CAC CLA YG . -35.65 112.52 -77.32
CBC CLA YG . -34.82 113.17 -78.43
ND CLA YG . -38.86 116.74 -76.09
C1D CLA YG . -38.64 115.99 -77.19
C2D CLA YG . -39.60 116.27 -78.20
C3D CLA YG . -40.40 117.28 -77.67
C4D CLA YG . -39.91 117.55 -76.40
CMD CLA YG . -39.72 115.61 -79.59
CAD CLA YG . -41.53 118.15 -77.89
OBD CLA YG . -42.21 118.34 -78.91
CBD CLA YG . -41.48 119.22 -76.76
CGD CLA YG . -40.77 120.47 -77.29
O1D CLA YG . -41.36 121.53 -77.36
O2D CLA YG . -39.56 120.33 -77.79
CED CLA YG . -38.40 120.79 -77.09
C1 BCR ZG . -1.64 120.11 -68.83
C2 BCR ZG . -0.14 120.43 -68.84
C3 BCR ZG . 0.45 120.56 -70.23
C4 BCR ZG . 0.20 119.27 -70.99
C5 BCR ZG . -1.26 118.93 -70.99
C6 BCR ZG . -2.12 119.38 -70.07
C7 BCR ZG . -3.53 118.91 -70.08
C8 BCR ZG . -4.54 119.41 -70.79
C9 BCR ZG . -5.93 118.94 -70.78
C10 BCR ZG . -6.62 118.86 -71.94
C11 BCR ZG . -7.99 118.40 -72.10
C33 BCR ZG . -1.52 117.86 -71.98
C31 BCR ZG . -2.38 121.43 -68.66
C32 BCR ZG . -1.88 119.25 -67.60
C34 BCR ZG . -6.56 118.55 -69.51
C12 BCR ZG . -8.55 118.32 -73.32
C13 BCR ZG . -9.91 117.89 -73.62
C14 BCR ZG . -10.36 118.00 -74.89
C15 BCR ZG . -11.68 117.61 -75.34
C16 BCR ZG . -11.89 117.26 -76.62
C17 BCR ZG . -13.20 116.87 -77.08
C18 BCR ZG . -13.47 116.35 -78.30
C19 BCR ZG . -14.85 116.01 -78.60
C20 BCR ZG . -15.28 115.44 -79.72
C21 BCR ZG . -16.70 115.18 -79.88
C22 BCR ZG . -17.32 114.92 -81.04
C23 BCR ZG . -18.76 114.68 -81.02
C24 BCR ZG . -19.65 115.34 -81.77
C25 BCR ZG . -21.10 115.15 -81.81
C26 BCR ZG . -21.72 114.75 -82.93
C27 BCR ZG . -23.09 115.22 -83.30
C28 BCR ZG . -23.95 115.37 -82.06
C29 BCR ZG . -23.28 116.33 -81.10
C30 BCR ZG . -21.85 115.95 -80.73
C35 BCR ZG . -10.73 117.34 -72.51
C36 BCR ZG . -12.43 116.10 -79.33
C37 BCR ZG . -16.55 114.88 -82.31
C38 BCR ZG . -21.07 113.95 -84.00
C39 BCR ZG . -21.90 115.11 -79.44
C40 BCR ZG . -21.11 117.26 -80.44
C1 BCR AH . -34.84 128.83 -89.40
C2 BCR AH . -34.21 130.22 -89.59
C3 BCR AH . -33.66 130.81 -88.31
C4 BCR AH . -34.79 130.91 -87.30
C5 BCR AH . -35.49 129.60 -87.12
C6 BCR AH . -35.49 128.63 -88.04
C7 BCR AH . -36.44 127.49 -87.91
C8 BCR AH . -36.18 126.29 -87.37
C9 BCR AH . -37.12 125.17 -87.25
C10 BCR AH . -36.75 124.05 -86.59
C11 BCR AH . -37.55 122.84 -86.37
C33 BCR AH . -36.36 129.64 -85.93
C31 BCR AH . -33.73 127.81 -89.64
C32 BCR AH . -35.89 128.69 -90.51
C34 BCR AH . -38.49 125.28 -87.84
C12 BCR AH . -37.06 121.84 -85.61
C13 BCR AH . -37.73 120.58 -85.28
C14 BCR AH . -36.99 119.55 -84.83
C15 BCR AH . -37.51 118.25 -84.45
C16 BCR AH . -36.80 117.40 -83.69
C17 BCR AH . -37.34 116.12 -83.32
C18 BCR AH . -36.81 115.25 -82.44
C19 BCR AH . -37.54 114.01 -82.21
C20 BCR AH . -37.04 112.84 -81.78
C21 BCR AH . -37.98 111.75 -81.62
C22 BCR AH . -37.72 110.52 -81.14
C23 BCR AH . -38.88 109.60 -81.08
C24 BCR AH . -38.97 108.29 -81.36
C25 BCR AH . -37.93 107.37 -81.83
C26 BCR AH . -37.47 107.32 -83.08
C27 BCR AH . -36.50 106.28 -83.54
C28 BCR AH . -35.75 105.68 -82.37
C29 BCR AH . -36.74 105.14 -81.36
C30 BCR AH . -37.74 106.20 -80.87
C35 BCR AH . -39.20 120.51 -85.46
C36 BCR AH . -35.54 115.51 -81.71
C37 BCR AH . -36.36 110.16 -80.69
C38 BCR AH . -38.11 108.03 -84.23
C39 BCR AH . -37.29 106.73 -79.51
C40 BCR AH . -39.10 105.50 -80.69
C1 BCR BH . -24.64 106.94 -79.24
C2 BCR BH . -24.30 107.18 -80.73
C3 BCR BH . -25.08 108.32 -81.34
C4 BCR BH . -26.56 108.00 -81.21
C5 BCR BH . -26.93 107.76 -79.79
C6 BCR BH . -26.07 107.28 -78.87
C7 BCR BH . -26.54 106.92 -77.52
C8 BCR BH . -26.52 107.70 -76.44
C9 BCR BH . -26.98 107.35 -75.10
C10 BCR BH . -26.66 108.17 -74.08
C11 BCR BH . -25.89 109.41 -74.17
C33 BCR BH . -28.26 108.34 -79.50
C31 BCR BH . -23.63 107.74 -78.43
C32 BCR BH . -24.39 105.45 -79.00
C34 BCR BH . -27.77 106.12 -74.87
C12 BCR BH . -26.06 110.36 -73.24
C13 BCR BH . -25.41 111.65 -73.18
C14 BCR BH . -25.86 112.53 -72.26
C15 BCR BH . -25.36 113.87 -72.06
C16 BCR BH . -25.61 114.54 -70.92
C17 BCR BH . -25.10 115.88 -70.77
C18 BCR BH . -25.05 116.59 -69.63
C19 BCR BH . -24.51 117.93 -69.72
C20 BCR BH . -24.78 118.95 -68.90
C21 BCR BH . -24.15 120.22 -69.17
C22 BCR BH . -24.27 121.34 -68.44
C23 BCR BH . -23.55 122.52 -68.89
C24 BCR BH . -23.66 123.75 -68.36
C25 BCR BH . -22.93 124.92 -68.83
C26 BCR BH . -23.17 125.56 -69.99
C27 BCR BH . -22.49 126.84 -70.33
C28 BCR BH . -22.23 127.65 -69.07
C29 BCR BH . -21.38 126.85 -68.14
C30 BCR BH . -21.99 125.50 -67.77
C35 BCR BH . -24.31 111.94 -74.13
C36 BCR BH . -25.49 116.06 -68.33
C37 BCR BH . -25.11 121.37 -67.23
C38 BCR BH . -24.38 125.35 -70.81
C39 BCR BH . -22.75 125.64 -66.46
C40 BCR BH . -20.84 124.52 -67.56
MG CLA CH . -35.13 113.78 -90.67
CHA CLA CH . -35.78 116.99 -91.92
CHB CLA CH . -35.33 115.02 -87.54
CHC CLA CH . -35.23 110.56 -89.31
CHD CLA CH . -35.85 112.50 -93.80
NA CLA CH . -35.54 115.75 -89.83
C1A CLA CH . -35.76 116.92 -90.53
C2A CLA CH . -36.45 117.88 -89.61
C3A CLA CH . -35.96 117.39 -88.24
C4A CLA CH . -35.48 116.00 -88.52
CMA CLA CH . -34.80 118.25 -87.75
CAA CLA CH . -38.00 117.76 -89.73
NB CLA CH . -35.26 112.95 -88.75
C1B CLA CH . -35.33 113.69 -87.62
C2B CLA CH . -35.40 112.81 -86.46
C3B CLA CH . -35.38 111.53 -86.92
C4B CLA CH . -35.28 111.61 -88.40
CMB CLA CH . -35.48 113.30 -85.05
CAB CLA CH . -35.45 110.46 -85.87
CBB CLA CH . -34.98 109.30 -86.01
NC CLA CH . -35.48 111.85 -91.43
C1C CLA CH . -35.48 110.68 -90.72
C2C CLA CH . -35.77 109.58 -91.62
C3C CLA CH . -35.94 110.11 -92.88
C4C CLA CH . -35.76 111.55 -92.75
CMC CLA CH . -35.85 108.12 -91.22
CAC CLA CH . -36.26 109.38 -94.16
ND CLA CH . -35.72 114.51 -92.48
C1D CLA CH . -35.93 113.91 -93.65
C2D CLA CH . -36.30 114.83 -94.66
C3D CLA CH . -36.26 116.08 -94.03
C4D CLA CH . -35.87 115.85 -92.71
CMD CLA CH . -36.67 114.55 -96.13
CAD CLA CH . -36.44 117.50 -94.20
OBD CLA CH . -36.96 118.15 -95.11
CBD CLA CH . -36.08 118.16 -92.84
CGD CLA CH . -34.83 119.03 -93.07
O1D CLA CH . -34.47 119.31 -94.20
O2D CLA CH . -34.31 119.67 -92.04
CED CLA CH . -33.39 120.75 -92.25
MG CLA DH . -27.77 112.28 -81.48
CHA CLA DH . -29.11 111.57 -84.65
CHB CLA DH . -30.85 112.03 -80.17
CHC CLA DH . -26.46 112.04 -78.26
CHD CLA DH . -24.63 111.95 -82.82
NA CLA DH . -29.72 111.74 -82.29
C1A CLA DH . -30.04 111.56 -83.62
C2A CLA DH . -31.49 111.17 -83.75
C3A CLA DH . -32.04 111.53 -82.37
C4A CLA DH . -30.82 111.81 -81.55
CMA CLA DH . -32.89 112.80 -82.47
CAA CLA DH . -31.65 109.63 -84.06
CBA CLA DH . -31.69 108.70 -82.91
CGA CLA DH . -30.67 107.64 -82.97
O1A CLA DH . -29.54 107.95 -82.67
O2A CLA DH . -30.99 106.35 -83.03
NB CLA DH . -28.54 112.06 -79.54
C1B CLA DH . -29.86 112.00 -79.28
C2B CLA DH . -30.07 111.85 -77.85
C3B CLA DH . -28.84 111.85 -77.26
C4B CLA DH . -27.84 111.99 -78.35
CMB CLA DH . -31.43 111.74 -77.24
CAB CLA DH . -28.81 111.72 -75.77
CBB CLA DH . -28.92 110.62 -75.14
NC CLA DH . -25.84 112.03 -80.67
C1C CLA DH . -25.53 111.96 -79.33
C2C CLA DH . -24.09 111.78 -79.22
C3C CLA DH . -23.56 111.76 -80.49
C4C CLA DH . -24.69 111.91 -81.41
CMC CLA DH . -23.33 111.65 -77.92
CAC CLA DH . -22.12 111.60 -80.91
CBC CLA DH . -21.88 110.23 -81.56
ND CLA DH . -26.97 111.83 -83.31
C1D CLA DH . -25.71 111.77 -83.71
C2D CLA DH . -25.60 111.45 -85.09
C3D CLA DH . -26.94 111.37 -85.52
C4D CLA DH . -27.75 111.63 -84.42
CMD CLA DH . -24.32 111.27 -85.91
CAD CLA DH . -27.81 111.13 -86.65
OBD CLA DH . -27.59 111.21 -87.87
CBD CLA DH . -29.25 111.07 -86.08
CGD CLA DH . -30.15 112.01 -86.90
O1D CLA DH . -31.15 111.58 -87.42
O2D CLA DH . -30.08 113.30 -86.63
CED CLA DH . -31.10 114.18 -87.12
C1 CLA DH . -30.84 105.51 -81.82
C2 CLA DH . -29.46 104.84 -81.87
C3 CLA DH . -28.72 104.32 -80.87
C4 CLA DH . -28.97 104.70 -79.40
C5 CLA DH . -27.63 103.25 -81.06
C6 CLA DH . -27.29 102.40 -79.83
C7 CLA DH . -27.91 101.02 -79.86
C8 CLA DH . -29.23 100.94 -79.08
C9 CLA DH . -29.04 101.42 -77.64
C10 CLA DH . -29.70 99.50 -79.10
C11 CLA DH . -30.67 99.02 -78.03
C12 CLA DH . -31.19 97.69 -78.61
C13 CLA DH . -32.69 97.50 -78.88
C14 CLA DH . -33.56 98.33 -77.92
C15 CLA DH . -33.07 96.00 -78.82
C1 BCR EH . 26.71 58.17 -1.89
C2 BCR EH . 27.97 58.61 -2.65
C3 BCR EH . 28.71 59.74 -1.99
C4 BCR EH . 27.77 60.91 -1.84
C5 BCR EH . 26.53 60.52 -1.10
C6 BCR EH . 26.04 59.27 -1.10
C7 BCR EH . 25.03 58.87 -0.10
C8 BCR EH . 23.70 58.97 -0.22
C9 BCR EH . 22.70 58.56 0.78
C10 BCR EH . 21.42 58.38 0.38
C11 BCR EH . 20.29 57.98 1.22
C33 BCR EH . 26.09 61.62 -0.21
C31 BCR EH . 27.11 57.01 -0.97
C32 BCR EH . 25.75 57.63 -2.95
C34 BCR EH . 23.10 58.35 2.18
C12 BCR EH . 19.17 57.52 0.63
C13 BCR EH . 17.95 57.06 1.29
C14 BCR EH . 16.99 56.50 0.53
C15 BCR EH . 15.72 56.00 1.00
C16 BCR EH . 14.77 55.60 0.14
C17 BCR EH . 13.51 55.08 0.61
C18 BCR EH . 12.41 54.92 -0.13
C19 BCR EH . 11.24 54.39 0.54
C20 BCR EH . 10.09 53.99 -0.02
C21 BCR EH . 9.08 53.49 0.89
C22 BCR EH . 7.82 53.13 0.58
C23 BCR EH . 6.99 52.66 1.68
C24 BCR EH . 5.66 52.50 1.66
C25 BCR EH . 4.85 52.04 2.79
C26 BCR EH . 4.47 50.76 2.97
C27 BCR EH . 3.27 50.40 3.76
C28 BCR EH . 3.07 51.34 4.92
C29 BCR EH . 2.98 52.75 4.39
C30 BCR EH . 4.20 53.18 3.57
C35 BCR EH . 17.85 57.22 2.76
C36 BCR EH . 12.33 55.27 -1.57
C37 BCR EH . 7.31 53.21 -0.81
C38 BCR EH . 5.37 49.60 2.73
C39 BCR EH . 3.77 54.30 2.60
C40 BCR EH . 5.22 53.76 4.56
MG CLA FH . -1.21 52.11 3.95
CHA CLA FH . -2.08 53.97 6.76
CHB CLA FH . -0.27 54.95 2.41
CHC CLA FH . 0.35 50.29 1.39
CHD CLA FH . -1.49 49.23 5.84
NA CLA FH . -1.02 54.18 4.58
C1A CLA FH . -1.45 54.71 5.78
C2A CLA FH . -1.36 56.22 5.74
C3A CLA FH . -1.12 56.49 4.26
C4A CLA FH . -0.73 55.14 3.70
CMA CLA FH . -2.41 56.97 3.59
CAA CLA FH . -0.18 56.79 6.61
CBA CLA FH . 0.74 55.84 7.27
CGA CLA FH . 2.07 55.78 6.66
O1A CLA FH . 2.14 55.78 5.44
O2A CLA FH . 3.18 56.01 7.36
NB CLA FH . -0.14 52.55 2.20
C1B CLA FH . 0.11 53.81 1.79
C2B CLA FH . 0.86 53.77 0.55
C3B CLA FH . 1.06 52.48 0.23
C4B CLA FH . 0.41 51.68 1.29
CMB CLA FH . 1.30 55.01 -0.19
CAB CLA FH . 1.82 52.24 -1.05
CBB CLA FH . 1.41 51.52 -2.01
NC CLA FH . -0.66 50.09 3.67
C1C CLA FH . -0.04 49.56 2.56
C2C CLA FH . 0.15 48.14 2.78
C3C CLA FH . -0.37 47.82 4.01
C4C CLA FH . -0.88 49.07 4.58
CMC CLA FH . 0.79 47.19 1.79
CAC CLA FH . -0.40 46.48 4.69
CBC CLA FH . -1.81 45.86 4.62
ND CLA FH . -1.65 51.64 5.88
C1D CLA FH . -1.76 50.45 6.50
C2D CLA FH . -2.14 50.61 7.87
C3D CLA FH . -2.28 52.00 8.03
C4D CLA FH . -2.00 52.59 6.80
CMD CLA FH . -2.34 49.53 8.94
CAD CLA FH . -2.60 53.05 8.96
OBD CLA FH . -3.15 53.01 10.07
CBD CLA FH . -2.49 54.39 8.18
CGD CLA FH . -3.88 55.05 8.17
O1D CLA FH . -4.83 54.49 7.66
O2D CLA FH . -3.98 56.32 8.53
CED CLA FH . -4.99 56.73 9.46
C1 CLA FH . 3.67 54.99 8.32
C2 CLA FH . 5.15 54.75 8.02
C3 CLA FH . 6.00 53.82 8.49
C4 CLA FH . 7.27 53.41 7.73
C5 CLA FH . 5.98 53.29 9.94
MG CLA GH . 8.32 57.41 -10.70
CHA CLA GH . 7.57 56.07 -13.85
CHB CLA GH . 10.83 59.15 -12.09
CHC CLA GH . 8.30 59.68 -8.03
CHD CLA GH . 5.59 55.81 -9.41
NA CLA GH . 9.07 57.63 -12.72
C1A CLA GH . 8.66 56.92 -13.83
C2A CLA GH . 9.50 57.31 -15.02
C3A CLA GH . 10.73 57.92 -14.34
C4A CLA GH . 10.22 58.24 -12.96
CMA CLA GH . 11.85 56.88 -14.25
CAA CLA GH . 8.76 58.37 -15.90
CBA CLA GH . 9.46 59.64 -16.18
CGA CLA GH . 8.67 60.83 -15.90
O1A CLA GH . 7.47 60.77 -15.96
O2A CLA GH . 9.25 62.03 -15.74
NB CLA GH . 9.40 59.13 -10.17
C1B CLA GH . 10.39 59.63 -10.92
C2B CLA GH . 10.93 60.82 -10.28
C3B CLA GH . 10.25 61.00 -9.12
C4B CLA GH . 9.24 59.91 -9.03
CMB CLA GH . 12.06 61.64 -10.84
CAB CLA GH . 10.66 62.19 -8.30
CBB CLA GH . 10.21 62.45 -7.15
NC CLA GH . 7.13 57.69 -8.98
C1C CLA GH . 7.29 58.66 -8.03
C2C CLA GH . 6.26 58.50 -7.02
C3C CLA GH . 5.48 57.41 -7.38
C4C CLA GH . 6.04 56.90 -8.64
CMC CLA GH . 6.09 59.35 -5.81
CAC CLA GH . 4.30 56.83 -6.64
CBC CLA GH . 2.95 57.03 -7.35
ND CLA GH . 6.85 56.21 -11.42
C1D CLA GH . 5.83 55.60 -10.79
C2D CLA GH . 5.06 54.83 -11.70
C3D CLA GH . 5.71 54.96 -12.93
C4D CLA GH . 6.81 55.80 -12.72
CMD CLA GH . 3.80 54.00 -11.42
CAD CLA GH . 5.70 54.61 -14.33
OBD CLA GH . 4.90 53.92 -14.99
CBD CLA GH . 6.90 55.32 -15.01
CGD CLA GH . 7.84 54.25 -15.58
O1D CLA GH . 8.62 53.68 -14.86
O2D CLA GH . 7.94 54.15 -16.89
CED CLA GH . 8.94 53.30 -17.47
MG CHL HH . 3.96 58.74 2.55
CHA CHL HH . 6.26 58.13 5.06
CHB CHL HH . 5.93 57.15 0.26
CHC CHL HH . 1.39 58.95 0.16
CHD CHL HH . 1.70 59.80 5.01
NA CHL HH . 5.87 57.80 2.62
C1A CHL HH . 6.69 57.73 3.76
C2A CHL HH . 8.11 57.45 3.31
C3A CHL HH . 7.93 57.03 1.85
C4A CHL HH . 6.49 57.26 1.52
CMA CHL HH . 8.76 57.94 0.94
CAA CHL HH . 8.67 56.18 4.03
CBA CHL HH . 10.10 55.75 3.58
CGA CHL HH . 10.98 55.03 4.65
O1A CHL HH . 11.98 55.63 5.12
O2A CHL HH . 10.58 53.81 5.23
NB CHL HH . 3.71 58.15 0.55
C1B CHL HH . 4.67 57.50 -0.18
C2B CHL HH . 4.15 57.26 -1.51
C3B CHL HH . 2.89 57.76 -1.56
C4B CHL HH . 2.60 58.33 -0.24
CMB CHL HH . 4.91 56.58 -2.60
CAB CHL HH . 2.17 57.62 -2.79
NC CHL HH . 1.92 59.28 2.57
C1C CHL HH . 1.06 59.30 1.48
C2C CHL HH . -0.24 59.72 1.95
C3C CHL HH . -0.13 59.96 3.31
C4C CHL HH . 1.20 59.68 3.69
CMC CHL HH . -1.52 59.88 1.05
OMC CHL HH . -2.64 59.79 1.52
CAC CHL HH . -1.20 60.44 4.30
CBC CHL HH . -1.34 61.93 4.13
ND CHL HH . 3.92 58.95 4.57
C1D CHL HH . 2.96 59.39 5.44
C2D CHL HH . 3.45 59.34 6.81
C3D CHL HH . 4.72 58.87 6.72
C4D CHL HH . 4.99 58.63 5.33
CMD CHL HH . 2.69 59.75 8.07
CAD CHL HH . 5.92 58.50 7.45
OBD CHL HH . 6.17 58.58 8.64
CBD CHL HH . 7.02 58.21 6.41
CGD CHL HH . 8.09 59.29 6.41
O1D CHL HH . 7.94 60.33 5.70
O2D CHL HH . 9.38 58.94 6.86
CED CHL HH . 10.53 59.58 6.28
MG CLA IH . -22.55 40.83 -9.33
CHA CLA IH . -23.07 42.76 -12.17
CHB CLA IH . -25.21 38.93 -10.18
CHC CLA IH . -21.83 38.57 -6.79
CHD CLA IH . -19.27 41.97 -9.24
NA CLA IH . -23.95 40.82 -10.99
C1A CLA IH . -24.01 41.78 -11.99
C2A CLA IH . -25.21 41.50 -12.88
C3A CLA IH . -25.94 40.39 -12.13
C4A CLA IH . -24.97 39.99 -11.04
CMA CLA IH . -27.22 40.94 -11.50
CAA CLA IH . -24.76 41.02 -14.31
CBA CLA IH . -23.58 40.16 -14.40
CGA CLA IH . -23.14 39.89 -15.78
O1A CLA IH . -22.88 40.83 -16.49
O2A CLA IH . -22.90 38.65 -16.21
NB CLA IH . -23.39 39.04 -8.61
C1B CLA IH . -24.49 38.47 -9.14
C2B CLA IH . -24.80 37.26 -8.40
C3B CLA IH . -23.87 37.12 -7.43
C4B CLA IH . -22.95 38.27 -7.55
CMB CLA IH . -25.97 36.36 -8.72
CAB CLA IH . -24.02 35.91 -6.55
CBB CLA IH . -23.48 35.78 -5.41
NC CLA IH . -20.82 40.35 -8.19
C1C CLA IH . -20.76 39.40 -7.21
C2C CLA IH . -19.41 39.38 -6.67
C3C CLA IH . -18.67 40.33 -7.36
C4C CLA IH . -19.59 40.94 -8.33
CMC CLA IH . -18.93 38.46 -5.58
CAC CLA IH . -17.22 40.69 -7.18
CBC CLA IH . -16.32 39.71 -7.94
ND CLA IH . -21.36 42.07 -10.43
C1D CLA IH . -20.08 42.47 -10.28
C2D CLA IH . -19.70 43.37 -11.31
C3D CLA IH . -20.85 43.53 -12.09
C4D CLA IH . -21.85 42.75 -11.51
CMD CLA IH . -18.33 44.04 -11.52
CAD CLA IH . -21.42 44.19 -13.23
OBD CLA IH . -20.88 44.79 -14.18
CBD CLA IH . -22.93 43.81 -13.29
CGD CLA IH . -23.75 45.07 -12.99
O1D CLA IH . -24.00 45.37 -11.84
O2D CLA IH . -24.40 45.63 -13.98
CED CLA IH . -25.28 46.74 -13.74
C1 CLA IH . -21.70 38.37 -17.03
C2 CLA IH . -21.22 36.96 -16.65
C3 CLA IH . -21.06 35.86 -17.39
C4 CLA IH . -20.80 34.49 -16.77
C5 CLA IH . -20.68 35.88 -18.88
C6 CLA IH . -19.26 35.40 -19.20
MG CLA JH . -1.33 46.33 -20.62
CHA CLA JH . -0.45 44.51 -23.46
CHB CLA JH . 1.04 48.59 -21.39
CHC CLA JH . -2.55 48.51 -18.20
CHD CLA JH . -4.18 44.38 -20.33
NA CLA JH . 0.03 46.60 -22.30
C1A CLA JH . 0.26 45.68 -23.31
C2A CLA JH . 1.51 46.05 -24.06
C3A CLA JH . 2.11 47.15 -23.20
C4A CLA JH . 1.00 47.50 -22.25
CMA CLA JH . 3.28 46.56 -22.41
CAA CLA JH . 1.18 46.57 -25.51
CBA CLA JH . 0.09 47.55 -25.63
CGA CLA JH . 0.53 48.95 -25.53
O1A CLA JH . 1.20 49.41 -26.42
O2A CLA JH . 0.38 49.63 -24.38
NB CLA JH . -0.83 48.24 -19.93
C1B CLA JH . 0.21 48.96 -20.41
C2B CLA JH . 0.28 50.22 -19.71
C3B CLA JH . -0.72 50.25 -18.80
C4B CLA JH . -1.44 48.96 -18.92
CMB CLA JH . 1.31 51.27 -20.00
CAB CLA JH . -0.80 51.50 -17.97
CBB CLA JH . -0.76 51.53 -16.70
NC CLA JH . -3.09 46.43 -19.45
C1C CLA JH . -3.38 47.40 -18.53
C2C CLA JH . -4.67 47.09 -17.94
C3C CLA JH . -5.14 45.94 -18.54
C4C CLA JH . -4.12 45.52 -19.49
CMC CLA JH . -5.36 47.92 -16.89
CAC CLA JH . -6.44 45.22 -18.26
CBC CLA JH . -7.64 45.94 -18.92
ND CLA JH . -2.20 44.80 -21.65
C1D CLA JH . -3.31 44.08 -21.41
C2D CLA JH . -3.49 43.07 -22.39
C3D CLA JH . -2.38 43.18 -23.24
C4D CLA JH . -1.60 44.23 -22.74
CMD CLA JH . -4.64 42.05 -22.51
CAD CLA JH . -1.71 42.66 -24.40
OBD CLA JH . -1.96 41.67 -25.10
CBD CLA JH . -0.38 43.43 -24.54
CGD CLA JH . 0.78 42.46 -24.26
O1D CLA JH . 1.44 42.02 -25.18
O2D CLA JH . 1.28 42.43 -23.04
CED CLA JH . 2.64 42.83 -22.80
C1 CLA JH . 0.53 51.10 -24.39
C2 CLA JH . -0.28 51.64 -23.22
C3 CLA JH . -0.36 52.89 -22.72
C4 CLA JH . 0.65 53.99 -23.07
C5 CLA JH . -1.60 53.45 -22.00
C6 CLA JH . -2.59 54.21 -22.88
C7 CLA JH . -3.97 54.29 -22.29
C8 CLA JH . -4.80 55.52 -22.73
C9 CLA JH . -3.92 56.71 -23.05
C10 CLA JH . -5.77 55.88 -21.62
C11 CLA JH . -6.09 54.89 -20.51
C12 CLA JH . -7.53 54.45 -20.85
C13 CLA JH . -8.67 54.68 -19.83
C14 CLA JH . -8.38 55.87 -18.91
C15 CLA JH . -8.93 53.39 -19.00
C16 CLA JH . -9.64 53.51 -17.67
C17 CLA JH . -10.10 52.22 -17.04
C18 CLA JH . -11.32 51.59 -17.75
C19 CLA JH . -11.82 50.36 -17.01
C20 CLA JH . -12.42 52.61 -17.86
MG CLA KH . 0.27 56.38 -14.61
CHA CLA KH . 1.99 56.74 -17.63
CHB CLA KH . 2.74 58.15 -13.09
CHC CLA KH . -1.55 56.57 -11.66
CHD CLA KH . -2.68 56.11 -16.41
NA CLA KH . 2.18 57.22 -15.26
C1A CLA KH . 2.70 57.22 -16.55
C2A CLA KH . 4.06 57.89 -16.52
C3A CLA KH . 3.98 58.67 -15.22
C4A CLA KH . 2.97 57.89 -14.43
CMA CLA KH . 5.33 58.65 -14.50
CAA CLA KH . 4.31 58.89 -17.72
CBA CLA KH . 3.77 60.25 -17.57
CGA CLA KH . 3.01 60.71 -18.73
O1A CLA KH . 3.31 60.29 -19.83
O2A CLA KH . 1.87 61.40 -18.59
NB CLA KH . 0.56 57.21 -12.70
C1B CLA KH . 1.66 57.89 -12.34
C2B CLA KH . 1.54 58.33 -10.96
C3B CLA KH . 0.33 57.91 -10.51
C4B CLA KH . -0.31 57.18 -11.63
CMB CLA KH . 2.60 59.12 -10.26
CAB CLA KH . -0.01 58.26 -9.09
CBB CLA KH . -0.85 57.60 -8.39
NC CLA KH . -1.79 56.34 -14.12
C1C CLA KH . -2.32 56.43 -12.86
C2C CLA KH . -3.76 56.38 -12.94
C3C CLA KH . -4.10 56.24 -14.28
C4C CLA KH . -2.83 56.23 -15.02
CMC CLA KH . -4.70 56.44 -11.76
CAC CLA KH . -5.50 56.16 -14.84
CBC CLA KH . -5.80 54.87 -15.62
ND CLA KH . -0.29 56.42 -16.57
C1D CLA KH . -1.49 56.28 -17.16
C2D CLA KH . -1.39 56.37 -18.57
C3D CLA KH . -0.03 56.55 -18.82
C4D CLA KH . 0.61 56.56 -17.58
CMD CLA KH . -2.53 56.28 -19.60
CAD CLA KH . 0.97 56.71 -19.84
OBD CLA KH . 0.89 56.67 -21.08
CBD CLA KH . 2.34 56.63 -19.13
CGD CLA KH . 2.96 55.25 -19.46
O1D CLA KH . 2.42 54.24 -19.10
O2D CLA KH . 3.94 55.22 -20.34
CED CLA KH . 4.51 56.45 -20.83
MG CLA LH . 7.37 41.01 -8.40
CHA CLA LH . 10.66 39.80 -8.60
CHB CLA LH . 6.29 37.96 -9.32
CHC CLA LH . 4.32 41.56 -6.78
CHD CLA LH . 8.59 43.98 -7.24
NA CLA LH . 8.34 39.17 -9.01
C1A CLA LH . 9.70 38.89 -8.98
C2A CLA LH . 9.84 37.40 -9.02
C3A CLA LH . 8.61 37.02 -9.83
C4A CLA LH . 7.66 38.15 -9.53
CMA CLA LH . 8.95 37.03 -11.32
CAA CLA LH . 9.78 36.81 -7.57
CBA CLA LH . 8.73 35.82 -7.28
CGA CLA LH . 7.62 36.33 -6.47
O1A CLA LH . 7.51 37.53 -6.35
O2A CLA LH . 6.97 35.54 -5.61
NB CLA LH . 5.60 39.93 -8.10
C1B CLA LH . 5.41 38.69 -8.59
C2B CLA LH . 4.09 38.22 -8.22
C3B CLA LH . 3.50 39.21 -7.50
C4B CLA LH . 4.47 40.33 -7.41
CMB CLA LH . 3.55 36.87 -8.60
CAB CLA LH . 2.11 38.90 -7.02
CBB CLA LH . 1.27 39.77 -6.67
NC CLA LH . 6.58 42.54 -7.19
C1C CLA LH . 5.33 42.58 -6.64
C2C CLA LH . 5.21 43.82 -5.88
C3C CLA LH . 6.39 44.51 -6.00
C4C CLA LH . 7.27 43.69 -6.85
CMC CLA LH . 4.00 44.28 -5.11
CAC CLA LH . 6.76 45.84 -5.41
CBC CLA LH . 7.38 45.65 -4.01
ND CLA LH . 9.20 41.77 -7.97
C1D CLA LH . 9.56 42.99 -7.54
C2D CLA LH . 10.96 43.10 -7.39
C3D CLA LH . 11.46 41.86 -7.81
C4D CLA LH . 10.36 41.08 -8.16
CMD CLA LH . 11.74 44.33 -6.90
CAD CLA LH . 12.64 41.06 -7.99
OBD CLA LH . 13.67 41.07 -7.31
CBD CLA LH . 12.19 39.69 -8.57
CGD CLA LH . 12.77 39.54 -9.99
O1D CLA LH . 12.05 39.57 -10.95
O2D CLA LH . 13.97 38.99 -10.09
CED CLA LH . 14.19 37.94 -11.03
C1 CLA LH . 5.61 35.05 -5.93
C2 CLA LH . 4.78 35.13 -4.66
C3 CLA LH . 4.34 36.20 -3.98
C4 CLA LH . 4.50 37.61 -4.56
C5 CLA LH . 3.37 36.13 -2.78
C6 CLA LH . 2.86 37.46 -2.22
C7 CLA LH . 3.66 37.96 -1.03
C8 CLA LH . 2.80 38.11 0.24
C9 CLA LH . 1.55 38.94 -0.04
C10 CLA LH . 3.65 38.79 1.29
C11 CLA LH . 5.10 38.35 1.48
C12 CLA LH . 5.07 37.64 2.84
C13 CLA LH . 5.89 38.22 4.02
C14 CLA LH . 5.21 39.46 4.62
C15 CLA LH . 7.34 38.51 3.58
C16 CLA LH . 8.48 38.02 4.45
C17 CLA LH . 8.67 38.77 5.76
C18 CLA LH . 10.11 39.21 6.00
C19 CLA LH . 10.41 40.55 5.34
C20 CLA LH . 10.37 39.33 7.49
MG CHL MH . -4.32 62.01 -1.28
CHA CHL MH . -7.28 63.57 -0.38
CHB CHL MH . -5.93 60.19 -3.69
CHC CHL MH . -1.24 61.04 -2.66
CHD CHL MH . -2.63 64.15 0.89
NA CHL MH . -6.34 61.83 -1.90
C1A CHL MH . -7.42 62.59 -1.41
C2A CHL MH . -8.64 62.32 -2.26
C3A CHL MH . -8.23 61.08 -3.05
C4A CHL MH . -6.75 60.97 -2.89
CMA CHL MH . -8.85 59.83 -2.42
CAA CHL MH . -8.82 63.43 -3.35
CBA CHL MH . -10.29 63.71 -3.77
NB CHL MH . -3.70 60.82 -2.90
C1B CHL MH . -4.55 60.18 -3.75
C2B CHL MH . -3.78 59.47 -4.74
C3B CHL MH . -2.47 59.69 -4.48
C4B CHL MH . -2.40 60.56 -3.30
CMB CHL MH . -4.37 58.64 -5.84
CAB CHL MH . -1.53 59.05 -5.36
CBB CHL MH . -0.22 59.40 -5.39
NC CHL MH . -2.30 62.51 -0.95
C1C CHL MH . -1.20 62.00 -1.62
C2C CHL MH . -0.01 62.61 -1.08
C3C CHL MH . -0.43 63.47 -0.09
C4C CHL MH . -1.84 63.41 0.00
CMC CHL MH . 1.48 62.37 -1.50
OMC CHL MH . 1.80 61.52 -2.34
CAC CHL MH . 0.44 64.39 0.81
CBC CHL MH . 0.51 65.74 0.13
ND CHL MH . -4.78 63.52 -0.01
C1D CHL MH . -4.02 64.31 0.80
C2D CHL MH . -4.84 65.27 1.52
C3D CHL MH . -6.10 65.03 1.09
C4D CHL MH . -6.06 63.95 0.16
CMD CHL MH . -4.36 66.33 2.52
CAD CHL MH . -7.50 65.41 1.21
OBD CHL MH . -7.99 66.43 1.69
CBD CHL MH . -8.32 64.47 0.33
CGD CHL MH . -9.34 63.67 1.16
O1D CHL MH . -9.74 64.10 2.27
O2D CHL MH . -9.95 62.55 0.56
CED CHL MH . -9.58 61.22 1.01
MG CLA NH . -16.71 48.26 -9.12
CHA CLA NH . -19.94 48.69 -7.80
CHB CLA NH . -16.74 45.08 -7.99
CHC CLA NH . -14.05 47.41 -11.23
CHD CLA NH . -17.05 51.28 -10.74
NA CLA NH . -18.16 47.04 -8.07
C1A CLA NH . -19.44 47.41 -7.66
C2A CLA NH . -20.22 46.15 -7.45
C3A CLA NH . -19.10 45.19 -7.02
C4A CLA NH . -17.87 45.81 -7.63
CMA CLA NH . -18.98 45.19 -5.49
CAA CLA NH . -20.85 45.65 -8.80
CBA CLA NH . -22.15 46.22 -9.20
CGA CLA NH . -22.04 47.26 -10.23
O1A CLA NH . -23.01 47.95 -10.44
O2A CLA NH . -20.85 47.70 -10.65
NB CLA NH . -15.60 46.53 -9.53
C1B CLA NH . -15.81 45.35 -8.92
C2B CLA NH . -14.87 44.37 -9.42
C3B CLA NH . -14.08 44.99 -10.35
C4B CLA NH . -14.54 46.39 -10.41
CMB CLA NH . -14.80 42.94 -8.97
CAB CLA NH . -13.03 44.14 -10.99
CBB CLA NH . -11.93 44.60 -11.45
NC CLA NH . -15.72 49.19 -10.73
C1C CLA NH . -14.66 48.68 -11.44
C2C CLA NH . -14.27 49.64 -12.47
C3C CLA NH . -15.11 50.75 -12.34
C4C CLA NH . -16.02 50.44 -11.23
CMC CLA NH . -13.13 49.32 -13.41
CAC CLA NH . -15.24 52.07 -13.09
CBC CLA NH . -14.02 52.65 -13.83
ND CLA NH . -18.15 49.69 -9.30
C1D CLA NH . -18.14 50.87 -9.93
C2D CLA NH . -19.36 51.57 -9.75
C3D CLA NH . -20.12 50.76 -8.92
C4D CLA NH . -19.34 49.63 -8.63
CMD CLA NH . -19.76 52.94 -10.35
CAD CLA NH . -21.36 50.62 -8.20
OBD CLA NH . -22.18 51.49 -7.84
CBD CLA NH . -21.37 49.19 -7.59
CGD CLA NH . -21.70 49.30 -6.09
O1D CLA NH . -21.02 48.69 -5.30
O2D CLA NH . -22.91 49.69 -5.74
CED CLA NH . -23.48 49.24 -4.50
C1 CLA NH . -20.44 47.48 -12.06
C2 CLA NH . -19.65 48.71 -12.49
C3 CLA NH . -18.86 48.90 -13.57
C4 CLA NH . -18.40 50.29 -14.03
C5 CLA NH . -18.23 47.77 -14.39
C6 CLA NH . -16.70 47.73 -14.39
C7 CLA NH . -16.15 46.36 -14.71
C8 CLA NH . -14.69 46.42 -15.19
C9 CLA NH . -14.58 47.26 -16.46
C10 CLA NH . -14.24 45.01 -15.45
C11 CLA NH . -14.39 43.98 -14.34
C12 CLA NH . -14.62 42.68 -15.13
C13 CLA NH . -13.73 41.45 -14.88
C14 CLA NH . -14.36 40.18 -15.50
C15 CLA NH . -13.45 41.28 -13.37
C16 CLA NH . -13.33 39.88 -12.79
C17 CLA NH . -14.40 39.48 -11.81
C18 CLA NH . -13.87 38.71 -10.60
C19 CLA NH . -13.17 37.42 -11.02
C20 CLA NH . -12.92 39.57 -9.82
MG CHL OH . 14.20 50.41 -5.95
CHA CHL OH . 11.05 49.06 -6.35
CHB CHL OH . 13.59 51.02 -2.64
CHC CHL OH . 17.55 51.34 -5.46
CHD CHL OH . 15.05 49.15 -9.09
NA CHL OH . 12.53 50.12 -4.66
C1A CHL OH . 11.32 49.50 -5.02
C2A CHL OH . 10.37 49.55 -3.86
C3A CHL OH . 11.12 50.41 -2.84
C4A CHL OH . 12.53 50.47 -3.33
CMA CHL OH . 10.57 51.84 -2.88
CAA CHL OH . 10.22 48.15 -3.16
CBA CHL OH . 11.17 47.02 -3.67
CGA CHL OH . 10.86 45.58 -3.17
O2A CHL OH . 11.23 45.19 -1.86
NB CHL OH . 15.37 51.06 -4.32
C1B CHL OH . 14.88 51.23 -3.05
C2B CHL OH . 15.97 51.69 -2.21
C3B CHL OH . 17.08 51.79 -2.97
C4B CHL OH . 16.71 51.39 -4.33
CMB CHL OH . 15.83 52.00 -0.75
CAB CHL OH . 18.28 52.23 -2.34
CBB CHL OH . 19.14 53.06 -2.99
NC CHL OH . 15.98 50.27 -7.07
C1C CHL OH . 17.24 50.71 -6.67
C2C CHL OH . 18.17 50.41 -7.74
C3C CHL OH . 17.44 49.81 -8.74
C4C CHL OH . 16.09 49.72 -8.32
CMC CHL OH . 19.69 50.72 -7.78
OMC CHL OH . 20.22 51.49 -6.98
CAC CHL OH . 17.95 49.29 -10.08
CBC CHL OH . 18.59 47.95 -9.79
ND CHL OH . 13.32 49.36 -7.43
C1D CHL OH . 13.76 48.91 -8.65
C2D CHL OH . 12.72 48.19 -9.33
C3D CHL OH . 11.65 48.22 -8.49
C4D CHL OH . 12.03 48.94 -7.32
CMD CHL OH . 12.78 47.54 -10.72
CAD CHL OH . 10.29 47.81 -8.30
OBD CHL OH . 9.75 46.83 -8.78
CBD CHL OH . 9.80 48.39 -6.97
CGD CHL OH . 8.66 49.39 -7.15
O1D CHL OH . 8.88 50.62 -7.16
O2D CHL OH . 7.32 48.90 -7.09
CED CHL OH . 6.39 49.48 -6.15
C1 CHL OH . 11.24 43.77 -1.45
C2 CHL OH . 10.26 43.61 -0.38
C1 LMG PH . 1.80 49.39 -37.81
O1 LMG PH . 0.96 50.11 -36.95
C2 LMG PH . 1.35 49.75 -39.28
O2 LMG PH . 0.08 49.20 -39.43
C3 LMG PH . 2.37 49.04 -40.20
O3 LMG PH . 2.02 49.31 -41.52
C4 LMG PH . 3.79 49.60 -39.88
O4 LMG PH . 3.74 50.97 -40.09
C5 LMG PH . 4.10 49.26 -38.38
O5 LMG PH . 6.27 48.72 -37.55
C6 LMG PH . 5.51 49.81 -38.01
O6 LMG PH . 3.12 49.88 -37.57
C7 LMG PH . 1.14 51.52 -36.96
C8 LMG PH . -0.18 52.08 -36.39
C9 LMG PH . -1.33 51.05 -36.35
O7 LMG PH . 0.13 52.48 -35.06
C10 LMG PH . 0.32 53.84 -34.91
O9 LMG PH . 1.21 54.44 -35.42
C11 LMG PH . -0.77 54.41 -34.02
C12 LMG PH . -0.09 55.29 -32.99
C13 LMG PH . -1.02 55.53 -31.80
C14 LMG PH . -2.26 56.25 -32.30
C15 LMG PH . -2.88 56.94 -31.11
C16 LMG PH . -4.34 57.22 -31.38
C17 LMG PH . -4.68 58.47 -30.56
C18 LMG PH . -4.76 59.68 -31.45
C19 LMG PH . -5.85 59.46 -32.48
C20 LMG PH . -5.87 60.68 -33.39
O8 LMG PH . -2.45 51.55 -37.07
C28 LMG PH . -3.33 52.29 -36.28
O10 LMG PH . -3.30 52.21 -35.09
C29 LMG PH . -4.22 53.15 -37.15
C30 LMG PH . -5.26 54.07 -36.49
C31 LMG PH . -6.31 53.37 -35.64
C32 LMG PH . -6.23 53.87 -34.19
C33 LMG PH . -6.17 55.40 -34.12
C34 LMG PH . -7.56 56.01 -33.96
C35 LMG PH . -8.07 55.72 -32.56
C36 LMG PH . -9.37 56.45 -32.27
C37 LMG PH . -10.57 55.52 -32.42
C37 PGT QH . -14.43 41.78 -21.07
C36 PGT QH . -14.35 40.33 -20.56
C35 PGT QH . -13.01 39.68 -20.86
C34 PGT QH . -12.82 38.35 -20.14
C33 PGT QH . -12.35 38.52 -18.70
C32 PGT QH . -10.85 38.80 -18.60
C31 PGT QH . -9.98 37.60 -18.84
O31 PGT QH . -9.90 37.01 -19.90
O2 PGT QH . -9.30 37.26 -17.76
C2 PGT QH . -7.94 36.84 -17.92
C1 PGT QH . -7.81 35.32 -18.04
O3P PGT QH . -6.54 34.97 -18.55
P PGT QH . -5.82 33.59 -18.06
O1P PGT QH . -4.33 33.74 -18.22
O2P PGT QH . -6.37 33.12 -16.77
O4P PGT QH . -6.41 32.72 -19.32
C4 PGT QH . -6.01 31.38 -19.41
C5 PGT QH . -6.23 30.89 -20.83
O5 PGT QH . -5.71 31.76 -21.80
C6 PGT QH . -7.71 30.59 -21.06
O6 PGT QH . -8.15 29.71 -20.06
C3 PGT QH . -7.11 37.46 -16.83
O3 PGT QH . -6.75 38.79 -17.20
C11 PGT QH . -6.66 39.70 -16.25
O11 PGT QH . -6.70 39.44 -15.07
C12 PGT QH . -6.50 41.08 -16.81
C13 PGT QH . -7.22 42.14 -15.98
C14 PGT QH . -8.72 42.01 -16.06
C15 PGT QH . -9.27 42.16 -17.47
C16 PGT QH . -10.77 42.40 -17.50
C17 PGT QH . -11.34 42.45 -18.91
C18 PGT QH . -11.47 43.87 -19.46
C19 PGT QH . -12.59 44.65 -18.82
C20 PGT QH . -12.88 45.98 -19.52
C21 PGT QH . -11.64 46.84 -19.71
C22 PGT QH . -11.97 48.28 -20.12
C23 PGT QH . -10.76 49.04 -20.64
C24 PGT QH . -10.23 48.51 -21.97
C25 PGT QH . -11.25 48.61 -23.09
C26 PGT QH . -10.70 48.13 -24.43
MG CLA RH . -7.10 33.21 -15.04
CHA CLA RH . -3.99 32.78 -13.50
CHB CLA RH . -6.98 30.02 -16.09
CHC CLA RH . -10.56 33.19 -15.61
CHD CLA RH . -7.36 36.28 -13.49
NA CLA RH . -5.67 31.59 -14.81
C1A CLA RH . -4.43 31.68 -14.21
C2A CLA RH . -3.58 30.50 -14.63
C3A CLA RH . -4.55 29.63 -15.41
C4A CLA RH . -5.81 30.44 -15.46
CMA CLA RH . -4.02 29.39 -16.82
CAA CLA RH . -3.00 29.74 -13.39
CBA CLA RH . -3.69 28.52 -12.94
CGA CLA RH . -3.74 28.38 -11.49
O1A CLA RH . -3.43 27.32 -10.99
NB CLA RH . -8.52 31.83 -15.73
C1B CLA RH . -8.21 30.57 -16.10
C2B CLA RH . -9.41 29.88 -16.53
C3B CLA RH . -10.45 30.74 -16.41
C4B CLA RH . -9.89 32.01 -15.89
CMB CLA RH . -9.43 28.45 -17.01
CAB CLA RH . -11.80 30.21 -16.80
CBB CLA RH . -12.83 30.93 -16.98
NC CLA RH . -8.70 34.52 -14.62
C1C CLA RH . -10.02 34.33 -14.93
C2C CLA RH . -10.78 35.47 -14.46
C3C CLA RH . -9.90 36.35 -13.86
C4C CLA RH . -8.57 35.74 -13.97
CMC CLA RH . -12.28 35.65 -14.61
CAC CLA RH . -10.19 37.68 -13.22
CBC CLA RH . -9.91 38.84 -14.20
ND CLA RH . -5.99 34.33 -13.76
C1D CLA RH . -6.18 35.55 -13.24
C2D CLA RH . -5.12 35.94 -12.39
C3D CLA RH . -4.21 34.88 -12.46
C4D CLA RH . -4.76 33.92 -13.32
CMD CLA RH . -4.96 37.24 -11.58
CAD CLA RH . -2.95 34.36 -12.01
OBD CLA RH . -2.20 34.72 -11.09
CBD CLA RH . -2.62 33.14 -12.90
CGD CLA RH . -1.63 33.60 -13.98
O1D CLA RH . -1.11 32.79 -14.72
O2D CLA RH . -1.28 34.87 -14.03
CED CLA RH . -0.06 35.33 -13.40
MG CLA SH . -3.79 36.74 -6.97
CHA CLA SH . -2.16 33.80 -8.01
CHB CLA SH . -1.32 37.19 -4.71
CHC CLA SH . -5.81 38.84 -5.04
CHD CLA SH . -6.57 35.72 -8.75
NA CLA SH . -1.89 35.75 -6.57
C1A CLA SH . -1.42 34.57 -7.15
C2A CLA SH . -0.12 34.17 -6.52
C3A CLA SH . 0.12 35.25 -5.47
C4A CLA SH . -1.05 36.19 -5.63
CMA CLA SH . 0.06 34.65 -4.06
CAA CLA SH . 1.04 34.16 -7.59
CBA CLA SH . 2.38 33.71 -7.15
CGA CLA SH . 2.39 32.42 -6.46
O1A CLA SH . 2.09 32.40 -5.29
O2A CLA SH . 3.02 31.36 -6.97
NB CLA SH . -3.59 37.83 -5.18
C1B CLA SH . -2.46 37.84 -4.45
C2B CLA SH . -2.65 38.68 -3.28
C3B CLA SH . -3.91 39.17 -3.32
C4B CLA SH . -4.53 38.63 -4.57
CMB CLA SH . -1.60 38.91 -2.24
CAB CLA SH . -4.32 40.08 -2.20
CBB CLA SH . -5.51 40.44 -1.97
NC CLA SH . -5.85 37.20 -6.91
C1C CLA SH . -6.46 38.09 -6.06
C2C CLA SH . -7.89 38.12 -6.35
C3C CLA SH . -8.12 37.25 -7.40
C4C CLA SH . -6.81 36.67 -7.75
CMC CLA SH . -8.91 38.96 -5.63
CAC CLA SH . -9.42 36.92 -8.07
CBC CLA SH . -9.97 35.56 -7.58
ND CLA SH . -4.30 35.16 -8.16
C1D CLA SH . -5.45 34.86 -8.79
C2D CLA SH . -5.36 33.61 -9.48
C3D CLA SH . -4.08 33.15 -9.21
C4D CLA SH . -3.46 34.10 -8.38
CMD CLA SH . -6.44 32.93 -10.34
CAD CLA SH . -3.13 32.09 -9.43
OBD CLA SH . -3.16 31.16 -10.25
CBD CLA SH . -1.79 32.53 -8.78
CGD CLA SH . -1.37 31.39 -7.83
O1D CLA SH . -2.20 30.70 -7.30
O2D CLA SH . -0.11 31.01 -7.86
CED CLA SH . 0.54 30.71 -9.11
C1 CLA SH . 3.08 30.12 -6.16
MG CLA TH . -10.86 38.88 -24.40
CHA CLA TH . -13.85 37.36 -25.38
CHB CLA TH . -12.27 41.89 -24.89
CHC CLA TH . -8.49 40.38 -22.33
CHD CLA TH . -9.60 35.77 -23.67
NA CLA TH . -12.85 39.54 -25.00
C1A CLA TH . -13.88 38.73 -25.45
C2A CLA TH . -14.94 39.57 -26.11
C3A CLA TH . -14.43 41.00 -25.94
C4A CLA TH . -13.08 40.83 -25.28
CMA CLA TH . -14.25 41.65 -27.31
CAA CLA TH . -16.33 39.38 -25.39
CBA CLA TH . -16.68 40.33 -24.31
CGA CLA TH . -18.03 40.87 -24.41
O1A CLA TH . -18.49 41.08 -25.50
O2A CLA TH . -18.85 40.89 -23.34
NB CLA TH . -10.46 40.82 -23.72
C1B CLA TH . -11.20 41.89 -24.08
C2B CLA TH . -10.65 43.07 -23.45
C3B CLA TH . -9.57 42.70 -22.72
C4B CLA TH . -9.44 41.23 -22.88
CMB CLA TH . -11.22 44.46 -23.63
CAB CLA TH . -8.87 43.78 -21.97
CBB CLA TH . -7.65 43.71 -21.62
NC CLA TH . -9.30 38.18 -23.18
C1C CLA TH . -8.44 38.96 -22.43
C2C CLA TH . -7.51 38.08 -21.76
C3C CLA TH . -7.81 36.78 -22.13
C4C CLA TH . -8.95 36.85 -23.03
CMC CLA TH . -6.41 38.54 -20.83
CAC CLA TH . -7.13 35.50 -21.70
CBC CLA TH . -6.28 34.90 -22.85
ND CLA TH . -11.53 36.95 -24.45
C1D CLA TH . -10.92 35.80 -24.17
C2D CLA TH . -11.77 34.68 -24.38
C3D CLA TH . -12.96 35.25 -24.88
C4D CLA TH . -12.77 36.63 -24.92
CMD CLA TH . -11.48 33.19 -24.16
CAD CLA TH . -14.29 34.98 -25.36
OBD CLA TH . -14.87 33.91 -25.60
CBD CLA TH . -14.77 36.31 -25.99
CGD CLA TH . -14.53 36.23 -27.52
O1D CLA TH . -13.66 36.92 -28.01
O2D CLA TH . -15.59 35.98 -28.23
CED CLA TH . -16.83 36.43 -27.68
C1 CLA TH . -19.01 42.15 -22.58
C2 CLA TH . -18.81 41.81 -21.10
C3 CLA TH . -19.13 42.51 -19.99
C4 CLA TH . -18.97 41.94 -18.58
C5 CLA TH . -19.93 43.83 -20.02
O6 SQD UH . 9.74 57.49 -23.92
C44 SQD UH . 8.50 57.90 -23.31
C45 SQD UH . 7.83 58.90 -24.20
C46 SQD UH . 6.64 58.32 -24.91
O47 SQD UH . 7.43 60.01 -23.35
C7 SQD UH . 7.53 61.25 -23.87
O49 SQD UH . 8.03 61.43 -24.94
C8 SQD UH . 7.00 62.33 -22.98
C9 SQD UH . 6.44 61.84 -21.69
C10 SQD UH . 6.16 62.97 -20.72
C11 SQD UH . 5.35 64.10 -21.31
C12 SQD UH . 5.19 65.29 -20.39
O48 SQD UH . 6.03 59.37 -25.70
C23 SQD UH . 4.93 59.03 -26.36
O10 SQD UH . 4.59 57.90 -26.56
C24 SQD UH . 4.16 60.25 -26.80
C25 SQD UH . 2.87 59.92 -27.49
C1 SQD UH . 10.80 57.45 -23.03
C2 SQD UH . 12.04 56.92 -23.74
O2 SQD UH . 11.79 55.64 -24.30
C3 SQD UH . 13.17 56.87 -22.73
O3 SQD UH . 14.37 56.44 -23.38
C4 SQD UH . 13.38 58.25 -22.12
O4 SQD UH . 14.35 58.18 -21.09
C5 SQD UH . 12.07 58.79 -21.54
C6 SQD UH . 12.17 60.22 -21.03
O5 SQD UH . 11.04 58.76 -22.55
S SQD UH . 10.77 60.91 -20.19
O7 SQD UH . 10.54 60.12 -19.04
O8 SQD UH . 11.25 62.32 -19.76
O9 SQD UH . 9.71 61.04 -21.13
O6 SQD VH . 24.88 51.51 -3.26
C44 SQD VH . 24.57 52.62 -2.40
C45 SQD VH . 23.16 52.58 -1.88
C46 SQD VH . 22.89 51.30 -1.09
O47 SQD VH . 23.12 53.79 -1.07
C7 SQD VH . 22.02 54.20 -0.43
O49 SQD VH . 22.10 55.16 0.28
C8 SQD VH . 20.74 53.46 -0.64
C9 SQD VH . 20.12 52.86 0.59
C10 SQD VH . 19.75 53.90 1.63
C11 SQD VH . 19.05 53.36 2.83
C12 SQD VH . 17.70 52.73 2.54
C13 SQD VH . 16.98 52.27 3.78
C14 SQD VH . 15.61 51.69 3.52
C15 SQD VH . 15.60 50.47 2.66
O48 SQD VH . 23.18 50.17 -1.93
C23 SQD VH . 23.05 48.95 -1.41
O10 SQD VH . 23.80 48.04 -1.68
C24 SQD VH . 21.89 48.79 -0.46
C25 SQD VH . 20.55 49.02 -1.11
C26 SQD VH . 19.40 48.72 -0.17
C27 SQD VH . 18.03 48.73 -0.82
C28 SQD VH . 16.89 48.56 0.15
C29 SQD VH . 15.52 48.63 -0.46
C30 SQD VH . 15.06 47.46 -1.29
C31 SQD VH . 14.66 46.24 -0.51
C32 SQD VH . 15.74 45.62 0.35
C1 SQD VH . 26.20 51.50 -3.69
C2 SQD VH . 26.46 50.27 -4.55
O2 SQD VH . 26.21 49.09 -3.81
C3 SQD VH . 27.87 50.30 -5.08
O3 SQD VH . 28.04 49.25 -6.04
C4 SQD VH . 28.22 51.64 -5.70
O4 SQD VH . 29.61 51.69 -5.98
C5 SQD VH . 27.84 52.78 -4.77
C6 SQD VH . 28.05 54.18 -5.31
O5 SQD VH . 26.45 52.67 -4.43
S SQD VH . 29.69 54.69 -5.74
O7 SQD VH . 30.16 53.89 -6.83
O8 SQD VH . 29.50 56.15 -6.21
O9 SQD VH . 30.46 54.65 -4.54
C1 LUT WH . -3.52 56.59 -1.02
C2 LUT WH . -4.66 56.53 0.04
C3 LUT WH . -4.43 55.42 1.07
C4 LUT WH . -4.43 54.06 0.37
C5 LUT WH . -3.51 54.05 -0.83
C6 LUT WH . -3.12 55.18 -1.50
C7 LUT WH . -2.27 55.12 -2.70
C8 LUT WH . -2.56 54.37 -3.79
C9 LUT WH . -1.78 54.25 -5.04
C10 LUT WH . -2.36 53.68 -6.13
C11 LUT WH . -1.81 53.46 -7.47
C12 LUT WH . -2.52 52.79 -8.41
C13 LUT WH . -2.21 52.60 -9.83
C14 LUT WH . -3.20 52.32 -10.70
C15 LUT WH . -3.09 52.15 -12.15
C16 LUT WH . -2.28 57.28 -0.41
C17 LUT WH . -4.02 57.42 -2.23
C18 LUT WH . -3.07 52.66 -1.22
C19 LUT WH . -0.33 54.66 -5.01
C20 LUT WH . -0.75 52.70 -10.25
O3 LUT WH . -5.44 55.41 2.07
C21 LUT WH . -3.58 49.12 -24.20
C22 LUT WH . -3.41 48.92 -25.73
C23 LUT WH . -3.85 50.14 -26.55
C24 LUT WH . -5.12 50.76 -26.03
C25 LUT WH . -5.68 50.46 -24.85
C26 LUT WH . -5.10 49.39 -23.94
C27 LUT WH . -5.48 49.52 -22.47
C28 LUT WH . -5.19 50.53 -21.62
C29 LUT WH . -5.70 50.57 -20.24
C30 LUT WH . -4.97 51.08 -19.22
C31 LUT WH . -5.40 51.13 -17.82
C32 LUT WH . -4.59 51.50 -16.79
C33 LUT WH . -4.93 51.55 -15.37
C34 LUT WH . -4.00 51.91 -14.44
C35 LUT WH . -4.14 52.03 -12.99
C36 LUT WH . -2.68 50.29 -23.70
C37 LUT WH . -3.12 47.82 -23.48
C38 LUT WH . -6.99 51.07 -24.42
C39 LUT WH . -7.13 50.05 -20.05
C40 LUT WH . -6.34 51.12 -15.00
O23 LUT WH . -4.02 49.79 -27.91
C1 LUT XH . 9.58 38.15 -1.77
C2 LUT XH . 10.46 37.06 -2.41
C3 LUT XH . 11.53 37.65 -3.33
C4 LUT XH . 10.86 38.41 -4.48
C5 LUT XH . 9.74 39.31 -4.03
C6 LUT XH . 9.11 39.17 -2.83
C7 LUT XH . 7.99 40.03 -2.42
C8 LUT XH . 6.87 40.22 -3.15
C9 LUT XH . 5.71 41.03 -2.77
C10 LUT XH . 4.52 40.84 -3.38
C11 LUT XH . 3.27 41.55 -3.14
C12 LUT XH . 2.12 41.28 -3.82
C13 LUT XH . 0.81 41.92 -3.69
C14 LUT XH . -0.15 41.68 -4.60
C15 LUT XH . -1.52 42.20 -4.60
C16 LUT XH . 10.36 38.90 -0.66
C17 LUT XH . 8.34 37.46 -1.13
C18 LUT XH . 9.36 40.38 -5.04
C19 LUT XH . 5.94 42.15 -1.75
C20 LUT XH . 0.58 42.79 -2.45
O3 LUT XH . 12.37 36.63 -3.84
C21 LUT XH . -14.10 44.03 -4.41
C22 LUT XH . -15.05 44.95 -3.59
C23 LUT XH . -15.74 46.00 -4.49
C24 LUT XH . -14.76 46.67 -5.41
C25 LUT XH . -13.55 46.18 -5.71
C26 LUT XH . -13.00 44.93 -5.06
C27 LUT XH . -12.10 44.14 -5.99
C28 LUT XH . -10.80 43.90 -5.69
C29 LUT XH . -9.80 43.20 -6.49
C30 LUT XH . -8.50 43.34 -6.13
C31 LUT XH . -7.31 42.65 -6.64
C32 LUT XH . -6.11 42.88 -6.07
C33 LUT XH . -4.82 42.25 -6.35
C34 LUT XH . -3.81 42.44 -5.47
C35 LUT XH . -2.45 41.91 -5.54
C36 LUT XH . -14.88 43.22 -5.47
C37 LUT XH . -13.45 43.03 -3.43
C38 LUT XH . -12.59 46.92 -6.62
C39 LUT XH . -10.29 42.24 -7.55
C40 LUT XH . -4.67 41.50 -7.67
O23 LUT XH . -16.39 46.98 -3.68
MG CHL YH . 28.15 94.64 3.36
CHA CHL YH . 25.26 96.19 4.49
CHB CHL YH . 26.30 92.10 2.01
CHC CHL YH . 30.86 93.68 1.35
CHD CHL YH . 29.96 97.38 4.47
NA CHL YH . 26.08 94.11 3.41
C1A CHL YH . 25.04 94.93 3.87
C2A CHL YH . 23.73 94.22 3.67
C3A CHL YH . 24.15 92.81 3.22
C4A CHL YH . 25.61 92.93 2.88
CMA CHL YH . 24.04 91.83 4.39
CAA CHL YH . 22.94 94.78 2.46
CBA CHL YH . 23.78 95.50 1.36
NB CHL YH . 28.50 93.14 1.93
C1B CHL YH . 27.58 92.21 1.54
C2B CHL YH . 28.19 91.35 0.55
C3B CHL YH . 29.45 91.77 0.35
C4B CHL YH . 29.67 92.92 1.22
CMB CHL YH . 27.48 90.21 -0.12
CAB CHL YH . 30.24 91.06 -0.62
CBB CHL YH . 31.21 90.19 -0.23
NC CHL YH . 30.09 95.39 2.97
C1C CHL YH . 31.03 94.85 2.11
C2C CHL YH . 32.21 95.68 2.17
C3C CHL YH . 31.93 96.71 3.05
C4C CHL YH . 30.61 96.53 3.55
CMC CHL YH . 33.55 95.50 1.39
OMC CHL YH . 33.63 94.74 0.42
CAC CHL YH . 32.83 97.89 3.46
CBC CHL YH . 32.58 99.00 2.48
ND CHL YH . 27.77 96.40 4.27
C1D CHL YH . 28.59 97.43 4.67
C2D CHL YH . 27.82 98.49 5.29
C3D CHL YH . 26.53 98.07 5.25
C4D CHL YH . 26.52 96.78 4.62
CMD CHL YH . 28.36 99.82 5.86
CAD CHL YH . 25.15 98.39 5.58
OBD CHL YH . 24.69 99.37 6.13
CBD CHL YH . 24.29 97.18 5.18
CGD CHL YH . 23.58 96.56 6.38
O1D CHL YH . 24.25 96.14 7.36
O2D CHL YH . 22.23 96.19 6.24
CED CHL YH . 21.27 97.18 5.83
MG CLA ZH . 57.91 89.58 -0.41
CHA CLA ZH . 56.26 92.11 -2.21
CHB CLA ZH . 57.72 87.58 -3.11
CHC CLA ZH . 60.03 87.24 1.08
CHD CLA ZH . 59.06 91.99 1.80
NA CLA ZH . 57.08 89.81 -2.40
C1A CLA ZH . 56.32 90.88 -2.87
C2A CLA ZH . 55.38 90.31 -3.92
C3A CLA ZH . 56.20 89.12 -4.43
C4A CLA ZH . 57.10 88.81 -3.28
CMA CLA ZH . 55.28 87.93 -4.74
CAA CLA ZH . 55.08 91.25 -5.14
NB CLA ZH . 58.73 87.72 -0.94
C1B CLA ZH . 58.49 87.12 -2.12
C2B CLA ZH . 59.21 85.85 -2.17
C3B CLA ZH . 59.88 85.71 -0.99
C4B CLA ZH . 59.57 86.91 -0.20
CMB CLA ZH . 59.17 84.91 -3.34
CAB CLA ZH . 60.68 84.46 -0.84
CBB CLA ZH . 61.14 84.03 0.26
NC CLA ZH . 59.31 89.61 1.18
C1C CLA ZH . 60.06 88.56 1.62
C2C CLA ZH . 60.90 89.00 2.73
C3C CLA ZH . 60.63 90.33 2.94
C4C CLA ZH . 59.62 90.72 1.95
CMC CLA ZH . 61.87 88.13 3.49
CAC CLA ZH . 61.24 91.26 3.97
CBC CLA ZH . 62.35 92.11 3.34
ND CLA ZH . 57.76 91.60 -0.20
C1D CLA ZH . 58.23 92.43 0.73
C2D CLA ZH . 57.86 93.77 0.49
C3D CLA ZH . 57.07 93.70 -0.67
C4D CLA ZH . 57.01 92.37 -1.06
CMD CLA ZH . 58.21 95.04 1.30
CAD CLA ZH . 56.30 94.48 -1.59
OBD CLA ZH . 55.71 95.55 -1.42
CBD CLA ZH . 55.92 93.52 -2.74
CGD CLA ZH . 54.40 93.76 -2.96
O1D CLA ZH . 53.61 93.46 -2.09
O2D CLA ZH . 54.03 94.48 -4.00
CED CLA ZH . 54.93 95.44 -4.59
MG CLA AI . 31.14 84.69 -7.83
CHA CLA AI . 32.55 85.48 -10.96
CHB CLA AI . 28.85 82.83 -9.50
CHC CLA AI . 28.91 84.77 -5.13
CHD CLA AI . 32.73 87.48 -6.54
NA CLA AI . 30.96 83.97 -9.89
C1A CLA AI . 31.72 84.39 -10.98
C2A CLA AI . 31.19 83.76 -12.24
C3A CLA AI . 29.88 83.13 -11.79
C4A CLA AI . 29.92 83.23 -10.29
CMA CLA AI . 28.70 83.95 -12.34
CAA CLA AI . 32.16 82.65 -12.79
CBA CLA AI . 33.22 83.08 -13.73
CGA CLA AI . 32.77 83.26 -15.12
O1A CLA AI . 33.60 83.06 -15.99
O2A CLA AI . 31.72 84.03 -15.42
NB CLA AI . 29.23 83.91 -7.40
C1B CLA AI . 28.50 83.19 -8.27
C2B CLA AI . 27.23 82.82 -7.66
C3B CLA AI . 27.20 83.35 -6.41
C4B CLA AI . 28.48 84.06 -6.24
CMB CLA AI . 26.17 82.00 -8.34
CAB CLA AI . 25.96 83.08 -5.62
CBB CLA AI . 25.81 83.40 -4.39
NC CLA AI . 30.87 85.92 -6.13
C1C CLA AI . 29.90 85.77 -5.16
C2C CLA AI . 30.07 86.83 -4.16
C3C CLA AI . 31.14 87.59 -4.55
C4C CLA AI . 31.65 87.00 -5.79
CMC CLA AI . 29.21 87.02 -2.93
CAC CLA AI . 31.72 88.79 -3.86
CBC CLA AI . 32.75 88.32 -2.80
ND CLA AI . 32.39 86.16 -8.52
C1D CLA AI . 32.92 87.23 -7.90
C2D CLA AI . 33.71 88.01 -8.79
C3D CLA AI . 33.59 87.36 -10.02
C4D CLA AI . 32.77 86.25 -9.82
CMD CLA AI . 34.51 89.30 -8.49
CAD CLA AI . 34.00 87.40 -11.40
OBD CLA AI . 34.37 88.36 -12.08
CBD CLA AI . 33.32 86.18 -12.08
CGD CLA AI . 32.38 86.74 -13.16
O1D CLA AI . 31.47 87.47 -12.86
O2D CLA AI . 32.73 86.61 -14.43
CED CLA AI . 34.11 86.53 -14.81
C1 CLA AI . 31.62 84.60 -16.79
C2 CLA AI . 30.24 85.26 -16.95
C3 CLA AI . 29.91 86.55 -17.16
C4 CLA AI . 30.85 87.72 -16.90
C5 CLA AI . 28.53 87.01 -17.68
C6 CLA AI . 27.64 87.69 -16.65
C7 CLA AI . 27.27 86.80 -15.49
C8 CLA AI . 25.76 86.76 -15.24
C9 CLA AI . 25.37 87.78 -14.17
C10 CLA AI . 25.38 85.36 -14.83
C11 CLA AI . 23.98 85.11 -14.29
C12 CLA AI . 23.80 83.60 -14.51
MG CLA BI . 38.78 89.74 -8.49
CHA CLA BI . 37.96 87.21 -10.76
CHB CLA BI . 40.22 91.46 -10.97
CHC CLA BI . 38.50 92.71 -6.66
CHD CLA BI . 37.10 88.05 -6.04
NA CLA BI . 38.94 89.44 -10.64
C1A CLA BI . 38.57 88.30 -11.34
C2A CLA BI . 39.37 88.27 -12.63
C3A CLA BI . 40.45 89.31 -12.36
C4A CLA BI . 39.78 90.19 -11.35
CMA CLA BI . 41.66 88.62 -11.72
CAA CLA BI . 38.53 88.71 -13.88
CBA CLA BI . 37.07 88.50 -13.86
CGA CLA BI . 36.29 89.71 -14.16
O1A CLA BI . 36.57 90.73 -13.58
O2A CLA BI . 35.43 89.75 -15.18
NB CLA BI . 39.28 91.75 -8.78
C1B CLA BI . 39.88 92.20 -9.90
C2B CLA BI . 40.10 93.63 -9.79
C3B CLA BI . 39.62 94.02 -8.58
C4B CLA BI . 39.08 92.81 -7.91
CMB CLA BI . 40.75 94.45 -10.84
CAB CLA BI . 39.75 95.49 -8.27
CBB CLA BI . 39.67 95.97 -7.10
NC CLA BI . 37.93 90.29 -6.64
C1C CLA BI . 37.92 91.54 -6.09
C2C CLA BI . 37.24 91.48 -4.81
C3C CLA BI . 36.83 90.18 -4.61
C4C CLA BI . 37.28 89.41 -5.79
CMC CLA BI . 37.02 92.66 -3.89
CAC CLA BI . 36.08 89.59 -3.46
CBC CLA BI . 37.00 89.32 -2.25
ND CLA BI . 37.71 88.02 -8.36
C1D CLA BI . 37.12 87.43 -7.32
C2D CLA BI . 36.51 86.21 -7.69
C3D CLA BI . 36.81 86.06 -9.05
C4D CLA BI . 37.56 87.18 -9.43
CMD CLA BI . 35.70 85.25 -6.79
CAD CLA BI . 36.66 85.23 -10.21
OBD CLA BI . 35.99 84.21 -10.40
CBD CLA BI . 37.41 85.92 -11.38
CGD CLA BI . 38.55 84.99 -11.82
O1D CLA BI . 39.64 85.06 -11.30
O2D CLA BI . 38.31 84.10 -12.76
CED CLA BI . 39.40 83.39 -13.37
C1 CLA BI . 34.80 91.04 -15.56
C2 CLA BI . 33.43 91.11 -14.87
MG CHL CI . 47.73 86.72 -4.59
CHA CHL CI . 45.26 84.48 -3.68
CHB CHL CI . 47.40 88.40 -1.63
CHC CHL CI . 50.66 88.55 -5.26
CHD CHL CI . 48.38 84.72 -7.38
NA CHL CI . 46.48 86.49 -2.87
C1A CHL CI . 45.53 85.48 -2.70
C2A CHL CI . 44.75 85.74 -1.44
C3A CHL CI . 45.39 87.01 -0.88
C4A CHL CI . 46.51 87.35 -1.81
CMA CHL CI . 44.38 88.16 -0.95
CAA CHL CI . 45.03 84.66 -0.35
CBA CHL CI . 46.48 84.10 -0.31
CGA CHL CI . 46.84 83.22 0.93
O1A CHL CI . 45.92 82.70 1.59
O2A CHL CI . 48.15 82.72 1.11
NB CHL CI . 48.83 88.21 -3.61
C1B CHL CI . 48.49 88.75 -2.40
C2B CHL CI . 49.47 89.75 -2.04
C3B CHL CI . 50.38 89.81 -3.04
C4B CHL CI . 49.98 88.82 -4.05
CMB CHL CI . 49.44 90.55 -0.78
CAB CHL CI . 51.45 90.74 -2.90
CBB CHL CI . 51.77 91.56 -3.93
NC CHL CI . 49.25 86.66 -6.05
C1C CHL CI . 50.35 87.49 -6.14
C2C CHL CI . 51.12 87.09 -7.29
C3C CHL CI . 50.46 86.03 -7.86
C4C CHL CI . 49.30 85.76 -7.09
CMC CHL CI . 52.45 87.71 -7.82
OMC CHL CI . 53.10 88.53 -7.18
CAC CHL CI . 50.86 85.22 -9.09
CBC CHL CI . 51.88 84.22 -8.57
ND CHL CI . 47.03 85.00 -5.41
C1D CHL CI . 47.36 84.30 -6.54
C2D CHL CI . 46.54 83.11 -6.68
C3D CHL CI . 45.70 83.14 -5.60
C4D CHL CI . 46.02 84.30 -4.83
CMD CHL CI . 46.60 82.08 -7.81
CAD CHL CI . 44.63 82.46 -4.92
OBD CHL CI . 43.87 81.61 -5.34
CBD CHL CI . 44.29 83.27 -3.66
CGD CHL CI . 42.85 83.71 -3.64
O1D CHL CI . 42.46 84.62 -4.42
O2D CHL CI . 42.06 83.34 -2.54
CED CHL CI . 40.64 83.51 -2.65
MG CLA DI . 19.09 75.84 3.79
CHA CLA DI . 16.12 76.22 5.61
CHB CLA DI . 20.17 73.63 6.08
CHC CLA DI . 21.69 74.83 1.68
CHD CLA DI . 17.64 77.58 1.18
NA CLA DI . 18.19 74.92 5.54
C1A CLA DI . 16.96 75.24 6.10
C2A CLA DI . 16.75 74.43 7.36
C3A CLA DI . 17.96 73.49 7.35
C4A CLA DI . 18.89 74.13 6.35
CMA CLA DI . 18.62 73.47 8.73
CAA CLA DI . 15.40 73.63 7.35
CBA CLA DI . 15.13 72.71 6.23
CGA CLA DI . 14.35 73.23 5.11
O1A CLA DI . 13.24 73.75 5.29
O2A CLA DI . 14.63 72.79 3.88
NB CLA DI . 20.66 74.46 3.87
C1B CLA DI . 20.88 73.67 4.95
C2B CLA DI . 22.05 72.84 4.69
C3B CLA DI . 22.52 73.14 3.46
C4B CLA DI . 21.62 74.20 2.92
CMB CLA DI . 22.60 71.84 5.67
CAB CLA DI . 23.73 72.39 2.99
CBB CLA DI . 24.59 72.85 2.17
NC CLA DI . 19.58 76.15 1.76
C1C CLA DI . 20.68 75.65 1.11
C2C CLA DI . 20.64 76.11 -0.28
C3C CLA DI . 19.51 76.88 -0.43
C4C CLA DI . 18.84 76.91 0.87
CMC CLA DI . 21.67 75.78 -1.33
CAC CLA DI . 19.03 77.58 -1.67
CBC CLA DI . 17.88 76.79 -2.34
ND CLA DI . 17.29 76.71 3.40
C1D CLA DI . 16.85 77.40 2.34
C2D CLA DI . 15.51 77.85 2.53
C3D CLA DI . 15.17 77.43 3.81
C4D CLA DI . 16.28 76.75 4.32
CMD CLA DI . 14.63 78.66 1.54
CAD CLA DI . 14.14 77.41 4.81
OBD CLA DI . 13.04 77.98 4.86
CBD CLA DI . 14.69 76.59 6.00
CGD CLA DI . 14.67 77.44 7.29
O1D CLA DI . 14.54 78.64 7.22
O2D CLA DI . 15.11 76.88 8.39
CED CLA DI . 14.39 77.05 9.62
C1 CLA DI . 16.02 72.88 3.37
C2 CLA DI . 15.93 73.33 1.91
C3 CLA DI . 16.78 73.13 0.89
C4 CLA DI . 16.55 73.73 -0.50
C5 CLA DI . 17.84 72.00 0.87
C6 CLA DI . 19.16 72.35 0.20
C7 CLA DI . 20.22 71.28 0.39
C8 CLA DI . 21.29 71.33 -0.71
C9 CLA DI . 20.70 70.97 -2.07
C10 CLA DI . 22.38 70.35 -0.34
C11 CLA DI . 21.99 68.94 0.10
C12 CLA DI . 23.26 68.14 -0.23
C13 CLA DI . 23.89 67.19 0.82
C14 CLA DI . 23.26 65.79 0.75
C15 CLA DI . 23.76 67.80 2.24
MG CLA EI . 32.44 73.27 -10.46
CHA CLA EI . 33.34 70.73 -12.66
CHB CLA EI . 33.73 75.52 -12.59
CHC CLA EI . 30.88 75.87 -8.75
CHD CLA EI . 30.80 70.95 -8.51
NA CLA EI . 33.24 73.16 -12.47
C1A CLA EI . 33.52 72.00 -13.17
C2A CLA EI . 34.27 72.35 -14.43
C3A CLA EI . 34.78 73.75 -14.11
C4A CLA EI . 33.88 74.21 -12.99
CMA CLA EI . 36.22 73.66 -13.59
CAA CLA EI . 33.33 72.35 -15.70
CBA CLA EI . 31.99 72.95 -15.57
CGA CLA EI . 31.94 74.37 -15.92
O1A CLA EI . 32.96 74.90 -16.29
O2A CLA EI . 30.92 75.15 -15.55
NB CLA EI . 32.33 75.36 -10.65
C1B CLA EI . 32.96 76.05 -11.62
C2B CLA EI . 32.68 77.46 -11.47
C3B CLA EI . 31.87 77.61 -10.38
C4B CLA EI . 31.65 76.24 -9.84
CMB CLA EI . 33.22 78.53 -12.38
CAB CLA EI . 31.47 79.01 -10.05
CBB CLA EI . 31.62 79.53 -8.91
NC CLA EI . 31.05 73.39 -8.88
C1C CLA EI . 30.55 74.55 -8.33
C2C CLA EI . 29.63 74.17 -7.26
C3C CLA EI . 29.60 72.80 -7.19
C4C CLA EI . 30.52 72.30 -8.23
CMC CLA EI . 28.87 75.15 -6.40
CAC CLA EI . 28.80 71.93 -6.25
CBC CLA EI . 27.32 71.84 -6.69
ND CLA EI . 32.08 71.27 -10.52
C1D CLA EI . 31.45 70.46 -9.67
C2D CLA EI . 31.48 69.12 -10.12
C3D CLA EI . 32.22 69.15 -11.31
C4D CLA EI . 32.60 70.49 -11.51
CMD CLA EI . 30.84 67.88 -9.45
CAD CLA EI . 32.77 68.38 -12.39
OBD CLA EI . 32.54 67.22 -12.76
CBD CLA EI . 33.51 69.38 -13.33
CGD CLA EI . 35.00 68.96 -13.39
O1D CLA EI . 35.41 68.36 -14.35
O2D CLA EI . 35.84 69.57 -12.58
CED CLA EI . 37.13 69.99 -13.04
C1 CLA EI . 31.13 76.61 -15.40
C2 CLA EI . 30.26 77.08 -14.24
C3 CLA EI . 29.87 78.32 -13.87
C4 CLA EI . 30.37 79.58 -14.60
C5 CLA EI . 28.80 78.61 -12.81
C6 CLA EI . 28.00 79.91 -12.98
C7 CLA EI . 26.71 79.94 -12.20
C8 CLA EI . 25.52 79.45 -13.04
C9 CLA EI . 25.45 80.20 -14.36
C10 CLA EI . 24.24 79.63 -12.26
C11 CLA EI . 24.25 80.12 -10.82
C12 CLA EI . 23.46 79.01 -10.08
C13 CLA EI . 23.23 79.10 -8.56
C14 CLA EI . 22.42 77.92 -8.04
C15 CLA EI . 22.55 80.46 -8.21
MG CLA FI . 36.32 88.62 9.99
CHA CLA FI . 35.06 90.75 12.46
CHB CLA FI . 34.94 90.62 7.63
CHC CLA FI . 36.97 86.27 7.51
CHD CLA FI . 36.69 86.17 12.42
NA CLA FI . 35.18 90.48 10.05
C1A CLA FI . 34.87 91.20 11.18
C2A CLA FI . 34.45 92.59 10.79
C3A CLA FI . 34.35 92.51 9.26
C4A CLA FI . 34.80 91.11 8.94
CMA CLA FI . 32.89 92.70 8.85
CAA CLA FI . 35.51 93.65 11.25
CBA CLA FI . 36.88 93.53 10.69
CGA CLA FI . 37.89 93.11 11.66
O1A CLA FI . 37.91 91.95 12.00
O2A CLA FI . 38.98 93.86 11.89
NB CLA FI . 36.01 88.49 7.92
C1B CLA FI . 35.41 89.45 7.18
C2B CLA FI . 35.36 89.02 5.79
C3B CLA FI . 35.93 87.79 5.71
C4B CLA FI . 36.35 87.44 7.09
CMB CLA FI . 34.78 89.85 4.68
CAB CLA FI . 35.98 87.18 4.35
CBB CLA FI . 37.00 87.15 3.62
NC CLA FI . 36.76 86.55 9.97
C1C CLA FI . 37.00 85.80 8.85
C2C CLA FI . 37.26 84.42 9.27
C3C CLA FI . 37.18 84.38 10.64
C4C CLA FI . 36.86 85.74 11.09
CMC CLA FI . 37.56 83.27 8.33
CAC CLA FI . 37.38 83.20 11.56
CBC CLA FI . 36.04 82.66 12.08
ND CLA FI . 36.00 88.43 12.00
C1D CLA FI . 36.16 87.41 12.84
C2D CLA FI . 35.77 87.74 14.17
C3D CLA FI . 35.32 89.06 14.08
C4D CLA FI . 35.46 89.45 12.74
CMD CLA FI . 35.82 86.86 15.43
CAD CLA FI . 34.78 90.18 14.81
OBD CLA FI . 34.63 90.35 16.02
CBD CLA FI . 34.75 91.38 13.83
CGD CLA FI . 33.32 91.97 13.87
O1D CLA FI . 32.41 91.42 13.30
O2D CLA FI . 33.09 92.98 14.68
CED CLA FI . 32.05 93.92 14.38
C1 CLA FI . 39.89 94.17 10.77
C2 CLA FI . 40.97 93.07 10.73
C3 CLA FI . 42.28 93.16 10.45
C4 CLA FI . 43.18 91.91 10.32
C5 CLA FI . 43.11 94.45 10.61
MG CLA GI . 32.19 62.63 0.74
CHA CLA GI . 35.55 63.65 0.55
CHB CLA GI . 33.23 59.44 0.95
CHC CLA GI . 29.05 61.60 1.89
CHD CLA GI . 31.29 65.93 1.20
NA CLA GI . 34.14 61.67 0.77
C1A CLA GI . 35.36 62.29 0.61
C2A CLA GI . 36.45 61.25 0.40
C3A CLA GI . 35.64 59.96 0.27
C4A CLA GI . 34.26 60.35 0.71
CMA CLA GI . 35.61 59.50 -1.19
CAA CLA GI . 37.44 61.19 1.61
CBA CLA GI . 36.86 61.35 2.96
NB CLA GI . 31.31 60.82 1.31
C1B CLA GI . 31.96 59.64 1.31
C2B CLA GI . 31.07 58.59 1.77
C3B CLA GI . 29.87 59.15 2.04
C4B CLA GI . 30.01 60.60 1.75
CMB CLA GI . 31.47 57.14 1.89
CAB CLA GI . 28.80 58.22 2.54
CBB CLA GI . 27.63 58.59 2.86
NC CLA GI . 30.46 63.61 1.43
C1C CLA GI . 29.30 63.01 1.85
C2C CLA GI . 28.35 64.04 2.24
C3C CLA GI . 28.96 65.26 2.06
C4C CLA GI . 30.31 64.98 1.53
CMC CLA GI . 26.96 63.79 2.76
CAC CLA GI . 28.41 66.64 2.32
CBC CLA GI . 27.93 67.30 1.01
ND CLA GI . 33.15 64.42 0.89
C1D CLA GI . 32.67 65.67 1.04
C2D CLA GI . 33.72 66.63 1.06
C3D CLA GI . 34.89 65.90 0.87
C4D CLA GI . 34.50 64.55 0.74
CMD CLA GI . 33.59 68.16 1.25
CAD CLA GI . 36.31 65.95 0.74
OBD CLA GI . 37.11 66.90 0.90
CBD CLA GI . 36.83 64.49 0.62
CGD CLA GI . 37.65 64.39 -0.68
O1D CLA GI . 37.54 65.24 -1.53
O2D CLA GI . 38.70 63.59 -0.69
CED CLA GI . 39.31 63.20 -1.92
MG CLA HI . 17.05 68.18 9.04
CHA CLA HI . 15.30 68.18 5.99
CHB CLA HI . 14.90 65.80 10.17
CHC CLA HI . 19.07 67.52 11.79
CHD CLA HI . 19.71 69.68 7.41
NA CLA HI . 15.30 67.17 8.21
C1A CLA HI . 14.72 67.41 6.97
C2A CLA HI . 13.63 66.40 6.75
C3A CLA HI . 13.29 65.99 8.19
C4A CLA HI . 14.55 66.34 8.93
CMA CLA HI . 12.14 66.85 8.70
CAA CLA HI . 14.17 65.17 5.92
CBA CLA HI . 13.97 63.83 6.49
CGA CLA HI . 15.01 62.86 6.12
NB CLA HI . 16.98 66.88 10.69
C1B CLA HI . 15.99 65.99 10.92
C2B CLA HI . 16.26 65.26 12.14
C3B CLA HI . 17.44 65.71 12.64
C4B CLA HI . 17.91 66.77 11.71
CMB CLA HI . 15.36 64.20 12.71
CAB CLA HI . 17.90 65.08 13.92
CBB CLA HI . 18.70 65.64 14.73
NC CLA HI . 19.06 68.55 9.52
C1C CLA HI . 19.69 68.20 10.69
C2C CLA HI . 21.08 68.62 10.62
C3C CLA HI . 21.27 69.23 9.40
C4C CLA HI . 19.98 69.18 8.71
CMC CLA HI . 22.10 68.43 11.72
CAC CLA HI . 22.53 69.85 8.86
CBC CLA HI . 23.23 68.86 7.90
ND CLA HI . 17.49 68.79 7.14
C1D CLA HI . 18.56 69.40 6.63
C2D CLA HI . 18.41 69.67 5.25
C3D CLA HI . 17.12 69.21 4.93
C4D CLA HI . 16.58 68.70 6.12
CMD CLA HI . 19.42 70.33 4.28
CAD CLA HI . 16.15 69.05 3.90
OBD CLA HI . 16.24 69.22 2.66
CBD CLA HI . 14.96 68.28 4.50
CGD CLA HI . 13.68 69.12 4.28
O1D CLA HI . 13.55 70.19 4.83
O2D CLA HI . 12.65 68.54 3.71
CED CLA HI . 11.39 69.24 3.59
MG CHL II . 38.03 94.10 5.68
CHA CHL II . 41.08 95.41 6.66
CHB CHL II . 39.43 92.73 2.88
CHC CHL II . 34.83 93.39 4.37
CHD CHL II . 36.50 96.03 8.17
NA CHL II . 40.01 93.99 4.92
C1A CHL II . 41.15 94.61 5.49
C2A CHL II . 42.24 94.65 4.46
C3A CHL II . 41.62 93.98 3.23
C4A CHL II . 40.33 93.42 3.70
CAA CHL II . 43.42 93.70 4.85
NB CHL II . 37.27 93.21 3.93
C1B CHL II . 38.05 92.72 2.92
C2B CHL II . 37.20 92.19 1.89
C3B CHL II . 35.92 92.35 2.28
C4B CHL II . 35.95 93.01 3.59
CMB CHL II . 37.68 91.56 0.62
CAB CHL II . 34.91 91.89 1.36
CBB CHL II . 33.65 91.60 1.77
NC CHL II . 36.03 94.61 6.17
C1C CHL II . 34.88 94.21 5.50
C2C CHL II . 33.74 94.80 6.18
C3C CHL II . 34.24 95.52 7.23
C4C CHL II . 35.65 95.41 7.23
CMC CHL II . 32.23 94.64 5.80
OMC CHL II . 31.82 93.70 5.12
CAC CHL II . 33.44 96.33 8.26
ND CHL II . 38.59 95.42 7.11
C1D CHL II . 37.89 96.13 8.05
C2D CHL II . 38.76 96.96 8.85
C3D CHL II . 40.01 96.71 8.35
C4D CHL II . 39.89 95.77 7.29
CMD CHL II . 38.37 97.89 10.00
CAD CHL II . 41.42 97.03 8.46
OBD CHL II . 42.07 97.40 9.43
CBD CHL II . 42.09 96.45 7.21
CGD CHL II . 42.41 97.56 6.20
O1D CHL II . 41.48 98.19 5.64
O2D CHL II . 43.75 98.00 6.11
CED CHL II . 44.37 98.61 7.24
MG CLA JI . 44.39 76.08 -0.63
CHA CLA JI . 47.66 75.86 -1.90
CHB CLA JI . 44.51 72.75 -0.03
CHC CLA JI . 41.70 76.32 1.54
CHD CLA JI . 44.70 79.52 -0.66
NA CLA JI . 45.85 74.52 -0.96
C1A CLA JI . 47.09 74.65 -1.56
C2A CLA JI . 47.80 73.33 -1.46
C3A CLA JI . 46.63 72.37 -1.40
C4A CLA JI . 45.53 73.24 -0.84
CMA CLA JI . 46.24 71.92 -2.81
CAA CLA JI . 48.67 73.24 -0.16
CBA CLA JI . 48.36 72.15 0.78
CGA CLA JI . 47.60 72.59 1.96
O1A CLA JI . 47.22 73.73 2.00
O2A CLA JI . 47.64 71.88 3.10
NB CLA JI . 43.30 74.75 0.55
C1B CLA JI . 43.55 73.42 0.62
C2B CLA JI . 42.61 72.80 1.52
C3B CLA JI . 41.79 73.77 1.99
C4B CLA JI . 42.22 75.04 1.37
CMB CLA JI . 42.61 71.33 1.83
CAB CLA JI . 40.74 73.30 2.96
CBB CLA JI . 39.50 73.49 2.80
NC CLA JI . 43.36 77.67 0.30
C1C CLA JI . 42.29 77.55 1.14
C2C CLA JI . 41.87 78.89 1.56
C3C CLA JI . 42.70 79.81 0.94
C4C CLA JI . 43.65 79.02 0.14
CMC CLA JI . 40.71 79.14 2.49
CAC CLA JI . 42.74 81.32 1.03
CBC CLA JI . 41.47 82.05 0.58
ND CLA JI . 45.83 77.44 -1.13
C1D CLA JI . 45.82 78.79 -1.13
C2D CLA JI . 47.05 79.32 -1.60
C3D CLA JI . 47.82 78.19 -1.92
C4D CLA JI . 47.03 77.07 -1.65
CMD CLA JI . 47.46 80.80 -1.73
CAD CLA JI . 49.07 77.71 -2.42
OBD CLA JI . 49.62 78.00 -3.50
CBD CLA JI . 49.14 76.24 -1.95
CGD CLA JI . 49.89 75.44 -3.04
O1D CLA JI . 49.28 74.74 -3.82
O2D CLA JI . 51.19 75.59 -3.15
CED CLA JI . 51.90 74.95 -4.22
C1 CLA JI . 46.52 70.99 3.47
C2 CLA JI . 46.00 71.42 4.84
C3 CLA JI . 45.19 72.43 5.18
C4 CLA JI . 44.77 73.51 4.18
C5 CLA JI . 44.24 72.40 6.41
C6 CLA JI . 44.69 73.21 7.63
C7 CLA JI . 43.98 74.53 7.75
C8 CLA JI . 43.92 75.06 9.20
C9 CLA JI . 43.50 73.95 10.17
C10 CLA JI . 42.95 76.22 9.23
C11 CLA JI . 41.56 76.04 9.81
C12 CLA JI . 40.85 77.34 9.39
C13 CLA JI . 40.64 78.48 10.41
C14 CLA JI . 39.24 78.44 11.02
C15 CLA JI . 40.93 79.84 9.74
C16 CLA JI . 42.36 80.12 9.28
C17 CLA JI . 42.50 81.14 8.17
C18 CLA JI . 43.05 82.49 8.66
C19 CLA JI . 44.56 82.51 8.64
C20 CLA JI . 42.50 83.60 7.78
MG CLA KI . 36.13 70.28 5.66
CHA CLA KI . 39.30 68.75 5.42
CHB CLA KI . 34.72 67.35 4.81
CHC CLA KI . 33.02 71.32 6.91
CHD CLA KI . 37.64 72.90 7.34
NA CLA KI . 36.91 68.31 5.13
C1A CLA KI . 38.24 67.91 5.14
C2A CLA KI . 38.28 66.45 4.71
C3A CLA KI . 36.86 66.02 5.04
C4A CLA KI . 36.11 67.30 4.83
CMA CLA KI . 36.37 64.94 4.08
CAA CLA KI . 39.32 65.54 5.47
CBA CLA KI . 39.42 65.67 6.94
CGA CLA KI . 39.27 64.40 7.66
O1A CLA KI . 40.20 63.64 7.68
O2A CLA KI . 38.29 64.23 8.55
NB CLA KI . 34.20 69.46 5.83
C1B CLA KI . 33.88 68.23 5.39
C2B CLA KI . 32.48 67.98 5.63
C3B CLA KI . 31.95 69.07 6.23
C4B CLA KI . 33.07 70.05 6.35
CMB CLA KI . 31.79 66.69 5.27
CAB CLA KI . 30.50 69.00 6.57
CBB CLA KI . 29.85 69.94 7.12
NC CLA KI . 35.45 71.86 6.91
C1C CLA KI . 34.15 72.09 7.29
C2C CLA KI . 34.12 73.28 8.15
C3C CLA KI . 35.41 73.73 8.28
C4C CLA KI . 36.26 72.82 7.48
CMC CLA KI . 32.88 73.87 8.77
CAC CLA KI . 35.91 74.91 9.06
CBC CLA KI . 36.46 74.47 10.42
ND CLA KI . 38.01 70.77 6.29
C1D CLA KI . 38.48 71.87 6.91
C2D CLA KI . 39.88 71.78 7.13
C3D CLA KI . 40.27 70.57 6.55
C4D CLA KI . 39.11 69.99 6.03
CMD CLA KI . 40.79 72.81 7.83
CAD CLA KI . 41.37 69.69 6.28
OBD CLA KI . 42.48 69.60 6.83
CBD CLA KI . 40.82 68.54 5.43
CGD CLA KI . 41.40 68.68 4.01
O1D CLA KI . 40.68 69.03 3.10
O2D CLA KI . 42.71 68.63 3.86
CED CLA KI . 43.48 67.54 4.41
C1 CLA KI . 36.88 64.15 8.11
C2 CLA KI . 36.21 65.49 8.46
C3 CLA KI . 34.93 65.78 8.72
C4 CLA KI . 33.82 64.71 8.70
C5 CLA KI . 34.42 67.16 9.17
C6 CLA KI . 35.51 68.18 9.48
C7 CLA KI . 34.96 69.50 9.98
C8 CLA KI . 36.02 70.32 10.74
C1 BCR LI . 54.72 99.23 -7.67
C2 BCR LI . 55.55 99.80 -8.83
C3 BCR LI . 56.82 100.47 -8.40
C4 BCR LI . 56.49 101.58 -7.44
C5 BCR LI . 55.65 101.07 -6.30
C6 BCR LI . 54.95 99.94 -6.35
C7 BCR LI . 54.63 99.22 -5.09
C8 BCR LI . 53.41 98.93 -4.61
C9 BCR LI . 53.09 98.25 -3.36
C10 BCR LI . 52.01 97.45 -3.28
C11 BCR LI . 51.54 96.74 -2.10
C33 BCR LI . 55.90 101.88 -5.07
C31 BCR LI . 55.07 97.74 -7.58
C32 BCR LI . 53.25 99.36 -8.10
C34 BCR LI . 53.96 98.46 -2.16
C12 BCR LI . 50.73 95.67 -2.17
C13 BCR LI . 50.19 94.96 -1.03
C14 BCR LI . 48.90 94.60 -1.08
C15 BCR LI . 48.10 93.95 -0.06
C16 BCR LI . 46.96 93.32 -0.38
C17 BCR LI . 46.15 92.74 0.65
C18 BCR LI . 44.98 92.09 0.47
C19 BCR LI . 44.29 91.64 1.66
C20 BCR LI . 43.65 90.50 1.95
C21 BCR LI . 43.05 90.49 3.26
C22 BCR LI . 41.82 90.05 3.58
C23 BCR LI . 41.42 90.18 4.97
C24 BCR LI . 40.20 89.87 5.47
C25 BCR LI . 39.77 90.03 6.86
C26 BCR LI . 38.97 91.01 7.31
C27 BCR LI . 38.29 90.91 8.64
C28 BCR LI . 37.98 89.46 9.00
C29 BCR LI . 39.28 88.65 9.02
C30 BCR LI . 40.18 88.86 7.78
C35 BCR LI . 51.09 94.70 0.13
C36 BCR LI . 44.38 91.86 -0.86
C37 BCR LI . 40.93 89.47 2.56
C38 BCR LI . 38.62 92.26 6.53
C39 BCR LI . 40.22 87.54 6.98
C40 BCR LI . 41.60 89.12 8.33
C1 LMG MI . 34.20 64.48 -3.39
O1 LMG MI . 32.85 64.79 -3.32
C2 LMG MI . 34.31 63.05 -3.97
O2 LMG MI . 33.75 62.20 -3.01
C3 LMG MI . 35.83 62.78 -4.13
O3 LMG MI . 35.98 61.49 -4.62
C4 LMG MI . 36.41 63.83 -5.11
O4 LMG MI . 35.75 63.65 -6.32
C5 LMG MI . 36.15 65.24 -4.52
O5 LMG MI . 36.92 67.48 -4.81
C6 LMG MI . 36.63 66.31 -5.54
O6 LMG MI . 34.76 65.42 -4.31
C7 LMG MI . 32.57 66.17 -3.17
C8 LMG MI . 31.05 66.25 -3.00
C9 LMG MI . 30.46 65.05 -2.25
O7 LMG MI . 30.83 67.42 -2.23
C10 LMG MI . 30.30 68.48 -2.95
O9 LMG MI . 30.70 68.79 -4.04
C11 LMG MI . 29.18 69.11 -2.19
C12 LMG MI . 28.37 69.95 -3.15
C13 LMG MI . 27.41 69.07 -3.93
C14 LMG MI . 26.38 68.51 -2.96
C15 LMG MI . 25.17 68.09 -3.78
C16 LMG MI . 24.61 69.27 -4.54
C17 LMG MI . 23.11 69.04 -4.62
C18 LMG MI . 22.55 69.74 -5.84
C19 LMG MI . 22.61 71.24 -5.61
C20 LMG MI . 22.93 71.89 -6.94
C21 LMG MI . 21.76 71.65 -7.88
C22 LMG MI . 22.06 72.35 -9.20
C23 LMG MI . 21.95 73.85 -9.02
C24 LMG MI . 21.61 74.53 -10.35
C25 LMG MI . 20.29 73.97 -10.88
O8 LMG MI . 29.45 64.44 -3.03
C28 LMG MI . 28.17 64.56 -2.48
O10 LMG MI . 28.01 64.92 -1.36
C29 LMG MI . 27.13 64.19 -3.52
C30 LMG MI . 25.69 63.92 -3.08
C31 LMG MI . 25.06 62.66 -3.67
C32 LMG MI . 23.68 62.98 -4.26
C33 LMG MI . 23.80 63.97 -5.42
C34 LMG MI . 22.95 65.22 -5.15
C35 LMG MI . 21.51 64.81 -4.85
C36 LMG MI . 20.58 66.02 -4.81
C37 LMG MI . 19.97 66.27 -6.18
C38 LMG MI . 18.81 67.28 -6.13
C39 LMG MI . 18.12 67.32 -7.49
C40 LMG MI . 19.08 67.87 -8.54
MG CLA NI . 24.76 63.16 -7.10
CHA CLA NI . 22.42 60.61 -7.59
CHB CLA NI . 22.72 65.30 -8.74
CHC CLA NI . 27.24 65.60 -7.14
CHD CLA NI . 27.17 60.71 -6.56
NA CLA NI . 22.80 62.98 -8.01
C1A CLA NI . 21.99 61.86 -8.00
C2A CLA NI . 20.56 62.27 -8.26
C3A CLA NI . 20.68 63.76 -8.57
C4A CLA NI . 22.17 64.02 -8.54
CMA CLA NI . 20.14 64.05 -9.97
CAA CLA NI . 19.66 62.04 -6.99
CBA CLA NI . 18.30 62.59 -7.01
CGA CLA NI . 17.82 63.05 -5.70
O1A CLA NI . 18.23 62.48 -4.70
O2A CLA NI . 16.83 63.94 -5.58
NB CLA NI . 24.94 65.11 -7.82
C1B CLA NI . 23.94 65.76 -8.46
C2B CLA NI . 24.39 67.09 -8.82
C3B CLA NI . 25.67 67.23 -8.39
C4B CLA NI . 26.03 65.95 -7.74
CMB CLA NI . 23.54 68.10 -9.54
CAB CLA NI . 26.33 68.55 -8.67
CBB CLA NI . 27.56 68.78 -8.44
NC CLA NI . 26.87 63.15 -6.89
C1C CLA NI . 27.68 64.25 -6.94
C2C CLA NI . 29.06 63.82 -6.75
C3C CLA NI . 29.06 62.45 -6.59
C4C CLA NI . 27.65 62.02 -6.67
CMC CLA NI . 30.25 64.74 -6.74
CAC CLA NI . 30.23 61.54 -6.36
CBC CLA NI . 30.49 61.35 -4.86
ND CLA NI . 24.85 61.12 -7.05
C1D CLA NI . 25.86 60.27 -6.85
C2D CLA NI . 25.43 58.91 -6.93
C3D CLA NI . 24.07 58.99 -7.22
C4D CLA NI . 23.75 60.34 -7.30
CMD CLA NI . 26.28 57.63 -6.75
CAD CLA NI . 22.87 58.24 -7.48
OBD CLA NI . 22.65 57.01 -7.45
CBD CLA NI . 21.70 59.26 -7.57
CGD CLA NI . 20.96 58.99 -8.90
O1D CLA NI . 19.77 59.15 -8.98
O2D CLA NI . 21.60 58.34 -9.85
CED CLA NI . 21.11 58.34 -11.19
C1A DGD OI . 20.85 68.45 -20.49
C2A DGD OI . 19.89 68.88 -19.39
C3A DGD OI . 20.73 69.41 -18.21
C4A DGD OI . 19.85 70.06 -17.14
C5A DGD OI . 18.68 69.14 -16.79
C6A DGD OI . 18.29 69.27 -15.32
C7A DGD OI . 17.27 70.39 -15.09
C8A DGD OI . 16.09 69.87 -14.26
C9A DGD OI . 15.52 70.85 -13.23
CAA DGD OI . 16.60 71.57 -12.43
CBA DGD OI . 16.26 71.75 -10.94
O1A DGD OI . 21.73 69.08 -20.98
C1B DGD OI . 20.87 64.57 -18.63
C2B DGD OI . 21.02 65.28 -17.28
C3B DGD OI . 20.29 64.41 -16.24
C4B DGD OI . 19.25 65.22 -15.46
C5B DGD OI . 19.85 66.01 -14.29
C6B DGD OI . 19.01 65.84 -13.02
C7B DGD OI . 18.38 67.08 -12.36
O1B DGD OI . 19.97 63.93 -19.03
O1G DGD OI . 20.58 67.15 -20.87
C1G DGD OI . 21.73 66.35 -21.14
C2G DGD OI . 22.33 66.13 -19.73
O2G DGD OI . 22.01 64.77 -19.41
C3G DGD OI . 23.87 66.15 -19.84
O3G DGD OI . 24.26 65.74 -21.13
C1D DGD OI . 25.65 65.66 -21.34
C2D DGD OI . 26.24 64.64 -20.29
O2D DGD OI . 27.37 65.25 -19.75
C3D DGD OI . 26.63 63.36 -21.06
O3D DGD OI . 25.47 62.84 -21.61
C4D DGD OI . 27.66 63.70 -22.15
O4D DGD OI . 27.89 62.56 -22.91
C5D DGD OI . 27.12 64.87 -23.02
O5D DGD OI . 27.72 65.57 -25.25
C6D DGD OI . 27.17 64.46 -24.52
O6D DGD OI . 25.77 65.15 -22.68
C1E DGD OI . 28.93 66.14 -24.77
C2E DGD OI . 29.11 67.58 -25.38
O2E DGD OI . 27.94 68.29 -25.12
C3E DGD OI . 29.36 67.43 -26.89
O3E DGD OI . 29.57 68.71 -27.41
C4E DGD OI . 30.59 66.52 -27.13
O4E DGD OI . 31.69 67.14 -26.53
C5E DGD OI . 30.29 65.14 -26.49
O6E DGD OI . 30.01 65.30 -25.11
C6E DGD OI . 31.56 64.25 -26.63
O5E DGD OI . 31.23 62.96 -26.23
MG CLA PI . 40.89 98.64 -13.10
CHA CLA PI . 43.29 100.88 -14.29
CHB CLA PI . 39.02 101.27 -12.09
CHC CLA PI . 38.17 96.57 -12.44
CHD CLA PI . 42.25 96.21 -15.16
NA CLA PI . 41.16 100.79 -13.13
C1A CLA PI . 42.28 101.47 -13.56
C2A CLA PI . 42.05 102.96 -13.40
C3A CLA PI . 40.90 102.99 -12.40
C4A CLA PI . 40.30 101.62 -12.53
CMA CLA PI . 41.44 103.18 -10.98
CAA CLA PI . 41.63 103.61 -14.76
CBA CLA PI . 42.09 104.99 -15.03
CGA CLA PI . 41.02 105.93 -15.36
O1A CLA PI . 40.56 106.62 -14.48
O2A CLA PI . 40.52 106.03 -16.59
NB CLA PI . 38.93 98.90 -12.38
C1B CLA PI . 38.41 100.09 -12.04
C2B CLA PI . 37.04 99.90 -11.59
C3B CLA PI . 36.75 98.58 -11.67
C4B CLA PI . 37.97 97.91 -12.19
CMB CLA PI . 36.15 101.02 -11.13
CAB CLA PI . 35.37 98.17 -11.25
CBB CLA PI . 35.01 96.98 -11.00
NC CLA PI . 40.31 96.70 -13.71
C1C CLA PI . 39.16 96.05 -13.32
C2C CLA PI . 39.13 94.73 -13.94
C3C CLA PI . 40.28 94.60 -14.70
C4C CLA PI . 41.03 95.87 -14.55
CMC CLA PI . 38.01 93.74 -13.70
CAC CLA PI . 40.73 93.45 -15.56
CBC CLA PI . 41.18 92.24 -14.71
ND CLA PI . 42.40 98.51 -14.46
C1D CLA PI . 42.86 97.48 -15.19
C2D CLA PI . 43.98 97.86 -15.99
C3D CLA PI . 44.19 99.21 -15.66
C4D CLA PI . 43.23 99.56 -14.72
CAD CLA PI . 45.00 100.38 -15.90
OBD CLA PI . 45.96 100.56 -16.68
CBD CLA PI . 44.58 101.44 -14.86
CGD CLA PI . 45.68 101.50 -13.79
O1D CLA PI . 46.14 100.48 -13.35
O2D CLA PI . 45.84 102.63 -13.13
CED CLA PI . 46.19 102.62 -11.74
C1 CLA PI . 39.70 107.21 -16.94
MG CHL QI . 52.55 100.01 -14.00
CHA CHL QI . 51.93 97.23 -12.03
CHB CHL QI . 49.22 100.42 -14.60
CHC CHL QI . 53.18 103.16 -15.43
CHD CHL QI . 55.93 99.75 -13.18
NA CHL QI . 50.78 99.00 -13.35
C1A CHL QI . 50.76 97.87 -12.51
C2A CHL QI . 49.32 97.45 -12.30
C3A CHL QI . 48.52 98.45 -13.14
C4A CHL QI . 49.53 99.32 -13.80
CMA CHL QI . 47.78 97.70 -14.25
CAA CHL QI . 48.88 97.68 -10.82
CBA CHL QI . 48.05 98.97 -10.53
CGA CHL QI . 47.38 99.03 -9.12
O1A CHL QI . 46.19 98.67 -9.00
O2A CHL QI . 48.18 99.12 -7.95
NB CHL QI . 51.39 101.53 -14.87
C1B CHL QI . 50.03 101.46 -15.01
C2B CHL QI . 49.58 102.67 -15.64
C3B CHL QI . 50.64 103.45 -15.88
C4B CHL QI . 51.83 102.73 -15.39
CMB CHL QI . 48.14 102.97 -15.97
CAB CHL QI . 50.39 104.71 -16.52
CBB CHL QI . 51.29 105.73 -16.50
NC CHL QI . 54.24 101.24 -14.25
C1C CHL QI . 54.29 102.49 -14.87
C2C CHL QI . 55.65 102.96 -14.82
C3C CHL QI . 56.39 101.99 -14.19
C4C CHL QI . 55.52 100.92 -13.85
CMC CHL QI . 56.20 104.32 -15.37
OMC CHL QI . 55.52 105.08 -16.06
CAC CHL QI . 57.90 101.99 -13.88
CBC CHL QI . 58.61 101.28 -15.01
ND CHL QI . 53.72 98.81 -12.87
C1D CHL QI . 55.07 98.80 -12.62
C2D CHL QI . 55.44 97.71 -11.74
C3D CHL QI . 54.25 97.07 -11.47
C4D CHL QI . 53.22 97.76 -12.18
CMD CHL QI . 56.83 97.37 -11.23
CAD CHL QI . 53.64 95.98 -10.77
OBD CHL QI . 54.08 95.27 -9.87
CBD CHL QI . 52.13 96.01 -11.09
CGD CHL QI . 51.68 94.69 -11.70
O1D CHL QI . 52.33 93.63 -11.48
O2D CHL QI . 50.67 94.71 -12.68
CED CHL QI . 50.79 93.82 -13.81
C1 CHL QI . 47.62 99.59 -6.69
C2 CHL QI . 48.49 100.64 -6.16
C3 CHL QI . 49.15 100.77 -4.94
C4 CHL QI . 49.14 99.65 -3.89
C1 LUT RI . 24.11 75.00 8.53
C2 LUT RI . 23.21 76.19 8.99
C3 LUT RI . 22.12 76.53 7.95
C4 LUT RI . 22.78 76.95 6.62
C5 LUT RI . 23.96 76.06 6.22
C6 LUT RI . 24.59 75.22 7.09
C7 LUT RI . 25.76 74.43 6.69
C8 LUT RI . 26.85 74.92 6.07
C9 LUT RI . 28.08 74.21 5.71
C10 LUT RI . 29.20 74.91 5.39
C11 LUT RI . 30.51 74.39 5.04
C12 LUT RI . 31.59 75.18 4.85
C13 LUT RI . 32.97 74.77 4.60
C14 LUT RI . 33.97 75.64 4.85
C15 LUT RI . 35.41 75.41 4.71
C16 LUT RI . 23.31 73.67 8.60
C17 LUT RI . 25.30 74.91 9.51
C18 LUT RI . 24.35 76.24 4.77
C19 LUT RI . 28.03 72.69 5.67
C20 LUT RI . 33.19 73.37 4.03
O3 LUT RI . 21.30 77.57 8.42
C21 LUT RI . 48.38 76.65 5.12
C22 LUT RI . 49.79 76.13 4.72
C23 LUT RI . 50.41 76.98 3.59
C24 LUT RI . 49.42 77.14 2.45
C25 LUT RI . 48.11 76.97 2.57
C26 LUT RI . 47.43 76.58 3.87
C27 LUT RI . 46.17 77.39 4.11
C28 LUT RI . 45.01 76.86 4.56
C29 LUT RI . 43.77 77.58 4.80
C30 LUT RI . 42.61 76.89 4.92
C31 LUT RI . 41.27 77.41 5.13
C32 LUT RI . 40.17 76.62 5.12
C33 LUT RI . 38.77 77.01 5.24
C34 LUT RI . 37.78 76.14 4.92
C35 LUT RI . 36.35 76.34 5.01
C36 LUT RI . 48.50 78.09 5.68
C37 LUT RI . 47.85 75.74 6.26
C38 LUT RI . 47.18 77.08 1.36
C39 LUT RI . 43.84 79.09 4.98
C40 LUT RI . 38.47 78.39 5.84
O23 LUT RI . 51.59 76.34 3.10
C1 LUT SI . 30.45 89.56 4.36
C2 LUT SI . 29.71 89.69 5.71
C3 LUT SI . 30.67 89.64 6.91
C4 LUT SI . 31.39 88.29 6.95
C5 LUT SI . 31.89 87.84 5.58
C6 LUT SI . 31.46 88.38 4.41
C7 LUT SI . 31.96 87.93 3.10
C8 LUT SI . 31.92 86.66 2.64
C9 LUT SI . 32.35 86.24 1.31
C10 LUT SI . 31.73 85.20 0.69
C11 LUT SI . 32.00 84.68 -0.65
C12 LUT SI . 31.21 83.72 -1.22
C13 LUT SI . 31.33 83.12 -2.55
C14 LUT SI . 30.30 82.36 -3.04
C15 LUT SI . 30.22 81.64 -4.31
C16 LUT SI . 31.22 90.87 4.04
C17 LUT SI . 29.39 89.31 3.25
C18 LUT SI . 32.91 86.71 5.66
C19 LUT SI . 33.53 86.97 0.69
C20 LUT SI . 32.65 83.28 -3.30
O3 LUT SI . 29.94 89.83 8.11
C21 LUT SI . 25.89 74.63 -13.98
C22 LUT SI . 26.21 74.01 -15.38
C23 LUT SI . 27.06 72.73 -15.29
C24 LUT SI . 28.15 72.83 -14.25
C25 LUT SI . 28.24 73.79 -13.32
C26 LUT SI . 27.26 74.97 -13.29
C27 LUT SI . 27.11 75.62 -11.92
C28 LUT SI . 26.79 74.99 -10.78
C29 LUT SI . 26.65 75.66 -9.48
C30 LUT SI . 27.30 76.81 -9.16
C31 LUT SI . 27.25 77.49 -7.87
C32 LUT SI . 28.01 78.57 -7.53
C33 LUT SI . 28.02 79.27 -6.24
C34 LUT SI . 29.05 80.08 -5.88
C35 LUT SI . 29.18 80.83 -4.63
C36 LUT SI . 25.03 73.65 -13.15
C37 LUT SI . 25.06 75.92 -14.21
C38 LUT SI . 29.39 73.83 -12.33
C39 LUT SI . 25.76 74.95 -8.48
C40 LUT SI . 26.77 79.09 -5.37
O23 LUT SI . 27.65 72.47 -16.56
C1 BCR TI . -13.01 33.93 -19.79
C2 BCR TI . -11.49 34.10 -19.64
C3 BCR TI . -10.69 33.17 -20.52
C4 BCR TI . -11.09 31.75 -20.23
C5 BCR TI . -12.57 31.55 -20.34
C6 BCR TI . -13.45 32.51 -20.02
C7 BCR TI . -14.83 32.14 -19.63
C8 BCR TI . -15.94 32.38 -20.32
C9 BCR TI . -17.31 32.01 -19.92
C10 BCR TI . -18.33 32.26 -20.78
C11 BCR TI . -19.74 31.97 -20.55
C33 BCR TI . -12.89 30.27 -21.02
C31 BCR TI . -13.44 34.83 -20.94
C32 BCR TI . -13.63 34.46 -18.49
C34 BCR TI . -17.56 31.40 -18.60
C12 BCR TI . -20.63 32.30 -21.49
C13 BCR TI . -22.07 32.07 -21.43
C14 BCR TI . -22.84 32.64 -22.37
C15 BCR TI . -24.27 32.51 -22.46
C16 BCR TI . -24.99 33.17 -23.38
C17 BCR TI . -26.41 33.01 -23.42
C18 BCR TI . -27.25 33.62 -24.28
C19 BCR TI . -28.65 33.31 -24.16
C20 BCR TI . -29.64 33.67 -24.98
C21 BCR TI . -30.96 33.21 -24.61
C22 BCR TI . -32.12 33.50 -25.23
C23 BCR TI . -33.31 32.91 -24.65
C24 BCR TI . -34.55 33.41 -24.70
C25 BCR TI . -35.72 32.77 -24.08
C26 BCR TI . -36.47 31.83 -24.68
C27 BCR TI . -37.76 31.34 -24.12
C28 BCR TI . -37.86 31.60 -22.63
C29 BCR TI . -37.56 33.05 -22.35
C30 BCR TI . -36.15 33.43 -22.78
C35 BCR TI . -22.60 31.23 -20.34
C36 BCR TI . -26.81 34.59 -25.31
C37 BCR TI . -32.16 34.37 -26.43
C38 BCR TI . -36.16 31.26 -26.02
C39 BCR TI . -35.16 33.05 -21.66
C40 BCR TI . -36.12 34.96 -22.96
MG CLA UI . -32.67 25.13 -37.36
CHA CLA UI . -29.63 23.75 -38.21
CHB CLA UI . -34.08 23.62 -40.03
CHC CLA UI . -35.65 26.69 -36.72
CHD CLA UI . -31.01 27.42 -35.34
NA CLA UI . -31.90 24.00 -39.04
C1A CLA UI . -30.69 23.34 -39.01
C2A CLA UI . -30.83 22.03 -39.74
C3A CLA UI . -31.97 22.36 -40.69
C4A CLA UI . -32.69 23.48 -39.99
CMA CLA UI . -31.38 22.89 -42.00
CAA CLA UI . -31.17 20.83 -38.76
CBA CLA UI . -32.19 21.03 -37.70
CGA CLA UI . -33.56 20.74 -38.13
O1A CLA UI . -33.72 20.22 -39.21
O2A CLA UI . -34.63 21.26 -37.52
NB CLA UI . -34.56 25.15 -38.25
C1B CLA UI . -34.90 24.43 -39.33
C2B CLA UI . -36.29 24.67 -39.66
C3B CLA UI . -36.79 25.54 -38.75
C4B CLA UI . -35.67 25.85 -37.83
CMB CLA UI . -37.00 24.04 -40.83
CAB CLA UI . -38.22 25.93 -38.91
NC CLA UI . -33.24 26.80 -36.21
C1C CLA UI . -34.52 27.26 -36.08
C2C CLA UI . -34.50 28.43 -35.21
C3C CLA UI . -33.20 28.64 -34.82
C4C CLA UI . -32.39 27.59 -35.46
CAC CLA UI . -32.66 29.70 -33.91
ND CLA UI . -30.75 25.54 -36.83
C1D CLA UI . -30.21 26.48 -36.04
C2D CLA UI . -28.79 26.36 -36.01
C3D CLA UI . -28.50 25.29 -36.85
C4D CLA UI . -29.72 24.82 -37.35
CMD CLA UI . -27.79 27.22 -35.21
CAD CLA UI . -27.47 24.47 -37.43
OBD CLA UI . -26.27 24.37 -37.10
CBD CLA UI . -28.19 23.25 -38.08
CGD CLA UI . -27.53 22.98 -39.44
O1D CLA UI . -28.00 23.43 -40.46
O2D CLA UI . -26.62 22.03 -39.50
CED CLA UI . -25.89 21.80 -40.73
C1 CLA UI . -35.98 21.05 -38.12
C2 CLA UI . -37.04 21.60 -37.18
C3 CLA UI . -37.63 21.06 -36.09
C4 CLA UI . -36.92 19.95 -35.29
C5 CLA UI . -39.15 21.01 -35.90
C6 CLA UI . -39.74 21.92 -34.82
C7 CLA UI . -39.83 21.30 -33.46
C8 CLA UI . -39.34 22.25 -32.34
C9 CLA UI . -39.26 21.51 -31.01
C10 CLA UI . -40.32 23.40 -32.24
MG CLA VI . -52.00 42.45 -39.33
CHA CLA VI . -55.07 43.78 -38.29
CHB CLA VI . -53.40 39.38 -39.38
CHC CLA VI . -49.28 41.14 -41.10
CHD CLA VI . -50.95 45.65 -40.07
NA CLA VI . -53.99 41.68 -38.89
C1A CLA VI . -55.05 42.40 -38.39
C2A CLA VI . -56.22 41.48 -38.14
C3A CLA VI . -55.60 40.10 -38.29
C4A CLA VI . -54.23 40.37 -38.85
CMA CLA VI . -55.49 39.43 -36.92
CAA CLA VI . -57.35 41.71 -39.22
CBA CLA VI . -56.90 41.87 -40.62
CGA CLA VI . -57.00 43.25 -41.11
O1A CLA VI . -57.97 43.90 -40.80
O2A CLA VI . -55.92 43.90 -41.59
NB CLA VI . -51.45 40.58 -40.10
C1B CLA VI . -52.22 39.47 -39.99
C2B CLA VI . -51.55 38.35 -40.63
C3B CLA VI . -50.36 38.81 -41.14
C4B CLA VI . -50.30 40.24 -40.80
CMB CLA VI . -52.10 36.96 -40.69
CAB CLA VI . -49.52 37.80 -41.84
CBB CLA VI . -48.29 37.95 -42.10
NC CLA VI . -50.39 43.26 -40.41
C1C CLA VI . -49.40 42.57 -41.05
C2C CLA VI . -48.48 43.51 -41.67
C3C CLA VI . -48.93 44.77 -41.40
C4C CLA VI . -50.14 44.62 -40.59
CMC CLA VI . -47.26 43.13 -42.47
CAC CLA VI . -48.34 46.09 -41.81
CBC CLA VI . -48.89 46.54 -43.17
ND CLA VI . -52.79 44.33 -39.25
C1D CLA VI . -52.25 45.53 -39.54
C2D CLA VI . -53.18 46.58 -39.31
C3D CLA VI . -54.32 45.94 -38.80
C4D CLA VI . -54.04 44.57 -38.76
CMD CLA VI . -52.98 48.09 -39.54
CAD CLA VI . -55.65 46.14 -38.30
OBD CLA VI . -56.22 47.16 -37.89
CBD CLA VI . -56.23 44.73 -37.98
CGD CLA VI . -56.58 44.71 -36.48
O1D CLA VI . -55.89 45.29 -35.67
O2D CLA VI . -57.71 44.13 -36.11
CED CLA VI . -58.45 44.63 -34.99
C1 CLA VI . -54.78 43.14 -42.16
C2 CLA VI . -54.15 44.01 -43.24
C3 CLA VI . -52.94 43.97 -43.81
C4 CLA VI . -52.48 45.00 -44.86
C5 CLA VI . -51.93 42.83 -43.65
C6 CLA VI . -51.47 42.15 -44.95
C7 CLA VI . -50.11 41.51 -44.85
C8 CLA VI . -49.94 40.36 -45.85
C9 CLA VI . -50.40 39.04 -45.24
C10 CLA VI . -48.48 40.28 -46.24
MG CLA WI . -60.35 38.03 -41.44
CHA CLA WI . -63.63 37.72 -42.68
CHB CLA WI . -60.86 35.27 -39.59
CHC CLA WI . -56.90 37.40 -41.30
CHD CLA WI . -59.82 40.56 -43.70
NA CLA WI . -62.06 36.71 -41.11
C1A CLA WI . -63.28 36.77 -41.74
C2A CLA WI . -64.01 35.47 -41.52
C3A CLA WI . -63.26 34.89 -40.32
C4A CLA WI . -62.02 35.73 -40.20
CMA CLA WI . -64.11 35.05 -39.04
CAA CLA WI . -63.91 34.52 -42.77
CBA CLA WI . -62.56 34.05 -43.18
NB CLA WI . -59.11 36.58 -40.58
C1B CLA WI . -59.57 35.54 -39.86
C2B CLA WI . -58.46 34.72 -39.42
C3B CLA WI . -57.31 35.28 -39.88
C4B CLA WI . -57.72 36.49 -40.64
CMB CLA WI . -58.62 33.47 -38.58
CAB CLA WI . -56.05 34.59 -39.51
CBB CLA WI . -54.91 35.15 -39.47
NC CLA WI . -58.63 38.85 -42.35
C1C CLA WI . -57.34 38.46 -42.16
C2C CLA WI . -56.47 39.29 -42.98
C3C CLA WI . -57.27 40.19 -43.66
C4C CLA WI . -58.66 39.90 -43.25
CMC CLA WI . -54.97 39.18 -43.05
CAC CLA WI . -56.87 41.27 -44.63
CBC CLA WI . -57.11 40.82 -46.09
ND CLA WI . -61.42 38.96 -42.90
C1D CLA WI . -61.11 39.99 -43.70
C2D CLA WI . -62.19 40.34 -44.56
C3D CLA WI . -63.23 39.47 -44.19
C4D CLA WI . -62.74 38.67 -43.17
CMD CLA WI . -62.24 41.43 -45.65
CAD CLA WI . -64.59 39.08 -44.44
OBD CLA WI . -65.39 39.44 -45.33
CBD CLA WI . -64.84 37.78 -43.62
CGD CLA WI . -66.16 37.96 -42.85
MG CLA XI . -37.11 49.45 -25.13
CHA CLA XI . -34.70 47.34 -23.73
CHB CLA XI . -36.40 51.74 -22.76
CHC CLA XI . -38.95 51.87 -26.82
CHD CLA XI . -37.09 47.47 -27.97
NA CLA XI . -35.69 49.55 -23.49
C1A CLA XI . -34.86 48.52 -23.05
C2A CLA XI . -34.28 48.86 -21.71
C3A CLA XI . -35.05 50.12 -21.31
C4A CLA XI . -35.73 50.53 -22.59
CMA CLA XI . -36.09 49.76 -20.25
CAA CLA XI . -32.73 49.16 -21.82
CBA CLA XI . -32.26 49.82 -23.05
CGA CLA XI . -31.00 50.54 -22.88
O1A CLA XI . -30.62 51.25 -23.79
O2A CLA XI . -30.40 50.64 -21.68
NB CLA XI . -37.58 51.47 -24.83
C1B CLA XI . -37.17 52.18 -23.76
C2B CLA XI . -37.68 53.53 -23.86
C3B CLA XI . -38.41 53.62 -25.00
C4B CLA XI . -38.36 52.28 -25.63
CMB CLA XI . -37.42 54.60 -22.84
CAB CLA XI . -39.04 54.96 -25.29
CBB CLA XI . -39.42 55.32 -26.43
NC CLA XI . -37.90 49.63 -27.08
C1C CLA XI . -38.62 50.70 -27.55
C2C CLA XI . -38.98 50.43 -28.94
C3C CLA XI . -38.46 49.19 -29.28
C4C CLA XI . -37.78 48.69 -28.08
CMC CLA XI . -39.77 51.35 -29.83
CAC CLA XI . -38.57 48.46 -30.58
CBC CLA XI . -39.64 47.35 -30.52
ND CLA XI . -36.12 47.79 -25.78
C1D CLA XI . -36.24 47.07 -26.91
C2D CLA XI . -35.36 45.96 -26.92
C3D CLA XI . -34.72 46.01 -25.68
C4D CLA XI . -35.22 47.12 -25.00
CMD CLA XI . -35.16 44.91 -28.03
CAD CLA XI . -33.76 45.36 -24.81
OBD CLA XI . -33.27 44.23 -24.85
CBD CLA XI . -33.68 46.22 -23.51
CGD CLA XI . -34.10 45.33 -22.32
O1D CLA XI . -35.01 45.68 -21.60
O2D CLA XI . -33.27 44.39 -21.92
CED CLA XI . -33.49 43.72 -20.67
MG CLA YI . -33.61 39.12 -21.30
CHA CLA YI . -32.81 36.65 -18.98
CHB CLA YI . -32.03 37.33 -23.69
CHC CLA YI . -34.71 41.32 -23.75
CHD CLA YI . -36.12 40.21 -19.16
NA CLA YI . -32.59 37.19 -21.34
C1A CLA YI . -32.27 36.43 -20.23
C2A CLA YI . -31.13 35.51 -20.57
C3A CLA YI . -30.78 35.91 -21.99
C4A CLA YI . -31.92 36.79 -22.41
CMA CLA YI . -29.48 36.73 -22.02
CAA CLA YI . -31.58 34.01 -20.48
NB CLA YI . -33.40 39.29 -23.37
C1B CLA YI . -32.69 38.42 -24.12
C2B CLA YI . -32.75 38.83 -25.51
C3B CLA YI . -33.50 39.95 -25.58
C4B CLA YI . -33.93 40.26 -24.20
CMB CLA YI . -32.07 38.09 -26.63
CAB CLA YI . -33.68 40.54 -26.95
CBB CLA YI . -34.42 41.54 -27.21
NC CLA YI . -35.16 40.53 -21.43
C1C CLA YI . -35.43 41.33 -22.51
C2C CLA YI . -36.58 42.16 -22.21
C3C CLA YI . -36.99 41.86 -20.92
C4C CLA YI . -36.08 40.82 -20.43
CMC CLA YI . -37.19 43.16 -23.16
CAC CLA YI . -38.13 42.46 -20.14
CBC CLA YI . -37.64 43.70 -19.36
ND CLA YI . -34.38 38.58 -19.48
C1D CLA YI . -35.34 39.11 -18.73
C2D CLA YI . -35.49 38.40 -17.50
C3D CLA YI . -34.51 37.40 -17.54
C4D CLA YI . -33.83 37.56 -18.76
CAD CLA YI . -33.90 36.29 -16.86
OBD CLA YI . -34.16 35.77 -15.76
CBD CLA YI . -32.62 35.92 -17.65
CGD CLA YI . -31.40 36.47 -16.89
O1D CLA YI . -31.54 37.38 -16.11
O2D CLA YI . -30.20 36.10 -17.28
CED CLA YI . -29.68 34.81 -16.92
MG CLA ZI . -18.54 44.27 -30.36
CHA CLA ZI . -16.64 45.15 -27.54
CHB CLA ZI . -21.28 45.53 -28.81
CHC CLA ZI . -20.35 44.24 -33.35
CHD CLA ZI . -15.59 43.94 -32.13
NA CLA ZI . -18.91 45.18 -28.41
C1A CLA ZI . -18.00 45.34 -27.38
C2A CLA ZI . -18.72 45.71 -26.11
C3A CLA ZI . -20.20 45.54 -26.49
C4A CLA ZI . -20.15 45.48 -28.00
CMA CLA ZI . -20.74 44.23 -25.94
CAA CLA ZI . -18.41 47.18 -25.69
CBA CLA ZI . -18.46 47.50 -24.25
NB CLA ZI . -20.48 44.81 -30.95
C1B CLA ZI . -21.42 45.30 -30.11
C2B CLA ZI . -22.64 45.54 -30.85
C3B CLA ZI . -22.43 45.20 -32.14
C4B CLA ZI . -21.03 44.71 -32.22
CMB CLA ZI . -23.89 46.10 -30.22
CAB CLA ZI . -23.58 45.39 -33.08
NC CLA ZI . -18.04 44.12 -32.40
C1C CLA ZI . -18.93 44.12 -33.45
C2C CLA ZI . -18.18 43.99 -34.69
C3C CLA ZI . -16.85 43.91 -34.36
C4C CLA ZI . -16.76 43.99 -32.90
CMC CLA ZI . -18.79 43.96 -36.07
CAC CLA ZI . -15.66 43.76 -35.29
CBC CLA ZI . -14.93 45.11 -35.47
ND CLA ZI . -16.54 44.51 -29.99
C1D CLA ZI . -15.47 44.31 -30.77
C2D CLA ZI . -14.26 44.57 -30.08
C3D CLA ZI . -14.66 44.90 -28.77
C4D CLA ZI . -16.06 44.84 -28.75
CMD CLA ZI . -12.82 44.49 -30.62
CAD CLA ZI . -14.22 45.29 -27.46
OBD CLA ZI . -13.10 45.66 -27.06
CBD CLA ZI . -15.48 45.51 -26.59
CGD CLA ZI . -15.41 44.54 -25.40
O1D CLA ZI . -16.20 43.62 -25.31
O2D CLA ZI . -14.67 44.88 -24.36
CED CLA ZI . -15.21 44.83 -23.04
MG CLA AJ . -32.91 44.82 -38.11
CHA CLA AJ . -29.66 44.10 -39.09
CHB CLA AJ . -33.75 45.30 -41.29
CHC CLA AJ . -36.30 44.84 -37.25
CHD CLA AJ . -32.06 44.09 -34.85
NA CLA AJ . -31.91 44.38 -39.99
C1A CLA AJ . -30.54 44.18 -40.14
C2A CLA AJ . -30.18 44.19 -41.61
C3A CLA AJ . -31.49 44.62 -42.28
C4A CLA AJ . -32.47 44.73 -41.16
CMA CLA AJ . -31.30 46.00 -42.92
CAA CLA AJ . -29.74 42.76 -42.09
CBA CLA AJ . -29.20 42.65 -43.45
CGA CLA AJ . -28.01 43.48 -43.69
O1A CLA AJ . -26.93 43.06 -43.31
O2A CLA AJ . -28.03 44.49 -44.57
NB CLA AJ . -34.74 45.03 -39.12
C1B CLA AJ . -34.79 45.24 -40.45
C2B CLA AJ . -36.18 45.37 -40.85
C3B CLA AJ . -36.95 45.24 -39.72
C4B CLA AJ . -36.01 45.03 -38.60
CMB CLA AJ . -36.63 45.61 -42.26
CAB CLA AJ . -38.43 45.35 -39.92
CBB CLA AJ . -39.26 45.54 -38.98
NC CLA AJ . -34.00 44.50 -36.34
C1C CLA AJ . -35.37 44.55 -36.20
C2C CLA AJ . -35.70 44.27 -34.81
C3C CLA AJ . -34.52 44.06 -34.13
C4C CLA AJ . -33.43 44.21 -35.11
CMC CLA AJ . -37.09 44.23 -34.25
CAC CLA AJ . -34.34 43.73 -32.67
CBC CLA AJ . -33.90 44.98 -31.88
ND CLA AJ . -31.25 44.19 -37.12
C1D CLA AJ . -31.03 43.98 -35.82
C2D CLA AJ . -29.69 43.60 -35.58
C3D CLA AJ . -29.08 43.63 -36.84
C4D CLA AJ . -30.06 44.02 -37.75
CMD CLA AJ . -29.04 43.25 -34.23
CAD CLA AJ . -27.86 43.43 -37.58
OBD CLA AJ . -26.69 43.32 -37.18
CBD CLA AJ . -28.21 43.58 -39.08
CGD CLA AJ . -27.24 44.62 -39.68
O1D CLA AJ . -27.66 45.56 -40.29
O2D CLA AJ . -25.98 44.28 -39.80
CED CLA AJ . -25.21 44.72 -40.93
C1 CLA AJ . -26.90 45.44 -44.64
C2 CLA AJ . -27.23 46.61 -43.71
C3 CLA AJ . -26.70 47.84 -43.65
C4 CLA AJ . -25.69 48.37 -44.68
C5 CLA AJ . -26.99 48.87 -42.54
C6 CLA AJ . -25.93 48.98 -41.44
C7 CLA AJ . -25.40 50.38 -41.27
C8 CLA AJ . -24.70 50.62 -39.91
C9 CLA AJ . -23.99 49.38 -39.39
C10 CLA AJ . -25.73 51.10 -38.92
C11 CLA AJ . -25.24 51.82 -37.67
C12 CLA AJ . -26.31 51.46 -36.63
C13 CLA AJ . -27.07 52.58 -35.87
C14 CLA AJ . -27.62 53.63 -36.84
C15 CLA AJ . -26.15 53.21 -34.79
C16 CLA AJ . -26.70 53.37 -33.38
C17 CLA AJ . -25.67 53.30 -32.27
C18 CLA AJ . -25.43 54.64 -31.58
C19 CLA AJ . -26.33 54.82 -30.36
C20 CLA AJ . -23.99 54.75 -31.15
MG CLA BJ . -44.40 31.33 -15.86
CHA CLA BJ . -44.50 33.26 -12.92
CHB CLA BJ . -42.00 33.43 -17.05
CHC CLA BJ . -43.72 29.21 -18.53
CHD CLA BJ . -45.67 28.66 -14.05
NA CLA BJ . -43.48 33.17 -15.15
C1A CLA BJ . -43.64 33.74 -13.88
C2A CLA BJ . -42.39 34.51 -13.57
C3A CLA BJ . -41.89 34.86 -14.97
C4A CLA BJ . -42.55 33.84 -15.83
CMA CLA BJ . -42.35 36.27 -15.35
CAA CLA BJ . -41.33 33.62 -12.81
CBA CLA BJ . -40.90 34.08 -11.49
NB CLA BJ . -43.09 31.34 -17.51
C1B CLA BJ . -42.20 32.32 -17.76
C2B CLA BJ . -41.46 32.00 -18.97
C3B CLA BJ . -41.90 30.81 -19.43
C4B CLA BJ . -42.97 30.37 -18.49
CMB CLA BJ . -40.38 32.88 -19.54
CAB CLA BJ . -41.25 30.29 -20.68
CBB CLA BJ . -41.80 29.48 -21.48
NC CLA BJ . -44.66 29.26 -16.22
C1C CLA BJ . -44.32 28.61 -17.38
C2C CLA BJ . -44.65 27.19 -17.22
C3C CLA BJ . -45.19 27.03 -15.97
C4C CLA BJ . -45.18 28.35 -15.33
CMC CLA BJ . -44.42 26.13 -18.27
CAC CLA BJ . -45.70 25.76 -15.33
CBC CLA BJ . -44.65 25.18 -14.35
ND CLA BJ . -44.96 30.97 -13.94
C1D CLA BJ . -45.48 29.87 -13.35
C2D CLA BJ . -45.75 30.08 -11.97
C3D CLA BJ . -45.38 31.41 -11.74
C4D CLA BJ . -44.93 31.93 -12.96
CMD CLA BJ . -46.31 29.09 -10.94
CAD CLA BJ . -45.30 32.47 -10.77
OBD CLA BJ . -45.83 32.60 -9.65
CBD CLA BJ . -44.48 33.60 -11.42
CGD CLA BJ . -45.16 34.95 -11.11
O1D CLA BJ . -44.50 35.90 -10.75
O2D CLA BJ . -46.47 35.03 -11.15
CED CLA BJ . -47.14 36.18 -10.59
MG CLA CJ . -35.26 37.77 -48.60
CHA CLA CJ . -34.24 36.87 -51.78
CHB CLA CJ . -32.14 38.82 -47.94
CHC CLA CJ . -36.39 39.58 -45.87
CHD CLA CJ . -38.50 36.94 -49.45
NA CLA CJ . -33.46 38.00 -49.78
C1A CLA CJ . -33.29 37.59 -51.09
C2A CLA CJ . -31.86 37.82 -51.51
C3A CLA CJ . -31.15 38.00 -50.17
C4A CLA CJ . -32.29 38.23 -49.20
CMA CLA CJ . -30.42 36.70 -49.82
CAA CLA CJ . -31.73 39.11 -52.40
CBA CLA CJ . -32.43 40.34 -51.98
CGA CLA CJ . -31.67 41.16 -51.03
O1A CLA CJ . -30.54 41.48 -51.33
O2A CLA CJ . -32.12 41.43 -49.80
NB CLA CJ . -34.40 39.00 -47.14
C1B CLA CJ . -33.07 39.27 -47.10
C2B CLA CJ . -32.81 40.14 -45.96
C3B CLA CJ . -33.99 40.38 -45.34
C4B CLA CJ . -35.03 39.65 -46.10
CMB CLA CJ . -31.45 40.65 -45.60
CAB CLA CJ . -33.92 41.27 -44.14
CBB CLA CJ . -34.04 40.86 -42.95
NC CLA CJ . -37.16 38.19 -47.79
C1C CLA CJ . -37.40 38.95 -46.67
C2C CLA CJ . -38.84 38.99 -46.45
C3C CLA CJ . -39.44 38.26 -47.45
C4C CLA CJ . -38.36 37.74 -48.30
CMC CLA CJ . -39.54 39.72 -45.33
CAC CLA CJ . -40.91 37.99 -47.66
CBC CLA CJ . -41.62 39.21 -48.30
ND CLA CJ . -36.23 37.08 -50.25
C1D CLA CJ . -37.51 36.75 -50.45
C2D CLA CJ . -37.72 36.27 -51.77
C3D CLA CJ . -36.44 36.29 -52.36
C4D CLA CJ . -35.56 36.77 -51.39
CMD CLA CJ . -39.04 35.82 -52.42
CAD CLA CJ . -35.66 36.02 -53.53
OBD CLA CJ . -35.99 35.58 -54.66
CBD CLA CJ . -34.17 36.20 -53.16
CGD CLA CJ . -33.51 34.82 -53.01
O1D CLA CJ . -32.78 34.41 -53.89
O2D CLA CJ . -33.45 34.30 -51.81
CED CLA CJ . -32.21 33.73 -51.33
C1 CLA CJ . -31.47 42.47 -48.97
C2 CLA CJ . -32.56 43.09 -48.09
C3 CLA CJ . -32.48 44.01 -47.12
C4 CLA CJ . -31.14 44.63 -46.69
C5 CLA CJ . -33.58 44.24 -46.07
C6 CLA CJ . -33.85 45.69 -45.67
C7 CLA CJ . -34.46 46.52 -46.77
C8 CLA CJ . -35.21 47.76 -46.23
C9 CLA CJ . -34.37 48.50 -45.20
C10 CLA CJ . -36.52 47.32 -45.63
C11 CLA CJ . -37.39 48.38 -44.97
C12 CLA CJ . -38.77 47.68 -44.87
C13 CLA CJ . -39.55 47.71 -43.54
C14 CLA CJ . -40.75 46.76 -43.57
C15 CLA CJ . -39.98 49.16 -43.21
C16 CLA CJ . -39.63 49.71 -41.83
C17 CLA CJ . -40.80 49.94 -40.90
C18 CLA CJ . -40.50 49.56 -39.45
C19 CLA CJ . -39.71 50.64 -38.74
C20 CLA CJ . -41.80 49.33 -38.72
MG CLA DJ . -40.87 35.44 -23.82
CHA CLA DJ . -41.98 36.48 -20.69
CHB CLA DJ . -38.63 37.90 -23.80
CHC CLA DJ . -39.09 33.92 -26.45
CHD CLA DJ . -42.89 32.66 -23.57
NA CLA DJ . -40.22 36.87 -22.33
C1A CLA DJ . -40.82 37.09 -21.09
C2A CLA DJ . -40.19 38.32 -20.46
C3A CLA DJ . -39.45 38.95 -21.63
C4A CLA DJ . -39.38 37.84 -22.63
CMA CLA DJ . -40.26 40.11 -22.20
CAA CLA DJ . -39.17 37.97 -19.31
CBA CLA DJ . -39.27 36.69 -18.59
CGA CLA DJ . -38.22 35.74 -18.93
O1A CLA DJ . -37.97 35.55 -20.10
O2A CLA DJ . -37.32 35.34 -18.01
NB CLA DJ . -39.15 35.84 -24.93
C1B CLA DJ . -38.40 36.95 -24.73
C2B CLA DJ . -37.29 36.96 -25.64
C3B CLA DJ . -37.37 35.84 -26.42
C4B CLA DJ . -38.58 35.12 -25.96
CMB CLA DJ . -36.25 38.04 -25.69
CAB CLA DJ . -36.29 35.68 -27.44
CBB CLA DJ . -36.49 35.63 -28.69
NC CLA DJ . -40.98 33.59 -24.84
C1C CLA DJ . -40.17 33.17 -25.86
C2C CLA DJ . -40.58 31.84 -26.28
C3C CLA DJ . -41.65 31.47 -25.48
C4C CLA DJ . -41.90 32.59 -24.56
CMC CLA DJ . -39.93 31.05 -27.38
CAC CLA DJ . -42.43 30.18 -25.51
CBC CLA DJ . -43.42 30.12 -26.69
ND CLA DJ . -42.15 34.66 -22.45
C1D CLA DJ . -42.94 33.57 -22.48
C2D CLA DJ . -43.71 33.45 -21.30
C3D CLA DJ . -43.38 34.58 -20.54
C4D CLA DJ . -42.46 35.31 -21.28
CMD CLA DJ . -44.70 32.33 -20.92
CAD CLA DJ . -43.62 35.29 -19.32
OBD CLA DJ . -44.44 35.10 -18.40
CBD CLA DJ . -42.68 36.53 -19.32
CGD CLA DJ . -43.56 37.79 -19.19
O1D CLA DJ . -44.09 38.26 -20.16
O2D CLA DJ . -43.47 38.49 -18.07
CED CLA DJ . -44.05 39.81 -17.99
C1 CLA DJ . -36.36 34.26 -18.34
C2 CLA DJ . -36.95 32.94 -17.82
C3 CLA DJ . -36.44 31.71 -17.80
C4 CLA DJ . -35.01 31.40 -18.29
C5 CLA DJ . -37.27 30.43 -17.56
C6 CLA DJ . -37.73 29.70 -18.83
MG CLA EJ . -24.38 31.07 -30.90
CHA CLA EJ . -27.52 31.09 -32.39
CHB CLA EJ . -25.87 30.76 -27.89
CHC CLA EJ . -21.30 30.52 -29.37
CHD CLA EJ . -22.98 30.38 -33.99
NA CLA EJ . -26.44 30.79 -30.23
C1A CLA EJ . -27.57 30.88 -31.03
C2A CLA EJ . -28.78 31.02 -30.14
C3A CLA EJ . -28.14 31.49 -28.84
C4A CLA EJ . -26.76 30.89 -28.95
CMA CLA EJ . -28.05 33.02 -28.81
CAA CLA EJ . -29.51 29.65 -29.92
CBA CLA EJ . -29.77 28.77 -31.07
CGA CLA EJ . -29.17 27.45 -30.96
O1A CLA EJ . -28.06 27.36 -30.48
O2A CLA EJ . -29.91 26.33 -31.09
NB CLA EJ . -23.72 30.69 -28.94
C1B CLA EJ . -24.54 30.62 -27.88
C2B CLA EJ . -23.75 30.36 -26.69
C3B CLA EJ . -22.45 30.29 -27.06
C4B CLA EJ . -22.42 30.50 -28.52
CMB CLA EJ . -24.33 30.21 -25.31
CAB CLA EJ . -21.45 30.03 -25.98
CBB CLA EJ . -20.33 30.62 -25.90
NC CLA EJ . -22.46 30.53 -31.57
C1C CLA EJ . -21.35 30.37 -30.78
C2C CLA EJ . -20.23 30.00 -31.63
C3C CLA EJ . -20.69 29.96 -32.92
C4C CLA EJ . -22.11 30.30 -32.88
CMC CLA EJ . -18.82 29.72 -31.16
CAC CLA EJ . -19.93 29.63 -34.17
CBC CLA EJ . -20.10 28.13 -34.49
ND CLA EJ . -25.04 30.76 -32.80
C1D CLA EJ . -24.39 30.54 -33.95
C2D CLA EJ . -25.28 30.43 -35.04
C3D CLA EJ . -26.54 30.63 -34.49
C4D CLA EJ . -26.36 30.86 -33.13
CMD CLA EJ . -24.94 30.15 -36.52
CAD CLA EJ . -27.95 30.73 -34.76
OBD CLA EJ . -28.57 30.67 -35.83
CBD CLA EJ . -28.64 31.14 -33.43
CGD CLA EJ . -29.18 32.58 -33.61
O1D CLA EJ . -28.59 33.51 -33.11
O2D CLA EJ . -30.39 32.72 -34.10
CED CLA EJ . -31.47 33.09 -33.22
C1 CLA EJ . -29.33 25.03 -30.72
C2 CLA EJ . -30.47 24.18 -30.14
C3 CLA EJ . -30.75 23.83 -28.87
C4 CLA EJ . -29.64 23.60 -27.83
C5 CLA EJ . -32.12 24.07 -28.20
C6 CLA EJ . -32.92 22.82 -27.85
MG CLA FJ . -26.69 40.23 -33.00
CHA CLA FJ . -26.46 40.16 -36.49
CHB CLA FJ . -23.39 40.73 -32.84
CHC CLA FJ . -27.00 41.56 -29.77
CHD CLA FJ . -30.09 39.95 -33.26
NA CLA FJ . -25.14 40.55 -34.48
C1A CLA FJ . -25.28 40.50 -35.86
C2A CLA FJ . -23.92 40.64 -36.51
C3A CLA FJ . -22.97 40.39 -35.34
C4A CLA FJ . -23.86 40.50 -34.13
CMA CLA FJ . -22.42 38.97 -35.43
CAA CLA FJ . -23.70 42.06 -37.14
CBA CLA FJ . -23.43 43.19 -36.23
CGA CLA FJ . -23.76 44.51 -36.77
O1A CLA FJ . -23.12 44.94 -37.71
O2A CLA FJ . -24.67 45.31 -36.19
NB CLA FJ . -25.40 41.01 -31.54
C1B CLA FJ . -24.06 41.10 -31.73
C2B CLA FJ . -23.46 41.66 -30.54
C3B CLA FJ . -24.44 41.91 -29.65
C4B CLA FJ . -25.72 41.49 -30.29
CMB CLA FJ . -21.98 41.90 -30.41
CAB CLA FJ . -24.01 42.50 -28.34
CBB CLA FJ . -24.39 42.08 -27.22
NC CLA FJ . -28.30 40.69 -31.71
C1C CLA FJ . -28.21 41.21 -30.45
C2C CLA FJ . -29.56 41.36 -29.92
C3C CLA FJ . -30.44 40.91 -30.88
C4C CLA FJ . -29.63 40.48 -32.03
CMC CLA FJ . -29.90 41.91 -28.56
CAC CLA FJ . -31.94 40.86 -30.82
CBC CLA FJ . -32.44 39.49 -30.31
ND CLA FJ . -28.04 40.10 -34.51
C1D CLA FJ . -29.37 39.94 -34.48
C2D CLA FJ . -29.91 39.87 -35.79
C3D CLA FJ . -28.81 39.94 -36.63
C4D CLA FJ . -27.68 40.06 -35.82
CMD CLA FJ . -31.39 39.73 -36.17
CAD CLA FJ . -28.35 39.94 -38.00
OBD CLA FJ . -28.92 39.57 -39.04
CBD CLA FJ . -26.82 40.20 -37.98
CGD CLA FJ . -26.14 39.06 -38.75
O1D CLA FJ . -25.76 38.07 -38.17
O2D CLA FJ . -25.79 39.26 -40.00
CED CLA FJ . -25.08 38.24 -40.73
C1 CLA FJ . -24.53 46.77 -36.28
C2 CLA FJ . -25.82 47.40 -35.74
C3 CLA FJ . -26.94 47.76 -36.39
C4 CLA FJ . -27.05 47.77 -37.92
C5 CLA FJ . -28.17 48.41 -35.71
C6 CLA FJ . -29.47 48.40 -36.51
C7 CLA FJ . -30.44 47.33 -36.08
C8 CLA FJ . -31.89 47.69 -36.44
C9 CLA FJ . -32.80 47.58 -35.23
C10 CLA FJ . -32.34 46.78 -37.57
C11 CLA FJ . -32.21 47.36 -38.96
C12 CLA FJ . -33.11 48.62 -38.90
C13 CLA FJ . -34.47 48.67 -39.63
C14 CLA FJ . -34.34 49.33 -41.00
C15 CLA FJ . -35.52 49.39 -38.74
C16 CLA FJ . -36.27 48.55 -37.71
C17 CLA FJ . -36.78 49.31 -36.51
C18 CLA FJ . -36.84 48.45 -35.24
C19 CLA FJ . -36.03 49.05 -34.11
C20 CLA FJ . -38.28 48.27 -34.81
MG CLA GJ . -44.79 26.84 -39.83
CHA CLA GJ . -44.79 24.60 -42.54
CHB CLA GJ . -47.31 28.52 -41.31
CHC CLA GJ . -45.72 28.31 -36.78
CHD CLA GJ . -42.67 24.71 -38.17
NA CLA GJ . -45.89 26.60 -41.69
C1A CLA GJ . -45.62 25.69 -42.71
C2A CLA GJ . -45.97 26.35 -44.03
C3A CLA GJ . -46.78 27.57 -43.61
C4A CLA GJ . -46.75 27.53 -42.12
CMA CLA GJ . -46.09 28.84 -44.12
CAA CLA GJ . -46.80 25.43 -44.99
CBA CLA GJ . -47.21 26.00 -46.28
CGA CLA GJ . -46.12 26.23 -47.24
O1A CLA GJ . -45.19 26.92 -46.90
O2A CLA GJ . -46.01 25.50 -48.37
NB CLA GJ . -46.27 28.19 -39.17
C1B CLA GJ . -47.19 28.74 -39.99
C2B CLA GJ . -48.06 29.61 -39.23
C3B CLA GJ . -47.65 29.58 -37.93
C4B CLA GJ . -46.49 28.66 -37.89
CMB CLA GJ . -49.20 30.38 -39.84
CAB CLA GJ . -48.42 30.43 -36.97
CBB CLA GJ . -49.39 29.99 -36.28
NC CLA GJ . -44.27 26.55 -37.81
C1C CLA GJ . -44.76 27.25 -36.73
C2C CLA GJ . -44.15 26.74 -35.52
C3C CLA GJ . -43.29 25.72 -35.89
C4C CLA GJ . -43.37 25.62 -37.35
CMC CLA GJ . -44.42 27.24 -34.12
CAC CLA GJ . -42.42 24.87 -35.01
CBC CLA GJ . -43.10 23.52 -34.72
ND CLA GJ . -43.91 25.04 -40.20
C1D CLA GJ . -43.05 24.31 -39.47
C2D CLA GJ . -42.67 23.12 -40.13
C3D CLA GJ . -43.33 23.18 -41.36
C4D CLA GJ . -44.05 24.37 -41.39
CMD CLA GJ . -41.74 22.00 -39.63
CAD CLA GJ . -43.54 22.51 -42.63
OBD CLA GJ . -43.32 21.34 -42.97
CBD CLA GJ . -44.46 23.43 -43.48
CGD CLA GJ . -43.64 23.90 -44.70
O1D CLA GJ . -43.31 23.11 -45.55
O2D CLA GJ . -43.21 25.14 -44.72
CED CLA GJ . -42.24 25.56 -45.68
C1 CLA GJ . -46.65 25.98 -49.62
C2 CLA GJ . -46.86 27.49 -49.52
C3 CLA GJ . -47.21 28.39 -50.46
C4 CLA GJ . -48.06 29.62 -50.11
C5 CLA GJ . -46.42 28.60 -51.76
C6 CLA GJ . -44.89 28.58 -51.61
C7 CLA GJ . -44.35 29.76 -50.84
C8 CLA GJ . -44.01 30.94 -51.75
C9 CLA GJ . -43.18 30.48 -52.95
C10 CLA GJ . -43.22 31.96 -50.95
C11 CLA GJ . -42.54 33.09 -51.69
C12 CLA GJ . -42.06 34.01 -50.54
C13 CLA GJ . -42.78 35.36 -50.26
C14 CLA GJ . -43.74 35.24 -49.07
C15 CLA GJ . -43.51 35.87 -51.53
C16 CLA GJ . -42.71 36.71 -52.52
C17 CLA GJ . -43.44 37.89 -53.12
C18 CLA GJ . -43.34 39.14 -52.24
C19 CLA GJ . -41.89 39.50 -51.95
C20 CLA GJ . -44.03 40.31 -52.93
C1 LUT HJ . -50.30 38.67 -36.83
C2 LUT HJ . -51.43 39.48 -36.12
C3 LUT HJ . -51.82 38.86 -34.77
C4 LUT HJ . -52.38 37.45 -35.00
C5 LUT HJ . -51.46 36.61 -35.87
C6 LUT HJ . -50.54 37.14 -36.71
C7 LUT HJ . -49.63 36.30 -37.49
C8 LUT HJ . -48.77 35.38 -36.96
C9 LUT HJ . -47.81 34.54 -37.68
C10 LUT HJ . -46.81 33.94 -37.00
C11 LUT HJ . -45.78 33.04 -37.51
C12 LUT HJ . -44.83 32.49 -36.70
C13 LUT HJ . -43.78 31.53 -37.06
C14 LUT HJ . -43.07 30.94 -36.07
C15 LUT HJ . -42.01 29.93 -36.20
C16 LUT HJ . -48.93 39.00 -36.19
C17 LUT HJ . -50.28 39.10 -38.32
C18 LUT HJ . -51.71 35.12 -35.73
C19 LUT HJ . -48.05 34.30 -39.17
C20 LUT HJ . -43.48 31.31 -38.53
O3 LUT HJ . -52.79 39.67 -34.12
C21 LUT HJ . -33.46 20.66 -33.49
C22 LUT HJ . -32.51 19.54 -33.99
C23 LUT HJ . -31.06 19.76 -33.53
C24 LUT HJ . -30.61 21.19 -33.76
C25 LUT HJ . -31.45 22.21 -33.98
C26 LUT HJ . -32.97 22.04 -34.06
C27 LUT HJ . -33.71 23.19 -33.42
C28 LUT HJ . -34.77 23.80 -33.98
C29 LUT HJ . -35.55 24.89 -33.39
C30 LUT HJ . -36.69 25.33 -34.02
C31 LUT HJ . -37.58 26.43 -33.64
C32 LUT HJ . -38.57 26.86 -34.44
C33 LUT HJ . -39.50 27.96 -34.20
C34 LUT HJ . -40.28 28.44 -35.21
C35 LUT HJ . -41.29 29.49 -35.14
C36 LUT HJ . -33.48 20.68 -31.94
C37 LUT HJ . -34.90 20.35 -33.99
C38 LUT HJ . -30.93 23.61 -34.24
C39 LUT HJ . -35.00 25.58 -32.15
C40 LUT HJ . -39.63 28.49 -32.77
O23 LUT HJ . -30.19 18.88 -34.22
C1 LUT IJ . -40.62 39.20 -27.05
C2 LUT IJ . -41.07 39.71 -25.66
C3 LUT IJ . -41.35 41.22 -25.64
C4 LUT IJ . -40.09 42.00 -26.03
C5 LUT IJ . -39.33 41.39 -27.19
C6 LUT IJ . -39.52 40.11 -27.63
C7 LUT IJ . -38.73 39.56 -28.75
C8 LUT IJ . -38.61 40.14 -29.97
C9 LUT IJ . -37.82 39.68 -31.10
C10 LUT IJ . -38.04 40.20 -32.33
C11 LUT IJ . -37.33 39.95 -33.58
C12 LUT IJ . -37.70 40.53 -34.74
C13 LUT IJ . -37.10 40.42 -36.08
C14 LUT IJ . -37.77 40.95 -37.15
C15 LUT IJ . -37.32 41.07 -38.52
C16 LUT IJ . -41.81 39.19 -28.04
C17 LUT IJ . -40.10 37.74 -26.87
C18 LUT IJ . -38.27 42.31 -27.75
C19 LUT IJ . -36.68 38.70 -30.82
C20 LUT IJ . -35.69 39.87 -36.17
O3 LUT IJ . -41.79 41.62 -24.35
C21 LUT IJ . -36.07 42.12 -50.68
C22 LUT IJ . -35.33 42.41 -52.02
C23 LUT IJ . -34.75 43.85 -52.07
C24 LUT IJ . -35.77 44.86 -51.63
C25 LUT IJ . -36.89 44.56 -50.95
C26 LUT IJ . -37.27 43.12 -50.58
C27 LUT IJ . -38.03 42.99 -49.27
C28 LUT IJ . -37.62 43.43 -48.05
C29 LUT IJ . -38.38 43.25 -46.82
C30 LUT IJ . -37.75 43.10 -45.63
C31 LUT IJ . -38.41 42.91 -44.34
C32 LUT IJ . -37.77 42.65 -43.18
C33 LUT IJ . -38.37 42.44 -41.86
C34 LUT IJ . -37.66 41.86 -40.87
C35 LUT IJ . -38.08 41.65 -39.48
C36 LUT IJ . -35.08 42.24 -49.51
C37 LUT IJ . -36.62 40.67 -50.73
C38 LUT IJ . -37.92 45.62 -50.61
C39 LUT IJ . -39.89 43.34 -46.94
C40 LUT IJ . -39.77 43.00 -41.64
O23 LUT IJ . -34.34 44.14 -53.40
C42 PGT JJ . 34.26 123.46 -33.37
C41 PGT JJ . 35.11 124.22 -34.39
C40 PGT JJ . 36.60 124.07 -34.17
C39 PGT JJ . 37.07 122.62 -34.13
C38 PGT JJ . 38.56 122.47 -33.87
C37 PGT JJ . 39.40 122.61 -35.14
C36 PGT JJ . 40.86 122.97 -34.84
C35 PGT JJ . 41.85 121.87 -35.22
C34 PGT JJ . 41.75 120.64 -34.34
C33 PGT JJ . 42.97 119.74 -34.47
C32 PGT JJ . 44.22 120.39 -33.90
C31 PGT JJ . 45.33 120.51 -34.90
O31 PGT JJ . 45.22 120.98 -36.01
O2 PGT JJ . 46.47 120.04 -34.41
C2 PGT JJ . 47.59 119.91 -35.29
C1 PGT JJ . 48.04 118.45 -35.41
O3P PGT JJ . 49.01 118.26 -36.41
P PGT JJ . 48.55 118.54 -37.96
O1P PGT JJ . 47.12 118.10 -38.13
O2P PGT JJ . 48.95 119.90 -38.40
O4P PGT JJ . 49.57 117.40 -38.56
C4 PGT JJ . 50.00 117.53 -39.91
C5 PGT JJ . 48.80 117.41 -40.84
O5 PGT JJ . 48.90 116.29 -41.70
C6 PGT JJ . 48.61 118.70 -41.61
O6 PGT JJ . 49.72 118.93 -42.43
C3 PGT JJ . 48.65 120.87 -34.81
O3 PGT JJ . 49.46 121.32 -35.89
C11 PGT JJ . 49.20 122.50 -36.46
O11 PGT JJ . 49.18 122.66 -37.65
C12 PGT JJ . 48.96 123.59 -35.45
C13 PGT JJ . 49.10 124.99 -36.03
C14 PGT JJ . 49.93 125.89 -35.12
C15 PGT JJ . 49.66 127.37 -35.34
C16 PGT JJ . 48.29 127.81 -34.83
C17 PGT JJ . 48.10 127.51 -33.35
C18 PGT JJ . 46.76 127.97 -32.79
C19 PGT JJ . 46.65 127.80 -31.29
C20 PGT JJ . 45.22 127.66 -30.79
C21 PGT JJ . 45.11 126.75 -29.56
C22 PGT JJ . 45.85 127.28 -28.34
C23 PGT JJ . 45.12 128.43 -27.65
C24 PGT JJ . 45.50 128.57 -26.18
C25 PGT JJ . 45.17 127.34 -25.35
C26 PGT JJ . 43.68 127.04 -25.30
MG CLA KJ . 44.67 113.63 -4.63
CHA CLA KJ . 42.48 113.78 -1.88
CHB CLA KJ . 47.24 113.28 -2.47
CHC CLA KJ . 46.79 112.61 -7.20
CHD CLA KJ . 41.94 113.10 -6.67
NA CLA KJ . 44.83 113.52 -2.46
C1A CLA KJ . 43.80 113.59 -1.54
C2A CLA KJ . 44.37 113.44 -0.15
C3A CLA KJ . 45.84 113.79 -0.38
C4A CLA KJ . 46.02 113.54 -1.85
CMA CLA KJ . 46.08 115.27 -0.09
CAA CLA KJ . 44.26 111.98 0.44
CBA CLA KJ . 43.22 111.05 -0.06
CGA CLA KJ . 43.61 110.32 -1.26
O1A CLA KJ . 44.65 110.63 -1.78
O2A CLA KJ . 42.71 109.63 -1.98
NB CLA KJ . 46.68 113.04 -4.80
C1B CLA KJ . 47.53 112.99 -3.74
C2B CLA KJ . 48.83 112.55 -4.21
C3B CLA KJ . 48.75 112.34 -5.55
C4B CLA KJ . 47.35 112.67 -5.94
CMB CLA KJ . 50.03 112.37 -3.31
CAB CLA KJ . 50.00 111.89 -6.23
CBB CLA KJ . 50.26 112.12 -7.46
NC CLA KJ . 44.40 112.97 -6.61
C1C CLA KJ . 45.40 112.59 -7.49
C2C CLA KJ . 44.78 112.21 -8.75
C3C CLA KJ . 43.42 112.34 -8.62
C4C CLA KJ . 43.19 112.82 -7.25
CMC CLA KJ . 45.54 111.74 -9.97
CAC CLA KJ . 42.35 112.06 -9.64
CBC CLA KJ . 41.66 110.71 -9.36
ND CLA KJ . 42.66 113.44 -4.39
C1D CLA KJ . 41.68 113.26 -5.29
C2D CLA KJ . 40.41 113.23 -4.68
C3D CLA KJ . 40.64 113.43 -3.32
C4D CLA KJ . 42.03 113.59 -3.18
CMD CLA KJ . 39.05 113.01 -5.37
CAD CLA KJ . 40.06 113.56 -2.01
OBD CLA KJ . 38.88 113.78 -1.67
CBD CLA KJ . 41.22 113.69 -1.00
CGD CLA KJ . 41.01 114.98 -0.18
O1D CLA KJ . 40.60 115.99 -0.72
O2D CLA KJ . 41.44 115.00 1.06
CED CLA KJ . 40.52 115.19 2.15
C1 CLA KJ . 43.19 108.60 -2.93
C2 CLA KJ . 43.37 109.26 -4.31
C3 CLA KJ . 43.47 108.69 -5.52
C4 CLA KJ . 43.16 107.21 -5.76
C5 CLA KJ . 44.22 109.31 -6.72
C6 CLA KJ . 45.47 108.57 -7.20
C7 CLA KJ . 46.65 108.73 -6.27
C8 CLA KJ . 47.74 107.69 -6.56
C9 CLA KJ . 48.12 106.94 -5.29
C10 CLA KJ . 48.94 108.41 -7.14
MG CLA LJ . 47.24 109.43 3.55
CHA CLA LJ . 45.53 107.10 1.58
CHB CLA LJ . 46.77 107.37 6.22
CHC CLA LJ . 49.59 111.19 5.43
CHD CLA LJ . 48.51 110.83 0.65
NA CLA LJ . 46.20 107.54 3.87
C1A CLA LJ . 45.52 106.82 2.92
C2A CLA LJ . 45.04 105.53 3.54
C3A CLA LJ . 45.06 105.89 5.03
C4A CLA LJ . 46.05 107.02 5.08
CMA CLA LJ . 43.68 106.40 5.44
CAA CLA LJ . 46.03 104.35 3.23
NB CLA LJ . 48.03 109.29 5.49
C1B CLA LJ . 47.68 108.36 6.39
C2B CLA LJ . 48.41 108.55 7.63
C3B CLA LJ . 49.23 109.63 7.46
C4B CLA LJ . 49.00 110.11 6.08
CMB CLA LJ . 48.26 107.67 8.84
CAB CLA LJ . 50.09 109.99 8.63
CBB CLA LJ . 50.68 111.09 8.76
NC CLA LJ . 48.80 110.79 3.11
C1C CLA LJ . 49.63 111.39 4.02
C2C CLA LJ . 50.56 112.25 3.31
C3C CLA LJ . 50.27 112.16 1.96
C4C CLA LJ . 49.14 111.23 1.85
CMC CLA LJ . 51.64 113.08 3.95
CAC CLA LJ . 50.94 112.86 0.81
CBC CLA LJ . 51.89 111.91 0.05
ND CLA LJ . 47.12 109.08 1.55
C1D CLA LJ . 47.64 109.73 0.50
C2D CLA LJ . 47.24 109.13 -0.74
C3D CLA LJ . 46.40 108.08 -0.37
C4D CLA LJ . 46.33 108.10 1.03
CMD CLA LJ . 47.66 109.55 -2.16
CAD CLA LJ . 45.58 107.00 -0.84
OBD CLA LJ . 45.54 106.43 -1.94
CBD CLA LJ . 44.89 106.37 0.40
CGD CLA LJ . 43.38 106.67 0.34
O1D CLA LJ . 42.99 107.81 0.44
O2D CLA LJ . 42.55 105.67 0.61
CED CLA LJ . 41.63 105.78 1.70
MG CHL MJ . 41.09 130.19 -15.48
CHA CHL MJ . 38.04 130.19 -13.84
CHB CHL MJ . 41.58 126.90 -14.74
CHC CHL MJ . 43.68 130.01 -17.86
CHD CHL MJ . 40.51 133.50 -16.42
NA CHL MJ . 39.98 128.74 -14.40
C1A CHL MJ . 38.71 128.93 -13.82
C2A CHL MJ . 38.15 127.60 -13.43
C3A CHL MJ . 39.41 126.71 -13.39
C4A CHL MJ . 40.43 127.46 -14.17
CMA CHL MJ . 39.93 126.62 -11.95
CAA CHL MJ . 37.30 126.98 -14.58
NB CHL MJ . 42.40 128.70 -16.17
C1B CHL MJ . 42.41 127.41 -15.71
C2B CHL MJ . 43.43 126.68 -16.41
C3B CHL MJ . 44.03 127.52 -17.27
C4B CHL MJ . 43.38 128.82 -17.14
CMB CHL MJ . 43.75 125.23 -16.16
CAB CHL MJ . 45.09 126.97 -18.08
CBB CHL MJ . 45.36 127.46 -19.31
NC CHL MJ . 41.94 131.52 -16.89
C1C CHL MJ . 42.99 131.24 -17.75
C2C CHL MJ . 43.25 132.41 -18.54
C3C CHL MJ . 42.35 133.38 -18.12
C4C CHL MJ . 41.55 132.82 -17.09
CMC CHL MJ . 44.35 132.54 -19.64
OMC CHL MJ . 44.18 133.27 -20.63
CAC CHL MJ . 42.19 134.83 -18.61
CBC CHL MJ . 43.37 135.64 -18.11
ND CHL MJ . 39.64 131.57 -15.23
C1D CHL MJ . 39.52 132.88 -15.64
C2D CHL MJ . 38.27 133.46 -15.19
C3D CHL MJ . 37.66 132.46 -14.49
C4D CHL MJ . 38.52 131.31 -14.52
CMD CHL MJ . 37.76 134.88 -15.45
CAD CHL MJ . 36.49 132.08 -13.72
OBD CHL MJ . 35.49 132.73 -13.44
CBD CHL MJ . 36.77 130.71 -13.10
CGD CHL MJ . 36.97 130.79 -11.60
O1D CHL MJ . 37.71 129.96 -11.00
O2D CHL MJ . 36.29 131.78 -10.86
CED CHL MJ . 35.25 131.40 -9.94
MG CLA NJ . 60.98 129.26 -26.57
CHA CLA NJ . 59.80 127.03 -24.14
CHB CLA NJ . 61.13 131.66 -24.16
CHC CLA NJ . 62.64 131.43 -28.72
CHD CLA NJ . 61.99 126.56 -28.47
NA CLA NJ . 60.45 129.36 -24.47
C1A CLA NJ . 59.90 128.34 -23.72
C2A CLA NJ . 59.49 128.87 -22.37
C3A CLA NJ . 59.52 130.38 -22.60
C4A CLA NJ . 60.42 130.51 -23.80
CMA CLA NJ . 58.12 130.87 -22.95
CAA CLA NJ . 60.50 128.46 -21.24
CBA CLA NJ . 61.93 128.29 -21.61
CGA CLA NJ . 62.82 128.10 -20.47
O1A CLA NJ . 62.58 128.71 -19.45
O2A CLA NJ . 63.66 127.06 -20.42
NB CLA NJ . 61.75 131.22 -26.44
C1B CLA NJ . 61.69 131.98 -25.33
C2B CLA NJ . 62.31 133.27 -25.61
C3B CLA NJ . 62.75 133.26 -26.89
C4B CLA NJ . 62.39 131.92 -27.45
CMB CLA NJ . 62.42 134.38 -24.60
CAB CLA NJ . 63.44 134.50 -27.37
CBB CLA NJ . 63.55 134.82 -28.60
NC CLA NJ . 62.14 129.02 -28.32
C1C CLA NJ . 62.72 130.04 -29.04
C2C CLA NJ . 63.43 129.45 -30.17
C3C CLA NJ . 63.26 128.09 -30.11
C4C CLA NJ . 62.43 127.82 -28.92
CMC CLA NJ . 64.20 130.23 -31.20
CAC CLA NJ . 63.81 127.05 -31.05
CBC CLA NJ . 62.71 126.40 -31.91
ND CLA NJ . 60.95 127.23 -26.39
C1D CLA NJ . 61.36 126.26 -27.23
C2D CLA NJ . 61.12 124.98 -26.70
C3D CLA NJ . 60.49 125.21 -25.47
C4D CLA NJ . 60.39 126.59 -25.32
CMD CLA NJ . 61.45 123.60 -27.31
CAD CLA NJ . 59.91 124.61 -24.31
OBD CLA NJ . 59.87 123.41 -23.94
CBD CLA NJ . 59.60 125.74 -23.31
CGD CLA NJ . 58.13 125.57 -22.86
O1D CLA NJ . 57.31 125.17 -23.64
O2D CLA NJ . 57.89 125.54 -21.57
CED CLA NJ . 56.63 125.08 -21.07
C1 CLA NJ . 65.13 127.29 -20.46
C2 CLA NJ . 65.57 127.70 -19.05
C3 CLA NJ . 66.03 128.88 -18.59
C4 CLA NJ . 66.69 129.91 -19.53
C5 CLA NJ . 65.61 129.51 -17.25
MG CLA OJ . 64.13 120.28 -19.44
CHA CLA OJ . 66.89 120.90 -21.53
CHB CLA OJ . 65.97 117.91 -17.91
CHC CLA OJ . 62.24 120.61 -16.57
CHD CLA OJ . 62.50 122.90 -20.90
NA CLA OJ . 66.10 119.42 -19.76
C1A CLA OJ . 67.10 119.93 -20.57
C2A CLA OJ . 68.41 119.47 -19.98
C3A CLA OJ . 67.97 118.10 -19.47
C4A CLA OJ . 66.53 118.36 -19.10
CMA CLA OJ . 68.00 117.08 -20.62
CAA CLA OJ . 68.83 120.37 -18.76
CBA CLA OJ . 69.26 119.70 -17.52
CGA CLA OJ . 68.57 120.12 -16.30
O1A CLA OJ . 67.36 120.19 -16.34
O2A CLA OJ . 69.13 120.01 -15.09
NB CLA OJ . 64.12 119.40 -17.54
C1B CLA OJ . 64.99 118.44 -17.16
C2B CLA OJ . 64.71 118.05 -15.80
C3B CLA OJ . 63.66 118.79 -15.37
C4B CLA OJ . 63.26 119.67 -16.49
CMB CLA OJ . 65.49 117.01 -15.05
CAB CLA OJ . 63.24 118.49 -13.96
CBB CLA OJ . 62.14 118.82 -13.44
NC CLA OJ . 62.60 121.57 -18.83
C1C CLA OJ . 61.94 121.53 -17.62
C2C CLA OJ . 60.96 122.60 -17.61
C3C CLA OJ . 61.02 123.26 -18.82
C4C CLA OJ . 62.08 122.59 -19.60
CMC CLA OJ . 60.00 122.93 -16.49
CAC CLA OJ . 60.21 124.41 -19.31
CBC CLA OJ . 60.79 125.74 -18.76
ND CLA OJ . 64.55 121.65 -20.88
C1D CLA OJ . 63.80 122.64 -21.40
C2D CLA OJ . 64.49 123.35 -22.41
C3D CLA OJ . 65.73 122.70 -22.51
C4D CLA OJ . 65.73 121.66 -21.58
CMD CLA OJ . 63.98 124.55 -23.23
CAD CLA OJ . 67.00 122.67 -23.20
OBD CLA OJ . 67.37 123.26 -24.22
CBD CLA OJ . 67.83 121.50 -22.59
CGD CLA OJ . 68.12 120.49 -23.70
O1D CLA OJ . 67.89 119.31 -23.53
O2D CLA OJ . 68.90 120.87 -24.70
CED CLA OJ . 69.68 119.92 -25.43
C1 CLA OJ . 68.28 119.65 -13.93
C2 CLA OJ . 67.93 120.94 -13.17
C3 CLA OJ . 67.03 121.15 -12.19
C4 CLA OJ . 65.73 120.33 -12.09
C5 CLA OJ . 67.34 121.87 -10.87
C6 CLA OJ . 66.66 123.24 -10.68
C7 CLA OJ . 65.56 123.22 -9.64
C8 CLA OJ . 64.98 124.62 -9.41
C9 CLA OJ . 66.03 125.59 -8.88
C10 CLA OJ . 63.81 124.53 -8.44
C11 CLA OJ . 62.70 125.56 -8.55
MG CLA PJ . 52.54 109.78 -22.16
CHA CLA PJ . 54.23 107.10 -23.57
CHB CLA PJ . 52.18 111.14 -25.23
CHC CLA PJ . 50.44 112.25 -20.90
CHD CLA PJ . 52.28 108.01 -19.20
NA CLA PJ . 52.95 109.09 -24.18
C1A CLA PJ . 53.69 107.97 -24.51
C2A CLA PJ . 54.01 107.98 -25.98
C3A CLA PJ . 53.72 109.43 -26.35
C4A CLA PJ . 52.88 109.93 -25.21
CMA CLA PJ . 55.04 110.21 -26.37
CAA CLA PJ . 53.10 106.98 -26.79
CBA CLA PJ . 51.65 106.97 -26.53
CGA CLA PJ . 50.90 107.96 -27.32
O1A CLA PJ . 50.76 107.77 -28.51
O2A CLA PJ . 50.35 109.04 -26.76
NB CLA PJ . 51.48 111.42 -22.94
C1B CLA PJ . 51.51 111.76 -24.25
C2B CLA PJ . 50.68 112.93 -24.45
C3B CLA PJ . 50.17 113.29 -23.25
C4B CLA PJ . 50.68 112.31 -22.26
CMB CLA PJ . 50.49 113.58 -25.80
CAB CLA PJ . 49.27 114.49 -23.24
CBB CLA PJ . 48.01 114.45 -23.43
NC CLA PJ . 51.52 110.08 -20.33
C1C CLA PJ . 50.73 111.15 -20.02
C2C CLA PJ . 50.22 110.97 -18.67
C3C CLA PJ . 50.73 109.79 -18.18
C4C CLA PJ . 51.57 109.22 -19.25
CMC CLA PJ . 49.30 111.92 -17.95
CAC CLA PJ . 50.50 109.16 -16.84
CBC CLA PJ . 51.44 109.76 -15.77
ND CLA PJ . 53.09 107.94 -21.48
C1D CLA PJ . 52.97 107.38 -20.27
C2D CLA PJ . 53.55 106.08 -20.26
C3D CLA PJ . 54.08 105.91 -21.55
C4D CLA PJ . 53.80 107.08 -22.25
CMD CLA PJ . 53.60 105.09 -19.09
CAD CLA PJ . 54.79 105.02 -22.43
OBD CLA PJ . 55.48 104.02 -22.19
CBD CLA PJ . 54.87 105.73 -23.81
CGD CLA PJ . 56.36 105.87 -24.19
O1D CLA PJ . 56.88 105.03 -24.88
O2D CLA PJ . 56.91 107.06 -24.07
CED CLA PJ . 57.76 107.58 -25.11
C1 CLA PJ . 49.44 109.91 -27.52
C2 CLA PJ . 48.53 110.61 -26.51
C3 CLA PJ . 47.42 111.36 -26.68
C4 CLA PJ . 46.93 111.80 -28.07
C5 CLA PJ . 46.52 111.88 -25.55
C6 CLA PJ . 45.02 111.63 -25.72
C7 CLA PJ . 44.19 112.08 -24.54
C8 CLA PJ . 42.91 111.24 -24.40
C9 CLA PJ . 41.94 111.54 -25.53
C10 CLA PJ . 42.26 111.56 -23.07
C11 CLA PJ . 42.93 111.09 -21.78
C12 CLA PJ . 42.01 111.68 -20.69
C13 CLA PJ . 41.83 110.97 -19.34
C14 CLA PJ . 42.47 111.77 -18.19
C15 CLA PJ . 42.40 109.52 -19.40
MG CLA QJ . 52.28 132.33 -10.01
CHA CLA QJ . 50.77 135.08 -8.45
CHB CLA QJ . 50.31 132.85 -12.71
CHC CLA QJ . 54.26 130.22 -12.00
CHD CLA QJ . 54.67 132.23 -7.53
NA CLA QJ . 50.79 133.83 -10.55
C1A CLA QJ . 50.29 134.82 -9.72
C2A CLA QJ . 49.17 135.55 -10.39
C3A CLA QJ . 48.98 134.78 -11.70
C4A CLA QJ . 50.03 133.70 -11.64
CMA CLA QJ . 47.59 134.15 -11.74
CAA CLA QJ . 49.56 137.05 -10.68
CBA CLA QJ . 50.53 137.29 -11.77
CGA CLA QJ . 51.15 138.61 -11.73
O1A CLA QJ . 52.05 138.86 -12.50
O2A CLA QJ . 50.62 139.61 -11.01
NB CLA QJ . 52.28 131.67 -12.01
C1B CLA QJ . 51.35 132.04 -12.91
C2B CLA QJ . 51.63 131.40 -14.18
C3B CLA QJ . 52.74 130.65 -14.03
C4B CLA QJ . 53.17 130.81 -12.62
CMB CLA QJ . 50.78 131.59 -15.40
CAB CLA QJ . 53.20 129.90 -15.25
CBB CLA QJ . 53.39 128.65 -15.28
NC CLA QJ . 54.16 131.39 -9.80
C1C CLA QJ . 54.77 130.58 -10.71
C2C CLA QJ . 56.05 130.14 -10.17
C3C CLA QJ . 56.18 130.70 -8.92
C4C CLA QJ . 54.97 131.49 -8.68
CMC CLA QJ . 57.03 129.24 -10.87
CAC CLA QJ . 57.31 130.54 -7.94
CBC CLA QJ . 58.32 131.70 -8.09
ND CLA QJ . 52.71 133.42 -8.33
C1D CLA QJ . 53.68 133.24 -7.42
C3D CLA QJ . 52.35 135.09 -6.73
C4D CLA QJ . 51.91 134.47 -7.92
CAD CLA QJ . 51.45 136.18 -6.43
OBD CLA QJ . 51.67 137.25 -5.85
CBD CLA QJ . 50.23 136.00 -7.36
CGD CLA QJ . 49.11 135.32 -6.55
O1D CLA QJ . 49.37 134.62 -5.61
O2D CLA QJ . 47.86 135.62 -6.85
CED CLA QJ . 47.02 136.27 -5.87
MG CLA RJ . 50.96 136.96 -16.99
CHA CLA RJ . 48.03 135.06 -16.48
CHB CLA RJ . 51.67 135.07 -19.68
CHC CLA RJ . 53.31 139.29 -18.12
CHD CLA RJ . 49.73 139.28 -14.76
NA CLA RJ . 49.96 135.29 -17.96
C1A CLA RJ . 48.85 134.58 -17.50
C2A CLA RJ . 49.01 133.14 -17.95
C3A CLA RJ . 49.98 133.25 -19.12
C4A CLA RJ . 50.54 134.64 -18.97
CMA CLA RJ . 51.11 132.23 -19.00
CAA CLA RJ . 47.67 132.51 -18.49
CBA CLA RJ . 47.65 131.04 -18.66
NB CLA RJ . 52.26 137.14 -18.63
C1B CLA RJ . 52.35 136.21 -19.59
C2B CLA RJ . 53.34 136.63 -20.57
C3B CLA RJ . 53.83 137.83 -20.17
C4B CLA RJ . 53.14 138.17 -18.91
CMB CLA RJ . 53.68 135.83 -21.80
CAB CLA RJ . 54.87 138.45 -21.05
CBB CLA RJ . 55.65 139.38 -20.69
NC CLA RJ . 51.43 138.96 -16.51
C1C CLA RJ . 52.42 139.72 -17.09
C2C CLA RJ . 52.42 141.04 -16.47
C3C CLA RJ . 51.42 141.05 -15.52
C4C CLA RJ . 50.80 139.72 -15.55
CMC CLA RJ . 53.36 142.17 -16.83
CAC CLA RJ . 51.00 142.16 -14.61
CBC CLA RJ . 51.69 142.06 -13.23
ND CLA RJ . 49.27 137.19 -15.87
C1D CLA RJ . 48.93 138.16 -14.99
C2D CLA RJ . 47.66 137.91 -14.41
C3D CLA RJ . 47.27 136.70 -14.96
C4D CLA RJ . 48.28 136.26 -15.82
CMD CLA RJ . 46.90 138.78 -13.39
CAD CLA RJ . 46.22 135.71 -14.97
OBD CLA RJ . 45.08 135.74 -14.47
CBD CLA RJ . 46.58 134.70 -16.09
CGD CLA RJ . 46.43 133.31 -15.43
O1D CLA RJ . 47.36 132.79 -14.87
O2D CLA RJ . 45.31 132.66 -15.69
CED CLA RJ . 44.27 132.61 -14.69
MG CLA SJ . 30.66 105.81 -6.16
CHA CLA SJ . 29.07 108.76 -7.13
CHB CLA SJ . 27.78 104.79 -4.70
CHC CLA SJ . 32.05 102.72 -5.46
CHD CLA SJ . 32.91 106.27 -8.76
NA CLA SJ . 28.70 106.69 -5.90
C1A CLA SJ . 28.32 107.98 -6.26
C2A CLA SJ . 27.01 108.31 -5.59
C3A CLA SJ . 26.47 106.92 -5.27
C4A CLA SJ . 27.72 106.07 -5.23
CMA CLA SJ . 25.78 106.90 -3.90
CAA CLA SJ . 26.03 109.11 -6.52
NB CLA SJ . 30.00 104.05 -5.23
C1B CLA SJ . 28.77 103.88 -4.72
C2B CLA SJ . 28.65 102.54 -4.16
C3B CLA SJ . 29.85 101.92 -4.35
C4B CLA SJ . 30.73 102.88 -5.04
CMB CLA SJ . 27.41 102.02 -3.50
CAB CLA SJ . 29.93 100.50 -3.84
CBB CLA SJ . 30.80 99.66 -4.20
NC CLA SJ . 32.24 104.67 -6.97
C1C CLA SJ . 32.65 103.44 -6.54
C2C CLA SJ . 33.75 103.00 -7.38
C3C CLA SJ . 34.00 103.99 -8.30
C4C CLA SJ . 33.03 105.06 -8.04
CMC CLA SJ . 34.49 101.68 -7.21
CAC CLA SJ . 35.05 104.02 -9.38
CBC CLA SJ . 36.25 104.89 -8.95
ND CLA SJ . 30.97 107.16 -7.65
C1D CLA SJ . 31.91 107.25 -8.61
C2D CLA SJ . 31.70 108.39 -9.42
C3D CLA SJ . 30.59 109.03 -8.87
C4D CLA SJ . 30.18 108.26 -7.79
CMD CLA SJ . 32.53 108.86 -10.64
CAD CLA SJ . 29.70 110.15 -8.96
OBD CLA SJ . 29.65 111.11 -9.75
CBD CLA SJ . 29.00 110.22 -7.57
CGD CLA SJ . 29.86 111.12 -6.66
O1D CLA SJ . 29.46 111.41 -5.54
O2D CLA SJ . 30.89 111.75 -7.17
CED CLA SJ . 30.99 113.17 -7.10
MG CLA TJ . 46.59 119.26 -23.73
CHA CLA TJ . 47.15 119.35 -27.17
CHB CLA TJ . 45.15 116.22 -24.14
CHC CLA TJ . 45.41 119.29 -20.46
CHD CLA TJ . 46.69 122.74 -23.71
NA CLA TJ . 46.36 117.89 -25.39
C1A CLA TJ . 46.72 118.13 -26.71
C2A CLA TJ . 46.75 116.82 -27.45
C3A CLA TJ . 45.92 115.92 -26.55
C4A CLA TJ . 45.75 116.72 -25.29
CMA CLA TJ . 44.55 115.66 -27.19
CAA CLA TJ . 48.23 116.31 -27.61
CBA CLA TJ . 48.46 115.18 -28.52
CGA CLA TJ . 47.78 115.30 -29.81
O1A CLA TJ . 48.32 115.92 -30.69
O2A CLA TJ . 46.50 114.93 -29.96
NB CLA TJ . 45.47 117.96 -22.52
C1B CLA TJ . 45.00 116.77 -22.92
C2B CLA TJ . 44.28 116.14 -21.83
C3B CLA TJ . 44.32 116.96 -20.76
C4B CLA TJ . 45.10 118.15 -21.20
CMB CLA TJ . 43.61 114.79 -21.94
CAB CLA TJ . 43.62 116.49 -19.53
CBB CLA TJ . 43.37 117.23 -18.52
NC CLA TJ . 46.13 120.77 -22.31
C1C CLA TJ . 45.66 120.56 -21.04
C2C CLA TJ . 45.46 121.85 -20.40
C3C CLA TJ . 45.81 122.82 -21.30
C4C CLA TJ . 46.24 122.13 -22.52
CMC CLA TJ . 44.96 122.05 -18.99
CAC CLA TJ . 45.78 124.31 -21.10
CBC CLA TJ . 44.56 124.94 -21.80
ND CLA TJ . 46.88 120.76 -25.09
C1D CLA TJ . 46.86 122.09 -24.97
C2D CLA TJ . 47.09 122.74 -26.21
C3D CLA TJ . 47.21 121.70 -27.13
C4D CLA TJ . 47.06 120.51 -26.42
CMD CLA TJ . 47.18 124.25 -26.50
CAD CLA TJ . 47.43 121.36 -28.51
OBD CLA TJ . 47.95 122.05 -29.40
CBD CLA TJ . 47.52 119.81 -28.59
CGD CLA TJ . 46.49 119.34 -29.63
O1D CLA TJ . 46.79 119.25 -30.80
O2D CLA TJ . 45.22 119.28 -29.27
CED CLA TJ . 44.19 119.64 -30.22
C1 CLA TJ . 45.63 115.72 -30.86
C2 CLA TJ . 44.31 114.95 -31.01
C3 CLA TJ . 43.17 115.29 -31.62
C4 CLA TJ . 42.90 116.73 -32.08
C5 CLA TJ . 41.89 114.45 -31.57
C6 CLA TJ . 40.82 114.94 -30.57
C7 CLA TJ . 39.65 114.00 -30.44
C8 CLA TJ . 38.98 114.12 -29.06
C9 CLA TJ . 39.79 113.36 -28.02
C10 CLA TJ . 37.59 113.55 -29.16
MG CHL UJ . 50.55 126.50 -27.71
CHA CHL UJ . 50.84 123.21 -28.67
CHB CHL UJ . 50.85 127.59 -30.91
CHC CHL UJ . 48.98 129.50 -26.83
CHD CHL UJ . 50.49 125.50 -24.40
NA CHL UJ . 50.84 125.52 -29.57
C1A CHL UJ . 50.87 124.13 -29.76
C2A CHL UJ . 51.05 123.85 -31.23
C3A CHL UJ . 51.29 125.23 -31.84
C4A CHL UJ . 51.08 126.22 -30.74
CMA CHL UJ . 52.77 125.35 -32.27
CAA CHL UJ . 49.73 123.34 -31.89
CBA CHL UJ . 48.46 124.23 -31.73
CGA CHL UJ . 47.08 123.54 -31.94
O1A CHL UJ . 47.07 122.31 -32.19
O2A CHL UJ . 45.91 124.10 -31.37
NB CHL UJ . 50.00 128.27 -28.72
C1B CHL UJ . 50.24 128.47 -30.04
C2B CHL UJ . 49.74 129.78 -30.39
C3B CHL UJ . 49.21 130.35 -29.28
C4B CHL UJ . 49.38 129.37 -28.19
CMB CHL UJ . 49.80 130.38 -31.76
CAB CHL UJ . 48.65 131.66 -29.42
CBB CHL UJ . 48.06 132.32 -28.39
NC CHL UJ . 49.85 127.37 -25.92
C1C CHL UJ . 49.24 128.61 -25.79
C2C CHL UJ . 48.94 128.79 -24.39
C3C CHL UJ . 49.37 127.66 -23.72
C4C CHL UJ . 49.94 126.77 -24.68
CMC CHL UJ . 48.25 130.05 -23.76
OMC CHL UJ . 47.39 130.68 -24.38
CAC CHL UJ . 49.30 127.34 -22.22
CBC CHL UJ . 47.85 127.16 -21.84
ND CHL UJ . 50.64 124.76 -26.69
C1D CHL UJ . 50.61 124.49 -25.36
C2D CHL UJ . 50.70 123.06 -25.13
C3D CHL UJ . 50.81 122.51 -26.39
C4D CHL UJ . 50.76 123.58 -27.33
CMD CHL UJ . 50.71 122.34 -23.78
CAD CHL UJ . 50.94 121.28 -27.15
OBD CHL UJ . 51.27 120.17 -26.78
CBD CHL UJ . 51.00 121.67 -28.64
CGD CHL UJ . 52.31 121.23 -29.30
O1D CHL UJ . 53.23 122.07 -29.44
O2D CHL UJ . 52.26 120.10 -30.15
CED CHL UJ . 52.00 120.31 -31.55
C1 CHL UJ . 44.62 123.41 -31.47
C2 CHL UJ . 44.06 123.27 -30.13
C3 CHL UJ . 42.92 123.82 -29.53
C4 CHL UJ . 41.99 124.78 -30.27
C5 CHL UJ . 42.45 123.45 -28.11
C6 CHL UJ . 42.68 121.96 -27.75
C7 CHL UJ . 42.13 121.58 -26.39
C8 CHL UJ . 42.59 120.19 -25.91
C9 CHL UJ . 42.40 119.10 -26.97
C10 CHL UJ . 41.98 119.77 -24.59
C11 CHL UJ . 40.71 118.95 -24.69
C12 CHL UJ . 40.85 117.77 -23.72
C13 CHL UJ . 39.93 116.56 -23.98
C14 CHL UJ . 39.70 115.74 -22.71
C15 CHL UJ . 40.47 115.74 -25.15
C40 PGT VJ . 33.93 102.99 -22.98
C39 PGT VJ . 34.60 103.41 -24.28
C38 PGT VJ . 36.02 102.87 -24.44
C37 PGT VJ . 36.07 101.34 -24.46
C36 PGT VJ . 37.49 100.79 -24.38
C35 PGT VJ . 38.38 101.27 -25.51
C34 PGT VJ . 37.96 100.72 -26.88
C33 PGT VJ . 38.60 99.37 -27.19
C32 PGT VJ . 40.03 99.51 -27.67
C31 PGT VJ . 40.36 98.58 -28.80
O31 PGT VJ . 40.27 98.85 -29.97
O2 PGT VJ . 40.78 97.39 -28.35
C2 PGT VJ . 42.14 97.24 -27.92
C1 PGT VJ . 43.01 96.67 -29.02
O3P PGT VJ . 42.67 97.16 -30.30
P PGT VJ . 43.46 98.51 -30.82
O1P PGT VJ . 43.38 98.58 -32.32
O2P PGT VJ . 43.08 99.71 -30.03
O4P PGT VJ . 44.91 97.92 -30.36
C4 PGT VJ . 46.05 98.71 -30.63
C5 PGT VJ . 47.26 97.80 -30.72
O5 PGT VJ . 47.86 97.55 -29.47
C6 PGT VJ . 48.25 98.37 -31.73
O6 PGT VJ . 49.16 97.36 -32.11
C3 PGT VJ . 42.10 96.42 -26.65
O3 PGT VJ . 41.54 97.19 -25.59
C11 PGT VJ . 42.36 97.91 -24.82
O11 PGT VJ . 43.54 98.02 -25.04
C12 PGT VJ . 41.63 98.53 -23.67
C13 PGT VJ . 42.13 99.92 -23.34
C14 PGT VJ . 41.02 100.82 -22.81
C15 PGT VJ . 41.35 102.30 -22.90
C16 PGT VJ . 40.35 103.18 -22.17
C1 LMG WJ . 45.58 95.61 -23.57
O1 LMG WJ . 45.24 95.02 -22.34
C2 LMG WJ . 47.05 96.10 -23.42
O2 LMG WJ . 47.03 97.08 -22.44
C3 LMG WJ . 47.51 96.69 -24.81
O3 LMG WJ . 48.79 96.20 -25.09
C4 LMG WJ . 46.49 96.38 -25.98
O4 LMG WJ . 47.19 96.58 -27.17
C5 LMG WJ . 45.91 94.92 -25.87
O5 LMG WJ . 46.39 92.60 -26.25
C6 LMG WJ . 46.95 93.89 -26.41
O6 LMG WJ . 45.52 94.56 -24.52
C7 LMG WJ . 43.86 95.04 -22.04
C8 LMG WJ . 43.78 95.26 -20.51
C9 LMG WJ . 44.99 96.00 -19.92
O7 LMG WJ . 42.61 96.02 -20.30
C10 LMG WJ . 41.67 95.41 -19.49
O9 LMG WJ . 41.43 94.25 -19.52
C11 LMG WJ . 41.03 96.44 -18.58
C12 LMG WJ . 40.16 97.35 -19.42
C13 LMG WJ . 40.55 98.80 -19.23
C14 LMG WJ . 40.47 99.13 -17.75
C15 LMG WJ . 40.62 100.64 -17.62
C16 LMG WJ . 39.26 101.31 -17.67
C17 LMG WJ . 39.53 102.80 -17.74
O8 LMG WJ . 44.57 97.25 -19.37
C28 LMG WJ . 44.82 98.33 -20.21
O10 LMG WJ . 45.40 98.19 -21.23
C29 LMG WJ . 44.23 99.60 -19.61
C30 LMG WJ . 44.34 100.92 -20.38
C31 LMG WJ . 43.50 102.07 -19.86
C32 LMG WJ . 44.03 102.56 -18.51
C33 LMG WJ . 44.10 104.09 -18.47
C34 LMG WJ . 45.14 104.56 -17.46
C35 LMG WJ . 45.63 105.95 -17.86
C36 LMG WJ . 44.81 107.06 -17.21
C37 LMG WJ . 45.42 107.47 -15.87
C38 LMG WJ . 44.52 108.44 -15.11
C39 LMG WJ . 44.53 109.81 -15.77
C40 LMG WJ . 45.92 110.43 -15.60
C1 LMG XJ . 36.74 143.63 -19.15
O1 LMG XJ . 35.98 142.86 -20.04
C2 LMG XJ . 36.27 145.12 -19.32
O2 LMG XJ . 36.67 145.51 -20.59
C3 LMG XJ . 37.04 145.91 -18.22
O3 LMG XJ . 36.69 147.26 -18.34
C4 LMG XJ . 36.64 145.34 -16.83
O4 LMG XJ . 35.25 145.49 -16.74
C5 LMG XJ . 37.05 143.84 -16.80
O5 LMG XJ . 35.23 143.11 -15.46
C6 LMG XJ . 36.63 143.22 -15.45
O6 LMG XJ . 36.39 143.15 -17.84
C7 LMG XJ . 36.12 141.46 -19.85
C8 LMG XJ . 35.55 140.84 -21.14
C9 LMG XJ . 36.24 141.33 -22.42
O7 LMG XJ . 35.74 139.44 -21.01
C10 LMG XJ . 34.86 138.69 -21.78
O9 LMG XJ . 33.79 139.09 -22.13
C11 LMG XJ . 35.46 137.35 -22.09
C12 LMG XJ . 35.47 136.53 -20.82
C13 LMG XJ . 35.55 135.06 -21.17
C14 LMG XJ . 34.30 134.68 -21.94
C15 LMG XJ . 34.56 133.33 -22.58
C16 LMG XJ . 34.61 132.25 -21.51
C17 LMG XJ . 35.06 130.98 -22.23
O8 LMG XJ . 37.31 140.45 -22.74
C28 LMG XJ . 38.55 141.08 -22.67
O10 LMG XJ . 39.22 141.02 -21.69
C29 LMG XJ . 38.84 141.79 -23.98
C30 LMG XJ . 39.44 141.02 -25.15
C31 LMG XJ . 40.90 140.64 -25.01
C32 LMG XJ . 41.41 140.04 -26.32
C33 LMG XJ . 42.82 140.54 -26.63
C34 LMG XJ . 43.17 140.38 -28.11
C35 LMG XJ . 43.10 138.89 -28.47
C36 LMG XJ . 43.45 138.66 -29.94
MG CLA YJ . 61.45 105.75 -8.99
CHA CLA YJ . 63.95 107.62 -10.60
CHB CLA YJ . 63.73 103.36 -8.33
CHC CLA YJ . 59.34 104.31 -6.60
CHD CLA YJ . 59.35 108.46 -9.25
NA CLA YJ . 63.60 105.56 -9.33
C1A CLA YJ . 64.39 106.42 -10.07
C2A CLA YJ . 65.82 105.96 -9.98
C3A CLA YJ . 65.65 104.49 -9.60
C4A CLA YJ . 64.24 104.42 -9.10
CMA CLA YJ . 65.80 103.61 -10.84
CAA CLA YJ . 66.59 106.75 -8.87
CBA CLA YJ . 67.97 106.31 -8.57
CGA CLA YJ . 68.99 107.33 -8.80
O1A CLA YJ . 69.13 108.21 -7.98
O2A CLA YJ . 69.88 107.22 -9.79
NB CLA YJ . 61.54 104.10 -7.68
C1B CLA YJ . 62.60 103.27 -7.62
C2B CLA YJ . 62.33 102.25 -6.63
C3B CLA YJ . 61.10 102.48 -6.11
C4B CLA YJ . 60.57 103.68 -6.79
CMB CLA YJ . 63.30 101.15 -6.28
CAB CLA YJ . 60.64 101.51 -5.05
CBB CLA YJ . 59.51 101.56 -4.48
NC CLA YJ . 59.64 106.30 -8.07
C1C CLA YJ . 58.95 105.58 -7.13
C2C CLA YJ . 57.75 106.32 -6.77
C3C CLA YJ . 57.74 107.48 -7.51
C4C CLA YJ . 58.94 107.47 -8.34
CMC CLA YJ . 56.72 105.86 -5.76
CAC CLA YJ . 56.71 108.58 -7.49
CBC CLA YJ . 55.74 108.45 -8.68
ND CLA YJ . 61.57 107.65 -9.72
C1D CLA YJ . 60.65 108.61 -9.80
C2D CLA YJ . 61.17 109.78 -10.41
C3D CLA YJ . 62.48 109.45 -10.76
C4D CLA YJ . 62.69 108.13 -10.35
CMD CLA YJ . 60.44 111.11 -10.67
CAD CLA YJ . 63.70 109.90 -11.38
OBD CLA YJ . 64.01 111.02 -11.84
CBD CLA YJ . 64.76 108.80 -11.13
CGD CLA YJ . 65.44 108.46 -12.47
O1D CLA YJ . 64.93 107.64 -13.20
O2D CLA YJ . 66.69 108.83 -12.65
CED CLA YJ . 67.46 108.28 -13.73
C1 CLA YJ . 70.88 108.31 -10.00
C2 CLA YJ . 72.06 107.71 -10.78
C43 PGT ZJ . 43.50 107.26 -11.32
C42 PGT ZJ . 44.89 106.80 -10.93
C41 PGT ZJ . 45.88 106.78 -12.08
C40 PGT ZJ . 47.25 106.24 -11.71
C39 PGT ZJ . 48.27 106.36 -12.83
C38 PGT ZJ . 49.70 106.09 -12.37
C37 PGT ZJ . 50.74 106.83 -13.18
C36 PGT ZJ . 52.10 106.91 -12.50
C35 PGT ZJ . 53.18 107.48 -13.41
C34 PGT ZJ . 54.05 108.52 -12.72
C33 PGT ZJ . 55.32 108.82 -13.50
C32 PGT ZJ . 56.19 107.59 -13.67
C31 PGT ZJ . 56.84 107.19 -12.37
O31 PGT ZJ . 57.31 107.97 -11.59
O2 PGT ZJ . 56.81 105.87 -12.19
C2 PGT ZJ . 57.31 105.33 -10.96
C1 PGT ZJ . 58.82 105.13 -11.02
O3P PGT ZJ . 59.20 103.86 -11.48
P PGT ZJ . 60.81 103.56 -11.58
O1P PGT ZJ . 61.25 103.64 -13.02
O2P PGT ZJ . 61.57 104.34 -10.55
O4P PGT ZJ . 60.63 102.00 -11.12
C4 PGT ZJ . 61.75 101.13 -11.29
C5 PGT ZJ . 61.72 100.07 -10.21
O5 PGT ZJ . 62.41 98.91 -10.58
C6 PGT ZJ . 60.29 99.79 -9.79
O6 PGT ZJ . 59.60 99.24 -10.88
C3 PGT ZJ . 56.51 104.10 -10.62
O3 PGT ZJ . 55.16 104.47 -10.36
C11 PGT ZJ . 54.21 103.97 -11.14
O11 PGT ZJ . 54.10 104.26 -12.30
C12 PGT ZJ . 53.33 103.01 -10.40
C13 PGT ZJ . 52.23 102.42 -11.28
C14 PGT ZJ . 51.05 101.92 -10.47
C15 PGT ZJ . 49.96 102.97 -10.30
C16 PGT ZJ . 49.05 102.69 -9.11
C17 PGT ZJ . 48.67 103.97 -8.35
C18 PGT ZJ . 47.18 104.29 -8.41
C19 PGT ZJ . 46.39 103.73 -7.23
C20 PGT ZJ . 45.32 102.73 -7.64
C21 PGT ZJ . 44.26 103.33 -8.55
C22 PGT ZJ . 43.20 104.12 -7.80
C23 PGT ZJ . 42.16 103.24 -7.13
C24 PGT ZJ . 41.21 103.99 -6.19
C25 PGT ZJ . 40.15 104.80 -6.92
C26 PGT ZJ . 38.95 105.14 -6.04
C1 BCR AK . 61.70 142.10 -34.36
C2 BCR AK . 62.29 141.38 -35.60
C3 BCR AK . 61.25 140.73 -36.49
C4 BCR AK . 60.41 139.79 -35.66
C5 BCR AK . 59.78 140.52 -34.50
C6 BCR AK . 60.43 141.46 -33.81
C7 BCR AK . 59.86 142.02 -32.57
C8 BCR AK . 59.66 141.37 -31.40
C9 BCR AK . 59.10 141.95 -30.16
C10 BCR AK . 58.62 141.13 -29.19
C11 BCR AK . 58.03 141.51 -27.90
C33 BCR AK . 58.31 140.36 -34.56
C31 BCR AK . 61.44 143.55 -34.76
C32 BCR AK . 62.79 142.07 -33.29
C34 BCR AK . 59.06 143.43 -29.97
C12 BCR AK . 58.21 140.76 -26.79
C13 BCR AK . 58.97 139.51 -26.61
C14 BCR AK . 58.30 138.38 -26.33
C15 BCR AK . 58.94 137.09 -26.15
C16 BCR AK . 58.80 136.24 -25.11
C17 BCR AK . 57.98 136.45 -23.93
C18 BCR AK . 58.09 135.59 -22.89
C19 BCR AK . 57.29 135.73 -21.68
C20 BCR AK . 57.10 134.68 -20.85
C21 BCR AK . 56.33 134.74 -19.62
C22 BCR AK . 55.81 133.65 -19.02
C23 BCR AK . 55.08 133.78 -17.76
C24 BCR AK . 55.40 134.57 -16.74
C25 BCR AK . 54.66 134.66 -15.47
C26 BCR AK . 54.95 133.88 -14.41
C27 BCR AK . 54.42 134.16 -13.04
C28 BCR AK . 54.22 135.64 -12.82
C29 BCR AK . 53.33 136.19 -13.91
C30 BCR AK . 53.88 135.96 -15.31
C35 BCR AK . 60.46 139.55 -26.73
C36 BCR AK . 59.05 134.45 -22.94
C37 BCR AK . 56.01 132.31 -19.63
C38 BCR AK . 56.09 132.93 -14.39
C39 BCR AK . 54.80 137.13 -15.68
C40 BCR AK . 52.68 135.96 -16.28
MG CLA BK . 61.96 115.29 -8.77
CHA CLA BK . 65.07 113.78 -9.43
CHB CLA BK . 63.48 118.30 -9.08
CHC CLA BK . 59.29 116.92 -7.19
CHD CLA BK . 60.94 112.30 -7.35
NA CLA BK . 63.93 115.95 -9.43
C1A CLA BK . 65.02 115.14 -9.70
C2A CLA BK . 66.24 115.99 -9.96
C3A CLA BK . 65.70 117.42 -9.90
C4A CLA BK . 64.26 117.23 -9.50
CMA CLA BK . 66.44 118.19 -8.82
CAA CLA BK . 66.85 115.68 -11.39
CBA CLA BK . 68.28 116.02 -11.58
NB CLA BK . 61.48 117.27 -8.24
C1B CLA BK . 62.28 118.33 -8.47
C2B CLA BK . 61.66 119.54 -7.98
C3B CLA BK . 60.47 119.20 -7.43
C4B CLA BK . 60.35 117.73 -7.60
CMB CLA BK . 62.30 120.90 -8.08
CAB CLA BK . 59.67 120.33 -6.86
CBB CLA BK . 58.63 120.17 -6.15
NC CLA BK . 60.38 114.71 -7.49
C1C CLA BK . 59.41 115.53 -6.96
C2C CLA BK . 58.52 114.73 -6.12
C3C CLA BK . 58.96 113.43 -6.16
C4C CLA BK . 60.15 113.42 -7.04
CMC CLA BK . 57.34 115.27 -5.38
CAC CLA BK . 58.39 112.22 -5.47
CBC CLA BK . 59.17 111.89 -4.19
ND CLA BK . 62.75 113.43 -8.47
C1D CLA BK . 62.25 112.34 -7.86
C2D CLA BK . 63.18 111.26 -7.84
C3D CLA BK . 64.32 111.79 -8.45
C4D CLA BK . 64.04 113.11 -8.81
CMD CLA BK . 62.97 109.86 -7.27
CAD CLA BK . 65.67 111.50 -8.87
OBD CLA BK . 66.39 110.52 -8.65
CBD CLA BK . 66.27 112.84 -9.35
CGD CLA BK . 67.28 113.31 -8.27
O1D CLA BK . 66.89 113.74 -7.21
O2D CLA BK . 68.56 113.08 -8.48
CED CLA BK . 69.55 113.83 -7.75
C1 LUT CK . 48.55 116.85 -5.07
C2 LUT CK . 47.29 116.75 -4.15
C3 LUT CK . 47.30 117.83 -3.06
C4 LUT CK . 48.51 117.62 -2.14
C5 LUT CK . 49.78 117.20 -2.86
C6 LUT CK . 49.82 116.82 -4.17
C7 LUT CK . 51.09 116.35 -4.75
C8 LUT CK . 51.60 116.66 -5.97
C9 LUT CK . 52.92 116.29 -6.50
C10 LUT CK . 53.45 117.01 -7.52
C11 LUT CK . 54.76 116.88 -8.13
C12 LUT CK . 55.24 117.77 -9.02
C13 LUT CK . 56.58 117.81 -9.61
C14 LUT CK . 57.03 118.98 -10.15
C15 LUT CK . 58.34 119.23 -10.77
C16 LUT CK . 48.49 118.17 -5.88
C17 LUT CK . 48.51 115.62 -6.03
C18 LUT CK . 51.02 117.22 -1.98
C19 LUT CK . 53.61 115.08 -5.88
C20 LUT CK . 57.38 116.52 -9.63
O3 LUT CK . 46.10 117.76 -2.31
C21 LUT CK . 68.59 124.99 -16.61
C22 LUT CK . 69.84 124.95 -17.54
C23 LUT CK . 69.48 125.33 -18.99
C24 LUT CK . 68.32 124.50 -19.47
C25 LUT CK . 67.44 123.88 -18.66
C26 LUT CK . 67.53 123.97 -17.13
C27 LUT CK . 66.16 124.26 -16.52
C28 LUT CK . 65.68 123.66 -15.42
C29 LUT CK . 64.37 123.91 -14.82
C30 LUT CK . 63.77 122.95 -14.05
C31 LUT CK . 62.46 123.03 -13.41
C32 LUT CK . 61.90 121.98 -12.76
C33 LUT CK . 60.57 121.91 -12.14
C34 LUT CK . 60.05 120.71 -11.79
C35 LUT CK . 58.75 120.45 -11.18
C36 LUT CK . 68.02 126.44 -16.55
C37 LUT CK . 69.04 124.60 -15.18
C38 LUT CK . 66.33 122.99 -19.20
C39 LUT CK . 63.75 125.28 -15.04
C40 LUT CK . 59.86 123.23 -11.84
O23 LUT CK . 70.60 125.13 -19.85
C1 LUT DK . 45.61 106.81 -23.42
C2 LUT DK . 45.95 106.13 -24.77
C3 LUT DK . 47.34 105.47 -24.74
C4 LUT DK . 48.41 106.54 -24.55
C5 LUT DK . 48.09 107.45 -23.39
C6 LUT DK . 46.83 107.61 -22.89
C7 LUT DK . 46.55 108.50 -21.75
C8 LUT DK . 46.93 109.79 -21.66
C9 LUT DK . 46.70 110.68 -20.52
C10 LUT DK . 46.88 112.03 -20.67
C11 LUT DK . 46.78 113.05 -19.63
C12 LUT DK . 47.18 114.33 -19.83
C13 LUT DK . 47.21 115.41 -18.85
C14 LUT DK . 47.88 116.56 -19.15
C15 LUT DK . 47.99 117.75 -18.31
C16 LUT DK . 45.21 105.74 -22.36
C17 LUT DK . 44.41 107.76 -23.64
C18 LUT DK . 49.30 108.17 -22.83
C19 LUT DK . 46.39 110.04 -19.17
C20 LUT DK . 46.40 115.24 -17.58
O3 LUT DK . 47.57 104.76 -25.95
C21 LUT DK . 46.78 129.34 -13.47
C22 LUT DK . 46.11 129.82 -12.15
C23 LUT DK . 47.11 130.48 -11.18
C24 LUT DK . 48.42 129.74 -11.12
C25 LUT DK . 48.79 128.78 -11.97
C26 LUT DK . 47.88 128.30 -13.08
C27 LUT DK . 48.62 127.79 -14.30
C28 LUT DK . 48.47 126.51 -14.73
C29 LUT DK . 49.07 125.87 -15.89
C30 LUT DK . 48.90 124.54 -16.04
C31 LUT DK . 49.27 123.66 -17.15
C32 LUT DK . 48.88 122.37 -17.14
C33 LUT DK . 49.07 121.32 -18.14
C34 LUT DK . 48.63 120.07 -17.84
C35 LUT DK . 48.60 118.89 -18.70
C36 LUT DK . 47.38 130.55 -14.25
C37 LUT DK . 45.70 128.68 -14.37
C38 LUT DK . 50.11 128.05 -11.84
C39 LUT DK . 49.72 126.76 -16.96
C40 LUT DK . 49.62 121.73 -19.50
O23 LUT DK . 46.54 130.55 -9.88
#